data_7LT3
#
_entry.id   7LT3
#
_cell.length_a   1.00
_cell.length_b   1.00
_cell.length_c   1.00
_cell.angle_alpha   90.00
_cell.angle_beta   90.00
_cell.angle_gamma   90.00
#
_symmetry.space_group_name_H-M   'P 1'
#
loop_
_entity.id
_entity.type
_entity.pdbx_description
1 polymer 'X-ray repair cross-complementing protein 6'
2 polymer 'X-ray repair cross-complementing protein 5'
3 polymer 'DNA-dependent protein kinase catalytic subunit'
4 polymer 'Unknown peptide'
5 polymer 'DNA (31-MER)'
6 polymer 'DNA (30-MER)'
7 polymer 'DNA repair protein XRCC4'
8 polymer 'Non-homologous end-joining factor 1'
9 polymer 'DNA ligase 4'
10 non-polymer "ADENOSINE-5'-DIPHOSPHATE"
#
loop_
_entity_poly.entity_id
_entity_poly.type
_entity_poly.pdbx_seq_one_letter_code
_entity_poly.pdbx_strand_id
1 'polypeptide(L)'
;MSGWESYYKTEGDEEAEEEQEENLEASGDYKYSGRDSLIFLVDASKAMFESQSEDELTPFDMSIQCIQSVYISKIISSDR
DLLAVVFYGTEKDKNSVNFKNIYVLQELDNPGAKRILELDQFKGQQGQKRFQDMMGHGSDYSLSEVLWVCANLFSDVQFK
MSHKRIMLFTNEDNPHGNDSAKASRARTKAGDLRDTGIFLDLMHLKKPGGFDISLFYRDIISIAEDEDLRVHFEESSKLE
DLLRKVRAKETRKRALSRLKLKLNKDIVISVGIYNLVQKALKPPPIKLYRETNEPVKTKTRTFNTSTGGLLLPSDTKRSQ
IYGSRQIILEKEETEELKRFDDPGLMLMGFKPLVLLKKHHYLRPSLFVYPEESLVIGSSTLFSALLIKCLEKEVAALCRY
TPRRNIPPYFVALVPQEEELDDQKIQVTPPGFQLVFLPFADDKRKMPFTEKIMATPEQVGKMKAIVEKLRFTYRSDSFEN
PVLQQHFRNLEALALDLMEPEQAVDLTLPKVEAMNKRLGSLVDEFKELVYPPDYNPEGKVTKRKHDNEGSGSKRPKVEYS
EEELKTHISKGTLGKFTVPMLKEACRAYGLKSGLKKQELLEALTKHFQD
;
A,J
2 'polypeptide(L)'
;MVRSGNKAAVVLCMDVGFTMSNSIPGIESPFEQAKKVITMFVQRQVFAENKDEIALVLFGTDGTDNPLSGGDQYQNITVH
RHLMLPDFDLLEDIESKIQPGSQQADFLDALIVSMDVIQHETIGKKFEKRHIEIFTDLSSRFSKSQLDIIIHSLKKCDIS
LQFFLPFSLGKEDGSGDRGDGPFRLGGHGPSFPLKGITEQQKEGLEIVKMVMISLEGEDGLDEIYSFSESLRKLCVFKKI
ERHSIHWPCRLTIGSNLSIRIAAYKSILQERVKKTWTVVDAKTLKKEDIQKETVYCLNDDDETEVLKEDIIQGFRYGSDI
VPFSKVDEEQMKYKSEGKCFSVLGFCKSSQVQRRFFMGNQVLKVFAARDDEAAAVALSSLIHALDDLDMVAIVRYAYDKR
ANPQVGVAFPHIKHNYECLVYVQLPFMEDLRQYMFSSLKNSKKYAPTEAQLNAVDALIDSMSLAKKDEKTDTLEDLFPTT
KIPNPRFQRLFQCLLHRALHPREPLPPIQQHIWNMLNPPAEVTTKSQIPLSKIKTLFPLIEAKKKDQVTAQEIFQDNHED
GPTAKKLKTEQGGAHFSVSSLAEGSVTSVGSVNPAENFRVLVKQKKASFEEASNQLINHIEQFLDTNETPYFMKSIDCIR
AFREEAIKFSEEQRFNNFLKALQEKVEIKQLNHFWEIVVQDGITLITKEEASGSSVTAEEAKKFLAPKDKPSGDTAAVFE
EGGDVDDLLDMI
;
B,K
3 'polypeptide(L)'
;MAGSGAGVRCSLLRLQETLSAADRCGAALAGHQLIRGLGQECVLSSSPAVLALQTSLVFSRDFGLLVFVRKSLNSIEFRE
CREEILKFLCIFLEKMGQKIAPYSVEIKNTCTSVYTKDRAAKCKIPALDLLIKLLQTFRSSRLMDEFKIGELFSKFYGEL
ALKKKIPDTVLEKVYELLGLLGEVHPSEMINNAENLFRAFLGELKTQMTSAVREPKLPVLAGCLKGLSSLLCNFTKSMEE
DPQTSREIFNFVLKAIRPQIDLKRYAVPSAGLRLFALHASQFSTCLLDNYVSLFEVLLKWCAHTNVELKKAALSALESFL
KQVSNMVAKNAEMHKNKLQYFMEQFYGIIRNVDSNNKELSIAIRGYGLFAGPCKVINAKDVDFMYVELIQRCKQMFLTQT
DTGDDRVYQMPSFLQSVASVLLYLDTVPEVYTPVLEHLVVMQIDSFPQYSPKMQLVCCRAIVKVFLALAAKGPVLRNCIS
TVVHQGLIRICSKPVVLPKGPESESEDHRASGEVRTGKWKVPTYKDYVDLFRHLLSSDQMMDSILADEAFFSVNSSSESL
NHLLYDEFVKSVLKIVEKLDLTLEIQTVGEQENGDEAPGVWMIPTSDPAANLHPAKPKDFSAFINLVEFCREILPEKQAE
FFEPWVYSFSYELILQSTRLPLISGFYKLLSITVRNAKKIKYFEGVSPKSLKHSPEDPEKYSCFALFVKFGKEVAVKMKQ
YKDELLASCLTFLLSLPHNIIELDVRAYVPALQMAFKLGLSYTPLAEVGLNALEEWSIYIDRHVMQPYYKDILPCLDGYL
KTSALSDETKNNWEVSALSRAAQKGFNKVVLKHLKKTKNLSSNEAISLEEIRIRVVQMLGSLGGQINKNLLTVTSSDEMM
KSYVAWDREKRLSFAVPFREMKPVIFLDVFLPRVTELALTASDRQTKVAACELLHSMVMFMLGKATQMPEGGQGAPPMYQ
LYKRTFPVLLRLACDVDQVTRQLYEPLVMQLIHWFTNNKKFESQDTVALLEAILDGIVDPVDSTLRDFCGRCIREFLKWS
IKQITPQQQEKSPVNTKSLFKRLYSLALHPNAFKRLGASLAFNNIYREFREEESLVEQFVFEALVIYMESLALAHADEKS
LGTIQQCCDAIDHLCRIIEKKHVSLNKAKKRRLPRGFPPSASLCLLDLVKWLLAHCGRPQTECRHKSIELFYKFVPLLPG
NRSPNLWLKDVLKEEGVSFLINTFEGGGCGQPSGILAQPTLLYLRGPFSLQATLCWLDLLLAALECYNTFIGERTVGALQ
VLGTEAQSSLLKAVAFFLESIAMHDIIAAEKCFGTGAAGNRTSPQEGERYNYSKCTVVVRIMEFTTTLLNTSPEGWKLLK
KDLCNTHLMRVLVQTLCEPASIGFNIGDVQVMAHLPDVCVNLMKALKMSPYKDILETHLREKITAQSIEELCAVNLYGPD
AQVDRSRLAAVVSACKQLHRAGLLHNILPSQSTDLHHSVGTELLSLVYKGIAPGDERQCLPSLDLSCKQLASGLLELAFA
FGGLCERLVSLLLNPAVLSTASLGSSQGSVIHFSHGEYFYSLFSETINTELLKNLDLAVLELMQSSVDNTKMVSAVLNGM
LDQSFRERANQKHQGLKLATTILQHWKKCDSWWAKDSPLETKMAVLALLAKILQIDSSVSFNTSHGSFPEVFTTYISLLA
DTKLDLHLKGQAVTLLPFFTSLTGGSLEELRRVLEQLIVAHFPMQSREFPPGTPRFNNYVDCMKKFLDALELSQSPMLLE
LMTEVLCREQQHVMEELFQSSFRRIARRGSCVTQVGLLESVYEMFRKDDPRLSFTRQSFVDRSLLTLLWHCSLDALREFF
STIVVDAIDVLKSRFTKLNESTFDTQITKKMGYYKILDVMYSRLPKDDVHAKESKINQVFHGSCITEGNELTKTLIKLCY
DAFTENMAGENQLLERRRLYHCAAYNCAISVICCVFNELKFYQGFLFSEKPEKNLLIFENLIDLKRRYNFPVEVEVPMER
KKKYIEIRKEAREAANGDSDGPSYMSSLSYLADSTLSEEMSQFDFSTGVQSYSYSSQDPRPATGRFRRREQRDPTVHDDV
LELEMDELNRHECMAPLTALVKHMHRSLGPPQGEEDSVPRDLPSWMKFLHGKLGNPIVPLNIRLFLAKLVINTEEVFRPY
AKHWLSPLLQLAASENNGGEGIHYMVVEIVATILSWTGLATPTGVPKDEVLANRLLNFLMKHVFHPKRAVFRHNLEIIKT
LVECWKDCLSIPYRLIFEKFSGKDPNSKDNSVGIQLLGIVMANDLPPYDPQCGIQSSEYFQALVNNMSFVRYKEVYAAAA
EVLGLILRYVMERKNILEESLCELVAKQLKQHQNTMEDKFIVCLNKVTKSFPPLADRFMNAVFFLLPKFHGVLKTLCLEV
VLCRVEGMTELYFQLKSKDFVQVMRHRDDERQKVCLDIIYKMMPKLKPVELRELLNPVVEFVSHPSTTCREQMYNILMWI
HDNYRDPESETDNDSQEIFKLAKDVLIQGLIDENPGLQLIIRNFWSHETRLPSNTLDRLLALNSLYSPKIEVHFLSLATN
FLLEMTSMSPDYPNPMFEHPLSECEFQEYTIDSDWRFRSTVLTPMFVETQASQGTLQTRTQEGSLSARWPVAGQIRATQQ
QHDFTLTQTADGRSSFDWLTGSSTDPLVDHTSPSSDSLLFAHKRSERLQRAPLKSVGPDFGKKRLGLPGDEVDNKVKGAA
GRTDLLRLRRRFMRDQEKLSLMYARKGVAEQKREKEIKSELKMKQDAQVVLYRSYRHGDLPDIQIKHSSLITPLQAVAQR
DPIIAKQLFSSLFSGILKEMDKFKTLSEKNNITQKLLQDFNRFLNTTFSFFPPFVSCIQDISCQHAALLSLDPAAVSAGC
LASLQQPVGIRLLEEALLRLLPAELPAKRVRGKARLPPDVLRWVELAKLYRSIGEYDVLRGIFTSEIGTKQITQSALLAE
ARSDYSEAAKQYDEALNKQDWVDGEPTEAEKDFWELASLDCYNHLAEWKSLEYCSTASIDSENPPDLNKIWSEPFYQETY
LPYMIRSKLKLLLQGEADQSLLTFIDKAMHGELQKAILELHYSQELSLLYLLQDDVDRAKYYIQNGIQSFMQNYSSIDVL
LHQSRLTKLQSVQALTEIQEFISFISKQGNLSSQVPLKRLLNTWTNRYPDAKMDPMNIWDDIITNRCFFLSKIEEKLTPL
PEDNSMNVDQDGDPSDRMEVQEQEEDISSLIRSCKFSMKMKMIDSARKQNNFSLAMKLLKELHKESKTRDDWLVSWVQSY
CRLSHCRSRSQGCSEQVLTVLKTVSLLDENNVSSYLSKNILAFRDQNILLGTTYRIIANALSSEPACLAEIEEDKARRIL
ELSGSSSEDSEKVIAGLYQRAFQHLSEAVQAAEEEAQPPSWSCGPAAGVIDAYMTLADFCDQQLRKEEENASVIDSAELQ
AYPALVVEKMLKALKLNSNEARLKFPRLLQIIERYPEETLSLMTKEISSVPCWQFISWISHMVALLDKDQAVAVQHSVEE
ITDNYPQAIVYPFIISSESYSFKDTSTGHKNKEFVARIKSKLDQGGVIQDFINALDQLSNPELLFKDWSNDVRAELAKTP
VNKKNIEKMYERMYAALGDPKAPGLGAFRRKFIQTFGKEFDKHFGKGGSKLLRMKLSDFNDITNMLLLKMNKDSKPPGNL
KECSPWMSDFKVEFLRNELEIPGQYDGRGKPLPEYHVRIAGFDERVTVMASLRRPKRIIIRGHDEREHPFLVKGGEDLRQ
DQRVEQLFQVMNGILAQDSACSQRALQLRTYSVVPMTSRLGLIEWLENTVTLKDLLLNTMSQEEKAAYLSDPRAPPCEYK
DWLTKMSGKHDVGAYMLMYKGANRTETVTSFRKRESKVPADLLKRAFVRMSTSPEAFLALRSHFASSHALICISHWILGI
GDRHLNNFMVAMETGGVIGIDFGHAFGSATQFLPVPELMPFRLTRQFINLMLPMKETGLMYSIMVHALRAFRSDPGLLTN
TMDVFVKEPSFDWKNFEQKMLKKGGSWIQEINVAEKNWYPRQKICYAKRKLAGANPAVITCDELLLGHEKAPAFRDYVAV
ARGSKDHNIRAQEPESGLSEETQVKCLMDQATDPNILGRTWEGWEPWM
;
C,L
4 'polypeptide(L)'
;(UNK)(UNK)(UNK)(UNK)(UNK)(UNK)(UNK)(UNK)(UNK)(UNK)(UNK)(UNK)(UNK)(UNK)(UNK)(UNK)
(UNK)(UNK)(UNK)(UNK)
;
Q,R
5 'polydeoxyribonucleotide'
;(DT)(DC)(DT)(DA)(DA)(DG)(DA)(DA)(DC)(DT)(DC)(DT)(DG)(DA)(DT)(DG)(DT)(DC)(DA)(DG)
(DT)(DA)(DG)(DA)(DT)(DT)(DA)(DC)(DA)(DC)(DT)
;
D,M
6 'polydeoxyribonucleotide'
;(DG)(DT)(DG)(DT)(DA)(DA)(DT)(DC)(DT)(DA)(DC)(DT)(DG)(DA)(DC)(DA)(DT)(DC)(DA)(DG)
(DA)(DG)(DT)(DT)(DC)(DT)(DT)(DA)(DG)(DA)
;
E,N
7 'polypeptide(L)'
;MERKISRIHLVSEPSITHFLQVSWEKTLESGFVITLTDGHSAWTGTVSESEISQEADDMAMEKGKYVGELRKALLSGAGP
ADVYTFNFSKESCYFFFEKNLKDVSFRLGSFNLEKVENPAEVIRELICYCLDTIAENQAKNEHLQKENERLLRDWNDVQG
RFEKCVSAKEALETDLYKRFILVLNEKKTKIRSLHNKLLNAAQEREKDIKQEGETAICSEMTADRDPVYDESTDEESENQ
TDLSGLASAAVSKDDSIISSLDVTDIAPSRKRRQRMQRNLGTEPKMAPQENQLQEKENSRPDSSLPETSKKEHISAENMS
LETLRNSSPEDLFDEI
;
F,G,O,P
8 'polypeptide(L)'
;MEELEQGLLMQPWAWLQLAENSLLAKVFITKQGYALLVSDLQQVWHEQVDTSVVSQRAKELNKRLTAPPAAFLCHLDNLL
RPLLKDAAHPSEATFSCDCVADALILRVRSELSGLPFYWNFHCMLASPSLVSQHLIRPLMGMSLALQCQVRELATLLHMK
DLEIQDYQESGATLIRDRLKTEPFEENSFLEQFMIEKLPEACSIGDGKPFVMNLQDLYMAVTTQEVQVGQKHQGAGDPHT
SNSASLQGIDSQCVNQPEQLVSSAPTLSAPEKESTGTSGPLQRPQLSKVKRKKPRGLFS
;
H,I
9 'polypeptide(L)'
;MAASQTSQTVASHVPFADLCSTLERIQKSKGRAEKIRHFREFLDSWRKFHDALHKNHKDVTDSFYPAMRLILPQLERERM
AYGIKETMLAKLYIELLNLPRDGKDALKLLNYRTPTGTHGDAGDFAMIAYFVLKPRCLQKGSLTIQQVNDLLDSIASNNS
AKRKDLIKKSLLQLITQSSALEQKWLIRMIIKDLKLGVSQQTIFSVFHNDAAELHNVTTDLEKVCRQLHDPSVGLSDISI
TLFSAFKPMLAAIADIEHIEKDMKHQSFYIETKLDGERMQMHKDGDVYKYFSRNGYNYTDQFGASPTEGSLTPFIHNAFK
ADIQICILDGEMMAYNPNTQTFMQKGTKFDIKRMVEDSDLQTCYCVFDVLMVNNKKLGHETLRKRYEILSSIFTPIPGRI
EIVQKTQAHTKNEVIDALNEAIDKREEGIMVKQPLSIYKPDKRGEGWLKIKPEYVSGLMDELDILIVGGYWGKGSRGGMM
SHFLCAVAEKPPPGEKPSVFHTLSRVGSGCTMKELYDLGLKLAKYWKPFHRKAPPSSILCGTEKPEVYIEPCNSVIVQIK
AAEIVPSDMYKTGCTLRFPRIEKIRDDKEWHECMTLDDLEQLRGKASGKLASKHLYIGGDDEPQEKKRKAAPKMKKVIGI
IEHLKAPNLTNVNKISNIFEDVEFCVMSGTDSQPKPDLENRIAEFGGYIVQNPGPDTYCVIAGSENIRVKNIILSNKHDV
VKPAWLLECFKTKSFVPWQPRFMIHMCPSTKEHFAREYDCYGDSYFIDTDLNQLKEVFSGIKNSNEQTPEEMASLIADLE
YRYSWDCSPLSMFRRHTVYLDSYAVINDLSTKNEGTRLAIKALELRFHGAKVVSCLAEGVSHVIIGEDHSRVADFKAFRR
TFKRKFKILKESWVTDSIDKCELQEENQYLI
;
X,Y
#
# COMPACT_ATOMS: atom_id res chain seq x y z
N TYR A 30 -68.83 20.06 9.16
CA TYR A 30 -67.60 19.31 9.03
C TYR A 30 -67.82 17.87 9.45
N LYS A 31 -66.81 17.04 9.24
CA LYS A 31 -66.97 15.60 9.42
C LYS A 31 -67.47 15.30 10.82
N TYR A 32 -68.66 14.68 10.89
CA TYR A 32 -69.37 14.61 12.15
C TYR A 32 -68.58 13.83 13.18
N SER A 33 -68.15 12.63 12.82
CA SER A 33 -67.40 11.82 13.77
C SER A 33 -66.17 12.56 14.25
N GLY A 34 -65.68 13.50 13.45
CA GLY A 34 -64.64 14.39 13.93
C GLY A 34 -65.02 15.05 15.23
N ARG A 35 -64.00 15.56 15.91
CA ARG A 35 -64.20 16.09 17.23
C ARG A 35 -63.40 17.36 17.42
N ASP A 36 -63.86 18.18 18.36
CA ASP A 36 -63.22 19.45 18.65
C ASP A 36 -62.16 19.26 19.71
N SER A 37 -60.95 19.73 19.43
CA SER A 37 -59.83 19.45 20.30
C SER A 37 -59.16 20.75 20.66
N LEU A 38 -58.94 20.97 21.94
CA LEU A 38 -58.33 22.18 22.43
C LEU A 38 -57.21 21.81 23.37
N ILE A 39 -55.99 22.20 23.04
CA ILE A 39 -54.80 21.93 23.84
C ILE A 39 -54.50 23.18 24.63
N PHE A 40 -53.95 23.02 25.82
CA PHE A 40 -53.68 24.16 26.66
C PHE A 40 -52.20 24.25 26.99
N LEU A 41 -51.71 25.48 27.01
CA LEU A 41 -50.29 25.76 26.94
C LEU A 41 -50.08 27.06 27.71
N VAL A 42 -49.38 26.98 28.83
CA VAL A 42 -49.23 28.10 29.73
C VAL A 42 -47.76 28.45 29.88
N ASP A 43 -47.47 29.75 29.88
CA ASP A 43 -46.11 30.25 30.12
C ASP A 43 -45.64 29.94 31.52
N ALA A 44 -44.75 28.97 31.66
CA ALA A 44 -44.36 28.50 32.98
C ALA A 44 -43.05 29.10 33.46
N SER A 45 -42.65 30.24 32.91
CA SER A 45 -41.43 30.87 33.38
C SER A 45 -41.64 31.46 34.77
N LYS A 46 -40.54 31.89 35.38
CA LYS A 46 -40.67 32.77 36.53
C LYS A 46 -41.33 34.08 36.16
N ALA A 47 -41.67 34.27 34.90
CA ALA A 47 -42.31 35.49 34.46
C ALA A 47 -43.56 35.77 35.26
N MET A 48 -44.61 35.01 35.03
CA MET A 48 -45.87 35.27 35.68
C MET A 48 -46.24 34.26 36.74
N PHE A 49 -45.35 33.32 37.05
CA PHE A 49 -45.65 32.45 38.15
C PHE A 49 -45.91 33.23 39.42
N GLU A 50 -45.24 34.37 39.59
CA GLU A 50 -45.38 35.18 40.80
C GLU A 50 -45.27 36.66 40.49
N SER A 51 -45.97 37.14 39.45
CA SER A 51 -45.94 38.57 39.21
C SER A 51 -46.57 39.32 40.38
N GLN A 52 -47.86 39.09 40.61
CA GLN A 52 -48.59 39.59 41.77
C GLN A 52 -48.22 41.03 42.12
N SER A 53 -48.35 41.90 41.12
CA SER A 53 -48.08 43.31 41.34
C SER A 53 -48.90 43.85 42.50
N GLU A 54 -50.20 43.64 42.44
CA GLU A 54 -51.10 43.95 43.53
C GLU A 54 -51.35 42.69 44.34
N ASP A 55 -52.43 42.68 45.12
CA ASP A 55 -52.80 41.50 45.88
C ASP A 55 -54.25 41.09 45.66
N GLU A 56 -54.69 41.04 44.40
CA GLU A 56 -56.06 40.65 44.09
C GLU A 56 -56.17 39.48 43.12
N LEU A 57 -55.15 39.19 42.32
CA LEU A 57 -55.18 38.09 41.37
C LEU A 57 -53.77 37.53 41.22
N THR A 58 -53.60 36.65 40.25
CA THR A 58 -52.28 36.14 39.90
C THR A 58 -52.33 35.48 38.54
N PRO A 59 -51.44 35.86 37.62
CA PRO A 59 -51.60 35.42 36.24
C PRO A 59 -51.62 33.92 36.08
N PHE A 60 -50.78 33.20 36.83
CA PHE A 60 -50.90 31.76 36.79
C PHE A 60 -52.17 31.32 37.45
N ASP A 61 -52.50 31.91 38.59
CA ASP A 61 -53.76 31.59 39.21
C ASP A 61 -54.92 32.06 38.36
N MET A 62 -54.66 32.89 37.37
CA MET A 62 -55.70 33.31 36.45
C MET A 62 -55.83 32.30 35.34
N SER A 63 -54.71 31.85 34.81
CA SER A 63 -54.76 30.89 33.72
C SER A 63 -55.27 29.56 34.21
N ILE A 64 -54.84 29.13 35.38
CA ILE A 64 -55.32 27.85 35.87
C ILE A 64 -56.79 27.91 36.14
N GLN A 65 -57.28 29.05 36.63
CA GLN A 65 -58.70 29.18 36.81
C GLN A 65 -59.40 29.08 35.48
N CYS A 66 -58.84 29.71 34.45
CA CYS A 66 -59.44 29.61 33.14
C CYS A 66 -59.49 28.17 32.68
N ILE A 67 -58.40 27.44 32.85
CA ILE A 67 -58.35 26.08 32.35
C ILE A 67 -59.33 25.21 33.09
N GLN A 68 -59.34 25.30 34.41
CA GLN A 68 -60.28 24.52 35.20
C GLN A 68 -61.69 24.84 34.77
N SER A 69 -61.99 26.12 34.58
CA SER A 69 -63.36 26.49 34.26
C SER A 69 -63.75 25.94 32.91
N VAL A 70 -62.93 26.16 31.89
CA VAL A 70 -63.34 25.72 30.58
C VAL A 70 -63.40 24.23 30.56
N TYR A 71 -62.59 23.58 31.36
CA TYR A 71 -62.54 22.15 31.25
C TYR A 71 -63.78 21.56 31.88
N ILE A 72 -64.19 22.08 33.03
CA ILE A 72 -65.41 21.55 33.61
C ILE A 72 -66.58 21.90 32.74
N SER A 73 -66.56 23.05 32.09
CA SER A 73 -67.65 23.37 31.20
C SER A 73 -67.73 22.36 30.08
N LYS A 74 -66.59 22.00 29.53
CA LYS A 74 -66.63 21.04 28.45
C LYS A 74 -67.05 19.67 28.94
N ILE A 75 -66.79 19.35 30.20
CA ILE A 75 -67.18 18.03 30.70
C ILE A 75 -68.62 17.78 30.36
N ILE A 76 -69.50 18.57 30.96
CA ILE A 76 -70.91 18.43 30.69
C ILE A 76 -71.21 18.77 29.25
N SER A 77 -70.59 19.82 28.74
CA SER A 77 -71.04 20.37 27.48
C SER A 77 -70.88 19.38 26.36
N SER A 78 -69.66 18.94 26.11
CA SER A 78 -69.34 18.23 24.88
C SER A 78 -68.51 17.00 25.18
N ASP A 79 -69.00 16.18 26.10
CA ASP A 79 -68.19 15.21 26.81
C ASP A 79 -67.34 14.38 25.87
N ARG A 80 -67.64 14.46 24.60
CA ARG A 80 -66.95 13.65 23.64
C ARG A 80 -65.70 14.33 23.10
N ASP A 81 -65.51 15.62 23.36
CA ASP A 81 -64.43 16.38 22.76
C ASP A 81 -63.08 16.01 23.38
N LEU A 82 -62.01 16.72 23.00
CA LEU A 82 -60.67 16.43 23.50
C LEU A 82 -60.00 17.69 24.01
N LEU A 83 -59.27 17.54 25.11
CA LEU A 83 -58.52 18.62 25.73
C LEU A 83 -57.14 18.10 26.09
N ALA A 84 -56.19 19.02 26.25
CA ALA A 84 -54.85 18.66 26.73
C ALA A 84 -54.19 19.88 27.32
N VAL A 85 -53.40 19.66 28.37
CA VAL A 85 -52.73 20.75 29.08
C VAL A 85 -51.24 20.45 29.19
N VAL A 86 -50.43 21.39 28.76
CA VAL A 86 -48.99 21.25 28.66
C VAL A 86 -48.32 22.58 28.95
N PHE A 87 -47.42 22.59 29.91
CA PHE A 87 -46.73 23.80 30.30
C PHE A 87 -45.35 23.81 29.67
N TYR A 88 -44.79 25.00 29.52
CA TYR A 88 -43.50 25.11 28.85
C TYR A 88 -42.60 26.06 29.59
N GLY A 89 -41.30 25.84 29.40
CA GLY A 89 -40.28 26.57 30.12
C GLY A 89 -39.93 25.95 31.44
N THR A 90 -40.61 24.87 31.83
CA THR A 90 -40.40 24.30 33.13
C THR A 90 -38.99 23.76 33.26
N GLU A 91 -38.62 23.42 34.48
CA GLU A 91 -37.29 22.90 34.74
C GLU A 91 -37.23 21.39 34.66
N LYS A 92 -38.14 20.69 35.31
CA LYS A 92 -38.29 19.28 35.01
C LYS A 92 -38.70 19.13 33.55
N ASP A 93 -38.65 17.91 33.05
CA ASP A 93 -39.00 17.66 31.66
C ASP A 93 -39.79 16.38 31.52
N LYS A 94 -40.81 16.38 30.65
CA LYS A 94 -41.44 15.17 30.07
C LYS A 94 -42.25 15.56 28.85
N ASN A 95 -42.03 14.90 27.74
CA ASN A 95 -42.85 15.05 26.57
C ASN A 95 -42.63 13.81 25.72
N SER A 96 -43.21 13.79 24.54
CA SER A 96 -43.02 12.64 23.69
C SER A 96 -41.59 12.54 23.21
N VAL A 97 -40.97 13.66 22.91
CA VAL A 97 -39.72 13.67 22.19
C VAL A 97 -38.55 13.98 23.11
N ASN A 98 -38.78 14.07 24.40
CA ASN A 98 -37.74 14.36 25.37
C ASN A 98 -36.99 15.62 24.97
N PHE A 99 -37.73 16.70 24.87
CA PHE A 99 -37.13 17.98 24.61
C PHE A 99 -36.80 18.65 25.95
N LYS A 100 -36.50 19.94 25.90
CA LYS A 100 -36.08 20.67 27.08
C LYS A 100 -37.15 21.66 27.48
N ASN A 101 -37.56 21.58 28.73
CA ASN A 101 -38.36 22.61 29.37
C ASN A 101 -39.83 22.60 28.97
N ILE A 102 -40.36 21.47 28.48
CA ILE A 102 -41.76 21.36 28.12
C ILE A 102 -42.34 20.16 28.84
N TYR A 103 -43.51 20.33 29.43
CA TYR A 103 -44.10 19.31 30.29
C TYR A 103 -45.56 19.12 29.91
N VAL A 104 -45.91 17.93 29.44
CA VAL A 104 -47.28 17.65 29.05
C VAL A 104 -48.03 17.18 30.29
N LEU A 105 -48.85 18.06 30.85
CA LEU A 105 -49.45 17.75 32.13
C LEU A 105 -50.40 16.59 32.00
N GLN A 106 -51.35 16.69 31.09
CA GLN A 106 -52.17 15.54 30.72
C GLN A 106 -52.37 15.54 29.22
N GLU A 107 -52.22 14.37 28.61
CA GLU A 107 -52.24 14.27 27.17
C GLU A 107 -53.61 14.60 26.63
N LEU A 108 -53.73 14.54 25.32
CA LEU A 108 -55.04 14.67 24.70
C LEU A 108 -55.87 13.47 25.03
N ASP A 109 -56.95 13.67 25.76
CA ASP A 109 -57.87 12.57 26.01
C ASP A 109 -59.24 13.15 26.31
N ASN A 110 -60.23 12.30 26.26
CA ASN A 110 -61.56 12.76 26.56
C ASN A 110 -61.58 13.32 27.97
N PRO A 111 -62.32 14.39 28.21
CA PRO A 111 -62.31 15.00 29.53
C PRO A 111 -62.83 14.04 30.57
N GLY A 112 -62.33 14.22 31.78
CA GLY A 112 -62.74 13.36 32.88
C GLY A 112 -62.32 13.97 34.19
N ALA A 113 -62.91 13.46 35.26
CA ALA A 113 -62.66 14.06 36.57
C ALA A 113 -61.21 13.90 36.96
N LYS A 114 -60.65 12.72 36.72
CA LYS A 114 -59.33 12.40 37.22
C LYS A 114 -58.32 13.40 36.70
N ARG A 115 -58.79 14.34 35.89
CA ARG A 115 -57.96 15.40 35.37
C ARG A 115 -58.27 16.73 36.00
N ILE A 116 -59.54 17.03 36.22
CA ILE A 116 -59.86 18.23 36.98
C ILE A 116 -59.19 18.15 38.33
N LEU A 117 -59.13 16.96 38.90
CA LEU A 117 -58.42 16.83 40.16
C LEU A 117 -56.99 17.30 40.00
N GLU A 118 -56.32 16.85 38.94
CA GLU A 118 -54.92 17.19 38.76
C GLU A 118 -54.76 18.67 38.62
N LEU A 119 -55.61 19.30 37.83
CA LEU A 119 -55.48 20.74 37.69
C LEU A 119 -55.72 21.43 39.02
N ASP A 120 -56.73 20.99 39.77
CA ASP A 120 -57.05 21.65 41.01
C ASP A 120 -55.88 21.56 41.97
N GLN A 121 -55.16 20.43 41.93
CA GLN A 121 -54.00 20.27 42.80
C GLN A 121 -53.09 21.47 42.74
N PHE A 122 -53.17 22.25 41.67
CA PHE A 122 -52.26 23.37 41.51
C PHE A 122 -52.89 24.70 41.86
N LYS A 123 -54.19 24.77 42.00
CA LYS A 123 -54.84 26.04 42.33
C LYS A 123 -54.58 26.37 43.79
N GLY A 124 -53.73 27.36 44.04
CA GLY A 124 -53.54 27.88 45.39
C GLY A 124 -52.11 28.30 45.67
N GLN A 125 -51.97 29.16 46.68
CA GLN A 125 -50.64 29.58 47.09
C GLN A 125 -49.80 28.39 47.49
N GLN A 126 -50.34 27.53 48.34
CA GLN A 126 -49.70 26.24 48.56
C GLN A 126 -49.66 25.45 47.27
N GLY A 127 -50.72 25.56 46.47
CA GLY A 127 -50.72 24.90 45.19
C GLY A 127 -49.59 25.38 44.30
N GLN A 128 -49.33 26.69 44.30
CA GLN A 128 -48.27 27.17 43.43
C GLN A 128 -46.91 26.81 44.00
N LYS A 129 -46.80 26.70 45.31
CA LYS A 129 -45.58 26.16 45.86
C LYS A 129 -45.35 24.75 45.35
N ARG A 130 -46.40 23.93 45.34
CA ARG A 130 -46.27 22.58 44.82
C ARG A 130 -45.89 22.60 43.35
N PHE A 131 -46.50 23.48 42.57
CA PHE A 131 -46.19 23.53 41.15
C PHE A 131 -44.73 23.88 40.94
N GLN A 132 -44.25 24.89 41.64
CA GLN A 132 -42.88 25.29 41.42
C GLN A 132 -41.92 24.23 41.91
N ASP A 133 -42.23 23.56 43.02
CA ASP A 133 -41.25 22.62 43.53
C ASP A 133 -41.43 21.23 42.94
N MET A 134 -42.38 21.05 42.04
CA MET A 134 -42.42 19.80 41.32
C MET A 134 -41.77 19.88 39.94
N MET A 135 -42.11 20.89 39.14
CA MET A 135 -41.63 20.97 37.77
C MET A 135 -40.61 22.07 37.51
N GLY A 136 -40.72 23.21 38.15
CA GLY A 136 -39.68 24.21 38.01
C GLY A 136 -40.21 25.62 38.19
N HIS A 137 -39.27 26.52 38.49
CA HIS A 137 -39.61 27.93 38.65
C HIS A 137 -39.90 28.59 37.32
N GLY A 138 -39.38 28.03 36.25
CA GLY A 138 -39.37 28.69 34.96
C GLY A 138 -37.97 28.87 34.43
N SER A 139 -37.56 27.94 33.58
CA SER A 139 -36.24 27.94 32.99
C SER A 139 -36.27 28.67 31.66
N ASP A 140 -35.19 28.56 30.88
CA ASP A 140 -35.22 29.07 29.51
C ASP A 140 -36.09 28.18 28.64
N TYR A 141 -36.52 28.71 27.51
CA TYR A 141 -37.55 28.07 26.70
C TYR A 141 -37.39 28.52 25.26
N SER A 142 -38.25 28.01 24.39
CA SER A 142 -38.23 28.42 22.99
C SER A 142 -39.55 28.09 22.34
N LEU A 143 -40.37 29.11 22.06
CA LEU A 143 -41.72 28.82 21.60
C LEU A 143 -41.71 28.08 20.29
N SER A 144 -40.64 28.18 19.52
CA SER A 144 -40.52 27.31 18.36
C SER A 144 -40.69 25.87 18.79
N GLU A 145 -39.91 25.47 19.76
CA GLU A 145 -39.98 24.10 20.20
C GLU A 145 -41.31 23.81 20.88
N VAL A 146 -41.88 24.79 21.56
CA VAL A 146 -43.13 24.56 22.23
C VAL A 146 -44.21 24.22 21.21
N LEU A 147 -44.28 25.00 20.14
CA LEU A 147 -45.26 24.68 19.13
C LEU A 147 -44.96 23.32 18.53
N TRP A 148 -43.69 22.99 18.35
CA TRP A 148 -43.38 21.64 17.91
C TRP A 148 -44.06 20.63 18.79
N VAL A 149 -43.99 20.86 20.09
CA VAL A 149 -44.51 19.86 21.00
C VAL A 149 -46.00 19.73 20.80
N CYS A 150 -46.69 20.85 20.74
CA CYS A 150 -48.14 20.77 20.64
C CYS A 150 -48.53 20.14 19.33
N ALA A 151 -47.74 20.37 18.30
CA ALA A 151 -48.05 19.75 17.03
C ALA A 151 -47.99 18.25 17.17
N ASN A 152 -46.93 17.75 17.76
CA ASN A 152 -46.85 16.31 17.91
C ASN A 152 -48.04 15.80 18.68
N LEU A 153 -48.45 16.55 19.70
CA LEU A 153 -49.62 16.10 20.43
C LEU A 153 -50.80 15.90 19.52
N PHE A 154 -51.26 16.94 18.83
CA PHE A 154 -52.42 16.71 17.98
C PHE A 154 -52.19 15.58 17.02
N SER A 155 -50.97 15.42 16.52
CA SER A 155 -50.77 14.32 15.60
C SER A 155 -51.08 13.00 16.27
N ASP A 156 -50.65 12.82 17.51
CA ASP A 156 -50.63 11.49 18.11
C ASP A 156 -52.03 10.90 18.23
N VAL A 157 -53.05 11.73 18.23
CA VAL A 157 -54.38 11.21 18.53
C VAL A 157 -54.85 10.38 17.36
N GLN A 158 -55.77 9.47 17.63
CA GLN A 158 -56.24 8.56 16.59
C GLN A 158 -57.55 8.97 15.99
N PHE A 159 -58.52 9.35 16.81
CA PHE A 159 -59.81 9.75 16.27
C PHE A 159 -59.65 10.90 15.31
N LYS A 160 -60.68 11.15 14.53
CA LYS A 160 -60.61 12.28 13.63
C LYS A 160 -60.92 13.56 14.38
N MET A 161 -60.30 14.66 13.96
CA MET A 161 -60.44 15.94 14.61
C MET A 161 -61.22 16.90 13.74
N SER A 162 -62.27 17.48 14.31
CA SER A 162 -63.08 18.43 13.56
C SER A 162 -62.43 19.79 13.51
N HIS A 163 -62.28 20.40 14.66
CA HIS A 163 -61.52 21.63 14.80
C HIS A 163 -60.37 21.39 15.74
N LYS A 164 -59.25 22.06 15.47
CA LYS A 164 -58.05 21.88 16.25
C LYS A 164 -57.57 23.27 16.67
N ARG A 165 -57.56 23.54 17.96
CA ARG A 165 -57.25 24.88 18.44
C ARG A 165 -56.29 24.83 19.60
N ILE A 166 -55.32 25.76 19.60
CA ILE A 166 -54.26 25.83 20.58
C ILE A 166 -54.39 27.13 21.33
N MET A 167 -54.33 27.08 22.64
CA MET A 167 -54.44 28.27 23.46
C MET A 167 -53.17 28.46 24.27
N LEU A 168 -52.40 29.49 23.92
CA LEU A 168 -51.32 29.94 24.77
C LEU A 168 -51.88 30.70 25.95
N PHE A 169 -51.14 30.67 27.04
CA PHE A 169 -51.47 31.51 28.19
C PHE A 169 -50.15 32.11 28.66
N THR A 170 -49.78 33.24 28.08
CA THR A 170 -48.50 33.88 28.33
C THR A 170 -48.75 35.36 28.44
N ASN A 171 -47.71 36.11 28.74
CA ASN A 171 -47.84 37.54 28.54
C ASN A 171 -46.58 38.18 28.01
N GLU A 172 -45.49 37.45 27.89
CA GLU A 172 -44.23 38.06 27.52
C GLU A 172 -44.35 38.47 26.06
N ASP A 173 -45.03 39.59 25.85
CA ASP A 173 -45.54 39.92 24.53
C ASP A 173 -44.46 39.87 23.45
N ASN A 174 -43.21 39.87 23.83
CA ASN A 174 -42.13 39.49 22.92
C ASN A 174 -41.55 38.21 23.45
N PRO A 175 -41.69 37.10 22.74
CA PRO A 175 -41.20 35.83 23.30
C PRO A 175 -39.74 35.90 23.61
N HIS A 176 -39.01 36.66 22.80
CA HIS A 176 -37.58 36.83 23.00
C HIS A 176 -37.11 37.88 22.01
N GLY A 177 -36.58 38.98 22.52
CA GLY A 177 -35.93 39.93 21.65
C GLY A 177 -34.45 39.67 21.50
N ASN A 178 -33.95 38.57 22.05
CA ASN A 178 -32.52 38.39 22.15
C ASN A 178 -31.94 37.60 20.97
N ASP A 179 -32.29 36.34 20.84
CA ASP A 179 -31.74 35.49 19.79
C ASP A 179 -32.77 35.50 18.68
N SER A 180 -32.56 36.35 17.69
CA SER A 180 -33.53 36.48 16.61
C SER A 180 -33.68 35.19 15.83
N ALA A 181 -32.65 34.36 15.80
CA ALA A 181 -32.74 33.13 15.02
C ALA A 181 -33.83 32.24 15.58
N LYS A 182 -33.91 32.17 16.90
CA LYS A 182 -35.04 31.50 17.52
C LYS A 182 -36.36 32.10 17.04
N ALA A 183 -36.37 33.41 16.81
CA ALA A 183 -37.60 34.05 16.37
C ALA A 183 -37.96 33.68 14.94
N SER A 184 -36.95 33.61 14.08
CA SER A 184 -37.21 33.21 12.72
C SER A 184 -37.74 31.79 12.70
N ARG A 185 -37.12 30.91 13.47
CA ARG A 185 -37.61 29.54 13.53
C ARG A 185 -39.05 29.51 14.01
N ALA A 186 -39.37 30.35 14.99
CA ALA A 186 -40.72 30.39 15.50
C ALA A 186 -41.70 30.76 14.42
N ARG A 187 -41.44 31.85 13.70
CA ARG A 187 -42.41 32.24 12.69
C ARG A 187 -42.57 31.14 11.67
N THR A 188 -41.47 30.49 11.32
CA THR A 188 -41.57 29.45 10.32
C THR A 188 -42.49 28.34 10.80
N LYS A 189 -42.21 27.80 11.97
CA LYS A 189 -43.00 26.66 12.40
C LYS A 189 -44.44 27.06 12.60
N ALA A 190 -44.67 28.26 13.10
CA ALA A 190 -46.05 28.67 13.34
C ALA A 190 -46.81 28.76 12.03
N GLY A 191 -46.18 29.30 11.00
CA GLY A 191 -46.81 29.27 9.70
C GLY A 191 -47.13 27.86 9.29
N ASP A 192 -46.22 26.93 9.58
CA ASP A 192 -46.49 25.56 9.21
C ASP A 192 -47.74 25.05 9.90
N LEU A 193 -47.79 25.18 11.21
CA LEU A 193 -48.96 24.74 11.94
C LEU A 193 -50.20 25.38 11.38
N ARG A 194 -50.11 26.64 11.00
CA ARG A 194 -51.24 27.25 10.31
C ARG A 194 -51.56 26.51 9.04
N ASP A 195 -50.57 25.86 8.44
CA ASP A 195 -50.81 25.17 7.19
C ASP A 195 -51.14 23.71 7.40
N THR A 196 -50.81 23.14 8.53
CA THR A 196 -51.12 21.74 8.74
C THR A 196 -52.54 21.55 9.20
N GLY A 197 -53.32 22.61 9.24
CA GLY A 197 -54.69 22.53 9.64
C GLY A 197 -54.95 22.91 11.06
N ILE A 198 -54.00 23.54 11.74
CA ILE A 198 -54.15 23.90 13.14
C ILE A 198 -54.20 25.41 13.26
N PHE A 199 -55.17 25.90 14.02
CA PHE A 199 -55.24 27.30 14.39
C PHE A 199 -54.52 27.49 15.71
N LEU A 200 -54.24 28.75 16.01
CA LEU A 200 -53.58 29.08 17.26
C LEU A 200 -54.13 30.37 17.80
N ASP A 201 -54.21 30.46 19.11
CA ASP A 201 -54.78 31.64 19.71
C ASP A 201 -54.20 31.80 21.10
N LEU A 202 -53.80 33.01 21.42
CA LEU A 202 -53.37 33.39 22.75
C LEU A 202 -54.26 34.51 23.22
N MET A 203 -54.64 34.44 24.48
CA MET A 203 -55.28 35.57 25.13
C MET A 203 -54.23 36.28 25.97
N HIS A 204 -53.99 37.53 25.63
CA HIS A 204 -53.02 38.34 26.36
C HIS A 204 -53.53 38.49 27.78
N LEU A 205 -52.86 37.83 28.70
CA LEU A 205 -53.40 37.79 30.04
C LEU A 205 -53.20 39.10 30.77
N LYS A 206 -51.95 39.45 31.09
CA LYS A 206 -51.64 40.66 31.84
C LYS A 206 -50.14 40.90 31.92
N LYS A 207 -49.71 42.16 31.72
CA LYS A 207 -48.31 42.52 31.84
C LYS A 207 -48.27 44.00 32.16
N PRO A 208 -47.30 44.47 32.94
CA PRO A 208 -47.20 45.91 33.17
C PRO A 208 -46.73 46.59 31.90
N GLY A 209 -47.61 47.33 31.25
CA GLY A 209 -47.21 47.62 29.90
C GLY A 209 -47.17 46.28 29.16
N GLY A 210 -46.45 46.28 28.05
CA GLY A 210 -46.23 45.04 27.32
C GLY A 210 -47.53 44.31 27.05
N PHE A 211 -48.50 45.02 26.50
CA PHE A 211 -49.83 44.50 26.31
C PHE A 211 -50.23 44.62 24.86
N ASP A 212 -49.32 44.20 23.99
CA ASP A 212 -49.44 44.40 22.55
C ASP A 212 -49.28 43.08 21.81
N ILE A 213 -49.91 43.01 20.65
CA ILE A 213 -49.84 41.83 19.81
C ILE A 213 -49.07 42.09 18.52
N SER A 214 -48.89 43.34 18.10
CA SER A 214 -48.11 43.61 16.91
C SER A 214 -46.64 43.30 17.13
N LEU A 215 -46.22 43.16 18.38
CA LEU A 215 -44.89 42.68 18.68
C LEU A 215 -44.91 41.16 18.65
N PHE A 216 -44.54 40.61 17.49
CA PHE A 216 -44.25 39.22 17.19
C PHE A 216 -45.49 38.34 17.02
N TYR A 217 -46.68 38.77 17.37
CA TYR A 217 -47.84 37.92 17.17
C TYR A 217 -48.80 38.38 16.10
N ARG A 218 -48.63 39.56 15.54
CA ARG A 218 -49.55 39.97 14.50
C ARG A 218 -49.53 38.98 13.35
N ASP A 219 -48.44 38.24 13.20
CA ASP A 219 -48.32 37.25 12.15
C ASP A 219 -48.59 35.83 12.61
N ILE A 220 -49.03 35.63 13.85
CA ILE A 220 -49.22 34.30 14.40
C ILE A 220 -50.69 33.98 14.57
N ILE A 221 -51.36 34.66 15.47
CA ILE A 221 -52.76 34.38 15.74
C ILE A 221 -53.59 34.76 14.54
N SER A 222 -54.87 34.47 14.58
CA SER A 222 -55.75 34.88 13.52
C SER A 222 -56.38 36.22 13.87
N VAL A 231 -57.90 47.91 19.72
CA VAL A 231 -56.52 47.52 19.42
C VAL A 231 -56.02 46.52 20.45
N HIS A 232 -55.76 47.00 21.66
CA HIS A 232 -54.94 46.24 22.61
C HIS A 232 -55.02 46.89 23.98
N PHE A 233 -54.68 46.09 25.00
CA PHE A 233 -54.79 46.47 26.41
C PHE A 233 -54.14 45.37 27.22
N GLU A 234 -54.10 45.57 28.55
CA GLU A 234 -53.40 44.68 29.47
C GLU A 234 -54.18 43.42 29.86
N GLU A 235 -55.50 43.35 29.65
CA GLU A 235 -56.22 42.10 29.92
C GLU A 235 -57.12 41.76 28.74
N SER A 236 -57.37 40.46 28.55
CA SER A 236 -58.06 39.98 27.37
C SER A 236 -59.54 39.81 27.64
N SER A 237 -60.37 40.43 26.81
CA SER A 237 -61.79 40.13 26.88
C SER A 237 -62.05 38.70 26.50
N LYS A 238 -61.27 38.18 25.56
CA LYS A 238 -61.50 36.83 25.10
C LYS A 238 -61.33 35.82 26.22
N LEU A 239 -60.61 36.15 27.28
CA LEU A 239 -60.53 35.22 28.38
C LEU A 239 -61.63 35.42 29.38
N GLU A 240 -62.38 36.51 29.28
CA GLU A 240 -63.46 36.69 30.22
C GLU A 240 -64.53 35.64 30.00
N ASP A 241 -64.96 35.46 28.76
CA ASP A 241 -66.04 34.52 28.52
C ASP A 241 -65.62 33.10 28.82
N LEU A 242 -64.33 32.79 28.64
CA LEU A 242 -63.88 31.47 29.01
C LEU A 242 -63.98 31.21 30.49
N LEU A 243 -64.57 32.13 31.24
CA LEU A 243 -64.99 31.87 32.59
C LEU A 243 -66.50 31.90 32.73
N ARG A 244 -67.23 32.15 31.65
CA ARG A 244 -68.68 32.27 31.74
C ARG A 244 -69.33 31.00 32.26
N LYS A 245 -68.69 29.86 32.08
CA LYS A 245 -69.05 28.63 32.79
C LYS A 245 -70.39 28.09 32.27
N VAL A 246 -70.55 28.10 30.99
CA VAL A 246 -71.79 27.60 30.39
C VAL A 246 -71.77 26.08 30.37
N ARG A 247 -72.93 25.48 30.59
CA ARG A 247 -73.08 24.05 30.67
C ARG A 247 -74.39 23.48 30.14
N ALA A 248 -74.74 23.81 28.90
CA ALA A 248 -75.67 23.00 28.14
C ALA A 248 -74.91 21.87 27.45
N LYS A 249 -75.51 21.30 26.42
CA LYS A 249 -74.80 20.38 25.58
C LYS A 249 -75.30 20.55 24.16
N GLU A 250 -74.55 20.04 23.20
CA GLU A 250 -74.86 20.29 21.81
C GLU A 250 -74.73 19.01 21.02
N THR A 251 -75.44 18.96 19.91
CA THR A 251 -75.24 17.95 18.90
C THR A 251 -75.13 18.63 17.56
N ARG A 252 -74.39 18.04 16.67
CA ARG A 252 -74.07 18.76 15.45
C ARG A 252 -75.25 18.73 14.50
N LYS A 253 -75.02 19.07 13.25
CA LYS A 253 -76.04 19.05 12.21
C LYS A 253 -76.35 17.61 11.88
N ARG A 254 -77.13 17.00 12.73
CA ARG A 254 -77.52 15.61 12.57
C ARG A 254 -78.93 15.58 12.03
N ALA A 255 -79.11 14.95 10.89
CA ALA A 255 -80.45 14.86 10.33
C ALA A 255 -81.27 13.91 11.17
N LEU A 256 -82.42 14.36 11.66
CA LEU A 256 -83.28 13.46 12.41
C LEU A 256 -83.81 12.37 11.50
N SER A 257 -84.13 12.71 10.27
CA SER A 257 -84.52 11.73 9.27
C SER A 257 -84.60 12.40 7.92
N ARG A 258 -84.10 11.74 6.88
CA ARG A 258 -84.23 12.24 5.54
C ARG A 258 -85.36 11.48 4.84
N LEU A 259 -86.35 12.20 4.37
CA LEU A 259 -87.49 11.60 3.70
C LEU A 259 -87.75 12.38 2.43
N LYS A 260 -88.41 11.74 1.48
CA LYS A 260 -88.58 12.32 0.15
C LYS A 260 -89.96 12.97 0.04
N LEU A 261 -90.00 14.29 0.18
CA LEU A 261 -91.22 15.03 -0.13
C LEU A 261 -91.63 14.79 -1.55
N LYS A 262 -92.82 14.25 -1.74
CA LYS A 262 -93.34 13.98 -3.07
C LYS A 262 -94.51 14.89 -3.34
N LEU A 263 -94.37 15.73 -4.36
CA LEU A 263 -95.47 16.60 -4.74
C LEU A 263 -96.65 15.77 -5.19
N ASN A 264 -96.40 14.79 -6.05
CA ASN A 264 -97.43 13.89 -6.54
C ASN A 264 -96.83 12.49 -6.55
N LYS A 265 -97.46 11.59 -7.29
CA LYS A 265 -96.93 10.26 -7.41
C LYS A 265 -95.70 10.19 -8.29
N ASP A 266 -95.30 11.29 -8.90
CA ASP A 266 -94.13 11.23 -9.78
C ASP A 266 -93.04 12.20 -9.36
N ILE A 267 -93.37 13.43 -9.01
CA ILE A 267 -92.35 14.36 -8.55
C ILE A 267 -92.07 14.11 -7.08
N VAL A 268 -90.79 13.98 -6.74
CA VAL A 268 -90.33 13.79 -5.38
C VAL A 268 -89.12 14.69 -5.16
N ILE A 269 -88.95 15.21 -3.96
CA ILE A 269 -87.74 15.96 -3.64
C ILE A 269 -87.17 15.44 -2.33
N SER A 270 -85.90 15.74 -2.10
CA SER A 270 -85.14 15.15 -1.02
C SER A 270 -85.00 16.15 0.13
N VAL A 271 -85.72 15.90 1.20
CA VAL A 271 -85.81 16.81 2.32
C VAL A 271 -85.22 16.15 3.55
N GLY A 272 -84.46 16.91 4.32
CA GLY A 272 -83.94 16.43 5.59
C GLY A 272 -84.71 16.98 6.77
N ILE A 273 -85.49 16.13 7.42
CA ILE A 273 -86.25 16.59 8.57
C ILE A 273 -85.25 16.83 9.69
N TYR A 274 -84.93 18.07 9.95
CA TYR A 274 -83.99 18.40 11.02
C TYR A 274 -84.79 18.86 12.22
N ASN A 275 -84.11 19.03 13.35
CA ASN A 275 -84.78 19.35 14.59
C ASN A 275 -84.18 20.61 15.18
N LEU A 276 -85.02 21.48 15.73
CA LEU A 276 -84.58 22.76 16.26
C LEU A 276 -85.09 23.09 17.64
N VAL A 277 -85.73 22.17 18.34
CA VAL A 277 -85.89 22.32 19.78
C VAL A 277 -86.24 20.96 20.35
N GLN A 278 -85.62 20.57 21.46
CA GLN A 278 -85.66 19.15 21.81
C GLN A 278 -85.93 18.83 23.26
N LYS A 279 -85.89 19.79 24.18
CA LYS A 279 -86.22 19.53 25.57
C LYS A 279 -85.28 18.49 26.18
N ALA A 280 -84.04 18.89 26.31
CA ALA A 280 -83.03 17.96 26.80
C ALA A 280 -83.42 17.43 28.16
N LEU A 281 -83.62 16.14 28.23
CA LEU A 281 -83.78 15.48 29.51
C LEU A 281 -82.40 15.21 30.08
N LYS A 282 -82.36 14.85 31.34
CA LYS A 282 -81.08 14.59 31.96
C LYS A 282 -80.46 13.35 31.36
N PRO A 283 -79.14 13.26 31.29
CA PRO A 283 -78.50 12.08 30.77
C PRO A 283 -78.93 10.86 31.55
N PRO A 284 -79.26 9.78 30.87
CA PRO A 284 -79.89 8.67 31.53
C PRO A 284 -78.91 7.98 32.44
N PRO A 285 -79.30 7.72 33.67
CA PRO A 285 -78.37 7.17 34.64
C PRO A 285 -78.01 5.73 34.33
N ILE A 286 -76.93 5.28 34.95
CA ILE A 286 -76.39 3.95 34.74
C ILE A 286 -76.33 3.23 36.07
N LYS A 287 -76.65 1.97 36.04
CA LYS A 287 -76.77 1.18 37.25
C LYS A 287 -75.42 0.61 37.64
N LEU A 288 -75.01 0.73 38.91
CA LEU A 288 -73.71 0.25 39.41
C LEU A 288 -73.79 -0.59 40.69
N TYR A 289 -72.83 -1.47 40.90
CA TYR A 289 -72.67 -2.33 42.09
C TYR A 289 -72.14 -1.56 43.32
N ARG A 290 -72.59 -1.84 44.58
CA ARG A 290 -72.00 -1.21 45.79
C ARG A 290 -70.51 -1.39 45.92
N GLU A 291 -70.07 -2.64 45.95
CA GLU A 291 -68.73 -2.91 46.47
C GLU A 291 -67.66 -2.45 45.50
N THR A 292 -68.01 -2.24 44.23
CA THR A 292 -67.03 -1.96 43.19
C THR A 292 -67.46 -0.97 42.12
N ASN A 293 -68.66 -0.32 42.13
CA ASN A 293 -68.89 0.75 41.19
C ASN A 293 -68.78 0.29 39.74
N GLU A 294 -68.89 -0.99 39.50
CA GLU A 294 -68.78 -1.52 38.17
C GLU A 294 -70.12 -1.36 37.45
N PRO A 295 -70.13 -1.41 36.13
CA PRO A 295 -71.41 -1.57 35.43
C PRO A 295 -72.03 -2.92 35.75
N VAL A 296 -73.35 -2.99 35.68
CA VAL A 296 -74.06 -4.15 36.19
C VAL A 296 -74.84 -4.92 35.14
N LYS A 297 -74.93 -4.43 33.91
CA LYS A 297 -75.40 -5.21 32.78
C LYS A 297 -76.75 -5.87 33.07
N THR A 298 -77.77 -5.04 33.06
CA THR A 298 -79.14 -5.52 33.22
C THR A 298 -79.42 -6.68 32.28
N LYS A 299 -80.22 -7.63 32.74
CA LYS A 299 -80.47 -8.85 32.01
C LYS A 299 -81.95 -9.23 32.14
N THR A 300 -82.84 -8.30 31.84
CA THR A 300 -84.26 -8.62 31.92
C THR A 300 -84.62 -9.70 30.91
N ARG A 301 -85.57 -10.54 31.28
CA ARG A 301 -86.01 -11.66 30.47
C ARG A 301 -87.45 -11.99 30.80
N THR A 302 -88.05 -12.88 30.02
CA THR A 302 -89.43 -13.26 30.25
C THR A 302 -89.52 -14.77 30.31
N PHE A 303 -90.21 -15.31 31.32
CA PHE A 303 -90.21 -16.76 31.46
C PHE A 303 -91.50 -17.22 32.12
N ASN A 304 -91.71 -18.52 32.06
CA ASN A 304 -92.98 -19.13 32.43
C ASN A 304 -93.17 -19.22 33.93
N THR A 305 -94.43 -19.20 34.34
CA THR A 305 -94.79 -19.41 35.72
C THR A 305 -95.21 -20.85 35.98
N SER A 306 -95.92 -21.46 35.05
CA SER A 306 -96.37 -22.83 35.24
C SER A 306 -95.19 -23.77 35.38
N THR A 307 -94.18 -23.58 34.55
CA THR A 307 -92.93 -24.32 34.65
C THR A 307 -91.79 -23.33 34.63
N GLY A 308 -90.61 -23.80 35.03
CA GLY A 308 -89.45 -22.94 35.02
C GLY A 308 -88.86 -22.78 33.64
N GLY A 309 -89.72 -22.67 32.64
CA GLY A 309 -89.27 -22.55 31.27
C GLY A 309 -88.85 -21.12 30.97
N LEU A 310 -88.47 -20.90 29.72
CA LEU A 310 -88.00 -19.60 29.27
C LEU A 310 -88.72 -19.29 27.96
N LEU A 311 -89.68 -18.37 28.01
CA LEU A 311 -90.41 -18.05 26.80
C LEU A 311 -89.50 -17.29 25.83
N LEU A 312 -89.25 -17.88 24.72
CA LEU A 312 -88.55 -17.13 23.70
C LEU A 312 -89.50 -16.16 23.03
N PRO A 313 -88.98 -15.13 22.37
CA PRO A 313 -89.87 -14.06 21.90
C PRO A 313 -90.95 -14.54 20.97
N SER A 314 -90.73 -15.63 20.26
CA SER A 314 -91.80 -16.13 19.42
C SER A 314 -92.95 -16.65 20.25
N ASP A 315 -92.67 -17.17 21.42
CA ASP A 315 -93.65 -17.91 22.18
C ASP A 315 -94.55 -17.01 23.01
N THR A 316 -94.70 -15.76 22.62
CA THR A 316 -95.60 -14.86 23.31
C THR A 316 -96.69 -14.36 22.38
N LYS A 317 -97.78 -13.92 22.97
CA LYS A 317 -98.88 -13.35 22.21
C LYS A 317 -99.29 -12.05 22.85
N ARG A 318 -99.78 -11.12 22.05
CA ARG A 318 -100.37 -9.90 22.55
C ARG A 318 -101.86 -10.08 22.77
N SER A 319 -102.44 -9.25 23.63
CA SER A 319 -103.84 -9.45 23.98
C SER A 319 -104.49 -8.15 24.44
N GLN A 320 -105.81 -8.10 24.27
CA GLN A 320 -106.67 -7.08 24.83
C GLN A 320 -107.90 -7.74 25.42
N ILE A 321 -108.69 -6.97 26.15
CA ILE A 321 -109.95 -7.42 26.71
C ILE A 321 -111.01 -6.39 26.34
N TYR A 322 -111.87 -6.73 25.40
CA TYR A 322 -113.06 -5.96 25.11
C TYR A 322 -114.26 -6.86 25.28
N GLY A 323 -115.43 -6.25 25.44
CA GLY A 323 -116.69 -6.96 25.38
C GLY A 323 -116.67 -8.33 26.00
N SER A 324 -115.97 -8.44 27.12
CA SER A 324 -115.86 -9.69 27.88
C SER A 324 -115.31 -10.83 27.05
N ARG A 325 -114.67 -10.50 25.93
CA ARG A 325 -114.05 -11.51 25.09
C ARG A 325 -112.60 -11.13 24.82
N GLN A 326 -111.75 -12.13 24.77
CA GLN A 326 -110.32 -11.95 24.75
C GLN A 326 -109.83 -12.01 23.32
N ILE A 327 -108.70 -11.37 23.07
CA ILE A 327 -108.23 -11.19 21.71
C ILE A 327 -106.76 -11.57 21.63
N ILE A 328 -106.38 -12.13 20.48
CA ILE A 328 -105.01 -12.58 20.22
C ILE A 328 -104.55 -11.96 18.92
N LEU A 329 -103.33 -11.46 18.92
CA LEU A 329 -102.66 -11.11 17.67
C LEU A 329 -101.20 -11.53 17.75
N GLU A 330 -100.61 -11.77 16.59
CA GLU A 330 -99.19 -12.04 16.51
C GLU A 330 -98.41 -10.81 16.92
N LYS A 331 -97.27 -11.02 17.58
CA LYS A 331 -96.42 -9.89 17.91
C LYS A 331 -96.04 -9.13 16.66
N GLU A 332 -95.85 -9.84 15.57
CA GLU A 332 -95.67 -9.18 14.29
C GLU A 332 -96.90 -8.36 13.95
N GLU A 333 -98.08 -8.91 14.20
CA GLU A 333 -99.27 -8.19 13.82
C GLU A 333 -99.49 -6.98 14.70
N THR A 334 -99.01 -7.01 15.94
CA THR A 334 -99.30 -5.88 16.80
C THR A 334 -98.58 -4.63 16.34
N GLU A 335 -97.63 -4.78 15.44
CA GLU A 335 -97.07 -3.64 14.76
C GLU A 335 -97.52 -3.57 13.32
N GLU A 336 -97.94 -4.68 12.75
CA GLU A 336 -98.51 -4.59 11.42
C GLU A 336 -99.77 -3.78 11.43
N LEU A 337 -100.41 -3.67 12.57
CA LEU A 337 -101.64 -2.92 12.64
C LEU A 337 -101.43 -1.43 12.48
N LYS A 338 -100.26 -0.99 12.02
CA LYS A 338 -100.02 0.42 11.84
C LYS A 338 -99.53 0.80 10.45
N ARG A 339 -99.23 -0.16 9.60
CA ARG A 339 -98.70 0.16 8.28
C ARG A 339 -99.66 1.01 7.47
N PHE A 340 -99.32 2.25 7.24
CA PHE A 340 -100.28 3.12 6.56
C PHE A 340 -99.75 3.70 5.28
N ASP A 341 -98.50 4.11 5.24
CA ASP A 341 -97.98 4.68 4.01
C ASP A 341 -96.48 4.48 3.96
N ASP A 342 -95.94 4.40 2.77
CA ASP A 342 -94.50 4.34 2.63
C ASP A 342 -93.90 5.62 3.19
N PRO A 343 -92.71 5.53 3.77
CA PRO A 343 -92.17 6.67 4.50
C PRO A 343 -92.01 7.87 3.60
N GLY A 344 -92.31 9.03 4.12
CA GLY A 344 -92.06 10.25 3.39
C GLY A 344 -93.09 11.31 3.73
N LEU A 345 -93.17 12.30 2.85
CA LEU A 345 -94.04 13.44 2.97
C LEU A 345 -94.97 13.50 1.77
N MET A 346 -96.22 13.83 2.02
CA MET A 346 -97.26 13.84 0.99
C MET A 346 -97.89 15.22 0.96
N LEU A 347 -97.38 16.13 0.15
CA LEU A 347 -98.00 17.45 0.04
C LEU A 347 -99.28 17.31 -0.75
N MET A 348 -100.37 17.82 -0.21
CA MET A 348 -101.64 17.81 -0.92
C MET A 348 -101.96 19.17 -1.52
N GLY A 349 -102.07 20.19 -0.70
CA GLY A 349 -102.63 21.46 -1.13
C GLY A 349 -101.94 22.59 -0.45
N PHE A 350 -102.62 23.72 -0.38
CA PHE A 350 -102.03 24.90 0.21
C PHE A 350 -103.14 25.69 0.87
N LYS A 351 -102.78 26.53 1.82
CA LYS A 351 -103.75 26.89 2.83
C LYS A 351 -103.40 28.25 3.41
N PRO A 352 -104.39 29.10 3.66
CA PRO A 352 -104.09 30.48 3.98
C PRO A 352 -103.67 30.69 5.43
N LEU A 353 -102.42 31.16 5.57
CA LEU A 353 -101.72 31.15 6.85
C LEU A 353 -102.55 31.67 8.00
N VAL A 354 -103.58 32.45 7.74
CA VAL A 354 -104.45 32.82 8.83
C VAL A 354 -105.14 31.60 9.40
N LEU A 355 -105.29 30.56 8.59
CA LEU A 355 -106.10 29.45 9.06
C LEU A 355 -105.31 28.47 9.92
N LEU A 356 -104.00 28.38 9.70
CA LEU A 356 -103.19 27.53 10.54
C LEU A 356 -103.11 28.18 11.92
N LYS A 357 -104.04 27.87 12.78
CA LYS A 357 -104.16 28.61 14.02
C LYS A 357 -103.08 28.16 14.98
N LYS A 358 -102.43 29.13 15.60
CA LYS A 358 -101.44 28.83 16.61
C LYS A 358 -102.06 28.19 17.83
N HIS A 359 -103.38 28.22 17.91
CA HIS A 359 -104.07 27.76 19.10
C HIS A 359 -103.95 26.27 19.33
N HIS A 360 -103.45 25.50 18.37
CA HIS A 360 -103.48 24.05 18.51
C HIS A 360 -102.14 23.41 18.13
N TYR A 361 -101.09 23.82 18.85
CA TYR A 361 -99.80 23.13 18.90
C TYR A 361 -99.91 21.71 19.42
N LEU A 362 -99.12 20.81 18.86
CA LEU A 362 -99.17 19.42 19.32
C LEU A 362 -97.83 18.89 19.83
N ARG A 363 -96.76 19.01 19.06
CA ARG A 363 -95.44 18.60 19.50
C ARG A 363 -94.47 19.65 19.00
N PRO A 364 -93.22 19.62 19.43
CA PRO A 364 -92.29 20.62 18.91
C PRO A 364 -92.20 20.56 17.41
N SER A 365 -92.07 21.71 16.80
CA SER A 365 -91.97 21.76 15.37
C SER A 365 -90.61 21.29 14.93
N LEU A 366 -90.50 21.01 13.66
CA LEU A 366 -89.24 20.59 13.08
C LEU A 366 -88.95 21.51 11.92
N PHE A 367 -87.90 21.21 11.19
CA PHE A 367 -87.46 22.10 10.13
C PHE A 367 -87.24 21.31 8.85
N VAL A 368 -87.35 22.01 7.73
CA VAL A 368 -87.37 21.41 6.41
C VAL A 368 -86.32 22.10 5.56
N TYR A 369 -85.44 21.34 4.95
CA TYR A 369 -84.42 21.95 4.15
C TYR A 369 -83.90 20.85 3.24
N PRO A 370 -83.71 21.12 1.96
CA PRO A 370 -83.46 20.04 1.02
C PRO A 370 -82.12 19.41 1.26
N GLU A 371 -82.03 18.12 0.97
CA GLU A 371 -80.75 17.44 1.00
C GLU A 371 -80.42 17.00 -0.40
N GLU A 372 -79.43 17.65 -1.00
CA GLU A 372 -79.13 17.45 -2.41
C GLU A 372 -78.70 16.03 -2.70
N SER A 373 -78.36 15.26 -1.67
CA SER A 373 -77.71 13.98 -1.88
C SER A 373 -78.61 12.99 -2.60
N LEU A 374 -79.89 12.95 -2.25
CA LEU A 374 -80.71 11.84 -2.72
C LEU A 374 -81.23 12.07 -4.14
N VAL A 375 -82.04 13.09 -4.35
CA VAL A 375 -82.62 13.40 -5.66
C VAL A 375 -81.93 14.65 -6.16
N ILE A 376 -81.00 14.47 -7.11
CA ILE A 376 -80.13 15.57 -7.51
C ILE A 376 -80.96 16.66 -8.15
N GLY A 377 -80.67 17.90 -7.78
CA GLY A 377 -81.36 19.05 -8.30
C GLY A 377 -82.61 19.44 -7.54
N SER A 378 -83.10 18.57 -6.65
CA SER A 378 -84.35 18.86 -5.98
C SER A 378 -84.28 20.15 -5.18
N SER A 379 -83.08 20.56 -4.79
CA SER A 379 -82.95 21.79 -4.03
C SER A 379 -83.57 22.94 -4.79
N THR A 380 -83.49 22.89 -6.12
CA THR A 380 -84.14 23.92 -6.91
C THR A 380 -85.63 23.97 -6.62
N LEU A 381 -86.31 22.83 -6.71
CA LEU A 381 -87.75 22.85 -6.54
C LEU A 381 -88.10 23.26 -5.13
N PHE A 382 -87.31 22.83 -4.16
CA PHE A 382 -87.54 23.27 -2.80
C PHE A 382 -87.49 24.79 -2.73
N SER A 383 -86.46 25.37 -3.33
CA SER A 383 -86.32 26.81 -3.32
C SER A 383 -87.50 27.44 -4.01
N ALA A 384 -87.96 26.81 -5.08
CA ALA A 384 -89.07 27.37 -5.83
C ALA A 384 -90.30 27.43 -4.95
N LEU A 385 -90.63 26.30 -4.33
CA LEU A 385 -91.78 26.29 -3.46
C LEU A 385 -91.63 27.33 -2.38
N LEU A 386 -90.43 27.43 -1.79
CA LEU A 386 -90.22 28.35 -0.67
C LEU A 386 -90.46 29.79 -1.10
N ILE A 387 -89.80 30.19 -2.18
CA ILE A 387 -89.94 31.56 -2.65
C ILE A 387 -91.37 31.86 -2.97
N LYS A 388 -92.01 30.99 -3.73
CA LYS A 388 -93.34 31.31 -4.21
C LYS A 388 -94.33 31.36 -3.06
N CYS A 389 -94.26 30.39 -2.15
CA CYS A 389 -95.19 30.38 -1.04
C CYS A 389 -95.02 31.63 -0.20
N LEU A 390 -93.77 31.95 0.17
CA LEU A 390 -93.54 33.16 0.93
C LEU A 390 -94.13 34.35 0.23
N GLU A 391 -93.96 34.42 -1.10
CA GLU A 391 -94.49 35.54 -1.86
C GLU A 391 -96.01 35.59 -1.77
N LYS A 392 -96.67 34.44 -1.86
CA LYS A 392 -98.12 34.45 -1.88
C LYS A 392 -98.75 34.02 -0.57
N GLU A 393 -97.97 34.00 0.51
CA GLU A 393 -98.52 34.13 1.86
C GLU A 393 -99.61 33.09 2.11
N VAL A 394 -99.19 31.82 2.11
CA VAL A 394 -100.10 30.69 2.15
C VAL A 394 -99.31 29.47 2.58
N ALA A 395 -99.97 28.55 3.28
CA ALA A 395 -99.26 27.38 3.81
C ALA A 395 -99.19 26.26 2.79
N ALA A 396 -98.60 25.13 3.23
CA ALA A 396 -98.49 23.93 2.43
C ALA A 396 -98.65 22.72 3.35
N LEU A 397 -99.77 22.01 3.20
CA LEU A 397 -100.13 20.91 4.06
C LEU A 397 -99.69 19.59 3.45
N CYS A 398 -99.36 18.65 4.31
CA CYS A 398 -98.72 17.43 3.86
C CYS A 398 -98.97 16.30 4.86
N ARG A 399 -98.70 15.09 4.42
CA ARG A 399 -98.77 13.94 5.30
C ARG A 399 -97.36 13.50 5.66
N TYR A 400 -97.12 13.29 6.95
CA TYR A 400 -95.81 12.96 7.49
C TYR A 400 -95.82 11.56 8.05
N THR A 401 -94.98 10.71 7.48
CA THR A 401 -94.74 9.36 7.99
C THR A 401 -93.26 9.30 8.34
N PRO A 402 -92.89 9.63 9.56
CA PRO A 402 -91.47 9.83 9.87
C PRO A 402 -90.63 8.63 9.62
N ARG A 403 -91.15 7.45 9.89
CA ARG A 403 -90.43 6.22 9.75
C ARG A 403 -91.44 5.17 9.33
N ARG A 404 -90.98 3.97 9.03
CA ARG A 404 -91.94 2.92 8.79
C ARG A 404 -92.70 2.63 10.07
N ASN A 405 -93.77 1.88 9.94
CA ASN A 405 -94.55 1.44 11.10
C ASN A 405 -95.17 2.57 11.89
N ILE A 406 -95.36 3.74 11.29
CA ILE A 406 -95.88 4.86 12.07
C ILE A 406 -97.13 5.41 11.41
N PRO A 407 -98.19 5.68 12.15
CA PRO A 407 -99.35 6.33 11.55
C PRO A 407 -98.97 7.72 11.10
N PRO A 408 -99.66 8.25 10.11
CA PRO A 408 -99.32 9.58 9.62
C PRO A 408 -100.06 10.66 10.37
N TYR A 409 -99.41 11.80 10.51
CA TYR A 409 -100.09 13.01 10.95
C TYR A 409 -100.07 14.06 9.86
N PHE A 410 -100.82 15.13 10.10
CA PHE A 410 -100.98 16.20 9.14
C PHE A 410 -100.16 17.40 9.58
N VAL A 411 -99.16 17.74 8.78
CA VAL A 411 -98.23 18.78 9.16
C VAL A 411 -98.16 19.78 8.02
N ALA A 412 -98.00 21.05 8.37
CA ALA A 412 -98.01 22.11 7.38
C ALA A 412 -96.59 22.63 7.19
N LEU A 413 -96.23 22.87 5.95
CA LEU A 413 -94.91 23.38 5.61
C LEU A 413 -94.96 24.90 5.55
N VAL A 414 -95.04 25.53 6.71
CA VAL A 414 -95.05 26.98 6.76
C VAL A 414 -93.66 27.50 6.45
N PRO A 415 -93.49 28.26 5.39
CA PRO A 415 -92.15 28.72 5.01
C PRO A 415 -91.61 29.76 5.97
N GLN A 416 -90.27 29.85 6.00
CA GLN A 416 -89.57 30.76 6.90
C GLN A 416 -88.49 31.51 6.15
N GLU A 417 -88.49 32.83 6.31
CA GLU A 417 -87.49 33.70 5.71
C GLU A 417 -86.29 33.83 6.63
N GLU A 418 -85.11 33.93 6.03
CA GLU A 418 -83.89 34.05 6.82
C GLU A 418 -83.80 35.45 7.44
N GLU A 419 -83.20 35.54 8.61
CA GLU A 419 -82.92 36.83 9.22
C GLU A 419 -81.49 36.85 9.73
N LEU A 420 -80.79 37.95 9.46
CA LEU A 420 -79.37 38.06 9.73
C LEU A 420 -78.98 39.40 10.33
N ASP A 421 -79.95 40.32 10.49
CA ASP A 421 -79.66 41.75 10.42
C ASP A 421 -78.62 42.19 11.44
N ASP A 422 -78.66 41.63 12.66
CA ASP A 422 -77.86 42.17 13.76
C ASP A 422 -76.37 42.14 13.43
N GLN A 423 -75.85 40.98 13.05
CA GLN A 423 -74.43 40.88 12.72
C GLN A 423 -74.22 39.96 11.53
N LYS A 424 -75.22 39.86 10.65
CA LYS A 424 -75.12 39.06 9.43
C LYS A 424 -74.70 37.64 9.75
N ILE A 425 -75.27 37.08 10.80
CA ILE A 425 -75.07 35.69 11.19
C ILE A 425 -76.44 35.02 11.20
N GLN A 426 -76.48 33.74 10.89
CA GLN A 426 -77.74 33.02 10.79
C GLN A 426 -78.51 33.12 12.10
N VAL A 427 -79.80 33.39 12.00
CA VAL A 427 -80.65 33.45 13.17
C VAL A 427 -81.80 32.48 12.98
N THR A 428 -82.65 32.75 12.02
CA THR A 428 -83.70 31.80 11.67
C THR A 428 -83.33 31.21 10.34
N PRO A 429 -83.08 29.91 10.24
CA PRO A 429 -82.63 29.37 9.01
C PRO A 429 -83.74 29.30 7.98
N PRO A 430 -83.40 29.49 6.72
CA PRO A 430 -84.44 29.64 5.70
C PRO A 430 -84.97 28.29 5.24
N GLY A 431 -86.29 28.21 5.13
CA GLY A 431 -86.93 26.98 4.70
C GLY A 431 -88.37 26.88 5.13
N PHE A 432 -88.82 25.67 5.45
CA PHE A 432 -90.18 25.43 5.88
C PHE A 432 -90.16 24.94 7.31
N GLN A 433 -91.16 25.30 8.09
CA GLN A 433 -91.32 24.69 9.40
C GLN A 433 -92.03 23.36 9.25
N LEU A 434 -92.37 22.76 10.38
CA LEU A 434 -93.32 21.65 10.43
C LEU A 434 -94.21 21.90 11.62
N VAL A 435 -95.32 22.58 11.40
CA VAL A 435 -96.32 22.72 12.42
C VAL A 435 -97.24 21.52 12.28
N PHE A 436 -97.20 20.63 13.25
CA PHE A 436 -98.07 19.47 13.22
C PHE A 436 -99.50 19.90 13.46
N LEU A 437 -100.39 19.46 12.63
CA LEU A 437 -101.73 19.89 12.92
C LEU A 437 -102.47 18.84 13.71
N PRO A 438 -103.33 19.23 14.62
CA PRO A 438 -103.86 18.27 15.59
C PRO A 438 -104.92 17.41 14.96
N PHE A 439 -105.21 16.30 15.61
CA PHE A 439 -106.26 15.43 15.12
C PHE A 439 -107.47 15.50 16.03
N ALA A 440 -108.61 15.06 15.51
CA ALA A 440 -109.86 15.22 16.23
C ALA A 440 -109.79 14.57 17.60
N ASP A 441 -108.99 13.57 17.74
CA ASP A 441 -108.94 12.96 19.05
C ASP A 441 -108.23 13.80 20.02
N ASP A 442 -108.01 15.09 19.77
CA ASP A 442 -107.16 15.86 20.63
C ASP A 442 -107.86 17.07 21.23
N LYS A 443 -109.02 17.44 20.74
CA LYS A 443 -109.56 18.76 21.03
C LYS A 443 -109.84 18.96 22.52
N ARG A 444 -110.22 17.91 23.23
CA ARG A 444 -110.42 17.96 24.68
C ARG A 444 -111.46 19.03 25.05
N LYS A 445 -112.70 18.74 24.67
CA LYS A 445 -113.84 19.62 24.88
C LYS A 445 -113.86 20.23 26.27
N MET A 446 -113.82 21.54 26.33
CA MET A 446 -113.68 22.38 27.52
C MET A 446 -115.01 22.49 28.27
N PRO A 447 -114.96 22.55 29.58
CA PRO A 447 -116.19 22.64 30.37
C PRO A 447 -116.83 24.02 30.32
N PHE A 448 -117.66 24.24 29.32
CA PHE A 448 -118.19 25.56 28.99
C PHE A 448 -118.58 26.38 30.22
N THR A 449 -118.14 27.63 30.23
CA THR A 449 -118.54 28.63 31.21
C THR A 449 -118.82 29.93 30.48
N GLU A 450 -119.64 30.77 31.11
CA GLU A 450 -120.06 32.01 30.46
C GLU A 450 -118.99 33.09 30.63
N LYS A 451 -119.12 34.13 29.80
CA LYS A 451 -118.18 35.24 29.77
C LYS A 451 -118.73 36.42 30.54
N ILE A 452 -117.83 37.25 31.07
CA ILE A 452 -118.19 38.53 31.62
C ILE A 452 -117.16 39.56 31.17
N MET A 453 -117.57 40.40 30.23
CA MET A 453 -116.71 41.46 29.72
C MET A 453 -116.24 42.34 30.88
N ALA A 454 -115.11 43.01 30.65
CA ALA A 454 -114.54 43.95 31.60
C ALA A 454 -115.06 45.37 31.36
N THR A 455 -114.97 46.22 32.41
CA THR A 455 -115.36 47.55 32.01
C THR A 455 -114.13 48.32 31.53
N PRO A 456 -114.31 49.18 30.54
CA PRO A 456 -113.16 49.86 29.95
C PRO A 456 -112.33 50.61 30.96
N GLU A 457 -112.85 50.85 32.16
CA GLU A 457 -112.09 51.58 33.16
C GLU A 457 -110.93 50.75 33.67
N GLN A 458 -111.22 49.58 34.23
CA GLN A 458 -110.13 48.79 34.76
C GLN A 458 -109.25 48.26 33.65
N VAL A 459 -109.81 48.05 32.45
CA VAL A 459 -108.92 47.59 31.40
C VAL A 459 -108.04 48.74 30.95
N GLY A 460 -108.54 49.96 31.03
CA GLY A 460 -107.69 51.11 30.72
C GLY A 460 -106.55 51.24 31.70
N LYS A 461 -106.80 50.92 32.97
CA LYS A 461 -105.68 50.90 33.91
C LYS A 461 -104.80 49.67 33.69
N MET A 462 -105.39 48.53 33.37
CA MET A 462 -104.60 47.35 33.11
C MET A 462 -103.70 47.55 31.92
N LYS A 463 -104.09 48.42 30.99
CA LYS A 463 -103.15 48.85 29.97
C LYS A 463 -101.87 49.34 30.62
N ALA A 464 -101.99 50.21 31.62
CA ALA A 464 -100.81 50.71 32.31
C ALA A 464 -100.07 49.59 33.02
N ILE A 465 -100.80 48.71 33.71
CA ILE A 465 -100.13 47.59 34.37
C ILE A 465 -99.33 46.78 33.37
N VAL A 466 -99.96 46.39 32.26
CA VAL A 466 -99.25 45.52 31.34
C VAL A 466 -98.10 46.29 30.71
N GLU A 467 -98.25 47.59 30.53
CA GLU A 467 -97.15 48.34 29.97
C GLU A 467 -95.97 48.32 30.91
N LYS A 468 -96.21 48.50 32.20
CA LYS A 468 -95.11 48.68 33.13
C LYS A 468 -94.22 47.45 33.17
N LEU A 469 -94.81 46.28 33.20
CA LEU A 469 -94.02 45.10 33.42
C LEU A 469 -93.51 44.49 32.15
N ARG A 470 -93.24 45.27 31.11
CA ARG A 470 -92.63 44.69 29.92
C ARG A 470 -91.24 44.14 30.23
N PHE A 471 -90.76 43.32 29.31
CA PHE A 471 -89.35 42.96 29.25
C PHE A 471 -89.13 42.23 27.95
N THR A 472 -88.06 42.57 27.25
CA THR A 472 -87.80 41.89 26.01
C THR A 472 -87.46 40.44 26.31
N TYR A 473 -88.09 39.52 25.59
CA TYR A 473 -87.82 38.11 25.79
C TYR A 473 -86.93 37.59 24.69
N ARG A 474 -85.70 37.27 25.05
CA ARG A 474 -84.78 36.66 24.13
C ARG A 474 -84.97 35.16 24.24
N SER A 475 -84.62 34.45 23.18
CA SER A 475 -84.92 33.03 23.12
C SER A 475 -84.21 32.28 24.24
N ASP A 476 -82.93 32.55 24.43
CA ASP A 476 -82.13 31.80 25.40
C ASP A 476 -82.11 32.47 26.75
N SER A 477 -83.22 33.09 27.12
CA SER A 477 -83.23 33.86 28.34
C SER A 477 -82.89 33.01 29.54
N PHE A 478 -83.54 31.88 29.70
CA PHE A 478 -83.62 31.20 30.97
C PHE A 478 -82.89 29.87 30.90
N GLU A 479 -82.89 29.15 32.00
CA GLU A 479 -82.35 27.81 32.06
C GLU A 479 -83.29 26.92 32.84
N ASN A 480 -83.22 25.62 32.59
CA ASN A 480 -83.84 24.70 33.52
C ASN A 480 -83.12 24.77 34.85
N PRO A 481 -83.80 25.12 35.92
CA PRO A 481 -83.20 24.91 37.21
C PRO A 481 -82.91 23.48 37.45
N VAL A 482 -83.73 22.57 36.94
CA VAL A 482 -83.53 21.17 37.23
C VAL A 482 -82.29 20.67 36.55
N LEU A 483 -82.26 20.79 35.23
CA LEU A 483 -81.09 20.30 34.51
C LEU A 483 -79.84 20.96 35.02
N GLN A 484 -79.88 22.28 35.21
CA GLN A 484 -78.69 22.98 35.67
C GLN A 484 -78.26 22.46 37.02
N GLN A 485 -79.21 22.32 37.93
CA GLN A 485 -78.81 21.91 39.27
C GLN A 485 -78.35 20.48 39.28
N HIS A 486 -78.93 19.65 38.42
CA HIS A 486 -78.50 18.27 38.36
C HIS A 486 -77.08 18.21 37.88
N PHE A 487 -76.78 18.92 36.81
CA PHE A 487 -75.42 18.96 36.36
C PHE A 487 -74.52 19.47 37.46
N ARG A 488 -74.93 20.52 38.17
CA ARG A 488 -74.09 21.04 39.22
C ARG A 488 -73.79 19.93 40.20
N ASN A 489 -74.83 19.39 40.82
CA ASN A 489 -74.66 18.39 41.84
C ASN A 489 -73.78 17.27 41.33
N LEU A 490 -73.83 17.03 40.04
CA LEU A 490 -72.92 16.09 39.46
C LEU A 490 -71.49 16.55 39.64
N GLU A 491 -71.17 17.79 39.28
CA GLU A 491 -69.78 18.17 39.47
C GLU A 491 -69.44 18.12 40.93
N ALA A 492 -70.39 18.53 41.76
CA ALA A 492 -70.13 18.54 43.19
C ALA A 492 -69.69 17.18 43.65
N LEU A 493 -70.45 16.14 43.32
CA LEU A 493 -70.07 14.84 43.81
C LEU A 493 -68.81 14.36 43.11
N ALA A 494 -68.54 14.89 41.93
CA ALA A 494 -67.42 14.35 41.20
C ALA A 494 -66.12 14.85 41.79
N LEU A 495 -66.06 16.12 42.15
CA LEU A 495 -64.81 16.77 42.48
C LEU A 495 -64.55 16.86 43.97
N ASP A 496 -65.32 16.17 44.81
CA ASP A 496 -65.18 16.20 46.27
C ASP A 496 -65.13 17.63 46.82
N LEU A 497 -65.93 18.53 46.24
CA LEU A 497 -66.01 19.91 46.69
C LEU A 497 -66.48 19.99 48.15
N MET A 498 -66.18 21.09 48.82
CA MET A 498 -66.72 21.39 50.15
C MET A 498 -68.23 21.63 50.08
N GLU A 499 -68.75 22.15 48.98
CA GLU A 499 -70.15 22.57 48.86
C GLU A 499 -70.70 22.26 47.47
N PRO A 500 -72.02 21.98 47.31
CA PRO A 500 -72.67 22.14 46.03
C PRO A 500 -72.66 23.62 45.62
N GLU A 501 -72.72 23.93 44.33
CA GLU A 501 -72.75 25.30 43.86
C GLU A 501 -74.08 25.97 44.13
N GLN A 502 -75.17 25.22 44.13
CA GLN A 502 -76.48 25.76 44.45
C GLN A 502 -76.80 26.97 43.58
N ALA A 503 -76.89 26.70 42.27
CA ALA A 503 -77.13 27.75 41.30
C ALA A 503 -78.41 28.49 41.58
N VAL A 504 -78.40 29.79 41.30
CA VAL A 504 -79.59 30.61 41.41
C VAL A 504 -80.06 30.87 40.00
N ASP A 505 -81.33 30.59 39.74
CA ASP A 505 -81.78 30.47 38.37
C ASP A 505 -82.98 31.36 38.11
N LEU A 506 -82.92 32.02 36.96
CA LEU A 506 -83.80 33.11 36.60
C LEU A 506 -85.24 32.67 36.56
N THR A 507 -85.48 31.36 36.66
CA THR A 507 -86.86 30.89 36.56
C THR A 507 -87.69 31.50 37.67
N LEU A 508 -87.18 31.50 38.89
CA LEU A 508 -87.93 32.13 39.95
C LEU A 508 -88.03 33.62 39.68
N PRO A 509 -89.19 34.22 39.90
CA PRO A 509 -89.34 35.64 39.65
C PRO A 509 -88.60 36.43 40.73
N LYS A 510 -88.18 37.64 40.37
CA LYS A 510 -87.55 38.55 41.33
C LYS A 510 -88.65 39.37 41.99
N VAL A 511 -89.13 38.90 43.15
CA VAL A 511 -90.40 39.36 43.69
C VAL A 511 -90.38 40.86 43.98
N GLU A 512 -89.32 41.33 44.63
CA GLU A 512 -89.27 42.75 44.99
C GLU A 512 -89.36 43.62 43.76
N ALA A 513 -88.82 43.16 42.64
CA ALA A 513 -88.89 43.96 41.42
C ALA A 513 -90.33 44.18 41.02
N MET A 514 -91.14 43.12 41.06
CA MET A 514 -92.54 43.31 40.69
C MET A 514 -93.25 44.15 41.72
N ASN A 515 -92.95 43.96 43.00
CA ASN A 515 -93.59 44.78 44.00
C ASN A 515 -93.29 46.24 43.79
N LYS A 516 -92.08 46.55 43.35
CA LYS A 516 -91.68 47.94 43.23
C LYS A 516 -92.13 48.56 41.92
N ARG A 517 -91.63 48.04 40.80
CA ARG A 517 -91.78 48.72 39.52
C ARG A 517 -93.22 48.91 39.12
N LEU A 518 -94.14 48.14 39.68
CA LEU A 518 -95.54 48.28 39.35
C LEU A 518 -96.25 49.27 40.26
N GLY A 519 -95.72 49.53 41.43
CA GLY A 519 -96.42 50.38 42.35
C GLY A 519 -97.55 49.61 43.01
N SER A 520 -98.30 50.32 43.83
CA SER A 520 -99.32 49.69 44.66
C SER A 520 -100.61 49.44 43.89
N LEU A 521 -100.54 49.43 42.56
CA LEU A 521 -101.74 49.30 41.75
C LEU A 521 -102.56 48.07 42.10
N VAL A 522 -102.01 47.13 42.86
CA VAL A 522 -102.78 45.97 43.25
C VAL A 522 -104.00 46.40 44.07
N ASP A 523 -103.82 47.37 44.96
CA ASP A 523 -104.96 47.89 45.68
C ASP A 523 -105.90 48.67 44.78
N GLU A 524 -105.37 49.33 43.74
CA GLU A 524 -106.22 49.96 42.76
C GLU A 524 -107.16 48.96 42.12
N PHE A 525 -106.62 47.86 41.61
CA PHE A 525 -107.51 46.86 41.01
C PHE A 525 -108.32 46.13 42.06
N LYS A 526 -107.88 46.15 43.31
CA LYS A 526 -108.72 45.62 44.38
C LYS A 526 -109.96 46.49 44.55
N GLU A 527 -109.77 47.80 44.64
CA GLU A 527 -110.90 48.70 44.84
C GLU A 527 -111.72 48.86 43.57
N LEU A 528 -111.14 48.55 42.41
CA LEU A 528 -111.89 48.61 41.17
C LEU A 528 -112.76 47.36 41.01
N VAL A 529 -112.14 46.18 41.06
CA VAL A 529 -112.82 44.96 40.69
C VAL A 529 -112.64 43.87 41.73
N TYR A 530 -112.74 44.21 43.02
CA TYR A 530 -112.61 43.21 44.07
C TYR A 530 -113.42 43.52 45.31
N PRO A 531 -114.33 42.66 45.73
CA PRO A 531 -115.06 42.83 46.99
C PRO A 531 -114.31 42.14 48.13
N PRO A 532 -114.87 42.09 49.35
CA PRO A 532 -114.09 41.56 50.49
C PRO A 532 -113.59 40.12 50.34
N ASP A 533 -114.37 39.23 49.76
CA ASP A 533 -114.02 37.82 49.79
C ASP A 533 -112.73 37.55 49.01
N TYR A 534 -111.97 36.57 49.50
CA TYR A 534 -110.70 36.18 48.89
C TYR A 534 -110.81 35.87 47.41
N ASN B 6 -120.96 9.96 34.02
CA ASN B 6 -122.28 9.91 33.40
C ASN B 6 -122.68 8.48 33.06
N LYS B 7 -123.98 8.26 32.89
CA LYS B 7 -124.50 6.95 32.52
C LYS B 7 -125.63 7.12 31.51
N ALA B 8 -125.83 6.10 30.68
CA ALA B 8 -126.90 6.13 29.70
C ALA B 8 -127.40 4.71 29.47
N ALA B 9 -128.65 4.62 29.01
CA ALA B 9 -129.27 3.35 28.68
C ALA B 9 -129.67 3.35 27.21
N VAL B 10 -129.34 2.27 26.51
CA VAL B 10 -129.58 2.18 25.07
C VAL B 10 -130.53 1.03 24.80
N VAL B 11 -131.59 1.31 24.07
CA VAL B 11 -132.59 0.31 23.71
C VAL B 11 -132.88 0.49 22.22
N LEU B 12 -132.25 -0.33 21.39
CA LEU B 12 -132.46 -0.23 19.96
C LEU B 12 -133.68 -1.04 19.53
N CYS B 13 -134.52 -0.41 18.72
CA CYS B 13 -135.77 -1.00 18.27
C CYS B 13 -135.75 -1.12 16.75
N MET B 14 -135.79 -2.36 16.28
CA MET B 14 -135.78 -2.69 14.85
C MET B 14 -137.03 -3.49 14.50
N ASP B 15 -137.47 -3.36 13.25
CA ASP B 15 -138.57 -4.15 12.74
C ASP B 15 -138.06 -5.27 11.85
N VAL B 16 -138.73 -6.41 11.92
CA VAL B 16 -138.37 -7.57 11.11
C VAL B 16 -139.58 -7.98 10.28
N GLY B 17 -140.37 -6.99 9.86
CA GLY B 17 -141.58 -7.26 9.12
C GLY B 17 -141.37 -7.77 7.71
N PHE B 18 -142.34 -7.47 6.83
CA PHE B 18 -142.33 -7.98 5.46
C PHE B 18 -141.99 -6.91 4.43
N THR B 19 -142.40 -5.66 4.65
CA THR B 19 -142.22 -4.63 3.63
C THR B 19 -140.75 -4.42 3.33
N MET B 20 -139.91 -4.39 4.36
CA MET B 20 -138.47 -4.21 4.14
C MET B 20 -137.86 -5.39 3.40
N SER B 21 -138.56 -6.51 3.28
CA SER B 21 -138.05 -7.65 2.56
C SER B 21 -138.01 -7.42 1.05
N ASN B 22 -138.67 -6.37 0.55
CA ASN B 22 -138.62 -5.98 -0.85
C ASN B 22 -138.38 -4.49 -0.95
N SER B 23 -137.67 -4.08 -1.99
CA SER B 23 -137.34 -2.68 -2.21
C SER B 23 -136.84 -2.54 -3.64
N ILE B 24 -136.38 -1.33 -3.96
CA ILE B 24 -135.82 -1.07 -5.29
C ILE B 24 -134.55 -1.89 -5.47
N PRO B 25 -134.35 -2.54 -6.61
CA PRO B 25 -133.10 -3.29 -6.82
C PRO B 25 -131.86 -2.42 -6.80
N GLY B 26 -131.97 -1.13 -7.11
CA GLY B 26 -130.80 -0.27 -7.15
C GLY B 26 -130.28 0.16 -5.79
N ILE B 27 -131.07 -0.02 -4.73
CA ILE B 27 -130.67 0.36 -3.39
C ILE B 27 -130.96 -0.81 -2.45
N GLU B 28 -130.07 -1.01 -1.47
CA GLU B 28 -130.23 -2.11 -0.53
C GLU B 28 -131.52 -1.93 0.27
N SER B 29 -132.15 -3.05 0.61
CA SER B 29 -133.40 -3.02 1.34
C SER B 29 -133.23 -2.32 2.68
N PRO B 30 -134.26 -1.61 3.15
CA PRO B 30 -134.17 -1.02 4.49
C PRO B 30 -133.87 -2.04 5.56
N PHE B 31 -134.31 -3.30 5.36
CA PHE B 31 -133.94 -4.37 6.27
C PHE B 31 -132.43 -4.47 6.39
N GLU B 32 -131.75 -4.81 5.30
CA GLU B 32 -130.30 -4.99 5.35
C GLU B 32 -129.58 -3.68 5.59
N GLN B 33 -130.12 -2.56 5.10
CA GLN B 33 -129.51 -1.26 5.34
C GLN B 33 -129.45 -0.96 6.83
N ALA B 34 -130.62 -0.89 7.48
CA ALA B 34 -130.64 -0.69 8.91
C ALA B 34 -129.96 -1.82 9.66
N LYS B 35 -129.85 -3.00 9.04
CA LYS B 35 -129.11 -4.09 9.66
C LYS B 35 -127.64 -3.76 9.78
N LYS B 36 -127.03 -3.34 8.67
CA LYS B 36 -125.65 -2.90 8.72
C LYS B 36 -125.51 -1.74 9.69
N VAL B 37 -126.52 -0.86 9.71
CA VAL B 37 -126.46 0.31 10.57
C VAL B 37 -126.40 -0.11 12.03
N ILE B 38 -127.31 -0.98 12.45
CA ILE B 38 -127.32 -1.37 13.85
C ILE B 38 -126.08 -2.17 14.18
N THR B 39 -125.52 -2.89 13.21
CA THR B 39 -124.27 -3.65 13.35
C THR B 39 -123.08 -2.70 13.55
N MET B 40 -122.89 -1.74 12.66
CA MET B 40 -121.87 -0.70 12.76
C MET B 40 -122.08 0.14 14.01
N PHE B 41 -123.31 0.46 14.38
CA PHE B 41 -123.58 1.21 15.59
C PHE B 41 -123.26 0.37 16.81
N VAL B 42 -123.70 -0.87 16.92
CA VAL B 42 -123.32 -1.72 18.06
C VAL B 42 -121.82 -1.82 18.17
N GLN B 43 -121.09 -1.97 17.06
CA GLN B 43 -119.63 -1.93 17.11
C GLN B 43 -119.14 -0.65 17.79
N ARG B 44 -119.74 0.50 17.50
CA ARG B 44 -119.34 1.76 18.10
C ARG B 44 -119.41 1.71 19.61
N GLN B 45 -120.55 1.33 20.16
CA GLN B 45 -120.45 1.39 21.61
C GLN B 45 -119.72 0.21 22.18
N VAL B 46 -119.37 -0.77 21.37
CA VAL B 46 -118.60 -1.87 21.92
C VAL B 46 -117.18 -1.44 22.20
N PHE B 47 -116.49 -0.92 21.18
CA PHE B 47 -115.07 -0.66 21.39
C PHE B 47 -114.86 0.41 22.45
N ALA B 48 -115.58 1.51 22.36
CA ALA B 48 -115.50 2.50 23.42
C ALA B 48 -115.90 1.85 24.72
N GLU B 49 -115.12 2.08 25.75
CA GLU B 49 -115.41 1.46 27.03
C GLU B 49 -116.54 2.17 27.76
N ASN B 50 -117.33 2.96 27.05
CA ASN B 50 -118.43 3.67 27.69
C ASN B 50 -119.37 2.69 28.38
N LYS B 51 -119.83 3.07 29.56
CA LYS B 51 -120.67 2.23 30.38
C LYS B 51 -122.10 2.18 29.91
N ASP B 52 -122.37 2.63 28.68
CA ASP B 52 -123.74 2.60 28.17
C ASP B 52 -124.23 1.15 28.09
N GLU B 53 -125.48 0.93 28.51
CA GLU B 53 -126.08 -0.38 28.51
C GLU B 53 -127.02 -0.52 27.32
N ILE B 54 -127.08 -1.72 26.76
CA ILE B 54 -127.82 -1.97 25.54
C ILE B 54 -128.95 -2.95 25.81
N ALA B 55 -130.11 -2.67 25.21
CA ALA B 55 -131.18 -3.63 25.03
C ALA B 55 -131.66 -3.51 23.59
N LEU B 56 -132.24 -4.59 23.06
CA LEU B 56 -132.65 -4.61 21.66
C LEU B 56 -134.10 -5.07 21.55
N VAL B 57 -134.83 -4.46 20.62
CA VAL B 57 -136.21 -4.83 20.34
C VAL B 57 -136.35 -5.01 18.83
N LEU B 58 -136.42 -6.26 18.38
CA LEU B 58 -136.55 -6.58 16.97
C LEU B 58 -138.02 -6.84 16.62
N PHE B 59 -138.85 -5.82 16.80
CA PHE B 59 -140.29 -5.99 16.72
C PHE B 59 -140.72 -6.33 15.29
N GLY B 60 -142.01 -6.57 15.12
CA GLY B 60 -142.50 -7.14 13.87
C GLY B 60 -142.23 -8.62 13.75
N THR B 61 -142.15 -9.32 14.89
CA THR B 61 -141.70 -10.69 14.92
C THR B 61 -142.76 -11.64 14.39
N ASP B 62 -142.29 -12.69 13.69
CA ASP B 62 -143.18 -13.77 13.28
C ASP B 62 -143.66 -14.57 14.47
N GLY B 63 -142.99 -14.46 15.62
CA GLY B 63 -143.49 -14.99 16.87
C GLY B 63 -143.73 -13.85 17.85
N THR B 64 -143.60 -14.14 19.15
CA THR B 64 -143.70 -13.09 20.17
C THR B 64 -142.99 -13.60 21.42
N ASP B 65 -141.84 -13.01 21.73
CA ASP B 65 -141.09 -13.34 22.94
C ASP B 65 -140.82 -12.02 23.67
N ASN B 66 -141.79 -11.58 24.47
CA ASN B 66 -141.70 -10.33 25.19
C ASN B 66 -142.21 -10.54 26.61
N PRO B 67 -141.71 -9.77 27.58
CA PRO B 67 -142.22 -9.90 28.96
C PRO B 67 -143.69 -9.53 29.09
N LEU B 68 -144.25 -8.82 28.12
CA LEU B 68 -145.63 -8.36 28.18
C LEU B 68 -146.50 -9.07 27.15
N SER B 69 -146.28 -10.38 26.98
CA SER B 69 -146.98 -11.12 25.93
C SER B 69 -148.49 -11.08 26.14
N GLY B 70 -149.21 -10.89 25.04
CA GLY B 70 -150.66 -10.88 25.05
C GLY B 70 -151.21 -11.20 23.68
N GLY B 71 -152.51 -11.51 23.63
CA GLY B 71 -153.13 -11.89 22.37
C GLY B 71 -153.11 -10.77 21.34
N ASP B 72 -153.38 -9.54 21.77
CA ASP B 72 -153.28 -8.37 20.91
C ASP B 72 -152.51 -7.22 21.54
N GLN B 73 -152.35 -7.19 22.86
CA GLN B 73 -151.62 -6.12 23.54
C GLN B 73 -150.18 -6.56 23.74
N TYR B 74 -149.24 -5.73 23.29
CA TYR B 74 -147.81 -6.01 23.32
C TYR B 74 -147.51 -7.34 22.60
N GLN B 75 -147.78 -7.31 21.29
CA GLN B 75 -147.76 -8.49 20.45
C GLN B 75 -146.71 -8.35 19.34
N ASN B 76 -146.17 -9.49 18.90
CA ASN B 76 -145.19 -9.58 17.83
C ASN B 76 -143.90 -8.81 18.19
N ILE B 77 -143.33 -9.17 19.34
CA ILE B 77 -142.14 -8.52 19.86
C ILE B 77 -141.21 -9.57 20.43
N THR B 78 -139.92 -9.47 20.10
CA THR B 78 -138.88 -10.36 20.61
C THR B 78 -137.70 -9.51 21.05
N VAL B 79 -137.63 -9.20 22.34
CA VAL B 79 -136.50 -8.46 22.89
C VAL B 79 -135.28 -9.36 22.81
N HIS B 80 -134.27 -8.92 22.06
CA HIS B 80 -133.07 -9.74 21.87
C HIS B 80 -132.39 -10.00 23.21
N ARG B 81 -132.23 -8.95 24.01
CA ARG B 81 -131.61 -9.07 25.32
C ARG B 81 -131.93 -7.82 26.10
N HIS B 82 -131.97 -7.95 27.41
CA HIS B 82 -132.41 -6.86 28.27
C HIS B 82 -131.33 -5.77 28.29
N LEU B 83 -131.52 -4.77 29.14
CA LEU B 83 -130.67 -3.59 29.17
C LEU B 83 -129.43 -3.86 30.00
N MET B 84 -128.40 -4.42 29.36
CA MET B 84 -127.11 -4.56 30.01
C MET B 84 -126.01 -4.09 29.07
N LEU B 85 -124.76 -4.33 29.46
CA LEU B 85 -123.61 -3.85 28.70
C LEU B 85 -123.54 -4.54 27.34
N PRO B 86 -123.04 -3.85 26.32
CA PRO B 86 -122.87 -4.48 25.03
C PRO B 86 -121.74 -5.50 25.06
N ASP B 87 -121.84 -6.49 24.19
CA ASP B 87 -120.80 -7.51 24.09
C ASP B 87 -120.85 -8.18 22.75
N PHE B 88 -119.75 -8.85 22.40
CA PHE B 88 -119.57 -9.33 21.05
C PHE B 88 -120.66 -10.31 20.65
N ASP B 89 -120.88 -11.33 21.47
CA ASP B 89 -121.78 -12.40 21.06
C ASP B 89 -123.14 -11.84 20.70
N LEU B 90 -123.54 -10.75 21.35
CA LEU B 90 -124.77 -10.07 20.93
C LEU B 90 -124.63 -9.56 19.51
N LEU B 91 -123.48 -8.98 19.16
CA LEU B 91 -123.28 -8.52 17.79
C LEU B 91 -123.35 -9.68 16.81
N GLU B 92 -122.71 -10.79 17.14
CA GLU B 92 -122.73 -11.94 16.24
C GLU B 92 -124.13 -12.48 16.10
N ASP B 93 -124.86 -12.57 17.21
CA ASP B 93 -126.22 -13.09 17.17
C ASP B 93 -127.13 -12.16 16.39
N ILE B 94 -126.84 -10.87 16.41
CA ILE B 94 -127.53 -9.96 15.50
C ILE B 94 -127.21 -10.32 14.07
N GLU B 95 -125.92 -10.53 13.79
CA GLU B 95 -125.49 -10.80 12.43
C GLU B 95 -126.07 -12.09 11.87
N SER B 96 -126.35 -13.07 12.73
CA SER B 96 -126.77 -14.40 12.29
C SER B 96 -128.24 -14.69 12.57
N LYS B 97 -128.66 -14.56 13.83
CA LYS B 97 -130.00 -14.97 14.26
C LYS B 97 -131.11 -14.26 13.53
N ILE B 98 -130.90 -13.02 13.08
CA ILE B 98 -131.97 -12.30 12.41
C ILE B 98 -132.43 -13.07 11.18
N GLN B 99 -133.72 -13.01 10.92
CA GLN B 99 -134.33 -13.70 9.79
C GLN B 99 -135.37 -12.79 9.16
N PRO B 100 -135.51 -12.81 7.83
CA PRO B 100 -136.57 -12.04 7.20
C PRO B 100 -137.93 -12.52 7.65
N GLY B 101 -138.86 -11.57 7.83
CA GLY B 101 -140.18 -11.87 8.31
C GLY B 101 -141.22 -11.87 7.21
N SER B 102 -142.45 -12.12 7.63
CA SER B 102 -143.60 -12.07 6.72
C SER B 102 -144.78 -11.34 7.31
N GLN B 103 -144.65 -10.79 8.52
CA GLN B 103 -145.74 -10.11 9.21
C GLN B 103 -145.55 -8.60 9.15
N GLN B 104 -146.50 -7.90 9.75
CA GLN B 104 -146.44 -6.46 9.94
C GLN B 104 -146.97 -6.15 11.34
N ALA B 105 -146.23 -5.31 12.07
CA ALA B 105 -146.61 -5.02 13.45
C ALA B 105 -146.36 -3.55 13.74
N ASP B 106 -147.08 -3.06 14.75
CA ASP B 106 -146.94 -1.67 15.16
C ASP B 106 -145.65 -1.46 15.94
N PHE B 107 -145.16 -0.22 15.89
CA PHE B 107 -144.00 0.21 16.65
C PHE B 107 -144.36 0.88 17.97
N LEU B 108 -145.43 1.68 17.98
CA LEU B 108 -145.89 2.30 19.21
C LEU B 108 -146.07 1.27 20.31
N ASP B 109 -146.57 0.09 19.93
CA ASP B 109 -146.58 -1.05 20.83
C ASP B 109 -145.18 -1.36 21.33
N ALA B 110 -144.23 -1.49 20.41
CA ALA B 110 -142.86 -1.77 20.81
C ALA B 110 -142.30 -0.61 21.59
N LEU B 111 -142.73 0.61 21.27
CA LEU B 111 -142.27 1.77 22.04
C LEU B 111 -142.66 1.62 23.50
N ILE B 112 -143.92 1.28 23.75
CA ILE B 112 -144.37 1.09 25.13
C ILE B 112 -143.64 -0.06 25.77
N VAL B 113 -143.36 -1.13 25.03
CA VAL B 113 -142.69 -2.28 25.61
C VAL B 113 -141.31 -1.90 26.09
N SER B 114 -140.55 -1.22 25.22
CA SER B 114 -139.22 -0.76 25.58
C SER B 114 -139.29 0.23 26.73
N MET B 115 -140.29 1.10 26.71
CA MET B 115 -140.55 2.03 27.80
C MET B 115 -140.69 1.29 29.13
N ASP B 116 -141.47 0.21 29.12
CA ASP B 116 -141.67 -0.56 30.33
C ASP B 116 -140.38 -1.23 30.77
N VAL B 117 -139.59 -1.72 29.82
CA VAL B 117 -138.29 -2.28 30.19
C VAL B 117 -137.46 -1.22 30.89
N ILE B 118 -137.50 0.00 30.37
CA ILE B 118 -136.74 1.10 30.96
C ILE B 118 -137.21 1.34 32.39
N GLN B 119 -138.52 1.50 32.57
CA GLN B 119 -139.06 1.78 33.90
C GLN B 119 -138.81 0.64 34.85
N HIS B 120 -138.74 -0.59 34.33
CA HIS B 120 -138.52 -1.76 35.15
C HIS B 120 -137.06 -2.00 35.46
N GLU B 121 -136.15 -1.35 34.76
CA GLU B 121 -134.74 -1.61 35.00
C GLU B 121 -133.94 -0.36 35.31
N THR B 122 -134.28 0.79 34.72
CA THR B 122 -133.50 2.00 34.95
C THR B 122 -133.65 2.55 36.36
N ILE B 123 -134.64 2.09 37.12
CA ILE B 123 -134.76 2.46 38.52
C ILE B 123 -134.09 1.35 39.33
N GLY B 124 -134.15 0.12 38.81
CA GLY B 124 -133.52 -1.00 39.47
C GLY B 124 -132.02 -0.85 39.61
N LYS B 125 -131.38 -0.19 38.65
CA LYS B 125 -129.96 0.15 38.73
C LYS B 125 -129.79 1.61 38.36
N LYS B 126 -128.75 2.22 38.92
CA LYS B 126 -128.54 3.66 38.75
C LYS B 126 -128.25 4.01 37.30
N PHE B 127 -128.94 5.03 36.79
CA PHE B 127 -128.65 5.63 35.50
C PHE B 127 -128.79 7.13 35.61
N GLU B 128 -128.38 7.82 34.57
CA GLU B 128 -128.53 9.27 34.52
C GLU B 128 -129.40 9.74 33.38
N LYS B 129 -129.34 9.10 32.21
CA LYS B 129 -130.16 9.56 31.10
C LYS B 129 -130.45 8.37 30.20
N ARG B 130 -131.52 8.48 29.41
CA ARG B 130 -132.02 7.38 28.60
C ARG B 130 -132.30 7.86 27.17
N HIS B 131 -132.16 6.96 26.23
CA HIS B 131 -132.61 7.15 24.86
C HIS B 131 -133.56 6.04 24.51
N ILE B 132 -134.35 6.27 23.48
CA ILE B 132 -135.05 5.18 22.80
C ILE B 132 -134.97 5.43 21.31
N GLU B 133 -134.44 4.45 20.59
CA GLU B 133 -134.27 4.55 19.15
C GLU B 133 -135.10 3.47 18.50
N ILE B 134 -135.83 3.84 17.45
CA ILE B 134 -136.65 2.91 16.69
C ILE B 134 -136.24 3.03 15.24
N PHE B 135 -135.88 1.90 14.64
CA PHE B 135 -135.65 1.84 13.21
C PHE B 135 -136.84 1.12 12.60
N THR B 136 -137.44 1.73 11.58
CA THR B 136 -138.61 1.14 10.93
C THR B 136 -138.77 1.76 9.55
N ASP B 137 -139.75 1.26 8.81
CA ASP B 137 -140.08 1.79 7.49
C ASP B 137 -141.47 2.42 7.44
N LEU B 138 -142.12 2.59 8.60
CA LEU B 138 -143.43 3.24 8.70
C LEU B 138 -144.48 2.52 7.87
N SER B 139 -144.49 1.19 7.92
CA SER B 139 -145.48 0.37 7.24
C SER B 139 -146.35 -0.40 8.22
N SER B 140 -146.75 0.27 9.30
CA SER B 140 -147.50 -0.35 10.37
C SER B 140 -148.92 0.22 10.44
N ARG B 141 -149.81 -0.54 11.05
CA ARG B 141 -151.15 -0.09 11.39
C ARG B 141 -151.15 0.30 12.86
N PHE B 142 -151.22 1.59 13.13
CA PHE B 142 -151.02 2.11 14.49
C PHE B 142 -152.12 3.09 14.86
N SER B 143 -152.47 3.10 16.13
CA SER B 143 -153.44 4.04 16.69
C SER B 143 -152.74 5.05 17.58
N LYS B 144 -153.24 6.29 17.53
CA LYS B 144 -152.62 7.41 18.24
C LYS B 144 -153.09 7.53 19.68
N SER B 145 -153.49 6.42 20.31
CA SER B 145 -154.13 6.49 21.61
C SER B 145 -153.19 7.06 22.67
N GLN B 146 -152.21 6.28 23.08
CA GLN B 146 -151.39 6.61 24.22
C GLN B 146 -150.28 7.60 23.89
N LEU B 147 -150.27 8.15 22.68
CA LEU B 147 -149.18 9.01 22.24
C LEU B 147 -148.97 10.16 23.21
N ASP B 148 -150.05 10.81 23.64
CA ASP B 148 -149.92 11.85 24.65
C ASP B 148 -149.33 11.28 25.93
N ILE B 149 -149.84 10.14 26.40
CA ILE B 149 -149.34 9.54 27.63
C ILE B 149 -147.91 9.04 27.42
N ILE B 150 -147.63 8.47 26.24
CA ILE B 150 -146.30 7.96 25.97
C ILE B 150 -145.28 9.10 26.04
N ILE B 151 -145.58 10.21 25.36
CA ILE B 151 -144.68 11.35 25.37
C ILE B 151 -144.59 11.95 26.77
N HIS B 152 -145.71 11.94 27.50
CA HIS B 152 -145.72 12.39 28.89
C HIS B 152 -144.70 11.64 29.73
N SER B 153 -144.83 10.32 29.80
CA SER B 153 -143.95 9.58 30.69
C SER B 153 -142.56 9.41 30.10
N LEU B 154 -142.39 9.64 28.79
CA LEU B 154 -141.03 9.80 28.26
C LEU B 154 -140.40 11.05 28.85
N LYS B 155 -141.16 12.14 28.91
CA LYS B 155 -140.66 13.35 29.56
C LYS B 155 -140.39 13.10 31.03
N LYS B 156 -141.27 12.37 31.69
CA LYS B 156 -141.14 12.10 33.12
C LYS B 156 -139.93 11.21 33.43
N CYS B 157 -139.71 10.18 32.62
CA CYS B 157 -138.59 9.27 32.82
C CYS B 157 -137.34 9.68 32.05
N ASP B 158 -137.37 10.85 31.40
CA ASP B 158 -136.20 11.40 30.70
C ASP B 158 -135.70 10.41 29.64
N ILE B 159 -136.58 10.09 28.71
CA ILE B 159 -136.28 9.17 27.62
C ILE B 159 -136.43 9.93 26.31
N SER B 160 -135.37 9.92 25.50
CA SER B 160 -135.32 10.67 24.26
C SER B 160 -135.61 9.75 23.09
N LEU B 161 -136.58 10.12 22.28
CA LEU B 161 -137.06 9.27 21.20
C LEU B 161 -136.57 9.81 19.87
N GLN B 162 -136.02 8.91 19.05
CA GLN B 162 -135.58 9.25 17.71
C GLN B 162 -136.14 8.21 16.75
N PHE B 163 -136.49 8.65 15.55
CA PHE B 163 -137.01 7.77 14.52
C PHE B 163 -136.11 7.80 13.30
N PHE B 164 -136.05 6.67 12.62
CA PHE B 164 -135.14 6.48 11.51
C PHE B 164 -135.92 5.81 10.38
N LEU B 165 -136.01 6.49 9.25
CA LEU B 165 -136.95 6.11 8.21
C LEU B 165 -136.25 6.01 6.87
N PRO B 166 -136.73 5.13 5.98
CA PRO B 166 -136.03 4.95 4.70
C PRO B 166 -136.00 6.18 3.83
N PHE B 167 -137.04 7.00 3.85
CA PHE B 167 -137.12 8.11 2.91
C PHE B 167 -136.29 9.30 3.40
N SER B 168 -136.05 10.23 2.47
CA SER B 168 -135.24 11.41 2.72
C SER B 168 -136.12 12.65 2.80
N LEU B 169 -135.85 13.49 3.81
CA LEU B 169 -136.63 14.71 3.97
C LEU B 169 -136.46 15.65 2.79
N GLY B 170 -135.23 15.81 2.30
CA GLY B 170 -134.96 16.69 1.19
C GLY B 170 -134.84 15.99 -0.14
N GLY B 196 -140.77 8.85 -3.35
CA GLY B 196 -141.90 7.99 -3.63
C GLY B 196 -142.17 7.00 -2.51
N ILE B 197 -143.06 7.37 -1.60
CA ILE B 197 -143.42 6.54 -0.45
C ILE B 197 -144.92 6.40 -0.39
N THR B 198 -145.37 5.35 0.29
CA THR B 198 -146.79 5.05 0.34
C THR B 198 -147.54 6.13 1.10
N GLU B 199 -148.83 6.24 0.80
CA GLU B 199 -149.70 7.09 1.60
C GLU B 199 -149.72 6.61 3.05
N GLN B 200 -149.62 5.30 3.25
CA GLN B 200 -149.37 4.77 4.58
C GLN B 200 -148.07 5.32 5.14
N GLN B 201 -146.99 5.24 4.37
CA GLN B 201 -145.72 5.77 4.82
C GLN B 201 -145.79 7.28 5.01
N LYS B 202 -146.47 7.98 4.10
CA LYS B 202 -146.55 9.43 4.21
C LYS B 202 -147.31 9.85 5.47
N GLU B 203 -148.44 9.20 5.74
CA GLU B 203 -149.20 9.56 6.93
C GLU B 203 -148.42 9.18 8.18
N GLY B 204 -147.69 8.07 8.13
CA GLY B 204 -146.82 7.73 9.25
C GLY B 204 -145.76 8.79 9.47
N LEU B 205 -145.20 9.32 8.39
CA LEU B 205 -144.20 10.38 8.51
C LEU B 205 -144.79 11.63 9.14
N GLU B 206 -145.99 12.01 8.71
CA GLU B 206 -146.63 13.18 9.30
C GLU B 206 -146.94 12.94 10.77
N ILE B 207 -147.37 11.72 11.11
CA ILE B 207 -147.59 11.37 12.51
C ILE B 207 -146.28 11.46 13.27
N VAL B 208 -145.19 11.03 12.65
CA VAL B 208 -143.89 11.06 13.31
C VAL B 208 -143.46 12.49 13.57
N LYS B 209 -143.68 13.38 12.60
CA LYS B 209 -143.40 14.79 12.82
C LYS B 209 -144.20 15.34 13.98
N MET B 210 -145.49 15.01 14.01
CA MET B 210 -146.34 15.39 15.13
C MET B 210 -145.75 14.91 16.44
N VAL B 211 -145.34 13.65 16.48
CA VAL B 211 -144.84 13.05 17.71
C VAL B 211 -143.56 13.75 18.17
N MET B 212 -142.63 13.97 17.25
CA MET B 212 -141.37 14.60 17.62
C MET B 212 -141.58 16.02 18.10
N ILE B 213 -142.45 16.77 17.43
CA ILE B 213 -142.74 18.11 17.94
C ILE B 213 -143.38 18.01 19.31
N SER B 214 -144.24 17.01 19.53
CA SER B 214 -144.82 16.80 20.84
C SER B 214 -143.80 16.40 21.87
N LEU B 215 -142.63 15.95 21.44
CA LEU B 215 -141.54 15.67 22.36
C LEU B 215 -140.79 16.95 22.72
N GLU B 216 -140.24 17.62 21.71
CA GLU B 216 -139.43 18.81 21.92
C GLU B 216 -140.06 20.07 21.36
N GLY B 217 -140.40 20.07 20.08
CA GLY B 217 -141.00 21.23 19.46
C GLY B 217 -140.64 21.29 17.99
N GLU B 218 -140.52 22.52 17.49
CA GLU B 218 -140.20 22.74 16.08
C GLU B 218 -138.86 22.10 15.71
N ASP B 219 -137.89 22.15 16.61
CA ASP B 219 -136.59 21.53 16.36
C ASP B 219 -136.67 20.03 16.21
N GLY B 220 -137.83 19.42 16.45
CA GLY B 220 -137.97 17.99 16.30
C GLY B 220 -137.73 17.51 14.89
N LEU B 221 -137.65 18.42 13.92
CA LEU B 221 -137.37 18.02 12.55
C LEU B 221 -136.01 17.37 12.46
N ASP B 222 -135.02 17.88 13.20
CA ASP B 222 -133.67 17.34 13.13
C ASP B 222 -133.61 15.90 13.64
N GLU B 223 -134.49 15.54 14.58
CA GLU B 223 -134.51 14.18 15.09
C GLU B 223 -135.01 13.17 14.07
N ILE B 224 -135.56 13.63 12.96
CA ILE B 224 -135.87 12.73 11.85
C ILE B 224 -134.56 12.28 11.23
N TYR B 225 -134.46 11.00 10.89
CA TYR B 225 -133.25 10.49 10.31
C TYR B 225 -133.58 9.50 9.20
N SER B 226 -132.88 9.61 8.09
CA SER B 226 -132.99 8.61 7.03
C SER B 226 -131.93 7.54 7.29
N PHE B 227 -131.60 6.75 6.27
CA PHE B 227 -130.67 5.65 6.45
C PHE B 227 -129.34 5.84 5.74
N SER B 228 -129.36 6.36 4.52
CA SER B 228 -128.09 6.69 3.88
C SER B 228 -127.35 7.74 4.69
N GLU B 229 -128.07 8.73 5.20
CA GLU B 229 -127.42 9.73 6.04
C GLU B 229 -126.87 9.10 7.31
N SER B 230 -127.53 8.05 7.80
CA SER B 230 -126.97 7.34 8.94
C SER B 230 -125.65 6.72 8.59
N LEU B 231 -125.54 6.11 7.41
CA LEU B 231 -124.26 5.59 6.97
C LEU B 231 -123.22 6.70 6.93
N ARG B 232 -123.54 7.79 6.23
CA ARG B 232 -122.56 8.85 6.04
C ARG B 232 -122.09 9.42 7.37
N LYS B 233 -123.02 9.64 8.30
CA LYS B 233 -122.68 10.26 9.56
C LYS B 233 -122.09 9.28 10.57
N LEU B 234 -122.23 7.97 10.34
CA LEU B 234 -121.86 7.02 11.36
C LEU B 234 -120.66 6.14 11.00
N CYS B 235 -120.23 6.08 9.75
CA CYS B 235 -119.20 5.11 9.36
C CYS B 235 -117.97 5.18 10.25
N VAL B 236 -117.60 6.37 10.73
CA VAL B 236 -116.42 6.51 11.56
C VAL B 236 -116.60 5.79 12.89
N PHE B 237 -115.50 5.31 13.44
CA PHE B 237 -115.55 4.76 14.78
C PHE B 237 -115.66 5.87 15.81
N LYS B 238 -115.91 5.46 17.05
CA LYS B 238 -116.26 6.41 18.09
C LYS B 238 -115.06 7.23 18.50
N LYS B 239 -115.19 8.54 18.35
CA LYS B 239 -114.12 9.44 18.72
C LYS B 239 -113.73 9.20 20.17
N ILE B 240 -112.43 9.09 20.42
CA ILE B 240 -111.97 8.72 21.76
C ILE B 240 -111.97 9.99 22.59
N GLU B 241 -113.12 10.26 23.20
CA GLU B 241 -113.27 11.40 24.09
C GLU B 241 -112.50 11.13 25.37
N ARG B 242 -112.11 12.22 26.04
CA ARG B 242 -111.36 12.12 27.29
C ARG B 242 -111.62 13.36 28.12
N HIS B 243 -112.11 13.18 29.34
CA HIS B 243 -112.30 14.29 30.23
C HIS B 243 -110.97 14.72 30.82
N SER B 244 -110.79 16.01 30.99
CA SER B 244 -109.57 16.54 31.60
C SER B 244 -109.77 16.64 33.10
N ILE B 245 -108.88 17.34 33.78
CA ILE B 245 -108.96 17.52 35.22
C ILE B 245 -109.12 18.99 35.53
N HIS B 246 -110.03 19.29 36.45
CA HIS B 246 -110.20 20.66 36.88
C HIS B 246 -108.98 21.03 37.69
N TRP B 247 -107.97 21.60 37.06
CA TRP B 247 -106.85 22.01 37.86
C TRP B 247 -107.01 23.46 38.22
N PRO B 248 -107.18 23.80 39.49
CA PRO B 248 -107.16 25.20 39.90
C PRO B 248 -105.76 25.61 40.33
N CYS B 249 -105.42 26.85 40.01
CA CYS B 249 -104.12 27.37 40.37
C CYS B 249 -104.25 28.86 40.61
N ARG B 250 -103.29 29.40 41.32
CA ARG B 250 -103.32 30.81 41.72
C ARG B 250 -102.53 31.59 40.69
N LEU B 251 -103.21 32.17 39.71
CA LEU B 251 -102.48 32.98 38.75
C LEU B 251 -101.82 34.09 39.52
N THR B 252 -100.52 34.03 39.64
CA THR B 252 -99.78 34.95 40.49
C THR B 252 -99.11 35.97 39.62
N ILE B 253 -99.39 37.23 39.88
CA ILE B 253 -98.65 38.32 39.30
C ILE B 253 -98.26 39.25 40.43
N GLY B 254 -96.98 39.64 40.45
CA GLY B 254 -96.47 40.37 41.59
C GLY B 254 -96.43 39.47 42.82
N SER B 255 -96.34 40.10 43.98
CA SER B 255 -96.44 39.38 45.24
C SER B 255 -97.75 39.68 45.96
N ASN B 256 -98.64 40.44 45.33
CA ASN B 256 -99.87 40.81 46.00
C ASN B 256 -101.05 40.87 45.03
N LEU B 257 -101.03 40.11 43.95
CA LEU B 257 -102.17 40.13 43.04
C LEU B 257 -102.53 38.72 42.63
N SER B 258 -102.68 37.84 43.62
CA SER B 258 -103.07 36.46 43.36
C SER B 258 -104.48 36.39 42.79
N ILE B 259 -104.67 35.51 41.80
CA ILE B 259 -105.97 35.24 41.21
C ILE B 259 -106.11 33.74 41.05
N ARG B 260 -107.23 33.19 41.51
CA ARG B 260 -107.50 31.78 41.29
C ARG B 260 -107.73 31.53 39.81
N ILE B 261 -106.92 30.67 39.21
CA ILE B 261 -107.00 30.39 37.79
C ILE B 261 -107.22 28.90 37.62
N ALA B 262 -108.13 28.54 36.73
CA ALA B 262 -108.48 27.15 36.50
C ALA B 262 -107.81 26.70 35.22
N ALA B 263 -106.89 25.75 35.35
CA ALA B 263 -106.10 25.27 34.23
C ALA B 263 -106.80 24.09 33.57
N TYR B 264 -106.77 24.06 32.25
CA TYR B 264 -107.37 22.98 31.50
C TYR B 264 -106.53 22.64 30.28
N LYS B 265 -106.49 21.35 29.94
CA LYS B 265 -105.70 20.87 28.82
C LYS B 265 -106.49 20.91 27.52
N SER B 266 -105.83 21.37 26.46
CA SER B 266 -106.53 21.59 25.20
C SER B 266 -106.19 20.55 24.16
N ILE B 267 -104.92 20.35 23.86
CA ILE B 267 -104.49 19.40 22.85
C ILE B 267 -103.43 18.50 23.45
N LEU B 268 -103.62 17.20 23.34
CA LEU B 268 -102.68 16.22 23.84
C LEU B 268 -102.63 15.06 22.87
N GLN B 269 -101.44 14.69 22.45
CA GLN B 269 -101.31 13.54 21.58
C GLN B 269 -101.92 12.38 22.31
N GLU B 270 -103.06 11.89 21.86
CA GLU B 270 -103.80 10.91 22.62
C GLU B 270 -103.13 9.56 22.46
N ARG B 271 -102.95 8.85 23.56
CA ARG B 271 -102.43 7.50 23.52
C ARG B 271 -103.54 6.52 23.85
N VAL B 272 -103.53 5.39 23.15
CA VAL B 272 -104.57 4.39 23.25
C VAL B 272 -104.72 4.06 24.72
N LYS B 273 -105.91 3.67 25.13
CA LYS B 273 -106.16 3.59 26.55
C LYS B 273 -105.39 2.46 27.20
N LYS B 274 -105.67 1.22 26.81
CA LYS B 274 -105.10 0.10 27.54
C LYS B 274 -104.19 -0.73 26.66
N THR B 275 -103.01 -1.01 27.19
CA THR B 275 -101.90 -1.58 26.47
C THR B 275 -102.20 -3.00 26.06
N TRP B 276 -101.37 -3.49 25.14
CA TRP B 276 -101.47 -4.86 24.67
C TRP B 276 -100.90 -5.77 25.73
N THR B 277 -101.76 -6.41 26.50
CA THR B 277 -101.29 -7.34 27.51
C THR B 277 -100.56 -8.49 26.86
N VAL B 278 -99.38 -8.80 27.37
CA VAL B 278 -98.57 -9.88 26.86
C VAL B 278 -99.13 -11.19 27.39
N VAL B 279 -99.38 -12.14 26.52
CA VAL B 279 -99.97 -13.40 26.96
C VAL B 279 -99.26 -14.55 26.26
N ASP B 280 -99.19 -15.68 26.95
CA ASP B 280 -98.49 -16.85 26.42
C ASP B 280 -99.33 -17.55 25.39
N ALA B 281 -98.67 -18.13 24.40
CA ALA B 281 -99.39 -18.85 23.38
C ALA B 281 -100.04 -20.09 23.98
N LYS B 282 -101.06 -20.58 23.29
CA LYS B 282 -101.59 -21.92 23.49
C LYS B 282 -102.11 -22.14 24.90
N THR B 283 -101.99 -21.15 25.74
CA THR B 283 -102.60 -21.19 27.05
C THR B 283 -103.42 -19.95 27.31
N LEU B 284 -103.00 -18.81 26.78
CA LEU B 284 -103.82 -17.61 26.75
C LEU B 284 -104.21 -17.17 28.16
N LYS B 285 -103.30 -17.38 29.10
CA LYS B 285 -103.44 -16.85 30.45
C LYS B 285 -102.42 -15.74 30.66
N LYS B 286 -102.87 -14.61 31.20
CA LYS B 286 -101.95 -13.54 31.51
C LYS B 286 -101.00 -13.94 32.63
N GLU B 287 -101.48 -14.70 33.59
CA GLU B 287 -100.71 -14.92 34.80
C GLU B 287 -99.54 -15.87 34.60
N ASP B 288 -99.42 -16.49 33.44
CA ASP B 288 -98.40 -17.51 33.26
C ASP B 288 -97.05 -16.95 32.86
N ILE B 289 -96.89 -15.65 32.77
CA ILE B 289 -95.64 -15.06 32.30
C ILE B 289 -95.14 -14.07 33.34
N GLN B 290 -93.85 -14.14 33.65
CA GLN B 290 -93.22 -13.15 34.52
C GLN B 290 -92.10 -12.46 33.76
N LYS B 291 -92.25 -11.18 33.54
CA LYS B 291 -91.20 -10.36 32.95
C LYS B 291 -90.16 -10.02 33.99
N GLU B 292 -89.65 -11.04 34.68
CA GLU B 292 -88.72 -10.78 35.76
C GLU B 292 -87.41 -10.27 35.21
N THR B 293 -86.78 -9.35 35.93
CA THR B 293 -85.51 -8.81 35.54
C THR B 293 -84.46 -9.19 36.55
N VAL B 294 -83.26 -9.47 36.06
CA VAL B 294 -82.15 -9.88 36.91
C VAL B 294 -80.94 -9.08 36.52
N TYR B 295 -80.13 -8.72 37.49
CA TYR B 295 -78.95 -7.89 37.26
C TYR B 295 -77.72 -8.72 37.58
N CYS B 296 -76.81 -8.81 36.63
CA CYS B 296 -75.66 -9.70 36.75
C CYS B 296 -74.37 -8.95 36.44
N LEU B 297 -73.38 -9.14 37.29
CA LEU B 297 -72.07 -8.57 37.11
C LEU B 297 -71.44 -9.20 35.89
N ASN B 298 -70.48 -8.52 35.28
CA ASN B 298 -69.90 -9.05 34.06
C ASN B 298 -68.97 -10.23 34.33
N ASP B 299 -68.38 -10.32 35.51
CA ASP B 299 -67.39 -11.35 35.80
C ASP B 299 -68.04 -12.70 36.09
N ASP B 300 -67.70 -13.71 35.29
CA ASP B 300 -68.14 -15.08 35.47
C ASP B 300 -69.65 -15.23 35.60
N ASP B 301 -70.39 -14.18 35.22
CA ASP B 301 -71.85 -14.17 35.29
C ASP B 301 -72.30 -14.35 36.74
N GLU B 302 -71.76 -13.53 37.62
CA GLU B 302 -72.26 -13.47 38.99
C GLU B 302 -73.54 -12.66 39.02
N THR B 303 -74.58 -13.24 39.60
CA THR B 303 -75.89 -12.58 39.64
C THR B 303 -76.00 -11.71 40.89
N GLU B 304 -76.35 -10.45 40.70
CA GLU B 304 -76.34 -9.52 41.82
C GLU B 304 -77.74 -9.30 42.33
N VAL B 305 -77.86 -9.09 43.64
CA VAL B 305 -79.17 -9.12 44.28
C VAL B 305 -79.98 -7.91 43.86
N LEU B 306 -81.22 -8.26 43.50
CA LEU B 306 -82.04 -7.53 42.58
C LEU B 306 -82.10 -6.05 42.91
N LYS B 307 -82.55 -5.69 44.12
CA LYS B 307 -83.05 -4.36 44.43
C LYS B 307 -82.48 -3.83 45.72
N GLU B 308 -81.27 -4.26 46.09
CA GLU B 308 -80.57 -3.52 47.13
C GLU B 308 -79.08 -3.43 46.93
N ASP B 309 -78.54 -3.94 45.84
CA ASP B 309 -77.10 -3.85 45.66
C ASP B 309 -76.74 -2.90 44.52
N ILE B 310 -77.72 -2.47 43.74
CA ILE B 310 -77.48 -1.59 42.61
C ILE B 310 -77.77 -0.17 43.05
N ILE B 311 -76.80 0.71 42.85
CA ILE B 311 -76.98 2.13 43.10
C ILE B 311 -76.67 2.87 41.82
N GLN B 312 -77.54 3.80 41.44
CA GLN B 312 -77.47 4.42 40.13
C GLN B 312 -76.30 5.39 40.05
N GLY B 313 -75.65 5.44 38.89
CA GLY B 313 -74.58 6.36 38.64
C GLY B 313 -74.88 7.31 37.49
N PHE B 314 -73.89 8.11 37.17
CA PHE B 314 -73.98 9.01 36.03
C PHE B 314 -72.62 9.11 35.38
N ARG B 315 -72.64 9.45 34.11
CA ARG B 315 -71.41 9.64 33.36
C ARG B 315 -71.05 11.09 33.40
N TYR B 316 -69.82 11.35 33.81
CA TYR B 316 -69.22 12.67 33.86
C TYR B 316 -67.89 12.42 33.20
N GLY B 317 -67.85 12.57 31.89
CA GLY B 317 -66.63 12.27 31.20
C GLY B 317 -66.32 10.81 31.36
N SER B 318 -65.06 10.52 31.56
CA SER B 318 -64.61 9.15 31.45
C SER B 318 -65.23 8.27 32.52
N ASP B 319 -65.35 8.77 33.72
CA ASP B 319 -65.64 7.92 34.84
C ASP B 319 -67.11 8.00 35.20
N ILE B 320 -67.54 7.18 36.17
CA ILE B 320 -68.91 7.14 36.61
C ILE B 320 -68.96 7.68 38.04
N VAL B 321 -69.73 8.72 38.33
CA VAL B 321 -69.96 9.08 39.73
C VAL B 321 -70.91 8.08 40.35
N PRO B 322 -70.58 7.52 41.50
CA PRO B 322 -71.55 6.86 42.34
C PRO B 322 -72.39 7.95 42.97
N PHE B 323 -73.44 8.34 42.29
CA PHE B 323 -74.55 9.08 42.89
C PHE B 323 -75.38 8.10 43.73
N SER B 324 -76.59 8.45 44.11
CA SER B 324 -77.52 7.47 44.64
C SER B 324 -78.95 7.90 44.34
N LYS B 325 -79.88 7.32 45.08
CA LYS B 325 -81.29 7.72 45.13
C LYS B 325 -81.58 8.54 46.36
N VAL B 326 -81.06 8.13 47.52
CA VAL B 326 -81.28 8.91 48.72
C VAL B 326 -80.67 10.29 48.56
N ASP B 327 -79.44 10.35 48.07
CA ASP B 327 -78.77 11.61 47.79
C ASP B 327 -79.54 12.38 46.73
N GLU B 328 -80.27 11.64 45.90
CA GLU B 328 -81.07 12.27 44.86
C GLU B 328 -82.16 13.12 45.49
N GLU B 329 -82.94 12.52 46.36
CA GLU B 329 -83.97 13.32 47.00
C GLU B 329 -83.39 14.35 47.92
N GLN B 330 -82.17 14.15 48.39
CA GLN B 330 -81.64 15.14 49.31
C GLN B 330 -81.11 16.36 48.56
N MET B 331 -80.73 16.21 47.30
CA MET B 331 -80.14 17.31 46.55
C MET B 331 -80.99 17.80 45.40
N LYS B 332 -82.08 17.13 45.09
CA LYS B 332 -82.90 17.54 43.96
C LYS B 332 -83.43 18.94 44.16
N TYR B 333 -83.55 19.67 43.07
CA TYR B 333 -84.03 21.03 43.14
C TYR B 333 -85.46 21.09 43.60
N LYS B 334 -85.68 21.62 44.80
CA LYS B 334 -87.01 21.71 45.36
C LYS B 334 -87.82 22.74 44.60
N SER B 335 -89.02 23.00 45.11
CA SER B 335 -89.85 24.07 44.60
C SER B 335 -91.01 24.26 45.56
N GLU B 336 -91.65 25.41 45.46
CA GLU B 336 -92.73 25.71 46.39
C GLU B 336 -93.98 24.91 46.05
N GLY B 337 -94.29 24.77 44.77
CA GLY B 337 -95.52 24.11 44.40
C GLY B 337 -96.04 24.56 43.04
N LYS B 338 -97.30 24.95 42.99
CA LYS B 338 -97.91 25.27 41.70
C LYS B 338 -97.18 26.42 41.02
N CYS B 339 -97.00 27.52 41.72
CA CYS B 339 -96.12 28.61 41.31
C CYS B 339 -96.33 29.01 39.85
N PHE B 340 -97.58 29.15 39.45
CA PHE B 340 -97.88 29.76 38.17
C PHE B 340 -97.81 31.27 38.31
N SER B 341 -96.59 31.79 38.30
CA SER B 341 -96.33 33.20 38.57
C SER B 341 -95.82 33.87 37.31
N VAL B 342 -96.37 35.04 36.99
CA VAL B 342 -96.04 35.72 35.75
C VAL B 342 -94.66 36.34 35.87
N LEU B 343 -93.76 35.92 35.01
CA LEU B 343 -92.46 36.57 35.00
C LEU B 343 -92.53 37.90 34.31
N GLY B 344 -93.37 38.07 33.32
CA GLY B 344 -93.39 39.33 32.61
C GLY B 344 -94.28 39.28 31.39
N PHE B 345 -94.27 40.37 30.65
CA PHE B 345 -95.07 40.54 29.46
C PHE B 345 -94.16 40.95 28.32
N CYS B 346 -94.54 40.59 27.10
CA CYS B 346 -93.67 40.85 25.97
C CYS B 346 -94.50 40.89 24.71
N LYS B 347 -93.87 41.37 23.65
CA LYS B 347 -94.54 41.54 22.37
C LYS B 347 -94.90 40.20 21.77
N SER B 348 -95.91 40.21 20.90
CA SER B 348 -96.22 39.03 20.13
C SER B 348 -94.96 38.49 19.46
N SER B 349 -94.39 39.25 18.53
CA SER B 349 -93.28 38.73 17.75
C SER B 349 -92.05 38.47 18.58
N GLN B 350 -92.04 38.93 19.82
CA GLN B 350 -90.94 38.57 20.69
C GLN B 350 -90.87 37.07 20.92
N VAL B 351 -91.99 36.37 20.79
CA VAL B 351 -91.99 34.93 20.73
C VAL B 351 -92.51 34.53 19.37
N GLN B 352 -92.13 33.35 18.92
CA GLN B 352 -92.44 32.97 17.56
C GLN B 352 -93.13 31.62 17.52
N ARG B 353 -93.84 31.41 16.43
CA ARG B 353 -94.57 30.16 16.22
C ARG B 353 -93.66 28.96 16.29
N ARG B 354 -92.46 29.08 15.72
CA ARG B 354 -91.57 27.94 15.66
C ARG B 354 -91.19 27.46 17.04
N PHE B 355 -91.01 28.36 17.96
CA PHE B 355 -90.26 28.03 19.15
C PHE B 355 -91.05 27.29 20.20
N PHE B 356 -92.36 27.12 20.03
CA PHE B 356 -93.14 26.47 21.07
C PHE B 356 -92.53 25.12 21.38
N MET B 357 -92.38 24.79 22.66
CA MET B 357 -91.63 23.62 23.06
C MET B 357 -92.45 22.72 23.96
N GLY B 358 -93.72 22.58 23.69
CA GLY B 358 -94.59 21.95 24.63
C GLY B 358 -94.84 20.48 24.36
N ASN B 359 -95.12 19.75 25.44
CA ASN B 359 -95.87 18.51 25.33
C ASN B 359 -97.32 18.75 24.97
N GLN B 360 -97.96 19.69 25.66
CA GLN B 360 -99.40 19.86 25.55
C GLN B 360 -99.75 21.32 25.79
N VAL B 361 -100.89 21.72 25.27
CA VAL B 361 -101.31 23.10 25.30
C VAL B 361 -102.42 23.23 26.31
N LEU B 362 -102.16 24.00 27.36
CA LEU B 362 -103.19 24.20 28.36
C LEU B 362 -104.14 25.27 27.91
N LYS B 363 -105.31 25.29 28.52
CA LYS B 363 -106.24 26.40 28.43
C LYS B 363 -106.43 26.94 29.83
N VAL B 364 -106.28 28.25 29.98
CA VAL B 364 -106.08 28.87 31.27
C VAL B 364 -107.32 29.69 31.55
N PHE B 365 -108.23 29.15 32.38
CA PHE B 365 -109.52 29.76 32.63
C PHE B 365 -109.76 30.00 34.11
N ALA B 366 -110.86 30.69 34.37
CA ALA B 366 -111.16 31.13 35.72
C ALA B 366 -111.76 30.00 36.53
N ALA B 367 -111.36 29.92 37.79
CA ALA B 367 -112.06 29.05 38.73
C ALA B 367 -113.50 29.50 38.84
N ARG B 368 -114.42 28.57 38.70
CA ARG B 368 -115.82 28.96 38.53
C ARG B 368 -116.39 29.51 39.84
N ASP B 369 -117.45 30.29 39.69
CA ASP B 369 -118.32 30.82 40.74
C ASP B 369 -117.71 32.02 41.46
N ASP B 370 -116.56 32.52 41.04
CA ASP B 370 -115.98 33.74 41.61
C ASP B 370 -115.96 34.75 40.48
N GLU B 371 -117.08 35.46 40.31
CA GLU B 371 -117.23 36.30 39.13
C GLU B 371 -116.13 37.35 39.06
N ALA B 372 -115.94 38.10 40.14
CA ALA B 372 -114.96 39.18 40.12
C ALA B 372 -113.61 38.68 39.62
N ALA B 373 -113.25 37.46 40.02
CA ALA B 373 -112.04 36.88 39.46
C ALA B 373 -112.17 36.75 37.95
N ALA B 374 -113.33 36.30 37.49
CA ALA B 374 -113.46 36.07 36.06
C ALA B 374 -113.30 37.38 35.31
N VAL B 375 -113.93 38.44 35.79
CA VAL B 375 -113.81 39.70 35.09
C VAL B 375 -112.38 40.20 35.17
N ALA B 376 -111.70 39.93 36.29
CA ALA B 376 -110.31 40.35 36.40
C ALA B 376 -109.48 39.69 35.33
N LEU B 377 -109.68 38.40 35.16
CA LEU B 377 -108.95 37.71 34.12
C LEU B 377 -109.32 38.28 32.76
N SER B 378 -110.60 38.62 32.58
CA SER B 378 -111.05 39.13 31.30
C SER B 378 -110.37 40.45 30.99
N SER B 379 -110.26 41.30 31.98
CA SER B 379 -109.50 42.53 31.81
C SER B 379 -108.10 42.21 31.36
N LEU B 380 -107.46 41.29 32.06
CA LEU B 380 -106.13 40.87 31.67
C LEU B 380 -106.11 40.53 30.21
N ILE B 381 -107.08 39.74 29.79
CA ILE B 381 -107.04 39.16 28.47
C ILE B 381 -107.20 40.24 27.41
N HIS B 382 -108.24 41.05 27.52
CA HIS B 382 -108.41 42.10 26.52
C HIS B 382 -107.19 42.97 26.47
N ALA B 383 -106.67 43.34 27.62
CA ALA B 383 -105.55 44.27 27.65
C ALA B 383 -104.38 43.69 26.89
N LEU B 384 -104.09 42.42 27.13
CA LEU B 384 -103.03 41.81 26.36
C LEU B 384 -103.38 41.83 24.88
N ASP B 385 -104.66 41.64 24.57
CA ASP B 385 -105.06 41.42 23.18
C ASP B 385 -104.87 42.68 22.36
N ASP B 386 -105.57 43.75 22.73
CA ASP B 386 -105.52 44.97 21.93
C ASP B 386 -104.12 45.54 21.88
N LEU B 387 -103.40 45.49 23.00
CA LEU B 387 -102.01 45.92 23.04
C LEU B 387 -101.07 44.89 22.46
N ASP B 388 -101.59 43.73 22.09
CA ASP B 388 -100.89 42.76 21.25
C ASP B 388 -99.58 42.43 21.94
N MET B 389 -99.68 41.98 23.18
CA MET B 389 -98.54 41.44 23.89
C MET B 389 -98.92 40.06 24.39
N VAL B 390 -97.93 39.35 24.89
CA VAL B 390 -98.18 38.04 25.48
C VAL B 390 -97.51 37.99 26.83
N ALA B 391 -97.79 36.94 27.59
CA ALA B 391 -97.28 36.83 28.94
C ALA B 391 -96.44 35.57 29.08
N ILE B 392 -95.43 35.65 29.93
CA ILE B 392 -94.50 34.55 30.14
C ILE B 392 -94.53 34.19 31.60
N VAL B 393 -94.97 32.99 31.91
CA VAL B 393 -95.29 32.64 33.28
C VAL B 393 -94.53 31.38 33.66
N ARG B 394 -93.89 31.42 34.81
CA ARG B 394 -93.38 30.19 35.39
C ARG B 394 -94.55 29.28 35.64
N TYR B 395 -94.44 28.03 35.22
CA TYR B 395 -95.52 27.07 35.36
C TYR B 395 -95.00 25.86 36.09
N ALA B 396 -95.90 25.21 36.80
CA ALA B 396 -95.53 23.94 37.40
C ALA B 396 -96.82 23.22 37.75
N TYR B 397 -96.93 21.97 37.30
CA TYR B 397 -98.09 21.20 37.67
C TYR B 397 -98.20 21.06 39.17
N ASP B 398 -97.07 20.80 39.82
CA ASP B 398 -97.04 20.60 41.25
C ASP B 398 -95.63 20.37 41.73
N LYS B 399 -95.49 20.01 43.00
CA LYS B 399 -94.22 19.50 43.49
C LYS B 399 -93.80 18.30 42.65
N ARG B 400 -92.59 17.81 42.91
CA ARG B 400 -92.02 16.63 42.25
C ARG B 400 -92.15 16.67 40.73
N ALA B 401 -92.43 17.83 40.16
CA ALA B 401 -92.45 18.01 38.72
C ALA B 401 -91.49 19.10 38.32
N ASN B 402 -90.84 18.92 37.19
CA ASN B 402 -89.91 19.92 36.72
C ASN B 402 -90.65 21.21 36.43
N PRO B 403 -90.11 22.33 36.79
CA PRO B 403 -90.79 23.59 36.53
C PRO B 403 -90.78 23.89 35.07
N GLN B 404 -91.21 25.06 34.68
CA GLN B 404 -91.55 25.17 33.28
C GLN B 404 -91.80 26.62 32.91
N VAL B 405 -91.27 27.08 31.79
CA VAL B 405 -91.45 28.47 31.37
C VAL B 405 -91.96 28.52 29.95
N GLY B 406 -92.96 29.36 29.70
CA GLY B 406 -93.46 29.50 28.34
C GLY B 406 -94.53 30.56 28.23
N VAL B 407 -95.01 30.74 27.00
CA VAL B 407 -95.90 31.84 26.67
C VAL B 407 -97.28 31.60 27.22
N ALA B 408 -97.98 32.68 27.55
CA ALA B 408 -99.38 32.64 27.95
C ALA B 408 -100.20 33.27 26.82
N PHE B 409 -100.68 32.45 25.94
CA PHE B 409 -101.26 33.23 24.88
C PHE B 409 -102.71 33.57 25.20
N PRO B 410 -103.16 34.76 24.84
CA PRO B 410 -104.54 35.17 25.14
C PRO B 410 -105.42 35.05 23.92
N HIS B 411 -106.63 34.51 24.13
CA HIS B 411 -107.50 34.11 23.04
C HIS B 411 -108.93 34.60 23.26
N ILE B 412 -109.64 34.85 22.17
CA ILE B 412 -110.96 35.45 22.19
C ILE B 412 -111.90 34.59 21.38
N LYS B 413 -113.05 34.25 21.95
CA LYS B 413 -114.13 33.67 21.16
C LYS B 413 -115.43 34.32 21.58
N HIS B 414 -116.33 34.49 20.61
CA HIS B 414 -117.54 35.24 20.87
C HIS B 414 -118.33 34.65 22.02
N ASN B 415 -118.16 33.36 22.27
CA ASN B 415 -118.75 32.80 23.48
C ASN B 415 -117.92 33.15 24.70
N TYR B 416 -116.61 33.32 24.55
CA TYR B 416 -115.74 33.49 25.70
C TYR B 416 -114.33 33.84 25.24
N GLU B 417 -113.68 34.70 26.02
CA GLU B 417 -112.25 34.93 25.88
C GLU B 417 -111.48 33.79 26.51
N CYS B 418 -110.23 33.63 26.07
CA CYS B 418 -109.48 32.45 26.47
C CYS B 418 -108.01 32.79 26.65
N LEU B 419 -107.34 32.04 27.51
CA LEU B 419 -105.92 32.20 27.69
C LEU B 419 -105.31 30.81 27.74
N VAL B 420 -104.24 30.62 26.96
CA VAL B 420 -103.63 29.32 26.74
C VAL B 420 -102.14 29.42 26.98
N TYR B 421 -101.56 28.33 27.46
CA TYR B 421 -100.18 28.31 27.91
C TYR B 421 -99.42 27.22 27.20
N VAL B 422 -98.23 27.53 26.73
CA VAL B 422 -97.40 26.55 26.04
C VAL B 422 -95.99 26.64 26.60
N GLN B 423 -95.38 25.50 26.81
CA GLN B 423 -93.95 25.43 27.06
C GLN B 423 -93.16 26.17 26.00
N LEU B 424 -92.23 27.01 26.43
CA LEU B 424 -91.21 27.58 25.58
C LEU B 424 -89.83 27.25 26.12
N PRO B 425 -88.84 27.10 25.26
CA PRO B 425 -87.64 26.37 25.64
C PRO B 425 -86.83 27.03 26.70
N PHE B 426 -86.20 26.21 27.54
CA PHE B 426 -85.06 26.68 28.29
C PHE B 426 -83.83 26.69 27.39
N MET B 427 -82.78 27.40 27.84
CA MET B 427 -81.68 27.62 26.92
C MET B 427 -81.01 26.32 26.53
N GLU B 428 -80.84 25.41 27.49
CA GLU B 428 -80.13 24.18 27.14
C GLU B 428 -80.88 23.46 26.04
N ASP B 429 -82.16 23.74 25.91
CA ASP B 429 -82.97 23.01 24.96
C ASP B 429 -82.83 23.57 23.56
N LEU B 430 -82.55 24.86 23.43
CA LEU B 430 -82.48 25.43 22.11
C LEU B 430 -81.25 24.91 21.41
N ARG B 431 -81.35 24.72 20.10
CA ARG B 431 -80.23 24.26 19.31
C ARG B 431 -79.93 25.29 18.24
N GLN B 432 -78.71 25.26 17.75
CA GLN B 432 -78.29 26.26 16.79
C GLN B 432 -77.58 25.56 15.65
N TYR B 433 -77.88 25.99 14.43
CA TYR B 433 -77.31 25.33 13.29
C TYR B 433 -77.03 26.37 12.23
N MET B 434 -76.02 26.12 11.40
CA MET B 434 -75.66 27.10 10.40
C MET B 434 -76.67 27.13 9.27
N PHE B 435 -76.89 26.01 8.60
CA PHE B 435 -77.85 25.95 7.50
C PHE B 435 -77.49 26.93 6.39
N SER B 436 -76.43 26.61 5.68
CA SER B 436 -76.02 27.40 4.52
C SER B 436 -77.22 27.84 3.72
N SER B 437 -77.32 29.14 3.49
CA SER B 437 -78.55 29.74 3.00
C SER B 437 -78.76 29.42 1.51
N LEU B 438 -79.83 29.99 0.96
CA LEU B 438 -80.28 29.62 -0.38
C LEU B 438 -80.24 30.76 -1.39
N LYS B 439 -80.51 32.00 -0.98
CA LYS B 439 -80.53 33.12 -1.91
C LYS B 439 -79.14 33.37 -2.51
N ASN B 440 -78.18 32.53 -2.18
CA ASN B 440 -76.90 32.48 -2.87
C ASN B 440 -76.99 31.41 -3.94
N SER B 441 -78.18 31.25 -4.51
CA SER B 441 -78.45 30.16 -5.41
C SER B 441 -77.70 30.32 -6.72
N LYS B 442 -76.39 30.42 -6.64
CA LYS B 442 -75.60 30.38 -7.86
C LYS B 442 -75.44 28.97 -8.38
N LYS B 443 -75.93 27.98 -7.64
CA LYS B 443 -75.95 26.61 -8.12
C LYS B 443 -77.36 26.06 -8.29
N TYR B 444 -78.39 26.78 -7.85
CA TYR B 444 -79.73 26.25 -7.97
C TYR B 444 -80.59 27.04 -8.95
N ALA B 445 -80.59 28.36 -8.87
CA ALA B 445 -81.06 29.23 -9.95
C ALA B 445 -82.49 28.94 -10.42
N PRO B 446 -83.51 29.35 -9.67
CA PRO B 446 -84.89 29.13 -10.08
C PRO B 446 -85.37 30.00 -11.23
N THR B 447 -85.24 29.53 -12.47
CA THR B 447 -85.59 30.34 -13.64
C THR B 447 -87.06 30.73 -13.62
N GLU B 448 -87.35 31.81 -14.34
CA GLU B 448 -88.69 32.39 -14.33
C GLU B 448 -89.74 31.42 -14.84
N ALA B 449 -89.37 30.55 -15.79
CA ALA B 449 -90.30 29.51 -16.22
C ALA B 449 -90.69 28.65 -15.03
N GLN B 450 -89.70 28.19 -14.27
CA GLN B 450 -90.00 27.46 -13.05
C GLN B 450 -90.77 28.34 -12.07
N LEU B 451 -90.39 29.61 -11.98
CA LEU B 451 -91.02 30.49 -11.00
C LEU B 451 -92.52 30.57 -11.23
N ASN B 452 -92.91 31.07 -12.39
CA ASN B 452 -94.34 31.21 -12.64
C ASN B 452 -95.00 29.85 -12.71
N ALA B 453 -94.26 28.80 -13.04
CA ALA B 453 -94.85 27.47 -12.96
C ALA B 453 -95.32 27.17 -11.54
N VAL B 454 -94.41 27.30 -10.58
CA VAL B 454 -94.77 27.03 -9.20
C VAL B 454 -95.85 27.98 -8.73
N ASP B 455 -95.86 29.20 -9.26
CA ASP B 455 -96.97 30.09 -8.99
C ASP B 455 -98.28 29.46 -9.40
N ALA B 456 -98.33 28.99 -10.65
CA ALA B 456 -99.55 28.35 -11.15
C ALA B 456 -99.89 27.16 -10.29
N LEU B 457 -98.88 26.46 -9.82
CA LEU B 457 -99.11 25.29 -8.99
C LEU B 457 -99.81 25.71 -7.71
N ILE B 458 -99.10 26.46 -6.88
CA ILE B 458 -99.58 26.69 -5.54
C ILE B 458 -100.88 27.48 -5.55
N ASP B 459 -101.13 28.27 -6.60
CA ASP B 459 -102.47 28.79 -6.74
C ASP B 459 -103.44 27.66 -7.09
N SER B 460 -103.07 26.85 -8.07
CA SER B 460 -103.99 25.89 -8.64
C SER B 460 -104.45 24.85 -7.62
N MET B 461 -103.54 24.35 -6.82
CA MET B 461 -103.91 23.33 -5.88
C MET B 461 -104.41 23.90 -4.59
N SER B 462 -104.92 25.12 -4.62
CA SER B 462 -105.25 25.80 -3.38
C SER B 462 -106.28 24.98 -2.62
N LEU B 463 -105.85 24.35 -1.55
CA LEU B 463 -106.74 23.50 -0.77
C LEU B 463 -107.86 24.29 -0.16
N ALA B 464 -107.69 25.60 -0.06
CA ALA B 464 -108.73 26.47 0.49
C ALA B 464 -109.00 27.58 -0.50
N LYS B 465 -110.28 27.90 -0.70
CA LYS B 465 -110.69 29.04 -1.51
C LYS B 465 -111.95 29.66 -0.92
N LYS B 466 -112.00 30.99 -0.98
CA LYS B 466 -113.04 31.76 -0.32
C LYS B 466 -114.43 31.31 -0.75
N ASP B 467 -115.34 31.23 0.22
CA ASP B 467 -116.72 30.88 -0.02
C ASP B 467 -117.63 31.86 0.72
N GLU B 468 -118.85 32.00 0.22
CA GLU B 468 -119.92 32.79 0.82
C GLU B 468 -119.56 34.26 0.95
N LYS B 469 -118.49 34.71 0.27
CA LYS B 469 -118.04 36.09 0.32
C LYS B 469 -117.64 36.50 1.73
N THR B 470 -117.62 35.54 2.65
CA THR B 470 -117.22 35.77 4.03
C THR B 470 -115.79 35.37 4.29
N ASP B 471 -115.02 35.06 3.25
CA ASP B 471 -113.61 34.69 3.35
C ASP B 471 -113.41 33.42 4.16
N THR B 472 -114.46 32.63 4.35
CA THR B 472 -114.34 31.33 4.98
C THR B 472 -113.97 30.35 3.86
N LEU B 473 -112.68 30.13 3.68
CA LEU B 473 -112.20 29.50 2.47
C LEU B 473 -112.69 28.04 2.40
N GLU B 474 -112.43 27.41 1.25
CA GLU B 474 -112.89 26.05 1.02
C GLU B 474 -112.05 25.09 1.86
N ASP B 475 -112.15 25.25 3.17
CA ASP B 475 -111.36 24.43 4.07
C ASP B 475 -111.97 23.05 4.20
N LEU B 476 -112.31 22.43 3.07
CA LEU B 476 -112.87 21.09 3.17
C LEU B 476 -111.72 20.12 3.32
N PHE B 477 -110.82 20.45 4.22
CA PHE B 477 -109.82 19.56 4.76
C PHE B 477 -109.40 20.11 6.10
N PRO B 478 -110.33 20.23 7.04
CA PRO B 478 -110.00 20.88 8.31
C PRO B 478 -108.88 20.20 9.04
N THR B 479 -108.78 18.89 8.93
CA THR B 479 -107.84 18.08 9.67
C THR B 479 -108.08 18.20 11.16
N THR B 480 -108.92 19.11 11.56
CA THR B 480 -109.18 19.26 12.98
C THR B 480 -110.32 18.36 13.41
N LYS B 481 -111.27 18.12 12.54
CA LYS B 481 -112.41 17.28 12.84
C LYS B 481 -112.18 15.84 12.42
N ILE B 482 -111.00 15.51 11.93
CA ILE B 482 -110.77 14.26 11.23
C ILE B 482 -110.29 13.24 12.26
N PRO B 483 -110.88 12.05 12.33
CA PRO B 483 -110.46 11.09 13.34
C PRO B 483 -109.08 10.57 13.06
N ASN B 484 -108.37 10.23 14.12
CA ASN B 484 -107.00 9.78 13.98
C ASN B 484 -107.01 8.43 13.31
N PRO B 485 -106.43 8.29 12.13
CA PRO B 485 -106.52 7.02 11.43
C PRO B 485 -105.86 5.92 12.21
N ARG B 486 -104.93 6.24 13.09
CA ARG B 486 -104.34 5.19 13.88
C ARG B 486 -105.42 4.47 14.66
N PHE B 487 -106.20 5.23 15.38
CA PHE B 487 -107.20 4.59 16.21
C PHE B 487 -108.23 3.89 15.35
N GLN B 488 -108.56 4.47 14.20
CA GLN B 488 -109.49 3.79 13.31
C GLN B 488 -108.99 2.41 12.97
N ARG B 489 -107.73 2.32 12.57
CA ARG B 489 -107.19 1.04 12.18
C ARG B 489 -107.20 0.11 13.37
N LEU B 490 -106.92 0.65 14.55
CA LEU B 490 -106.78 -0.21 15.71
C LEU B 490 -108.11 -0.83 16.10
N PHE B 491 -109.15 -0.01 16.18
CA PHE B 491 -110.44 -0.59 16.50
C PHE B 491 -110.92 -1.51 15.39
N GLN B 492 -110.65 -1.17 14.12
CA GLN B 492 -111.03 -2.08 13.05
C GLN B 492 -110.36 -3.42 13.18
N CYS B 493 -109.07 -3.40 13.48
CA CYS B 493 -108.34 -4.64 13.63
C CYS B 493 -108.92 -5.46 14.75
N LEU B 494 -109.16 -4.82 15.89
CA LEU B 494 -109.73 -5.57 17.00
C LEU B 494 -111.04 -6.19 16.59
N LEU B 495 -111.85 -5.44 15.83
CA LEU B 495 -113.10 -6.00 15.34
C LEU B 495 -112.86 -7.25 14.56
N HIS B 496 -112.24 -7.12 13.39
CA HIS B 496 -112.16 -8.25 12.49
C HIS B 496 -111.51 -9.43 13.18
N ARG B 497 -110.63 -9.17 14.14
CA ARG B 497 -110.06 -10.25 14.92
C ARG B 497 -111.03 -10.81 15.93
N ALA B 498 -112.11 -10.10 16.21
CA ALA B 498 -113.10 -10.67 17.11
C ALA B 498 -114.20 -11.40 16.36
N LEU B 499 -114.83 -10.72 15.40
CA LEU B 499 -115.95 -11.30 14.66
C LEU B 499 -115.54 -12.57 13.95
N HIS B 500 -114.25 -12.76 13.72
CA HIS B 500 -113.74 -13.98 13.17
C HIS B 500 -112.78 -14.61 14.17
N PRO B 501 -112.65 -15.88 14.16
CA PRO B 501 -111.46 -16.48 14.75
C PRO B 501 -110.32 -16.25 13.78
N ARG B 502 -109.23 -16.97 13.96
CA ARG B 502 -108.03 -16.71 13.17
C ARG B 502 -108.34 -16.63 11.68
N GLU B 503 -108.17 -15.44 11.12
CA GLU B 503 -108.18 -15.12 9.70
C GLU B 503 -107.13 -14.05 9.49
N PRO B 504 -106.54 -13.97 8.31
CA PRO B 504 -105.55 -12.91 8.07
C PRO B 504 -106.21 -11.54 8.07
N LEU B 505 -105.41 -10.53 8.41
CA LEU B 505 -105.93 -9.19 8.63
C LEU B 505 -106.37 -8.56 7.32
N PRO B 506 -107.22 -7.54 7.36
CA PRO B 506 -107.71 -6.94 6.14
C PRO B 506 -106.83 -5.78 5.74
N PRO B 507 -107.06 -5.19 4.59
CA PRO B 507 -106.40 -3.93 4.25
C PRO B 507 -107.15 -2.78 4.89
N ILE B 508 -106.68 -1.57 4.63
CA ILE B 508 -107.35 -0.39 5.14
C ILE B 508 -108.70 -0.24 4.47
N GLN B 509 -109.74 -0.03 5.26
CA GLN B 509 -111.05 0.23 4.65
C GLN B 509 -110.98 1.48 3.78
N GLN B 510 -111.53 1.36 2.58
CA GLN B 510 -111.35 2.41 1.58
C GLN B 510 -111.90 3.73 2.06
N HIS B 511 -112.83 3.72 2.99
CA HIS B 511 -113.35 5.00 3.45
C HIS B 511 -112.34 5.72 4.30
N ILE B 512 -111.51 4.99 5.04
CA ILE B 512 -110.41 5.65 5.75
C ILE B 512 -109.47 6.32 4.76
N TRP B 513 -109.08 5.61 3.71
CA TRP B 513 -108.16 6.20 2.74
C TRP B 513 -108.80 7.40 2.06
N ASN B 514 -110.06 7.26 1.69
CA ASN B 514 -110.78 8.41 1.17
C ASN B 514 -110.77 9.54 2.17
N MET B 515 -110.86 9.19 3.45
CA MET B 515 -110.86 10.19 4.50
C MET B 515 -109.54 10.94 4.53
N LEU B 516 -108.44 10.22 4.46
CA LEU B 516 -107.13 10.84 4.63
C LEU B 516 -106.71 11.60 3.39
N ASN B 517 -107.06 11.09 2.22
CA ASN B 517 -106.70 11.75 1.00
C ASN B 517 -107.45 13.07 0.90
N PRO B 518 -106.97 14.01 0.10
CA PRO B 518 -107.65 15.27 -0.04
C PRO B 518 -108.96 15.07 -0.76
N PRO B 519 -109.94 15.95 -0.56
CA PRO B 519 -111.18 15.83 -1.34
C PRO B 519 -110.86 15.90 -2.82
N ALA B 520 -111.59 15.10 -3.60
CA ALA B 520 -111.13 14.78 -4.95
C ALA B 520 -110.84 16.04 -5.75
N GLU B 521 -111.63 17.08 -5.54
CA GLU B 521 -111.60 18.23 -6.43
C GLU B 521 -110.19 18.79 -6.56
N VAL B 522 -109.43 18.76 -5.47
CA VAL B 522 -108.04 19.20 -5.56
C VAL B 522 -107.27 18.29 -6.50
N THR B 523 -107.46 16.97 -6.38
CA THR B 523 -106.76 16.06 -7.25
C THR B 523 -107.14 16.31 -8.70
N THR B 524 -108.42 16.59 -8.94
CA THR B 524 -108.85 16.97 -10.27
C THR B 524 -108.12 18.21 -10.74
N LYS B 525 -107.99 19.21 -9.88
CA LYS B 525 -107.31 20.41 -10.32
C LYS B 525 -105.81 20.20 -10.53
N SER B 526 -105.27 19.13 -9.98
CA SER B 526 -103.83 19.03 -9.87
C SER B 526 -103.11 18.55 -11.13
N GLN B 527 -103.75 17.81 -12.03
CA GLN B 527 -102.97 17.10 -13.03
C GLN B 527 -102.23 18.06 -13.96
N ILE B 528 -102.94 19.04 -14.52
CA ILE B 528 -102.32 19.95 -15.47
C ILE B 528 -101.14 20.70 -14.88
N PRO B 529 -101.25 21.31 -13.68
CA PRO B 529 -100.09 22.04 -13.17
C PRO B 529 -98.89 21.15 -12.92
N LEU B 530 -99.10 20.02 -12.25
CA LEU B 530 -97.99 19.08 -12.10
C LEU B 530 -97.50 18.63 -13.45
N SER B 531 -98.42 18.46 -14.40
CA SER B 531 -98.01 18.06 -15.73
C SER B 531 -96.98 19.02 -16.26
N LYS B 532 -97.22 20.32 -16.15
CA LYS B 532 -96.23 21.26 -16.61
C LYS B 532 -94.98 21.24 -15.74
N ILE B 533 -95.10 20.84 -14.47
CA ILE B 533 -93.91 20.71 -13.64
C ILE B 533 -92.97 19.69 -14.21
N LYS B 534 -93.50 18.53 -14.63
CA LYS B 534 -92.60 17.43 -14.95
C LYS B 534 -91.61 17.77 -16.06
N THR B 535 -91.89 18.78 -16.87
CA THR B 535 -90.98 19.14 -17.94
C THR B 535 -90.10 20.31 -17.60
N LEU B 536 -90.14 20.78 -16.35
CA LEU B 536 -89.47 22.04 -16.02
C LEU B 536 -88.43 21.90 -14.91
N PHE B 537 -88.01 20.69 -14.57
CA PHE B 537 -87.04 20.52 -13.49
C PHE B 537 -86.23 19.27 -13.75
N PRO B 538 -85.04 19.16 -13.16
CA PRO B 538 -84.31 17.90 -13.18
C PRO B 538 -84.69 17.02 -12.00
N LEU B 539 -84.73 15.72 -12.25
CA LEU B 539 -85.26 14.77 -11.29
C LEU B 539 -84.43 13.51 -11.25
N ILE B 540 -83.12 13.66 -11.06
CA ILE B 540 -82.24 12.49 -11.01
C ILE B 540 -82.73 11.48 -9.96
N GLU B 541 -82.33 10.22 -10.14
CA GLU B 541 -82.92 9.05 -9.50
C GLU B 541 -82.73 9.07 -7.98
N ALA B 542 -83.32 8.06 -7.35
CA ALA B 542 -83.19 7.78 -5.92
C ALA B 542 -83.32 6.26 -5.71
N LYS B 543 -83.32 5.83 -4.44
CA LYS B 543 -83.29 4.43 -4.08
C LYS B 543 -84.62 3.97 -3.48
N LYS B 544 -84.66 2.71 -3.05
CA LYS B 544 -85.87 2.10 -2.51
C LYS B 544 -85.49 0.89 -1.67
N LYS B 545 -86.49 0.34 -0.96
CA LYS B 545 -86.27 -0.82 -0.10
C LYS B 545 -87.28 -1.93 -0.36
N ASP B 546 -87.27 -2.97 0.49
CA ASP B 546 -88.03 -4.19 0.29
C ASP B 546 -88.80 -4.55 1.55
N GLN B 547 -89.25 -5.78 1.65
CA GLN B 547 -90.18 -6.21 2.69
C GLN B 547 -90.12 -7.74 2.77
N VAL B 548 -91.16 -8.36 3.33
CA VAL B 548 -91.33 -9.81 3.20
C VAL B 548 -91.59 -10.20 1.75
N THR B 549 -92.26 -9.33 0.99
CA THR B 549 -92.42 -9.57 -0.43
C THR B 549 -91.09 -9.77 -1.12
N ALA B 550 -89.98 -9.44 -0.46
CA ALA B 550 -88.68 -9.79 -1.03
C ALA B 550 -88.54 -11.27 -1.20
N GLN B 551 -89.26 -12.07 -0.42
CA GLN B 551 -89.22 -13.49 -0.67
C GLN B 551 -90.58 -14.12 -0.42
N GLU B 552 -91.64 -13.37 -0.63
CA GLU B 552 -92.99 -13.87 -0.45
C GLU B 552 -93.58 -14.24 -1.80
N ILE B 553 -94.20 -15.42 -1.88
CA ILE B 553 -94.76 -15.86 -3.15
C ILE B 553 -95.93 -14.96 -3.55
N PHE B 554 -96.32 -15.07 -4.82
CA PHE B 554 -97.40 -14.27 -5.39
C PHE B 554 -97.13 -12.77 -5.26
N VAL B 725 -47.18 -14.37 -77.19
CA VAL B 725 -47.27 -14.62 -75.75
C VAL B 725 -46.95 -16.09 -75.46
N ASP B 726 -47.15 -16.94 -76.47
CA ASP B 726 -46.87 -18.37 -76.29
C ASP B 726 -45.39 -18.63 -76.07
N ASP B 727 -44.54 -17.67 -76.39
CA ASP B 727 -43.09 -17.86 -76.25
C ASP B 727 -42.71 -18.11 -74.79
N LEU B 728 -43.32 -17.36 -73.87
CA LEU B 728 -43.00 -17.51 -72.46
C LEU B 728 -43.31 -18.91 -71.98
N LEU B 729 -44.45 -19.47 -72.39
CA LEU B 729 -44.77 -20.85 -72.04
C LEU B 729 -43.87 -21.84 -72.75
N ASP B 730 -43.51 -21.55 -74.01
CA ASP B 730 -42.69 -22.47 -74.79
C ASP B 730 -41.29 -22.58 -74.22
N MET B 731 -40.63 -21.45 -73.98
CA MET B 731 -39.25 -21.45 -73.54
C MET B 731 -39.18 -21.63 -72.02
N ALA C 6 -36.10 -19.98 17.74
CA ALA C 6 -37.50 -19.62 17.59
C ALA C 6 -37.83 -18.39 18.43
N GLY C 7 -38.26 -17.31 17.77
CA GLY C 7 -38.56 -16.08 18.45
C GLY C 7 -39.91 -16.03 19.11
N VAL C 8 -40.68 -17.09 19.00
CA VAL C 8 -42.00 -17.12 19.61
C VAL C 8 -41.92 -16.87 21.10
N ARG C 9 -40.92 -17.43 21.76
CA ARG C 9 -40.86 -17.26 23.20
C ARG C 9 -40.64 -15.82 23.59
N CYS C 10 -39.69 -15.16 22.96
CA CYS C 10 -39.43 -13.76 23.31
C CYS C 10 -40.65 -12.92 23.02
N SER C 11 -41.25 -13.12 21.85
CA SER C 11 -42.40 -12.33 21.49
C SER C 11 -43.50 -12.51 22.51
N LEU C 12 -43.80 -13.75 22.87
CA LEU C 12 -44.84 -13.96 23.84
C LEU C 12 -44.49 -13.30 25.14
N LEU C 13 -43.26 -13.48 25.61
CA LEU C 13 -42.87 -12.87 26.87
C LEU C 13 -43.19 -11.41 26.86
N ARG C 14 -42.85 -10.74 25.77
CA ARG C 14 -43.16 -9.33 25.67
C ARG C 14 -44.65 -9.08 25.67
N LEU C 15 -45.43 -9.99 25.12
CA LEU C 15 -46.86 -9.77 25.12
C LEU C 15 -47.39 -9.62 26.54
N GLN C 16 -47.04 -10.53 27.43
CA GLN C 16 -47.55 -10.34 28.79
C GLN C 16 -46.94 -9.13 29.44
N GLU C 17 -45.79 -8.68 28.99
CA GLU C 17 -45.33 -7.40 29.48
C GLU C 17 -46.31 -6.30 29.09
N THR C 18 -46.82 -6.38 27.87
CA THR C 18 -47.64 -5.28 27.36
C THR C 18 -48.86 -5.05 28.22
N LEU C 19 -49.22 -6.02 29.05
CA LEU C 19 -50.39 -5.85 29.88
C LEU C 19 -50.21 -4.73 30.86
N SER C 20 -49.02 -4.60 31.43
CA SER C 20 -48.82 -3.67 32.54
C SER C 20 -48.22 -2.35 32.12
N ALA C 21 -48.00 -2.12 30.83
CA ALA C 21 -47.46 -0.84 30.40
C ALA C 21 -48.42 0.27 30.77
N ALA C 22 -47.99 1.53 30.65
CA ALA C 22 -48.85 2.62 31.10
C ALA C 22 -49.87 2.99 30.04
N ASP C 23 -49.42 3.55 28.93
CA ASP C 23 -50.31 4.12 27.94
C ASP C 23 -51.08 2.96 27.28
N ARG C 24 -52.09 2.48 28.00
CA ARG C 24 -52.77 1.30 27.54
C ARG C 24 -53.30 1.49 26.14
N CYS C 25 -53.89 2.64 25.86
CA CYS C 25 -54.36 2.91 24.51
C CYS C 25 -53.20 2.94 23.54
N GLY C 26 -51.98 3.05 24.04
CA GLY C 26 -50.82 3.01 23.18
C GLY C 26 -50.19 1.63 23.22
N ALA C 27 -50.19 0.99 24.38
CA ALA C 27 -49.65 -0.35 24.44
C ALA C 27 -50.46 -1.27 23.56
N ALA C 28 -51.69 -0.89 23.26
CA ALA C 28 -52.54 -1.76 22.47
C ALA C 28 -51.93 -2.02 21.10
N LEU C 29 -51.51 -0.97 20.40
CA LEU C 29 -51.05 -1.17 19.04
C LEU C 29 -49.82 -2.04 19.02
N ALA C 30 -48.91 -1.78 19.97
CA ALA C 30 -47.71 -2.59 20.06
C ALA C 30 -48.08 -4.04 20.27
N GLY C 31 -48.98 -4.29 21.20
CA GLY C 31 -49.38 -5.65 21.44
C GLY C 31 -50.00 -6.27 20.22
N HIS C 32 -50.83 -5.53 19.51
CA HIS C 32 -51.60 -6.14 18.45
C HIS C 32 -50.69 -6.58 17.34
N GLN C 33 -49.82 -5.72 16.88
CA GLN C 33 -49.03 -6.28 15.81
C GLN C 33 -47.92 -7.16 16.32
N LEU C 34 -47.64 -7.16 17.62
CA LEU C 34 -46.81 -8.23 18.12
C LEU C 34 -47.49 -9.56 17.99
N ILE C 35 -48.78 -9.64 18.33
CA ILE C 35 -49.44 -10.92 18.26
C ILE C 35 -49.63 -11.31 16.82
N ARG C 36 -49.77 -10.34 15.94
CA ARG C 36 -49.84 -10.70 14.54
C ARG C 36 -48.53 -11.30 14.09
N GLY C 37 -47.42 -10.74 14.55
CA GLY C 37 -46.14 -11.33 14.25
C GLY C 37 -46.05 -12.76 14.75
N LEU C 38 -46.55 -12.98 15.96
CA LEU C 38 -46.54 -14.34 16.50
C LEU C 38 -47.29 -15.27 15.58
N GLY C 39 -48.47 -14.87 15.17
CA GLY C 39 -49.23 -15.74 14.30
C GLY C 39 -48.46 -16.05 13.04
N GLN C 40 -47.93 -15.01 12.40
CA GLN C 40 -47.26 -15.23 11.13
C GLN C 40 -46.09 -16.17 11.32
N GLU C 41 -45.44 -16.09 12.48
CA GLU C 41 -44.27 -16.93 12.68
C GLU C 41 -44.66 -18.38 12.86
N CYS C 42 -45.66 -18.63 13.68
CA CYS C 42 -45.93 -20.00 14.09
C CYS C 42 -47.09 -20.62 13.35
N VAL C 43 -47.60 -19.98 12.32
CA VAL C 43 -48.44 -20.71 11.39
C VAL C 43 -47.63 -21.18 10.22
N LEU C 44 -46.58 -20.46 9.87
CA LEU C 44 -45.74 -20.89 8.78
C LEU C 44 -45.00 -22.17 9.12
N SER C 45 -44.71 -22.40 10.40
CA SER C 45 -43.72 -23.39 10.79
C SER C 45 -44.03 -24.74 10.18
N SER C 46 -42.97 -25.49 9.90
CA SER C 46 -43.13 -26.73 9.16
C SER C 46 -42.46 -27.91 9.82
N SER C 47 -41.39 -27.67 10.56
CA SER C 47 -40.66 -28.80 11.15
C SER C 47 -41.49 -29.42 12.27
N PRO C 48 -41.82 -30.69 12.19
CA PRO C 48 -42.72 -31.27 13.18
C PRO C 48 -42.13 -31.28 14.55
N ALA C 49 -40.89 -30.91 14.69
CA ALA C 49 -40.38 -30.68 16.02
C ALA C 49 -40.76 -29.28 16.47
N VAL C 50 -40.21 -28.27 15.80
CA VAL C 50 -40.36 -26.91 16.31
C VAL C 50 -41.82 -26.57 16.43
N LEU C 51 -42.66 -27.24 15.65
CA LEU C 51 -44.09 -26.98 15.70
C LEU C 51 -44.63 -27.29 17.08
N ALA C 52 -44.17 -28.37 17.67
CA ALA C 52 -44.64 -28.69 19.00
C ALA C 52 -44.23 -27.62 19.98
N LEU C 53 -43.02 -27.10 19.83
CA LEU C 53 -42.57 -26.07 20.76
C LEU C 53 -43.45 -24.85 20.62
N GLN C 54 -43.75 -24.49 19.38
CA GLN C 54 -44.66 -23.39 19.18
C GLN C 54 -45.96 -23.66 19.90
N THR C 55 -46.56 -24.82 19.66
CA THR C 55 -47.86 -25.07 20.24
C THR C 55 -47.80 -24.95 21.73
N SER C 56 -46.81 -25.52 22.35
CA SER C 56 -46.85 -25.52 23.80
C SER C 56 -46.51 -24.17 24.35
N LEU C 57 -45.90 -23.31 23.55
CA LEU C 57 -45.73 -21.95 24.02
C LEU C 57 -46.99 -21.12 23.81
N VAL C 58 -47.74 -21.40 22.75
CA VAL C 58 -48.91 -20.60 22.46
C VAL C 58 -49.96 -20.85 23.52
N PHE C 59 -50.27 -22.10 23.77
CA PHE C 59 -51.19 -22.45 24.82
C PHE C 59 -50.51 -22.58 26.14
N SER C 60 -49.39 -21.91 26.34
CA SER C 60 -48.67 -22.05 27.58
C SER C 60 -49.53 -21.59 28.73
N ARG C 61 -49.02 -21.74 29.94
CA ARG C 61 -49.77 -21.42 31.12
C ARG C 61 -49.23 -20.18 31.82
N ASP C 62 -47.99 -20.23 32.29
CA ASP C 62 -47.46 -19.09 33.01
C ASP C 62 -47.55 -17.85 32.15
N PHE C 63 -47.51 -18.04 30.85
CA PHE C 63 -47.83 -17.01 29.91
C PHE C 63 -48.52 -17.72 28.75
N GLY C 64 -48.71 -17.02 27.65
CA GLY C 64 -49.31 -17.63 26.50
C GLY C 64 -50.65 -17.01 26.16
N LEU C 65 -51.07 -17.30 24.94
CA LEU C 65 -52.12 -16.51 24.34
C LEU C 65 -53.40 -16.63 25.13
N LEU C 66 -53.67 -17.79 25.65
CA LEU C 66 -54.92 -17.97 26.34
C LEU C 66 -54.90 -17.22 27.66
N VAL C 67 -53.78 -17.24 28.36
CA VAL C 67 -53.75 -16.48 29.60
C VAL C 67 -53.81 -15.01 29.30
N PHE C 68 -53.20 -14.61 28.19
CA PHE C 68 -53.28 -13.22 27.82
C PHE C 68 -54.70 -12.79 27.58
N VAL C 69 -55.48 -13.62 26.90
CA VAL C 69 -56.87 -13.29 26.73
C VAL C 69 -57.55 -13.22 28.08
N ARG C 70 -57.51 -14.31 28.82
CA ARG C 70 -58.30 -14.37 30.04
C ARG C 70 -57.93 -13.31 31.03
N LYS C 71 -56.77 -12.69 30.88
CA LYS C 71 -56.38 -11.65 31.80
C LYS C 71 -56.41 -10.28 31.18
N SER C 72 -56.54 -10.16 29.87
CA SER C 72 -56.64 -8.86 29.26
C SER C 72 -58.07 -8.57 28.89
N LEU C 73 -58.95 -9.25 29.60
CA LEU C 73 -60.35 -9.26 29.27
C LEU C 73 -61.14 -8.22 30.02
N ASN C 74 -60.64 -7.73 31.15
CA ASN C 74 -61.30 -6.64 31.83
C ASN C 74 -61.20 -5.34 31.04
N SER C 75 -60.04 -5.07 30.46
CA SER C 75 -59.83 -3.80 29.80
C SER C 75 -60.64 -3.74 28.51
N ILE C 76 -60.93 -2.53 28.05
CA ILE C 76 -61.51 -2.36 26.73
C ILE C 76 -60.49 -1.90 25.72
N GLU C 77 -59.29 -1.57 26.17
CA GLU C 77 -58.35 -1.04 25.23
C GLU C 77 -57.76 -2.09 24.31
N PHE C 78 -58.09 -3.36 24.52
CA PHE C 78 -57.44 -4.43 23.78
C PHE C 78 -58.41 -5.17 22.86
N ARG C 79 -59.41 -4.47 22.35
CA ARG C 79 -60.37 -5.15 21.50
C ARG C 79 -59.68 -5.74 20.29
N GLU C 80 -58.84 -4.95 19.65
CA GLU C 80 -58.20 -5.45 18.44
C GLU C 80 -57.29 -6.60 18.77
N CYS C 81 -56.63 -6.54 19.93
CA CYS C 81 -55.72 -7.61 20.27
C CYS C 81 -56.46 -8.91 20.52
N ARG C 82 -57.57 -8.84 21.23
CA ARG C 82 -58.38 -10.04 21.43
C ARG C 82 -58.83 -10.59 20.09
N GLU C 83 -59.26 -9.71 19.21
CA GLU C 83 -59.74 -10.17 17.93
C GLU C 83 -58.66 -10.97 17.23
N GLU C 84 -57.46 -10.43 17.17
CA GLU C 84 -56.46 -11.11 16.38
C GLU C 84 -56.03 -12.38 17.06
N ILE C 85 -56.00 -12.39 18.38
CA ILE C 85 -55.54 -13.58 19.06
C ILE C 85 -56.54 -14.71 18.89
N LEU C 86 -57.83 -14.42 18.91
CA LEU C 86 -58.78 -15.49 18.68
C LEU C 86 -58.79 -15.92 17.21
N LYS C 87 -58.55 -14.99 16.30
CA LYS C 87 -58.44 -15.43 14.93
C LYS C 87 -57.26 -16.36 14.76
N PHE C 88 -56.15 -16.04 15.41
CA PHE C 88 -54.97 -16.87 15.24
C PHE C 88 -55.19 -18.23 15.85
N LEU C 89 -55.94 -18.29 16.93
CA LEU C 89 -56.36 -19.59 17.42
C LEU C 89 -57.15 -20.32 16.36
N CYS C 90 -58.03 -19.62 15.67
CA CYS C 90 -58.84 -20.31 14.69
C CYS C 90 -57.96 -20.95 13.63
N ILE C 91 -56.97 -20.21 13.15
CA ILE C 91 -56.13 -20.77 12.12
C ILE C 91 -55.32 -21.93 12.66
N PHE C 92 -54.70 -21.72 13.82
CA PHE C 92 -53.91 -22.77 14.44
C PHE C 92 -54.71 -24.04 14.54
N LEU C 93 -55.96 -23.94 14.97
CA LEU C 93 -56.73 -25.14 15.20
C LEU C 93 -56.82 -25.96 13.94
N GLU C 94 -56.88 -25.28 12.81
CA GLU C 94 -56.84 -26.03 11.57
C GLU C 94 -55.46 -26.57 11.32
N LYS C 95 -54.45 -25.75 11.51
CA LYS C 95 -53.10 -26.12 11.09
C LYS C 95 -52.62 -27.35 11.83
N MET C 96 -52.95 -27.47 13.11
CA MET C 96 -52.70 -28.69 13.85
C MET C 96 -53.96 -29.32 14.37
N GLY C 97 -54.87 -29.60 13.46
CA GLY C 97 -56.02 -30.41 13.78
C GLY C 97 -55.73 -31.53 14.76
N GLN C 98 -56.50 -31.53 15.82
CA GLN C 98 -56.68 -32.65 16.72
C GLN C 98 -55.45 -32.87 17.57
N LYS C 99 -54.34 -32.24 17.22
CA LYS C 99 -53.19 -32.34 18.08
C LYS C 99 -53.40 -31.55 19.35
N ILE C 100 -54.16 -30.46 19.26
CA ILE C 100 -54.33 -29.54 20.36
C ILE C 100 -55.09 -30.22 21.48
N ALA C 101 -55.39 -31.48 21.29
CA ALA C 101 -56.23 -32.29 22.15
C ALA C 101 -56.05 -32.03 23.64
N PRO C 102 -54.83 -31.88 24.13
CA PRO C 102 -54.69 -31.60 25.56
C PRO C 102 -55.14 -30.21 25.95
N TYR C 103 -55.34 -29.32 25.01
CA TYR C 103 -55.69 -27.95 25.34
C TYR C 103 -57.10 -27.58 24.92
N SER C 104 -57.88 -28.52 24.44
CA SER C 104 -59.21 -28.20 23.96
C SER C 104 -60.07 -27.64 25.07
N VAL C 105 -59.98 -28.20 26.26
CA VAL C 105 -60.85 -27.74 27.34
C VAL C 105 -60.55 -26.31 27.68
N GLU C 106 -59.28 -25.96 27.73
CA GLU C 106 -58.94 -24.59 28.05
C GLU C 106 -59.36 -23.65 26.94
N ILE C 107 -59.26 -24.09 25.69
CA ILE C 107 -59.71 -23.22 24.61
C ILE C 107 -61.20 -23.00 24.71
N LYS C 108 -61.96 -24.02 25.06
CA LYS C 108 -63.39 -23.82 25.19
C LYS C 108 -63.71 -22.86 26.30
N ASN C 109 -63.01 -22.99 27.42
CA ASN C 109 -63.24 -22.03 28.48
C ASN C 109 -62.86 -20.62 28.06
N THR C 110 -61.79 -20.47 27.29
CA THR C 110 -61.48 -19.14 26.78
C THR C 110 -62.59 -18.62 25.89
N CYS C 111 -63.10 -19.46 25.00
CA CYS C 111 -64.13 -19.00 24.08
C CYS C 111 -65.37 -18.56 24.83
N THR C 112 -65.84 -19.39 25.74
CA THR C 112 -67.06 -19.02 26.44
C THR C 112 -66.82 -17.80 27.31
N SER C 113 -65.63 -17.69 27.88
CA SER C 113 -65.33 -16.52 28.68
C SER C 113 -65.41 -15.28 27.84
N VAL C 114 -64.78 -15.31 26.67
CA VAL C 114 -64.76 -14.11 25.86
C VAL C 114 -66.18 -13.76 25.43
N TYR C 115 -66.96 -14.76 25.10
CA TYR C 115 -68.30 -14.44 24.64
C TYR C 115 -69.10 -13.80 25.74
N THR C 116 -68.95 -14.27 26.96
CA THR C 116 -69.70 -13.65 28.04
C THR C 116 -69.21 -12.24 28.30
N LYS C 117 -67.91 -12.01 28.23
CA LYS C 117 -67.41 -10.76 28.79
C LYS C 117 -67.60 -9.60 27.83
N ASP C 118 -67.01 -9.69 26.64
CA ASP C 118 -66.82 -8.53 25.80
C ASP C 118 -68.15 -7.99 25.31
N ARG C 119 -68.09 -6.79 24.78
CA ARG C 119 -69.31 -6.15 24.32
C ARG C 119 -69.35 -6.11 22.81
N ALA C 120 -68.34 -5.53 22.20
CA ALA C 120 -68.38 -5.28 20.77
C ALA C 120 -68.43 -6.58 20.00
N ALA C 121 -69.26 -6.62 18.98
CA ALA C 121 -69.40 -7.85 18.24
C ALA C 121 -68.09 -8.27 17.64
N LYS C 122 -67.20 -7.32 17.39
CA LYS C 122 -65.99 -7.63 16.65
C LYS C 122 -65.18 -8.68 17.35
N CYS C 123 -65.38 -8.83 18.65
CA CYS C 123 -64.72 -9.90 19.37
C CYS C 123 -65.64 -11.07 19.59
N LYS C 124 -66.94 -10.87 19.51
CA LYS C 124 -67.81 -12.00 19.74
C LYS C 124 -67.84 -12.91 18.53
N ILE C 125 -67.96 -12.35 17.34
CA ILE C 125 -67.99 -13.13 16.12
C ILE C 125 -66.86 -14.15 16.12
N PRO C 126 -65.60 -13.75 16.21
CA PRO C 126 -64.55 -14.75 16.19
C PRO C 126 -64.63 -15.66 17.37
N ALA C 127 -65.11 -15.18 18.49
CA ALA C 127 -65.18 -16.04 19.65
C ALA C 127 -66.09 -17.22 19.37
N LEU C 128 -67.27 -16.95 18.87
CA LEU C 128 -68.16 -18.03 18.53
C LEU C 128 -67.58 -18.87 17.41
N ASP C 129 -66.86 -18.24 16.50
CA ASP C 129 -66.31 -18.99 15.39
C ASP C 129 -65.36 -20.04 15.90
N LEU C 130 -64.57 -19.70 16.89
CA LEU C 130 -63.60 -20.66 17.38
C LEU C 130 -64.32 -21.82 18.03
N LEU C 131 -65.41 -21.57 18.75
CA LEU C 131 -66.15 -22.70 19.30
C LEU C 131 -66.69 -23.56 18.18
N ILE C 132 -67.15 -22.93 17.10
CA ILE C 132 -67.66 -23.70 15.98
C ILE C 132 -66.57 -24.60 15.44
N LYS C 133 -65.41 -24.05 15.18
CA LYS C 133 -64.32 -24.86 14.66
C LYS C 133 -63.94 -25.95 15.65
N LEU C 134 -63.82 -25.59 16.92
CA LEU C 134 -63.36 -26.54 17.90
C LEU C 134 -64.32 -27.69 18.03
N LEU C 135 -65.61 -27.40 18.03
CA LEU C 135 -66.56 -28.48 18.09
C LEU C 135 -66.48 -29.31 16.83
N GLN C 136 -66.42 -28.65 15.68
CA GLN C 136 -66.50 -29.38 14.44
C GLN C 136 -65.31 -30.27 14.21
N THR C 137 -64.19 -29.99 14.86
CA THR C 137 -63.02 -30.82 14.64
C THR C 137 -62.84 -31.88 15.69
N PHE C 138 -63.37 -31.69 16.88
CA PHE C 138 -63.20 -32.67 17.93
C PHE C 138 -64.45 -33.49 18.17
N ARG C 139 -65.14 -33.88 17.11
CA ARG C 139 -66.38 -34.64 17.27
C ARG C 139 -66.12 -35.98 17.92
N SER C 140 -65.32 -36.82 17.28
CA SER C 140 -65.30 -38.21 17.67
C SER C 140 -64.75 -38.40 19.07
N SER C 141 -63.62 -37.77 19.36
CA SER C 141 -62.85 -38.15 20.54
C SER C 141 -63.67 -37.99 21.80
N ARG C 142 -63.29 -38.75 22.82
CA ARG C 142 -63.98 -38.70 24.10
C ARG C 142 -63.91 -37.31 24.68
N LEU C 143 -62.96 -36.50 24.23
CA LEU C 143 -62.89 -35.10 24.65
C LEU C 143 -64.25 -34.46 24.64
N MET C 144 -65.15 -34.96 23.80
CA MET C 144 -66.45 -34.32 23.63
C MET C 144 -67.22 -34.30 24.93
N ASP C 145 -67.03 -35.31 25.77
CA ASP C 145 -67.84 -35.37 26.97
C ASP C 145 -67.42 -34.31 27.96
N GLU C 146 -66.20 -33.81 27.88
CA GLU C 146 -65.72 -32.93 28.92
C GLU C 146 -65.78 -31.48 28.52
N PHE C 147 -66.48 -31.16 27.45
CA PHE C 147 -66.82 -29.78 27.20
C PHE C 147 -68.05 -29.37 27.96
N LYS C 148 -68.67 -30.29 28.69
CA LYS C 148 -69.89 -30.03 29.42
C LYS C 148 -70.92 -29.40 28.49
N ILE C 149 -71.15 -30.07 27.36
CA ILE C 149 -71.91 -29.46 26.29
C ILE C 149 -73.30 -29.07 26.75
N GLY C 150 -73.83 -29.77 27.74
CA GLY C 150 -75.14 -29.40 28.23
C GLY C 150 -75.14 -28.02 28.82
N GLU C 151 -74.11 -27.70 29.59
CA GLU C 151 -74.04 -26.36 30.15
C GLU C 151 -73.92 -25.34 29.05
N LEU C 152 -73.22 -25.69 27.98
CA LEU C 152 -73.09 -24.75 26.87
C LEU C 152 -74.45 -24.48 26.25
N PHE C 153 -75.24 -25.53 26.08
CA PHE C 153 -76.57 -25.31 25.53
C PHE C 153 -77.39 -24.45 26.45
N SER C 154 -77.27 -24.68 27.76
CA SER C 154 -77.98 -23.82 28.69
C SER C 154 -77.60 -22.37 28.50
N LYS C 155 -76.30 -22.10 28.47
CA LYS C 155 -75.85 -20.73 28.45
C LYS C 155 -76.31 -20.03 27.19
N PHE C 156 -76.16 -20.68 26.07
CA PHE C 156 -76.51 -19.95 24.86
C PHE C 156 -78.00 -19.91 24.63
N TYR C 157 -78.72 -20.93 25.04
CA TYR C 157 -80.17 -20.82 24.95
C TYR C 157 -80.63 -19.63 25.75
N GLY C 158 -80.05 -19.44 26.92
CA GLY C 158 -80.35 -18.25 27.67
C GLY C 158 -80.00 -17.01 26.88
N GLU C 159 -78.86 -17.03 26.20
CA GLU C 159 -78.49 -15.87 25.42
C GLU C 159 -79.54 -15.56 24.38
N LEU C 160 -80.27 -16.55 23.94
CA LEU C 160 -81.24 -16.32 22.90
C LEU C 160 -82.42 -15.50 23.37
N ALA C 161 -82.54 -15.21 24.65
CA ALA C 161 -83.72 -14.54 25.16
C ALA C 161 -83.45 -13.21 25.84
N LEU C 162 -82.25 -12.65 25.71
CA LEU C 162 -81.92 -11.39 26.37
C LEU C 162 -82.45 -10.22 25.55
N LYS C 163 -83.78 -10.15 25.46
CA LYS C 163 -84.47 -9.05 24.80
C LYS C 163 -83.97 -8.79 23.38
N LYS C 164 -83.35 -9.79 22.75
CA LYS C 164 -82.93 -9.73 21.35
C LYS C 164 -82.05 -8.54 21.05
N LYS C 165 -81.43 -7.94 22.07
CA LYS C 165 -80.49 -6.88 21.80
C LYS C 165 -79.35 -7.37 20.94
N ILE C 166 -79.12 -8.69 20.92
CA ILE C 166 -77.89 -9.26 20.38
C ILE C 166 -77.74 -8.87 18.94
N PRO C 167 -76.61 -8.42 18.50
CA PRO C 167 -76.47 -7.92 17.14
C PRO C 167 -76.69 -8.99 16.09
N ASP C 168 -76.65 -8.60 14.82
CA ASP C 168 -77.14 -9.49 13.78
C ASP C 168 -76.17 -10.63 13.53
N THR C 169 -74.95 -10.32 13.15
CA THR C 169 -74.03 -11.39 12.83
C THR C 169 -73.72 -12.25 14.04
N VAL C 170 -73.64 -11.64 15.20
CA VAL C 170 -73.40 -12.49 16.35
C VAL C 170 -74.57 -13.41 16.55
N LEU C 171 -75.76 -12.96 16.20
CA LEU C 171 -76.90 -13.87 16.31
C LEU C 171 -76.80 -14.99 15.31
N GLU C 172 -76.31 -14.71 14.10
CA GLU C 172 -76.25 -15.80 13.14
C GLU C 172 -75.28 -16.85 13.62
N LYS C 173 -74.17 -16.42 14.21
CA LYS C 173 -73.28 -17.44 14.73
C LYS C 173 -73.86 -18.11 15.96
N VAL C 174 -74.67 -17.41 16.74
CA VAL C 174 -75.28 -18.08 17.87
C VAL C 174 -76.15 -19.21 17.38
N TYR C 175 -76.90 -18.96 16.33
CA TYR C 175 -77.72 -20.03 15.80
C TYR C 175 -76.86 -21.14 15.25
N GLU C 176 -75.79 -20.79 14.58
CA GLU C 176 -74.86 -21.82 14.12
C GLU C 176 -74.47 -22.75 15.24
N LEU C 177 -74.10 -22.19 16.38
CA LEU C 177 -73.58 -23.04 17.43
C LEU C 177 -74.70 -23.83 18.07
N LEU C 178 -75.84 -23.21 18.33
CA LEU C 178 -76.95 -24.00 18.84
C LEU C 178 -77.21 -25.17 17.92
N GLY C 179 -77.07 -24.96 16.63
CA GLY C 179 -77.23 -26.08 15.73
C GLY C 179 -76.15 -27.11 15.94
N LEU C 180 -74.95 -26.81 15.48
CA LEU C 180 -73.87 -27.78 15.47
C LEU C 180 -73.67 -28.41 16.83
N LEU C 181 -74.22 -27.82 17.88
CA LEU C 181 -74.14 -28.41 19.19
C LEU C 181 -74.89 -29.71 19.23
N GLY C 182 -76.06 -29.76 18.62
CA GLY C 182 -76.78 -31.01 18.56
C GLY C 182 -75.99 -32.06 17.81
N GLU C 183 -75.40 -31.67 16.68
CA GLU C 183 -74.72 -32.65 15.86
C GLU C 183 -73.55 -33.27 16.58
N VAL C 184 -72.75 -32.47 17.25
CA VAL C 184 -71.48 -33.01 17.76
C VAL C 184 -71.74 -34.06 18.80
N HIS C 185 -72.78 -33.91 19.60
CA HIS C 185 -73.00 -34.78 20.74
C HIS C 185 -74.49 -34.91 20.98
N PRO C 186 -75.16 -35.74 20.19
CA PRO C 186 -76.61 -35.80 20.30
C PRO C 186 -77.09 -36.25 21.65
N SER C 187 -76.29 -37.03 22.37
CA SER C 187 -76.82 -37.69 23.55
C SER C 187 -77.24 -36.68 24.61
N GLU C 188 -76.47 -35.64 24.79
CA GLU C 188 -76.83 -34.67 25.81
C GLU C 188 -78.02 -33.81 25.41
N MET C 189 -78.32 -33.71 24.13
CA MET C 189 -79.42 -32.89 23.66
C MET C 189 -80.76 -33.59 23.70
N ILE C 190 -80.81 -34.81 24.20
CA ILE C 190 -81.98 -35.65 23.99
C ILE C 190 -83.21 -34.99 24.59
N ASN C 191 -83.09 -34.38 25.73
CA ASN C 191 -84.25 -33.76 26.34
C ASN C 191 -84.40 -32.29 26.00
N ASN C 192 -83.48 -31.70 25.24
CA ASN C 192 -83.58 -30.30 24.89
C ASN C 192 -83.91 -30.04 23.45
N ALA C 193 -83.85 -31.04 22.58
CA ALA C 193 -83.95 -30.78 21.16
C ALA C 193 -85.26 -30.12 20.80
N GLU C 194 -86.37 -30.66 21.27
CA GLU C 194 -87.67 -30.18 20.81
C GLU C 194 -87.81 -28.70 21.09
N ASN C 195 -87.30 -28.25 22.23
CA ASN C 195 -87.31 -26.83 22.49
C ASN C 195 -86.56 -26.10 21.40
N LEU C 196 -85.41 -26.60 21.01
CA LEU C 196 -84.61 -25.84 20.07
C LEU C 196 -85.28 -25.83 18.72
N PHE C 197 -85.89 -26.93 18.33
CA PHE C 197 -86.63 -26.91 17.10
C PHE C 197 -87.70 -25.85 17.15
N ARG C 198 -88.43 -25.79 18.25
CA ARG C 198 -89.45 -24.76 18.36
C ARG C 198 -88.80 -23.40 18.20
N ALA C 199 -87.65 -23.21 18.81
CA ALA C 199 -86.99 -21.92 18.71
C ALA C 199 -86.67 -21.59 17.28
N PHE C 200 -86.00 -22.49 16.60
CA PHE C 200 -85.55 -22.18 15.25
C PHE C 200 -86.74 -21.97 14.34
N LEU C 201 -87.69 -22.90 14.37
CA LEU C 201 -88.87 -22.73 13.57
C LEU C 201 -89.50 -21.38 13.82
N GLY C 202 -89.73 -21.04 15.09
CA GLY C 202 -90.43 -19.81 15.36
C GLY C 202 -89.65 -18.60 14.91
N GLU C 203 -88.36 -18.57 15.22
CA GLU C 203 -87.64 -17.34 14.96
C GLU C 203 -87.42 -17.21 13.48
N LEU C 204 -87.27 -18.35 12.81
CA LEU C 204 -87.24 -18.31 11.37
C LEU C 204 -88.53 -17.74 10.84
N LYS C 205 -89.65 -18.20 11.37
CA LYS C 205 -90.94 -17.71 10.91
C LYS C 205 -90.98 -16.20 11.00
N THR C 206 -90.67 -15.68 12.18
CA THR C 206 -90.70 -14.25 12.34
C THR C 206 -89.75 -13.57 11.38
N GLN C 207 -88.57 -14.13 11.20
CA GLN C 207 -87.56 -13.40 10.49
C GLN C 207 -87.72 -13.51 8.99
N MET C 208 -88.54 -14.42 8.51
CA MET C 208 -88.71 -14.55 7.08
C MET C 208 -90.15 -14.48 6.64
N THR C 209 -91.11 -14.74 7.51
CA THR C 209 -92.50 -14.47 7.17
C THR C 209 -92.87 -13.07 7.61
N SER C 210 -92.00 -12.13 7.28
CA SER C 210 -92.08 -10.81 7.87
C SER C 210 -93.34 -10.11 7.43
N ALA C 211 -93.60 -8.97 8.04
CA ALA C 211 -94.67 -8.11 7.61
C ALA C 211 -94.18 -6.69 7.37
N VAL C 212 -93.30 -6.20 8.23
CA VAL C 212 -92.85 -4.83 8.05
C VAL C 212 -91.33 -4.74 8.02
N ARG C 213 -90.64 -5.64 8.69
CA ARG C 213 -89.22 -5.43 8.85
C ARG C 213 -88.44 -6.05 7.71
N GLU C 214 -87.43 -5.34 7.27
CA GLU C 214 -86.58 -5.86 6.21
C GLU C 214 -85.96 -7.16 6.69
N PRO C 215 -85.83 -8.16 5.83
CA PRO C 215 -85.36 -9.46 6.30
C PRO C 215 -83.92 -9.35 6.74
N LYS C 216 -83.67 -9.64 8.00
CA LYS C 216 -82.28 -9.63 8.45
C LYS C 216 -81.60 -10.81 7.77
N LEU C 217 -81.25 -10.61 6.50
CA LEU C 217 -80.69 -11.70 5.70
C LEU C 217 -79.67 -12.55 6.43
N PRO C 218 -78.57 -12.01 6.95
CA PRO C 218 -77.59 -12.89 7.55
C PRO C 218 -78.14 -13.65 8.71
N VAL C 219 -79.06 -13.04 9.45
CA VAL C 219 -79.70 -13.79 10.51
C VAL C 219 -80.37 -15.02 9.94
N LEU C 220 -81.09 -14.84 8.85
CA LEU C 220 -81.81 -15.96 8.25
C LEU C 220 -80.85 -17.04 7.81
N ALA C 221 -79.75 -16.64 7.19
CA ALA C 221 -78.79 -17.64 6.73
C ALA C 221 -78.30 -18.46 7.89
N GLY C 222 -77.92 -17.79 8.96
CA GLY C 222 -77.50 -18.53 10.14
C GLY C 222 -78.60 -19.47 10.61
N CYS C 223 -79.83 -18.99 10.63
CA CYS C 223 -80.91 -19.80 11.17
C CYS C 223 -81.02 -21.09 10.41
N LEU C 224 -81.12 -20.99 9.11
CA LEU C 224 -81.45 -22.23 8.42
C LEU C 224 -80.23 -23.12 8.35
N LYS C 225 -79.03 -22.57 8.40
CA LYS C 225 -77.89 -23.48 8.44
C LYS C 225 -77.83 -24.20 9.76
N GLY C 226 -78.16 -23.53 10.84
CA GLY C 226 -78.24 -24.21 12.09
C GLY C 226 -79.26 -25.33 12.01
N LEU C 227 -80.37 -25.06 11.34
CA LEU C 227 -81.37 -26.09 11.15
C LEU C 227 -80.78 -27.27 10.42
N SER C 228 -79.99 -27.01 9.40
CA SER C 228 -79.36 -28.09 8.66
C SER C 228 -78.54 -28.93 9.58
N SER C 229 -77.70 -28.29 10.37
CA SER C 229 -76.86 -29.06 11.28
C SER C 229 -77.72 -29.83 12.25
N LEU C 230 -78.88 -29.30 12.58
CA LEU C 230 -79.68 -29.91 13.61
C LEU C 230 -80.37 -31.16 13.11
N LEU C 231 -80.76 -31.16 11.85
CA LEU C 231 -81.46 -32.32 11.34
C LEU C 231 -80.58 -33.53 11.19
N CYS C 232 -79.26 -33.39 11.35
CA CYS C 232 -78.39 -34.54 11.13
C CYS C 232 -78.77 -35.68 12.05
N ASN C 233 -79.07 -35.37 13.29
CA ASN C 233 -79.81 -36.25 14.16
C ASN C 233 -81.14 -35.60 14.42
N PHE C 234 -81.97 -36.27 15.22
CA PHE C 234 -83.28 -35.73 15.56
C PHE C 234 -84.06 -35.39 14.30
N THR C 235 -84.37 -36.45 13.57
CA THR C 235 -85.08 -36.32 12.31
C THR C 235 -86.48 -35.80 12.55
N LYS C 236 -87.14 -35.39 11.47
CA LYS C 236 -88.46 -34.81 11.63
C LYS C 236 -89.36 -35.16 10.46
N SER C 237 -89.23 -36.35 9.90
CA SER C 237 -90.13 -36.81 8.84
C SER C 237 -91.05 -37.88 9.37
N MET C 238 -92.19 -38.04 8.70
CA MET C 238 -93.19 -39.06 9.01
C MET C 238 -93.54 -39.13 10.49
N GLU C 239 -93.23 -38.07 11.24
CA GLU C 239 -93.70 -37.90 12.60
C GLU C 239 -94.04 -36.43 12.78
N GLU C 240 -95.32 -36.16 13.05
CA GLU C 240 -95.83 -34.80 13.13
C GLU C 240 -95.50 -34.04 11.86
N ASP C 241 -95.50 -34.75 10.74
CA ASP C 241 -95.12 -34.12 9.49
C ASP C 241 -95.98 -32.92 9.17
N PRO C 242 -97.32 -33.02 9.14
CA PRO C 242 -98.12 -31.89 8.65
C PRO C 242 -97.89 -30.61 9.42
N GLN C 243 -97.38 -30.69 10.64
CA GLN C 243 -96.94 -29.48 11.29
C GLN C 243 -95.44 -29.27 11.08
N THR C 244 -94.62 -30.14 11.66
CA THR C 244 -93.21 -29.84 11.76
C THR C 244 -92.55 -29.84 10.40
N SER C 245 -92.68 -30.94 9.69
CA SER C 245 -91.99 -31.04 8.42
C SER C 245 -92.53 -30.03 7.45
N ARG C 246 -93.84 -29.78 7.51
CA ARG C 246 -94.41 -28.82 6.59
C ARG C 246 -93.82 -27.45 6.81
N GLU C 247 -93.69 -27.01 8.06
CA GLU C 247 -93.07 -25.71 8.27
C GLU C 247 -91.66 -25.71 7.77
N ILE C 248 -90.87 -26.71 8.15
CA ILE C 248 -89.48 -26.69 7.68
C ILE C 248 -89.46 -26.60 6.18
N PHE C 249 -90.30 -27.37 5.53
CA PHE C 249 -90.20 -27.52 4.10
C PHE C 249 -90.62 -26.27 3.40
N ASN C 250 -91.75 -25.69 3.79
CA ASN C 250 -92.19 -24.52 3.08
C ASN C 250 -91.25 -23.38 3.34
N PHE C 251 -90.62 -23.34 4.51
CA PHE C 251 -89.54 -22.38 4.68
C PHE C 251 -88.41 -22.66 3.71
N VAL C 252 -88.08 -23.91 3.50
CA VAL C 252 -86.98 -24.18 2.60
C VAL C 252 -87.32 -23.65 1.23
N LEU C 253 -88.51 -23.97 0.76
CA LEU C 253 -88.98 -23.44 -0.52
C LEU C 253 -88.84 -21.94 -0.54
N LYS C 254 -89.27 -21.30 0.54
CA LYS C 254 -89.24 -19.86 0.56
C LYS C 254 -87.82 -19.38 0.42
N ALA C 255 -86.90 -20.05 1.08
CA ALA C 255 -85.50 -19.66 0.99
C ALA C 255 -85.01 -19.82 -0.43
N ILE C 256 -85.35 -20.92 -1.05
CA ILE C 256 -84.80 -21.21 -2.36
C ILE C 256 -85.26 -20.15 -3.33
N ARG C 257 -86.51 -19.75 -3.24
CA ARG C 257 -87.07 -18.89 -4.27
C ARG C 257 -86.49 -17.51 -4.15
N PRO C 258 -85.87 -17.00 -5.15
CA PRO C 258 -85.30 -15.66 -5.11
C PRO C 258 -86.31 -14.64 -5.61
N GLN C 259 -87.40 -14.47 -4.86
CA GLN C 259 -88.53 -13.68 -5.34
C GLN C 259 -88.08 -12.32 -5.84
N ILE C 260 -86.88 -11.89 -5.47
CA ILE C 260 -86.21 -10.81 -6.16
C ILE C 260 -84.76 -11.20 -6.32
N ASP C 261 -84.09 -10.55 -7.26
CA ASP C 261 -82.67 -10.80 -7.47
C ASP C 261 -81.84 -10.42 -6.26
N LEU C 262 -81.44 -11.43 -5.50
CA LEU C 262 -80.70 -11.22 -4.26
C LEU C 262 -79.24 -11.00 -4.62
N LYS C 263 -78.76 -9.79 -4.42
CA LYS C 263 -77.37 -9.52 -4.73
C LYS C 263 -76.42 -10.28 -3.82
N ARG C 264 -76.87 -10.71 -2.66
CA ARG C 264 -76.03 -11.46 -1.75
C ARG C 264 -76.53 -12.89 -1.72
N TYR C 265 -75.66 -13.81 -1.34
CA TYR C 265 -75.85 -15.20 -1.68
C TYR C 265 -75.86 -16.13 -0.50
N ALA C 266 -75.66 -15.63 0.71
CA ALA C 266 -75.63 -16.54 1.84
C ALA C 266 -76.96 -17.24 2.01
N VAL C 267 -78.05 -16.51 1.90
CA VAL C 267 -79.36 -17.10 2.14
C VAL C 267 -79.67 -18.21 1.17
N PRO C 268 -79.62 -18.00 -0.13
CA PRO C 268 -79.89 -19.13 -1.02
C PRO C 268 -78.88 -20.22 -0.84
N SER C 269 -77.61 -19.88 -0.66
CA SER C 269 -76.62 -20.95 -0.58
C SER C 269 -76.93 -21.86 0.60
N ALA C 270 -77.15 -21.28 1.74
CA ALA C 270 -77.40 -22.09 2.91
C ALA C 270 -78.67 -22.88 2.73
N GLY C 271 -79.68 -22.28 2.11
CA GLY C 271 -80.91 -23.02 1.90
C GLY C 271 -80.71 -24.24 1.03
N LEU C 272 -80.00 -24.06 -0.07
CA LEU C 272 -79.74 -25.20 -0.92
C LEU C 272 -79.06 -26.28 -0.13
N ARG C 273 -78.10 -25.93 0.70
CA ARG C 273 -77.41 -26.95 1.46
C ARG C 273 -78.37 -27.68 2.38
N LEU C 274 -79.28 -26.94 3.00
CA LEU C 274 -80.29 -27.57 3.83
C LEU C 274 -81.03 -28.64 3.07
N PHE C 275 -81.56 -28.25 1.93
CA PHE C 275 -82.34 -29.18 1.15
C PHE C 275 -81.49 -30.37 0.78
N ALA C 276 -80.25 -30.11 0.39
CA ALA C 276 -79.41 -31.17 -0.11
C ALA C 276 -79.20 -32.22 0.94
N LEU C 277 -78.80 -31.82 2.11
CA LEU C 277 -78.45 -32.85 3.05
C LEU C 277 -79.65 -33.42 3.76
N HIS C 278 -80.83 -32.86 3.60
CA HIS C 278 -81.89 -33.55 4.32
C HIS C 278 -83.18 -33.61 3.56
N ALA C 279 -83.12 -33.82 2.25
CA ALA C 279 -84.35 -34.10 1.53
C ALA C 279 -85.00 -35.39 2.01
N SER C 280 -84.26 -36.23 2.70
CA SER C 280 -84.83 -37.49 3.15
C SER C 280 -86.01 -37.23 4.06
N GLN C 281 -85.93 -36.19 4.87
CA GLN C 281 -87.09 -35.81 5.65
C GLN C 281 -88.26 -35.40 4.79
N PHE C 282 -88.02 -34.60 3.77
CA PHE C 282 -89.11 -33.91 3.09
C PHE C 282 -89.68 -34.73 1.94
N SER C 283 -89.12 -35.92 1.71
CA SER C 283 -89.53 -36.78 0.60
C SER C 283 -91.04 -36.79 0.40
N THR C 284 -91.82 -36.75 1.48
CA THR C 284 -93.26 -36.77 1.34
C THR C 284 -93.75 -35.55 0.55
N CYS C 285 -93.36 -34.37 0.99
CA CYS C 285 -93.92 -33.18 0.36
C CYS C 285 -93.22 -32.81 -0.92
N LEU C 286 -92.08 -33.42 -1.22
CA LEU C 286 -91.40 -33.07 -2.46
C LEU C 286 -92.36 -33.12 -3.64
N LEU C 287 -93.08 -34.21 -3.77
CA LEU C 287 -93.95 -34.38 -4.92
C LEU C 287 -95.02 -33.33 -4.97
N ASP C 288 -95.34 -32.71 -3.84
CA ASP C 288 -96.37 -31.68 -3.89
C ASP C 288 -95.95 -30.55 -4.81
N ASN C 289 -94.70 -30.14 -4.73
CA ASN C 289 -94.25 -28.96 -5.45
C ASN C 289 -93.22 -29.31 -6.51
N TYR C 290 -93.15 -30.57 -6.89
CA TYR C 290 -92.16 -31.03 -7.84
C TYR C 290 -91.90 -30.05 -8.98
N VAL C 291 -92.95 -29.58 -9.67
CA VAL C 291 -92.71 -28.69 -10.80
C VAL C 291 -91.90 -27.49 -10.37
N SER C 292 -92.34 -26.82 -9.30
CA SER C 292 -91.68 -25.59 -8.91
C SER C 292 -90.26 -25.88 -8.48
N LEU C 293 -90.10 -26.86 -7.61
CA LEU C 293 -88.77 -27.17 -7.11
C LEU C 293 -87.83 -27.43 -8.24
N PHE C 294 -88.21 -28.32 -9.14
CA PHE C 294 -87.27 -28.73 -10.17
C PHE C 294 -86.95 -27.54 -11.06
N GLU C 295 -87.96 -26.75 -11.41
CA GLU C 295 -87.68 -25.58 -12.23
C GLU C 295 -86.69 -24.70 -11.55
N VAL C 296 -86.97 -24.33 -10.31
CA VAL C 296 -86.15 -23.35 -9.64
C VAL C 296 -84.74 -23.88 -9.56
N LEU C 297 -84.61 -25.15 -9.29
CA LEU C 297 -83.27 -25.70 -9.10
C LEU C 297 -82.47 -25.62 -10.38
N LEU C 298 -83.03 -26.08 -11.49
CA LEU C 298 -82.24 -25.96 -12.72
C LEU C 298 -81.91 -24.52 -13.00
N LYS C 299 -82.90 -23.63 -12.90
CA LYS C 299 -82.61 -22.23 -13.19
C LYS C 299 -81.53 -21.73 -12.27
N TRP C 300 -81.44 -22.31 -11.09
CA TRP C 300 -80.47 -21.92 -10.09
C TRP C 300 -79.14 -22.58 -10.32
N CYS C 301 -79.08 -23.52 -11.23
CA CYS C 301 -77.91 -24.36 -11.36
C CYS C 301 -76.79 -23.67 -12.11
N ALA C 302 -77.00 -22.45 -12.57
CA ALA C 302 -76.02 -21.87 -13.46
C ALA C 302 -75.55 -20.47 -13.10
N HIS C 303 -75.92 -19.92 -11.95
CA HIS C 303 -75.36 -18.62 -11.62
C HIS C 303 -73.87 -18.71 -11.42
N THR C 304 -73.23 -17.55 -11.42
CA THR C 304 -71.80 -17.54 -11.54
C THR C 304 -71.10 -17.98 -10.28
N ASN C 305 -71.73 -17.82 -9.11
CA ASN C 305 -71.01 -18.05 -7.87
C ASN C 305 -70.61 -19.51 -7.77
N VAL C 306 -69.32 -19.76 -7.75
CA VAL C 306 -68.84 -21.12 -7.81
C VAL C 306 -69.35 -21.92 -6.64
N GLU C 307 -69.33 -21.35 -5.45
CA GLU C 307 -69.86 -22.07 -4.31
C GLU C 307 -71.33 -22.32 -4.52
N LEU C 308 -72.04 -21.37 -5.10
CA LEU C 308 -73.45 -21.57 -5.31
C LEU C 308 -73.69 -22.70 -6.28
N LYS C 309 -72.90 -22.77 -7.34
CA LYS C 309 -73.06 -23.86 -8.28
C LYS C 309 -72.80 -25.18 -7.59
N LYS C 310 -71.79 -25.21 -6.74
CA LYS C 310 -71.50 -26.43 -6.00
C LYS C 310 -72.66 -26.78 -5.12
N ALA C 311 -73.37 -25.80 -4.62
CA ALA C 311 -74.54 -26.12 -3.84
C ALA C 311 -75.64 -26.65 -4.73
N ALA C 312 -75.79 -26.04 -5.89
CA ALA C 312 -76.92 -26.36 -6.72
C ALA C 312 -76.84 -27.79 -7.22
N LEU C 313 -75.67 -28.21 -7.66
CA LEU C 313 -75.58 -29.56 -8.20
C LEU C 313 -75.94 -30.57 -7.14
N SER C 314 -75.43 -30.38 -5.93
CA SER C 314 -75.78 -31.32 -4.88
C SER C 314 -77.26 -31.29 -4.63
N ALA C 315 -77.85 -30.11 -4.71
CA ALA C 315 -79.28 -30.02 -4.45
C ALA C 315 -80.07 -30.82 -5.48
N LEU C 316 -79.77 -30.61 -6.75
CA LEU C 316 -80.49 -31.35 -7.79
C LEU C 316 -80.28 -32.82 -7.61
N GLU C 317 -79.06 -33.21 -7.29
CA GLU C 317 -78.78 -34.62 -7.14
C GLU C 317 -79.69 -35.20 -6.09
N SER C 318 -79.78 -34.53 -4.96
CA SER C 318 -80.61 -35.04 -3.90
C SER C 318 -82.07 -35.04 -4.31
N PHE C 319 -82.52 -33.99 -4.99
CA PHE C 319 -83.91 -33.93 -5.41
C PHE C 319 -84.26 -35.11 -6.27
N LEU C 320 -83.49 -35.32 -7.32
CA LEU C 320 -83.78 -36.41 -8.21
C LEU C 320 -83.73 -37.71 -7.44
N LYS C 321 -82.75 -37.86 -6.57
CA LYS C 321 -82.61 -39.13 -5.88
C LYS C 321 -83.81 -39.39 -5.00
N GLN C 322 -84.27 -38.37 -4.29
CA GLN C 322 -85.38 -38.58 -3.40
C GLN C 322 -86.65 -38.84 -4.19
N VAL C 323 -86.83 -38.14 -5.31
CA VAL C 323 -88.00 -38.40 -6.12
C VAL C 323 -87.98 -39.82 -6.62
N SER C 324 -86.81 -40.28 -7.06
CA SER C 324 -86.71 -41.60 -7.62
C SER C 324 -87.02 -42.64 -6.57
N ASN C 325 -86.49 -42.46 -5.37
CA ASN C 325 -86.84 -43.37 -4.31
C ASN C 325 -88.34 -43.31 -4.08
N MET C 326 -88.91 -42.12 -4.20
CA MET C 326 -90.29 -41.95 -3.80
C MET C 326 -91.22 -42.70 -4.72
N VAL C 327 -91.05 -42.52 -6.02
CA VAL C 327 -91.91 -43.23 -6.96
C VAL C 327 -91.81 -44.74 -6.81
N ALA C 328 -90.71 -45.24 -6.35
CA ALA C 328 -90.56 -46.68 -6.36
C ALA C 328 -91.51 -47.36 -5.46
N LYS C 329 -92.47 -46.67 -4.86
CA LYS C 329 -93.39 -47.31 -3.94
C LYS C 329 -94.84 -47.32 -4.41
N ASN C 330 -95.23 -46.46 -5.34
CA ASN C 330 -96.64 -46.27 -5.61
C ASN C 330 -96.87 -45.93 -7.07
N ALA C 331 -98.12 -46.05 -7.49
CA ALA C 331 -98.49 -45.98 -8.90
C ALA C 331 -99.42 -44.82 -9.27
N GLU C 332 -99.44 -43.72 -8.53
CA GLU C 332 -100.22 -42.58 -9.02
C GLU C 332 -99.34 -41.51 -9.65
N MET C 333 -98.04 -41.53 -9.40
CA MET C 333 -97.20 -40.44 -9.86
C MET C 333 -96.76 -40.62 -11.31
N HIS C 334 -97.52 -41.42 -12.05
CA HIS C 334 -97.31 -41.54 -13.48
C HIS C 334 -97.54 -40.20 -14.15
N LYS C 335 -98.67 -39.58 -13.86
CA LYS C 335 -98.97 -38.27 -14.39
C LYS C 335 -97.93 -37.28 -13.91
N ASN C 336 -96.92 -37.76 -13.20
CA ASN C 336 -95.79 -36.95 -12.83
C ASN C 336 -94.58 -37.22 -13.70
N LYS C 337 -94.09 -38.45 -13.75
CA LYS C 337 -92.93 -38.71 -14.62
C LYS C 337 -93.31 -38.59 -16.07
N LEU C 338 -94.33 -39.32 -16.49
CA LEU C 338 -94.77 -39.27 -17.88
C LEU C 338 -95.45 -37.96 -18.21
N GLN C 339 -95.29 -36.95 -17.37
CA GLN C 339 -95.77 -35.62 -17.70
C GLN C 339 -94.70 -34.54 -17.55
N TYR C 340 -93.76 -34.70 -16.60
CA TYR C 340 -92.78 -33.66 -16.35
C TYR C 340 -91.33 -34.12 -16.47
N PHE C 341 -90.89 -35.09 -15.70
CA PHE C 341 -89.45 -35.29 -15.60
C PHE C 341 -88.87 -35.90 -16.86
N MET C 342 -89.29 -37.09 -17.16
CA MET C 342 -88.68 -37.86 -18.20
C MET C 342 -88.76 -37.23 -19.45
N GLU C 343 -89.53 -36.15 -19.52
CA GLU C 343 -89.51 -35.31 -20.69
C GLU C 343 -88.66 -34.07 -20.53
N GLN C 344 -88.63 -33.44 -19.38
CA GLN C 344 -87.87 -32.21 -19.34
C GLN C 344 -86.38 -32.50 -19.39
N PHE C 345 -85.90 -33.43 -18.59
CA PHE C 345 -84.47 -33.67 -18.72
C PHE C 345 -84.14 -34.38 -20.00
N TYR C 346 -85.05 -35.18 -20.51
CA TYR C 346 -84.82 -35.75 -21.83
C TYR C 346 -84.67 -34.66 -22.86
N GLY C 347 -85.50 -33.62 -22.79
CA GLY C 347 -85.42 -32.54 -23.73
C GLY C 347 -84.14 -31.75 -23.55
N ILE C 348 -83.70 -31.60 -22.32
CA ILE C 348 -82.37 -31.08 -22.08
C ILE C 348 -81.37 -31.82 -22.93
N ILE C 349 -81.19 -33.11 -22.65
CA ILE C 349 -80.17 -33.88 -23.33
C ILE C 349 -80.35 -33.78 -24.83
N ARG C 350 -81.57 -33.98 -25.30
CA ARG C 350 -81.81 -34.19 -26.71
C ARG C 350 -81.80 -32.89 -27.51
N ASN C 351 -81.84 -31.74 -26.87
CA ASN C 351 -81.83 -30.55 -27.72
C ASN C 351 -80.75 -29.54 -27.36
N VAL C 352 -80.49 -29.36 -26.08
CA VAL C 352 -79.93 -28.10 -25.66
C VAL C 352 -78.46 -28.03 -26.10
N ASP C 353 -77.88 -26.86 -25.97
CA ASP C 353 -76.46 -26.69 -26.01
C ASP C 353 -76.01 -26.19 -24.64
N SER C 354 -76.53 -26.81 -23.59
CA SER C 354 -76.34 -26.29 -22.26
C SER C 354 -74.92 -26.58 -21.76
N ASN C 355 -74.71 -26.33 -20.48
CA ASN C 355 -73.40 -26.47 -19.89
C ASN C 355 -73.00 -27.93 -19.87
N ASN C 356 -71.70 -28.16 -19.74
CA ASN C 356 -71.24 -29.51 -19.50
C ASN C 356 -71.81 -30.03 -18.20
N LYS C 357 -71.76 -29.22 -17.15
CA LYS C 357 -72.28 -29.66 -15.88
C LYS C 357 -73.77 -29.90 -15.97
N GLU C 358 -74.46 -29.03 -16.68
CA GLU C 358 -75.89 -29.23 -16.74
C GLU C 358 -76.19 -30.48 -17.53
N LEU C 359 -75.40 -30.77 -18.56
CA LEU C 359 -75.59 -32.02 -19.28
C LEU C 359 -75.34 -33.20 -18.37
N SER C 360 -74.34 -33.11 -17.52
CA SER C 360 -74.05 -34.22 -16.63
C SER C 360 -75.21 -34.47 -15.71
N ILE C 361 -75.77 -33.41 -15.13
CA ILE C 361 -76.88 -33.64 -14.24
C ILE C 361 -78.05 -34.17 -15.02
N ALA C 362 -78.17 -33.78 -16.28
CA ALA C 362 -79.27 -34.30 -17.08
C ALA C 362 -79.15 -35.79 -17.28
N ILE C 363 -77.97 -36.27 -17.64
CA ILE C 363 -77.81 -37.70 -17.84
C ILE C 363 -78.08 -38.43 -16.53
N ARG C 364 -77.56 -37.89 -15.44
CA ARG C 364 -77.87 -38.46 -14.15
C ARG C 364 -79.36 -38.66 -14.04
N GLY C 365 -80.12 -37.63 -14.38
CA GLY C 365 -81.56 -37.69 -14.24
C GLY C 365 -82.17 -38.77 -15.11
N TYR C 366 -81.65 -38.93 -16.32
CA TYR C 366 -82.12 -40.04 -17.15
C TYR C 366 -81.95 -41.34 -16.39
N GLY C 367 -80.85 -41.44 -15.67
CA GLY C 367 -80.63 -42.66 -14.92
C GLY C 367 -81.60 -42.78 -13.77
N LEU C 368 -81.45 -41.92 -12.79
CA LEU C 368 -81.95 -42.20 -11.45
C LEU C 368 -83.38 -42.69 -11.47
N PHE C 369 -84.10 -42.40 -12.55
CA PHE C 369 -85.48 -42.83 -12.71
C PHE C 369 -85.56 -44.18 -13.41
N ALA C 370 -84.50 -44.97 -13.31
CA ALA C 370 -84.59 -46.32 -13.85
C ALA C 370 -85.64 -47.12 -13.09
N GLY C 371 -85.78 -46.86 -11.80
CA GLY C 371 -86.74 -47.56 -10.99
C GLY C 371 -88.14 -47.44 -11.53
N PRO C 372 -88.67 -46.23 -11.57
CA PRO C 372 -90.03 -46.05 -12.08
C PRO C 372 -90.19 -46.62 -13.45
N CYS C 373 -89.15 -46.55 -14.27
CA CYS C 373 -89.25 -47.13 -15.59
C CYS C 373 -89.53 -48.61 -15.50
N LYS C 374 -88.86 -49.29 -14.58
CA LYS C 374 -89.10 -50.73 -14.46
C LYS C 374 -90.44 -51.01 -13.79
N VAL C 375 -90.92 -50.10 -12.95
CA VAL C 375 -92.21 -50.32 -12.32
C VAL C 375 -93.32 -50.19 -13.34
N ILE C 376 -93.23 -49.22 -14.23
CA ILE C 376 -94.34 -48.91 -15.11
C ILE C 376 -94.34 -49.80 -16.34
N ASN C 377 -93.20 -50.03 -16.95
CA ASN C 377 -93.14 -50.78 -18.21
C ASN C 377 -91.76 -51.40 -18.32
N ALA C 378 -91.70 -52.72 -18.19
CA ALA C 378 -90.41 -53.38 -18.33
C ALA C 378 -89.83 -53.16 -19.71
N LYS C 379 -90.67 -53.16 -20.75
CA LYS C 379 -90.18 -53.16 -22.12
C LYS C 379 -89.43 -51.88 -22.47
N ASP C 380 -89.54 -50.84 -21.64
CA ASP C 380 -88.77 -49.63 -21.88
C ASP C 380 -87.41 -49.67 -21.21
N VAL C 381 -87.22 -50.57 -20.24
CA VAL C 381 -85.97 -50.58 -19.51
C VAL C 381 -84.82 -50.92 -20.44
N ASP C 382 -84.96 -52.01 -21.16
CA ASP C 382 -83.90 -52.36 -22.09
C ASP C 382 -83.73 -51.31 -23.15
N PHE C 383 -84.82 -50.68 -23.58
CA PHE C 383 -84.72 -49.66 -24.62
C PHE C 383 -83.86 -48.51 -24.14
N MET C 384 -84.06 -48.08 -22.90
CA MET C 384 -83.23 -47.00 -22.39
C MET C 384 -81.81 -47.48 -22.16
N TYR C 385 -81.64 -48.75 -21.79
CA TYR C 385 -80.29 -49.28 -21.70
C TYR C 385 -79.57 -49.14 -23.02
N VAL C 386 -80.22 -49.61 -24.08
CA VAL C 386 -79.69 -49.42 -25.42
C VAL C 386 -79.33 -47.96 -25.62
N GLU C 387 -80.32 -47.09 -25.54
CA GLU C 387 -80.11 -45.69 -25.90
C GLU C 387 -78.90 -45.15 -25.17
N LEU C 388 -78.77 -45.49 -23.90
CA LEU C 388 -77.61 -45.01 -23.14
C LEU C 388 -76.32 -45.59 -23.69
N ILE C 389 -76.32 -46.87 -24.02
CA ILE C 389 -75.03 -47.41 -24.41
C ILE C 389 -74.62 -46.92 -25.76
N GLN C 390 -75.56 -46.67 -26.67
CA GLN C 390 -75.13 -46.01 -27.91
C GLN C 390 -74.74 -44.56 -27.66
N ARG C 391 -75.36 -43.89 -26.70
CA ARG C 391 -74.80 -42.61 -26.30
C ARG C 391 -73.34 -42.79 -25.94
N CYS C 392 -73.04 -43.83 -25.18
CA CYS C 392 -71.66 -44.10 -24.83
C CYS C 392 -70.85 -44.36 -26.09
N LYS C 393 -71.40 -45.14 -27.00
CA LYS C 393 -70.61 -45.56 -28.13
C LYS C 393 -70.25 -44.39 -29.02
N GLN C 394 -71.10 -43.36 -29.04
CA GLN C 394 -70.77 -42.16 -29.77
C GLN C 394 -70.01 -41.16 -28.94
N MET C 395 -69.90 -41.36 -27.63
CA MET C 395 -69.13 -40.44 -26.83
C MET C 395 -67.72 -40.93 -26.51
N PHE C 396 -67.43 -42.20 -26.75
CA PHE C 396 -66.06 -42.68 -26.58
C PHE C 396 -65.33 -42.81 -27.90
N LEU C 397 -66.03 -43.21 -28.97
CA LEU C 397 -65.43 -43.46 -30.27
C LEU C 397 -65.34 -42.19 -31.12
N THR C 398 -65.27 -41.02 -30.48
CA THR C 398 -65.18 -39.75 -31.19
C THR C 398 -63.87 -39.58 -31.95
N GLN C 399 -63.00 -40.58 -31.98
CA GLN C 399 -61.73 -40.53 -32.71
C GLN C 399 -60.83 -39.40 -32.19
N THR C 400 -60.51 -39.48 -30.90
CA THR C 400 -59.52 -38.62 -30.25
C THR C 400 -59.91 -37.14 -30.38
N ASP C 401 -61.00 -36.78 -29.71
CA ASP C 401 -61.41 -35.38 -29.58
C ASP C 401 -60.90 -34.87 -28.25
N THR C 402 -59.70 -34.30 -28.27
CA THR C 402 -58.99 -33.98 -27.03
C THR C 402 -59.51 -32.71 -26.38
N GLY C 403 -59.63 -32.75 -25.06
CA GLY C 403 -59.87 -31.55 -24.26
C GLY C 403 -61.30 -31.11 -24.13
N ASP C 404 -62.25 -31.82 -24.74
CA ASP C 404 -63.64 -31.37 -24.72
C ASP C 404 -64.62 -32.45 -24.30
N ASP C 405 -64.42 -33.69 -24.72
CA ASP C 405 -65.51 -34.66 -24.69
C ASP C 405 -65.52 -35.50 -23.42
N ARG C 406 -64.37 -36.01 -23.02
CA ARG C 406 -64.35 -36.79 -21.81
C ARG C 406 -64.57 -35.95 -20.57
N VAL C 407 -64.44 -34.63 -20.72
CA VAL C 407 -64.10 -33.77 -19.59
C VAL C 407 -64.99 -34.07 -18.40
N TYR C 408 -66.28 -34.14 -18.62
CA TYR C 408 -67.23 -34.34 -17.53
C TYR C 408 -68.23 -35.44 -17.86
N GLN C 409 -68.10 -36.08 -18.99
CA GLN C 409 -69.17 -36.94 -19.43
C GLN C 409 -69.04 -38.37 -18.96
N MET C 410 -68.09 -39.16 -19.48
CA MET C 410 -68.20 -40.59 -19.21
C MET C 410 -68.25 -40.92 -17.74
N PRO C 411 -67.75 -40.11 -16.82
CA PRO C 411 -68.14 -40.33 -15.44
C PRO C 411 -69.63 -40.41 -15.30
N SER C 412 -70.34 -39.48 -15.93
CA SER C 412 -71.77 -39.49 -15.82
C SER C 412 -72.36 -40.72 -16.46
N PHE C 413 -71.95 -41.02 -17.68
CA PHE C 413 -72.58 -42.13 -18.37
C PHE C 413 -72.34 -43.41 -17.62
N LEU C 414 -71.14 -43.61 -17.09
CA LEU C 414 -70.91 -44.82 -16.32
C LEU C 414 -71.80 -44.83 -15.10
N GLN C 415 -71.96 -43.69 -14.45
CA GLN C 415 -72.92 -43.61 -13.36
C GLN C 415 -74.27 -44.09 -13.82
N SER C 416 -74.65 -43.67 -15.02
CA SER C 416 -75.97 -43.96 -15.51
C SER C 416 -76.12 -45.43 -15.82
N VAL C 417 -75.14 -45.98 -16.53
CA VAL C 417 -75.28 -47.36 -16.95
C VAL C 417 -75.29 -48.22 -15.72
N ALA C 418 -74.56 -47.82 -14.69
CA ALA C 418 -74.67 -48.52 -13.43
C ALA C 418 -76.08 -48.46 -12.94
N SER C 419 -76.68 -47.28 -12.99
CA SER C 419 -78.02 -47.15 -12.47
C SER C 419 -78.95 -48.08 -13.21
N VAL C 420 -78.85 -48.11 -14.53
CA VAL C 420 -79.84 -48.86 -15.28
C VAL C 420 -79.64 -50.33 -15.09
N LEU C 421 -78.40 -50.80 -15.18
CA LEU C 421 -78.18 -52.22 -14.97
C LEU C 421 -78.60 -52.60 -13.58
N LEU C 422 -78.65 -51.65 -12.65
CA LEU C 422 -78.98 -52.00 -11.29
C LEU C 422 -80.38 -52.57 -11.20
N TYR C 423 -81.20 -52.38 -12.22
CA TYR C 423 -82.55 -52.92 -12.24
C TYR C 423 -82.87 -53.75 -13.48
N LEU C 424 -81.93 -53.92 -14.40
CA LEU C 424 -82.20 -54.80 -15.52
C LEU C 424 -82.52 -56.19 -15.01
N ASP C 425 -83.56 -56.81 -15.56
CA ASP C 425 -83.86 -58.18 -15.17
C ASP C 425 -82.97 -59.17 -15.90
N THR C 426 -83.07 -59.21 -17.22
CA THR C 426 -82.20 -60.08 -17.98
C THR C 426 -80.84 -59.42 -18.09
N VAL C 427 -80.02 -59.91 -19.00
CA VAL C 427 -78.76 -59.27 -19.34
C VAL C 427 -78.66 -59.22 -20.85
N PRO C 428 -78.57 -58.08 -21.44
CA PRO C 428 -78.36 -58.01 -22.89
C PRO C 428 -76.92 -58.38 -23.18
N GLU C 429 -76.63 -59.67 -23.05
CA GLU C 429 -75.25 -60.14 -23.15
C GLU C 429 -74.63 -59.72 -24.47
N VAL C 430 -75.42 -59.66 -25.52
CA VAL C 430 -74.88 -59.26 -26.80
C VAL C 430 -74.30 -57.87 -26.69
N TYR C 431 -74.87 -57.03 -25.84
CA TYR C 431 -74.32 -55.72 -25.63
C TYR C 431 -73.26 -55.71 -24.54
N THR C 432 -73.25 -56.74 -23.70
CA THR C 432 -72.43 -56.67 -22.49
C THR C 432 -70.99 -56.32 -22.75
N PRO C 433 -70.26 -56.98 -23.64
CA PRO C 433 -68.84 -56.67 -23.76
C PRO C 433 -68.59 -55.22 -24.04
N VAL C 434 -69.52 -54.57 -24.74
CA VAL C 434 -69.37 -53.14 -24.95
C VAL C 434 -69.27 -52.43 -23.61
N LEU C 435 -70.06 -52.87 -22.65
CA LEU C 435 -70.13 -52.14 -21.40
C LEU C 435 -68.78 -52.14 -20.72
N GLU C 436 -68.19 -53.31 -20.57
CA GLU C 436 -66.91 -53.35 -19.92
C GLU C 436 -65.84 -52.69 -20.76
N HIS C 437 -66.02 -52.64 -22.07
CA HIS C 437 -65.08 -51.85 -22.83
C HIS C 437 -65.15 -50.40 -22.42
N LEU C 438 -66.36 -49.90 -22.22
CA LEU C 438 -66.50 -48.53 -21.74
C LEU C 438 -65.91 -48.39 -20.35
N VAL C 439 -66.08 -49.40 -19.52
CA VAL C 439 -65.56 -49.31 -18.16
C VAL C 439 -64.07 -49.15 -18.21
N VAL C 440 -63.41 -49.96 -19.02
CA VAL C 440 -61.98 -49.82 -19.20
C VAL C 440 -61.67 -48.42 -19.68
N MET C 441 -62.48 -47.91 -20.60
CA MET C 441 -62.18 -46.59 -21.12
C MET C 441 -62.15 -45.58 -20.00
N GLN C 442 -63.14 -45.63 -19.12
CA GLN C 442 -63.13 -44.73 -17.98
C GLN C 442 -61.88 -44.92 -17.15
N ILE C 443 -61.55 -46.16 -16.88
CA ILE C 443 -60.39 -46.44 -16.04
C ILE C 443 -59.19 -45.75 -16.63
N ASP C 444 -59.02 -45.88 -17.92
CA ASP C 444 -57.88 -45.22 -18.54
C ASP C 444 -58.02 -43.72 -18.45
N SER C 445 -59.22 -43.23 -18.60
CA SER C 445 -59.37 -41.79 -18.64
C SER C 445 -59.00 -41.15 -17.33
N PHE C 446 -59.00 -41.93 -16.26
CA PHE C 446 -58.89 -41.38 -14.91
C PHE C 446 -57.97 -40.18 -14.73
N PRO C 447 -56.70 -40.23 -15.09
CA PRO C 447 -55.83 -39.12 -14.71
C PRO C 447 -56.20 -37.84 -15.37
N GLN C 448 -56.91 -37.89 -16.46
CA GLN C 448 -57.24 -36.67 -17.16
C GLN C 448 -58.27 -35.84 -16.43
N TYR C 449 -58.54 -36.11 -15.16
CA TYR C 449 -59.57 -35.37 -14.46
C TYR C 449 -58.95 -34.45 -13.42
N SER C 450 -59.82 -33.73 -12.74
CA SER C 450 -59.43 -32.87 -11.65
C SER C 450 -59.67 -33.59 -10.34
N PRO C 451 -59.07 -33.13 -9.25
CA PRO C 451 -59.23 -33.84 -7.98
C PRO C 451 -60.67 -34.12 -7.61
N LYS C 452 -61.52 -33.11 -7.58
CA LYS C 452 -62.92 -33.37 -7.30
C LYS C 452 -63.48 -34.35 -8.33
N MET C 453 -63.14 -34.13 -9.59
CA MET C 453 -63.50 -35.05 -10.64
C MET C 453 -62.92 -36.42 -10.37
N GLN C 454 -61.73 -36.49 -9.79
CA GLN C 454 -61.17 -37.80 -9.47
C GLN C 454 -62.05 -38.54 -8.50
N LEU C 455 -62.46 -37.87 -7.43
CA LEU C 455 -63.25 -38.56 -6.42
C LEU C 455 -64.60 -38.97 -6.99
N VAL C 456 -65.21 -38.12 -7.80
CA VAL C 456 -66.48 -38.52 -8.36
C VAL C 456 -66.29 -39.64 -9.38
N CYS C 457 -65.18 -39.64 -10.10
CA CYS C 457 -64.95 -40.71 -11.05
C CYS C 457 -64.74 -42.02 -10.34
N CYS C 458 -64.01 -42.00 -9.25
CA CYS C 458 -63.86 -43.21 -8.46
C CYS C 458 -65.21 -43.70 -8.01
N ARG C 459 -66.04 -42.80 -7.48
CA ARG C 459 -67.34 -43.24 -7.02
C ARG C 459 -68.10 -43.92 -8.15
N ALA C 460 -68.04 -43.34 -9.33
CA ALA C 460 -68.81 -43.88 -10.43
C ALA C 460 -68.31 -45.26 -10.79
N ILE C 461 -67.02 -45.41 -10.98
CA ILE C 461 -66.53 -46.70 -11.40
C ILE C 461 -66.79 -47.72 -10.32
N VAL C 462 -66.65 -47.33 -9.07
CA VAL C 462 -66.94 -48.26 -8.00
C VAL C 462 -68.36 -48.74 -8.15
N LYS C 463 -69.29 -47.84 -8.40
CA LYS C 463 -70.66 -48.30 -8.34
C LYS C 463 -70.99 -49.13 -9.57
N VAL C 464 -70.34 -48.88 -10.69
CA VAL C 464 -70.61 -49.76 -11.81
C VAL C 464 -70.13 -51.14 -11.46
N PHE C 465 -69.05 -51.22 -10.71
CA PHE C 465 -68.61 -52.52 -10.27
C PHE C 465 -69.65 -53.15 -9.35
N LEU C 466 -70.21 -52.36 -8.45
CA LEU C 466 -71.28 -52.88 -7.60
C LEU C 466 -72.35 -53.48 -8.47
N ALA C 467 -72.80 -52.70 -9.43
CA ALA C 467 -73.95 -53.10 -10.20
C ALA C 467 -73.64 -54.37 -10.94
N LEU C 468 -72.46 -54.46 -11.51
CA LEU C 468 -72.12 -55.65 -12.24
C LEU C 468 -72.15 -56.84 -11.30
N ALA C 469 -71.56 -56.69 -10.13
CA ALA C 469 -71.45 -57.83 -9.23
C ALA C 469 -72.81 -58.28 -8.78
N ALA C 470 -73.75 -57.36 -8.68
CA ALA C 470 -75.05 -57.73 -8.16
C ALA C 470 -75.74 -58.79 -8.98
N LYS C 471 -75.44 -58.87 -10.27
CA LYS C 471 -76.17 -59.77 -11.14
C LYS C 471 -75.60 -61.17 -11.17
N GLY C 472 -74.49 -61.40 -10.48
CA GLY C 472 -74.06 -62.74 -10.22
C GLY C 472 -72.98 -63.31 -11.11
N PRO C 473 -72.90 -64.63 -11.11
CA PRO C 473 -71.75 -65.30 -11.70
C PRO C 473 -71.63 -65.11 -13.19
N VAL C 474 -72.75 -64.87 -13.87
CA VAL C 474 -72.67 -64.76 -15.32
C VAL C 474 -71.76 -63.62 -15.70
N LEU C 475 -71.66 -62.63 -14.83
CA LEU C 475 -70.87 -61.46 -15.12
C LEU C 475 -69.68 -61.28 -14.20
N ARG C 476 -69.58 -62.05 -13.12
CA ARG C 476 -68.36 -61.94 -12.35
C ARG C 476 -67.15 -62.28 -13.20
N ASN C 477 -67.25 -63.27 -14.06
CA ASN C 477 -66.15 -63.49 -14.97
C ASN C 477 -65.87 -62.23 -15.77
N CYS C 478 -66.90 -61.49 -16.11
CA CYS C 478 -66.66 -60.35 -16.95
C CYS C 478 -66.04 -59.22 -16.15
N ILE C 479 -66.34 -59.16 -14.86
CA ILE C 479 -65.71 -58.16 -14.01
C ILE C 479 -64.25 -58.50 -13.85
N SER C 480 -63.94 -59.79 -13.76
CA SER C 480 -62.54 -60.18 -13.74
C SER C 480 -61.87 -59.72 -15.00
N THR C 481 -62.54 -59.91 -16.13
CA THR C 481 -61.95 -59.48 -17.37
C THR C 481 -61.71 -58.00 -17.34
N VAL C 482 -62.64 -57.24 -16.78
CA VAL C 482 -62.50 -55.81 -16.92
C VAL C 482 -61.31 -55.34 -16.12
N VAL C 483 -61.18 -55.82 -14.90
CA VAL C 483 -60.04 -55.34 -14.14
C VAL C 483 -58.75 -55.78 -14.81
N HIS C 484 -58.70 -57.01 -15.27
CA HIS C 484 -57.47 -57.54 -15.84
C HIS C 484 -57.06 -56.74 -17.04
N GLN C 485 -58.01 -56.47 -17.92
CA GLN C 485 -57.71 -55.59 -19.03
C GLN C 485 -57.19 -54.27 -18.53
N GLY C 486 -57.77 -53.79 -17.44
CA GLY C 486 -57.40 -52.47 -17.01
C GLY C 486 -55.95 -52.45 -16.64
N LEU C 487 -55.58 -53.46 -15.87
CA LEU C 487 -54.22 -53.48 -15.40
C LEU C 487 -53.28 -53.67 -16.56
N ILE C 488 -53.69 -54.42 -17.58
CA ILE C 488 -52.82 -54.49 -18.74
C ILE C 488 -52.61 -53.11 -19.30
N ARG C 489 -53.68 -52.37 -19.44
CA ARG C 489 -53.49 -51.16 -20.20
C ARG C 489 -52.81 -50.09 -19.37
N ILE C 490 -52.91 -50.14 -18.06
CA ILE C 490 -52.09 -49.24 -17.26
C ILE C 490 -50.64 -49.68 -17.28
N CYS C 491 -50.38 -50.96 -17.11
CA CYS C 491 -48.99 -51.37 -17.08
C CYS C 491 -48.36 -51.16 -18.43
N SER C 492 -49.14 -50.97 -19.42
CA SER C 492 -48.50 -50.68 -20.67
C SER C 492 -48.27 -49.27 -20.86
N LYS C 493 -48.23 -48.40 -19.88
CA LYS C 493 -48.19 -46.99 -20.19
C LYS C 493 -46.93 -46.74 -20.99
N PRO C 494 -47.00 -46.04 -22.11
CA PRO C 494 -45.93 -46.15 -23.11
C PRO C 494 -44.53 -45.89 -22.60
N VAL C 495 -44.34 -45.10 -21.55
CA VAL C 495 -42.99 -44.93 -21.03
C VAL C 495 -42.96 -45.42 -19.60
N VAL C 496 -41.77 -45.40 -19.01
CA VAL C 496 -41.55 -45.82 -17.65
C VAL C 496 -40.77 -44.71 -16.95
N LEU C 497 -41.43 -44.02 -16.02
CA LEU C 497 -40.81 -42.95 -15.24
C LEU C 497 -40.11 -41.90 -16.11
N PRO C 522 -48.37 -39.17 -18.61
CA PRO C 522 -49.45 -39.97 -18.03
C PRO C 522 -48.97 -41.25 -17.36
N THR C 523 -47.92 -41.18 -16.54
CA THR C 523 -47.27 -42.39 -16.05
C THR C 523 -48.16 -43.13 -15.06
N TYR C 524 -47.76 -44.36 -14.73
CA TYR C 524 -48.56 -45.18 -13.85
C TYR C 524 -48.74 -44.51 -12.52
N LYS C 525 -47.76 -43.71 -12.13
CA LYS C 525 -47.82 -43.05 -10.85
C LYS C 525 -49.10 -42.26 -10.73
N ASP C 526 -49.62 -41.81 -11.86
CA ASP C 526 -50.89 -41.12 -11.83
C ASP C 526 -52.00 -42.02 -11.35
N TYR C 527 -52.05 -43.26 -11.84
CA TYR C 527 -53.20 -44.08 -11.55
C TYR C 527 -53.24 -44.59 -10.13
N VAL C 528 -52.37 -44.14 -9.24
CA VAL C 528 -52.34 -44.74 -7.92
C VAL C 528 -53.68 -44.56 -7.23
N ASP C 529 -54.25 -43.38 -7.31
CA ASP C 529 -55.42 -43.07 -6.51
C ASP C 529 -56.59 -43.92 -6.93
N LEU C 530 -56.73 -44.16 -8.22
CA LEU C 530 -57.87 -44.92 -8.70
C LEU C 530 -57.92 -46.23 -7.99
N PHE C 531 -56.93 -47.06 -8.22
CA PHE C 531 -57.01 -48.34 -7.61
C PHE C 531 -56.90 -48.27 -6.10
N ARG C 532 -56.34 -47.21 -5.55
CA ARG C 532 -56.31 -47.14 -4.09
C ARG C 532 -57.71 -47.04 -3.53
N HIS C 533 -58.46 -46.06 -4.01
CA HIS C 533 -59.83 -45.94 -3.53
C HIS C 533 -60.62 -47.18 -3.88
N LEU C 534 -60.44 -47.71 -5.07
CA LEU C 534 -61.15 -48.92 -5.44
C LEU C 534 -60.89 -50.00 -4.41
N LEU C 535 -59.65 -50.12 -3.97
CA LEU C 535 -59.32 -51.25 -3.13
C LEU C 535 -59.62 -51.01 -1.67
N SER C 536 -59.91 -49.78 -1.26
CA SER C 536 -60.11 -49.59 0.17
C SER C 536 -61.37 -48.84 0.56
N SER C 537 -62.06 -48.17 -0.35
CA SER C 537 -63.14 -47.26 0.02
C SER C 537 -64.32 -48.08 0.54
N ASP C 538 -64.21 -48.54 1.78
CA ASP C 538 -65.35 -49.17 2.41
C ASP C 538 -66.52 -48.21 2.59
N GLN C 539 -66.26 -46.90 2.49
CA GLN C 539 -67.30 -45.92 2.70
C GLN C 539 -68.30 -45.87 1.55
N MET C 540 -67.99 -46.53 0.43
CA MET C 540 -68.82 -46.39 -0.76
C MET C 540 -70.25 -46.89 -0.52
N MET C 541 -70.38 -48.06 0.11
CA MET C 541 -71.71 -48.64 0.26
C MET C 541 -72.50 -47.94 1.35
N ASP C 542 -71.82 -47.49 2.42
CA ASP C 542 -72.50 -46.80 3.50
C ASP C 542 -72.88 -45.37 3.11
N SER C 543 -72.28 -44.82 2.07
CA SER C 543 -72.59 -43.46 1.63
C SER C 543 -73.23 -43.46 0.25
N SER C 557 -70.09 -53.45 1.00
CA SER C 557 -68.76 -52.89 0.81
C SER C 557 -67.68 -53.92 1.11
N GLU C 558 -67.80 -54.57 2.27
CA GLU C 558 -66.79 -55.55 2.66
C GLU C 558 -66.69 -56.66 1.62
N SER C 559 -67.82 -57.17 1.17
CA SER C 559 -67.78 -58.11 0.05
C SER C 559 -67.30 -57.42 -1.21
N LEU C 560 -67.70 -56.16 -1.42
CA LEU C 560 -67.19 -55.43 -2.57
C LEU C 560 -65.68 -55.32 -2.53
N ASN C 561 -65.14 -54.77 -1.45
CA ASN C 561 -63.71 -54.56 -1.42
C ASN C 561 -62.99 -55.89 -1.49
N HIS C 562 -63.49 -56.89 -0.79
CA HIS C 562 -62.87 -58.21 -0.84
C HIS C 562 -62.82 -58.72 -2.27
N LEU C 563 -63.94 -58.70 -2.97
CA LEU C 563 -63.96 -59.25 -4.30
C LEU C 563 -63.05 -58.46 -5.20
N LEU C 564 -63.07 -57.14 -5.07
CA LEU C 564 -62.30 -56.36 -6.02
C LEU C 564 -60.82 -56.57 -5.79
N TYR C 565 -60.40 -56.58 -4.53
CA TYR C 565 -59.00 -56.80 -4.23
C TYR C 565 -58.57 -58.16 -4.69
N ASP C 566 -59.42 -59.15 -4.48
CA ASP C 566 -59.09 -60.49 -4.92
C ASP C 566 -58.90 -60.50 -6.41
N GLU C 567 -59.74 -59.77 -7.12
CA GLU C 567 -59.59 -59.73 -8.55
C GLU C 567 -58.29 -59.08 -8.92
N PHE C 568 -57.90 -58.04 -8.21
CA PHE C 568 -56.66 -57.39 -8.57
C PHE C 568 -55.50 -58.35 -8.41
N VAL C 569 -55.45 -59.05 -7.30
CA VAL C 569 -54.29 -59.89 -7.08
C VAL C 569 -54.28 -61.03 -8.08
N LYS C 570 -55.45 -61.60 -8.38
CA LYS C 570 -55.51 -62.62 -9.41
C LYS C 570 -54.98 -62.07 -10.72
N SER C 571 -55.31 -60.82 -10.98
CA SER C 571 -54.83 -60.22 -12.21
C SER C 571 -53.32 -60.17 -12.21
N VAL C 572 -52.73 -59.81 -11.08
CA VAL C 572 -51.29 -59.69 -11.05
C VAL C 572 -50.66 -61.04 -11.28
N LEU C 573 -51.21 -62.08 -10.65
CA LEU C 573 -50.69 -63.42 -10.87
C LEU C 573 -50.75 -63.76 -12.35
N LYS C 574 -51.90 -63.53 -12.96
CA LYS C 574 -52.05 -63.91 -14.35
C LYS C 574 -51.07 -63.15 -15.23
N ILE C 575 -50.90 -61.87 -14.97
CA ILE C 575 -50.09 -61.09 -15.86
C ILE C 575 -48.62 -61.39 -15.64
N VAL C 576 -48.22 -61.72 -14.42
CA VAL C 576 -46.83 -62.09 -14.27
C VAL C 576 -46.57 -63.39 -14.97
N GLU C 577 -47.52 -64.33 -14.90
CA GLU C 577 -47.32 -65.57 -15.64
C GLU C 577 -47.24 -65.33 -17.13
N LYS C 578 -48.21 -64.62 -17.68
CA LYS C 578 -48.32 -64.56 -19.13
C LYS C 578 -47.15 -63.82 -19.76
N LEU C 579 -46.46 -62.98 -19.02
CA LEU C 579 -45.36 -62.25 -19.62
C LEU C 579 -44.21 -63.21 -19.86
N ASP C 580 -43.27 -62.83 -20.73
CA ASP C 580 -42.23 -63.79 -21.07
C ASP C 580 -40.94 -63.57 -20.30
N LEU C 581 -40.43 -62.34 -20.25
CA LEU C 581 -39.25 -62.04 -19.44
C LEU C 581 -38.05 -62.89 -19.85
N THR C 582 -37.89 -63.14 -21.13
CA THR C 582 -36.74 -63.91 -21.61
C THR C 582 -35.54 -62.99 -21.74
N LEU C 583 -34.37 -63.50 -21.36
CA LEU C 583 -33.26 -62.62 -21.02
C LEU C 583 -32.21 -62.48 -22.11
N GLU C 584 -32.02 -63.52 -22.92
CA GLU C 584 -30.76 -63.68 -23.62
C GLU C 584 -30.42 -62.51 -24.53
N ILE C 585 -29.13 -62.40 -24.86
CA ILE C 585 -28.61 -61.48 -25.86
C ILE C 585 -29.34 -61.62 -27.19
N ALA C 609 -22.96 -58.98 -16.26
CA ALA C 609 -24.41 -59.12 -16.22
C ALA C 609 -25.09 -58.15 -17.18
N ALA C 610 -24.39 -57.06 -17.50
CA ALA C 610 -24.92 -56.07 -18.42
C ALA C 610 -24.59 -56.39 -19.87
N ASN C 611 -23.82 -57.45 -20.12
CA ASN C 611 -23.50 -57.82 -21.49
C ASN C 611 -24.68 -58.43 -22.23
N LEU C 612 -25.76 -58.73 -21.53
CA LEU C 612 -26.97 -59.24 -22.15
C LEU C 612 -27.90 -58.10 -22.50
N HIS C 613 -29.02 -58.45 -23.13
CA HIS C 613 -30.07 -57.49 -23.43
C HIS C 613 -31.41 -58.21 -23.33
N PRO C 614 -32.38 -57.68 -22.61
CA PRO C 614 -33.64 -58.38 -22.42
C PRO C 614 -34.34 -58.57 -23.74
N ALA C 615 -35.04 -59.68 -23.88
CA ALA C 615 -35.49 -60.08 -25.20
C ALA C 615 -36.53 -59.13 -25.77
N LYS C 616 -37.75 -59.17 -25.25
CA LYS C 616 -38.85 -58.39 -25.81
C LYS C 616 -38.94 -57.11 -25.01
N PRO C 617 -38.43 -56.02 -25.55
CA PRO C 617 -38.26 -54.82 -24.74
C PRO C 617 -39.56 -54.34 -24.15
N LYS C 618 -40.52 -54.00 -25.01
CA LYS C 618 -41.76 -53.44 -24.53
C LYS C 618 -42.32 -54.30 -23.42
N ASP C 619 -42.14 -55.62 -23.55
CA ASP C 619 -42.57 -56.49 -22.48
C ASP C 619 -41.80 -56.18 -21.21
N PHE C 620 -40.49 -56.04 -21.34
CA PHE C 620 -39.66 -55.89 -20.15
C PHE C 620 -40.01 -54.61 -19.41
N SER C 621 -40.42 -53.59 -20.14
CA SER C 621 -40.82 -52.36 -19.48
C SER C 621 -42.10 -52.53 -18.72
N ALA C 622 -43.04 -53.29 -19.28
CA ALA C 622 -44.30 -53.47 -18.60
C ALA C 622 -44.08 -54.16 -17.27
N PHE C 623 -43.15 -55.10 -17.22
CA PHE C 623 -42.91 -55.75 -15.96
C PHE C 623 -42.56 -54.74 -14.90
N ILE C 624 -41.67 -53.82 -15.23
CA ILE C 624 -41.23 -52.83 -14.27
C ILE C 624 -42.40 -51.96 -13.86
N ASN C 625 -43.19 -51.52 -14.82
CA ASN C 625 -44.34 -50.73 -14.44
C ASN C 625 -45.18 -51.46 -13.43
N LEU C 626 -45.47 -52.72 -13.72
CA LEU C 626 -46.35 -53.47 -12.85
C LEU C 626 -45.72 -53.63 -11.49
N VAL C 627 -44.42 -53.83 -11.46
CA VAL C 627 -43.74 -53.96 -10.19
C VAL C 627 -43.98 -52.72 -9.36
N GLU C 628 -43.75 -51.57 -9.94
CA GLU C 628 -43.82 -50.38 -9.11
C GLU C 628 -45.25 -50.11 -8.69
N PHE C 629 -46.19 -50.36 -9.61
CA PHE C 629 -47.58 -50.25 -9.22
C PHE C 629 -47.87 -51.14 -8.04
N CYS C 630 -47.70 -52.44 -8.21
CA CYS C 630 -48.13 -53.37 -7.17
C CYS C 630 -47.43 -53.05 -5.88
N ARG C 631 -46.23 -52.48 -5.95
CA ARG C 631 -45.65 -51.92 -4.75
C ARG C 631 -46.52 -50.82 -4.19
N GLU C 632 -46.96 -49.92 -5.03
CA GLU C 632 -47.61 -48.75 -4.46
C GLU C 632 -49.00 -49.09 -3.97
N ILE C 633 -49.55 -50.22 -4.39
CA ILE C 633 -50.95 -50.49 -4.10
C ILE C 633 -51.16 -51.59 -3.07
N LEU C 634 -50.30 -52.59 -3.04
CA LEU C 634 -50.63 -53.80 -2.29
C LEU C 634 -50.51 -53.64 -0.78
N PRO C 635 -49.38 -53.30 -0.21
CA PRO C 635 -49.23 -53.50 1.24
C PRO C 635 -50.05 -52.56 2.07
N GLU C 636 -50.33 -51.37 1.51
CA GLU C 636 -50.97 -50.32 2.29
C GLU C 636 -52.32 -50.75 2.82
N LYS C 637 -52.99 -51.70 2.17
CA LYS C 637 -54.28 -52.15 2.65
C LYS C 637 -54.19 -52.83 4.00
N GLN C 638 -53.00 -53.34 4.36
CA GLN C 638 -52.88 -54.19 5.53
C GLN C 638 -53.97 -55.24 5.49
N ALA C 639 -54.17 -55.78 4.31
CA ALA C 639 -55.38 -56.54 4.03
C ALA C 639 -55.48 -57.74 4.94
N GLU C 640 -56.61 -57.85 5.62
CA GLU C 640 -57.03 -59.17 6.02
C GLU C 640 -57.12 -60.06 4.80
N PHE C 641 -57.40 -59.48 3.65
CA PHE C 641 -57.70 -60.21 2.43
C PHE C 641 -56.50 -60.92 1.84
N PHE C 642 -55.30 -60.51 2.17
CA PHE C 642 -54.15 -61.10 1.51
C PHE C 642 -53.86 -62.49 2.03
N GLU C 643 -54.42 -62.86 3.16
CA GLU C 643 -54.12 -64.13 3.81
C GLU C 643 -54.30 -65.33 2.89
N PRO C 644 -55.43 -65.46 2.20
CA PRO C 644 -55.56 -66.61 1.31
C PRO C 644 -54.58 -66.57 0.19
N TRP C 645 -54.04 -65.40 -0.13
CA TRP C 645 -53.22 -65.36 -1.31
C TRP C 645 -51.74 -65.36 -1.02
N VAL C 646 -51.32 -65.48 0.23
CA VAL C 646 -49.88 -65.53 0.49
C VAL C 646 -49.27 -66.69 -0.26
N TYR C 647 -49.85 -67.87 -0.10
CA TYR C 647 -49.21 -69.08 -0.56
C TYR C 647 -49.03 -69.06 -2.06
N SER C 648 -50.09 -68.81 -2.78
CA SER C 648 -49.98 -68.95 -4.22
C SER C 648 -49.15 -67.83 -4.79
N PHE C 649 -49.43 -66.61 -4.37
CA PHE C 649 -48.71 -65.47 -4.90
C PHE C 649 -47.25 -65.58 -4.55
N SER C 650 -46.92 -66.43 -3.59
CA SER C 650 -45.52 -66.76 -3.36
C SER C 650 -45.06 -67.82 -4.35
N TYR C 651 -45.61 -69.02 -4.22
CA TYR C 651 -45.09 -70.18 -4.93
C TYR C 651 -44.94 -69.90 -6.40
N GLU C 652 -45.98 -69.35 -7.01
CA GLU C 652 -45.83 -69.03 -8.41
C GLU C 652 -44.81 -67.95 -8.63
N LEU C 653 -44.56 -67.09 -7.67
CA LEU C 653 -43.58 -66.07 -7.89
C LEU C 653 -42.17 -66.56 -7.69
N ILE C 654 -41.95 -67.41 -6.71
CA ILE C 654 -40.66 -68.03 -6.50
C ILE C 654 -40.26 -68.84 -7.71
N LEU C 655 -41.20 -69.59 -8.25
CA LEU C 655 -40.87 -70.37 -9.43
C LEU C 655 -40.29 -69.47 -10.49
N GLN C 656 -41.00 -68.39 -10.78
CA GLN C 656 -40.52 -67.47 -11.79
C GLN C 656 -39.17 -66.90 -11.43
N SER C 657 -38.97 -66.60 -10.15
CA SER C 657 -37.70 -65.99 -9.75
C SER C 657 -36.55 -66.95 -10.00
N THR C 658 -36.65 -68.16 -9.51
CA THR C 658 -35.56 -69.10 -9.64
C THR C 658 -35.29 -69.38 -11.09
N ARG C 659 -36.35 -69.52 -11.88
CA ARG C 659 -36.12 -69.90 -13.26
C ARG C 659 -35.45 -68.77 -14.02
N LEU C 660 -35.59 -67.55 -13.54
CA LEU C 660 -34.98 -66.38 -14.17
C LEU C 660 -34.55 -65.38 -13.12
N PRO C 661 -33.51 -65.68 -12.35
CA PRO C 661 -32.91 -64.64 -11.53
C PRO C 661 -32.18 -63.68 -12.43
N LEU C 662 -31.67 -62.62 -11.83
CA LEU C 662 -31.15 -61.48 -12.54
C LEU C 662 -32.24 -60.67 -13.22
N ILE C 663 -33.49 -60.88 -12.84
CA ILE C 663 -34.56 -59.93 -13.09
C ILE C 663 -35.02 -59.45 -11.74
N SER C 664 -35.12 -58.14 -11.58
CA SER C 664 -35.24 -57.57 -10.24
C SER C 664 -36.63 -57.76 -9.68
N GLY C 665 -37.59 -57.10 -10.29
CA GLY C 665 -38.88 -56.89 -9.68
C GLY C 665 -39.51 -58.14 -9.11
N PHE C 666 -39.06 -59.32 -9.53
CA PHE C 666 -39.56 -60.50 -8.85
C PHE C 666 -39.26 -60.39 -7.39
N TYR C 667 -38.04 -60.03 -7.06
CA TYR C 667 -37.74 -59.86 -5.66
C TYR C 667 -38.62 -58.80 -5.06
N LYS C 668 -38.92 -57.76 -5.82
CA LYS C 668 -39.70 -56.68 -5.24
C LYS C 668 -41.10 -57.16 -4.90
N LEU C 669 -41.76 -57.81 -5.84
CA LEU C 669 -43.09 -58.34 -5.54
C LEU C 669 -43.01 -59.31 -4.39
N LEU C 670 -41.95 -60.09 -4.35
CA LEU C 670 -41.86 -61.03 -3.26
C LEU C 670 -41.68 -60.29 -1.96
N SER C 671 -41.07 -59.14 -2.01
CA SER C 671 -40.89 -58.38 -0.79
C SER C 671 -42.21 -57.84 -0.32
N ILE C 672 -43.03 -57.38 -1.25
CA ILE C 672 -44.37 -56.98 -0.89
C ILE C 672 -45.09 -58.16 -0.29
N THR C 673 -44.89 -59.33 -0.87
CA THR C 673 -45.53 -60.53 -0.35
C THR C 673 -45.12 -60.76 1.07
N VAL C 674 -43.83 -60.74 1.33
CA VAL C 674 -43.37 -61.15 2.64
C VAL C 674 -43.79 -60.13 3.67
N ARG C 675 -43.62 -58.85 3.37
CA ARG C 675 -43.98 -57.84 4.35
C ARG C 675 -45.47 -57.89 4.61
N ASN C 676 -46.26 -58.03 3.56
CA ASN C 676 -47.69 -58.05 3.76
C ASN C 676 -48.05 -59.22 4.62
N ALA C 677 -47.38 -60.34 4.41
CA ALA C 677 -47.62 -61.50 5.26
C ALA C 677 -47.24 -61.20 6.69
N LYS C 678 -46.07 -60.62 6.87
CA LYS C 678 -45.58 -60.39 8.22
C LYS C 678 -46.58 -59.58 8.99
N LYS C 679 -47.16 -58.58 8.35
CA LYS C 679 -48.02 -57.66 9.08
C LYS C 679 -49.24 -58.37 9.61
N ILE C 680 -49.53 -59.57 9.14
CA ILE C 680 -50.79 -60.18 9.47
C ILE C 680 -50.52 -61.42 10.29
N LYS C 681 -49.46 -61.36 11.10
CA LYS C 681 -49.05 -62.43 12.01
C LYS C 681 -49.10 -63.80 11.37
N TYR C 682 -48.77 -63.90 10.09
CA TYR C 682 -48.87 -65.18 9.41
C TYR C 682 -47.93 -66.21 9.99
N PHE C 683 -46.64 -66.09 9.73
CA PHE C 683 -45.72 -67.19 9.89
C PHE C 683 -45.53 -67.60 11.34
N GLU C 684 -46.04 -66.84 12.30
CA GLU C 684 -45.70 -67.08 13.69
C GLU C 684 -46.13 -68.46 14.15
N GLY C 685 -47.03 -69.12 13.44
CA GLY C 685 -47.55 -70.39 13.89
C GLY C 685 -46.53 -71.51 13.94
N VAL C 686 -45.42 -71.38 13.23
CA VAL C 686 -44.42 -72.43 13.23
C VAL C 686 -43.28 -72.09 14.17
N PRO C 698 -51.22 -77.44 7.86
CA PRO C 698 -51.83 -76.80 6.71
C PRO C 698 -50.83 -76.57 5.62
N GLU C 699 -51.14 -75.62 4.76
CA GLU C 699 -50.15 -75.17 3.81
C GLU C 699 -49.32 -74.05 4.38
N LYS C 700 -49.66 -73.57 5.58
CA LYS C 700 -48.82 -72.56 6.20
C LYS C 700 -47.44 -73.12 6.49
N TYR C 701 -47.35 -74.32 7.02
CA TYR C 701 -46.05 -74.94 7.15
C TYR C 701 -45.36 -74.98 5.81
N SER C 702 -46.11 -75.17 4.75
CA SER C 702 -45.52 -75.16 3.43
C SER C 702 -44.98 -73.78 3.10
N CYS C 703 -45.67 -72.73 3.49
CA CYS C 703 -45.20 -71.41 3.10
C CYS C 703 -43.95 -71.06 3.87
N PHE C 704 -43.95 -71.37 5.15
CA PHE C 704 -42.74 -71.20 5.94
C PHE C 704 -41.60 -71.98 5.33
N ALA C 705 -41.86 -73.21 4.94
CA ALA C 705 -40.79 -74.00 4.35
C ALA C 705 -40.30 -73.35 3.08
N LEU C 706 -41.21 -72.95 2.22
CA LEU C 706 -40.77 -72.46 0.93
C LEU C 706 -39.97 -71.20 1.11
N PHE C 707 -40.34 -70.38 2.08
CA PHE C 707 -39.55 -69.19 2.31
C PHE C 707 -38.22 -69.54 2.94
N VAL C 708 -38.17 -70.54 3.81
CA VAL C 708 -36.88 -70.92 4.35
C VAL C 708 -35.93 -71.24 3.21
N LYS C 709 -36.39 -72.10 2.31
CA LYS C 709 -35.49 -72.53 1.25
C LYS C 709 -35.14 -71.38 0.36
N PHE C 710 -36.11 -70.56 0.00
CA PHE C 710 -35.75 -69.47 -0.88
C PHE C 710 -34.83 -68.51 -0.18
N GLY C 711 -34.97 -68.38 1.11
CA GLY C 711 -34.15 -67.43 1.83
C GLY C 711 -32.72 -67.87 1.78
N LYS C 712 -32.47 -69.11 2.14
CA LYS C 712 -31.10 -69.58 2.04
C LYS C 712 -30.60 -69.45 0.63
N GLU C 713 -31.43 -69.80 -0.33
CA GLU C 713 -30.97 -69.77 -1.70
C GLU C 713 -30.63 -68.35 -2.10
N VAL C 714 -31.44 -67.40 -1.67
CA VAL C 714 -31.24 -66.03 -2.10
C VAL C 714 -30.08 -65.44 -1.36
N ALA C 715 -29.81 -65.91 -0.16
CA ALA C 715 -28.60 -65.49 0.52
C ALA C 715 -27.40 -65.94 -0.29
N VAL C 716 -27.38 -67.19 -0.69
CA VAL C 716 -26.30 -67.66 -1.53
C VAL C 716 -26.19 -66.79 -2.77
N LYS C 717 -27.32 -66.44 -3.36
CA LYS C 717 -27.26 -65.73 -4.62
C LYS C 717 -26.87 -64.29 -4.41
N MET C 718 -27.11 -63.74 -3.23
CA MET C 718 -26.96 -62.30 -3.10
C MET C 718 -25.52 -61.89 -3.29
N LYS C 719 -24.59 -62.72 -2.83
CA LYS C 719 -23.18 -62.36 -2.92
C LYS C 719 -22.79 -61.96 -4.31
N GLN C 720 -23.12 -62.78 -5.29
CA GLN C 720 -22.60 -62.50 -6.60
C GLN C 720 -23.17 -61.21 -7.18
N TYR C 721 -24.37 -60.83 -6.78
CA TYR C 721 -25.05 -59.84 -7.60
C TYR C 721 -24.47 -58.45 -7.37
N LYS C 722 -24.75 -57.56 -8.30
CA LYS C 722 -24.11 -56.27 -8.38
C LYS C 722 -25.17 -55.23 -8.03
N ASP C 723 -24.88 -53.96 -8.28
CA ASP C 723 -25.60 -52.86 -7.65
C ASP C 723 -27.12 -52.96 -7.57
N GLU C 724 -27.83 -52.81 -8.67
CA GLU C 724 -29.29 -52.67 -8.55
C GLU C 724 -29.96 -53.96 -8.13
N LEU C 725 -29.60 -55.05 -8.77
CA LEU C 725 -30.12 -56.32 -8.34
C LEU C 725 -29.76 -56.58 -6.90
N LEU C 726 -28.57 -56.14 -6.47
CA LEU C 726 -28.20 -56.31 -5.09
C LEU C 726 -29.14 -55.55 -4.20
N ALA C 727 -29.53 -54.36 -4.62
CA ALA C 727 -30.47 -53.60 -3.84
C ALA C 727 -31.77 -54.38 -3.72
N SER C 728 -32.22 -54.92 -4.83
CA SER C 728 -33.46 -55.64 -4.75
C SER C 728 -33.35 -56.81 -3.80
N CYS C 729 -32.29 -57.59 -3.92
CA CYS C 729 -32.24 -58.81 -3.16
C CYS C 729 -32.17 -58.51 -1.68
N LEU C 730 -31.38 -57.50 -1.31
CA LEU C 730 -31.34 -57.15 0.09
C LEU C 730 -32.70 -56.68 0.55
N THR C 731 -33.35 -55.85 -0.24
CA THR C 731 -34.66 -55.37 0.16
C THR C 731 -35.54 -56.54 0.49
N PHE C 732 -35.44 -57.60 -0.29
CA PHE C 732 -36.18 -58.80 0.06
C PHE C 732 -35.67 -59.38 1.35
N LEU C 733 -34.44 -59.86 1.32
CA LEU C 733 -33.97 -60.74 2.36
C LEU C 733 -34.17 -60.09 3.70
N LEU C 734 -33.73 -58.86 3.83
CA LEU C 734 -33.79 -58.20 5.11
C LEU C 734 -35.19 -58.13 5.65
N SER C 735 -36.17 -58.57 4.90
CA SER C 735 -37.54 -58.39 5.33
C SER C 735 -38.18 -59.65 5.83
N LEU C 736 -37.54 -60.79 5.73
CA LEU C 736 -38.18 -62.03 6.14
C LEU C 736 -38.53 -61.93 7.61
N PRO C 737 -39.55 -62.65 8.05
CA PRO C 737 -39.99 -62.51 9.42
C PRO C 737 -38.94 -63.05 10.36
N HIS C 738 -39.06 -62.69 11.62
CA HIS C 738 -38.09 -63.18 12.59
C HIS C 738 -38.08 -64.69 12.60
N ASN C 739 -39.26 -65.30 12.67
CA ASN C 739 -39.33 -66.72 12.96
C ASN C 739 -38.56 -67.51 11.95
N ILE C 740 -38.35 -66.95 10.77
CA ILE C 740 -37.52 -67.66 9.82
C ILE C 740 -36.07 -67.35 10.07
N ILE C 741 -35.77 -66.22 10.70
CA ILE C 741 -34.38 -65.84 10.84
C ILE C 741 -33.68 -66.79 11.79
N GLU C 742 -34.25 -67.02 12.97
CA GLU C 742 -33.46 -67.69 13.98
C GLU C 742 -33.19 -69.11 13.59
N LEU C 743 -33.86 -69.62 12.58
CA LEU C 743 -33.49 -70.94 12.09
C LEU C 743 -32.06 -70.93 11.61
N ASP C 744 -31.65 -69.88 10.92
CA ASP C 744 -30.36 -69.91 10.25
C ASP C 744 -29.61 -68.60 10.40
N VAL C 745 -29.52 -68.06 11.62
CA VAL C 745 -28.91 -66.74 11.76
C VAL C 745 -27.49 -66.79 11.25
N ARG C 746 -26.90 -65.61 11.08
CA ARG C 746 -25.54 -65.48 10.60
C ARG C 746 -25.48 -65.85 9.13
N ALA C 747 -26.55 -66.38 8.61
CA ALA C 747 -26.61 -66.41 7.18
C ALA C 747 -27.00 -65.06 6.64
N TYR C 748 -27.59 -64.23 7.46
CA TYR C 748 -28.08 -62.95 7.02
C TYR C 748 -27.23 -61.80 7.52
N VAL C 749 -26.51 -61.99 8.60
CA VAL C 749 -25.72 -60.90 9.16
C VAL C 749 -24.93 -60.18 8.07
N PRO C 750 -24.24 -60.85 7.17
CA PRO C 750 -23.59 -60.12 6.09
C PRO C 750 -24.57 -59.40 5.23
N ALA C 751 -25.74 -59.96 5.03
CA ALA C 751 -26.69 -59.26 4.19
C ALA C 751 -27.04 -57.93 4.80
N LEU C 752 -27.27 -57.91 6.10
CA LEU C 752 -27.62 -56.67 6.74
C LEU C 752 -26.46 -55.70 6.73
N GLN C 753 -25.25 -56.19 6.90
CA GLN C 753 -24.13 -55.27 6.82
C GLN C 753 -24.11 -54.59 5.48
N MET C 754 -24.22 -55.37 4.42
CA MET C 754 -24.10 -54.75 3.13
C MET C 754 -25.28 -53.84 2.92
N ALA C 755 -26.37 -54.14 3.61
CA ALA C 755 -27.52 -53.27 3.54
C ALA C 755 -27.17 -51.90 4.04
N PHE C 756 -26.59 -51.81 5.21
CA PHE C 756 -26.28 -50.49 5.73
C PHE C 756 -25.25 -49.79 4.87
N LYS C 757 -24.28 -50.53 4.36
CA LYS C 757 -23.28 -49.87 3.55
C LYS C 757 -23.92 -49.21 2.36
N LEU C 758 -24.84 -49.90 1.69
CA LEU C 758 -25.61 -49.21 0.66
C LEU C 758 -26.38 -48.06 1.25
N GLY C 759 -27.01 -48.29 2.39
CA GLY C 759 -27.99 -47.35 2.86
C GLY C 759 -27.41 -45.98 3.06
N LEU C 760 -26.15 -45.91 3.47
CA LEU C 760 -25.57 -44.60 3.66
C LEU C 760 -25.60 -43.78 2.40
N SER C 761 -25.98 -44.36 1.26
CA SER C 761 -26.12 -43.59 0.05
C SER C 761 -27.35 -43.99 -0.75
N TYR C 762 -28.36 -44.57 -0.12
CA TYR C 762 -29.67 -44.73 -0.76
C TYR C 762 -30.68 -44.95 0.36
N THR C 763 -31.36 -43.89 0.76
CA THR C 763 -32.01 -43.91 2.05
C THR C 763 -33.01 -45.04 2.22
N PRO C 764 -33.90 -45.33 1.28
CA PRO C 764 -34.97 -46.26 1.60
C PRO C 764 -34.44 -47.59 1.98
N LEU C 765 -33.37 -48.02 1.36
CA LEU C 765 -32.80 -49.28 1.76
C LEU C 765 -32.33 -49.19 3.18
N ALA C 766 -31.82 -48.05 3.57
CA ALA C 766 -31.36 -47.93 4.93
C ALA C 766 -32.52 -48.03 5.90
N GLU C 767 -33.63 -47.41 5.56
CA GLU C 767 -34.79 -47.53 6.42
C GLU C 767 -35.21 -48.97 6.52
N VAL C 768 -35.16 -49.68 5.39
CA VAL C 768 -35.45 -51.10 5.42
C VAL C 768 -34.57 -51.77 6.42
N GLY C 769 -33.30 -51.41 6.43
CA GLY C 769 -32.41 -51.99 7.42
C GLY C 769 -32.86 -51.68 8.83
N LEU C 770 -32.80 -50.42 9.22
CA LEU C 770 -33.04 -50.09 10.62
C LEU C 770 -34.32 -50.71 11.10
N ASN C 771 -35.35 -50.72 10.25
CA ASN C 771 -36.54 -51.45 10.61
C ASN C 771 -36.20 -52.90 10.87
N ALA C 772 -35.41 -53.50 10.01
CA ALA C 772 -35.14 -54.91 10.18
C ALA C 772 -34.39 -55.17 11.46
N LEU C 773 -33.46 -54.30 11.77
CA LEU C 773 -32.62 -54.57 12.91
C LEU C 773 -33.42 -54.45 14.16
N GLU C 774 -34.34 -53.50 14.19
CA GLU C 774 -35.20 -53.42 15.36
C GLU C 774 -35.97 -54.70 15.49
N GLU C 775 -36.46 -55.22 14.37
CA GLU C 775 -37.24 -56.43 14.44
C GLU C 775 -36.43 -57.56 15.04
N TRP C 776 -35.22 -57.75 14.54
CA TRP C 776 -34.41 -58.83 15.06
C TRP C 776 -34.17 -58.62 16.53
N SER C 777 -33.72 -57.44 16.90
CA SER C 777 -33.30 -57.24 18.27
C SER C 777 -34.43 -57.49 19.23
N ILE C 778 -35.66 -57.26 18.78
CA ILE C 778 -36.74 -57.42 19.73
C ILE C 778 -37.26 -58.84 19.78
N TYR C 779 -37.07 -59.64 18.73
CA TYR C 779 -37.66 -60.97 18.79
C TYR C 779 -36.65 -62.09 19.01
N ILE C 780 -35.60 -62.15 18.20
CA ILE C 780 -34.66 -63.24 18.27
C ILE C 780 -34.12 -63.39 19.67
N ASP C 781 -33.98 -64.63 20.11
CA ASP C 781 -33.48 -64.89 21.45
C ASP C 781 -32.12 -64.25 21.62
N ARG C 782 -31.92 -63.58 22.75
CA ARG C 782 -30.76 -62.72 22.88
C ARG C 782 -29.48 -63.52 22.76
N HIS C 783 -29.39 -64.64 23.47
CA HIS C 783 -28.17 -65.39 23.45
C HIS C 783 -27.82 -65.81 22.04
N VAL C 784 -28.82 -65.89 21.18
CA VAL C 784 -28.57 -66.27 19.81
C VAL C 784 -27.82 -65.18 19.09
N MET C 785 -28.15 -63.93 19.38
CA MET C 785 -27.62 -62.84 18.59
C MET C 785 -26.47 -62.13 19.26
N GLN C 786 -26.23 -62.35 20.53
CA GLN C 786 -25.22 -61.59 21.24
C GLN C 786 -23.88 -61.58 20.53
N PRO C 787 -23.35 -62.68 20.04
CA PRO C 787 -22.06 -62.61 19.37
C PRO C 787 -22.12 -61.80 18.11
N TYR C 788 -23.28 -61.55 17.58
CA TYR C 788 -23.30 -60.97 16.25
C TYR C 788 -23.43 -59.46 16.21
N TYR C 789 -23.90 -58.81 17.26
CA TYR C 789 -23.86 -57.36 17.22
C TYR C 789 -22.46 -56.83 17.06
N LYS C 790 -21.45 -57.64 17.32
CA LYS C 790 -20.09 -57.18 17.18
C LYS C 790 -19.82 -56.67 15.79
N ASP C 791 -20.13 -57.44 14.78
CA ASP C 791 -19.78 -57.02 13.44
C ASP C 791 -20.89 -56.26 12.76
N ILE C 792 -22.03 -56.09 13.39
CA ILE C 792 -23.19 -55.51 12.74
C ILE C 792 -23.42 -54.07 13.17
N LEU C 793 -23.25 -53.76 14.44
CA LEU C 793 -23.45 -52.37 14.85
C LEU C 793 -22.47 -51.42 14.21
N PRO C 794 -21.18 -51.67 14.15
CA PRO C 794 -20.36 -50.84 13.27
C PRO C 794 -20.94 -50.93 11.88
N CYS C 795 -20.63 -49.93 11.08
CA CYS C 795 -21.33 -49.60 9.87
C CYS C 795 -22.67 -49.01 10.24
N LEU C 796 -22.85 -48.64 11.49
CA LEU C 796 -23.80 -47.61 11.80
C LEU C 796 -23.15 -46.28 11.96
N ASP C 797 -21.83 -46.24 12.01
CA ASP C 797 -21.18 -45.00 12.38
C ASP C 797 -21.48 -43.92 11.36
N GLY C 798 -21.47 -44.27 10.09
CA GLY C 798 -21.57 -43.26 9.07
C GLY C 798 -22.83 -42.44 9.17
N TYR C 799 -23.93 -43.09 9.51
CA TYR C 799 -25.20 -42.40 9.50
C TYR C 799 -25.19 -41.26 10.48
N LEU C 800 -24.52 -41.44 11.59
CA LEU C 800 -24.31 -40.35 12.51
C LEU C 800 -22.95 -39.72 12.36
N LYS C 801 -22.25 -39.99 11.26
CA LYS C 801 -20.88 -39.52 11.16
C LYS C 801 -20.80 -38.01 11.11
N THR C 802 -21.84 -37.35 10.66
CA THR C 802 -21.75 -35.91 10.52
C THR C 802 -23.06 -35.27 10.91
N SER C 803 -22.98 -34.02 11.33
CA SER C 803 -24.16 -33.24 11.59
C SER C 803 -24.49 -32.32 10.43
N ALA C 804 -23.68 -32.32 9.38
CA ALA C 804 -23.94 -31.55 8.16
C ALA C 804 -24.08 -30.06 8.47
N LEU C 805 -23.07 -29.52 9.14
CA LEU C 805 -23.10 -28.13 9.56
C LEU C 805 -22.77 -27.19 8.40
N GLU C 814 -40.42 -21.60 2.16
CA GLU C 814 -39.79 -20.43 2.77
C GLU C 814 -40.62 -19.17 2.51
N VAL C 815 -40.82 -18.86 1.24
CA VAL C 815 -41.60 -17.69 0.85
C VAL C 815 -42.85 -18.17 0.13
N SER C 816 -43.32 -19.36 0.48
CA SER C 816 -44.41 -19.99 -0.23
C SER C 816 -45.68 -19.17 -0.12
N ALA C 817 -46.67 -19.54 -0.93
CA ALA C 817 -47.87 -18.73 -1.09
C ALA C 817 -48.57 -18.53 0.24
N LEU C 818 -48.58 -19.55 1.10
CA LEU C 818 -49.24 -19.38 2.38
C LEU C 818 -48.52 -18.32 3.20
N SER C 819 -47.21 -18.18 3.04
CA SER C 819 -46.50 -17.19 3.83
C SER C 819 -46.95 -15.79 3.48
N ARG C 820 -46.91 -15.46 2.21
CA ARG C 820 -47.34 -14.13 1.81
C ARG C 820 -48.81 -13.94 2.13
N ALA C 821 -49.60 -14.99 1.98
CA ALA C 821 -51.02 -14.85 2.27
C ALA C 821 -51.24 -14.50 3.73
N ALA C 822 -50.67 -15.29 4.63
CA ALA C 822 -50.84 -15.04 6.05
C ALA C 822 -50.23 -13.71 6.44
N GLN C 823 -49.32 -13.18 5.63
CA GLN C 823 -48.76 -11.87 5.95
C GLN C 823 -49.85 -10.80 6.00
N LYS C 824 -50.74 -10.81 5.02
CA LYS C 824 -51.68 -9.69 4.91
C LYS C 824 -52.75 -9.75 5.98
N GLY C 825 -53.07 -10.93 6.47
CA GLY C 825 -54.02 -11.05 7.55
C GLY C 825 -54.54 -12.48 7.68
N PHE C 826 -55.11 -12.77 8.84
CA PHE C 826 -55.62 -14.11 9.12
C PHE C 826 -57.04 -14.30 8.61
N ASN C 827 -57.26 -13.96 7.36
CA ASN C 827 -58.60 -14.01 6.83
C ASN C 827 -58.91 -15.42 6.35
N LYS C 828 -60.07 -15.58 5.73
CA LYS C 828 -60.48 -16.90 5.26
C LYS C 828 -59.49 -17.46 4.26
N VAL C 829 -58.79 -16.61 3.52
CA VAL C 829 -57.95 -17.12 2.44
C VAL C 829 -56.85 -18.00 3.00
N VAL C 830 -56.36 -17.69 4.20
CA VAL C 830 -55.32 -18.51 4.80
C VAL C 830 -55.81 -19.93 5.00
N LEU C 831 -57.06 -20.10 5.40
CA LEU C 831 -57.54 -21.45 5.62
C LEU C 831 -57.55 -22.26 4.34
N LYS C 832 -57.85 -21.64 3.21
CA LYS C 832 -57.79 -22.42 1.97
C LYS C 832 -56.40 -22.95 1.74
N HIS C 833 -55.39 -22.10 1.89
CA HIS C 833 -54.02 -22.54 1.65
C HIS C 833 -53.62 -23.62 2.63
N LEU C 834 -53.95 -23.45 3.90
CA LEU C 834 -53.50 -24.45 4.86
C LEU C 834 -54.26 -25.75 4.71
N LYS C 835 -55.54 -25.69 4.40
CA LYS C 835 -56.31 -26.92 4.18
C LYS C 835 -55.76 -27.68 2.99
N LYS C 836 -55.46 -26.98 1.90
CA LYS C 836 -54.87 -27.63 0.75
C LYS C 836 -53.50 -28.20 1.07
N THR C 837 -52.73 -27.49 1.90
CA THR C 837 -51.43 -28.00 2.33
C THR C 837 -51.60 -29.27 3.15
N LYS C 838 -52.61 -29.31 4.02
CA LYS C 838 -52.84 -30.48 4.87
C LYS C 838 -53.40 -31.65 4.06
N GLU C 844 -44.07 -40.31 1.45
CA GLU C 844 -42.89 -40.39 0.59
C GLU C 844 -41.75 -41.12 1.29
N ALA C 845 -40.68 -41.39 0.56
CA ALA C 845 -39.54 -42.10 1.12
C ALA C 845 -38.94 -41.30 2.27
N ILE C 846 -38.43 -42.01 3.27
CA ILE C 846 -37.95 -41.35 4.46
C ILE C 846 -36.75 -40.49 4.09
N SER C 847 -36.57 -39.42 4.84
CA SER C 847 -35.53 -38.46 4.56
C SER C 847 -34.30 -38.76 5.39
N LEU C 848 -33.24 -38.01 5.12
CA LEU C 848 -32.00 -38.34 5.78
C LEU C 848 -32.04 -37.96 7.23
N GLU C 849 -32.58 -36.79 7.55
CA GLU C 849 -32.59 -36.40 8.95
C GLU C 849 -33.46 -37.33 9.75
N GLU C 850 -34.58 -37.74 9.19
CA GLU C 850 -35.44 -38.64 9.91
C GLU C 850 -34.73 -39.95 10.14
N ILE C 851 -33.92 -40.40 9.18
CA ILE C 851 -33.27 -41.65 9.42
C ILE C 851 -32.12 -41.46 10.38
N ARG C 852 -31.58 -40.27 10.49
CA ARG C 852 -30.62 -40.06 11.54
C ARG C 852 -31.27 -40.23 12.89
N ILE C 853 -32.39 -39.55 13.10
CA ILE C 853 -32.96 -39.64 14.43
C ILE C 853 -33.38 -41.06 14.70
N ARG C 854 -33.77 -41.76 13.65
CA ARG C 854 -34.04 -43.17 13.83
C ARG C 854 -32.79 -43.91 14.22
N VAL C 855 -31.66 -43.58 13.63
CA VAL C 855 -30.53 -44.44 13.92
C VAL C 855 -30.12 -44.21 15.34
N VAL C 856 -30.26 -43.00 15.83
CA VAL C 856 -29.91 -42.81 17.22
C VAL C 856 -30.92 -43.51 18.09
N GLN C 857 -32.18 -43.43 17.73
CA GLN C 857 -33.19 -44.04 18.56
C GLN C 857 -32.96 -45.52 18.65
N MET C 858 -32.61 -46.16 17.53
CA MET C 858 -32.35 -47.58 17.60
C MET C 858 -31.08 -47.84 18.37
N LEU C 859 -30.00 -47.15 18.01
CA LEU C 859 -28.73 -47.34 18.69
C LEU C 859 -28.94 -47.30 20.18
N GLY C 860 -29.86 -46.47 20.62
CA GLY C 860 -30.25 -46.52 22.00
C GLY C 860 -31.02 -47.78 22.31
N SER C 861 -31.96 -48.12 21.45
CA SER C 861 -32.94 -49.10 21.83
C SER C 861 -32.34 -50.44 22.12
N LEU C 862 -31.18 -50.74 21.57
CA LEU C 862 -30.58 -52.02 21.85
C LEU C 862 -30.12 -52.10 23.28
N GLY C 863 -29.76 -50.98 23.86
CA GLY C 863 -29.32 -50.98 25.23
C GLY C 863 -27.81 -50.91 25.37
N GLY C 864 -27.37 -50.44 26.53
CA GLY C 864 -25.95 -50.24 26.75
C GLY C 864 -25.15 -51.52 26.60
N GLN C 865 -25.55 -52.56 27.33
CA GLN C 865 -24.79 -53.80 27.33
C GLN C 865 -24.60 -54.29 25.91
N ILE C 866 -25.53 -53.94 25.05
CA ILE C 866 -25.38 -54.14 23.63
C ILE C 866 -24.63 -53.00 22.97
N ASN C 867 -25.04 -51.77 23.21
CA ASN C 867 -24.59 -50.74 22.29
C ASN C 867 -23.13 -50.43 22.43
N LYS C 868 -22.49 -50.83 23.52
CA LYS C 868 -21.08 -50.51 23.66
C LYS C 868 -20.32 -50.93 22.43
N ASN C 869 -20.87 -51.85 21.68
CA ASN C 869 -20.13 -52.37 20.55
C ASN C 869 -20.05 -51.41 19.40
N LEU C 870 -20.75 -50.29 19.42
CA LEU C 870 -20.64 -49.36 18.30
C LEU C 870 -19.22 -48.85 18.16
N LEU C 871 -18.56 -48.58 19.28
CA LEU C 871 -17.16 -48.25 19.21
C LEU C 871 -16.40 -49.45 18.70
N THR C 872 -15.17 -49.22 18.24
CA THR C 872 -14.44 -50.21 17.44
C THR C 872 -14.48 -51.59 18.07
N VAL C 873 -13.83 -51.75 19.22
CA VAL C 873 -13.77 -53.02 19.91
C VAL C 873 -13.76 -52.70 21.39
N THR C 874 -14.00 -53.71 22.22
CA THR C 874 -13.63 -53.59 23.62
C THR C 874 -12.13 -53.33 23.70
N SER C 875 -11.74 -52.43 24.61
CA SER C 875 -10.41 -51.82 24.57
C SER C 875 -9.36 -52.86 24.96
N SER C 876 -8.99 -53.71 24.00
CA SER C 876 -7.90 -54.64 24.24
C SER C 876 -6.70 -54.41 23.33
N ASP C 877 -6.83 -54.63 22.02
CA ASP C 877 -5.68 -54.50 21.14
C ASP C 877 -5.99 -53.76 19.85
N GLU C 878 -7.16 -53.97 19.28
CA GLU C 878 -7.40 -53.51 17.92
C GLU C 878 -7.32 -51.99 17.84
N MET C 879 -8.07 -51.30 18.70
CA MET C 879 -8.04 -49.85 18.68
C MET C 879 -6.70 -49.35 19.18
N MET C 880 -6.02 -50.14 20.01
CA MET C 880 -4.69 -49.75 20.45
C MET C 880 -3.78 -49.62 19.25
N LYS C 881 -4.17 -50.21 18.13
CA LYS C 881 -3.46 -49.97 16.88
C LYS C 881 -3.85 -48.63 16.30
N SER C 882 -5.05 -48.17 16.57
CA SER C 882 -5.51 -47.01 15.84
C SER C 882 -4.72 -45.75 16.16
N TYR C 883 -3.93 -45.75 17.22
CA TYR C 883 -3.28 -44.53 17.64
C TYR C 883 -2.05 -44.19 16.83
N VAL C 884 -1.23 -45.18 16.49
CA VAL C 884 0.05 -44.88 15.86
C VAL C 884 -0.18 -44.10 14.59
N ALA C 885 0.74 -43.21 14.27
CA ALA C 885 0.60 -42.45 13.04
C ALA C 885 0.72 -43.39 11.85
N TRP C 886 0.05 -43.06 10.75
CA TRP C 886 0.27 -43.95 9.62
C TRP C 886 1.66 -43.86 9.06
N ASP C 887 2.47 -42.93 9.50
CA ASP C 887 3.85 -42.93 9.05
C ASP C 887 4.72 -42.37 10.14
N ARG C 888 5.82 -43.05 10.39
CA ARG C 888 6.77 -42.58 11.38
C ARG C 888 7.08 -41.11 11.16
N GLU C 889 7.62 -40.79 10.00
CA GLU C 889 8.02 -39.43 9.67
C GLU C 889 7.06 -38.90 8.64
N LYS C 890 6.79 -37.60 8.71
CA LYS C 890 5.65 -37.00 8.04
C LYS C 890 6.04 -36.55 6.65
N ARG C 891 5.75 -37.39 5.65
CA ARG C 891 5.86 -36.97 4.27
C ARG C 891 4.61 -36.20 3.88
N LEU C 892 4.43 -35.99 2.59
CA LEU C 892 3.35 -35.17 2.05
C LEU C 892 3.49 -33.71 2.47
N SER C 893 4.70 -33.19 2.37
CA SER C 893 4.96 -31.83 2.81
C SER C 893 4.40 -30.86 1.77
N PHE C 894 3.42 -30.07 2.17
CA PHE C 894 2.82 -29.06 1.32
C PHE C 894 3.21 -27.69 1.81
N ALA C 895 3.18 -26.74 0.89
CA ALA C 895 3.74 -25.41 1.11
C ALA C 895 2.71 -24.35 0.81
N VAL C 896 1.56 -24.43 1.47
CA VAL C 896 0.39 -23.64 1.11
C VAL C 896 0.85 -22.25 0.69
N PRO C 897 0.65 -21.92 -0.52
CA PRO C 897 1.38 -20.81 -1.11
C PRO C 897 0.71 -19.47 -0.83
N PHE C 898 0.92 -18.95 0.36
CA PHE C 898 0.53 -17.58 0.61
C PHE C 898 1.44 -16.64 -0.16
N ARG C 899 1.25 -15.35 0.07
CA ARG C 899 2.10 -14.36 -0.57
C ARG C 899 3.27 -13.97 0.31
N GLU C 900 2.99 -13.44 1.48
CA GLU C 900 4.04 -12.94 2.33
C GLU C 900 4.89 -14.05 2.92
N MET C 901 4.41 -15.29 2.94
CA MET C 901 5.29 -16.36 3.33
C MET C 901 4.77 -17.70 2.87
N LYS C 902 5.54 -18.72 3.18
CA LYS C 902 5.38 -20.05 2.66
C LYS C 902 5.38 -21.04 3.81
N PRO C 903 4.30 -21.21 4.52
CA PRO C 903 4.28 -22.20 5.60
C PRO C 903 4.11 -23.59 5.05
N VAL C 904 4.43 -24.56 5.89
CA VAL C 904 4.35 -25.95 5.49
C VAL C 904 3.23 -26.62 6.25
N ILE C 905 2.39 -27.36 5.54
CA ILE C 905 1.26 -28.05 6.13
C ILE C 905 1.36 -29.50 5.76
N PHE C 906 1.28 -30.37 6.75
CA PHE C 906 1.53 -31.78 6.51
C PHE C 906 0.22 -32.45 6.17
N LEU C 907 0.08 -32.85 4.91
CA LEU C 907 -1.20 -33.36 4.48
C LEU C 907 -1.46 -34.74 5.04
N ASP C 908 -0.42 -35.40 5.54
CA ASP C 908 -0.64 -36.74 6.02
C ASP C 908 -1.52 -36.78 7.25
N VAL C 909 -1.51 -35.73 8.08
CA VAL C 909 -2.31 -35.81 9.27
C VAL C 909 -3.76 -35.70 8.93
N PHE C 910 -4.08 -35.11 7.80
CA PHE C 910 -5.46 -35.01 7.41
C PHE C 910 -5.99 -36.36 7.01
N LEU C 911 -5.12 -37.16 6.44
CA LEU C 911 -5.55 -38.26 5.61
C LEU C 911 -6.35 -39.29 6.39
N PRO C 912 -5.96 -39.74 7.57
CA PRO C 912 -6.70 -40.83 8.19
C PRO C 912 -8.12 -40.48 8.47
N ARG C 913 -8.43 -39.23 8.66
CA ARG C 913 -9.82 -38.88 8.83
C ARG C 913 -10.50 -38.55 7.52
N VAL C 914 -9.78 -37.97 6.57
CA VAL C 914 -10.37 -37.69 5.29
C VAL C 914 -10.84 -38.98 4.64
N THR C 915 -10.04 -40.02 4.74
CA THR C 915 -10.43 -41.26 4.10
C THR C 915 -11.67 -41.83 4.72
N GLU C 916 -11.76 -41.81 6.04
CA GLU C 916 -12.97 -42.33 6.65
C GLU C 916 -14.17 -41.55 6.17
N LEU C 917 -14.03 -40.25 6.04
CA LEU C 917 -15.11 -39.49 5.45
C LEU C 917 -15.42 -40.03 4.07
N ALA C 918 -14.40 -40.27 3.29
CA ALA C 918 -14.62 -40.59 1.90
C ALA C 918 -15.41 -41.89 1.77
N LEU C 919 -15.09 -42.87 2.58
CA LEU C 919 -15.82 -44.11 2.47
C LEU C 919 -17.22 -43.98 3.01
N THR C 920 -17.37 -43.40 4.20
CA THR C 920 -18.56 -43.70 4.95
C THR C 920 -19.33 -42.45 5.35
N ALA C 921 -19.06 -41.32 4.73
CA ALA C 921 -19.81 -40.13 5.09
C ALA C 921 -21.27 -40.26 4.68
N SER C 922 -22.14 -39.64 5.46
CA SER C 922 -23.57 -39.70 5.18
C SER C 922 -24.01 -38.55 4.29
N ASP C 923 -23.88 -37.33 4.77
CA ASP C 923 -24.25 -36.18 3.97
C ASP C 923 -23.50 -36.22 2.67
N ARG C 924 -24.23 -36.27 1.57
CA ARG C 924 -23.56 -36.55 0.31
C ARG C 924 -22.73 -35.39 -0.16
N GLN C 925 -23.08 -34.18 0.21
CA GLN C 925 -22.20 -33.08 -0.13
C GLN C 925 -20.87 -33.24 0.53
N THR C 926 -20.88 -33.59 1.81
CA THR C 926 -19.64 -33.88 2.50
C THR C 926 -18.91 -35.02 1.82
N LYS C 927 -19.63 -36.05 1.45
CA LYS C 927 -18.95 -37.20 0.90
C LYS C 927 -18.29 -36.88 -0.43
N VAL C 928 -18.98 -36.18 -1.30
CA VAL C 928 -18.39 -35.90 -2.59
C VAL C 928 -17.25 -34.94 -2.44
N ALA C 929 -17.37 -33.98 -1.54
CA ALA C 929 -16.25 -33.09 -1.30
C ALA C 929 -15.07 -33.85 -0.76
N ALA C 930 -15.30 -34.76 0.15
CA ALA C 930 -14.21 -35.52 0.69
C ALA C 930 -13.57 -36.36 -0.39
N CYS C 931 -14.38 -36.94 -1.26
CA CYS C 931 -13.83 -37.78 -2.30
C CYS C 931 -12.96 -36.96 -3.21
N GLU C 932 -13.39 -35.75 -3.50
CA GLU C 932 -12.59 -34.96 -4.40
C GLU C 932 -11.32 -34.51 -3.73
N LEU C 933 -11.39 -34.27 -2.42
CA LEU C 933 -10.15 -33.99 -1.72
C LEU C 933 -9.23 -35.18 -1.77
N LEU C 934 -9.74 -36.37 -1.57
CA LEU C 934 -8.84 -37.51 -1.49
C LEU C 934 -8.26 -37.82 -2.84
N HIS C 935 -9.00 -37.57 -3.90
CA HIS C 935 -8.40 -37.71 -5.20
C HIS C 935 -7.23 -36.77 -5.34
N SER C 936 -7.44 -35.51 -4.96
CA SER C 936 -6.34 -34.57 -5.06
C SER C 936 -5.18 -35.03 -4.22
N MET C 937 -5.47 -35.51 -3.04
CA MET C 937 -4.42 -35.83 -2.10
C MET C 937 -3.64 -37.06 -2.55
N VAL C 938 -4.30 -38.05 -3.12
CA VAL C 938 -3.56 -39.21 -3.60
C VAL C 938 -2.75 -38.83 -4.80
N MET C 939 -3.25 -37.91 -5.59
CA MET C 939 -2.44 -37.47 -6.71
C MET C 939 -1.19 -36.83 -6.16
N PHE C 940 -1.34 -36.07 -5.10
CA PHE C 940 -0.18 -35.48 -4.45
C PHE C 940 0.76 -36.53 -3.93
N MET C 941 0.23 -37.61 -3.37
CA MET C 941 1.13 -38.68 -2.98
C MET C 941 1.97 -39.13 -4.15
N LEU C 942 1.34 -39.39 -5.28
CA LEU C 942 2.13 -39.85 -6.41
C LEU C 942 3.18 -38.82 -6.75
N GLY C 943 2.78 -37.55 -6.78
CA GLY C 943 3.73 -36.52 -7.16
C GLY C 943 4.91 -36.48 -6.22
N LYS C 944 4.65 -36.37 -4.94
CA LYS C 944 5.74 -36.31 -4.00
C LYS C 944 6.55 -37.58 -4.03
N ALA C 945 5.98 -38.67 -4.50
CA ALA C 945 6.79 -39.86 -4.67
C ALA C 945 7.82 -39.64 -5.75
N THR C 946 7.39 -39.17 -6.91
CA THR C 946 8.35 -39.06 -7.99
C THR C 946 9.42 -38.04 -7.69
N GLN C 947 9.13 -37.09 -6.81
CA GLN C 947 10.19 -36.24 -6.33
C GLN C 947 10.90 -36.96 -5.20
N MET C 948 11.25 -38.20 -5.47
CA MET C 948 12.00 -39.05 -4.58
C MET C 948 12.93 -38.24 -3.70
N PRO C 949 12.71 -38.21 -2.42
CA PRO C 949 13.73 -37.68 -1.52
C PRO C 949 14.63 -38.79 -1.02
N GLU C 950 14.26 -40.05 -1.30
CA GLU C 950 14.93 -41.20 -0.72
C GLU C 950 14.84 -42.35 -1.71
N GLY C 951 15.97 -42.72 -2.29
CA GLY C 951 15.99 -43.81 -3.25
C GLY C 951 16.29 -45.16 -2.62
N GLY C 952 15.36 -45.67 -1.83
CA GLY C 952 15.53 -47.01 -1.29
C GLY C 952 16.47 -47.07 -0.11
N GLN C 953 17.36 -48.07 -0.11
CA GLN C 953 18.24 -48.35 1.03
C GLN C 953 17.42 -48.53 2.30
N GLY C 954 16.33 -49.27 2.18
CA GLY C 954 15.39 -49.49 3.25
C GLY C 954 13.99 -49.47 2.71
N ALA C 955 13.03 -49.24 3.59
CA ALA C 955 11.65 -49.17 3.16
C ALA C 955 11.48 -47.98 2.24
N PRO C 956 10.92 -48.16 1.05
CA PRO C 956 10.74 -47.02 0.16
C PRO C 956 9.85 -45.99 0.83
N PRO C 957 10.11 -44.73 0.59
CA PRO C 957 9.28 -43.71 1.21
C PRO C 957 7.89 -43.81 0.64
N MET C 958 6.92 -43.50 1.47
CA MET C 958 5.52 -43.49 1.08
C MET C 958 4.99 -44.88 0.77
N TYR C 959 5.81 -45.90 0.98
CA TYR C 959 5.27 -47.25 0.98
C TYR C 959 4.34 -47.43 2.16
N GLN C 960 4.79 -47.04 3.33
CA GLN C 960 3.94 -47.16 4.49
C GLN C 960 2.64 -46.42 4.28
N LEU C 961 2.70 -45.33 3.53
CA LEU C 961 1.47 -44.62 3.25
C LEU C 961 0.66 -45.37 2.23
N TYR C 962 1.31 -45.98 1.26
CA TYR C 962 0.56 -46.64 0.23
C TYR C 962 -0.21 -47.80 0.79
N LYS C 963 0.36 -48.48 1.77
CA LYS C 963 -0.24 -49.71 2.24
C LYS C 963 -1.62 -49.44 2.78
N ARG C 964 -1.80 -48.31 3.40
CA ARG C 964 -3.05 -47.98 4.04
C ARG C 964 -3.86 -46.99 3.24
N THR C 965 -3.34 -46.45 2.16
CA THR C 965 -4.21 -45.68 1.31
C THR C 965 -4.78 -46.49 0.16
N PHE C 966 -4.11 -47.53 -0.28
CA PHE C 966 -4.66 -48.30 -1.38
C PHE C 966 -5.93 -49.04 -1.05
N PRO C 967 -6.07 -49.72 0.07
CA PRO C 967 -7.35 -50.34 0.34
C PRO C 967 -8.45 -49.33 0.41
N VAL C 968 -8.14 -48.13 0.89
CA VAL C 968 -9.11 -47.05 0.85
C VAL C 968 -9.48 -46.75 -0.58
N LEU C 969 -8.48 -46.55 -1.43
CA LEU C 969 -8.78 -46.19 -2.79
C LEU C 969 -9.60 -47.27 -3.45
N LEU C 970 -9.26 -48.50 -3.21
CA LEU C 970 -9.98 -49.60 -3.81
C LEU C 970 -11.41 -49.54 -3.33
N ARG C 971 -11.64 -49.91 -2.09
CA ARG C 971 -13.02 -50.14 -1.75
C ARG C 971 -13.82 -48.86 -1.82
N LEU C 972 -13.17 -47.75 -2.08
CA LEU C 972 -13.91 -46.54 -2.33
C LEU C 972 -14.26 -46.43 -3.78
N ALA C 973 -13.44 -46.97 -4.65
CA ALA C 973 -13.97 -47.27 -5.95
C ALA C 973 -15.03 -48.33 -5.77
N CYS C 974 -15.82 -48.54 -6.81
CA CYS C 974 -16.96 -49.44 -6.75
C CYS C 974 -17.76 -49.23 -5.48
N ASP C 975 -17.75 -48.02 -4.96
CA ASP C 975 -18.78 -47.62 -4.04
C ASP C 975 -20.03 -47.38 -4.84
N VAL C 976 -21.13 -47.09 -4.16
CA VAL C 976 -22.41 -46.99 -4.83
C VAL C 976 -22.88 -45.56 -4.97
N ASP C 977 -21.97 -44.61 -4.94
CA ASP C 977 -22.27 -43.24 -5.34
C ASP C 977 -21.72 -43.06 -6.74
N GLN C 978 -22.60 -42.72 -7.68
CA GLN C 978 -22.18 -42.69 -9.07
C GLN C 978 -21.05 -41.69 -9.26
N VAL C 979 -21.07 -40.60 -8.52
CA VAL C 979 -20.03 -39.60 -8.69
C VAL C 979 -18.71 -40.15 -8.25
N THR C 980 -18.68 -40.70 -7.04
CA THR C 980 -17.44 -41.27 -6.57
C THR C 980 -16.98 -42.36 -7.51
N ARG C 981 -17.91 -43.15 -8.02
CA ARG C 981 -17.50 -44.25 -8.87
C ARG C 981 -16.79 -43.72 -10.08
N GLN C 982 -17.41 -42.78 -10.77
CA GLN C 982 -16.74 -42.23 -11.93
C GLN C 982 -15.46 -41.54 -11.55
N LEU C 983 -15.32 -41.13 -10.32
CA LEU C 983 -14.10 -40.38 -10.04
C LEU C 983 -12.96 -41.30 -9.72
N TYR C 984 -13.23 -42.40 -9.06
CA TYR C 984 -12.15 -43.22 -8.55
C TYR C 984 -11.90 -44.48 -9.35
N GLU C 985 -12.91 -45.10 -9.94
CA GLU C 985 -12.62 -46.24 -10.81
C GLU C 985 -11.58 -45.91 -11.86
N PRO C 986 -11.69 -44.83 -12.61
CA PRO C 986 -10.61 -44.50 -13.51
C PRO C 986 -9.31 -44.29 -12.81
N LEU C 987 -9.31 -43.70 -11.62
CA LEU C 987 -8.03 -43.49 -10.98
C LEU C 987 -7.43 -44.79 -10.53
N VAL C 988 -8.24 -45.72 -10.07
CA VAL C 988 -7.63 -46.98 -9.68
C VAL C 988 -7.07 -47.66 -10.90
N MET C 989 -7.76 -47.57 -12.03
CA MET C 989 -7.18 -48.12 -13.23
C MET C 989 -5.88 -47.40 -13.57
N GLN C 990 -5.86 -46.09 -13.39
CA GLN C 990 -4.64 -45.35 -13.72
C GLN C 990 -3.51 -45.73 -12.77
N LEU C 991 -3.83 -45.96 -11.51
CA LEU C 991 -2.81 -46.36 -10.58
C LEU C 991 -2.25 -47.72 -10.94
N ILE C 992 -3.12 -48.65 -11.27
CA ILE C 992 -2.64 -49.95 -11.66
C ILE C 992 -1.78 -49.82 -12.89
N HIS C 993 -2.19 -48.97 -13.81
CA HIS C 993 -1.37 -48.71 -14.96
C HIS C 993 0.01 -48.21 -14.58
N TRP C 994 0.07 -47.16 -13.77
CA TRP C 994 1.36 -46.62 -13.40
C TRP C 994 2.25 -47.64 -12.75
N PHE C 995 1.71 -48.44 -11.86
CA PHE C 995 2.49 -49.37 -11.07
C PHE C 995 2.79 -50.68 -11.81
N THR C 996 2.78 -50.63 -13.12
CA THR C 996 3.56 -51.56 -13.94
C THR C 996 4.22 -50.86 -15.13
N ASN C 997 4.28 -49.53 -15.13
CA ASN C 997 5.22 -48.78 -15.95
C ASN C 997 6.64 -49.28 -15.69
N ASN C 998 7.51 -49.27 -16.68
CA ASN C 998 8.84 -49.88 -16.60
C ASN C 998 9.66 -49.30 -15.44
N LYS C 999 9.70 -47.98 -15.35
CA LYS C 999 10.27 -47.26 -14.21
C LYS C 999 9.51 -47.70 -12.96
N LYS C 1000 10.25 -48.31 -12.03
CA LYS C 1000 9.79 -48.85 -10.76
C LYS C 1000 8.65 -49.89 -10.81
N PHE C 1001 8.58 -50.66 -11.89
CA PHE C 1001 7.91 -51.96 -11.98
C PHE C 1001 8.31 -52.95 -10.87
N GLU C 1002 9.55 -52.86 -10.38
CA GLU C 1002 10.11 -53.75 -9.37
C GLU C 1002 9.80 -53.33 -7.93
N SER C 1003 9.40 -52.07 -7.71
CA SER C 1003 9.41 -51.44 -6.38
C SER C 1003 8.43 -52.10 -5.42
N GLN C 1004 8.69 -52.01 -4.11
CA GLN C 1004 7.78 -52.58 -3.15
C GLN C 1004 6.43 -51.90 -3.20
N ASP C 1005 6.35 -50.74 -3.83
CA ASP C 1005 5.07 -50.09 -3.95
C ASP C 1005 4.13 -50.92 -4.77
N THR C 1006 4.60 -51.45 -5.89
CA THR C 1006 3.75 -52.32 -6.67
C THR C 1006 3.46 -53.59 -5.93
N VAL C 1007 4.41 -54.08 -5.15
CA VAL C 1007 4.15 -55.24 -4.34
C VAL C 1007 2.96 -54.97 -3.44
N ALA C 1008 2.97 -53.82 -2.81
CA ALA C 1008 1.91 -53.49 -1.89
C ALA C 1008 0.59 -53.38 -2.64
N LEU C 1009 0.59 -52.71 -3.76
CA LEU C 1009 -0.67 -52.51 -4.45
C LEU C 1009 -1.25 -53.83 -4.86
N LEU C 1010 -0.42 -54.73 -5.35
CA LEU C 1010 -0.91 -56.05 -5.71
C LEU C 1010 -1.44 -56.76 -4.49
N GLU C 1011 -0.73 -56.64 -3.38
CA GLU C 1011 -1.21 -57.28 -2.16
C GLU C 1011 -2.55 -56.72 -1.77
N ALA C 1012 -2.74 -55.43 -2.01
CA ALA C 1012 -4.01 -54.82 -1.71
C ALA C 1012 -5.09 -55.39 -2.59
N ILE C 1013 -4.83 -55.50 -3.89
CA ILE C 1013 -5.88 -56.02 -4.75
C ILE C 1013 -6.25 -57.40 -4.31
N LEU C 1014 -5.26 -58.24 -4.02
CA LEU C 1014 -5.58 -59.59 -3.60
C LEU C 1014 -6.37 -59.58 -2.31
N ASP C 1015 -5.98 -58.78 -1.33
CA ASP C 1015 -6.82 -58.80 -0.16
C ASP C 1015 -8.15 -58.11 -0.43
N GLY C 1016 -8.29 -57.52 -1.61
CA GLY C 1016 -9.57 -57.00 -2.03
C GLY C 1016 -10.44 -58.09 -2.62
N ILE C 1017 -9.82 -59.05 -3.31
CA ILE C 1017 -10.58 -60.18 -3.79
C ILE C 1017 -11.19 -60.91 -2.62
N VAL C 1018 -10.39 -61.15 -1.59
CA VAL C 1018 -10.82 -62.02 -0.53
C VAL C 1018 -11.81 -61.35 0.39
N ASP C 1019 -12.22 -60.13 0.07
CA ASP C 1019 -13.01 -59.36 1.00
C ASP C 1019 -14.28 -60.10 1.33
N PRO C 1020 -14.57 -60.31 2.57
CA PRO C 1020 -15.71 -61.15 2.91
C PRO C 1020 -17.04 -60.47 2.64
N VAL C 1021 -17.21 -59.24 3.07
CA VAL C 1021 -18.55 -58.69 3.15
C VAL C 1021 -18.86 -57.82 1.94
N ASP C 1022 -17.92 -56.97 1.53
CA ASP C 1022 -18.18 -56.01 0.46
C ASP C 1022 -18.32 -56.79 -0.83
N SER C 1023 -19.54 -57.25 -1.07
CA SER C 1023 -19.78 -58.13 -2.20
C SER C 1023 -19.34 -57.49 -3.49
N THR C 1024 -19.77 -56.26 -3.73
CA THR C 1024 -19.45 -55.66 -5.00
C THR C 1024 -17.99 -55.33 -5.12
N LEU C 1025 -17.29 -55.18 -4.01
CA LEU C 1025 -15.86 -54.96 -4.08
C LEU C 1025 -15.18 -56.08 -4.81
N ARG C 1026 -15.71 -57.29 -4.68
CA ARG C 1026 -15.12 -58.42 -5.36
C ARG C 1026 -14.96 -58.15 -6.82
N ASP C 1027 -16.00 -57.67 -7.47
CA ASP C 1027 -15.96 -57.59 -8.90
C ASP C 1027 -14.96 -56.56 -9.34
N PHE C 1028 -14.95 -55.40 -8.69
CA PHE C 1028 -13.98 -54.40 -9.09
C PHE C 1028 -12.58 -54.88 -8.84
N CYS C 1029 -12.36 -55.58 -7.75
CA CYS C 1029 -11.04 -56.10 -7.52
C CYS C 1029 -10.66 -57.06 -8.60
N GLY C 1030 -11.62 -57.83 -9.08
CA GLY C 1030 -11.32 -58.74 -10.16
C GLY C 1030 -10.92 -57.99 -11.40
N ARG C 1031 -11.68 -56.98 -11.74
CA ARG C 1031 -11.33 -56.22 -12.93
C ARG C 1031 -9.97 -55.59 -12.75
N CYS C 1032 -9.66 -55.22 -11.52
CA CYS C 1032 -8.39 -54.61 -11.23
C CYS C 1032 -7.27 -55.60 -11.46
N ILE C 1033 -7.44 -56.84 -11.01
CA ILE C 1033 -6.41 -57.85 -11.24
C ILE C 1033 -6.24 -58.06 -12.71
N ARG C 1034 -7.35 -58.15 -13.42
CA ARG C 1034 -7.26 -58.31 -14.85
C ARG C 1034 -6.40 -57.21 -15.44
N GLU C 1035 -6.71 -55.98 -15.08
CA GLU C 1035 -6.01 -54.88 -15.71
C GLU C 1035 -4.54 -54.96 -15.35
N PHE C 1036 -4.27 -55.38 -14.12
CA PHE C 1036 -2.90 -55.47 -13.66
C PHE C 1036 -2.12 -56.45 -14.48
N LEU C 1037 -2.67 -57.63 -14.67
CA LEU C 1037 -1.97 -58.61 -15.47
C LEU C 1037 -1.82 -58.13 -16.90
N LYS C 1038 -2.85 -57.49 -17.41
CA LYS C 1038 -2.80 -57.05 -18.80
C LYS C 1038 -1.66 -56.08 -18.99
N TRP C 1039 -1.62 -55.04 -18.18
CA TRP C 1039 -0.51 -54.11 -18.33
C TRP C 1039 0.80 -54.76 -17.94
N SER C 1040 0.75 -55.81 -17.12
CA SER C 1040 1.98 -56.44 -16.71
C SER C 1040 2.66 -57.09 -17.89
N ILE C 1041 1.90 -57.81 -18.68
CA ILE C 1041 2.46 -58.34 -19.92
C ILE C 1041 2.81 -57.21 -20.86
N LYS C 1042 1.91 -56.25 -21.01
CA LYS C 1042 2.02 -55.26 -22.06
C LYS C 1042 3.12 -54.25 -21.81
N GLN C 1043 3.67 -54.20 -20.61
CA GLN C 1043 4.51 -53.05 -20.35
C GLN C 1043 5.97 -53.39 -20.13
N ILE C 1044 6.25 -54.51 -19.54
CA ILE C 1044 7.62 -54.79 -19.13
C ILE C 1044 8.33 -55.55 -20.23
N THR C 1045 9.64 -55.32 -20.32
CA THR C 1045 10.49 -56.12 -21.19
C THR C 1045 10.55 -57.53 -20.63
N PRO C 1046 10.25 -58.55 -21.43
CA PRO C 1046 10.23 -59.88 -20.84
C PRO C 1046 11.58 -60.46 -20.46
N GLN C 1047 12.70 -59.87 -20.91
CA GLN C 1047 14.02 -60.42 -20.58
C GLN C 1047 14.19 -60.61 -19.09
N GLN C 1048 13.78 -59.62 -18.29
CA GLN C 1048 13.69 -59.84 -16.86
C GLN C 1048 12.51 -60.71 -16.51
N GLN C 1049 11.44 -60.63 -17.30
CA GLN C 1049 10.15 -61.10 -16.84
C GLN C 1049 10.15 -62.60 -16.54
N GLU C 1050 11.00 -63.40 -17.20
CA GLU C 1050 10.93 -64.85 -16.97
C GLU C 1050 11.13 -65.18 -15.50
N LYS C 1051 12.16 -64.62 -14.88
CA LYS C 1051 12.46 -64.93 -13.49
C LYS C 1051 12.80 -63.74 -12.62
N SER C 1052 13.12 -62.58 -13.19
CA SER C 1052 13.44 -61.43 -12.35
C SER C 1052 12.27 -60.94 -11.51
N PRO C 1053 11.04 -60.80 -12.05
CA PRO C 1053 10.02 -60.09 -11.27
C PRO C 1053 9.48 -60.89 -10.11
N VAL C 1054 8.52 -60.30 -9.42
CA VAL C 1054 7.75 -60.99 -8.39
C VAL C 1054 6.29 -60.89 -8.82
N ASN C 1055 6.06 -60.94 -10.14
CA ASN C 1055 4.73 -60.71 -10.68
C ASN C 1055 4.22 -61.85 -11.56
N THR C 1056 4.91 -62.21 -12.63
CA THR C 1056 4.25 -62.98 -13.68
C THR C 1056 3.84 -64.36 -13.22
N LYS C 1057 4.80 -65.21 -12.92
CA LYS C 1057 4.43 -66.49 -12.34
C LYS C 1057 3.99 -66.28 -10.92
N SER C 1058 4.50 -65.24 -10.29
CA SER C 1058 4.20 -65.05 -8.88
C SER C 1058 2.72 -64.86 -8.66
N LEU C 1059 2.07 -64.10 -9.54
CA LEU C 1059 0.65 -63.85 -9.34
C LEU C 1059 -0.12 -65.16 -9.38
N PHE C 1060 0.09 -65.95 -10.43
CA PHE C 1060 -0.60 -67.21 -10.51
C PHE C 1060 -0.30 -68.05 -9.30
N LYS C 1061 0.95 -68.09 -8.88
CA LYS C 1061 1.28 -68.89 -7.71
C LYS C 1061 0.47 -68.43 -6.53
N ARG C 1062 0.31 -67.13 -6.39
CA ARG C 1062 -0.43 -66.62 -5.26
C ARG C 1062 -1.85 -67.08 -5.31
N LEU C 1063 -2.46 -67.00 -6.48
CA LEU C 1063 -3.81 -67.52 -6.63
C LEU C 1063 -3.85 -68.98 -6.21
N TYR C 1064 -2.93 -69.77 -6.75
CA TYR C 1064 -2.99 -71.19 -6.51
C TYR C 1064 -2.90 -71.46 -5.03
N SER C 1065 -1.99 -70.78 -4.37
CA SER C 1065 -1.89 -70.95 -2.94
C SER C 1065 -3.19 -70.56 -2.30
N LEU C 1066 -3.87 -69.58 -2.85
CA LEU C 1066 -5.13 -69.21 -2.24
C LEU C 1066 -6.15 -70.31 -2.40
N ALA C 1067 -6.08 -71.05 -3.50
CA ALA C 1067 -7.15 -72.00 -3.80
C ALA C 1067 -7.31 -72.99 -2.68
N LEU C 1068 -6.26 -73.67 -2.31
CA LEU C 1068 -6.42 -74.75 -1.36
C LEU C 1068 -6.85 -74.28 -0.01
N HIS C 1069 -7.09 -73.00 0.19
CA HIS C 1069 -7.29 -72.53 1.53
C HIS C 1069 -8.57 -73.11 2.12
N PRO C 1070 -8.63 -73.28 3.43
CA PRO C 1070 -9.87 -73.76 4.04
C PRO C 1070 -11.03 -72.80 3.90
N ASN C 1071 -10.84 -71.52 4.17
CA ASN C 1071 -11.95 -70.57 4.20
C ASN C 1071 -12.72 -70.55 2.90
N ALA C 1072 -14.04 -70.55 3.00
CA ALA C 1072 -14.87 -70.51 1.81
C ALA C 1072 -14.70 -69.18 1.08
N PHE C 1073 -14.71 -68.09 1.82
CA PHE C 1073 -14.55 -66.81 1.16
C PHE C 1073 -13.21 -66.73 0.47
N LYS C 1074 -12.15 -67.23 1.09
CA LYS C 1074 -10.85 -67.05 0.48
C LYS C 1074 -10.79 -67.77 -0.86
N ARG C 1075 -11.24 -69.00 -0.89
CA ARG C 1075 -11.25 -69.69 -2.17
C ARG C 1075 -12.15 -68.95 -3.13
N LEU C 1076 -13.23 -68.40 -2.60
CA LEU C 1076 -14.17 -67.72 -3.47
C LEU C 1076 -13.46 -66.64 -4.22
N GLY C 1077 -12.67 -65.85 -3.50
CA GLY C 1077 -11.89 -64.83 -4.14
C GLY C 1077 -10.93 -65.43 -5.15
N ALA C 1078 -10.30 -66.54 -4.79
CA ALA C 1078 -9.34 -67.12 -5.72
C ALA C 1078 -10.03 -67.40 -7.03
N SER C 1079 -11.13 -68.11 -6.97
CA SER C 1079 -11.92 -68.33 -8.15
C SER C 1079 -12.14 -67.02 -8.86
N LEU C 1080 -12.85 -66.10 -8.19
CA LEU C 1080 -13.34 -64.91 -8.87
C LEU C 1080 -12.24 -64.20 -9.60
N ALA C 1081 -11.03 -64.27 -9.07
CA ALA C 1081 -9.92 -63.71 -9.84
C ALA C 1081 -9.69 -64.56 -11.08
N PHE C 1082 -9.49 -65.85 -10.89
CA PHE C 1082 -9.04 -66.64 -12.01
C PHE C 1082 -10.09 -66.67 -13.10
N ASN C 1083 -11.33 -66.37 -12.70
CA ASN C 1083 -12.40 -66.18 -13.66
C ASN C 1083 -12.10 -65.02 -14.56
N ASN C 1084 -11.49 -63.99 -14.04
CA ASN C 1084 -11.42 -62.79 -14.83
C ASN C 1084 -10.14 -62.73 -15.65
N ILE C 1085 -9.40 -63.83 -15.74
CA ILE C 1085 -8.21 -63.89 -16.57
C ILE C 1085 -8.31 -64.96 -17.66
N TYR C 1086 -9.53 -65.36 -18.02
CA TYR C 1086 -9.79 -66.16 -19.21
C TYR C 1086 -8.97 -65.63 -20.36
N ARG C 1087 -9.37 -64.43 -20.77
CA ARG C 1087 -8.83 -63.82 -21.96
C ARG C 1087 -7.36 -63.53 -21.79
N GLU C 1088 -6.97 -63.08 -20.60
CA GLU C 1088 -5.58 -62.75 -20.39
C GLU C 1088 -4.71 -63.97 -20.62
N PHE C 1089 -5.14 -65.11 -20.10
CA PHE C 1089 -4.28 -66.27 -20.20
C PHE C 1089 -4.29 -66.84 -21.60
N ARG C 1090 -5.44 -66.78 -22.27
CA ARG C 1090 -5.48 -67.38 -23.60
C ARG C 1090 -4.76 -66.54 -24.63
N GLU C 1091 -4.65 -65.23 -24.41
CA GLU C 1091 -4.30 -64.31 -25.50
C GLU C 1091 -2.96 -64.67 -26.14
N GLU C 1092 -1.91 -64.57 -25.32
CA GLU C 1092 -0.49 -64.59 -25.69
C GLU C 1092 0.27 -65.64 -24.87
N GLU C 1093 -0.31 -66.14 -23.76
CA GLU C 1093 0.39 -66.97 -22.82
C GLU C 1093 0.53 -68.39 -23.29
N SER C 1094 0.12 -68.50 -24.55
CA SER C 1094 0.33 -69.71 -25.35
C SER C 1094 1.71 -70.28 -25.15
N LEU C 1095 2.71 -69.43 -24.94
CA LEU C 1095 3.97 -69.96 -24.47
C LEU C 1095 3.78 -70.69 -23.16
N VAL C 1096 2.84 -70.26 -22.34
CA VAL C 1096 2.77 -70.72 -20.97
C VAL C 1096 1.38 -71.24 -20.59
N GLU C 1097 0.80 -72.00 -21.51
CA GLU C 1097 -0.30 -72.89 -21.28
C GLU C 1097 -0.05 -73.70 -20.01
N GLN C 1098 1.22 -73.88 -19.64
CA GLN C 1098 1.61 -74.99 -18.79
C GLN C 1098 1.19 -74.83 -17.33
N PHE C 1099 1.40 -73.65 -16.72
CA PHE C 1099 0.81 -73.44 -15.40
C PHE C 1099 -0.65 -73.81 -15.37
N VAL C 1100 -1.43 -73.48 -16.40
CA VAL C 1100 -2.85 -73.81 -16.33
C VAL C 1100 -3.14 -75.25 -16.69
N PHE C 1101 -2.36 -75.85 -17.57
CA PHE C 1101 -2.57 -77.26 -17.82
C PHE C 1101 -2.42 -78.05 -16.55
N GLU C 1102 -1.74 -77.49 -15.56
CA GLU C 1102 -1.79 -78.12 -14.25
C GLU C 1102 -2.79 -77.41 -13.33
N ALA C 1103 -3.08 -76.16 -13.61
CA ALA C 1103 -4.03 -75.46 -12.76
C ALA C 1103 -5.41 -76.08 -12.86
N LEU C 1104 -5.73 -76.65 -13.99
CA LEU C 1104 -6.98 -77.35 -14.10
C LEU C 1104 -7.10 -78.32 -12.97
N VAL C 1105 -6.05 -79.09 -12.73
CA VAL C 1105 -6.06 -79.95 -11.56
C VAL C 1105 -6.23 -79.11 -10.32
N ILE C 1106 -5.43 -78.06 -10.19
CA ILE C 1106 -5.43 -77.37 -8.90
C ILE C 1106 -6.82 -76.88 -8.57
N TYR C 1107 -7.42 -76.15 -9.51
CA TYR C 1107 -8.69 -75.54 -9.21
C TYR C 1107 -9.78 -76.58 -9.17
N MET C 1108 -9.85 -77.44 -10.17
CA MET C 1108 -10.89 -78.43 -10.18
C MET C 1108 -10.88 -79.21 -8.89
N GLU C 1109 -9.71 -79.42 -8.31
CA GLU C 1109 -9.70 -80.10 -7.04
C GLU C 1109 -10.13 -79.18 -5.94
N SER C 1110 -9.30 -78.21 -5.61
CA SER C 1110 -9.57 -77.47 -4.38
C SER C 1110 -10.95 -76.85 -4.44
N LEU C 1111 -11.22 -76.08 -5.49
CA LEU C 1111 -12.45 -75.33 -5.60
C LEU C 1111 -13.67 -76.22 -5.51
N ALA C 1112 -13.56 -77.55 -5.51
CA ALA C 1112 -14.63 -78.33 -4.94
C ALA C 1112 -14.36 -78.96 -3.58
N LEU C 1113 -13.13 -79.17 -3.12
CA LEU C 1113 -12.95 -79.71 -1.78
C LEU C 1113 -13.50 -78.77 -0.73
N ALA C 1114 -13.89 -79.36 0.40
CA ALA C 1114 -14.42 -78.63 1.56
C ALA C 1114 -15.69 -77.86 1.20
N HIS C 1115 -16.36 -78.30 0.13
CA HIS C 1115 -17.74 -77.96 -0.21
C HIS C 1115 -18.72 -79.10 0.06
N ALA C 1116 -18.28 -80.27 0.55
CA ALA C 1116 -19.25 -81.12 1.19
C ALA C 1116 -19.85 -80.41 2.39
N ASP C 1117 -19.17 -79.37 2.90
CA ASP C 1117 -19.71 -78.48 3.91
C ASP C 1117 -19.55 -77.03 3.47
N GLU C 1118 -19.98 -76.09 4.32
CA GLU C 1118 -19.90 -74.66 4.01
C GLU C 1118 -20.63 -74.33 2.72
N LYS C 1119 -21.95 -74.44 2.77
CA LYS C 1119 -22.76 -74.23 1.57
C LYS C 1119 -23.40 -72.86 1.52
N SER C 1120 -23.71 -72.27 2.68
CA SER C 1120 -24.52 -71.06 2.69
C SER C 1120 -23.79 -69.87 2.08
N LEU C 1121 -22.56 -69.60 2.51
CA LEU C 1121 -21.77 -68.50 2.00
C LEU C 1121 -21.13 -68.82 0.66
N GLY C 1122 -21.08 -70.10 0.29
CA GLY C 1122 -20.33 -70.56 -0.85
C GLY C 1122 -21.08 -70.50 -2.16
N THR C 1123 -21.21 -69.31 -2.75
CA THR C 1123 -21.57 -69.21 -4.16
C THR C 1123 -20.47 -69.73 -5.05
N ILE C 1124 -19.46 -70.37 -4.46
CA ILE C 1124 -18.24 -70.75 -5.14
C ILE C 1124 -18.55 -71.62 -6.32
N GLN C 1125 -19.39 -72.62 -6.13
CA GLN C 1125 -19.54 -73.67 -7.13
C GLN C 1125 -19.91 -73.09 -8.48
N GLN C 1126 -20.59 -71.95 -8.49
CA GLN C 1126 -20.84 -71.29 -9.76
C GLN C 1126 -19.53 -70.81 -10.37
N CYS C 1127 -18.58 -70.43 -9.54
CA CYS C 1127 -17.30 -70.02 -10.09
C CYS C 1127 -16.47 -71.21 -10.52
N CYS C 1128 -16.78 -72.40 -10.06
CA CYS C 1128 -16.18 -73.56 -10.70
C CYS C 1128 -16.54 -73.62 -12.17
N ASP C 1129 -17.65 -73.00 -12.56
CA ASP C 1129 -17.90 -72.89 -13.99
C ASP C 1129 -16.75 -72.20 -14.66
N ALA C 1130 -16.08 -71.29 -13.96
CA ALA C 1130 -14.89 -70.71 -14.54
C ALA C 1130 -13.86 -71.79 -14.80
N ILE C 1131 -13.80 -72.78 -13.92
CA ILE C 1131 -12.92 -73.91 -14.20
C ILE C 1131 -13.34 -74.55 -15.50
N ASP C 1132 -14.64 -74.68 -15.70
CA ASP C 1132 -15.10 -75.23 -16.96
C ASP C 1132 -14.60 -74.39 -18.13
N HIS C 1133 -14.70 -73.08 -18.04
CA HIS C 1133 -14.28 -72.27 -19.18
C HIS C 1133 -12.79 -72.37 -19.42
N LEU C 1134 -11.99 -72.29 -18.36
CA LEU C 1134 -10.55 -72.42 -18.58
C LEU C 1134 -10.25 -73.77 -19.18
N CYS C 1135 -10.94 -74.78 -18.72
CA CYS C 1135 -10.87 -76.08 -19.35
C CYS C 1135 -11.04 -75.94 -20.85
N ARG C 1136 -12.23 -75.55 -21.26
CA ARG C 1136 -12.55 -75.52 -22.68
C ARG C 1136 -11.50 -74.75 -23.46
N ILE C 1137 -11.04 -73.64 -22.89
CA ILE C 1137 -10.10 -72.85 -23.66
C ILE C 1137 -8.74 -73.54 -23.70
N ILE C 1138 -8.45 -74.43 -22.76
CA ILE C 1138 -7.15 -75.08 -22.94
C ILE C 1138 -7.26 -76.23 -23.94
N GLU C 1139 -8.36 -76.98 -23.94
CA GLU C 1139 -8.37 -78.08 -24.88
C GLU C 1139 -8.58 -77.60 -26.31
N LYS C 1140 -9.22 -76.44 -26.48
CA LYS C 1140 -9.48 -75.96 -27.83
C LYS C 1140 -8.20 -75.76 -28.64
N LYS C 1141 -7.06 -75.60 -27.99
CA LYS C 1141 -5.77 -75.89 -28.61
C LYS C 1141 -5.22 -77.21 -28.07
N HIS C 1142 -5.50 -78.27 -28.83
CA HIS C 1142 -5.07 -79.61 -28.43
C HIS C 1142 -3.93 -80.13 -29.29
N VAL C 1143 -3.94 -79.80 -30.58
CA VAL C 1143 -2.94 -80.34 -31.49
C VAL C 1143 -1.54 -80.01 -31.01
N SER C 1144 -1.38 -78.83 -30.42
CA SER C 1144 -0.11 -78.44 -29.83
C SER C 1144 -0.09 -78.63 -28.34
N LEU C 1145 -1.23 -78.93 -27.72
CA LEU C 1145 -1.24 -79.17 -26.29
C LEU C 1145 -0.41 -80.39 -25.94
N ASN C 1146 -0.52 -81.44 -26.72
CA ASN C 1146 0.13 -82.70 -26.41
C ASN C 1146 1.53 -82.81 -26.97
N LYS C 1147 2.24 -81.70 -27.11
CA LYS C 1147 3.59 -81.75 -27.64
C LYS C 1147 4.48 -82.59 -26.73
N ALA C 1148 5.43 -83.29 -27.33
CA ALA C 1148 6.37 -84.08 -26.56
C ALA C 1148 7.36 -83.17 -25.84
N LYS C 1149 8.18 -83.78 -24.99
CA LYS C 1149 9.26 -83.12 -24.23
C LYS C 1149 8.83 -81.79 -23.62
N LYS C 1150 7.54 -81.64 -23.32
CA LYS C 1150 7.05 -80.54 -22.52
C LYS C 1150 6.62 -81.10 -21.18
N ARG C 1151 7.36 -80.78 -20.14
CA ARG C 1151 7.33 -81.58 -18.91
C ARG C 1151 7.19 -80.70 -17.68
N ARG C 1152 6.23 -79.77 -17.68
CA ARG C 1152 6.01 -78.99 -16.47
C ARG C 1152 5.57 -79.89 -15.32
N LEU C 1153 6.19 -79.71 -14.18
CA LEU C 1153 5.86 -80.54 -13.04
C LEU C 1153 4.42 -80.25 -12.64
N PRO C 1154 3.59 -81.26 -12.54
CA PRO C 1154 2.22 -81.08 -12.10
C PRO C 1154 2.03 -81.39 -10.62
N ARG C 1155 0.81 -81.23 -10.12
CA ARG C 1155 0.48 -81.76 -8.80
C ARG C 1155 -0.31 -83.05 -8.94
N GLY C 1156 -0.05 -83.98 -8.03
CA GLY C 1156 -0.73 -85.26 -8.05
C GLY C 1156 -0.15 -86.25 -9.00
N PHE C 1157 1.13 -86.12 -9.34
CA PHE C 1157 1.83 -87.04 -10.23
C PHE C 1157 3.29 -87.10 -9.81
N PRO C 1158 3.72 -88.15 -9.13
CA PRO C 1158 5.11 -88.24 -8.68
C PRO C 1158 6.09 -88.23 -9.84
N PRO C 1159 5.99 -89.16 -10.80
CA PRO C 1159 7.08 -89.22 -11.80
C PRO C 1159 6.92 -88.13 -12.85
N SER C 1160 7.81 -87.15 -12.80
CA SER C 1160 7.79 -86.10 -13.81
C SER C 1160 8.03 -86.70 -15.18
N ALA C 1161 7.36 -86.14 -16.19
CA ALA C 1161 7.53 -86.59 -17.56
C ALA C 1161 6.95 -85.52 -18.46
N SER C 1162 7.13 -85.67 -19.76
CA SER C 1162 6.54 -84.75 -20.72
C SER C 1162 5.04 -84.95 -20.67
N LEU C 1163 4.34 -84.06 -19.98
CA LEU C 1163 2.91 -84.23 -19.86
C LEU C 1163 2.27 -84.26 -21.24
N CYS C 1164 1.46 -85.29 -21.46
CA CYS C 1164 0.56 -85.35 -22.60
C CYS C 1164 -0.84 -85.49 -22.04
N LEU C 1165 -1.83 -85.06 -22.81
CA LEU C 1165 -3.18 -85.07 -22.30
C LEU C 1165 -3.58 -86.46 -21.85
N LEU C 1166 -2.95 -87.50 -22.42
CA LEU C 1166 -3.23 -88.86 -21.97
C LEU C 1166 -3.08 -88.95 -20.46
N ASP C 1167 -1.99 -88.39 -19.94
CA ASP C 1167 -1.76 -88.45 -18.51
C ASP C 1167 -2.87 -87.74 -17.77
N LEU C 1168 -3.24 -86.55 -18.22
CA LEU C 1168 -4.24 -85.79 -17.48
C LEU C 1168 -5.56 -86.50 -17.53
N VAL C 1169 -5.86 -87.14 -18.65
CA VAL C 1169 -7.11 -87.87 -18.78
C VAL C 1169 -7.12 -89.04 -17.83
N LYS C 1170 -6.02 -89.77 -17.78
CA LYS C 1170 -5.96 -90.87 -16.84
C LYS C 1170 -6.17 -90.36 -15.44
N TRP C 1171 -5.61 -89.20 -15.15
CA TRP C 1171 -5.86 -88.58 -13.87
C TRP C 1171 -7.34 -88.37 -13.66
N LEU C 1172 -7.98 -87.76 -14.65
CA LEU C 1172 -9.41 -87.51 -14.55
C LEU C 1172 -10.16 -88.79 -14.24
N LEU C 1173 -9.92 -89.81 -15.04
CA LEU C 1173 -10.65 -91.03 -14.82
C LEU C 1173 -10.39 -91.55 -13.44
N ALA C 1174 -9.15 -91.44 -12.97
CA ALA C 1174 -8.88 -91.76 -11.58
C ALA C 1174 -9.67 -90.85 -10.67
N HIS C 1175 -9.90 -89.63 -11.09
CA HIS C 1175 -10.67 -88.70 -10.30
C HIS C 1175 -12.11 -88.64 -10.75
N CYS C 1176 -12.51 -89.55 -11.64
CA CYS C 1176 -13.87 -89.54 -12.17
C CYS C 1176 -14.88 -89.73 -11.05
N GLY C 1177 -14.48 -90.36 -9.96
CA GLY C 1177 -15.36 -90.60 -8.85
C GLY C 1177 -14.79 -90.02 -7.59
N ARG C 1178 -15.55 -89.14 -6.97
CA ARG C 1178 -15.13 -88.57 -5.69
C ARG C 1178 -16.35 -88.07 -4.95
N PRO C 1179 -16.32 -88.12 -3.62
CA PRO C 1179 -17.54 -87.85 -2.86
C PRO C 1179 -18.10 -86.47 -3.05
N GLN C 1180 -17.26 -85.46 -3.21
CA GLN C 1180 -17.76 -84.09 -3.36
C GLN C 1180 -18.59 -83.99 -4.63
N THR C 1181 -19.80 -83.46 -4.50
CA THR C 1181 -20.78 -83.69 -5.57
C THR C 1181 -20.46 -82.88 -6.82
N GLU C 1182 -20.28 -81.58 -6.67
CA GLU C 1182 -20.12 -80.77 -7.86
C GLU C 1182 -18.91 -81.19 -8.64
N CYS C 1183 -17.83 -81.50 -7.92
CA CYS C 1183 -16.62 -81.93 -8.60
C CYS C 1183 -16.88 -83.19 -9.38
N ARG C 1184 -17.54 -84.14 -8.76
CA ARG C 1184 -17.69 -85.41 -9.45
C ARG C 1184 -18.48 -85.20 -10.72
N HIS C 1185 -19.54 -84.39 -10.64
CA HIS C 1185 -20.32 -84.15 -11.84
C HIS C 1185 -19.48 -83.49 -12.92
N LYS C 1186 -18.88 -82.35 -12.59
CA LYS C 1186 -18.11 -81.62 -13.59
C LYS C 1186 -16.98 -82.47 -14.11
N SER C 1187 -16.35 -83.25 -13.24
CA SER C 1187 -15.16 -83.97 -13.61
C SER C 1187 -15.49 -85.10 -14.57
N ILE C 1188 -16.55 -85.83 -14.27
CA ILE C 1188 -16.99 -86.84 -15.21
C ILE C 1188 -17.23 -86.21 -16.57
N GLU C 1189 -18.03 -85.15 -16.60
CA GLU C 1189 -18.38 -84.61 -17.92
C GLU C 1189 -17.15 -84.05 -18.60
N LEU C 1190 -16.17 -83.61 -17.82
CA LEU C 1190 -14.97 -83.06 -18.38
C LEU C 1190 -14.10 -84.15 -18.99
N PHE C 1191 -13.99 -85.27 -18.31
CA PHE C 1191 -13.42 -86.46 -18.92
C PHE C 1191 -14.05 -86.73 -20.26
N TYR C 1192 -15.38 -86.73 -20.29
CA TYR C 1192 -16.09 -87.00 -21.53
C TYR C 1192 -15.67 -86.02 -22.59
N LYS C 1193 -15.62 -84.74 -22.25
CA LYS C 1193 -15.29 -83.77 -23.27
C LYS C 1193 -13.84 -83.83 -23.69
N PHE C 1194 -12.97 -84.39 -22.86
CA PHE C 1194 -11.57 -84.50 -23.25
C PHE C 1194 -11.30 -85.66 -24.17
N VAL C 1195 -11.79 -86.84 -23.80
CA VAL C 1195 -11.28 -88.07 -24.38
C VAL C 1195 -11.27 -88.04 -25.91
N PRO C 1196 -12.25 -87.49 -26.62
CA PRO C 1196 -12.14 -87.48 -28.09
C PRO C 1196 -11.03 -86.60 -28.59
N LEU C 1197 -10.58 -85.64 -27.81
CA LEU C 1197 -9.53 -84.74 -28.28
C LEU C 1197 -8.18 -85.43 -28.39
N LEU C 1198 -8.04 -86.60 -27.79
CA LEU C 1198 -6.74 -87.24 -27.71
C LEU C 1198 -6.32 -87.71 -29.10
N PRO C 1199 -5.04 -88.02 -29.31
CA PRO C 1199 -4.59 -88.36 -30.67
C PRO C 1199 -5.31 -89.54 -31.27
N GLY C 1200 -5.74 -90.51 -30.46
CA GLY C 1200 -6.38 -91.68 -31.01
C GLY C 1200 -7.69 -91.40 -31.72
N ASN C 1201 -8.36 -90.31 -31.36
CA ASN C 1201 -9.69 -90.01 -31.90
C ASN C 1201 -10.66 -91.16 -31.68
N ARG C 1202 -10.35 -92.03 -30.73
CA ARG C 1202 -11.24 -93.14 -30.43
C ARG C 1202 -12.49 -92.63 -29.75
N SER C 1203 -13.62 -93.25 -30.07
CA SER C 1203 -14.87 -92.84 -29.47
C SER C 1203 -14.82 -93.17 -27.98
N PRO C 1204 -15.60 -92.45 -27.18
CA PRO C 1204 -15.53 -92.69 -25.74
C PRO C 1204 -15.78 -94.14 -25.40
N ASN C 1205 -16.91 -94.69 -25.86
CA ASN C 1205 -17.19 -96.10 -25.65
C ASN C 1205 -16.04 -96.96 -26.19
N LEU C 1206 -15.51 -96.60 -27.35
CA LEU C 1206 -14.40 -97.36 -27.89
C LEU C 1206 -13.20 -97.31 -26.97
N TRP C 1207 -12.89 -96.14 -26.44
CA TRP C 1207 -11.68 -96.00 -25.63
C TRP C 1207 -11.84 -96.67 -24.29
N LEU C 1208 -13.04 -96.63 -23.72
CA LEU C 1208 -13.31 -97.37 -22.50
C LEU C 1208 -13.22 -98.87 -22.76
N LYS C 1209 -13.72 -99.32 -23.91
CA LYS C 1209 -13.52 -100.70 -24.31
C LYS C 1209 -12.04 -101.01 -24.38
N ASP C 1210 -11.27 -100.06 -24.90
CA ASP C 1210 -9.83 -100.24 -24.99
C ASP C 1210 -9.25 -100.49 -23.61
N VAL C 1211 -9.61 -99.65 -22.65
CA VAL C 1211 -8.97 -99.76 -21.36
C VAL C 1211 -9.57 -100.89 -20.55
N LEU C 1212 -10.70 -101.43 -20.96
CA LEU C 1212 -11.15 -102.65 -20.29
C LEU C 1212 -10.50 -103.89 -20.90
N LYS C 1213 -10.30 -103.92 -22.22
CA LYS C 1213 -9.48 -104.96 -22.81
C LYS C 1213 -8.08 -104.92 -22.24
N GLU C 1214 -7.61 -103.73 -21.88
CA GLU C 1214 -6.28 -103.57 -21.31
C GLU C 1214 -6.26 -103.86 -19.81
N GLU C 1215 -7.30 -103.47 -19.10
CA GLU C 1215 -7.29 -103.53 -17.64
C GLU C 1215 -8.50 -104.23 -17.05
N GLY C 1216 -9.61 -104.31 -17.77
CA GLY C 1216 -10.70 -105.17 -17.32
C GLY C 1216 -11.63 -104.49 -16.33
N VAL C 1217 -12.48 -105.30 -15.71
CA VAL C 1217 -13.46 -104.78 -14.78
C VAL C 1217 -12.81 -104.26 -13.52
N SER C 1218 -11.68 -104.83 -13.13
CA SER C 1218 -11.02 -104.40 -11.90
C SER C 1218 -10.63 -102.95 -11.97
N PHE C 1219 -10.15 -102.50 -13.13
CA PHE C 1219 -9.90 -101.08 -13.33
C PHE C 1219 -11.17 -100.28 -13.12
N LEU C 1220 -12.25 -100.70 -13.76
CA LEU C 1220 -13.50 -100.00 -13.58
C LEU C 1220 -13.92 -99.99 -12.12
N ILE C 1221 -13.86 -101.15 -11.47
CA ILE C 1221 -14.33 -101.27 -10.08
C ILE C 1221 -13.51 -100.39 -9.16
N ASN C 1222 -12.19 -100.39 -9.35
CA ASN C 1222 -11.34 -99.54 -8.54
C ASN C 1222 -11.57 -98.07 -8.85
N THR C 1223 -12.05 -97.75 -10.05
CA THR C 1223 -12.17 -96.37 -10.46
C THR C 1223 -13.56 -95.78 -10.33
N PHE C 1224 -14.58 -96.59 -10.18
CA PHE C 1224 -15.93 -96.08 -10.05
C PHE C 1224 -16.56 -96.44 -8.72
N GLU C 1225 -16.38 -97.65 -8.26
CA GLU C 1225 -16.62 -97.89 -6.85
C GLU C 1225 -15.63 -97.15 -5.98
N GLY C 1226 -14.56 -96.63 -6.57
CA GLY C 1226 -13.63 -95.80 -5.85
C GLY C 1226 -13.09 -94.72 -6.76
N GLY C 1227 -11.87 -94.28 -6.47
CA GLY C 1227 -11.15 -93.40 -7.35
C GLY C 1227 -10.96 -92.04 -6.73
N GLY C 1228 -10.14 -91.22 -7.37
CA GLY C 1228 -9.89 -89.89 -6.87
C GLY C 1228 -8.81 -89.87 -5.81
N CYS C 1229 -7.86 -88.95 -5.96
CA CYS C 1229 -6.73 -88.75 -5.04
C CYS C 1229 -6.03 -90.07 -4.71
N GLY C 1230 -6.10 -91.04 -5.61
CA GLY C 1230 -5.63 -92.38 -5.33
C GLY C 1230 -6.81 -93.29 -5.08
N GLN C 1231 -6.70 -94.15 -4.06
CA GLN C 1231 -7.81 -95.01 -3.64
C GLN C 1231 -7.95 -94.95 -2.13
N PRO C 1232 -8.41 -93.80 -1.59
CA PRO C 1232 -8.60 -93.71 -0.13
C PRO C 1232 -9.57 -94.74 0.40
N SER C 1233 -10.83 -94.69 -0.03
CA SER C 1233 -11.82 -95.72 0.26
C SER C 1233 -13.02 -95.53 -0.66
N GLY C 1234 -13.33 -96.53 -1.46
CA GLY C 1234 -14.45 -96.46 -2.37
C GLY C 1234 -15.73 -96.94 -1.73
N ILE C 1235 -16.66 -97.40 -2.56
CA ILE C 1235 -17.93 -97.90 -2.04
C ILE C 1235 -17.76 -99.32 -1.53
N LEU C 1236 -17.55 -99.46 -0.23
CA LEU C 1236 -17.44 -100.77 0.41
C LEU C 1236 -18.72 -101.01 1.20
N ALA C 1237 -19.49 -101.99 0.75
CA ALA C 1237 -20.85 -102.16 1.26
C ALA C 1237 -20.86 -102.63 2.70
N GLN C 1238 -20.35 -103.83 2.96
CA GLN C 1238 -20.65 -104.53 4.20
C GLN C 1238 -20.24 -103.80 5.47
N PRO C 1239 -19.02 -103.29 5.61
CA PRO C 1239 -18.70 -102.55 6.85
C PRO C 1239 -19.59 -101.34 7.03
N THR C 1240 -19.94 -100.66 5.95
CA THR C 1240 -20.86 -99.54 6.05
C THR C 1240 -22.24 -100.00 6.50
N LEU C 1241 -22.72 -101.12 5.98
CA LEU C 1241 -23.96 -101.68 6.50
C LEU C 1241 -23.86 -101.88 8.00
N LEU C 1242 -22.76 -102.49 8.45
CA LEU C 1242 -22.63 -102.90 9.83
C LEU C 1242 -22.23 -101.76 10.76
N TYR C 1243 -21.22 -100.98 10.39
CA TYR C 1243 -20.71 -100.00 11.32
C TYR C 1243 -21.59 -98.75 11.36
N SER C 1249 -24.07 -94.91 14.54
CA SER C 1249 -23.08 -93.95 14.08
C SER C 1249 -23.72 -92.58 13.83
N LEU C 1250 -22.97 -91.52 14.12
CA LEU C 1250 -23.48 -90.15 14.02
C LEU C 1250 -23.38 -89.59 12.60
N GLN C 1251 -23.56 -88.28 12.48
CA GLN C 1251 -23.69 -87.61 11.19
C GLN C 1251 -22.61 -87.99 10.22
N ALA C 1252 -21.53 -88.62 10.70
CA ALA C 1252 -20.60 -89.28 9.80
C ALA C 1252 -21.32 -90.23 8.86
N THR C 1253 -22.45 -90.80 9.28
CA THR C 1253 -23.21 -91.67 8.39
C THR C 1253 -23.50 -90.99 7.07
N LEU C 1254 -23.70 -89.68 7.11
CA LEU C 1254 -23.91 -88.94 5.89
C LEU C 1254 -22.74 -89.10 4.93
N CYS C 1255 -21.53 -89.30 5.48
CA CYS C 1255 -20.40 -89.39 4.60
C CYS C 1255 -20.61 -90.49 3.58
N TRP C 1256 -20.71 -91.71 4.05
CA TRP C 1256 -20.93 -92.81 3.14
C TRP C 1256 -22.26 -92.70 2.42
N LEU C 1257 -23.25 -92.04 3.03
CA LEU C 1257 -24.47 -91.87 2.28
C LEU C 1257 -24.20 -91.13 0.98
N ASP C 1258 -23.47 -90.04 1.08
CA ASP C 1258 -23.02 -89.37 -0.13
C ASP C 1258 -22.17 -90.26 -0.98
N LEU C 1259 -21.44 -91.17 -0.38
CA LEU C 1259 -20.60 -92.02 -1.20
C LEU C 1259 -21.45 -92.86 -2.12
N LEU C 1260 -22.50 -93.46 -1.58
CA LEU C 1260 -23.36 -94.30 -2.40
C LEU C 1260 -24.06 -93.46 -3.46
N LEU C 1261 -24.44 -92.24 -3.09
CA LEU C 1261 -24.99 -91.32 -4.07
C LEU C 1261 -24.04 -91.11 -5.23
N ALA C 1262 -22.81 -90.74 -4.91
CA ALA C 1262 -21.79 -90.57 -5.93
C ALA C 1262 -21.62 -91.84 -6.72
N ALA C 1263 -21.71 -92.97 -6.06
CA ALA C 1263 -21.58 -94.22 -6.75
C ALA C 1263 -22.59 -94.31 -7.87
N LEU C 1264 -23.86 -94.44 -7.50
CA LEU C 1264 -24.83 -94.72 -8.54
C LEU C 1264 -24.78 -93.65 -9.61
N GLU C 1265 -24.46 -92.42 -9.24
CA GLU C 1265 -24.35 -91.43 -10.29
C GLU C 1265 -23.15 -91.70 -11.18
N CYS C 1266 -22.12 -92.35 -10.65
CA CYS C 1266 -20.99 -92.59 -11.52
C CYS C 1266 -21.32 -93.72 -12.46
N TYR C 1267 -22.06 -94.70 -11.97
CA TYR C 1267 -22.56 -95.71 -12.89
C TYR C 1267 -23.45 -95.09 -13.94
N ASN C 1268 -24.15 -94.01 -13.61
CA ASN C 1268 -24.96 -93.33 -14.62
C ASN C 1268 -24.15 -92.94 -15.84
N THR C 1269 -22.82 -92.90 -15.73
CA THR C 1269 -22.02 -92.76 -16.94
C THR C 1269 -22.29 -93.89 -17.91
N PHE C 1270 -22.57 -95.09 -17.39
CA PHE C 1270 -22.52 -96.28 -18.23
C PHE C 1270 -23.51 -96.24 -19.39
N ILE C 1271 -24.75 -95.88 -19.15
CA ILE C 1271 -25.59 -95.67 -20.31
C ILE C 1271 -25.78 -94.17 -20.41
N GLY C 1272 -24.91 -93.42 -19.74
CA GLY C 1272 -24.83 -92.00 -20.01
C GLY C 1272 -24.54 -91.76 -21.48
N GLU C 1273 -23.66 -92.58 -22.05
CA GLU C 1273 -23.41 -92.58 -23.48
C GLU C 1273 -23.31 -94.00 -24.01
N ARG C 1274 -23.92 -94.94 -23.31
CA ARG C 1274 -23.90 -96.34 -23.72
C ARG C 1274 -22.47 -96.85 -23.82
N THR C 1275 -21.59 -96.29 -23.02
CA THR C 1275 -20.17 -96.56 -23.18
C THR C 1275 -19.76 -97.92 -22.65
N VAL C 1276 -20.52 -98.51 -21.75
CA VAL C 1276 -20.13 -99.77 -21.12
C VAL C 1276 -21.31 -100.73 -21.14
N GLY C 1277 -21.06 -101.97 -21.55
CA GLY C 1277 -22.12 -102.93 -21.71
C GLY C 1277 -22.69 -103.42 -20.39
N ALA C 1278 -23.89 -103.99 -20.47
CA ALA C 1278 -24.61 -104.40 -19.27
C ALA C 1278 -23.85 -105.47 -18.49
N LEU C 1279 -23.46 -106.54 -19.18
CA LEU C 1279 -22.54 -107.52 -18.60
C LEU C 1279 -21.17 -106.91 -18.31
N GLN C 1280 -20.80 -105.86 -19.05
CA GLN C 1280 -19.62 -105.09 -18.68
C GLN C 1280 -19.91 -104.23 -17.46
N VAL C 1281 -21.10 -103.65 -17.39
CA VAL C 1281 -21.51 -102.98 -16.16
C VAL C 1281 -21.71 -104.01 -15.06
N LEU C 1282 -22.19 -105.19 -15.42
CA LEU C 1282 -22.38 -106.26 -14.46
C LEU C 1282 -21.63 -107.49 -14.94
N GLY C 1283 -20.35 -107.57 -14.65
CA GLY C 1283 -19.69 -108.85 -14.70
C GLY C 1283 -19.86 -109.65 -13.44
N THR C 1284 -20.55 -109.08 -12.45
CA THR C 1284 -20.76 -109.66 -11.12
C THR C 1284 -19.45 -110.07 -10.44
N GLU C 1285 -18.33 -109.54 -10.92
CA GLU C 1285 -17.04 -110.05 -10.52
C GLU C 1285 -16.75 -109.82 -9.04
N ALA C 1286 -16.49 -108.57 -8.66
CA ALA C 1286 -16.08 -108.33 -7.27
C ALA C 1286 -16.66 -107.07 -6.67
N GLN C 1287 -17.81 -106.59 -7.14
CA GLN C 1287 -18.39 -105.36 -6.60
C GLN C 1287 -19.77 -105.65 -6.08
N SER C 1288 -20.12 -104.97 -4.99
CA SER C 1288 -21.44 -105.11 -4.40
C SER C 1288 -22.15 -103.76 -4.36
N SER C 1289 -21.71 -102.82 -5.18
CA SER C 1289 -22.34 -101.51 -5.22
C SER C 1289 -23.82 -101.65 -5.47
N LEU C 1290 -24.20 -102.06 -6.67
CA LEU C 1290 -25.61 -102.20 -6.99
C LEU C 1290 -26.32 -103.07 -5.96
N LEU C 1291 -25.64 -104.11 -5.50
CA LEU C 1291 -26.22 -104.93 -4.44
C LEU C 1291 -26.58 -104.06 -3.26
N LYS C 1292 -25.63 -103.27 -2.79
CA LYS C 1292 -25.92 -102.52 -1.58
C LYS C 1292 -26.93 -101.43 -1.84
N ALA C 1293 -26.91 -100.85 -3.03
CA ALA C 1293 -27.91 -99.84 -3.33
C ALA C 1293 -29.29 -100.42 -3.18
N VAL C 1294 -29.53 -101.54 -3.85
CA VAL C 1294 -30.88 -102.09 -3.83
C VAL C 1294 -31.19 -102.64 -2.45
N ALA C 1295 -30.17 -102.97 -1.66
CA ALA C 1295 -30.47 -103.56 -0.37
C ALA C 1295 -30.45 -102.54 0.75
N PHE C 1296 -29.30 -101.97 1.04
CA PHE C 1296 -29.14 -101.25 2.29
C PHE C 1296 -29.99 -100.00 2.31
N PHE C 1297 -29.71 -99.05 1.42
CA PHE C 1297 -30.52 -97.84 1.46
C PHE C 1297 -31.98 -98.20 1.23
N LEU C 1298 -32.23 -98.91 0.13
CA LEU C 1298 -33.58 -99.14 -0.34
C LEU C 1298 -34.39 -100.00 0.61
N GLU C 1299 -33.78 -100.53 1.66
CA GLU C 1299 -34.55 -101.16 2.71
C GLU C 1299 -34.45 -100.38 4.01
N SER C 1300 -33.25 -100.24 4.56
CA SER C 1300 -33.11 -99.70 5.90
C SER C 1300 -33.30 -98.20 5.97
N ILE C 1301 -32.82 -97.46 4.97
CA ILE C 1301 -32.81 -96.01 5.06
C ILE C 1301 -33.78 -95.36 4.09
N ALA C 1302 -34.34 -96.11 3.13
CA ALA C 1302 -35.25 -95.54 2.17
C ALA C 1302 -36.46 -94.93 2.87
N MET C 1303 -37.31 -95.77 3.46
CA MET C 1303 -38.54 -95.30 4.07
C MET C 1303 -38.54 -95.43 5.57
N HIS C 1304 -37.62 -96.14 6.13
CA HIS C 1304 -37.54 -96.21 7.57
C HIS C 1304 -36.78 -95.07 8.15
N ASP C 1305 -36.79 -93.99 7.38
CA ASP C 1305 -35.86 -92.88 7.55
C ASP C 1305 -36.29 -91.88 8.61
N ILE C 1306 -37.21 -92.25 9.50
CA ILE C 1306 -37.57 -91.34 10.59
C ILE C 1306 -36.39 -91.14 11.52
N ILE C 1307 -35.79 -92.24 11.98
CA ILE C 1307 -34.58 -92.21 12.80
C ILE C 1307 -33.72 -93.39 12.39
N ALA C 1308 -32.48 -93.11 12.01
CA ALA C 1308 -31.59 -94.13 11.48
C ALA C 1308 -30.57 -94.52 12.52
N ALA C 1309 -30.14 -95.80 12.57
CA ALA C 1309 -28.86 -96.18 13.20
C ALA C 1309 -28.36 -97.46 12.56
N GLU C 1310 -27.04 -97.56 12.43
CA GLU C 1310 -26.39 -98.76 11.91
C GLU C 1310 -25.84 -99.63 13.04
N LYS C 1311 -25.13 -99.01 14.00
CA LYS C 1311 -24.52 -99.71 15.11
C LYS C 1311 -23.57 -100.80 14.64
N SER C 1323 -32.53 -82.71 16.29
CA SER C 1323 -31.68 -81.57 15.95
C SER C 1323 -31.84 -81.19 14.49
N PRO C 1324 -31.98 -79.89 14.22
CA PRO C 1324 -32.14 -79.45 12.83
C PRO C 1324 -30.96 -79.83 11.96
N GLN C 1325 -29.85 -80.22 12.58
CA GLN C 1325 -28.76 -80.86 11.84
C GLN C 1325 -29.32 -81.89 10.86
N GLU C 1326 -29.98 -82.92 11.39
CA GLU C 1326 -30.56 -83.95 10.55
C GLU C 1326 -31.63 -83.36 9.64
N GLY C 1327 -32.71 -82.86 10.23
CA GLY C 1327 -33.83 -82.38 9.46
C GLY C 1327 -33.45 -81.45 8.34
N GLU C 1328 -32.25 -80.91 8.36
CA GLU C 1328 -31.80 -80.03 7.31
C GLU C 1328 -30.80 -80.68 6.38
N ARG C 1329 -30.05 -81.66 6.85
CA ARG C 1329 -29.06 -82.22 5.92
C ARG C 1329 -29.32 -83.67 5.58
N TYR C 1330 -29.71 -84.46 6.56
CA TYR C 1330 -30.01 -85.85 6.31
C TYR C 1330 -31.12 -85.97 5.29
N ASN C 1331 -32.13 -85.12 5.41
CA ASN C 1331 -33.18 -85.13 4.41
C ASN C 1331 -32.61 -84.87 3.04
N TYR C 1332 -31.86 -83.80 2.87
CA TYR C 1332 -31.46 -83.43 1.53
C TYR C 1332 -30.53 -84.45 0.95
N SER C 1333 -29.66 -85.00 1.78
CA SER C 1333 -28.83 -86.11 1.34
C SER C 1333 -29.69 -87.22 0.79
N LYS C 1334 -30.51 -87.85 1.64
CA LYS C 1334 -31.22 -89.02 1.18
C LYS C 1334 -32.15 -88.67 0.04
N CYS C 1335 -32.59 -87.43 -0.03
CA CYS C 1335 -33.40 -87.02 -1.16
C CYS C 1335 -32.59 -87.11 -2.43
N THR C 1336 -31.39 -86.57 -2.42
CA THR C 1336 -30.51 -86.75 -3.55
C THR C 1336 -30.35 -88.23 -3.85
N VAL C 1337 -30.24 -89.03 -2.80
CA VAL C 1337 -29.86 -90.41 -3.01
C VAL C 1337 -31.00 -91.17 -3.67
N VAL C 1338 -32.21 -90.95 -3.19
CA VAL C 1338 -33.35 -91.61 -3.83
C VAL C 1338 -33.53 -91.11 -5.24
N VAL C 1339 -33.42 -89.81 -5.44
CA VAL C 1339 -33.67 -89.29 -6.78
C VAL C 1339 -32.69 -89.91 -7.74
N ARG C 1340 -31.44 -89.94 -7.37
CA ARG C 1340 -30.46 -90.53 -8.26
C ARG C 1340 -30.63 -92.03 -8.41
N ILE C 1341 -31.05 -92.76 -7.37
CA ILE C 1341 -31.19 -94.20 -7.58
C ILE C 1341 -32.32 -94.48 -8.54
N MET C 1342 -33.39 -93.72 -8.41
CA MET C 1342 -34.48 -93.86 -9.37
C MET C 1342 -34.00 -93.53 -10.76
N GLU C 1343 -33.29 -92.44 -10.90
CA GLU C 1343 -32.81 -92.04 -12.22
C GLU C 1343 -31.91 -93.11 -12.78
N PHE C 1344 -31.08 -93.70 -11.93
CA PHE C 1344 -30.19 -94.74 -12.38
C PHE C 1344 -30.97 -95.92 -12.90
N THR C 1345 -31.93 -96.39 -12.10
CA THR C 1345 -32.73 -97.51 -12.56
C THR C 1345 -33.26 -97.22 -13.92
N THR C 1346 -34.02 -96.13 -14.05
CA THR C 1346 -34.74 -95.91 -15.29
C THR C 1346 -33.79 -95.77 -16.47
N THR C 1347 -32.72 -95.01 -16.30
CA THR C 1347 -31.87 -94.76 -17.45
C THR C 1347 -30.98 -95.93 -17.76
N LEU C 1348 -30.81 -96.88 -16.86
CA LEU C 1348 -29.94 -97.99 -17.16
C LEU C 1348 -30.69 -99.30 -17.23
N LEU C 1349 -31.31 -99.73 -16.15
CA LEU C 1349 -32.00 -101.00 -16.15
C LEU C 1349 -33.13 -101.04 -17.15
N ASN C 1350 -33.30 -99.99 -17.94
CA ASN C 1350 -34.24 -99.98 -19.04
C ASN C 1350 -33.61 -99.68 -20.39
N THR C 1351 -32.69 -98.74 -20.45
CA THR C 1351 -32.11 -98.40 -21.74
C THR C 1351 -31.34 -99.57 -22.32
N SER C 1352 -30.97 -100.54 -21.51
CA SER C 1352 -30.35 -101.74 -22.04
C SER C 1352 -31.40 -102.55 -22.81
N PRO C 1353 -31.15 -102.86 -24.09
CA PRO C 1353 -32.14 -103.65 -24.85
C PRO C 1353 -32.41 -105.00 -24.24
N GLU C 1354 -31.40 -105.63 -23.66
CA GLU C 1354 -31.60 -106.90 -22.97
C GLU C 1354 -31.41 -106.61 -21.49
N GLY C 1355 -31.85 -105.43 -21.07
CA GLY C 1355 -31.73 -105.13 -19.67
C GLY C 1355 -32.52 -106.05 -18.77
N TRP C 1356 -33.44 -106.84 -19.32
CA TRP C 1356 -34.19 -107.76 -18.48
C TRP C 1356 -33.26 -108.76 -17.82
N LYS C 1357 -32.15 -109.10 -18.47
CA LYS C 1357 -31.17 -109.92 -17.81
C LYS C 1357 -30.61 -109.21 -16.58
N LEU C 1358 -30.37 -107.91 -16.69
CA LEU C 1358 -29.95 -107.15 -15.52
C LEU C 1358 -31.03 -107.18 -14.45
N LEU C 1359 -32.28 -107.04 -14.87
CA LEU C 1359 -33.39 -107.20 -13.94
C LEU C 1359 -33.27 -108.52 -13.19
N LYS C 1360 -32.96 -109.60 -13.92
CA LYS C 1360 -32.72 -110.87 -13.27
C LYS C 1360 -31.45 -110.85 -12.44
N LYS C 1361 -30.55 -109.89 -12.68
CA LYS C 1361 -29.42 -109.67 -11.79
C LYS C 1361 -29.83 -108.82 -10.61
N ASP C 1362 -30.52 -107.70 -10.85
CA ASP C 1362 -31.09 -106.97 -9.73
C ASP C 1362 -32.51 -107.48 -9.49
N LEU C 1363 -32.56 -108.73 -9.05
CA LEU C 1363 -33.84 -109.42 -8.98
C LEU C 1363 -34.74 -108.80 -7.93
N CYS C 1364 -34.25 -108.60 -6.72
CA CYS C 1364 -35.09 -108.23 -5.58
C CYS C 1364 -35.27 -106.72 -5.55
N ASN C 1365 -36.36 -106.25 -6.13
CA ASN C 1365 -36.61 -104.82 -6.26
C ASN C 1365 -37.98 -104.37 -5.76
N THR C 1366 -38.83 -105.29 -5.31
CA THR C 1366 -40.16 -104.88 -4.87
C THR C 1366 -40.09 -103.77 -3.83
N HIS C 1367 -39.02 -103.77 -3.03
CA HIS C 1367 -38.81 -102.72 -2.06
C HIS C 1367 -38.82 -101.36 -2.74
N LEU C 1368 -38.00 -101.21 -3.79
CA LEU C 1368 -37.90 -99.90 -4.43
C LEU C 1368 -39.17 -99.57 -5.14
N MET C 1369 -39.92 -100.57 -5.55
CA MET C 1369 -41.21 -100.25 -6.11
C MET C 1369 -42.09 -99.60 -5.06
N ARG C 1370 -42.08 -100.10 -3.82
CA ARG C 1370 -42.99 -99.46 -2.87
C ARG C 1370 -42.47 -98.08 -2.52
N VAL C 1371 -41.15 -97.91 -2.49
CA VAL C 1371 -40.62 -96.58 -2.24
C VAL C 1371 -41.05 -95.62 -3.34
N LEU C 1372 -40.94 -96.06 -4.58
CA LEU C 1372 -41.37 -95.25 -5.71
C LEU C 1372 -42.81 -94.82 -5.54
N VAL C 1373 -43.66 -95.76 -5.16
CA VAL C 1373 -45.06 -95.44 -5.16
C VAL C 1373 -45.41 -94.60 -3.95
N GLN C 1374 -44.67 -94.76 -2.86
CA GLN C 1374 -44.89 -93.88 -1.72
C GLN C 1374 -44.49 -92.46 -2.03
N THR C 1375 -43.43 -92.28 -2.80
CA THR C 1375 -43.08 -90.94 -3.24
C THR C 1375 -44.16 -90.38 -4.15
N LEU C 1376 -44.51 -91.13 -5.19
CA LEU C 1376 -45.56 -90.70 -6.09
C LEU C 1376 -46.79 -90.25 -5.35
N CYS C 1377 -47.24 -91.05 -4.39
CA CYS C 1377 -48.54 -90.81 -3.78
C CYS C 1377 -48.46 -89.79 -2.66
N GLU C 1378 -47.45 -89.91 -1.81
CA GLU C 1378 -47.26 -89.01 -0.68
C GLU C 1378 -45.79 -88.60 -0.68
N PRO C 1379 -45.41 -87.70 -1.57
CA PRO C 1379 -43.98 -87.38 -1.71
C PRO C 1379 -43.35 -86.92 -0.43
N ALA C 1380 -44.08 -86.17 0.39
CA ALA C 1380 -43.49 -85.60 1.60
C ALA C 1380 -42.94 -86.67 2.52
N SER C 1381 -43.41 -87.89 2.38
CA SER C 1381 -42.91 -88.95 3.24
C SER C 1381 -41.41 -89.15 3.07
N ILE C 1382 -40.92 -89.14 1.83
CA ILE C 1382 -39.54 -89.45 1.54
C ILE C 1382 -38.97 -88.34 0.68
N GLY C 1383 -37.84 -87.78 1.10
CA GLY C 1383 -37.03 -87.00 0.18
C GLY C 1383 -37.63 -85.70 -0.26
N PHE C 1384 -38.79 -85.76 -0.89
CA PHE C 1384 -39.58 -84.57 -1.17
C PHE C 1384 -39.73 -83.72 0.07
N ASN C 1385 -39.53 -84.33 1.24
CA ASN C 1385 -39.97 -83.72 2.50
C ASN C 1385 -39.52 -82.27 2.61
N ILE C 1386 -38.59 -81.84 1.76
CA ILE C 1386 -38.16 -80.46 1.81
C ILE C 1386 -39.25 -79.53 1.28
N GLY C 1387 -40.03 -79.95 0.28
CA GLY C 1387 -40.95 -79.01 -0.32
C GLY C 1387 -40.28 -77.89 -1.07
N ASP C 1388 -38.99 -78.01 -1.35
CA ASP C 1388 -38.22 -76.94 -1.97
C ASP C 1388 -38.36 -76.88 -3.49
N VAL C 1389 -38.60 -75.68 -4.01
CA VAL C 1389 -39.17 -75.56 -5.34
C VAL C 1389 -38.29 -76.17 -6.41
N GLN C 1390 -36.98 -76.05 -6.28
CA GLN C 1390 -36.15 -76.52 -7.38
C GLN C 1390 -36.11 -78.02 -7.45
N VAL C 1391 -36.05 -78.70 -6.31
CA VAL C 1391 -35.91 -80.15 -6.33
C VAL C 1391 -37.21 -80.82 -6.71
N MET C 1392 -38.29 -80.49 -6.02
CA MET C 1392 -39.53 -81.15 -6.36
C MET C 1392 -40.04 -80.72 -7.71
N ALA C 1393 -39.47 -79.68 -8.30
CA ALA C 1393 -39.81 -79.39 -9.67
C ALA C 1393 -39.42 -80.55 -10.56
N HIS C 1394 -38.25 -81.10 -10.34
CA HIS C 1394 -37.79 -82.16 -11.20
C HIS C 1394 -38.24 -83.52 -10.74
N LEU C 1395 -38.79 -83.62 -9.53
CA LEU C 1395 -39.15 -84.93 -9.00
C LEU C 1395 -40.22 -85.61 -9.85
N PRO C 1396 -41.34 -84.98 -10.16
CA PRO C 1396 -42.33 -85.68 -10.98
C PRO C 1396 -41.81 -86.07 -12.33
N ASP C 1397 -40.93 -85.26 -12.91
CA ASP C 1397 -40.40 -85.62 -14.21
C ASP C 1397 -39.65 -86.93 -14.14
N VAL C 1398 -38.81 -87.08 -13.11
CA VAL C 1398 -38.10 -88.33 -12.93
C VAL C 1398 -39.09 -89.45 -12.71
N CYS C 1399 -40.09 -89.22 -11.86
CA CYS C 1399 -41.02 -90.27 -11.54
C CYS C 1399 -41.73 -90.75 -12.79
N VAL C 1400 -42.18 -89.81 -13.61
CA VAL C 1400 -42.85 -90.18 -14.84
C VAL C 1400 -41.92 -90.96 -15.72
N ASN C 1401 -40.66 -90.53 -15.84
CA ASN C 1401 -39.78 -91.21 -16.77
C ASN C 1401 -39.53 -92.63 -16.33
N LEU C 1402 -39.34 -92.83 -15.03
CA LEU C 1402 -39.12 -94.16 -14.49
C LEU C 1402 -40.35 -95.02 -14.67
N MET C 1403 -41.51 -94.45 -14.44
CA MET C 1403 -42.74 -95.18 -14.63
C MET C 1403 -42.83 -95.62 -16.08
N LYS C 1404 -42.51 -94.71 -17.00
CA LYS C 1404 -42.58 -95.03 -18.41
C LYS C 1404 -41.62 -96.15 -18.76
N ALA C 1405 -40.42 -96.09 -18.21
CA ALA C 1405 -39.44 -97.11 -18.52
C ALA C 1405 -39.96 -98.46 -18.05
N LEU C 1406 -40.48 -98.52 -16.84
CA LEU C 1406 -41.04 -99.77 -16.35
C LEU C 1406 -42.19 -100.24 -17.24
N LYS C 1407 -42.90 -99.30 -17.86
CA LYS C 1407 -43.89 -99.71 -18.84
C LYS C 1407 -43.21 -100.41 -20.00
N MET C 1408 -42.39 -99.68 -20.75
CA MET C 1408 -41.87 -100.21 -21.99
C MET C 1408 -41.11 -101.50 -21.76
N SER C 1409 -40.67 -101.71 -20.56
CA SER C 1409 -40.03 -102.95 -20.20
C SER C 1409 -41.02 -103.91 -19.56
N PRO C 1410 -40.72 -105.19 -19.56
CA PRO C 1410 -41.53 -106.12 -18.78
C PRO C 1410 -41.36 -105.86 -17.31
N TYR C 1411 -41.87 -106.76 -16.48
CA TYR C 1411 -41.83 -106.62 -15.03
C TYR C 1411 -42.84 -105.55 -14.61
N LYS C 1412 -43.89 -105.41 -15.41
CA LYS C 1412 -45.07 -104.61 -15.10
C LYS C 1412 -45.98 -105.23 -14.06
N ASP C 1413 -45.98 -106.56 -13.95
CA ASP C 1413 -46.89 -107.22 -13.02
C ASP C 1413 -46.75 -106.64 -11.62
N ILE C 1414 -45.52 -106.58 -11.11
CA ILE C 1414 -45.28 -105.94 -9.84
C ILE C 1414 -45.71 -104.49 -9.90
N LEU C 1415 -45.37 -103.78 -10.96
CA LEU C 1415 -45.92 -102.45 -11.15
C LEU C 1415 -47.44 -102.50 -11.09
N GLU C 1416 -48.04 -103.24 -12.01
CA GLU C 1416 -49.48 -103.23 -12.26
C GLU C 1416 -50.28 -103.64 -11.04
N THR C 1417 -49.63 -104.32 -10.11
CA THR C 1417 -50.33 -104.82 -8.94
C THR C 1417 -50.02 -103.94 -7.75
N HIS C 1418 -48.74 -103.87 -7.42
CA HIS C 1418 -48.28 -103.16 -6.24
C HIS C 1418 -48.64 -101.69 -6.30
N LEU C 1419 -48.79 -101.11 -7.48
CA LEU C 1419 -49.23 -99.73 -7.56
C LEU C 1419 -50.74 -99.66 -7.58
N ARG C 1420 -51.35 -100.30 -8.57
CA ARG C 1420 -52.78 -100.16 -8.75
C ARG C 1420 -53.53 -100.52 -7.48
N GLU C 1421 -53.46 -101.78 -7.08
CA GLU C 1421 -54.39 -102.19 -6.05
C GLU C 1421 -54.12 -101.56 -4.70
N LYS C 1422 -53.14 -100.66 -4.60
CA LYS C 1422 -52.85 -100.04 -3.32
C LYS C 1422 -52.97 -98.51 -3.31
N ILE C 1423 -52.45 -97.81 -4.31
CA ILE C 1423 -52.51 -96.35 -4.24
C ILE C 1423 -53.64 -95.75 -5.04
N THR C 1424 -54.51 -96.58 -5.60
CA THR C 1424 -55.67 -96.04 -6.29
C THR C 1424 -56.69 -97.15 -6.41
N ALA C 1425 -57.94 -96.84 -6.11
CA ALA C 1425 -59.01 -97.82 -6.22
C ALA C 1425 -60.30 -97.06 -6.49
N GLN C 1426 -61.36 -97.81 -6.78
CA GLN C 1426 -62.67 -97.19 -6.86
C GLN C 1426 -62.96 -96.42 -5.59
N SER C 1427 -62.82 -97.08 -4.45
CA SER C 1427 -63.20 -96.47 -3.19
C SER C 1427 -62.42 -95.18 -2.94
N ILE C 1428 -61.27 -95.01 -3.59
CA ILE C 1428 -60.47 -93.82 -3.34
C ILE C 1428 -61.28 -92.58 -3.66
N GLU C 1429 -61.89 -92.54 -4.85
CA GLU C 1429 -62.58 -91.33 -5.26
C GLU C 1429 -63.78 -91.02 -4.38
N GLU C 1430 -64.58 -92.04 -4.05
CA GLU C 1430 -65.73 -91.77 -3.18
C GLU C 1430 -65.27 -91.39 -1.79
N LEU C 1431 -64.40 -92.22 -1.18
CA LEU C 1431 -63.97 -91.96 0.18
C LEU C 1431 -63.31 -90.60 0.31
N CYS C 1432 -62.71 -90.09 -0.76
CA CYS C 1432 -62.30 -88.70 -0.77
C CYS C 1432 -63.48 -87.76 -0.97
N ALA C 1433 -64.48 -88.19 -1.73
CA ALA C 1433 -65.54 -87.29 -2.15
C ALA C 1433 -66.46 -86.90 -1.02
N VAL C 1434 -66.30 -87.50 0.16
CA VAL C 1434 -67.30 -87.33 1.21
C VAL C 1434 -67.34 -85.90 1.72
N ASN C 1435 -66.19 -85.30 1.99
CA ASN C 1435 -66.15 -83.98 2.61
C ASN C 1435 -66.38 -82.93 1.55
N LEU C 1436 -67.58 -82.35 1.52
CA LEU C 1436 -67.92 -81.33 0.54
C LEU C 1436 -67.20 -80.04 0.90
N TYR C 1437 -65.91 -80.02 0.58
CA TYR C 1437 -65.00 -78.91 0.87
C TYR C 1437 -65.31 -78.29 2.22
N GLY C 1438 -65.33 -79.15 3.24
CA GLY C 1438 -65.75 -78.75 4.56
C GLY C 1438 -64.79 -77.78 5.20
N PRO C 1439 -65.19 -77.21 6.34
CA PRO C 1439 -64.30 -76.27 7.06
C PRO C 1439 -63.05 -76.96 7.57
N ASP C 1440 -63.00 -78.28 7.48
CA ASP C 1440 -61.80 -79.02 7.80
C ASP C 1440 -60.80 -78.85 6.66
N ALA C 1441 -60.34 -77.61 6.46
CA ALA C 1441 -59.58 -77.28 5.28
C ALA C 1441 -58.24 -78.01 5.23
N GLN C 1442 -57.46 -77.94 6.32
CA GLN C 1442 -56.09 -78.43 6.30
C GLN C 1442 -56.00 -79.93 6.07
N VAL C 1443 -57.10 -80.57 5.71
CA VAL C 1443 -57.20 -82.02 5.73
C VAL C 1443 -57.61 -82.51 4.36
N ASP C 1444 -58.78 -82.10 3.89
CA ASP C 1444 -59.36 -82.72 2.72
C ASP C 1444 -58.55 -82.44 1.45
N ARG C 1445 -58.43 -81.17 1.07
CA ARG C 1445 -57.95 -80.96 -0.29
C ARG C 1445 -56.51 -81.37 -0.38
N SER C 1446 -55.85 -81.57 0.77
CA SER C 1446 -54.55 -82.22 0.76
C SER C 1446 -54.60 -83.52 -0.03
N ARG C 1447 -55.29 -84.53 0.49
CA ARG C 1447 -55.21 -85.82 -0.19
C ARG C 1447 -55.94 -85.78 -1.50
N LEU C 1448 -56.96 -84.93 -1.61
CA LEU C 1448 -57.54 -84.76 -2.94
C LEU C 1448 -56.47 -84.38 -3.94
N ALA C 1449 -55.69 -83.36 -3.61
CA ALA C 1449 -54.66 -82.88 -4.52
C ALA C 1449 -53.60 -83.93 -4.72
N ALA C 1450 -53.26 -84.64 -3.66
CA ALA C 1450 -52.28 -85.71 -3.82
C ALA C 1450 -52.73 -86.67 -4.89
N VAL C 1451 -53.97 -87.12 -4.78
CA VAL C 1451 -54.48 -88.09 -5.75
C VAL C 1451 -54.48 -87.48 -7.12
N VAL C 1452 -54.89 -86.22 -7.25
CA VAL C 1452 -55.06 -85.68 -8.59
C VAL C 1452 -53.70 -85.48 -9.25
N SER C 1453 -52.73 -84.99 -8.49
CA SER C 1453 -51.41 -84.86 -9.07
C SER C 1453 -50.88 -86.21 -9.47
N ALA C 1454 -51.07 -87.21 -8.61
CA ALA C 1454 -50.53 -88.52 -8.90
C ALA C 1454 -51.15 -89.09 -10.17
N CYS C 1455 -52.46 -89.00 -10.28
CA CYS C 1455 -53.10 -89.57 -11.45
C CYS C 1455 -52.70 -88.82 -12.70
N LYS C 1456 -52.55 -87.50 -12.61
CA LYS C 1456 -52.07 -86.79 -13.78
C LYS C 1456 -50.70 -87.28 -14.14
N GLN C 1457 -49.85 -87.52 -13.15
CA GLN C 1457 -48.52 -88.00 -13.46
C GLN C 1457 -48.61 -89.38 -14.11
N LEU C 1458 -49.52 -90.21 -13.64
CA LEU C 1458 -49.70 -91.53 -14.23
C LEU C 1458 -50.04 -91.39 -15.71
N HIS C 1459 -51.05 -90.58 -16.01
CA HIS C 1459 -51.42 -90.37 -17.40
C HIS C 1459 -50.27 -89.81 -18.18
N ARG C 1460 -49.48 -88.96 -17.56
CA ARG C 1460 -48.26 -88.53 -18.23
C ARG C 1460 -47.47 -89.74 -18.65
N ALA C 1461 -47.22 -90.64 -17.70
CA ALA C 1461 -46.55 -91.87 -18.04
C ALA C 1461 -47.46 -92.78 -18.83
N GLY C 1462 -48.75 -92.53 -18.81
CA GLY C 1462 -49.65 -93.29 -19.64
C GLY C 1462 -49.85 -94.71 -19.19
N LEU C 1463 -49.51 -95.03 -17.96
CA LEU C 1463 -49.89 -96.31 -17.40
C LEU C 1463 -51.26 -96.24 -16.75
N LEU C 1464 -51.90 -95.07 -16.79
CA LEU C 1464 -53.14 -94.84 -16.07
C LEU C 1464 -54.17 -95.90 -16.39
N HIS C 1465 -54.38 -96.18 -17.68
CA HIS C 1465 -55.40 -97.14 -18.07
C HIS C 1465 -55.18 -98.50 -17.44
N ASN C 1466 -53.94 -98.86 -17.14
CA ASN C 1466 -53.75 -100.07 -16.37
C ASN C 1466 -54.40 -99.94 -15.01
N ILE C 1467 -54.33 -98.76 -14.39
CA ILE C 1467 -55.11 -98.52 -13.16
C ILE C 1467 -56.58 -98.29 -13.45
N LEU C 1468 -56.94 -98.06 -14.71
CA LEU C 1468 -58.35 -97.95 -15.04
C LEU C 1468 -59.00 -99.31 -14.86
N PRO C 1469 -59.99 -99.45 -13.99
CA PRO C 1469 -60.68 -100.73 -13.84
C PRO C 1469 -61.69 -100.94 -14.95
N SER C 1470 -62.04 -102.21 -15.14
CA SER C 1470 -63.03 -102.57 -16.16
C SER C 1470 -64.38 -101.97 -15.82
N GLN C 1471 -65.04 -101.41 -16.83
CA GLN C 1471 -66.34 -100.79 -16.68
C GLN C 1471 -67.36 -101.47 -17.59
N SER C 1472 -68.57 -100.93 -17.61
CA SER C 1472 -69.68 -101.53 -18.34
C SER C 1472 -69.94 -100.89 -19.70
N THR C 1473 -69.60 -99.62 -19.87
CA THR C 1473 -69.87 -98.90 -21.10
C THR C 1473 -68.58 -98.26 -21.60
N ASP C 1474 -68.53 -97.99 -22.91
CA ASP C 1474 -67.37 -97.33 -23.50
C ASP C 1474 -67.04 -96.03 -22.77
N LEU C 1475 -68.05 -95.32 -22.30
CA LEU C 1475 -67.81 -94.20 -21.40
C LEU C 1475 -67.23 -94.71 -20.09
N HIS C 1476 -66.02 -94.27 -19.77
CA HIS C 1476 -65.36 -94.69 -18.54
C HIS C 1476 -66.08 -94.00 -17.39
N HIS C 1477 -67.12 -94.64 -16.86
CA HIS C 1477 -67.83 -94.08 -15.73
C HIS C 1477 -66.88 -93.76 -14.60
N SER C 1478 -65.80 -94.53 -14.48
CA SER C 1478 -64.82 -94.36 -13.43
C SER C 1478 -64.57 -92.90 -13.17
N VAL C 1479 -64.48 -92.11 -14.22
CA VAL C 1479 -63.97 -90.77 -14.01
C VAL C 1479 -65.00 -89.75 -14.49
N GLY C 1480 -65.79 -90.12 -15.48
CA GLY C 1480 -66.90 -89.26 -15.84
C GLY C 1480 -67.86 -89.09 -14.69
N THR C 1481 -68.17 -90.17 -14.00
CA THR C 1481 -69.04 -90.09 -12.84
C THR C 1481 -68.41 -89.26 -11.74
N GLU C 1482 -67.11 -89.42 -11.51
CA GLU C 1482 -66.50 -88.62 -10.47
C GLU C 1482 -66.52 -87.15 -10.86
N LEU C 1483 -66.43 -86.85 -12.15
CA LEU C 1483 -66.59 -85.47 -12.60
C LEU C 1483 -67.85 -84.86 -12.02
N LEU C 1484 -68.99 -85.41 -12.37
CA LEU C 1484 -70.23 -84.81 -11.94
C LEU C 1484 -70.37 -84.87 -10.44
N SER C 1485 -70.07 -86.02 -9.85
CA SER C 1485 -70.36 -86.22 -8.43
C SER C 1485 -69.39 -85.46 -7.55
N LEU C 1486 -68.33 -84.91 -8.13
CA LEU C 1486 -67.39 -84.10 -7.38
C LEU C 1486 -67.59 -82.62 -7.64
N VAL C 1487 -67.84 -82.24 -8.89
CA VAL C 1487 -68.02 -80.84 -9.18
C VAL C 1487 -69.45 -80.52 -9.57
N TYR C 1488 -70.00 -81.15 -10.60
CA TYR C 1488 -71.32 -80.75 -11.10
C TYR C 1488 -72.37 -80.86 -10.02
N LYS C 1489 -72.42 -81.98 -9.33
CA LYS C 1489 -73.18 -81.97 -8.11
C LYS C 1489 -72.49 -81.13 -7.04
N GLY C 1490 -71.15 -81.15 -7.04
CA GLY C 1490 -70.43 -80.51 -5.95
C GLY C 1490 -70.60 -79.01 -5.92
N ILE C 1491 -70.55 -78.37 -7.09
CA ILE C 1491 -70.63 -76.92 -7.10
C ILE C 1491 -72.02 -76.46 -6.71
N ALA C 1492 -73.02 -77.32 -6.88
CA ALA C 1492 -74.39 -76.86 -6.77
C ALA C 1492 -74.94 -77.14 -5.38
N PRO C 1493 -75.36 -76.11 -4.65
CA PRO C 1493 -76.19 -76.30 -3.46
C PRO C 1493 -77.68 -76.33 -3.74
N GLY C 1494 -78.09 -76.57 -4.99
CA GLY C 1494 -79.50 -76.50 -5.33
C GLY C 1494 -80.33 -77.63 -4.74
N ASP C 1495 -79.68 -78.70 -4.29
CA ASP C 1495 -80.39 -79.78 -3.63
C ASP C 1495 -81.01 -79.34 -2.31
N GLU C 1496 -80.57 -78.20 -1.76
CA GLU C 1496 -81.13 -77.69 -0.52
C GLU C 1496 -81.43 -76.19 -0.57
N ARG C 1497 -81.17 -75.53 -1.70
CA ARG C 1497 -81.41 -74.10 -1.86
C ARG C 1497 -80.73 -73.28 -0.76
N GLN C 1498 -79.55 -73.72 -0.34
CA GLN C 1498 -78.77 -72.97 0.63
C GLN C 1498 -77.85 -71.98 -0.07
N CYS C 1499 -76.99 -71.33 0.70
CA CYS C 1499 -76.09 -70.34 0.14
C CYS C 1499 -75.11 -71.00 -0.83
N LEU C 1500 -74.83 -70.31 -1.93
CA LEU C 1500 -73.90 -70.82 -2.92
C LEU C 1500 -72.49 -70.83 -2.34
N PRO C 1501 -71.77 -71.94 -2.37
CA PRO C 1501 -70.42 -71.97 -1.80
C PRO C 1501 -69.41 -71.23 -2.66
N SER C 1502 -68.85 -70.14 -2.14
CA SER C 1502 -67.80 -69.42 -2.86
C SER C 1502 -66.56 -70.31 -2.97
N LEU C 1503 -65.82 -70.13 -4.06
CA LEU C 1503 -64.64 -70.94 -4.30
C LEU C 1503 -63.37 -70.12 -4.09
N ASP C 1504 -62.49 -70.65 -3.25
CA ASP C 1504 -61.17 -70.06 -3.05
C ASP C 1504 -60.24 -70.54 -4.15
N LEU C 1505 -59.07 -69.89 -4.24
CA LEU C 1505 -58.10 -70.32 -5.24
C LEU C 1505 -57.70 -71.77 -4.99
N SER C 1506 -57.81 -72.21 -3.74
CA SER C 1506 -57.73 -73.63 -3.47
C SER C 1506 -58.76 -74.39 -4.27
N CYS C 1507 -60.02 -73.95 -4.22
CA CYS C 1507 -61.05 -74.59 -5.00
C CYS C 1507 -60.78 -74.48 -6.48
N LYS C 1508 -60.27 -73.34 -6.92
CA LYS C 1508 -59.96 -73.20 -8.33
C LYS C 1508 -58.96 -74.25 -8.77
N GLN C 1509 -57.85 -74.38 -8.05
CA GLN C 1509 -56.85 -75.34 -8.49
C GLN C 1509 -57.34 -76.78 -8.35
N LEU C 1510 -58.08 -77.08 -7.28
CA LEU C 1510 -58.62 -78.42 -7.12
C LEU C 1510 -59.54 -78.77 -8.26
N ALA C 1511 -60.42 -77.85 -8.62
CA ALA C 1511 -61.34 -78.12 -9.69
C ALA C 1511 -60.58 -78.35 -10.99
N SER C 1512 -59.53 -77.58 -11.21
CA SER C 1512 -58.77 -77.74 -12.43
C SER C 1512 -58.18 -79.12 -12.48
N GLY C 1513 -57.65 -79.58 -11.34
CA GLY C 1513 -57.11 -80.91 -11.30
C GLY C 1513 -58.15 -81.96 -11.60
N LEU C 1514 -59.33 -81.81 -11.01
CA LEU C 1514 -60.37 -82.80 -11.25
C LEU C 1514 -60.76 -82.81 -12.71
N LEU C 1515 -60.81 -81.62 -13.32
CA LEU C 1515 -61.17 -81.57 -14.73
C LEU C 1515 -60.13 -82.26 -15.58
N GLU C 1516 -58.87 -82.00 -15.32
CA GLU C 1516 -57.83 -82.70 -16.03
C GLU C 1516 -58.00 -84.20 -15.87
N LEU C 1517 -58.30 -84.65 -14.65
CA LEU C 1517 -58.58 -86.06 -14.45
C LEU C 1517 -59.68 -86.54 -15.37
N ALA C 1518 -60.83 -85.89 -15.31
CA ALA C 1518 -61.97 -86.34 -16.11
C ALA C 1518 -61.57 -86.45 -17.56
N PHE C 1519 -60.79 -85.49 -18.01
CA PHE C 1519 -60.40 -85.39 -19.39
C PHE C 1519 -59.17 -86.24 -19.69
N ALA C 1520 -58.62 -86.90 -18.68
CA ALA C 1520 -57.54 -87.82 -18.96
C ALA C 1520 -58.05 -89.06 -19.68
N PHE C 1521 -59.36 -89.24 -19.77
CA PHE C 1521 -59.96 -90.45 -20.32
C PHE C 1521 -60.83 -90.08 -21.51
N GLY C 1522 -60.57 -90.71 -22.65
CA GLY C 1522 -61.34 -90.42 -23.83
C GLY C 1522 -62.77 -90.94 -23.74
N GLY C 1523 -63.68 -90.20 -24.37
CA GLY C 1523 -65.06 -90.60 -24.42
C GLY C 1523 -65.93 -89.93 -23.38
N LEU C 1524 -65.60 -88.68 -23.04
CA LEU C 1524 -66.36 -87.94 -22.05
C LEU C 1524 -67.00 -86.68 -22.59
N CYS C 1525 -66.49 -86.13 -23.68
CA CYS C 1525 -66.88 -84.78 -24.07
C CYS C 1525 -68.37 -84.71 -24.36
N GLU C 1526 -68.91 -85.73 -25.00
CA GLU C 1526 -70.34 -85.71 -25.28
C GLU C 1526 -71.13 -85.60 -23.99
N ARG C 1527 -70.79 -86.44 -23.02
CA ARG C 1527 -71.40 -86.28 -21.70
C ARG C 1527 -71.09 -84.91 -21.16
N LEU C 1528 -69.92 -84.35 -21.50
CA LEU C 1528 -69.53 -83.06 -20.95
C LEU C 1528 -70.45 -81.96 -21.43
N VAL C 1529 -70.69 -81.93 -22.74
CA VAL C 1529 -71.59 -80.92 -23.28
C VAL C 1529 -73.01 -81.17 -22.81
N SER C 1530 -73.37 -82.44 -22.62
CA SER C 1530 -74.64 -82.74 -21.99
C SER C 1530 -74.71 -82.04 -20.65
N LEU C 1531 -73.63 -82.14 -19.88
CA LEU C 1531 -73.47 -81.37 -18.66
C LEU C 1531 -73.46 -79.89 -18.93
N LEU C 1532 -73.16 -79.47 -20.15
CA LEU C 1532 -73.25 -78.08 -20.50
C LEU C 1532 -74.63 -77.68 -20.96
N LEU C 1533 -75.14 -78.27 -22.02
CA LEU C 1533 -76.35 -77.79 -22.66
C LEU C 1533 -77.57 -78.26 -21.88
N ASN C 1534 -77.49 -78.11 -20.57
CA ASN C 1534 -78.59 -78.60 -19.77
C ASN C 1534 -79.36 -77.44 -19.20
N PRO C 1535 -80.63 -77.35 -19.52
CA PRO C 1535 -81.42 -76.20 -19.08
C PRO C 1535 -81.71 -76.21 -17.60
N ALA C 1536 -81.02 -77.06 -16.84
CA ALA C 1536 -81.21 -77.03 -15.40
C ALA C 1536 -80.87 -75.65 -14.88
N VAL C 1537 -81.66 -75.13 -13.95
CA VAL C 1537 -81.45 -73.77 -13.46
C VAL C 1537 -81.00 -73.82 -12.01
N LEU C 1538 -79.99 -73.03 -11.67
CA LEU C 1538 -79.63 -72.85 -10.27
C LEU C 1538 -80.43 -71.72 -9.64
N SER C 1539 -80.65 -71.88 -8.34
CA SER C 1539 -81.30 -70.88 -7.51
C SER C 1539 -80.24 -70.25 -6.62
N THR C 1540 -80.63 -69.19 -5.94
CA THR C 1540 -79.71 -68.49 -5.05
C THR C 1540 -80.38 -68.20 -3.71
N SER C 1549 -80.01 -63.08 -1.88
CA SER C 1549 -79.81 -63.72 -3.17
C SER C 1549 -81.06 -64.50 -3.57
N VAL C 1550 -81.69 -64.08 -4.67
CA VAL C 1550 -82.89 -64.75 -5.16
C VAL C 1550 -82.84 -65.03 -6.66
N ILE C 1551 -81.87 -64.47 -7.39
CA ILE C 1551 -81.81 -64.59 -8.84
C ILE C 1551 -81.56 -66.03 -9.25
N HIS C 1552 -81.81 -66.35 -10.51
CA HIS C 1552 -81.66 -67.69 -11.02
C HIS C 1552 -80.81 -67.65 -12.28
N PHE C 1553 -79.96 -68.66 -12.42
CA PHE C 1553 -79.03 -68.68 -13.53
C PHE C 1553 -78.70 -70.12 -13.86
N SER C 1554 -78.58 -70.39 -15.15
CA SER C 1554 -78.48 -71.76 -15.62
C SER C 1554 -77.19 -72.39 -15.12
N HIS C 1555 -77.34 -73.56 -14.51
CA HIS C 1555 -76.21 -74.19 -13.84
C HIS C 1555 -75.05 -74.38 -14.79
N GLY C 1556 -75.36 -74.80 -16.01
CA GLY C 1556 -74.32 -74.97 -17.00
C GLY C 1556 -73.59 -73.69 -17.28
N GLU C 1557 -74.29 -72.57 -17.25
CA GLU C 1557 -73.61 -71.30 -17.46
C GLU C 1557 -72.60 -71.07 -16.36
N TYR C 1558 -72.96 -71.38 -15.11
CA TYR C 1558 -72.00 -71.26 -14.03
C TYR C 1558 -70.81 -72.16 -14.27
N PHE C 1559 -71.08 -73.41 -14.61
CA PHE C 1559 -70.00 -74.36 -14.75
C PHE C 1559 -69.04 -73.91 -15.84
N TYR C 1560 -69.58 -73.41 -16.94
CA TYR C 1560 -68.69 -72.98 -18.01
C TYR C 1560 -67.97 -71.70 -17.64
N SER C 1561 -68.69 -70.74 -17.08
CA SER C 1561 -68.07 -69.46 -16.80
C SER C 1561 -66.96 -69.62 -15.79
N LEU C 1562 -67.12 -70.55 -14.86
CA LEU C 1562 -66.08 -70.76 -13.87
C LEU C 1562 -64.90 -71.45 -14.50
N PHE C 1563 -65.07 -72.67 -14.97
CA PHE C 1563 -63.89 -73.44 -15.34
C PHE C 1563 -63.57 -73.27 -16.82
N SER C 1564 -63.56 -72.01 -17.25
CA SER C 1564 -63.63 -71.73 -18.68
C SER C 1564 -62.45 -72.30 -19.43
N GLU C 1565 -61.25 -72.00 -18.99
CA GLU C 1565 -60.09 -72.31 -19.82
C GLU C 1565 -59.95 -73.81 -19.98
N THR C 1566 -60.12 -74.57 -18.90
CA THR C 1566 -59.95 -76.00 -19.00
C THR C 1566 -61.03 -76.60 -19.89
N ILE C 1567 -62.27 -76.20 -19.66
CA ILE C 1567 -63.36 -76.69 -20.48
C ILE C 1567 -63.06 -76.46 -21.93
N ASN C 1568 -62.97 -75.20 -22.33
CA ASN C 1568 -62.82 -74.92 -23.74
C ASN C 1568 -61.57 -75.59 -24.29
N THR C 1569 -60.53 -75.74 -23.47
CA THR C 1569 -59.36 -76.46 -23.93
C THR C 1569 -59.75 -77.86 -24.35
N GLU C 1570 -60.43 -78.58 -23.46
CA GLU C 1570 -60.72 -79.96 -23.77
C GLU C 1570 -61.69 -80.08 -24.93
N LEU C 1571 -62.71 -79.22 -24.94
CA LEU C 1571 -63.57 -79.17 -26.10
C LEU C 1571 -62.76 -79.02 -27.38
N LEU C 1572 -61.74 -78.17 -27.35
CA LEU C 1572 -60.90 -78.06 -28.52
C LEU C 1572 -60.16 -79.35 -28.78
N LYS C 1573 -59.81 -80.10 -27.74
CA LYS C 1573 -58.97 -81.27 -27.93
C LYS C 1573 -59.63 -82.32 -28.81
N ASN C 1574 -60.94 -82.26 -28.97
CA ASN C 1574 -61.65 -83.20 -29.82
C ASN C 1574 -62.60 -82.46 -30.72
N LEU C 1575 -62.07 -81.42 -31.36
CA LEU C 1575 -62.91 -80.35 -31.89
C LEU C 1575 -64.03 -80.88 -32.76
N ASP C 1576 -63.77 -81.91 -33.57
CA ASP C 1576 -64.78 -82.34 -34.53
C ASP C 1576 -66.02 -82.86 -33.81
N LEU C 1577 -65.82 -83.79 -32.87
CA LEU C 1577 -66.97 -84.39 -32.20
C LEU C 1577 -67.75 -83.34 -31.44
N ALA C 1578 -67.04 -82.46 -30.73
CA ALA C 1578 -67.73 -81.41 -29.99
C ALA C 1578 -68.49 -80.50 -30.93
N VAL C 1579 -67.88 -80.16 -32.06
CA VAL C 1579 -68.55 -79.25 -32.97
C VAL C 1579 -69.84 -79.87 -33.47
N LEU C 1580 -69.77 -81.11 -33.91
CA LEU C 1580 -70.97 -81.72 -34.48
C LEU C 1580 -72.06 -81.81 -33.43
N GLU C 1581 -71.71 -82.21 -32.22
CA GLU C 1581 -72.74 -82.31 -31.19
C GLU C 1581 -73.29 -80.95 -30.82
N LEU C 1582 -72.42 -79.95 -30.65
CA LEU C 1582 -72.91 -78.61 -30.30
C LEU C 1582 -73.88 -78.11 -31.33
N MET C 1583 -73.56 -78.31 -32.61
CA MET C 1583 -74.49 -77.84 -33.62
C MET C 1583 -75.80 -78.60 -33.56
N GLN C 1584 -75.73 -79.92 -33.60
CA GLN C 1584 -76.93 -80.66 -33.98
C GLN C 1584 -77.69 -81.26 -32.82
N SER C 1585 -77.03 -81.79 -31.80
CA SER C 1585 -77.78 -82.30 -30.66
C SER C 1585 -78.43 -81.17 -29.90
N SER C 1586 -78.07 -79.93 -30.22
CA SER C 1586 -78.55 -78.76 -29.48
C SER C 1586 -79.77 -78.17 -30.17
N VAL C 1587 -80.87 -78.08 -29.43
CA VAL C 1587 -82.03 -77.30 -29.82
C VAL C 1587 -82.48 -76.56 -28.57
N ASP C 1588 -83.19 -75.44 -28.76
CA ASP C 1588 -83.74 -74.68 -27.65
C ASP C 1588 -82.64 -74.34 -26.64
N ASN C 1589 -81.65 -73.60 -27.12
CA ASN C 1589 -80.32 -73.58 -26.55
C ASN C 1589 -79.69 -72.21 -26.52
N THR C 1590 -80.49 -71.16 -26.67
CA THR C 1590 -80.05 -69.84 -27.13
C THR C 1590 -78.77 -69.45 -26.39
N LYS C 1591 -78.79 -69.26 -25.08
CA LYS C 1591 -77.64 -68.65 -24.41
C LYS C 1591 -76.43 -69.54 -24.53
N MET C 1592 -76.62 -70.81 -24.18
CA MET C 1592 -75.49 -71.71 -24.08
C MET C 1592 -74.73 -71.77 -25.39
N VAL C 1593 -75.37 -72.32 -26.41
CA VAL C 1593 -74.65 -72.67 -27.64
C VAL C 1593 -73.88 -71.48 -28.15
N SER C 1594 -74.50 -70.31 -28.08
CA SER C 1594 -73.78 -69.10 -28.41
C SER C 1594 -72.54 -68.98 -27.55
N ALA C 1595 -72.71 -68.87 -26.23
CA ALA C 1595 -71.57 -68.61 -25.38
C ALA C 1595 -70.46 -69.61 -25.60
N VAL C 1596 -70.82 -70.89 -25.70
CA VAL C 1596 -69.82 -71.92 -25.78
C VAL C 1596 -69.09 -71.86 -27.10
N LEU C 1597 -69.81 -71.62 -28.19
CA LEU C 1597 -69.13 -71.44 -29.44
C LEU C 1597 -68.21 -70.22 -29.41
N ASN C 1598 -68.68 -69.12 -28.82
CA ASN C 1598 -67.80 -67.97 -28.73
C ASN C 1598 -66.54 -68.35 -27.98
N GLY C 1599 -66.70 -69.07 -26.88
CA GLY C 1599 -65.53 -69.45 -26.12
C GLY C 1599 -64.62 -70.34 -26.93
N MET C 1600 -65.20 -71.22 -27.74
CA MET C 1600 -64.39 -72.03 -28.62
C MET C 1600 -63.53 -71.13 -29.48
N LEU C 1601 -64.16 -70.19 -30.16
CA LEU C 1601 -63.43 -69.33 -31.05
C LEU C 1601 -62.37 -68.56 -30.28
N ASP C 1602 -62.76 -68.06 -29.12
CA ASP C 1602 -61.86 -67.21 -28.36
C ASP C 1602 -60.63 -67.98 -27.98
N GLN C 1603 -60.78 -68.97 -27.10
CA GLN C 1603 -59.60 -69.65 -26.58
C GLN C 1603 -58.85 -70.32 -27.70
N SER C 1604 -59.49 -70.53 -28.84
CA SER C 1604 -58.70 -70.94 -29.98
C SER C 1604 -57.76 -69.84 -30.41
N PHE C 1605 -58.27 -68.63 -30.60
CA PHE C 1605 -57.39 -67.59 -31.10
C PHE C 1605 -56.33 -67.24 -30.08
N ARG C 1606 -56.68 -67.37 -28.81
CA ARG C 1606 -55.77 -66.98 -27.75
C ARG C 1606 -54.43 -67.67 -27.91
N GLU C 1607 -54.43 -68.85 -28.51
CA GLU C 1607 -53.23 -69.64 -28.71
C GLU C 1607 -53.12 -69.87 -30.22
N ARG C 1608 -52.55 -68.91 -30.91
CA ARG C 1608 -52.24 -69.07 -32.32
C ARG C 1608 -50.76 -69.24 -32.58
N ALA C 1609 -49.90 -68.64 -31.75
CA ALA C 1609 -48.47 -68.86 -31.90
C ALA C 1609 -48.11 -70.30 -31.54
N ASN C 1610 -48.84 -70.89 -30.59
CA ASN C 1610 -48.57 -72.26 -30.19
C ASN C 1610 -48.84 -73.24 -31.33
N GLN C 1611 -49.92 -73.02 -32.08
CA GLN C 1611 -50.20 -73.82 -33.25
C GLN C 1611 -51.12 -73.06 -34.18
N LYS C 1612 -51.09 -73.43 -35.46
CA LYS C 1612 -51.93 -72.81 -36.48
C LYS C 1612 -52.96 -73.76 -37.06
N HIS C 1613 -52.82 -75.06 -36.83
CA HIS C 1613 -53.71 -76.07 -37.38
C HIS C 1613 -54.92 -76.37 -36.50
N GLN C 1614 -55.14 -75.58 -35.45
CA GLN C 1614 -56.23 -75.86 -34.55
C GLN C 1614 -57.50 -75.07 -34.85
N GLY C 1615 -57.39 -73.80 -35.19
CA GLY C 1615 -58.59 -73.01 -35.33
C GLY C 1615 -59.12 -73.04 -36.74
N LEU C 1616 -58.21 -72.99 -37.70
CA LEU C 1616 -58.61 -73.06 -39.10
C LEU C 1616 -59.53 -74.26 -39.32
N LYS C 1617 -59.15 -75.41 -38.75
CA LYS C 1617 -60.03 -76.57 -38.78
C LYS C 1617 -61.30 -76.29 -38.01
N LEU C 1618 -61.19 -75.65 -36.83
CA LEU C 1618 -62.40 -75.33 -36.08
C LEU C 1618 -63.29 -74.40 -36.87
N ALA C 1619 -62.68 -73.39 -37.49
CA ALA C 1619 -63.43 -72.50 -38.35
C ALA C 1619 -64.17 -73.27 -39.42
N THR C 1620 -63.43 -74.13 -40.13
CA THR C 1620 -64.01 -74.87 -41.24
C THR C 1620 -65.15 -75.74 -40.77
N THR C 1621 -64.97 -76.37 -39.62
CA THR C 1621 -66.03 -77.23 -39.12
C THR C 1621 -67.28 -76.43 -38.80
N ILE C 1622 -67.15 -75.37 -38.00
CA ILE C 1622 -68.35 -74.72 -37.51
C ILE C 1622 -69.02 -73.95 -38.64
N LEU C 1623 -68.25 -73.55 -39.64
CA LEU C 1623 -68.90 -73.12 -40.85
C LEU C 1623 -69.58 -74.28 -41.55
N GLN C 1624 -69.05 -75.49 -41.40
CA GLN C 1624 -69.44 -76.55 -42.32
C GLN C 1624 -70.85 -77.04 -42.01
N HIS C 1625 -71.17 -77.22 -40.75
CA HIS C 1625 -72.51 -77.65 -40.35
C HIS C 1625 -73.51 -76.49 -40.33
N TRP C 1626 -73.17 -75.36 -40.94
CA TRP C 1626 -73.92 -74.14 -40.66
C TRP C 1626 -75.35 -74.21 -41.16
N LYS C 1627 -75.70 -75.21 -41.97
CA LYS C 1627 -77.02 -75.25 -42.57
C LYS C 1627 -78.12 -75.21 -41.51
N LYS C 1628 -77.83 -75.75 -40.32
CA LYS C 1628 -78.81 -75.78 -39.25
C LYS C 1628 -79.13 -74.38 -38.72
N CYS C 1629 -78.36 -73.37 -39.11
CA CYS C 1629 -78.53 -72.05 -38.53
C CYS C 1629 -79.82 -71.39 -38.99
N ASP C 1630 -80.54 -71.98 -39.94
CA ASP C 1630 -81.84 -71.44 -40.33
C ASP C 1630 -82.79 -71.31 -39.17
N SER C 1631 -82.63 -72.14 -38.13
CA SER C 1631 -83.35 -71.91 -36.88
C SER C 1631 -82.99 -70.57 -36.28
N TRP C 1632 -81.77 -70.10 -36.50
CA TRP C 1632 -81.41 -68.73 -36.18
C TRP C 1632 -81.64 -67.88 -37.43
N TRP C 1633 -81.40 -66.57 -37.29
CA TRP C 1633 -81.88 -65.55 -38.22
C TRP C 1633 -83.39 -65.47 -38.23
N ALA C 1634 -84.06 -66.33 -37.47
CA ALA C 1634 -85.47 -66.59 -37.70
C ALA C 1634 -86.30 -65.33 -37.42
N LYS C 1635 -87.32 -65.12 -38.26
CA LYS C 1635 -88.27 -64.05 -37.99
C LYS C 1635 -88.93 -64.26 -36.64
N ASP C 1636 -89.18 -65.53 -36.29
CA ASP C 1636 -89.69 -65.89 -34.97
C ASP C 1636 -88.60 -65.96 -33.91
N SER C 1637 -87.34 -65.92 -34.30
CA SER C 1637 -86.28 -65.88 -33.31
C SER C 1637 -86.35 -64.58 -32.54
N PRO C 1638 -86.14 -64.60 -31.22
CA PRO C 1638 -86.08 -63.35 -30.47
C PRO C 1638 -84.88 -62.52 -30.89
N LEU C 1639 -84.95 -61.22 -30.61
CA LEU C 1639 -83.98 -60.30 -31.17
C LEU C 1639 -82.58 -60.58 -30.67
N GLU C 1640 -82.44 -60.93 -29.39
CA GLU C 1640 -81.10 -61.04 -28.84
C GLU C 1640 -80.32 -62.11 -29.57
N THR C 1641 -80.96 -63.24 -29.86
CA THR C 1641 -80.28 -64.28 -30.61
C THR C 1641 -79.90 -63.78 -31.99
N LYS C 1642 -80.73 -62.93 -32.57
CA LYS C 1642 -80.37 -62.36 -33.86
C LYS C 1642 -79.06 -61.62 -33.75
N MET C 1643 -78.91 -60.77 -32.73
CA MET C 1643 -77.61 -60.12 -32.59
C MET C 1643 -76.52 -61.13 -32.31
N ALA C 1644 -76.79 -62.11 -31.47
CA ALA C 1644 -75.72 -63.01 -31.05
C ALA C 1644 -75.15 -63.73 -32.25
N VAL C 1645 -76.01 -64.40 -33.01
CA VAL C 1645 -75.52 -65.22 -34.10
C VAL C 1645 -74.71 -64.40 -35.06
N LEU C 1646 -75.11 -63.16 -35.29
CA LEU C 1646 -74.30 -62.31 -36.14
C LEU C 1646 -72.90 -62.14 -35.56
N ALA C 1647 -72.81 -61.96 -34.24
CA ALA C 1647 -71.49 -61.84 -33.66
C ALA C 1647 -70.70 -63.10 -33.90
N LEU C 1648 -71.35 -64.26 -33.78
CA LEU C 1648 -70.68 -65.52 -34.11
C LEU C 1648 -70.09 -65.43 -35.50
N LEU C 1649 -70.90 -64.96 -36.45
CA LEU C 1649 -70.40 -64.85 -37.81
C LEU C 1649 -69.21 -63.91 -37.86
N ALA C 1650 -69.31 -62.78 -37.18
CA ALA C 1650 -68.22 -61.83 -37.23
C ALA C 1650 -66.94 -62.47 -36.73
N LYS C 1651 -67.03 -63.15 -35.59
CA LYS C 1651 -65.86 -63.80 -35.04
C LYS C 1651 -65.30 -64.81 -36.01
N ILE C 1652 -66.18 -65.63 -36.60
CA ILE C 1652 -65.66 -66.69 -37.46
C ILE C 1652 -65.03 -66.10 -38.69
N LEU C 1653 -65.62 -65.05 -39.24
CA LEU C 1653 -65.02 -64.42 -40.39
C LEU C 1653 -63.69 -63.76 -40.05
N GLN C 1654 -63.48 -63.37 -38.79
CA GLN C 1654 -62.16 -62.88 -38.43
C GLN C 1654 -61.12 -63.99 -38.51
N ILE C 1655 -61.39 -65.14 -37.88
CA ILE C 1655 -60.35 -66.14 -37.73
C ILE C 1655 -60.11 -66.95 -38.99
N ASP C 1656 -60.98 -66.83 -40.00
CA ASP C 1656 -60.89 -67.67 -41.18
C ASP C 1656 -59.88 -67.20 -42.21
N SER C 1657 -59.61 -65.90 -42.28
CA SER C 1657 -58.75 -65.32 -43.32
C SER C 1657 -59.29 -65.61 -44.71
N SER C 1658 -60.61 -65.85 -44.80
CA SER C 1658 -61.32 -66.04 -46.06
C SER C 1658 -60.78 -67.20 -46.89
N VAL C 1659 -60.24 -68.24 -46.25
CA VAL C 1659 -59.67 -69.36 -47.00
C VAL C 1659 -60.76 -70.14 -47.72
N SER C 1660 -61.93 -70.27 -47.09
CA SER C 1660 -63.03 -71.05 -47.65
C SER C 1660 -64.34 -70.30 -47.43
N PHE C 1661 -65.39 -70.78 -48.10
CA PHE C 1661 -66.72 -70.18 -48.02
C PHE C 1661 -66.72 -68.71 -48.39
N ASN C 1662 -65.81 -68.32 -49.29
CA ASN C 1662 -65.85 -66.95 -49.79
C ASN C 1662 -65.69 -66.87 -51.31
N THR C 1663 -65.03 -67.86 -51.92
CA THR C 1663 -64.73 -67.82 -53.34
C THR C 1663 -65.42 -68.93 -54.12
N SER C 1664 -65.12 -70.20 -53.81
CA SER C 1664 -65.66 -71.30 -54.59
C SER C 1664 -66.27 -72.39 -53.72
N HIS C 1665 -65.68 -72.63 -52.56
CA HIS C 1665 -66.08 -73.75 -51.73
C HIS C 1665 -67.27 -73.39 -50.85
N GLY C 1666 -68.29 -74.24 -50.89
CA GLY C 1666 -69.48 -74.06 -50.08
C GLY C 1666 -70.65 -73.46 -50.83
N SER C 1667 -71.87 -73.85 -50.44
CA SER C 1667 -73.07 -73.33 -51.07
C SER C 1667 -73.32 -71.90 -50.62
N PHE C 1668 -72.57 -70.96 -51.18
CA PHE C 1668 -72.77 -69.56 -50.82
C PHE C 1668 -74.21 -69.10 -50.98
N PRO C 1669 -74.94 -69.42 -52.05
CA PRO C 1669 -76.27 -68.81 -52.24
C PRO C 1669 -77.13 -68.82 -50.99
N GLU C 1670 -77.12 -69.91 -50.22
CA GLU C 1670 -77.92 -69.93 -49.00
C GLU C 1670 -77.49 -68.85 -48.02
N VAL C 1671 -76.19 -68.79 -47.70
CA VAL C 1671 -75.74 -67.82 -46.71
C VAL C 1671 -75.95 -66.39 -47.23
N PHE C 1672 -75.61 -66.16 -48.49
CA PHE C 1672 -75.72 -64.84 -49.06
C PHE C 1672 -77.17 -64.38 -49.09
N THR C 1673 -78.07 -65.26 -49.52
CA THR C 1673 -79.49 -64.94 -49.54
C THR C 1673 -80.02 -64.74 -48.14
N THR C 1674 -79.46 -65.46 -47.17
CA THR C 1674 -79.84 -65.22 -45.80
C THR C 1674 -79.54 -63.78 -45.41
N TYR C 1675 -78.33 -63.31 -45.72
CA TYR C 1675 -78.00 -61.95 -45.30
C TYR C 1675 -78.73 -60.93 -46.15
N ILE C 1676 -79.02 -61.29 -47.39
CA ILE C 1676 -79.83 -60.41 -48.24
C ILE C 1676 -81.17 -60.17 -47.59
N SER C 1677 -81.84 -61.24 -47.18
CA SER C 1677 -83.10 -61.08 -46.50
C SER C 1677 -82.91 -60.33 -45.20
N LEU C 1678 -81.85 -60.67 -44.45
CA LEU C 1678 -81.67 -60.09 -43.12
C LEU C 1678 -81.55 -58.59 -43.18
N LEU C 1679 -80.65 -58.10 -44.02
CA LEU C 1679 -80.58 -56.67 -44.25
C LEU C 1679 -81.88 -56.16 -44.83
N ALA C 1680 -82.56 -56.97 -45.62
CA ALA C 1680 -83.78 -56.53 -46.27
C ALA C 1680 -84.95 -56.40 -45.32
N ASP C 1681 -84.80 -56.82 -44.07
CA ASP C 1681 -85.93 -56.91 -43.17
C ASP C 1681 -86.48 -55.54 -42.81
N THR C 1682 -87.73 -55.53 -42.35
CA THR C 1682 -88.36 -54.34 -41.83
C THR C 1682 -88.80 -54.46 -40.39
N LYS C 1683 -88.93 -55.69 -39.86
CA LYS C 1683 -89.37 -55.90 -38.49
C LYS C 1683 -88.20 -55.93 -37.51
N LEU C 1684 -87.07 -55.33 -37.87
CA LEU C 1684 -85.87 -55.34 -37.04
C LEU C 1684 -85.55 -53.91 -36.63
N ASP C 1685 -84.90 -53.78 -35.48
CA ASP C 1685 -84.46 -52.46 -35.08
C ASP C 1685 -83.31 -52.01 -35.97
N LEU C 1686 -83.05 -50.71 -35.97
CA LEU C 1686 -81.93 -50.19 -36.74
C LEU C 1686 -80.63 -50.85 -36.32
N HIS C 1687 -80.55 -51.30 -35.07
CA HIS C 1687 -79.29 -51.82 -34.57
C HIS C 1687 -79.00 -53.20 -35.14
N LEU C 1688 -80.05 -53.98 -35.42
CA LEU C 1688 -79.80 -55.27 -36.05
C LEU C 1688 -79.21 -55.06 -37.42
N LYS C 1689 -79.70 -54.07 -38.16
CA LYS C 1689 -79.01 -53.63 -39.36
C LYS C 1689 -77.58 -53.19 -39.03
N GLY C 1690 -77.40 -52.48 -37.92
CA GLY C 1690 -76.10 -51.91 -37.62
C GLY C 1690 -75.04 -52.98 -37.45
N GLN C 1691 -75.36 -54.02 -36.70
CA GLN C 1691 -74.50 -55.18 -36.68
C GLN C 1691 -74.47 -55.82 -38.06
N ALA C 1692 -75.59 -55.79 -38.77
CA ALA C 1692 -75.69 -56.51 -40.01
C ALA C 1692 -74.77 -55.92 -41.07
N VAL C 1693 -74.33 -54.69 -40.86
CA VAL C 1693 -73.45 -54.07 -41.83
C VAL C 1693 -72.01 -54.29 -41.39
N THR C 1694 -71.82 -55.20 -40.43
CA THR C 1694 -70.50 -55.77 -40.30
C THR C 1694 -70.25 -56.85 -41.32
N LEU C 1695 -71.25 -57.19 -42.13
CA LEU C 1695 -71.07 -58.20 -43.17
C LEU C 1695 -70.02 -57.78 -44.18
N LEU C 1696 -70.19 -56.60 -44.74
CA LEU C 1696 -69.49 -56.10 -45.91
C LEU C 1696 -67.98 -56.37 -45.87
N PRO C 1697 -67.30 -56.30 -44.72
CA PRO C 1697 -65.89 -56.70 -44.72
C PRO C 1697 -65.67 -58.06 -45.33
N PHE C 1698 -66.71 -58.88 -45.34
CA PHE C 1698 -66.77 -60.08 -46.14
C PHE C 1698 -67.99 -59.99 -47.03
N PHE C 1699 -68.16 -60.99 -47.88
CA PHE C 1699 -69.15 -60.94 -48.95
C PHE C 1699 -68.88 -59.82 -49.95
N THR C 1700 -67.67 -59.26 -49.93
CA THR C 1700 -67.28 -58.25 -50.90
C THR C 1700 -65.92 -58.52 -51.52
N SER C 1701 -65.35 -59.70 -51.28
CA SER C 1701 -64.06 -60.07 -51.86
C SER C 1701 -64.29 -61.19 -52.86
N LEU C 1702 -63.84 -60.96 -54.10
CA LEU C 1702 -63.98 -61.92 -55.19
C LEU C 1702 -65.44 -62.30 -55.43
N THR C 1703 -66.37 -61.38 -55.15
CA THR C 1703 -67.79 -61.62 -55.37
C THR C 1703 -68.12 -61.31 -56.84
N GLY C 1704 -67.66 -62.20 -57.71
CA GLY C 1704 -67.86 -62.02 -59.14
C GLY C 1704 -69.34 -61.99 -59.47
N GLY C 1705 -69.83 -60.80 -59.82
CA GLY C 1705 -71.24 -60.63 -59.98
C GLY C 1705 -71.93 -60.70 -58.64
N SER C 1706 -73.26 -60.78 -58.70
CA SER C 1706 -74.09 -60.92 -57.51
C SER C 1706 -73.95 -59.72 -56.59
N LEU C 1707 -73.11 -58.75 -56.99
CA LEU C 1707 -73.03 -57.53 -56.21
C LEU C 1707 -74.34 -56.77 -56.28
N GLU C 1708 -75.11 -56.98 -57.34
CA GLU C 1708 -76.29 -56.17 -57.62
C GLU C 1708 -77.40 -56.43 -56.63
N GLU C 1709 -77.49 -57.65 -56.11
CA GLU C 1709 -78.35 -57.87 -54.97
C GLU C 1709 -77.91 -56.99 -53.82
N LEU C 1710 -76.59 -56.92 -53.59
CA LEU C 1710 -76.06 -56.01 -52.60
C LEU C 1710 -76.41 -54.58 -52.93
N ARG C 1711 -76.33 -54.21 -54.21
CA ARG C 1711 -76.76 -52.90 -54.65
C ARG C 1711 -78.17 -52.61 -54.19
N ARG C 1712 -79.12 -53.45 -54.57
CA ARG C 1712 -80.50 -53.11 -54.26
C ARG C 1712 -80.72 -53.11 -52.76
N VAL C 1713 -80.15 -54.06 -52.03
CA VAL C 1713 -80.46 -54.11 -50.60
C VAL C 1713 -79.79 -52.95 -49.87
N LEU C 1714 -78.53 -52.66 -50.18
CA LEU C 1714 -77.86 -51.53 -49.56
C LEU C 1714 -78.59 -50.25 -49.89
N GLU C 1715 -78.97 -50.08 -51.15
CA GLU C 1715 -79.66 -48.87 -51.54
C GLU C 1715 -80.96 -48.72 -50.79
N GLN C 1716 -81.76 -49.79 -50.72
CA GLN C 1716 -83.02 -49.64 -50.04
C GLN C 1716 -82.80 -49.34 -48.56
N LEU C 1717 -81.76 -49.92 -47.97
CA LEU C 1717 -81.45 -49.63 -46.58
C LEU C 1717 -81.09 -48.16 -46.38
N ILE C 1718 -80.14 -47.67 -47.17
CA ILE C 1718 -79.65 -46.33 -46.96
C ILE C 1718 -80.74 -45.32 -47.24
N VAL C 1719 -81.57 -45.58 -48.24
CA VAL C 1719 -82.69 -44.68 -48.48
C VAL C 1719 -83.74 -44.84 -47.39
N ALA C 1720 -83.76 -45.99 -46.72
CA ALA C 1720 -84.75 -46.15 -45.68
C ALA C 1720 -84.40 -45.39 -44.42
N HIS C 1721 -83.13 -45.33 -44.06
CA HIS C 1721 -82.81 -44.88 -42.71
C HIS C 1721 -81.81 -43.73 -42.61
N PHE C 1722 -81.41 -43.10 -43.71
CA PHE C 1722 -80.46 -42.00 -43.62
C PHE C 1722 -81.04 -40.76 -44.27
N PRO C 1723 -81.71 -39.90 -43.51
CA PRO C 1723 -82.28 -38.68 -44.09
C PRO C 1723 -81.21 -37.81 -44.71
N MET C 1724 -81.56 -37.14 -45.79
CA MET C 1724 -80.56 -36.39 -46.54
C MET C 1724 -80.08 -35.18 -45.75
N GLN C 1725 -81.02 -34.38 -45.25
CA GLN C 1725 -80.77 -33.19 -44.45
C GLN C 1725 -80.70 -33.60 -42.97
N SER C 1726 -79.50 -33.77 -42.46
CA SER C 1726 -79.23 -34.29 -41.12
C SER C 1726 -79.48 -33.28 -40.00
N ARG C 1727 -79.24 -31.98 -40.21
CA ARG C 1727 -79.08 -30.98 -39.15
C ARG C 1727 -80.39 -30.52 -38.50
N GLU C 1728 -81.52 -31.11 -38.85
CA GLU C 1728 -82.78 -30.99 -38.09
C GLU C 1728 -82.91 -31.98 -36.91
N PHE C 1729 -81.97 -32.93 -36.75
CA PHE C 1729 -81.91 -33.85 -35.60
C PHE C 1729 -80.73 -33.47 -34.68
N PRO C 1730 -80.94 -32.99 -33.45
CA PRO C 1730 -79.86 -32.53 -32.59
C PRO C 1730 -79.01 -33.69 -32.09
N PRO C 1731 -77.75 -33.45 -31.78
CA PRO C 1731 -76.94 -34.49 -31.12
C PRO C 1731 -77.56 -34.90 -29.80
N GLY C 1732 -77.51 -36.20 -29.53
CA GLY C 1732 -78.24 -36.78 -28.42
C GLY C 1732 -79.61 -37.29 -28.78
N THR C 1733 -80.12 -36.94 -29.96
CA THR C 1733 -81.36 -37.54 -30.44
C THR C 1733 -81.12 -39.03 -30.65
N PRO C 1734 -81.99 -39.89 -30.15
CA PRO C 1734 -81.78 -41.33 -30.36
C PRO C 1734 -81.66 -41.66 -31.83
N ARG C 1735 -82.44 -40.99 -32.66
CA ARG C 1735 -82.30 -41.18 -34.10
C ARG C 1735 -80.93 -40.74 -34.56
N PHE C 1736 -80.43 -39.64 -34.00
CA PHE C 1736 -79.09 -39.19 -34.35
C PHE C 1736 -78.06 -40.22 -33.94
N ASN C 1737 -78.24 -40.83 -32.77
CA ASN C 1737 -77.30 -41.85 -32.35
C ASN C 1737 -77.33 -43.04 -33.29
N ASN C 1738 -78.52 -43.49 -33.69
CA ASN C 1738 -78.60 -44.60 -34.63
C ASN C 1738 -77.92 -44.24 -35.93
N TYR C 1739 -78.16 -43.02 -36.41
CA TYR C 1739 -77.59 -42.58 -37.67
C TYR C 1739 -76.08 -42.61 -37.61
N VAL C 1740 -75.51 -42.00 -36.58
CA VAL C 1740 -74.05 -41.96 -36.51
C VAL C 1740 -73.51 -43.35 -36.35
N ASP C 1741 -74.20 -44.21 -35.61
CA ASP C 1741 -73.72 -45.56 -35.42
C ASP C 1741 -73.68 -46.30 -36.75
N CYS C 1742 -74.74 -46.18 -37.54
CA CYS C 1742 -74.75 -46.83 -38.84
C CYS C 1742 -73.64 -46.28 -39.71
N MET C 1743 -73.45 -44.97 -39.69
CA MET C 1743 -72.35 -44.39 -40.45
C MET C 1743 -71.02 -45.01 -40.05
N LYS C 1744 -70.77 -45.07 -38.75
CA LYS C 1744 -69.49 -45.60 -38.30
C LYS C 1744 -69.35 -47.04 -38.73
N LYS C 1745 -70.42 -47.82 -38.63
CA LYS C 1745 -70.32 -49.22 -38.99
C LYS C 1745 -70.03 -49.35 -40.48
N PHE C 1746 -70.69 -48.54 -41.30
CA PHE C 1746 -70.40 -48.56 -42.72
C PHE C 1746 -68.96 -48.24 -42.96
N LEU C 1747 -68.41 -47.27 -42.22
CA LEU C 1747 -67.02 -46.88 -42.41
C LEU C 1747 -66.07 -47.99 -42.03
N ASP C 1748 -66.32 -48.64 -40.91
CA ASP C 1748 -65.50 -49.79 -40.57
C ASP C 1748 -65.58 -50.83 -41.67
N ALA C 1749 -66.77 -51.02 -42.24
CA ALA C 1749 -66.91 -51.96 -43.34
C ALA C 1749 -66.05 -51.51 -44.51
N LEU C 1750 -66.06 -50.21 -44.78
CA LEU C 1750 -65.24 -49.68 -45.87
C LEU C 1750 -63.77 -49.94 -45.59
N GLU C 1751 -63.36 -49.74 -44.34
CA GLU C 1751 -61.96 -49.90 -44.00
C GLU C 1751 -61.52 -51.33 -44.19
N LEU C 1752 -62.24 -52.26 -43.59
CA LEU C 1752 -61.85 -53.66 -43.72
C LEU C 1752 -62.09 -54.18 -45.12
N SER C 1753 -62.88 -53.49 -45.92
CA SER C 1753 -63.33 -54.06 -47.17
C SER C 1753 -62.57 -53.52 -48.36
N GLN C 1754 -62.28 -52.22 -48.36
CA GLN C 1754 -61.70 -51.57 -49.53
C GLN C 1754 -62.52 -51.85 -50.77
N SER C 1755 -63.79 -52.16 -50.57
CA SER C 1755 -64.63 -52.52 -51.68
C SER C 1755 -64.98 -51.27 -52.49
N PRO C 1756 -64.70 -51.26 -53.77
CA PRO C 1756 -65.03 -50.09 -54.59
C PRO C 1756 -66.50 -49.78 -54.56
N MET C 1757 -67.35 -50.79 -54.49
CA MET C 1757 -68.77 -50.51 -54.45
C MET C 1757 -69.16 -49.92 -53.10
N LEU C 1758 -68.58 -50.46 -52.03
CA LEU C 1758 -68.75 -49.81 -50.73
C LEU C 1758 -68.20 -48.39 -50.74
N LEU C 1759 -67.03 -48.21 -51.35
CA LEU C 1759 -66.49 -46.86 -51.43
C LEU C 1759 -67.48 -45.92 -52.08
N GLU C 1760 -68.00 -46.30 -53.24
CA GLU C 1760 -68.86 -45.38 -53.95
C GLU C 1760 -70.13 -45.12 -53.16
N LEU C 1761 -70.70 -46.16 -52.57
CA LEU C 1761 -71.88 -45.98 -51.76
C LEU C 1761 -71.63 -44.93 -50.68
N MET C 1762 -70.53 -45.07 -49.95
CA MET C 1762 -70.18 -44.08 -48.95
C MET C 1762 -70.15 -42.71 -49.56
N THR C 1763 -69.54 -42.60 -50.74
CA THR C 1763 -69.41 -41.28 -51.34
C THR C 1763 -70.78 -40.64 -51.53
N GLU C 1764 -71.73 -41.35 -52.16
CA GLU C 1764 -72.98 -40.62 -52.40
C GLU C 1764 -73.68 -40.37 -51.09
N VAL C 1765 -73.36 -41.14 -50.05
CA VAL C 1765 -73.86 -40.77 -48.74
C VAL C 1765 -73.33 -39.39 -48.38
N LEU C 1766 -72.03 -39.18 -48.53
CA LEU C 1766 -71.42 -37.91 -48.15
C LEU C 1766 -71.88 -36.78 -49.05
N CYS C 1767 -71.80 -36.99 -50.35
CA CYS C 1767 -72.00 -35.90 -51.29
C CYS C 1767 -73.49 -35.68 -51.51
N ARG C 1768 -74.12 -35.07 -50.52
CA ARG C 1768 -75.44 -34.53 -50.74
C ARG C 1768 -75.58 -33.10 -50.27
N GLU C 1769 -74.90 -32.73 -49.20
CA GLU C 1769 -74.57 -31.34 -48.92
C GLU C 1769 -73.29 -31.31 -48.12
N GLN C 1770 -72.88 -30.11 -47.71
CA GLN C 1770 -71.55 -29.89 -47.17
C GLN C 1770 -71.60 -29.90 -45.66
N GLN C 1771 -70.63 -30.57 -45.05
CA GLN C 1771 -70.35 -30.48 -43.63
C GLN C 1771 -71.62 -30.72 -42.81
N HIS C 1772 -72.19 -31.92 -42.90
CA HIS C 1772 -73.51 -32.26 -42.36
C HIS C 1772 -73.54 -33.54 -41.51
N VAL C 1773 -72.49 -34.37 -41.53
CA VAL C 1773 -72.35 -35.63 -40.77
C VAL C 1773 -70.98 -35.74 -40.11
N MET C 1774 -70.58 -34.65 -39.45
CA MET C 1774 -69.34 -34.60 -38.65
C MET C 1774 -68.14 -35.07 -39.48
N GLU C 1775 -68.02 -34.56 -40.71
CA GLU C 1775 -67.23 -35.19 -41.74
C GLU C 1775 -65.76 -35.43 -41.42
N GLU C 1776 -65.21 -34.82 -40.39
CA GLU C 1776 -63.92 -35.21 -39.84
C GLU C 1776 -63.77 -36.73 -39.72
N LEU C 1777 -64.81 -37.51 -39.35
CA LEU C 1777 -64.61 -38.94 -39.26
C LEU C 1777 -64.57 -39.58 -40.64
N PHE C 1778 -65.40 -39.11 -41.57
CA PHE C 1778 -65.32 -39.64 -42.92
C PHE C 1778 -63.97 -39.33 -43.55
N GLN C 1779 -63.49 -38.11 -43.37
CA GLN C 1779 -62.20 -37.76 -43.95
C GLN C 1779 -61.10 -38.61 -43.35
N SER C 1780 -61.15 -38.84 -42.04
CA SER C 1780 -60.12 -39.68 -41.43
C SER C 1780 -60.18 -41.08 -42.01
N SER C 1781 -61.37 -41.62 -42.16
CA SER C 1781 -61.50 -42.94 -42.76
C SER C 1781 -60.89 -42.94 -44.15
N PHE C 1782 -61.28 -42.01 -44.99
CA PHE C 1782 -60.81 -42.00 -46.36
C PHE C 1782 -59.30 -41.85 -46.43
N ARG C 1783 -58.73 -41.04 -45.55
CA ARG C 1783 -57.28 -41.03 -45.46
C ARG C 1783 -56.78 -42.43 -45.15
N ARG C 1784 -57.46 -43.15 -44.27
CA ARG C 1784 -57.00 -44.47 -43.92
C ARG C 1784 -57.06 -45.46 -45.07
N ILE C 1785 -58.08 -45.38 -45.93
CA ILE C 1785 -58.26 -46.44 -46.92
C ILE C 1785 -57.12 -46.43 -47.92
N ALA C 1786 -56.67 -45.25 -48.33
CA ALA C 1786 -55.65 -45.18 -49.36
C ALA C 1786 -54.31 -45.70 -48.88
N ARG C 1787 -53.96 -45.46 -47.63
CA ARG C 1787 -52.61 -45.76 -47.17
C ARG C 1787 -52.35 -47.25 -47.01
N ARG C 1788 -53.22 -48.11 -47.53
CA ARG C 1788 -53.04 -49.55 -47.42
C ARG C 1788 -53.67 -50.23 -48.63
N GLY C 1789 -53.17 -51.42 -48.93
CA GLY C 1789 -53.73 -52.25 -49.97
C GLY C 1789 -52.85 -52.32 -51.21
N SER C 1790 -53.14 -53.31 -52.05
CA SER C 1790 -52.35 -53.56 -53.25
C SER C 1790 -52.50 -52.42 -54.25
N CYS C 1791 -51.41 -52.11 -54.95
CA CYS C 1791 -51.39 -50.96 -55.83
C CYS C 1791 -52.58 -51.00 -56.78
N VAL C 1792 -52.87 -52.15 -57.35
CA VAL C 1792 -54.00 -52.25 -58.26
C VAL C 1792 -55.29 -51.98 -57.50
N THR C 1793 -55.34 -52.34 -56.22
CA THR C 1793 -56.54 -52.08 -55.45
C THR C 1793 -56.80 -50.59 -55.37
N GLN C 1794 -55.78 -49.80 -55.02
CA GLN C 1794 -55.98 -48.37 -55.02
C GLN C 1794 -56.29 -47.85 -56.39
N VAL C 1795 -55.66 -48.39 -57.43
CA VAL C 1795 -55.93 -47.88 -58.77
C VAL C 1795 -57.39 -48.07 -59.11
N GLY C 1796 -57.94 -49.23 -58.78
CA GLY C 1796 -59.35 -49.47 -59.01
C GLY C 1796 -60.22 -48.54 -58.19
N LEU C 1797 -59.85 -48.31 -56.93
CA LEU C 1797 -60.61 -47.39 -56.11
C LEU C 1797 -60.63 -46.02 -56.74
N LEU C 1798 -59.48 -45.62 -57.27
CA LEU C 1798 -59.40 -44.33 -57.92
C LEU C 1798 -60.31 -44.29 -59.13
N GLU C 1799 -60.28 -45.34 -59.95
CA GLU C 1799 -61.15 -45.33 -61.12
C GLU C 1799 -62.58 -45.19 -60.69
N SER C 1800 -62.96 -45.91 -59.65
CA SER C 1800 -64.33 -45.85 -59.16
C SER C 1800 -64.68 -44.44 -58.74
N VAL C 1801 -63.88 -43.86 -57.84
CA VAL C 1801 -64.21 -42.54 -57.35
C VAL C 1801 -64.14 -41.52 -58.46
N TYR C 1802 -63.47 -41.85 -59.55
CA TYR C 1802 -63.49 -40.95 -60.69
C TYR C 1802 -64.79 -41.05 -61.45
N GLU C 1803 -65.35 -42.26 -61.54
CA GLU C 1803 -66.44 -42.47 -62.48
C GLU C 1803 -67.61 -41.55 -62.17
N MET C 1804 -68.02 -41.50 -60.92
CA MET C 1804 -69.23 -40.75 -60.64
C MET C 1804 -69.02 -39.26 -60.80
N PHE C 1805 -67.79 -38.81 -61.01
CA PHE C 1805 -67.62 -37.42 -61.37
C PHE C 1805 -68.01 -37.16 -62.81
N ARG C 1806 -67.70 -38.08 -63.69
CA ARG C 1806 -67.77 -37.80 -65.11
C ARG C 1806 -69.05 -38.30 -65.78
N LYS C 1807 -69.79 -39.22 -65.17
CA LYS C 1807 -70.90 -39.82 -65.88
C LYS C 1807 -71.95 -38.75 -66.15
N ASP C 1808 -72.52 -38.81 -67.35
CA ASP C 1808 -73.37 -37.74 -67.85
C ASP C 1808 -74.69 -37.61 -67.09
N ASP C 1809 -74.93 -38.44 -66.09
CA ASP C 1809 -76.21 -38.42 -65.43
C ASP C 1809 -76.45 -37.06 -64.81
N PRO C 1810 -77.53 -36.38 -65.14
CA PRO C 1810 -77.78 -35.06 -64.55
C PRO C 1810 -78.09 -35.16 -63.07
N ARG C 1811 -77.15 -34.73 -62.25
CA ARG C 1811 -77.34 -34.65 -60.82
C ARG C 1811 -76.98 -33.25 -60.35
N LEU C 1812 -77.13 -33.01 -59.06
CA LEU C 1812 -76.84 -31.69 -58.53
C LEU C 1812 -75.38 -31.36 -58.72
N SER C 1813 -75.12 -30.26 -59.41
CA SER C 1813 -73.74 -29.85 -59.65
C SER C 1813 -72.99 -29.62 -58.35
N PHE C 1814 -73.68 -29.12 -57.33
CA PHE C 1814 -73.04 -28.97 -56.03
C PHE C 1814 -72.52 -30.30 -55.55
N THR C 1815 -73.34 -31.34 -55.67
CA THR C 1815 -72.92 -32.68 -55.31
C THR C 1815 -71.73 -33.11 -56.16
N ARG C 1816 -71.76 -32.77 -57.45
CA ARG C 1816 -70.67 -33.18 -58.31
C ARG C 1816 -69.36 -32.60 -57.83
N GLN C 1817 -69.36 -31.32 -57.48
CA GLN C 1817 -68.13 -30.73 -56.96
C GLN C 1817 -67.72 -31.44 -55.70
N SER C 1818 -68.68 -31.65 -54.80
CA SER C 1818 -68.38 -32.27 -53.52
C SER C 1818 -67.73 -33.63 -53.68
N PHE C 1819 -68.04 -34.38 -54.74
CA PHE C 1819 -67.38 -35.68 -54.90
C PHE C 1819 -65.88 -35.53 -54.90
N VAL C 1820 -65.35 -34.92 -55.95
CA VAL C 1820 -63.91 -34.79 -56.02
C VAL C 1820 -63.38 -34.00 -54.86
N ASP C 1821 -64.15 -33.03 -54.38
CA ASP C 1821 -63.67 -32.20 -53.30
C ASP C 1821 -63.45 -33.04 -52.07
N ARG C 1822 -64.54 -33.46 -51.44
CA ARG C 1822 -64.47 -34.01 -50.11
C ARG C 1822 -63.95 -35.43 -50.08
N SER C 1823 -64.00 -36.18 -51.18
CA SER C 1823 -63.45 -37.52 -51.15
C SER C 1823 -62.28 -37.67 -52.11
N LEU C 1824 -62.47 -37.35 -53.38
CA LEU C 1824 -61.50 -37.76 -54.36
C LEU C 1824 -60.21 -36.98 -54.19
N LEU C 1825 -60.30 -35.67 -54.02
CA LEU C 1825 -59.09 -34.88 -53.87
C LEU C 1825 -58.25 -35.43 -52.72
N THR C 1826 -58.89 -35.68 -51.59
CA THR C 1826 -58.16 -36.25 -50.48
C THR C 1826 -57.58 -37.60 -50.85
N LEU C 1827 -58.39 -38.43 -51.50
CA LEU C 1827 -57.97 -39.79 -51.77
C LEU C 1827 -56.70 -39.79 -52.58
N LEU C 1828 -56.69 -39.02 -53.65
CA LEU C 1828 -55.49 -38.88 -54.45
C LEU C 1828 -54.35 -38.31 -53.63
N TRP C 1829 -54.63 -37.34 -52.77
CA TRP C 1829 -53.58 -36.81 -51.93
C TRP C 1829 -52.89 -37.89 -51.13
N HIS C 1830 -53.61 -38.93 -50.73
CA HIS C 1830 -53.03 -39.91 -49.84
C HIS C 1830 -52.88 -41.29 -50.47
N CYS C 1831 -52.93 -41.39 -51.79
CA CYS C 1831 -52.59 -42.66 -52.40
C CYS C 1831 -51.13 -43.00 -52.13
N SER C 1832 -50.79 -44.26 -52.41
CA SER C 1832 -49.41 -44.69 -52.27
C SER C 1832 -48.55 -44.06 -53.37
N LEU C 1833 -47.25 -44.03 -53.12
CA LEU C 1833 -46.31 -43.58 -54.13
C LEU C 1833 -46.44 -44.44 -55.37
N ASP C 1834 -46.06 -43.89 -56.52
CA ASP C 1834 -46.01 -44.62 -57.76
C ASP C 1834 -47.40 -45.03 -58.22
N ALA C 1835 -48.39 -44.94 -57.33
CA ALA C 1835 -49.74 -45.30 -57.73
C ALA C 1835 -50.43 -44.16 -58.45
N LEU C 1836 -49.91 -42.95 -58.31
CA LEU C 1836 -50.54 -41.82 -58.97
C LEU C 1836 -50.47 -41.95 -60.48
N ARG C 1837 -49.32 -42.35 -61.03
CA ARG C 1837 -49.20 -42.29 -62.48
C ARG C 1837 -50.25 -43.15 -63.14
N GLU C 1838 -50.66 -44.20 -62.45
CA GLU C 1838 -51.77 -44.98 -62.96
C GLU C 1838 -52.98 -44.10 -63.20
N PHE C 1839 -53.38 -43.32 -62.20
CA PHE C 1839 -54.59 -42.54 -62.37
C PHE C 1839 -54.38 -41.44 -63.39
N PHE C 1840 -53.23 -40.79 -63.34
CA PHE C 1840 -52.96 -39.72 -64.28
C PHE C 1840 -53.05 -40.24 -65.70
N SER C 1841 -52.42 -41.39 -65.92
CA SER C 1841 -52.48 -42.07 -67.21
C SER C 1841 -53.90 -42.46 -67.55
N THR C 1842 -54.67 -42.90 -66.57
CA THR C 1842 -56.00 -43.36 -66.85
C THR C 1842 -56.88 -42.23 -67.35
N ILE C 1843 -56.75 -41.05 -66.76
CA ILE C 1843 -57.73 -40.01 -67.03
C ILE C 1843 -57.25 -38.97 -68.02
N VAL C 1844 -55.94 -38.85 -68.21
CA VAL C 1844 -55.36 -37.61 -68.71
C VAL C 1844 -55.99 -37.18 -70.03
N VAL C 1845 -56.15 -38.10 -70.97
CA VAL C 1845 -56.55 -37.69 -72.31
C VAL C 1845 -57.97 -37.16 -72.31
N ASP C 1846 -58.90 -37.87 -71.67
CA ASP C 1846 -60.28 -37.43 -71.62
C ASP C 1846 -60.41 -36.13 -70.84
N ALA C 1847 -59.70 -36.04 -69.71
CA ALA C 1847 -59.77 -34.81 -68.94
C ALA C 1847 -59.34 -33.64 -69.81
N ILE C 1848 -58.20 -33.77 -70.48
CA ILE C 1848 -57.70 -32.68 -71.29
C ILE C 1848 -58.68 -32.37 -72.42
N ASP C 1849 -59.24 -33.41 -73.03
CA ASP C 1849 -60.18 -33.20 -74.12
C ASP C 1849 -61.35 -32.35 -73.64
N VAL C 1850 -61.91 -32.69 -72.48
CA VAL C 1850 -62.99 -31.87 -71.94
C VAL C 1850 -62.48 -30.47 -71.69
N LEU C 1851 -61.23 -30.36 -71.25
CA LEU C 1851 -60.66 -29.05 -71.02
C LEU C 1851 -60.49 -28.27 -72.32
N LYS C 1852 -60.54 -28.91 -73.47
CA LYS C 1852 -60.26 -28.19 -74.71
C LYS C 1852 -61.19 -27.00 -74.89
N SER C 1853 -62.47 -27.19 -74.63
CA SER C 1853 -63.42 -26.37 -75.34
C SER C 1853 -64.73 -26.33 -74.57
N ARG C 1854 -65.81 -26.04 -75.29
CA ARG C 1854 -67.19 -26.30 -74.94
C ARG C 1854 -67.67 -25.29 -73.94
N PHE C 1855 -66.81 -24.40 -73.47
CA PHE C 1855 -67.31 -23.32 -72.67
C PHE C 1855 -68.33 -22.48 -73.42
N THR C 1856 -68.49 -22.71 -74.72
CA THR C 1856 -69.29 -21.81 -75.53
C THR C 1856 -70.74 -21.79 -75.05
N LYS C 1857 -71.32 -22.95 -74.78
CA LYS C 1857 -72.76 -23.03 -74.64
C LYS C 1857 -73.19 -22.59 -73.25
N LEU C 1858 -74.04 -21.57 -73.23
CA LEU C 1858 -74.48 -20.93 -71.99
C LEU C 1858 -75.98 -20.70 -71.95
N ASN C 1859 -76.69 -20.88 -73.07
CA ASN C 1859 -78.12 -20.57 -73.12
C ASN C 1859 -78.93 -21.46 -72.19
N GLU C 1860 -78.28 -22.35 -71.47
CA GLU C 1860 -78.91 -23.23 -70.51
C GLU C 1860 -78.14 -23.13 -69.20
N SER C 1861 -78.87 -23.09 -68.10
CA SER C 1861 -78.19 -23.06 -66.82
C SER C 1861 -77.37 -24.32 -66.60
N THR C 1862 -77.75 -25.42 -67.26
CA THR C 1862 -77.10 -26.70 -67.02
C THR C 1862 -75.64 -26.67 -67.41
N PHE C 1863 -75.23 -25.71 -68.22
CA PHE C 1863 -73.81 -25.46 -68.40
C PHE C 1863 -73.08 -25.38 -67.07
N ASP C 1864 -73.80 -25.09 -66.00
CA ASP C 1864 -73.23 -25.23 -64.66
C ASP C 1864 -72.62 -26.60 -64.51
N THR C 1865 -73.30 -27.62 -65.00
CA THR C 1865 -72.71 -28.95 -64.97
C THR C 1865 -71.37 -28.94 -65.70
N GLN C 1866 -71.31 -28.29 -66.85
CA GLN C 1866 -70.09 -28.28 -67.63
C GLN C 1866 -68.98 -27.62 -66.84
N ILE C 1867 -69.30 -26.50 -66.21
CA ILE C 1867 -68.25 -25.76 -65.54
C ILE C 1867 -67.75 -26.58 -64.37
N THR C 1868 -68.66 -27.25 -63.66
CA THR C 1868 -68.22 -28.07 -62.55
C THR C 1868 -67.35 -29.21 -63.03
N LYS C 1869 -67.69 -29.78 -64.19
CA LYS C 1869 -66.86 -30.83 -64.74
C LYS C 1869 -65.45 -30.32 -64.95
N LYS C 1870 -65.33 -29.12 -65.50
CA LYS C 1870 -64.00 -28.56 -65.64
C LYS C 1870 -63.36 -28.39 -64.28
N MET C 1871 -64.15 -27.96 -63.31
CA MET C 1871 -63.62 -27.70 -61.98
C MET C 1871 -62.87 -28.90 -61.47
N GLY C 1872 -63.60 -29.99 -61.29
CA GLY C 1872 -62.99 -31.17 -60.71
C GLY C 1872 -61.78 -31.63 -61.48
N TYR C 1873 -61.87 -31.57 -62.81
CA TYR C 1873 -60.73 -31.95 -63.62
C TYR C 1873 -59.53 -31.14 -63.21
N TYR C 1874 -59.72 -29.84 -63.07
CA TYR C 1874 -58.61 -29.01 -62.62
C TYR C 1874 -58.13 -29.45 -61.27
N LYS C 1875 -59.06 -29.60 -60.35
CA LYS C 1875 -58.67 -29.81 -58.97
C LYS C 1875 -57.97 -31.13 -58.81
N ILE C 1876 -58.08 -32.01 -59.79
CA ILE C 1876 -57.36 -33.26 -59.73
C ILE C 1876 -56.07 -33.20 -60.53
N LEU C 1877 -56.08 -32.59 -61.70
CA LEU C 1877 -54.82 -32.54 -62.42
C LEU C 1877 -53.78 -31.83 -61.59
N ASP C 1878 -54.15 -30.69 -61.01
CA ASP C 1878 -53.18 -29.93 -60.25
C ASP C 1878 -52.56 -30.78 -59.17
N VAL C 1879 -53.38 -31.42 -58.36
CA VAL C 1879 -52.80 -32.18 -57.28
C VAL C 1879 -51.93 -33.26 -57.86
N MET C 1880 -52.27 -33.76 -59.04
CA MET C 1880 -51.40 -34.76 -59.65
C MET C 1880 -50.04 -34.18 -59.98
N TYR C 1881 -49.99 -32.92 -60.39
CA TYR C 1881 -48.67 -32.33 -60.59
C TYR C 1881 -47.91 -32.29 -59.28
N SER C 1882 -48.61 -32.07 -58.18
CA SER C 1882 -47.97 -32.23 -56.88
C SER C 1882 -47.75 -33.71 -56.62
N ARG C 1883 -46.92 -34.00 -55.64
CA ARG C 1883 -46.66 -35.36 -55.21
C ARG C 1883 -46.05 -36.20 -56.34
N LEU C 1884 -45.84 -35.60 -57.50
CA LEU C 1884 -45.16 -36.38 -58.52
C LEU C 1884 -43.79 -35.81 -58.81
N PRO C 1885 -42.78 -36.66 -58.93
CA PRO C 1885 -41.43 -36.17 -59.17
C PRO C 1885 -41.32 -35.51 -60.54
N LYS C 1886 -40.43 -34.53 -60.60
CA LYS C 1886 -40.29 -33.71 -61.81
C LYS C 1886 -39.92 -34.57 -63.02
N ASP C 1887 -39.05 -35.56 -62.81
CA ASP C 1887 -38.63 -36.42 -63.90
C ASP C 1887 -39.77 -37.26 -64.46
N ASP C 1888 -40.87 -37.43 -63.72
CA ASP C 1888 -42.01 -38.18 -64.21
C ASP C 1888 -43.07 -37.31 -64.87
N VAL C 1889 -43.04 -36.00 -64.66
CA VAL C 1889 -43.90 -35.10 -65.40
C VAL C 1889 -43.17 -34.42 -66.55
N HIS C 1890 -41.84 -34.40 -66.53
CA HIS C 1890 -41.08 -33.84 -67.63
C HIS C 1890 -39.65 -34.34 -67.54
N ALA C 1891 -39.13 -34.88 -68.64
CA ALA C 1891 -37.75 -35.34 -68.73
C ALA C 1891 -37.47 -35.67 -70.19
N LYS C 1892 -36.25 -36.14 -70.45
CA LYS C 1892 -35.91 -36.63 -71.78
C LYS C 1892 -36.80 -37.81 -72.16
N GLU C 1893 -37.04 -38.70 -71.22
CA GLU C 1893 -38.06 -39.74 -71.39
C GLU C 1893 -39.37 -39.22 -70.82
N SER C 1894 -40.40 -39.20 -71.65
CA SER C 1894 -41.70 -38.62 -71.30
C SER C 1894 -42.70 -39.76 -71.16
N LYS C 1895 -42.81 -40.31 -69.96
CA LYS C 1895 -43.87 -41.28 -69.70
C LYS C 1895 -45.21 -40.67 -70.04
N ILE C 1896 -45.49 -39.50 -69.46
CA ILE C 1896 -46.75 -38.82 -69.74
C ILE C 1896 -46.51 -38.04 -71.03
N ASN C 1897 -46.57 -38.77 -72.15
CA ASN C 1897 -46.47 -38.18 -73.47
C ASN C 1897 -47.77 -38.36 -74.24
N GLN C 1898 -48.86 -38.47 -73.52
CA GLN C 1898 -50.11 -38.93 -74.09
C GLN C 1898 -51.02 -37.79 -74.50
N VAL C 1899 -50.61 -36.54 -74.28
CA VAL C 1899 -51.36 -35.42 -74.83
C VAL C 1899 -51.39 -35.53 -76.35
N PHE C 1900 -50.25 -35.83 -76.94
CA PHE C 1900 -50.20 -36.32 -78.31
C PHE C 1900 -50.36 -37.85 -78.28
N HIS C 1901 -50.35 -38.44 -79.48
CA HIS C 1901 -50.38 -39.90 -79.56
C HIS C 1901 -49.21 -40.52 -78.81
N GLY C 1902 -48.07 -39.83 -78.72
CA GLY C 1902 -46.93 -40.33 -77.97
C GLY C 1902 -46.14 -41.40 -78.65
N SER C 1903 -46.58 -41.90 -79.80
CA SER C 1903 -45.84 -42.93 -80.51
C SER C 1903 -44.51 -42.38 -81.03
N CYS C 1904 -44.53 -41.15 -81.56
CA CYS C 1904 -43.31 -40.52 -82.04
C CYS C 1904 -42.68 -39.58 -81.03
N ILE C 1905 -43.48 -38.92 -80.19
CA ILE C 1905 -42.94 -38.02 -79.16
C ILE C 1905 -42.71 -38.86 -77.91
N THR C 1906 -41.53 -39.50 -77.88
CA THR C 1906 -41.03 -40.15 -76.68
C THR C 1906 -39.77 -39.49 -76.16
N GLU C 1907 -39.10 -38.68 -76.97
CA GLU C 1907 -37.89 -37.97 -76.58
C GLU C 1907 -38.29 -36.59 -76.06
N GLY C 1908 -38.19 -36.40 -74.75
CA GLY C 1908 -38.44 -35.10 -74.16
C GLY C 1908 -39.90 -34.81 -73.92
N ASN C 1909 -40.19 -34.10 -72.83
CA ASN C 1909 -41.54 -33.67 -72.51
C ASN C 1909 -41.67 -32.17 -72.70
N GLU C 1910 -42.60 -31.77 -73.59
CA GLU C 1910 -42.91 -30.37 -73.79
C GLU C 1910 -44.41 -30.10 -73.91
N LEU C 1911 -45.22 -31.13 -74.12
CA LEU C 1911 -46.65 -30.93 -74.33
C LEU C 1911 -47.46 -31.05 -73.05
N THR C 1912 -46.95 -31.74 -72.03
CA THR C 1912 -47.65 -31.72 -70.75
C THR C 1912 -47.82 -30.30 -70.26
N LYS C 1913 -46.94 -29.42 -70.71
CA LYS C 1913 -47.11 -28.01 -70.45
C LYS C 1913 -48.39 -27.50 -71.07
N THR C 1914 -48.74 -28.00 -72.26
CA THR C 1914 -49.87 -27.46 -73.02
C THR C 1914 -51.11 -27.26 -72.17
N LEU C 1915 -51.19 -27.99 -71.06
CA LEU C 1915 -52.26 -27.72 -70.12
C LEU C 1915 -52.21 -26.28 -69.63
N ILE C 1916 -51.02 -25.76 -69.34
CA ILE C 1916 -50.95 -24.36 -68.90
C ILE C 1916 -51.36 -23.44 -70.05
N LYS C 1917 -51.00 -23.79 -71.28
CA LYS C 1917 -51.47 -23.02 -72.41
C LYS C 1917 -52.98 -22.96 -72.43
N LEU C 1918 -53.64 -24.07 -72.12
CA LEU C 1918 -55.07 -24.03 -71.89
C LEU C 1918 -55.40 -23.15 -70.71
N CYS C 1919 -54.61 -23.25 -69.64
CA CYS C 1919 -54.98 -22.57 -68.41
C CYS C 1919 -55.07 -21.08 -68.60
N TYR C 1920 -54.33 -20.57 -69.58
CA TYR C 1920 -54.33 -19.14 -69.83
C TYR C 1920 -55.75 -18.61 -70.01
N ASP C 1921 -56.53 -19.25 -70.86
CA ASP C 1921 -57.77 -18.63 -71.31
C ASP C 1921 -58.75 -18.39 -70.18
N ALA C 1922 -58.96 -19.38 -69.32
CA ALA C 1922 -59.81 -19.13 -68.16
C ALA C 1922 -59.05 -18.26 -67.16
N PHE C 1923 -57.73 -18.36 -67.19
CA PHE C 1923 -56.89 -17.67 -66.24
C PHE C 1923 -57.10 -16.16 -66.30
N THR C 1924 -57.44 -15.64 -67.48
CA THR C 1924 -57.61 -14.20 -67.67
C THR C 1924 -58.96 -13.84 -68.30
N GLU C 1925 -60.04 -14.44 -67.84
CA GLU C 1925 -61.30 -14.33 -68.57
C GLU C 1925 -61.96 -12.99 -68.28
N ASN C 1926 -62.04 -12.14 -69.29
CA ASN C 1926 -62.77 -10.89 -69.18
C ASN C 1926 -64.19 -11.19 -68.73
N MET C 1927 -64.57 -10.69 -67.57
CA MET C 1927 -65.86 -11.02 -67.01
C MET C 1927 -66.98 -10.56 -67.91
N ALA C 1928 -68.13 -11.21 -67.76
CA ALA C 1928 -69.33 -10.75 -68.42
C ALA C 1928 -69.75 -9.40 -67.87
N GLY C 1929 -70.87 -8.91 -68.37
CA GLY C 1929 -71.46 -7.70 -67.81
C GLY C 1929 -72.53 -8.03 -66.78
N GLU C 1930 -73.43 -8.95 -67.14
CA GLU C 1930 -74.56 -9.31 -66.27
C GLU C 1930 -74.70 -10.83 -66.20
N ASN C 1931 -73.60 -11.51 -65.95
CA ASN C 1931 -73.57 -12.97 -65.94
C ASN C 1931 -74.59 -13.53 -64.96
N GLN C 1932 -74.79 -14.84 -65.04
CA GLN C 1932 -75.65 -15.57 -64.11
C GLN C 1932 -74.92 -16.63 -63.30
N LEU C 1933 -73.64 -16.91 -63.62
CA LEU C 1933 -72.90 -17.90 -62.85
C LEU C 1933 -71.73 -17.26 -62.15
N LEU C 1934 -71.84 -15.96 -61.87
CA LEU C 1934 -70.71 -15.15 -61.40
C LEU C 1934 -69.84 -15.93 -60.45
N GLU C 1935 -70.40 -16.27 -59.30
CA GLU C 1935 -69.63 -16.92 -58.25
C GLU C 1935 -69.01 -18.20 -58.77
N ARG C 1936 -69.77 -18.98 -59.53
CA ARG C 1936 -69.22 -20.24 -60.03
C ARG C 1936 -68.06 -19.95 -60.96
N ARG C 1937 -68.23 -19.00 -61.87
CA ARG C 1937 -67.11 -18.62 -62.70
C ARG C 1937 -65.93 -18.26 -61.85
N ARG C 1938 -66.15 -17.45 -60.82
CA ARG C 1938 -65.04 -16.96 -60.02
C ARG C 1938 -64.29 -18.13 -59.41
N LEU C 1939 -65.01 -18.99 -58.73
CA LEU C 1939 -64.34 -20.09 -58.07
C LEU C 1939 -63.65 -20.98 -59.08
N TYR C 1940 -64.25 -21.12 -60.25
CA TYR C 1940 -63.64 -21.91 -61.30
C TYR C 1940 -62.31 -21.31 -61.70
N HIS C 1941 -62.30 -20.01 -61.92
CA HIS C 1941 -61.06 -19.37 -62.27
C HIS C 1941 -60.07 -19.59 -61.16
N CYS C 1942 -60.56 -19.55 -59.93
CA CYS C 1942 -59.68 -19.72 -58.79
C CYS C 1942 -58.98 -21.06 -58.92
N ALA C 1943 -59.74 -22.08 -59.24
CA ALA C 1943 -59.13 -23.39 -59.37
C ALA C 1943 -58.05 -23.32 -60.42
N ALA C 1944 -58.42 -22.86 -61.61
CA ALA C 1944 -57.46 -22.88 -62.71
C ALA C 1944 -56.18 -22.17 -62.31
N TYR C 1945 -56.33 -21.14 -61.49
CA TYR C 1945 -55.16 -20.47 -60.97
C TYR C 1945 -54.37 -21.37 -60.05
N ASN C 1946 -55.05 -22.10 -59.18
CA ASN C 1946 -54.32 -22.97 -58.29
C ASN C 1946 -53.52 -23.96 -59.11
N CYS C 1947 -54.17 -24.49 -60.14
CA CYS C 1947 -53.49 -25.39 -61.06
C CYS C 1947 -52.25 -24.73 -61.61
N ALA C 1948 -52.41 -23.52 -62.11
CA ALA C 1948 -51.27 -22.85 -62.71
C ALA C 1948 -50.14 -22.76 -61.71
N ILE C 1949 -50.46 -22.47 -60.45
CA ILE C 1949 -49.42 -22.38 -59.45
C ILE C 1949 -48.72 -23.71 -59.33
N SER C 1950 -49.50 -24.78 -59.30
CA SER C 1950 -48.88 -26.09 -59.18
C SER C 1950 -47.93 -26.32 -60.34
N VAL C 1951 -48.38 -26.06 -61.55
CA VAL C 1951 -47.58 -26.44 -62.70
C VAL C 1951 -46.32 -25.59 -62.72
N ILE C 1952 -46.45 -24.32 -62.37
CA ILE C 1952 -45.28 -23.47 -62.33
C ILE C 1952 -44.29 -23.98 -61.30
N CYS C 1953 -44.78 -24.36 -60.13
CA CYS C 1953 -43.87 -24.79 -59.08
C CYS C 1953 -43.30 -26.17 -59.36
N CYS C 1954 -43.90 -26.91 -60.28
CA CYS C 1954 -43.40 -28.25 -60.56
C CYS C 1954 -42.45 -28.27 -61.74
N VAL C 1955 -42.90 -27.78 -62.89
CA VAL C 1955 -42.17 -27.99 -64.13
C VAL C 1955 -41.01 -27.01 -64.25
N PHE C 1956 -41.32 -25.73 -64.38
CA PHE C 1956 -40.32 -24.72 -64.69
C PHE C 1956 -39.37 -24.53 -63.52
N ASN C 1957 -38.15 -24.08 -63.83
CA ASN C 1957 -37.12 -23.95 -62.82
C ASN C 1957 -36.63 -22.50 -62.67
N GLU C 1958 -36.45 -21.81 -63.79
CA GLU C 1958 -35.94 -20.45 -63.73
C GLU C 1958 -36.99 -19.50 -63.15
N LEU C 1959 -36.54 -18.63 -62.26
CA LEU C 1959 -37.45 -17.67 -61.63
C LEU C 1959 -38.10 -16.79 -62.67
N LYS C 1960 -37.38 -16.44 -63.72
CA LYS C 1960 -38.03 -15.76 -64.82
C LYS C 1960 -39.15 -16.60 -65.39
N PHE C 1961 -39.05 -17.91 -65.25
CA PHE C 1961 -40.13 -18.79 -65.66
C PHE C 1961 -41.01 -19.23 -64.51
N TYR C 1962 -40.61 -18.96 -63.26
CA TYR C 1962 -41.56 -18.97 -62.17
C TYR C 1962 -42.61 -17.89 -62.39
N GLN C 1963 -42.23 -16.88 -63.15
CA GLN C 1963 -43.12 -15.85 -63.65
C GLN C 1963 -43.80 -16.36 -64.92
N GLY C 1964 -43.38 -17.53 -65.39
CA GLY C 1964 -43.57 -17.97 -66.76
C GLY C 1964 -44.85 -17.48 -67.39
N PHE C 1965 -45.96 -17.76 -66.73
CA PHE C 1965 -47.13 -16.92 -66.95
C PHE C 1965 -47.82 -16.59 -65.63
N LEU C 1966 -47.20 -16.87 -64.50
CA LEU C 1966 -47.97 -16.89 -63.26
C LEU C 1966 -48.33 -15.48 -62.81
N PHE C 1967 -47.42 -14.52 -62.96
CA PHE C 1967 -47.72 -13.14 -62.62
C PHE C 1967 -47.60 -12.18 -63.80
N SER C 1968 -47.39 -12.66 -65.00
CA SER C 1968 -47.61 -11.82 -66.16
C SER C 1968 -49.09 -11.44 -66.24
N GLU C 1969 -49.36 -10.16 -66.46
CA GLU C 1969 -50.74 -9.70 -66.47
C GLU C 1969 -50.97 -8.72 -67.61
N LYS C 1970 -52.13 -8.84 -68.22
CA LYS C 1970 -52.61 -7.97 -69.28
C LYS C 1970 -53.40 -6.83 -68.65
N PRO C 1971 -53.54 -5.67 -69.31
CA PRO C 1971 -54.54 -4.70 -68.83
C PRO C 1971 -55.92 -5.31 -68.63
N GLU C 1972 -56.22 -6.42 -69.30
CA GLU C 1972 -57.24 -7.34 -68.81
C GLU C 1972 -56.56 -8.36 -67.90
N LYS C 1973 -56.71 -8.20 -66.58
CA LYS C 1973 -55.76 -8.74 -65.62
C LYS C 1973 -56.38 -9.83 -64.77
N ASN C 1974 -55.52 -10.51 -64.01
CA ASN C 1974 -55.87 -11.76 -63.34
C ASN C 1974 -56.44 -11.64 -61.93
N LEU C 1975 -55.64 -11.16 -60.98
CA LEU C 1975 -56.14 -11.16 -59.61
C LEU C 1975 -57.33 -10.24 -59.44
N LEU C 1976 -57.61 -9.39 -60.42
CA LEU C 1976 -58.84 -8.63 -60.38
C LEU C 1976 -60.05 -9.55 -60.57
N ILE C 1977 -59.81 -10.77 -61.03
CA ILE C 1977 -60.89 -11.70 -61.26
C ILE C 1977 -61.10 -12.50 -59.99
N PHE C 1978 -59.99 -12.93 -59.39
CA PHE C 1978 -60.03 -14.09 -58.52
C PHE C 1978 -60.84 -13.89 -57.25
N GLU C 1979 -61.11 -12.65 -56.84
CA GLU C 1979 -61.76 -12.43 -55.56
C GLU C 1979 -63.05 -11.64 -55.73
N ASN C 1980 -63.98 -11.84 -54.80
CA ASN C 1980 -65.24 -11.12 -54.83
C ASN C 1980 -65.05 -9.67 -54.46
N LEU C 1981 -66.06 -8.88 -54.75
CA LEU C 1981 -66.05 -7.48 -54.40
C LEU C 1981 -67.18 -7.10 -53.48
N ILE C 1982 -68.13 -7.99 -53.21
CA ILE C 1982 -69.31 -7.62 -52.44
C ILE C 1982 -69.34 -8.27 -51.06
N ASP C 1983 -68.30 -8.97 -50.68
CA ASP C 1983 -68.24 -9.55 -49.34
C ASP C 1983 -67.77 -8.50 -48.34
N LEU C 1984 -68.63 -8.17 -47.37
CA LEU C 1984 -68.24 -7.20 -46.36
C LEU C 1984 -67.02 -7.66 -45.59
N LYS C 1985 -66.92 -8.94 -45.29
CA LYS C 1985 -65.65 -9.56 -44.95
C LYS C 1985 -65.02 -8.90 -43.73
N ARG C 1986 -65.66 -9.08 -42.58
CA ARG C 1986 -65.24 -8.38 -41.36
C ARG C 1986 -64.17 -9.15 -40.60
N ARG C 1987 -63.48 -8.44 -39.72
CA ARG C 1987 -62.41 -8.98 -38.90
C ARG C 1987 -62.91 -9.26 -37.50
N TYR C 1988 -62.11 -9.95 -36.69
CA TYR C 1988 -62.66 -10.53 -35.48
C TYR C 1988 -61.70 -10.46 -34.30
N ASN C 1989 -62.24 -10.81 -33.13
CA ASN C 1989 -61.47 -11.06 -31.90
C ASN C 1989 -62.14 -12.19 -31.09
N PHE C 1990 -62.43 -13.29 -31.77
CA PHE C 1990 -63.46 -14.27 -31.46
C PHE C 1990 -62.87 -15.59 -30.97
N PRO C 1991 -63.70 -16.61 -30.68
CA PRO C 1991 -63.18 -17.80 -29.99
C PRO C 1991 -62.19 -18.62 -30.80
N VAL C 1992 -61.88 -19.78 -30.25
CA VAL C 1992 -60.84 -20.70 -30.70
C VAL C 1992 -59.63 -19.98 -31.26
N MET C 2085 -52.10 -19.76 -39.64
CA MET C 2085 -53.35 -19.15 -39.20
C MET C 2085 -54.39 -19.35 -40.30
N ASP C 2086 -55.67 -19.34 -39.92
CA ASP C 2086 -56.72 -19.74 -40.84
C ASP C 2086 -58.05 -19.00 -40.64
N GLU C 2087 -58.14 -17.81 -40.05
CA GLU C 2087 -59.44 -17.26 -39.61
C GLU C 2087 -60.33 -16.88 -40.79
N LEU C 2088 -59.82 -16.04 -41.69
CA LEU C 2088 -60.34 -15.90 -43.05
C LEU C 2088 -59.27 -15.97 -44.14
N ASN C 2089 -58.03 -16.39 -43.82
CA ASN C 2089 -57.15 -17.03 -44.81
C ASN C 2089 -57.82 -18.27 -45.45
N ARG C 2090 -58.96 -18.73 -44.93
CA ARG C 2090 -59.78 -19.80 -45.49
C ARG C 2090 -60.24 -19.42 -46.88
N HIS C 2091 -60.36 -18.12 -47.15
CA HIS C 2091 -60.68 -17.63 -48.47
C HIS C 2091 -59.75 -18.25 -49.48
N GLU C 2092 -60.22 -18.39 -50.70
CA GLU C 2092 -59.58 -19.35 -51.58
C GLU C 2092 -58.26 -18.82 -52.10
N CYS C 2093 -57.45 -19.76 -52.60
CA CYS C 2093 -56.20 -19.53 -53.29
C CYS C 2093 -55.05 -19.19 -52.39
N MET C 2094 -55.31 -18.86 -51.13
CA MET C 2094 -54.27 -18.31 -50.26
C MET C 2094 -53.08 -19.25 -50.16
N ALA C 2095 -53.31 -20.43 -49.62
CA ALA C 2095 -52.21 -21.36 -49.38
C ALA C 2095 -51.39 -21.61 -50.62
N PRO C 2096 -51.95 -21.78 -51.80
CA PRO C 2096 -51.09 -21.90 -53.00
C PRO C 2096 -50.21 -20.68 -53.21
N LEU C 2097 -50.73 -19.47 -53.03
CA LEU C 2097 -49.87 -18.31 -53.17
C LEU C 2097 -48.76 -18.35 -52.16
N THR C 2098 -49.09 -18.74 -50.93
CA THR C 2098 -48.10 -18.78 -49.88
C THR C 2098 -46.98 -19.74 -50.23
N ALA C 2099 -47.35 -20.92 -50.68
CA ALA C 2099 -46.32 -21.86 -51.09
C ALA C 2099 -45.51 -21.25 -52.21
N LEU C 2100 -46.16 -20.54 -53.13
CA LEU C 2100 -45.47 -19.99 -54.27
C LEU C 2100 -44.39 -19.05 -53.82
N VAL C 2101 -44.75 -18.14 -52.94
CA VAL C 2101 -43.81 -17.12 -52.53
C VAL C 2101 -42.70 -17.73 -51.68
N LYS C 2102 -43.06 -18.64 -50.79
CA LYS C 2102 -42.01 -19.26 -50.01
C LYS C 2102 -41.03 -19.99 -50.90
N HIS C 2103 -41.55 -20.72 -51.88
CA HIS C 2103 -40.67 -21.52 -52.71
C HIS C 2103 -39.75 -20.62 -53.50
N MET C 2104 -40.31 -19.61 -54.17
CA MET C 2104 -39.44 -18.76 -54.97
C MET C 2104 -38.40 -18.08 -54.10
N HIS C 2105 -38.75 -17.75 -52.86
CA HIS C 2105 -37.74 -17.18 -51.98
C HIS C 2105 -36.64 -18.17 -51.69
N ARG C 2106 -36.98 -19.44 -51.49
CA ARG C 2106 -35.96 -20.48 -51.38
C ARG C 2106 -35.39 -20.86 -52.74
N SER C 2107 -35.74 -20.13 -53.79
CA SER C 2107 -35.36 -20.52 -55.14
C SER C 2107 -34.41 -19.50 -55.76
N LEU C 2108 -33.73 -18.71 -54.95
CA LEU C 2108 -32.80 -17.71 -55.46
C LEU C 2108 -31.46 -18.36 -55.85
N PRO C 2119 -35.93 -11.67 -57.97
CA PRO C 2119 -37.38 -11.83 -58.00
C PRO C 2119 -38.13 -10.50 -57.96
N ARG C 2120 -37.41 -9.45 -57.58
CA ARG C 2120 -38.00 -8.15 -57.28
C ARG C 2120 -39.07 -7.76 -58.27
N ASP C 2121 -38.94 -8.17 -59.53
CA ASP C 2121 -39.97 -7.90 -60.52
C ASP C 2121 -41.27 -8.56 -60.14
N LEU C 2122 -41.21 -9.75 -59.57
CA LEU C 2122 -42.44 -10.43 -59.18
C LEU C 2122 -43.14 -9.67 -58.08
N PRO C 2123 -42.52 -9.43 -56.93
CA PRO C 2123 -43.04 -8.40 -56.03
C PRO C 2123 -43.32 -7.10 -56.73
N SER C 2124 -42.58 -6.76 -57.80
CA SER C 2124 -42.83 -5.47 -58.43
C SER C 2124 -44.22 -5.43 -59.04
N TRP C 2125 -44.63 -6.50 -59.68
CA TRP C 2125 -45.98 -6.53 -60.25
C TRP C 2125 -47.02 -6.53 -59.16
N MET C 2126 -46.79 -7.25 -58.07
CA MET C 2126 -47.78 -7.14 -57.01
C MET C 2126 -47.90 -5.71 -56.51
N LYS C 2127 -46.78 -5.06 -56.23
CA LYS C 2127 -46.89 -3.73 -55.66
C LYS C 2127 -47.38 -2.73 -56.68
N PHE C 2128 -47.20 -3.02 -57.97
CA PHE C 2128 -47.95 -2.29 -58.97
C PHE C 2128 -49.44 -2.42 -58.69
N LEU C 2129 -49.92 -3.67 -58.58
CA LEU C 2129 -51.33 -3.88 -58.33
C LEU C 2129 -51.76 -3.26 -57.01
N HIS C 2130 -50.82 -3.03 -56.12
CA HIS C 2130 -51.17 -2.54 -54.81
C HIS C 2130 -51.23 -1.02 -54.78
N GLY C 2131 -50.11 -0.37 -55.07
CA GLY C 2131 -50.02 1.06 -54.93
C GLY C 2131 -50.17 1.79 -56.25
N LYS C 2132 -49.65 1.21 -57.33
CA LYS C 2132 -49.94 1.77 -58.65
C LYS C 2132 -51.43 1.65 -58.93
N LEU C 2133 -52.07 0.63 -58.36
CA LEU C 2133 -53.51 0.61 -58.25
C LEU C 2133 -53.89 0.95 -56.81
N GLY C 2134 -53.04 1.72 -56.13
CA GLY C 2134 -53.48 2.35 -54.90
C GLY C 2134 -54.68 3.23 -55.12
N ASN C 2135 -54.95 3.57 -56.37
CA ASN C 2135 -56.19 4.21 -56.72
C ASN C 2135 -57.35 3.25 -56.49
N PRO C 2136 -58.55 3.77 -56.28
CA PRO C 2136 -59.68 2.89 -55.97
C PRO C 2136 -60.20 2.17 -57.19
N ILE C 2137 -59.42 2.18 -58.28
CA ILE C 2137 -59.79 1.43 -59.47
C ILE C 2137 -59.97 -0.05 -59.13
N VAL C 2138 -59.22 -0.55 -58.17
CA VAL C 2138 -59.43 -1.87 -57.59
C VAL C 2138 -60.21 -1.70 -56.29
N PRO C 2139 -61.29 -2.43 -56.08
CA PRO C 2139 -62.02 -2.31 -54.83
C PRO C 2139 -61.17 -2.77 -53.66
N LEU C 2140 -61.64 -2.41 -52.46
CA LEU C 2140 -60.80 -2.55 -51.27
C LEU C 2140 -60.47 -4.00 -50.99
N ASN C 2141 -61.45 -4.89 -51.16
CA ASN C 2141 -61.24 -6.32 -50.93
C ASN C 2141 -59.95 -6.77 -51.58
N ILE C 2142 -59.74 -6.37 -52.82
CA ILE C 2142 -58.55 -6.82 -53.53
C ILE C 2142 -57.32 -6.34 -52.81
N ARG C 2143 -57.35 -5.09 -52.37
CA ARG C 2143 -56.22 -4.60 -51.61
C ARG C 2143 -56.01 -5.45 -50.38
N LEU C 2144 -57.06 -5.67 -49.60
CA LEU C 2144 -56.91 -6.47 -48.40
C LEU C 2144 -56.32 -7.82 -48.73
N PHE C 2145 -56.73 -8.40 -49.86
CA PHE C 2145 -56.22 -9.71 -50.24
C PHE C 2145 -54.72 -9.63 -50.48
N LEU C 2146 -54.31 -8.66 -51.28
CA LEU C 2146 -52.89 -8.52 -51.53
C LEU C 2146 -52.17 -8.36 -50.23
N ALA C 2147 -52.71 -7.52 -49.36
CA ALA C 2147 -52.06 -7.31 -48.09
C ALA C 2147 -51.94 -8.62 -47.36
N LYS C 2148 -53.04 -9.33 -47.22
CA LYS C 2148 -53.05 -10.55 -46.45
C LYS C 2148 -52.00 -11.50 -46.98
N LEU C 2149 -51.77 -11.45 -48.28
CA LEU C 2149 -50.61 -12.12 -48.85
C LEU C 2149 -49.35 -11.60 -48.21
N VAL C 2150 -49.20 -10.29 -48.19
CA VAL C 2150 -48.00 -9.73 -47.61
C VAL C 2150 -47.90 -10.12 -46.16
N ILE C 2151 -49.02 -10.08 -45.47
CA ILE C 2151 -49.06 -10.37 -44.06
C ILE C 2151 -48.47 -11.74 -43.81
N ASN C 2152 -49.13 -12.77 -44.29
CA ASN C 2152 -48.62 -14.10 -44.01
C ASN C 2152 -47.29 -14.36 -44.70
N THR C 2153 -46.87 -13.50 -45.60
CA THR C 2153 -45.63 -13.73 -46.33
C THR C 2153 -44.53 -12.86 -45.74
N GLU C 2154 -44.82 -12.21 -44.61
CA GLU C 2154 -43.86 -11.33 -43.95
C GLU C 2154 -42.44 -11.85 -44.00
N GLU C 2155 -42.20 -13.05 -43.48
CA GLU C 2155 -40.82 -13.51 -43.37
C GLU C 2155 -40.16 -13.54 -44.74
N VAL C 2156 -40.90 -13.94 -45.77
CA VAL C 2156 -40.31 -14.02 -47.09
C VAL C 2156 -39.83 -12.67 -47.53
N PHE C 2157 -40.57 -11.61 -47.22
CA PHE C 2157 -40.13 -10.30 -47.67
C PHE C 2157 -39.39 -9.51 -46.60
N ARG C 2158 -38.87 -10.15 -45.56
CA ARG C 2158 -38.13 -9.41 -44.54
C ARG C 2158 -37.08 -8.48 -45.13
N PRO C 2159 -36.28 -8.88 -46.12
CA PRO C 2159 -35.41 -7.88 -46.74
C PRO C 2159 -36.17 -6.85 -47.54
N TYR C 2160 -36.91 -7.27 -48.55
CA TYR C 2160 -37.51 -6.29 -49.46
C TYR C 2160 -38.58 -5.52 -48.72
N ALA C 2161 -38.11 -4.65 -47.82
CA ALA C 2161 -39.01 -3.83 -47.02
C ALA C 2161 -39.02 -2.36 -47.46
N LYS C 2162 -37.84 -1.74 -47.55
CA LYS C 2162 -37.77 -0.29 -47.63
C LYS C 2162 -38.70 0.24 -48.69
N HIS C 2163 -38.71 -0.42 -49.83
CA HIS C 2163 -39.56 0.04 -50.92
C HIS C 2163 -40.98 -0.48 -50.78
N TRP C 2164 -41.31 -1.06 -49.63
CA TRP C 2164 -42.71 -1.45 -49.44
C TRP C 2164 -43.45 -0.80 -48.31
N LEU C 2165 -42.79 -0.23 -47.33
CA LEU C 2165 -43.57 0.25 -46.20
C LEU C 2165 -44.64 1.23 -46.66
N SER C 2166 -44.27 2.21 -47.46
CA SER C 2166 -45.23 3.27 -47.77
C SER C 2166 -46.50 2.73 -48.40
N PRO C 2167 -46.48 1.79 -49.33
CA PRO C 2167 -47.75 1.24 -49.79
C PRO C 2167 -48.52 0.60 -48.66
N LEU C 2168 -47.88 -0.31 -47.93
CA LEU C 2168 -48.61 -1.06 -46.93
C LEU C 2168 -49.15 -0.12 -45.88
N LEU C 2169 -48.37 0.85 -45.48
CA LEU C 2169 -48.89 1.86 -44.58
C LEU C 2169 -50.07 2.55 -45.23
N GLN C 2170 -49.96 2.88 -46.51
CA GLN C 2170 -51.02 3.61 -47.19
C GLN C 2170 -52.32 2.86 -47.08
N LEU C 2171 -52.22 1.54 -47.03
CA LEU C 2171 -53.42 0.73 -46.88
C LEU C 2171 -54.19 1.17 -45.65
N ALA C 2172 -53.63 0.90 -44.47
CA ALA C 2172 -54.32 1.26 -43.24
C ALA C 2172 -54.59 2.75 -43.19
N ALA C 2173 -53.73 3.54 -43.83
CA ALA C 2173 -53.90 4.98 -43.82
C ALA C 2173 -55.22 5.37 -44.43
N SER C 2174 -55.81 4.49 -45.22
CA SER C 2174 -57.09 4.79 -45.83
C SER C 2174 -58.11 5.06 -44.74
N GLU C 2175 -59.03 5.97 -45.05
CA GLU C 2175 -60.21 6.12 -44.21
C GLU C 2175 -61.10 4.90 -44.31
N ASN C 2176 -60.88 4.06 -45.31
CA ASN C 2176 -61.63 2.82 -45.46
C ASN C 2176 -60.66 1.67 -45.41
N ASN C 2177 -60.76 0.84 -44.37
CA ASN C 2177 -60.03 -0.41 -44.23
C ASN C 2177 -60.92 -1.41 -43.57
N GLY C 2178 -61.58 -2.23 -44.35
CA GLY C 2178 -62.59 -3.08 -43.77
C GLY C 2178 -63.73 -2.24 -43.25
N GLY C 2179 -64.12 -2.46 -42.00
CA GLY C 2179 -65.21 -1.71 -41.44
C GLY C 2179 -64.76 -0.58 -40.55
N GLU C 2180 -64.90 -0.76 -39.24
CA GLU C 2180 -64.64 0.29 -38.27
C GLU C 2180 -63.86 -0.28 -37.11
N GLY C 2181 -63.14 0.56 -36.42
CA GLY C 2181 -62.41 0.15 -35.25
C GLY C 2181 -61.10 -0.49 -35.64
N ILE C 2182 -60.32 -0.82 -34.63
CA ILE C 2182 -59.04 -1.44 -34.88
C ILE C 2182 -59.34 -2.85 -35.35
N HIS C 2183 -59.50 -3.05 -36.66
CA HIS C 2183 -59.67 -4.37 -37.21
C HIS C 2183 -58.46 -5.22 -36.88
N TYR C 2184 -58.60 -6.54 -36.84
CA TYR C 2184 -57.48 -7.44 -36.83
C TYR C 2184 -56.64 -7.21 -38.06
N MET C 2185 -57.27 -6.67 -39.10
CA MET C 2185 -56.55 -6.28 -40.30
C MET C 2185 -55.53 -5.22 -39.97
N VAL C 2186 -55.96 -4.15 -39.31
CA VAL C 2186 -55.00 -3.09 -39.07
C VAL C 2186 -53.99 -3.56 -38.04
N VAL C 2187 -54.40 -4.41 -37.12
CA VAL C 2187 -53.42 -4.99 -36.23
C VAL C 2187 -52.34 -5.67 -37.03
N GLU C 2188 -52.74 -6.46 -38.01
CA GLU C 2188 -51.76 -7.10 -38.85
C GLU C 2188 -50.88 -6.10 -39.56
N ILE C 2189 -51.47 -5.07 -40.13
CA ILE C 2189 -50.67 -4.13 -40.91
C ILE C 2189 -49.63 -3.51 -40.01
N VAL C 2190 -50.07 -3.00 -38.87
CA VAL C 2190 -49.15 -2.30 -38.01
C VAL C 2190 -48.12 -3.27 -37.48
N ALA C 2191 -48.49 -4.52 -37.31
CA ALA C 2191 -47.51 -5.51 -36.88
C ALA C 2191 -46.45 -5.67 -37.93
N THR C 2192 -46.88 -5.74 -39.19
CA THR C 2192 -45.91 -5.84 -40.26
C THR C 2192 -44.98 -4.65 -40.25
N ILE C 2193 -45.55 -3.45 -40.16
CA ILE C 2193 -44.75 -2.25 -40.16
C ILE C 2193 -43.72 -2.32 -39.07
N LEU C 2194 -44.19 -2.38 -37.84
CA LEU C 2194 -43.31 -2.35 -36.68
C LEU C 2194 -42.24 -3.40 -36.80
N SER C 2195 -42.65 -4.66 -37.03
CA SER C 2195 -41.68 -5.73 -37.17
C SER C 2195 -40.64 -5.38 -38.22
N TRP C 2196 -41.05 -4.69 -39.26
CA TRP C 2196 -40.10 -4.26 -40.27
C TRP C 2196 -39.19 -3.15 -39.77
N THR C 2197 -39.66 -2.33 -38.84
CA THR C 2197 -39.00 -1.07 -38.56
C THR C 2197 -37.55 -1.28 -38.10
N GLY C 2198 -37.33 -2.26 -37.22
CA GLY C 2198 -36.03 -2.38 -36.59
C GLY C 2198 -34.87 -2.49 -37.56
N LEU C 2199 -35.14 -2.96 -38.78
CA LEU C 2199 -34.14 -2.98 -39.82
C LEU C 2199 -34.42 -1.98 -40.94
N ALA C 2200 -35.64 -1.92 -41.44
CA ALA C 2200 -35.93 -1.04 -42.56
C ALA C 2200 -35.94 0.40 -42.11
N THR C 2201 -36.44 0.64 -40.89
CA THR C 2201 -36.60 1.98 -40.34
C THR C 2201 -37.13 2.99 -41.36
N PRO C 2202 -38.30 2.76 -41.92
CA PRO C 2202 -38.84 3.75 -42.86
C PRO C 2202 -39.54 4.90 -42.15
N THR C 2203 -38.76 5.89 -41.74
CA THR C 2203 -39.31 7.05 -41.10
C THR C 2203 -38.85 8.30 -41.83
N GLY C 2204 -39.82 9.15 -42.20
CA GLY C 2204 -39.49 10.52 -42.57
C GLY C 2204 -39.18 10.84 -44.02
N VAL C 2205 -40.10 10.53 -44.93
CA VAL C 2205 -40.03 11.00 -46.31
C VAL C 2205 -41.43 11.52 -46.63
N PRO C 2206 -41.60 12.36 -47.65
CA PRO C 2206 -42.82 13.20 -47.69
C PRO C 2206 -44.12 12.42 -47.60
N LYS C 2207 -44.22 11.27 -48.22
CA LYS C 2207 -45.42 10.47 -48.03
C LYS C 2207 -45.43 9.80 -46.66
N ASP C 2208 -44.26 9.41 -46.17
CA ASP C 2208 -44.17 8.75 -44.87
C ASP C 2208 -44.77 9.61 -43.78
N GLU C 2209 -44.44 10.89 -43.79
CA GLU C 2209 -44.94 11.78 -42.75
C GLU C 2209 -46.45 11.84 -42.77
N VAL C 2210 -47.04 12.11 -43.94
CA VAL C 2210 -48.47 12.34 -43.95
C VAL C 2210 -49.21 11.07 -43.63
N LEU C 2211 -48.72 9.94 -44.16
CA LEU C 2211 -49.32 8.68 -43.80
C LEU C 2211 -49.24 8.46 -42.29
N ALA C 2212 -48.05 8.57 -41.72
CA ALA C 2212 -47.86 8.23 -40.34
C ALA C 2212 -48.69 9.11 -39.45
N ASN C 2213 -48.80 10.39 -39.79
CA ASN C 2213 -49.66 11.27 -39.02
C ASN C 2213 -51.10 10.77 -39.09
N ARG C 2214 -51.56 10.39 -40.28
CA ARG C 2214 -52.88 9.80 -40.37
C ARG C 2214 -52.97 8.61 -39.43
N LEU C 2215 -51.92 7.80 -39.41
CA LEU C 2215 -51.96 6.56 -38.64
C LEU C 2215 -52.08 6.84 -37.17
N LEU C 2216 -51.20 7.69 -36.66
CA LEU C 2216 -51.24 7.99 -35.24
C LEU C 2216 -52.57 8.59 -34.88
N ASN C 2217 -53.08 9.49 -35.72
CA ASN C 2217 -54.35 10.09 -35.40
C ASN C 2217 -55.42 9.01 -35.31
N PHE C 2218 -55.47 8.14 -36.31
CA PHE C 2218 -56.51 7.12 -36.32
C PHE C 2218 -56.39 6.23 -35.11
N LEU C 2219 -55.17 5.79 -34.82
CA LEU C 2219 -54.97 4.89 -33.70
C LEU C 2219 -55.43 5.56 -32.41
N MET C 2220 -54.83 6.69 -32.09
CA MET C 2220 -55.16 7.34 -30.84
C MET C 2220 -56.61 7.70 -30.79
N LYS C 2221 -57.29 7.70 -31.93
CA LYS C 2221 -58.71 7.99 -31.89
C LYS C 2221 -59.46 6.85 -31.23
N HIS C 2222 -59.13 5.61 -31.56
CA HIS C 2222 -59.99 4.52 -31.17
C HIS C 2222 -59.38 3.60 -30.15
N VAL C 2223 -58.40 4.08 -29.39
CA VAL C 2223 -57.73 3.14 -28.52
C VAL C 2223 -58.69 2.55 -27.50
N PHE C 2224 -59.78 3.23 -27.19
CA PHE C 2224 -60.66 2.69 -26.18
C PHE C 2224 -61.42 1.49 -26.72
N HIS C 2225 -61.72 0.55 -25.84
CA HIS C 2225 -62.47 -0.63 -26.21
C HIS C 2225 -63.27 -1.08 -25.01
N PRO C 2226 -64.40 -1.73 -25.23
CA PRO C 2226 -65.16 -2.24 -24.09
C PRO C 2226 -64.44 -3.32 -23.31
N LYS C 2227 -63.46 -3.96 -23.91
CA LYS C 2227 -63.05 -5.27 -23.44
C LYS C 2227 -61.85 -5.04 -22.55
N ARG C 2228 -61.75 -5.85 -21.51
CA ARG C 2228 -60.83 -5.71 -20.39
C ARG C 2228 -59.42 -5.43 -20.91
N ALA C 2229 -58.81 -6.33 -21.66
CA ALA C 2229 -57.42 -6.13 -21.99
C ALA C 2229 -57.22 -5.92 -23.47
N VAL C 2230 -58.27 -6.00 -24.27
CA VAL C 2230 -58.11 -5.58 -25.64
C VAL C 2230 -57.68 -4.13 -25.68
N PHE C 2231 -58.25 -3.34 -24.78
CA PHE C 2231 -57.78 -1.97 -24.63
C PHE C 2231 -56.30 -1.96 -24.36
N ARG C 2232 -55.86 -2.82 -23.46
CA ARG C 2232 -54.45 -2.83 -23.13
C ARG C 2232 -53.62 -3.15 -24.35
N HIS C 2233 -54.08 -4.09 -25.15
CA HIS C 2233 -53.28 -4.48 -26.31
C HIS C 2233 -53.24 -3.36 -27.31
N ASN C 2234 -54.35 -2.67 -27.49
CA ASN C 2234 -54.31 -1.53 -28.38
C ASN C 2234 -53.34 -0.51 -27.85
N LEU C 2235 -53.32 -0.34 -26.54
CA LEU C 2235 -52.42 0.64 -25.96
C LEU C 2235 -50.99 0.22 -26.20
N GLU C 2236 -50.73 -1.08 -26.16
CA GLU C 2236 -49.40 -1.55 -26.45
C GLU C 2236 -49.06 -1.34 -27.90
N ILE C 2237 -50.05 -1.46 -28.77
CA ILE C 2237 -49.82 -1.12 -30.17
C ILE C 2237 -49.36 0.31 -30.27
N ILE C 2238 -50.07 1.21 -29.61
CA ILE C 2238 -49.68 2.61 -29.66
C ILE C 2238 -48.27 2.77 -29.13
N LYS C 2239 -48.00 2.10 -28.02
CA LYS C 2239 -46.71 2.23 -27.37
C LYS C 2239 -45.60 1.87 -28.33
N THR C 2240 -45.69 0.70 -28.93
CA THR C 2240 -44.62 0.33 -29.82
C THR C 2240 -44.66 1.19 -31.06
N LEU C 2241 -45.83 1.68 -31.42
CA LEU C 2241 -45.94 2.44 -32.64
C LEU C 2241 -45.11 3.70 -32.52
N VAL C 2242 -45.33 4.44 -31.45
CA VAL C 2242 -44.54 5.63 -31.26
C VAL C 2242 -43.10 5.27 -30.98
N GLU C 2243 -42.84 4.36 -30.07
CA GLU C 2243 -41.50 4.29 -29.54
C GLU C 2243 -40.55 3.66 -30.54
N CYS C 2244 -41.03 2.71 -31.33
CA CYS C 2244 -40.12 2.10 -32.27
C CYS C 2244 -39.63 3.06 -33.33
N TRP C 2245 -40.47 3.98 -33.79
CA TRP C 2245 -40.01 4.84 -34.87
C TRP C 2245 -40.46 6.26 -34.64
N LYS C 2246 -40.17 6.78 -33.45
CA LYS C 2246 -40.48 8.17 -33.13
C LYS C 2246 -39.60 9.13 -33.90
N ASP C 2247 -40.11 9.61 -35.02
CA ASP C 2247 -39.46 10.70 -35.74
C ASP C 2247 -40.53 11.37 -36.56
N CYS C 2248 -40.55 12.70 -36.50
CA CYS C 2248 -41.51 13.50 -37.25
C CYS C 2248 -42.94 13.07 -36.95
N LEU C 2249 -43.18 12.56 -35.75
CA LEU C 2249 -44.49 12.05 -35.41
C LEU C 2249 -45.17 13.05 -34.48
N SER C 2250 -45.91 13.97 -35.06
CA SER C 2250 -46.70 14.88 -34.25
C SER C 2250 -47.70 14.10 -33.43
N ILE C 2251 -47.75 14.36 -32.14
CA ILE C 2251 -48.64 13.67 -31.23
C ILE C 2251 -49.92 14.47 -31.11
N PRO C 2252 -51.02 13.96 -31.48
CA PRO C 2252 -52.20 14.83 -31.60
C PRO C 2252 -52.68 15.31 -30.24
N TYR C 2253 -52.04 16.29 -29.62
CA TYR C 2253 -52.25 16.63 -28.24
C TYR C 2253 -53.63 17.21 -28.05
N ARG C 2254 -54.23 17.73 -29.11
CA ARG C 2254 -55.61 18.14 -28.97
C ARG C 2254 -56.49 16.94 -28.72
N LEU C 2255 -56.28 15.89 -29.52
CA LEU C 2255 -57.00 14.66 -29.30
C LEU C 2255 -56.84 14.24 -27.85
N ILE C 2256 -55.64 14.35 -27.32
CA ILE C 2256 -55.41 13.91 -25.96
C ILE C 2256 -56.33 14.66 -25.03
N PHE C 2257 -56.31 15.99 -25.12
CA PHE C 2257 -57.09 16.78 -24.17
C PHE C 2257 -58.54 16.38 -24.21
N GLU C 2258 -59.09 16.22 -25.41
CA GLU C 2258 -60.46 15.72 -25.38
C GLU C 2258 -60.52 14.35 -24.75
N LYS C 2259 -59.45 13.58 -24.85
CA LYS C 2259 -59.55 12.24 -24.29
C LYS C 2259 -59.45 12.23 -22.78
N PHE C 2260 -59.11 13.34 -22.13
CA PHE C 2260 -59.13 13.32 -20.67
C PHE C 2260 -59.86 14.50 -20.05
N SER C 2261 -60.62 15.28 -20.80
CA SER C 2261 -61.26 16.46 -20.28
C SER C 2261 -62.65 16.19 -19.73
N GLY C 2262 -62.88 14.99 -19.23
CA GLY C 2262 -64.24 14.58 -18.90
C GLY C 2262 -64.76 15.04 -17.56
N LYS C 2263 -65.23 16.28 -17.46
CA LYS C 2263 -65.75 16.73 -16.17
C LYS C 2263 -67.00 15.92 -15.85
N ASP C 2264 -66.78 14.73 -15.33
CA ASP C 2264 -67.86 13.80 -15.02
C ASP C 2264 -67.45 12.94 -13.84
N PRO C 2265 -68.10 13.11 -12.68
CA PRO C 2265 -67.58 12.49 -11.47
C PRO C 2265 -67.38 11.00 -11.55
N ASN C 2266 -68.45 10.24 -11.76
CA ASN C 2266 -68.37 8.80 -11.63
C ASN C 2266 -68.13 8.11 -12.96
N SER C 2267 -67.32 8.69 -13.82
CA SER C 2267 -67.12 8.10 -15.13
C SER C 2267 -65.81 7.34 -15.21
N LYS C 2268 -65.76 6.44 -16.17
CA LYS C 2268 -64.53 5.87 -16.65
C LYS C 2268 -63.77 6.85 -17.52
N ASP C 2269 -64.49 7.59 -18.34
CA ASP C 2269 -64.03 8.17 -19.60
C ASP C 2269 -62.74 8.95 -19.52
N ASN C 2270 -62.35 9.51 -18.38
CA ASN C 2270 -61.13 10.26 -18.33
C ASN C 2270 -59.92 9.33 -18.34
N SER C 2271 -60.12 8.07 -18.00
CA SER C 2271 -58.98 7.18 -17.85
C SER C 2271 -58.25 6.98 -19.15
N VAL C 2272 -58.97 6.89 -20.25
CA VAL C 2272 -58.31 6.54 -21.50
C VAL C 2272 -57.32 7.61 -21.86
N GLY C 2273 -57.74 8.86 -21.76
CA GLY C 2273 -56.82 9.95 -21.98
C GLY C 2273 -55.68 9.89 -21.00
N ILE C 2274 -55.97 9.52 -19.76
CA ILE C 2274 -54.88 9.42 -18.80
C ILE C 2274 -53.80 8.53 -19.36
N GLN C 2275 -54.15 7.29 -19.64
CA GLN C 2275 -53.15 6.32 -20.04
C GLN C 2275 -52.50 6.72 -21.33
N LEU C 2276 -53.25 7.35 -22.21
CA LEU C 2276 -52.70 7.65 -23.51
C LEU C 2276 -51.63 8.70 -23.40
N LEU C 2277 -51.94 9.77 -22.69
CA LEU C 2277 -50.89 10.71 -22.35
C LEU C 2277 -49.77 9.98 -21.66
N GLY C 2278 -50.11 8.95 -20.91
CA GLY C 2278 -49.07 8.20 -20.24
C GLY C 2278 -48.09 7.60 -21.22
N ILE C 2279 -48.61 7.12 -22.34
CA ILE C 2279 -47.71 6.59 -23.36
C ILE C 2279 -46.89 7.71 -23.94
N VAL C 2280 -47.55 8.79 -24.32
CA VAL C 2280 -46.78 9.82 -24.99
C VAL C 2280 -45.72 10.31 -24.06
N MET C 2281 -45.96 10.21 -22.77
CA MET C 2281 -44.93 10.58 -21.81
C MET C 2281 -43.84 9.53 -21.77
N ALA C 2282 -44.19 8.32 -21.41
CA ALA C 2282 -43.17 7.35 -21.05
C ALA C 2282 -42.25 7.05 -22.22
N ASN C 2283 -42.70 7.29 -23.46
CA ASN C 2283 -41.80 6.95 -24.55
C ASN C 2283 -40.51 7.75 -24.48
N ASP C 2284 -40.59 9.07 -24.66
CA ASP C 2284 -39.34 9.80 -24.68
C ASP C 2284 -39.40 11.13 -23.95
N LEU C 2285 -40.53 11.47 -23.35
CA LEU C 2285 -40.71 12.78 -22.74
C LEU C 2285 -40.57 13.85 -23.83
N PRO C 2286 -41.57 14.02 -24.69
CA PRO C 2286 -41.54 15.10 -25.66
C PRO C 2286 -42.35 16.28 -25.18
N PRO C 2287 -42.19 17.47 -25.80
CA PRO C 2287 -42.92 18.69 -25.44
C PRO C 2287 -44.44 18.47 -25.50
N TYR C 2288 -45.20 19.31 -24.78
CA TYR C 2288 -46.55 19.00 -24.36
C TYR C 2288 -47.55 20.12 -24.56
N ASP C 2289 -47.19 21.17 -25.28
CA ASP C 2289 -48.17 22.11 -25.80
C ASP C 2289 -47.56 22.92 -26.94
N PRO C 2290 -47.12 22.26 -28.00
CA PRO C 2290 -46.74 23.03 -29.18
C PRO C 2290 -47.94 23.45 -30.02
N GLN C 2291 -48.50 24.61 -29.67
CA GLN C 2291 -49.62 25.23 -30.38
C GLN C 2291 -50.64 24.18 -30.81
N CYS C 2292 -51.14 23.45 -29.84
CA CYS C 2292 -51.98 22.31 -30.12
C CYS C 2292 -53.43 22.64 -30.15
N GLY C 2293 -53.80 23.85 -30.52
CA GLY C 2293 -55.20 24.20 -30.52
C GLY C 2293 -55.80 24.34 -29.14
N ILE C 2294 -54.98 24.18 -28.10
CA ILE C 2294 -55.37 24.50 -26.74
C ILE C 2294 -54.24 25.28 -26.10
N GLN C 2295 -54.57 26.01 -25.05
CA GLN C 2295 -53.61 26.83 -24.32
C GLN C 2295 -53.14 26.10 -23.07
N SER C 2296 -51.90 26.39 -22.66
CA SER C 2296 -51.24 25.56 -21.66
C SER C 2296 -51.98 25.58 -20.34
N SER C 2297 -52.42 26.74 -19.91
CA SER C 2297 -52.95 26.90 -18.57
C SER C 2297 -54.10 25.96 -18.34
N GLU C 2298 -55.18 26.14 -19.08
CA GLU C 2298 -56.34 25.27 -18.90
C GLU C 2298 -56.04 23.86 -19.34
N TYR C 2299 -55.10 23.66 -20.26
CA TYR C 2299 -54.73 22.31 -20.63
C TYR C 2299 -54.34 21.51 -19.40
N PHE C 2300 -53.22 21.90 -18.81
CA PHE C 2300 -52.79 21.18 -17.63
C PHE C 2300 -53.76 21.35 -16.48
N GLN C 2301 -54.51 22.43 -16.43
CA GLN C 2301 -55.43 22.61 -15.32
C GLN C 2301 -56.49 21.53 -15.35
N ALA C 2302 -57.02 21.25 -16.52
CA ALA C 2302 -57.93 20.13 -16.62
C ALA C 2302 -57.22 18.84 -16.29
N LEU C 2303 -55.99 18.69 -16.76
CA LEU C 2303 -55.30 17.44 -16.49
C LEU C 2303 -55.21 17.18 -15.00
N VAL C 2304 -54.76 18.17 -14.24
CA VAL C 2304 -54.66 17.97 -12.81
C VAL C 2304 -56.04 17.82 -12.22
N ASN C 2305 -57.01 18.61 -12.68
CA ASN C 2305 -58.36 18.54 -12.14
C ASN C 2305 -58.85 17.12 -12.14
N ASN C 2306 -58.20 16.26 -12.91
CA ASN C 2306 -58.55 14.86 -12.91
C ASN C 2306 -58.47 14.28 -11.51
N MET C 2307 -57.38 14.54 -10.81
CA MET C 2307 -57.20 13.85 -9.55
C MET C 2307 -58.25 14.20 -8.54
N SER C 2308 -59.19 15.07 -8.89
CA SER C 2308 -60.31 15.30 -8.01
C SER C 2308 -61.14 14.04 -7.87
N PHE C 2309 -61.35 13.34 -8.97
CA PHE C 2309 -62.24 12.20 -8.92
C PHE C 2309 -61.61 11.08 -8.10
N VAL C 2310 -62.12 10.84 -6.91
CA VAL C 2310 -61.60 9.75 -6.12
C VAL C 2310 -62.44 8.52 -6.25
N ARG C 2311 -63.40 8.51 -7.17
CA ARG C 2311 -64.42 7.47 -7.08
C ARG C 2311 -63.96 6.19 -7.73
N TYR C 2312 -63.04 6.26 -8.67
CA TYR C 2312 -62.38 5.11 -9.25
C TYR C 2312 -60.87 5.21 -9.11
N LYS C 2313 -60.23 4.08 -8.85
CA LYS C 2313 -58.80 4.11 -8.61
C LYS C 2313 -58.03 4.42 -9.87
N GLU C 2314 -58.38 3.78 -10.98
CA GLU C 2314 -57.57 3.97 -12.16
C GLU C 2314 -57.63 5.40 -12.63
N VAL C 2315 -58.62 6.15 -12.19
CA VAL C 2315 -58.72 7.53 -12.62
C VAL C 2315 -57.66 8.33 -11.90
N TYR C 2316 -57.81 8.46 -10.59
CA TYR C 2316 -56.95 9.37 -9.86
C TYR C 2316 -55.53 8.86 -9.75
N ALA C 2317 -55.37 7.58 -9.44
CA ALA C 2317 -54.02 7.06 -9.28
C ALA C 2317 -53.24 7.26 -10.55
N ALA C 2318 -53.80 6.82 -11.67
CA ALA C 2318 -53.07 6.98 -12.90
C ALA C 2318 -52.86 8.44 -13.20
N ALA C 2319 -53.80 9.28 -12.82
CA ALA C 2319 -53.60 10.69 -13.04
C ALA C 2319 -52.36 11.15 -12.33
N ALA C 2320 -52.22 10.75 -11.09
CA ALA C 2320 -51.06 11.20 -10.34
C ALA C 2320 -49.80 10.70 -11.01
N GLU C 2321 -49.83 9.46 -11.48
CA GLU C 2321 -48.62 8.91 -12.07
C GLU C 2321 -48.22 9.70 -13.30
N VAL C 2322 -49.18 9.98 -14.16
CA VAL C 2322 -48.81 10.69 -15.36
C VAL C 2322 -48.33 12.08 -15.01
N LEU C 2323 -48.97 12.73 -14.05
CA LEU C 2323 -48.51 14.05 -13.67
C LEU C 2323 -47.10 14.01 -13.17
N GLY C 2324 -46.76 13.02 -12.37
CA GLY C 2324 -45.43 12.95 -11.83
C GLY C 2324 -44.39 12.81 -12.93
N LEU C 2325 -44.66 11.92 -13.88
CA LEU C 2325 -43.72 11.80 -14.97
C LEU C 2325 -43.58 13.14 -15.70
N ILE C 2326 -44.68 13.86 -15.82
CA ILE C 2326 -44.62 15.16 -16.46
C ILE C 2326 -43.67 16.06 -15.71
N LEU C 2327 -43.79 16.07 -14.39
CA LEU C 2327 -42.87 16.89 -13.62
C LEU C 2327 -41.44 16.52 -13.95
N ARG C 2328 -41.17 15.23 -14.06
CA ARG C 2328 -39.78 14.83 -14.26
C ARG C 2328 -39.27 15.37 -15.58
N TYR C 2329 -40.09 15.25 -16.61
CA TYR C 2329 -39.71 15.82 -17.90
C TYR C 2329 -39.40 17.28 -17.74
N VAL C 2330 -40.34 18.05 -17.20
CA VAL C 2330 -40.17 19.48 -17.19
C VAL C 2330 -38.98 19.87 -16.35
N MET C 2331 -38.62 19.04 -15.37
CA MET C 2331 -37.50 19.42 -14.52
C MET C 2331 -36.19 19.20 -15.22
N GLU C 2332 -35.85 17.96 -15.56
CA GLU C 2332 -34.56 17.78 -16.20
C GLU C 2332 -34.45 18.52 -17.53
N ARG C 2333 -35.55 18.86 -18.18
CA ARG C 2333 -35.40 19.71 -19.34
C ARG C 2333 -35.59 21.18 -19.03
N LYS C 2334 -35.79 21.52 -17.77
CA LYS C 2334 -35.66 22.90 -17.30
C LYS C 2334 -36.48 23.87 -18.13
N ASN C 2335 -37.70 23.49 -18.47
CA ASN C 2335 -38.61 24.42 -19.09
C ASN C 2335 -39.08 25.42 -18.05
N ILE C 2336 -40.05 26.25 -18.41
CA ILE C 2336 -40.55 27.27 -17.50
C ILE C 2336 -41.91 26.91 -16.92
N LEU C 2337 -42.68 26.04 -17.57
CA LEU C 2337 -44.02 25.70 -17.10
C LEU C 2337 -43.99 24.93 -15.79
N GLU C 2338 -42.82 24.51 -15.32
CA GLU C 2338 -42.78 23.69 -14.12
C GLU C 2338 -43.29 24.46 -12.92
N GLU C 2339 -42.99 25.76 -12.86
CA GLU C 2339 -43.49 26.55 -11.74
C GLU C 2339 -45.00 26.52 -11.69
N SER C 2340 -45.64 26.85 -12.81
CA SER C 2340 -47.09 26.92 -12.82
C SER C 2340 -47.69 25.56 -12.56
N LEU C 2341 -47.16 24.52 -13.20
CA LEU C 2341 -47.73 23.21 -13.02
C LEU C 2341 -47.57 22.75 -11.58
N CYS C 2342 -46.43 23.07 -10.98
CA CYS C 2342 -46.22 22.73 -9.58
C CYS C 2342 -47.22 23.44 -8.71
N GLU C 2343 -47.43 24.71 -8.97
CA GLU C 2343 -48.41 25.42 -8.17
C GLU C 2343 -49.77 24.76 -8.29
N LEU C 2344 -50.18 24.43 -9.51
CA LEU C 2344 -51.50 23.84 -9.71
C LEU C 2344 -51.60 22.48 -9.03
N VAL C 2345 -50.60 21.63 -9.24
CA VAL C 2345 -50.60 20.34 -8.58
C VAL C 2345 -50.71 20.54 -7.09
N ALA C 2346 -49.96 21.49 -6.58
CA ALA C 2346 -49.97 21.70 -5.15
C ALA C 2346 -51.35 22.10 -4.70
N LYS C 2347 -51.98 22.98 -5.45
CA LYS C 2347 -53.27 23.48 -5.02
C LYS C 2347 -54.26 22.34 -4.92
N GLN C 2348 -54.26 21.48 -5.92
CA GLN C 2348 -55.32 20.49 -5.88
C GLN C 2348 -54.98 19.39 -4.88
N LEU C 2349 -53.70 19.06 -4.73
CA LEU C 2349 -53.36 18.20 -3.62
C LEU C 2349 -53.84 18.79 -2.32
N LYS C 2350 -53.56 20.06 -2.06
CA LYS C 2350 -54.02 20.63 -0.80
C LYS C 2350 -55.52 20.50 -0.67
N GLN C 2351 -56.24 20.81 -1.74
CA GLN C 2351 -57.69 20.69 -1.68
C GLN C 2351 -58.08 19.29 -1.30
N HIS C 2352 -57.22 18.32 -1.54
CA HIS C 2352 -57.46 17.04 -0.90
C HIS C 2352 -57.01 17.03 0.55
N GLN C 2353 -55.92 17.71 0.86
CA GLN C 2353 -55.15 17.44 2.07
C GLN C 2353 -56.00 17.44 3.32
N ASN C 2354 -56.53 18.60 3.67
CA ASN C 2354 -57.32 18.66 4.87
C ASN C 2354 -58.61 17.91 4.72
N THR C 2355 -58.97 17.51 3.51
CA THR C 2355 -60.32 16.99 3.32
C THR C 2355 -60.35 15.48 3.45
N MET C 2356 -59.61 14.79 2.60
CA MET C 2356 -59.66 13.34 2.50
C MET C 2356 -58.23 12.83 2.58
N GLU C 2357 -57.81 12.40 3.77
CA GLU C 2357 -56.44 12.00 3.95
C GLU C 2357 -56.10 10.79 3.10
N ASP C 2358 -56.96 9.79 3.12
CA ASP C 2358 -56.60 8.52 2.55
C ASP C 2358 -56.18 8.68 1.10
N LYS C 2359 -56.97 9.41 0.33
CA LYS C 2359 -56.59 9.59 -1.05
C LYS C 2359 -55.40 10.51 -1.18
N PHE C 2360 -55.22 11.40 -0.21
CA PHE C 2360 -54.17 12.39 -0.36
C PHE C 2360 -52.82 11.73 -0.33
N ILE C 2361 -52.62 10.81 0.60
CA ILE C 2361 -51.34 10.13 0.64
C ILE C 2361 -51.11 9.36 -0.62
N VAL C 2362 -52.14 8.68 -1.12
CA VAL C 2362 -51.91 7.89 -2.31
C VAL C 2362 -51.52 8.79 -3.46
N CYS C 2363 -52.20 9.90 -3.61
CA CYS C 2363 -51.84 10.79 -4.69
C CYS C 2363 -50.42 11.26 -4.51
N LEU C 2364 -50.06 11.64 -3.30
CA LEU C 2364 -48.73 12.18 -3.13
C LEU C 2364 -47.71 11.14 -3.45
N ASN C 2365 -47.92 9.92 -3.00
CA ASN C 2365 -46.95 8.88 -3.25
C ASN C 2365 -46.78 8.70 -4.72
N LYS C 2366 -47.88 8.62 -5.45
CA LYS C 2366 -47.73 8.43 -6.87
C LYS C 2366 -47.00 9.60 -7.49
N VAL C 2367 -47.15 10.78 -6.93
CA VAL C 2367 -46.40 11.91 -7.48
C VAL C 2367 -44.93 11.72 -7.20
N THR C 2368 -44.58 11.50 -5.96
CA THR C 2368 -43.18 11.54 -5.62
C THR C 2368 -42.42 10.40 -6.22
N LYS C 2369 -43.10 9.33 -6.59
CA LYS C 2369 -42.42 8.12 -7.01
C LYS C 2369 -41.55 8.38 -8.22
N SER C 2370 -41.75 9.47 -8.91
CA SER C 2370 -40.83 9.89 -9.94
C SER C 2370 -40.36 11.32 -9.78
N PHE C 2371 -40.64 11.97 -8.64
CA PHE C 2371 -40.27 13.37 -8.46
C PHE C 2371 -40.02 13.66 -6.99
N PRO C 2372 -38.77 13.71 -6.57
CA PRO C 2372 -38.47 14.06 -5.20
C PRO C 2372 -38.94 15.47 -4.86
N PRO C 2373 -38.61 16.48 -5.65
CA PRO C 2373 -38.69 17.84 -5.12
C PRO C 2373 -40.03 18.25 -4.60
N LEU C 2374 -41.12 17.85 -5.25
CA LEU C 2374 -42.42 18.36 -4.84
C LEU C 2374 -42.73 18.01 -3.41
N ALA C 2375 -42.08 16.99 -2.86
CA ALA C 2375 -42.46 16.51 -1.55
C ALA C 2375 -42.30 17.58 -0.50
N ASP C 2376 -41.19 18.30 -0.54
CA ASP C 2376 -40.86 19.20 0.56
C ASP C 2376 -42.04 20.11 0.88
N ARG C 2377 -42.67 20.67 -0.14
CA ARG C 2377 -43.75 21.59 0.11
C ARG C 2377 -44.87 20.97 0.90
N PHE C 2378 -45.01 19.65 0.89
CA PHE C 2378 -46.07 19.00 1.63
C PHE C 2378 -45.57 18.12 2.76
N MET C 2379 -44.28 18.07 2.98
CA MET C 2379 -43.81 17.00 3.84
C MET C 2379 -44.18 17.26 5.29
N ASN C 2380 -44.41 18.51 5.65
CA ASN C 2380 -44.93 18.77 6.99
C ASN C 2380 -46.20 17.97 7.19
N ALA C 2381 -47.12 18.07 6.25
CA ALA C 2381 -48.34 17.29 6.37
C ALA C 2381 -48.03 15.83 6.31
N VAL C 2382 -47.07 15.45 5.49
CA VAL C 2382 -46.75 14.03 5.39
C VAL C 2382 -46.45 13.47 6.76
N PHE C 2383 -45.64 14.18 7.51
CA PHE C 2383 -45.33 13.71 8.85
C PHE C 2383 -46.54 13.78 9.74
N PHE C 2384 -47.25 14.90 9.72
CA PHE C 2384 -48.32 15.07 10.68
C PHE C 2384 -49.36 13.98 10.52
N LEU C 2385 -49.59 13.55 9.30
CA LEU C 2385 -50.56 12.51 9.07
C LEU C 2385 -50.03 11.13 9.35
N LEU C 2386 -48.77 10.98 9.64
CA LEU C 2386 -48.18 9.66 9.65
C LEU C 2386 -48.84 8.76 10.68
N PRO C 2387 -48.77 9.05 11.97
CA PRO C 2387 -49.26 8.10 12.94
C PRO C 2387 -50.74 7.85 12.83
N LYS C 2388 -51.48 8.71 12.15
CA LYS C 2388 -52.91 8.49 12.06
C LYS C 2388 -53.23 7.20 11.34
N PHE C 2389 -52.69 7.02 10.15
CA PHE C 2389 -53.10 5.92 9.31
C PHE C 2389 -52.59 4.60 9.85
N HIS C 2390 -53.26 3.54 9.44
CA HIS C 2390 -52.81 2.19 9.69
C HIS C 2390 -53.00 1.41 8.41
N GLY C 2391 -52.26 0.34 8.28
CA GLY C 2391 -52.44 -0.51 7.14
C GLY C 2391 -51.70 0.01 5.93
N VAL C 2392 -52.08 -0.52 4.77
CA VAL C 2392 -51.26 -0.42 3.58
C VAL C 2392 -50.86 1.02 3.32
N LEU C 2393 -51.68 1.96 3.74
CA LEU C 2393 -51.35 3.33 3.45
C LEU C 2393 -50.15 3.78 4.23
N LYS C 2394 -49.88 3.15 5.37
CA LYS C 2394 -48.68 3.48 6.12
C LYS C 2394 -47.47 3.29 5.24
N THR C 2395 -47.43 2.19 4.52
CA THR C 2395 -46.31 1.94 3.65
C THR C 2395 -46.12 3.11 2.71
N LEU C 2396 -47.20 3.56 2.11
CA LEU C 2396 -47.08 4.63 1.14
C LEU C 2396 -46.59 5.89 1.81
N CYS C 2397 -47.07 6.17 3.01
CA CYS C 2397 -46.67 7.41 3.65
C CYS C 2397 -45.18 7.38 3.90
N LEU C 2398 -44.70 6.32 4.50
CA LEU C 2398 -43.28 6.29 4.79
C LEU C 2398 -42.50 6.25 3.52
N GLU C 2399 -43.08 5.76 2.44
CA GLU C 2399 -42.36 5.82 1.20
C GLU C 2399 -42.15 7.25 0.77
N VAL C 2400 -43.19 8.06 0.92
CA VAL C 2400 -43.03 9.46 0.59
C VAL C 2400 -41.93 10.05 1.43
N VAL C 2401 -41.90 9.68 2.70
CA VAL C 2401 -40.82 10.12 3.55
C VAL C 2401 -39.50 9.73 2.94
N LEU C 2402 -39.41 8.51 2.44
CA LEU C 2402 -38.13 8.03 1.92
C LEU C 2402 -37.69 8.88 0.76
N CYS C 2403 -38.61 9.23 -0.11
CA CYS C 2403 -38.23 9.81 -1.38
C CYS C 2403 -37.31 11.02 -1.20
N ARG C 2404 -37.25 11.59 -0.02
CA ARG C 2404 -36.59 12.87 0.15
C ARG C 2404 -35.81 12.92 1.45
N VAL C 2405 -35.67 11.78 2.13
CA VAL C 2405 -35.05 11.74 3.43
C VAL C 2405 -33.65 12.33 3.44
N GLU C 2406 -33.03 12.45 2.27
CA GLU C 2406 -31.63 12.87 2.23
C GLU C 2406 -31.45 14.34 2.56
N GLY C 2407 -32.50 15.11 2.61
CA GLY C 2407 -32.33 16.54 2.74
C GLY C 2407 -32.76 17.15 4.05
N MET C 2408 -33.88 16.70 4.60
CA MET C 2408 -34.47 17.38 5.74
C MET C 2408 -33.50 17.38 6.91
N THR C 2409 -33.34 18.53 7.52
CA THR C 2409 -32.48 18.60 8.68
C THR C 2409 -33.33 18.36 9.92
N GLU C 2410 -32.67 17.94 10.98
CA GLU C 2410 -33.34 17.51 12.18
C GLU C 2410 -34.43 16.49 11.87
N LEU C 2411 -34.11 15.56 10.99
CA LEU C 2411 -35.07 14.51 10.76
C LEU C 2411 -35.12 13.51 11.90
N TYR C 2412 -34.04 13.32 12.64
CA TYR C 2412 -34.11 12.31 13.67
C TYR C 2412 -35.11 12.67 14.72
N PHE C 2413 -35.12 13.93 15.15
CA PHE C 2413 -36.13 14.33 16.10
C PHE C 2413 -37.51 14.14 15.51
N GLN C 2414 -37.74 14.69 14.34
CA GLN C 2414 -39.06 14.56 13.74
C GLN C 2414 -39.46 13.12 13.61
N LEU C 2415 -38.48 12.25 13.47
CA LEU C 2415 -38.82 10.88 13.18
C LEU C 2415 -39.08 10.12 14.44
N LYS C 2416 -38.38 10.43 15.50
CA LYS C 2416 -38.74 9.83 16.76
C LYS C 2416 -40.07 10.36 17.23
N SER C 2417 -40.49 11.51 16.74
CA SER C 2417 -41.78 12.03 17.14
C SER C 2417 -42.84 10.96 16.97
N LYS C 2418 -43.13 10.62 15.74
CA LYS C 2418 -43.93 9.44 15.55
C LYS C 2418 -43.10 8.25 15.98
N ASP C 2419 -43.75 7.22 16.48
CA ASP C 2419 -42.99 6.14 17.09
C ASP C 2419 -42.27 5.31 16.05
N PHE C 2420 -41.32 5.94 15.38
CA PHE C 2420 -40.58 5.28 14.30
C PHE C 2420 -39.89 4.04 14.79
N VAL C 2421 -39.38 4.07 16.01
CA VAL C 2421 -38.80 2.87 16.57
C VAL C 2421 -39.85 1.78 16.65
N GLN C 2422 -40.99 2.10 17.23
CA GLN C 2422 -42.02 1.09 17.32
C GLN C 2422 -42.61 0.80 15.96
N VAL C 2423 -42.60 1.77 15.06
CA VAL C 2423 -43.06 1.53 13.70
C VAL C 2423 -42.21 0.47 13.04
N MET C 2424 -40.91 0.49 13.28
CA MET C 2424 -40.03 -0.41 12.58
C MET C 2424 -40.28 -1.86 12.95
N ARG C 2425 -40.73 -2.16 14.17
CA ARG C 2425 -40.82 -3.54 14.67
C ARG C 2425 -41.94 -4.38 14.04
N HIS C 2426 -42.85 -3.75 13.30
CA HIS C 2426 -44.04 -4.40 12.75
C HIS C 2426 -43.76 -5.38 11.62
N ARG C 2427 -44.36 -6.57 11.68
CA ARG C 2427 -44.22 -7.60 10.66
C ARG C 2427 -45.11 -7.27 9.46
N ASP C 2428 -44.53 -6.55 8.54
CA ASP C 2428 -45.08 -6.18 7.25
C ASP C 2428 -43.89 -5.89 6.35
N ASP C 2429 -43.59 -6.77 5.41
CA ASP C 2429 -42.29 -6.77 4.73
C ASP C 2429 -41.97 -5.44 4.08
N GLU C 2430 -42.92 -4.87 3.35
CA GLU C 2430 -42.65 -3.64 2.63
C GLU C 2430 -42.43 -2.50 3.59
N ARG C 2431 -43.20 -2.44 4.67
CA ARG C 2431 -43.07 -1.40 5.68
C ARG C 2431 -41.71 -1.49 6.35
N GLN C 2432 -41.24 -2.70 6.62
CA GLN C 2432 -39.92 -2.88 7.19
C GLN C 2432 -38.86 -2.50 6.18
N LYS C 2433 -38.96 -2.90 4.92
CA LYS C 2433 -37.98 -2.53 3.89
C LYS C 2433 -37.86 -1.04 3.77
N VAL C 2434 -38.95 -0.31 3.68
CA VAL C 2434 -38.87 1.14 3.61
C VAL C 2434 -38.32 1.71 4.90
N CYS C 2435 -38.51 1.06 6.05
CA CYS C 2435 -38.07 1.65 7.29
C CYS C 2435 -36.57 1.51 7.43
N LEU C 2436 -36.05 0.35 7.09
CA LEU C 2436 -34.61 0.21 7.13
C LEU C 2436 -33.96 1.09 6.08
N ASP C 2437 -34.61 1.32 4.96
CA ASP C 2437 -33.99 2.22 3.99
C ASP C 2437 -33.93 3.63 4.56
N ILE C 2438 -35.01 4.05 5.20
CA ILE C 2438 -35.00 5.33 5.90
C ILE C 2438 -33.82 5.39 6.84
N ILE C 2439 -33.62 4.33 7.61
CA ILE C 2439 -32.47 4.30 8.49
C ILE C 2439 -31.22 4.55 7.69
N TYR C 2440 -31.10 3.86 6.57
CA TYR C 2440 -29.87 3.91 5.80
C TYR C 2440 -29.54 5.33 5.42
N LYS C 2441 -30.46 6.01 4.77
CA LYS C 2441 -30.09 7.28 4.23
C LYS C 2441 -29.78 8.27 5.33
N MET C 2442 -30.50 8.21 6.42
CA MET C 2442 -30.23 9.19 7.45
C MET C 2442 -29.05 8.80 8.31
N MET C 2443 -28.34 7.78 7.89
CA MET C 2443 -27.22 7.32 8.70
C MET C 2443 -26.09 8.34 8.78
N PRO C 2444 -25.63 8.94 7.70
CA PRO C 2444 -24.46 9.80 7.82
C PRO C 2444 -24.71 11.00 8.65
N LYS C 2445 -25.96 11.41 8.81
CA LYS C 2445 -26.20 12.68 9.46
C LYS C 2445 -26.50 12.57 10.93
N LEU C 2446 -26.75 11.39 11.46
CA LEU C 2446 -27.27 11.43 12.80
C LEU C 2446 -26.16 11.34 13.81
N LYS C 2447 -26.29 12.11 14.84
CA LYS C 2447 -25.32 12.14 15.91
C LYS C 2447 -25.36 10.82 16.66
N PRO C 2448 -24.25 10.43 17.27
CA PRO C 2448 -24.14 9.07 17.77
C PRO C 2448 -25.01 8.80 18.96
N VAL C 2449 -25.08 9.75 19.88
CA VAL C 2449 -25.69 9.49 21.18
C VAL C 2449 -27.07 8.91 21.00
N GLU C 2450 -27.67 9.15 19.85
CA GLU C 2450 -28.97 8.61 19.55
C GLU C 2450 -28.97 7.59 18.44
N LEU C 2451 -27.93 7.54 17.62
CA LEU C 2451 -27.79 6.36 16.78
C LEU C 2451 -27.73 5.12 17.62
N ARG C 2452 -27.29 5.24 18.86
CA ARG C 2452 -27.32 4.06 19.71
C ARG C 2452 -28.73 3.56 19.93
N GLU C 2453 -29.62 4.46 20.33
CA GLU C 2453 -31.00 4.06 20.55
C GLU C 2453 -31.63 3.61 19.25
N LEU C 2454 -31.19 4.17 18.14
CA LEU C 2454 -31.79 3.81 16.88
C LEU C 2454 -31.31 2.47 16.39
N LEU C 2455 -30.10 2.08 16.73
CA LEU C 2455 -29.63 0.78 16.32
C LEU C 2455 -30.07 -0.30 17.27
N ASN C 2456 -30.46 0.06 18.48
CA ASN C 2456 -31.00 -0.95 19.38
C ASN C 2456 -32.14 -1.75 18.79
N PRO C 2457 -33.05 -1.20 18.02
CA PRO C 2457 -34.02 -2.04 17.33
C PRO C 2457 -33.56 -2.49 15.96
N VAL C 2458 -32.61 -1.81 15.33
CA VAL C 2458 -32.08 -2.33 14.08
C VAL C 2458 -31.39 -3.64 14.30
N VAL C 2459 -30.65 -3.77 15.40
CA VAL C 2459 -29.96 -5.01 15.66
C VAL C 2459 -30.94 -6.15 15.85
N GLU C 2460 -32.19 -5.86 16.18
CA GLU C 2460 -33.16 -6.91 16.38
C GLU C 2460 -33.36 -7.73 15.12
N PHE C 2461 -33.15 -7.15 13.97
CA PHE C 2461 -33.57 -7.80 12.75
C PHE C 2461 -32.62 -8.87 12.30
N VAL C 2462 -31.74 -9.34 13.17
CA VAL C 2462 -30.93 -10.49 12.80
C VAL C 2462 -31.80 -11.72 12.65
N SER C 2463 -32.83 -11.84 13.46
CA SER C 2463 -33.64 -13.04 13.46
C SER C 2463 -34.77 -13.00 12.45
N HIS C 2464 -34.99 -11.86 11.81
CA HIS C 2464 -36.15 -11.72 10.97
C HIS C 2464 -35.99 -12.58 9.72
N PRO C 2465 -37.09 -13.01 9.12
CA PRO C 2465 -36.97 -13.93 7.99
C PRO C 2465 -36.92 -13.29 6.62
N SER C 2466 -37.39 -12.08 6.44
CA SER C 2466 -37.44 -11.57 5.08
C SER C 2466 -36.04 -11.35 4.57
N THR C 2467 -35.59 -12.20 3.66
CA THR C 2467 -34.20 -12.17 3.24
C THR C 2467 -33.80 -10.79 2.78
N THR C 2468 -34.67 -10.10 2.06
CA THR C 2468 -34.36 -8.74 1.66
C THR C 2468 -34.15 -7.87 2.86
N CYS C 2469 -34.99 -8.04 3.88
CA CYS C 2469 -34.86 -7.23 5.06
C CYS C 2469 -33.51 -7.44 5.71
N ARG C 2470 -33.06 -8.67 5.76
CA ARG C 2470 -31.77 -8.92 6.36
C ARG C 2470 -30.66 -8.34 5.53
N GLU C 2471 -30.80 -8.34 4.21
CA GLU C 2471 -29.77 -7.73 3.41
C GLU C 2471 -29.64 -6.26 3.75
N GLN C 2472 -30.78 -5.61 3.92
CA GLN C 2472 -30.72 -4.20 4.27
C GLN C 2472 -30.12 -4.01 5.65
N MET C 2473 -30.44 -4.91 6.58
CA MET C 2473 -29.79 -4.85 7.87
C MET C 2473 -28.29 -4.87 7.75
N TYR C 2474 -27.79 -5.86 7.06
CA TYR C 2474 -26.36 -5.97 7.00
C TYR C 2474 -25.77 -4.77 6.30
N ASN C 2475 -26.49 -4.16 5.38
CA ASN C 2475 -25.96 -2.94 4.82
C ASN C 2475 -25.84 -1.87 5.88
N ILE C 2476 -26.85 -1.73 6.72
CA ILE C 2476 -26.80 -0.73 7.77
C ILE C 2476 -25.58 -0.97 8.63
N LEU C 2477 -25.39 -2.20 9.02
CA LEU C 2477 -24.33 -2.48 9.97
C LEU C 2477 -22.97 -2.41 9.31
N MET C 2478 -22.88 -2.78 8.04
CA MET C 2478 -21.67 -2.50 7.29
C MET C 2478 -21.30 -1.05 7.42
N TRP C 2479 -22.25 -0.16 7.18
CA TRP C 2479 -21.88 1.23 7.18
C TRP C 2479 -21.45 1.66 8.55
N ILE C 2480 -22.15 1.19 9.57
CA ILE C 2480 -21.75 1.53 10.93
C ILE C 2480 -20.31 1.15 11.14
N HIS C 2481 -19.98 -0.08 10.78
CA HIS C 2481 -18.65 -0.57 11.08
C HIS C 2481 -17.60 0.19 10.31
N ASP C 2482 -17.89 0.49 9.06
CA ASP C 2482 -16.88 1.12 8.25
C ASP C 2482 -16.59 2.51 8.77
N ASN C 2483 -17.62 3.25 9.14
CA ASN C 2483 -17.38 4.65 9.43
C ASN C 2483 -17.14 4.95 10.89
N TYR C 2484 -17.25 3.98 11.77
CA TYR C 2484 -16.99 4.28 13.17
C TYR C 2484 -15.79 3.54 13.74
N ARG C 2485 -15.06 2.79 12.93
CA ARG C 2485 -13.90 2.07 13.42
C ARG C 2485 -12.88 3.04 13.98
N ASP C 2486 -12.44 2.79 15.20
CA ASP C 2486 -11.44 3.62 15.85
C ASP C 2486 -11.85 5.08 15.80
N PRO C 2487 -12.84 5.50 16.58
CA PRO C 2487 -13.32 6.89 16.50
C PRO C 2487 -12.23 7.87 16.91
N GLU C 2488 -12.37 9.10 16.42
CA GLU C 2488 -11.36 10.13 16.68
C GLU C 2488 -11.21 10.40 18.16
N SER C 2489 -12.25 10.15 18.95
CA SER C 2489 -12.20 10.34 20.40
C SER C 2489 -12.75 9.10 21.08
N GLU C 2490 -12.01 8.60 22.06
CA GLU C 2490 -12.48 7.47 22.86
C GLU C 2490 -13.51 7.87 23.89
N THR C 2491 -13.59 9.16 24.24
CA THR C 2491 -14.48 9.59 25.31
C THR C 2491 -15.94 9.24 25.03
N ASP C 2492 -16.33 9.23 23.76
CA ASP C 2492 -17.74 9.00 23.43
C ASP C 2492 -18.01 7.53 23.64
N ASN C 2493 -18.29 7.16 24.89
CA ASN C 2493 -18.61 5.78 25.17
C ASN C 2493 -19.78 5.32 24.33
N ASP C 2494 -20.63 6.25 23.92
CA ASP C 2494 -21.66 5.91 22.96
C ASP C 2494 -21.04 5.37 21.68
N SER C 2495 -20.01 6.02 21.17
CA SER C 2495 -19.42 5.55 19.93
C SER C 2495 -18.83 4.16 20.10
N GLN C 2496 -18.13 3.94 21.20
CA GLN C 2496 -17.54 2.63 21.44
C GLN C 2496 -18.61 1.57 21.51
N GLU C 2497 -19.69 1.83 22.22
CA GLU C 2497 -20.72 0.81 22.35
C GLU C 2497 -21.35 0.53 21.00
N ILE C 2498 -21.57 1.57 20.20
CA ILE C 2498 -22.14 1.33 18.90
C ILE C 2498 -21.24 0.42 18.10
N PHE C 2499 -19.95 0.68 18.14
CA PHE C 2499 -19.03 -0.15 17.38
C PHE C 2499 -19.10 -1.58 17.87
N LYS C 2500 -19.15 -1.77 19.17
CA LYS C 2500 -19.17 -3.13 19.69
C LYS C 2500 -20.41 -3.86 19.23
N LEU C 2501 -21.56 -3.22 19.34
CA LEU C 2501 -22.80 -3.91 19.00
C LEU C 2501 -22.83 -4.21 17.52
N ALA C 2502 -22.38 -3.27 16.72
CA ALA C 2502 -22.37 -3.50 15.29
C ALA C 2502 -21.46 -4.66 14.96
N LYS C 2503 -20.30 -4.71 15.57
CA LYS C 2503 -19.40 -5.79 15.27
C LYS C 2503 -20.02 -7.10 15.67
N ASP C 2504 -20.67 -7.14 16.82
CA ASP C 2504 -21.20 -8.41 17.28
C ASP C 2504 -22.25 -8.93 16.32
N VAL C 2505 -23.17 -8.09 15.91
CA VAL C 2505 -24.20 -8.58 15.03
C VAL C 2505 -23.62 -8.91 13.67
N LEU C 2506 -22.63 -8.16 13.23
CA LEU C 2506 -22.14 -8.41 11.89
C LEU C 2506 -21.37 -9.71 11.88
N ILE C 2507 -20.67 -10.02 12.97
CA ILE C 2507 -20.07 -11.33 13.10
C ILE C 2507 -21.14 -12.38 13.12
N GLN C 2508 -22.18 -12.17 13.91
CA GLN C 2508 -23.25 -13.13 14.01
C GLN C 2508 -23.80 -13.46 12.66
N GLY C 2509 -23.74 -12.52 11.74
CA GLY C 2509 -24.26 -12.83 10.44
C GLY C 2509 -23.43 -13.82 9.67
N LEU C 2510 -22.21 -14.05 10.10
CA LEU C 2510 -21.33 -14.85 9.27
C LEU C 2510 -21.79 -16.29 9.12
N ILE C 2511 -22.94 -16.64 9.65
CA ILE C 2511 -23.41 -18.01 9.68
C ILE C 2511 -24.84 -18.02 9.18
N ASP C 2512 -25.28 -16.91 8.62
CA ASP C 2512 -26.69 -16.70 8.37
C ASP C 2512 -27.23 -17.79 7.46
N GLU C 2513 -28.54 -17.99 7.53
CA GLU C 2513 -29.12 -19.16 6.88
C GLU C 2513 -29.04 -19.06 5.37
N ASN C 2514 -29.40 -17.95 4.82
CA ASN C 2514 -29.36 -17.80 3.38
C ASN C 2514 -27.93 -17.89 2.92
N PRO C 2515 -27.61 -18.75 1.95
CA PRO C 2515 -26.27 -18.75 1.39
C PRO C 2515 -25.87 -17.44 0.78
N GLY C 2516 -26.81 -16.71 0.20
CA GLY C 2516 -26.44 -15.47 -0.44
C GLY C 2516 -25.88 -14.45 0.53
N LEU C 2517 -26.61 -14.18 1.59
CA LEU C 2517 -26.08 -13.25 2.58
C LEU C 2517 -24.84 -13.81 3.22
N GLN C 2518 -24.72 -15.13 3.30
CA GLN C 2518 -23.49 -15.70 3.78
C GLN C 2518 -22.32 -15.22 2.95
N LEU C 2519 -22.43 -15.38 1.64
CA LEU C 2519 -21.34 -14.97 0.79
C LEU C 2519 -21.10 -13.48 0.90
N ILE C 2520 -22.17 -12.69 1.00
CA ILE C 2520 -22.01 -11.24 1.00
C ILE C 2520 -21.29 -10.78 2.25
N ILE C 2521 -21.70 -11.27 3.40
CA ILE C 2521 -21.04 -10.86 4.62
C ILE C 2521 -19.61 -11.36 4.66
N ARG C 2522 -19.38 -12.58 4.20
CA ARG C 2522 -18.00 -13.06 4.22
C ARG C 2522 -17.13 -12.20 3.33
N ASN C 2523 -17.62 -11.89 2.13
CA ASN C 2523 -16.85 -11.07 1.24
C ASN C 2523 -16.61 -9.71 1.87
N PHE C 2524 -17.59 -9.22 2.63
CA PHE C 2524 -17.33 -8.02 3.44
C PHE C 2524 -16.10 -8.20 4.28
N TRP C 2525 -16.12 -9.20 5.12
CA TRP C 2525 -15.08 -9.33 6.12
C TRP C 2525 -13.73 -9.67 5.52
N SER C 2526 -13.67 -10.03 4.24
CA SER C 2526 -12.40 -10.35 3.62
C SER C 2526 -11.85 -9.25 2.74
N HIS C 2527 -12.54 -8.14 2.58
CA HIS C 2527 -12.00 -7.05 1.80
C HIS C 2527 -10.78 -6.46 2.50
N GLU C 2528 -9.94 -5.81 1.72
CA GLU C 2528 -8.58 -5.52 2.18
C GLU C 2528 -8.57 -4.66 3.43
N THR C 2529 -9.43 -3.66 3.49
CA THR C 2529 -9.27 -2.72 4.58
C THR C 2529 -9.89 -3.19 5.87
N ARG C 2530 -10.48 -4.39 5.92
CA ARG C 2530 -11.16 -4.83 7.14
C ARG C 2530 -10.28 -5.74 7.97
N LEU C 2531 -9.84 -6.83 7.42
CA LEU C 2531 -8.80 -7.65 7.97
C LEU C 2531 -7.53 -7.44 7.18
N PRO C 2532 -6.39 -7.35 7.84
CA PRO C 2532 -5.15 -7.05 7.14
C PRO C 2532 -4.82 -8.11 6.10
N SER C 2533 -3.86 -7.78 5.25
CA SER C 2533 -3.66 -8.51 4.02
C SER C 2533 -2.55 -9.54 4.07
N ASN C 2534 -1.53 -9.34 4.90
CA ASN C 2534 -0.50 -10.36 5.12
C ASN C 2534 -1.04 -11.47 6.02
N THR C 2535 -0.24 -12.49 6.27
CA THR C 2535 -0.69 -13.64 7.02
C THR C 2535 -0.76 -13.35 8.50
N LEU C 2536 0.39 -13.08 9.13
CA LEU C 2536 0.39 -12.97 10.59
C LEU C 2536 -0.61 -11.94 11.07
N ASP C 2537 -0.74 -10.82 10.40
CA ASP C 2537 -1.73 -9.85 10.83
C ASP C 2537 -3.12 -10.44 10.69
N ARG C 2538 -3.36 -11.32 9.70
CA ARG C 2538 -4.64 -12.00 9.63
C ARG C 2538 -4.83 -12.91 10.82
N LEU C 2539 -3.83 -13.71 11.14
CA LEU C 2539 -3.99 -14.69 12.19
C LEU C 2539 -4.25 -14.02 13.52
N LEU C 2540 -3.59 -12.92 13.78
CA LEU C 2540 -3.91 -12.19 14.99
C LEU C 2540 -5.28 -11.54 14.89
N ALA C 2541 -5.74 -11.23 13.70
CA ALA C 2541 -7.03 -10.58 13.60
C ALA C 2541 -8.18 -11.53 13.86
N LEU C 2542 -8.13 -12.72 13.28
CA LEU C 2542 -9.27 -13.62 13.37
C LEU C 2542 -9.68 -13.91 14.78
N ASN C 2543 -8.77 -13.81 15.73
CA ASN C 2543 -9.18 -13.96 17.11
C ASN C 2543 -10.27 -12.96 17.45
N SER C 2544 -10.24 -11.80 16.81
CA SER C 2544 -11.29 -10.83 17.08
C SER C 2544 -12.57 -11.13 16.36
N LEU C 2545 -12.52 -11.96 15.34
CA LEU C 2545 -13.70 -12.27 14.55
C LEU C 2545 -14.56 -13.28 15.20
N TYR C 2546 -14.48 -13.44 16.50
CA TYR C 2546 -15.17 -14.53 17.16
C TYR C 2546 -16.15 -13.98 18.17
N SER C 2547 -17.24 -14.70 18.32
CA SER C 2547 -18.22 -14.45 19.35
C SER C 2547 -18.65 -15.81 19.83
N PRO C 2548 -19.30 -15.89 20.99
CA PRO C 2548 -19.77 -17.18 21.44
C PRO C 2548 -20.65 -17.88 20.45
N LYS C 2549 -21.48 -17.17 19.72
CA LYS C 2549 -22.48 -17.86 18.94
C LYS C 2549 -21.97 -18.36 17.63
N ILE C 2550 -20.83 -17.87 17.18
CA ILE C 2550 -20.35 -18.20 15.87
C ILE C 2550 -19.52 -19.46 16.00
N GLU C 2551 -19.51 -20.00 17.22
CA GLU C 2551 -18.60 -21.08 17.61
C GLU C 2551 -18.59 -22.24 16.64
N VAL C 2552 -19.67 -23.01 16.63
CA VAL C 2552 -19.70 -24.29 15.91
C VAL C 2552 -19.17 -24.18 14.51
N HIS C 2553 -19.12 -22.98 13.96
CA HIS C 2553 -18.55 -22.78 12.66
C HIS C 2553 -17.24 -22.03 12.68
N PHE C 2554 -16.88 -21.44 13.80
CA PHE C 2554 -15.74 -20.51 13.82
C PHE C 2554 -14.51 -21.13 13.23
N LEU C 2555 -14.31 -22.41 13.45
CA LEU C 2555 -13.13 -23.04 12.88
C LEU C 2555 -13.20 -22.98 11.37
N SER C 2556 -14.32 -23.39 10.81
CA SER C 2556 -14.41 -23.38 9.38
C SER C 2556 -14.24 -21.97 8.86
N LEU C 2557 -14.78 -21.01 9.58
CA LEU C 2557 -14.73 -19.65 9.08
C LEU C 2557 -13.31 -19.14 9.08
N ALA C 2558 -12.56 -19.43 10.13
CA ALA C 2558 -11.17 -19.00 10.14
C ALA C 2558 -10.42 -19.64 9.00
N THR C 2559 -10.63 -20.93 8.79
CA THR C 2559 -9.89 -21.61 7.73
C THR C 2559 -10.23 -20.98 6.41
N ASN C 2560 -11.49 -20.68 6.19
CA ASN C 2560 -11.90 -20.12 4.92
C ASN C 2560 -11.24 -18.78 4.70
N PHE C 2561 -11.19 -17.95 5.72
CA PHE C 2561 -10.56 -16.65 5.55
C PHE C 2561 -9.09 -16.79 5.21
N LEU C 2562 -8.38 -17.60 5.98
CA LEU C 2562 -6.95 -17.73 5.73
C LEU C 2562 -6.69 -18.23 4.34
N LEU C 2563 -7.37 -19.29 3.93
CA LEU C 2563 -7.03 -19.85 2.65
C LEU C 2563 -7.48 -18.92 1.53
N GLU C 2564 -8.60 -18.24 1.68
CA GLU C 2564 -9.00 -17.40 0.57
C GLU C 2564 -8.09 -16.19 0.45
N MET C 2565 -7.35 -15.85 1.50
CA MET C 2565 -6.25 -14.94 1.22
C MET C 2565 -5.10 -15.66 0.57
N THR C 2566 -4.92 -16.95 0.84
CA THR C 2566 -3.95 -17.68 0.04
C THR C 2566 -4.30 -17.57 -1.43
N SER C 2567 -5.57 -17.37 -1.71
CA SER C 2567 -6.07 -17.54 -3.06
C SER C 2567 -5.48 -16.57 -4.06
N MET C 2568 -4.91 -15.46 -3.62
CA MET C 2568 -4.48 -14.44 -4.56
C MET C 2568 -2.97 -14.36 -4.63
N SER C 2569 -2.31 -15.38 -4.10
CA SER C 2569 -0.87 -15.46 -4.16
C SER C 2569 -0.42 -15.99 -5.52
N PRO C 2570 0.81 -15.70 -5.93
CA PRO C 2570 1.23 -16.02 -7.30
C PRO C 2570 1.36 -17.48 -7.60
N ASP C 2571 1.55 -18.34 -6.62
CA ASP C 2571 1.70 -19.73 -7.00
C ASP C 2571 0.36 -20.42 -7.20
N TYR C 2572 -0.73 -19.73 -6.93
CA TYR C 2572 -2.05 -20.35 -6.98
C TYR C 2572 -2.38 -21.06 -8.29
N PRO C 2573 -2.13 -20.53 -9.45
CA PRO C 2573 -2.44 -21.31 -10.65
C PRO C 2573 -1.25 -22.09 -11.16
N ASN C 2574 -0.07 -21.83 -10.63
CA ASN C 2574 1.11 -22.53 -11.07
C ASN C 2574 1.01 -23.99 -10.65
N PRO C 2575 1.07 -24.93 -11.58
CA PRO C 2575 0.83 -26.33 -11.24
C PRO C 2575 1.82 -26.88 -10.22
N MET C 2576 1.31 -27.72 -9.33
CA MET C 2576 2.00 -28.10 -8.12
C MET C 2576 3.26 -28.88 -8.40
N PHE C 2577 3.28 -29.63 -9.48
CA PHE C 2577 4.43 -30.45 -9.80
C PHE C 2577 4.78 -30.17 -11.24
N GLU C 2578 6.05 -29.84 -11.50
CA GLU C 2578 6.39 -29.29 -12.80
C GLU C 2578 6.15 -30.28 -13.94
N HIS C 2579 6.48 -31.54 -13.77
CA HIS C 2579 6.33 -32.33 -14.96
C HIS C 2579 5.33 -33.45 -14.78
N PRO C 2580 4.59 -33.80 -15.81
CA PRO C 2580 3.80 -35.02 -15.75
C PRO C 2580 4.71 -36.21 -15.61
N LEU C 2581 4.14 -37.40 -15.47
CA LEU C 2581 4.95 -38.59 -15.22
C LEU C 2581 5.01 -39.52 -16.41
N SER C 2582 4.72 -39.03 -17.60
CA SER C 2582 4.81 -39.83 -18.81
C SER C 2582 4.66 -38.90 -20.00
N GLU C 2583 4.42 -39.50 -21.14
CA GLU C 2583 4.02 -38.78 -22.33
C GLU C 2583 2.55 -38.94 -22.63
N CYS C 2584 1.80 -39.57 -21.75
CA CYS C 2584 0.44 -39.96 -22.07
C CYS C 2584 -0.41 -38.73 -22.37
N GLU C 2585 -1.31 -38.87 -23.33
CA GLU C 2585 -2.18 -37.77 -23.70
C GLU C 2585 -3.25 -37.60 -22.64
N PHE C 2586 -3.57 -36.36 -22.31
CA PHE C 2586 -4.50 -36.06 -21.24
C PHE C 2586 -5.74 -35.38 -21.80
N GLN C 2587 -6.90 -35.93 -21.48
CA GLN C 2587 -8.18 -35.38 -21.88
C GLN C 2587 -8.88 -34.86 -20.64
N GLU C 2588 -9.99 -34.16 -20.85
CA GLU C 2588 -10.81 -33.69 -19.76
C GLU C 2588 -12.19 -34.30 -19.89
N TYR C 2589 -12.75 -34.79 -18.80
CA TYR C 2589 -14.12 -35.26 -18.85
C TYR C 2589 -14.86 -34.71 -17.67
N THR C 2590 -16.11 -34.31 -17.86
CA THR C 2590 -16.99 -33.87 -16.77
C THR C 2590 -17.72 -35.06 -16.16
N ILE C 2591 -18.08 -34.98 -14.89
CA ILE C 2591 -18.82 -36.02 -14.16
C ILE C 2591 -20.29 -35.62 -14.08
N ASP C 2592 -21.20 -36.56 -14.35
CA ASP C 2592 -22.58 -36.23 -14.68
C ASP C 2592 -23.35 -35.63 -13.50
N SER C 2593 -23.48 -36.35 -12.37
CA SER C 2593 -23.97 -35.85 -11.09
C SER C 2593 -25.34 -35.18 -11.21
N ASP C 2594 -26.31 -35.90 -11.76
CA ASP C 2594 -27.62 -35.31 -12.01
C ASP C 2594 -28.65 -35.75 -10.98
N TRP C 2595 -28.42 -35.33 -9.74
CA TRP C 2595 -29.28 -35.70 -8.63
C TRP C 2595 -29.75 -37.16 -8.76
N ARG C 2596 -28.76 -38.07 -8.81
CA ARG C 2596 -29.01 -39.50 -8.91
C ARG C 2596 -27.86 -40.27 -8.29
N PHE C 2597 -28.17 -41.36 -7.62
CA PHE C 2597 -27.18 -42.26 -7.06
C PHE C 2597 -27.10 -43.51 -7.92
N ARG C 2598 -26.45 -44.54 -7.42
CA ARG C 2598 -26.03 -45.62 -8.29
C ARG C 2598 -26.93 -46.84 -8.27
N SER C 2599 -27.66 -47.09 -7.20
CA SER C 2599 -28.52 -48.27 -7.15
C SER C 2599 -29.96 -47.92 -7.39
N THR C 2600 -30.27 -47.14 -8.42
CA THR C 2600 -31.59 -46.57 -8.56
C THR C 2600 -32.32 -46.89 -9.85
N VAL C 2601 -31.65 -47.27 -10.92
CA VAL C 2601 -32.32 -47.59 -12.17
C VAL C 2601 -32.26 -49.08 -12.36
N LEU C 2602 -33.42 -49.69 -12.59
CA LEU C 2602 -33.44 -51.14 -12.53
C LEU C 2602 -32.66 -51.69 -13.71
N THR C 2603 -32.16 -52.91 -13.58
CA THR C 2603 -30.93 -53.25 -14.28
C THR C 2603 -31.07 -53.22 -15.80
N PRO C 2604 -31.72 -54.18 -16.46
CA PRO C 2604 -31.58 -54.24 -17.92
C PRO C 2604 -32.54 -53.41 -18.75
N MET C 2605 -33.13 -52.34 -18.25
CA MET C 2605 -33.85 -51.48 -19.20
C MET C 2605 -32.90 -50.76 -20.11
N GLY C 2721 -33.84 -6.95 -32.89
CA GLY C 2721 -34.94 -6.89 -31.95
C GLY C 2721 -36.28 -6.72 -32.61
N ARG C 2722 -36.26 -6.42 -33.92
CA ARG C 2722 -37.50 -6.21 -34.66
C ARG C 2722 -38.28 -7.50 -34.88
N THR C 2723 -37.69 -8.66 -34.56
CA THR C 2723 -38.50 -9.84 -34.34
C THR C 2723 -39.43 -9.63 -33.17
N ASP C 2724 -38.88 -9.23 -32.02
CA ASP C 2724 -39.65 -9.20 -30.79
C ASP C 2724 -40.91 -8.37 -30.95
N LEU C 2725 -40.87 -7.39 -31.83
CA LEU C 2725 -42.06 -6.61 -32.12
C LEU C 2725 -43.14 -7.47 -32.74
N LEU C 2726 -42.79 -8.61 -33.31
CA LEU C 2726 -43.80 -9.40 -33.99
C LEU C 2726 -44.83 -9.93 -33.03
N ARG C 2727 -44.46 -10.14 -31.77
CA ARG C 2727 -45.39 -10.80 -30.88
C ARG C 2727 -46.63 -9.99 -30.61
N LEU C 2728 -46.81 -8.85 -31.27
CA LEU C 2728 -48.03 -8.12 -31.00
C LEU C 2728 -49.19 -8.65 -31.81
N ARG C 2729 -48.96 -9.62 -32.66
CA ARG C 2729 -50.02 -10.20 -33.47
C ARG C 2729 -50.81 -11.24 -32.66
N ARG C 2730 -51.76 -10.77 -31.88
CA ARG C 2730 -52.50 -11.65 -31.00
C ARG C 2730 -53.97 -11.29 -31.02
N ARG C 2731 -54.82 -12.29 -30.83
CA ARG C 2731 -56.21 -12.00 -30.53
C ARG C 2731 -56.46 -12.26 -29.06
N PHE C 2732 -57.72 -12.28 -28.69
CA PHE C 2732 -58.07 -12.51 -27.30
C PHE C 2732 -59.41 -13.23 -27.25
N MET C 2733 -59.48 -14.28 -26.46
CA MET C 2733 -60.72 -15.00 -26.28
C MET C 2733 -61.76 -14.02 -25.77
N ARG C 2734 -62.97 -14.11 -26.30
CA ARG C 2734 -63.99 -13.15 -25.90
C ARG C 2734 -64.90 -13.66 -24.80
N ASP C 2735 -65.07 -14.97 -24.69
CA ASP C 2735 -66.03 -15.54 -23.75
C ASP C 2735 -65.35 -15.77 -22.41
N GLN C 2736 -65.60 -14.86 -21.48
CA GLN C 2736 -64.95 -14.94 -20.19
C GLN C 2736 -65.18 -16.27 -19.52
N GLU C 2737 -66.29 -16.93 -19.82
CA GLU C 2737 -66.48 -18.28 -19.29
C GLU C 2737 -65.42 -19.22 -19.83
N LYS C 2738 -65.19 -19.19 -21.15
CA LYS C 2738 -64.23 -20.11 -21.73
C LYS C 2738 -62.84 -19.83 -21.18
N LEU C 2739 -62.48 -18.56 -21.11
CA LEU C 2739 -61.17 -18.20 -20.60
C LEU C 2739 -61.04 -18.61 -19.16
N SER C 2740 -62.11 -18.47 -18.39
CA SER C 2740 -62.05 -18.84 -16.99
C SER C 2740 -61.78 -20.32 -16.86
N LEU C 2741 -62.47 -21.13 -17.65
CA LEU C 2741 -62.20 -22.56 -17.59
C LEU C 2741 -60.78 -22.84 -18.01
N MET C 2742 -60.26 -22.06 -18.95
CA MET C 2742 -58.90 -22.32 -19.40
C MET C 2742 -57.92 -22.11 -18.25
N TYR C 2743 -58.00 -20.98 -17.59
CA TYR C 2743 -57.12 -20.83 -16.45
C TYR C 2743 -57.45 -21.81 -15.35
N ALA C 2744 -58.66 -22.31 -15.28
CA ALA C 2744 -58.95 -23.25 -14.21
C ALA C 2744 -58.16 -24.53 -14.40
N ARG C 2745 -58.24 -25.09 -15.60
CA ARG C 2745 -57.45 -26.27 -15.87
C ARG C 2745 -55.98 -25.96 -15.74
N LYS C 2746 -55.56 -24.80 -16.25
CA LYS C 2746 -54.17 -24.43 -16.11
C LYS C 2746 -53.75 -24.47 -14.66
N GLY C 2747 -54.57 -23.90 -13.79
CA GLY C 2747 -54.26 -23.88 -12.39
C GLY C 2747 -54.20 -25.25 -11.77
N VAL C 2748 -55.05 -26.17 -12.19
CA VAL C 2748 -54.91 -27.48 -11.56
C VAL C 2748 -53.65 -28.12 -12.06
N ALA C 2749 -53.23 -27.76 -13.26
CA ALA C 2749 -51.94 -28.23 -13.74
C ALA C 2749 -50.82 -27.74 -12.84
N GLU C 2750 -50.81 -26.44 -12.51
CA GLU C 2750 -49.76 -26.03 -11.58
C GLU C 2750 -49.97 -26.55 -10.18
N GLN C 2751 -51.20 -26.88 -9.80
CA GLN C 2751 -51.39 -27.51 -8.51
C GLN C 2751 -50.72 -28.87 -8.45
N LYS C 2752 -50.80 -29.63 -9.52
CA LYS C 2752 -50.08 -30.91 -9.55
C LYS C 2752 -48.58 -30.73 -9.75
N ARG C 2753 -48.20 -29.76 -10.56
CA ARG C 2753 -46.78 -29.50 -10.78
C ARG C 2753 -46.09 -29.09 -9.50
N GLU C 2754 -46.72 -28.22 -8.72
CA GLU C 2754 -46.15 -27.85 -7.44
C GLU C 2754 -46.11 -29.05 -6.52
N LYS C 2755 -47.11 -29.92 -6.57
CA LYS C 2755 -47.10 -31.09 -5.70
C LYS C 2755 -45.89 -31.96 -6.00
N GLU C 2756 -45.67 -32.25 -7.27
CA GLU C 2756 -44.53 -33.09 -7.59
C GLU C 2756 -43.22 -32.36 -7.36
N ILE C 2757 -43.18 -31.05 -7.61
CA ILE C 2757 -41.91 -30.37 -7.42
C ILE C 2757 -41.57 -30.28 -5.93
N LYS C 2758 -42.59 -30.18 -5.08
CA LYS C 2758 -42.34 -30.25 -3.65
C LYS C 2758 -41.88 -31.63 -3.24
N SER C 2759 -42.42 -32.66 -3.88
CA SER C 2759 -41.95 -34.00 -3.57
C SER C 2759 -40.51 -34.20 -3.99
N GLU C 2760 -40.11 -33.64 -5.12
CA GLU C 2760 -38.77 -33.87 -5.64
C GLU C 2760 -37.74 -32.95 -5.03
N LEU C 2761 -38.14 -31.78 -4.54
CA LEU C 2761 -37.15 -30.85 -4.04
C LEU C 2761 -36.51 -31.34 -2.76
N LYS C 2762 -37.16 -32.24 -2.04
CA LYS C 2762 -36.50 -32.82 -0.88
C LYS C 2762 -35.30 -33.65 -1.30
N MET C 2763 -35.51 -34.55 -2.25
CA MET C 2763 -34.41 -35.33 -2.77
C MET C 2763 -33.37 -34.42 -3.37
N LYS C 2764 -33.79 -33.36 -4.02
CA LYS C 2764 -32.84 -32.50 -4.68
C LYS C 2764 -32.02 -31.70 -3.70
N GLN C 2765 -32.59 -31.36 -2.56
CA GLN C 2765 -31.81 -30.71 -1.54
C GLN C 2765 -30.82 -31.67 -0.95
N ASP C 2766 -31.23 -32.93 -0.79
CA ASP C 2766 -30.29 -33.90 -0.27
C ASP C 2766 -29.11 -34.07 -1.20
N ALA C 2767 -29.40 -34.33 -2.47
CA ALA C 2767 -28.38 -34.93 -3.31
C ALA C 2767 -27.61 -33.91 -4.12
N GLN C 2768 -27.86 -32.63 -3.97
CA GLN C 2768 -27.17 -31.66 -4.81
C GLN C 2768 -25.70 -31.66 -4.45
N VAL C 2769 -24.84 -31.98 -5.40
CA VAL C 2769 -23.41 -32.00 -5.17
C VAL C 2769 -22.75 -31.15 -6.23
N VAL C 2770 -21.86 -30.27 -5.80
CA VAL C 2770 -21.10 -29.44 -6.71
C VAL C 2770 -19.64 -29.82 -6.63
N LEU C 2771 -19.05 -30.14 -7.78
CA LEU C 2771 -17.65 -30.52 -7.76
C LEU C 2771 -16.81 -29.29 -7.53
N TYR C 2772 -15.50 -29.43 -7.58
CA TYR C 2772 -14.66 -28.27 -7.38
C TYR C 2772 -13.44 -28.18 -8.28
N ARG C 2773 -13.17 -29.15 -9.13
CA ARG C 2773 -11.98 -29.02 -9.95
C ARG C 2773 -12.23 -29.63 -11.32
N SER C 2774 -11.16 -29.87 -12.06
CA SER C 2774 -11.28 -30.15 -13.48
C SER C 2774 -11.39 -31.62 -13.80
N TYR C 2775 -10.56 -32.45 -13.19
CA TYR C 2775 -10.57 -33.89 -13.43
C TYR C 2775 -10.17 -34.24 -14.85
N ARG C 2776 -9.00 -33.79 -15.25
CA ARG C 2776 -8.48 -34.19 -16.55
C ARG C 2776 -8.25 -35.69 -16.55
N HIS C 2777 -8.60 -36.34 -17.64
CA HIS C 2777 -8.32 -37.77 -17.75
C HIS C 2777 -7.14 -38.03 -18.66
N GLY C 2778 -6.37 -39.05 -18.27
CA GLY C 2778 -5.29 -39.53 -19.10
C GLY C 2778 -5.09 -40.99 -18.79
N ASP C 2779 -4.37 -41.66 -19.68
CA ASP C 2779 -4.18 -43.09 -19.48
C ASP C 2779 -3.33 -43.33 -18.25
N LEU C 2780 -2.68 -42.31 -17.75
CA LEU C 2780 -1.94 -42.37 -16.49
C LEU C 2780 -2.56 -41.38 -15.52
N PRO C 2781 -2.17 -41.38 -14.25
CA PRO C 2781 -2.61 -40.32 -13.35
C PRO C 2781 -2.16 -38.95 -13.84
N ASP C 2782 -3.03 -37.97 -13.65
CA ASP C 2782 -2.73 -36.60 -14.04
C ASP C 2782 -2.18 -35.80 -12.86
N ILE C 2783 -0.92 -36.10 -12.57
CA ILE C 2783 -0.26 -35.49 -11.43
C ILE C 2783 -0.26 -33.99 -11.55
N GLN C 2784 -0.21 -33.48 -12.76
CA GLN C 2784 0.01 -32.06 -12.91
C GLN C 2784 -1.25 -31.29 -12.60
N ILE C 2785 -1.59 -31.17 -11.33
CA ILE C 2785 -2.79 -30.47 -10.92
C ILE C 2785 -2.40 -29.11 -10.40
N LYS C 2786 -3.22 -28.13 -10.71
CA LYS C 2786 -2.96 -26.78 -10.26
C LYS C 2786 -3.08 -26.70 -8.74
N HIS C 2787 -2.31 -25.77 -8.15
CA HIS C 2787 -2.35 -25.63 -6.70
C HIS C 2787 -3.77 -25.44 -6.21
N SER C 2788 -4.57 -24.73 -6.99
CA SER C 2788 -5.98 -24.59 -6.64
C SER C 2788 -6.59 -25.94 -6.40
N SER C 2789 -6.24 -26.89 -7.25
CA SER C 2789 -6.95 -28.15 -7.23
C SER C 2789 -6.79 -28.88 -5.92
N LEU C 2790 -6.04 -28.34 -4.99
CA LEU C 2790 -5.93 -28.95 -3.68
C LEU C 2790 -6.27 -28.01 -2.56
N ILE C 2791 -5.90 -26.74 -2.63
CA ILE C 2791 -6.29 -25.89 -1.54
C ILE C 2791 -7.76 -25.56 -1.60
N THR C 2792 -8.39 -25.60 -2.76
CA THR C 2792 -9.81 -25.31 -2.69
C THR C 2792 -10.58 -26.50 -2.13
N PRO C 2793 -10.37 -27.72 -2.61
CA PRO C 2793 -11.11 -28.82 -2.01
C PRO C 2793 -10.89 -28.92 -0.53
N LEU C 2794 -9.67 -28.69 -0.09
CA LEU C 2794 -9.39 -28.81 1.33
C LEU C 2794 -10.27 -27.86 2.11
N GLN C 2795 -10.41 -26.65 1.61
CA GLN C 2795 -11.30 -25.72 2.28
C GLN C 2795 -12.71 -26.22 2.25
N ALA C 2796 -13.12 -26.84 1.16
CA ALA C 2796 -14.50 -27.31 1.08
C ALA C 2796 -14.77 -28.30 2.18
N VAL C 2797 -13.88 -29.27 2.31
CA VAL C 2797 -14.08 -30.27 3.35
C VAL C 2797 -14.05 -29.60 4.70
N ALA C 2798 -13.14 -28.67 4.88
CA ALA C 2798 -13.04 -28.04 6.18
C ALA C 2798 -14.35 -27.35 6.52
N GLN C 2799 -14.96 -26.73 5.53
CA GLN C 2799 -16.21 -26.03 5.79
C GLN C 2799 -17.27 -27.02 6.19
N ARG C 2800 -17.29 -28.16 5.57
CA ARG C 2800 -18.41 -29.04 5.79
C ARG C 2800 -18.26 -29.96 6.98
N ASP C 2801 -17.06 -30.25 7.46
CA ASP C 2801 -16.96 -31.14 8.61
C ASP C 2801 -15.92 -30.62 9.59
N PRO C 2802 -16.19 -30.68 10.84
CA PRO C 2802 -15.39 -29.88 11.76
C PRO C 2802 -14.16 -30.56 12.27
N ILE C 2803 -14.05 -31.88 12.18
CA ILE C 2803 -12.81 -32.44 12.68
C ILE C 2803 -11.69 -32.18 11.70
N ILE C 2804 -11.98 -32.26 10.41
CA ILE C 2804 -10.99 -31.83 9.45
C ILE C 2804 -10.73 -30.36 9.63
N ALA C 2805 -11.72 -29.63 10.08
CA ALA C 2805 -11.46 -28.25 10.37
C ALA C 2805 -10.42 -28.12 11.46
N LYS C 2806 -10.55 -28.90 12.51
CA LYS C 2806 -9.57 -28.81 13.58
C LYS C 2806 -8.20 -29.13 13.07
N GLN C 2807 -8.06 -30.20 12.31
CA GLN C 2807 -6.74 -30.54 11.82
C GLN C 2807 -6.20 -29.46 10.92
N LEU C 2808 -7.02 -28.89 10.05
CA LEU C 2808 -6.51 -27.91 9.12
C LEU C 2808 -6.11 -26.65 9.84
N PHE C 2809 -6.98 -26.15 10.69
CA PHE C 2809 -6.67 -24.92 11.40
C PHE C 2809 -5.47 -25.13 12.28
N SER C 2810 -5.38 -26.29 12.92
CA SER C 2810 -4.26 -26.54 13.79
C SER C 2810 -2.98 -26.57 12.98
N SER C 2811 -2.97 -27.31 11.89
CA SER C 2811 -1.77 -27.37 11.10
C SER C 2811 -1.40 -26.00 10.58
N LEU C 2812 -2.38 -25.23 10.14
CA LEU C 2812 -2.04 -24.01 9.46
C LEU C 2812 -1.61 -22.97 10.45
N PHE C 2813 -2.24 -22.95 11.62
CA PHE C 2813 -1.80 -22.07 12.68
C PHE C 2813 -0.40 -22.41 13.10
N SER C 2814 -0.11 -23.69 13.23
CA SER C 2814 1.24 -24.08 13.60
C SER C 2814 2.21 -23.60 12.56
N GLY C 2815 1.86 -23.75 11.30
CA GLY C 2815 2.77 -23.35 10.26
C GLY C 2815 3.04 -21.87 10.28
N ILE C 2816 1.99 -21.07 10.40
CA ILE C 2816 2.18 -19.64 10.37
C ILE C 2816 3.01 -19.22 11.56
N LEU C 2817 2.65 -19.68 12.73
CA LEU C 2817 3.38 -19.24 13.90
C LEU C 2817 4.75 -19.85 13.96
N LYS C 2818 5.05 -20.83 13.11
CA LYS C 2818 6.42 -21.32 13.10
C LYS C 2818 7.27 -20.59 12.11
N GLU C 2819 6.70 -20.22 10.99
CA GLU C 2819 7.45 -19.46 10.03
C GLU C 2819 7.55 -18.01 10.45
N MET C 2820 6.85 -17.60 11.50
CA MET C 2820 7.02 -16.22 11.94
C MET C 2820 8.45 -15.93 12.33
N ASP C 2821 9.23 -16.95 12.68
CA ASP C 2821 10.59 -16.72 13.13
C ASP C 2821 11.40 -15.97 12.09
N LYS C 2822 11.36 -16.44 10.87
CA LYS C 2822 12.19 -15.86 9.83
C LYS C 2822 11.78 -14.43 9.49
N PHE C 2823 10.95 -13.79 10.29
CA PHE C 2823 10.47 -12.49 9.88
C PHE C 2823 10.52 -11.43 10.96
N LYS C 2824 10.38 -11.77 12.23
CA LYS C 2824 10.31 -10.74 13.25
C LYS C 2824 11.22 -11.08 14.42
N THR C 2825 11.81 -10.05 15.00
CA THR C 2825 12.79 -10.20 16.06
C THR C 2825 12.07 -10.60 17.35
N LEU C 2826 12.84 -11.08 18.32
CA LEU C 2826 12.24 -11.61 19.54
C LEU C 2826 11.37 -10.58 20.23
N SER C 2827 11.69 -9.31 20.05
CA SER C 2827 10.83 -8.28 20.61
C SER C 2827 9.42 -8.38 20.04
N GLU C 2828 9.31 -8.54 18.74
CA GLU C 2828 7.98 -8.65 18.17
C GLU C 2828 7.32 -9.97 18.54
N LYS C 2829 8.11 -11.04 18.61
CA LYS C 2829 7.51 -12.33 18.89
C LYS C 2829 6.88 -12.34 20.26
N ASN C 2830 7.54 -11.76 21.26
CA ASN C 2830 6.92 -11.73 22.57
C ASN C 2830 5.60 -11.01 22.51
N ASN C 2831 5.52 -9.93 21.75
CA ASN C 2831 4.29 -9.17 21.68
C ASN C 2831 3.18 -9.98 21.02
N ILE C 2832 3.46 -10.61 19.88
CA ILE C 2832 2.39 -11.31 19.20
C ILE C 2832 1.97 -12.53 19.99
N THR C 2833 2.92 -13.23 20.59
CA THR C 2833 2.55 -14.38 21.38
C THR C 2833 1.69 -13.96 22.55
N GLN C 2834 2.04 -12.87 23.21
CA GLN C 2834 1.19 -12.42 24.32
C GLN C 2834 -0.18 -12.03 23.81
N LYS C 2835 -0.24 -11.47 22.61
CA LYS C 2835 -1.54 -11.11 22.09
C LYS C 2835 -2.39 -12.34 21.87
N LEU C 2836 -1.83 -13.37 21.27
CA LEU C 2836 -2.58 -14.60 21.12
C LEU C 2836 -2.96 -15.17 22.46
N LEU C 2837 -2.06 -15.15 23.43
CA LEU C 2837 -2.40 -15.75 24.69
C LEU C 2837 -3.58 -15.07 25.31
N GLN C 2838 -3.59 -13.74 25.27
CA GLN C 2838 -4.75 -13.02 25.77
C GLN C 2838 -5.99 -13.43 25.00
N ASP C 2839 -5.88 -13.51 23.69
CA ASP C 2839 -7.07 -13.78 22.91
C ASP C 2839 -7.60 -15.17 23.19
N PHE C 2840 -6.72 -16.15 23.29
CA PHE C 2840 -7.16 -17.51 23.52
C PHE C 2840 -7.74 -17.66 24.91
N ASN C 2841 -7.15 -16.99 25.88
CA ASN C 2841 -7.71 -17.08 27.21
C ASN C 2841 -9.11 -16.55 27.18
N ARG C 2842 -9.31 -15.46 26.44
CA ARG C 2842 -10.66 -14.97 26.24
C ARG C 2842 -11.53 -16.04 25.63
N PHE C 2843 -11.05 -16.66 24.56
CA PHE C 2843 -11.80 -17.73 23.91
C PHE C 2843 -12.33 -18.69 24.94
N LEU C 2844 -11.44 -19.43 25.57
CA LEU C 2844 -11.89 -20.47 26.48
C LEU C 2844 -12.78 -19.92 27.56
N ASN C 2845 -12.44 -18.76 28.12
CA ASN C 2845 -13.18 -18.33 29.28
C ASN C 2845 -14.56 -17.83 28.91
N THR C 2846 -14.80 -17.48 27.66
CA THR C 2846 -16.08 -16.90 27.32
C THR C 2846 -17.02 -17.86 26.65
N THR C 2847 -16.56 -19.02 26.21
CA THR C 2847 -17.41 -19.87 25.41
C THR C 2847 -18.49 -20.50 26.24
N PHE C 2848 -19.58 -20.81 25.60
CA PHE C 2848 -20.69 -21.47 26.27
C PHE C 2848 -21.06 -22.76 25.60
N SER C 2849 -20.96 -22.85 24.29
CA SER C 2849 -21.34 -24.08 23.62
C SER C 2849 -20.43 -25.22 24.01
N PHE C 2850 -19.15 -24.96 24.14
CA PHE C 2850 -18.17 -25.99 24.45
C PHE C 2850 -18.18 -27.07 23.37
N PHE C 2851 -18.18 -26.65 22.14
CA PHE C 2851 -18.07 -27.58 21.04
C PHE C 2851 -16.76 -28.32 21.16
N PRO C 2852 -16.76 -29.63 21.19
CA PRO C 2852 -15.55 -30.36 21.44
C PRO C 2852 -14.45 -30.00 20.45
N PRO C 2853 -14.74 -29.82 19.17
CA PRO C 2853 -13.64 -29.57 18.25
C PRO C 2853 -12.91 -28.28 18.54
N PHE C 2854 -13.60 -27.21 18.83
CA PHE C 2854 -12.93 -25.93 19.02
C PHE C 2854 -12.14 -25.91 20.30
N VAL C 2855 -12.73 -26.43 21.37
CA VAL C 2855 -11.98 -26.49 22.61
C VAL C 2855 -10.72 -27.29 22.37
N SER C 2856 -10.84 -28.41 21.70
CA SER C 2856 -9.67 -29.22 21.43
C SER C 2856 -8.68 -28.47 20.57
N CYS C 2857 -9.16 -27.75 19.58
CA CYS C 2857 -8.25 -27.06 18.69
C CYS C 2857 -7.46 -26.02 19.42
N ILE C 2858 -8.11 -25.28 20.30
CA ILE C 2858 -7.40 -24.23 21.00
C ILE C 2858 -6.33 -24.84 21.88
N GLN C 2859 -6.69 -25.84 22.67
CA GLN C 2859 -5.64 -26.45 23.46
C GLN C 2859 -4.54 -27.05 22.59
N ASP C 2860 -4.90 -27.72 21.52
CA ASP C 2860 -3.90 -28.43 20.74
C ASP C 2860 -2.93 -27.44 20.16
N ILE C 2861 -3.42 -26.30 19.72
CA ILE C 2861 -2.51 -25.24 19.32
C ILE C 2861 -1.60 -24.92 20.47
N SER C 2862 -2.15 -24.78 21.65
CA SER C 2862 -1.34 -24.27 22.73
C SER C 2862 -0.23 -25.23 23.09
N CYS C 2863 -0.40 -26.51 22.83
CA CYS C 2863 0.62 -27.46 23.28
C CYS C 2863 1.87 -27.38 22.45
N GLN C 2864 1.72 -27.29 21.14
CA GLN C 2864 2.85 -27.36 20.24
C GLN C 2864 3.58 -26.06 20.06
N HIS C 2865 3.44 -25.09 20.95
CA HIS C 2865 4.27 -23.91 20.88
C HIS C 2865 4.54 -23.40 22.28
N ALA C 2866 5.77 -23.06 22.55
CA ALA C 2866 6.03 -22.53 23.86
C ALA C 2866 5.38 -21.17 23.99
N ALA C 2867 5.24 -20.73 25.23
CA ALA C 2867 4.86 -19.36 25.53
C ALA C 2867 3.42 -19.06 25.15
N LEU C 2868 2.73 -20.01 24.54
CA LEU C 2868 1.28 -19.99 24.59
C LEU C 2868 0.78 -20.81 25.73
N LEU C 2869 1.69 -21.37 26.49
CA LEU C 2869 1.39 -22.50 27.33
C LEU C 2869 0.86 -22.07 28.68
N SER C 2870 0.89 -20.79 28.98
CA SER C 2870 0.47 -20.33 30.28
C SER C 2870 -1.01 -19.98 30.23
N LEU C 2871 -1.77 -20.86 29.61
CA LEU C 2871 -3.19 -20.63 29.45
C LEU C 2871 -3.87 -20.90 30.78
N ASP C 2872 -4.85 -20.08 31.11
CA ASP C 2872 -5.39 -20.01 32.44
C ASP C 2872 -5.78 -21.40 32.90
N PRO C 2873 -5.02 -21.97 33.81
CA PRO C 2873 -5.21 -23.39 34.11
C PRO C 2873 -6.62 -23.72 34.52
N ALA C 2874 -7.24 -22.86 35.31
CA ALA C 2874 -8.60 -23.14 35.70
C ALA C 2874 -9.50 -23.13 34.47
N ALA C 2875 -9.27 -22.18 33.57
CA ALA C 2875 -10.13 -22.09 32.42
C ALA C 2875 -10.06 -23.36 31.60
N VAL C 2876 -8.84 -23.81 31.32
CA VAL C 2876 -8.71 -25.01 30.52
C VAL C 2876 -9.34 -26.18 31.22
N SER C 2877 -9.14 -26.27 32.52
CA SER C 2877 -9.66 -27.41 33.24
C SER C 2877 -11.16 -27.48 33.10
N ALA C 2878 -11.83 -26.37 33.37
CA ALA C 2878 -13.27 -26.40 33.28
C ALA C 2878 -13.72 -26.70 31.87
N GLY C 2879 -13.08 -26.08 30.89
CA GLY C 2879 -13.52 -26.26 29.53
C GLY C 2879 -13.38 -27.68 29.08
N CYS C 2880 -12.29 -28.32 29.48
CA CYS C 2880 -12.09 -29.68 29.03
C CYS C 2880 -13.03 -30.62 29.76
N LEU C 2881 -13.24 -30.41 31.05
CA LEU C 2881 -14.21 -31.21 31.77
C LEU C 2881 -15.54 -31.20 31.07
N ALA C 2882 -15.99 -30.02 30.69
CA ALA C 2882 -17.28 -29.95 30.04
C ALA C 2882 -17.23 -30.60 28.66
N SER C 2883 -16.21 -30.28 27.88
CA SER C 2883 -16.24 -30.66 26.48
C SER C 2883 -16.08 -32.14 26.28
N LEU C 2884 -16.04 -32.92 27.35
CA LEU C 2884 -15.89 -34.36 27.29
C LEU C 2884 -14.62 -34.76 26.57
N GLN C 2885 -13.84 -33.78 26.14
CA GLN C 2885 -12.55 -34.02 25.55
C GLN C 2885 -11.47 -33.70 26.58
N GLN C 2886 -11.24 -34.65 27.47
CA GLN C 2886 -10.25 -34.45 28.51
C GLN C 2886 -8.81 -34.56 28.03
N PRO C 2887 -8.41 -35.61 27.34
CA PRO C 2887 -6.99 -35.88 27.19
C PRO C 2887 -6.18 -34.74 26.64
N VAL C 2888 -6.72 -33.98 25.71
CA VAL C 2888 -5.92 -32.89 25.18
C VAL C 2888 -5.62 -31.91 26.29
N GLY C 2889 -6.56 -31.70 27.18
CA GLY C 2889 -6.31 -30.84 28.31
C GLY C 2889 -5.25 -31.41 29.22
N ILE C 2890 -5.31 -32.72 29.45
CA ILE C 2890 -4.26 -33.31 30.25
C ILE C 2890 -2.90 -32.98 29.66
N ARG C 2891 -2.76 -33.09 28.36
CA ARG C 2891 -1.45 -32.78 27.83
C ARG C 2891 -1.13 -31.31 27.92
N LEU C 2892 -2.11 -30.44 27.76
CA LEU C 2892 -1.81 -29.02 27.89
C LEU C 2892 -1.18 -28.75 29.23
N LEU C 2893 -1.91 -29.04 30.28
CA LEU C 2893 -1.38 -28.73 31.59
C LEU C 2893 -0.12 -29.52 31.87
N GLU C 2894 0.02 -30.68 31.26
CA GLU C 2894 1.23 -31.46 31.41
C GLU C 2894 2.44 -30.69 30.91
N GLU C 2895 2.38 -30.24 29.67
CA GLU C 2895 3.51 -29.49 29.14
C GLU C 2895 3.70 -28.23 29.94
N ALA C 2896 2.61 -27.63 30.40
CA ALA C 2896 2.75 -26.44 31.21
C ALA C 2896 3.64 -26.74 32.39
N LEU C 2897 3.31 -27.78 33.13
CA LEU C 2897 4.06 -28.10 34.32
C LEU C 2897 5.53 -28.30 33.97
N LEU C 2898 5.81 -29.16 33.02
CA LEU C 2898 7.22 -29.50 32.85
C LEU C 2898 7.99 -28.32 32.34
N ARG C 2899 7.39 -27.49 31.50
CA ARG C 2899 8.19 -26.50 30.79
C ARG C 2899 8.36 -25.24 31.60
N LEU C 2900 7.26 -24.68 32.11
CA LEU C 2900 7.40 -23.40 32.79
C LEU C 2900 8.21 -23.51 34.06
N LEU C 2901 8.45 -24.74 34.55
CA LEU C 2901 9.27 -24.98 35.71
C LEU C 2901 10.28 -26.05 35.35
N PRO C 2902 11.34 -25.70 34.62
CA PRO C 2902 12.37 -26.64 34.18
C PRO C 2902 13.11 -27.29 35.35
N ARG C 2915 10.58 -17.72 41.10
CA ARG C 2915 10.62 -19.18 41.15
C ARG C 2915 9.69 -19.71 42.24
N LEU C 2916 8.48 -20.11 41.86
CA LEU C 2916 7.53 -20.68 42.79
C LEU C 2916 7.54 -22.19 42.65
N PRO C 2917 8.04 -22.94 43.63
CA PRO C 2917 8.14 -24.38 43.50
C PRO C 2917 6.79 -25.05 43.30
N PRO C 2918 5.79 -24.80 44.16
CA PRO C 2918 4.60 -25.66 44.12
C PRO C 2918 3.81 -25.56 42.82
N ASP C 2919 3.37 -24.36 42.47
CA ASP C 2919 2.43 -24.14 41.36
C ASP C 2919 1.18 -24.98 41.53
N VAL C 2920 0.46 -24.70 42.61
CA VAL C 2920 -0.67 -25.54 42.96
C VAL C 2920 -1.80 -25.36 41.96
N LEU C 2921 -2.01 -24.14 41.49
CA LEU C 2921 -3.16 -23.87 40.64
C LEU C 2921 -3.13 -24.73 39.40
N ARG C 2922 -1.97 -25.24 39.03
CA ARG C 2922 -1.96 -26.12 37.89
C ARG C 2922 -2.12 -27.57 38.27
N TRP C 2923 -1.34 -28.04 39.24
CA TRP C 2923 -1.43 -29.44 39.57
C TRP C 2923 -2.84 -29.81 39.97
N VAL C 2924 -3.50 -28.96 40.73
CA VAL C 2924 -4.79 -29.39 41.23
C VAL C 2924 -5.76 -29.53 40.09
N GLU C 2925 -5.67 -28.66 39.09
CA GLU C 2925 -6.65 -28.79 38.03
C GLU C 2925 -6.31 -29.98 37.16
N LEU C 2926 -5.04 -30.32 37.09
CA LEU C 2926 -4.72 -31.60 36.47
C LEU C 2926 -5.36 -32.73 37.23
N ALA C 2927 -5.41 -32.60 38.54
CA ALA C 2927 -6.05 -33.66 39.31
C ALA C 2927 -7.50 -33.76 38.93
N LYS C 2928 -8.14 -32.61 38.77
CA LYS C 2928 -9.53 -32.62 38.37
C LYS C 2928 -9.69 -33.33 37.05
N LEU C 2929 -8.79 -33.07 36.13
CA LEU C 2929 -8.91 -33.71 34.83
C LEU C 2929 -8.79 -35.21 34.95
N TYR C 2930 -7.73 -35.68 35.59
CA TYR C 2930 -7.56 -37.11 35.65
C TYR C 2930 -8.69 -37.77 36.41
N ARG C 2931 -9.29 -37.06 37.34
CA ARG C 2931 -10.45 -37.63 37.97
C ARG C 2931 -11.58 -37.77 36.98
N SER C 2932 -11.78 -36.78 36.13
CA SER C 2932 -12.77 -36.95 35.08
C SER C 2932 -12.51 -38.24 34.33
N ILE C 2933 -11.32 -38.37 33.76
CA ILE C 2933 -11.09 -39.51 32.88
C ILE C 2933 -11.12 -40.80 33.68
N GLY C 2934 -11.40 -40.71 34.97
CA GLY C 2934 -11.65 -41.89 35.76
C GLY C 2934 -10.42 -42.67 36.12
N GLU C 2935 -9.24 -42.20 35.75
CA GLU C 2935 -8.02 -42.93 36.06
C GLU C 2935 -7.57 -42.55 37.46
N TYR C 2936 -8.29 -43.06 38.45
CA TYR C 2936 -7.89 -42.81 39.83
C TYR C 2936 -6.51 -43.33 40.13
N ASP C 2937 -5.96 -44.19 39.29
CA ASP C 2937 -4.64 -44.71 39.59
C ASP C 2937 -3.60 -43.61 39.55
N VAL C 2938 -3.60 -42.82 38.49
CA VAL C 2938 -2.56 -41.81 38.37
C VAL C 2938 -2.71 -40.77 39.45
N LEU C 2939 -3.93 -40.54 39.91
CA LEU C 2939 -4.10 -39.56 40.96
C LEU C 2939 -3.19 -39.86 42.13
N ARG C 2940 -3.01 -41.12 42.46
CA ARG C 2940 -2.25 -41.45 43.66
C ARG C 2940 -0.86 -40.87 43.58
N GLY C 2941 -0.39 -40.60 42.38
CA GLY C 2941 0.91 -39.95 42.26
C GLY C 2941 0.88 -38.50 42.67
N ILE C 2942 -0.10 -37.74 42.19
CA ILE C 2942 0.00 -36.29 42.30
C ILE C 2942 0.11 -35.88 43.75
N PHE C 2943 -0.73 -36.44 44.59
CA PHE C 2943 -0.85 -35.87 45.91
C PHE C 2943 0.23 -36.33 46.87
N THR C 2944 0.81 -37.51 46.67
CA THR C 2944 1.97 -37.91 47.46
C THR C 2944 3.24 -37.38 46.81
N SER C 2945 3.39 -36.06 46.87
CA SER C 2945 4.61 -35.45 46.39
C SER C 2945 5.10 -34.35 47.32
N GLU C 2946 4.45 -34.15 48.46
CA GLU C 2946 4.76 -33.05 49.35
C GLU C 2946 4.73 -31.72 48.61
N ILE C 2947 3.85 -31.63 47.62
CA ILE C 2947 3.70 -30.39 46.85
C ILE C 2947 2.34 -29.80 47.21
N GLY C 2948 2.35 -28.95 48.23
CA GLY C 2948 1.22 -28.12 48.55
C GLY C 2948 0.07 -28.85 49.19
N THR C 2949 -0.45 -29.86 48.51
CA THR C 2949 -1.69 -30.47 48.92
C THR C 2949 -1.53 -31.13 50.28
N LYS C 2950 -2.64 -31.24 51.00
CA LYS C 2950 -2.63 -31.77 52.36
C LYS C 2950 -3.07 -33.22 52.36
N GLN C 2951 -2.52 -33.98 53.29
CA GLN C 2951 -2.70 -35.43 53.25
C GLN C 2951 -4.14 -35.85 53.44
N ILE C 2952 -4.99 -34.95 53.93
CA ILE C 2952 -6.40 -35.27 53.98
C ILE C 2952 -6.91 -35.58 52.60
N THR C 2953 -6.43 -34.84 51.61
CA THR C 2953 -6.83 -35.13 50.26
C THR C 2953 -6.31 -36.47 49.83
N GLN C 2954 -5.10 -36.81 50.25
CA GLN C 2954 -4.52 -38.08 49.87
C GLN C 2954 -5.42 -39.21 50.33
N SER C 2955 -5.77 -39.19 51.61
CA SER C 2955 -6.61 -40.25 52.16
C SER C 2955 -7.95 -40.27 51.49
N ALA C 2956 -8.49 -39.11 51.18
CA ALA C 2956 -9.75 -39.08 50.47
C ALA C 2956 -9.63 -39.79 49.14
N LEU C 2957 -8.54 -39.55 48.43
CA LEU C 2957 -8.40 -40.18 47.14
C LEU C 2957 -8.23 -41.67 47.27
N LEU C 2958 -7.41 -42.12 48.22
CA LEU C 2958 -7.26 -43.57 48.39
C LEU C 2958 -8.59 -44.21 48.65
N ALA C 2959 -9.39 -43.62 49.52
CA ALA C 2959 -10.71 -44.17 49.76
C ALA C 2959 -11.48 -44.19 48.47
N GLU C 2960 -11.53 -43.07 47.77
CA GLU C 2960 -12.50 -43.00 46.69
C GLU C 2960 -12.05 -43.77 45.48
N ALA C 2961 -10.80 -44.18 45.43
CA ALA C 2961 -10.38 -45.10 44.40
C ALA C 2961 -11.10 -46.43 44.56
N ARG C 2962 -11.22 -46.88 45.77
CA ARG C 2962 -11.95 -48.11 46.01
C ARG C 2962 -13.43 -47.90 46.01
N SER C 2963 -13.90 -46.80 45.47
CA SER C 2963 -15.32 -46.54 45.34
C SER C 2963 -16.03 -46.53 46.69
N ASP C 2964 -15.29 -46.45 47.78
CA ASP C 2964 -15.90 -46.32 49.10
C ASP C 2964 -16.40 -44.89 49.27
N TYR C 2965 -17.32 -44.53 48.39
CA TYR C 2965 -17.71 -43.14 48.25
C TYR C 2965 -18.24 -42.56 49.55
N SER C 2966 -18.81 -43.39 50.41
CA SER C 2966 -19.29 -42.86 51.67
C SER C 2966 -18.15 -42.32 52.50
N GLU C 2967 -17.10 -43.12 52.67
CA GLU C 2967 -15.96 -42.66 53.45
C GLU C 2967 -15.33 -41.46 52.79
N ALA C 2968 -15.35 -41.43 51.46
CA ALA C 2968 -14.81 -40.28 50.77
C ALA C 2968 -15.59 -39.04 51.13
N ALA C 2969 -16.90 -39.14 51.15
CA ALA C 2969 -17.70 -37.97 51.46
C ALA C 2969 -17.38 -37.49 52.85
N LYS C 2970 -17.28 -38.42 53.80
CA LYS C 2970 -17.03 -38.00 55.16
C LYS C 2970 -15.71 -37.26 55.25
N GLN C 2971 -14.66 -37.81 54.64
CA GLN C 2971 -13.39 -37.13 54.64
C GLN C 2971 -13.52 -35.74 54.06
N TYR C 2972 -14.14 -35.63 52.90
CA TYR C 2972 -14.16 -34.35 52.25
C TYR C 2972 -14.91 -33.32 53.06
N ASP C 2973 -16.06 -33.72 53.60
CA ASP C 2973 -16.86 -32.79 54.38
C ASP C 2973 -16.06 -32.30 55.56
N GLU C 2974 -15.34 -33.19 56.23
CA GLU C 2974 -14.52 -32.71 57.32
C GLU C 2974 -13.42 -31.82 56.77
N ALA C 2975 -13.03 -32.03 55.53
CA ALA C 2975 -11.91 -31.25 55.00
C ALA C 2975 -12.32 -29.80 54.79
N LEU C 2976 -13.39 -29.60 54.06
CA LEU C 2976 -13.79 -28.24 53.69
C LEU C 2976 -14.13 -27.40 54.90
N ASN C 2977 -14.40 -28.02 56.04
CA ASN C 2977 -14.83 -27.28 57.21
C ASN C 2977 -13.77 -27.24 58.31
N LYS C 2978 -12.50 -27.33 57.94
CA LYS C 2978 -11.43 -27.18 58.91
C LYS C 2978 -11.31 -25.71 59.30
N GLN C 2979 -11.32 -25.45 60.59
CA GLN C 2979 -11.28 -24.06 61.05
C GLN C 2979 -9.92 -23.45 60.82
N ASP C 2980 -8.88 -24.02 61.43
CA ASP C 2980 -7.55 -23.47 61.34
C ASP C 2980 -6.57 -24.56 60.96
N TRP C 2981 -5.66 -24.23 60.05
CA TRP C 2981 -4.74 -25.19 59.50
C TRP C 2981 -3.36 -25.02 60.11
N VAL C 2982 -2.61 -26.11 60.09
CA VAL C 2982 -1.16 -26.01 60.25
C VAL C 2982 -0.54 -25.88 58.89
N ASP C 2983 0.40 -24.95 58.76
CA ASP C 2983 1.11 -24.72 57.51
C ASP C 2983 0.16 -24.26 56.41
N GLY C 2984 -0.53 -23.16 56.66
CA GLY C 2984 -1.15 -22.42 55.59
C GLY C 2984 -2.45 -23.00 55.06
N GLU C 2985 -3.41 -22.14 54.82
CA GLU C 2985 -4.71 -22.57 54.38
C GLU C 2985 -4.61 -23.15 52.97
N PRO C 2986 -5.51 -24.06 52.61
CA PRO C 2986 -5.44 -24.64 51.29
C PRO C 2986 -5.59 -23.58 50.22
N THR C 2987 -4.84 -23.74 49.14
CA THR C 2987 -4.87 -22.75 48.10
C THR C 2987 -6.28 -22.60 47.58
N GLU C 2988 -6.54 -21.42 46.98
CA GLU C 2988 -7.87 -21.12 46.43
C GLU C 2988 -8.34 -22.30 45.62
N ALA C 2989 -7.40 -23.05 45.05
CA ALA C 2989 -7.80 -24.06 44.09
C ALA C 2989 -8.03 -25.39 44.75
N GLU C 2990 -7.30 -25.69 45.82
CA GLU C 2990 -7.52 -26.96 46.49
C GLU C 2990 -8.92 -27.02 47.04
N LYS C 2991 -9.43 -25.88 47.50
CA LYS C 2991 -10.80 -25.82 47.94
C LYS C 2991 -11.72 -26.14 46.78
N ASP C 2992 -11.40 -25.62 45.60
CA ASP C 2992 -12.26 -25.91 44.46
C ASP C 2992 -12.31 -27.40 44.18
N PHE C 2993 -11.15 -28.03 44.16
CA PHE C 2993 -11.13 -29.44 43.86
C PHE C 2993 -11.87 -30.20 44.92
N TRP C 2994 -11.70 -29.80 46.17
CA TRP C 2994 -12.39 -30.47 47.24
C TRP C 2994 -13.88 -30.40 47.03
N GLU C 2995 -14.38 -29.23 46.68
CA GLU C 2995 -15.81 -29.10 46.51
C GLU C 2995 -16.30 -29.95 45.36
N LEU C 2996 -15.58 -29.93 44.24
CA LEU C 2996 -16.07 -30.67 43.10
C LEU C 2996 -16.07 -32.14 43.40
N ALA C 2997 -15.05 -32.61 44.08
CA ALA C 2997 -15.03 -34.00 44.45
C ALA C 2997 -16.14 -34.31 45.43
N SER C 2998 -16.46 -33.37 46.29
CA SER C 2998 -17.56 -33.64 47.21
C SER C 2998 -18.84 -33.82 46.44
N LEU C 2999 -19.12 -32.89 45.55
CA LEU C 2999 -20.37 -32.95 44.84
C LEU C 2999 -20.46 -34.24 44.04
N ASP C 3000 -19.37 -34.58 43.35
CA ASP C 3000 -19.40 -35.81 42.58
C ASP C 3000 -19.53 -37.02 43.47
N CYS C 3001 -18.82 -37.02 44.59
CA CYS C 3001 -18.85 -38.18 45.47
C CYS C 3001 -20.25 -38.40 45.99
N TYR C 3002 -20.95 -37.33 46.29
CA TYR C 3002 -22.35 -37.49 46.62
C TYR C 3002 -23.10 -38.03 45.42
N ASN C 3003 -22.76 -37.56 44.23
CA ASN C 3003 -23.53 -37.97 43.07
C ASN C 3003 -23.50 -39.46 42.89
N HIS C 3004 -22.33 -40.05 43.06
CA HIS C 3004 -22.25 -41.50 43.03
C HIS C 3004 -23.13 -42.14 44.08
N LEU C 3005 -23.76 -41.37 44.92
CA LEU C 3005 -24.58 -41.93 45.97
C LEU C 3005 -26.01 -41.50 45.77
N ALA C 3006 -26.88 -42.07 46.58
CA ALA C 3006 -28.29 -41.79 46.48
C ALA C 3006 -28.77 -40.83 47.55
N GLU C 3007 -27.88 -40.00 48.09
CA GLU C 3007 -28.26 -39.08 49.15
C GLU C 3007 -28.61 -37.73 48.55
N TRP C 3008 -29.60 -37.72 47.67
CA TRP C 3008 -29.61 -36.61 46.75
C TRP C 3008 -30.05 -35.33 47.43
N LYS C 3009 -30.77 -35.45 48.54
CA LYS C 3009 -31.05 -34.28 49.34
C LYS C 3009 -29.75 -33.64 49.78
N SER C 3010 -28.81 -34.47 50.23
CA SER C 3010 -27.49 -33.95 50.53
C SER C 3010 -26.88 -33.34 49.28
N LEU C 3011 -27.13 -33.95 48.13
CA LEU C 3011 -26.58 -33.39 46.91
C LEU C 3011 -27.08 -31.98 46.71
N GLU C 3012 -28.38 -31.79 46.80
CA GLU C 3012 -28.94 -30.47 46.57
C GLU C 3012 -28.39 -29.49 47.57
N TYR C 3013 -28.31 -29.89 48.82
CA TYR C 3013 -27.83 -28.97 49.83
C TYR C 3013 -26.42 -28.53 49.50
N CYS C 3014 -25.57 -29.48 49.11
CA CYS C 3014 -24.22 -29.11 48.76
C CYS C 3014 -24.22 -28.22 47.54
N SER C 3015 -25.09 -28.51 46.60
CA SER C 3015 -25.03 -27.81 45.33
C SER C 3015 -25.53 -26.40 45.45
N THR C 3016 -26.32 -26.12 46.46
CA THR C 3016 -26.90 -24.80 46.58
C THR C 3016 -26.24 -23.97 47.64
N ALA C 3017 -25.59 -24.59 48.63
CA ALA C 3017 -25.13 -23.82 49.78
C ALA C 3017 -24.20 -22.69 49.36
N SER C 3018 -23.23 -22.99 48.54
CA SER C 3018 -22.20 -21.99 48.31
C SER C 3018 -22.67 -20.85 47.43
N ILE C 3019 -23.86 -20.91 46.86
CA ILE C 3019 -24.20 -19.90 45.90
C ILE C 3019 -24.42 -18.54 46.54
N ASP C 3020 -25.04 -18.47 47.72
CA ASP C 3020 -25.50 -17.19 48.23
C ASP C 3020 -25.39 -17.16 49.75
N SER C 3021 -25.94 -16.10 50.34
CA SER C 3021 -25.77 -15.82 51.76
C SER C 3021 -26.93 -16.33 52.59
N GLU C 3022 -28.14 -15.85 52.31
CA GLU C 3022 -29.29 -16.18 53.13
C GLU C 3022 -29.60 -17.67 53.05
N ASN C 3023 -30.23 -18.19 54.10
CA ASN C 3023 -30.50 -19.63 54.16
C ASN C 3023 -31.38 -20.13 53.03
N PRO C 3024 -32.53 -19.53 52.72
CA PRO C 3024 -33.29 -20.01 51.58
C PRO C 3024 -32.64 -19.52 50.31
N PRO C 3025 -32.00 -20.41 49.57
CA PRO C 3025 -30.98 -19.97 48.62
C PRO C 3025 -31.59 -19.27 47.43
N ASP C 3026 -30.94 -18.18 47.03
CA ASP C 3026 -31.38 -17.47 45.84
C ASP C 3026 -30.78 -18.21 44.66
N LEU C 3027 -31.53 -19.18 44.14
CA LEU C 3027 -30.99 -19.97 43.07
C LEU C 3027 -30.59 -19.12 41.88
N ASN C 3028 -31.19 -17.96 41.73
CA ASN C 3028 -30.93 -17.21 40.53
C ASN C 3028 -29.48 -16.79 40.44
N LYS C 3029 -28.78 -16.75 41.56
CA LYS C 3029 -27.41 -16.26 41.52
C LYS C 3029 -26.52 -17.15 40.69
N ILE C 3030 -26.94 -18.38 40.41
CA ILE C 3030 -26.04 -19.34 39.80
C ILE C 3030 -25.54 -18.83 38.48
N TRP C 3031 -26.25 -17.92 37.85
CA TRP C 3031 -25.82 -17.55 36.52
C TRP C 3031 -25.01 -16.28 36.57
N SER C 3032 -24.43 -15.98 37.73
CA SER C 3032 -23.66 -14.76 37.93
C SER C 3032 -22.22 -14.91 37.46
N GLU C 3033 -21.42 -15.69 38.18
CA GLU C 3033 -20.03 -15.74 37.75
C GLU C 3033 -19.58 -17.15 37.46
N PRO C 3034 -18.64 -17.32 36.54
CA PRO C 3034 -18.53 -18.58 35.80
C PRO C 3034 -18.21 -19.79 36.61
N PHE C 3035 -17.48 -19.67 37.70
CA PHE C 3035 -17.12 -20.88 38.41
C PHE C 3035 -18.35 -21.68 38.78
N TYR C 3036 -19.35 -21.01 39.33
CA TYR C 3036 -20.59 -21.71 39.58
C TYR C 3036 -21.15 -22.27 38.31
N GLN C 3037 -21.17 -21.47 37.25
CA GLN C 3037 -21.85 -21.86 36.02
C GLN C 3037 -21.33 -23.17 35.52
N GLU C 3038 -20.08 -23.50 35.81
CA GLU C 3038 -19.52 -24.72 35.27
C GLU C 3038 -19.37 -25.82 36.30
N THR C 3039 -19.17 -25.49 37.55
CA THR C 3039 -18.91 -26.52 38.55
C THR C 3039 -20.12 -26.85 39.39
N TYR C 3040 -20.91 -25.86 39.76
CA TYR C 3040 -22.02 -26.11 40.64
C TYR C 3040 -23.31 -26.40 39.91
N LEU C 3041 -23.53 -25.74 38.78
CA LEU C 3041 -24.79 -25.93 38.06
C LEU C 3041 -25.14 -27.38 37.80
N PRO C 3042 -24.37 -28.14 37.03
CA PRO C 3042 -24.92 -29.39 36.51
C PRO C 3042 -25.42 -30.25 37.62
N TYR C 3043 -24.73 -30.25 38.73
CA TYR C 3043 -25.25 -31.01 39.84
C TYR C 3043 -26.46 -30.35 40.43
N MET C 3044 -26.52 -29.02 40.42
CA MET C 3044 -27.72 -28.38 40.95
C MET C 3044 -28.93 -28.88 40.18
N ILE C 3045 -28.82 -28.85 38.86
CA ILE C 3045 -29.99 -29.17 38.07
C ILE C 3045 -30.29 -30.64 38.19
N ARG C 3046 -29.27 -31.49 38.21
CA ARG C 3046 -29.53 -32.91 38.29
C ARG C 3046 -30.17 -33.26 39.61
N SER C 3047 -29.67 -32.65 40.68
CA SER C 3047 -30.28 -32.84 41.97
C SER C 3047 -31.73 -32.48 41.91
N LYS C 3048 -32.02 -31.21 41.70
CA LYS C 3048 -33.40 -30.78 41.73
C LYS C 3048 -34.28 -31.64 40.83
N LEU C 3049 -33.81 -31.99 39.64
CA LEU C 3049 -34.60 -32.90 38.83
C LEU C 3049 -34.98 -34.14 39.58
N LYS C 3050 -34.03 -34.81 40.18
CA LYS C 3050 -34.48 -36.08 40.70
C LYS C 3050 -35.25 -35.90 41.98
N LEU C 3051 -34.85 -34.93 42.79
CA LEU C 3051 -35.64 -34.67 43.98
C LEU C 3051 -37.09 -34.47 43.61
N LEU C 3052 -37.33 -33.92 42.41
CA LEU C 3052 -38.68 -33.90 41.89
C LEU C 3052 -39.12 -35.30 41.50
N LEU C 3053 -38.42 -35.90 40.56
CA LEU C 3053 -38.98 -37.04 39.88
C LEU C 3053 -39.12 -38.22 40.82
N GLN C 3054 -38.36 -38.25 41.89
CA GLN C 3054 -38.61 -39.24 42.92
C GLN C 3054 -39.77 -38.72 43.75
N GLY C 3055 -40.82 -39.52 43.87
CA GLY C 3055 -41.88 -39.17 44.78
C GLY C 3055 -42.46 -37.81 44.46
N GLU C 3056 -42.20 -36.85 45.34
CA GLU C 3056 -42.73 -35.51 45.17
C GLU C 3056 -41.82 -34.54 45.91
N ALA C 3057 -41.98 -33.26 45.59
CA ALA C 3057 -41.19 -32.22 46.22
C ALA C 3057 -41.85 -30.87 45.92
N ASP C 3058 -41.11 -29.81 46.17
CA ASP C 3058 -41.58 -28.45 45.97
C ASP C 3058 -41.50 -28.09 44.50
N GLN C 3059 -41.50 -26.79 44.21
CA GLN C 3059 -41.43 -26.30 42.86
C GLN C 3059 -40.26 -25.36 42.64
N SER C 3060 -39.12 -25.61 43.29
CA SER C 3060 -37.99 -24.71 43.09
C SER C 3060 -37.51 -24.73 41.66
N LEU C 3061 -37.32 -25.92 41.10
CA LEU C 3061 -36.67 -26.00 39.81
C LEU C 3061 -37.50 -25.42 38.70
N LEU C 3062 -38.82 -25.61 38.74
CA LEU C 3062 -39.63 -25.02 37.69
C LEU C 3062 -39.46 -23.52 37.70
N THR C 3063 -39.48 -22.93 38.89
CA THR C 3063 -39.23 -21.51 38.99
C THR C 3063 -37.88 -21.16 38.43
N PHE C 3064 -36.85 -21.89 38.83
CA PHE C 3064 -35.51 -21.58 38.38
C PHE C 3064 -35.41 -21.60 36.88
N ILE C 3065 -35.82 -22.70 36.27
CA ILE C 3065 -35.60 -22.83 34.84
C ILE C 3065 -36.48 -21.85 34.09
N ASP C 3066 -37.70 -21.62 34.55
CA ASP C 3066 -38.51 -20.65 33.84
C ASP C 3066 -37.87 -19.28 33.90
N LYS C 3067 -37.42 -18.86 35.08
CA LYS C 3067 -36.77 -17.56 35.15
C LYS C 3067 -35.54 -17.56 34.27
N ALA C 3068 -34.88 -18.68 34.17
CA ALA C 3068 -33.67 -18.69 33.38
C ALA C 3068 -34.00 -18.57 31.92
N MET C 3069 -35.15 -19.02 31.53
CA MET C 3069 -35.16 -19.23 30.12
C MET C 3069 -35.51 -17.97 29.37
N HIS C 3070 -35.28 -16.83 30.02
CA HIS C 3070 -35.48 -15.54 29.37
C HIS C 3070 -34.24 -15.08 28.63
N GLY C 3071 -33.15 -14.85 29.36
CA GLY C 3071 -31.98 -14.23 28.76
C GLY C 3071 -31.32 -15.14 27.73
N GLU C 3072 -30.61 -14.50 26.79
CA GLU C 3072 -30.16 -15.23 25.62
C GLU C 3072 -29.10 -16.27 25.99
N LEU C 3073 -27.92 -15.82 26.38
CA LEU C 3073 -26.87 -16.76 26.77
C LEU C 3073 -27.39 -17.66 27.87
N GLN C 3074 -28.18 -17.07 28.74
CA GLN C 3074 -28.90 -17.80 29.76
C GLN C 3074 -29.61 -18.99 29.10
N LYS C 3075 -30.37 -18.72 28.04
CA LYS C 3075 -31.16 -19.78 27.43
C LYS C 3075 -30.29 -20.80 26.75
N ALA C 3076 -29.25 -20.32 26.09
CA ALA C 3076 -28.45 -21.20 25.27
C ALA C 3076 -27.80 -22.28 26.11
N ILE C 3077 -27.33 -21.92 27.30
CA ILE C 3077 -26.67 -22.92 28.13
C ILE C 3077 -27.61 -24.09 28.37
N LEU C 3078 -28.81 -23.79 28.82
CA LEU C 3078 -29.71 -24.88 29.13
C LEU C 3078 -30.11 -25.63 27.87
N GLU C 3079 -30.38 -24.94 26.79
CA GLU C 3079 -30.91 -25.66 25.66
C GLU C 3079 -29.86 -26.52 24.98
N LEU C 3080 -28.60 -26.13 25.03
CA LEU C 3080 -27.58 -26.88 24.33
C LEU C 3080 -26.96 -27.95 25.19
N HIS C 3081 -26.84 -27.73 26.48
CA HIS C 3081 -26.19 -28.76 27.25
C HIS C 3081 -27.16 -29.72 27.89
N TYR C 3082 -28.17 -29.20 28.56
CA TYR C 3082 -28.89 -29.99 29.54
C TYR C 3082 -30.27 -30.37 29.03
N SER C 3083 -30.37 -30.75 27.78
CA SER C 3083 -31.67 -31.10 27.25
C SER C 3083 -32.25 -32.28 27.99
N GLN C 3084 -31.46 -33.31 28.19
CA GLN C 3084 -32.01 -34.53 28.74
C GLN C 3084 -32.61 -34.29 30.10
N GLU C 3085 -32.24 -33.20 30.75
CA GLU C 3085 -32.81 -32.95 32.05
C GLU C 3085 -34.01 -32.05 31.98
N LEU C 3086 -33.96 -31.03 31.14
CA LEU C 3086 -35.13 -30.19 31.00
C LEU C 3086 -36.29 -31.01 30.48
N SER C 3087 -35.98 -32.06 29.75
CA SER C 3087 -37.05 -32.89 29.22
C SER C 3087 -37.85 -33.52 30.34
N LEU C 3088 -37.16 -34.17 31.27
CA LEU C 3088 -37.88 -34.77 32.37
C LEU C 3088 -38.58 -33.71 33.19
N LEU C 3089 -37.89 -32.59 33.45
CA LEU C 3089 -38.52 -31.56 34.25
C LEU C 3089 -39.85 -31.18 33.67
N TYR C 3090 -39.85 -30.89 32.38
CA TYR C 3090 -41.08 -30.43 31.77
C TYR C 3090 -42.10 -31.54 31.74
N LEU C 3091 -41.66 -32.78 31.57
CA LEU C 3091 -42.60 -33.87 31.52
C LEU C 3091 -43.32 -34.02 32.84
N LEU C 3092 -42.66 -33.72 33.95
CA LEU C 3092 -43.34 -33.77 35.23
C LEU C 3092 -44.58 -32.90 35.24
N GLN C 3093 -44.57 -31.82 34.47
CA GLN C 3093 -45.71 -30.92 34.42
C GLN C 3093 -46.75 -31.37 33.41
N ASP C 3094 -46.59 -32.52 32.80
CA ASP C 3094 -47.57 -33.05 31.87
C ASP C 3094 -47.77 -32.15 30.66
N ASP C 3095 -46.70 -31.51 30.20
CA ASP C 3095 -46.75 -30.72 28.97
C ASP C 3095 -45.99 -31.46 27.89
N VAL C 3096 -46.66 -32.43 27.29
CA VAL C 3096 -45.94 -33.36 26.43
C VAL C 3096 -45.29 -32.64 25.27
N ASP C 3097 -45.85 -31.53 24.83
CA ASP C 3097 -45.32 -30.93 23.63
C ASP C 3097 -43.91 -30.39 23.87
N ARG C 3098 -43.71 -29.66 24.96
CA ARG C 3098 -42.37 -29.19 25.21
C ARG C 3098 -41.45 -30.36 25.45
N ALA C 3099 -41.99 -31.46 25.95
CA ALA C 3099 -41.16 -32.64 26.11
C ALA C 3099 -40.62 -33.07 24.77
N LYS C 3100 -41.49 -33.13 23.76
CA LYS C 3100 -41.01 -33.54 22.46
C LYS C 3100 -39.95 -32.59 21.96
N TYR C 3101 -40.17 -31.30 22.11
CA TYR C 3101 -39.21 -30.39 21.51
C TYR C 3101 -37.86 -30.56 22.15
N TYR C 3102 -37.84 -30.61 23.47
CA TYR C 3102 -36.56 -30.73 24.13
C TYR C 3102 -35.89 -32.05 23.83
N ILE C 3103 -36.64 -33.15 23.80
CA ILE C 3103 -35.93 -34.40 23.62
C ILE C 3103 -35.45 -34.53 22.20
N GLN C 3104 -36.19 -34.00 21.23
CA GLN C 3104 -35.66 -33.97 19.87
C GLN C 3104 -34.39 -33.14 19.83
N ASN C 3105 -34.38 -32.02 20.54
CA ASN C 3105 -33.17 -31.23 20.58
C ASN C 3105 -32.06 -32.02 21.19
N GLY C 3106 -32.36 -32.84 22.17
CA GLY C 3106 -31.32 -33.63 22.80
C GLY C 3106 -30.74 -34.64 21.85
N ILE C 3107 -31.58 -35.27 21.05
CA ILE C 3107 -31.07 -36.24 20.11
C ILE C 3107 -30.18 -35.56 19.09
N GLN C 3108 -30.62 -34.43 18.58
CA GLN C 3108 -29.77 -33.70 17.65
C GLN C 3108 -28.47 -33.27 18.32
N SER C 3109 -28.56 -32.84 19.57
CA SER C 3109 -27.38 -32.39 20.26
C SER C 3109 -26.40 -33.52 20.45
N PHE C 3110 -26.91 -34.69 20.78
CA PHE C 3110 -26.02 -35.83 20.91
C PHE C 3110 -25.34 -36.11 19.60
N MET C 3111 -26.07 -36.03 18.51
CA MET C 3111 -25.43 -36.31 17.25
C MET C 3111 -24.32 -35.31 16.98
N GLN C 3112 -24.59 -34.04 17.23
CA GLN C 3112 -23.62 -33.02 16.88
C GLN C 3112 -22.41 -33.12 17.77
N ASN C 3113 -22.58 -33.18 19.09
CA ASN C 3113 -21.47 -33.29 20.01
C ASN C 3113 -20.90 -34.71 20.03
N TYR C 3114 -21.35 -35.65 19.20
CA TYR C 3114 -20.67 -36.93 19.10
C TYR C 3114 -19.87 -37.02 17.82
N SER C 3115 -20.45 -36.65 16.70
CA SER C 3115 -19.67 -36.64 15.48
C SER C 3115 -18.46 -35.77 15.63
N SER C 3116 -18.53 -34.82 16.55
CA SER C 3116 -17.43 -33.90 16.73
C SER C 3116 -16.27 -34.57 17.44
N ILE C 3117 -16.55 -35.40 18.43
CA ILE C 3117 -15.48 -35.95 19.23
C ILE C 3117 -14.56 -36.75 18.34
N ASP C 3118 -13.27 -36.46 18.42
CA ASP C 3118 -12.33 -37.10 17.53
C ASP C 3118 -12.28 -38.59 17.77
N VAL C 3119 -11.93 -39.33 16.72
CA VAL C 3119 -12.22 -40.76 16.71
C VAL C 3119 -11.35 -41.50 17.71
N LEU C 3120 -10.16 -41.00 17.98
CA LEU C 3120 -9.28 -41.81 18.79
C LEU C 3120 -9.70 -41.85 20.24
N LEU C 3121 -10.42 -40.85 20.72
CA LEU C 3121 -10.71 -40.73 22.14
C LEU C 3121 -11.82 -41.69 22.54
N HIS C 3122 -11.46 -42.95 22.67
CA HIS C 3122 -12.49 -43.95 22.92
C HIS C 3122 -13.22 -43.68 24.23
N GLN C 3123 -12.48 -43.42 25.29
CA GLN C 3123 -13.14 -43.31 26.57
C GLN C 3123 -14.13 -42.15 26.56
N SER C 3124 -13.78 -41.09 25.86
CA SER C 3124 -14.70 -39.98 25.72
C SER C 3124 -15.97 -40.42 25.02
N ARG C 3125 -15.83 -41.04 23.86
CA ARG C 3125 -17.02 -41.44 23.12
C ARG C 3125 -17.85 -42.40 23.94
N LEU C 3126 -17.20 -43.19 24.78
CA LEU C 3126 -17.96 -44.12 25.57
C LEU C 3126 -18.81 -43.37 26.57
N THR C 3127 -18.22 -42.39 27.24
CA THR C 3127 -19.01 -41.60 28.15
C THR C 3127 -20.11 -40.87 27.42
N LYS C 3128 -19.94 -40.65 26.12
CA LYS C 3128 -21.08 -40.15 25.39
C LYS C 3128 -22.17 -41.18 25.30
N LEU C 3129 -21.88 -42.32 24.68
CA LEU C 3129 -22.97 -43.24 24.39
C LEU C 3129 -23.72 -43.59 25.63
N GLN C 3130 -23.07 -43.57 26.77
CA GLN C 3130 -23.80 -44.02 27.94
C GLN C 3130 -25.11 -43.29 28.16
N SER C 3131 -25.40 -42.25 27.38
CA SER C 3131 -26.59 -41.46 27.57
C SER C 3131 -27.67 -41.68 26.53
N VAL C 3132 -27.34 -42.36 25.43
CA VAL C 3132 -28.37 -42.56 24.43
C VAL C 3132 -29.49 -43.39 24.99
N GLN C 3133 -29.21 -44.24 25.97
CA GLN C 3133 -30.27 -44.99 26.62
C GLN C 3133 -31.23 -44.06 27.31
N ALA C 3134 -30.73 -43.10 28.06
CA ALA C 3134 -31.62 -42.13 28.67
C ALA C 3134 -32.48 -41.47 27.61
N LEU C 3135 -31.85 -40.94 26.58
CA LEU C 3135 -32.65 -40.22 25.59
C LEU C 3135 -33.70 -41.11 24.97
N THR C 3136 -33.32 -42.32 24.59
CA THR C 3136 -34.27 -43.15 23.89
C THR C 3136 -35.40 -43.54 24.82
N GLU C 3137 -35.10 -43.74 26.08
CA GLU C 3137 -36.16 -44.10 26.99
C GLU C 3137 -37.18 -42.98 27.08
N ILE C 3138 -36.70 -41.74 27.15
CA ILE C 3138 -37.64 -40.62 27.25
C ILE C 3138 -38.47 -40.56 25.99
N GLN C 3139 -37.82 -40.75 24.85
CA GLN C 3139 -38.53 -40.72 23.60
C GLN C 3139 -39.61 -41.78 23.57
N GLU C 3140 -39.31 -42.96 24.06
CA GLU C 3140 -40.29 -44.02 24.00
C GLU C 3140 -41.48 -43.72 24.87
N PHE C 3141 -41.25 -43.19 26.06
CA PHE C 3141 -42.40 -42.86 26.88
C PHE C 3141 -43.24 -41.78 26.26
N ILE C 3142 -42.62 -40.74 25.74
CA ILE C 3142 -43.42 -39.72 25.09
C ILE C 3142 -44.26 -40.35 24.00
N SER C 3143 -43.64 -41.18 23.17
CA SER C 3143 -44.37 -41.76 22.09
C SER C 3143 -45.35 -42.81 22.57
N PHE C 3144 -45.30 -43.18 23.83
CA PHE C 3144 -46.25 -44.17 24.33
C PHE C 3144 -47.46 -43.52 24.94
N ILE C 3145 -47.34 -42.29 25.39
CA ILE C 3145 -48.46 -41.57 25.97
C ILE C 3145 -49.00 -40.66 24.88
N SER C 3146 -48.74 -41.02 23.65
CA SER C 3146 -49.24 -40.26 22.52
C SER C 3146 -50.27 -41.01 21.71
N LYS C 3147 -50.34 -42.32 21.80
CA LYS C 3147 -51.31 -43.11 21.06
C LYS C 3147 -52.33 -43.65 22.06
N GLN C 3148 -53.47 -42.97 22.15
CA GLN C 3148 -54.51 -43.39 23.08
C GLN C 3148 -54.97 -44.81 22.77
N GLY C 3149 -54.84 -45.22 21.51
CA GLY C 3149 -55.10 -46.61 21.20
C GLY C 3149 -54.20 -47.55 21.95
N ASN C 3150 -52.96 -47.13 22.19
CA ASN C 3150 -52.08 -47.84 23.10
C ASN C 3150 -52.28 -47.44 24.54
N LEU C 3151 -53.19 -46.51 24.81
CA LEU C 3151 -53.43 -46.13 26.19
C LEU C 3151 -54.53 -46.98 26.80
N SER C 3152 -55.67 -47.08 26.11
CA SER C 3152 -56.88 -47.66 26.69
C SER C 3152 -56.84 -49.18 26.79
N SER C 3153 -56.06 -49.83 25.95
CA SER C 3153 -55.99 -51.28 25.97
C SER C 3153 -55.14 -51.73 27.16
N GLN C 3154 -54.64 -52.96 27.09
CA GLN C 3154 -53.72 -53.47 28.09
C GLN C 3154 -52.55 -54.21 27.50
N VAL C 3155 -52.66 -54.70 26.27
CA VAL C 3155 -51.55 -55.46 25.67
C VAL C 3155 -50.27 -54.64 25.56
N PRO C 3156 -50.27 -53.40 25.07
CA PRO C 3156 -48.99 -52.76 24.86
C PRO C 3156 -48.35 -52.23 26.11
N LEU C 3157 -49.09 -52.07 27.20
CA LEU C 3157 -48.41 -51.88 28.47
C LEU C 3157 -47.57 -53.10 28.79
N LYS C 3158 -48.13 -54.29 28.58
CA LYS C 3158 -47.30 -55.47 28.77
C LYS C 3158 -46.13 -55.46 27.82
N ARG C 3159 -46.35 -55.00 26.60
CA ARG C 3159 -45.26 -54.96 25.65
C ARG C 3159 -44.12 -54.12 26.17
N LEU C 3160 -44.43 -52.89 26.57
CA LEU C 3160 -43.39 -52.00 27.04
C LEU C 3160 -42.74 -52.54 28.29
N LEU C 3161 -43.52 -53.06 29.23
CA LEU C 3161 -42.90 -53.57 30.43
C LEU C 3161 -41.97 -54.71 30.12
N ASN C 3162 -42.37 -55.59 29.22
CA ASN C 3162 -41.48 -56.68 28.89
C ASN C 3162 -40.20 -56.17 28.28
N THR C 3163 -40.30 -55.19 27.39
CA THR C 3163 -39.10 -54.70 26.75
C THR C 3163 -38.16 -54.07 27.75
N TRP C 3164 -38.65 -53.16 28.57
CA TRP C 3164 -37.76 -52.53 29.54
C TRP C 3164 -37.20 -53.55 30.49
N THR C 3165 -37.95 -54.61 30.77
CA THR C 3165 -37.46 -55.61 31.68
C THR C 3165 -36.18 -56.21 31.20
N ASN C 3166 -36.00 -56.31 29.89
CA ASN C 3166 -34.79 -56.93 29.40
C ASN C 3166 -34.05 -56.02 28.46
N ARG C 3167 -33.82 -54.79 28.87
CA ARG C 3167 -32.85 -53.92 28.23
C ARG C 3167 -32.21 -53.14 29.34
N TYR C 3168 -30.91 -53.22 29.47
CA TYR C 3168 -30.25 -52.62 30.61
C TYR C 3168 -28.94 -52.03 30.14
N PRO C 3169 -28.37 -51.11 30.89
CA PRO C 3169 -27.04 -50.60 30.54
C PRO C 3169 -26.00 -51.67 30.78
N ASP C 3170 -24.79 -51.40 30.32
CA ASP C 3170 -23.71 -52.37 30.49
C ASP C 3170 -23.36 -52.50 31.96
N ALA C 3171 -23.17 -53.73 32.41
CA ALA C 3171 -23.04 -53.95 33.83
C ALA C 3171 -21.69 -53.51 34.34
N LYS C 3172 -20.64 -54.09 33.83
CA LYS C 3172 -19.35 -53.90 34.44
C LYS C 3172 -18.67 -52.62 34.01
N MET C 3173 -19.19 -51.95 33.00
CA MET C 3173 -18.53 -50.78 32.45
C MET C 3173 -19.22 -49.47 32.78
N ASP C 3174 -20.54 -49.40 32.64
CA ASP C 3174 -21.24 -48.13 32.73
C ASP C 3174 -21.34 -47.68 34.18
N PRO C 3175 -20.91 -46.47 34.49
CA PRO C 3175 -20.89 -46.04 35.88
C PRO C 3175 -22.27 -45.93 36.45
N MET C 3176 -22.35 -45.99 37.77
CA MET C 3176 -23.65 -46.06 38.41
C MET C 3176 -24.39 -44.75 38.31
N ASN C 3177 -23.70 -43.67 37.96
CA ASN C 3177 -24.38 -42.41 37.76
C ASN C 3177 -25.28 -42.42 36.56
N ILE C 3178 -25.21 -43.42 35.71
CA ILE C 3178 -26.17 -43.52 34.63
C ILE C 3178 -27.14 -44.62 34.99
N TRP C 3179 -26.68 -45.59 35.76
CA TRP C 3179 -27.58 -46.66 36.11
C TRP C 3179 -28.72 -46.12 36.94
N ASP C 3180 -28.42 -45.22 37.86
CA ASP C 3180 -29.50 -44.63 38.63
C ASP C 3180 -30.38 -43.82 37.72
N ASP C 3181 -29.81 -43.22 36.69
CA ASP C 3181 -30.63 -42.42 35.81
C ASP C 3181 -31.68 -43.28 35.16
N ILE C 3182 -31.28 -44.44 34.67
CA ILE C 3182 -32.27 -45.28 34.01
C ILE C 3182 -33.26 -45.83 35.01
N ILE C 3183 -32.79 -46.28 36.18
CA ILE C 3183 -33.71 -46.83 37.16
C ILE C 3183 -34.76 -45.80 37.54
N THR C 3184 -34.35 -44.58 37.90
CA THR C 3184 -35.31 -43.61 38.38
C THR C 3184 -36.19 -43.12 37.26
N ASN C 3185 -35.63 -42.87 36.09
CA ASN C 3185 -36.47 -42.50 34.99
C ASN C 3185 -37.57 -43.52 34.79
N ARG C 3186 -37.20 -44.77 34.59
CA ARG C 3186 -38.22 -45.79 34.42
C ARG C 3186 -39.19 -45.79 35.57
N CYS C 3187 -38.73 -45.56 36.79
CA CYS C 3187 -39.66 -45.57 37.90
C CYS C 3187 -40.71 -44.50 37.71
N PHE C 3188 -40.28 -43.29 37.39
CA PHE C 3188 -41.25 -42.21 37.24
C PHE C 3188 -42.16 -42.49 36.08
N PHE C 3189 -41.62 -43.05 35.01
CA PHE C 3189 -42.48 -43.23 33.85
C PHE C 3189 -43.55 -44.27 34.14
N LEU C 3190 -43.19 -45.32 34.86
CA LEU C 3190 -44.22 -46.25 35.25
C LEU C 3190 -45.24 -45.60 36.14
N SER C 3191 -44.81 -44.73 37.04
CA SER C 3191 -45.79 -44.06 37.88
C SER C 3191 -46.79 -43.32 37.03
N LYS C 3192 -46.31 -42.63 36.02
CA LYS C 3192 -47.19 -41.85 35.18
C LYS C 3192 -48.11 -42.75 34.37
N ILE C 3193 -47.60 -43.86 33.86
CA ILE C 3193 -48.46 -44.74 33.07
C ILE C 3193 -49.52 -45.36 33.93
N GLU C 3194 -49.16 -45.79 35.13
CA GLU C 3194 -50.16 -46.28 36.07
C GLU C 3194 -51.23 -45.23 36.29
N GLU C 3195 -50.82 -43.98 36.47
CA GLU C 3195 -51.81 -42.93 36.66
C GLU C 3195 -52.75 -42.81 35.48
N LYS C 3196 -52.23 -42.93 34.26
CA LYS C 3196 -53.11 -42.91 33.10
C LYS C 3196 -54.11 -44.04 33.16
N LEU C 3197 -53.64 -45.25 33.41
CA LEU C 3197 -54.50 -46.42 33.32
C LEU C 3197 -55.17 -46.75 34.63
N THR C 3198 -55.51 -45.74 35.41
CA THR C 3198 -56.19 -45.97 36.69
C THR C 3198 -57.55 -46.63 36.52
N PRO C 3199 -58.45 -46.17 35.62
CA PRO C 3199 -59.73 -46.88 35.55
C PRO C 3199 -59.74 -47.96 34.48
N ILE C 3227 -52.69 -55.43 36.98
CA ILE C 3227 -51.93 -54.31 36.43
C ILE C 3227 -50.86 -53.93 37.40
N SER C 3228 -51.26 -53.17 38.41
CA SER C 3228 -50.34 -52.75 39.45
C SER C 3228 -49.53 -53.92 39.95
N SER C 3229 -50.09 -55.12 39.85
CA SER C 3229 -49.27 -56.31 40.02
C SER C 3229 -48.11 -56.31 39.04
N LEU C 3230 -48.39 -56.10 37.76
CA LEU C 3230 -47.32 -56.18 36.77
C LEU C 3230 -46.31 -55.09 36.98
N ILE C 3231 -46.78 -53.87 37.26
CA ILE C 3231 -45.85 -52.78 37.47
C ILE C 3231 -44.98 -53.06 38.68
N ARG C 3232 -45.58 -53.54 39.75
CA ARG C 3232 -44.75 -53.89 40.90
C ARG C 3232 -43.74 -54.94 40.52
N SER C 3233 -44.14 -55.89 39.68
CA SER C 3233 -43.21 -56.94 39.31
C SER C 3233 -41.98 -56.35 38.63
N CYS C 3234 -42.21 -55.46 37.69
CA CYS C 3234 -41.09 -54.84 37.00
C CYS C 3234 -40.24 -54.07 37.99
N LYS C 3235 -40.87 -53.38 38.92
CA LYS C 3235 -40.11 -52.56 39.84
C LYS C 3235 -39.19 -53.42 40.69
N PHE C 3236 -39.72 -54.47 41.29
CA PHE C 3236 -38.87 -55.46 41.93
C PHE C 3236 -37.70 -55.75 41.03
N SER C 3237 -38.00 -56.35 39.89
CA SER C 3237 -36.95 -56.99 39.13
C SER C 3237 -35.87 -55.99 38.80
N MET C 3238 -36.29 -54.81 38.42
CA MET C 3238 -35.37 -53.89 37.80
C MET C 3238 -34.51 -53.25 38.85
N LYS C 3239 -35.09 -52.92 40.00
CA LYS C 3239 -34.25 -52.41 41.06
C LYS C 3239 -33.29 -53.49 41.53
N MET C 3240 -33.74 -54.73 41.57
CA MET C 3240 -32.84 -55.81 41.98
C MET C 3240 -31.66 -55.88 41.04
N LYS C 3241 -31.90 -55.75 39.76
CA LYS C 3241 -30.79 -55.76 38.81
C LYS C 3241 -29.86 -54.61 39.10
N MET C 3242 -30.40 -53.47 39.50
CA MET C 3242 -29.50 -52.39 39.86
C MET C 3242 -28.64 -52.75 41.04
N ILE C 3243 -29.20 -53.37 42.07
CA ILE C 3243 -28.34 -53.80 43.16
C ILE C 3243 -27.27 -54.75 42.67
N ASP C 3244 -27.65 -55.71 41.87
CA ASP C 3244 -26.65 -56.66 41.41
C ASP C 3244 -25.53 -55.91 40.71
N SER C 3245 -25.90 -54.96 39.89
CA SER C 3245 -24.90 -54.17 39.21
C SER C 3245 -23.99 -53.50 40.22
N ALA C 3246 -24.56 -52.75 41.14
CA ALA C 3246 -23.74 -52.01 42.08
C ALA C 3246 -22.80 -52.93 42.82
N ARG C 3247 -23.27 -54.15 43.07
CA ARG C 3247 -22.39 -55.14 43.68
C ARG C 3247 -21.18 -55.36 42.82
N LYS C 3248 -21.38 -55.45 41.51
CA LYS C 3248 -20.22 -55.69 40.67
C LYS C 3248 -19.24 -54.53 40.75
N GLN C 3249 -19.72 -53.31 40.63
CA GLN C 3249 -18.83 -52.17 40.48
C GLN C 3249 -18.09 -51.80 41.73
N ASN C 3250 -18.17 -52.62 42.76
CA ASN C 3250 -17.59 -52.24 44.03
C ASN C 3250 -18.11 -50.91 44.53
N ASN C 3251 -19.32 -50.52 44.14
CA ASN C 3251 -19.97 -49.34 44.70
C ASN C 3251 -20.91 -49.81 45.79
N PHE C 3252 -20.35 -50.03 46.97
CA PHE C 3252 -21.09 -50.78 47.98
C PHE C 3252 -22.16 -49.95 48.64
N SER C 3253 -21.84 -48.73 49.05
CA SER C 3253 -22.79 -47.99 49.85
C SER C 3253 -24.11 -47.82 49.12
N LEU C 3254 -24.03 -47.61 47.81
CA LEU C 3254 -25.26 -47.55 47.03
C LEU C 3254 -26.02 -48.84 47.17
N ALA C 3255 -25.31 -49.95 47.20
CA ALA C 3255 -25.98 -51.22 47.35
C ALA C 3255 -26.63 -51.33 48.71
N MET C 3256 -25.94 -50.88 49.76
CA MET C 3256 -26.56 -50.86 51.06
C MET C 3256 -27.89 -50.16 50.97
N LYS C 3257 -27.87 -48.98 50.37
CA LYS C 3257 -29.06 -48.15 50.44
C LYS C 3257 -30.19 -48.76 49.65
N LEU C 3258 -29.88 -49.35 48.52
CA LEU C 3258 -30.96 -49.93 47.74
C LEU C 3258 -31.51 -51.17 48.39
N LEU C 3259 -30.67 -52.02 48.97
CA LEU C 3259 -31.23 -53.13 49.73
C LEU C 3259 -32.17 -52.62 50.81
N LYS C 3260 -31.74 -51.61 51.56
CA LYS C 3260 -32.58 -51.17 52.66
C LYS C 3260 -33.85 -50.53 52.15
N GLU C 3261 -33.80 -49.92 50.99
CA GLU C 3261 -34.98 -49.31 50.44
C GLU C 3261 -35.91 -50.34 49.83
N LEU C 3262 -35.42 -51.50 49.45
CA LEU C 3262 -36.27 -52.48 48.80
C LEU C 3262 -36.60 -53.70 49.66
N HIS C 3263 -36.12 -53.76 50.90
CA HIS C 3263 -36.55 -54.87 51.73
C HIS C 3263 -38.04 -54.84 52.01
N LYS C 3264 -38.58 -53.69 52.39
CA LYS C 3264 -40.00 -53.61 52.76
C LYS C 3264 -40.90 -54.30 51.75
N GLU C 3265 -40.42 -54.52 50.54
CA GLU C 3265 -41.11 -55.29 49.55
C GLU C 3265 -40.80 -56.76 49.63
N SER C 3266 -40.02 -57.18 50.63
CA SER C 3266 -39.75 -58.60 50.77
C SER C 3266 -40.98 -59.36 51.22
N LYS C 3267 -41.80 -58.75 52.05
CA LYS C 3267 -42.92 -59.45 52.64
C LYS C 3267 -43.83 -60.08 51.59
N THR C 3268 -43.79 -59.60 50.37
CA THR C 3268 -44.69 -60.10 49.35
C THR C 3268 -44.20 -61.46 48.90
N ARG C 3269 -44.88 -62.02 47.90
CA ARG C 3269 -44.74 -63.43 47.60
C ARG C 3269 -43.32 -63.82 47.27
N ASP C 3270 -43.10 -65.07 47.68
CA ASP C 3270 -41.86 -65.71 48.10
C ASP C 3270 -40.64 -65.60 47.19
N ASP C 3271 -40.81 -65.53 45.87
CA ASP C 3271 -39.66 -65.46 44.98
C ASP C 3271 -38.87 -64.18 45.23
N TRP C 3272 -39.56 -63.06 45.36
CA TRP C 3272 -38.86 -61.86 45.75
C TRP C 3272 -38.29 -61.93 47.15
N LEU C 3273 -38.91 -62.66 48.07
CA LEU C 3273 -38.31 -62.78 49.39
C LEU C 3273 -36.95 -63.47 49.30
N VAL C 3274 -36.92 -64.61 48.63
CA VAL C 3274 -35.67 -65.33 48.53
C VAL C 3274 -34.67 -64.55 47.71
N SER C 3275 -35.13 -63.84 46.68
CA SER C 3275 -34.19 -63.06 45.90
C SER C 3275 -33.55 -61.98 46.76
N TRP C 3276 -34.35 -61.28 47.54
CA TRP C 3276 -33.78 -60.22 48.36
C TRP C 3276 -32.76 -60.80 49.31
N VAL C 3277 -33.11 -61.90 49.96
CA VAL C 3277 -32.18 -62.43 50.95
C VAL C 3277 -30.93 -62.90 50.25
N GLN C 3278 -31.06 -63.50 49.08
CA GLN C 3278 -29.89 -63.94 48.36
C GLN C 3278 -29.01 -62.76 48.04
N SER C 3279 -29.59 -61.71 47.50
CA SER C 3279 -28.78 -60.59 47.08
C SER C 3279 -28.08 -59.99 48.26
N TYR C 3280 -28.79 -59.82 49.37
CA TYR C 3280 -28.14 -59.20 50.50
C TYR C 3280 -27.00 -60.03 51.01
N CYS C 3281 -27.18 -61.35 51.07
CA CYS C 3281 -26.08 -62.13 51.57
C CYS C 3281 -24.92 -62.10 50.58
N ARG C 3282 -25.23 -62.06 49.30
CA ARG C 3282 -24.18 -61.97 48.30
C ARG C 3282 -23.37 -60.71 48.54
N LEU C 3283 -24.06 -59.62 48.74
CA LEU C 3283 -23.38 -58.36 48.94
C LEU C 3283 -22.57 -58.38 50.22
N SER C 3284 -23.11 -59.00 51.25
CA SER C 3284 -22.36 -59.08 52.49
C SER C 3284 -21.07 -59.83 52.28
N HIS C 3285 -21.14 -60.95 51.58
CA HIS C 3285 -19.94 -61.70 51.30
C HIS C 3285 -18.93 -60.83 50.59
N CYS C 3286 -19.40 -60.13 49.56
CA CYS C 3286 -18.46 -59.35 48.77
C CYS C 3286 -17.86 -58.24 49.61
N ARG C 3287 -18.65 -57.62 50.47
CA ARG C 3287 -18.11 -56.60 51.35
C ARG C 3287 -17.05 -57.19 52.23
N SER C 3288 -17.28 -58.40 52.71
CA SER C 3288 -16.30 -59.01 53.59
C SER C 3288 -15.01 -59.23 52.85
N ARG C 3289 -15.10 -59.69 51.61
CA ARG C 3289 -13.88 -60.05 50.88
C ARG C 3289 -12.90 -58.92 50.91
N SER C 3290 -13.39 -57.70 50.70
CA SER C 3290 -12.52 -56.56 50.63
C SER C 3290 -11.75 -56.41 51.93
N GLN C 3291 -12.46 -56.09 52.99
CA GLN C 3291 -11.80 -55.55 54.16
C GLN C 3291 -12.31 -56.29 55.38
N GLY C 3292 -11.79 -55.89 56.53
CA GLY C 3292 -12.16 -56.54 57.76
C GLY C 3292 -11.46 -57.87 57.90
N CYS C 3293 -10.82 -58.09 59.04
CA CYS C 3293 -10.19 -59.35 59.33
C CYS C 3293 -10.77 -59.97 60.59
N SER C 3294 -10.88 -59.19 61.64
CA SER C 3294 -11.50 -59.68 62.86
C SER C 3294 -12.99 -59.34 62.79
N GLU C 3295 -13.30 -58.06 62.69
CA GLU C 3295 -14.69 -57.64 62.70
C GLU C 3295 -15.43 -58.16 61.50
N GLN C 3296 -14.71 -58.52 60.44
CA GLN C 3296 -15.38 -59.03 59.25
C GLN C 3296 -16.26 -60.21 59.59
N VAL C 3297 -15.93 -60.97 60.63
CA VAL C 3297 -16.78 -62.10 60.98
C VAL C 3297 -18.15 -61.60 61.35
N LEU C 3298 -18.20 -60.42 61.98
CA LEU C 3298 -19.49 -59.80 62.21
C LEU C 3298 -20.18 -59.50 60.89
N THR C 3299 -19.41 -59.03 59.90
CA THR C 3299 -20.00 -58.59 58.65
C THR C 3299 -20.70 -59.71 57.92
N VAL C 3300 -20.47 -60.95 58.30
CA VAL C 3300 -21.19 -62.03 57.67
C VAL C 3300 -21.92 -62.85 58.71
N LEU C 3301 -21.19 -63.37 59.69
CA LEU C 3301 -21.76 -64.40 60.55
C LEU C 3301 -22.95 -63.85 61.31
N LYS C 3302 -22.78 -62.69 61.94
CA LYS C 3302 -23.78 -62.21 62.90
C LYS C 3302 -25.14 -62.06 62.24
N THR C 3303 -25.16 -61.87 60.93
CA THR C 3303 -26.41 -61.79 60.20
C THR C 3303 -26.55 -62.88 59.15
N VAL C 3304 -25.54 -63.06 58.29
CA VAL C 3304 -25.78 -63.80 57.07
C VAL C 3304 -26.15 -65.24 57.38
N SER C 3305 -25.49 -65.83 58.37
CA SER C 3305 -25.87 -67.17 58.77
C SER C 3305 -27.34 -67.21 59.10
N LEU C 3306 -27.79 -66.30 59.95
CA LEU C 3306 -29.18 -66.30 60.38
C LEU C 3306 -30.12 -66.16 59.19
N LEU C 3307 -29.88 -65.16 58.35
CA LEU C 3307 -30.82 -64.88 57.28
C LEU C 3307 -30.98 -66.07 56.35
N ASP C 3308 -29.89 -66.75 56.06
CA ASP C 3308 -29.92 -67.73 54.99
C ASP C 3308 -30.74 -68.96 55.35
N GLU C 3309 -31.20 -69.09 56.58
CA GLU C 3309 -31.90 -70.29 57.01
C GLU C 3309 -33.15 -70.51 56.18
N ASN C 3310 -33.35 -71.76 55.74
CA ASN C 3310 -34.44 -72.11 54.83
C ASN C 3310 -35.79 -72.23 55.54
N ASN C 3311 -35.85 -71.87 56.83
CA ASN C 3311 -37.12 -71.93 57.53
C ASN C 3311 -38.16 -71.02 56.88
N VAL C 3312 -37.70 -70.00 56.15
CA VAL C 3312 -38.60 -69.06 55.53
C VAL C 3312 -38.98 -69.43 54.11
N SER C 3313 -38.36 -70.46 53.55
CA SER C 3313 -38.53 -70.73 52.14
C SER C 3313 -38.63 -72.23 51.86
N SER C 3314 -39.73 -72.63 51.25
CA SER C 3314 -39.84 -73.93 50.62
C SER C 3314 -39.63 -73.81 49.12
N TYR C 3315 -39.17 -72.65 48.65
CA TYR C 3315 -39.06 -72.41 47.22
C TYR C 3315 -38.14 -73.42 46.55
N LEU C 3316 -37.19 -73.97 47.28
CA LEU C 3316 -36.46 -75.10 46.74
C LEU C 3316 -37.42 -76.20 46.30
N SER C 3317 -38.51 -76.39 47.02
CA SER C 3317 -39.52 -77.34 46.56
C SER C 3317 -40.33 -76.78 45.40
N LYS C 3318 -40.22 -75.48 45.13
CA LYS C 3318 -40.88 -74.86 43.99
C LYS C 3318 -40.00 -74.80 42.76
N ASN C 3319 -38.68 -74.70 42.93
CA ASN C 3319 -37.77 -74.64 41.80
C ASN C 3319 -36.38 -75.07 42.26
N ILE C 3320 -35.49 -75.29 41.29
CA ILE C 3320 -34.17 -75.78 41.61
C ILE C 3320 -33.09 -74.70 41.52
N LEU C 3321 -33.23 -73.74 40.60
CA LEU C 3321 -32.22 -72.71 40.46
C LEU C 3321 -31.90 -72.10 41.81
N ALA C 3322 -32.92 -71.72 42.55
CA ALA C 3322 -32.68 -71.23 43.90
C ALA C 3322 -32.01 -72.31 44.72
N PHE C 3323 -32.46 -73.55 44.58
CA PHE C 3323 -31.89 -74.62 45.36
C PHE C 3323 -30.42 -74.81 45.04
N ARG C 3324 -29.92 -74.16 44.00
CA ARG C 3324 -28.48 -74.08 43.85
C ARG C 3324 -27.98 -72.78 44.47
N ASP C 3325 -28.59 -71.67 44.11
CA ASP C 3325 -28.00 -70.39 44.45
C ASP C 3325 -27.87 -70.23 45.95
N GLN C 3326 -28.95 -70.48 46.67
CA GLN C 3326 -28.91 -70.25 48.11
C GLN C 3326 -27.88 -71.13 48.79
N ASN C 3327 -27.73 -72.37 48.34
CA ASN C 3327 -26.77 -73.21 49.03
C ASN C 3327 -25.36 -72.73 48.78
N ILE C 3328 -25.03 -72.31 47.57
CA ILE C 3328 -23.67 -71.81 47.35
C ILE C 3328 -23.46 -70.57 48.15
N LEU C 3329 -24.52 -69.79 48.36
CA LEU C 3329 -24.36 -68.61 49.17
C LEU C 3329 -24.01 -68.99 50.59
N LEU C 3330 -24.71 -69.96 51.16
CA LEU C 3330 -24.42 -70.35 52.52
C LEU C 3330 -23.03 -70.93 52.60
N GLY C 3331 -22.63 -71.63 51.55
CA GLY C 3331 -21.30 -72.18 51.51
C GLY C 3331 -20.30 -71.07 51.68
N THR C 3332 -20.31 -70.12 50.75
CA THR C 3332 -19.32 -69.08 50.85
C THR C 3332 -19.47 -68.35 52.16
N THR C 3333 -20.68 -68.28 52.70
CA THR C 3333 -20.86 -67.67 54.01
C THR C 3333 -19.97 -68.34 55.02
N TYR C 3334 -20.07 -69.65 55.11
CA TYR C 3334 -19.25 -70.34 56.08
C TYR C 3334 -17.78 -70.21 55.73
N ARG C 3335 -17.49 -70.18 54.45
CA ARG C 3335 -16.10 -70.31 54.03
C ARG C 3335 -15.27 -69.15 54.54
N ILE C 3336 -15.71 -67.92 54.30
CA ILE C 3336 -14.93 -66.80 54.80
C ILE C 3336 -14.85 -66.87 56.32
N ILE C 3337 -15.95 -67.28 56.95
CA ILE C 3337 -15.92 -67.33 58.40
C ILE C 3337 -14.77 -68.20 58.84
N ALA C 3338 -14.70 -69.40 58.28
CA ALA C 3338 -13.66 -70.33 58.68
C ALA C 3338 -12.28 -69.82 58.28
N ASN C 3339 -12.20 -69.21 57.10
CA ASN C 3339 -10.90 -68.75 56.62
C ASN C 3339 -10.33 -67.73 57.58
N ALA C 3340 -11.13 -66.75 57.94
CA ALA C 3340 -10.62 -65.70 58.81
C ALA C 3340 -10.43 -66.21 60.22
N LEU C 3341 -11.32 -67.10 60.69
CA LEU C 3341 -11.11 -67.64 62.01
C LEU C 3341 -9.78 -68.35 62.08
N SER C 3342 -9.41 -69.06 61.02
CA SER C 3342 -8.10 -69.65 60.98
C SER C 3342 -7.03 -68.59 60.76
N SER C 3343 -7.42 -67.41 60.30
CA SER C 3343 -6.41 -66.43 59.89
C SER C 3343 -5.52 -66.04 61.05
N GLU C 3344 -6.07 -65.39 62.07
CA GLU C 3344 -5.33 -65.08 63.29
C GLU C 3344 -6.16 -65.52 64.49
N PRO C 3345 -6.29 -66.84 64.68
CA PRO C 3345 -7.19 -67.35 65.71
C PRO C 3345 -6.82 -66.90 67.09
N ALA C 3346 -5.59 -66.44 67.29
CA ALA C 3346 -5.14 -66.05 68.61
C ALA C 3346 -5.99 -64.92 69.20
N CYS C 3347 -6.62 -64.12 68.35
CA CYS C 3347 -7.38 -62.98 68.85
C CYS C 3347 -8.69 -62.79 68.09
N LEU C 3348 -9.50 -63.84 67.99
CA LEU C 3348 -10.82 -63.64 67.41
C LEU C 3348 -11.96 -63.92 68.37
N ALA C 3349 -12.09 -65.17 68.80
CA ALA C 3349 -13.22 -65.51 69.65
C ALA C 3349 -13.24 -64.64 70.89
N GLU C 3350 -12.07 -64.31 71.41
CA GLU C 3350 -11.98 -63.45 72.58
C GLU C 3350 -12.12 -61.97 72.25
N ILE C 3351 -11.97 -61.58 71.00
CA ILE C 3351 -12.13 -60.18 70.61
C ILE C 3351 -13.55 -59.87 70.19
N GLU C 3352 -14.19 -60.73 69.40
CA GLU C 3352 -15.64 -60.71 69.22
C GLU C 3352 -16.32 -61.40 70.41
N GLU C 3353 -15.98 -60.92 71.61
CA GLU C 3353 -15.97 -61.63 72.90
C GLU C 3353 -17.24 -62.36 73.31
N ASP C 3354 -18.41 -61.80 72.99
CA ASP C 3354 -19.69 -62.32 73.45
C ASP C 3354 -20.51 -62.90 72.31
N LYS C 3355 -21.33 -62.10 71.64
CA LYS C 3355 -22.51 -62.57 70.93
C LYS C 3355 -22.14 -63.39 69.72
N ALA C 3356 -21.20 -62.89 68.91
CA ALA C 3356 -20.73 -63.66 67.77
C ALA C 3356 -20.13 -64.98 68.24
N ARG C 3357 -19.32 -64.93 69.30
CA ARG C 3357 -18.74 -66.17 69.81
C ARG C 3357 -19.85 -67.10 70.27
N ARG C 3358 -20.85 -66.55 70.96
CA ARG C 3358 -21.96 -67.38 71.40
C ARG C 3358 -22.60 -68.07 70.21
N ILE C 3359 -22.72 -67.36 69.08
CA ILE C 3359 -23.25 -67.97 67.87
C ILE C 3359 -22.29 -68.99 67.29
N LEU C 3360 -20.99 -68.81 67.52
CA LEU C 3360 -20.00 -69.60 66.79
C LEU C 3360 -20.15 -71.08 67.09
N GLU C 3361 -20.16 -71.47 68.36
CA GLU C 3361 -20.20 -72.89 68.65
C GLU C 3361 -21.49 -73.52 68.17
N LEU C 3362 -22.61 -72.80 68.32
CA LEU C 3362 -23.86 -73.27 67.75
C LEU C 3362 -23.68 -73.51 66.26
N SER C 3363 -23.06 -72.57 65.57
CA SER C 3363 -22.70 -72.80 64.19
C SER C 3363 -21.69 -73.93 64.06
N GLY C 3364 -20.83 -74.10 65.06
CA GLY C 3364 -19.86 -75.17 64.99
C GLY C 3364 -20.52 -76.47 65.37
N SER C 3365 -19.87 -77.22 66.28
CA SER C 3365 -20.41 -78.45 66.81
C SER C 3365 -20.83 -78.25 68.26
N SER C 3366 -21.43 -79.29 68.84
CA SER C 3366 -21.92 -79.20 70.21
C SER C 3366 -20.77 -79.00 71.20
N SER C 3367 -19.66 -79.72 71.00
CA SER C 3367 -18.48 -79.55 71.85
C SER C 3367 -17.88 -78.17 71.61
N GLU C 3368 -17.64 -77.42 72.69
CA GLU C 3368 -17.15 -76.06 72.59
C GLU C 3368 -15.63 -75.99 72.62
N ASP C 3369 -14.96 -77.05 72.17
CA ASP C 3369 -13.50 -77.11 72.21
C ASP C 3369 -12.88 -75.92 71.50
N SER C 3370 -11.61 -75.66 71.81
CA SER C 3370 -10.96 -74.45 71.31
C SER C 3370 -10.56 -74.60 69.84
N GLU C 3371 -9.65 -75.53 69.56
CA GLU C 3371 -9.14 -75.63 68.21
C GLU C 3371 -10.16 -76.28 67.28
N LYS C 3372 -10.88 -77.28 67.77
CA LYS C 3372 -11.71 -78.10 66.91
C LYS C 3372 -12.88 -77.34 66.32
N VAL C 3373 -13.15 -76.13 66.81
CA VAL C 3373 -14.29 -75.38 66.30
C VAL C 3373 -14.12 -75.10 64.83
N ILE C 3374 -12.89 -74.83 64.40
CA ILE C 3374 -12.70 -74.53 62.98
C ILE C 3374 -13.09 -75.74 62.14
N ALA C 3375 -12.63 -76.92 62.53
CA ALA C 3375 -12.98 -78.10 61.75
C ALA C 3375 -14.47 -78.36 61.81
N GLY C 3376 -15.09 -78.08 62.95
CA GLY C 3376 -16.53 -78.21 63.03
C GLY C 3376 -17.20 -77.34 62.00
N LEU C 3377 -16.67 -76.15 61.78
CA LEU C 3377 -17.17 -75.32 60.69
C LEU C 3377 -16.98 -76.01 59.36
N TYR C 3378 -15.73 -76.34 59.05
CA TYR C 3378 -15.45 -76.81 57.69
C TYR C 3378 -16.24 -78.06 57.35
N GLN C 3379 -16.50 -78.91 58.34
CA GLN C 3379 -17.14 -80.19 58.02
C GLN C 3379 -18.52 -79.96 57.42
N ARG C 3380 -19.34 -79.19 58.13
CA ARG C 3380 -20.63 -78.82 57.57
C ARG C 3380 -20.45 -77.94 56.35
N ALA C 3381 -19.37 -77.18 56.29
CA ALA C 3381 -19.15 -76.38 55.10
C ALA C 3381 -19.09 -77.29 53.88
N PHE C 3382 -18.23 -78.29 53.95
CA PHE C 3382 -18.05 -79.18 52.83
C PHE C 3382 -19.32 -79.92 52.50
N GLN C 3383 -20.02 -80.40 53.52
CA GLN C 3383 -21.23 -81.15 53.23
C GLN C 3383 -22.23 -80.23 52.54
N HIS C 3384 -22.20 -78.95 52.90
CA HIS C 3384 -23.16 -78.04 52.30
C HIS C 3384 -22.79 -77.75 50.85
N LEU C 3385 -21.51 -77.53 50.59
CA LEU C 3385 -21.10 -77.37 49.21
C LEU C 3385 -21.41 -78.62 48.43
N SER C 3386 -21.31 -79.77 49.06
CA SER C 3386 -21.69 -80.98 48.38
C SER C 3386 -23.17 -80.93 48.04
N GLU C 3387 -23.97 -80.43 48.97
CA GLU C 3387 -25.37 -80.26 48.65
C GLU C 3387 -25.51 -79.37 47.44
N ALA C 3388 -24.63 -78.37 47.33
CA ALA C 3388 -24.69 -77.50 46.17
C ALA C 3388 -24.44 -78.29 44.91
N VAL C 3389 -23.44 -79.17 44.93
CA VAL C 3389 -23.14 -79.85 43.68
C VAL C 3389 -24.27 -80.81 43.32
N GLN C 3390 -24.75 -81.60 44.29
CA GLN C 3390 -25.89 -82.45 43.97
C GLN C 3390 -27.09 -81.63 43.53
N ALA C 3391 -27.17 -80.38 43.94
CA ALA C 3391 -28.16 -79.53 43.29
C ALA C 3391 -27.79 -79.30 41.84
N ALA C 3392 -26.50 -79.13 41.56
CA ALA C 3392 -26.11 -78.80 40.20
C ALA C 3392 -26.46 -79.93 39.24
N GLU C 3393 -26.20 -81.16 39.64
CA GLU C 3393 -26.41 -82.28 38.74
C GLU C 3393 -27.83 -82.34 38.22
N GLU C 3394 -28.74 -81.59 38.82
CA GLU C 3394 -30.10 -81.47 38.29
C GLU C 3394 -30.11 -80.35 37.27
N GLU C 3395 -30.63 -80.64 36.09
CA GLU C 3395 -30.71 -79.66 35.02
C GLU C 3395 -31.79 -78.63 35.32
N ALA C 3406 -24.69 -74.67 32.47
CA ALA C 3406 -23.41 -74.03 32.75
C ALA C 3406 -23.61 -72.81 33.63
N ALA C 3407 -24.86 -72.47 33.90
CA ALA C 3407 -25.19 -71.16 34.46
C ALA C 3407 -24.39 -70.87 35.73
N GLY C 3408 -24.40 -71.80 36.67
CA GLY C 3408 -23.51 -71.70 37.80
C GLY C 3408 -22.87 -73.05 38.08
N VAL C 3409 -23.31 -74.06 37.34
CA VAL C 3409 -22.84 -75.42 37.62
C VAL C 3409 -21.35 -75.50 37.39
N ILE C 3410 -20.85 -74.89 36.32
CA ILE C 3410 -19.42 -74.78 36.19
C ILE C 3410 -18.84 -74.05 37.38
N ASP C 3411 -19.52 -72.97 37.78
CA ASP C 3411 -19.01 -72.17 38.88
C ASP C 3411 -19.11 -72.92 40.19
N ALA C 3412 -20.23 -73.57 40.45
CA ALA C 3412 -20.33 -74.31 41.69
C ALA C 3412 -19.31 -75.42 41.75
N TYR C 3413 -19.12 -76.13 40.63
CA TYR C 3413 -18.09 -77.15 40.58
C TYR C 3413 -16.75 -76.56 40.92
N MET C 3414 -16.40 -75.47 40.25
CA MET C 3414 -15.14 -74.83 40.55
C MET C 3414 -15.09 -74.41 42.00
N THR C 3415 -16.23 -74.07 42.56
CA THR C 3415 -16.23 -73.58 43.92
C THR C 3415 -15.82 -74.67 44.89
N LEU C 3416 -16.46 -75.83 44.75
CA LEU C 3416 -16.07 -76.96 45.59
C LEU C 3416 -14.64 -77.30 45.33
N ALA C 3417 -14.22 -77.18 44.07
CA ALA C 3417 -12.83 -77.42 43.77
C ALA C 3417 -11.96 -76.54 44.63
N ASP C 3418 -12.27 -75.26 44.66
CA ASP C 3418 -11.38 -74.31 45.33
C ASP C 3418 -11.34 -74.59 46.81
N PHE C 3419 -12.49 -74.93 47.40
CA PHE C 3419 -12.49 -75.25 48.82
C PHE C 3419 -11.55 -76.41 49.08
N CYS C 3420 -11.66 -77.45 48.27
CA CYS C 3420 -10.76 -78.58 48.44
C CYS C 3420 -9.33 -78.12 48.26
N ASP C 3421 -9.07 -77.27 47.29
CA ASP C 3421 -7.70 -76.92 46.97
C ASP C 3421 -7.04 -76.24 48.16
N GLN C 3422 -7.71 -75.22 48.67
CA GLN C 3422 -7.15 -74.52 49.82
C GLN C 3422 -7.00 -75.47 50.99
N GLN C 3423 -7.95 -76.36 51.18
CA GLN C 3423 -7.85 -77.24 52.33
C GLN C 3423 -6.65 -78.17 52.20
N LEU C 3424 -6.45 -78.72 51.01
CA LEU C 3424 -5.29 -79.59 50.83
C LEU C 3424 -3.99 -78.83 51.05
N ARG C 3425 -3.91 -77.61 50.51
CA ARG C 3425 -2.70 -76.83 50.70
C ARG C 3425 -2.42 -76.66 52.17
N LYS C 3426 -3.44 -76.29 52.93
CA LYS C 3426 -3.26 -76.11 54.36
C LYS C 3426 -2.84 -77.42 55.00
N GLU C 3427 -3.38 -78.53 54.52
CA GLU C 3427 -3.10 -79.81 55.14
C GLU C 3427 -1.65 -80.20 54.95
N GLU C 3428 -1.11 -79.90 53.78
CA GLU C 3428 0.24 -80.36 53.50
C GLU C 3428 1.26 -79.69 54.41
N GLU C 3429 0.85 -78.68 55.15
CA GLU C 3429 1.78 -77.98 56.02
C GLU C 3429 1.73 -78.49 57.46
N ASN C 3430 0.95 -79.52 57.74
CA ASN C 3430 0.84 -80.07 59.09
C ASN C 3430 0.39 -81.52 58.98
N ALA C 3431 -0.05 -82.08 60.11
CA ALA C 3431 -0.52 -83.48 60.16
C ALA C 3431 -1.81 -83.51 60.98
N SER C 3432 -2.94 -83.65 60.29
CA SER C 3432 -4.26 -83.77 60.92
C SER C 3432 -4.84 -85.11 60.50
N VAL C 3433 -4.78 -86.11 61.39
CA VAL C 3433 -5.17 -87.47 61.03
C VAL C 3433 -6.66 -87.55 60.74
N ILE C 3434 -7.49 -86.97 61.62
CA ILE C 3434 -8.94 -87.06 61.45
C ILE C 3434 -9.40 -86.21 60.27
N ASP C 3435 -8.89 -84.98 60.16
CA ASP C 3435 -9.25 -84.14 59.03
C ASP C 3435 -8.80 -84.74 57.73
N SER C 3436 -7.63 -85.39 57.71
CA SER C 3436 -7.20 -86.09 56.51
C SER C 3436 -8.07 -87.31 56.24
N ALA C 3437 -8.51 -87.99 57.31
CA ALA C 3437 -9.35 -89.16 57.13
C ALA C 3437 -10.67 -88.78 56.48
N GLU C 3438 -11.26 -87.67 56.92
CA GLU C 3438 -12.44 -87.16 56.23
C GLU C 3438 -12.06 -86.46 54.93
N LEU C 3439 -10.79 -86.10 54.78
CA LEU C 3439 -10.31 -85.46 53.58
C LEU C 3439 -10.20 -86.46 52.45
N GLN C 3440 -10.00 -87.73 52.78
CA GLN C 3440 -9.74 -88.73 51.76
C GLN C 3440 -10.67 -88.57 50.58
N ALA C 3441 -11.87 -88.06 50.82
CA ALA C 3441 -12.74 -87.74 49.70
C ALA C 3441 -12.25 -86.54 48.92
N TYR C 3442 -11.67 -85.55 49.61
CA TYR C 3442 -11.43 -84.27 48.95
C TYR C 3442 -10.66 -84.43 47.66
N PRO C 3443 -9.52 -85.10 47.62
CA PRO C 3443 -8.81 -85.20 46.35
C PRO C 3443 -9.58 -86.00 45.34
N ALA C 3444 -10.24 -87.05 45.79
CA ALA C 3444 -11.01 -87.84 44.86
C ALA C 3444 -12.00 -86.96 44.13
N LEU C 3445 -12.70 -86.12 44.88
CA LEU C 3445 -13.66 -85.24 44.24
C LEU C 3445 -12.95 -84.22 43.39
N VAL C 3446 -11.79 -83.72 43.81
CA VAL C 3446 -11.22 -82.62 43.06
C VAL C 3446 -10.91 -83.17 41.70
N VAL C 3447 -10.29 -84.32 41.63
CA VAL C 3447 -10.03 -84.86 40.31
C VAL C 3447 -11.33 -85.18 39.61
N GLU C 3448 -12.11 -86.10 40.18
CA GLU C 3448 -13.25 -86.66 39.47
C GLU C 3448 -14.26 -85.59 39.14
N LYS C 3449 -14.18 -84.44 39.81
CA LYS C 3449 -15.22 -83.46 39.55
C LYS C 3449 -14.67 -82.26 38.81
N MET C 3450 -13.52 -81.74 39.21
CA MET C 3450 -12.99 -80.63 38.46
C MET C 3450 -12.74 -81.05 37.04
N LEU C 3451 -12.08 -82.18 36.86
CA LEU C 3451 -11.88 -82.63 35.50
C LEU C 3451 -13.21 -82.91 34.85
N LYS C 3452 -14.17 -83.41 35.62
CA LYS C 3452 -15.52 -83.54 35.10
C LYS C 3452 -15.95 -82.21 34.50
N ALA C 3453 -15.60 -81.12 35.16
CA ALA C 3453 -16.01 -79.82 34.69
C ALA C 3453 -15.17 -79.36 33.52
N LEU C 3454 -13.99 -79.95 33.33
CA LEU C 3454 -13.16 -79.48 32.26
C LEU C 3454 -13.81 -79.70 30.91
N LYS C 3455 -14.85 -80.54 30.83
CA LYS C 3455 -15.45 -80.80 29.53
C LYS C 3455 -15.97 -79.53 28.91
N LEU C 3456 -16.74 -78.77 29.68
CA LEU C 3456 -17.18 -77.49 29.16
C LEU C 3456 -15.96 -76.61 29.01
N ASN C 3457 -16.14 -75.45 28.36
CA ASN C 3457 -14.99 -74.61 28.05
C ASN C 3457 -14.15 -74.37 29.28
N SER C 3458 -14.77 -73.97 30.39
CA SER C 3458 -14.16 -73.99 31.70
C SER C 3458 -12.75 -73.43 31.69
N ASN C 3459 -12.56 -72.31 31.00
CA ASN C 3459 -11.24 -71.78 30.76
C ASN C 3459 -10.47 -71.63 32.05
N GLU C 3460 -11.14 -71.07 33.05
CA GLU C 3460 -10.50 -70.92 34.34
C GLU C 3460 -10.11 -72.26 34.92
N ALA C 3461 -10.93 -73.27 34.70
CA ALA C 3461 -10.53 -74.58 35.16
C ALA C 3461 -9.37 -75.12 34.33
N ARG C 3462 -9.49 -75.03 33.00
CA ARG C 3462 -8.49 -75.65 32.15
C ARG C 3462 -7.12 -75.11 32.45
N LEU C 3463 -7.06 -73.86 32.87
CA LEU C 3463 -5.77 -73.32 33.24
C LEU C 3463 -5.13 -74.15 34.33
N LYS C 3464 -5.88 -74.45 35.39
CA LYS C 3464 -5.22 -74.96 36.57
C LYS C 3464 -4.93 -76.44 36.48
N PHE C 3465 -4.86 -76.98 35.29
CA PHE C 3465 -4.69 -78.42 35.18
C PHE C 3465 -3.36 -78.93 35.74
N PRO C 3466 -2.29 -78.15 35.87
CA PRO C 3466 -1.12 -78.73 36.54
C PRO C 3466 -1.41 -79.05 37.98
N ARG C 3467 -2.29 -78.27 38.59
CA ARG C 3467 -2.69 -78.60 39.94
C ARG C 3467 -3.18 -80.02 39.99
N LEU C 3468 -3.86 -80.45 38.93
CA LEU C 3468 -4.23 -81.85 38.87
C LEU C 3468 -3.02 -82.72 39.07
N LEU C 3469 -2.10 -82.70 38.12
CA LEU C 3469 -1.00 -83.64 38.16
C LEU C 3469 -0.31 -83.59 39.50
N GLN C 3470 -0.20 -82.41 40.07
CA GLN C 3470 0.47 -82.39 41.35
C GLN C 3470 -0.36 -83.11 42.41
N ILE C 3471 -1.67 -82.88 42.40
CA ILE C 3471 -2.55 -83.58 43.33
C ILE C 3471 -2.36 -85.07 43.16
N ILE C 3472 -2.26 -85.48 41.91
CA ILE C 3472 -2.09 -86.88 41.60
C ILE C 3472 -0.87 -87.40 42.31
N GLU C 3473 0.23 -86.68 42.14
CA GLU C 3473 1.49 -87.17 42.66
C GLU C 3473 1.42 -87.25 44.17
N ARG C 3474 1.29 -86.10 44.83
CA ARG C 3474 1.44 -86.04 46.28
C ARG C 3474 0.49 -86.97 47.00
N TYR C 3475 -0.64 -87.28 46.39
CA TYR C 3475 -1.68 -88.10 47.01
C TYR C 3475 -1.92 -89.27 46.07
N PRO C 3476 -1.15 -90.34 46.23
CA PRO C 3476 -0.99 -91.29 45.12
C PRO C 3476 -2.05 -92.37 45.05
N GLU C 3477 -2.65 -92.74 46.18
CA GLU C 3477 -3.45 -93.95 46.20
C GLU C 3477 -4.63 -93.86 45.26
N GLU C 3478 -5.18 -92.67 45.06
CA GLU C 3478 -6.41 -92.50 44.31
C GLU C 3478 -6.19 -92.01 42.90
N THR C 3479 -5.02 -92.26 42.32
CA THR C 3479 -4.82 -91.91 40.93
C THR C 3479 -5.83 -92.61 40.04
N LEU C 3480 -6.15 -93.86 40.37
CA LEU C 3480 -6.95 -94.71 39.48
C LEU C 3480 -8.20 -94.00 39.02
N SER C 3481 -8.80 -93.22 39.91
CA SER C 3481 -9.97 -92.46 39.54
C SER C 3481 -9.69 -91.58 38.35
N LEU C 3482 -8.54 -90.91 38.34
CA LEU C 3482 -8.23 -90.01 37.25
C LEU C 3482 -8.39 -90.70 35.90
N MET C 3483 -7.58 -91.74 35.70
CA MET C 3483 -7.59 -92.40 34.42
C MET C 3483 -8.99 -92.90 34.14
N THR C 3484 -9.52 -93.68 35.09
CA THR C 3484 -10.74 -94.41 34.81
C THR C 3484 -11.94 -93.48 34.67
N LYS C 3485 -11.77 -92.21 35.02
CA LYS C 3485 -12.92 -91.34 35.04
C LYS C 3485 -12.85 -90.25 33.99
N GLU C 3486 -11.84 -89.44 34.02
CA GLU C 3486 -12.08 -88.29 33.15
C GLU C 3486 -11.09 -88.19 32.01
N ILE C 3487 -9.80 -88.34 32.26
CA ILE C 3487 -8.92 -88.55 31.12
C ILE C 3487 -9.48 -89.68 30.28
N SER C 3488 -10.30 -90.52 30.86
CA SER C 3488 -11.10 -91.42 30.05
C SER C 3488 -11.99 -90.68 29.07
N SER C 3489 -12.23 -89.37 29.23
CA SER C 3489 -13.22 -88.74 28.39
C SER C 3489 -12.86 -87.33 27.95
N VAL C 3490 -11.65 -86.88 28.19
CA VAL C 3490 -11.27 -85.51 27.89
C VAL C 3490 -11.36 -85.28 26.39
N PRO C 3491 -11.85 -84.15 25.95
CA PRO C 3491 -11.58 -83.74 24.58
C PRO C 3491 -10.13 -83.31 24.48
N CYS C 3492 -9.34 -84.04 23.70
CA CYS C 3492 -7.88 -83.94 23.79
C CYS C 3492 -7.36 -82.53 23.60
N TRP C 3493 -8.02 -81.71 22.80
CA TRP C 3493 -7.45 -80.39 22.65
C TRP C 3493 -7.43 -79.68 23.98
N GLN C 3494 -8.48 -79.81 24.75
CA GLN C 3494 -8.48 -79.11 26.02
C GLN C 3494 -7.30 -79.50 26.90
N PHE C 3495 -6.46 -80.41 26.44
CA PHE C 3495 -5.14 -80.59 27.00
C PHE C 3495 -4.03 -80.11 26.10
N ILE C 3496 -4.31 -79.93 24.80
CA ILE C 3496 -3.21 -79.52 23.94
C ILE C 3496 -2.55 -78.27 24.45
N SER C 3497 -3.30 -77.43 25.16
CA SER C 3497 -2.82 -76.11 25.53
C SER C 3497 -1.44 -76.21 26.12
N TRP C 3498 -1.28 -77.12 27.06
CA TRP C 3498 0.02 -77.37 27.61
C TRP C 3498 0.22 -78.87 27.73
N ILE C 3499 -0.04 -79.53 26.62
CA ILE C 3499 0.46 -80.87 26.37
C ILE C 3499 1.90 -81.02 26.77
N SER C 3500 2.66 -79.93 26.79
CA SER C 3500 4.09 -80.05 27.01
C SER C 3500 4.40 -80.59 28.40
N HIS C 3501 3.81 -80.01 29.42
CA HIS C 3501 4.15 -80.48 30.76
C HIS C 3501 3.89 -81.94 30.94
N MET C 3502 2.70 -82.42 30.59
CA MET C 3502 2.50 -83.82 30.89
C MET C 3502 3.22 -84.70 29.92
N VAL C 3503 3.46 -84.27 28.69
CA VAL C 3503 4.27 -85.16 27.88
C VAL C 3503 5.62 -85.27 28.52
N ALA C 3504 6.04 -84.25 29.23
CA ALA C 3504 7.24 -84.43 30.02
C ALA C 3504 7.01 -85.47 31.10
N LEU C 3505 5.96 -85.29 31.87
CA LEU C 3505 5.78 -86.12 33.05
C LEU C 3505 5.62 -87.57 32.63
N LEU C 3506 5.53 -87.78 31.32
CA LEU C 3506 5.21 -89.07 30.73
C LEU C 3506 6.19 -90.16 31.08
N ASP C 3507 7.19 -89.88 31.89
CA ASP C 3507 8.06 -90.97 32.26
C ASP C 3507 7.69 -91.59 33.59
N LYS C 3508 7.56 -90.78 34.64
CA LYS C 3508 7.50 -91.26 36.01
C LYS C 3508 6.23 -92.08 36.24
N ASP C 3509 6.15 -92.70 37.41
CA ASP C 3509 5.18 -93.76 37.65
C ASP C 3509 3.75 -93.35 37.35
N GLN C 3510 3.42 -92.09 37.57
CA GLN C 3510 2.04 -91.75 37.30
C GLN C 3510 1.71 -91.77 35.83
N ALA C 3511 2.72 -91.88 34.96
CA ALA C 3511 2.49 -91.78 33.52
C ALA C 3511 1.28 -92.58 33.11
N VAL C 3512 0.94 -93.61 33.86
CA VAL C 3512 -0.29 -94.36 33.66
C VAL C 3512 -1.41 -93.35 33.51
N ALA C 3513 -1.21 -92.15 34.07
CA ALA C 3513 -2.21 -91.11 33.94
C ALA C 3513 -2.38 -90.70 32.50
N VAL C 3514 -1.40 -89.99 31.95
CA VAL C 3514 -1.65 -89.29 30.71
C VAL C 3514 -1.72 -90.22 29.52
N GLN C 3515 -1.49 -91.51 29.77
CA GLN C 3515 -1.35 -92.51 28.72
C GLN C 3515 -2.37 -92.29 27.61
N HIS C 3516 -3.63 -92.43 27.98
CA HIS C 3516 -4.67 -92.48 26.98
C HIS C 3516 -4.84 -91.13 26.33
N SER C 3517 -4.63 -90.07 27.10
CA SER C 3517 -4.74 -88.73 26.55
C SER C 3517 -3.63 -88.45 25.56
N VAL C 3518 -2.39 -88.78 25.91
CA VAL C 3518 -1.33 -88.46 24.98
C VAL C 3518 -1.50 -89.29 23.74
N GLU C 3519 -1.97 -90.52 23.89
CA GLU C 3519 -2.25 -91.34 22.72
C GLU C 3519 -3.27 -90.66 21.82
N GLU C 3520 -4.40 -90.24 22.39
CA GLU C 3520 -5.43 -89.64 21.57
C GLU C 3520 -4.89 -88.43 20.84
N ILE C 3521 -4.28 -87.50 21.57
CA ILE C 3521 -3.84 -86.27 20.94
C ILE C 3521 -2.79 -86.58 19.89
N THR C 3522 -1.97 -87.60 20.14
CA THR C 3522 -1.04 -88.06 19.14
C THR C 3522 -1.76 -88.41 17.86
N ASP C 3523 -2.80 -89.22 17.98
CA ASP C 3523 -3.53 -89.63 16.79
C ASP C 3523 -4.18 -88.44 16.13
N ASN C 3524 -4.90 -87.63 16.91
CA ASN C 3524 -5.79 -86.66 16.32
C ASN C 3524 -5.02 -85.50 15.72
N TYR C 3525 -4.14 -84.89 16.49
CA TYR C 3525 -3.42 -83.69 16.10
C TYR C 3525 -1.95 -84.00 16.27
N PRO C 3526 -1.39 -84.82 15.40
CA PRO C 3526 -0.05 -85.34 15.66
C PRO C 3526 1.00 -84.27 15.73
N GLN C 3527 0.90 -83.24 14.90
CA GLN C 3527 2.02 -82.33 14.76
C GLN C 3527 2.27 -81.55 16.03
N ALA C 3528 1.30 -81.49 16.92
CA ALA C 3528 1.54 -80.82 18.18
C ALA C 3528 2.51 -81.60 19.03
N ILE C 3529 2.25 -82.87 19.23
CA ILE C 3529 3.05 -83.61 20.19
C ILE C 3529 4.49 -83.67 19.75
N VAL C 3530 4.75 -83.68 18.45
CA VAL C 3530 6.05 -84.14 18.01
C VAL C 3530 7.15 -83.28 18.59
N TYR C 3531 7.03 -81.98 18.46
CA TYR C 3531 8.15 -81.13 18.82
C TYR C 3531 8.51 -81.23 20.28
N PRO C 3532 7.59 -81.12 21.22
CA PRO C 3532 7.98 -81.38 22.60
C PRO C 3532 8.34 -82.81 22.85
N PHE C 3533 7.65 -83.73 22.17
CA PHE C 3533 7.90 -85.12 22.47
C PHE C 3533 9.30 -85.52 22.03
N ILE C 3534 9.75 -84.98 20.91
CA ILE C 3534 11.05 -85.44 20.44
C ILE C 3534 12.11 -85.15 21.47
N ILE C 3535 12.05 -83.97 22.10
CA ILE C 3535 13.06 -83.68 23.09
C ILE C 3535 12.83 -84.51 24.34
N SER C 3536 11.60 -84.54 24.82
CA SER C 3536 11.34 -85.31 26.03
C SER C 3536 11.72 -86.76 25.87
N SER C 3537 11.81 -87.22 24.62
CA SER C 3537 12.26 -88.58 24.38
C SER C 3537 13.68 -88.78 24.87
N GLU C 3538 14.50 -87.76 24.75
CA GLU C 3538 15.90 -87.90 25.13
C GLU C 3538 16.09 -88.10 26.63
N SER C 3539 15.08 -87.89 27.43
CA SER C 3539 15.23 -87.92 28.88
C SER C 3539 14.54 -89.13 29.50
N TYR C 3540 14.47 -90.22 28.77
CA TYR C 3540 13.87 -91.43 29.33
C TYR C 3540 14.62 -91.86 30.57
N SER C 3541 13.89 -92.37 31.55
CA SER C 3541 14.50 -92.89 32.77
C SER C 3541 13.78 -94.17 33.18
N PHE C 3542 13.50 -95.01 32.19
CA PHE C 3542 12.56 -96.11 32.35
C PHE C 3542 13.22 -97.23 33.14
N LYS C 3543 12.90 -97.31 34.43
CA LYS C 3543 13.41 -98.40 35.24
C LYS C 3543 12.83 -99.72 34.76
N ASP C 3544 13.45 -100.81 35.20
CA ASP C 3544 13.19 -102.12 34.63
C ASP C 3544 11.91 -102.77 35.13
N THR C 3545 11.28 -102.23 36.17
CA THR C 3545 10.12 -102.88 36.75
C THR C 3545 8.99 -102.95 35.74
N SER C 3546 8.05 -103.87 35.99
CA SER C 3546 7.00 -104.14 35.01
C SER C 3546 6.26 -102.87 34.62
N THR C 3547 5.94 -102.04 35.61
CA THR C 3547 5.37 -100.74 35.28
C THR C 3547 6.33 -99.95 34.41
N GLY C 3548 7.60 -99.94 34.79
CA GLY C 3548 8.58 -99.26 33.97
C GLY C 3548 8.63 -99.82 32.58
N HIS C 3549 8.55 -101.13 32.45
CA HIS C 3549 8.73 -101.72 31.13
C HIS C 3549 7.53 -101.43 30.24
N LYS C 3550 6.31 -101.61 30.76
CA LYS C 3550 5.15 -101.32 29.95
C LYS C 3550 5.10 -99.85 29.58
N ASN C 3551 5.48 -98.99 30.51
CA ASN C 3551 5.56 -97.58 30.17
C ASN C 3551 6.56 -97.38 29.04
N LYS C 3552 7.69 -98.07 29.12
CA LYS C 3552 8.69 -97.91 28.08
C LYS C 3552 8.10 -98.28 26.75
N GLU C 3553 7.40 -99.41 26.69
CA GLU C 3553 6.85 -99.88 25.42
C GLU C 3553 5.85 -98.88 24.88
N PHE C 3554 5.04 -98.32 25.76
CA PHE C 3554 4.04 -97.35 25.34
C PHE C 3554 4.72 -96.12 24.76
N VAL C 3555 5.76 -95.65 25.43
CA VAL C 3555 6.46 -94.49 24.89
C VAL C 3555 7.09 -94.87 23.56
N ALA C 3556 7.60 -96.08 23.47
CA ALA C 3556 8.28 -96.47 22.25
C ALA C 3556 7.30 -96.48 21.10
N ARG C 3557 6.12 -97.03 21.33
CA ARG C 3557 5.18 -97.09 20.24
C ARG C 3557 4.77 -95.70 19.84
N ILE C 3558 4.72 -94.77 20.79
CA ILE C 3558 4.48 -93.38 20.41
C ILE C 3558 5.59 -92.90 19.49
N LYS C 3559 6.83 -93.10 19.91
CA LYS C 3559 7.96 -92.61 19.14
C LYS C 3559 7.93 -93.14 17.73
N SER C 3560 7.60 -94.42 17.59
CA SER C 3560 7.43 -95.01 16.27
C SER C 3560 6.33 -94.30 15.53
N LYS C 3561 5.15 -94.23 16.14
CA LYS C 3561 3.96 -93.85 15.41
C LYS C 3561 4.09 -92.45 14.86
N LEU C 3562 4.54 -91.53 15.69
CA LEU C 3562 4.55 -90.18 15.17
C LEU C 3562 5.76 -89.95 14.29
N ASP C 3563 5.71 -88.84 13.57
CA ASP C 3563 6.78 -88.43 12.67
C ASP C 3563 7.07 -89.51 11.63
N GLN C 3564 5.99 -90.05 11.08
CA GLN C 3564 6.12 -90.95 9.95
C GLN C 3564 6.96 -90.27 8.89
N GLY C 3565 7.88 -91.02 8.30
CA GLY C 3565 8.83 -90.43 7.39
C GLY C 3565 9.93 -89.65 8.06
N GLY C 3566 9.73 -89.23 9.30
CA GLY C 3566 10.78 -88.56 10.04
C GLY C 3566 11.16 -87.23 9.44
N VAL C 3567 10.28 -86.67 8.61
CA VAL C 3567 10.59 -85.40 7.98
C VAL C 3567 10.79 -84.34 9.03
N ILE C 3568 10.11 -84.49 10.17
CA ILE C 3568 10.34 -83.59 11.28
C ILE C 3568 11.76 -83.71 11.78
N GLN C 3569 12.24 -84.93 11.96
CA GLN C 3569 13.62 -85.11 12.39
C GLN C 3569 14.56 -84.56 11.35
N ASP C 3570 14.17 -84.63 10.09
CA ASP C 3570 15.01 -84.10 9.03
C ASP C 3570 15.14 -82.60 9.15
N PHE C 3571 14.00 -81.91 9.26
CA PHE C 3571 14.02 -80.46 9.49
C PHE C 3571 14.85 -80.12 10.71
N ILE C 3572 14.63 -80.84 11.79
CA ILE C 3572 15.40 -80.62 13.00
C ILE C 3572 16.87 -80.66 12.68
N ASN C 3573 17.34 -81.80 12.20
CA ASN C 3573 18.76 -82.00 12.03
C ASN C 3573 19.32 -80.96 11.10
N ALA C 3574 18.58 -80.64 10.05
CA ALA C 3574 19.08 -79.72 9.07
C ALA C 3574 19.37 -78.37 9.69
N LEU C 3575 18.36 -77.79 10.32
CA LEU C 3575 18.60 -76.48 10.87
C LEU C 3575 19.59 -76.55 12.01
N ASP C 3576 19.72 -77.70 12.65
CA ASP C 3576 20.80 -77.81 13.60
C ASP C 3576 22.10 -77.54 12.87
N GLN C 3577 22.54 -78.51 12.07
CA GLN C 3577 23.92 -78.44 11.58
C GLN C 3577 24.16 -77.15 10.83
N LEU C 3578 23.17 -76.67 10.10
CA LEU C 3578 23.42 -75.46 9.35
C LEU C 3578 23.09 -74.22 10.15
N SER C 3579 22.70 -74.40 11.40
CA SER C 3579 22.28 -73.24 12.14
C SER C 3579 23.44 -72.62 12.91
N ASN C 3580 23.96 -73.34 13.87
CA ASN C 3580 24.86 -72.75 14.84
C ASN C 3580 26.26 -72.64 14.26
N PRO C 3581 26.95 -71.54 14.50
CA PRO C 3581 28.36 -71.45 14.10
C PRO C 3581 29.24 -72.44 14.81
N GLU C 3582 30.52 -72.42 14.45
CA GLU C 3582 31.47 -73.31 15.10
C GLU C 3582 31.50 -73.10 16.60
N LEU C 3583 31.14 -71.93 17.09
CA LEU C 3583 31.13 -71.70 18.53
C LEU C 3583 30.39 -72.80 19.28
N LEU C 3584 29.62 -73.61 18.57
CA LEU C 3584 29.25 -74.90 19.11
C LEU C 3584 30.46 -75.62 19.66
N PHE C 3585 31.61 -75.42 19.01
CA PHE C 3585 32.85 -75.98 19.55
C PHE C 3585 33.11 -75.42 20.94
N LYS C 3586 33.00 -74.11 21.09
CA LYS C 3586 33.21 -73.54 22.41
C LYS C 3586 32.25 -74.15 23.39
N ASP C 3587 31.00 -74.33 22.96
CA ASP C 3587 29.98 -74.86 23.86
C ASP C 3587 30.37 -76.24 24.36
N TRP C 3588 30.63 -77.17 23.44
CA TRP C 3588 30.89 -78.50 23.97
C TRP C 3588 32.27 -78.54 24.60
N SER C 3589 33.11 -77.54 24.29
CA SER C 3589 34.44 -77.53 24.85
C SER C 3589 34.39 -77.19 26.33
N ASN C 3590 33.63 -76.18 26.71
CA ASN C 3590 33.58 -75.91 28.14
C ASN C 3590 32.68 -76.91 28.83
N ASP C 3591 31.77 -77.56 28.09
CA ASP C 3591 31.09 -78.70 28.70
C ASP C 3591 32.09 -79.80 29.04
N VAL C 3592 32.97 -80.12 28.11
CA VAL C 3592 34.02 -81.09 28.39
C VAL C 3592 34.91 -80.59 29.51
N ARG C 3593 35.14 -79.28 29.56
CA ARG C 3593 35.96 -78.70 30.61
C ARG C 3593 35.35 -78.96 31.98
N ALA C 3594 34.04 -78.76 32.09
CA ALA C 3594 33.37 -79.05 33.35
C ALA C 3594 33.45 -80.53 33.66
N GLU C 3595 33.18 -81.37 32.66
CA GLU C 3595 33.09 -82.80 32.91
C GLU C 3595 34.45 -83.43 33.18
N LEU C 3596 35.54 -82.78 32.80
CA LEU C 3596 36.88 -83.31 33.00
C LEU C 3596 37.34 -83.20 34.46
N ALA C 3597 36.71 -82.34 35.25
CA ALA C 3597 37.02 -82.29 36.67
C ALA C 3597 36.58 -83.56 37.40
N LYS C 3598 35.80 -84.41 36.75
CA LYS C 3598 35.32 -85.63 37.38
C LYS C 3598 36.39 -86.71 37.32
N THR C 3599 36.14 -87.81 38.02
CA THR C 3599 37.04 -88.94 38.06
C THR C 3599 37.09 -89.65 36.70
N PRO C 3600 38.14 -90.43 36.44
CA PRO C 3600 38.26 -91.08 35.13
C PRO C 3600 37.13 -92.04 34.79
N VAL C 3601 36.28 -92.42 35.75
CA VAL C 3601 35.12 -93.24 35.44
C VAL C 3601 34.09 -92.49 34.60
N ASN C 3602 34.27 -91.18 34.42
CA ASN C 3602 33.44 -90.38 33.54
C ASN C 3602 33.78 -90.56 32.07
N LYS C 3603 34.55 -91.60 31.73
CA LYS C 3603 34.94 -91.82 30.34
C LYS C 3603 33.74 -92.09 29.45
N LYS C 3604 32.67 -92.68 30.00
CA LYS C 3604 31.46 -92.89 29.22
C LYS C 3604 30.84 -91.56 28.80
N ASN C 3605 30.73 -90.61 29.73
CA ASN C 3605 30.24 -89.29 29.38
C ASN C 3605 31.21 -88.56 28.47
N ILE C 3606 32.51 -88.80 28.65
CA ILE C 3606 33.50 -88.19 27.76
C ILE C 3606 33.29 -88.66 26.33
N GLU C 3607 33.06 -89.96 26.15
CA GLU C 3607 32.80 -90.49 24.82
C GLU C 3607 31.48 -89.97 24.27
N LYS C 3608 30.46 -89.86 25.13
CA LYS C 3608 29.18 -89.32 24.68
C LYS C 3608 29.27 -87.85 24.31
N MET C 3609 30.28 -87.13 24.81
CA MET C 3609 30.51 -85.75 24.39
C MET C 3609 31.41 -85.68 23.16
N TYR C 3610 32.33 -86.62 23.01
CA TYR C 3610 33.11 -86.69 21.78
C TYR C 3610 32.24 -87.03 20.59
N GLU C 3611 31.33 -87.99 20.75
CA GLU C 3611 30.50 -88.42 19.63
C GLU C 3611 29.66 -87.29 19.09
N ARG C 3612 29.27 -86.33 19.92
CA ARG C 3612 28.57 -85.17 19.40
C ARG C 3612 29.37 -84.52 18.29
N MET C 3613 30.53 -83.96 18.65
CA MET C 3613 31.32 -83.24 17.66
C MET C 3613 31.78 -84.16 16.55
N TYR C 3614 31.96 -85.45 16.84
CA TYR C 3614 32.38 -86.38 15.81
C TYR C 3614 31.31 -86.52 14.73
N ALA C 3615 30.08 -86.79 15.14
CA ALA C 3615 28.98 -86.85 14.18
C ALA C 3615 28.76 -85.49 13.54
N ALA C 3616 29.11 -84.42 14.24
CA ALA C 3616 28.93 -83.09 13.69
C ALA C 3616 29.94 -82.79 12.59
N LEU C 3617 31.20 -83.18 12.78
CA LEU C 3617 32.29 -82.79 11.90
C LEU C 3617 32.98 -83.97 11.25
N GLY C 3618 33.55 -84.87 12.06
CA GLY C 3618 34.56 -85.79 11.54
C GLY C 3618 34.03 -86.78 10.53
N ASP C 3619 32.81 -87.25 10.72
CA ASP C 3619 32.28 -88.30 9.86
C ASP C 3619 32.22 -87.82 8.41
N PRO C 3620 32.81 -88.58 7.48
CA PRO C 3620 32.72 -88.19 6.06
C PRO C 3620 31.27 -88.19 5.60
N LYS C 3621 30.94 -87.22 4.74
CA LYS C 3621 29.58 -87.03 4.26
C LYS C 3621 28.60 -86.95 5.43
N ALA C 3622 28.91 -86.08 6.37
CA ALA C 3622 28.11 -85.98 7.58
C ALA C 3622 26.69 -85.54 7.25
N PRO C 3623 25.70 -85.97 8.02
CA PRO C 3623 24.32 -85.53 7.77
C PRO C 3623 24.21 -84.02 7.85
N GLY C 3624 23.35 -83.47 6.98
CA GLY C 3624 23.23 -82.03 6.86
C GLY C 3624 24.11 -81.47 5.76
N LEU C 3625 25.36 -81.92 5.72
CA LEU C 3625 26.31 -81.51 4.68
C LEU C 3625 26.44 -79.99 4.63
N GLY C 3626 26.83 -79.37 5.74
CA GLY C 3626 26.87 -77.94 5.81
C GLY C 3626 27.96 -77.34 4.95
N ALA C 3627 27.78 -76.07 4.59
CA ALA C 3627 28.76 -75.35 3.79
C ALA C 3627 29.90 -74.87 4.66
N PHE C 3628 29.61 -73.98 5.59
CA PHE C 3628 30.64 -73.62 6.56
C PHE C 3628 30.96 -74.79 7.46
N ARG C 3629 30.02 -75.72 7.63
CA ARG C 3629 30.34 -76.97 8.32
C ARG C 3629 31.42 -77.74 7.55
N ARG C 3630 31.27 -77.85 6.23
CA ARG C 3630 32.30 -78.50 5.44
C ARG C 3630 33.61 -77.74 5.56
N LYS C 3631 33.53 -76.41 5.53
CA LYS C 3631 34.75 -75.62 5.63
C LYS C 3631 35.46 -75.87 6.95
N PHE C 3632 34.70 -75.96 8.03
CA PHE C 3632 35.31 -76.12 9.34
C PHE C 3632 35.89 -77.52 9.50
N ILE C 3633 35.15 -78.55 9.06
CA ILE C 3633 35.72 -79.90 9.16
C ILE C 3633 36.95 -80.04 8.26
N GLN C 3634 36.91 -79.41 7.09
CA GLN C 3634 38.10 -79.38 6.24
C GLN C 3634 39.25 -78.65 6.91
N THR C 3635 38.97 -77.60 7.67
CA THR C 3635 40.00 -76.91 8.43
C THR C 3635 40.35 -77.64 9.72
N PHE C 3636 39.65 -78.70 10.06
CA PHE C 3636 39.93 -79.40 11.31
C PHE C 3636 39.90 -80.92 11.10
N GLY C 3637 40.68 -81.35 10.13
CA GLY C 3637 40.91 -82.76 9.91
C GLY C 3637 42.18 -83.17 10.63
N LYS C 3638 43.28 -83.33 9.89
CA LYS C 3638 44.55 -83.74 10.48
C LYS C 3638 44.94 -82.88 11.69
N GLU C 3639 44.47 -81.63 11.74
CA GLU C 3639 44.71 -80.80 12.92
C GLU C 3639 44.03 -81.37 14.16
N PHE C 3640 42.82 -81.88 13.99
CA PHE C 3640 42.15 -82.59 15.08
C PHE C 3640 42.89 -83.89 15.45
N ASP C 3641 43.31 -84.64 14.44
CA ASP C 3641 43.99 -85.91 14.71
C ASP C 3641 45.29 -85.69 15.47
N LYS C 3642 46.02 -84.61 15.13
CA LYS C 3642 47.27 -84.33 15.80
C LYS C 3642 47.07 -84.06 17.28
N HIS C 3643 46.10 -83.22 17.62
CA HIS C 3643 46.02 -82.71 18.98
C HIS C 3643 44.92 -83.37 19.81
N PHE C 3644 43.68 -83.18 19.38
CA PHE C 3644 42.57 -83.30 20.32
C PHE C 3644 41.97 -84.70 20.35
N GLY C 3645 42.07 -85.46 19.26
CA GLY C 3645 41.40 -86.74 19.24
C GLY C 3645 42.33 -87.91 19.13
N LYS C 3646 43.49 -87.70 18.50
CA LYS C 3646 44.43 -88.77 18.19
C LYS C 3646 43.76 -89.90 17.43
N GLY C 3647 42.84 -89.56 16.53
CA GLY C 3647 42.01 -90.55 15.87
C GLY C 3647 40.84 -91.02 16.70
N GLY C 3648 40.66 -90.47 17.89
CA GLY C 3648 39.62 -90.93 18.79
C GLY C 3648 40.20 -91.46 20.08
N SER C 3649 41.50 -91.74 20.05
CA SER C 3649 42.19 -92.38 21.17
C SER C 3649 42.67 -91.41 22.22
N LYS C 3650 42.17 -90.16 22.22
CA LYS C 3650 42.54 -89.23 23.28
C LYS C 3650 41.76 -89.53 24.55
N LEU C 3651 40.84 -90.50 24.50
CA LEU C 3651 39.96 -90.79 25.64
C LEU C 3651 40.73 -91.16 26.90
N LEU C 3652 41.98 -91.59 26.75
CA LEU C 3652 42.76 -92.00 27.92
C LEU C 3652 43.06 -90.84 28.87
N ARG C 3653 43.43 -89.68 28.32
CA ARG C 3653 44.07 -88.63 29.11
C ARG C 3653 43.03 -87.71 29.76
N MET C 3654 42.27 -88.28 30.70
CA MET C 3654 41.28 -87.51 31.44
C MET C 3654 41.82 -87.01 32.78
N LYS C 3655 43.05 -87.36 33.15
CA LYS C 3655 43.56 -86.98 34.46
C LYS C 3655 43.79 -85.48 34.60
N LEU C 3656 44.30 -84.82 33.56
CA LEU C 3656 44.64 -83.40 33.65
C LEU C 3656 43.76 -82.62 32.69
N SER C 3657 43.44 -81.39 33.05
CA SER C 3657 42.44 -80.61 32.34
C SER C 3657 43.03 -79.40 31.61
N ASP C 3658 44.32 -79.42 31.32
CA ASP C 3658 44.95 -78.24 30.71
C ASP C 3658 44.48 -77.97 29.29
N PHE C 3659 43.75 -78.91 28.67
CA PHE C 3659 43.48 -78.85 27.24
C PHE C 3659 42.76 -77.57 26.83
N ASN C 3660 42.34 -76.78 27.81
CA ASN C 3660 41.75 -75.47 27.57
C ASN C 3660 42.68 -74.64 26.72
N ASP C 3661 43.99 -74.89 26.81
CA ASP C 3661 44.94 -74.18 25.97
C ASP C 3661 44.70 -74.49 24.49
N ILE C 3662 44.59 -75.77 24.15
CA ILE C 3662 44.31 -76.14 22.77
C ILE C 3662 42.97 -75.56 22.34
N THR C 3663 41.98 -75.66 23.23
CA THR C 3663 40.68 -75.08 22.93
C THR C 3663 40.80 -73.59 22.60
N ASN C 3664 41.55 -72.86 23.41
CA ASN C 3664 41.64 -71.42 23.23
C ASN C 3664 42.37 -71.08 21.94
N MET C 3665 43.47 -71.77 21.67
CA MET C 3665 44.21 -71.47 20.46
C MET C 3665 43.40 -71.78 19.22
N LEU C 3666 42.62 -72.86 19.24
CA LEU C 3666 41.70 -73.14 18.14
C LEU C 3666 40.67 -72.03 18.03
N LEU C 3667 40.04 -71.69 19.16
CA LEU C 3667 38.89 -70.80 19.17
C LEU C 3667 39.26 -69.41 18.71
N LEU C 3668 40.44 -68.94 19.10
CA LEU C 3668 40.91 -67.66 18.59
C LEU C 3668 40.94 -67.69 17.08
N LYS C 3669 41.78 -68.55 16.51
CA LYS C 3669 42.01 -68.52 15.08
C LYS C 3669 40.74 -68.81 14.30
N MET C 3670 39.77 -69.48 14.90
CA MET C 3670 38.50 -69.63 14.20
C MET C 3670 37.60 -68.41 14.38
N ASN C 3671 37.78 -67.67 15.47
CA ASN C 3671 37.04 -66.43 15.64
C ASN C 3671 37.50 -65.38 14.64
N LYS C 3672 38.81 -65.20 14.53
CA LYS C 3672 39.34 -64.32 13.51
C LYS C 3672 39.22 -64.97 12.15
N ASP C 3673 39.03 -64.13 11.13
CA ASP C 3673 38.84 -64.59 9.75
C ASP C 3673 37.68 -65.57 9.64
N SER C 3674 36.74 -65.50 10.58
CA SER C 3674 35.55 -66.31 10.51
C SER C 3674 34.63 -65.81 9.39
N LYS C 3675 33.73 -66.68 8.96
CA LYS C 3675 32.83 -66.35 7.87
C LYS C 3675 31.40 -66.36 8.35
N PRO C 3676 30.62 -65.32 8.11
CA PRO C 3676 29.18 -65.39 8.32
C PRO C 3676 28.58 -66.45 7.43
N PRO C 3677 27.56 -67.14 7.87
CA PRO C 3677 26.89 -68.10 6.99
C PRO C 3677 26.39 -67.37 5.75
N GLY C 3678 26.44 -68.05 4.61
CA GLY C 3678 26.14 -67.41 3.35
C GLY C 3678 24.77 -66.77 3.27
N ASN C 3679 24.73 -65.54 2.77
CA ASN C 3679 23.46 -64.85 2.58
C ASN C 3679 22.51 -65.71 1.77
N LEU C 3680 23.05 -66.49 0.85
CA LEU C 3680 22.25 -67.51 0.21
C LEU C 3680 22.11 -68.69 1.14
N LYS C 3681 20.89 -68.97 1.56
CA LYS C 3681 20.62 -70.20 2.26
C LYS C 3681 21.05 -71.40 1.45
N GLU C 3682 21.47 -71.21 0.21
CA GLU C 3682 22.34 -72.17 -0.43
C GLU C 3682 23.59 -72.41 0.39
N CYS C 3683 23.90 -71.54 1.36
CA CYS C 3683 24.83 -71.93 2.39
C CYS C 3683 24.29 -73.09 3.21
N SER C 3684 22.98 -73.31 3.18
CA SER C 3684 22.34 -74.38 3.94
C SER C 3684 21.61 -75.30 2.97
N PRO C 3685 22.28 -76.35 2.50
CA PRO C 3685 21.82 -77.02 1.29
C PRO C 3685 20.40 -77.55 1.36
N TRP C 3686 20.07 -78.32 2.39
CA TRP C 3686 18.74 -78.90 2.44
C TRP C 3686 17.70 -77.81 2.52
N MET C 3687 18.03 -76.74 3.22
CA MET C 3687 17.09 -75.66 3.35
C MET C 3687 16.85 -75.01 2.01
N SER C 3688 17.87 -75.01 1.16
CA SER C 3688 17.72 -74.35 -0.12
C SER C 3688 16.66 -75.01 -0.97
N ASP C 3689 16.61 -76.33 -0.98
CA ASP C 3689 15.89 -77.05 -2.01
C ASP C 3689 14.60 -77.68 -1.52
N PHE C 3690 13.98 -77.12 -0.50
CA PHE C 3690 12.71 -77.69 -0.07
C PHE C 3690 11.65 -77.43 -1.12
N LYS C 3691 11.12 -78.50 -1.70
CA LYS C 3691 9.95 -78.40 -2.55
C LYS C 3691 8.88 -79.32 -2.00
N VAL C 3692 7.66 -78.81 -1.89
CA VAL C 3692 6.58 -79.65 -1.41
C VAL C 3692 6.43 -80.83 -2.37
N GLU C 3693 6.53 -82.04 -1.84
CA GLU C 3693 6.52 -83.22 -2.68
C GLU C 3693 5.85 -84.38 -1.94
N PHE C 3694 5.32 -85.31 -2.72
CA PHE C 3694 4.78 -86.54 -2.16
C PHE C 3694 5.89 -87.38 -1.55
N LEU C 3695 5.49 -88.50 -0.94
CA LEU C 3695 6.37 -89.33 -0.13
C LEU C 3695 7.01 -88.52 0.99
N ARG C 3696 6.42 -87.37 1.30
CA ARG C 3696 6.92 -86.46 2.33
C ARG C 3696 5.73 -85.87 3.05
N ASN C 3697 5.63 -86.15 4.34
CA ASN C 3697 4.59 -85.54 5.16
C ASN C 3697 4.82 -84.04 5.22
N GLU C 3698 3.80 -83.28 4.90
CA GLU C 3698 3.90 -81.84 4.85
C GLU C 3698 4.21 -81.31 6.25
N LEU C 3699 5.17 -80.40 6.33
CA LEU C 3699 5.61 -79.85 7.60
C LEU C 3699 4.85 -78.56 7.88
N GLU C 3700 4.11 -78.54 8.96
CA GLU C 3700 3.47 -77.31 9.36
C GLU C 3700 4.42 -76.47 10.18
N ILE C 3701 4.42 -75.19 9.87
CA ILE C 3701 5.18 -74.15 10.58
C ILE C 3701 5.27 -74.43 12.06
N PRO C 3702 6.47 -74.43 12.62
CA PRO C 3702 6.61 -74.83 14.02
C PRO C 3702 5.79 -73.97 14.94
N GLY C 3703 5.30 -74.57 16.01
CA GLY C 3703 4.72 -73.82 17.10
C GLY C 3703 3.51 -72.97 16.77
N GLN C 3704 2.53 -73.53 16.09
CA GLN C 3704 1.36 -72.78 15.70
C GLN C 3704 0.12 -73.25 16.44
N TYR C 3705 0.27 -73.78 17.64
CA TYR C 3705 -0.88 -74.24 18.40
C TYR C 3705 -0.98 -73.46 19.69
N ASP C 3706 -2.19 -73.05 20.03
CA ASP C 3706 -2.45 -72.44 21.32
C ASP C 3706 -3.76 -73.00 21.80
N GLY C 3707 -3.79 -73.50 23.02
CA GLY C 3707 -4.87 -74.37 23.42
C GLY C 3707 -6.16 -73.71 23.77
N ARG C 3708 -6.38 -72.49 23.30
CA ARG C 3708 -7.65 -71.85 23.52
C ARG C 3708 -8.64 -72.33 22.45
N GLY C 3709 -8.93 -73.61 22.48
CA GLY C 3709 -9.96 -74.15 21.62
C GLY C 3709 -9.45 -75.25 20.71
N LYS C 3710 -10.41 -75.95 20.12
CA LYS C 3710 -10.09 -77.06 19.23
C LYS C 3710 -9.39 -76.51 17.99
N PRO C 3711 -8.39 -77.21 17.46
CA PRO C 3711 -7.44 -76.57 16.56
C PRO C 3711 -8.00 -76.06 15.24
N LEU C 3712 -8.96 -76.74 14.64
CA LEU C 3712 -9.29 -76.53 13.24
C LEU C 3712 -8.02 -76.78 12.41
N PRO C 3713 -7.39 -77.94 12.59
CA PRO C 3713 -5.99 -78.08 12.17
C PRO C 3713 -5.73 -77.82 10.72
N GLU C 3714 -6.76 -77.58 9.93
CA GLU C 3714 -6.54 -77.35 8.52
C GLU C 3714 -6.00 -75.96 8.25
N TYR C 3715 -6.31 -75.01 9.11
CA TYR C 3715 -5.97 -73.62 8.82
C TYR C 3715 -4.48 -73.34 8.86
N HIS C 3716 -3.72 -74.10 9.65
CA HIS C 3716 -2.35 -73.71 9.96
C HIS C 3716 -1.49 -73.65 8.72
N VAL C 3717 -0.69 -72.60 8.62
CA VAL C 3717 0.22 -72.46 7.51
C VAL C 3717 1.33 -73.49 7.63
N ARG C 3718 1.66 -74.13 6.52
CA ARG C 3718 2.67 -75.17 6.53
C ARG C 3718 3.85 -74.79 5.65
N ILE C 3719 5.01 -75.36 6.00
CA ILE C 3719 6.28 -74.94 5.44
C ILE C 3719 6.28 -75.11 3.94
N ALA C 3720 6.68 -74.07 3.22
CA ALA C 3720 6.68 -74.12 1.77
C ALA C 3720 7.96 -73.50 1.22
N GLY C 3721 9.10 -73.91 1.72
CA GLY C 3721 10.34 -73.34 1.25
C GLY C 3721 10.56 -72.02 1.93
N PHE C 3722 11.80 -71.56 2.03
CA PHE C 3722 12.02 -70.31 2.73
C PHE C 3722 13.24 -69.59 2.18
N ASP C 3723 13.15 -68.27 2.25
CA ASP C 3723 13.96 -67.39 1.42
C ASP C 3723 15.41 -67.35 1.87
N GLU C 3724 16.21 -66.69 1.07
CA GLU C 3724 17.59 -66.39 1.40
C GLU C 3724 17.62 -65.18 2.32
N ARG C 3725 18.82 -64.63 2.51
CA ARG C 3725 19.03 -63.39 3.26
C ARG C 3725 18.87 -63.59 4.76
N VAL C 3726 19.37 -64.71 5.28
CA VAL C 3726 19.39 -64.85 6.71
C VAL C 3726 20.35 -63.84 7.29
N THR C 3727 19.94 -63.18 8.35
CA THR C 3727 20.75 -62.13 8.95
C THR C 3727 21.00 -62.49 10.40
N VAL C 3728 22.06 -61.97 10.95
CA VAL C 3728 22.41 -62.26 12.32
C VAL C 3728 21.87 -61.14 13.19
N MET C 3729 21.84 -61.38 14.49
CA MET C 3729 21.23 -60.41 15.37
C MET C 3729 22.24 -59.62 16.17
N ALA C 3730 23.53 -59.88 15.98
CA ALA C 3730 24.58 -59.11 16.63
C ALA C 3730 24.48 -59.21 18.17
N SER C 3731 24.77 -60.41 18.66
CA SER C 3731 24.94 -60.60 20.09
C SER C 3731 25.72 -61.89 20.32
N LEU C 3732 26.20 -62.05 21.54
CA LEU C 3732 26.88 -63.27 21.94
C LEU C 3732 25.97 -64.46 21.74
N ARG C 3733 26.54 -65.58 21.31
CA ARG C 3733 25.76 -66.69 20.78
C ARG C 3733 24.87 -66.16 19.67
N ARG C 3734 25.53 -65.69 18.63
CA ARG C 3734 24.90 -65.12 17.46
C ARG C 3734 23.77 -66.00 17.01
N PRO C 3735 22.52 -65.57 17.15
CA PRO C 3735 21.43 -66.27 16.49
C PRO C 3735 21.28 -65.66 15.10
N LYS C 3736 20.53 -66.34 14.26
CA LYS C 3736 20.25 -65.76 12.97
C LYS C 3736 18.75 -65.83 12.74
N ARG C 3737 18.31 -65.20 11.67
CA ARG C 3737 16.90 -64.87 11.48
C ARG C 3737 16.39 -65.49 10.18
N ILE C 3738 15.88 -66.71 10.27
CA ILE C 3738 15.34 -67.33 9.09
C ILE C 3738 14.02 -66.68 8.74
N ILE C 3739 13.60 -66.83 7.51
CA ILE C 3739 12.33 -66.29 7.05
C ILE C 3739 11.60 -67.41 6.33
N ILE C 3740 10.69 -68.07 7.04
CA ILE C 3740 9.98 -69.21 6.49
C ILE C 3740 8.75 -68.72 5.74
N ARG C 3741 8.58 -69.17 4.50
CA ARG C 3741 7.36 -68.85 3.78
C ARG C 3741 6.61 -70.14 3.59
N GLY C 3742 5.29 -70.06 3.66
CA GLY C 3742 4.55 -71.29 3.73
C GLY C 3742 3.27 -71.37 2.95
N HIS C 3743 2.39 -72.27 3.40
CA HIS C 3743 1.10 -72.48 2.77
C HIS C 3743 0.57 -71.21 2.16
N ASP C 3744 0.48 -70.17 2.94
CA ASP C 3744 0.08 -68.86 2.46
C ASP C 3744 1.36 -68.11 2.14
N GLU C 3745 1.33 -67.34 1.11
CA GLU C 3745 2.58 -66.69 0.77
C GLU C 3745 2.97 -65.64 1.75
N ARG C 3746 2.32 -65.46 2.90
CA ARG C 3746 2.80 -64.50 3.87
C ARG C 3746 3.95 -65.07 4.70
N GLU C 3747 4.99 -64.29 4.91
CA GLU C 3747 6.19 -64.80 5.53
C GLU C 3747 5.94 -65.08 7.00
N HIS C 3748 6.99 -65.54 7.68
CA HIS C 3748 6.91 -65.90 9.10
C HIS C 3748 8.29 -65.99 9.69
N PRO C 3749 8.88 -64.86 10.04
CA PRO C 3749 10.24 -64.90 10.59
C PRO C 3749 10.27 -65.54 11.96
N PHE C 3750 11.29 -66.40 12.19
CA PHE C 3750 11.32 -67.22 13.38
C PHE C 3750 12.60 -67.25 14.19
N LEU C 3751 13.61 -66.43 13.92
CA LEU C 3751 14.75 -66.24 14.81
C LEU C 3751 15.31 -67.58 15.31
N VAL C 3752 15.89 -68.34 14.38
CA VAL C 3752 16.46 -69.60 14.77
C VAL C 3752 17.58 -69.35 15.74
N LYS C 3753 17.72 -70.20 16.73
CA LYS C 3753 18.67 -69.95 17.80
C LYS C 3753 19.04 -71.28 18.40
N GLY C 3754 20.31 -71.44 18.72
CA GLY C 3754 20.76 -72.73 19.18
C GLY C 3754 21.57 -72.68 20.45
N GLY C 3755 22.37 -73.70 20.68
CA GLY C 3755 23.37 -73.66 21.71
C GLY C 3755 22.83 -73.53 23.11
N GLU C 3756 21.56 -73.20 23.28
CA GLU C 3756 21.00 -73.05 24.61
C GLU C 3756 19.95 -74.13 24.82
N ASP C 3757 19.74 -74.50 26.08
CA ASP C 3757 18.64 -75.40 26.43
C ASP C 3757 17.36 -74.58 26.47
N LEU C 3758 16.86 -74.24 25.28
CA LEU C 3758 15.73 -73.33 25.18
C LEU C 3758 14.55 -73.79 25.99
N ARG C 3759 14.57 -75.03 26.47
CA ARG C 3759 13.46 -75.59 27.22
C ARG C 3759 13.11 -74.64 28.34
N GLN C 3760 14.14 -73.98 28.85
CA GLN C 3760 13.95 -72.94 29.84
C GLN C 3760 13.05 -71.85 29.29
N ASP C 3761 13.35 -71.39 28.09
CA ASP C 3761 12.55 -70.32 27.53
C ASP C 3761 11.13 -70.79 27.30
N GLN C 3762 10.98 -72.01 26.81
CA GLN C 3762 9.65 -72.53 26.58
C GLN C 3762 8.85 -72.52 27.86
N ARG C 3763 9.44 -73.03 28.93
CA ARG C 3763 8.66 -73.16 30.14
C ARG C 3763 8.32 -71.80 30.68
N VAL C 3764 9.25 -70.85 30.62
CA VAL C 3764 8.97 -69.55 31.21
C VAL C 3764 7.91 -68.84 30.40
N GLU C 3765 7.93 -69.03 29.09
CA GLU C 3765 6.88 -68.43 28.30
C GLU C 3765 5.54 -69.04 28.67
N GLN C 3766 5.51 -70.34 28.91
CA GLN C 3766 4.25 -70.93 29.33
C GLN C 3766 3.80 -70.33 30.65
N LEU C 3767 4.74 -70.08 31.56
CA LEU C 3767 4.29 -69.48 32.80
C LEU C 3767 3.76 -68.08 32.59
N PHE C 3768 4.35 -67.30 31.71
CA PHE C 3768 3.67 -66.04 31.43
C PHE C 3768 2.29 -66.30 30.89
N GLN C 3769 2.11 -67.38 30.15
CA GLN C 3769 0.78 -67.62 29.61
C GLN C 3769 -0.22 -67.80 30.73
N VAL C 3770 0.12 -68.65 31.69
CA VAL C 3770 -0.80 -68.84 32.80
C VAL C 3770 -0.90 -67.56 33.59
N MET C 3771 0.16 -66.79 33.58
CA MET C 3771 0.19 -65.55 34.34
C MET C 3771 -0.84 -64.60 33.77
N ASN C 3772 -0.86 -64.53 32.45
CA ASN C 3772 -1.73 -63.61 31.77
C ASN C 3772 -3.15 -64.04 32.00
N GLY C 3773 -3.35 -65.34 32.03
CA GLY C 3773 -4.67 -65.83 32.38
C GLY C 3773 -5.09 -65.31 33.73
N ILE C 3774 -4.21 -65.44 34.73
CA ILE C 3774 -4.66 -65.09 36.06
C ILE C 3774 -4.95 -63.61 36.13
N LEU C 3775 -4.20 -62.82 35.37
CA LEU C 3775 -4.52 -61.40 35.31
C LEU C 3775 -5.89 -61.19 34.71
N ALA C 3776 -6.20 -61.90 33.64
CA ALA C 3776 -7.45 -61.63 32.97
C ALA C 3776 -8.63 -62.00 33.84
N GLN C 3777 -8.51 -63.11 34.58
CA GLN C 3777 -9.69 -63.65 35.25
C GLN C 3777 -10.17 -62.76 36.36
N ASP C 3778 -9.36 -61.81 36.81
CA ASP C 3778 -9.84 -60.86 37.79
C ASP C 3778 -10.59 -59.75 37.10
N SER C 3779 -11.47 -59.09 37.85
CA SER C 3779 -12.20 -57.96 37.31
C SER C 3779 -11.40 -56.67 37.48
N ALA C 3780 -10.84 -56.46 38.67
CA ALA C 3780 -10.16 -55.21 38.95
C ALA C 3780 -9.06 -54.96 37.95
N CYS C 3781 -8.18 -55.95 37.78
CA CYS C 3781 -7.10 -55.77 36.83
C CYS C 3781 -7.62 -55.67 35.41
N SER C 3782 -8.59 -56.50 35.04
CA SER C 3782 -9.02 -56.55 33.65
C SER C 3782 -9.64 -55.24 33.23
N GLN C 3783 -10.16 -54.47 34.18
CA GLN C 3783 -10.71 -53.18 33.84
C GLN C 3783 -9.74 -52.39 32.98
N ARG C 3784 -8.47 -52.47 33.31
CA ARG C 3784 -7.42 -51.78 32.56
C ARG C 3784 -6.77 -52.66 31.52
N ALA C 3785 -7.27 -53.87 31.31
CA ALA C 3785 -6.84 -54.68 30.18
C ALA C 3785 -5.33 -54.89 30.19
N LEU C 3786 -4.83 -55.37 31.31
CA LEU C 3786 -3.44 -55.75 31.38
C LEU C 3786 -3.24 -57.14 30.80
N GLN C 3787 -2.19 -57.30 30.02
CA GLN C 3787 -1.89 -58.57 29.36
C GLN C 3787 -0.39 -58.55 29.07
N LEU C 3788 0.36 -59.48 29.62
CA LEU C 3788 1.71 -59.67 29.12
C LEU C 3788 1.61 -60.18 27.70
N ARG C 3789 2.58 -59.86 26.86
CA ARG C 3789 2.56 -60.42 25.54
C ARG C 3789 3.49 -61.61 25.47
N THR C 3790 2.94 -62.76 25.13
CA THR C 3790 3.70 -63.97 24.92
C THR C 3790 4.04 -64.11 23.45
N TYR C 3791 5.07 -64.90 23.18
CA TYR C 3791 5.41 -65.23 21.82
C TYR C 3791 5.80 -66.70 21.78
N SER C 3792 5.56 -67.34 20.65
CA SER C 3792 5.73 -68.78 20.59
C SER C 3792 7.19 -69.12 20.75
N VAL C 3793 7.49 -69.99 21.71
CA VAL C 3793 8.81 -70.58 21.86
C VAL C 3793 8.67 -72.05 21.53
N VAL C 3794 9.42 -72.52 20.54
CA VAL C 3794 9.23 -73.90 20.12
C VAL C 3794 10.56 -74.64 20.22
N PRO C 3795 10.82 -75.27 21.31
CA PRO C 3795 12.10 -75.93 21.49
C PRO C 3795 12.24 -77.05 20.49
N MET C 3796 13.17 -76.91 19.55
CA MET C 3796 13.23 -77.87 18.48
C MET C 3796 14.00 -79.11 18.88
N THR C 3797 15.00 -78.95 19.74
CA THR C 3797 15.81 -80.07 20.22
C THR C 3797 16.58 -79.57 21.41
N SER C 3798 17.57 -80.36 21.84
CA SER C 3798 18.37 -79.94 22.99
C SER C 3798 19.12 -78.66 22.70
N ARG C 3799 19.42 -78.40 21.44
CA ARG C 3799 20.34 -77.35 21.07
C ARG C 3799 19.74 -76.46 20.02
N LEU C 3800 18.43 -76.48 19.83
CA LEU C 3800 17.86 -75.67 18.78
C LEU C 3800 16.39 -75.44 19.04
N GLY C 3801 15.90 -74.26 18.69
CA GLY C 3801 14.50 -73.94 18.84
C GLY C 3801 14.11 -72.63 18.22
N LEU C 3802 13.04 -72.60 17.45
CA LEU C 3802 12.66 -71.38 16.79
C LEU C 3802 11.93 -70.46 17.77
N ILE C 3803 12.05 -69.16 17.54
CA ILE C 3803 11.36 -68.18 18.35
C ILE C 3803 10.72 -67.21 17.38
N GLU C 3804 9.39 -67.16 17.35
CA GLU C 3804 8.73 -66.34 16.35
C GLU C 3804 9.17 -64.90 16.48
N TRP C 3805 9.79 -64.39 15.44
CA TRP C 3805 10.06 -62.97 15.37
C TRP C 3805 8.78 -62.20 15.51
N LEU C 3806 8.78 -61.18 16.33
CA LEU C 3806 7.60 -60.34 16.44
C LEU C 3806 7.68 -59.33 15.32
N GLU C 3807 6.75 -59.39 14.39
CA GLU C 3807 6.88 -58.49 13.28
C GLU C 3807 6.65 -57.06 13.73
N ASN C 3808 7.25 -56.14 13.00
CA ASN C 3808 7.03 -54.72 13.16
C ASN C 3808 7.36 -54.25 14.56
N THR C 3809 8.43 -54.74 15.14
CA THR C 3809 8.88 -54.28 16.43
C THR C 3809 10.36 -53.90 16.39
N VAL C 3810 10.77 -53.08 17.34
CA VAL C 3810 12.14 -52.59 17.37
C VAL C 3810 12.71 -52.78 18.75
N THR C 3811 14.02 -52.87 18.83
CA THR C 3811 14.68 -53.11 20.10
C THR C 3811 14.74 -51.83 20.90
N LEU C 3812 14.53 -51.94 22.21
CA LEU C 3812 14.42 -50.74 23.03
C LEU C 3812 15.67 -49.89 22.89
N LYS C 3813 16.83 -50.48 23.08
CA LYS C 3813 17.99 -49.65 22.83
C LYS C 3813 18.08 -49.27 21.38
N ASP C 3814 17.56 -50.09 20.48
CA ASP C 3814 17.57 -49.68 19.09
C ASP C 3814 16.69 -48.47 18.91
N LEU C 3815 15.50 -48.49 19.49
CA LEU C 3815 14.63 -47.32 19.40
C LEU C 3815 15.32 -46.12 19.97
N LEU C 3816 15.81 -46.23 21.19
CA LEU C 3816 16.47 -45.12 21.85
C LEU C 3816 17.55 -44.54 20.95
N LEU C 3817 18.57 -45.33 20.65
CA LEU C 3817 19.67 -44.85 19.84
C LEU C 3817 19.16 -44.28 18.54
N ASN C 3818 18.08 -44.83 18.01
CA ASN C 3818 17.56 -44.35 16.75
C ASN C 3818 17.04 -42.94 16.88
N THR C 3819 16.38 -42.63 17.99
CA THR C 3819 15.78 -41.32 18.09
C THR C 3819 16.80 -40.23 18.34
N MET C 3820 17.91 -40.54 19.00
CA MET C 3820 18.81 -39.49 19.43
C MET C 3820 19.41 -38.77 18.24
N SER C 3821 19.65 -37.48 18.41
CA SER C 3821 20.18 -36.67 17.33
C SER C 3821 21.59 -37.13 16.95
N GLN C 3822 21.89 -37.06 15.65
CA GLN C 3822 23.16 -37.56 15.14
C GLN C 3822 24.32 -36.91 15.87
N GLU C 3823 24.15 -35.69 16.33
CA GLU C 3823 25.18 -35.06 17.12
C GLU C 3823 25.42 -35.89 18.37
N GLU C 3824 24.41 -35.99 19.23
CA GLU C 3824 24.64 -36.69 20.47
C GLU C 3824 24.87 -38.17 20.25
N LYS C 3825 24.61 -38.69 19.05
CA LYS C 3825 24.87 -40.09 18.78
C LYS C 3825 26.33 -40.41 19.05
N ALA C 3826 27.22 -39.49 18.69
CA ALA C 3826 28.60 -39.64 19.08
C ALA C 3826 28.77 -39.68 20.59
N ALA C 3827 27.88 -39.05 21.34
CA ALA C 3827 28.02 -39.09 22.79
C ALA C 3827 27.73 -40.46 23.38
N TYR C 3828 27.23 -41.41 22.60
CA TYR C 3828 27.24 -42.80 23.02
C TYR C 3828 28.27 -43.62 22.27
N LEU C 3829 28.38 -43.45 20.97
CA LEU C 3829 29.37 -44.20 20.22
C LEU C 3829 30.77 -43.96 20.79
N SER C 3830 31.17 -42.68 20.88
CA SER C 3830 32.47 -42.35 21.44
C SER C 3830 32.50 -40.86 21.74
N ASP C 3831 32.56 -40.50 23.00
CA ASP C 3831 32.77 -39.12 23.42
C ASP C 3831 33.96 -39.13 24.35
N PRO C 3832 34.47 -37.96 24.75
CA PRO C 3832 35.65 -37.94 25.61
C PRO C 3832 35.54 -38.86 26.80
N ARG C 3833 34.36 -38.97 27.40
CA ARG C 3833 34.13 -40.00 28.40
C ARG C 3833 33.91 -41.30 27.64
N ALA C 3834 35.02 -41.93 27.29
CA ALA C 3834 34.99 -43.05 26.34
C ALA C 3834 34.01 -44.15 26.73
N PRO C 3835 33.94 -44.63 27.95
CA PRO C 3835 32.83 -45.49 28.34
C PRO C 3835 31.52 -44.74 28.20
N PRO C 3836 30.44 -45.40 27.80
CA PRO C 3836 29.24 -44.70 27.33
C PRO C 3836 28.93 -43.46 28.13
N CYS C 3837 29.04 -43.53 29.44
CA CYS C 3837 29.21 -42.32 30.21
C CYS C 3837 30.22 -42.64 31.31
N GLU C 3838 31.51 -42.48 30.99
CA GLU C 3838 32.58 -42.39 31.97
C GLU C 3838 32.78 -43.67 32.78
N TYR C 3839 31.97 -44.69 32.53
CA TYR C 3839 31.87 -45.75 33.53
C TYR C 3839 33.13 -46.60 33.59
N LYS C 3840 33.51 -47.21 32.47
CA LYS C 3840 34.69 -48.07 32.48
C LYS C 3840 35.90 -47.31 32.99
N ASP C 3841 36.05 -46.05 32.57
CA ASP C 3841 37.08 -45.22 33.15
C ASP C 3841 36.87 -45.09 34.65
N TRP C 3842 35.63 -44.83 35.07
CA TRP C 3842 35.41 -44.60 36.49
C TRP C 3842 35.73 -45.83 37.31
N LEU C 3843 35.81 -46.99 36.68
CA LEU C 3843 36.27 -48.14 37.41
C LEU C 3843 37.64 -47.85 38.03
N THR C 3844 38.57 -47.34 37.23
CA THR C 3844 39.88 -46.99 37.75
C THR C 3844 39.75 -46.07 38.94
N LYS C 3845 38.96 -44.99 38.85
CA LYS C 3845 38.73 -44.03 39.95
C LYS C 3845 38.23 -44.70 41.24
N MET C 3846 37.56 -45.84 41.11
CA MET C 3846 37.06 -46.70 42.18
C MET C 3846 37.97 -47.92 42.46
N SER C 3847 39.26 -47.80 42.15
CA SER C 3847 40.31 -48.80 42.36
C SER C 3847 40.21 -50.06 41.47
N GLY C 3848 39.39 -50.03 40.43
CA GLY C 3848 39.18 -51.15 39.49
C GLY C 3848 39.95 -50.96 38.19
N LYS C 3849 40.98 -51.77 37.94
CA LYS C 3849 41.94 -51.52 36.85
C LYS C 3849 41.49 -52.07 35.50
N HIS C 3850 41.27 -53.38 35.44
CA HIS C 3850 40.87 -54.11 34.24
C HIS C 3850 39.35 -54.00 33.96
N ASP C 3851 38.91 -54.45 32.79
CA ASP C 3851 37.50 -54.30 32.39
C ASP C 3851 36.58 -55.34 33.10
N VAL C 3852 36.97 -56.62 33.08
CA VAL C 3852 36.16 -57.69 33.65
C VAL C 3852 36.53 -57.87 35.11
N GLY C 3853 35.54 -58.16 35.94
CA GLY C 3853 35.79 -58.57 37.30
C GLY C 3853 36.27 -57.48 38.22
N ALA C 3854 36.79 -56.38 37.69
CA ALA C 3854 37.24 -55.31 38.56
C ALA C 3854 36.16 -54.82 39.49
N TYR C 3855 34.89 -55.04 39.16
CA TYR C 3855 33.83 -54.72 40.10
C TYR C 3855 34.00 -55.45 41.40
N MET C 3856 34.69 -56.59 41.37
CA MET C 3856 34.87 -57.39 42.58
C MET C 3856 35.65 -56.64 43.62
N LEU C 3857 36.33 -55.58 43.24
CA LEU C 3857 37.05 -54.76 44.20
C LEU C 3857 36.24 -53.56 44.66
N MET C 3858 35.49 -52.92 43.77
CA MET C 3858 34.90 -51.63 44.13
C MET C 3858 33.95 -51.72 45.31
N TYR C 3859 33.19 -52.79 45.44
CA TYR C 3859 32.26 -52.93 46.53
C TYR C 3859 32.93 -52.86 47.89
N LYS C 3860 34.26 -52.89 47.95
CA LYS C 3860 34.93 -52.81 49.24
C LYS C 3860 34.88 -51.40 49.79
N GLY C 3861 35.46 -50.43 49.09
CA GLY C 3861 35.58 -49.07 49.58
C GLY C 3861 34.52 -48.11 49.06
N ALA C 3862 33.40 -48.62 48.57
CA ALA C 3862 32.37 -47.79 47.94
C ALA C 3862 31.47 -47.20 49.01
N ASN C 3863 31.78 -45.98 49.44
CA ASN C 3863 30.91 -45.32 50.38
C ASN C 3863 29.62 -44.89 49.68
N ARG C 3864 28.57 -44.71 50.48
CA ARG C 3864 27.28 -44.37 49.93
C ARG C 3864 27.29 -43.05 49.19
N THR C 3865 28.38 -42.31 49.21
CA THR C 3865 28.41 -40.98 48.63
C THR C 3865 29.09 -40.95 47.28
N GLU C 3866 30.37 -41.30 47.24
CA GLU C 3866 31.12 -41.07 46.02
C GLU C 3866 30.56 -41.89 44.88
N THR C 3867 30.14 -43.12 45.17
CA THR C 3867 29.44 -43.88 44.15
C THR C 3867 28.15 -43.21 43.75
N VAL C 3868 27.35 -42.78 44.73
CA VAL C 3868 26.06 -42.20 44.42
C VAL C 3868 26.25 -40.89 43.66
N THR C 3869 27.18 -40.06 44.11
CA THR C 3869 27.40 -38.82 43.39
C THR C 3869 27.86 -39.09 41.97
N SER C 3870 28.77 -40.04 41.82
CA SER C 3870 29.23 -40.36 40.48
C SER C 3870 28.08 -40.82 39.63
N PHE C 3871 27.19 -41.63 40.19
CA PHE C 3871 26.10 -42.16 39.41
C PHE C 3871 25.16 -41.04 39.00
N ARG C 3872 24.86 -40.13 39.92
CA ARG C 3872 24.09 -38.96 39.54
C ARG C 3872 24.73 -38.30 38.35
N LYS C 3873 26.04 -38.11 38.41
CA LYS C 3873 26.69 -37.39 37.33
C LYS C 3873 26.52 -38.15 36.02
N ARG C 3874 26.89 -39.43 36.02
CA ARG C 3874 26.91 -40.12 34.75
C ARG C 3874 25.52 -40.19 34.17
N GLU C 3875 24.53 -40.42 35.04
CA GLU C 3875 23.17 -40.45 34.56
C GLU C 3875 22.79 -39.10 33.98
N SER C 3876 23.24 -38.03 34.62
CA SER C 3876 22.87 -36.71 34.15
C SER C 3876 23.38 -36.48 32.75
N LYS C 3877 24.59 -36.93 32.47
CA LYS C 3877 25.16 -36.61 31.17
C LYS C 3877 24.33 -37.20 30.04
N VAL C 3878 23.80 -38.39 30.26
CA VAL C 3878 22.97 -39.06 29.25
C VAL C 3878 21.78 -38.19 28.90
N PRO C 3879 21.39 -38.09 27.64
CA PRO C 3879 20.30 -37.18 27.28
C PRO C 3879 19.01 -37.53 28.00
N ALA C 3880 18.22 -36.52 28.26
CA ALA C 3880 16.91 -36.68 28.87
C ALA C 3880 15.83 -36.41 27.86
N ASP C 3881 14.61 -36.77 28.23
CA ASP C 3881 13.48 -36.69 27.32
C ASP C 3881 13.76 -37.48 26.06
N LEU C 3882 14.20 -38.72 26.22
CA LEU C 3882 14.45 -39.57 25.09
C LEU C 3882 13.17 -40.23 24.60
N LEU C 3883 12.67 -41.17 25.38
CA LEU C 3883 11.45 -41.85 24.99
C LEU C 3883 10.35 -40.86 24.75
N LYS C 3884 10.32 -39.78 25.51
CA LYS C 3884 9.28 -38.81 25.27
C LYS C 3884 9.37 -38.33 23.85
N ARG C 3885 10.59 -38.07 23.38
CA ARG C 3885 10.73 -37.63 22.01
C ARG C 3885 10.31 -38.72 21.05
N ALA C 3886 10.66 -39.96 21.36
CA ALA C 3886 10.33 -41.02 20.46
C ALA C 3886 8.83 -41.09 20.28
N PHE C 3887 8.11 -41.05 21.37
CA PHE C 3887 6.68 -41.14 21.30
C PHE C 3887 6.08 -39.94 20.62
N VAL C 3888 6.55 -38.74 20.94
CA VAL C 3888 6.03 -37.56 20.29
C VAL C 3888 6.14 -37.71 18.79
N ARG C 3889 7.24 -38.29 18.35
CA ARG C 3889 7.33 -38.62 16.94
C ARG C 3889 6.31 -39.67 16.56
N MET C 3890 5.93 -40.52 17.50
CA MET C 3890 5.10 -41.64 17.10
C MET C 3890 3.66 -41.23 16.95
N SER C 3891 3.10 -40.59 17.95
CA SER C 3891 1.67 -40.37 17.99
C SER C 3891 1.29 -39.25 17.04
N THR C 3892 0.10 -39.38 16.46
CA THR C 3892 -0.38 -38.32 15.58
C THR C 3892 -0.58 -37.05 16.37
N SER C 3893 -1.64 -37.00 17.14
CA SER C 3893 -2.06 -35.78 17.78
C SER C 3893 -2.06 -35.96 19.28
N PRO C 3894 -1.76 -34.93 20.02
CA PRO C 3894 -1.56 -35.06 21.47
C PRO C 3894 -2.65 -35.84 22.17
N GLU C 3895 -3.74 -36.06 21.49
CA GLU C 3895 -4.72 -36.98 22.01
C GLU C 3895 -4.15 -38.38 22.09
N ALA C 3896 -3.22 -38.70 21.22
CA ALA C 3896 -2.73 -40.06 21.18
C ALA C 3896 -1.55 -40.28 22.08
N PHE C 3897 -0.78 -39.25 22.35
CA PHE C 3897 0.41 -39.45 23.15
C PHE C 3897 0.06 -39.96 24.52
N LEU C 3898 -0.99 -39.41 25.12
CA LEU C 3898 -1.36 -39.83 26.44
C LEU C 3898 -1.75 -41.30 26.45
N ALA C 3899 -2.48 -41.72 25.43
CA ALA C 3899 -2.86 -43.11 25.40
C ALA C 3899 -1.65 -43.98 25.25
N LEU C 3900 -0.79 -43.67 24.28
CA LEU C 3900 0.34 -44.55 24.03
C LEU C 3900 1.26 -44.55 25.22
N ARG C 3901 1.34 -43.45 25.92
CA ARG C 3901 2.17 -43.41 27.11
C ARG C 3901 1.59 -44.29 28.18
N SER C 3902 0.30 -44.17 28.42
CA SER C 3902 -0.31 -45.03 29.41
C SER C 3902 -0.04 -46.46 29.05
N HIS C 3903 -0.08 -46.77 27.77
CA HIS C 3903 0.04 -48.17 27.38
C HIS C 3903 1.46 -48.65 27.53
N PHE C 3904 2.43 -47.83 27.15
CA PHE C 3904 3.82 -48.20 27.35
C PHE C 3904 4.10 -48.36 28.82
N ALA C 3905 3.60 -47.43 29.61
CA ALA C 3905 3.86 -47.49 31.03
C ALA C 3905 3.24 -48.73 31.60
N SER C 3906 2.02 -49.03 31.23
CA SER C 3906 1.36 -50.21 31.74
C SER C 3906 2.12 -51.45 31.33
N SER C 3907 2.52 -51.51 30.07
CA SER C 3907 3.17 -52.72 29.62
C SER C 3907 4.47 -52.92 30.38
N HIS C 3908 5.30 -51.89 30.44
CA HIS C 3908 6.57 -52.02 31.12
C HIS C 3908 6.37 -52.29 32.59
N ALA C 3909 5.36 -51.69 33.16
CA ALA C 3909 5.12 -51.94 34.55
C ALA C 3909 4.79 -53.40 34.76
N LEU C 3910 3.82 -53.91 34.03
CA LEU C 3910 3.34 -55.26 34.29
C LEU C 3910 4.44 -56.24 34.02
N ILE C 3911 5.19 -56.03 32.94
CA ILE C 3911 6.26 -56.94 32.64
C ILE C 3911 7.26 -56.92 33.75
N CYS C 3912 7.53 -55.75 34.29
CA CYS C 3912 8.51 -55.68 35.35
C CYS C 3912 8.05 -56.47 36.56
N ILE C 3913 6.82 -56.27 37.00
CA ILE C 3913 6.41 -56.95 38.21
C ILE C 3913 6.36 -58.44 37.99
N SER C 3914 5.81 -58.86 36.85
CA SER C 3914 5.74 -60.28 36.58
C SER C 3914 7.14 -60.86 36.56
N HIS C 3915 8.09 -60.09 36.05
CA HIS C 3915 9.43 -60.62 36.04
C HIS C 3915 9.97 -60.71 37.44
N TRP C 3916 9.59 -59.80 38.32
CA TRP C 3916 10.08 -59.93 39.68
C TRP C 3916 9.54 -61.17 40.32
N ILE C 3917 8.32 -61.55 40.01
CA ILE C 3917 7.86 -62.84 40.47
C ILE C 3917 8.88 -63.89 40.08
N LEU C 3918 9.11 -64.02 38.83
CA LEU C 3918 10.11 -65.00 38.49
C LEU C 3918 11.15 -64.50 37.51
N GLY C 3919 10.75 -63.74 36.50
CA GLY C 3919 11.57 -63.67 35.30
C GLY C 3919 12.83 -62.85 35.47
N ILE C 3920 13.54 -63.07 36.57
CA ILE C 3920 14.59 -62.13 36.92
C ILE C 3920 15.69 -62.17 35.87
N GLY C 3921 16.39 -61.06 35.74
CA GLY C 3921 17.76 -61.08 35.29
C GLY C 3921 17.94 -60.64 33.85
N ASP C 3922 19.18 -60.26 33.55
CA ASP C 3922 19.65 -60.05 32.20
C ASP C 3922 18.72 -59.10 31.44
N ARG C 3923 18.52 -57.93 32.03
CA ARG C 3923 17.75 -56.88 31.37
C ARG C 3923 18.64 -55.92 30.61
N HIS C 3924 19.42 -56.48 29.70
CA HIS C 3924 20.12 -55.66 28.74
C HIS C 3924 19.11 -54.90 27.91
N LEU C 3925 19.40 -53.64 27.62
CA LEU C 3925 18.46 -52.87 26.83
C LEU C 3925 18.22 -53.47 25.47
N ASN C 3926 18.99 -54.46 25.06
CA ASN C 3926 18.57 -55.27 23.94
C ASN C 3926 17.43 -56.20 24.29
N ASN C 3927 17.18 -56.43 25.57
CA ASN C 3927 16.28 -57.49 25.96
C ASN C 3927 14.87 -57.01 26.22
N PHE C 3928 14.55 -55.77 25.90
CA PHE C 3928 13.18 -55.26 25.99
C PHE C 3928 12.78 -54.80 24.59
N MET C 3929 11.81 -55.47 23.99
CA MET C 3929 11.40 -55.04 22.69
C MET C 3929 10.24 -54.08 22.88
N VAL C 3930 10.09 -53.13 21.97
CA VAL C 3930 8.96 -52.22 22.03
C VAL C 3930 8.24 -52.25 20.69
N ALA C 3931 6.93 -52.47 20.74
CA ALA C 3931 6.19 -52.67 19.52
C ALA C 3931 5.89 -51.34 18.87
N MET C 3932 6.61 -51.04 17.79
CA MET C 3932 6.37 -49.80 17.08
C MET C 3932 4.92 -49.64 16.74
N GLU C 3933 4.24 -50.73 16.43
CA GLU C 3933 2.89 -50.63 15.92
C GLU C 3933 1.96 -50.18 17.01
N THR C 3934 2.12 -50.71 18.20
CA THR C 3934 1.09 -50.59 19.21
C THR C 3934 1.58 -50.10 20.55
N GLY C 3935 2.88 -50.02 20.77
CA GLY C 3935 3.38 -49.45 21.99
C GLY C 3935 3.61 -50.43 23.11
N GLY C 3936 3.50 -51.72 22.91
CA GLY C 3936 3.74 -52.66 23.97
C GLY C 3936 5.22 -52.89 24.21
N VAL C 3937 5.57 -53.21 25.44
CA VAL C 3937 6.91 -53.63 25.79
C VAL C 3937 6.87 -55.13 26.03
N ILE C 3938 7.62 -55.87 25.24
CA ILE C 3938 7.50 -57.30 25.18
C ILE C 3938 8.76 -57.91 25.72
N GLY C 3939 8.63 -58.81 26.69
CA GLY C 3939 9.81 -59.50 27.19
C GLY C 3939 10.46 -60.29 26.08
N ILE C 3940 11.76 -60.44 26.16
CA ILE C 3940 12.48 -61.01 25.04
C ILE C 3940 13.25 -62.26 25.37
N ASP C 3941 14.29 -62.11 26.14
CA ASP C 3941 15.19 -63.22 26.35
C ASP C 3941 15.01 -63.71 27.75
N PHE C 3942 15.30 -64.96 27.94
CA PHE C 3942 15.22 -65.44 29.29
C PHE C 3942 16.38 -66.38 29.57
N GLY C 3943 17.48 -66.15 28.87
CA GLY C 3943 18.66 -66.99 29.04
C GLY C 3943 19.03 -67.23 30.48
N HIS C 3944 18.52 -66.43 31.39
CA HIS C 3944 18.67 -66.67 32.81
C HIS C 3944 17.29 -66.47 33.40
N ALA C 3945 16.73 -67.52 33.94
CA ALA C 3945 15.45 -67.36 34.60
C ALA C 3945 15.69 -66.95 36.04
N PHE C 3946 14.66 -67.04 36.85
CA PHE C 3946 14.75 -66.78 38.26
C PHE C 3946 15.98 -67.40 38.87
N GLY C 3947 16.70 -66.59 39.63
CA GLY C 3947 17.88 -67.08 40.30
C GLY C 3947 19.07 -67.18 39.38
N SER C 3948 18.83 -67.64 38.15
CA SER C 3948 19.92 -67.78 37.21
C SER C 3948 20.60 -66.45 36.95
N ALA C 3949 19.94 -65.36 37.30
CA ALA C 3949 20.60 -64.06 37.19
C ALA C 3949 21.77 -63.97 38.12
N THR C 3950 21.56 -64.24 39.40
CA THR C 3950 22.50 -63.83 40.41
C THR C 3950 23.36 -64.96 40.94
N GLN C 3951 22.94 -66.20 40.79
CA GLN C 3951 23.85 -67.31 41.06
C GLN C 3951 25.10 -67.21 40.21
N PHE C 3952 24.97 -66.75 38.98
CA PHE C 3952 26.10 -66.69 38.05
C PHE C 3952 27.01 -65.54 38.46
N LEU C 3953 28.00 -65.86 39.30
CA LEU C 3953 28.78 -64.85 40.01
C LEU C 3953 29.43 -63.79 39.14
N PRO C 3954 30.13 -64.12 38.05
CA PRO C 3954 31.00 -63.10 37.43
C PRO C 3954 30.26 -61.86 37.02
N VAL C 3955 28.93 -61.90 36.97
CA VAL C 3955 28.18 -60.70 36.64
C VAL C 3955 27.16 -60.46 37.74
N PRO C 3956 27.60 -60.09 38.95
CA PRO C 3956 26.67 -59.95 40.06
C PRO C 3956 25.64 -58.88 39.76
N GLU C 3957 24.39 -59.17 40.10
CA GLU C 3957 23.31 -58.28 39.75
C GLU C 3957 22.38 -58.12 40.93
N LEU C 3958 22.06 -56.88 41.24
CA LEU C 3958 21.19 -56.56 42.36
C LEU C 3958 20.00 -55.75 41.90
N MET C 3959 19.69 -55.76 40.61
CA MET C 3959 18.59 -55.00 40.07
C MET C 3959 17.39 -55.92 39.95
N PRO C 3960 16.34 -55.72 40.74
CA PRO C 3960 15.17 -56.58 40.56
C PRO C 3960 14.35 -56.19 39.36
N PHE C 3961 14.21 -54.93 39.10
CA PHE C 3961 13.38 -54.45 38.02
C PHE C 3961 14.32 -54.00 36.92
N ARG C 3962 13.80 -53.23 35.97
CA ARG C 3962 14.55 -52.24 35.24
C ARG C 3962 13.84 -50.90 35.36
N LEU C 3963 14.13 -50.07 36.37
CA LEU C 3963 13.52 -48.76 36.47
C LEU C 3963 14.58 -47.68 36.36
N THR C 3964 15.39 -47.75 35.33
CA THR C 3964 16.45 -46.78 35.16
C THR C 3964 15.89 -45.49 34.58
N ARG C 3965 16.76 -44.51 34.37
CA ARG C 3965 16.31 -43.12 34.35
C ARG C 3965 15.31 -42.86 33.25
N GLN C 3966 15.64 -43.22 32.00
CA GLN C 3966 14.77 -42.77 30.92
C GLN C 3966 13.32 -43.18 31.14
N PHE C 3967 13.08 -44.33 31.75
CA PHE C 3967 11.71 -44.67 32.08
C PHE C 3967 11.12 -43.72 33.10
N ILE C 3968 11.87 -43.37 34.14
CA ILE C 3968 11.31 -42.37 35.05
C ILE C 3968 11.03 -41.10 34.30
N ASN C 3969 11.99 -40.61 33.55
CA ASN C 3969 11.82 -39.33 32.94
C ASN C 3969 10.67 -39.34 31.96
N LEU C 3970 10.22 -40.50 31.51
CA LEU C 3970 9.10 -40.54 30.59
C LEU C 3970 7.86 -39.90 31.20
N MET C 3971 7.47 -40.35 32.38
CA MET C 3971 6.33 -39.79 33.07
C MET C 3971 6.71 -38.45 33.70
N LEU C 3972 7.32 -37.60 32.87
CA LEU C 3972 8.08 -36.47 33.40
C LEU C 3972 7.32 -35.63 34.39
N PRO C 3973 6.21 -35.00 34.04
CA PRO C 3973 5.56 -34.12 35.02
C PRO C 3973 4.97 -34.90 36.15
N MET C 3974 4.51 -36.10 35.88
CA MET C 3974 4.17 -37.01 36.94
C MET C 3974 5.45 -37.53 37.54
N LYS C 3975 5.38 -38.60 38.31
CA LYS C 3975 6.59 -39.20 38.81
C LYS C 3975 6.35 -40.69 38.94
N GLU C 3976 7.42 -41.46 38.93
CA GLU C 3976 7.35 -42.82 39.42
C GLU C 3976 6.61 -42.79 40.74
N THR C 3977 5.91 -43.86 41.04
CA THR C 3977 4.80 -43.84 41.97
C THR C 3977 3.65 -43.02 41.44
N GLY C 3978 3.59 -42.91 40.12
CA GLY C 3978 2.43 -42.35 39.47
C GLY C 3978 1.53 -43.46 38.95
N LEU C 3979 1.51 -43.66 37.63
CA LEU C 3979 0.78 -44.80 37.09
C LEU C 3979 1.49 -46.07 37.48
N MET C 3980 2.81 -46.08 37.40
CA MET C 3980 3.53 -47.33 37.46
C MET C 3980 3.35 -47.98 38.81
N TYR C 3981 3.44 -47.22 39.86
CA TYR C 3981 3.37 -47.87 41.16
C TYR C 3981 1.97 -48.37 41.41
N SER C 3982 0.99 -47.63 40.94
CA SER C 3982 -0.38 -48.08 41.13
C SER C 3982 -0.59 -49.40 40.42
N ILE C 3983 -0.09 -49.51 39.19
CA ILE C 3983 -0.35 -50.72 38.46
C ILE C 3983 0.44 -51.86 39.04
N MET C 3984 1.60 -51.56 39.60
CA MET C 3984 2.27 -52.54 40.43
C MET C 3984 1.36 -53.05 41.51
N VAL C 3985 0.77 -52.14 42.28
CA VAL C 3985 0.00 -52.58 43.42
C VAL C 3985 -1.10 -53.49 42.95
N HIS C 3986 -1.78 -53.07 41.89
CA HIS C 3986 -2.92 -53.85 41.42
C HIS C 3986 -2.46 -55.21 40.96
N ALA C 3987 -1.38 -55.26 40.20
CA ALA C 3987 -0.96 -56.54 39.69
C ALA C 3987 -0.60 -57.47 40.81
N LEU C 3988 0.20 -57.00 41.74
CA LEU C 3988 0.69 -57.90 42.77
C LEU C 3988 -0.45 -58.38 43.63
N ARG C 3989 -1.41 -57.49 43.91
CA ARG C 3989 -2.59 -57.93 44.62
C ARG C 3989 -3.32 -58.98 43.84
N ALA C 3990 -3.34 -58.87 42.53
CA ALA C 3990 -3.98 -59.92 41.76
C ALA C 3990 -3.24 -61.23 41.91
N PHE C 3991 -1.93 -61.20 41.82
CA PHE C 3991 -1.19 -62.45 41.76
C PHE C 3991 -1.40 -63.26 43.03
N ARG C 3992 -1.46 -62.58 44.17
CA ARG C 3992 -1.50 -63.27 45.44
C ARG C 3992 -2.89 -63.74 45.80
N SER C 3993 -3.88 -63.44 44.95
CA SER C 3993 -5.25 -63.80 45.27
C SER C 3993 -5.39 -65.31 45.43
N ASP C 3994 -4.93 -66.07 44.46
CA ASP C 3994 -4.95 -67.54 44.52
C ASP C 3994 -3.56 -68.05 44.16
N PRO C 3995 -2.63 -67.99 45.10
CA PRO C 3995 -1.22 -68.23 44.75
C PRO C 3995 -1.00 -69.56 44.09
N GLY C 3996 -1.72 -70.59 44.53
CA GLY C 3996 -1.48 -71.91 43.99
C GLY C 3996 -1.53 -71.96 42.50
N LEU C 3997 -2.30 -71.08 41.87
CA LEU C 3997 -2.41 -71.13 40.42
C LEU C 3997 -1.08 -70.86 39.77
N LEU C 3998 -0.23 -70.07 40.41
CA LEU C 3998 1.06 -69.77 39.81
C LEU C 3998 2.19 -70.42 40.57
N THR C 3999 2.15 -70.37 41.88
CA THR C 3999 3.11 -71.12 42.66
C THR C 3999 3.07 -72.58 42.26
N ASN C 4000 1.98 -73.24 42.59
CA ASN C 4000 1.90 -74.67 42.33
C ASN C 4000 1.58 -74.92 40.87
N THR C 4001 2.29 -74.24 40.05
CA THR C 4001 2.35 -74.45 38.62
C THR C 4001 3.78 -74.56 38.15
N MET C 4002 4.67 -73.78 38.72
CA MET C 4002 6.10 -73.92 38.46
C MET C 4002 6.65 -75.06 39.29
N ASP C 4003 6.04 -76.22 39.10
CA ASP C 4003 6.66 -77.47 39.49
C ASP C 4003 7.18 -78.19 38.27
N VAL C 4004 7.09 -77.55 37.11
CA VAL C 4004 7.65 -78.11 35.91
C VAL C 4004 9.12 -78.43 36.07
N PHE C 4005 9.78 -77.85 37.08
CA PHE C 4005 11.11 -78.28 37.47
C PHE C 4005 11.04 -79.58 38.28
N VAL C 4006 10.51 -80.62 37.63
CA VAL C 4006 10.60 -81.97 38.18
C VAL C 4006 11.90 -82.58 37.67
N LYS C 4007 12.20 -82.34 36.40
CA LYS C 4007 13.34 -82.98 35.74
C LYS C 4007 14.66 -82.63 36.42
N ASN C 4037 22.50 -80.75 46.08
CA ASN C 4037 21.06 -80.92 46.17
C ASN C 4037 20.37 -80.56 44.86
N TRP C 4038 19.07 -80.32 44.94
CA TRP C 4038 18.34 -79.75 43.81
C TRP C 4038 18.37 -78.24 43.92
N TYR C 4039 18.92 -77.59 42.91
CA TYR C 4039 18.72 -76.15 42.78
C TYR C 4039 17.24 -75.78 42.64
N PRO C 4040 16.45 -76.45 41.78
CA PRO C 4040 15.05 -76.06 41.65
C PRO C 4040 14.29 -76.12 42.95
N ARG C 4041 14.52 -77.14 43.77
CA ARG C 4041 13.70 -77.29 44.95
C ARG C 4041 13.82 -76.10 45.88
N GLN C 4042 14.87 -75.30 45.72
CA GLN C 4042 15.08 -74.13 46.54
C GLN C 4042 14.77 -72.84 45.83
N LYS C 4043 15.01 -72.75 44.52
CA LYS C 4043 14.56 -71.54 43.84
C LYS C 4043 13.05 -71.42 43.87
N ILE C 4044 12.35 -72.54 43.73
CA ILE C 4044 10.91 -72.45 43.87
C ILE C 4044 10.56 -71.99 45.26
N CYS C 4045 11.35 -72.38 46.25
CA CYS C 4045 11.06 -71.94 47.61
C CYS C 4045 11.21 -70.43 47.74
N TYR C 4046 12.27 -69.87 47.16
CA TYR C 4046 12.36 -68.42 47.14
C TYR C 4046 11.14 -67.82 46.47
N ALA C 4047 10.70 -68.43 45.38
CA ALA C 4047 9.54 -67.89 44.70
C ALA C 4047 8.35 -67.85 45.62
N LYS C 4048 8.06 -68.96 46.28
CA LYS C 4048 6.88 -68.98 47.11
C LYS C 4048 7.03 -68.03 48.27
N ARG C 4049 8.26 -67.86 48.75
CA ARG C 4049 8.48 -66.89 49.81
C ARG C 4049 8.09 -65.50 49.34
N LYS C 4050 8.55 -65.12 48.17
CA LYS C 4050 8.24 -63.77 47.74
C LYS C 4050 6.76 -63.63 47.47
N LEU C 4051 6.13 -64.64 46.90
CA LEU C 4051 4.70 -64.50 46.63
C LEU C 4051 3.94 -64.34 47.93
N ALA C 4052 4.28 -65.14 48.92
CA ALA C 4052 3.68 -64.98 50.22
C ALA C 4052 4.05 -63.66 50.84
N GLY C 4053 5.11 -63.03 50.37
CA GLY C 4053 5.43 -61.69 50.82
C GLY C 4053 6.66 -61.64 51.68
N ALA C 4054 7.76 -61.23 51.09
CA ALA C 4054 9.00 -61.01 51.82
C ALA C 4054 9.59 -59.69 51.36
N ASN C 4055 10.30 -59.04 52.27
CA ASN C 4055 11.00 -57.81 51.94
C ASN C 4055 11.89 -58.10 50.75
N PRO C 4056 11.64 -57.50 49.60
CA PRO C 4056 12.44 -57.87 48.43
C PRO C 4056 13.89 -57.74 48.69
N ALA C 4057 14.26 -56.82 49.56
CA ALA C 4057 15.63 -56.78 50.03
C ALA C 4057 16.00 -58.11 50.67
N VAL C 4058 15.12 -58.65 51.48
CA VAL C 4058 15.44 -59.89 52.16
C VAL C 4058 15.62 -61.00 51.14
N ILE C 4059 14.72 -61.08 50.16
CA ILE C 4059 14.81 -62.19 49.23
C ILE C 4059 16.04 -62.05 48.37
N THR C 4060 16.37 -60.83 47.97
CA THR C 4060 17.59 -60.66 47.20
C THR C 4060 18.81 -60.96 48.04
N CYS C 4061 18.76 -60.61 49.33
CA CYS C 4061 19.89 -60.92 50.18
C CYS C 4061 20.07 -62.41 50.31
N ASP C 4062 18.98 -63.14 50.49
CA ASP C 4062 19.08 -64.58 50.55
C ASP C 4062 19.63 -65.10 49.24
N GLU C 4063 19.22 -64.50 48.14
CA GLU C 4063 19.73 -64.92 46.86
C GLU C 4063 21.23 -64.75 46.81
N LEU C 4064 21.72 -63.63 47.33
CA LEU C 4064 23.16 -63.45 47.38
C LEU C 4064 23.80 -64.49 48.29
N LEU C 4065 23.21 -64.71 49.46
CA LEU C 4065 23.80 -65.61 50.45
C LEU C 4065 23.96 -67.00 49.88
N LEU C 4066 22.97 -67.46 49.15
CA LEU C 4066 23.15 -68.71 48.45
C LEU C 4066 23.99 -68.54 47.22
N GLY C 4067 24.13 -67.33 46.74
CA GLY C 4067 24.76 -67.11 45.46
C GLY C 4067 26.23 -67.42 45.52
N HIS C 4068 26.91 -66.79 46.46
CA HIS C 4068 28.35 -66.98 46.60
C HIS C 4068 28.79 -66.52 47.98
N GLU C 4069 29.15 -67.50 48.81
CA GLU C 4069 29.72 -67.27 50.14
C GLU C 4069 31.22 -67.40 50.14
N LYS C 4070 31.83 -67.61 48.99
CA LYS C 4070 33.26 -67.78 48.91
C LYS C 4070 33.97 -66.52 48.45
N ALA C 4071 33.25 -65.57 47.90
CA ALA C 4071 33.84 -64.35 47.43
C ALA C 4071 34.21 -63.47 48.61
N PRO C 4072 35.14 -62.57 48.44
CA PRO C 4072 35.47 -61.65 49.54
C PRO C 4072 34.55 -60.46 49.63
N ALA C 4073 33.37 -60.52 49.02
CA ALA C 4073 32.47 -59.38 49.01
C ALA C 4073 31.13 -59.59 49.67
N PHE C 4074 30.70 -60.83 49.87
CA PHE C 4074 29.31 -61.07 50.25
C PHE C 4074 28.92 -60.35 51.53
N ARG C 4075 29.88 -60.03 52.41
CA ARG C 4075 29.59 -59.00 53.41
C ARG C 4075 29.17 -57.71 52.74
N ASP C 4076 30.00 -57.20 51.83
CA ASP C 4076 29.66 -55.90 51.26
C ASP C 4076 28.52 -56.03 50.26
N TYR C 4077 28.42 -57.17 49.58
CA TYR C 4077 27.27 -57.37 48.73
C TYR C 4077 25.99 -57.31 49.53
N VAL C 4078 25.93 -58.04 50.64
CA VAL C 4078 24.70 -58.04 51.43
C VAL C 4078 24.43 -56.64 51.93
N ALA C 4079 25.47 -55.94 52.35
CA ALA C 4079 25.29 -54.57 52.82
C ALA C 4079 24.68 -53.72 51.71
N VAL C 4080 25.17 -53.89 50.49
CA VAL C 4080 24.63 -53.11 49.39
C VAL C 4080 23.17 -53.43 49.20
N ALA C 4081 22.84 -54.71 49.18
CA ALA C 4081 21.46 -55.10 48.93
C ALA C 4081 20.54 -54.46 49.96
N ARG C 4082 20.90 -54.55 51.23
CA ARG C 4082 19.98 -54.09 52.26
C ARG C 4082 19.70 -52.61 52.10
N GLY C 4083 20.71 -51.82 51.77
CA GLY C 4083 20.56 -50.38 51.70
C GLY C 4083 20.54 -49.72 53.06
N SER C 4084 21.02 -48.49 53.09
CA SER C 4084 21.12 -47.75 54.34
C SER C 4084 19.74 -47.48 54.92
N LYS C 4085 19.63 -47.64 56.23
CA LYS C 4085 18.36 -47.36 56.90
C LYS C 4085 17.98 -45.89 56.80
N ASP C 4086 18.96 -45.01 56.65
CA ASP C 4086 18.64 -43.59 56.70
C ASP C 4086 17.83 -43.15 55.49
N HIS C 4087 18.23 -43.58 54.30
CA HIS C 4087 17.63 -43.04 53.09
C HIS C 4087 17.31 -44.10 52.05
N ASN C 4088 16.78 -45.24 52.49
CA ASN C 4088 16.27 -46.26 51.58
C ASN C 4088 15.08 -46.90 52.27
N ILE C 4089 13.88 -46.72 51.70
CA ILE C 4089 12.68 -47.14 52.42
C ILE C 4089 12.51 -48.65 52.43
N ARG C 4090 13.44 -49.42 51.88
CA ARG C 4090 13.34 -50.88 51.91
C ARG C 4090 13.74 -51.47 53.23
N ALA C 4091 14.63 -50.80 53.98
CA ALA C 4091 15.26 -51.47 55.10
C ALA C 4091 14.39 -51.47 56.33
N GLN C 4092 13.25 -50.80 56.28
CA GLN C 4092 12.46 -50.62 57.49
C GLN C 4092 11.49 -51.77 57.70
N GLU C 4093 11.20 -52.51 56.66
CA GLU C 4093 10.10 -53.44 56.73
C GLU C 4093 10.54 -54.76 57.35
N PRO C 4094 9.62 -55.48 57.97
CA PRO C 4094 9.96 -56.80 58.50
C PRO C 4094 10.29 -57.76 57.38
N GLU C 4095 11.12 -58.74 57.71
CA GLU C 4095 11.63 -59.65 56.69
C GLU C 4095 10.51 -60.40 56.01
N SER C 4096 9.44 -60.72 56.73
CA SER C 4096 8.33 -61.46 56.17
C SER C 4096 7.03 -60.77 56.56
N GLY C 4097 5.93 -61.26 55.98
CA GLY C 4097 4.63 -60.74 56.30
C GLY C 4097 4.45 -59.31 55.85
N LEU C 4098 4.40 -59.08 54.55
CA LEU C 4098 4.31 -57.75 53.98
C LEU C 4098 2.94 -57.56 53.33
N SER C 4099 2.43 -56.34 53.41
CA SER C 4099 1.22 -56.01 52.68
C SER C 4099 1.58 -55.49 51.30
N GLU C 4100 0.68 -55.73 50.35
CA GLU C 4100 1.01 -55.54 48.95
C GLU C 4100 1.47 -54.12 48.70
N GLU C 4101 0.82 -53.17 49.33
CA GLU C 4101 1.24 -51.78 49.23
C GLU C 4101 2.70 -51.65 49.59
N THR C 4102 3.06 -52.17 50.77
CA THR C 4102 4.43 -52.11 51.24
C THR C 4102 5.35 -52.90 50.35
N GLN C 4103 4.92 -54.10 49.96
CA GLN C 4103 5.79 -54.92 49.14
C GLN C 4103 6.21 -54.18 47.90
N VAL C 4104 5.23 -53.66 47.18
CA VAL C 4104 5.55 -52.98 45.95
C VAL C 4104 6.43 -51.77 46.22
N LYS C 4105 6.08 -50.96 47.21
CA LYS C 4105 6.82 -49.73 47.41
C LYS C 4105 8.27 -50.02 47.75
N CYS C 4106 8.47 -50.99 48.62
CA CYS C 4106 9.82 -51.40 48.95
C CYS C 4106 10.54 -51.87 47.70
N LEU C 4107 9.86 -52.65 46.89
CA LEU C 4107 10.51 -53.16 45.71
C LEU C 4107 10.90 -52.02 44.79
N MET C 4108 10.05 -50.99 44.71
CA MET C 4108 10.37 -49.83 43.91
C MET C 4108 11.68 -49.23 44.37
N ASP C 4109 11.78 -48.94 45.66
CA ASP C 4109 13.00 -48.28 46.10
C ASP C 4109 14.19 -49.14 45.81
N GLN C 4110 14.10 -50.46 46.06
CA GLN C 4110 15.18 -51.39 45.77
C GLN C 4110 15.54 -51.36 44.28
N ALA C 4111 14.58 -51.10 43.39
CA ALA C 4111 14.89 -51.09 41.97
C ALA C 4111 15.55 -49.78 41.56
N THR C 4112 15.03 -48.67 42.03
CA THR C 4112 15.47 -47.38 41.54
C THR C 4112 16.51 -46.75 42.43
N ASP C 4113 16.97 -47.45 43.45
CA ASP C 4113 17.90 -46.84 44.37
C ASP C 4113 19.16 -46.41 43.64
N PRO C 4114 19.57 -45.17 43.76
CA PRO C 4114 20.76 -44.75 43.04
C PRO C 4114 21.95 -45.56 43.42
N ASN C 4115 22.08 -45.90 44.70
CA ASN C 4115 23.30 -46.57 45.12
C ASN C 4115 23.42 -47.92 44.45
N ILE C 4116 22.42 -48.76 44.65
CA ILE C 4116 22.52 -50.11 44.13
C ILE C 4116 22.58 -50.05 42.62
N LEU C 4117 21.88 -49.10 42.02
CA LEU C 4117 21.95 -48.96 40.59
C LEU C 4117 23.38 -48.69 40.14
N GLY C 4118 24.00 -47.67 40.72
CA GLY C 4118 25.15 -47.07 40.08
C GLY C 4118 26.31 -48.01 39.92
N ARG C 4119 26.44 -48.94 40.82
CA ARG C 4119 27.54 -49.87 40.81
C ARG C 4119 27.22 -51.12 40.02
N THR C 4120 26.27 -51.06 39.09
CA THR C 4120 25.84 -52.27 38.43
C THR C 4120 26.74 -52.57 37.23
N TRP C 4121 26.47 -53.71 36.61
CA TRP C 4121 27.33 -54.18 35.56
C TRP C 4121 27.25 -53.28 34.35
N GLU C 4122 28.40 -52.94 33.81
CA GLU C 4122 28.44 -52.39 32.48
C GLU C 4122 27.68 -53.33 31.56
N GLY C 4123 27.22 -52.79 30.46
CA GLY C 4123 26.42 -53.59 29.55
C GLY C 4123 24.97 -53.50 29.94
N TRP C 4124 24.67 -53.87 31.17
CA TRP C 4124 23.34 -53.62 31.70
C TRP C 4124 23.29 -52.12 31.91
N GLU C 4125 23.10 -51.43 30.83
CA GLU C 4125 23.31 -50.00 30.78
C GLU C 4125 22.35 -49.30 31.74
N PRO C 4126 22.81 -48.90 32.90
CA PRO C 4126 21.90 -48.40 33.93
C PRO C 4126 21.45 -46.97 33.70
N TRP C 4127 22.07 -46.30 32.75
CA TRP C 4127 21.62 -44.98 32.40
C TRP C 4127 20.72 -44.98 31.18
N MET C 4128 20.78 -46.00 30.35
CA MET C 4128 20.14 -46.01 29.02
C MET C 4128 20.41 -44.74 28.23
N UNK D 1 -43.41 -58.41 -31.41
CA UNK D 1 -44.64 -58.17 -30.68
C UNK D 1 -44.35 -57.97 -29.19
N UNK D 2 -45.40 -58.03 -28.38
CA UNK D 2 -45.28 -57.83 -26.94
C UNK D 2 -46.48 -58.40 -26.20
N UNK D 3 -46.23 -59.32 -25.29
CA UNK D 3 -47.26 -60.05 -24.58
C UNK D 3 -48.37 -59.13 -24.08
N UNK D 4 -47.99 -57.96 -23.64
CA UNK D 4 -48.98 -56.99 -23.23
C UNK D 4 -49.79 -56.61 -24.45
N UNK D 5 -49.12 -55.96 -25.40
CA UNK D 5 -49.76 -55.45 -26.61
C UNK D 5 -50.52 -56.55 -27.33
N UNK D 6 -50.02 -57.77 -27.20
CA UNK D 6 -50.71 -58.91 -27.76
C UNK D 6 -52.00 -59.11 -26.98
N UNK D 7 -51.86 -59.56 -25.73
CA UNK D 7 -53.02 -59.93 -24.93
C UNK D 7 -54.03 -58.82 -24.92
N UNK D 8 -53.54 -57.61 -25.15
CA UNK D 8 -54.41 -56.46 -25.30
C UNK D 8 -55.45 -56.75 -26.36
N UNK D 9 -55.01 -56.70 -27.62
CA UNK D 9 -55.92 -56.92 -28.72
C UNK D 9 -56.58 -58.27 -28.60
N UNK D 10 -55.86 -59.21 -28.01
CA UNK D 10 -56.41 -60.54 -27.82
C UNK D 10 -57.67 -60.41 -27.03
N UNK D 11 -57.63 -59.56 -26.02
CA UNK D 11 -58.79 -59.32 -25.21
C UNK D 11 -59.59 -58.21 -25.84
N UNK D 12 -59.70 -58.30 -27.15
CA UNK D 12 -60.52 -57.38 -27.90
C UNK D 12 -61.15 -58.13 -29.05
N UNK D 13 -60.52 -59.21 -29.48
CA UNK D 13 -61.08 -60.05 -30.51
C UNK D 13 -62.38 -60.59 -29.96
N UNK D 14 -62.39 -60.79 -28.66
CA UNK D 14 -63.58 -61.23 -27.98
C UNK D 14 -64.57 -60.10 -27.90
N UNK D 15 -64.08 -58.93 -27.55
CA UNK D 15 -64.97 -57.83 -27.22
C UNK D 15 -65.67 -57.30 -28.45
N UNK D 16 -65.20 -57.74 -29.61
CA UNK D 16 -65.71 -57.24 -30.88
C UNK D 16 -65.64 -55.71 -30.91
N UNK D 17 -64.66 -55.17 -30.20
CA UNK D 17 -64.43 -53.74 -30.17
C UNK D 17 -62.96 -53.45 -30.44
N UNK D 18 -62.67 -52.81 -31.56
CA UNK D 18 -61.29 -52.55 -31.97
C UNK D 18 -60.69 -51.39 -31.19
N UNK D 19 -61.52 -50.68 -30.42
CA UNK D 19 -61.09 -49.54 -29.62
C UNK D 19 -60.40 -48.47 -30.47
N UNK D 20 -60.92 -48.27 -31.69
CA UNK D 20 -60.36 -47.29 -32.60
C UNK D 20 -61.07 -45.94 -32.44
N MET G 1 -53.65 87.42 87.99
CA MET G 1 -52.53 88.28 87.55
C MET G 1 -51.24 87.45 87.52
N GLU G 2 -50.28 87.83 86.69
CA GLU G 2 -48.95 87.23 86.67
C GLU G 2 -47.93 88.32 86.99
N ARG G 3 -46.85 87.90 87.65
CA ARG G 3 -45.61 88.67 87.62
C ARG G 3 -44.48 87.74 87.28
N LYS G 4 -43.34 88.34 86.97
CA LYS G 4 -42.13 87.65 86.57
C LYS G 4 -40.93 88.55 86.87
N ILE G 5 -40.11 88.09 87.80
CA ILE G 5 -38.78 88.64 88.06
C ILE G 5 -37.76 87.94 87.16
N SER G 6 -36.79 88.70 86.67
CA SER G 6 -35.77 88.32 85.70
C SER G 6 -34.49 89.06 86.11
N ARG G 7 -33.31 88.41 86.13
CA ARG G 7 -32.06 89.10 86.52
C ARG G 7 -31.20 89.43 85.31
N ILE G 8 -30.70 90.66 85.24
CA ILE G 8 -30.05 91.21 84.06
C ILE G 8 -28.78 91.95 84.44
N HIS G 9 -28.01 92.28 83.41
CA HIS G 9 -26.95 93.25 83.43
C HIS G 9 -27.25 94.36 82.44
N LEU G 10 -27.27 95.60 82.93
CA LEU G 10 -27.15 96.74 82.04
C LEU G 10 -25.80 96.75 81.35
N VAL G 11 -25.76 97.21 80.11
CA VAL G 11 -24.50 97.46 79.42
C VAL G 11 -23.67 98.50 80.20
N SER G 12 -24.32 99.54 80.74
CA SER G 12 -23.68 100.57 81.58
C SER G 12 -22.94 99.99 82.77
N GLU G 13 -23.39 98.84 83.28
CA GLU G 13 -22.99 98.34 84.58
C GLU G 13 -22.70 96.84 84.53
N PRO G 14 -21.50 96.49 84.04
CA PRO G 14 -21.04 95.12 83.87
C PRO G 14 -21.18 94.26 85.14
N SER G 15 -20.76 94.78 86.30
CA SER G 15 -20.55 93.99 87.53
C SER G 15 -21.73 94.06 88.51
N ILE G 16 -22.67 95.00 88.31
CA ILE G 16 -23.90 95.05 89.12
C ILE G 16 -24.92 94.13 88.47
N THR G 17 -25.37 93.09 89.18
CA THR G 17 -26.58 92.37 88.78
C THR G 17 -27.77 93.23 89.11
N HIS G 18 -28.56 93.53 88.11
CA HIS G 18 -29.84 94.20 88.27
C HIS G 18 -30.97 93.18 88.23
N PHE G 19 -32.14 93.60 88.69
CA PHE G 19 -33.37 92.81 88.57
C PHE G 19 -34.45 93.61 87.88
N LEU G 20 -35.05 92.98 86.87
CA LEU G 20 -36.21 93.45 86.14
C LEU G 20 -37.42 92.69 86.70
N GLN G 21 -38.44 93.42 87.14
CA GLN G 21 -39.71 92.80 87.52
C GLN G 21 -40.78 93.32 86.60
N VAL G 22 -41.53 92.39 86.02
CA VAL G 22 -42.67 92.68 85.16
C VAL G 22 -43.91 92.07 85.79
N SER G 23 -45.05 92.75 85.62
CA SER G 23 -46.29 92.42 86.31
C SER G 23 -47.48 92.85 85.43
N TRP G 24 -48.41 91.93 85.18
CA TRP G 24 -49.46 92.12 84.18
C TRP G 24 -50.54 91.04 84.29
N GLU G 25 -51.55 91.13 83.45
CA GLU G 25 -52.71 90.24 83.48
C GLU G 25 -52.73 89.40 82.22
N LYS G 26 -52.01 88.29 82.34
CA LYS G 26 -51.73 87.20 81.41
C LYS G 26 -51.31 87.57 79.99
N THR G 27 -52.08 88.34 79.25
CA THR G 27 -51.47 89.01 78.10
C THR G 27 -50.62 90.18 78.55
N LEU G 28 -49.32 90.03 78.35
CA LEU G 28 -48.36 91.13 78.34
C LEU G 28 -48.83 92.25 77.40
N GLU G 29 -49.49 91.86 76.31
CA GLU G 29 -50.05 92.72 75.28
C GLU G 29 -51.02 93.79 75.80
N SER G 30 -51.73 93.52 76.88
CA SER G 30 -52.67 94.45 77.50
C SER G 30 -51.99 95.67 78.15
N GLY G 31 -50.64 95.68 78.21
CA GLY G 31 -49.86 96.62 79.01
C GLY G 31 -49.41 95.99 80.33
N PHE G 32 -48.35 96.54 80.93
CA PHE G 32 -47.67 95.99 82.11
C PHE G 32 -46.99 97.09 82.92
N VAL G 33 -46.72 96.79 84.18
CA VAL G 33 -45.83 97.57 85.04
C VAL G 33 -44.48 96.91 85.10
N ILE G 34 -43.46 97.76 85.13
CA ILE G 34 -42.10 97.33 85.05
C ILE G 34 -41.27 98.08 86.09
N THR G 35 -40.47 97.35 86.86
CA THR G 35 -39.55 97.88 87.87
C THR G 35 -38.16 97.43 87.48
N LEU G 36 -37.15 98.28 87.67
CA LEU G 36 -35.74 97.87 87.73
C LEU G 36 -35.21 98.21 89.12
N THR G 37 -34.22 97.46 89.56
CA THR G 37 -33.48 97.73 90.79
C THR G 37 -32.07 97.13 90.73
N ASP G 38 -31.18 97.60 91.60
CA ASP G 38 -29.81 97.09 91.77
C ASP G 38 -29.43 96.70 93.22
N GLY G 39 -30.42 96.60 94.13
CA GLY G 39 -30.23 96.35 95.57
C GLY G 39 -29.95 97.61 96.40
N HIS G 40 -29.89 98.78 95.77
CA HIS G 40 -29.69 100.05 96.44
C HIS G 40 -30.77 101.06 96.05
N SER G 41 -31.16 101.06 94.77
CA SER G 41 -32.14 101.99 94.18
C SER G 41 -33.14 101.22 93.33
N ALA G 42 -34.26 101.85 92.97
CA ALA G 42 -35.31 101.25 92.15
C ALA G 42 -35.92 102.30 91.23
N TRP G 43 -36.44 101.86 90.08
CA TRP G 43 -37.08 102.68 89.06
C TRP G 43 -38.28 101.96 88.54
N THR G 44 -39.27 102.67 88.05
CA THR G 44 -40.51 102.05 87.59
C THR G 44 -41.04 102.76 86.39
N GLY G 45 -41.85 102.07 85.59
CA GLY G 45 -42.82 102.72 84.74
C GLY G 45 -43.83 101.72 84.22
N THR G 46 -44.62 102.18 83.27
CA THR G 46 -45.79 101.46 82.77
C THR G 46 -45.78 101.50 81.26
N VAL G 47 -46.31 100.46 80.59
CA VAL G 47 -46.54 100.40 79.13
C VAL G 47 -47.97 99.94 78.84
N SER G 48 -48.62 100.47 77.80
CA SER G 48 -50.06 100.25 77.50
C SER G 48 -50.34 99.55 76.15
N GLU G 49 -51.61 99.20 75.91
CA GLU G 49 -52.12 98.42 74.76
C GLU G 49 -51.72 99.02 73.40
N SER G 50 -51.97 100.33 73.25
CA SER G 50 -51.72 101.08 72.02
C SER G 50 -50.23 101.38 71.83
N GLU G 51 -49.44 101.47 72.90
CA GLU G 51 -47.99 101.69 72.83
C GLU G 51 -47.25 100.47 72.29
N ILE G 52 -47.57 99.27 72.77
CA ILE G 52 -47.07 98.01 72.21
C ILE G 52 -47.52 97.85 70.75
N SER G 53 -48.77 98.17 70.44
CA SER G 53 -49.25 98.14 69.06
C SER G 53 -48.40 99.03 68.17
N GLN G 54 -48.21 100.27 68.60
CA GLN G 54 -47.44 101.29 67.92
C GLN G 54 -46.00 100.84 67.70
N GLU G 55 -45.37 100.28 68.72
CA GLU G 55 -44.00 99.81 68.67
C GLU G 55 -43.84 98.67 67.64
N ALA G 56 -44.77 97.72 67.63
CA ALA G 56 -44.83 96.66 66.64
C ALA G 56 -45.09 97.18 65.22
N ASP G 57 -45.97 98.17 65.12
CA ASP G 57 -46.37 98.82 63.88
C ASP G 57 -45.32 99.73 63.30
N ASP G 58 -44.45 100.29 64.13
CA ASP G 58 -43.24 100.96 63.68
C ASP G 58 -42.25 99.97 63.05
N MET G 59 -42.18 98.78 63.61
CA MET G 59 -41.29 97.72 63.14
C MET G 59 -41.86 97.06 61.87
N ALA G 60 -43.18 96.88 61.76
CA ALA G 60 -43.93 96.11 60.73
C ALA G 60 -44.04 94.61 61.02
N MET G 61 -44.42 94.25 62.26
CA MET G 61 -44.58 92.86 62.65
C MET G 61 -45.93 92.62 63.32
N GLU G 62 -46.48 91.43 63.05
CA GLU G 62 -47.69 90.91 63.66
C GLU G 62 -47.61 91.07 65.20
N LYS G 63 -48.56 91.77 65.80
CA LYS G 63 -48.71 91.83 67.26
C LYS G 63 -49.12 90.47 67.77
N GLY G 64 -48.58 90.04 68.90
CA GLY G 64 -48.55 88.61 69.24
C GLY G 64 -47.20 88.00 68.85
N LYS G 65 -46.72 88.16 67.62
CA LYS G 65 -45.35 87.79 67.24
C LYS G 65 -44.32 88.73 67.88
N TYR G 66 -44.59 90.03 67.78
CA TYR G 66 -43.85 91.05 68.52
C TYR G 66 -43.98 90.85 70.04
N VAL G 67 -45.13 90.36 70.47
CA VAL G 67 -45.35 90.02 71.88
C VAL G 67 -44.50 88.82 72.27
N GLY G 68 -44.34 87.85 71.39
CA GLY G 68 -43.35 86.80 71.48
C GLY G 68 -41.97 87.37 71.79
N GLU G 69 -41.48 88.26 70.95
CA GLU G 69 -40.21 88.96 71.19
C GLU G 69 -40.16 89.65 72.56
N LEU G 70 -41.24 90.32 72.94
CA LEU G 70 -41.35 90.93 74.26
C LEU G 70 -41.27 89.88 75.38
N ARG G 71 -41.94 88.74 75.28
CA ARG G 71 -41.90 87.72 76.35
C ARG G 71 -40.48 87.22 76.50
N LYS G 72 -39.83 87.01 75.37
CA LYS G 72 -38.50 86.44 75.32
C LYS G 72 -37.46 87.39 75.88
N ALA G 73 -37.60 88.67 75.55
CA ALA G 73 -36.77 89.74 76.05
C ALA G 73 -37.01 89.97 77.55
N LEU G 74 -38.26 90.18 77.96
CA LEU G 74 -38.59 90.76 79.28
C LEU G 74 -38.87 89.70 80.37
N LEU G 75 -39.32 88.53 79.96
CA LEU G 75 -39.72 87.44 80.84
C LEU G 75 -38.75 86.26 80.79
N SER G 76 -37.49 86.52 80.47
CA SER G 76 -36.42 85.51 80.35
C SER G 76 -36.74 84.39 79.34
N GLY G 77 -37.71 84.57 78.43
CA GLY G 77 -38.11 83.52 77.49
C GLY G 77 -37.12 83.31 76.33
N ALA G 78 -35.93 83.89 76.40
CA ALA G 78 -34.84 83.73 75.44
C ALA G 78 -34.36 82.28 75.26
N GLY G 79 -34.22 81.85 74.01
CA GLY G 79 -33.45 80.66 73.65
C GLY G 79 -31.94 80.96 73.60
N PRO G 80 -31.08 79.95 73.36
CA PRO G 80 -29.61 80.12 73.31
C PRO G 80 -29.18 80.96 72.12
N ALA G 81 -29.96 80.92 71.06
CA ALA G 81 -29.81 81.72 69.86
C ALA G 81 -30.11 83.20 70.12
N ASP G 82 -31.00 83.49 71.04
CA ASP G 82 -31.42 84.84 71.33
C ASP G 82 -30.45 85.49 72.29
N VAL G 83 -29.92 86.64 71.90
CA VAL G 83 -29.08 87.48 72.75
C VAL G 83 -29.74 88.84 72.81
N TYR G 84 -30.24 89.19 73.98
CA TYR G 84 -30.84 90.49 74.25
C TYR G 84 -29.85 91.41 74.98
N THR G 85 -30.07 92.71 74.87
CA THR G 85 -29.20 93.74 75.42
C THR G 85 -30.03 94.81 76.11
N PHE G 86 -29.62 95.25 77.29
CA PHE G 86 -30.41 96.11 78.19
C PHE G 86 -29.65 97.38 78.56
N ASN G 87 -30.29 98.52 78.38
CA ASN G 87 -29.65 99.81 78.54
C ASN G 87 -30.54 100.78 79.29
N PHE G 88 -29.89 101.54 80.17
CA PHE G 88 -30.56 102.47 81.05
C PHE G 88 -29.60 103.56 81.48
N SER G 89 -30.02 104.81 81.32
CA SER G 89 -29.51 105.91 82.13
C SER G 89 -30.43 106.02 83.32
N LYS G 90 -29.88 106.05 84.51
CA LYS G 90 -30.60 106.38 85.75
C LYS G 90 -30.86 107.87 85.80
N GLU G 91 -29.95 108.61 85.17
CA GLU G 91 -29.92 110.06 85.08
C GLU G 91 -31.10 110.58 84.27
N SER G 92 -31.29 110.07 83.06
CA SER G 92 -32.49 110.32 82.25
C SER G 92 -33.65 109.38 82.56
N CYS G 93 -33.39 108.28 83.26
CA CYS G 93 -34.31 107.17 83.42
C CYS G 93 -34.89 106.58 82.12
N TYR G 94 -34.18 106.69 81.00
CA TYR G 94 -34.57 106.09 79.74
C TYR G 94 -34.06 104.66 79.64
N PHE G 95 -34.97 103.71 79.70
CA PHE G 95 -34.67 102.33 79.38
C PHE G 95 -34.83 102.09 77.91
N PHE G 96 -33.98 101.24 77.35
CA PHE G 96 -34.24 100.57 76.10
C PHE G 96 -33.54 99.23 76.05
N PHE G 97 -34.06 98.36 75.22
CA PHE G 97 -33.56 97.01 75.08
C PHE G 97 -33.60 96.62 73.61
N GLU G 98 -32.84 95.60 73.32
CA GLU G 98 -32.46 95.26 71.96
C GLU G 98 -32.19 93.78 71.85
N LYS G 99 -32.13 93.31 70.62
CA LYS G 99 -31.69 91.99 70.25
C LYS G 99 -30.42 92.08 69.42
N ASN G 100 -29.52 91.12 69.52
CA ASN G 100 -28.27 91.12 68.78
C ASN G 100 -28.23 89.98 67.78
N LEU G 101 -28.03 90.30 66.49
CA LEU G 101 -27.91 89.43 65.33
C LEU G 101 -27.17 90.16 64.22
N LYS G 102 -26.69 89.46 63.19
CA LYS G 102 -25.98 90.08 62.04
C LYS G 102 -24.72 90.82 62.48
N ASP G 103 -24.24 90.46 63.68
CA ASP G 103 -23.18 91.11 64.44
C ASP G 103 -23.51 92.55 64.86
N VAL G 104 -24.77 92.82 65.11
CA VAL G 104 -25.30 94.15 65.43
C VAL G 104 -26.43 94.04 66.41
N SER G 105 -26.59 95.10 67.16
CA SER G 105 -27.73 95.25 68.02
C SER G 105 -28.89 95.90 67.28
N PHE G 106 -30.11 95.57 67.72
CA PHE G 106 -31.34 96.05 67.13
C PHE G 106 -32.32 96.29 68.25
N ARG G 107 -32.50 97.55 68.60
CA ARG G 107 -33.57 98.05 69.46
C ARG G 107 -34.86 97.27 69.26
N LEU G 108 -35.44 96.79 70.35
CA LEU G 108 -36.77 96.20 70.42
C LEU G 108 -37.79 97.14 71.11
N GLY G 109 -37.37 98.03 72.00
CA GLY G 109 -38.30 98.97 72.64
C GLY G 109 -37.62 99.87 73.66
N SER G 110 -38.39 100.79 74.23
CA SER G 110 -37.94 101.82 75.18
C SER G 110 -38.96 102.20 76.24
N PHE G 111 -38.48 102.56 77.42
CA PHE G 111 -39.30 103.00 78.53
C PHE G 111 -38.79 104.28 79.19
N ASN G 112 -39.74 105.13 79.49
CA ASN G 112 -39.67 106.12 80.54
C ASN G 112 -39.79 105.40 81.89
N LEU G 113 -38.70 105.20 82.61
CA LEU G 113 -38.78 104.93 84.05
C LEU G 113 -38.82 106.26 84.81
N GLU G 114 -39.24 106.17 86.05
CA GLU G 114 -39.16 107.21 87.05
C GLU G 114 -38.37 106.55 88.19
N LYS G 115 -37.41 107.24 88.80
CA LYS G 115 -36.82 106.75 90.03
C LYS G 115 -37.91 106.67 91.09
N VAL G 116 -37.88 105.58 91.82
CA VAL G 116 -38.86 105.29 92.84
C VAL G 116 -38.38 105.83 94.19
N GLU G 117 -39.33 106.44 94.89
CA GLU G 117 -39.14 107.22 96.11
C GLU G 117 -38.96 106.34 97.34
N ASN G 118 -39.50 105.12 97.33
CA ASN G 118 -39.49 104.19 98.45
C ASN G 118 -38.70 102.92 98.06
N PRO G 119 -37.38 103.02 97.87
CA PRO G 119 -36.59 101.95 97.28
C PRO G 119 -36.62 100.64 98.08
N ALA G 120 -36.19 100.68 99.34
CA ALA G 120 -36.09 99.51 100.22
C ALA G 120 -37.45 98.76 100.39
N GLU G 121 -38.58 99.44 100.18
CA GLU G 121 -39.92 98.89 100.36
C GLU G 121 -40.42 98.03 99.20
N VAL G 122 -40.22 98.46 97.98
CA VAL G 122 -40.59 97.58 96.86
C VAL G 122 -39.63 96.41 96.75
N ILE G 123 -38.38 96.63 97.16
CA ILE G 123 -37.39 95.59 97.36
C ILE G 123 -37.96 94.56 98.37
N ARG G 124 -38.40 94.99 99.56
CA ARG G 124 -39.02 94.11 100.56
C ARG G 124 -40.10 93.21 99.98
N GLU G 125 -41.04 93.83 99.29
CA GLU G 125 -42.11 93.12 98.63
C GLU G 125 -41.52 92.06 97.70
N LEU G 126 -40.67 92.52 96.77
CA LEU G 126 -40.08 91.71 95.71
C LEU G 126 -39.50 90.43 96.29
N ILE G 127 -38.66 90.58 97.29
CA ILE G 127 -37.92 89.45 97.80
C ILE G 127 -38.76 88.58 98.75
N CYS G 128 -39.83 89.12 99.34
CA CYS G 128 -40.81 88.27 100.01
C CYS G 128 -41.47 87.31 99.04
N TYR G 129 -41.91 87.82 97.89
CA TYR G 129 -42.46 86.97 96.85
C TYR G 129 -41.47 85.89 96.42
N CYS G 130 -40.18 86.22 96.39
CA CYS G 130 -39.14 85.23 96.07
C CYS G 130 -39.04 84.16 97.13
N LEU G 131 -38.97 84.51 98.41
CA LEU G 131 -38.95 83.57 99.53
C LEU G 131 -40.15 82.63 99.52
N ASP G 132 -41.31 83.17 99.17
CA ASP G 132 -42.51 82.39 99.00
C ASP G 132 -42.32 81.41 97.82
N THR G 133 -41.92 81.92 96.68
CA THR G 133 -41.82 81.15 95.45
C THR G 133 -40.80 80.01 95.55
N ILE G 134 -39.68 80.25 96.21
CA ILE G 134 -38.72 79.19 96.49
C ILE G 134 -39.36 78.13 97.42
N ALA G 135 -40.06 78.57 98.47
CA ALA G 135 -40.69 77.66 99.43
C ALA G 135 -41.81 76.80 98.82
N GLU G 136 -42.60 77.36 97.91
CA GLU G 136 -43.63 76.60 97.19
C GLU G 136 -43.03 75.48 96.34
N ASN G 137 -42.06 75.84 95.51
CA ASN G 137 -41.42 74.90 94.61
C ASN G 137 -40.60 73.86 95.34
N GLN G 138 -40.20 74.20 96.55
CA GLN G 138 -39.63 73.30 97.50
C GLN G 138 -40.70 72.34 98.06
N ALA G 139 -41.81 72.82 98.61
CA ALA G 139 -42.84 71.91 99.12
C ALA G 139 -43.46 71.01 98.05
N LYS G 140 -43.62 71.53 96.83
CA LYS G 140 -44.00 70.74 95.66
C LYS G 140 -43.00 69.62 95.41
N ASN G 141 -41.72 69.94 95.44
CA ASN G 141 -40.68 68.96 95.20
C ASN G 141 -40.75 67.84 96.21
N GLU G 142 -40.77 68.15 97.50
CA GLU G 142 -40.83 67.12 98.54
C GLU G 142 -41.95 66.12 98.25
N HIS G 143 -43.12 66.65 97.88
CA HIS G 143 -44.23 65.83 97.51
C HIS G 143 -43.91 64.90 96.32
N LEU G 144 -43.39 65.44 95.21
CA LEU G 144 -43.10 64.65 94.01
C LEU G 144 -42.14 63.50 94.26
N GLN G 145 -41.21 63.74 95.18
CA GLN G 145 -40.25 62.76 95.66
C GLN G 145 -40.99 61.61 96.32
N LYS G 146 -41.89 61.93 97.25
CA LYS G 146 -42.62 60.92 98.04
C LYS G 146 -43.46 60.04 97.12
N GLU G 147 -44.04 60.64 96.09
CA GLU G 147 -44.73 59.89 95.04
C GLU G 147 -43.78 58.99 94.29
N ASN G 148 -42.64 59.51 93.83
CA ASN G 148 -41.67 58.70 93.12
C ASN G 148 -41.33 57.42 93.89
N GLU G 149 -41.08 57.53 95.20
CA GLU G 149 -40.73 56.40 96.05
C GLU G 149 -41.85 55.36 96.13
N ARG G 150 -43.05 55.86 96.45
CA ARG G 150 -44.26 55.06 96.57
C ARG G 150 -44.50 54.27 95.32
N LEU G 151 -44.44 55.01 94.22
CA LEU G 151 -44.70 54.51 92.91
C LEU G 151 -43.72 53.44 92.47
N LEU G 152 -42.46 53.61 92.83
CA LEU G 152 -41.41 52.72 92.39
C LEU G 152 -41.52 51.36 93.10
N ARG G 153 -41.82 51.42 94.39
CA ARG G 153 -42.19 50.25 95.18
C ARG G 153 -43.43 49.58 94.62
N ASP G 154 -44.54 50.32 94.56
CA ASP G 154 -45.84 49.79 94.11
C ASP G 154 -45.79 49.25 92.69
N TRP G 155 -44.98 49.81 91.81
CA TRP G 155 -44.83 49.27 90.48
C TRP G 155 -44.16 47.90 90.51
N ASN G 156 -43.05 47.77 91.23
CA ASN G 156 -42.37 46.48 91.40
C ASN G 156 -43.28 45.42 91.98
N ASP G 157 -44.11 45.86 92.91
CA ASP G 157 -45.10 45.06 93.60
C ASP G 157 -46.11 44.44 92.62
N VAL G 158 -46.92 45.24 91.92
CA VAL G 158 -47.98 44.69 91.05
C VAL G 158 -47.37 43.99 89.84
N GLN G 159 -46.18 44.42 89.40
CA GLN G 159 -45.47 43.71 88.35
C GLN G 159 -45.20 42.26 88.72
N GLY G 160 -44.61 42.05 89.89
CA GLY G 160 -44.35 40.71 90.40
C GLY G 160 -45.64 39.93 90.63
N ARG G 161 -46.62 40.48 91.37
CA ARG G 161 -47.90 39.80 91.67
C ARG G 161 -48.62 39.42 90.39
N PHE G 162 -48.71 40.31 89.41
CA PHE G 162 -49.42 40.04 88.17
C PHE G 162 -48.85 38.85 87.41
N GLU G 163 -47.54 38.79 87.30
CA GLU G 163 -46.83 37.72 86.59
C GLU G 163 -46.94 36.36 87.30
N LYS G 164 -46.97 36.40 88.63
CA LYS G 164 -47.30 35.24 89.47
C LYS G 164 -48.74 34.79 89.24
N CYS G 165 -49.68 35.73 89.18
CA CYS G 165 -51.09 35.43 88.88
C CYS G 165 -51.28 34.87 87.46
N VAL G 166 -50.66 35.45 86.44
CA VAL G 166 -50.70 34.93 85.06
C VAL G 166 -50.23 33.46 85.01
N SER G 167 -49.10 33.15 85.63
CA SER G 167 -48.60 31.77 85.69
C SER G 167 -49.55 30.81 86.41
N ALA G 168 -50.13 31.27 87.53
CA ALA G 168 -51.06 30.46 88.31
C ALA G 168 -52.36 30.20 87.53
N LYS G 169 -52.89 31.21 86.83
CA LYS G 169 -54.04 31.11 85.93
C LYS G 169 -53.79 30.07 84.84
N GLU G 170 -52.61 30.10 84.25
CA GLU G 170 -52.25 29.21 83.16
C GLU G 170 -52.10 27.74 83.61
N ALA G 171 -51.82 27.48 84.88
CA ALA G 171 -51.82 26.13 85.47
C ALA G 171 -53.25 25.64 85.88
N LEU G 172 -54.12 26.57 86.27
CA LEU G 172 -55.43 26.30 86.88
C LEU G 172 -56.33 25.35 86.10
N GLU G 173 -56.56 25.62 84.81
CA GLU G 173 -57.53 24.84 84.05
C GLU G 173 -57.20 23.34 84.12
N THR G 174 -55.95 23.00 83.84
CA THR G 174 -55.55 21.59 83.81
C THR G 174 -55.51 20.99 85.21
N ASP G 175 -55.21 21.78 86.24
CA ASP G 175 -55.35 21.33 87.63
C ASP G 175 -56.73 20.78 87.88
N LEU G 176 -57.72 21.63 87.64
CA LEU G 176 -59.13 21.31 87.73
C LEU G 176 -59.45 20.06 86.91
N TYR G 177 -59.06 20.01 85.64
CA TYR G 177 -59.31 18.83 84.82
C TYR G 177 -58.74 17.54 85.38
N LYS G 178 -57.51 17.56 85.87
CA LYS G 178 -56.91 16.38 86.48
C LYS G 178 -57.73 15.92 87.66
N ARG G 179 -58.19 16.86 88.50
CA ARG G 179 -59.03 16.54 89.67
C ARG G 179 -60.36 15.95 89.22
N PHE G 180 -60.97 16.51 88.18
CA PHE G 180 -62.29 16.10 87.70
C PHE G 180 -62.25 14.69 87.06
N ILE G 181 -61.23 14.39 86.25
CA ILE G 181 -61.15 13.11 85.51
C ILE G 181 -61.15 11.90 86.45
N LEU G 182 -60.41 11.99 87.54
CA LEU G 182 -60.36 10.96 88.56
C LEU G 182 -61.71 10.76 89.26
N VAL G 183 -62.29 11.85 89.78
CA VAL G 183 -63.58 11.82 90.45
C VAL G 183 -64.65 11.20 89.54
N LEU G 184 -64.68 11.66 88.29
CA LEU G 184 -65.63 11.25 87.26
C LEU G 184 -65.52 9.77 86.86
N ASN G 185 -64.32 9.23 86.61
CA ASN G 185 -64.09 7.84 86.22
C ASN G 185 -64.38 6.87 87.38
N GLU G 186 -64.19 7.30 88.63
CA GLU G 186 -64.68 6.53 89.77
C GLU G 186 -66.20 6.48 89.81
N LYS G 187 -66.90 7.58 89.50
CA LYS G 187 -68.36 7.52 89.49
C LYS G 187 -68.89 6.66 88.36
N LYS G 188 -68.31 6.75 87.16
CA LYS G 188 -68.53 5.83 86.02
C LYS G 188 -68.50 4.40 86.51
N THR G 189 -67.47 4.08 87.28
CA THR G 189 -67.23 2.74 87.83
C THR G 189 -68.42 2.29 88.68
N LYS G 190 -68.81 3.12 89.64
CA LYS G 190 -69.98 2.87 90.47
C LYS G 190 -71.26 2.68 89.64
N ILE G 191 -71.45 3.50 88.60
CA ILE G 191 -72.63 3.38 87.75
C ILE G 191 -72.67 2.06 87.02
N ARG G 192 -71.56 1.74 86.35
CA ARG G 192 -71.35 0.52 85.55
C ARG G 192 -71.70 -0.71 86.39
N SER G 193 -71.25 -0.70 87.65
CA SER G 193 -71.41 -1.82 88.58
C SER G 193 -72.86 -1.99 88.98
N LEU G 194 -73.46 -0.90 89.44
CA LEU G 194 -74.85 -0.92 89.86
C LEU G 194 -75.80 -1.20 88.71
N HIS G 195 -75.55 -0.66 87.53
CA HIS G 195 -76.28 -0.95 86.30
C HIS G 195 -76.23 -2.43 85.95
N ASN G 196 -75.04 -3.00 85.91
CA ASN G 196 -74.87 -4.40 85.57
C ASN G 196 -75.55 -5.31 86.58
N LYS G 197 -75.41 -5.03 87.86
CA LYS G 197 -76.13 -5.81 88.87
C LYS G 197 -77.63 -5.69 88.66
N LEU G 198 -78.14 -4.50 88.35
CA LEU G 198 -79.55 -4.29 88.11
C LEU G 198 -80.07 -5.04 86.87
N LEU G 199 -79.27 -5.10 85.81
CA LEU G 199 -79.56 -5.89 84.60
C LEU G 199 -79.66 -7.38 84.90
N ASN G 200 -78.72 -7.91 85.68
CA ASN G 200 -78.75 -9.32 86.08
C ASN G 200 -79.92 -9.63 87.04
N ALA G 201 -80.58 -8.60 87.59
CA ALA G 201 -81.73 -8.71 88.48
C ALA G 201 -82.71 -7.54 88.35
N ALA G 267 -23.23 -39.06 58.66
CA ALA G 267 -22.86 -37.71 59.08
C ALA G 267 -23.52 -36.66 58.20
N PRO G 268 -24.09 -35.64 58.82
CA PRO G 268 -24.73 -34.57 58.04
C PRO G 268 -23.73 -33.83 57.16
N SER G 269 -24.23 -33.36 56.01
CA SER G 269 -23.41 -32.65 55.04
C SER G 269 -23.65 -31.16 55.21
N ARG G 270 -22.61 -30.43 55.58
CA ARG G 270 -22.70 -29.00 55.82
C ARG G 270 -21.72 -28.26 54.94
N LYS G 271 -22.05 -27.00 54.66
CA LYS G 271 -21.18 -26.12 53.89
C LYS G 271 -21.34 -24.71 54.42
N ARG G 272 -20.49 -23.82 53.92
CA ARG G 272 -20.67 -22.38 54.10
C ARG G 272 -20.37 -21.69 52.78
N ARG G 273 -20.64 -20.39 52.75
CA ARG G 273 -20.35 -19.63 51.54
C ARG G 273 -18.86 -19.46 51.37
N GLN G 274 -18.47 -19.08 50.16
CA GLN G 274 -17.09 -18.78 49.83
C GLN G 274 -17.06 -17.55 48.93
N ARG G 275 -15.99 -16.77 49.03
CA ARG G 275 -15.80 -15.59 48.21
C ARG G 275 -14.64 -15.82 47.26
N MET G 276 -14.90 -15.71 45.96
CA MET G 276 -13.85 -15.95 44.98
C MET G 276 -13.01 -14.70 44.80
N GLN G 277 -11.73 -14.80 45.16
CA GLN G 277 -10.85 -13.65 45.18
C GLN G 277 -10.48 -13.14 43.80
N ARG G 278 -10.61 -13.97 42.76
CA ARG G 278 -10.31 -13.58 41.39
C ARG G 278 -8.88 -13.07 41.24
N MET H 1 -20.40 74.87 102.29
CA MET H 1 -21.13 76.03 102.83
C MET H 1 -22.62 75.89 102.53
N GLU H 2 -23.44 76.01 103.57
CA GLU H 2 -24.89 76.00 103.53
C GLU H 2 -25.46 77.35 104.01
N ARG H 3 -26.77 77.53 103.83
CA ARG H 3 -27.45 78.81 104.05
C ARG H 3 -28.95 78.67 104.04
N LYS H 4 -29.61 79.52 104.81
CA LYS H 4 -31.06 79.75 104.85
C LYS H 4 -31.34 81.27 104.90
N ILE H 5 -32.52 81.69 104.43
CA ILE H 5 -32.99 83.10 104.46
C ILE H 5 -34.43 83.19 104.99
N SER H 6 -34.75 84.17 105.85
CA SER H 6 -36.10 84.32 106.40
C SER H 6 -36.51 85.73 106.84
N ARG H 7 -37.76 86.02 106.50
CA ARG H 7 -38.50 87.21 106.90
C ARG H 7 -38.80 87.23 108.39
N ILE H 8 -38.57 88.39 109.00
CA ILE H 8 -38.77 88.69 110.42
C ILE H 8 -39.34 90.10 110.59
N HIS H 9 -39.67 90.43 111.82
CA HIS H 9 -39.99 91.78 112.31
C HIS H 9 -38.94 92.20 113.31
N LEU H 10 -39.04 93.42 113.83
CA LEU H 10 -38.48 93.75 115.14
C LEU H 10 -39.51 94.52 115.94
N VAL H 11 -39.60 94.34 117.26
CA VAL H 11 -40.55 95.13 118.07
C VAL H 11 -40.19 96.62 118.09
N SER H 12 -38.92 96.90 117.92
CA SER H 12 -38.35 98.22 117.65
C SER H 12 -38.87 98.86 116.36
N GLU H 13 -39.26 98.09 115.34
CA GLU H 13 -39.95 98.61 114.15
C GLU H 13 -41.14 97.67 113.78
N PRO H 14 -42.30 97.81 114.47
CA PRO H 14 -43.42 96.85 114.43
C PRO H 14 -44.16 96.77 113.11
N SER H 15 -44.03 97.80 112.29
CA SER H 15 -44.90 98.04 111.15
C SER H 15 -44.33 97.48 109.84
N ILE H 16 -43.15 96.86 109.87
CA ILE H 16 -42.35 96.63 108.67
C ILE H 16 -41.54 95.34 108.74
N THR H 17 -41.42 94.71 107.60
CA THR H 17 -40.70 93.45 107.40
C THR H 17 -39.18 93.68 107.52
N HIS H 18 -38.42 92.68 107.93
CA HIS H 18 -36.97 92.60 107.70
C HIS H 18 -36.65 91.21 107.27
N PHE H 19 -35.42 91.04 106.88
CA PHE H 19 -34.86 89.79 106.47
C PHE H 19 -33.63 89.51 107.29
N LEU H 20 -33.66 88.38 107.97
CA LEU H 20 -32.46 87.72 108.43
C LEU H 20 -32.00 86.76 107.32
N GLN H 21 -30.71 86.55 107.23
CA GLN H 21 -30.07 85.52 106.42
C GLN H 21 -29.00 84.83 107.26
N VAL H 22 -29.02 83.49 107.29
CA VAL H 22 -28.17 82.69 108.16
C VAL H 22 -27.36 81.74 107.28
N SER H 23 -26.03 81.88 107.24
CA SER H 23 -25.16 81.06 106.40
C SER H 23 -24.06 80.39 107.23
N TRP H 24 -23.86 79.09 107.02
CA TRP H 24 -22.99 78.30 107.88
C TRP H 24 -22.20 77.29 107.11
N GLU H 25 -21.09 76.88 107.72
CA GLU H 25 -20.27 75.87 107.12
C GLU H 25 -20.59 74.53 107.75
N LYS H 26 -20.90 73.56 106.88
CA LYS H 26 -21.41 72.22 107.14
C LYS H 26 -22.65 72.21 108.03
N THR H 27 -22.51 72.54 109.32
CA THR H 27 -23.61 72.66 110.29
C THR H 27 -23.62 74.03 110.93
N LEU H 28 -24.84 74.44 111.31
CA LEU H 28 -25.17 75.51 112.24
C LEU H 28 -24.36 75.44 113.55
N GLU H 29 -23.85 74.27 113.87
CA GLU H 29 -23.07 73.97 115.05
C GLU H 29 -21.58 74.29 114.95
N SER H 30 -20.98 74.36 113.75
CA SER H 30 -19.59 74.82 113.61
C SER H 30 -19.45 76.31 113.89
N GLY H 31 -20.57 77.03 113.95
CA GLY H 31 -20.58 78.46 113.80
C GLY H 31 -20.90 78.96 112.41
N PHE H 32 -21.13 80.27 112.30
CA PHE H 32 -21.86 80.82 111.17
C PHE H 32 -21.65 82.32 110.95
N VAL H 33 -22.08 82.79 109.76
CA VAL H 33 -22.29 84.20 109.42
C VAL H 33 -23.77 84.50 109.31
N ILE H 34 -24.21 85.54 110.01
CA ILE H 34 -25.59 86.03 110.08
C ILE H 34 -25.65 87.45 109.50
N THR H 35 -26.75 87.79 108.83
CA THR H 35 -26.94 89.09 108.15
C THR H 35 -28.39 89.58 108.26
N LEU H 36 -28.62 90.79 108.77
CA LEU H 36 -29.96 91.41 108.83
C LEU H 36 -30.01 92.51 107.80
N THR H 37 -31.19 92.67 107.21
CA THR H 37 -31.53 93.82 106.39
C THR H 37 -33.00 94.17 106.48
N ASP H 38 -33.28 95.47 106.35
CA ASP H 38 -34.60 96.06 106.10
C ASP H 38 -35.03 95.89 104.63
N GLY H 39 -34.08 95.89 103.68
CA GLY H 39 -34.30 96.21 102.25
C GLY H 39 -33.41 97.37 101.79
N HIS H 40 -32.77 98.08 102.73
CA HIS H 40 -31.95 99.28 102.51
C HIS H 40 -30.49 99.17 102.99
N SER H 41 -30.21 98.48 104.09
CA SER H 41 -28.96 98.60 104.86
C SER H 41 -28.39 97.24 105.30
N ALA H 42 -27.07 97.19 105.40
CA ALA H 42 -26.30 95.97 105.54
C ALA H 42 -25.86 95.75 106.98
N TRP H 43 -26.46 94.83 107.71
CA TRP H 43 -25.93 94.39 109.00
C TRP H 43 -25.39 92.98 108.94
N THR H 44 -24.27 92.71 109.61
CA THR H 44 -23.61 91.40 109.55
C THR H 44 -23.05 91.02 110.93
N GLY H 45 -22.75 89.75 111.10
CA GLY H 45 -22.01 89.22 112.25
C GLY H 45 -21.36 87.88 111.92
N THR H 46 -20.27 87.54 112.59
CA THR H 46 -19.66 86.18 112.60
C THR H 46 -19.55 85.69 114.05
N VAL H 47 -20.07 84.50 114.32
CA VAL H 47 -20.22 83.93 115.67
C VAL H 47 -20.03 82.40 115.56
N SER H 48 -18.97 81.85 116.14
CA SER H 48 -18.45 80.52 115.80
C SER H 48 -18.33 79.54 116.97
N GLU H 49 -17.97 78.28 116.62
CA GLU H 49 -18.05 77.07 117.46
C GLU H 49 -17.89 77.35 118.97
N SER H 50 -16.69 77.79 119.36
CA SER H 50 -16.28 77.89 120.76
C SER H 50 -17.24 78.71 121.60
N GLU H 51 -17.83 79.76 121.03
CA GLU H 51 -18.80 80.59 121.73
C GLU H 51 -20.27 80.28 121.39
N ILE H 52 -20.61 79.64 120.26
CA ILE H 52 -21.98 79.10 120.11
C ILE H 52 -22.27 78.00 121.11
N SER H 53 -21.33 77.09 121.35
CA SER H 53 -21.44 76.14 122.46
C SER H 53 -20.97 76.71 123.81
N GLN H 54 -20.62 77.99 123.90
CA GLN H 54 -20.58 78.76 125.16
C GLN H 54 -21.97 79.32 125.51
N GLU H 55 -22.86 79.48 124.52
CA GLU H 55 -24.24 79.93 124.76
C GLU H 55 -25.02 78.97 125.64
N ALA H 56 -25.08 77.70 125.23
CA ALA H 56 -25.57 76.56 126.00
C ALA H 56 -24.58 76.15 127.12
N ASP H 57 -24.07 77.12 127.85
CA ASP H 57 -23.19 77.02 129.01
C ASP H 57 -23.39 78.25 129.90
N ASP H 58 -23.41 79.45 129.31
CA ASP H 58 -23.86 80.69 129.95
C ASP H 58 -25.36 80.62 130.33
N MET H 59 -26.20 79.94 129.51
CA MET H 59 -27.56 79.49 129.86
C MET H 59 -27.64 78.00 130.18
N ALA H 60 -26.59 77.42 130.79
CA ALA H 60 -26.54 76.11 131.46
C ALA H 60 -26.81 74.81 130.70
N MET H 61 -27.53 74.90 129.61
CA MET H 61 -28.37 73.80 129.17
C MET H 61 -27.89 72.97 127.99
N GLU H 62 -28.77 72.06 127.57
CA GLU H 62 -28.65 71.30 126.35
C GLU H 62 -28.48 72.28 125.20
N LYS H 63 -27.38 72.13 124.45
CA LYS H 63 -27.33 72.65 123.09
C LYS H 63 -28.49 72.07 122.27
N GLY H 64 -29.05 70.92 122.66
CA GLY H 64 -30.24 70.28 122.10
C GLY H 64 -31.40 71.23 121.84
N LYS H 65 -32.27 71.44 122.85
CA LYS H 65 -33.37 72.37 122.67
C LYS H 65 -32.89 73.80 122.45
N TYR H 66 -31.71 74.26 122.85
CA TYR H 66 -31.30 75.61 122.46
C TYR H 66 -31.02 75.75 120.97
N VAL H 67 -30.20 74.88 120.37
CA VAL H 67 -29.89 74.98 118.95
C VAL H 67 -31.14 74.68 118.12
N GLY H 68 -31.99 73.76 118.60
CA GLY H 68 -33.30 73.42 118.08
C GLY H 68 -34.33 74.56 118.23
N GLU H 69 -34.36 75.19 119.40
CA GLU H 69 -35.15 76.39 119.68
C GLU H 69 -34.64 77.54 118.85
N LEU H 70 -33.34 77.67 118.64
CA LEU H 70 -32.76 78.66 117.76
C LEU H 70 -33.10 78.38 116.32
N ARG H 71 -33.05 77.15 115.82
CA ARG H 71 -33.46 76.91 114.42
C ARG H 71 -34.97 77.09 114.23
N LYS H 72 -35.79 76.83 115.24
CA LYS H 72 -37.19 77.26 115.28
C LYS H 72 -37.33 78.78 115.29
N ALA H 73 -36.58 79.44 116.16
CA ALA H 73 -36.62 80.87 116.36
C ALA H 73 -36.14 81.62 115.12
N LEU H 74 -34.91 81.32 114.73
CA LEU H 74 -34.09 81.90 113.68
C LEU H 74 -34.46 81.41 112.29
N LEU H 75 -34.26 80.12 111.99
CA LEU H 75 -34.46 79.52 110.65
C LEU H 75 -35.98 79.30 110.39
N SER H 76 -36.81 80.25 110.83
CA SER H 76 -38.27 80.25 110.86
C SER H 76 -38.83 79.15 111.75
N VAL H 83 -43.52 81.49 121.39
CA VAL H 83 -43.33 82.55 120.39
C VAL H 83 -41.91 83.08 120.50
N TYR H 84 -41.31 83.46 119.37
CA TYR H 84 -40.09 84.26 119.35
C TYR H 84 -40.38 85.70 119.02
N THR H 85 -39.45 86.53 119.43
CA THR H 85 -39.55 87.98 119.35
C THR H 85 -38.15 88.51 119.10
N PHE H 86 -37.99 89.47 118.20
CA PHE H 86 -36.70 89.92 117.70
C PHE H 86 -36.57 91.43 117.89
N ASN H 87 -35.42 91.90 118.36
CA ASN H 87 -35.19 93.32 118.61
C ASN H 87 -33.75 93.66 118.21
N PHE H 88 -33.54 94.75 117.49
CA PHE H 88 -32.21 95.20 117.07
C PHE H 88 -32.15 96.72 117.16
N SER H 89 -30.97 97.25 117.47
CA SER H 89 -30.74 98.68 117.28
C SER H 89 -29.48 98.92 116.47
N LYS H 90 -29.62 99.88 115.57
CA LYS H 90 -28.81 100.04 114.37
C LYS H 90 -27.44 100.60 114.69
N GLU H 91 -27.42 101.50 115.66
CA GLU H 91 -26.23 102.11 116.25
C GLU H 91 -25.40 101.10 117.05
N SER H 92 -25.89 100.68 118.21
CA SER H 92 -25.26 99.68 119.10
C SER H 92 -25.01 98.36 118.41
N CYS H 93 -25.81 98.06 117.39
CA CYS H 93 -25.75 96.83 116.63
C CYS H 93 -26.07 95.60 117.50
N TYR H 94 -26.62 95.81 118.70
CA TYR H 94 -27.14 94.74 119.53
C TYR H 94 -28.46 94.24 118.91
N PHE H 95 -28.53 92.93 118.69
CA PHE H 95 -29.71 92.15 118.33
C PHE H 95 -30.01 91.22 119.51
N PHE H 96 -31.27 91.00 119.91
CA PHE H 96 -31.65 89.91 120.82
C PHE H 96 -33.02 89.35 120.52
N PHE H 97 -33.27 88.14 121.02
CA PHE H 97 -34.52 87.43 120.90
C PHE H 97 -34.75 86.53 122.12
N GLU H 98 -36.01 86.29 122.46
CA GLU H 98 -36.34 85.52 123.65
C GLU H 98 -37.56 84.61 123.45
N LYS H 99 -37.59 83.47 124.14
CA LYS H 99 -38.73 82.56 124.04
C LYS H 99 -39.83 83.07 124.97
N ASN H 100 -40.91 83.53 124.35
CA ASN H 100 -42.08 84.00 125.05
C ASN H 100 -42.96 82.77 125.31
N LEU H 101 -43.35 82.57 126.57
CA LEU H 101 -44.29 81.54 126.99
C LEU H 101 -45.58 82.16 127.56
N LYS H 102 -46.58 81.34 127.89
CA LYS H 102 -47.83 81.79 128.51
C LYS H 102 -47.58 82.36 129.92
N ASP H 103 -47.61 83.68 130.02
CA ASP H 103 -47.37 84.50 131.23
C ASP H 103 -46.01 84.33 131.96
N VAL H 104 -45.00 83.67 131.37
CA VAL H 104 -43.57 83.77 131.74
C VAL H 104 -42.75 83.98 130.46
N SER H 105 -41.53 84.52 130.59
CA SER H 105 -40.70 84.89 129.43
C SER H 105 -39.22 84.84 129.77
N PHE H 106 -38.39 84.23 128.93
CA PHE H 106 -36.98 84.01 129.29
C PHE H 106 -36.04 84.12 128.09
N ARG H 107 -34.79 84.52 128.39
CA ARG H 107 -33.80 84.81 127.37
C ARG H 107 -33.38 83.58 126.59
N LEU H 108 -33.31 83.75 125.28
CA LEU H 108 -32.83 82.75 124.36
C LEU H 108 -31.45 83.17 123.85
N GLY H 109 -31.32 84.21 123.02
CA GLY H 109 -30.01 84.67 122.52
C GLY H 109 -29.92 86.17 122.21
N SER H 110 -28.69 86.63 121.94
CA SER H 110 -28.36 87.98 121.48
C SER H 110 -27.03 88.03 120.69
N PHE H 111 -26.89 88.91 119.68
CA PHE H 111 -25.62 89.21 118.97
C PHE H 111 -25.38 90.71 119.02
N ASN H 112 -24.22 91.07 119.52
CA ASN H 112 -23.62 92.34 119.21
C ASN H 112 -23.06 92.22 117.77
N LEU H 113 -23.91 92.47 116.78
CA LEU H 113 -23.54 92.49 115.36
C LEU H 113 -22.56 93.64 115.07
N GLU H 114 -22.02 93.70 113.85
CA GLU H 114 -21.28 94.86 113.34
C GLU H 114 -21.64 94.97 111.86
N LYS H 115 -22.30 96.06 111.46
CA LYS H 115 -22.81 96.23 110.10
C LYS H 115 -21.71 96.37 109.04
N VAL H 116 -22.11 96.32 107.77
CA VAL H 116 -21.21 96.44 106.60
C VAL H 116 -21.76 97.45 105.59
N GLU H 117 -20.88 97.76 104.66
CA GLU H 117 -20.88 98.84 103.68
C GLU H 117 -21.73 98.61 102.43
N ASN H 118 -22.23 97.40 102.20
CA ASN H 118 -22.77 97.01 100.90
C ASN H 118 -24.18 96.48 101.06
N PRO H 119 -25.15 97.38 101.22
CA PRO H 119 -26.55 96.99 101.24
C PRO H 119 -26.95 96.28 99.94
N ALA H 120 -26.47 96.75 98.80
CA ALA H 120 -26.79 96.22 97.47
C ALA H 120 -26.25 94.83 97.18
N GLU H 121 -24.95 94.64 97.36
CA GLU H 121 -24.28 93.37 97.11
C GLU H 121 -24.95 92.28 97.96
N VAL H 122 -25.29 92.60 99.20
CA VAL H 122 -26.04 91.71 100.09
C VAL H 122 -27.39 91.29 99.49
N ILE H 123 -28.22 92.27 99.13
CA ILE H 123 -29.57 92.07 98.55
C ILE H 123 -29.46 91.30 97.21
N ARG H 124 -28.47 91.63 96.39
CA ARG H 124 -28.15 90.94 95.14
C ARG H 124 -27.96 89.45 95.33
N GLU H 125 -27.10 89.02 96.24
CA GLU H 125 -26.81 87.58 96.40
C GLU H 125 -28.01 86.80 96.88
N LEU H 126 -28.78 87.45 97.73
CA LEU H 126 -29.97 86.89 98.30
C LEU H 126 -31.06 86.64 97.24
N ILE H 127 -31.42 87.66 96.46
CA ILE H 127 -32.43 87.47 95.39
C ILE H 127 -31.90 86.47 94.36
N CYS H 128 -30.60 86.51 94.03
CA CYS H 128 -30.01 85.49 93.17
C CYS H 128 -30.16 84.07 93.71
N TYR H 129 -29.97 83.91 95.02
CA TYR H 129 -30.15 82.63 95.65
C TYR H 129 -31.55 82.11 95.43
N CYS H 130 -32.55 82.95 95.68
CA CYS H 130 -33.96 82.58 95.50
C CYS H 130 -34.18 82.14 94.06
N LEU H 131 -33.76 82.96 93.09
CA LEU H 131 -34.02 82.75 91.67
C LEU H 131 -33.23 81.56 91.08
N ASP H 132 -32.06 81.24 91.62
CA ASP H 132 -31.37 79.99 91.30
C ASP H 132 -32.15 78.80 91.88
N THR H 133 -32.39 78.86 93.19
CA THR H 133 -32.91 77.73 93.99
C THR H 133 -34.32 77.34 93.61
N ILE H 134 -35.13 78.32 93.25
CA ILE H 134 -36.42 78.11 92.61
C ILE H 134 -36.22 77.35 91.28
N ALA H 135 -35.38 77.86 90.37
CA ALA H 135 -35.19 77.30 89.03
C ALA H 135 -34.65 75.87 89.05
N GLU H 136 -33.83 75.54 90.04
CA GLU H 136 -33.45 74.16 90.31
C GLU H 136 -34.66 73.27 90.53
N ASN H 137 -35.51 73.64 91.47
CA ASN H 137 -36.62 72.83 91.86
C ASN H 137 -37.61 72.67 90.75
N GLN H 138 -37.82 73.70 89.94
CA GLN H 138 -38.58 73.55 88.73
C GLN H 138 -38.07 72.40 87.87
N ALA H 139 -36.78 72.39 87.52
CA ALA H 139 -36.21 71.30 86.72
C ALA H 139 -36.43 69.93 87.37
N LYS H 140 -36.10 69.78 88.66
CA LYS H 140 -36.33 68.53 89.39
C LYS H 140 -37.79 68.12 89.37
N ASN H 141 -38.69 69.09 89.57
CA ASN H 141 -40.11 68.85 89.60
C ASN H 141 -40.59 68.36 88.25
N GLU H 142 -40.00 68.84 87.18
CA GLU H 142 -40.24 68.31 85.85
C GLU H 142 -39.75 66.88 85.75
N HIS H 143 -38.50 66.59 86.11
CA HIS H 143 -37.95 65.24 85.95
C HIS H 143 -38.75 64.23 86.76
N LEU H 144 -39.01 64.52 88.04
CA LEU H 144 -39.80 63.65 88.89
C LEU H 144 -41.18 63.41 88.32
N GLN H 145 -41.78 64.48 87.78
CA GLN H 145 -43.09 64.41 87.19
C GLN H 145 -43.11 63.47 85.98
N LYS H 146 -42.12 63.56 85.08
CA LYS H 146 -42.00 62.66 83.93
C LYS H 146 -41.78 61.23 84.38
N GLU H 147 -40.83 61.04 85.27
CA GLU H 147 -40.44 59.73 85.76
C GLU H 147 -41.62 58.98 86.33
N ASN H 148 -42.41 59.70 87.14
CA ASN H 148 -43.44 59.07 87.90
C ASN H 148 -44.82 59.12 87.21
N GLU H 149 -45.00 59.92 86.13
CA GLU H 149 -45.99 59.59 85.09
C GLU H 149 -45.69 58.22 84.54
N ARG H 150 -44.45 57.96 84.14
CA ARG H 150 -44.10 56.69 83.55
C ARG H 150 -44.41 55.54 84.52
N LEU H 151 -44.06 55.72 85.79
CA LEU H 151 -44.40 54.73 86.83
C LEU H 151 -45.90 54.54 87.03
N LEU H 152 -46.70 55.59 86.99
CA LEU H 152 -48.15 55.47 87.14
C LEU H 152 -48.80 54.88 85.88
N ARG H 153 -48.40 55.38 84.71
CA ARG H 153 -48.81 54.92 83.39
C ARG H 153 -48.64 53.42 83.27
N ASP H 154 -47.47 52.92 83.64
CA ASP H 154 -47.22 51.48 83.71
C ASP H 154 -48.10 50.79 84.75
N TRP H 155 -48.13 51.30 85.99
CA TRP H 155 -48.90 50.71 87.08
C TRP H 155 -50.38 50.52 86.74
N ASN H 156 -50.97 51.53 86.10
CA ASN H 156 -52.33 51.53 85.59
C ASN H 156 -52.54 50.50 84.48
N ASP H 157 -51.54 50.24 83.65
CA ASP H 157 -51.65 49.20 82.62
C ASP H 157 -51.60 47.80 83.19
N VAL H 158 -50.69 47.55 84.14
CA VAL H 158 -50.65 46.25 84.80
C VAL H 158 -51.91 46.01 85.60
N GLN H 159 -52.44 47.04 86.26
CA GLN H 159 -53.80 47.03 86.80
C GLN H 159 -54.75 46.44 85.75
N GLY H 160 -54.89 47.09 84.58
CA GLY H 160 -55.79 46.69 83.49
C GLY H 160 -55.68 45.22 83.08
N ARG H 161 -54.46 44.75 82.86
CA ARG H 161 -54.15 43.36 82.52
C ARG H 161 -54.48 42.40 83.65
N PHE H 162 -54.18 42.79 84.88
CA PHE H 162 -54.49 42.01 86.06
C PHE H 162 -56.00 41.87 86.20
N GLU H 163 -56.77 42.93 85.96
CA GLU H 163 -58.24 42.86 85.93
C GLU H 163 -58.72 41.85 84.88
N LYS H 164 -58.11 41.86 83.67
CA LYS H 164 -58.42 40.86 82.62
C LYS H 164 -58.11 39.45 83.09
N CYS H 165 -56.95 39.24 83.71
CA CYS H 165 -56.57 37.94 84.26
C CYS H 165 -57.49 37.50 85.39
N VAL H 166 -57.83 38.38 86.35
CA VAL H 166 -58.76 38.04 87.43
C VAL H 166 -60.11 37.65 86.86
N SER H 167 -60.63 38.42 85.92
CA SER H 167 -61.92 38.10 85.30
C SER H 167 -61.88 36.78 84.55
N ALA H 168 -60.82 36.54 83.77
CA ALA H 168 -60.65 35.28 83.06
C ALA H 168 -60.55 34.10 84.02
N LYS H 169 -59.89 34.25 85.17
CA LYS H 169 -59.79 33.23 86.21
C LYS H 169 -61.13 32.94 86.87
N GLU H 170 -61.93 33.94 87.23
CA GLU H 170 -63.27 33.70 87.78
C GLU H 170 -64.14 32.95 86.80
N ALA H 171 -64.20 33.42 85.55
CA ALA H 171 -64.98 32.78 84.50
C ALA H 171 -64.52 31.34 84.23
N LEU H 172 -63.20 31.09 84.22
CA LEU H 172 -62.63 29.75 84.10
C LEU H 172 -63.13 28.81 85.22
N GLU H 173 -63.08 29.22 86.48
CA GLU H 173 -63.64 28.44 87.59
C GLU H 173 -65.13 28.15 87.43
N THR H 174 -65.97 29.19 87.38
CA THR H 174 -67.43 28.99 87.43
C THR H 174 -67.86 28.18 86.21
N ASP H 175 -67.32 28.48 85.03
CA ASP H 175 -67.58 27.72 83.81
C ASP H 175 -67.22 26.24 83.91
N LEU H 176 -66.01 25.93 84.37
CA LEU H 176 -65.55 24.57 84.53
C LEU H 176 -66.35 23.82 85.59
N TYR H 177 -66.56 24.43 86.75
CA TYR H 177 -67.35 23.82 87.82
C TYR H 177 -68.80 23.63 87.38
N LYS H 178 -69.46 24.59 86.71
CA LYS H 178 -70.82 24.38 86.20
C LYS H 178 -70.91 23.17 85.28
N ARG H 179 -69.92 22.97 84.42
CA ARG H 179 -69.88 21.82 83.51
C ARG H 179 -69.56 20.51 84.21
N PHE H 180 -68.64 20.55 85.17
CA PHE H 180 -68.33 19.43 86.05
C PHE H 180 -69.55 19.01 86.84
N ILE H 181 -70.23 19.96 87.49
CA ILE H 181 -71.46 19.80 88.26
C ILE H 181 -72.52 19.11 87.41
N LEU H 182 -72.75 19.54 86.17
CA LEU H 182 -73.71 18.88 85.28
C LEU H 182 -73.34 17.41 85.04
N VAL H 183 -72.10 17.15 84.61
CA VAL H 183 -71.61 15.79 84.31
C VAL H 183 -71.63 14.90 85.55
N LEU H 184 -71.11 15.41 86.67
CA LEU H 184 -71.01 14.78 87.98
C LEU H 184 -72.40 14.47 88.52
N ASN H 185 -73.30 15.45 88.53
CA ASN H 185 -74.63 15.28 89.10
C ASN H 185 -75.47 14.24 88.39
N GLU H 186 -75.34 14.17 87.07
CA GLU H 186 -75.95 13.08 86.34
C GLU H 186 -75.37 11.72 86.73
N LYS H 187 -74.09 11.62 87.07
CA LYS H 187 -73.58 10.35 87.58
C LYS H 187 -74.17 10.04 88.94
N LYS H 188 -74.18 11.00 89.86
CA LYS H 188 -74.76 10.84 91.21
C LYS H 188 -76.22 10.41 91.18
N THR H 189 -77.01 11.09 90.36
CA THR H 189 -78.44 10.83 90.20
C THR H 189 -78.67 9.42 89.69
N LYS H 190 -77.91 9.00 88.69
CA LYS H 190 -78.01 7.65 88.16
C LYS H 190 -77.54 6.61 89.18
N ILE H 191 -76.43 6.90 89.88
CA ILE H 191 -75.95 6.07 90.99
C ILE H 191 -77.03 5.88 92.04
N ARG H 192 -77.71 6.95 92.42
CA ARG H 192 -78.77 6.94 93.42
C ARG H 192 -79.93 6.10 92.96
N SER H 193 -80.40 6.37 91.75
CA SER H 193 -81.52 5.68 91.16
C SER H 193 -81.24 4.19 91.07
N LEU H 194 -80.06 3.82 90.57
CA LEU H 194 -79.67 2.43 90.50
C LEU H 194 -79.44 1.79 91.87
N HIS H 195 -78.80 2.48 92.81
CA HIS H 195 -78.58 2.01 94.19
C HIS H 195 -79.87 1.64 94.88
N ASN H 196 -80.86 2.54 94.80
CA ASN H 196 -82.19 2.31 95.31
C ASN H 196 -82.87 1.18 94.51
N LYS H 197 -82.94 1.28 93.18
CA LYS H 197 -83.52 0.23 92.32
C LYS H 197 -82.93 -1.15 92.57
N LEU H 198 -81.66 -1.22 92.95
CA LEU H 198 -80.94 -2.46 93.23
C LEU H 198 -81.18 -2.99 94.63
N LEU H 199 -81.25 -2.15 95.66
CA LEU H 199 -81.71 -2.57 96.99
C LEU H 199 -83.10 -3.17 96.95
N ASN H 200 -83.94 -2.66 96.05
CA ASN H 200 -85.29 -3.16 95.80
C ASN H 200 -85.35 -4.33 94.80
N ALA H 201 -84.45 -4.38 93.83
CA ALA H 201 -84.24 -5.49 92.89
C ALA H 201 -82.77 -5.47 92.39
N MET I 1 -18.40 104.39 43.91
CA MET I 1 -19.52 103.70 43.22
C MET I 1 -19.09 102.81 42.08
N GLU I 2 -18.10 103.20 41.30
CA GLU I 2 -17.81 102.67 39.97
C GLU I 2 -17.59 101.15 39.96
N GLU I 3 -16.97 100.67 41.04
CA GLU I 3 -16.76 99.26 41.32
C GLU I 3 -18.09 98.47 41.40
N LEU I 4 -19.19 99.10 41.79
CA LEU I 4 -20.52 98.47 41.83
C LEU I 4 -21.04 98.24 40.43
N GLU I 5 -20.95 99.25 39.56
CA GLU I 5 -21.30 99.09 38.15
C GLU I 5 -20.41 98.05 37.49
N GLN I 6 -19.11 98.08 37.78
CA GLN I 6 -18.18 97.16 37.15
C GLN I 6 -18.39 95.72 37.64
N GLY I 7 -18.79 95.53 38.89
CA GLY I 7 -19.28 94.26 39.39
C GLY I 7 -20.59 93.87 38.72
N LEU I 8 -21.53 94.81 38.62
CA LEU I 8 -22.80 94.65 37.95
C LEU I 8 -22.64 94.10 36.53
N LEU I 9 -21.74 94.67 35.74
CA LEU I 9 -21.50 94.20 34.38
C LEU I 9 -21.19 92.70 34.34
N MET I 10 -20.39 92.22 35.29
CA MET I 10 -20.05 90.79 35.42
C MET I 10 -21.05 89.94 36.21
N GLN I 11 -22.08 90.53 36.78
CA GLN I 11 -23.14 89.73 37.34
C GLN I 11 -23.89 88.95 36.26
N PRO I 12 -24.26 87.69 36.53
CA PRO I 12 -25.31 87.03 35.80
C PRO I 12 -26.66 87.72 36.02
N TRP I 13 -27.55 87.53 35.06
CA TRP I 13 -28.99 87.63 35.30
C TRP I 13 -29.50 86.45 36.11
N ALA I 14 -30.48 86.73 36.94
CA ALA I 14 -31.22 85.76 37.75
C ALA I 14 -32.73 86.02 37.64
N TRP I 15 -33.52 85.05 38.08
CA TRP I 15 -34.98 85.11 38.06
C TRP I 15 -35.58 85.44 39.41
N LEU I 16 -36.70 86.15 39.40
CA LEU I 16 -37.43 86.50 40.62
C LEU I 16 -38.94 86.54 40.34
N GLN I 17 -39.72 86.35 41.39
CA GLN I 17 -41.18 86.31 41.38
C GLN I 17 -41.75 87.03 42.58
N LEU I 18 -43.03 87.31 42.23
CA LEU I 18 -44.23 87.55 43.02
C LEU I 18 -45.57 87.33 42.29
N ALA I 19 -46.42 86.42 42.75
CA ALA I 19 -47.87 86.45 42.52
C ALA I 19 -48.34 86.74 41.07
N GLU I 20 -47.93 85.88 40.13
CA GLU I 20 -48.10 86.00 38.66
C GLU I 20 -47.22 87.04 37.95
N ASN I 21 -46.49 87.89 38.68
CA ASN I 21 -45.47 88.82 38.17
C ASN I 21 -44.04 88.31 38.50
N SER I 22 -43.08 88.71 37.67
CA SER I 22 -41.75 88.12 37.64
C SER I 22 -40.79 89.08 36.97
N LEU I 23 -39.55 89.08 37.42
CA LEU I 23 -38.52 89.95 36.90
C LEU I 23 -37.26 89.13 36.60
N LEU I 24 -36.51 89.62 35.63
CA LEU I 24 -35.07 89.38 35.55
C LEU I 24 -34.34 90.48 36.28
N ALA I 25 -33.33 90.10 37.04
CA ALA I 25 -32.55 91.04 37.82
C ALA I 25 -31.07 90.61 37.91
N LYS I 26 -30.20 91.59 38.17
CA LYS I 26 -28.87 91.39 38.78
C LYS I 26 -28.61 92.47 39.79
N VAL I 27 -27.94 92.08 40.87
CA VAL I 27 -27.51 92.99 41.92
C VAL I 27 -26.04 92.79 42.19
N PHE I 28 -25.32 93.87 42.48
CA PHE I 28 -24.00 93.82 43.09
C PHE I 28 -23.98 94.69 44.35
N ILE I 29 -24.05 94.03 45.50
CA ILE I 29 -23.99 94.62 46.85
C ILE I 29 -22.53 94.65 47.29
N THR I 30 -22.12 95.68 48.01
CA THR I 30 -20.90 95.71 48.82
C THR I 30 -21.20 96.42 50.14
N LYS I 31 -20.20 96.63 50.99
CA LYS I 31 -20.32 97.52 52.14
C LYS I 31 -20.51 99.00 51.75
N GLN I 32 -20.09 99.41 50.54
CA GLN I 32 -20.26 100.78 50.05
C GLN I 32 -21.73 101.08 49.66
N GLY I 33 -22.48 100.09 49.21
CA GLY I 33 -23.81 100.25 48.65
C GLY I 33 -24.21 99.11 47.74
N TYR I 34 -25.05 99.39 46.74
CA TYR I 34 -25.35 98.42 45.69
C TYR I 34 -25.58 99.07 44.33
N ALA I 35 -25.40 98.30 43.27
CA ALA I 35 -26.01 98.59 41.98
C ALA I 35 -27.02 97.48 41.64
N LEU I 36 -28.15 97.89 41.06
CA LEU I 36 -29.26 97.02 40.73
C LEU I 36 -29.72 97.30 39.30
N LEU I 37 -29.97 96.25 38.53
CA LEU I 37 -30.59 96.37 37.21
C LEU I 37 -31.63 95.28 37.02
N VAL I 38 -32.78 95.68 36.49
CA VAL I 38 -34.03 94.96 36.54
C VAL I 38 -34.70 95.03 35.18
N SER I 39 -35.36 93.97 34.75
CA SER I 39 -36.17 93.97 33.54
C SER I 39 -37.40 93.07 33.69
N ASP I 40 -38.52 93.48 33.10
CA ASP I 40 -39.69 92.64 32.88
C ASP I 40 -39.79 92.13 31.43
N LEU I 41 -38.67 92.08 30.70
CA LEU I 41 -38.59 91.66 29.29
C LEU I 41 -39.31 92.62 28.32
N GLN I 42 -39.65 93.81 28.80
CA GLN I 42 -40.39 94.84 28.07
C GLN I 42 -39.81 96.24 28.33
N GLN I 43 -39.38 96.52 29.56
CA GLN I 43 -38.59 97.68 29.99
C GLN I 43 -37.44 97.17 30.89
N VAL I 44 -36.49 98.07 31.13
CA VAL I 44 -35.31 97.86 31.98
C VAL I 44 -35.23 99.02 32.97
N TRP I 45 -34.87 98.74 34.21
CA TRP I 45 -34.79 99.68 35.31
C TRP I 45 -33.49 99.60 36.07
N HIS I 46 -32.96 100.74 36.51
CA HIS I 46 -31.69 100.82 37.21
C HIS I 46 -31.77 101.67 38.48
N GLU I 47 -30.98 101.29 39.47
CA GLU I 47 -30.64 102.10 40.63
C GLU I 47 -29.19 101.81 41.04
N GLN I 48 -28.52 102.83 41.56
CA GLN I 48 -27.38 102.65 42.42
C GLN I 48 -27.56 103.47 43.69
N VAL I 49 -27.14 102.91 44.80
CA VAL I 49 -27.32 103.45 46.14
C VAL I 49 -26.01 103.40 46.89
N ASP I 50 -25.75 104.45 47.66
CA ASP I 50 -24.60 104.63 48.53
C ASP I 50 -24.99 104.59 50.00
N THR I 51 -23.97 104.45 50.85
CA THR I 51 -24.03 104.37 52.32
C THR I 51 -24.96 105.38 52.96
N SER I 52 -24.92 106.63 52.49
CA SER I 52 -25.79 107.71 52.94
C SER I 52 -27.26 107.36 52.70
N VAL I 53 -27.60 107.00 51.46
CA VAL I 53 -28.96 106.66 51.07
C VAL I 53 -29.44 105.42 51.80
N VAL I 54 -28.56 104.43 52.01
CA VAL I 54 -28.87 103.29 52.85
C VAL I 54 -29.25 103.72 54.27
N SER I 55 -28.43 104.53 54.94
CA SER I 55 -28.75 104.98 56.30
C SER I 55 -30.08 105.72 56.34
N GLN I 56 -30.26 106.71 55.46
CA GLN I 56 -31.44 107.55 55.47
C GLN I 56 -32.71 106.73 55.16
N ARG I 57 -32.68 105.91 54.12
CA ARG I 57 -33.84 105.12 53.74
C ARG I 57 -34.11 103.95 54.68
N ALA I 58 -33.11 103.29 55.27
CA ALA I 58 -33.42 102.28 56.29
C ALA I 58 -34.08 102.90 57.51
N LYS I 59 -33.61 104.08 57.93
CA LYS I 59 -34.23 104.77 59.04
C LYS I 59 -35.64 105.17 58.71
N GLU I 60 -35.88 105.85 57.59
CA GLU I 60 -37.25 106.27 57.26
C GLU I 60 -38.19 105.08 57.07
N LEU I 61 -37.67 103.93 56.70
CA LEU I 61 -38.44 102.70 56.61
C LEU I 61 -38.57 101.91 57.92
N ASN I 62 -37.69 102.14 58.89
CA ASN I 62 -37.60 101.38 60.13
C ASN I 62 -36.94 102.26 61.21
N LYS I 63 -37.63 103.26 61.74
CA LYS I 63 -36.97 104.28 62.58
C LYS I 63 -36.27 103.70 63.80
N ARG I 64 -36.81 102.62 64.36
CA ARG I 64 -36.22 101.91 65.49
C ARG I 64 -35.07 100.97 65.16
N LEU I 65 -34.95 100.42 63.95
CA LEU I 65 -33.79 99.58 63.68
C LEU I 65 -32.53 100.43 63.71
N THR I 66 -31.52 99.90 64.37
CA THR I 66 -30.40 100.67 64.90
C THR I 66 -29.09 100.00 64.51
N ALA I 67 -28.63 100.21 63.27
CA ALA I 67 -27.39 99.63 62.78
C ALA I 67 -26.72 100.46 61.68
N PRO I 68 -25.43 100.26 61.42
CA PRO I 68 -24.75 100.89 60.31
C PRO I 68 -25.28 100.36 58.97
N PRO I 69 -25.11 101.13 57.89
CA PRO I 69 -25.53 100.72 56.55
C PRO I 69 -24.93 99.37 56.13
N ALA I 70 -23.78 98.98 56.68
CA ALA I 70 -23.20 97.67 56.46
C ALA I 70 -24.09 96.51 56.90
N ALA I 71 -24.78 96.62 58.03
CA ALA I 71 -25.71 95.60 58.47
C ALA I 71 -26.87 95.49 57.49
N PHE I 72 -27.42 96.64 57.09
CA PHE I 72 -28.56 96.70 56.18
C PHE I 72 -28.19 96.10 54.81
N LEU I 73 -27.02 96.43 54.29
CA LEU I 73 -26.52 95.92 53.02
C LEU I 73 -26.17 94.42 53.08
N CYS I 74 -25.52 93.94 54.16
CA CYS I 74 -25.21 92.53 54.36
C CYS I 74 -26.48 91.68 54.50
N HIS I 75 -27.51 92.16 55.21
CA HIS I 75 -28.78 91.45 55.24
C HIS I 75 -29.38 91.35 53.84
N LEU I 76 -29.49 92.46 53.10
CA LEU I 76 -30.03 92.47 51.74
C LEU I 76 -29.30 91.48 50.84
N ASP I 77 -27.98 91.46 50.92
CA ASP I 77 -27.17 90.49 50.21
C ASP I 77 -27.56 89.06 50.59
N ASN I 78 -27.46 88.68 51.88
CA ASN I 78 -27.78 87.32 52.34
C ASN I 78 -29.24 86.91 52.08
N LEU I 79 -30.15 87.87 52.01
CA LEU I 79 -31.54 87.64 51.61
C LEU I 79 -31.66 87.30 50.13
N LEU I 80 -30.96 88.06 49.29
CA LEU I 80 -31.08 87.94 47.84
C LEU I 80 -30.23 86.80 47.27
N ARG I 81 -29.06 86.49 47.82
CA ARG I 81 -28.16 85.51 47.17
C ARG I 81 -28.77 84.13 47.00
N PRO I 82 -29.45 83.54 48.00
CA PRO I 82 -30.05 82.23 47.83
C PRO I 82 -31.20 82.29 46.83
N LEU I 83 -31.93 83.40 46.85
CA LEU I 83 -33.17 83.56 46.10
C LEU I 83 -32.92 83.80 44.61
N LEU I 84 -31.85 84.52 44.27
CA LEU I 84 -31.37 84.72 42.91
C LEU I 84 -30.58 83.47 42.46
N ALA I 93 -39.35 85.75 53.95
CA ALA I 93 -39.44 87.05 53.31
C ALA I 93 -40.32 87.10 52.05
N THR I 94 -40.71 88.31 51.64
CA THR I 94 -41.64 88.57 50.53
C THR I 94 -41.34 89.90 49.81
N PHE I 95 -41.82 90.00 48.57
CA PHE I 95 -41.53 91.10 47.65
C PHE I 95 -42.79 91.61 46.95
N SER I 96 -42.82 92.90 46.58
CA SER I 96 -43.89 93.46 45.76
C SER I 96 -43.33 94.50 44.80
N CYS I 97 -43.96 94.64 43.64
CA CYS I 97 -43.44 95.45 42.55
C CYS I 97 -44.44 96.47 42.05
N ASP I 98 -44.09 97.75 42.15
CA ASP I 98 -45.02 98.84 41.85
C ASP I 98 -44.38 99.83 40.88
N CYS I 99 -45.10 100.19 39.82
CA CYS I 99 -44.62 101.18 38.89
C CYS I 99 -45.30 102.53 39.12
N VAL I 100 -44.50 103.58 39.14
CA VAL I 100 -44.94 104.98 39.17
C VAL I 100 -44.30 105.76 38.05
N ALA I 101 -45.12 106.19 37.09
CA ALA I 101 -44.67 106.67 35.78
C ALA I 101 -43.58 105.72 35.22
N ASP I 102 -42.44 106.27 34.82
CA ASP I 102 -41.31 105.55 34.26
C ASP I 102 -40.54 104.67 35.29
N ALA I 103 -40.75 104.92 36.58
CA ALA I 103 -39.96 104.35 37.65
C ALA I 103 -40.58 103.09 38.26
N LEU I 104 -39.74 102.10 38.52
CA LEU I 104 -40.12 100.87 39.19
C LEU I 104 -39.66 100.88 40.63
N ILE I 105 -40.57 100.57 41.52
CA ILE I 105 -40.27 100.36 42.92
C ILE I 105 -40.33 98.89 43.20
N LEU I 106 -39.28 98.38 43.82
CA LEU I 106 -39.25 97.02 44.34
C LEU I 106 -39.20 97.05 45.85
N ARG I 107 -40.16 96.41 46.49
CA ARG I 107 -40.38 96.47 47.93
C ARG I 107 -40.00 95.15 48.58
N VAL I 108 -39.32 95.22 49.70
CA VAL I 108 -38.89 94.06 50.50
C VAL I 108 -39.55 94.10 51.86
N ARG I 109 -40.25 93.03 52.19
CA ARG I 109 -40.66 92.71 53.55
C ARG I 109 -39.89 91.48 53.99
N SER I 110 -39.10 91.59 55.03
CA SER I 110 -38.40 90.45 55.62
C SER I 110 -38.16 90.66 57.11
N GLU I 111 -37.13 90.04 57.68
CA GLU I 111 -36.75 90.23 59.08
C GLU I 111 -35.23 90.15 59.29
N LEU I 112 -34.71 90.91 60.27
CA LEU I 112 -33.34 90.94 60.78
C LEU I 112 -33.39 91.11 62.32
N SER I 113 -32.53 90.45 63.10
CA SER I 113 -32.58 90.48 64.60
C SER I 113 -33.95 90.13 65.19
N GLY I 114 -34.60 89.12 64.57
CA GLY I 114 -36.00 88.72 64.79
C GLY I 114 -37.05 89.73 64.29
N LEU I 115 -36.74 91.02 64.35
CA LEU I 115 -37.60 92.11 63.95
C LEU I 115 -37.84 92.16 62.43
N PRO I 116 -39.02 92.59 62.00
CA PRO I 116 -39.35 92.81 60.59
C PRO I 116 -38.45 93.89 59.98
N PHE I 117 -37.98 93.71 58.75
CA PHE I 117 -37.17 94.69 58.02
C PHE I 117 -37.79 95.06 56.69
N TYR I 118 -37.78 96.36 56.41
CA TYR I 118 -38.40 96.93 55.22
C TYR I 118 -37.42 97.75 54.40
N TRP I 119 -37.48 97.51 53.10
CA TRP I 119 -36.73 98.24 52.10
C TRP I 119 -37.57 98.53 50.86
N ASN I 120 -37.30 99.65 50.20
CA ASN I 120 -37.74 99.89 48.84
C ASN I 120 -36.55 100.25 47.96
N PHE I 121 -36.38 99.52 46.87
CA PHE I 121 -35.57 99.87 45.72
C PHE I 121 -36.32 100.87 44.83
N HIS I 122 -35.67 101.96 44.42
CA HIS I 122 -36.28 103.00 43.59
C HIS I 122 -35.55 103.13 42.27
N CYS I 123 -36.09 102.51 41.22
CA CYS I 123 -35.39 102.32 39.95
C CYS I 123 -35.98 103.20 38.87
N MET I 124 -35.14 103.99 38.21
CA MET I 124 -35.52 104.71 36.99
C MET I 124 -35.47 103.77 35.78
N LEU I 125 -35.92 104.19 34.59
CA LEU I 125 -35.56 103.45 33.37
C LEU I 125 -34.05 103.47 33.18
N ALA I 126 -33.45 102.29 32.98
CA ALA I 126 -32.05 102.20 32.61
C ALA I 126 -31.75 103.00 31.35
N SER I 127 -30.56 103.58 31.25
CA SER I 127 -30.16 104.34 30.08
C SER I 127 -29.82 103.43 28.88
N PRO I 128 -29.88 103.93 27.64
CA PRO I 128 -29.50 103.18 26.46
C PRO I 128 -28.08 102.62 26.48
N SER I 129 -27.17 103.26 27.24
CA SER I 129 -25.83 102.72 27.49
C SER I 129 -25.93 101.38 28.22
N LEU I 130 -26.54 101.37 29.41
CA LEU I 130 -26.70 100.15 30.21
C LEU I 130 -27.39 99.05 29.42
N VAL I 131 -28.47 99.36 28.70
CA VAL I 131 -29.24 98.35 27.96
C VAL I 131 -28.39 97.76 26.83
N SER I 132 -27.57 98.58 26.20
CA SER I 132 -26.62 98.09 25.22
C SER I 132 -25.57 97.17 25.85
N GLN I 133 -25.00 97.58 26.98
CA GLN I 133 -23.89 96.87 27.62
C GLN I 133 -24.33 95.60 28.35
N HIS I 134 -25.44 95.65 29.07
CA HIS I 134 -25.95 94.52 29.85
C HIS I 134 -26.83 93.58 29.03
N LEU I 135 -27.51 94.06 27.98
CA LEU I 135 -28.43 93.25 27.17
C LEU I 135 -27.98 93.12 25.72
N ILE I 136 -28.10 94.15 24.89
CA ILE I 136 -28.07 93.98 23.44
C ILE I 136 -26.74 93.39 22.98
N ARG I 137 -25.65 94.06 23.31
CA ARG I 137 -24.31 93.64 22.88
C ARG I 137 -23.97 92.24 23.36
N PRO I 138 -24.06 91.92 24.67
CA PRO I 138 -23.75 90.57 25.10
C PRO I 138 -24.67 89.56 24.45
N LEU I 139 -25.99 89.78 24.43
CA LEU I 139 -26.92 88.84 23.81
C LEU I 139 -26.59 88.58 22.33
N MET I 140 -26.19 89.62 21.60
CA MET I 140 -25.73 89.47 20.23
C MET I 140 -24.42 88.66 20.19
N GLY I 141 -23.45 88.97 21.07
CA GLY I 141 -22.17 88.26 21.15
C GLY I 141 -22.32 86.78 21.51
N MET I 142 -23.36 86.45 22.29
CA MET I 142 -23.75 85.09 22.64
C MET I 142 -24.32 84.38 21.43
N SER I 143 -25.19 85.02 20.66
CA SER I 143 -25.77 84.42 19.46
C SER I 143 -24.71 84.13 18.42
N LEU I 144 -23.75 85.03 18.22
CA LEU I 144 -22.61 84.77 17.35
C LEU I 144 -21.76 83.59 17.84
N ALA I 145 -21.40 83.59 19.13
CA ALA I 145 -20.59 82.53 19.68
C ALA I 145 -21.32 81.18 19.62
N LEU I 146 -22.61 81.18 19.88
CA LEU I 146 -23.45 80.01 19.76
C LEU I 146 -23.60 79.57 18.31
N GLN I 147 -23.60 80.50 17.37
CA GLN I 147 -23.60 80.15 15.97
C GLN I 147 -22.25 79.51 15.59
N CYS I 148 -21.14 79.98 16.16
CA CYS I 148 -19.84 79.34 16.02
C CYS I 148 -19.81 77.96 16.67
N GLN I 149 -20.48 77.79 17.82
CA GLN I 149 -20.64 76.47 18.41
C GLN I 149 -21.35 75.52 17.45
N VAL I 150 -22.51 75.91 16.93
CA VAL I 150 -23.25 75.12 15.95
C VAL I 150 -22.38 74.76 14.75
N ARG I 151 -21.59 75.72 14.25
CA ARG I 151 -20.66 75.46 13.13
C ARG I 151 -19.62 74.44 13.52
N GLU I 152 -18.95 74.61 14.65
CA GLU I 152 -17.93 73.68 15.12
C GLU I 152 -18.50 72.29 15.41
N LEU I 153 -19.72 72.19 15.92
CA LEU I 153 -20.43 70.92 16.14
C LEU I 153 -20.87 70.26 14.82
N ALA I 154 -21.18 71.04 13.78
CA ALA I 154 -21.50 70.50 12.46
C ALA I 154 -20.27 69.92 11.75
N THR I 155 -19.10 70.57 11.85
CA THR I 155 -17.86 70.01 11.31
C THR I 155 -17.42 68.78 12.13
N LEU I 156 -17.56 68.81 13.46
CA LEU I 156 -17.49 67.63 14.32
C LEU I 156 -18.42 66.49 13.85
N LEU I 157 -19.69 66.79 13.57
CA LEU I 157 -20.64 65.76 13.13
C LEU I 157 -20.23 65.14 11.80
N HIS I 158 -19.83 65.96 10.82
CA HIS I 158 -19.39 65.45 9.54
C HIS I 158 -18.13 64.61 9.69
N MET I 159 -17.20 65.00 10.56
CA MET I 159 -16.01 64.19 10.83
C MET I 159 -16.31 62.84 11.50
N LYS I 160 -17.37 62.75 12.31
CA LYS I 160 -17.87 61.44 12.76
C LYS I 160 -18.56 60.64 11.63
N ASP I 161 -19.21 61.28 10.66
CA ASP I 161 -19.79 60.59 9.51
C ASP I 161 -18.76 60.01 8.55
N LEU I 162 -17.65 60.70 8.30
CA LEU I 162 -16.54 60.09 7.56
C LEU I 162 -16.01 58.85 8.29
N GLU I 163 -16.07 58.83 9.62
CA GLU I 163 -15.55 57.74 10.43
C GLU I 163 -16.43 56.49 10.41
N ILE I 164 -17.75 56.62 10.50
CA ILE I 164 -18.64 55.45 10.36
C ILE I 164 -18.65 54.91 8.94
N GLN I 165 -18.56 55.80 7.95
CA GLN I 165 -18.40 55.41 6.57
C GLN I 165 -17.15 54.57 6.48
N ASP I 166 -16.00 55.07 6.88
CA ASP I 166 -14.76 54.28 6.86
C ASP I 166 -14.86 52.92 7.56
N TYR I 167 -15.70 52.75 8.58
CA TYR I 167 -16.03 51.41 9.05
C TYR I 167 -16.92 50.58 8.13
N GLN I 168 -18.09 51.08 7.70
CA GLN I 168 -18.99 50.29 6.85
C GLN I 168 -18.46 50.13 5.42
N GLU I 169 -18.01 51.22 4.80
CA GLU I 169 -17.62 51.30 3.39
C GLU I 169 -16.33 50.54 3.07
N SER I 170 -15.43 50.38 4.04
CA SER I 170 -14.10 49.81 3.81
C SER I 170 -13.51 49.07 5.01
N GLY I 171 -13.79 49.51 6.24
CA GLY I 171 -13.48 48.82 7.50
C GLY I 171 -14.30 47.54 7.74
N ALA I 172 -14.98 47.07 6.70
CA ALA I 172 -15.48 45.71 6.44
C ALA I 172 -16.25 45.08 7.61
N THR I 173 -17.15 45.84 8.21
CA THR I 173 -17.87 45.43 9.43
C THR I 173 -19.23 46.08 9.57
N LEU I 174 -20.06 45.50 10.45
CA LEU I 174 -21.39 45.98 10.80
C LEU I 174 -21.51 46.24 12.32
N ILE I 175 -22.76 46.48 12.76
CA ILE I 175 -23.19 46.80 14.12
C ILE I 175 -24.41 45.97 14.55
N ARG I 176 -24.93 46.21 15.76
CA ARG I 176 -26.24 45.68 16.22
C ARG I 176 -27.46 46.28 15.51
N ASP I 177 -27.25 47.12 14.51
CA ASP I 177 -28.27 47.82 13.73
C ASP I 177 -29.13 48.85 14.48
N ARG I 178 -29.47 48.64 15.78
CA ARG I 178 -30.39 49.47 16.58
C ARG I 178 -29.90 50.90 16.86
N LEU I 179 -28.72 51.25 16.35
CA LEU I 179 -28.00 52.48 16.68
C LEU I 179 -27.48 53.29 15.48
N LYS I 180 -27.74 52.80 14.26
CA LYS I 180 -27.36 53.47 13.01
C LYS I 180 -27.94 54.89 12.95
N THR I 181 -27.08 55.90 12.90
CA THR I 181 -27.47 57.31 12.71
C THR I 181 -27.55 57.70 11.23
N GLU I 182 -28.39 58.68 10.91
CA GLU I 182 -28.44 59.28 9.58
C GLU I 182 -27.21 60.18 9.32
N PRO I 183 -26.67 60.27 8.07
CA PRO I 183 -25.62 61.24 7.73
C PRO I 183 -26.06 62.70 7.95
N PHE I 184 -25.27 63.49 8.69
CA PHE I 184 -25.64 64.86 9.06
C PHE I 184 -25.45 65.85 7.90
N GLU I 185 -26.47 66.69 7.70
CA GLU I 185 -26.50 67.79 6.74
C GLU I 185 -27.18 68.99 7.40
N GLU I 186 -26.42 70.06 7.63
CA GLU I 186 -26.88 71.19 8.45
C GLU I 186 -28.05 71.97 7.87
N ASN I 187 -28.24 71.97 6.54
CA ASN I 187 -29.44 72.50 5.91
C ASN I 187 -30.69 71.82 6.44
N SER I 188 -30.71 70.48 6.36
CA SER I 188 -31.86 69.71 6.81
C SER I 188 -31.96 69.72 8.34
N PHE I 189 -30.84 69.73 9.04
CA PHE I 189 -30.87 69.90 10.48
C PHE I 189 -31.61 71.17 10.91
N LEU I 190 -31.27 72.31 10.26
CA LEU I 190 -31.95 73.57 10.50
C LEU I 190 -33.42 73.56 10.09
N GLU I 191 -33.78 72.93 8.97
CA GLU I 191 -35.18 72.98 8.53
C GLU I 191 -36.09 72.17 9.48
N GLN I 192 -35.62 71.03 9.95
CA GLN I 192 -36.32 70.22 10.95
C GLN I 192 -36.37 70.97 12.28
N PHE I 193 -35.24 71.52 12.70
CA PHE I 193 -35.21 72.36 13.89
C PHE I 193 -36.24 73.49 13.81
N MET I 194 -36.26 74.23 12.72
CA MET I 194 -37.09 75.40 12.65
C MET I 194 -38.58 75.16 12.37
N ILE I 195 -38.96 74.05 11.75
CA ILE I 195 -40.37 73.64 11.75
C ILE I 195 -40.73 73.11 13.13
N GLU I 196 -39.96 72.14 13.64
CA GLU I 196 -40.37 71.32 14.77
C GLU I 196 -40.08 71.92 16.14
N LYS I 197 -38.95 72.59 16.32
CA LYS I 197 -38.37 72.91 17.63
C LYS I 197 -38.33 74.39 17.96
N LEU I 198 -38.22 75.25 16.95
CA LEU I 198 -38.22 76.70 17.11
C LEU I 198 -39.40 77.27 17.93
N PRO I 199 -40.68 76.87 17.72
CA PRO I 199 -41.81 77.45 18.43
C PRO I 199 -41.62 77.54 19.94
N GLU I 200 -41.14 76.48 20.58
CA GLU I 200 -40.84 76.48 22.01
C GLU I 200 -39.41 76.96 22.30
N ALA I 201 -38.47 76.67 21.41
CA ALA I 201 -37.06 76.92 21.66
C ALA I 201 -36.73 78.39 21.89
N CYS I 202 -37.31 79.27 21.10
CA CYS I 202 -37.12 80.70 21.25
C CYS I 202 -38.11 81.37 22.18
N SER I 203 -38.86 80.58 22.95
CA SER I 203 -39.83 81.13 23.89
C SER I 203 -39.13 81.98 24.93
N ILE I 204 -39.48 83.27 24.97
CA ILE I 204 -38.96 84.19 25.99
C ILE I 204 -39.50 83.80 27.36
N GLY I 205 -40.78 83.45 27.42
CA GLY I 205 -41.44 83.04 28.67
C GLY I 205 -41.30 84.08 29.77
N ASP I 206 -41.04 83.60 30.98
CA ASP I 206 -40.72 84.42 32.14
C ASP I 206 -39.25 84.90 32.21
N GLY I 207 -38.44 84.69 31.17
CA GLY I 207 -36.98 84.92 31.20
C GLY I 207 -36.24 83.87 32.03
N LYS I 208 -36.96 83.20 32.92
CA LYS I 208 -36.67 81.95 33.56
C LYS I 208 -35.61 81.13 32.77
N PRO I 209 -35.91 80.45 31.66
CA PRO I 209 -34.93 79.56 31.04
C PRO I 209 -33.65 80.26 30.56
N PHE I 210 -33.69 81.54 30.19
CA PHE I 210 -32.47 82.28 29.88
C PHE I 210 -31.52 82.32 31.09
N VAL I 211 -32.02 82.52 32.30
CA VAL I 211 -31.14 82.62 33.47
C VAL I 211 -30.57 81.32 33.93
N MET I 212 -31.18 80.23 33.49
CA MET I 212 -30.70 78.92 33.87
C MET I 212 -29.76 78.35 32.80
N ASN I 213 -30.09 78.50 31.52
CA ASN I 213 -29.34 77.88 30.44
C ASN I 213 -28.14 78.75 30.00
N LEU I 214 -28.22 80.09 30.09
CA LEU I 214 -27.31 80.95 29.32
C LEU I 214 -26.32 81.79 30.10
N GLN I 215 -26.36 81.76 31.43
CA GLN I 215 -25.61 82.74 32.19
C GLN I 215 -24.11 82.54 32.13
N ASP I 216 -23.61 81.32 32.26
CA ASP I 216 -22.17 81.09 32.16
C ASP I 216 -21.57 81.60 30.84
N LEU I 217 -22.36 81.60 29.77
CA LEU I 217 -21.99 82.23 28.50
C LEU I 217 -22.06 83.76 28.63
N TYR I 218 -23.12 84.29 29.22
CA TYR I 218 -23.28 85.72 29.45
C TYR I 218 -22.11 86.37 30.20
N MET I 219 -21.69 85.77 31.31
CA MET I 219 -20.53 86.26 32.07
C MET I 219 -19.23 86.24 31.26
N ALA I 220 -19.07 85.19 30.46
CA ALA I 220 -17.90 85.02 29.63
C ALA I 220 -17.87 86.07 28.51
N VAL I 221 -18.99 86.25 27.79
CA VAL I 221 -19.11 87.25 26.72
C VAL I 221 -18.90 88.65 27.26
N THR I 222 -19.51 88.98 28.38
CA THR I 222 -19.28 90.29 28.99
C THR I 222 -17.82 90.51 29.35
N THR I 223 -17.16 89.57 30.01
CA THR I 223 -15.70 89.71 30.27
C THR I 223 -14.95 89.98 28.99
N GLN I 224 -15.25 89.21 27.95
CA GLN I 224 -14.55 89.28 26.69
C GLN I 224 -14.78 90.60 25.93
N LYS I 293 92.84 91.43 8.64
CA LYS I 293 92.32 90.16 8.14
C LYS I 293 93.45 89.20 7.80
N PRO I 294 93.18 87.90 7.92
CA PRO I 294 94.19 86.90 7.53
C PRO I 294 94.61 87.08 6.08
N ARG I 295 95.89 86.83 5.81
CA ARG I 295 96.47 87.17 4.53
C ARG I 295 97.60 86.20 4.23
N GLY I 296 97.98 86.12 2.96
CA GLY I 296 99.15 85.39 2.56
C GLY I 296 99.07 83.92 2.92
N LEU I 297 99.80 83.53 3.96
CA LEU I 297 99.76 82.13 4.40
C LEU I 297 98.39 81.73 4.90
N PHE I 298 97.50 82.70 5.15
CA PHE I 298 96.16 82.40 5.59
C PHE I 298 95.11 82.69 4.53
N SER I 299 95.44 83.48 3.51
CA SER I 299 94.48 83.81 2.45
C SER I 299 94.65 82.90 1.23
N MET J 1 -50.51 101.92 7.87
CA MET J 1 -49.16 102.00 8.51
C MET J 1 -48.95 100.90 9.55
N GLU J 2 -50.00 100.35 10.17
CA GLU J 2 -49.88 99.22 11.09
C GLU J 2 -49.19 98.01 10.42
N GLU J 3 -49.53 97.72 9.17
CA GLU J 3 -48.88 96.71 8.34
C GLU J 3 -47.42 97.05 8.01
N LEU J 4 -47.05 98.33 7.97
CA LEU J 4 -45.66 98.74 7.82
C LEU J 4 -44.83 98.38 9.06
N GLU J 5 -45.40 98.59 10.25
CA GLU J 5 -44.77 98.17 11.50
C GLU J 5 -44.66 96.63 11.55
N GLN J 6 -45.70 95.92 11.09
CA GLN J 6 -45.71 94.45 11.12
C GLN J 6 -44.71 93.85 10.14
N GLY J 7 -44.59 94.44 8.96
CA GLY J 7 -43.53 94.04 8.06
C GLY J 7 -42.18 94.27 8.74
N LEU J 8 -41.97 95.46 9.33
CA LEU J 8 -40.70 95.80 9.95
C LEU J 8 -40.20 94.81 10.99
N LEU J 9 -41.05 94.39 11.93
CA LEU J 9 -40.68 93.41 12.96
C LEU J 9 -40.00 92.20 12.32
N MET J 10 -40.50 91.77 11.17
CA MET J 10 -40.05 90.56 10.50
C MET J 10 -39.06 90.78 9.35
N GLN J 11 -38.64 92.01 9.09
CA GLN J 11 -37.51 92.25 8.19
C GLN J 11 -36.18 91.96 8.86
N PRO J 12 -35.22 91.42 8.12
CA PRO J 12 -33.86 91.27 8.58
C PRO J 12 -33.13 92.61 8.62
N TRP J 13 -31.99 92.61 9.29
CA TRP J 13 -31.05 93.72 9.32
C TRP J 13 -30.08 93.69 8.13
N ALA J 14 -29.98 94.83 7.46
CA ALA J 14 -28.91 95.18 6.54
C ALA J 14 -27.75 95.88 7.28
N TRP J 15 -26.59 95.94 6.61
CA TRP J 15 -25.39 96.61 7.10
C TRP J 15 -24.96 97.75 6.18
N LEU J 16 -24.79 98.93 6.74
CA LEU J 16 -24.51 100.15 5.99
C LEU J 16 -23.12 100.68 6.26
N GLN J 17 -22.40 100.88 5.18
CA GLN J 17 -21.08 101.48 5.15
C GLN J 17 -21.24 103.00 5.12
N LEU J 18 -21.16 103.66 6.27
CA LEU J 18 -20.94 105.11 6.24
C LEU J 18 -19.47 105.39 5.90
N ALA J 19 -19.13 106.65 5.68
CA ALA J 19 -17.72 107.03 5.74
C ALA J 19 -17.24 107.10 7.20
N GLU J 20 -18.13 107.46 8.11
CA GLU J 20 -17.85 107.83 9.50
C GLU J 20 -17.80 106.63 10.47
N ASN J 21 -18.62 105.61 10.22
CA ASN J 21 -18.76 104.34 10.93
C ASN J 21 -19.49 103.37 9.99
N SER J 22 -20.11 102.32 10.53
CA SER J 22 -21.19 101.59 9.88
C SER J 22 -22.48 101.72 10.70
N LEU J 23 -23.60 101.35 10.11
CA LEU J 23 -24.90 101.20 10.80
C LEU J 23 -25.46 99.82 10.49
N LEU J 24 -26.35 99.38 11.36
CA LEU J 24 -27.33 98.35 11.06
C LEU J 24 -28.67 98.97 10.85
N ALA J 25 -29.38 98.52 9.82
CA ALA J 25 -30.69 99.03 9.50
C ALA J 25 -31.63 97.90 9.09
N LYS J 26 -32.81 97.81 9.71
CA LYS J 26 -33.94 97.08 9.13
C LYS J 26 -34.98 98.05 8.65
N VAL J 27 -35.53 97.77 7.47
CA VAL J 27 -36.47 98.66 6.80
C VAL J 27 -37.56 97.83 6.19
N PHE J 28 -38.77 98.36 6.20
CA PHE J 28 -39.87 97.83 5.44
C PHE J 28 -40.51 98.94 4.60
N ILE J 29 -40.53 98.74 3.28
CA ILE J 29 -41.02 99.69 2.28
C ILE J 29 -42.28 99.10 1.64
N THR J 30 -43.26 99.94 1.39
CA THR J 30 -44.40 99.67 0.49
C THR J 30 -44.69 100.97 -0.29
N LYS J 31 -45.66 100.94 -1.21
CA LYS J 31 -46.25 102.17 -1.78
C LYS J 31 -46.91 103.09 -0.77
N GLN J 32 -47.18 102.61 0.45
CA GLN J 32 -47.91 103.29 1.52
C GLN J 32 -46.99 104.19 2.37
N GLY J 33 -45.70 103.94 2.33
CA GLY J 33 -44.72 104.56 3.22
C GLY J 33 -43.61 103.59 3.58
N TYR J 34 -42.94 103.89 4.69
CA TYR J 34 -41.91 103.04 5.23
C TYR J 34 -41.88 103.08 6.74
N ALA J 35 -41.26 102.07 7.31
CA ALA J 35 -40.80 102.08 8.68
C ALA J 35 -39.36 101.58 8.70
N LEU J 36 -38.52 102.21 9.51
CA LEU J 36 -37.09 102.00 9.64
C LEU J 36 -36.69 101.93 11.10
N LEU J 37 -35.82 100.98 11.41
CA LEU J 37 -35.07 100.97 12.66
C LEU J 37 -33.59 100.88 12.35
N VAL J 38 -32.78 101.74 12.99
CA VAL J 38 -31.33 101.83 12.80
C VAL J 38 -30.61 101.67 14.11
N SER J 39 -29.41 101.10 14.08
CA SER J 39 -28.52 101.03 15.23
C SER J 39 -27.04 101.16 14.86
N ASP J 40 -26.23 101.74 15.76
CA ASP J 40 -24.75 101.72 15.69
C ASP J 40 -24.16 100.77 16.74
N LEU J 41 -24.99 99.93 17.34
CA LEU J 41 -24.65 98.98 18.41
C LEU J 41 -24.39 99.62 19.78
N GLN J 42 -24.57 100.94 19.89
CA GLN J 42 -24.66 101.67 21.17
C GLN J 42 -26.04 102.26 21.43
N GLN J 43 -26.70 102.71 20.37
CA GLN J 43 -28.02 103.31 20.37
C GLN J 43 -28.88 102.79 19.21
N VAL J 44 -30.18 103.08 19.28
CA VAL J 44 -31.20 102.63 18.33
C VAL J 44 -32.13 103.78 17.97
N TRP J 45 -32.52 103.89 16.71
CA TRP J 45 -33.34 104.97 16.21
C TRP J 45 -34.43 104.55 15.25
N HIS J 46 -35.56 105.23 15.32
CA HIS J 46 -36.79 104.83 14.67
C HIS J 46 -37.33 105.95 13.79
N GLU J 47 -37.87 105.58 12.64
CA GLU J 47 -38.78 106.44 11.90
C GLU J 47 -39.82 105.58 11.19
N GLN J 48 -41.01 106.13 11.06
CA GLN J 48 -42.13 105.65 10.29
C GLN J 48 -42.70 106.84 9.52
N VAL J 49 -43.03 106.64 8.25
CA VAL J 49 -43.42 107.71 7.34
C VAL J 49 -44.42 107.20 6.32
N ASP J 50 -45.49 107.95 6.11
CA ASP J 50 -46.43 107.71 5.02
C ASP J 50 -46.12 108.58 3.79
N THR J 51 -46.82 108.32 2.68
CA THR J 51 -46.66 109.05 1.42
C THR J 51 -46.83 110.57 1.51
N SER J 52 -47.56 111.08 2.52
CA SER J 52 -47.75 112.53 2.71
C SER J 52 -46.41 113.18 3.02
N VAL J 53 -45.68 112.59 3.99
CA VAL J 53 -44.35 113.04 4.38
C VAL J 53 -43.36 112.81 3.26
N VAL J 54 -43.47 111.69 2.52
CA VAL J 54 -42.62 111.44 1.35
C VAL J 54 -42.72 112.60 0.37
N SER J 55 -43.88 112.92 -0.20
CA SER J 55 -43.91 113.95 -1.24
C SER J 55 -43.55 115.34 -0.74
N GLN J 56 -43.87 115.68 0.52
CA GLN J 56 -43.42 116.93 1.13
C GLN J 56 -41.90 116.96 1.28
N ARG J 57 -41.30 115.99 1.98
CA ARG J 57 -39.87 116.01 2.28
C ARG J 57 -39.04 115.84 1.01
N ALA J 58 -39.48 115.01 0.07
CA ALA J 58 -38.81 114.91 -1.22
C ALA J 58 -38.91 116.20 -2.01
N LYS J 59 -40.06 116.89 -2.04
CA LYS J 59 -40.16 118.21 -2.69
C LYS J 59 -39.26 119.23 -2.02
N GLU J 60 -38.99 119.12 -0.72
CA GLU J 60 -38.04 120.01 -0.06
C GLU J 60 -36.61 119.68 -0.47
N LEU J 61 -36.19 118.44 -0.27
CA LEU J 61 -34.82 117.98 -0.51
C LEU J 61 -34.51 118.03 -2.02
N ASN J 62 -35.48 117.83 -2.92
CA ASN J 62 -35.31 117.69 -4.37
C ASN J 62 -36.32 118.57 -5.14
N LYS J 63 -36.14 119.89 -5.04
CA LYS J 63 -37.10 120.96 -5.41
C LYS J 63 -37.99 120.71 -6.64
N ARG J 64 -37.38 120.44 -7.80
CA ARG J 64 -38.09 120.33 -9.11
C ARG J 64 -38.15 118.91 -9.68
N LEU J 65 -37.70 117.90 -8.93
CA LEU J 65 -37.49 116.53 -9.41
C LEU J 65 -38.69 115.64 -9.03
N THR J 66 -39.85 115.94 -9.62
CA THR J 66 -41.15 115.39 -9.22
C THR J 66 -41.32 113.89 -9.50
N ALA J 67 -42.08 113.22 -8.62
CA ALA J 67 -42.54 111.87 -8.75
C ALA J 67 -43.77 111.64 -7.83
N PRO J 68 -44.55 110.58 -8.05
CA PRO J 68 -45.39 109.99 -7.04
C PRO J 68 -44.54 109.45 -5.89
N PRO J 69 -45.02 109.57 -4.65
CA PRO J 69 -44.37 109.01 -3.47
C PRO J 69 -43.87 107.57 -3.65
N ALA J 70 -44.71 106.70 -4.24
CA ALA J 70 -44.39 105.29 -4.44
C ALA J 70 -43.15 105.03 -5.32
N ALA J 71 -42.83 105.91 -6.27
CA ALA J 71 -41.64 105.75 -7.10
C ALA J 71 -40.37 106.08 -6.33
N PHE J 72 -40.41 107.07 -5.43
CA PHE J 72 -39.30 107.30 -4.51
C PHE J 72 -39.10 106.08 -3.62
N LEU J 73 -40.18 105.63 -3.00
CA LEU J 73 -40.17 104.48 -2.10
C LEU J 73 -39.60 103.22 -2.80
N CYS J 74 -40.04 102.93 -4.02
CA CYS J 74 -39.51 101.87 -4.87
C CYS J 74 -37.98 101.93 -5.06
N HIS J 75 -37.45 103.14 -5.20
CA HIS J 75 -36.01 103.28 -5.36
C HIS J 75 -35.27 103.05 -4.02
N LEU J 76 -35.79 103.57 -2.92
CA LEU J 76 -35.22 103.27 -1.61
C LEU J 76 -35.23 101.77 -1.35
N ASP J 77 -36.24 101.07 -1.82
CA ASP J 77 -36.28 99.61 -1.75
C ASP J 77 -35.11 98.94 -2.51
N ASN J 78 -34.55 99.59 -3.54
CA ASN J 78 -33.34 99.10 -4.20
C ASN J 78 -32.10 99.31 -3.33
N LEU J 79 -32.06 100.42 -2.61
CA LEU J 79 -30.97 100.86 -1.74
C LEU J 79 -29.57 100.60 -2.34
N ALA J 93 -25.03 103.95 -3.23
CA ALA J 93 -25.46 105.14 -2.51
C ALA J 93 -24.45 105.62 -1.44
N THR J 94 -24.45 106.93 -1.17
CA THR J 94 -23.55 107.56 -0.20
C THR J 94 -24.34 107.90 1.08
N PHE J 95 -23.88 107.39 2.22
CA PHE J 95 -24.52 107.63 3.51
C PHE J 95 -23.65 108.49 4.42
N SER J 96 -24.27 109.50 5.03
CA SER J 96 -23.67 110.28 6.11
C SER J 96 -24.70 110.51 7.19
N CYS J 97 -24.28 110.82 8.40
CA CYS J 97 -25.23 111.15 9.45
C CYS J 97 -24.70 112.11 10.50
N ASP J 98 -25.63 112.78 11.18
CA ASP J 98 -25.35 113.50 12.41
C ASP J 98 -26.35 113.04 13.46
N CYS J 99 -25.90 112.86 14.70
CA CYS J 99 -26.81 113.00 15.81
C CYS J 99 -26.90 114.49 16.12
N VAL J 100 -28.05 115.09 15.85
CA VAL J 100 -28.41 116.45 16.28
C VAL J 100 -29.52 116.31 17.30
N ALA J 101 -29.27 116.77 18.54
CA ALA J 101 -29.91 116.20 19.73
C ALA J 101 -29.84 114.65 19.63
N ASP J 102 -30.96 113.94 19.65
CA ASP J 102 -30.99 112.51 19.27
C ASP J 102 -31.87 112.19 18.07
N ALA J 103 -31.99 113.18 17.18
CA ALA J 103 -32.25 112.88 15.80
C ALA J 103 -30.94 112.34 15.26
N LEU J 104 -30.85 111.02 15.13
CA LEU J 104 -29.93 110.53 14.15
C LEU J 104 -30.52 110.89 12.79
N ILE J 105 -30.12 112.04 12.28
CA ILE J 105 -30.45 112.37 10.93
C ILE J 105 -29.50 111.61 10.02
N LEU J 106 -30.07 110.65 9.29
CA LEU J 106 -29.35 109.84 8.31
C LEU J 106 -29.59 110.46 6.94
N ARG J 107 -28.53 110.91 6.29
CA ARG J 107 -28.54 111.64 5.03
C ARG J 107 -28.03 110.72 3.93
N VAL J 108 -28.87 110.52 2.93
CA VAL J 108 -28.63 109.55 1.87
C VAL J 108 -28.62 110.26 0.53
N ARG J 109 -27.49 110.10 -0.15
CA ARG J 109 -27.29 110.53 -1.52
C ARG J 109 -27.39 109.31 -2.41
N SER J 110 -28.30 109.29 -3.36
CA SER J 110 -28.44 108.18 -4.31
C SER J 110 -28.44 108.67 -5.73
N GLU J 111 -28.29 107.74 -6.67
CA GLU J 111 -28.55 107.96 -8.09
C GLU J 111 -29.94 107.37 -8.48
N LEU J 112 -30.84 108.19 -9.03
CA LEU J 112 -32.08 107.73 -9.68
C LEU J 112 -32.40 108.61 -10.90
N SER J 113 -32.88 108.02 -12.00
CA SER J 113 -33.10 108.71 -13.29
C SER J 113 -31.85 109.31 -13.96
N GLY J 114 -30.65 108.92 -13.52
CA GLY J 114 -29.40 109.60 -13.87
C GLY J 114 -29.22 110.95 -13.17
N LEU J 115 -30.10 111.25 -12.20
CA LEU J 115 -30.01 112.39 -11.30
C LEU J 115 -29.61 111.94 -9.88
N PRO J 116 -28.68 112.65 -9.25
CA PRO J 116 -28.51 112.71 -7.81
C PRO J 116 -29.82 112.98 -7.09
N PHE J 117 -29.98 112.30 -5.97
CA PHE J 117 -31.17 112.31 -5.14
C PHE J 117 -30.79 112.43 -3.69
N TYR J 118 -31.68 113.07 -2.93
CA TYR J 118 -31.52 113.22 -1.50
C TYR J 118 -32.73 112.81 -0.69
N TRP J 119 -32.46 111.96 0.29
CA TRP J 119 -33.36 111.72 1.40
C TRP J 119 -32.64 111.92 2.73
N ASN J 120 -33.33 112.51 3.71
CA ASN J 120 -32.88 112.56 5.10
C ASN J 120 -33.89 111.88 6.01
N PHE J 121 -33.45 110.86 6.72
CA PHE J 121 -34.21 110.15 7.73
C PHE J 121 -34.11 110.88 9.05
N HIS J 122 -35.23 111.13 9.70
CA HIS J 122 -35.31 111.99 10.88
C HIS J 122 -35.50 111.16 12.12
N CYS J 123 -34.52 110.31 12.37
CA CYS J 123 -34.70 109.15 13.21
C CYS J 123 -34.57 109.51 14.68
N MET J 124 -35.65 109.39 15.45
CA MET J 124 -35.58 109.67 16.89
C MET J 124 -35.13 108.44 17.64
N LEU J 125 -34.58 108.63 18.84
CA LEU J 125 -34.28 107.52 19.74
C LEU J 125 -35.50 106.61 19.82
N ALA J 126 -35.33 105.34 19.42
CA ALA J 126 -36.37 104.33 19.42
C ALA J 126 -36.96 104.18 20.82
N SER J 127 -38.24 103.81 20.92
CA SER J 127 -38.83 103.55 22.23
C SER J 127 -38.26 102.25 22.84
N PRO J 128 -38.08 102.15 24.17
CA PRO J 128 -37.67 100.93 24.84
C PRO J 128 -38.54 99.71 24.48
N SER J 129 -39.80 99.96 24.15
CA SER J 129 -40.73 98.91 23.74
C SER J 129 -40.33 98.29 22.40
N LEU J 130 -40.04 99.10 21.38
CA LEU J 130 -39.54 98.59 20.10
C LEU J 130 -38.14 98.00 20.27
N VAL J 131 -37.26 98.56 21.11
CA VAL J 131 -35.94 97.96 21.36
C VAL J 131 -36.10 96.54 21.91
N SER J 132 -37.08 96.35 22.78
CA SER J 132 -37.44 95.03 23.22
C SER J 132 -37.96 94.15 22.09
N GLN J 133 -38.93 94.63 21.29
CA GLN J 133 -39.57 93.80 20.27
C GLN J 133 -38.68 93.50 19.04
N HIS J 134 -37.81 94.43 18.68
CA HIS J 134 -36.94 94.35 17.50
C HIS J 134 -35.55 93.82 17.84
N LEU J 135 -35.04 93.99 19.06
CA LEU J 135 -33.76 93.43 19.48
C LEU J 135 -33.93 92.47 20.64
N ILE J 136 -34.15 92.94 21.86
CA ILE J 136 -33.80 92.15 23.05
C ILE J 136 -34.52 90.81 23.02
N ARG J 137 -35.83 90.83 22.82
CA ARG J 137 -36.62 89.62 22.83
C ARG J 137 -36.21 88.72 21.68
N PRO J 138 -36.18 89.16 20.40
CA PRO J 138 -35.60 88.36 19.35
C PRO J 138 -34.20 87.81 19.67
N LEU J 139 -33.27 88.65 20.09
CA LEU J 139 -31.87 88.29 20.34
C LEU J 139 -31.72 87.27 21.46
N MET J 140 -32.54 87.40 22.50
CA MET J 140 -32.71 86.40 23.54
C MET J 140 -33.25 85.11 22.93
N GLY J 141 -34.35 85.21 22.19
CA GLY J 141 -35.05 84.08 21.61
C GLY J 141 -34.14 83.28 20.68
N MET J 142 -33.31 84.00 19.93
CA MET J 142 -32.23 83.48 19.12
C MET J 142 -31.17 82.77 19.96
N SER J 143 -30.68 83.35 21.04
CA SER J 143 -29.74 82.65 21.92
C SER J 143 -30.30 81.36 22.50
N LEU J 144 -31.55 81.35 22.98
CA LEU J 144 -32.19 80.12 23.44
C LEU J 144 -32.33 79.11 22.29
N ALA J 145 -32.77 79.54 21.12
CA ALA J 145 -32.92 78.62 20.01
C ALA J 145 -31.58 78.07 19.55
N LEU J 146 -30.54 78.90 19.49
CA LEU J 146 -29.19 78.45 19.15
C LEU J 146 -28.67 77.47 20.16
N GLN J 147 -28.94 77.70 21.44
CA GLN J 147 -28.57 76.73 22.44
C GLN J 147 -29.35 75.42 22.28
N CYS J 148 -30.61 75.42 21.89
CA CYS J 148 -31.28 74.14 21.61
C CYS J 148 -30.68 73.45 20.38
N GLN J 149 -30.15 74.21 19.43
CA GLN J 149 -29.43 73.63 18.30
C GLN J 149 -28.12 73.03 18.74
N VAL J 150 -27.38 73.72 19.60
CA VAL J 150 -26.20 73.15 20.22
C VAL J 150 -26.54 71.85 20.94
N ARG J 151 -27.66 71.84 21.67
CA ARG J 151 -28.14 70.67 22.41
C ARG J 151 -28.51 69.53 21.49
N GLU J 152 -29.15 69.81 20.37
CA GLU J 152 -29.45 68.78 19.39
C GLU J 152 -28.26 68.32 18.57
N LEU J 153 -27.25 69.15 18.31
CA LEU J 153 -26.01 68.68 17.68
C LEU J 153 -25.19 67.84 18.68
N ALA J 154 -25.25 68.14 19.97
CA ALA J 154 -24.60 67.38 21.03
C ALA J 154 -25.25 66.04 21.34
N THR J 155 -26.59 65.94 21.29
CA THR J 155 -27.25 64.63 21.27
C THR J 155 -26.85 63.90 19.98
N LEU J 156 -26.92 64.52 18.79
CA LEU J 156 -26.50 63.89 17.55
C LEU J 156 -25.04 63.39 17.59
N LEU J 157 -24.13 64.16 18.17
CA LEU J 157 -22.75 63.73 18.38
C LEU J 157 -22.64 62.56 19.35
N HIS J 158 -23.41 62.60 20.44
CA HIS J 158 -23.45 61.48 21.35
C HIS J 158 -24.01 60.21 20.68
N MET J 159 -25.04 60.33 19.84
CA MET J 159 -25.67 59.23 19.11
C MET J 159 -24.68 58.59 18.12
N LYS J 160 -23.93 59.43 17.41
CA LYS J 160 -22.87 58.95 16.52
C LYS J 160 -21.71 58.29 17.27
N ASP J 161 -21.44 58.67 18.50
CA ASP J 161 -20.48 57.94 19.33
C ASP J 161 -20.97 56.58 19.79
N LEU J 162 -22.23 56.44 20.21
CA LEU J 162 -22.80 55.12 20.52
C LEU J 162 -22.68 54.18 19.31
N GLU J 163 -22.98 54.72 18.12
CA GLU J 163 -22.79 54.04 16.85
C GLU J 163 -21.34 53.61 16.61
N ILE J 164 -20.38 54.54 16.70
CA ILE J 164 -18.95 54.29 16.47
C ILE J 164 -18.30 53.41 17.54
N GLN J 165 -18.75 53.52 18.79
CA GLN J 165 -18.33 52.66 19.89
C GLN J 165 -18.77 51.23 19.64
N ASP J 166 -19.93 50.98 19.06
CA ASP J 166 -20.31 49.62 18.67
C ASP J 166 -19.30 48.98 17.70
N TYR J 167 -18.81 49.74 16.72
CA TYR J 167 -17.68 49.31 15.90
C TYR J 167 -16.43 49.04 16.73
N GLN J 168 -15.99 50.01 17.56
CA GLN J 168 -14.84 49.80 18.45
C GLN J 168 -15.01 48.61 19.41
N GLU J 169 -16.24 48.26 19.79
CA GLU J 169 -16.53 47.12 20.66
C GLU J 169 -16.37 45.77 19.97
N SER J 170 -16.45 45.69 18.64
CA SER J 170 -16.28 44.42 17.93
C SER J 170 -15.72 44.64 16.53
N GLY J 171 -14.46 44.23 16.38
CA GLY J 171 -13.68 44.32 15.15
C GLY J 171 -13.51 45.77 14.67
N ALA J 172 -13.66 45.97 13.37
CA ALA J 172 -13.85 47.28 12.74
C ALA J 172 -12.72 48.28 13.02
N THR J 173 -11.50 47.97 12.59
CA THR J 173 -10.39 48.94 12.62
C THR J 173 -10.59 50.03 11.57
N LEU J 174 -10.03 51.22 11.83
CA LEU J 174 -9.99 52.35 10.89
C LEU J 174 -8.96 52.10 9.80
N ILE J 175 -9.26 52.48 8.56
CA ILE J 175 -8.32 52.35 7.45
C ILE J 175 -7.55 53.65 7.28
N ARG J 176 -8.25 54.76 7.00
CA ARG J 176 -7.58 56.06 6.85
C ARG J 176 -7.20 56.57 8.22
N ASP J 177 -5.90 56.60 8.48
CA ASP J 177 -5.23 56.94 9.74
C ASP J 177 -5.35 58.41 10.16
N ARG J 178 -6.32 59.14 9.60
CA ARG J 178 -6.56 60.58 9.80
C ARG J 178 -8.04 60.95 9.99
N LEU J 179 -8.91 59.95 10.01
CA LEU J 179 -10.36 60.12 10.18
C LEU J 179 -10.83 60.06 11.64
N LYS J 180 -9.93 59.73 12.58
CA LYS J 180 -10.26 59.57 14.01
C LYS J 180 -11.05 60.75 14.52
N THR J 181 -12.13 60.46 15.24
CA THR J 181 -12.70 61.43 16.19
C THR J 181 -12.48 60.99 17.62
N GLU J 182 -12.06 61.93 18.45
CA GLU J 182 -12.17 61.80 19.89
C GLU J 182 -13.67 61.74 20.29
N PRO J 183 -14.04 60.98 21.34
CA PRO J 183 -15.41 60.91 21.85
C PRO J 183 -15.96 62.30 22.23
N PHE J 184 -17.13 62.70 21.72
CA PHE J 184 -17.67 64.02 22.06
C PHE J 184 -18.14 64.11 23.52
N GLU J 185 -17.72 65.17 24.17
CA GLU J 185 -18.04 65.52 25.54
C GLU J 185 -18.21 67.04 25.58
N GLU J 186 -19.37 67.48 26.08
CA GLU J 186 -19.85 68.84 25.85
C GLU J 186 -19.17 69.90 26.72
N ASN J 187 -18.87 69.57 27.98
CA ASN J 187 -18.21 70.49 28.88
C ASN J 187 -16.83 70.89 28.31
N SER J 188 -16.03 69.92 27.89
CA SER J 188 -14.70 70.19 27.33
C SER J 188 -14.74 70.88 25.96
N PHE J 189 -15.77 70.63 25.15
CA PHE J 189 -16.00 71.38 23.90
C PHE J 189 -16.32 72.85 24.17
N LEU J 190 -17.05 73.14 25.23
CA LEU J 190 -17.16 74.49 25.73
C LEU J 190 -15.78 74.98 26.22
N GLU J 191 -15.07 74.25 27.07
CA GLU J 191 -13.77 74.71 27.61
C GLU J 191 -12.78 75.20 26.55
N GLN J 192 -12.58 74.40 25.50
CA GLN J 192 -11.72 74.77 24.38
C GLN J 192 -12.30 75.96 23.60
N PHE J 193 -13.61 75.96 23.31
CA PHE J 193 -14.25 77.07 22.63
C PHE J 193 -14.01 78.38 23.39
N MET J 194 -14.12 78.39 24.71
CA MET J 194 -14.08 79.62 25.50
C MET J 194 -12.72 80.28 25.48
N ILE J 195 -11.66 79.50 25.36
CA ILE J 195 -10.30 79.99 25.25
C ILE J 195 -9.98 80.31 23.78
N GLU J 196 -10.22 79.37 22.87
CA GLU J 196 -9.74 79.43 21.49
C GLU J 196 -10.64 80.20 20.52
N LYS J 197 -11.95 80.29 20.77
CA LYS J 197 -12.95 80.72 19.80
C LYS J 197 -13.81 81.87 20.26
N LEU J 198 -14.14 81.91 21.55
CA LEU J 198 -15.01 82.96 22.06
C LEU J 198 -14.48 84.38 21.84
N PRO J 199 -13.19 84.72 22.06
CA PRO J 199 -12.67 86.06 21.82
C PRO J 199 -13.10 86.64 20.48
N GLU J 200 -12.75 85.95 19.40
CA GLU J 200 -13.15 86.29 18.04
C GLU J 200 -14.67 86.20 17.86
N ALA J 201 -15.28 85.08 18.23
CA ALA J 201 -16.64 84.80 17.81
C ALA J 201 -17.66 85.74 18.45
N CYS J 202 -17.47 86.12 19.71
CA CYS J 202 -18.39 87.03 20.37
C CYS J 202 -18.14 88.50 20.05
N SER J 203 -17.03 88.83 19.41
CA SER J 203 -16.73 90.22 19.02
C SER J 203 -17.85 90.77 18.18
N ILE J 204 -18.35 91.94 18.58
CA ILE J 204 -19.43 92.60 17.86
C ILE J 204 -18.88 93.16 16.55
N GLY J 205 -17.68 93.74 16.61
CA GLY J 205 -17.05 94.45 15.52
C GLY J 205 -17.88 95.66 15.08
N ASP J 206 -18.31 95.62 13.83
CA ASP J 206 -19.12 96.66 13.16
C ASP J 206 -20.55 96.16 12.84
N GLY J 207 -20.93 95.00 13.37
CA GLY J 207 -22.21 94.34 13.11
C GLY J 207 -22.29 93.58 11.79
N LYS J 208 -21.22 93.54 10.99
CA LYS J 208 -21.22 92.72 9.78
C LYS J 208 -21.35 91.23 10.10
N PRO J 209 -20.69 90.66 11.10
CA PRO J 209 -20.97 89.27 11.48
C PRO J 209 -22.46 88.98 11.73
N PHE J 210 -23.17 89.86 12.43
CA PHE J 210 -24.59 89.69 12.70
C PHE J 210 -25.41 89.56 11.41
N VAL J 211 -25.25 90.53 10.51
CA VAL J 211 -26.00 90.56 9.27
C VAL J 211 -25.58 89.46 8.31
N MET J 212 -24.34 89.03 8.40
CA MET J 212 -23.83 88.00 7.50
C MET J 212 -24.40 86.63 7.82
N ASN J 213 -24.56 86.21 9.07
CA ASN J 213 -24.90 84.80 9.36
C ASN J 213 -26.15 84.56 10.22
N LEU J 214 -26.76 85.58 10.83
CA LEU J 214 -27.90 85.37 11.75
C LEU J 214 -29.26 85.80 11.22
N GLN J 215 -29.35 86.40 10.03
CA GLN J 215 -30.63 86.98 9.64
C GLN J 215 -31.77 85.99 9.44
N ASP J 216 -31.48 84.75 9.01
CA ASP J 216 -32.49 83.70 8.92
C ASP J 216 -33.12 83.39 10.28
N LEU J 217 -32.29 83.25 11.30
CA LEU J 217 -32.81 82.99 12.65
C LEU J 217 -33.53 84.22 13.19
N TYR J 218 -33.05 85.41 12.86
CA TYR J 218 -33.72 86.64 13.23
C TYR J 218 -35.15 86.68 12.68
N MET J 219 -35.29 86.40 11.39
CA MET J 219 -36.57 86.38 10.71
C MET J 219 -37.46 85.30 11.28
N ALA J 220 -36.91 84.12 11.57
CA ALA J 220 -37.73 83.05 12.12
C ALA J 220 -38.22 83.37 13.53
N VAL J 221 -37.34 83.85 14.42
CA VAL J 221 -37.70 84.10 15.82
C VAL J 221 -38.70 85.22 15.93
N THR J 222 -38.52 86.31 15.18
CA THR J 222 -39.52 87.38 15.12
C THR J 222 -40.88 86.84 14.65
N THR J 223 -40.94 86.04 13.58
CA THR J 223 -42.21 85.43 13.17
C THR J 223 -42.75 84.38 14.14
N GLN J 224 -41.95 83.89 15.08
CA GLN J 224 -42.46 82.99 16.12
C GLN J 224 -43.05 83.79 17.28
N LYS J 293 -127.48 19.09 19.52
CA LYS J 293 -126.29 18.24 19.48
C LYS J 293 -126.66 16.79 19.22
N PRO J 294 -125.75 16.05 18.60
CA PRO J 294 -125.99 14.62 18.36
C PRO J 294 -126.23 13.89 19.67
N ARG J 295 -127.17 12.95 19.67
CA ARG J 295 -127.77 12.35 20.88
C ARG J 295 -128.08 10.89 20.59
N GLY J 296 -128.07 10.02 21.59
CA GLY J 296 -128.60 8.68 21.45
C GLY J 296 -127.78 7.83 20.51
N LEU J 297 -128.31 7.55 19.31
CA LEU J 297 -127.57 6.78 18.31
C LEU J 297 -126.25 7.46 17.94
N PHE J 298 -126.12 8.76 18.21
CA PHE J 298 -124.91 9.47 17.87
C PHE J 298 -124.06 9.79 19.09
N SER J 299 -124.61 9.73 20.30
CA SER J 299 -123.86 10.03 21.51
C SER J 299 -123.33 8.76 22.18
N TYR K 30 45.09 55.95 10.01
CA TYR K 30 44.49 54.66 9.64
C TYR K 30 45.40 53.94 8.67
N LYS K 31 45.04 52.70 8.36
CA LYS K 31 45.94 51.84 7.60
C LYS K 31 46.33 52.50 6.29
N TYR K 32 47.63 52.73 6.12
CA TYR K 32 48.09 53.60 5.06
C TYR K 32 47.72 53.06 3.70
N SER K 33 48.07 51.81 3.44
CA SER K 33 47.76 51.23 2.16
C SER K 33 46.28 51.31 1.87
N GLY K 34 45.46 51.36 2.92
CA GLY K 34 44.05 51.64 2.75
C GLY K 34 43.83 52.89 1.92
N ARG K 35 42.63 53.00 1.40
CA ARG K 35 42.31 54.06 0.47
C ARG K 35 40.94 54.62 0.74
N ASP K 36 40.74 55.86 0.32
CA ASP K 36 39.47 56.54 0.52
C ASP K 36 38.56 56.29 -0.66
N SER K 37 37.35 55.85 -0.37
CA SER K 37 36.44 55.41 -1.42
C SER K 37 35.13 56.13 -1.26
N LEU K 38 34.66 56.73 -2.34
CA LEU K 38 33.42 57.49 -2.34
C LEU K 38 32.58 57.01 -3.50
N ILE K 39 31.40 56.48 -3.19
CA ILE K 39 30.45 56.00 -4.18
C ILE K 39 29.40 57.07 -4.39
N PHE K 40 28.88 57.16 -5.59
CA PHE K 40 27.92 58.19 -5.90
C PHE K 40 26.60 57.60 -6.35
N LEU K 41 25.52 58.23 -5.89
CA LEU K 41 24.20 57.63 -5.91
C LEU K 41 23.21 58.77 -6.06
N VAL K 42 22.53 58.81 -7.19
CA VAL K 42 21.68 59.94 -7.54
C VAL K 42 20.25 59.44 -7.71
N ASP K 43 19.29 60.22 -7.19
CA ASP K 43 17.87 59.94 -7.37
C ASP K 43 17.46 60.07 -8.83
N ALA K 44 17.22 58.95 -9.49
CA ALA K 44 16.98 58.97 -10.92
C ALA K 44 15.51 58.89 -11.27
N SER K 45 14.63 59.25 -10.35
CA SER K 45 13.22 59.25 -10.66
C SER K 45 12.87 60.39 -11.62
N LYS K 46 11.65 60.36 -12.13
CA LYS K 46 11.11 61.55 -12.75
C LYS K 46 10.99 62.70 -11.76
N ALA K 47 11.35 62.48 -10.51
CA ALA K 47 11.27 63.51 -9.50
C ALA K 47 12.04 64.73 -9.93
N MET K 48 13.36 64.66 -9.91
CA MET K 48 14.16 65.83 -10.20
C MET K 48 14.88 65.75 -11.53
N PHE K 49 14.62 64.74 -12.33
CA PHE K 49 15.19 64.73 -13.65
C PHE K 49 14.80 66.00 -14.41
N GLU K 50 13.60 66.53 -14.15
CA GLU K 50 13.11 67.69 -14.87
C GLU K 50 12.27 68.58 -13.95
N SER K 51 12.73 68.85 -12.74
CA SER K 51 11.94 69.76 -11.91
C SER K 51 11.90 71.15 -12.55
N GLN K 52 13.05 71.78 -12.67
CA GLN K 52 13.23 73.04 -13.39
C GLN K 52 12.10 74.02 -13.13
N SER K 53 11.86 74.29 -11.84
CA SER K 53 10.84 75.25 -11.46
C SER K 53 11.07 76.59 -12.15
N GLU K 54 12.26 77.12 -12.02
CA GLU K 54 12.70 78.31 -12.73
C GLU K 54 13.48 77.88 -13.96
N ASP K 55 14.27 78.79 -14.51
CA ASP K 55 15.11 78.48 -15.66
C ASP K 55 16.56 78.88 -15.42
N GLU K 56 17.13 78.53 -14.26
CA GLU K 56 18.52 78.87 -13.96
C GLU K 56 19.38 77.67 -13.60
N LEU K 57 18.80 76.56 -13.15
CA LEU K 57 19.56 75.38 -12.78
C LEU K 57 18.71 74.15 -13.08
N THR K 58 19.19 73.00 -12.62
CA THR K 58 18.43 71.77 -12.71
C THR K 58 19.01 70.74 -11.77
N PRO K 59 18.19 70.12 -10.91
CA PRO K 59 18.75 69.30 -9.84
C PRO K 59 19.60 68.16 -10.35
N PHE K 60 19.20 67.51 -11.44
CA PHE K 60 20.10 66.52 -12.01
C PHE K 60 21.30 67.19 -12.62
N ASP K 61 21.08 68.28 -13.33
CA ASP K 61 22.22 69.01 -13.85
C ASP K 61 23.04 69.60 -12.73
N MET K 62 22.51 69.64 -11.52
CA MET K 62 23.26 70.10 -10.39
C MET K 62 24.09 68.96 -9.81
N SER K 63 23.47 67.81 -9.68
CA SER K 63 24.18 66.67 -9.13
C SER K 63 25.26 66.20 -10.07
N ILE K 64 24.98 66.17 -11.36
CA ILE K 64 26.00 65.72 -12.29
C ILE K 64 27.15 66.68 -12.29
N GLN K 65 26.87 67.97 -12.18
CA GLN K 65 27.95 68.92 -12.08
C GLN K 65 28.77 68.67 -10.83
N CYS K 66 28.10 68.36 -9.73
CA CYS K 66 28.83 68.05 -8.52
C CYS K 66 29.73 66.85 -8.73
N ILE K 67 29.19 65.80 -9.35
CA ILE K 67 29.96 64.58 -9.49
C ILE K 67 31.14 64.81 -10.39
N GLN K 68 30.91 65.45 -11.54
CA GLN K 68 32.01 65.74 -12.44
C GLN K 68 33.07 66.55 -11.73
N SER K 69 32.65 67.54 -10.97
CA SER K 69 33.62 68.41 -10.33
C SER K 69 34.43 67.66 -9.31
N VAL K 70 33.76 66.92 -8.42
CA VAL K 70 34.52 66.27 -7.38
C VAL K 70 35.40 65.23 -8.01
N TYR K 71 34.96 64.67 -9.11
CA TYR K 71 35.72 63.56 -9.63
C TYR K 71 36.97 64.10 -10.29
N ILE K 72 36.87 65.19 -11.03
CA ILE K 72 38.10 65.72 -11.61
C ILE K 72 39.00 66.23 -10.52
N SER K 73 38.43 66.76 -9.45
CA SER K 73 39.30 67.21 -8.36
C SER K 73 40.06 66.03 -7.80
N LYS K 74 39.38 64.92 -7.61
CA LYS K 74 40.09 63.78 -7.06
C LYS K 74 41.11 63.24 -8.02
N ILE K 75 40.90 63.41 -9.33
CA ILE K 75 41.87 62.90 -10.30
C ILE K 75 43.25 63.36 -9.91
N ILE K 76 43.46 64.66 -9.96
CA ILE K 76 44.74 65.20 -9.60
C ILE K 76 45.00 65.00 -8.13
N SER K 77 43.99 65.19 -7.30
CA SER K 77 44.23 65.29 -5.88
C SER K 77 44.80 63.99 -5.34
N SER K 78 44.06 62.91 -5.47
CA SER K 78 44.35 61.69 -4.73
C SER K 78 44.30 60.49 -5.64
N ASP K 79 45.02 60.57 -6.75
CA ASP K 79 44.78 59.73 -7.91
C ASP K 79 44.65 58.27 -7.55
N ARG K 80 45.03 57.94 -6.34
CA ARG K 80 45.04 56.56 -5.91
C ARG K 80 43.71 56.15 -5.31
N ASP K 81 42.81 57.08 -5.02
CA ASP K 81 41.58 56.78 -4.31
C ASP K 81 40.58 56.03 -5.21
N LEU K 82 39.36 55.80 -4.71
CA LEU K 82 38.34 55.08 -5.44
C LEU K 82 37.03 55.85 -5.46
N LEU K 83 36.36 55.81 -6.60
CA LEU K 83 35.07 56.45 -6.79
C LEU K 83 34.16 55.48 -7.53
N ALA K 84 32.86 55.69 -7.41
CA ALA K 84 31.88 54.92 -8.16
C ALA K 84 30.58 55.68 -8.25
N VAL K 85 29.90 55.56 -9.39
CA VAL K 85 28.66 56.26 -9.66
C VAL K 85 27.59 55.29 -10.09
N VAL K 86 26.45 55.35 -9.40
CA VAL K 86 25.35 54.41 -9.57
C VAL K 86 24.03 55.12 -9.34
N PHE K 87 23.15 55.05 -10.33
CA PHE K 87 21.87 55.71 -10.24
C PHE K 87 20.80 54.71 -9.87
N TYR K 88 19.71 55.19 -9.29
CA TYR K 88 18.69 54.29 -8.82
C TYR K 88 17.31 54.78 -9.19
N GLY K 89 16.39 53.85 -9.30
CA GLY K 89 15.06 54.12 -9.76
C GLY K 89 14.93 54.05 -11.27
N THR K 90 16.01 53.81 -11.98
CA THR K 90 15.98 53.87 -13.42
C THR K 90 15.09 52.76 -13.96
N GLU K 91 14.80 52.84 -15.25
CA GLU K 91 13.94 51.85 -15.89
C GLU K 91 14.72 50.70 -16.47
N LYS K 92 15.78 50.97 -17.22
CA LYS K 92 16.70 49.92 -17.55
C LYS K 92 17.32 49.40 -16.25
N ASP K 93 18.01 48.28 -16.35
CA ASP K 93 18.62 47.69 -15.17
C ASP K 93 20.00 47.14 -15.49
N LYS K 94 20.96 47.31 -14.57
CA LYS K 94 22.22 46.55 -14.49
C LYS K 94 22.85 46.74 -13.13
N ASN K 95 23.18 45.65 -12.45
CA ASN K 95 23.94 45.70 -11.23
C ASN K 95 24.54 44.33 -11.04
N SER K 96 25.20 44.13 -9.91
CA SER K 96 25.80 42.83 -9.68
C SER K 96 24.72 41.77 -9.50
N VAL K 97 23.64 42.11 -8.82
CA VAL K 97 22.69 41.12 -8.35
C VAL K 97 21.43 41.11 -9.19
N ASN K 98 21.40 41.85 -10.28
CA ASN K 98 20.24 41.91 -11.16
C ASN K 98 19.00 42.23 -10.36
N PHE K 99 19.03 43.37 -9.71
CA PHE K 99 17.87 43.86 -9.00
C PHE K 99 17.06 44.73 -9.94
N LYS K 100 16.11 45.48 -9.39
CA LYS K 100 15.20 46.27 -10.18
C LYS K 100 15.49 47.74 -9.96
N ASN K 101 15.71 48.46 -11.05
CA ASN K 101 15.72 49.92 -11.08
C ASN K 101 17.00 50.53 -10.51
N ILE K 102 18.11 49.79 -10.49
CA ILE K 102 19.39 50.32 -10.02
C ILE K 102 20.42 50.09 -11.11
N TYR K 103 21.21 51.11 -11.41
CA TYR K 103 22.14 51.07 -12.53
C TYR K 103 23.50 51.56 -12.07
N VAL K 104 24.50 50.69 -12.13
CA VAL K 104 25.85 51.07 -11.70
C VAL K 104 26.55 51.67 -12.92
N LEU K 105 26.67 52.99 -12.91
CA LEU K 105 27.16 53.65 -14.11
C LEU K 105 28.60 53.27 -14.37
N GLN K 106 29.47 53.47 -13.39
CA GLN K 106 30.81 52.92 -13.44
C GLN K 106 31.19 52.39 -12.07
N GLU K 107 31.78 51.21 -12.06
CA GLU K 107 32.04 50.52 -10.81
C GLU K 107 33.09 51.27 -10.01
N LEU K 108 33.38 50.74 -8.83
CA LEU K 108 34.48 51.27 -8.05
C LEU K 108 35.79 51.01 -8.76
N ASP K 109 36.46 52.06 -9.17
CA ASP K 109 37.78 51.87 -9.74
C ASP K 109 38.56 53.16 -9.57
N ASN K 110 39.86 53.07 -9.76
CA ASN K 110 40.66 54.26 -9.64
C ASN K 110 40.18 55.28 -10.66
N PRO K 111 40.18 56.54 -10.30
CA PRO K 111 39.66 57.55 -11.23
C PRO K 111 40.46 57.60 -12.50
N GLY K 112 39.80 57.98 -13.57
CA GLY K 112 40.45 58.06 -14.86
C GLY K 112 39.59 58.84 -15.83
N ALA K 113 40.20 59.26 -16.92
CA ALA K 113 39.50 60.11 -17.85
C ALA K 113 38.33 59.38 -18.47
N LYS K 114 38.55 58.12 -18.84
CA LYS K 114 37.55 57.37 -19.60
C LYS K 114 36.25 57.33 -18.84
N ARG K 115 36.23 57.91 -17.66
CA ARG K 115 35.04 58.00 -16.85
C ARG K 115 34.49 59.40 -16.79
N ILE K 116 35.34 60.40 -16.69
CA ILE K 116 34.85 61.76 -16.81
C ILE K 116 34.15 61.93 -18.14
N LEU K 117 34.68 61.28 -19.17
CA LEU K 117 33.98 61.34 -20.44
C LEU K 117 32.57 60.84 -20.29
N GLU K 118 32.42 59.69 -19.63
CA GLU K 118 31.10 59.09 -19.52
C GLU K 118 30.17 60.01 -18.77
N LEU K 119 30.63 60.59 -17.68
CA LEU K 119 29.76 61.49 -16.95
C LEU K 119 29.40 62.69 -17.81
N ASP K 120 30.37 63.24 -18.52
CA ASP K 120 30.11 64.44 -19.31
C ASP K 120 29.07 64.14 -20.36
N GLN K 121 29.08 62.94 -20.91
CA GLN K 121 28.10 62.55 -21.91
C GLN K 121 26.69 62.88 -21.47
N PHE K 122 26.48 63.04 -20.17
CA PHE K 122 25.15 63.27 -19.66
C PHE K 122 24.89 64.72 -19.31
N LYS K 123 25.92 65.54 -19.22
CA LYS K 123 25.71 66.94 -18.88
C LYS K 123 25.11 67.67 -20.08
N GLY K 124 23.84 68.03 -19.99
CA GLY K 124 23.22 68.89 -20.99
C GLY K 124 21.76 68.54 -21.27
N GLN K 125 21.04 69.51 -21.81
CA GLN K 125 19.66 69.26 -22.17
C GLN K 125 19.56 68.12 -23.16
N GLN K 126 20.35 68.17 -24.22
CA GLN K 126 20.49 66.99 -25.05
C GLN K 126 21.07 65.84 -24.25
N GLY K 127 21.99 66.16 -23.35
CA GLY K 127 22.53 65.12 -22.49
C GLY K 127 21.45 64.47 -21.64
N GLN K 128 20.52 65.27 -21.11
CA GLN K 128 19.50 64.66 -20.28
C GLN K 128 18.50 63.91 -21.12
N LYS K 129 18.29 64.33 -22.35
CA LYS K 129 17.49 63.52 -23.25
C LYS K 129 18.15 62.16 -23.44
N ARG K 130 19.46 62.14 -23.64
CA ARG K 130 20.16 60.87 -23.78
C ARG K 130 20.03 60.04 -22.51
N PHE K 131 20.17 60.67 -21.35
CA PHE K 131 20.08 59.92 -20.10
C PHE K 131 18.71 59.29 -19.97
N GLN K 132 17.66 60.06 -20.21
CA GLN K 132 16.34 59.50 -20.04
C GLN K 132 16.06 58.43 -21.06
N ASP K 133 16.53 58.59 -22.29
CA ASP K 133 16.17 57.61 -23.29
C ASP K 133 17.16 56.46 -23.35
N MET K 134 18.15 56.45 -22.48
CA MET K 134 18.97 55.26 -22.39
C MET K 134 18.59 54.38 -21.20
N MET K 135 18.41 54.93 -20.02
CA MET K 135 18.17 54.13 -18.82
C MET K 135 16.77 54.26 -18.25
N GLY K 136 16.15 55.41 -18.32
CA GLY K 136 14.76 55.51 -17.90
C GLY K 136 14.40 56.89 -17.38
N HIS K 137 13.09 57.15 -17.39
CA HIS K 137 12.58 58.42 -16.88
C HIS K 137 12.65 58.48 -15.36
N GLY K 138 12.66 57.33 -14.72
CA GLY K 138 12.48 57.25 -13.30
C GLY K 138 11.30 56.38 -12.93
N SER K 139 11.57 55.13 -12.64
CA SER K 139 10.56 54.15 -12.29
C SER K 139 10.37 54.11 -10.77
N ASP K 140 9.65 53.11 -10.27
CA ASP K 140 9.58 52.90 -8.84
C ASP K 140 10.91 52.36 -8.33
N TYR K 141 11.13 52.49 -7.03
CA TYR K 141 12.44 52.24 -6.45
C TYR K 141 12.25 51.85 -4.99
N SER K 142 13.37 51.58 -4.32
CA SER K 142 13.31 51.25 -2.89
C SER K 142 14.68 51.45 -2.27
N LEU K 143 14.84 52.51 -1.47
CA LEU K 143 16.18 52.84 -1.00
C LEU K 143 16.76 51.74 -0.16
N SER K 144 15.92 50.89 0.42
CA SER K 144 16.45 49.70 1.07
C SER K 144 17.31 48.95 0.09
N GLU K 145 16.76 48.65 -1.07
CA GLU K 145 17.51 47.90 -2.04
C GLU K 145 18.67 48.71 -2.58
N VAL K 146 18.50 50.02 -2.69
CA VAL K 146 19.59 50.82 -3.21
C VAL K 146 20.80 50.72 -2.31
N LEU K 147 20.58 50.86 -1.01
CA LEU K 147 21.70 50.73 -0.10
C LEU K 147 22.28 49.33 -0.20
N TRP K 148 21.43 48.32 -0.36
CA TRP K 148 21.97 46.99 -0.59
C TRP K 148 22.97 47.02 -1.72
N VAL K 149 22.60 47.70 -2.79
CA VAL K 149 23.45 47.67 -3.96
C VAL K 149 24.78 48.29 -3.64
N CYS K 150 24.75 49.46 -2.99
CA CYS K 150 26.01 50.14 -2.75
C CYS K 150 26.86 49.33 -1.80
N ALA K 151 26.22 48.63 -0.88
CA ALA K 151 26.98 47.80 0.01
C ALA K 151 27.74 46.74 -0.75
N ASN K 152 27.06 46.06 -1.64
CA ASN K 152 27.75 45.05 -2.41
C ASN K 152 28.90 45.67 -3.16
N LEU K 153 28.69 46.87 -3.68
CA LEU K 153 29.80 47.50 -4.38
C LEU K 153 31.01 47.60 -3.49
N PHE K 154 30.92 48.31 -2.37
CA PHE K 154 32.13 48.40 -1.54
C PHE K 154 32.68 47.05 -1.21
N SER K 155 31.84 46.07 -1.00
CA SER K 155 32.39 44.76 -0.69
C SER K 155 33.28 44.27 -1.81
N ASP K 156 32.85 44.44 -3.05
CA ASP K 156 33.47 43.74 -4.16
C ASP K 156 34.93 44.12 -4.33
N VAL K 157 35.33 45.29 -3.83
CA VAL K 157 36.67 45.75 -4.13
C VAL K 157 37.68 44.91 -3.39
N GLN K 158 38.89 44.88 -3.90
CA GLN K 158 39.91 44.03 -3.31
C GLN K 158 40.87 44.78 -2.41
N PHE K 159 41.34 45.93 -2.85
CA PHE K 159 42.27 46.69 -2.02
C PHE K 159 41.64 47.02 -0.69
N LYS K 160 42.46 47.41 0.26
CA LYS K 160 41.91 47.80 1.54
C LYS K 160 41.37 49.21 1.46
N MET K 161 40.32 49.49 2.23
CA MET K 161 39.64 50.76 2.23
C MET K 161 39.88 51.50 3.52
N SER K 162 40.35 52.74 3.42
CA SER K 162 40.62 53.53 4.61
C SER K 162 39.33 54.14 5.14
N HIS K 163 38.73 55.00 4.35
CA HIS K 163 37.42 55.53 4.67
C HIS K 163 36.46 55.12 3.57
N LYS K 164 35.21 54.89 3.94
CA LYS K 164 34.20 54.44 3.01
C LYS K 164 32.99 55.36 3.16
N ARG K 165 32.67 56.11 2.12
CA ARG K 165 31.61 57.10 2.24
C ARG K 165 30.67 57.05 1.05
N ILE K 166 29.38 57.19 1.32
CA ILE K 166 28.32 57.08 0.33
C ILE K 166 27.61 58.42 0.24
N MET K 167 27.41 58.90 -0.96
CA MET K 167 26.75 60.18 -1.17
C MET K 167 25.48 59.97 -1.97
N LEU K 168 24.33 60.14 -1.32
CA LEU K 168 23.08 60.25 -2.02
C LEU K 168 22.96 61.61 -2.68
N PHE K 169 22.22 61.66 -3.76
CA PHE K 169 21.87 62.94 -4.37
C PHE K 169 20.39 62.85 -4.72
N THR K 170 19.55 63.21 -3.76
CA THR K 170 18.11 63.08 -3.90
C THR K 170 17.49 64.33 -3.31
N ASN K 171 16.18 64.43 -3.40
CA ASN K 171 15.54 65.44 -2.59
C ASN K 171 14.22 64.98 -2.00
N GLU K 172 13.74 63.81 -2.36
CA GLU K 172 12.41 63.40 -1.95
C GLU K 172 12.49 63.14 -0.45
N ASP K 173 12.47 64.22 0.32
CA ASP K 173 12.89 64.17 1.71
C ASP K 173 12.18 63.08 2.50
N ASN K 174 11.08 62.56 1.99
CA ASN K 174 10.53 61.31 2.49
C ASN K 174 10.67 60.29 1.38
N PRO K 175 11.49 59.27 1.55
CA PRO K 175 11.70 58.33 0.43
C PRO K 175 10.40 57.72 -0.01
N HIS K 176 9.50 57.52 0.94
CA HIS K 176 8.20 56.94 0.65
C HIS K 176 7.37 57.02 1.91
N GLY K 177 6.27 57.74 1.86
CA GLY K 177 5.33 57.69 2.96
C GLY K 177 4.27 56.64 2.78
N ASN K 178 4.38 55.81 1.75
CA ASN K 178 3.28 54.94 1.38
C ASN K 178 3.39 53.55 2.00
N ASP K 179 4.40 52.78 1.64
CA ASP K 179 4.54 51.42 2.13
C ASP K 179 5.54 51.50 3.26
N SER K 180 5.04 51.58 4.49
CA SER K 180 5.92 51.73 5.63
C SER K 180 6.85 50.55 5.79
N ALA K 181 6.45 49.38 5.32
CA ALA K 181 7.30 48.21 5.49
C ALA K 181 8.61 48.40 4.75
N LYS K 182 8.55 48.96 3.56
CA LYS K 182 9.75 49.36 2.87
C LYS K 182 10.58 50.31 3.74
N ALA K 183 9.92 51.16 4.51
CA ALA K 183 10.65 52.10 5.35
C ALA K 183 11.33 51.40 6.51
N SER K 184 10.65 50.44 7.12
CA SER K 184 11.28 49.70 8.20
C SER K 184 12.50 48.97 7.67
N ARG K 185 12.35 48.32 6.52
CA ARG K 185 13.49 47.64 5.94
C ARG K 185 14.63 48.61 5.69
N ALA K 186 14.31 49.81 5.23
CA ALA K 186 15.34 50.79 4.97
C ALA K 186 16.10 51.13 6.24
N ARG K 187 15.38 51.46 7.30
CA ARG K 187 16.10 51.83 8.51
C ARG K 187 16.97 50.69 8.96
N THR K 188 16.47 49.47 8.84
CA THR K 188 17.26 48.34 9.30
C THR K 188 18.56 48.25 8.52
N LYS K 189 18.46 48.22 7.21
CA LYS K 189 19.68 48.01 6.45
C LYS K 189 20.62 49.17 6.64
N ALA K 190 20.10 50.38 6.74
CA ALA K 190 20.97 51.52 6.90
C ALA K 190 21.73 51.44 8.20
N GLY K 191 21.06 51.03 9.27
CA GLY K 191 21.78 50.80 10.49
C GLY K 191 22.87 49.79 10.29
N ASP K 192 22.58 48.74 9.52
CA ASP K 192 23.60 47.74 9.29
C ASP K 192 24.82 48.36 8.62
N LEU K 193 24.60 49.05 7.51
CA LEU K 193 25.72 49.68 6.83
C LEU K 193 26.48 50.58 7.77
N ARG K 194 25.76 51.26 8.66
CA ARG K 194 26.45 52.02 9.68
C ARG K 194 27.30 51.11 10.53
N ASP K 195 26.92 49.85 10.66
CA ASP K 195 27.67 48.95 11.50
C ASP K 195 28.71 48.17 10.74
N THR K 196 28.58 48.07 9.43
CA THR K 196 29.57 47.32 8.69
C THR K 196 30.79 48.16 8.39
N GLY K 197 30.85 49.35 8.93
CA GLY K 197 31.97 50.22 8.71
C GLY K 197 31.79 51.25 7.64
N ILE K 198 30.56 51.48 7.19
CA ILE K 198 30.31 52.43 6.11
C ILE K 198 29.51 53.59 6.66
N PHE K 199 29.94 54.79 6.33
CA PHE K 199 29.19 56.00 6.61
C PHE K 199 28.30 56.32 5.43
N LEU K 200 27.35 57.20 5.66
CA LEU K 200 26.44 57.61 4.60
C LEU K 200 26.13 59.08 4.76
N ASP K 201 25.97 59.75 3.64
CA ASP K 201 25.70 61.17 3.69
C ASP K 201 24.95 61.56 2.44
N LEU K 202 23.91 62.36 2.62
CA LEU K 202 23.18 62.97 1.55
C LEU K 202 23.23 64.46 1.73
N MET K 203 23.42 65.17 0.63
CA MET K 203 23.24 66.60 0.62
C MET K 203 21.86 66.92 0.04
N HIS K 204 21.03 67.53 0.85
CA HIS K 204 19.70 67.90 0.41
C HIS K 204 19.83 68.90 -0.71
N LEU K 205 19.52 68.46 -1.91
CA LEU K 205 19.80 69.29 -3.06
C LEU K 205 18.82 70.45 -3.16
N LYS K 206 17.55 70.16 -3.46
CA LYS K 206 16.53 71.19 -3.66
C LYS K 206 15.15 70.57 -3.82
N LYS K 207 14.15 71.16 -3.17
CA LYS K 207 12.77 70.70 -3.31
C LYS K 207 11.88 71.88 -2.96
N PRO K 208 10.72 72.03 -3.59
CA PRO K 208 9.83 73.11 -3.17
C PRO K 208 9.24 72.79 -1.82
N GLY K 209 9.65 73.52 -0.79
CA GLY K 209 9.35 72.93 0.47
C GLY K 209 10.13 71.63 0.54
N GLY K 210 9.70 70.75 1.44
CA GLY K 210 10.29 69.43 1.52
C GLY K 210 11.80 69.49 1.62
N PHE K 211 12.29 70.29 2.55
CA PHE K 211 13.71 70.57 2.68
C PHE K 211 14.16 70.25 4.09
N ASP K 212 13.76 69.07 4.55
CA ASP K 212 13.95 68.66 5.93
C ASP K 212 14.63 67.30 6.00
N ILE K 213 15.35 67.09 7.10
CA ILE K 213 16.05 65.84 7.34
C ILE K 213 15.45 65.05 8.48
N SER K 214 14.68 65.67 9.37
CA SER K 214 14.06 64.92 10.44
C SER K 214 12.97 64.00 9.91
N LEU K 215 12.53 64.20 8.68
CA LEU K 215 11.65 63.27 8.02
C LEU K 215 12.50 62.18 7.40
N PHE K 216 12.65 61.08 8.14
CA PHE K 216 13.21 59.78 7.77
C PHE K 216 14.74 59.75 7.71
N TYR K 217 15.45 60.87 7.75
CA TYR K 217 16.89 60.80 7.72
C TYR K 217 17.58 61.20 9.00
N ARG K 218 16.87 61.70 9.99
CA ARG K 218 17.57 62.05 11.21
C ARG K 218 18.24 60.84 11.81
N ASP K 219 17.77 59.65 11.46
CA ASP K 219 18.34 58.41 11.97
C ASP K 219 19.28 57.74 10.97
N ILE K 220 19.58 58.38 9.85
CA ILE K 220 20.39 57.76 8.80
C ILE K 220 21.76 58.40 8.73
N ILE K 221 21.82 59.65 8.31
CA ILE K 221 23.09 60.32 8.13
C ILE K 221 23.72 60.53 9.49
N SER K 222 24.94 61.03 9.50
CA SER K 222 25.60 61.34 10.74
C SER K 222 25.34 62.79 11.09
N VAL K 231 19.42 74.56 11.13
CA VAL K 231 18.53 73.41 11.04
C VAL K 231 18.52 72.85 9.64
N HIS K 232 17.88 73.58 8.71
CA HIS K 232 17.49 73.00 7.44
C HIS K 232 17.01 74.10 6.50
N PHE K 233 17.03 73.78 5.21
CA PHE K 233 16.72 74.73 4.14
C PHE K 233 16.66 73.93 2.83
N GLU K 234 16.34 74.63 1.73
CA GLU K 234 16.13 74.01 0.43
C GLU K 234 17.41 73.69 -0.35
N GLU K 235 18.56 74.27 -0.02
CA GLU K 235 19.80 73.89 -0.70
C GLU K 235 20.89 73.62 0.33
N SER K 236 21.82 72.74 -0.02
CA SER K 236 22.83 72.25 0.92
C SER K 236 24.10 73.06 0.80
N SER K 237 24.57 73.59 1.92
CA SER K 237 25.91 74.18 1.93
C SER K 237 26.94 73.13 1.68
N LYS K 238 26.72 71.93 2.18
CA LYS K 238 27.70 70.88 2.05
C LYS K 238 27.96 70.55 0.59
N LEU K 239 27.03 70.86 -0.31
CA LEU K 239 27.32 70.62 -1.70
C LEU K 239 27.99 71.79 -2.36
N GLU K 240 28.02 72.94 -1.70
CA GLU K 240 28.70 74.07 -2.31
C GLU K 240 30.18 73.80 -2.42
N ASP K 241 30.81 73.37 -1.33
CA ASP K 241 32.25 73.19 -1.38
C ASP K 241 32.63 72.05 -2.31
N LEU K 242 31.77 71.06 -2.47
CA LEU K 242 32.06 70.02 -3.43
C LEU K 242 32.08 70.53 -4.84
N LEU K 243 31.95 71.83 -5.04
CA LEU K 243 32.26 72.46 -6.29
C LEU K 243 33.48 73.36 -6.20
N ARG K 244 34.09 73.48 -5.03
CA ARG K 244 35.21 74.40 -4.86
C ARG K 244 36.38 74.07 -5.78
N LYS K 245 36.49 72.81 -6.21
CA LYS K 245 37.36 72.43 -7.31
C LYS K 245 38.83 72.55 -6.92
N VAL K 246 39.15 72.09 -5.73
CA VAL K 246 40.52 72.14 -5.25
C VAL K 246 41.32 71.04 -5.89
N ARG K 247 42.59 71.34 -6.18
CA ARG K 247 43.48 70.41 -6.85
C ARG K 247 44.96 70.49 -6.44
N ALA K 248 45.23 70.38 -5.15
CA ALA K 248 46.54 69.97 -4.70
C ALA K 248 46.62 68.45 -4.68
N LYS K 249 47.57 67.94 -3.93
CA LYS K 249 47.60 66.51 -3.66
C LYS K 249 48.11 66.30 -2.26
N GLU K 250 47.90 65.11 -1.73
CA GLU K 250 48.21 64.86 -0.34
C GLU K 250 48.91 63.52 -0.21
N THR K 251 49.68 63.40 0.87
CA THR K 251 50.22 62.12 1.29
C THR K 251 49.92 61.98 2.76
N ARG K 252 49.75 60.76 3.22
CA ARG K 252 49.26 60.58 4.57
C ARG K 252 50.40 60.80 5.55
N LYS K 253 50.18 60.37 6.79
CA LYS K 253 51.18 60.46 7.84
C LYS K 253 52.27 59.45 7.55
N ARG K 254 53.13 59.81 6.64
CA ARG K 254 54.23 58.95 6.24
C ARG K 254 55.49 59.45 6.90
N ALA K 255 56.14 58.62 7.67
CA ALA K 255 57.37 59.04 8.31
C ALA K 255 58.45 59.17 7.26
N LEU K 256 59.10 60.33 7.18
CA LEU K 256 60.20 60.47 6.25
C LEU K 256 61.34 59.58 6.65
N SER K 257 61.60 59.48 7.95
CA SER K 257 62.59 58.55 8.46
C SER K 257 62.47 58.48 9.97
N ARG K 258 62.57 57.30 10.54
CA ARG K 258 62.59 57.15 11.98
C ARG K 258 64.02 56.91 12.42
N LEU K 259 64.52 57.77 13.28
CA LEU K 259 65.88 57.68 13.78
C LEU K 259 65.84 57.82 15.28
N LYS K 260 66.87 57.32 15.94
CA LYS K 260 66.88 57.24 17.40
C LYS K 260 67.69 58.42 17.97
N LEU K 261 66.98 59.45 18.42
CA LEU K 261 67.62 60.51 19.19
C LEU K 261 68.29 59.95 20.41
N LYS K 262 69.59 60.13 20.50
CA LYS K 262 70.35 59.63 21.64
C LYS K 262 70.85 60.81 22.44
N LEU K 263 70.43 60.90 23.69
CA LEU K 263 70.91 61.96 24.55
C LEU K 263 72.41 61.81 24.75
N ASN K 264 72.85 60.60 25.06
CA ASN K 264 74.25 60.31 25.25
C ASN K 264 74.52 58.97 24.58
N LYS K 265 75.63 58.35 24.95
CA LYS K 265 75.95 57.05 24.39
C LYS K 265 75.08 55.95 24.98
N ASP K 266 74.23 56.25 25.94
CA ASP K 266 73.43 55.20 26.54
C ASP K 266 71.94 55.48 26.45
N ILE K 267 71.49 56.69 26.70
CA ILE K 267 70.07 57.00 26.56
C ILE K 267 69.77 57.32 25.10
N VAL K 268 68.75 56.66 24.57
CA VAL K 268 68.28 56.87 23.20
C VAL K 268 66.76 56.94 23.24
N ILE K 269 66.16 57.75 22.37
CA ILE K 269 64.71 57.77 22.23
C ILE K 269 64.36 57.66 20.77
N SER K 270 63.11 57.27 20.53
CA SER K 270 62.65 56.91 19.19
C SER K 270 61.83 58.03 18.59
N VAL K 271 62.41 58.72 17.62
CA VAL K 271 61.84 59.91 17.02
C VAL K 271 61.55 59.63 15.57
N GLY K 272 60.40 60.10 15.10
CA GLY K 272 60.05 60.01 13.70
C GLY K 272 60.22 61.34 12.98
N ILE K 273 61.24 61.45 12.15
CA ILE K 273 61.47 62.68 11.42
C ILE K 273 60.37 62.80 10.39
N TYR K 274 59.37 63.63 10.65
CA TYR K 274 58.28 63.82 9.71
C TYR K 274 58.52 65.10 8.95
N ASN K 275 57.71 65.34 7.93
CA ASN K 275 57.92 66.47 7.04
C ASN K 275 56.65 67.30 6.98
N LEU K 276 56.81 68.62 6.99
CA LEU K 276 55.67 69.53 7.01
C LEU K 276 55.73 70.64 5.99
N VAL K 277 56.66 70.63 5.06
CA VAL K 277 56.52 71.45 3.87
C VAL K 277 57.47 70.90 2.82
N GLN K 278 57.02 70.77 1.57
CA GLN K 278 57.77 69.93 0.66
C GLN K 278 57.98 70.47 -0.75
N LYS K 279 57.29 71.53 -1.15
CA LYS K 279 57.52 72.13 -2.47
C LYS K 279 57.21 71.13 -3.58
N ALA K 280 55.95 70.80 -3.70
CA ALA K 280 55.56 69.79 -4.67
C ALA K 280 55.98 70.21 -6.06
N LEU K 281 56.85 69.43 -6.66
CA LEU K 281 57.16 69.59 -8.06
C LEU K 281 56.09 68.89 -8.87
N LYS K 282 56.09 69.15 -10.16
CA LYS K 282 55.07 68.54 -11.00
C LYS K 282 55.32 67.05 -11.08
N PRO K 283 54.28 66.24 -11.24
CA PRO K 283 54.47 64.81 -11.37
C PRO K 283 55.39 64.50 -12.53
N PRO K 284 56.35 63.61 -12.35
CA PRO K 284 57.37 63.45 -13.34
C PRO K 284 56.82 62.81 -14.58
N PRO K 285 57.11 63.37 -15.74
CA PRO K 285 56.51 62.87 -16.97
C PRO K 285 57.03 61.52 -17.35
N ILE K 286 56.30 60.88 -18.26
CA ILE K 286 56.61 59.53 -18.72
C ILE K 286 56.77 59.56 -20.22
N LYS K 287 57.74 58.82 -20.70
CA LYS K 287 58.09 58.84 -22.10
C LYS K 287 57.24 57.86 -22.88
N LEU K 288 56.65 58.27 -24.01
CA LEU K 288 55.77 57.43 -24.85
C LEU K 288 56.11 57.43 -26.34
N TYR K 289 55.77 56.35 -27.03
CA TYR K 289 55.94 56.17 -28.49
C TYR K 289 54.93 56.97 -29.33
N ARG K 290 55.27 57.55 -30.50
CA ARG K 290 54.29 58.21 -31.39
C ARG K 290 53.13 57.33 -31.79
N GLU K 291 53.44 56.20 -32.42
CA GLU K 291 52.42 55.50 -33.18
C GLU K 291 51.40 54.83 -32.26
N THR K 292 51.75 54.62 -31.00
CA THR K 292 50.94 53.84 -30.08
C THR K 292 50.90 54.33 -28.64
N ASN K 293 51.53 55.44 -28.21
CA ASN K 293 51.27 55.94 -26.87
C ASN K 293 51.63 54.94 -25.79
N GLU K 294 52.45 53.96 -26.11
CA GLU K 294 52.83 52.94 -25.17
C GLU K 294 53.94 53.48 -24.28
N PRO K 295 54.17 52.88 -23.13
CA PRO K 295 55.40 53.15 -22.39
C PRO K 295 56.60 52.66 -23.18
N VAL K 296 57.75 53.29 -22.97
CA VAL K 296 58.91 53.07 -23.83
C VAL K 296 60.10 52.49 -23.11
N LYS K 297 60.08 52.36 -21.80
CA LYS K 297 61.05 51.56 -21.06
C LYS K 297 62.48 51.95 -21.42
N THR K 298 62.89 53.10 -20.91
CA THR K 298 64.25 53.56 -21.07
C THR K 298 65.25 52.48 -20.70
N LYS K 299 66.36 52.44 -21.41
CA LYS K 299 67.34 51.39 -21.25
C LYS K 299 68.74 51.97 -21.33
N THR K 300 69.02 52.99 -20.54
CA THR K 300 70.35 53.57 -20.55
C THR K 300 71.38 52.55 -20.07
N ARG K 301 72.58 52.63 -20.63
CA ARG K 301 73.65 51.71 -20.33
C ARG K 301 74.98 52.41 -20.58
N THR K 302 76.07 51.76 -20.18
CA THR K 302 77.39 52.33 -20.37
C THR K 302 78.28 51.32 -21.06
N PHE K 303 79.00 51.74 -22.09
CA PHE K 303 79.77 50.76 -22.84
C PHE K 303 81.00 51.43 -23.46
N ASN K 304 81.90 50.58 -23.94
CA ASN K 304 83.23 50.99 -24.35
C ASN K 304 83.23 51.68 -25.71
N THR K 305 84.20 52.55 -25.89
CA THR K 305 84.43 53.20 -27.17
C THR K 305 85.52 52.51 -27.96
N SER K 306 86.58 52.05 -27.29
CA SER K 306 87.66 51.39 -28.00
C SER K 306 87.17 50.13 -28.69
N THR K 307 86.35 49.36 -28.00
CA THR K 307 85.72 48.19 -28.58
C THR K 307 84.23 48.27 -28.30
N GLY K 308 83.46 47.46 -29.01
CA GLY K 308 82.02 47.45 -28.79
C GLY K 308 81.64 46.64 -27.57
N GLY K 309 82.44 46.75 -26.51
CA GLY K 309 82.17 46.01 -25.31
C GLY K 309 81.09 46.67 -24.47
N LEU K 310 80.83 46.08 -23.32
CA LEU K 310 79.80 46.58 -22.42
C LEU K 310 80.41 46.63 -21.03
N LEU K 311 80.69 47.82 -20.54
CA LEU K 311 81.28 47.93 -19.21
C LEU K 311 80.26 47.56 -18.16
N LEU K 312 80.52 46.53 -17.45
CA LEU K 312 79.67 46.23 -16.32
C LEU K 312 80.03 47.16 -15.17
N PRO K 313 79.12 47.34 -14.20
CA PRO K 313 79.34 48.38 -13.20
C PRO K 313 80.62 48.22 -12.43
N SER K 314 81.12 47.01 -12.31
CA SER K 314 82.40 46.88 -11.63
C SER K 314 83.52 47.49 -12.43
N ASP K 315 83.41 47.46 -13.74
CA ASP K 315 84.52 47.79 -14.61
C ASP K 315 84.66 49.29 -14.82
N THR K 316 84.16 50.11 -13.92
CA THR K 316 84.32 51.54 -14.03
C THR K 316 85.07 52.09 -12.84
N LYS K 317 85.65 53.27 -13.02
CA LYS K 317 86.36 53.93 -11.95
C LYS K 317 85.91 55.38 -11.89
N ARG K 318 85.91 55.96 -10.70
CA ARG K 318 85.66 57.39 -10.56
C ARG K 318 86.96 58.15 -10.62
N SER K 319 86.87 59.44 -10.95
CA SER K 319 88.09 60.21 -11.15
C SER K 319 87.87 61.70 -10.91
N GLN K 320 88.94 62.38 -10.56
CA GLN K 320 89.04 63.83 -10.50
C GLN K 320 90.33 64.27 -11.15
N ILE K 321 90.46 65.58 -11.35
CA ILE K 321 91.67 66.18 -11.87
C ILE K 321 92.03 67.34 -10.95
N TYR K 322 93.06 67.15 -10.14
CA TYR K 322 93.66 68.23 -9.39
C TYR K 322 95.12 68.31 -9.77
N GLY K 323 95.74 69.45 -9.49
CA GLY K 323 97.18 69.61 -9.56
C GLY K 323 97.82 68.87 -10.71
N SER K 324 97.15 68.91 -11.86
CA SER K 324 97.64 68.28 -13.09
C SER K 324 97.92 66.79 -12.91
N ARG K 325 97.36 66.20 -11.86
CA ARG K 325 97.51 64.78 -11.64
C ARG K 325 96.14 64.14 -11.44
N GLN K 326 96.00 62.93 -11.94
CA GLN K 326 94.71 62.28 -12.03
C GLN K 326 94.54 61.34 -10.86
N ILE K 327 93.29 61.09 -10.51
CA ILE K 327 92.98 60.37 -9.28
C ILE K 327 92.00 59.25 -9.57
N ILE K 328 92.13 58.16 -8.85
CA ILE K 328 91.29 56.99 -9.00
C ILE K 328 90.74 56.61 -7.63
N LEU K 329 89.45 56.30 -7.58
CA LEU K 329 88.89 55.64 -6.42
C LEU K 329 87.91 54.58 -6.87
N GLU K 330 87.71 53.59 -6.01
CA GLU K 330 86.69 52.59 -6.25
C GLU K 330 85.31 53.22 -6.19
N LYS K 331 84.39 52.74 -7.03
CA LYS K 331 83.03 53.23 -6.95
C LYS K 331 82.48 53.03 -5.56
N GLU K 332 82.85 51.94 -4.92
CA GLU K 332 82.52 51.76 -3.52
C GLU K 332 83.13 52.87 -2.69
N GLU K 333 84.37 53.23 -3.00
CA GLU K 333 85.02 54.25 -2.17
C GLU K 333 84.41 55.61 -2.41
N THR K 334 83.87 55.86 -3.59
CA THR K 334 83.37 57.20 -3.83
C THR K 334 82.16 57.50 -2.99
N GLU K 335 81.59 56.49 -2.38
CA GLU K 335 80.59 56.71 -1.35
C GLU K 335 81.12 56.38 0.02
N GLU K 336 82.15 55.57 0.11
CA GLU K 336 82.75 55.37 1.41
C GLU K 336 83.35 56.65 1.93
N LEU K 337 83.67 57.56 1.03
CA LEU K 337 84.27 58.81 1.47
C LEU K 337 83.30 59.69 2.23
N LYS K 338 82.17 59.18 2.67
CA LYS K 338 81.21 59.98 3.41
C LYS K 338 80.81 59.39 4.74
N ARG K 339 81.19 58.16 5.05
CA ARG K 339 80.75 57.53 6.29
C ARG K 339 81.19 58.31 7.51
N PHE K 340 80.27 58.93 8.20
CA PHE K 340 80.69 59.77 9.31
C PHE K 340 80.11 59.35 10.64
N ASP K 341 78.85 58.95 10.68
CA ASP K 341 78.28 58.54 11.95
C ASP K 341 77.15 57.57 11.70
N ASP K 342 76.91 56.70 12.66
CA ASP K 342 75.78 55.81 12.56
C ASP K 342 74.50 56.64 12.52
N PRO K 343 73.49 56.18 11.81
CA PRO K 343 72.32 57.02 11.58
C PRO K 343 71.66 57.40 12.88
N GLY K 344 71.20 58.63 12.96
CA GLY K 344 70.43 59.06 14.10
C GLY K 344 70.66 60.53 14.39
N LEU K 345 70.31 60.89 15.63
CA LEU K 345 70.40 62.25 16.13
C LEU K 345 71.30 62.28 17.34
N MET K 346 72.12 63.31 17.44
CA MET K 346 73.12 63.43 18.50
C MET K 346 72.90 64.76 19.21
N LEU K 347 72.08 64.78 20.25
CA LEU K 347 71.89 66.01 21.01
C LEU K 347 73.13 66.28 21.84
N MET K 348 73.69 67.48 21.72
CA MET K 348 74.83 67.84 22.52
C MET K 348 74.45 68.74 23.68
N GLY K 349 73.87 69.88 23.41
CA GLY K 349 73.70 70.91 24.41
C GLY K 349 72.42 71.65 24.21
N PHE K 350 72.36 72.86 24.73
CA PHE K 350 71.15 73.65 24.64
C PHE K 350 71.55 75.11 24.53
N LYS K 351 70.65 75.92 24.00
CA LYS K 351 71.12 77.14 23.39
C LYS K 351 70.00 78.18 23.41
N PRO K 352 70.33 79.44 23.70
CA PRO K 352 69.30 80.41 23.96
C PRO K 352 68.63 80.94 22.70
N LEU K 353 67.33 80.66 22.60
CA LEU K 353 66.57 80.82 21.37
C LEU K 353 66.81 82.16 20.68
N VAL K 354 67.28 83.16 21.40
CA VAL K 354 67.64 84.38 20.70
C VAL K 354 68.81 84.11 19.76
N LEU K 355 69.61 83.11 20.05
CA LEU K 355 70.82 82.96 19.26
C LEU K 355 70.58 82.19 17.97
N LEU K 356 69.58 81.31 17.95
CA LEU K 356 69.25 80.63 16.71
C LEU K 356 68.65 81.64 15.76
N LYS K 357 69.47 82.30 14.98
CA LYS K 357 68.98 83.44 14.22
C LYS K 357 68.21 82.94 13.01
N LYS K 358 67.05 83.55 12.79
CA LYS K 358 66.26 83.23 11.62
C LYS K 358 66.97 83.64 10.35
N HIS K 359 68.02 84.41 10.47
CA HIS K 359 68.68 84.97 9.31
C HIS K 359 69.37 83.93 8.44
N HIS K 360 69.50 82.69 8.89
CA HIS K 360 70.29 81.73 8.15
C HIS K 360 69.58 80.37 8.03
N TYR K 361 68.40 80.41 7.42
CA TYR K 361 67.71 79.23 6.90
C TYR K 361 68.49 78.50 5.84
N LEU K 362 68.41 77.17 5.84
CA LEU K 362 69.14 76.39 4.84
C LEU K 362 68.25 75.51 3.97
N ARG K 363 67.41 74.69 4.55
CA ARG K 363 66.48 73.87 3.81
C ARG K 363 65.18 73.87 4.58
N PRO K 364 64.10 73.35 4.02
CA PRO K 364 62.85 73.35 4.78
C PRO K 364 63.02 72.60 6.08
N SER K 365 62.37 73.09 7.10
CA SER K 365 62.46 72.45 8.39
C SER K 365 61.65 71.18 8.38
N LEU K 366 61.88 70.37 9.39
CA LEU K 366 61.15 69.14 9.54
C LEU K 366 60.56 69.14 10.93
N PHE K 367 59.95 68.03 11.32
CA PHE K 367 59.25 67.98 12.59
C PHE K 367 59.67 66.74 13.34
N VAL K 368 59.55 66.81 14.65
CA VAL K 368 60.07 65.82 15.59
C VAL K 368 58.94 65.38 16.50
N TYR K 369 58.71 64.08 16.59
CA TYR K 369 57.64 63.62 17.44
C TYR K 369 57.94 62.17 17.69
N PRO K 370 57.81 61.71 18.92
CA PRO K 370 58.31 60.38 19.26
C PRO K 370 57.52 59.30 18.58
N GLU K 371 58.19 58.20 18.29
CA GLU K 371 57.50 57.03 17.78
C GLU K 371 57.65 55.92 18.80
N GLU K 372 56.56 55.59 19.48
CA GLU K 372 56.61 54.67 20.61
C GLU K 372 57.07 53.29 20.20
N SER K 373 57.06 53.01 18.90
CA SER K 373 57.25 51.64 18.45
C SER K 373 58.64 51.11 18.79
N LEU K 374 59.68 51.93 18.62
CA LEU K 374 61.03 51.37 18.68
C LEU K 374 61.52 51.20 20.11
N VAL K 375 61.67 52.30 20.85
CA VAL K 375 62.15 52.26 22.22
C VAL K 375 60.96 52.56 23.12
N ILE K 376 60.43 51.53 23.76
CA ILE K 376 59.17 51.68 24.48
C ILE K 376 59.35 52.63 25.63
N GLY K 377 58.38 53.52 25.81
CA GLY K 377 58.40 54.50 26.86
C GLY K 377 59.11 55.78 26.51
N SER K 378 59.87 55.81 25.42
CA SER K 378 60.65 56.99 25.11
C SER K 378 59.79 58.22 24.95
N SER K 379 58.51 58.04 24.62
CA SER K 379 57.63 59.18 24.46
C SER K 379 57.63 60.01 25.72
N THR K 380 57.76 59.37 26.86
CA THR K 380 57.85 60.11 28.10
C THR K 380 59.02 61.09 28.06
N LEU K 381 60.21 60.60 27.74
CA LEU K 381 61.37 61.47 27.80
C LEU K 381 61.25 62.57 26.78
N PHE K 382 60.69 62.25 25.62
CA PHE K 382 60.44 63.28 24.63
C PHE K 382 59.57 64.37 25.22
N SER K 383 58.48 63.96 25.86
CA SER K 383 57.59 64.94 26.45
C SER K 383 58.31 65.73 27.50
N ALA K 384 59.18 65.07 28.24
CA ALA K 384 59.89 65.75 29.30
C ALA K 384 60.77 66.83 28.72
N LEU K 385 61.57 66.47 27.73
CA LEU K 385 62.40 67.47 27.10
C LEU K 385 61.56 68.61 26.57
N LEU K 386 60.45 68.28 25.93
CA LEU K 386 59.62 69.30 25.29
C LEU K 386 59.09 70.28 26.33
N ILE K 387 58.48 69.75 27.38
CA ILE K 387 57.90 70.60 28.40
C ILE K 387 58.97 71.47 29.00
N LYS K 388 60.08 70.86 29.39
CA LYS K 388 61.06 71.61 30.15
C LYS K 388 61.70 72.67 29.28
N CYS K 389 62.05 72.33 28.04
CA CYS K 389 62.67 73.33 27.18
C CYS K 389 61.73 74.49 26.95
N LEU K 390 60.47 74.19 26.58
CA LEU K 390 59.51 75.26 26.39
C LEU K 390 59.45 76.14 27.61
N GLU K 391 59.46 75.52 28.80
CA GLU K 391 59.40 76.28 30.03
C GLU K 391 60.61 77.18 30.19
N LYS K 392 61.79 76.68 29.87
CA LYS K 392 62.99 77.47 30.08
C LYS K 392 63.56 78.06 28.81
N GLU K 393 62.79 78.10 27.74
CA GLU K 393 62.98 79.07 26.66
C GLU K 393 64.42 79.03 26.14
N VAL K 394 64.76 77.89 25.54
CA VAL K 394 66.13 77.59 25.14
C VAL K 394 66.07 76.47 24.12
N ALA K 395 67.02 76.46 23.19
CA ALA K 395 67.00 75.47 22.11
C ALA K 395 67.70 74.18 22.51
N ALA K 396 67.76 73.25 21.57
CA ALA K 396 68.44 71.98 21.74
C ALA K 396 69.10 71.59 20.43
N LEU K 397 70.43 71.62 20.41
CA LEU K 397 71.21 71.40 19.21
C LEU K 397 71.66 69.95 19.13
N CYS K 398 71.78 69.46 17.90
CA CYS K 398 71.98 68.04 17.70
C CYS K 398 72.65 67.80 16.36
N ARG K 399 73.15 66.60 16.18
CA ARG K 399 73.73 66.18 14.90
C ARG K 399 72.74 65.26 14.20
N TYR K 400 72.48 65.54 12.93
CA TYR K 400 71.51 64.81 12.13
C TYR K 400 72.19 64.06 11.02
N THR K 401 72.05 62.74 11.05
CA THR K 401 72.51 61.86 9.99
C THR K 401 71.28 61.16 9.45
N PRO K 402 70.62 61.73 8.44
CA PRO K 402 69.30 61.23 8.07
C PRO K 402 69.28 59.79 7.66
N ARG K 403 70.32 59.36 6.98
CA ARG K 403 70.41 58.02 6.46
C ARG K 403 71.88 57.64 6.52
N ARG K 404 72.19 56.39 6.21
CA ARG K 404 73.60 56.05 6.10
C ARG K 404 74.20 56.82 4.94
N ASN K 405 75.52 56.80 4.88
CA ASN K 405 76.24 57.40 3.75
C ASN K 405 76.04 58.90 3.63
N ILE K 406 75.63 59.59 4.70
CA ILE K 406 75.35 61.02 4.56
C ILE K 406 76.17 61.80 5.56
N PRO K 407 76.81 62.90 5.15
CA PRO K 407 77.48 63.73 6.13
C PRO K 407 76.48 64.33 7.09
N PRO K 408 76.89 64.66 8.28
CA PRO K 408 75.95 65.22 9.24
C PRO K 408 75.87 66.72 9.15
N TYR K 409 74.70 67.25 9.43
CA TYR K 409 74.54 68.67 9.66
C TYR K 409 74.10 68.95 11.08
N PHE K 410 74.11 70.23 11.43
CA PHE K 410 73.79 70.67 12.77
C PHE K 410 72.40 71.27 12.78
N VAL K 411 71.50 70.64 13.50
CA VAL K 411 70.11 71.04 13.49
C VAL K 411 69.66 71.23 14.93
N ALA K 412 68.80 72.20 15.14
CA ALA K 412 68.35 72.54 16.47
C ALA K 412 66.93 72.06 16.67
N LEU K 413 66.66 71.49 17.84
CA LEU K 413 65.33 71.00 18.18
C LEU K 413 64.55 72.09 18.91
N VAL K 414 64.14 73.09 18.15
CA VAL K 414 63.34 74.17 18.74
C VAL K 414 61.95 73.65 19.05
N PRO K 415 61.53 73.64 20.30
CA PRO K 415 60.23 73.07 20.64
C PRO K 415 59.08 73.95 20.17
N GLN K 416 57.92 73.30 20.00
CA GLN K 416 56.72 73.94 19.49
C GLN K 416 55.52 73.58 20.34
N GLU K 417 54.78 74.60 20.77
CA GLU K 417 53.56 74.41 21.53
C GLU K 417 52.38 74.25 20.61
N GLU K 418 51.42 73.43 21.03
CA GLU K 418 50.25 73.20 20.21
C GLU K 418 49.34 74.41 20.25
N GLU K 419 48.62 74.65 19.15
CA GLU K 419 47.60 75.70 19.14
C GLU K 419 46.33 75.16 18.50
N LEU K 420 45.19 75.45 19.12
CA LEU K 420 43.92 74.86 18.73
C LEU K 420 42.78 75.88 18.72
N ASP K 421 43.06 77.13 19.11
CA ASP K 421 42.05 77.98 19.74
C ASP K 421 40.81 78.17 18.88
N ASP K 422 40.98 78.31 17.57
CA ASP K 422 39.88 78.74 16.72
C ASP K 422 38.71 77.77 16.78
N GLN K 423 38.96 76.48 16.55
CA GLN K 423 37.90 75.50 16.60
C GLN K 423 38.38 74.20 17.25
N LYS K 424 39.38 74.29 18.12
CA LYS K 424 39.90 73.14 18.84
C LYS K 424 40.28 72.01 17.89
N ILE K 425 40.92 72.39 16.78
CA ILE K 425 41.46 71.45 15.81
C ILE K 425 42.95 71.73 15.70
N GLN K 426 43.73 70.68 15.43
CA GLN K 426 45.17 70.82 15.38
C GLN K 426 45.58 71.87 14.36
N VAL K 427 46.52 72.73 14.75
CA VAL K 427 47.02 73.73 13.85
C VAL K 427 48.53 73.58 13.75
N THR K 428 49.22 73.83 14.84
CA THR K 428 50.64 73.56 14.88
C THR K 428 50.85 72.36 15.77
N PRO K 429 51.35 71.25 15.26
CA PRO K 429 51.45 70.08 16.06
C PRO K 429 52.55 70.19 17.10
N PRO K 430 52.34 69.60 18.26
CA PRO K 430 53.25 69.83 19.38
C PRO K 430 54.49 68.95 19.28
N GLY K 431 55.65 69.57 19.51
CA GLY K 431 56.90 68.84 19.46
C GLY K 431 58.09 69.75 19.23
N PHE K 432 59.07 69.26 18.48
CA PHE K 432 60.27 70.02 18.18
C PHE K 432 60.32 70.27 16.68
N GLN K 433 60.86 71.42 16.29
CA GLN K 433 61.13 71.62 14.88
C GLN K 433 62.47 70.99 14.54
N LEU K 434 62.92 71.23 13.32
CA LEU K 434 64.30 70.97 12.91
C LEU K 434 64.75 72.15 12.09
N VAL K 435 65.32 73.15 12.74
CA VAL K 435 65.93 74.24 12.01
C VAL K 435 67.37 73.81 11.76
N PHE K 436 67.69 73.58 10.49
CA PHE K 436 69.04 73.20 10.15
C PHE K 436 69.96 74.38 10.31
N LEU K 437 71.04 74.20 10.99
CA LEU K 437 71.88 75.36 11.10
C LEU K 437 72.95 75.36 10.03
N PRO K 438 73.33 76.51 9.50
CA PRO K 438 74.16 76.52 8.31
C PRO K 438 75.59 76.20 8.65
N PHE K 439 76.35 75.84 7.62
CA PHE K 439 77.76 75.58 7.82
C PHE K 439 78.60 76.68 7.20
N ALA K 440 79.85 76.76 7.65
CA ALA K 440 80.70 77.87 7.24
C ALA K 440 80.80 77.96 5.73
N ASP K 441 80.68 76.86 5.07
CA ASP K 441 80.78 76.96 3.63
C ASP K 441 79.61 77.61 3.02
N ASP K 442 78.76 78.30 3.77
CA ASP K 442 77.52 78.78 3.22
C ASP K 442 77.34 80.27 3.31
N LYS K 443 78.17 80.97 4.07
CA LYS K 443 77.86 82.33 4.44
C LYS K 443 77.78 83.26 3.24
N ARG K 444 78.57 83.02 2.20
CA ARG K 444 78.51 83.80 0.97
C ARG K 444 78.74 85.29 1.24
N LYS K 445 79.97 85.59 1.63
CA LYS K 445 80.41 86.95 1.98
C LYS K 445 79.90 87.99 1.00
N MET K 446 79.14 88.94 1.52
CA MET K 446 78.42 89.97 0.79
C MET K 446 79.34 91.10 0.35
N PRO K 447 79.09 91.69 -0.80
CA PRO K 447 79.96 92.76 -1.28
C PRO K 447 79.73 94.08 -0.57
N PHE K 448 80.44 94.27 0.54
CA PHE K 448 80.21 95.36 1.47
C PHE K 448 79.92 96.69 0.80
N THR K 449 78.86 97.35 1.26
CA THR K 449 78.53 98.70 0.87
C THR K 449 78.14 99.47 2.12
N GLU K 450 78.27 100.80 2.04
CA GLU K 450 78.03 101.64 3.20
C GLU K 450 76.54 101.91 3.38
N LYS K 451 76.20 102.37 4.58
CA LYS K 451 74.81 102.64 4.96
C LYS K 451 74.53 104.13 4.85
N ILE K 452 73.26 104.45 4.63
CA ILE K 452 72.78 105.81 4.73
C ILE K 452 71.43 105.79 5.44
N MET K 453 71.44 106.22 6.70
CA MET K 453 70.22 106.29 7.48
C MET K 453 69.19 107.16 6.78
N ALA K 454 67.92 106.94 7.12
CA ALA K 454 66.82 107.72 6.58
C ALA K 454 66.51 108.90 7.49
N THR K 455 65.82 109.92 6.91
CA THR K 455 65.47 110.92 7.90
C THR K 455 64.10 110.60 8.49
N PRO K 456 63.92 110.89 9.77
CA PRO K 456 62.67 110.49 10.43
C PRO K 456 61.44 111.01 9.74
N GLU K 457 61.58 111.98 8.85
CA GLU K 457 60.42 112.54 8.17
C GLU K 457 59.83 111.52 7.19
N GLN K 458 60.64 111.08 6.23
CA GLN K 458 60.09 110.15 5.26
C GLN K 458 59.81 108.81 5.90
N VAL K 459 60.54 108.45 6.95
CA VAL K 459 60.20 107.18 7.58
C VAL K 459 58.91 107.32 8.36
N GLY K 460 58.64 108.52 8.88
CA GLY K 460 57.37 108.75 9.53
C GLY K 460 56.21 108.65 8.57
N LYS K 461 56.42 109.10 7.33
CA LYS K 461 55.38 108.87 6.33
C LYS K 461 55.35 107.41 5.87
N MET K 462 56.52 106.79 5.74
CA MET K 462 56.53 105.39 5.35
C MET K 462 55.84 104.53 6.39
N LYS K 463 55.82 104.96 7.64
CA LYS K 463 54.95 104.33 8.60
C LYS K 463 53.53 104.26 8.07
N ALA K 464 53.02 105.38 7.56
CA ALA K 464 51.67 105.39 7.01
C ALA K 464 51.57 104.49 5.79
N ILE K 465 52.56 104.55 4.89
CA ILE K 465 52.52 103.67 3.73
C ILE K 465 52.44 102.22 4.16
N VAL K 466 53.33 101.80 5.06
CA VAL K 466 53.33 100.39 5.41
C VAL K 466 52.06 100.04 6.15
N GLU K 467 51.50 100.98 6.89
CA GLU K 467 50.26 100.68 7.57
C GLU K 467 49.16 100.43 6.56
N LYS K 468 49.09 101.26 5.52
CA LYS K 468 47.95 101.19 4.62
C LYS K 468 47.88 99.83 3.92
N LEU K 469 49.00 99.32 3.48
CA LEU K 469 48.96 98.13 2.66
C LEU K 469 49.04 96.87 3.46
N ARG K 470 48.54 96.85 4.69
CA ARG K 470 48.52 95.58 5.40
C ARG K 470 47.63 94.57 4.71
N PHE K 471 47.79 93.31 5.11
CA PHE K 471 46.84 92.26 4.80
C PHE K 471 47.22 91.06 5.63
N THR K 472 46.25 90.42 6.25
CA THR K 472 46.59 89.24 7.03
C THR K 472 47.04 88.15 6.08
N TYR K 473 48.16 87.52 6.41
CA TYR K 473 48.68 86.44 5.58
C TYR K 473 48.38 85.11 6.22
N ARG K 474 47.49 84.37 5.60
CA ARG K 474 47.18 83.03 6.03
C ARG K 474 48.15 82.10 5.30
N SER K 475 48.39 80.94 5.90
CA SER K 475 49.42 80.06 5.37
C SER K 475 49.09 79.62 3.96
N ASP K 476 47.85 79.19 3.73
CA ASP K 476 47.47 78.64 2.43
C ASP K 476 46.90 79.70 1.52
N SER K 477 47.43 80.90 1.61
CA SER K 477 46.86 81.99 0.85
C SER K 477 46.87 81.71 -0.63
N PHE K 478 48.00 81.32 -1.17
CA PHE K 478 48.26 81.43 -2.59
C PHE K 478 48.39 80.04 -3.20
N GLU K 479 48.65 80.01 -4.49
CA GLU K 479 48.91 78.77 -5.19
C GLU K 479 50.07 78.98 -6.15
N ASN K 480 50.74 77.91 -6.50
CA ASN K 480 51.63 77.98 -7.64
C ASN K 480 50.83 78.21 -8.89
N PRO K 481 51.05 79.29 -9.60
CA PRO K 481 50.48 79.38 -10.93
C PRO K 481 50.99 78.30 -11.81
N VAL K 482 52.24 77.87 -11.62
CA VAL K 482 52.79 76.88 -12.52
C VAL K 482 52.13 75.54 -12.29
N LEU K 483 52.22 75.04 -11.07
CA LEU K 483 51.62 73.75 -10.79
C LEU K 483 50.15 73.76 -11.14
N GLN K 484 49.44 74.82 -10.73
CA GLN K 484 48.03 74.87 -11.00
C GLN K 484 47.76 74.84 -12.49
N GLN K 485 48.50 75.65 -13.24
CA GLN K 485 48.21 75.72 -14.66
C GLN K 485 48.61 74.45 -15.34
N HIS K 486 49.65 73.79 -14.86
CA HIS K 486 50.06 72.54 -15.46
C HIS K 486 48.98 71.51 -15.26
N PHE K 487 48.50 71.40 -14.04
CA PHE K 487 47.40 70.50 -13.80
C PHE K 487 46.24 70.84 -14.69
N ARG K 488 45.90 72.13 -14.80
CA ARG K 488 44.78 72.50 -15.65
C ARG K 488 45.00 71.96 -17.03
N ASN K 489 46.08 72.41 -17.67
CA ASN K 489 46.34 72.04 -19.04
C ASN K 489 46.29 70.54 -19.18
N LEU K 490 46.64 69.83 -18.13
CA LEU K 490 46.48 68.40 -18.14
C LEU K 490 45.03 68.04 -18.31
N GLU K 491 44.13 68.60 -17.49
CA GLU K 491 42.75 68.19 -17.69
C GLU K 491 42.29 68.61 -19.07
N ALA K 492 42.74 69.78 -19.50
CA ALA K 492 42.34 70.27 -20.79
C ALA K 492 42.64 69.23 -21.85
N LEU K 493 43.88 68.78 -21.91
CA LEU K 493 44.20 67.83 -22.95
C LEU K 493 43.52 66.51 -22.71
N ALA K 494 43.18 66.23 -21.47
CA ALA K 494 42.63 64.91 -21.21
C ALA K 494 41.20 64.82 -21.70
N LEU K 495 40.42 65.85 -21.48
CA LEU K 495 38.99 65.78 -21.66
C LEU K 495 38.52 66.35 -22.98
N ASP K 496 39.42 66.64 -23.93
CA ASP K 496 39.09 67.21 -25.23
C ASP K 496 38.19 68.46 -25.11
N LEU K 497 38.45 69.29 -24.10
CA LEU K 497 37.69 70.51 -23.90
C LEU K 497 37.84 71.46 -25.10
N MET K 498 36.89 72.37 -25.26
CA MET K 498 37.00 73.45 -26.23
C MET K 498 38.14 74.42 -25.86
N GLU K 499 38.43 74.60 -24.60
CA GLU K 499 39.37 75.62 -24.10
C GLU K 499 40.19 75.10 -22.93
N PRO K 500 41.45 75.54 -22.72
CA PRO K 500 42.07 75.46 -21.42
C PRO K 500 41.32 76.34 -20.43
N GLU K 501 41.37 76.04 -19.13
CA GLU K 501 40.71 76.84 -18.11
C GLU K 501 41.42 78.17 -17.88
N GLN K 502 42.73 78.22 -18.06
CA GLN K 502 43.47 79.46 -17.93
C GLN K 502 43.21 80.12 -16.58
N ALA K 503 43.60 79.41 -15.54
CA ALA K 503 43.36 79.88 -14.18
C ALA K 503 43.97 81.23 -13.93
N VAL K 504 43.30 82.02 -13.13
CA VAL K 504 43.82 83.31 -12.70
C VAL K 504 44.26 83.16 -11.27
N ASP K 505 45.50 83.53 -10.98
CA ASP K 505 46.12 83.10 -9.74
C ASP K 505 46.67 84.28 -8.97
N LEU K 506 46.42 84.22 -7.67
CA LEU K 506 46.60 85.33 -6.75
C LEU K 506 48.04 85.79 -6.71
N THR K 507 48.94 85.02 -7.32
CA THR K 507 50.34 85.39 -7.26
C THR K 507 50.56 86.76 -7.87
N LEU K 508 49.97 87.01 -9.02
CA LEU K 508 50.09 88.33 -9.60
C LEU K 508 49.40 89.34 -8.70
N PRO K 509 50.01 90.49 -8.48
CA PRO K 509 49.38 91.49 -7.63
C PRO K 509 48.20 92.12 -8.34
N LYS K 510 47.25 92.61 -7.56
CA LYS K 510 46.10 93.33 -8.11
C LYS K 510 46.46 94.81 -8.19
N VAL K 511 46.96 95.23 -9.37
CA VAL K 511 47.69 96.49 -9.47
C VAL K 511 46.82 97.68 -9.08
N GLU K 512 45.59 97.72 -9.60
CA GLU K 512 44.74 98.87 -9.32
C GLU K 512 44.49 99.01 -7.84
N ALA K 513 44.45 97.90 -7.10
CA ALA K 513 44.24 97.98 -5.68
C ALA K 513 45.37 98.74 -5.01
N MET K 514 46.61 98.46 -5.40
CA MET K 514 47.71 99.18 -4.80
C MET K 514 47.71 100.64 -5.26
N ASN K 515 47.39 100.87 -6.52
CA ASN K 515 47.33 102.25 -6.98
C ASN K 515 46.32 103.05 -6.19
N LYS K 516 45.20 102.42 -5.84
CA LYS K 516 44.13 103.15 -5.19
C LYS K 516 44.35 103.26 -3.68
N ARG K 517 44.37 102.13 -2.98
CA ARG K 517 44.30 102.16 -1.52
C ARG K 517 45.44 102.91 -0.89
N LEU K 518 46.55 103.10 -1.59
CA LEU K 518 47.68 103.83 -1.05
C LEU K 518 47.60 105.31 -1.33
N GLY K 519 46.86 105.72 -2.34
CA GLY K 519 46.85 107.10 -2.70
C GLY K 519 48.11 107.45 -3.46
N SER K 520 48.24 108.73 -3.78
CA SER K 520 49.30 109.18 -4.65
C SER K 520 50.61 109.37 -3.90
N LEU K 521 50.74 108.76 -2.72
CA LEU K 521 51.91 108.97 -1.90
C LEU K 521 53.22 108.69 -2.62
N VAL K 522 53.17 108.03 -3.78
CA VAL K 522 54.39 107.79 -4.52
C VAL K 522 55.05 109.11 -4.90
N ASP K 523 54.25 110.10 -5.30
CA ASP K 523 54.82 111.41 -5.56
C ASP K 523 55.29 112.09 -4.29
N GLU K 524 54.63 111.82 -3.16
CA GLU K 524 55.12 112.31 -1.89
C GLU K 524 56.53 111.83 -1.62
N PHE K 525 56.76 110.53 -1.72
CA PHE K 525 58.12 110.04 -1.50
C PHE K 525 59.05 110.41 -2.64
N LYS K 526 58.50 110.71 -3.81
CA LYS K 526 59.33 111.27 -4.87
C LYS K 526 59.87 112.64 -4.48
N GLU K 527 58.98 113.52 -4.02
CA GLU K 527 59.40 114.85 -3.66
C GLU K 527 60.16 114.87 -2.34
N LEU K 528 60.01 113.84 -1.52
CA LEU K 528 60.78 113.74 -0.28
C LEU K 528 62.19 113.26 -0.56
N VAL K 529 62.31 112.10 -1.20
CA VAL K 529 63.59 111.43 -1.30
C VAL K 529 63.90 111.00 -2.73
N TYR K 530 63.61 111.85 -3.72
CA TYR K 530 63.92 111.51 -5.11
C TYR K 530 64.24 112.72 -5.97
N PRO K 531 65.41 112.78 -6.58
CA PRO K 531 65.74 113.84 -7.54
C PRO K 531 65.34 113.43 -8.95
N PRO K 532 65.66 114.22 -9.99
CA PRO K 532 65.15 113.91 -11.34
C PRO K 532 65.54 112.54 -11.89
N ASP K 533 66.76 112.08 -11.65
CA ASP K 533 67.23 110.88 -12.33
C ASP K 533 66.42 109.65 -11.95
N TYR K 534 66.25 108.75 -12.90
CA TYR K 534 65.49 107.51 -12.70
C TYR K 534 65.95 106.70 -11.49
N ASN L 6 90.31 87.83 -9.37
CA ASN L 6 91.52 88.25 -8.66
C ASN L 6 92.67 87.28 -8.91
N LYS L 7 93.89 87.75 -8.68
CA LYS L 7 95.08 86.94 -8.85
C LYS L 7 96.06 87.25 -7.72
N ALA L 8 96.89 86.27 -7.40
CA ALA L 8 97.90 86.43 -6.36
C ALA L 8 99.12 85.60 -6.70
N ALA L 9 100.26 86.01 -6.17
CA ALA L 9 101.52 85.29 -6.33
C ALA L 9 102.05 84.88 -4.97
N VAL L 10 102.45 83.62 -4.84
CA VAL L 10 102.90 83.07 -3.57
C VAL L 10 104.35 82.65 -3.71
N VAL L 11 105.18 83.10 -2.78
CA VAL L 11 106.60 82.77 -2.76
C VAL L 11 106.95 82.42 -1.32
N LEU L 12 106.99 81.12 -1.01
CA LEU L 12 107.30 80.69 0.33
C LEU L 12 108.80 80.59 0.53
N CYS L 13 109.27 81.16 1.65
CA CYS L 13 110.70 81.22 1.96
C CYS L 13 110.95 80.45 3.25
N MET L 14 111.73 79.39 3.15
CA MET L 14 112.09 78.53 4.27
C MET L 14 113.61 78.48 4.41
N ASP L 15 114.06 78.28 5.65
CA ASP L 15 115.49 78.09 5.91
C ASP L 15 115.78 76.62 6.15
N VAL L 16 116.95 76.19 5.68
CA VAL L 16 117.40 74.81 5.86
C VAL L 16 118.74 74.81 6.58
N GLY L 17 118.92 75.77 7.50
CA GLY L 17 120.16 75.93 8.21
C GLY L 17 120.46 74.84 9.22
N PHE L 18 121.21 75.19 10.26
CA PHE L 18 121.67 74.23 11.26
C PHE L 18 120.96 74.36 12.60
N THR L 19 120.58 75.59 13.00
CA THR L 19 120.01 75.79 14.32
C THR L 19 118.71 75.01 14.48
N MET L 20 117.86 75.02 13.46
CA MET L 20 116.61 74.27 13.53
C MET L 20 116.84 72.77 13.60
N SER L 21 118.06 72.30 13.32
CA SER L 21 118.36 70.89 13.41
C SER L 21 118.41 70.38 14.84
N ASN L 22 118.45 71.28 15.83
CA ASN L 22 118.38 70.91 17.23
C ASN L 22 117.38 71.83 17.94
N SER L 23 116.72 71.27 18.94
CA SER L 23 115.71 72.01 19.70
C SER L 23 115.41 71.22 20.97
N ILE L 24 114.42 71.69 21.71
CA ILE L 24 113.99 71.00 22.94
C ILE L 24 113.41 69.65 22.57
N PRO L 25 113.77 68.57 23.28
CA PRO L 25 113.17 67.26 22.98
C PRO L 25 111.66 67.22 23.16
N GLY L 26 111.09 68.08 24.00
CA GLY L 26 109.66 68.05 24.25
C GLY L 26 108.81 68.65 23.15
N ILE L 27 109.41 69.41 22.24
CA ILE L 27 108.70 70.04 21.15
C ILE L 27 109.44 69.78 19.85
N GLU L 28 108.69 69.56 18.77
CA GLU L 28 109.30 69.28 17.48
C GLU L 28 110.15 70.45 17.02
N SER L 29 111.23 70.13 16.31
CA SER L 29 112.15 71.15 15.85
C SER L 29 111.44 72.14 14.93
N PRO L 30 111.84 73.41 14.96
CA PRO L 30 111.26 74.37 14.02
C PRO L 30 111.44 73.93 12.57
N PHE L 31 112.50 73.19 12.27
CA PHE L 31 112.65 72.61 10.95
C PHE L 31 111.44 71.76 10.59
N GLU L 32 111.21 70.68 11.33
CA GLU L 32 110.11 69.78 11.00
C GLU L 32 108.76 70.43 11.26
N GLN L 33 108.67 71.32 12.25
CA GLN L 33 107.42 72.02 12.51
C GLN L 33 107.00 72.85 11.31
N ALA L 34 107.84 73.82 10.93
CA ALA L 34 107.56 74.60 9.73
C ALA L 34 107.52 73.73 8.49
N LYS L 35 108.14 72.56 8.51
CA LYS L 35 108.05 71.65 7.38
C LYS L 35 106.63 71.13 7.22
N LYS L 36 106.05 70.62 8.31
CA LYS L 36 104.66 70.21 8.26
C LYS L 36 103.79 71.39 7.88
N VAL L 37 104.13 72.57 8.38
CA VAL L 37 103.32 73.75 8.11
C VAL L 37 103.30 74.06 6.62
N ILE L 38 104.48 74.10 6.00
CA ILE L 38 104.51 74.43 4.59
C ILE L 38 103.87 73.32 3.77
N THR L 39 103.93 72.08 4.26
CA THR L 39 103.29 70.91 3.63
C THR L 39 101.76 71.04 3.69
N MET L 40 101.21 71.24 4.88
CA MET L 40 99.79 71.48 5.10
C MET L 40 99.32 72.73 4.37
N PHE L 41 100.12 73.79 4.35
CA PHE L 41 99.77 75.00 3.63
C PHE L 41 99.80 74.75 2.14
N VAL L 42 100.82 74.14 1.57
CA VAL L 42 100.82 73.82 0.14
C VAL L 42 99.61 72.97 -0.22
N GLN L 43 99.24 71.99 0.60
CA GLN L 43 98.00 71.24 0.38
C GLN L 43 96.81 72.19 0.26
N ARG L 44 96.72 73.23 1.09
CA ARG L 44 95.61 74.17 1.05
C ARG L 44 95.49 74.82 -0.30
N GLN L 45 96.56 75.41 -0.80
CA GLN L 45 96.25 76.03 -2.08
C GLN L 45 96.22 75.02 -3.20
N VAL L 46 96.57 73.78 -2.96
CA VAL L 46 96.46 72.80 -4.02
C VAL L 46 95.01 72.46 -4.27
N PHE L 47 94.30 72.02 -3.25
CA PHE L 47 92.95 71.53 -3.51
C PHE L 47 92.06 72.64 -4.03
N ALA L 48 92.06 73.78 -3.37
CA ALA L 48 91.31 74.90 -3.89
C ALA L 48 91.81 75.23 -5.28
N GLU L 49 90.91 75.41 -6.21
CA GLU L 49 91.30 75.67 -7.57
C GLU L 49 91.76 77.11 -7.77
N ASN L 50 92.07 77.81 -6.68
CA ASN L 50 92.51 79.18 -6.80
C ASN L 50 93.73 79.30 -7.69
N LYS L 51 93.74 80.33 -8.52
CA LYS L 51 94.78 80.53 -9.51
C LYS L 51 96.05 81.09 -8.91
N ASP L 52 96.21 81.02 -7.59
CA ASP L 52 97.42 81.52 -6.97
C ASP L 52 98.62 80.72 -7.45
N GLU L 53 99.71 81.42 -7.74
CA GLU L 53 100.94 80.80 -8.23
C GLU L 53 101.95 80.70 -7.10
N ILE L 54 102.73 79.63 -7.11
CA ILE L 54 103.65 79.32 -6.03
C ILE L 54 105.08 79.36 -6.54
N ALA L 55 105.97 79.93 -5.72
CA ALA L 55 107.41 79.73 -5.82
C ALA L 55 107.94 79.48 -4.43
N LEU L 56 109.06 78.79 -4.34
CA LEU L 56 109.61 78.39 -3.05
C LEU L 56 111.07 78.79 -2.95
N VAL L 57 111.48 79.24 -1.76
CA VAL L 57 112.86 79.59 -1.47
C VAL L 57 113.27 78.90 -0.19
N LEU L 58 114.07 77.83 -0.33
CA LEU L 58 114.55 77.07 0.82
C LEU L 58 115.96 77.53 1.21
N PHE L 59 116.06 78.79 1.61
CA PHE L 59 117.37 79.42 1.81
C PHE L 59 118.09 78.79 3.00
N GLY L 60 119.32 79.24 3.22
CA GLY L 60 120.20 78.57 4.15
C GLY L 60 120.80 77.31 3.58
N THR L 61 120.96 77.25 2.26
CA THR L 61 121.33 76.02 1.57
C THR L 61 122.80 75.69 1.78
N ASP L 62 123.07 74.39 1.89
CA ASP L 62 124.45 73.92 1.91
C ASP L 62 125.14 74.12 0.55
N GLY L 63 124.36 74.33 -0.50
CA GLY L 63 124.90 74.77 -1.78
C GLY L 63 124.33 76.12 -2.14
N THR L 64 124.21 76.41 -3.43
CA THR L 64 123.57 77.66 -3.88
C THR L 64 123.09 77.45 -5.31
N ASP L 65 121.78 77.39 -5.48
CA ASP L 65 121.17 77.26 -6.80
C ASP L 65 120.13 78.38 -6.92
N ASN L 66 120.59 79.56 -7.32
CA ASN L 66 119.73 80.73 -7.43
C ASN L 66 120.07 81.47 -8.72
N PRO L 67 119.10 82.17 -9.31
CA PRO L 67 119.41 82.95 -10.52
C PRO L 67 120.41 84.06 -10.29
N LEU L 68 120.62 84.47 -9.04
CA LEU L 68 121.49 85.58 -8.70
C LEU L 68 122.75 85.09 -7.98
N SER L 69 123.30 83.97 -8.42
CA SER L 69 124.43 83.36 -7.71
C SER L 69 125.64 84.29 -7.66
N GLY L 70 126.28 84.35 -6.51
CA GLY L 70 127.47 85.15 -6.32
C GLY L 70 128.28 84.63 -5.15
N GLY L 71 129.52 85.10 -5.07
CA GLY L 71 130.42 84.62 -4.02
C GLY L 71 129.94 84.96 -2.63
N ASP L 72 129.43 86.18 -2.44
CA ASP L 72 128.83 86.60 -1.19
C ASP L 72 127.48 87.28 -1.34
N GLN L 73 127.15 87.78 -2.53
CA GLN L 73 125.87 88.44 -2.78
C GLN L 73 124.89 87.43 -3.35
N TYR L 74 123.72 87.33 -2.71
CA TYR L 74 122.69 86.34 -3.06
C TYR L 74 123.26 84.93 -3.03
N GLN L 75 123.65 84.52 -1.82
CA GLN L 75 124.39 83.29 -1.57
C GLN L 75 123.60 82.36 -0.67
N ASN L 76 123.84 81.05 -0.85
CA ASN L 76 123.21 79.99 -0.06
C ASN L 76 121.69 80.00 -0.23
N ILE L 77 121.25 79.92 -1.49
CA ILE L 77 119.84 79.97 -1.83
C ILE L 77 119.56 78.94 -2.93
N THR L 78 118.49 78.18 -2.76
CA THR L 78 118.04 77.19 -3.75
C THR L 78 116.54 77.34 -3.93
N VAL L 79 116.14 78.09 -4.96
CA VAL L 79 114.73 78.24 -5.28
C VAL L 79 114.21 76.89 -5.76
N HIS L 80 113.24 76.34 -5.05
CA HIS L 80 112.72 75.02 -5.40
C HIS L 80 112.11 75.04 -6.79
N ARG L 81 111.31 76.05 -7.08
CA ARG L 81 110.67 76.19 -8.38
C ARG L 81 110.16 77.61 -8.49
N HIS L 82 110.09 78.10 -9.71
CA HIS L 82 109.73 79.49 -9.94
C HIS L 82 108.25 79.69 -9.63
N LEU L 83 107.75 80.88 -9.94
CA LEU L 83 106.39 81.28 -9.56
C LEU L 83 105.40 80.76 -10.61
N MET L 84 104.94 79.53 -10.42
CA MET L 84 103.86 78.99 -11.22
C MET L 84 102.81 78.34 -10.34
N LEU L 85 101.85 77.66 -10.96
CA LEU L 85 100.75 77.04 -10.24
C LEU L 85 101.25 75.92 -9.33
N PRO L 86 100.61 75.71 -8.19
CA PRO L 86 100.98 74.59 -7.33
C PRO L 86 100.61 73.27 -7.96
N ASP L 87 101.35 72.23 -7.60
CA ASP L 87 101.04 70.90 -8.09
C ASP L 87 101.65 69.86 -7.18
N PHE L 88 101.15 68.63 -7.31
CA PHE L 88 101.45 67.60 -6.33
C PHE L 88 102.93 67.32 -6.25
N ASP L 89 103.56 67.06 -7.40
CA ASP L 89 104.94 66.61 -7.36
C ASP L 89 105.81 67.59 -6.62
N LEU L 90 105.47 68.88 -6.67
CA LEU L 90 106.16 69.85 -5.84
C LEU L 90 105.96 69.54 -4.37
N LEU L 91 104.75 69.17 -3.97
CA LEU L 91 104.53 68.80 -2.57
C LEU L 91 105.35 67.58 -2.19
N GLU L 92 105.37 66.57 -3.05
CA GLU L 92 106.13 65.37 -2.74
C GLU L 92 107.62 65.68 -2.66
N ASP L 93 108.11 66.50 -3.59
CA ASP L 93 109.53 66.84 -3.59
C ASP L 93 109.89 67.67 -2.38
N ILE L 94 108.94 68.45 -1.87
CA ILE L 94 109.14 69.10 -0.58
C ILE L 94 109.26 68.03 0.50
N GLU L 95 108.35 67.06 0.48
CA GLU L 95 108.32 66.04 1.52
C GLU L 95 109.58 65.19 1.54
N SER L 96 110.23 65.01 0.39
CA SER L 96 111.36 64.10 0.27
C SER L 96 112.70 64.80 0.09
N LYS L 97 112.81 65.67 -0.92
CA LYS L 97 114.07 66.29 -1.29
C LYS L 97 114.71 67.09 -0.18
N ILE L 98 113.92 67.67 0.73
CA ILE L 98 114.50 68.49 1.77
C ILE L 98 115.47 67.65 2.61
N GLN L 99 116.55 68.29 3.04
CA GLN L 99 117.58 67.64 3.83
C GLN L 99 118.03 68.60 4.93
N PRO L 100 118.34 68.08 6.11
CA PRO L 100 118.88 68.93 7.17
C PRO L 100 120.22 69.53 6.74
N GLY L 101 120.43 70.78 7.13
CA GLY L 101 121.62 71.50 6.74
C GLY L 101 122.63 71.59 7.87
N SER L 102 123.74 72.26 7.56
CA SER L 102 124.78 72.53 8.54
C SER L 102 125.28 73.96 8.50
N GLN L 103 124.70 74.80 7.64
CA GLN L 103 125.14 76.18 7.46
C GLN L 103 124.17 77.14 8.14
N GLN L 104 124.50 78.42 8.04
CA GLN L 104 123.63 79.50 8.49
C GLN L 104 123.70 80.61 7.46
N ALA L 105 122.54 81.13 7.06
CA ALA L 105 122.51 82.14 6.01
C ALA L 105 121.47 83.20 6.34
N ASP L 106 121.65 84.37 5.75
CA ASP L 106 120.72 85.47 5.97
C ASP L 106 119.43 85.25 5.19
N PHE L 107 118.36 85.86 5.70
CA PHE L 107 117.06 85.87 5.06
C PHE L 107 116.82 87.11 4.22
N LEU L 108 117.26 88.27 4.69
CA LEU L 108 117.13 89.51 3.93
C LEU L 108 117.69 89.33 2.53
N ASP L 109 118.80 88.60 2.43
CA ASP L 109 119.31 88.16 1.14
C ASP L 109 118.25 87.40 0.36
N ALA L 110 117.67 86.39 1.00
CA ALA L 110 116.63 85.62 0.34
C ALA L 110 115.42 86.48 0.06
N LEU L 111 115.15 87.46 0.93
CA LEU L 111 114.05 88.37 0.68
C LEU L 111 114.24 89.12 -0.62
N ILE L 112 115.44 89.65 -0.82
CA ILE L 112 115.72 90.37 -2.07
C ILE L 112 115.66 89.41 -3.25
N VAL L 113 116.12 88.18 -3.07
CA VAL L 113 116.11 87.24 -4.20
C VAL L 113 114.69 86.95 -4.64
N SER L 114 113.81 86.66 -3.68
CA SER L 114 112.41 86.42 -3.98
C SER L 114 111.77 87.67 -4.57
N MET L 115 112.13 88.83 -4.03
CA MET L 115 111.69 90.11 -4.57
C MET L 115 112.02 90.23 -6.05
N ASP L 116 113.26 89.87 -6.41
CA ASP L 116 113.69 89.95 -7.80
C ASP L 116 112.93 88.96 -8.66
N VAL L 117 112.67 87.76 -8.13
CA VAL L 117 111.84 86.81 -8.87
C VAL L 117 110.49 87.44 -9.15
N ILE L 118 109.91 88.10 -8.15
CA ILE L 118 108.62 88.73 -8.31
C ILE L 118 108.67 89.78 -9.41
N GLN L 119 109.64 90.68 -9.33
CA GLN L 119 109.75 91.75 -10.31
C GLN L 119 110.05 91.21 -11.70
N HIS L 120 110.72 90.07 -11.77
CA HIS L 120 111.07 89.46 -13.04
C HIS L 120 109.95 88.62 -13.63
N GLU L 121 108.94 88.28 -12.84
CA GLU L 121 107.88 87.44 -13.36
C GLU L 121 106.49 88.04 -13.20
N THR L 122 106.23 88.80 -12.13
CA THR L 122 104.89 89.33 -11.93
C THR L 122 104.52 90.42 -12.91
N ILE L 123 105.49 90.96 -13.65
CA ILE L 123 105.19 91.89 -14.73
C ILE L 123 105.13 91.08 -16.03
N GLY L 124 105.93 90.01 -16.09
CA GLY L 124 105.92 89.14 -17.24
C GLY L 124 104.58 88.49 -17.50
N LYS L 125 103.82 88.20 -16.45
CA LYS L 125 102.46 87.72 -16.58
C LYS L 125 101.56 88.51 -15.64
N LYS L 126 100.29 88.62 -16.01
CA LYS L 126 99.36 89.47 -15.27
C LYS L 126 99.13 88.93 -13.86
N PHE L 127 99.22 89.83 -12.88
CA PHE L 127 98.83 89.54 -11.51
C PHE L 127 98.11 90.75 -10.94
N GLU L 128 97.54 90.56 -9.76
CA GLU L 128 96.88 91.66 -9.08
C GLU L 128 97.50 91.99 -7.74
N LYS L 129 97.96 90.99 -6.98
CA LYS L 129 98.54 91.28 -5.68
C LYS L 129 99.55 90.20 -5.35
N ARG L 130 100.48 90.53 -4.45
CA ARG L 130 101.61 89.66 -4.13
C ARG L 130 101.77 89.53 -2.63
N HIS L 131 102.28 88.41 -2.19
CA HIS L 131 102.73 88.19 -0.83
C HIS L 131 104.18 87.76 -0.86
N ILE L 132 104.84 87.91 0.27
CA ILE L 132 106.10 87.23 0.49
C ILE L 132 106.10 86.71 1.91
N GLU L 133 106.31 85.41 2.07
CA GLU L 133 106.30 84.77 3.37
C GLU L 133 107.67 84.16 3.60
N ILE L 134 108.22 84.38 4.78
CA ILE L 134 109.50 83.82 5.17
C ILE L 134 109.30 83.05 6.47
N PHE L 135 109.78 81.85 6.59
CA PHE L 135 109.73 80.94 7.72
C PHE L 135 111.18 80.77 8.13
N THR L 136 111.50 81.19 9.33
CA THR L 136 112.88 81.13 9.81
C THR L 136 112.86 81.07 11.33
N ASP L 137 114.05 80.92 11.92
CA ASP L 137 114.22 80.91 13.37
C ASP L 137 115.02 82.10 13.87
N LEU L 138 115.30 83.07 13.00
CA LEU L 138 116.03 84.30 13.37
C LEU L 138 117.41 84.00 13.95
N SER L 139 118.13 83.07 13.33
CA SER L 139 119.49 82.72 13.72
C SER L 139 120.49 83.07 12.62
N SER L 140 120.31 84.23 12.00
CA SER L 140 121.13 84.67 10.88
C SER L 140 121.97 85.87 11.27
N ARG L 141 123.04 86.08 10.51
CA ARG L 141 123.86 87.27 10.60
C ARG L 141 123.46 88.19 9.45
N PHE L 142 122.76 89.28 9.78
CA PHE L 142 122.13 90.12 8.77
C PHE L 142 122.46 91.59 9.01
N SER L 143 122.57 92.34 7.92
CA SER L 143 122.78 93.77 7.97
C SER L 143 121.53 94.50 7.52
N LYS L 144 121.27 95.65 8.16
CA LYS L 144 120.05 96.41 7.93
C LYS L 144 120.18 97.38 6.76
N SER L 145 121.03 97.08 5.78
CA SER L 145 121.34 98.04 4.73
C SER L 145 120.11 98.39 3.91
N GLN L 146 119.67 97.47 3.07
CA GLN L 146 118.64 97.77 2.08
C GLN L 146 117.24 97.73 2.66
N LEU L 147 117.11 97.60 3.97
CA LEU L 147 115.79 97.43 4.57
C LEU L 147 114.85 98.55 4.19
N ASP L 148 115.33 99.79 4.23
CA ASP L 148 114.53 100.91 3.76
C ASP L 148 114.17 100.73 2.29
N ILE L 149 115.15 100.40 1.45
CA ILE L 149 114.89 100.21 0.03
C ILE L 149 114.02 98.99 -0.20
N ILE L 150 114.26 97.93 0.57
CA ILE L 150 113.46 96.72 0.42
C ILE L 150 112.00 97.01 0.71
N ILE L 151 111.73 97.67 1.82
CA ILE L 151 110.35 98.01 2.19
C ILE L 151 109.78 98.99 1.18
N HIS L 152 110.60 99.92 0.69
CA HIS L 152 110.17 100.84 -0.35
C HIS L 152 109.62 100.11 -1.57
N SER L 153 110.44 99.27 -2.18
CA SER L 153 109.99 98.64 -3.42
C SER L 153 109.01 97.50 -3.15
N LEU L 154 108.94 97.00 -1.91
CA LEU L 154 107.80 96.16 -1.55
C LEU L 154 106.50 96.96 -1.63
N LYS L 155 106.53 98.19 -1.11
CA LYS L 155 105.37 99.07 -1.23
C LYS L 155 105.08 99.37 -2.69
N LYS L 156 106.12 99.62 -3.47
CA LYS L 156 105.96 99.97 -4.88
C LYS L 156 105.41 98.81 -5.71
N CYS L 157 105.89 97.60 -5.45
CA CYS L 157 105.44 96.41 -6.18
C CYS L 157 104.28 95.70 -5.49
N ASP L 158 103.75 96.27 -4.41
CA ASP L 158 102.60 95.72 -3.70
C ASP L 158 102.86 94.29 -3.25
N ILE L 159 103.89 94.14 -2.43
CA ILE L 159 104.29 92.84 -1.91
C ILE L 159 104.18 92.89 -0.39
N SER L 160 103.41 91.97 0.18
CA SER L 160 103.13 91.95 1.61
C SER L 160 104.04 90.93 2.29
N LEU L 161 104.75 91.38 3.30
CA LEU L 161 105.76 90.56 3.96
C LEU L 161 105.24 90.10 5.32
N GLN L 162 105.39 88.81 5.58
CA GLN L 162 105.02 88.23 6.86
C GLN L 162 106.18 87.37 7.34
N PHE L 163 106.40 87.37 8.66
CA PHE L 163 107.45 86.57 9.27
C PHE L 163 106.86 85.57 10.24
N PHE L 164 107.52 84.43 10.35
CA PHE L 164 107.03 83.32 11.14
C PHE L 164 108.19 82.79 11.95
N LEU L 165 108.04 82.83 13.28
CA LEU L 165 109.18 82.62 14.16
C LEU L 165 108.84 81.59 15.22
N PRO L 166 109.82 80.83 15.70
CA PRO L 166 109.53 79.76 16.67
C PRO L 166 108.95 80.26 17.97
N PHE L 167 109.36 81.43 18.45
CA PHE L 167 108.95 81.86 19.77
C PHE L 167 107.55 82.47 19.74
N SER L 168 106.97 82.61 20.93
CA SER L 168 105.62 83.11 21.11
C SER L 168 105.67 84.53 21.69
N LEU L 169 104.84 85.42 21.13
CA LEU L 169 104.80 86.79 21.61
C LEU L 169 104.31 86.86 23.05
N GLY L 170 103.27 86.09 23.38
CA GLY L 170 102.72 86.11 24.72
C GLY L 170 103.18 84.96 25.59
N GLY L 196 112.42 81.66 26.18
CA GLY L 196 113.86 81.56 26.20
C GLY L 196 114.47 81.47 24.82
N ILE L 197 114.88 82.61 24.29
CA ILE L 197 115.47 82.70 22.96
C ILE L 197 116.78 83.46 23.04
N THR L 198 117.64 83.24 22.04
CA THR L 198 118.96 83.82 22.07
C THR L 198 118.89 85.34 21.95
N GLU L 199 119.94 85.99 22.45
CA GLU L 199 120.10 87.42 22.22
C GLU L 199 120.17 87.71 20.73
N GLN L 200 120.77 86.79 19.97
CA GLN L 200 120.67 86.85 18.52
C GLN L 200 119.23 86.79 18.07
N GLN L 201 118.48 85.80 18.58
CA GLN L 201 117.07 85.68 18.24
C GLN L 201 116.29 86.88 18.74
N LYS L 202 116.59 87.37 19.94
CA LYS L 202 115.86 88.51 20.48
C LYS L 202 116.08 89.76 19.64
N GLU L 203 117.33 90.03 19.28
CA GLU L 203 117.60 91.21 18.47
C GLU L 203 116.99 91.05 17.08
N GLY L 204 117.00 89.84 16.54
CA GLY L 204 116.31 89.61 15.29
C GLY L 204 114.83 89.89 15.40
N LEU L 205 114.22 89.49 16.52
CA LEU L 205 112.80 89.77 16.73
C LEU L 205 112.52 91.25 16.79
N GLU L 206 113.37 92.00 17.50
CA GLU L 206 113.18 93.44 17.57
C GLU L 206 113.36 94.07 16.20
N ILE L 207 114.34 93.58 15.43
CA ILE L 207 114.52 94.05 14.06
C ILE L 207 113.28 93.73 13.24
N VAL L 208 112.69 92.56 13.46
CA VAL L 208 111.51 92.16 12.71
C VAL L 208 110.35 93.07 13.04
N LYS L 209 110.19 93.41 14.31
CA LYS L 209 109.14 94.36 14.69
C LYS L 209 109.36 95.70 14.00
N MET L 210 110.60 96.18 14.00
CA MET L 210 110.93 97.40 13.29
C MET L 210 110.53 97.29 11.83
N VAL L 211 110.87 96.18 11.19
CA VAL L 211 110.62 96.02 9.77
C VAL L 211 109.13 96.01 9.49
N MET L 212 108.35 95.26 10.28
CA MET L 212 106.91 95.18 10.04
C MET L 212 106.25 96.53 10.26
N ILE L 213 106.64 97.26 11.30
CA ILE L 213 106.09 98.60 11.46
C ILE L 213 106.49 99.47 10.29
N SER L 214 107.71 99.32 9.78
CA SER L 214 108.13 100.05 8.60
C SER L 214 107.36 99.64 7.36
N LEU L 215 106.70 98.50 7.40
CA LEU L 215 105.82 98.10 6.31
C LEU L 215 104.45 98.77 6.43
N GLU L 216 103.76 98.52 7.55
CA GLU L 216 102.42 99.02 7.76
C GLU L 216 102.34 100.03 8.90
N GLY L 217 102.80 99.66 10.08
CA GLY L 217 102.73 100.56 11.23
C GLY L 217 102.62 99.77 12.52
N GLU L 218 101.91 100.37 13.48
CA GLU L 218 101.72 99.74 14.77
C GLU L 218 101.02 98.39 14.64
N ASP L 219 100.06 98.28 13.73
CA ASP L 219 99.35 97.03 13.51
C ASP L 219 100.27 95.92 13.01
N GLY L 220 101.53 96.23 12.69
CA GLY L 220 102.44 95.21 12.22
C GLY L 220 102.69 94.12 13.24
N LEU L 221 102.26 94.32 14.49
CA LEU L 221 102.43 93.29 15.50
C LEU L 221 101.68 92.02 15.11
N ASP L 222 100.48 92.19 14.53
CA ASP L 222 99.67 91.02 14.18
C ASP L 222 100.33 90.18 13.10
N GLU L 223 101.12 90.80 12.22
CA GLU L 223 101.81 90.06 11.18
C GLU L 223 102.91 89.16 11.73
N ILE L 224 103.27 89.32 12.99
CA ILE L 224 104.17 88.36 13.63
C ILE L 224 103.42 87.05 13.81
N TYR L 225 104.09 85.94 13.55
CA TYR L 225 103.43 84.65 13.68
C TYR L 225 104.40 83.64 14.27
N SER L 226 103.91 82.86 15.23
CA SER L 226 104.70 81.75 15.75
C SER L 226 104.38 80.51 14.91
N PHE L 227 104.66 79.33 15.44
CA PHE L 227 104.47 78.10 14.67
C PHE L 227 103.37 77.22 15.21
N SER L 228 103.25 77.07 16.52
CA SER L 228 102.12 76.34 17.06
C SER L 228 100.82 77.03 16.68
N GLU L 229 100.80 78.36 16.76
CA GLU L 229 99.61 79.09 16.35
C GLU L 229 99.33 78.89 14.88
N SER L 230 100.37 78.71 14.08
CA SER L 230 100.15 78.39 12.67
C SER L 230 99.43 77.06 12.54
N LEU L 231 99.85 76.06 13.32
CA LEU L 231 99.12 74.80 13.30
C LEU L 231 97.67 75.00 13.68
N ARG L 232 97.43 75.67 14.81
CA ARG L 232 96.07 75.82 15.30
C ARG L 232 95.20 76.55 14.30
N LYS L 233 95.72 77.61 13.70
CA LYS L 233 94.92 78.41 12.79
C LYS L 233 94.83 77.82 11.40
N LEU L 234 95.69 76.86 11.06
CA LEU L 234 95.75 76.41 9.67
C LEU L 234 95.31 74.97 9.45
N CYS L 235 95.14 74.16 10.48
CA CYS L 235 94.88 72.73 10.27
C CYS L 235 93.69 72.49 9.34
N VAL L 236 92.68 73.35 9.38
CA VAL L 236 91.51 73.16 8.54
C VAL L 236 91.87 73.32 7.07
N PHE L 237 91.15 72.62 6.21
CA PHE L 237 91.31 72.83 4.79
C PHE L 237 90.65 74.13 4.37
N LYS L 238 90.91 74.51 3.13
CA LYS L 238 90.55 75.83 2.64
C LYS L 238 89.04 75.94 2.48
N LYS L 239 88.45 76.89 3.19
CA LYS L 239 87.02 77.12 3.10
C LYS L 239 86.63 77.36 1.66
N ILE L 240 85.59 76.67 1.20
CA ILE L 240 85.22 76.74 -0.21
C ILE L 240 84.42 78.02 -0.40
N GLU L 241 85.15 79.10 -0.67
CA GLU L 241 84.52 80.37 -0.96
C GLU L 241 83.85 80.33 -2.32
N ARG L 242 82.86 81.18 -2.50
CA ARG L 242 82.11 81.24 -3.76
C ARG L 242 81.53 82.64 -3.92
N HIS L 243 81.87 83.28 -5.02
CA HIS L 243 81.31 84.59 -5.31
C HIS L 243 79.89 84.43 -5.84
N SER L 244 79.01 85.33 -5.45
CA SER L 244 77.63 85.31 -5.92
C SER L 244 77.53 86.13 -7.19
N ILE L 245 76.32 86.45 -7.62
CA ILE L 245 76.10 87.24 -8.82
C ILE L 245 75.39 88.52 -8.43
N HIS L 246 75.85 89.63 -9.00
CA HIS L 246 75.19 90.90 -8.77
C HIS L 246 73.86 90.84 -9.50
N TRP L 247 72.80 90.43 -8.83
CA TRP L 247 71.54 90.46 -9.52
C TRP L 247 70.85 91.75 -9.18
N PRO L 248 70.62 92.63 -10.15
CA PRO L 248 69.79 93.80 -9.92
C PRO L 248 68.35 93.52 -10.30
N CYS L 249 67.43 94.09 -9.54
CA CYS L 249 66.02 93.91 -9.81
C CYS L 249 65.28 95.16 -9.37
N ARG L 250 64.10 95.32 -9.90
CA ARG L 250 63.32 96.52 -9.63
C ARG L 250 62.37 96.20 -8.50
N LEU L 251 62.75 96.57 -7.28
CA LEU L 251 61.83 96.34 -6.18
C LEU L 251 60.58 97.12 -6.47
N THR L 252 59.51 96.42 -6.78
CA THR L 252 58.29 97.03 -7.25
C THR L 252 57.30 97.04 -6.11
N ILE L 253 56.80 98.21 -5.76
CA ILE L 253 55.68 98.34 -4.87
C ILE L 253 54.69 99.28 -5.53
N GLY L 254 53.43 98.88 -5.57
CA GLY L 254 52.45 99.60 -6.33
C GLY L 254 52.73 99.47 -7.82
N SER L 255 52.16 100.38 -8.60
CA SER L 255 52.46 100.46 -10.01
C SER L 255 53.28 101.69 -10.35
N ASN L 256 53.69 102.46 -9.34
CA ASN L 256 54.43 103.68 -9.60
C ASN L 256 55.49 103.95 -8.56
N LEU L 257 56.05 102.92 -7.93
CA LEU L 257 57.09 103.17 -6.96
C LEU L 257 58.22 102.16 -7.15
N SER L 258 58.68 102.05 -8.38
CA SER L 258 59.79 101.16 -8.68
C SER L 258 61.07 101.63 -8.02
N ILE L 259 61.84 100.67 -7.50
CA ILE L 259 63.15 100.93 -6.91
C ILE L 259 64.11 99.87 -7.40
N ARG L 260 65.27 100.28 -7.89
CA ARG L 260 66.30 99.31 -8.27
C ARG L 260 66.82 98.62 -7.02
N ILE L 261 66.70 97.30 -6.98
CA ILE L 261 67.11 96.53 -5.82
C ILE L 261 68.14 95.51 -6.28
N ALA L 262 69.20 95.36 -5.52
CA ALA L 262 70.28 94.46 -5.87
C ALA L 262 70.14 93.21 -5.01
N ALA L 263 69.88 92.08 -5.66
CA ALA L 263 69.65 90.82 -4.97
C ALA L 263 70.95 90.07 -4.81
N TYR L 264 71.13 89.46 -3.64
CA TYR L 264 72.33 88.69 -3.37
C TYR L 264 71.97 87.46 -2.54
N LYS L 265 72.69 86.37 -2.79
CA LYS L 265 72.45 85.10 -2.11
C LYS L 265 73.26 85.00 -0.83
N SER L 266 72.61 84.51 0.22
CA SER L 266 73.23 84.52 1.54
C SER L 266 73.68 83.13 1.97
N ILE L 267 72.77 82.17 1.98
CA ILE L 267 73.08 80.82 2.41
C ILE L 267 72.60 79.84 1.35
N LEU L 268 73.49 78.96 0.90
CA LEU L 268 73.17 77.97 -0.09
C LEU L 268 73.89 76.68 0.27
N GLN L 269 73.16 75.59 0.32
CA GLN L 269 73.81 74.31 0.58
C GLN L 269 74.85 74.13 -0.50
N GLU L 270 76.12 74.22 -0.15
CA GLU L 270 77.15 74.24 -1.16
C GLU L 270 77.36 72.84 -1.68
N ARG L 271 77.46 72.70 -3.00
CA ARG L 271 77.76 71.43 -3.61
C ARG L 271 79.16 71.47 -4.18
N VAL L 272 79.86 70.35 -4.04
CA VAL L 272 81.27 70.24 -4.42
C VAL L 272 81.36 70.71 -5.85
N LYS L 273 82.50 71.26 -6.23
CA LYS L 273 82.56 71.96 -7.50
C LYS L 273 82.46 71.01 -8.67
N LYS L 274 83.41 70.11 -8.82
CA LYS L 274 83.45 69.29 -10.02
C LYS L 274 83.26 67.82 -9.72
N THR L 275 82.37 67.21 -10.48
CA THR L 275 81.86 65.88 -10.24
C THR L 275 82.93 64.84 -10.44
N TRP L 276 82.65 63.66 -9.95
CA TRP L 276 83.54 62.52 -10.11
C TRP L 276 83.42 62.01 -11.53
N THR L 277 84.37 62.35 -12.37
CA THR L 277 84.35 61.87 -13.73
C THR L 277 84.46 60.35 -13.75
N VAL L 278 83.59 59.72 -14.50
CA VAL L 278 83.58 58.27 -14.63
C VAL L 278 84.67 57.87 -15.60
N VAL L 279 85.53 56.96 -15.19
CA VAL L 279 86.63 56.55 -16.05
C VAL L 279 86.78 55.05 -16.02
N ASP L 280 87.23 54.49 -17.14
CA ASP L 280 87.36 53.04 -17.27
C ASP L 280 88.59 52.55 -16.53
N ALA L 281 88.49 51.34 -15.99
CA ALA L 281 89.62 50.77 -15.29
C ALA L 281 90.74 50.49 -16.28
N LYS L 282 91.95 50.39 -15.73
CA LYS L 282 93.10 49.81 -16.41
C LYS L 282 93.45 50.55 -17.70
N THR L 283 92.70 51.56 -18.02
CA THR L 283 93.05 52.43 -19.13
C THR L 283 93.01 53.88 -18.72
N LEU L 284 92.12 54.24 -17.81
CA LEU L 284 92.15 55.53 -17.15
C LEU L 284 92.03 56.67 -18.16
N LYS L 285 91.28 56.44 -19.23
CA LYS L 285 90.90 57.47 -20.17
C LYS L 285 89.42 57.81 -20.02
N LYS L 286 89.12 59.10 -19.95
CA LYS L 286 87.72 59.50 -19.89
C LYS L 286 87.01 59.18 -21.18
N GLU L 287 87.69 59.31 -22.32
CA GLU L 287 87.00 59.25 -23.59
C GLU L 287 86.58 57.85 -23.98
N ASP L 288 86.98 56.83 -23.24
CA ASP L 288 86.72 55.46 -23.65
C ASP L 288 85.35 54.96 -23.25
N ILE L 289 84.51 55.77 -22.62
CA ILE L 289 83.23 55.31 -22.13
C ILE L 289 82.13 56.20 -22.68
N GLN L 290 81.07 55.58 -23.18
CA GLN L 290 79.88 56.31 -23.60
C GLN L 290 78.69 55.87 -22.79
N LYS L 291 78.14 56.79 -22.01
CA LYS L 291 76.90 56.55 -21.27
C LYS L 291 75.71 56.67 -22.21
N GLU L 292 75.75 55.96 -23.31
CA GLU L 292 74.70 56.11 -24.30
C GLU L 292 73.40 55.52 -23.77
N THR L 293 72.30 56.15 -24.11
CA THR L 293 71.00 55.68 -23.69
C THR L 293 70.20 55.27 -24.90
N VAL L 294 69.43 54.21 -24.75
CA VAL L 294 68.62 53.68 -25.83
C VAL L 294 67.23 53.41 -25.30
N TYR L 295 66.23 53.66 -26.13
CA TYR L 295 64.84 53.51 -25.74
C TYR L 295 64.22 52.38 -26.54
N CYS L 296 63.65 51.40 -25.85
CA CYS L 296 63.16 50.20 -26.51
C CYS L 296 61.74 49.88 -26.08
N LEU L 297 60.90 49.60 -27.07
CA LEU L 297 59.53 49.21 -26.82
C LEU L 297 59.52 47.88 -26.10
N ASN L 298 58.44 47.58 -25.39
CA ASN L 298 58.42 46.36 -24.62
C ASN L 298 58.25 45.12 -25.49
N ASP L 299 57.65 45.25 -26.66
CA ASP L 299 57.35 44.09 -27.50
C ASP L 299 58.59 43.61 -28.25
N ASP L 300 58.97 42.35 -28.02
CA ASP L 300 60.06 41.67 -28.72
C ASP L 300 61.36 42.45 -28.69
N ASP L 301 61.46 43.44 -27.81
CA ASP L 301 62.65 44.28 -27.66
C ASP L 301 62.93 45.02 -28.97
N GLU L 302 61.92 45.70 -29.46
CA GLU L 302 62.10 46.60 -30.59
C GLU L 302 62.72 47.90 -30.10
N THR L 303 63.81 48.30 -30.72
CA THR L 303 64.53 49.50 -30.29
C THR L 303 63.97 50.72 -31.01
N GLU L 304 63.61 51.74 -30.26
CA GLU L 304 62.93 52.88 -30.85
C GLU L 304 63.91 54.02 -31.02
N VAL L 305 63.71 54.81 -32.08
CA VAL L 305 64.73 55.77 -32.48
C VAL L 305 64.79 56.91 -31.47
N LEU L 306 66.05 57.18 -31.15
CA LEU L 306 66.47 57.75 -29.89
C LEU L 306 65.66 58.99 -29.54
N LYS L 307 65.67 60.02 -30.40
CA LYS L 307 65.32 61.39 -30.03
C LYS L 307 64.38 62.01 -31.03
N GLU L 308 63.56 61.21 -31.70
CA GLU L 308 62.45 61.80 -32.42
C GLU L 308 61.19 60.96 -32.40
N ASP L 309 61.17 59.83 -31.72
CA ASP L 309 59.95 59.03 -31.72
C ASP L 309 59.30 59.03 -30.34
N ILE L 310 59.98 59.53 -29.33
CA ILE L 310 59.45 59.55 -27.98
C ILE L 310 58.86 60.91 -27.71
N ILE L 311 57.60 60.95 -27.29
CA ILE L 311 56.94 62.16 -26.86
C ILE L 311 56.46 61.97 -25.45
N GLN L 312 56.72 62.95 -24.59
CA GLN L 312 56.51 62.79 -23.17
C GLN L 312 55.02 62.82 -22.84
N GLY L 313 54.62 62.00 -21.88
CA GLY L 313 53.26 61.97 -21.40
C GLY L 313 53.16 62.32 -19.93
N PHE L 314 51.94 62.21 -19.42
CA PHE L 314 51.68 62.41 -18.01
C PHE L 314 50.60 61.46 -17.57
N ARG L 315 50.60 61.17 -16.29
CA ARG L 315 49.59 60.32 -15.71
C ARG L 315 48.48 61.18 -15.17
N TYR L 316 47.27 60.87 -15.58
CA TYR L 316 46.06 61.51 -15.14
C TYR L 316 45.17 60.32 -14.85
N GLY L 317 45.24 59.84 -13.62
CA GLY L 317 44.48 58.67 -13.29
C GLY L 317 45.00 57.53 -14.11
N SER L 318 44.09 56.71 -14.60
CA SER L 318 44.49 55.42 -15.15
C SER L 318 45.34 55.60 -16.39
N ASP L 319 44.99 56.55 -17.23
CA ASP L 319 45.54 56.58 -18.56
C ASP L 319 46.67 57.60 -18.64
N ILE L 320 47.34 57.65 -19.79
CA ILE L 320 48.44 58.57 -20.03
C ILE L 320 47.98 59.59 -21.05
N VAL L 321 48.02 60.89 -20.76
CA VAL L 321 47.81 61.87 -21.82
C VAL L 321 49.05 61.95 -22.68
N PRO L 322 48.93 61.86 -24.00
CA PRO L 322 49.98 62.28 -24.89
C PRO L 322 50.00 63.80 -24.87
N PHE L 323 50.76 64.35 -23.96
CA PHE L 323 51.18 65.74 -24.01
C PHE L 323 52.28 65.85 -25.07
N SER L 324 53.04 66.92 -25.10
CA SER L 324 54.28 66.95 -25.85
C SER L 324 55.27 67.92 -25.21
N LYS L 325 56.25 68.33 -26.00
CA LYS L 325 57.18 69.40 -25.67
C LYS L 325 56.81 70.68 -26.38
N VAL L 326 56.45 70.60 -27.65
CA VAL L 326 56.04 71.81 -28.36
C VAL L 326 54.81 72.40 -27.70
N ASP L 327 53.82 71.57 -27.41
CA ASP L 327 52.61 71.98 -26.71
C ASP L 327 52.99 72.49 -25.33
N GLU L 328 54.10 72.00 -24.81
CA GLU L 328 54.56 72.44 -23.51
C GLU L 328 54.92 73.91 -23.54
N GLU L 329 55.77 74.29 -24.48
CA GLU L 329 56.11 75.70 -24.55
C GLU L 329 54.93 76.52 -25.02
N GLN L 330 53.96 75.91 -25.69
CA GLN L 330 52.86 76.74 -26.15
C GLN L 330 51.86 77.00 -25.02
N MET L 331 51.80 76.14 -24.02
CA MET L 331 50.82 76.28 -22.96
C MET L 331 51.41 76.59 -21.60
N LYS L 332 52.72 76.58 -21.46
CA LYS L 332 53.33 76.82 -20.17
C LYS L 332 52.99 78.22 -19.67
N TYR L 333 52.83 78.33 -18.37
CA TYR L 333 52.47 79.61 -17.77
C TYR L 333 53.58 80.63 -17.96
N LYS L 334 53.30 81.64 -18.77
CA LYS L 334 54.26 82.67 -19.06
C LYS L 334 54.48 83.53 -17.82
N SER L 335 55.25 84.59 -17.99
CA SER L 335 55.45 85.59 -16.97
C SER L 335 56.16 86.77 -17.58
N GLU L 336 56.08 87.91 -16.91
CA GLU L 336 56.68 89.11 -17.45
C GLU L 336 58.19 89.07 -17.33
N GLY L 337 58.71 88.58 -16.21
CA GLY L 337 60.13 88.62 -15.98
C GLY L 337 60.50 88.63 -14.52
N LYS L 338 61.35 89.58 -14.13
CA LYS L 338 61.84 89.59 -12.76
C LYS L 338 60.71 89.72 -11.76
N CYS L 339 59.87 90.72 -11.93
CA CYS L 339 58.60 90.85 -11.21
C CYS L 339 58.76 90.61 -9.72
N PHE L 340 59.76 91.23 -9.12
CA PHE L 340 59.86 91.26 -7.67
C PHE L 340 58.96 92.38 -7.15
N SER L 341 57.67 92.08 -7.09
CA SER L 341 56.65 93.07 -6.75
C SER L 341 56.03 92.74 -5.41
N VAL L 342 55.89 93.73 -4.55
CA VAL L 342 55.42 93.50 -3.20
C VAL L 342 53.93 93.26 -3.22
N LEU L 343 53.52 92.10 -2.75
CA LEU L 343 52.11 91.85 -2.64
C LEU L 343 51.52 92.55 -1.45
N GLY L 344 52.27 92.69 -0.37
CA GLY L 344 51.70 93.31 0.80
C GLY L 344 52.64 93.22 1.99
N PHE L 345 52.12 93.68 3.11
CA PHE L 345 52.86 93.72 4.36
C PHE L 345 52.04 93.03 5.43
N CYS L 346 52.71 92.46 6.41
CA CYS L 346 52.00 91.67 7.41
C CYS L 346 52.85 91.61 8.68
N LYS L 347 52.21 91.15 9.74
CA LYS L 347 52.84 91.09 11.04
C LYS L 347 53.96 90.08 11.04
N SER L 348 54.90 90.26 11.97
CA SER L 348 55.90 89.23 12.18
C SER L 348 55.25 87.87 12.37
N SER L 349 54.50 87.71 13.45
CA SER L 349 53.97 86.39 13.78
C SER L 349 52.98 85.89 12.76
N GLN L 350 52.55 86.75 11.84
CA GLN L 350 51.71 86.27 10.76
C GLN L 350 52.44 85.25 9.91
N VAL L 351 53.76 85.30 9.87
CA VAL L 351 54.57 84.24 9.30
C VAL L 351 55.40 83.65 10.42
N GLN L 352 55.79 82.41 10.25
CA GLN L 352 56.43 81.70 11.34
C GLN L 352 57.74 81.10 10.88
N ARG L 353 58.60 80.86 11.87
CA ARG L 353 59.92 80.28 11.61
C ARG L 353 59.80 78.94 10.90
N ARG L 354 58.83 78.13 11.30
CA ARG L 354 58.71 76.79 10.74
C ARG L 354 58.47 76.83 9.25
N PHE L 355 57.70 77.80 8.79
CA PHE L 355 57.10 77.66 7.49
C PHE L 355 58.02 78.02 6.35
N PHE L 356 59.21 78.53 6.60
CA PHE L 356 60.07 78.94 5.50
C PHE L 356 60.26 77.77 4.56
N MET L 357 60.14 78.00 3.25
CA MET L 357 60.10 76.92 2.28
C MET L 357 61.14 77.11 1.19
N GLY L 358 62.31 77.59 1.56
CA GLY L 358 63.25 78.01 0.57
C GLY L 358 64.29 76.98 0.21
N ASN L 359 64.78 77.08 -1.02
CA ASN L 359 66.09 76.55 -1.36
C ASN L 359 67.20 77.36 -0.74
N GLN L 360 67.14 78.68 -0.86
CA GLN L 360 68.23 79.54 -0.49
C GLN L 360 67.70 80.87 -0.03
N VAL L 361 68.50 81.56 0.75
CA VAL L 361 68.08 82.80 1.39
C VAL L 361 68.79 83.94 0.70
N LEU L 362 68.02 84.79 0.05
CA LEU L 362 68.62 85.93 -0.61
C LEU L 362 68.89 87.03 0.39
N LYS L 363 69.76 87.94 0.01
CA LYS L 363 69.93 89.21 0.70
C LYS L 363 69.60 90.31 -0.29
N VAL L 364 68.75 91.22 0.12
CA VAL L 364 68.08 92.13 -0.79
C VAL L 364 68.62 93.50 -0.52
N PHE L 365 69.54 93.97 -1.35
CA PHE L 365 70.25 95.23 -1.15
C PHE L 365 70.11 96.17 -2.31
N ALA L 366 70.61 97.37 -2.11
CA ALA L 366 70.44 98.44 -3.08
C ALA L 366 71.44 98.29 -4.21
N ALA L 367 70.98 98.56 -5.43
CA ALA L 367 71.90 98.73 -6.54
C ALA L 367 72.83 99.89 -6.23
N ARG L 368 74.13 99.66 -6.40
CA ARG L 368 75.08 100.63 -5.89
C ARG L 368 75.08 101.89 -6.73
N ASP L 369 75.55 102.98 -6.12
CA ASP L 369 75.83 104.28 -6.71
C ASP L 369 74.58 105.13 -6.92
N ASP L 370 73.41 104.68 -6.49
CA ASP L 370 72.19 105.48 -6.55
C ASP L 370 71.78 105.71 -5.10
N GLU L 371 72.34 106.76 -4.50
CA GLU L 371 72.17 106.94 -3.05
C GLU L 371 70.70 107.05 -2.69
N ALA L 372 69.99 107.96 -3.36
CA ALA L 372 68.59 108.20 -3.00
C ALA L 372 67.82 106.88 -2.96
N ALA L 373 68.12 105.98 -3.89
CA ALA L 373 67.52 104.66 -3.81
C ALA L 373 67.91 103.99 -2.51
N ALA L 374 69.17 104.10 -2.13
CA ALA L 374 69.60 103.39 -0.94
C ALA L 374 68.87 103.91 0.28
N VAL L 375 68.74 105.23 0.38
CA VAL L 375 68.05 105.76 1.54
C VAL L 375 66.58 105.39 1.49
N ALA L 376 66.02 105.29 0.28
CA ALA L 376 64.63 104.90 0.19
C ALA L 376 64.44 103.50 0.74
N LEU L 377 65.33 102.61 0.35
CA LEU L 377 65.25 101.27 0.88
C LEU L 377 65.43 101.29 2.40
N SER L 378 66.32 102.15 2.88
CA SER L 378 66.58 102.22 4.31
C SER L 378 65.35 102.66 5.06
N SER L 379 64.66 103.65 4.52
CA SER L 379 63.38 104.05 5.11
C SER L 379 62.47 102.85 5.17
N LEU L 380 62.35 102.14 4.05
CA LEU L 380 61.53 100.94 4.04
C LEU L 380 61.89 100.05 5.21
N ILE L 381 63.18 99.84 5.36
CA ILE L 381 63.65 98.83 6.30
C ILE L 381 63.33 99.24 7.71
N HIS L 382 63.74 100.44 8.12
CA HIS L 382 63.45 100.84 9.48
C HIS L 382 61.97 100.78 9.74
N ALA L 383 61.17 101.27 8.79
CA ALA L 383 59.74 101.34 9.03
C ALA L 383 59.19 99.96 9.29
N LEU L 384 59.61 98.98 8.48
CA LEU L 384 59.17 97.63 8.77
C LEU L 384 59.66 97.20 10.14
N ASP L 385 60.86 97.63 10.51
CA ASP L 385 61.50 97.09 11.70
C ASP L 385 60.77 97.53 12.96
N ASP L 386 60.71 98.84 13.19
CA ASP L 386 60.13 99.35 14.42
C ASP L 386 58.66 98.97 14.52
N LEU L 387 57.93 99.03 13.41
CA LEU L 387 56.55 98.60 13.36
C LEU L 387 56.41 97.10 13.31
N ASP L 388 57.52 96.39 13.20
CA ASP L 388 57.59 94.95 13.44
C ASP L 388 56.58 94.29 12.50
N MET L 389 56.75 94.56 11.22
CA MET L 389 55.99 93.87 10.20
C MET L 389 56.99 93.29 9.21
N VAL L 390 56.50 92.45 8.31
CA VAL L 390 57.34 91.90 7.26
C VAL L 390 56.63 92.09 5.93
N ALA L 391 57.32 91.82 4.84
CA ALA L 391 56.77 92.04 3.52
C ALA L 391 56.75 90.73 2.75
N ILE L 392 55.75 90.61 1.88
CA ILE L 392 55.55 89.40 1.10
C ILE L 392 55.59 89.80 -0.36
N VAL L 393 56.55 89.30 -1.09
CA VAL L 393 56.82 89.81 -2.43
C VAL L 393 56.82 88.67 -3.41
N ARG L 394 56.11 88.84 -4.52
CA ARG L 394 56.29 87.92 -5.62
C ARG L 394 57.72 88.02 -6.09
N TYR L 395 58.36 86.88 -6.26
CA TYR L 395 59.75 86.84 -6.66
C TYR L 395 59.88 86.00 -7.90
N ALA L 396 60.89 86.32 -8.69
CA ALA L 396 61.19 85.48 -9.82
C ALA L 396 62.60 85.81 -10.27
N TYR L 397 63.43 84.79 -10.40
CA TYR L 397 64.76 85.02 -10.90
C TYR L 397 64.72 85.62 -12.28
N ASP L 398 63.84 85.11 -13.13
CA ASP L 398 63.73 85.57 -14.50
C ASP L 398 62.62 84.83 -15.22
N LYS L 399 62.53 85.05 -16.52
CA LYS L 399 61.69 84.20 -17.35
C LYS L 399 62.12 82.74 -17.18
N ARG L 400 61.34 81.85 -17.78
CA ARG L 400 61.60 80.41 -17.79
C ARG L 400 61.91 79.86 -16.40
N ALA L 401 61.58 80.60 -15.35
CA ALA L 401 61.71 80.11 -13.99
C ALA L 401 60.36 80.20 -13.29
N ASN L 402 60.08 79.22 -12.44
CA ASN L 402 58.83 79.24 -11.72
C ASN L 402 58.78 80.45 -10.81
N PRO L 403 57.67 81.11 -10.72
CA PRO L 403 57.58 82.28 -9.85
C PRO L 403 57.61 81.84 -8.42
N GLN L 404 57.38 82.76 -7.51
CA GLN L 404 57.79 82.42 -6.17
C GLN L 404 57.26 83.44 -5.17
N VAL L 405 56.72 82.99 -4.05
CA VAL L 405 56.17 83.90 -3.06
C VAL L 405 56.76 83.60 -1.70
N GLY L 406 57.17 84.65 -0.98
CA GLY L 406 57.69 84.43 0.37
C GLY L 406 58.01 85.73 1.07
N VAL L 407 58.48 85.58 2.31
CA VAL L 407 58.66 86.72 3.21
C VAL L 407 59.87 87.54 2.80
N ALA L 408 59.81 88.83 3.07
CA ALA L 408 60.94 89.74 2.89
C ALA L 408 61.42 90.15 4.27
N PHE L 409 62.38 89.44 4.77
CA PHE L 409 62.59 89.86 6.14
C PHE L 409 63.55 91.04 6.20
N PRO L 410 63.33 92.00 7.09
CA PRO L 410 64.21 93.16 7.19
C PRO L 410 65.18 93.03 8.34
N HIS L 411 66.44 93.39 8.08
CA HIS L 411 67.52 93.10 9.01
C HIS L 411 68.40 94.32 9.22
N ILE L 412 69.00 94.42 10.41
CA ILE L 412 69.77 95.59 10.81
C ILE L 412 71.14 95.13 11.31
N LYS L 413 72.19 95.76 10.81
CA LYS L 413 73.50 95.59 11.40
C LYS L 413 74.17 96.94 11.48
N HIS L 414 74.95 97.14 12.54
CA HIS L 414 75.51 98.44 12.82
C HIS L 414 76.32 98.94 11.64
N ASN L 415 76.86 98.04 10.84
CA ASN L 415 77.48 98.48 9.59
C ASN L 415 76.43 98.82 8.54
N TYR L 416 75.28 98.15 8.58
CA TYR L 416 74.31 98.30 7.50
C TYR L 416 73.02 97.59 7.86
N GLU L 417 71.90 98.17 7.45
CA GLU L 417 70.62 97.51 7.49
C GLU L 417 70.50 96.55 6.32
N CYS L 418 69.63 95.55 6.47
CA CYS L 418 69.59 94.47 5.50
C CYS L 418 68.17 94.00 5.29
N LEU L 419 67.91 93.47 4.10
CA LEU L 419 66.62 92.88 3.83
C LEU L 419 66.85 91.57 3.10
N VAL L 420 66.19 90.51 3.56
CA VAL L 420 66.43 89.15 3.11
C VAL L 420 65.10 88.51 2.74
N TYR L 421 65.15 87.62 1.75
CA TYR L 421 63.96 87.04 1.16
C TYR L 421 64.02 85.54 1.22
N VAL L 422 62.94 84.91 1.61
CA VAL L 422 62.88 83.47 1.68
C VAL L 422 61.59 83.01 1.04
N GLN L 423 61.67 81.94 0.27
CA GLN L 423 60.49 81.22 -0.19
C GLN L 423 59.58 80.86 0.97
N LEU L 424 58.29 81.15 0.83
CA LEU L 424 57.24 80.64 1.69
C LEU L 424 56.22 79.87 0.87
N PRO L 425 55.60 78.87 1.44
CA PRO L 425 54.95 77.84 0.63
C PRO L 425 53.77 78.34 -0.14
N PHE L 426 53.58 77.77 -1.33
CA PHE L 426 52.29 77.81 -1.96
C PHE L 426 51.39 76.77 -1.32
N MET L 427 50.08 76.89 -1.55
CA MET L 427 49.16 76.05 -0.79
C MET L 427 49.37 74.58 -1.10
N GLU L 428 49.59 74.25 -2.36
CA GLU L 428 49.72 72.84 -2.68
C GLU L 428 50.89 72.25 -1.92
N ASP L 429 51.81 73.09 -1.49
CA ASP L 429 53.01 72.59 -0.86
C ASP L 429 52.78 72.31 0.61
N LEU L 430 51.87 73.03 1.24
CA LEU L 430 51.67 72.83 2.66
C LEU L 430 51.04 71.48 2.89
N ARG L 431 51.40 70.83 3.98
CA ARG L 431 50.84 69.55 4.34
C ARG L 431 50.17 69.68 5.69
N GLN L 432 49.26 68.77 5.96
CA GLN L 432 48.49 68.85 7.19
C GLN L 432 48.45 67.47 7.81
N TYR L 433 48.62 67.41 9.11
CA TYR L 433 48.67 66.14 9.78
C TYR L 433 48.00 66.27 11.13
N MET L 434 47.43 65.18 11.61
CA MET L 434 46.74 65.25 12.89
C MET L 434 47.70 65.34 14.05
N PHE L 435 48.59 64.36 14.19
CA PHE L 435 49.57 64.36 15.28
C PHE L 435 48.88 64.41 16.64
N SER L 436 48.27 63.28 16.99
CA SER L 436 47.66 63.13 18.30
C SER L 436 48.53 63.76 19.37
N SER L 437 47.94 64.65 20.15
CA SER L 437 48.71 65.53 21.02
C SER L 437 49.25 64.78 22.23
N LEU L 438 49.89 65.52 23.13
CA LEU L 438 50.65 64.93 24.22
C LEU L 438 50.14 65.28 25.60
N LYS L 439 49.63 66.49 25.81
CA LYS L 439 49.16 66.91 27.13
C LYS L 439 47.97 66.08 27.58
N ASN L 440 47.59 65.09 26.79
CA ASN L 440 46.65 64.06 27.21
C ASN L 440 47.45 62.89 27.71
N SER L 441 48.60 63.18 28.31
CA SER L 441 49.55 62.14 28.69
C SER L 441 49.01 61.29 29.82
N LYS L 442 47.85 60.67 29.61
CA LYS L 442 47.40 59.69 30.58
C LYS L 442 48.11 58.36 30.39
N LYS L 443 48.95 58.25 29.39
CA LYS L 443 49.77 57.06 29.21
C LYS L 443 51.26 57.36 29.33
N TYR L 444 51.66 58.62 29.39
CA TYR L 444 53.08 58.93 29.45
C TYR L 444 53.49 59.54 30.78
N ALA L 445 52.75 60.53 31.29
CA ALA L 445 52.84 60.94 32.69
C ALA L 445 54.23 61.30 33.17
N PRO L 446 54.74 62.48 32.82
CA PRO L 446 56.07 62.90 33.28
C PRO L 446 56.15 63.28 34.75
N THR L 447 56.46 62.34 35.64
CA THR L 447 56.48 62.61 37.07
C THR L 447 57.48 63.69 37.43
N GLU L 448 57.23 64.32 38.58
CA GLU L 448 58.02 65.47 39.00
C GLU L 448 59.48 65.12 39.18
N ALA L 449 59.78 63.89 39.60
CA ALA L 449 61.17 63.47 39.65
C ALA L 449 61.81 63.57 38.28
N GLN L 450 61.14 63.03 37.27
CA GLN L 450 61.60 63.20 35.91
C GLN L 450 61.63 64.66 35.52
N LEU L 451 60.61 65.41 35.94
CA LEU L 451 60.53 66.82 35.53
C LEU L 451 61.75 67.59 35.98
N ASN L 452 61.96 67.66 37.28
CA ASN L 452 63.10 68.43 37.74
C ASN L 452 64.41 67.79 37.32
N ALA L 453 64.40 66.49 37.05
CA ALA L 453 65.60 65.89 36.49
C ALA L 453 65.96 66.53 35.17
N VAL L 454 65.01 66.55 34.24
CA VAL L 454 65.26 67.14 32.94
C VAL L 454 65.58 68.62 33.09
N ASP L 455 64.99 69.27 34.09
CA ASP L 455 65.38 70.65 34.38
C ASP L 455 66.87 70.72 34.65
N ALA L 456 67.34 69.87 35.57
CA ALA L 456 68.76 69.87 35.91
C ALA L 456 69.58 69.56 34.68
N LEU L 457 69.07 68.72 33.80
CA LEU L 457 69.77 68.36 32.59
C LEU L 457 69.95 69.59 31.74
N ILE L 458 68.84 70.10 31.22
CA ILE L 458 68.93 71.12 30.20
C ILE L 458 69.56 72.38 30.73
N ASP L 459 69.49 72.63 32.03
CA ASP L 459 70.35 73.67 32.57
C ASP L 459 71.80 73.24 32.53
N SER L 460 72.08 72.03 32.99
CA SER L 460 73.45 71.60 33.22
C SER L 460 74.24 71.55 31.92
N MET L 461 73.65 71.02 30.87
CA MET L 461 74.39 70.90 29.62
C MET L 461 74.31 72.14 28.80
N SER L 462 74.08 73.29 29.41
CA SER L 462 73.81 74.49 28.65
C SER L 462 75.01 74.79 27.77
N LEU L 463 74.84 74.56 26.48
CA LEU L 463 75.93 74.77 25.54
C LEU L 463 76.35 76.23 25.50
N ALA L 464 75.49 77.11 25.95
CA ALA L 464 75.79 78.53 25.97
C ALA L 464 75.55 79.06 27.38
N LYS L 465 76.47 79.90 27.86
CA LYS L 465 76.28 80.59 29.13
C LYS L 465 76.90 81.97 29.06
N LYS L 466 76.24 82.94 29.69
CA LYS L 466 76.58 84.34 29.57
C LYS L 466 78.04 84.59 29.95
N ASP L 467 78.70 85.46 29.17
CA ASP L 467 80.07 85.85 29.43
C ASP L 467 80.19 87.36 29.31
N GLU L 468 81.19 87.90 30.00
CA GLU L 468 81.55 89.32 29.94
C GLU L 468 80.44 90.23 30.42
N LYS L 469 79.42 89.69 31.06
CA LYS L 469 78.27 90.45 31.56
C LYS L 469 77.52 91.13 30.42
N THR L 470 77.91 90.83 29.19
CA THR L 470 77.26 91.39 28.00
C THR L 470 76.26 90.42 27.40
N ASP L 471 75.94 89.34 28.10
CA ASP L 471 74.96 88.34 27.65
C ASP L 471 75.37 87.67 26.35
N THR L 472 76.64 87.76 25.98
CA THR L 472 77.18 87.02 24.84
C THR L 472 77.55 85.65 25.36
N LEU L 473 76.63 84.70 25.26
CA LEU L 473 76.75 83.46 26.00
C LEU L 473 77.95 82.64 25.50
N GLU L 474 78.24 81.57 26.21
CA GLU L 474 79.40 80.73 25.89
C GLU L 474 79.11 79.96 24.61
N ASP L 475 78.93 80.69 23.52
CA ASP L 475 78.58 80.05 22.26
C ASP L 475 79.83 79.45 21.64
N LEU L 476 80.60 78.70 22.42
CA LEU L 476 81.78 78.10 21.82
C LEU L 476 81.33 76.82 21.12
N PHE L 477 80.29 76.96 20.33
CA PHE L 477 79.87 76.01 19.34
C PHE L 477 79.03 76.76 18.32
N PRO L 478 79.62 77.75 17.66
CA PRO L 478 78.81 78.60 16.77
C PRO L 478 78.16 77.82 15.67
N THR L 479 78.81 76.77 15.19
CA THR L 479 78.36 75.99 14.05
C THR L 479 78.29 76.85 12.81
N THR L 480 78.44 78.14 12.96
CA THR L 480 78.39 79.00 11.79
C THR L 480 79.75 79.16 11.17
N LYS L 481 80.79 79.13 11.98
CA LYS L 481 82.14 79.28 11.49
C LYS L 481 82.80 77.94 11.22
N ILE L 482 82.07 76.85 11.34
CA ILE L 482 82.67 75.52 11.39
C ILE L 482 82.68 74.97 9.98
N PRO L 483 83.80 74.46 9.50
CA PRO L 483 83.84 73.99 8.11
C PRO L 483 83.02 72.73 7.95
N ASN L 484 82.47 72.56 6.75
CA ASN L 484 81.60 71.43 6.51
C ASN L 484 82.44 70.17 6.52
N PRO L 485 82.19 69.25 7.44
CA PRO L 485 83.05 68.08 7.51
C PRO L 485 83.01 67.27 6.26
N ARG L 486 81.94 67.37 5.49
CA ARG L 486 81.93 66.63 4.25
C ARG L 486 83.09 67.05 3.38
N PHE L 487 83.24 68.33 3.18
CA PHE L 487 84.29 68.77 2.29
C PHE L 487 85.64 68.46 2.90
N GLN L 488 85.76 68.56 4.22
CA GLN L 488 87.02 68.20 4.85
C GLN L 488 87.40 66.78 4.49
N ARG L 489 86.46 65.86 4.64
CA ARG L 489 86.77 64.48 4.36
C ARG L 489 87.12 64.33 2.90
N LEU L 490 86.44 65.07 2.03
CA LEU L 490 86.64 64.88 0.61
C LEU L 490 88.01 65.32 0.18
N PHE L 491 88.42 66.51 0.60
CA PHE L 491 89.76 66.94 0.26
C PHE L 491 90.81 66.06 0.90
N GLN L 492 90.58 65.61 2.14
CA GLN L 492 91.53 64.70 2.76
C GLN L 492 91.68 63.43 1.97
N CYS L 493 90.57 62.87 1.53
CA CYS L 493 90.62 61.65 0.77
C CYS L 493 91.39 61.86 -0.50
N LEU L 494 91.08 62.94 -1.21
CA LEU L 494 91.81 63.20 -2.45
C LEU L 494 93.30 63.28 -2.17
N LEU L 495 93.66 63.93 -1.06
CA LEU L 495 95.07 64.00 -0.69
C LEU L 495 95.66 62.63 -0.57
N HIS L 496 95.22 61.88 0.44
CA HIS L 496 95.89 60.64 0.75
C HIS L 496 95.92 59.74 -0.47
N ARG L 497 94.92 59.86 -1.33
CA ARG L 497 94.91 59.11 -2.57
C ARG L 497 95.89 59.67 -3.58
N ALA L 498 96.35 60.89 -3.38
CA ALA L 498 97.36 61.41 -4.30
C ALA L 498 98.77 61.16 -3.78
N LEU L 499 99.06 61.58 -2.55
CA LEU L 499 100.39 61.44 -1.98
C LEU L 499 100.85 60.01 -1.95
N HIS L 500 99.93 59.08 -2.01
CA HIS L 500 100.24 57.68 -2.13
C HIS L 500 99.64 57.14 -3.41
N PRO L 501 100.23 56.15 -3.97
CA PRO L 501 99.51 55.32 -4.91
C PRO L 501 98.57 54.45 -4.12
N ARG L 502 98.02 53.41 -4.74
CA ARG L 502 97.00 52.60 -4.09
C ARG L 502 97.42 52.19 -2.68
N GLU L 503 96.71 52.70 -1.69
CA GLU L 503 96.74 52.33 -0.29
C GLU L 503 95.30 52.44 0.22
N PRO L 504 94.93 51.66 1.22
CA PRO L 504 93.58 51.78 1.77
C PRO L 504 93.38 53.12 2.45
N LEU L 505 92.13 53.56 2.47
CA LEU L 505 91.78 54.90 2.93
C LEU L 505 91.98 55.03 4.43
N PRO L 506 92.13 56.24 4.94
CA PRO L 506 92.37 56.42 6.36
C PRO L 506 91.07 56.59 7.10
N PRO L 507 91.11 56.66 8.41
CA PRO L 507 89.91 57.05 9.17
C PRO L 507 89.81 58.56 9.20
N ILE L 508 88.80 59.06 9.89
CA ILE L 508 88.64 60.49 10.03
C ILE L 508 89.77 61.04 10.88
N GLN L 509 90.42 62.11 10.42
CA GLN L 509 91.43 62.74 11.25
C GLN L 509 90.82 63.23 12.55
N GLN L 510 91.51 62.93 13.65
CA GLN L 510 90.91 63.15 14.96
C GLN L 510 90.59 64.60 15.18
N HIS L 511 91.24 65.51 14.47
CA HIS L 511 90.91 66.90 14.70
C HIS L 511 89.56 67.24 14.12
N ILE L 512 89.16 66.59 13.02
CA ILE L 512 87.80 66.76 12.53
C ILE L 512 86.80 66.30 13.57
N TRP L 513 87.00 65.13 14.14
CA TRP L 513 86.06 64.64 15.14
C TRP L 513 86.02 65.55 16.34
N ASN L 514 87.19 65.98 16.78
CA ASN L 514 87.23 66.97 17.84
C ASN L 514 86.48 68.22 17.44
N MET L 515 86.56 68.56 16.16
CA MET L 515 85.87 69.73 15.66
C MET L 515 84.37 69.57 15.78
N LEU L 516 83.86 68.42 15.38
CA LEU L 516 82.42 68.22 15.30
C LEU L 516 81.83 68.00 16.68
N ASN L 517 82.55 67.32 17.55
CA ASN L 517 82.05 67.07 18.89
C ASN L 517 81.97 68.38 19.65
N PRO L 518 81.17 68.45 20.70
CA PRO L 518 81.07 69.68 21.46
C PRO L 518 82.37 69.94 22.20
N PRO L 519 82.67 71.18 22.53
CA PRO L 519 83.86 71.44 23.34
C PRO L 519 83.78 70.67 24.65
N ALA L 520 84.92 70.16 25.10
CA ALA L 520 84.90 69.10 26.11
C ALA L 520 84.07 69.49 27.31
N GLU L 521 84.14 70.77 27.69
CA GLU L 521 83.61 71.19 28.98
C GLU L 521 82.16 70.78 29.14
N VAL L 522 81.38 70.80 28.06
CA VAL L 522 80.01 70.32 28.12
C VAL L 522 79.99 68.84 28.47
N THR L 523 80.85 68.06 27.82
CA THR L 523 80.89 66.63 28.11
C THR L 523 81.27 66.40 29.56
N THR L 524 82.20 67.20 30.07
CA THR L 524 82.53 67.13 31.48
C THR L 524 81.32 67.41 32.34
N LYS L 525 80.56 68.43 31.99
CA LYS L 525 79.39 68.74 32.81
C LYS L 525 78.31 67.69 32.68
N SER L 526 78.36 66.85 31.67
CA SER L 526 77.21 66.04 31.31
C SER L 526 77.04 64.77 32.13
N GLN L 527 78.11 64.20 32.70
CA GLN L 527 77.99 62.83 33.20
C GLN L 527 76.98 62.71 34.33
N ILE L 528 77.11 63.56 35.35
CA ILE L 528 76.22 63.46 36.51
C ILE L 528 74.75 63.62 36.14
N PRO L 529 74.35 64.62 35.36
CA PRO L 529 72.92 64.74 35.06
C PRO L 529 72.38 63.56 34.29
N LEU L 530 73.07 63.15 33.22
CA LEU L 530 72.65 61.94 32.53
C LEU L 530 72.68 60.75 33.47
N SER L 531 73.66 60.73 34.37
CA SER L 531 73.72 59.65 35.32
C SER L 531 72.42 59.54 36.09
N LYS L 532 71.91 60.67 36.57
CA LYS L 532 70.63 60.60 37.25
C LYS L 532 69.50 60.27 36.29
N ILE L 533 69.64 60.61 35.02
CA ILE L 533 68.61 60.22 34.06
C ILE L 533 68.46 58.72 34.00
N LYS L 534 69.58 58.01 33.93
CA LYS L 534 69.48 56.58 33.62
C LYS L 534 68.63 55.81 34.62
N THR L 535 68.42 56.33 35.82
CA THR L 535 67.64 55.63 36.81
C THR L 535 66.21 56.15 36.89
N LEU L 536 65.81 57.04 35.99
CA LEU L 536 64.54 57.72 36.13
C LEU L 536 63.59 57.55 34.95
N PHE L 537 63.85 56.59 34.07
CA PHE L 537 63.00 56.40 32.90
C PHE L 537 63.05 54.95 32.48
N PRO L 538 62.05 54.48 31.75
CA PRO L 538 62.13 53.17 31.11
C PRO L 538 62.76 53.25 29.73
N LEU L 539 63.54 52.23 29.40
CA LEU L 539 64.37 52.26 28.21
C LEU L 539 64.36 50.91 27.51
N ILE L 540 63.17 50.39 27.23
CA ILE L 540 63.07 49.09 26.56
C ILE L 540 63.89 49.08 25.25
N GLU L 541 64.25 47.88 24.82
CA GLU L 541 65.29 47.64 23.81
C GLU L 541 64.92 48.21 22.44
N ALA L 542 65.87 48.07 21.52
CA ALA L 542 65.72 48.42 20.11
C ALA L 542 66.62 47.50 19.29
N LYS L 543 66.69 47.74 17.97
CA LYS L 543 67.37 46.86 17.03
C LYS L 543 68.64 47.52 16.49
N LYS L 544 69.30 46.82 15.57
CA LYS L 544 70.56 47.28 14.99
C LYS L 544 70.80 46.57 13.66
N LYS L 545 71.82 47.02 12.93
CA LYS L 545 72.16 46.43 11.63
C LYS L 545 73.64 46.07 11.52
N ASP L 546 74.07 45.70 10.32
CA ASP L 546 75.39 45.14 10.07
C ASP L 546 76.06 45.85 8.89
N GLN L 547 77.09 45.24 8.32
CA GLN L 547 77.94 45.90 7.34
C GLN L 547 78.72 44.80 6.61
N VAL L 548 79.85 45.16 5.99
CA VAL L 548 80.79 44.15 5.50
C VAL L 548 81.42 43.40 6.66
N THR L 549 81.59 44.05 7.80
CA THR L 549 82.05 43.36 8.99
C THR L 549 81.16 42.18 9.33
N ALA L 550 79.98 42.10 8.74
CA ALA L 550 79.16 40.91 8.91
C ALA L 550 79.88 39.68 8.42
N GLN L 551 80.80 39.84 7.47
CA GLN L 551 81.58 38.69 7.07
C GLN L 551 83.01 39.08 6.77
N GLU L 552 83.51 40.11 7.43
CA GLU L 552 84.87 40.56 7.22
C GLU L 552 85.74 40.03 8.35
N ILE L 553 86.91 39.50 8.00
CA ILE L 553 87.79 38.93 9.01
C ILE L 553 88.32 40.04 9.92
N PHE L 554 88.88 39.63 11.06
CA PHE L 554 89.41 40.54 12.07
C PHE L 554 88.37 41.53 12.55
N VAL L 725 57.76 -17.91 69.13
CA VAL L 725 57.78 -17.42 67.76
C VAL L 725 58.27 -18.51 66.83
N ASP L 726 59.04 -19.46 67.38
CA ASP L 726 59.56 -20.55 66.56
C ASP L 726 58.45 -21.46 66.05
N ASP L 727 57.25 -21.38 66.64
CA ASP L 727 56.16 -22.24 66.23
C ASP L 727 55.77 -22.00 64.78
N LEU L 728 55.75 -20.72 64.37
CA LEU L 728 55.37 -20.40 62.99
C LEU L 728 56.32 -21.03 62.00
N LEU L 729 57.63 -20.99 62.29
CA LEU L 729 58.59 -21.65 61.42
C LEU L 729 58.48 -23.17 61.50
N ASP L 730 58.21 -23.70 62.69
CA ASP L 730 58.13 -25.14 62.88
C ASP L 730 56.94 -25.74 62.14
N MET L 731 55.76 -25.18 62.33
CA MET L 731 54.56 -25.73 61.74
C MET L 731 54.38 -25.26 60.29
N ALA M 6 38.64 13.04 -19.42
CA ALA M 6 39.62 14.00 -18.93
C ALA M 6 39.11 15.43 -19.11
N GLY M 7 38.98 16.14 -18.00
CA GLY M 7 38.46 17.50 -18.03
C GLY M 7 39.45 18.55 -18.41
N VAL M 8 40.70 18.16 -18.67
CA VAL M 8 41.71 19.13 -19.04
C VAL M 8 41.31 19.90 -20.27
N ARG M 9 40.69 19.24 -21.24
CA ARG M 9 40.37 19.95 -22.46
C ARG M 9 39.33 21.03 -22.22
N CYS M 10 38.28 20.72 -21.49
CA CYS M 10 37.26 21.73 -21.25
C CYS M 10 37.84 22.88 -20.45
N SER M 11 38.61 22.55 -19.42
CA SER M 11 39.18 23.60 -18.60
C SER M 11 40.05 24.51 -19.43
N LEU M 12 40.91 23.93 -20.24
CA LEU M 12 41.76 24.76 -21.06
C LEU M 12 40.93 25.61 -21.98
N LEU M 13 39.95 25.01 -22.65
CA LEU M 13 39.12 25.77 -23.56
C LEU M 13 38.59 27.01 -22.88
N ARG M 14 38.11 26.83 -21.66
CA ARG M 14 37.60 27.97 -20.92
C ARG M 14 38.69 28.96 -20.60
N LEU M 15 39.90 28.49 -20.40
CA LEU M 15 40.97 29.43 -20.11
C LEU M 15 41.15 30.43 -21.23
N GLN M 16 41.22 29.99 -22.48
CA GLN M 16 41.35 30.98 -23.53
C GLN M 16 40.09 31.80 -23.67
N GLU M 17 38.96 31.30 -23.23
CA GLU M 17 37.82 32.19 -23.19
C GLU M 17 38.08 33.33 -22.24
N THR M 18 38.71 33.04 -21.10
CA THR M 18 38.87 34.06 -20.07
C THR M 18 39.64 35.25 -20.56
N LEU M 19 40.35 35.10 -21.66
CA LEU M 19 41.11 36.23 -22.18
C LEU M 19 40.21 37.36 -22.59
N SER M 20 39.09 37.05 -23.21
CA SER M 20 38.26 38.09 -23.82
C SER M 20 37.09 38.53 -22.95
N ALA M 21 36.96 38.02 -21.75
CA ALA M 21 35.88 38.46 -20.87
C ALA M 21 36.02 39.94 -20.59
N ALA M 22 35.00 40.55 -20.01
CA ALA M 22 35.05 42.00 -19.82
C ALA M 22 35.85 42.36 -18.57
N ASP M 23 35.31 42.03 -17.40
CA ASP M 23 35.89 42.51 -16.15
C ASP M 23 37.23 41.82 -15.96
N ARG M 24 38.22 42.33 -16.67
CA ARG M 24 39.51 41.65 -16.69
C ARG M 24 40.03 41.47 -15.27
N CYS M 25 39.92 42.50 -14.44
CA CYS M 25 40.35 42.36 -13.07
C CYS M 25 39.52 41.33 -12.35
N GLY M 26 38.38 40.96 -12.91
CA GLY M 26 37.56 39.93 -12.33
C GLY M 26 37.77 38.61 -13.03
N ALA M 27 37.96 38.67 -14.34
CA ALA M 27 38.25 37.44 -15.05
C ALA M 27 39.53 36.82 -14.55
N ALA M 28 40.38 37.63 -13.96
CA ALA M 28 41.66 37.14 -13.50
C ALA M 28 41.49 36.03 -12.49
N LEU M 29 40.68 36.25 -11.47
CA LEU M 29 40.59 35.26 -10.40
C LEU M 29 40.04 33.96 -10.94
N ALA M 30 39.03 34.06 -11.79
CA ALA M 30 38.47 32.86 -12.38
C ALA M 30 39.52 32.12 -13.15
N GLY M 31 40.27 32.84 -13.96
CA GLY M 31 41.31 32.18 -14.70
C GLY M 31 42.34 31.53 -13.79
N HIS M 32 42.71 32.23 -12.74
CA HIS M 32 43.83 31.74 -11.94
C HIS M 32 43.48 30.44 -11.28
N GLN M 33 42.35 30.39 -10.60
CA GLN M 33 42.14 29.10 -10.01
C GLN M 33 41.63 28.08 -11.00
N LEU M 34 41.23 28.49 -12.19
CA LEU M 34 41.04 27.49 -13.22
C LEU M 34 42.36 26.84 -13.58
N ILE M 35 43.41 27.64 -13.73
CA ILE M 35 44.68 27.04 -14.13
C ILE M 35 45.25 26.25 -12.99
N ARG M 36 44.96 26.64 -11.77
CA ARG M 36 45.39 25.80 -10.67
C ARG M 36 44.70 24.47 -10.71
N GLY M 37 43.42 24.48 -11.03
CA GLY M 37 42.72 23.21 -11.20
C GLY M 37 43.35 22.37 -12.28
N LEU M 38 43.73 22.99 -13.38
CA LEU M 38 44.37 22.26 -14.45
C LEU M 38 45.63 21.59 -13.93
N GLY M 39 46.45 22.34 -13.23
CA GLY M 39 47.67 21.75 -12.72
C GLY M 39 47.37 20.57 -11.83
N GLN M 40 46.46 20.75 -10.89
CA GLN M 40 46.20 19.69 -9.95
C GLN M 40 45.71 18.45 -10.68
N GLU M 41 44.97 18.65 -11.77
CA GLU M 41 44.43 17.49 -12.47
C GLU M 41 45.52 16.75 -13.21
N CYS M 42 46.37 17.47 -13.91
CA CYS M 42 47.29 16.80 -14.83
C CYS M 42 48.68 16.67 -14.28
N VAL M 43 48.91 16.96 -13.01
CA VAL M 43 50.13 16.50 -12.38
C VAL M 43 49.86 15.21 -11.66
N LEU M 44 48.66 15.00 -11.17
CA LEU M 44 48.35 13.77 -10.51
C LEU M 44 48.39 12.60 -11.46
N SER M 45 48.10 12.83 -12.74
CA SER M 45 47.77 11.74 -13.65
C SER M 45 48.83 10.67 -13.64
N SER M 46 48.41 9.44 -13.87
CA SER M 46 49.31 8.32 -13.72
C SER M 46 49.30 7.39 -14.92
N SER M 47 48.20 7.29 -15.62
CA SER M 47 48.13 6.35 -16.72
C SER M 47 48.99 6.83 -17.88
N PRO M 48 49.98 6.06 -18.31
CA PRO M 48 50.90 6.57 -19.33
C PRO M 48 50.24 6.84 -20.63
N ALA M 49 48.97 6.48 -20.76
CA ALA M 49 48.25 6.95 -21.92
C ALA M 49 47.74 8.34 -21.67
N VAL M 50 46.83 8.49 -20.71
CA VAL M 50 46.15 9.76 -20.57
C VAL M 50 47.16 10.85 -20.32
N LEU M 51 48.32 10.49 -19.80
CA LEU M 51 49.34 11.49 -19.54
C LEU M 51 49.78 12.15 -20.82
N ALA M 52 49.90 11.38 -21.88
CA ALA M 52 50.29 11.98 -23.14
C ALA M 52 49.23 12.95 -23.61
N LEU M 53 47.96 12.60 -23.41
CA LEU M 53 46.91 13.50 -23.86
C LEU M 53 46.98 14.79 -23.08
N GLN M 54 47.20 14.68 -21.79
CA GLN M 54 47.39 15.89 -21.00
C GLN M 54 48.52 16.70 -21.59
N THR M 55 49.67 16.09 -21.79
CA THR M 55 50.81 16.87 -22.23
C THR M 55 50.49 17.58 -23.52
N SER M 56 49.89 16.89 -24.46
CA SER M 56 49.73 17.53 -25.74
C SER M 56 48.63 18.56 -25.69
N LEU M 57 47.77 18.50 -24.69
CA LEU M 57 46.82 19.58 -24.55
C LEU M 57 47.44 20.78 -23.84
N VAL M 58 48.36 20.53 -22.91
CA VAL M 58 48.93 21.62 -22.14
C VAL M 58 49.80 22.47 -23.05
N PHE M 59 50.69 21.84 -23.77
CA PHE M 59 51.52 22.55 -24.73
C PHE M 59 50.83 22.66 -26.06
N SER M 60 49.52 22.62 -26.09
CA SER M 60 48.82 22.65 -27.36
C SER M 60 49.13 23.95 -28.08
N ARG M 61 48.62 24.07 -29.29
CA ARG M 61 48.91 25.24 -30.10
C ARG M 61 47.69 26.14 -30.26
N ASP M 62 46.63 25.63 -30.87
CA ASP M 62 45.46 26.47 -31.09
C ASP M 62 44.98 27.03 -29.78
N PHE M 63 45.23 26.32 -28.71
CA PHE M 63 45.07 26.83 -27.38
C PHE M 63 46.17 26.19 -26.56
N GLY M 64 46.10 26.33 -25.25
CA GLY M 64 47.09 25.71 -24.39
C GLY M 64 47.91 26.74 -23.65
N LEU M 65 48.58 26.24 -22.63
CA LEU M 65 49.10 27.11 -21.61
C LEU M 65 50.12 28.07 -22.18
N LEU M 66 50.91 27.61 -23.12
CA LEU M 66 51.94 28.46 -23.64
C LEU M 66 51.35 29.56 -24.50
N VAL M 67 50.33 29.24 -25.28
CA VAL M 67 49.72 30.30 -26.07
C VAL M 67 49.01 31.25 -25.14
N PHE M 68 48.44 30.73 -24.08
CA PHE M 68 47.79 31.61 -23.12
C PHE M 68 48.78 32.59 -22.54
N VAL M 69 49.96 32.12 -22.18
CA VAL M 69 50.96 33.06 -21.70
C VAL M 69 51.29 34.06 -22.77
N ARG M 70 51.75 33.57 -23.92
CA ARG M 70 52.28 34.48 -24.91
C ARG M 70 51.25 35.47 -25.40
N LYS M 71 49.99 35.22 -25.15
CA LYS M 71 48.96 36.15 -25.57
C LYS M 71 48.32 36.89 -24.42
N SER M 72 48.55 36.47 -23.19
CA SER M 72 48.00 37.21 -22.06
C SER M 72 49.08 38.04 -21.43
N LEU M 73 50.08 38.33 -22.22
CA LEU M 73 51.29 38.94 -21.73
C LEU M 73 51.27 40.45 -21.86
N ASN M 74 50.43 41.01 -22.72
CA ASN M 74 50.30 42.45 -22.76
C ASN M 74 49.61 42.97 -21.52
N SER M 75 48.59 42.30 -21.03
CA SER M 75 47.81 42.81 -19.92
C SER M 75 48.63 42.73 -18.65
N ILE M 76 48.27 43.56 -17.68
CA ILE M 76 48.85 43.43 -16.34
C ILE M 76 47.88 42.76 -15.39
N GLU M 77 46.65 42.55 -15.80
CA GLU M 77 45.70 42.01 -14.86
C GLU M 77 45.92 40.54 -14.58
N PHE M 78 46.85 39.89 -15.27
CA PHE M 78 47.01 38.46 -15.16
C PHE M 78 48.33 38.06 -14.54
N ARG M 79 48.85 38.87 -13.63
CA ARG M 79 50.13 38.54 -13.04
C ARG M 79 50.04 37.23 -12.31
N GLU M 80 49.01 37.05 -11.51
CA GLU M 80 48.91 35.83 -10.75
C GLU M 80 48.74 34.64 -11.66
N CYS M 81 48.02 34.83 -12.75
CA CYS M 81 47.79 33.71 -13.65
C CYS M 81 49.07 33.29 -14.32
N ARG M 82 49.86 34.25 -14.77
CA ARG M 82 51.15 33.92 -15.35
C ARG M 82 52.01 33.18 -14.35
N GLU M 83 52.01 33.67 -13.12
CA GLU M 83 52.83 33.04 -12.11
C GLU M 83 52.47 31.58 -11.99
N GLU M 84 51.19 31.30 -11.86
CA GLU M 84 50.84 29.92 -11.58
C GLU M 84 51.08 29.06 -12.80
N ILE M 85 50.89 29.62 -13.98
CA ILE M 85 51.07 28.81 -15.17
C ILE M 85 52.53 28.46 -15.37
N LEU M 86 53.44 29.39 -15.09
CA LEU M 86 54.83 29.02 -15.21
C LEU M 86 55.27 28.10 -14.09
N LYS M 87 54.71 28.24 -12.91
CA LYS M 87 55.04 27.27 -11.89
C LYS M 87 54.58 25.88 -12.29
N PHE M 88 53.41 25.79 -12.89
CA PHE M 88 52.92 24.47 -13.26
C PHE M 88 53.74 23.88 -14.37
N LEU M 89 54.24 24.71 -15.25
CA LEU M 89 55.23 24.23 -16.18
C LEU M 89 56.43 23.67 -15.46
N CYS M 90 56.88 24.36 -14.42
CA CYS M 90 58.06 23.87 -13.73
C CYS M 90 57.82 22.48 -13.18
N ILE M 91 56.67 22.26 -12.57
CA ILE M 91 56.42 20.95 -12.01
C ILE M 91 56.29 19.93 -13.10
N PHE M 92 55.53 20.23 -14.13
CA PHE M 92 55.36 19.32 -15.24
C PHE M 92 56.69 18.88 -15.78
N LEU M 93 57.61 19.82 -15.94
CA LEU M 93 58.88 19.47 -16.56
C LEU M 93 59.57 18.40 -15.77
N GLU M 94 59.40 18.42 -14.47
CA GLU M 94 59.94 17.34 -13.69
C GLU M 94 59.13 16.07 -13.89
N LYS M 95 57.82 16.20 -13.85
CA LYS M 95 56.97 15.01 -13.82
C LYS M 95 57.15 14.19 -15.07
N MET M 96 57.29 14.84 -16.21
CA MET M 96 57.65 14.15 -17.44
C MET M 96 58.98 14.60 -18.00
N GLY M 97 60.00 14.50 -17.19
CA GLY M 97 61.35 14.68 -17.67
C GLY M 97 61.58 14.15 -19.07
N GLN M 98 62.07 15.02 -19.92
CA GLN M 98 62.71 14.70 -21.17
C GLN M 98 61.71 14.24 -22.20
N LYS M 99 60.50 13.94 -21.75
CA LYS M 99 59.47 13.61 -22.73
C LYS M 99 59.04 14.85 -23.48
N ILE M 100 59.09 16.00 -22.83
CA ILE M 100 58.58 17.24 -23.40
C ILE M 100 59.42 17.65 -24.57
N ALA M 101 60.38 16.82 -24.91
CA ALA M 101 61.41 17.08 -25.92
C ALA M 101 60.90 17.79 -27.16
N PRO M 102 59.75 17.46 -27.70
CA PRO M 102 59.29 18.20 -28.87
C PRO M 102 58.84 19.61 -28.55
N TYR M 103 58.66 19.96 -27.29
CA TYR M 103 58.15 21.27 -26.96
C TYR M 103 59.17 22.13 -26.23
N SER M 104 60.40 21.67 -26.10
CA SER M 104 61.38 22.41 -25.35
C SER M 104 61.65 23.77 -25.97
N VAL M 105 61.71 23.83 -27.30
CA VAL M 105 62.04 25.09 -27.95
C VAL M 105 60.96 26.11 -27.66
N GLU M 106 59.71 25.69 -27.74
CA GLU M 106 58.64 26.62 -27.47
C GLU M 106 58.63 27.04 -26.02
N ILE M 107 58.96 26.14 -25.11
CA ILE M 107 59.01 26.54 -23.71
C ILE M 107 60.10 27.56 -23.50
N LYS M 108 61.23 27.39 -24.15
CA LYS M 108 62.30 28.37 -23.98
C LYS M 108 61.88 29.71 -24.52
N ASN M 109 61.23 29.73 -25.67
CA ASN M 109 60.74 31.00 -26.16
C ASN M 109 59.72 31.62 -25.22
N THR M 110 58.86 30.82 -24.63
CA THR M 110 57.96 31.37 -23.64
C THR M 110 58.70 31.96 -22.46
N CYS M 111 59.71 31.26 -21.97
CA CYS M 111 60.43 31.76 -20.81
C CYS M 111 61.11 33.07 -21.12
N THR M 112 61.84 33.13 -22.22
CA THR M 112 62.54 34.36 -22.52
C THR M 112 61.56 35.47 -22.79
N SER M 113 60.44 35.16 -23.43
CA SER M 113 59.45 36.18 -23.68
C SER M 113 58.95 36.75 -22.38
N VAL M 114 58.61 35.88 -21.44
CA VAL M 114 58.06 36.39 -20.20
C VAL M 114 59.09 37.21 -19.48
N TYR M 115 60.34 36.78 -19.50
CA TYR M 115 61.32 37.55 -18.77
C TYR M 115 61.48 38.92 -19.35
N THR M 116 61.44 39.03 -20.67
CA THR M 116 61.58 40.34 -21.26
C THR M 116 60.38 41.21 -20.95
N LYS M 117 59.19 40.64 -20.97
CA LYS M 117 58.02 41.49 -20.99
C LYS M 117 57.67 42.02 -19.61
N ASP M 118 57.40 41.13 -18.68
CA ASP M 118 56.71 41.50 -17.46
C ASP M 118 57.59 42.39 -16.61
N ARG M 119 56.97 43.00 -15.61
CA ARG M 119 57.68 43.91 -14.75
C ARG M 119 57.90 43.31 -13.39
N ALA M 120 56.83 42.91 -12.73
CA ALA M 120 56.92 42.51 -11.34
C ALA M 120 57.78 41.26 -11.22
N ALA M 121 58.64 41.25 -10.21
CA ALA M 121 59.52 40.11 -10.06
C ALA M 121 58.74 38.83 -9.88
N LYS M 122 57.52 38.93 -9.38
CA LYS M 122 56.80 37.73 -9.03
C LYS M 122 56.60 36.85 -10.21
N CYS M 123 56.66 37.39 -11.40
CA CYS M 123 56.61 36.57 -12.59
C CYS M 123 57.98 36.34 -13.18
N LYS M 124 58.95 37.16 -12.84
CA LYS M 124 60.27 36.92 -13.41
C LYS M 124 60.94 35.75 -12.73
N ILE M 125 60.91 35.71 -11.41
CA ILE M 125 61.53 34.64 -10.66
C ILE M 125 61.14 33.29 -11.25
N PRO M 126 59.86 32.94 -11.33
CA PRO M 126 59.55 31.63 -11.89
C PRO M 126 59.96 31.53 -13.31
N ALA M 127 59.93 32.63 -14.03
CA ALA M 127 60.30 32.55 -15.43
C ALA M 127 61.72 32.07 -15.57
N LEU M 128 62.63 32.70 -14.85
CA LEU M 128 64.00 32.25 -14.90
C LEU M 128 64.13 30.85 -14.33
N ASP M 129 63.32 30.52 -13.35
CA ASP M 129 63.42 29.19 -12.76
C ASP M 129 63.14 28.14 -13.80
N LEU M 130 62.16 28.39 -14.64
CA LEU M 130 61.82 27.39 -15.63
C LEU M 130 62.95 27.22 -16.61
N LEU M 131 63.62 28.30 -17.00
CA LEU M 131 64.77 28.12 -17.87
C LEU M 131 65.85 27.33 -17.17
N ILE M 132 66.03 27.56 -15.88
CA ILE M 132 67.02 26.81 -15.15
C ILE M 132 66.70 25.33 -15.20
N LYS M 133 65.46 24.97 -14.88
CA LYS M 133 65.07 23.58 -14.93
C LYS M 133 65.21 23.02 -16.32
N LEU M 134 64.75 23.76 -17.32
CA LEU M 134 64.75 23.25 -18.67
C LEU M 134 66.16 23.01 -19.14
N LEU M 135 67.06 23.91 -18.84
CA LEU M 135 68.43 23.67 -19.23
C LEU M 135 68.99 22.50 -18.47
N GLN M 136 68.74 22.44 -17.18
CA GLN M 136 69.37 21.42 -16.37
C GLN M 136 68.89 20.04 -16.72
N THR M 137 67.74 19.90 -17.33
CA THR M 137 67.25 18.58 -17.66
C THR M 137 67.53 18.17 -19.08
N PHE M 138 67.70 19.12 -19.97
CA PHE M 138 67.95 18.77 -21.37
C PHE M 138 69.41 18.97 -21.75
N ARG M 139 70.34 18.60 -20.88
CA ARG M 139 71.74 18.80 -21.19
C ARG M 139 72.17 17.97 -22.39
N SER M 140 72.05 16.67 -22.28
CA SER M 140 72.74 15.81 -23.23
C SER M 140 72.19 15.99 -24.64
N SER M 141 70.88 15.94 -24.79
CA SER M 141 70.28 15.77 -26.10
C SER M 141 70.72 16.88 -27.04
N ARG M 142 70.68 16.55 -28.33
CA ARG M 142 71.04 17.52 -29.35
C ARG M 142 70.14 18.74 -29.29
N LEU M 143 68.97 18.61 -28.67
CA LEU M 143 68.10 19.75 -28.44
C LEU M 143 68.87 20.96 -27.98
N MET M 144 70.01 20.72 -27.31
CA MET M 144 70.75 21.81 -26.71
C MET M 144 71.20 22.81 -27.76
N ASP M 145 71.48 22.35 -28.96
CA ASP M 145 72.02 23.27 -29.95
C ASP M 145 70.97 24.23 -30.43
N GLU M 146 69.70 23.88 -30.31
CA GLU M 146 68.68 24.70 -30.92
C GLU M 146 67.98 25.60 -29.93
N PHE M 147 68.55 25.76 -28.75
CA PHE M 147 68.10 26.82 -27.89
C PHE M 147 68.80 28.12 -28.21
N LYS M 148 69.70 28.11 -29.18
CA LYS M 148 70.48 29.27 -29.54
C LYS M 148 71.11 29.89 -28.31
N ILE M 149 71.82 29.05 -27.55
CA ILE M 149 72.26 29.43 -26.23
C ILE M 149 73.14 30.67 -26.28
N GLY M 150 73.82 30.89 -27.40
CA GLY M 150 74.64 32.07 -27.49
C GLY M 150 73.81 33.32 -27.42
N GLU M 151 72.67 33.32 -28.11
CA GLU M 151 71.81 34.49 -28.04
C GLU M 151 71.31 34.69 -26.63
N LEU M 152 71.06 33.59 -25.93
CA LEU M 152 70.60 33.71 -24.55
C LEU M 152 71.66 34.37 -23.70
N PHE M 153 72.91 33.98 -23.88
CA PHE M 153 73.96 34.62 -23.12
C PHE M 153 74.04 36.09 -23.46
N SER M 154 73.89 36.42 -24.73
CA SER M 154 73.89 37.83 -25.11
C SER M 154 72.81 38.57 -24.36
N LYS M 155 71.58 38.05 -24.40
CA LYS M 155 70.46 38.79 -23.84
C LYS M 155 70.64 39.00 -22.36
N PHE M 156 71.03 37.96 -21.65
CA PHE M 156 71.08 38.16 -20.22
C PHE M 156 72.33 38.89 -19.78
N TYR M 157 73.43 38.74 -20.50
CA TYR M 157 74.57 39.56 -20.16
C TYR M 157 74.20 41.00 -20.31
N GLY M 158 73.45 41.33 -21.36
CA GLY M 158 72.95 42.69 -21.46
C GLY M 158 72.10 43.05 -20.27
N GLU M 159 71.27 42.11 -19.83
CA GLU M 159 70.42 42.41 -18.68
C GLU M 159 71.26 42.76 -17.48
N LEU M 160 72.47 42.24 -17.41
CA LEU M 160 73.30 42.50 -16.26
C LEU M 160 73.75 43.94 -16.15
N ALA M 161 73.51 44.75 -17.16
CA ALA M 161 74.06 46.09 -17.17
C ALA M 161 73.02 47.20 -17.23
N LEU M 162 71.73 46.90 -17.04
CA LEU M 162 70.69 47.91 -17.12
C LEU M 162 70.60 48.69 -15.81
N LYS M 163 71.67 49.42 -15.52
CA LYS M 163 71.74 50.30 -14.36
C LYS M 163 71.38 49.60 -13.05
N LYS M 164 71.50 48.28 -13.01
CA LYS M 164 71.30 47.48 -11.80
C LYS M 164 69.97 47.72 -11.13
N LYS M 165 69.00 48.26 -11.86
CA LYS M 165 67.67 48.39 -11.30
C LYS M 165 67.11 47.04 -10.91
N ILE M 166 67.65 45.97 -11.48
CA ILE M 166 67.02 44.66 -11.43
C ILE M 166 66.88 44.23 -9.98
N PRO M 167 65.75 43.75 -9.56
CA PRO M 167 65.56 43.44 -8.14
C PRO M 167 66.47 42.34 -7.65
N ASP M 168 66.39 42.05 -6.36
CA ASP M 168 67.42 41.23 -5.74
C ASP M 168 67.28 39.77 -6.13
N THR M 169 66.15 39.16 -5.84
CA THR M 169 66.02 37.75 -6.14
C THR M 169 66.06 37.50 -7.63
N VAL M 170 65.51 38.39 -8.42
CA VAL M 170 65.61 38.14 -9.83
C VAL M 170 67.06 38.21 -10.25
N LEU M 171 67.86 39.03 -9.59
CA LEU M 171 69.26 39.05 -9.92
C LEU M 171 69.94 37.75 -9.53
N GLU M 172 69.55 37.17 -8.39
CA GLU M 172 70.22 35.93 -8.01
C GLU M 172 69.92 34.86 -9.03
N LYS M 173 68.70 34.81 -9.52
CA LYS M 173 68.43 33.83 -10.55
C LYS M 173 69.12 34.19 -11.85
N VAL M 174 69.29 35.47 -12.13
CA VAL M 174 70.01 35.80 -13.35
C VAL M 174 71.41 35.26 -13.28
N TYR M 175 72.04 35.40 -12.13
CA TYR M 175 73.38 34.85 -12.01
C TYR M 175 73.34 33.35 -12.12
N GLU M 176 72.35 32.71 -11.51
CA GLU M 176 72.20 31.27 -11.68
C GLU M 176 72.25 30.88 -13.14
N LEU M 177 71.48 31.57 -13.95
CA LEU M 177 71.37 31.13 -15.34
C LEU M 177 72.63 31.44 -16.09
N LEU M 178 73.20 32.63 -15.90
CA LEU M 178 74.48 32.88 -16.54
C LEU M 178 75.46 31.78 -16.20
N GLY M 179 75.40 31.30 -14.97
CA GLY M 179 76.26 30.20 -14.63
C GLY M 179 75.91 28.95 -15.41
N LEU M 180 74.81 28.32 -15.04
CA LEU M 180 74.46 27.04 -15.60
C LEU M 180 74.46 27.06 -17.11
N LEU M 181 74.43 28.24 -17.71
CA LEU M 181 74.50 28.33 -19.15
C LEU M 181 75.84 27.83 -19.64
N GLY M 182 76.91 28.17 -18.95
CA GLY M 182 78.19 27.63 -19.34
C GLY M 182 78.21 26.13 -19.24
N GLU M 183 77.68 25.60 -18.15
CA GLU M 183 77.77 24.17 -17.92
C GLU M 183 77.04 23.39 -19.00
N VAL M 184 75.83 23.82 -19.36
CA VAL M 184 75.02 22.97 -20.22
C VAL M 184 75.66 22.80 -21.58
N HIS M 185 76.32 23.81 -22.07
CA HIS M 185 76.82 23.81 -23.44
C HIS M 185 78.09 24.63 -23.51
N PRO M 186 79.21 24.06 -23.07
CA PRO M 186 80.44 24.85 -22.99
C PRO M 186 80.88 25.37 -24.32
N SER M 187 80.56 24.69 -25.41
CA SER M 187 81.18 25.01 -26.68
C SER M 187 80.84 26.42 -27.12
N GLU M 188 79.60 26.83 -26.94
CA GLU M 188 79.24 28.17 -27.39
C GLU M 188 79.81 29.25 -26.50
N MET M 189 80.18 28.94 -25.27
CA MET M 189 80.71 29.93 -24.34
C MET M 189 82.20 30.17 -24.51
N ILE M 190 82.84 29.53 -25.48
CA ILE M 190 84.29 29.48 -25.47
C ILE M 190 84.87 30.88 -25.55
N ASN M 191 84.26 31.75 -26.33
CA ASN M 191 84.81 33.08 -26.45
C ASN M 191 84.18 34.08 -25.49
N ASN M 192 83.21 33.67 -24.68
CA ASN M 192 82.58 34.58 -23.75
C ASN M 192 82.90 34.32 -22.31
N ALA M 193 83.52 33.19 -21.98
CA ALA M 193 83.64 32.82 -20.58
C ALA M 193 84.42 33.86 -19.79
N GLU M 194 85.57 34.28 -20.29
CA GLU M 194 86.44 35.13 -19.50
C GLU M 194 85.73 36.39 -19.10
N ASN M 195 84.90 36.93 -19.98
CA ASN M 195 84.10 38.07 -19.59
C ASN M 195 83.23 37.73 -18.41
N LEU M 196 82.60 36.56 -18.44
CA LEU M 196 81.65 36.27 -17.39
C LEU M 196 82.38 36.06 -16.08
N PHE M 197 83.54 35.43 -16.13
CA PHE M 197 84.31 35.31 -14.92
C PHE M 197 84.62 36.69 -14.37
N ARG M 198 85.04 37.60 -15.22
CA ARG M 198 85.30 38.93 -14.72
C ARG M 198 84.05 39.50 -14.09
N ALA M 199 82.91 39.26 -14.71
CA ALA M 199 81.68 39.79 -14.16
C ALA M 199 81.43 39.24 -12.78
N PHE M 200 81.44 37.92 -12.64
CA PHE M 200 81.09 37.32 -11.38
C PHE M 200 82.08 37.73 -10.32
N LEU M 201 83.37 37.60 -10.61
CA LEU M 201 84.38 38.02 -9.67
C LEU M 201 84.12 39.43 -9.22
N GLY M 202 83.95 40.35 -10.16
CA GLY M 202 83.82 41.74 -9.78
C GLY M 202 82.58 42.00 -8.97
N GLU M 203 81.46 41.45 -9.41
CA GLU M 203 80.23 41.81 -8.75
C GLU M 203 80.19 41.15 -7.40
N LEU M 204 80.76 39.97 -7.31
CA LEU M 204 80.91 39.35 -6.01
C LEU M 204 81.75 40.23 -5.11
N LYS M 205 82.85 40.74 -5.64
CA LYS M 205 83.71 41.60 -4.83
C LYS M 205 82.91 42.74 -4.27
N THR M 206 82.21 43.45 -5.13
CA THR M 206 81.44 44.57 -4.65
C THR M 206 80.40 44.12 -3.64
N GLN M 207 79.76 43.02 -3.88
CA GLN M 207 78.62 42.67 -3.06
C GLN M 207 79.02 42.04 -1.76
N MET M 208 80.27 41.62 -1.61
CA MET M 208 80.67 41.00 -0.37
C MET M 208 81.89 41.64 0.25
N THR M 209 82.70 42.36 -0.51
CA THR M 209 83.76 43.16 0.11
C THR M 209 83.23 44.56 0.38
N SER M 210 82.05 44.61 0.96
CA SER M 210 81.31 45.86 1.02
C SER M 210 82.03 46.86 1.88
N ALA M 211 81.54 48.09 1.85
CA ALA M 211 82.03 49.11 2.76
C ALA M 211 80.88 49.76 3.52
N VAL M 212 79.76 50.00 2.85
CA VAL M 212 78.67 50.66 3.53
C VAL M 212 77.37 49.88 3.40
N ARG M 213 77.20 49.15 2.31
CA ARG M 213 75.88 48.60 2.06
C ARG M 213 75.73 47.23 2.70
N GLU M 214 74.57 47.00 3.27
CA GLU M 214 74.29 45.71 3.87
C GLU M 214 74.42 44.64 2.80
N PRO M 215 74.99 43.48 3.12
CA PRO M 215 75.24 42.50 2.08
C PRO M 215 73.93 41.98 1.54
N LYS M 216 73.70 42.17 0.25
CA LYS M 216 72.49 41.62 -0.34
C LYS M 216 72.66 40.11 -0.34
N LEU M 217 72.43 39.51 0.82
CA LEU M 217 72.68 38.08 1.00
C LEU M 217 72.20 37.24 -0.16
N PRO M 218 70.93 37.24 -0.53
CA PRO M 218 70.50 36.34 -1.59
C PRO M 218 71.21 36.59 -2.87
N VAL M 219 71.55 37.85 -3.14
CA VAL M 219 72.33 38.12 -4.33
C VAL M 219 73.63 37.35 -4.26
N LEU M 220 74.29 37.40 -3.12
CA LEU M 220 75.57 36.73 -2.96
C LEU M 220 75.42 35.24 -3.17
N ALA M 221 74.38 34.66 -2.60
CA ALA M 221 74.21 33.23 -2.75
C ALA M 221 74.09 32.87 -4.21
N GLY M 222 73.25 33.60 -4.93
CA GLY M 222 73.15 33.36 -6.34
C GLY M 222 74.50 33.48 -7.02
N CYS M 223 75.26 34.50 -6.67
CA CYS M 223 76.51 34.74 -7.35
C CYS M 223 77.43 33.55 -7.21
N LEU M 224 77.63 33.11 -5.99
CA LEU M 224 78.66 32.10 -5.87
C LEU M 224 78.16 30.77 -6.36
N LYS M 225 76.85 30.53 -6.34
CA LYS M 225 76.40 29.28 -6.92
C LYS M 225 76.56 29.29 -8.42
N GLY M 226 76.32 30.43 -9.04
CA GLY M 226 76.60 30.52 -10.44
C GLY M 226 78.05 30.23 -10.71
N LEU M 227 78.92 30.75 -9.85
CA LEU M 227 80.33 30.46 -9.99
C LEU M 227 80.59 28.98 -9.93
N SER M 228 79.92 28.30 -9.01
CA SER M 228 80.10 26.86 -8.91
C SER M 228 79.74 26.20 -10.20
N SER M 229 78.59 26.54 -10.74
CA SER M 229 78.20 25.92 -12.00
C SER M 229 79.20 26.26 -13.08
N LEU M 230 79.82 27.42 -12.98
CA LEU M 230 80.68 27.87 -14.06
C LEU M 230 82.00 27.13 -14.06
N LEU M 231 82.50 26.80 -12.88
CA LEU M 231 83.78 26.12 -12.83
C LEU M 231 83.72 24.70 -13.35
N CYS M 232 82.55 24.16 -13.61
CA CYS M 232 82.47 22.76 -14.02
C CYS M 232 83.27 22.54 -15.29
N ASN M 233 83.19 23.46 -16.22
CA ASN M 233 84.17 23.61 -17.27
C ASN M 233 84.87 24.92 -17.04
N PHE M 234 85.80 25.24 -17.93
CA PHE M 234 86.55 26.48 -17.83
C PHE M 234 87.19 26.60 -16.44
N THR M 235 88.12 25.70 -16.20
CA THR M 235 88.81 25.63 -14.93
C THR M 235 89.66 26.88 -14.73
N LYS M 236 90.12 27.06 -13.51
CA LYS M 236 90.89 28.26 -13.21
C LYS M 236 91.98 28.01 -12.19
N SER M 237 92.60 26.84 -12.23
CA SER M 237 93.73 26.54 -11.36
C SER M 237 95.01 26.50 -12.17
N MET M 238 96.13 26.71 -11.48
CA MET M 238 97.48 26.66 -12.06
C MET M 238 97.59 27.44 -13.36
N GLU M 239 96.66 28.35 -13.61
CA GLU M 239 96.76 29.32 -14.69
C GLU M 239 96.23 30.64 -14.17
N GLU M 240 97.09 31.65 -14.13
CA GLU M 240 96.76 32.95 -13.53
C GLU M 240 96.25 32.75 -12.11
N ASP M 241 96.79 31.76 -11.43
CA ASP M 241 96.30 31.47 -10.09
C ASP M 241 96.42 32.67 -9.17
N PRO M 242 97.58 33.31 -9.00
CA PRO M 242 97.69 34.35 -7.97
C PRO M 242 96.70 35.46 -8.13
N GLN M 243 96.15 35.66 -9.33
CA GLN M 243 95.03 36.57 -9.45
C GLN M 243 93.72 35.82 -9.37
N THR M 244 93.44 35.00 -10.37
CA THR M 244 92.09 34.49 -10.53
C THR M 244 91.73 33.54 -9.40
N SER M 245 92.54 32.51 -9.23
CA SER M 245 92.18 31.52 -8.24
C SER M 245 92.22 32.13 -6.86
N ARG M 246 93.15 33.04 -6.63
CA ARG M 246 93.23 33.64 -5.32
C ARG M 246 91.95 34.40 -5.01
N GLU M 247 91.45 35.18 -5.95
CA GLU M 247 90.21 35.88 -5.65
C GLU M 247 89.09 34.88 -5.40
N ILE M 248 88.93 33.90 -6.27
CA ILE M 248 87.85 32.96 -6.05
C ILE M 248 87.98 32.36 -4.67
N PHE M 249 89.18 31.98 -4.32
CA PHE M 249 89.38 31.21 -3.12
C PHE M 249 89.14 32.03 -1.89
N ASN M 250 89.70 33.23 -1.83
CA ASN M 250 89.52 34.00 -0.63
C ASN M 250 88.09 34.42 -0.50
N PHE M 251 87.39 34.61 -1.62
CA PHE M 251 85.96 34.79 -1.50
C PHE M 251 85.31 33.56 -0.91
N VAL M 252 85.75 32.38 -1.31
CA VAL M 252 85.10 31.20 -0.77
C VAL M 252 85.28 31.17 0.73
N LEU M 253 86.51 31.39 1.17
CA LEU M 253 86.77 31.48 2.61
C LEU M 253 85.86 32.47 3.25
N LYS M 254 85.70 33.62 2.63
CA LYS M 254 84.89 34.65 3.23
C LYS M 254 83.48 34.16 3.36
N ALA M 255 82.99 33.47 2.35
CA ALA M 255 81.63 32.95 2.41
C ALA M 255 81.51 31.96 3.55
N ILE M 256 82.48 31.07 3.66
CA ILE M 256 82.36 30.01 4.64
C ILE M 256 82.29 30.60 6.02
N ARG M 257 83.09 31.61 6.29
CA ARG M 257 83.24 32.08 7.65
C ARG M 257 81.98 32.82 8.06
N PRO M 258 81.34 32.41 9.09
CA PRO M 258 80.13 33.08 9.55
C PRO M 258 80.47 34.14 10.58
N GLN M 259 81.18 35.18 10.13
CA GLN M 259 81.75 36.15 11.05
C GLN M 259 80.70 36.68 12.03
N ILE M 260 79.43 36.49 11.72
CA ILE M 260 78.38 36.61 12.71
C ILE M 260 77.42 35.46 12.48
N ASP M 261 76.63 35.17 13.51
CA ASP M 261 75.64 34.11 13.40
C ASP M 261 74.56 34.45 12.36
N LEU M 262 74.68 33.84 11.20
CA LEU M 262 73.79 34.12 10.08
C LEU M 262 72.51 33.33 10.29
N LYS M 263 71.42 34.02 10.58
CA LYS M 263 70.17 33.34 10.78
C LYS M 263 69.68 32.67 9.52
N ARG M 264 70.11 33.10 8.36
CA ARG M 264 69.71 32.50 7.10
C ARG M 264 70.89 31.75 6.54
N TYR M 265 70.62 30.79 5.67
CA TYR M 265 71.58 29.74 5.41
C TYR M 265 71.94 29.59 3.94
N ALA M 266 71.34 30.35 3.06
CA ALA M 266 71.65 30.18 1.65
C ALA M 266 73.11 30.47 1.38
N VAL M 267 73.63 31.54 1.94
CA VAL M 267 75.00 31.94 1.65
C VAL M 267 76.00 30.88 2.08
N PRO M 268 76.02 30.45 3.32
CA PRO M 268 76.97 29.41 3.67
C PRO M 268 76.71 28.15 2.90
N SER M 269 75.45 27.77 2.71
CA SER M 269 75.21 26.51 2.04
C SER M 269 75.79 26.53 0.64
N ALA M 270 75.50 27.56 -0.10
CA ALA M 270 75.99 27.62 -1.46
C ALA M 270 77.50 27.66 -1.46
N GLY M 271 78.10 28.38 -0.51
CA GLY M 271 79.54 28.43 -0.48
C GLY M 271 80.16 27.06 -0.26
N LEU M 272 79.63 26.33 0.71
CA LEU M 272 80.14 25.00 0.94
C LEU M 272 80.07 24.19 -0.33
N ARG M 273 78.96 24.29 -1.05
CA ARG M 273 78.85 23.50 -2.26
C ARG M 273 79.91 23.89 -3.27
N LEU M 274 80.17 25.19 -3.38
CA LEU M 274 81.24 25.64 -4.26
C LEU M 274 82.54 24.96 -3.93
N PHE M 275 82.92 25.03 -2.67
CA PHE M 275 84.18 24.45 -2.27
C PHE M 275 84.18 22.97 -2.57
N ALA M 276 83.07 22.32 -2.29
CA ALA M 276 83.03 20.88 -2.41
C ALA M 276 83.28 20.47 -3.84
N LEU M 277 82.55 21.04 -4.76
CA LEU M 277 82.71 20.52 -6.09
C LEU M 277 83.91 21.06 -6.80
N HIS M 278 84.61 22.05 -6.25
CA HIS M 278 85.75 22.45 -7.06
C HIS M 278 86.97 22.78 -6.22
N ALA M 279 87.21 22.02 -5.15
CA ALA M 279 88.48 22.18 -4.47
C ALA M 279 89.65 21.81 -5.36
N SER M 280 89.41 21.10 -6.44
CA SER M 280 90.49 20.71 -7.32
C SER M 280 91.21 21.93 -7.84
N GLN M 281 90.46 22.98 -8.12
CA GLN M 281 91.11 24.22 -8.50
C GLN M 281 91.97 24.77 -7.40
N PHE M 282 91.48 24.79 -6.17
CA PHE M 282 92.11 25.59 -5.13
C PHE M 282 93.17 24.80 -4.37
N SER M 283 93.39 23.55 -4.76
CA SER M 283 94.36 22.67 -4.09
C SER M 283 95.64 23.39 -3.70
N THR M 284 96.10 24.32 -4.55
CA THR M 284 97.33 25.03 -4.22
C THR M 284 97.18 25.82 -2.94
N CYS M 285 96.15 26.65 -2.86
CA CYS M 285 96.06 27.55 -1.73
C CYS M 285 95.45 26.88 -0.52
N LEU M 286 94.88 25.69 -0.67
CA LEU M 286 94.30 25.04 0.51
C LEU M 286 95.27 25.01 1.67
N LEU M 287 96.49 24.57 1.40
CA LEU M 287 97.46 24.41 2.47
C LEU M 287 97.77 25.74 3.13
N ASP M 288 97.55 26.84 2.44
CA ASP M 288 97.84 28.12 3.06
C ASP M 288 97.01 28.31 4.31
N ASN M 289 95.73 27.96 4.25
CA ASN M 289 94.82 28.25 5.34
C ASN M 289 94.30 26.98 5.99
N TYR M 290 94.99 25.87 5.77
CA TYR M 290 94.54 24.59 6.29
C TYR M 290 93.97 24.66 7.69
N VAL M 291 94.67 25.27 8.65
CA VAL M 291 94.14 25.30 10.01
C VAL M 291 92.74 25.91 10.02
N SER M 292 92.60 27.08 9.43
CA SER M 292 91.33 27.77 9.53
C SER M 292 90.26 26.98 8.82
N LEU M 293 90.55 26.55 7.60
CA LEU M 293 89.55 25.83 6.83
C LEU M 293 89.05 24.63 7.60
N PHE M 294 89.98 23.82 8.07
CA PHE M 294 89.58 22.57 8.69
C PHE M 294 88.77 22.87 9.95
N GLU M 295 89.23 23.84 10.74
CA GLU M 295 88.48 24.16 11.93
C GLU M 295 87.07 24.56 11.58
N VAL M 296 86.95 25.50 10.67
CA VAL M 296 85.64 26.04 10.39
C VAL M 296 84.75 24.95 9.89
N LEU M 297 85.29 24.06 9.08
CA LEU M 297 84.47 23.03 8.49
C LEU M 297 83.93 22.11 9.56
N LEU M 298 84.79 21.59 10.43
CA LEU M 298 84.26 20.73 11.47
C LEU M 298 83.23 21.46 12.30
N LYS M 299 83.55 22.67 12.72
CA LYS M 299 82.58 23.40 13.54
C LYS M 299 81.29 23.56 12.80
N TRP M 300 81.37 23.61 11.48
CA TRP M 300 80.22 23.80 10.63
C TRP M 300 79.52 22.50 10.36
N CYS M 301 80.11 21.40 10.75
CA CYS M 301 79.61 20.10 10.35
C CYS M 301 78.42 19.67 11.17
N ALA M 302 77.97 20.45 12.12
CA ALA M 302 76.97 19.95 13.05
C ALA M 302 75.77 20.85 13.25
N HIS M 303 75.62 21.94 12.52
CA HIS M 303 74.41 22.73 12.72
C HIS M 303 73.19 21.92 12.30
N THR M 304 72.04 22.42 12.70
CA THR M 304 70.86 21.59 12.63
C THR M 304 70.35 21.45 11.21
N ASN M 305 70.62 22.41 10.33
CA ASN M 305 69.98 22.37 9.02
C ASN M 305 70.44 21.17 8.25
N VAL M 306 69.50 20.28 7.93
CA VAL M 306 69.86 19.01 7.35
C VAL M 306 70.56 19.22 6.03
N GLU M 307 70.05 20.14 5.21
CA GLU M 307 70.73 20.41 3.96
C GLU M 307 72.12 20.93 4.23
N LEU M 308 72.26 21.75 5.26
CA LEU M 308 73.57 22.29 5.56
C LEU M 308 74.51 21.18 5.96
N LYS M 309 74.04 20.25 6.77
CA LYS M 309 74.90 19.14 7.16
C LYS M 309 75.32 18.36 5.94
N LYS M 310 74.37 18.14 5.03
CA LYS M 310 74.70 17.44 3.81
C LYS M 310 75.74 18.19 3.03
N ALA M 311 75.72 19.50 3.10
CA ALA M 311 76.75 20.24 2.43
C ALA M 311 78.06 20.08 3.15
N ALA M 312 78.02 20.11 4.45
CA ALA M 312 79.24 20.13 5.22
C ALA M 312 80.03 18.85 5.04
N LEU M 313 79.34 17.70 5.08
CA LEU M 313 80.08 16.46 4.97
C LEU M 313 80.78 16.38 3.64
N SER M 314 80.10 16.76 2.57
CA SER M 314 80.75 16.73 1.27
C SER M 314 81.93 17.68 1.28
N ALA M 315 81.79 18.81 1.93
CA ALA M 315 82.88 19.76 1.93
C ALA M 315 84.10 19.17 2.61
N LEU M 316 83.92 18.61 3.80
CA LEU M 316 85.06 18.02 4.50
C LEU M 316 85.66 16.93 3.67
N GLU M 317 84.83 16.12 3.05
CA GLU M 317 85.34 15.02 2.28
C GLU M 317 86.27 15.56 1.22
N SER M 318 85.81 16.58 0.51
CA SER M 318 86.64 17.13 -0.55
C SER M 318 87.91 17.74 0.03
N PHE M 319 87.78 18.45 1.14
CA PHE M 319 88.96 19.06 1.74
C PHE M 319 90.02 18.03 2.05
N LEU M 320 89.64 17.01 2.79
CA LEU M 320 90.60 16.00 3.13
C LEU M 320 91.15 15.37 1.89
N LYS M 321 90.31 15.10 0.90
CA LYS M 321 90.79 14.41 -0.28
C LYS M 321 91.80 15.26 -1.00
N GLN M 322 91.54 16.55 -1.14
CA GLN M 322 92.45 17.39 -1.86
C GLN M 322 93.75 17.55 -1.10
N VAL M 323 93.66 17.66 0.22
CA VAL M 323 94.89 17.78 1.00
C VAL M 323 95.71 16.52 0.83
N SER M 324 95.05 15.37 0.87
CA SER M 324 95.77 14.12 0.77
C SER M 324 96.45 13.99 -0.56
N ASN M 325 95.74 14.35 -1.62
CA ASN M 325 96.38 14.35 -2.93
C ASN M 325 97.55 15.31 -2.90
N MET M 326 97.41 16.42 -2.21
CA MET M 326 98.40 17.47 -2.30
C MET M 326 99.71 17.04 -1.67
N VAL M 327 99.65 16.52 -0.45
CA VAL M 327 100.87 16.06 0.20
C VAL M 327 101.60 15.00 -0.60
N ALA M 328 100.89 14.23 -1.38
CA ALA M 328 101.55 13.12 -2.02
C ALA M 328 102.59 13.54 -2.99
N LYS M 329 102.92 14.81 -3.09
CA LYS M 329 103.90 15.25 -4.06
C LYS M 329 105.16 15.82 -3.45
N ASN M 330 105.14 16.25 -2.19
CA ASN M 330 106.26 17.04 -1.67
C ASN M 330 106.45 16.78 -0.20
N ALA M 331 107.62 17.19 0.30
CA ALA M 331 108.08 16.84 1.63
C ALA M 331 108.26 18.01 2.60
N GLU M 332 107.58 19.15 2.41
CA GLU M 332 107.66 20.18 3.44
C GLU M 332 106.45 20.18 4.36
N MET M 333 105.35 19.58 3.94
CA MET M 333 104.12 19.71 4.71
C MET M 333 104.06 18.72 5.86
N HIS M 334 105.21 18.22 6.28
CA HIS M 334 105.30 17.40 7.48
C HIS M 334 104.86 18.20 8.69
N LYS M 335 105.42 19.39 8.84
CA LYS M 335 105.02 20.26 9.93
C LYS M 335 103.55 20.62 9.79
N ASN M 336 102.88 20.02 8.80
CA ASN M 336 101.45 20.16 8.68
C ASN M 336 100.72 18.92 9.17
N LYS M 337 100.99 17.76 8.61
CA LYS M 337 100.30 16.57 9.11
C LYS M 337 100.74 16.23 10.52
N LEU M 338 102.04 16.07 10.72
CA LEU M 338 102.56 15.75 12.03
C LEU M 338 102.48 16.92 12.98
N GLN M 339 101.67 17.93 12.65
CA GLN M 339 101.38 18.99 13.59
C GLN M 339 99.89 19.25 13.76
N TYR M 340 99.08 19.04 12.73
CA TYR M 340 97.66 19.35 12.82
C TYR M 340 96.73 18.19 12.53
N PHE M 341 96.79 17.58 11.35
CA PHE M 341 95.68 16.69 10.99
C PHE M 341 95.72 15.41 11.78
N MET M 342 96.75 14.65 11.58
CA MET M 342 96.81 13.31 12.10
C MET M 342 96.70 13.27 13.49
N GLU M 343 96.75 14.42 14.12
CA GLU M 343 96.45 14.51 15.53
C GLU M 343 95.05 15.01 15.81
N GLN M 344 94.52 15.96 15.04
CA GLN M 344 93.21 16.43 15.43
C GLN M 344 92.15 15.40 15.16
N PHE M 345 92.15 14.81 13.97
CA PHE M 345 91.11 13.80 13.78
C PHE M 345 91.40 12.55 14.57
N TYR M 346 92.67 12.25 14.82
CA TYR M 346 92.97 11.15 15.71
C TYR M 346 92.38 11.41 17.07
N GLY M 347 92.51 12.64 17.57
CA GLY M 347 91.97 12.96 18.87
C GLY M 347 90.47 12.92 18.88
N ILE M 348 89.85 13.31 17.77
CA ILE M 348 88.42 13.06 17.61
C ILE M 348 88.11 11.62 17.91
N ILE M 349 88.64 10.73 17.08
CA ILE M 349 88.29 9.32 17.22
C ILE M 349 88.60 8.84 18.63
N ARG M 350 89.79 9.16 19.12
CA ARG M 350 90.30 8.53 20.33
C ARG M 350 89.69 9.10 21.59
N ASN M 351 89.00 10.23 21.54
CA ASN M 351 88.47 10.72 22.79
C ASN M 351 86.98 11.00 22.76
N VAL M 352 86.49 11.55 21.66
CA VAL M 352 85.27 12.33 21.76
C VAL M 352 84.09 11.39 21.99
N ASP M 353 82.95 11.98 22.28
CA ASP M 353 81.68 11.30 22.21
C ASP M 353 80.86 12.01 21.14
N SER M 354 81.48 12.31 20.01
CA SER M 354 80.85 13.15 19.01
C SER M 354 79.77 12.38 18.26
N ASN M 355 79.28 13.00 17.20
CA ASN M 355 78.20 12.44 16.43
C ASN M 355 78.65 11.18 15.73
N ASN M 356 77.69 10.37 15.33
CA ASN M 356 78.00 9.25 14.47
C ASN M 356 78.59 9.75 13.17
N LYS M 357 77.96 10.75 12.58
CA LYS M 357 78.46 11.27 11.31
C LYS M 357 79.83 11.86 11.49
N GLU M 358 80.03 12.56 12.61
CA GLU M 358 81.33 13.17 12.77
C GLU M 358 82.37 12.10 12.97
N LEU M 359 82.01 11.01 13.65
CA LEU M 359 82.93 9.91 13.78
C LEU M 359 83.27 9.32 12.43
N SER M 360 82.26 9.20 11.58
CA SER M 360 82.50 8.63 10.26
C SER M 360 83.49 9.48 9.48
N ILE M 361 83.27 10.80 9.52
CA ILE M 361 84.20 11.63 8.77
C ILE M 361 85.58 11.54 9.40
N ALA M 362 85.63 11.33 10.71
CA ALA M 362 86.93 11.23 11.34
C ALA M 362 87.68 9.99 10.85
N ILE M 363 87.00 8.86 10.81
CA ILE M 363 87.67 7.66 10.35
C ILE M 363 88.12 7.84 8.92
N ARG M 364 87.25 8.42 8.09
CA ARG M 364 87.65 8.73 6.74
C ARG M 364 88.97 9.45 6.76
N GLY M 365 89.07 10.46 7.61
CA GLY M 365 90.28 11.27 7.65
C GLY M 365 91.49 10.45 8.05
N TYR M 366 91.33 9.52 8.98
CA TYR M 366 92.43 8.62 9.31
C TYR M 366 92.89 7.93 8.05
N GLY M 367 91.94 7.56 7.21
CA GLY M 367 92.31 6.89 5.99
C GLY M 367 93.04 7.82 5.05
N LEU M 368 92.31 8.79 4.52
CA LEU M 368 92.68 9.44 3.28
C LEU M 368 94.14 9.86 3.28
N PHE M 369 94.72 9.99 4.46
CA PHE M 369 96.11 10.35 4.61
C PHE M 369 97.01 9.14 4.66
N ALA M 370 96.57 8.03 4.08
CA ALA M 370 97.45 6.89 4.00
C ALA M 370 98.64 7.19 3.11
N GLY M 371 98.45 8.02 2.10
CA GLY M 371 99.50 8.40 1.22
C GLY M 371 100.68 9.01 1.93
N PRO M 372 100.45 10.16 2.56
CA PRO M 372 101.55 10.81 3.28
C PRO M 372 102.18 9.89 4.28
N CYS M 373 101.39 9.02 4.90
CA CYS M 373 101.97 8.09 5.84
C CYS M 373 103.01 7.21 5.15
N LYS M 374 102.69 6.75 3.95
CA LYS M 374 103.66 5.91 3.25
C LYS M 374 104.82 6.72 2.72
N VAL M 375 104.61 8.01 2.44
CA VAL M 375 105.71 8.82 1.95
C VAL M 375 106.71 9.08 3.07
N ILE M 376 106.21 9.34 4.27
CA ILE M 376 107.09 9.79 5.34
C ILE M 376 107.75 8.62 6.05
N ASN M 377 107.00 7.56 6.34
CA ASN M 377 107.54 6.45 7.12
C ASN M 377 106.75 5.21 6.78
N ALA M 378 107.39 4.27 6.08
CA ALA M 378 106.72 3.04 5.74
C ALA M 378 106.31 2.28 6.99
N LYS M 379 107.14 2.29 8.02
CA LYS M 379 106.91 1.43 9.17
C LYS M 379 105.66 1.79 9.93
N ASP M 380 105.07 2.96 9.67
CA ASP M 380 103.81 3.32 10.30
C ASP M 380 102.61 2.84 9.50
N VAL M 381 102.80 2.50 8.22
CA VAL M 381 101.67 2.13 7.39
C VAL M 381 101.04 0.86 7.92
N ASP M 382 101.84 -0.17 8.11
CA ASP M 382 101.29 -1.40 8.63
C ASP M 382 100.72 -1.20 10.02
N PHE M 383 101.34 -0.34 10.82
CA PHE M 383 100.84 -0.10 12.17
C PHE M 383 99.43 0.47 12.13
N MET M 384 99.20 1.42 11.24
CA MET M 384 97.86 1.96 11.13
C MET M 384 96.91 0.93 10.52
N TYR M 385 97.40 0.10 9.63
CA TYR M 385 96.57 -0.98 9.13
C TYR M 385 96.08 -1.83 10.27
N VAL M 386 97.01 -2.29 11.09
CA VAL M 386 96.66 -3.02 12.30
C VAL M 386 95.60 -2.26 13.06
N GLU M 387 95.93 -1.05 13.50
CA GLU M 387 95.04 -0.32 14.39
C GLU M 387 93.64 -0.27 13.81
N LEU M 388 93.54 -0.04 12.51
CA LEU M 388 92.23 0.01 11.89
C LEU M 388 91.55 -1.35 11.95
N ILE M 389 92.29 -2.42 11.70
CA ILE M 389 91.57 -3.68 11.61
C ILE M 389 91.15 -4.13 12.99
N GLN M 390 91.92 -3.83 14.04
CA GLN M 390 91.36 -4.12 15.36
C GLN M 390 90.23 -3.19 15.72
N ARG M 391 90.23 -1.96 15.23
CA ARG M 391 89.03 -1.17 15.35
C ARG M 391 87.86 -1.93 14.76
N CYS M 392 88.08 -2.52 13.60
CA CYS M 392 87.04 -3.32 12.98
C CYS M 392 86.68 -4.49 13.87
N LYS M 393 87.68 -5.14 14.43
CA LYS M 393 87.42 -6.36 15.14
C LYS M 393 86.61 -6.09 16.39
N GLN M 394 86.75 -4.91 16.97
CA GLN M 394 85.92 -4.54 18.10
C GLN M 394 84.63 -3.87 17.69
N MET M 395 84.47 -3.53 16.42
CA MET M 395 83.22 -2.93 15.99
C MET M 395 82.29 -3.91 15.30
N PHE M 396 82.77 -5.09 14.92
CA PHE M 396 81.88 -6.10 14.39
C PHE M 396 81.52 -7.17 15.40
N LEU M 397 82.46 -7.53 16.28
CA LEU M 397 82.28 -8.60 17.25
C LEU M 397 81.63 -8.10 18.54
N THR M 398 80.84 -7.03 18.47
CA THR M 398 80.18 -6.47 19.63
C THR M 398 79.11 -7.38 20.21
N GLN M 399 78.93 -8.59 19.68
CA GLN M 399 77.96 -9.56 20.18
C GLN M 399 76.53 -9.01 20.08
N THR M 400 76.13 -8.68 18.85
CA THR M 400 74.75 -8.33 18.51
C THR M 400 74.28 -7.11 19.32
N ASP M 401 74.89 -5.97 19.02
CA ASP M 401 74.47 -4.68 19.58
C ASP M 401 73.57 -4.02 18.54
N THR M 402 72.27 -4.28 18.63
CA THR M 402 71.34 -3.89 17.57
C THR M 402 71.00 -2.42 17.61
N GLY M 403 70.92 -1.81 16.44
CA GLY M 403 70.36 -0.48 16.27
C GLY M 403 71.30 0.68 16.55
N ASP M 404 72.54 0.42 16.90
CA ASP M 404 73.45 1.51 17.27
C ASP M 404 74.80 1.46 16.57
N ASP M 405 75.37 0.27 16.38
CA ASP M 405 76.78 0.18 16.09
C ASP M 405 77.07 0.13 14.59
N ARG M 406 76.35 -0.69 13.86
CA ARG M 406 76.59 -0.75 12.43
C ARG M 406 76.14 0.52 11.74
N VAL M 407 75.34 1.33 12.41
CA VAL M 407 74.44 2.26 11.74
C VAL M 407 75.17 3.04 10.66
N TYR M 408 76.32 3.61 11.00
CA TYR M 408 77.05 4.44 10.07
C TYR M 408 78.52 4.06 10.03
N GLN M 409 78.93 3.03 10.75
CA GLN M 409 80.33 2.81 10.91
C GLN M 409 80.94 1.90 9.87
N MET M 410 80.67 0.60 9.85
CA MET M 410 81.50 -0.25 9.01
C MET M 410 81.51 0.17 7.56
N PRO M 411 80.53 0.88 7.03
CA PRO M 411 80.79 1.53 5.74
C PRO M 411 82.04 2.36 5.79
N SER M 412 82.21 3.13 6.86
CA SER M 412 83.39 3.95 6.94
C SER M 412 84.63 3.11 7.07
N PHE M 413 84.62 2.14 7.97
CA PHE M 413 85.83 1.40 8.19
C PHE M 413 86.23 0.66 6.93
N LEU M 414 85.28 0.10 6.21
CA LEU M 414 85.65 -0.57 4.98
C LEU M 414 86.22 0.44 4.00
N GLN M 415 85.64 1.63 3.94
CA GLN M 415 86.23 2.67 3.13
C GLN M 415 87.68 2.86 3.53
N SER M 416 87.93 2.86 4.82
CA SER M 416 89.25 3.17 5.32
C SER M 416 90.22 2.05 4.98
N VAL M 417 89.81 0.82 5.24
CA VAL M 417 90.72 -0.27 5.03
C VAL M 417 91.04 -0.36 3.57
N ALA M 418 90.08 -0.02 2.73
CA ALA M 418 90.37 0.06 1.31
C ALA M 418 91.45 1.10 1.10
N SER M 419 91.29 2.26 1.73
CA SER M 419 92.27 3.30 1.50
C SER M 419 93.65 2.82 1.89
N VAL M 420 93.77 2.17 3.04
CA VAL M 420 95.09 1.85 3.53
C VAL M 420 95.70 0.76 2.69
N LEU M 421 94.94 -0.28 2.40
CA LEU M 421 95.51 -1.33 1.57
C LEU M 421 95.87 -0.78 0.21
N LEU M 422 95.27 0.33 -0.19
CA LEU M 422 95.55 0.84 -1.51
C LEU M 422 97.00 1.25 -1.64
N TYR M 423 97.71 1.38 -0.54
CA TYR M 423 99.12 1.72 -0.56
C TYR M 423 100.01 0.76 0.22
N LEU M 424 99.46 -0.27 0.84
CA LEU M 424 100.31 -1.24 1.50
C LEU M 424 101.26 -1.84 0.49
N ASP M 425 102.54 -1.96 0.85
CA ASP M 425 103.47 -2.60 -0.05
C ASP M 425 103.37 -4.12 0.06
N THR M 426 103.67 -4.67 1.21
CA THR M 426 103.53 -6.10 1.41
C THR M 426 102.06 -6.41 1.60
N VAL M 427 101.76 -7.61 2.09
CA VAL M 427 100.42 -7.98 2.48
C VAL M 427 100.53 -8.65 3.85
N PRO M 428 99.91 -8.14 4.85
CA PRO M 428 99.89 -8.82 6.14
C PRO M 428 98.94 -10.01 6.05
N GLU M 429 99.39 -11.03 5.34
CA GLU M 429 98.52 -12.16 5.04
C GLU M 429 97.96 -12.76 6.30
N VAL M 430 98.73 -12.75 7.38
CA VAL M 430 98.23 -13.30 8.63
C VAL M 430 96.97 -12.58 9.03
N TYR M 431 96.88 -11.30 8.72
CA TYR M 431 95.67 -10.56 9.03
C TYR M 431 94.65 -10.66 7.92
N THR M 432 95.08 -11.03 6.72
CA THR M 432 94.21 -10.92 5.56
C THR M 432 92.86 -11.57 5.74
N PRO M 433 92.73 -12.82 6.16
CA PRO M 433 91.40 -13.43 6.21
C PRO M 433 90.45 -12.63 7.04
N VAL M 434 90.95 -11.96 8.07
CA VAL M 434 90.09 -11.10 8.86
C VAL M 434 89.43 -10.08 7.96
N LEU M 435 90.19 -9.54 7.02
CA LEU M 435 89.67 -8.44 6.23
C LEU M 435 88.48 -8.89 5.44
N GLU M 436 88.61 -9.98 4.73
CA GLU M 436 87.46 -10.42 3.94
C GLU M 436 86.34 -10.90 4.84
N HIS M 437 86.65 -11.33 6.05
CA HIS M 437 85.55 -11.61 6.95
C HIS M 437 84.76 -10.34 7.21
N LEU M 438 85.45 -9.23 7.42
CA LEU M 438 84.76 -7.98 7.60
C LEU M 438 83.99 -7.59 6.34
N VAL M 439 84.58 -7.86 5.18
CA VAL M 439 83.92 -7.50 3.94
C VAL M 439 82.60 -8.23 3.85
N VAL M 440 82.62 -9.51 4.14
CA VAL M 440 81.38 -10.26 4.17
C VAL M 440 80.43 -9.64 5.15
N MET M 441 80.94 -9.22 6.30
CA MET M 441 80.04 -8.67 7.29
C MET M 441 79.31 -7.48 6.73
N GLN M 442 80.03 -6.60 6.06
CA GLN M 442 79.39 -5.44 5.43
C GLN M 442 78.34 -5.91 4.44
N ILE M 443 78.71 -6.87 3.61
CA ILE M 443 77.78 -7.33 2.59
C ILE M 443 76.48 -7.75 3.24
N ASP M 444 76.60 -8.50 4.32
CA ASP M 444 75.39 -8.91 4.99
C ASP M 444 74.67 -7.72 5.58
N SER M 445 75.41 -6.76 6.10
CA SER M 445 74.76 -5.67 6.77
C SER M 445 73.92 -4.86 5.82
N PHE M 446 74.20 -4.95 4.53
CA PHE M 446 73.62 -4.03 3.56
C PHE M 446 72.20 -3.59 3.79
N PRO M 447 71.21 -4.48 3.91
CA PRO M 447 69.84 -3.99 3.94
C PRO M 447 69.54 -3.15 5.13
N GLN M 448 70.30 -3.27 6.18
CA GLN M 448 70.01 -2.51 7.37
C GLN M 448 70.32 -1.04 7.21
N TYR M 449 70.51 -0.54 6.01
CA TYR M 449 70.86 0.85 5.84
C TYR M 449 69.70 1.63 5.24
N SER M 450 69.93 2.91 5.05
CA SER M 450 68.99 3.78 4.40
C SER M 450 69.41 3.97 2.95
N PRO M 451 68.51 4.43 2.11
CA PRO M 451 68.85 4.57 0.69
C PRO M 451 70.14 5.31 0.44
N LYS M 452 70.29 6.52 0.96
CA LYS M 452 71.57 7.20 0.78
C LYS M 452 72.70 6.37 1.36
N MET M 453 72.46 5.79 2.54
CA MET M 453 73.41 4.87 3.11
C MET M 453 73.64 3.69 2.20
N GLN M 454 72.62 3.24 1.49
CA GLN M 454 72.83 2.13 0.58
C GLN M 454 73.82 2.51 -0.50
N LEU M 455 73.65 3.68 -1.11
CA LEU M 455 74.55 4.04 -2.20
C LEU M 455 75.95 4.24 -1.68
N VAL M 456 76.10 4.83 -0.49
CA VAL M 456 77.46 4.98 -0.01
C VAL M 456 78.05 3.65 0.39
N CYS M 457 77.23 2.73 0.88
CA CYS M 457 77.75 1.42 1.24
C CYS M 457 78.21 0.67 0.01
N CYS M 458 77.43 0.76 -1.06
CA CYS M 458 77.86 0.15 -2.30
C CYS M 458 79.17 0.73 -2.73
N ARG M 459 79.30 2.05 -2.70
CA ARG M 459 80.56 2.65 -3.12
C ARG M 459 81.70 2.09 -2.31
N ALA M 460 81.50 1.97 -1.01
CA ALA M 460 82.58 1.51 -0.16
C ALA M 460 82.98 0.09 -0.49
N ILE M 461 82.01 -0.80 -0.57
CA ILE M 461 82.36 -2.18 -0.83
C ILE M 461 82.99 -2.30 -2.19
N VAL M 462 82.49 -1.56 -3.16
CA VAL M 462 83.10 -1.60 -4.47
C VAL M 462 84.55 -1.23 -4.35
N LYS M 463 84.86 -0.19 -3.61
CA LYS M 463 86.24 0.26 -3.67
C LYS M 463 87.13 -0.70 -2.89
N VAL M 464 86.61 -1.35 -1.87
CA VAL M 464 87.48 -2.32 -1.22
C VAL M 464 87.78 -3.43 -2.19
N PHE M 465 86.82 -3.75 -3.04
CA PHE M 465 87.12 -4.73 -4.06
C PHE M 465 88.17 -4.22 -5.01
N LEU M 466 88.08 -2.95 -5.40
CA LEU M 466 89.14 -2.39 -6.23
C LEU M 466 90.47 -2.61 -5.57
N ALA M 467 90.56 -2.22 -4.31
CA ALA M 467 91.83 -2.21 -3.64
C ALA M 467 92.38 -3.62 -3.57
N LEU M 468 91.51 -4.57 -3.27
CA LEU M 468 91.99 -5.93 -3.19
C LEU M 468 92.53 -6.35 -4.52
N ALA M 469 91.80 -6.06 -5.58
CA ALA M 469 92.20 -6.55 -6.89
C ALA M 469 93.52 -5.94 -7.31
N ALA M 470 93.78 -4.72 -6.87
CA ALA M 470 94.98 -4.05 -7.32
C ALA M 470 96.24 -4.81 -6.94
N LYS M 471 96.21 -5.58 -5.87
CA LYS M 471 97.42 -6.20 -5.38
C LYS M 471 97.73 -7.52 -6.05
N GLY M 472 96.85 -8.00 -6.90
CA GLY M 472 97.18 -9.09 -7.77
C GLY M 472 96.71 -10.47 -7.37
N PRO M 473 97.37 -11.46 -7.96
CA PRO M 473 96.86 -12.83 -7.87
C PRO M 473 96.86 -13.39 -6.48
N VAL M 474 97.75 -12.92 -5.62
CA VAL M 474 97.83 -13.51 -4.30
C VAL M 474 96.51 -13.34 -3.59
N LEU M 475 95.76 -12.32 -3.95
CA LEU M 475 94.52 -12.03 -3.29
C LEU M 475 93.31 -12.15 -4.19
N ARG M 476 93.49 -12.28 -5.50
CA ARG M 476 92.31 -12.54 -6.32
C ARG M 476 91.61 -13.81 -5.87
N ASN M 477 92.36 -14.84 -5.52
CA ASN M 477 91.70 -15.99 -4.95
C ASN M 477 90.89 -15.59 -3.74
N CYS M 478 91.38 -14.64 -2.97
CA CYS M 478 90.68 -14.30 -1.75
C CYS M 478 89.44 -13.48 -2.07
N ILE M 479 89.48 -12.72 -3.15
CA ILE M 479 88.29 -11.98 -3.56
C ILE M 479 87.24 -12.96 -4.05
N SER M 480 87.67 -14.01 -4.73
CA SER M 480 86.74 -15.05 -5.11
C SER M 480 86.10 -15.64 -3.88
N THR M 481 86.91 -15.88 -2.87
CA THR M 481 86.36 -16.43 -1.66
C THR M 481 85.34 -15.48 -1.08
N VAL M 482 85.63 -14.19 -1.12
CA VAL M 482 84.75 -13.31 -0.40
C VAL M 482 83.40 -13.26 -1.06
N VAL M 483 83.39 -13.16 -2.38
CA VAL M 483 82.08 -13.10 -3.01
C VAL M 483 81.34 -14.40 -2.77
N HIS M 484 82.05 -15.53 -2.91
CA HIS M 484 81.38 -16.82 -2.80
C HIS M 484 80.78 -16.98 -1.42
N GLN M 485 81.53 -16.66 -0.40
CA GLN M 485 80.97 -16.67 0.92
C GLN M 485 79.75 -15.79 0.98
N GLY M 486 79.81 -14.65 0.31
CA GLY M 486 78.72 -13.71 0.44
C GLY M 486 77.47 -14.34 -0.08
N LEU M 487 77.60 -14.93 -1.25
CA LEU M 487 76.42 -15.48 -1.87
C LEU M 487 75.91 -16.63 -1.05
N ILE M 488 76.80 -17.39 -0.41
CA ILE M 488 76.28 -18.42 0.47
C ILE M 488 75.43 -17.77 1.55
N ARG M 489 75.93 -16.72 2.14
CA ARG M 489 75.22 -16.28 3.31
C ARG M 489 73.96 -15.54 2.94
N ILE M 490 73.90 -14.94 1.75
CA ILE M 490 72.61 -14.39 1.33
C ILE M 490 71.66 -15.51 0.96
N CYS M 491 72.12 -16.49 0.21
CA CYS M 491 71.19 -17.54 -0.19
C CYS M 491 70.73 -18.32 1.02
N SER M 492 71.41 -18.18 2.10
CA SER M 492 70.90 -18.86 3.26
C SER M 492 69.96 -18.05 4.00
N LYS M 493 69.31 -17.03 3.49
CA LYS M 493 68.55 -16.18 4.37
C LYS M 493 67.48 -17.03 5.02
N PRO M 494 67.31 -16.97 6.34
CA PRO M 494 66.62 -18.06 7.04
C PRO M 494 65.26 -18.42 6.49
N VAL M 495 64.53 -17.50 5.88
CA VAL M 495 63.25 -17.89 5.30
C VAL M 495 63.30 -17.64 3.81
N VAL M 496 62.22 -18.02 3.13
CA VAL M 496 62.08 -17.86 1.69
C VAL M 496 60.73 -17.17 1.46
N LEU M 497 60.78 -15.92 1.02
CA LEU M 497 59.57 -15.15 0.70
C LEU M 497 58.55 -15.16 1.83
N PRO M 522 64.24 -9.76 6.38
CA PRO M 522 65.48 -9.51 5.65
C PRO M 522 65.69 -10.40 4.44
N THR M 523 64.67 -10.56 3.60
CA THR M 523 64.73 -11.57 2.55
C THR M 523 65.73 -11.19 1.47
N TYR M 524 66.01 -12.16 0.59
CA TYR M 524 67.01 -11.93 -0.45
C TYR M 524 66.62 -10.78 -1.32
N LYS M 525 65.32 -10.57 -1.46
CA LYS M 525 64.84 -9.51 -2.30
C LYS M 525 65.44 -8.20 -1.89
N ASP M 526 65.78 -8.08 -0.62
CA ASP M 526 66.44 -6.87 -0.17
C ASP M 526 67.80 -6.71 -0.84
N TYR M 527 68.57 -7.77 -0.93
CA TYR M 527 69.93 -7.63 -1.39
C TYR M 527 70.05 -7.34 -2.87
N VAL M 528 68.96 -7.11 -3.58
CA VAL M 528 69.09 -6.99 -5.02
C VAL M 528 70.01 -5.84 -5.39
N ASP M 529 69.83 -4.71 -4.72
CA ASP M 529 70.53 -3.50 -5.14
C ASP M 529 72.02 -3.66 -4.97
N LEU M 530 72.45 -4.32 -3.90
CA LEU M 530 73.87 -4.44 -3.64
C LEU M 530 74.53 -5.05 -4.84
N PHE M 531 74.18 -6.29 -5.13
CA PHE M 531 74.87 -6.91 -6.22
C PHE M 531 74.54 -6.26 -7.54
N ARG M 532 73.42 -5.56 -7.66
CA ARG M 532 73.15 -4.90 -8.93
C ARG M 532 74.17 -3.82 -9.19
N HIS M 533 74.34 -2.91 -8.25
CA HIS M 533 75.34 -1.88 -8.43
C HIS M 533 76.72 -2.49 -8.56
N LEU M 534 77.01 -3.48 -7.73
CA LEU M 534 78.31 -4.13 -7.83
C LEU M 534 78.54 -4.60 -9.25
N LEU M 535 77.52 -5.18 -9.87
CA LEU M 535 77.75 -5.80 -11.15
C LEU M 535 77.67 -4.84 -12.30
N SER M 536 77.19 -3.62 -12.10
CA SER M 536 77.05 -2.74 -13.26
C SER M 536 77.64 -1.35 -13.12
N SER M 537 77.95 -0.89 -11.92
CA SER M 537 78.30 0.51 -11.71
C SER M 537 79.65 0.78 -12.37
N ASP M 538 79.64 0.94 -13.68
CA ASP M 538 80.85 1.37 -14.36
C ASP M 538 81.26 2.78 -13.95
N GLN M 539 80.36 3.53 -13.33
CA GLN M 539 80.65 4.90 -12.95
C GLN M 539 81.60 4.98 -11.76
N MET M 540 81.87 3.85 -11.09
CA MET M 540 82.64 3.89 -9.86
C MET M 540 84.05 4.41 -10.10
N MET M 541 84.72 3.91 -11.14
CA MET M 541 86.12 4.29 -11.35
C MET M 541 86.23 5.70 -11.91
N ASP M 542 85.29 6.11 -12.76
CA ASP M 542 85.33 7.45 -13.33
C ASP M 542 84.91 8.51 -12.32
N SER M 543 84.26 8.12 -11.22
CA SER M 543 83.83 9.08 -10.21
C SER M 543 84.55 8.84 -8.89
N SER M 557 87.30 0.27 -14.30
CA SER M 557 85.92 -0.14 -14.07
C SER M 557 85.54 -1.33 -14.93
N GLU M 558 85.83 -1.24 -16.24
CA GLU M 558 85.48 -2.32 -17.14
C GLU M 558 86.14 -3.62 -16.72
N SER M 559 87.43 -3.57 -16.37
CA SER M 559 88.06 -4.73 -15.78
C SER M 559 87.45 -5.05 -14.43
N LEU M 560 87.13 -4.02 -13.65
CA LEU M 560 86.47 -4.27 -12.38
C LEU M 560 85.15 -5.00 -12.57
N ASN M 561 84.26 -4.43 -13.37
CA ASN M 561 82.96 -5.05 -13.51
C ASN M 561 83.09 -6.43 -14.11
N HIS M 562 83.95 -6.57 -15.10
CA HIS M 562 84.16 -7.88 -15.71
C HIS M 562 84.59 -8.89 -14.67
N LEU M 563 85.61 -8.56 -13.89
CA LEU M 563 86.11 -9.52 -12.92
C LEU M 563 85.04 -9.85 -11.91
N LEU M 564 84.34 -8.83 -11.45
CA LEU M 564 83.40 -9.09 -10.38
C LEU M 564 82.25 -9.95 -10.87
N TYR M 565 81.74 -9.65 -12.05
CA TYR M 565 80.65 -10.44 -12.60
C TYR M 565 81.11 -11.85 -12.85
N ASP M 566 82.33 -12.01 -13.35
CA ASP M 566 82.85 -13.34 -13.58
C ASP M 566 82.89 -14.09 -12.27
N GLU M 567 83.29 -13.41 -11.22
CA GLU M 567 83.34 -14.08 -9.94
C GLU M 567 81.95 -14.49 -9.51
N PHE M 568 80.97 -13.64 -9.75
CA PHE M 568 79.63 -14.01 -9.33
C PHE M 568 79.18 -15.26 -10.04
N VAL M 569 79.37 -15.31 -11.34
CA VAL M 569 78.85 -16.46 -12.05
C VAL M 569 79.59 -17.71 -11.66
N LYS M 570 80.90 -17.61 -11.48
CA LYS M 570 81.65 -18.77 -10.99
C LYS M 570 81.10 -19.21 -9.66
N SER M 571 80.71 -18.26 -8.83
CA SER M 571 80.16 -18.62 -7.55
C SER M 571 78.89 -19.40 -7.74
N VAL M 572 78.05 -18.97 -8.66
CA VAL M 572 76.79 -19.66 -8.84
C VAL M 572 77.04 -21.08 -9.31
N LEU M 573 77.97 -21.24 -10.24
CA LEU M 573 78.30 -22.59 -10.69
C LEU M 573 78.74 -23.45 -9.52
N LYS M 574 79.65 -22.91 -8.71
CA LYS M 574 80.18 -23.71 -7.62
C LYS M 574 79.07 -24.07 -6.64
N ILE M 575 78.20 -23.12 -6.34
CA ILE M 575 77.21 -23.40 -5.32
C ILE M 575 76.13 -24.32 -5.83
N VAL M 576 75.82 -24.25 -7.12
CA VAL M 576 74.85 -25.20 -7.61
C VAL M 576 75.44 -26.59 -7.60
N GLU M 577 76.73 -26.71 -7.92
CA GLU M 577 77.34 -28.03 -7.83
C GLU M 577 77.34 -28.54 -6.40
N LYS M 578 77.83 -27.76 -5.47
CA LYS M 578 78.09 -28.28 -4.15
C LYS M 578 76.81 -28.65 -3.43
N LEU M 579 75.67 -28.11 -3.82
CA LEU M 579 74.46 -28.43 -3.11
C LEU M 579 74.05 -29.85 -3.48
N ASP M 580 73.19 -30.47 -2.66
CA ASP M 580 72.90 -31.87 -2.92
C ASP M 580 71.60 -32.09 -3.68
N LEU M 581 70.50 -31.46 -3.27
CA LEU M 581 69.25 -31.54 -4.02
C LEU M 581 68.77 -32.97 -4.19
N THR M 582 68.97 -33.80 -3.18
CA THR M 582 68.51 -35.18 -3.24
C THR M 582 67.02 -35.24 -2.89
N LEU M 583 66.27 -36.07 -3.61
CA LEU M 583 64.83 -35.90 -3.68
C LEU M 583 64.05 -36.84 -2.79
N GLU M 584 64.55 -38.03 -2.55
CA GLU M 584 63.71 -39.15 -2.16
C GLU M 584 62.91 -38.88 -0.90
N ILE M 585 61.83 -39.64 -0.73
CA ILE M 585 61.03 -39.70 0.48
C ILE M 585 61.89 -39.98 1.71
N ALA M 609 53.69 -36.83 -7.76
CA ALA M 609 54.95 -36.12 -7.67
C ALA M 609 55.11 -35.49 -6.30
N ALA M 610 53.99 -35.20 -5.64
CA ALA M 610 54.01 -34.61 -4.31
C ALA M 610 54.11 -35.65 -3.20
N ASN M 611 54.08 -36.93 -3.53
CA ASN M 611 54.21 -37.97 -2.53
C ASN M 611 55.62 -38.09 -1.97
N LEU M 612 56.59 -37.41 -2.58
CA LEU M 612 57.94 -37.39 -2.08
C LEU M 612 58.14 -36.20 -1.14
N HIS M 613 59.34 -36.11 -0.58
CA HIS M 613 59.73 -34.99 0.24
C HIS M 613 61.22 -34.74 0.02
N PRO M 614 61.63 -33.52 -0.25
CA PRO M 614 63.04 -33.24 -0.56
C PRO M 614 63.90 -33.56 0.64
N ALA M 615 65.11 -34.05 0.37
CA ALA M 615 65.87 -34.66 1.45
C ALA M 615 66.28 -33.66 2.50
N LYS M 616 67.25 -32.79 2.19
CA LYS M 616 67.80 -31.88 3.17
C LYS M 616 67.08 -30.57 3.04
N PRO M 617 66.13 -30.30 3.91
CA PRO M 617 65.23 -29.17 3.69
C PRO M 617 65.96 -27.87 3.55
N LYS M 618 66.69 -27.47 4.59
CA LYS M 618 67.35 -26.17 4.57
C LYS M 618 68.14 -26.02 3.30
N ASP M 619 68.71 -27.11 2.81
CA ASP M 619 69.39 -27.04 1.54
C ASP M 619 68.42 -26.70 0.44
N PHE M 620 67.27 -27.36 0.43
CA PHE M 620 66.35 -27.19 -0.67
C PHE M 620 65.84 -25.77 -0.73
N SER M 621 65.72 -25.13 0.41
CA SER M 621 65.28 -23.74 0.41
C SER M 621 66.34 -22.83 -0.17
N ALA M 622 67.60 -23.11 0.13
CA ALA M 622 68.65 -22.26 -0.38
C ALA M 622 68.68 -22.31 -1.89
N PHE M 623 68.40 -23.46 -2.47
CA PHE M 623 68.39 -23.52 -3.91
C PHE M 623 67.40 -22.53 -4.47
N ILE M 624 66.21 -22.49 -3.89
CA ILE M 624 65.18 -21.60 -4.38
C ILE M 624 65.61 -20.16 -4.22
N ASN M 625 66.15 -19.84 -3.06
CA ASN M 625 66.62 -18.48 -2.89
C ASN M 625 67.58 -18.11 -3.99
N LEU M 626 68.55 -18.97 -4.25
CA LEU M 626 69.56 -18.66 -5.23
C LEU M 626 68.95 -18.53 -6.59
N VAL M 627 67.97 -19.37 -6.88
CA VAL M 627 67.30 -19.29 -8.16
C VAL M 627 66.72 -17.91 -8.33
N GLU M 628 65.97 -17.45 -7.34
CA GLU M 628 65.27 -16.20 -7.57
C GLU M 628 66.25 -15.05 -7.62
N PHE M 629 67.28 -15.11 -6.79
CA PHE M 629 68.33 -14.12 -6.89
C PHE M 629 68.88 -14.08 -8.29
N CYS M 630 69.48 -15.18 -8.72
CA CYS M 630 70.19 -15.17 -9.99
C CYS M 630 69.27 -14.76 -11.10
N ARG M 631 67.98 -15.03 -10.95
CA ARG M 631 67.03 -14.42 -11.86
C ARG M 631 67.07 -12.92 -11.77
N GLU M 632 67.06 -12.40 -10.57
CA GLU M 632 66.87 -10.96 -10.48
C GLU M 632 68.15 -10.23 -10.88
N ILE M 633 69.27 -10.93 -10.92
CA ILE M 633 70.55 -10.23 -11.11
C ILE M 633 71.18 -10.47 -12.47
N LEU M 634 71.00 -11.65 -13.04
CA LEU M 634 71.84 -12.00 -14.19
C LEU M 634 71.45 -11.29 -15.48
N PRO M 635 70.24 -11.43 -16.01
CA PRO M 635 70.03 -11.03 -17.39
C PRO M 635 70.08 -9.53 -17.61
N GLU M 636 69.74 -8.78 -16.57
CA GLU M 636 69.59 -7.34 -16.72
C GLU M 636 70.87 -6.67 -17.19
N LYS M 637 72.02 -7.28 -16.93
CA LYS M 637 73.28 -6.70 -17.38
C LYS M 637 73.38 -6.65 -18.89
N GLN M 638 72.65 -7.51 -19.59
CA GLN M 638 72.84 -7.68 -21.03
C GLN M 638 74.32 -7.86 -21.29
N ALA M 639 74.94 -8.65 -20.44
CA ALA M 639 76.38 -8.66 -20.36
C ALA M 639 77.00 -9.07 -21.67
N GLU M 640 77.90 -8.24 -22.17
CA GLU M 640 78.92 -8.79 -23.04
C GLU M 640 79.64 -9.91 -22.33
N PHE M 641 79.72 -9.82 -21.00
CA PHE M 641 80.53 -10.71 -20.20
C PHE M 641 80.01 -12.13 -20.13
N PHE M 642 78.74 -12.36 -20.43
CA PHE M 642 78.22 -13.69 -20.25
C PHE M 642 78.64 -14.63 -21.35
N GLU M 643 79.17 -14.10 -22.45
CA GLU M 643 79.52 -14.89 -23.61
C GLU M 643 80.45 -16.04 -23.28
N PRO M 644 81.55 -15.83 -22.57
CA PRO M 644 82.40 -16.97 -22.27
C PRO M 644 81.72 -17.95 -21.38
N TRP M 645 80.69 -17.55 -20.66
CA TRP M 645 80.13 -18.48 -19.71
C TRP M 645 78.88 -19.17 -20.16
N VAL M 646 78.42 -18.94 -21.39
CA VAL M 646 77.23 -19.64 -21.84
C VAL M 646 77.45 -21.14 -21.76
N TYR M 647 78.55 -21.59 -22.33
CA TYR M 647 78.74 -23.01 -22.53
C TYR M 647 78.79 -23.74 -21.21
N SER M 648 79.64 -23.30 -20.31
CA SER M 648 79.81 -24.08 -19.10
C SER M 648 78.60 -23.97 -18.23
N PHE M 649 78.10 -22.75 -18.04
CA PHE M 649 76.96 -22.57 -17.16
C PHE M 649 75.76 -23.29 -17.73
N SER M 650 75.82 -23.66 -19.00
CA SER M 650 74.82 -24.56 -19.52
C SER M 650 75.15 -26.00 -19.17
N TYR M 651 76.23 -26.51 -19.73
CA TYR M 651 76.55 -27.93 -19.68
C TYR M 651 76.47 -28.45 -18.26
N GLU M 652 77.10 -27.75 -17.34
CA GLU M 652 77.00 -28.20 -15.97
C GLU M 652 75.59 -28.09 -15.45
N LEU M 653 74.80 -27.19 -15.97
CA LEU M 653 73.45 -27.08 -15.46
C LEU M 653 72.53 -28.11 -16.04
N ILE M 654 72.68 -28.42 -17.32
CA ILE M 654 71.91 -29.48 -17.95
C ILE M 654 72.19 -30.80 -17.28
N LEU M 655 73.46 -31.06 -16.99
CA LEU M 655 73.76 -32.31 -16.32
C LEU M 655 72.94 -32.43 -15.07
N GLN M 656 72.97 -31.40 -14.25
CA GLN M 656 72.21 -31.43 -13.01
C GLN M 656 70.74 -31.61 -13.28
N SER M 657 70.23 -30.95 -14.31
CA SER M 657 68.81 -31.03 -14.58
C SER M 657 68.41 -32.45 -14.92
N THR M 658 69.09 -33.05 -15.88
CA THR M 658 68.70 -34.38 -16.31
C THR M 658 68.84 -35.36 -15.18
N ARG M 659 69.89 -35.22 -14.39
CA ARG M 659 70.11 -36.21 -13.35
C ARG M 659 69.03 -36.10 -12.28
N LEU M 660 68.43 -34.93 -12.16
CA LEU M 660 67.37 -34.70 -11.18
C LEU M 660 66.33 -33.77 -11.75
N PRO M 661 65.52 -34.22 -12.70
CA PRO M 661 64.35 -33.45 -13.07
C PRO M 661 63.35 -33.53 -11.95
N LEU M 662 62.26 -32.80 -12.09
CA LEU M 662 61.30 -32.56 -11.04
C LEU M 662 61.86 -31.69 -9.94
N ILE M 663 62.96 -30.99 -10.20
CA ILE M 663 63.35 -29.83 -9.41
C ILE M 663 63.30 -28.64 -10.34
N SER M 664 62.64 -27.58 -9.91
CA SER M 664 62.24 -26.53 -10.84
C SER M 664 63.42 -25.68 -11.24
N GLY M 665 63.93 -24.93 -10.27
CA GLY M 665 64.81 -23.82 -10.56
C GLY M 665 65.94 -24.14 -11.50
N PHE M 666 66.25 -25.40 -11.71
CA PHE M 666 67.22 -25.68 -12.75
C PHE M 666 66.72 -25.13 -14.06
N TYR M 667 65.47 -25.40 -14.36
CA TYR M 667 64.94 -24.83 -15.58
C TYR M 667 64.99 -23.33 -15.52
N LYS M 668 64.80 -22.75 -14.35
CA LYS M 668 64.77 -21.30 -14.29
C LYS M 668 66.13 -20.74 -14.63
N LEU M 669 67.18 -21.25 -13.98
CA LEU M 669 68.51 -20.78 -14.30
C LEU M 669 68.82 -21.03 -15.74
N LEU M 670 68.36 -22.14 -16.26
CA LEU M 670 68.65 -22.40 -17.65
C LEU M 670 67.93 -21.40 -18.51
N SER M 671 66.79 -20.93 -18.05
CA SER M 671 66.07 -19.95 -18.84
C SER M 671 66.81 -18.64 -18.84
N ILE M 672 67.35 -18.26 -17.70
CA ILE M 672 68.20 -17.09 -17.67
C ILE M 672 69.35 -17.29 -18.61
N THR M 673 69.91 -18.49 -18.62
CA THR M 673 71.01 -18.79 -19.52
C THR M 673 70.61 -18.56 -20.95
N VAL M 674 69.49 -19.13 -21.35
CA VAL M 674 69.17 -19.11 -22.76
C VAL M 674 68.80 -17.71 -23.18
N ARG M 675 68.01 -17.01 -22.37
CA ARG M 675 67.63 -15.65 -22.75
C ARG M 675 68.85 -14.77 -22.81
N ASN M 676 69.73 -14.89 -21.83
CA ASN M 676 70.88 -14.04 -21.81
C ASN M 676 71.72 -14.32 -23.04
N ALA M 677 71.79 -15.57 -23.44
CA ALA M 677 72.50 -15.92 -24.65
C ALA M 677 71.84 -15.29 -25.85
N LYS M 678 70.52 -15.43 -25.93
CA LYS M 678 69.82 -14.95 -27.09
C LYS M 678 70.09 -13.48 -27.29
N LYS M 679 70.11 -12.72 -26.21
CA LYS M 679 70.23 -11.28 -26.35
C LYS M 679 71.55 -10.89 -26.95
N ILE M 680 72.50 -11.81 -27.01
CA ILE M 680 73.84 -11.41 -27.41
C ILE M 680 74.18 -12.10 -28.71
N LYS M 681 73.16 -12.29 -29.55
CA LYS M 681 73.26 -12.88 -30.87
C LYS M 681 74.14 -14.12 -30.90
N TYR M 682 74.11 -14.93 -29.84
CA TYR M 682 74.98 -16.09 -29.78
C TYR M 682 74.68 -17.09 -30.88
N PHE M 683 73.58 -17.81 -30.76
CA PHE M 683 73.39 -19.03 -31.51
C PHE M 683 73.27 -18.82 -33.01
N GLU M 684 73.15 -17.57 -33.46
CA GLU M 684 72.81 -17.32 -34.84
C GLU M 684 73.85 -17.89 -35.80
N GLY M 685 75.04 -18.18 -35.33
CA GLY M 685 76.11 -18.61 -36.21
C GLY M 685 75.87 -19.95 -36.87
N VAL M 686 74.97 -20.76 -36.34
CA VAL M 686 74.72 -22.07 -36.93
C VAL M 686 73.45 -22.04 -37.77
N PRO M 698 83.82 -24.29 -33.38
CA PRO M 698 84.11 -23.98 -31.99
C PRO M 698 83.33 -24.84 -31.06
N GLU M 699 83.17 -24.36 -29.83
CA GLU M 699 82.24 -24.99 -28.92
C GLU M 699 80.87 -24.39 -29.07
N LYS M 700 80.72 -23.34 -29.88
CA LYS M 700 79.39 -22.81 -30.12
C LYS M 700 78.51 -23.84 -30.80
N TYR M 701 79.03 -24.52 -31.81
CA TYR M 701 78.27 -25.61 -32.37
C TYR M 701 77.90 -26.60 -31.29
N SER M 702 78.78 -26.78 -30.32
CA SER M 702 78.46 -27.67 -29.21
C SER M 702 77.31 -27.12 -28.40
N CYS M 703 77.26 -25.80 -28.20
CA CYS M 703 76.21 -25.29 -27.35
C CYS M 703 74.88 -25.38 -28.05
N PHE M 704 74.86 -25.05 -29.33
CA PHE M 704 73.66 -25.25 -30.11
C PHE M 704 73.22 -26.69 -30.07
N ALA M 705 74.16 -27.60 -30.22
CA ALA M 705 73.80 -29.00 -30.18
C ALA M 705 73.20 -29.37 -28.84
N LEU M 706 73.85 -28.94 -27.77
CA LEU M 706 73.40 -29.39 -26.48
C LEU M 706 72.02 -28.85 -26.20
N PHE M 707 71.76 -27.64 -26.66
CA PHE M 707 70.43 -27.11 -26.46
C PHE M 707 69.43 -27.81 -27.35
N VAL M 708 69.81 -28.18 -28.57
CA VAL M 708 68.87 -28.93 -29.39
C VAL M 708 68.43 -30.17 -28.64
N LYS M 709 69.39 -30.93 -28.15
CA LYS M 709 69.02 -32.18 -27.52
C LYS M 709 68.23 -31.93 -26.27
N PHE M 710 68.64 -30.96 -25.45
CA PHE M 710 67.87 -30.76 -24.26
C PHE M 710 66.49 -30.27 -24.59
N GLY M 711 66.35 -29.54 -25.67
CA GLY M 711 65.06 -28.99 -26.01
C GLY M 711 64.12 -30.11 -26.36
N LYS M 712 64.55 -30.99 -27.25
CA LYS M 712 63.68 -32.10 -27.55
C LYS M 712 63.39 -32.89 -26.29
N GLU M 713 64.40 -33.11 -25.48
CA GLU M 713 64.19 -33.94 -24.30
C GLU M 713 63.19 -33.27 -23.39
N VAL M 714 63.27 -31.96 -23.25
CA VAL M 714 62.42 -31.28 -22.30
C VAL M 714 61.04 -31.16 -22.86
N ALA M 715 60.92 -31.13 -24.18
CA ALA M 715 59.60 -31.20 -24.77
C ALA M 715 58.95 -32.51 -24.40
N VAL M 716 59.68 -33.60 -24.58
CA VAL M 716 59.15 -34.89 -24.19
C VAL M 716 58.76 -34.85 -22.72
N LYS M 717 59.59 -34.25 -21.89
CA LYS M 717 59.32 -34.31 -20.47
C LYS M 717 58.19 -33.40 -20.09
N MET M 718 57.91 -32.36 -20.87
CA MET M 718 57.00 -31.35 -20.39
C MET M 718 55.61 -31.93 -20.22
N LYS M 719 55.22 -32.83 -21.13
CA LYS M 719 53.88 -33.38 -21.09
C LYS M 719 53.54 -33.91 -19.73
N GLN M 720 54.38 -34.74 -19.17
CA GLN M 720 53.98 -35.39 -17.94
C GLN M 720 53.83 -34.41 -16.80
N TYR M 721 54.56 -33.30 -16.82
CA TYR M 721 54.68 -32.57 -15.57
C TYR M 721 53.42 -31.79 -15.26
N LYS M 722 53.30 -31.40 -14.01
CA LYS M 722 52.08 -30.85 -13.46
C LYS M 722 52.34 -29.38 -13.17
N ASP M 723 51.45 -28.73 -12.44
CA ASP M 723 51.36 -27.27 -12.44
C ASP M 723 52.66 -26.49 -12.35
N GLU M 724 53.32 -26.48 -11.20
CA GLU M 724 54.41 -25.52 -11.04
C GLU M 724 55.61 -25.90 -11.88
N LEU M 725 56.01 -27.16 -11.83
CA LEU M 725 57.08 -27.60 -12.70
C LEU M 725 56.71 -27.37 -14.15
N LEU M 726 55.44 -27.50 -14.48
CA LEU M 726 55.02 -27.24 -15.85
C LEU M 726 55.27 -25.79 -16.18
N ALA M 727 55.00 -24.92 -15.25
CA ALA M 727 55.27 -23.51 -15.49
C ALA M 727 56.74 -23.31 -15.74
N SER M 728 57.56 -23.94 -14.94
CA SER M 728 58.97 -23.74 -15.14
C SER M 728 59.39 -24.23 -16.52
N CYS M 729 58.95 -25.42 -16.89
CA CYS M 729 59.48 -25.99 -18.10
C CYS M 729 59.04 -25.17 -19.30
N LEU M 730 57.80 -24.73 -19.30
CA LEU M 730 57.38 -23.89 -20.40
C LEU M 730 58.19 -22.62 -20.42
N THR M 731 58.38 -22.00 -19.26
CA THR M 731 59.14 -20.78 -19.24
C THR M 731 60.47 -20.98 -19.92
N PHE M 732 61.07 -22.14 -19.70
CA PHE M 732 62.28 -22.45 -20.42
C PHE M 732 62.00 -22.59 -21.89
N LEU M 733 61.25 -23.62 -22.25
CA LEU M 733 61.19 -24.05 -23.62
C LEU M 733 60.83 -22.90 -24.51
N LEU M 734 59.77 -22.20 -24.15
CA LEU M 734 59.28 -21.15 -24.98
C LEU M 734 60.33 -20.09 -25.24
N SER M 735 61.50 -20.20 -24.64
CA SER M 735 62.47 -19.14 -24.75
C SER M 735 63.62 -19.48 -25.66
N LEU M 736 63.72 -20.70 -26.15
CA LEU M 736 64.86 -21.05 -26.96
C LEU M 736 64.90 -20.15 -28.19
N PRO M 737 66.07 -19.93 -28.75
CA PRO M 737 66.17 -18.99 -29.84
C PRO M 737 65.48 -19.55 -31.06
N HIS M 738 65.20 -18.68 -32.02
CA HIS M 738 64.54 -19.14 -33.23
C HIS M 738 65.34 -20.23 -33.89
N ASN M 739 66.64 -20.00 -34.04
CA ASN M 739 67.43 -20.85 -34.92
C ASN M 739 67.36 -22.29 -34.46
N ILE M 740 67.06 -22.51 -33.20
CA ILE M 740 66.88 -23.87 -32.77
C ILE M 740 65.48 -24.32 -33.06
N ILE M 741 64.54 -23.41 -33.17
CA ILE M 741 63.16 -23.84 -33.33
C ILE M 741 62.95 -24.49 -34.68
N GLU M 742 63.40 -23.82 -35.74
CA GLU M 742 62.98 -24.30 -37.04
C GLU M 742 63.57 -25.64 -37.35
N LEU M 743 64.54 -26.08 -36.57
CA LEU M 743 65.02 -27.44 -36.76
C LEU M 743 63.90 -28.42 -36.52
N ASP M 744 63.08 -28.19 -35.51
CA ASP M 744 62.12 -29.20 -35.11
C ASP M 744 60.76 -28.60 -34.78
N VAL M 745 60.23 -27.74 -35.64
CA VAL M 745 58.99 -27.06 -35.28
C VAL M 745 57.91 -28.09 -35.05
N ARG M 746 56.82 -27.65 -34.47
CA ARG M 746 55.68 -28.49 -34.16
C ARG M 746 56.03 -29.42 -33.02
N ALA M 747 57.27 -29.45 -32.64
CA ALA M 747 57.55 -30.06 -31.37
C ALA M 747 57.20 -29.11 -30.25
N TYR M 748 57.13 -27.83 -30.55
CA TYR M 748 56.88 -26.85 -29.53
C TYR M 748 55.49 -26.27 -29.60
N VAL M 749 54.85 -26.31 -30.74
CA VAL M 749 53.53 -25.73 -30.86
C VAL M 749 52.63 -26.11 -29.71
N PRO M 750 52.55 -27.37 -29.29
CA PRO M 750 51.76 -27.66 -28.10
C PRO M 750 52.30 -26.98 -26.88
N ALA M 751 53.60 -26.82 -26.78
CA ALA M 751 54.12 -26.17 -25.61
C ALA M 751 53.59 -24.75 -25.52
N LEU M 752 53.60 -24.06 -26.64
CA LEU M 752 53.12 -22.69 -26.63
C LEU M 752 51.65 -22.64 -26.37
N GLN M 753 50.88 -23.58 -26.89
CA GLN M 753 49.47 -23.55 -26.58
C GLN M 753 49.27 -23.66 -25.08
N MET M 754 49.91 -24.62 -24.47
CA MET M 754 49.67 -24.79 -23.06
C MET M 754 50.18 -23.59 -22.32
N ALA M 755 51.15 -22.91 -22.91
CA ALA M 755 51.64 -21.69 -22.33
C ALA M 755 50.53 -20.68 -22.22
N PHE M 756 49.83 -20.43 -23.30
CA PHE M 756 48.78 -19.43 -23.24
C PHE M 756 47.67 -19.86 -22.31
N LYS M 757 47.35 -21.13 -22.31
CA LYS M 757 46.27 -21.55 -21.44
C LYS M 757 46.61 -21.25 -20.01
N LEU M 758 47.83 -21.53 -19.58
CA LEU M 758 48.22 -21.06 -18.27
C LEU M 758 48.17 -19.55 -18.20
N GLY M 759 48.65 -18.89 -19.22
CA GLY M 759 48.89 -17.47 -19.09
C GLY M 759 47.63 -16.73 -18.75
N LEU M 760 46.50 -17.18 -19.27
CA LEU M 760 45.28 -16.46 -18.96
C LEU M 760 45.02 -16.41 -17.46
N SER M 761 45.81 -17.12 -16.65
CA SER M 761 45.68 -17.00 -15.22
C SER M 761 47.02 -16.97 -14.51
N TYR M 762 48.09 -16.56 -15.19
CA TYR M 762 49.34 -16.24 -14.51
C TYR M 762 50.14 -15.37 -15.46
N THR M 763 50.07 -14.07 -15.27
CA THR M 763 50.45 -13.16 -16.34
C THR M 763 51.88 -13.36 -16.83
N PRO M 764 52.89 -13.49 -16.00
CA PRO M 764 54.24 -13.43 -16.54
C PRO M 764 54.48 -14.51 -17.53
N LEU M 765 53.90 -15.67 -17.31
CA LEU M 765 54.07 -16.72 -18.29
C LEU M 765 53.44 -16.30 -19.58
N ALA M 766 52.34 -15.57 -19.51
CA ALA M 766 51.70 -15.17 -20.74
C ALA M 766 52.58 -14.19 -21.47
N GLU M 767 53.21 -13.28 -20.76
CA GLU M 767 54.12 -12.36 -21.41
C GLU M 767 55.24 -13.13 -22.06
N VAL M 768 55.74 -14.16 -21.38
CA VAL M 768 56.75 -15.00 -21.97
C VAL M 768 56.25 -15.53 -23.29
N GLY M 769 55.01 -15.96 -23.30
CA GLY M 769 54.45 -16.43 -24.56
C GLY M 769 54.46 -15.35 -25.62
N LEU M 770 53.67 -14.30 -25.42
CA LEU M 770 53.49 -13.34 -26.50
C LEU M 770 54.82 -12.88 -27.02
N ASN M 771 55.78 -12.69 -26.14
CA ASN M 771 57.13 -12.42 -26.60
C ASN M 771 57.61 -13.53 -27.52
N ALA M 772 57.39 -14.77 -27.11
CA ALA M 772 57.93 -15.86 -27.90
C ALA M 772 57.26 -15.89 -29.26
N LEU M 773 55.97 -15.63 -29.29
CA LEU M 773 55.27 -15.81 -30.54
C LEU M 773 55.69 -14.74 -31.49
N GLU M 774 55.93 -13.54 -30.99
CA GLU M 774 56.44 -12.52 -31.87
C GLU M 774 57.76 -12.96 -32.44
N GLU M 775 58.60 -13.55 -31.60
CA GLU M 775 59.91 -13.97 -32.07
C GLU M 775 59.76 -14.95 -33.21
N TRP M 776 58.94 -15.97 -33.00
CA TRP M 776 58.78 -16.96 -34.05
C TRP M 776 58.27 -16.30 -35.31
N SER M 777 57.19 -15.53 -35.19
CA SER M 777 56.55 -15.03 -36.37
C SER M 777 57.50 -14.18 -37.18
N ILE M 778 58.45 -13.55 -36.51
CA ILE M 778 59.30 -12.66 -37.28
C ILE M 778 60.50 -13.37 -37.86
N TYR M 779 60.91 -14.50 -37.31
CA TYR M 779 62.13 -15.11 -37.86
C TYR M 779 61.87 -16.37 -38.67
N ILE M 780 61.14 -17.33 -38.12
CA ILE M 780 60.95 -18.61 -38.78
C ILE M 780 60.39 -18.40 -40.18
N ASP M 781 60.90 -19.18 -41.12
CA ASP M 781 60.43 -19.06 -42.50
C ASP M 781 58.93 -19.27 -42.55
N ARG M 782 58.25 -18.41 -43.29
CA ARG M 782 56.81 -18.36 -43.21
C ARG M 782 56.20 -19.68 -43.62
N HIS M 783 56.65 -20.23 -44.75
CA HIS M 783 56.03 -21.45 -45.22
C HIS M 783 56.18 -22.55 -44.19
N VAL M 784 57.17 -22.43 -43.31
CA VAL M 784 57.36 -23.44 -42.29
C VAL M 784 56.24 -23.36 -41.29
N MET M 785 55.79 -22.17 -40.96
CA MET M 785 54.86 -22.01 -39.86
C MET M 785 53.42 -21.84 -40.29
N GLN M 786 53.19 -21.57 -41.57
CA GLN M 786 51.83 -21.28 -42.01
C GLN M 786 50.82 -22.31 -41.55
N PRO M 787 51.05 -23.61 -41.68
CA PRO M 787 50.03 -24.54 -41.22
C PRO M 787 49.80 -24.47 -39.74
N TYR M 788 50.70 -23.89 -38.98
CA TYR M 788 50.60 -24.03 -37.55
C TYR M 788 49.89 -22.89 -36.85
N TYR M 789 49.78 -21.71 -37.44
CA TYR M 789 48.96 -20.71 -36.78
C TYR M 789 47.54 -21.16 -36.60
N LYS M 790 47.11 -22.18 -37.32
CA LYS M 790 45.75 -22.65 -37.19
C LYS M 790 45.43 -23.03 -35.77
N ASP M 791 46.25 -23.86 -35.16
CA ASP M 791 45.91 -24.33 -33.84
C ASP M 791 46.50 -23.48 -32.73
N ILE M 792 47.28 -22.45 -33.07
CA ILE M 792 48.00 -21.69 -32.08
C ILE M 792 47.35 -20.34 -31.81
N LEU M 793 46.87 -19.65 -32.84
CA LEU M 793 46.22 -18.37 -32.58
C LEU M 793 44.98 -18.49 -31.73
N PRO M 794 44.06 -19.41 -31.96
CA PRO M 794 43.06 -19.65 -30.93
C PRO M 794 43.77 -19.98 -29.64
N CYS M 795 43.08 -19.78 -28.55
CA CYS M 795 43.65 -19.69 -27.22
C CYS M 795 44.37 -18.39 -27.13
N LEU M 796 44.15 -17.48 -28.05
CA LEU M 796 44.34 -16.08 -27.75
C LEU M 796 43.04 -15.41 -27.41
N ASP M 797 41.93 -16.08 -27.62
CA ASP M 797 40.66 -15.39 -27.50
C ASP M 797 40.46 -14.88 -26.09
N GLY M 798 40.83 -15.69 -25.10
CA GLY M 798 40.49 -15.36 -23.74
C GLY M 798 41.09 -14.03 -23.31
N TYR M 799 42.30 -13.75 -23.75
CA TYR M 799 42.97 -12.57 -23.26
C TYR M 799 42.21 -11.33 -23.64
N LEU M 800 41.61 -11.35 -24.80
CA LEU M 800 40.70 -10.29 -25.18
C LEU M 800 39.25 -10.63 -24.95
N LYS M 801 38.97 -11.68 -24.18
CA LYS M 801 37.60 -12.14 -24.08
C LYS M 801 36.72 -11.12 -23.40
N THR M 802 37.28 -10.27 -22.57
CA THR M 802 36.45 -9.35 -21.83
C THR M 802 37.13 -8.00 -21.73
N SER M 803 36.32 -6.97 -21.57
CA SER M 803 36.83 -5.65 -21.30
C SER M 803 36.77 -5.31 -19.83
N ALA M 804 36.23 -6.20 -18.99
CA ALA M 804 36.20 -6.04 -17.55
C ALA M 804 35.47 -4.76 -17.16
N LEU M 805 34.24 -4.62 -17.66
CA LEU M 805 33.45 -3.43 -17.44
C LEU M 805 32.82 -3.43 -16.04
N GLU M 814 45.23 7.50 -5.65
CA GLU M 814 43.99 8.26 -5.77
C GLU M 814 44.03 9.51 -4.88
N VAL M 815 44.20 9.29 -3.58
CA VAL M 815 44.27 10.39 -2.63
C VAL M 815 45.65 10.41 -2.01
N SER M 816 46.64 9.97 -2.79
CA SER M 816 47.98 9.80 -2.26
C SER M 816 48.58 11.13 -1.84
N ALA M 817 49.71 11.05 -1.14
CA ALA M 817 50.28 12.22 -0.48
C ALA M 817 50.58 13.32 -1.49
N LEU M 818 51.02 12.96 -2.69
CA LEU M 818 51.28 13.99 -3.66
C LEU M 818 50.01 14.72 -4.04
N SER M 819 48.88 14.04 -4.01
CA SER M 819 47.64 14.70 -4.39
C SER M 819 47.30 15.81 -3.42
N ARG M 820 47.25 15.47 -2.14
CA ARG M 820 46.93 16.49 -1.15
C ARG M 820 48.01 17.57 -1.15
N ALA M 821 49.25 17.18 -1.37
CA ALA M 821 50.32 18.17 -1.37
C ALA M 821 50.10 19.17 -2.49
N ALA M 822 49.94 18.69 -3.71
CA ALA M 822 49.74 19.57 -4.84
C ALA M 822 48.46 20.36 -4.71
N GLN M 823 47.53 19.90 -3.87
CA GLN M 823 46.32 20.67 -3.67
C GLN M 823 46.63 22.04 -3.10
N LYS M 824 47.50 22.11 -2.11
CA LYS M 824 47.68 23.38 -1.40
C LYS M 824 48.45 24.39 -2.24
N GLY M 825 49.30 23.92 -3.14
CA GLY M 825 50.00 24.82 -4.03
C GLY M 825 51.19 24.14 -4.68
N PHE M 826 51.67 24.74 -5.77
CA PHE M 826 52.77 24.17 -6.53
C PHE M 826 54.12 24.58 -5.96
N ASN M 827 54.29 24.41 -4.67
CA ASN M 827 55.51 24.88 -4.03
C ASN M 827 56.59 23.83 -4.17
N LYS M 828 57.72 24.07 -3.53
CA LYS M 828 58.84 23.14 -3.62
C LYS M 828 58.48 21.77 -3.10
N VAL M 829 57.54 21.69 -2.18
CA VAL M 829 57.25 20.39 -1.55
C VAL M 829 56.75 19.40 -2.58
N VAL M 830 56.02 19.88 -3.58
CA VAL M 830 55.52 18.98 -4.61
C VAL M 830 56.66 18.31 -5.34
N LEU M 831 57.75 19.04 -5.60
CA LEU M 831 58.85 18.43 -6.32
C LEU M 831 59.47 17.30 -5.53
N LYS M 832 59.54 17.42 -4.20
CA LYS M 832 60.09 16.30 -3.45
C LYS M 832 59.24 15.05 -3.67
N HIS M 833 57.92 15.18 -3.57
CA HIS M 833 57.08 14.01 -3.73
C HIS M 833 57.19 13.44 -5.12
N LEU M 834 57.20 14.29 -6.14
CA LEU M 834 57.24 13.75 -7.49
C LEU M 834 58.60 13.16 -7.81
N LYS M 835 59.67 13.77 -7.33
CA LYS M 835 60.99 13.21 -7.56
C LYS M 835 61.13 11.85 -6.91
N LYS M 836 60.64 11.71 -5.67
CA LYS M 836 60.68 10.43 -5.01
C LYS M 836 59.80 9.41 -5.74
N THR M 837 58.67 9.86 -6.27
CA THR M 837 57.82 8.98 -7.06
C THR M 837 58.53 8.51 -8.32
N LYS M 838 59.26 9.40 -8.97
CA LYS M 838 59.97 9.04 -10.19
C LYS M 838 61.18 8.17 -9.91
N GLU M 844 58.54 -4.27 -12.59
CA GLU M 844 57.73 -5.34 -12.03
C GLU M 844 57.09 -6.18 -13.12
N ALA M 845 56.46 -7.28 -12.73
CA ALA M 845 55.83 -8.16 -13.70
C ALA M 845 54.74 -7.42 -14.45
N ILE M 846 54.56 -7.77 -15.73
CA ILE M 846 53.63 -7.05 -16.56
C ILE M 846 52.23 -7.23 -16.02
N SER M 847 51.40 -6.25 -16.26
CA SER M 847 50.05 -6.25 -15.73
C SER M 847 49.08 -6.77 -16.77
N LEU M 848 47.84 -6.93 -16.35
CA LEU M 848 46.89 -7.56 -17.24
C LEU M 848 46.53 -6.62 -18.38
N GLU M 849 46.29 -5.36 -18.09
CA GLU M 849 45.89 -4.47 -19.16
C GLU M 849 47.01 -4.32 -20.16
N GLU M 850 48.24 -4.24 -19.67
CA GLU M 850 49.34 -4.12 -20.59
C GLU M 850 49.43 -5.34 -21.46
N ILE M 851 49.14 -6.51 -20.90
CA ILE M 851 49.25 -7.67 -21.76
C ILE M 851 48.07 -7.75 -22.69
N ARG M 852 46.95 -7.13 -22.35
CA ARG M 852 45.89 -7.05 -23.32
C ARG M 852 46.34 -6.23 -24.51
N ILE M 853 46.87 -5.05 -24.25
CA ILE M 853 47.20 -4.22 -25.39
C ILE M 853 48.29 -4.90 -26.19
N ARG M 854 49.14 -5.65 -25.51
CA ARG M 854 50.12 -6.43 -26.24
C ARG M 854 49.43 -7.48 -27.08
N VAL M 855 48.39 -8.12 -26.56
CA VAL M 855 47.88 -9.21 -27.35
C VAL M 855 47.23 -8.66 -28.56
N VAL M 856 46.63 -7.51 -28.47
CA VAL M 856 46.04 -6.96 -29.67
C VAL M 856 47.13 -6.53 -30.61
N GLN M 857 48.18 -5.94 -30.08
CA GLN M 857 49.24 -5.48 -30.95
C GLN M 857 49.84 -6.64 -31.70
N MET M 858 50.05 -7.75 -31.02
CA MET M 858 50.59 -8.89 -31.74
C MET M 858 49.58 -9.45 -32.71
N LEU M 859 48.36 -9.69 -32.24
CA LEU M 859 47.33 -10.22 -33.11
C LEU M 859 47.27 -9.44 -34.38
N GLY M 860 47.53 -8.15 -34.29
CA GLY M 860 47.67 -7.38 -35.49
C GLY M 860 48.96 -7.73 -36.19
N SER M 861 50.04 -7.84 -35.45
CA SER M 861 51.34 -7.83 -36.08
C SER M 861 51.53 -9.01 -37.01
N LEU M 862 50.80 -10.09 -36.79
CA LEU M 862 50.98 -11.21 -37.68
C LEU M 862 50.45 -10.91 -39.05
N GLY M 863 49.44 -10.05 -39.14
CA GLY M 863 48.90 -9.69 -40.43
C GLY M 863 47.59 -10.41 -40.72
N GLY M 864 46.81 -9.81 -41.62
CA GLY M 864 45.50 -10.35 -41.92
C GLY M 864 45.55 -11.76 -42.45
N GLN M 865 46.36 -11.97 -43.49
CA GLN M 865 46.40 -13.28 -44.12
C GLN M 865 46.69 -14.34 -43.11
N ILE M 866 47.40 -13.97 -42.05
CA ILE M 866 47.58 -14.81 -40.90
C ILE M 866 46.43 -14.67 -39.93
N ASN M 867 46.06 -13.47 -39.55
CA ASN M 867 45.26 -13.36 -38.35
C ASN M 867 43.86 -13.88 -38.53
N LYS M 868 43.39 -14.04 -39.76
CA LYS M 868 42.04 -14.52 -39.94
C LYS M 868 41.81 -15.77 -39.13
N ASN M 869 42.87 -16.46 -38.78
CA ASN M 869 42.70 -17.72 -38.11
C ASN M 869 42.25 -17.58 -36.67
N LEU M 870 42.23 -16.38 -36.12
CA LEU M 870 41.78 -16.26 -34.73
C LEU M 870 40.35 -16.72 -34.59
N LEU M 871 39.51 -16.40 -35.55
CA LEU M 871 38.18 -16.95 -35.55
C LEU M 871 38.27 -18.46 -35.71
N THR M 872 37.19 -19.16 -35.37
CA THR M 872 37.24 -20.61 -35.19
C THR M 872 37.93 -21.30 -36.34
N VAL M 873 37.32 -21.28 -37.52
CA VAL M 873 37.87 -21.93 -38.69
C VAL M 873 37.50 -21.06 -39.88
N THR M 874 38.12 -21.31 -41.02
CA THR M 874 37.56 -20.81 -42.26
C THR M 874 36.16 -21.41 -42.43
N SER M 875 35.23 -20.58 -42.90
CA SER M 875 33.80 -20.89 -42.79
C SER M 875 33.44 -22.04 -43.73
N SER M 876 33.73 -23.26 -43.29
CA SER M 876 33.30 -24.43 -44.06
C SER M 876 32.32 -25.31 -43.30
N ASP M 877 32.72 -25.96 -42.22
CA ASP M 877 31.82 -26.87 -41.54
C ASP M 877 31.84 -26.72 -40.02
N GLU M 878 33.01 -26.49 -39.44
CA GLU M 878 33.14 -26.62 -38.00
C GLU M 878 32.26 -25.60 -37.29
N MET M 879 32.40 -24.33 -37.65
CA MET M 879 31.57 -23.30 -37.02
C MET M 879 30.12 -23.47 -37.42
N MET M 880 29.89 -24.05 -38.59
CA MET M 880 28.51 -24.29 -39.00
C MET M 880 27.84 -25.21 -38.00
N LYS M 881 28.64 -25.92 -37.20
CA LYS M 881 28.11 -26.66 -36.09
C LYS M 881 27.77 -25.74 -34.93
N SER M 882 28.47 -24.64 -34.80
CA SER M 882 28.32 -23.87 -33.59
C SER M 882 26.94 -23.26 -33.44
N TYR M 883 26.15 -23.24 -34.51
CA TYR M 883 24.89 -22.52 -34.43
C TYR M 883 23.80 -23.30 -33.74
N VAL M 884 23.69 -24.60 -33.96
CA VAL M 884 22.56 -25.35 -33.45
C VAL M 884 22.51 -25.22 -31.95
N ALA M 885 21.30 -25.22 -31.41
CA ALA M 885 21.17 -25.13 -29.97
C ALA M 885 21.74 -26.39 -29.33
N TRP M 886 22.27 -26.26 -28.11
CA TRP M 886 22.73 -27.50 -27.53
C TRP M 886 21.61 -28.45 -27.18
N ASP M 887 20.36 -28.03 -27.28
CA ASP M 887 19.29 -28.96 -27.05
C ASP M 887 18.11 -28.57 -27.91
N ARG M 888 17.53 -29.56 -28.58
CA ARG M 888 16.36 -29.31 -29.38
C ARG M 888 15.34 -28.51 -28.60
N GLU M 889 14.88 -29.08 -27.50
CA GLU M 889 13.85 -28.45 -26.67
C GLU M 889 14.50 -28.00 -25.39
N LYS M 890 13.99 -26.89 -24.86
CA LYS M 890 14.71 -26.13 -23.85
C LYS M 890 14.34 -26.62 -22.46
N ARG M 891 15.15 -27.49 -21.91
CA ARG M 891 15.03 -27.85 -20.50
C ARG M 891 15.69 -26.78 -19.65
N LEU M 892 15.92 -27.09 -18.38
CA LEU M 892 16.43 -26.15 -17.40
C LEU M 892 15.47 -24.99 -17.16
N SER M 893 14.19 -25.33 -17.02
CA SER M 893 13.18 -24.30 -16.85
C SER M 893 13.25 -23.75 -15.43
N PHE M 894 13.59 -22.47 -15.31
CA PHE M 894 13.64 -21.78 -14.04
C PHE M 894 12.50 -20.80 -13.93
N ALA M 895 12.14 -20.49 -12.70
CA ALA M 895 10.93 -19.75 -12.40
C ALA M 895 11.24 -18.56 -11.54
N VAL M 896 12.14 -17.70 -12.00
CA VAL M 896 12.73 -16.65 -11.18
C VAL M 896 11.66 -16.09 -10.27
N PRO M 897 11.79 -16.26 -9.02
CA PRO M 897 10.68 -16.11 -8.11
C PRO M 897 10.46 -14.67 -7.69
N PHE M 898 9.83 -13.90 -8.55
CA PHE M 898 9.38 -12.59 -8.14
C PHE M 898 8.21 -12.75 -7.17
N ARG M 899 7.65 -11.61 -6.78
CA ARG M 899 6.49 -11.64 -5.89
C ARG M 899 5.19 -11.62 -6.68
N GLU M 900 4.98 -10.58 -7.44
CA GLU M 900 3.71 -10.43 -8.13
C GLU M 900 3.54 -11.44 -9.26
N MET M 901 4.61 -12.04 -9.75
CA MET M 901 4.40 -13.14 -10.69
C MET M 901 5.62 -14.01 -10.77
N LYS M 902 5.51 -15.03 -11.60
CA LYS M 902 6.43 -16.13 -11.68
C LYS M 902 6.81 -16.34 -13.13
N PRO M 903 7.71 -15.56 -13.71
CA PRO M 903 8.10 -15.80 -15.08
C PRO M 903 9.08 -16.94 -15.18
N VAL M 904 9.23 -17.45 -16.39
CA VAL M 904 10.11 -18.59 -16.62
C VAL M 904 11.31 -18.12 -17.43
N ILE M 905 12.50 -18.51 -17.01
CA ILE M 905 13.73 -18.12 -17.68
C ILE M 905 14.49 -19.38 -17.98
N PHE M 906 14.89 -19.54 -19.23
CA PHE M 906 15.49 -20.79 -19.66
C PHE M 906 16.98 -20.71 -19.47
N LEU M 907 17.49 -21.46 -18.51
CA LEU M 907 18.89 -21.31 -18.16
C LEU M 907 19.77 -21.92 -19.22
N ASP M 908 19.21 -22.74 -20.09
CA ASP M 908 20.05 -23.39 -21.09
C ASP M 908 20.63 -22.39 -22.06
N VAL M 909 19.93 -21.30 -22.35
CA VAL M 909 20.48 -20.41 -23.34
C VAL M 909 21.67 -19.68 -22.79
N PHE M 910 21.76 -19.57 -21.48
CA PHE M 910 22.91 -18.91 -20.90
C PHE M 910 24.13 -19.77 -21.06
N LEU M 911 23.91 -21.07 -21.01
CA LEU M 911 25.00 -21.98 -20.69
C LEU M 911 26.11 -21.95 -21.72
N PRO M 912 25.86 -21.97 -23.02
CA PRO M 912 26.98 -22.09 -23.94
C PRO M 912 27.94 -20.95 -23.84
N ARG M 913 27.48 -19.79 -23.43
CA ARG M 913 28.42 -18.70 -23.24
C ARG M 913 28.99 -18.67 -21.84
N VAL M 914 28.19 -19.04 -20.85
CA VAL M 914 28.72 -19.08 -19.50
C VAL M 914 29.89 -20.02 -19.42
N THR M 915 29.79 -21.18 -20.06
CA THR M 915 30.86 -22.14 -19.97
C THR M 915 32.13 -21.60 -20.61
N GLU M 916 32.01 -20.97 -21.76
CA GLU M 916 33.20 -20.42 -22.37
C GLU M 916 33.84 -19.41 -21.44
N LEU M 917 33.02 -18.61 -20.77
CA LEU M 917 33.59 -17.72 -19.77
C LEU M 917 34.33 -18.53 -18.73
N ALA M 918 33.72 -19.61 -18.28
CA ALA M 918 34.28 -20.32 -17.15
C ALA M 918 35.64 -20.88 -17.48
N LEU M 919 35.80 -21.41 -18.67
CA LEU M 919 37.11 -21.95 -19.01
C LEU M 919 38.12 -20.86 -19.26
N THR M 920 37.76 -19.85 -20.03
CA THR M 920 38.81 -19.10 -20.67
C THR M 920 38.72 -17.59 -20.38
N ALA M 921 37.96 -17.19 -19.37
CA ALA M 921 37.88 -15.78 -19.08
C ALA M 921 39.22 -15.25 -18.57
N SER M 922 39.50 -14.00 -18.88
CA SER M 922 40.75 -13.38 -18.46
C SER M 922 40.61 -12.70 -17.11
N ASP M 923 39.77 -11.69 -17.03
CA ASP M 923 39.56 -11.00 -15.76
C ASP M 923 39.14 -12.01 -14.72
N ARG M 924 39.92 -12.12 -13.66
CA ARG M 924 39.69 -13.23 -12.77
C ARG M 924 38.43 -13.05 -11.95
N GLN M 925 38.01 -11.83 -11.72
CA GLN M 925 36.73 -11.67 -11.04
C GLN M 925 35.62 -12.22 -11.90
N THR M 926 35.65 -11.91 -13.19
CA THR M 926 34.68 -12.50 -14.09
C THR M 926 34.80 -14.00 -14.08
N LYS M 927 36.00 -14.52 -14.10
CA LYS M 927 36.15 -15.96 -14.20
C LYS M 927 35.61 -16.65 -12.97
N VAL M 928 35.92 -16.15 -11.79
CA VAL M 928 35.45 -16.83 -10.60
C VAL M 928 33.96 -16.70 -10.48
N ALA M 929 33.42 -15.55 -10.85
CA ALA M 929 31.98 -15.41 -10.83
C ALA M 929 31.34 -16.38 -11.80
N ALA M 930 31.90 -16.51 -12.98
CA ALA M 930 31.33 -17.42 -13.93
C ALA M 930 31.42 -18.84 -13.42
N CYS M 931 32.52 -19.19 -12.79
CA CYS M 931 32.67 -20.54 -12.30
C CYS M 931 31.62 -20.82 -11.25
N GLU M 932 31.36 -19.85 -10.41
CA GLU M 932 30.38 -20.10 -9.37
C GLU M 932 29.00 -20.17 -9.96
N LEU M 933 28.74 -19.41 -11.01
CA LEU M 933 27.48 -19.57 -11.68
C LEU M 933 27.36 -20.95 -12.27
N LEU M 934 28.41 -21.44 -12.90
CA LEU M 934 28.28 -22.71 -13.58
C LEU M 934 28.15 -23.83 -12.60
N HIS M 935 28.78 -23.71 -11.44
CA HIS M 935 28.53 -24.71 -10.43
C HIS M 935 27.07 -24.72 -10.05
N SER M 936 26.50 -23.54 -9.82
CA SER M 936 25.10 -23.51 -9.47
C SER M 936 24.28 -24.11 -10.58
N MET M 937 24.61 -23.79 -11.81
CA MET M 937 23.80 -24.18 -12.92
C MET M 937 23.88 -25.68 -13.16
N VAL M 938 25.05 -26.28 -12.99
CA VAL M 938 25.13 -27.72 -13.17
C VAL M 938 24.42 -28.43 -12.04
N MET M 939 24.44 -27.83 -10.87
CA MET M 939 23.68 -28.43 -9.79
C MET M 939 22.22 -28.41 -10.17
N PHE M 940 21.78 -27.32 -10.78
CA PHE M 940 20.41 -27.25 -11.25
C PHE M 940 20.13 -28.31 -12.30
N MET M 941 21.08 -28.54 -13.19
CA MET M 941 20.87 -29.63 -14.13
C MET M 941 20.58 -30.92 -13.40
N LEU M 942 21.40 -31.26 -12.42
CA LEU M 942 21.15 -32.50 -11.72
C LEU M 942 19.76 -32.49 -11.10
N GLY M 943 19.40 -31.36 -10.49
CA GLY M 943 18.12 -31.30 -9.83
C GLY M 943 16.99 -31.51 -10.80
N LYS M 944 16.97 -30.73 -11.86
CA LYS M 944 15.91 -30.88 -12.83
C LYS M 944 15.93 -32.25 -13.46
N ALA M 945 17.07 -32.92 -13.43
CA ALA M 945 17.06 -34.29 -13.91
C ALA M 945 16.24 -35.17 -13.00
N THR M 946 16.49 -35.09 -11.70
CA THR M 946 15.79 -36.01 -10.82
C THR M 946 14.31 -35.72 -10.80
N GLN M 947 13.91 -34.50 -11.12
CA GLN M 947 12.49 -34.26 -11.33
C GLN M 947 12.16 -34.68 -12.74
N MET M 948 12.58 -35.87 -13.08
CA MET M 948 12.30 -36.51 -14.36
C MET M 948 10.97 -36.05 -14.92
N PRO M 949 10.96 -35.36 -16.01
CA PRO M 949 9.71 -35.15 -16.73
C PRO M 949 9.50 -36.23 -17.77
N GLU M 950 10.52 -37.05 -18.01
CA GLU M 950 10.52 -37.99 -19.12
C GLU M 950 11.36 -39.19 -18.72
N GLY M 951 10.71 -40.32 -18.51
CA GLY M 951 11.41 -41.53 -18.15
C GLY M 951 11.81 -42.39 -19.33
N GLY M 952 12.75 -41.91 -20.13
CA GLY M 952 13.26 -42.73 -21.20
C GLY M 952 12.36 -42.78 -22.42
N GLN M 953 12.17 -43.98 -22.97
CA GLN M 953 11.44 -44.17 -24.22
C GLN M 953 12.03 -43.31 -25.32
N GLY M 954 13.37 -43.30 -25.39
CA GLY M 954 14.10 -42.48 -26.30
C GLY M 954 15.34 -41.94 -25.62
N ALA M 955 15.88 -40.87 -26.18
CA ALA M 955 17.04 -40.24 -25.58
C ALA M 955 16.65 -39.70 -24.22
N PRO M 956 17.38 -40.04 -23.17
CA PRO M 956 17.04 -39.51 -21.85
C PRO M 956 17.11 -38.00 -21.88
N PRO M 957 16.25 -37.32 -21.15
CA PRO M 957 16.30 -35.87 -21.15
C PRO M 957 17.58 -35.44 -20.50
N MET M 958 18.11 -34.33 -20.97
CA MET M 958 19.31 -33.73 -20.42
C MET M 958 20.54 -34.57 -20.69
N TYR M 959 20.40 -35.66 -21.42
CA TYR M 959 21.57 -36.34 -21.94
C TYR M 959 22.29 -35.45 -22.92
N GLN M 960 21.54 -34.91 -23.88
CA GLN M 960 22.14 -34.03 -24.85
C GLN M 960 22.83 -32.87 -24.16
N LEU M 961 22.31 -32.45 -23.03
CA LEU M 961 22.97 -31.40 -22.30
C LEU M 961 24.19 -31.93 -21.59
N TYR M 962 24.11 -33.15 -21.10
CA TYR M 962 25.25 -33.66 -20.34
C TYR M 962 26.43 -33.83 -21.25
N LYS M 963 26.19 -34.21 -22.50
CA LYS M 963 27.31 -34.56 -23.36
C LYS M 963 28.23 -33.38 -23.54
N ARG M 964 27.67 -32.19 -23.58
CA ARG M 964 28.44 -31.01 -23.83
C ARG M 964 28.68 -30.20 -22.59
N THR M 965 28.10 -30.57 -21.46
CA THR M 965 28.52 -29.90 -20.24
C THR M 965 29.59 -30.66 -19.49
N PHE M 966 29.66 -31.97 -19.65
CA PHE M 966 30.68 -32.71 -18.91
C PHE M 966 32.08 -32.39 -19.36
N PRO M 967 32.42 -32.33 -20.64
CA PRO M 967 33.79 -31.96 -20.97
C PRO M 967 34.14 -30.60 -20.44
N VAL M 968 33.16 -29.71 -20.39
CA VAL M 968 33.37 -28.42 -19.75
C VAL M 968 33.72 -28.62 -18.30
N LEU M 969 32.90 -29.38 -17.60
CA LEU M 969 33.13 -29.55 -16.18
C LEU M 969 34.49 -30.15 -15.94
N LEU M 970 34.86 -31.13 -16.74
CA LEU M 970 36.13 -31.78 -16.58
C LEU M 970 37.22 -30.76 -16.79
N ARG M 971 37.42 -30.36 -18.03
CA ARG M 971 38.65 -29.62 -18.23
C ARG M 971 38.63 -28.30 -17.52
N LEU M 972 37.52 -27.97 -16.90
CA LEU M 972 37.51 -26.81 -16.05
C LEU M 972 37.93 -27.16 -14.66
N ALA M 973 37.66 -28.38 -14.23
CA ALA M 973 38.46 -28.86 -13.12
C ALA M 973 39.88 -28.97 -13.59
N CYS M 974 40.78 -29.14 -12.65
CA CYS M 974 42.21 -29.14 -12.95
C CYS M 974 42.58 -28.01 -13.88
N ASP M 975 41.86 -26.92 -13.81
CA ASP M 975 42.36 -25.67 -14.33
C ASP M 975 43.38 -25.16 -13.33
N VAL M 976 44.03 -24.06 -13.65
CA VAL M 976 45.13 -23.58 -12.85
C VAL M 976 44.75 -22.36 -12.04
N ASP M 977 43.48 -22.15 -11.79
CA ASP M 977 43.04 -21.20 -10.79
C ASP M 977 42.68 -21.95 -9.54
N GLN M 978 43.35 -21.64 -8.44
CA GLN M 978 43.17 -22.45 -7.24
C GLN M 978 41.72 -22.43 -6.79
N VAL M 979 41.04 -21.31 -6.97
CA VAL M 979 39.67 -21.23 -6.53
C VAL M 979 38.80 -22.15 -7.35
N THR M 980 38.93 -22.05 -8.67
CA THR M 980 38.14 -22.93 -9.50
C THR M 980 38.48 -24.36 -9.21
N ARG M 981 39.76 -24.65 -8.97
CA ARG M 981 40.13 -26.02 -8.73
C ARG M 981 39.41 -26.57 -7.52
N GLN M 982 39.51 -25.84 -6.42
CA GLN M 982 38.82 -26.33 -5.24
C GLN M 982 37.33 -26.35 -5.45
N LEU M 983 36.81 -25.60 -6.39
CA LEU M 983 35.37 -25.61 -6.48
C LEU M 983 34.87 -26.75 -7.32
N TYR M 984 35.61 -27.11 -8.35
CA TYR M 984 35.10 -28.07 -9.31
C TYR M 984 35.68 -29.46 -9.18
N GLU M 985 36.93 -29.62 -8.77
CA GLU M 985 37.43 -30.96 -8.54
C GLU M 985 36.55 -31.75 -7.61
N PRO M 986 36.15 -31.22 -6.46
CA PRO M 986 35.20 -31.98 -5.64
C PRO M 986 33.91 -32.22 -6.36
N LEU M 987 33.43 -31.29 -7.17
CA LEU M 987 32.16 -31.55 -7.83
C LEU M 987 32.32 -32.63 -8.87
N VAL M 988 33.44 -32.65 -9.57
CA VAL M 988 33.56 -33.72 -10.55
C VAL M 988 33.63 -35.04 -9.83
N MET M 989 34.31 -35.08 -8.69
CA MET M 989 34.29 -36.32 -7.93
C MET M 989 32.88 -36.66 -7.51
N GLN M 990 32.11 -35.66 -7.09
CA GLN M 990 30.75 -35.91 -6.66
C GLN M 990 29.90 -36.39 -7.82
N LEU M 991 30.11 -35.85 -8.99
CA LEU M 991 29.36 -36.29 -10.14
C LEU M 991 29.68 -37.72 -10.48
N ILE M 992 30.96 -38.06 -10.46
CA ILE M 992 31.33 -39.44 -10.75
C ILE M 992 30.70 -40.34 -9.71
N HIS M 993 30.71 -39.90 -8.47
CA HIS M 993 30.04 -40.66 -7.44
C HIS M 993 28.59 -40.88 -7.76
N TRP M 994 27.85 -39.82 -8.04
CA TRP M 994 26.43 -39.97 -8.30
C TRP M 994 26.16 -40.90 -9.45
N PHE M 995 26.93 -40.81 -10.52
CA PHE M 995 26.68 -41.55 -11.73
C PHE M 995 27.24 -42.97 -11.68
N THR M 996 27.41 -43.51 -10.48
CA THR M 996 27.38 -44.95 -10.26
C THR M 996 26.62 -45.32 -8.99
N ASN M 997 25.84 -44.41 -8.41
CA ASN M 997 24.76 -44.72 -7.48
C ASN M 997 23.83 -45.74 -8.14
N ASN M 998 23.23 -46.64 -7.36
CA ASN M 998 22.46 -47.77 -7.89
C ASN M 998 21.31 -47.29 -8.78
N LYS M 999 20.55 -46.32 -8.29
CA LYS M 999 19.53 -45.64 -9.08
C LYS M 999 20.21 -45.00 -10.28
N LYS M 1000 19.81 -45.43 -11.47
CA LYS M 1000 20.32 -45.02 -12.78
C LYS M 1000 21.82 -45.17 -13.02
N PHE M 1001 22.45 -46.16 -12.39
CA PHE M 1001 23.74 -46.76 -12.78
C PHE M 1001 23.78 -47.21 -14.25
N GLU M 1002 22.65 -47.62 -14.82
CA GLU M 1002 22.53 -48.12 -16.18
C GLU M 1002 22.36 -47.02 -17.24
N SER M 1003 21.97 -45.81 -16.83
CA SER M 1003 21.44 -44.78 -17.75
C SER M 1003 22.47 -44.31 -18.75
N GLN M 1004 22.03 -43.83 -19.92
CA GLN M 1004 22.97 -43.31 -20.90
C GLN M 1004 23.72 -42.12 -20.36
N ASP M 1005 23.23 -41.52 -19.29
CA ASP M 1005 23.96 -40.39 -18.74
C ASP M 1005 25.32 -40.84 -18.24
N THR M 1006 25.35 -41.96 -17.53
CA THR M 1006 26.63 -42.46 -17.09
C THR M 1006 27.48 -42.89 -18.26
N VAL M 1007 26.84 -43.43 -19.30
CA VAL M 1007 27.59 -43.77 -20.48
C VAL M 1007 28.29 -42.54 -21.01
N ALA M 1008 27.57 -41.44 -21.07
CA ALA M 1008 28.15 -40.23 -21.61
C ALA M 1008 29.28 -39.75 -20.72
N LEU M 1009 29.07 -39.76 -19.41
CA LEU M 1009 30.10 -39.23 -18.56
C LEU M 1009 31.36 -40.04 -18.67
N LEU M 1010 31.23 -41.36 -18.74
CA LEU M 1010 32.40 -42.18 -18.93
C LEU M 1010 33.05 -41.88 -20.24
N GLU M 1011 32.25 -41.69 -21.28
CA GLU M 1011 32.83 -41.37 -22.57
C GLU M 1011 33.57 -40.07 -22.50
N ALA M 1012 33.07 -39.15 -21.70
CA ALA M 1012 33.75 -37.88 -21.54
C ALA M 1012 35.08 -38.09 -20.84
N ILE M 1013 35.09 -38.87 -19.78
CA ILE M 1013 36.35 -39.04 -19.09
C ILE M 1013 37.37 -39.64 -20.02
N LEU M 1014 36.96 -40.66 -20.78
CA LEU M 1014 37.90 -41.26 -21.70
C LEU M 1014 38.37 -40.28 -22.73
N ASP M 1015 37.47 -39.49 -23.31
CA ASP M 1015 38.02 -38.53 -24.25
C ASP M 1015 38.79 -37.45 -23.52
N GLY M 1016 38.73 -37.45 -22.21
CA GLY M 1016 39.56 -36.56 -21.43
C GLY M 1016 40.96 -37.12 -21.26
N ILE M 1017 41.07 -38.45 -21.14
CA ILE M 1017 42.39 -39.05 -21.09
C ILE M 1017 43.13 -38.74 -22.38
N VAL M 1018 42.45 -38.89 -23.50
CA VAL M 1018 43.15 -38.84 -24.77
C VAL M 1018 43.47 -37.42 -25.16
N ASP M 1019 43.18 -36.47 -24.29
CA ASP M 1019 43.29 -35.07 -24.68
C ASP M 1019 44.70 -34.77 -25.12
N PRO M 1020 44.88 -34.23 -26.27
CA PRO M 1020 46.23 -34.05 -26.78
C PRO M 1020 47.00 -32.97 -26.07
N VAL M 1021 46.41 -31.80 -25.90
CA VAL M 1021 47.22 -30.64 -25.55
C VAL M 1021 47.16 -30.36 -24.05
N ASP M 1022 45.98 -30.45 -23.45
CA ASP M 1022 45.81 -30.08 -22.05
C ASP M 1022 46.54 -31.12 -21.20
N SER M 1023 47.83 -30.89 -21.03
CA SER M 1023 48.66 -31.88 -20.37
C SER M 1023 48.12 -32.22 -19.00
N THR M 1024 47.84 -31.20 -18.19
CA THR M 1024 47.42 -31.50 -16.84
C THR M 1024 46.06 -32.11 -16.79
N LEU M 1025 45.24 -31.91 -17.82
CA LEU M 1025 43.94 -32.56 -17.85
C LEU M 1025 44.10 -34.04 -17.79
N ARG M 1026 45.18 -34.56 -18.35
CA ARG M 1026 45.39 -36.00 -18.32
C ARG M 1026 45.31 -36.52 -16.91
N ASP M 1027 46.00 -35.89 -15.99
CA ASP M 1027 46.13 -36.47 -14.67
C ASP M 1027 44.80 -36.46 -13.99
N PHE M 1028 44.06 -35.36 -14.07
CA PHE M 1028 42.77 -35.34 -13.41
C PHE M 1028 41.85 -36.34 -14.02
N CYS M 1029 41.90 -36.49 -15.34
CA CYS M 1029 41.04 -37.48 -15.94
C CYS M 1029 41.42 -38.85 -15.45
N GLY M 1030 42.69 -39.09 -15.23
CA GLY M 1030 43.09 -40.36 -14.69
C GLY M 1030 42.51 -40.59 -13.31
N ARG M 1031 42.64 -39.59 -12.46
CA ARG M 1031 42.10 -39.75 -11.13
C ARG M 1031 40.61 -39.96 -11.21
N CYS M 1032 39.98 -39.32 -12.19
CA CYS M 1032 38.55 -39.46 -12.36
C CYS M 1032 38.19 -40.89 -12.73
N ILE M 1033 38.95 -41.49 -13.64
CA ILE M 1033 38.68 -42.87 -14.02
C ILE M 1033 38.86 -43.75 -12.82
N ARG M 1034 39.92 -43.51 -12.07
CA ARG M 1034 40.12 -44.30 -10.88
C ARG M 1034 38.90 -44.24 -10.00
N GLU M 1035 38.43 -43.03 -9.74
CA GLU M 1035 37.35 -42.89 -8.80
C GLU M 1035 36.13 -43.58 -9.36
N PHE M 1036 35.96 -43.51 -10.68
CA PHE M 1036 34.81 -44.12 -11.32
C PHE M 1036 34.82 -45.61 -11.11
N LEU M 1037 35.95 -46.23 -11.38
CA LEU M 1037 36.00 -47.67 -11.19
C LEU M 1037 35.82 -48.02 -9.72
N LYS M 1038 36.39 -47.21 -8.85
CA LYS M 1038 36.30 -47.52 -7.43
C LYS M 1038 34.85 -47.54 -6.99
N TRP M 1039 34.13 -46.46 -7.27
CA TRP M 1039 32.74 -46.46 -6.89
C TRP M 1039 31.96 -47.47 -7.70
N SER M 1040 32.44 -47.84 -8.88
CA SER M 1040 31.72 -48.80 -9.68
C SER M 1040 31.67 -50.15 -9.00
N ILE M 1041 32.81 -50.59 -8.50
CA ILE M 1041 32.81 -51.81 -7.71
C ILE M 1041 32.02 -51.59 -6.42
N LYS M 1042 32.28 -50.48 -5.76
CA LYS M 1042 31.79 -50.28 -4.42
C LYS M 1042 30.29 -50.05 -4.35
N GLN M 1043 29.65 -49.79 -5.47
CA GLN M 1043 28.28 -49.30 -5.32
C GLN M 1043 27.23 -50.25 -5.86
N ILE M 1044 27.53 -50.96 -6.91
CA ILE M 1044 26.49 -51.73 -7.58
C ILE M 1044 26.47 -53.14 -7.03
N THR M 1045 25.28 -53.71 -7.03
CA THR M 1045 25.12 -55.14 -6.72
C THR M 1045 25.77 -55.94 -7.83
N PRO M 1046 26.67 -56.86 -7.53
CA PRO M 1046 27.34 -57.55 -8.62
C PRO M 1046 26.48 -58.53 -9.39
N GLN M 1047 25.30 -58.90 -8.90
CA GLN M 1047 24.46 -59.88 -9.59
C GLN M 1047 24.22 -59.46 -11.03
N GLN M 1048 23.91 -58.19 -11.26
CA GLN M 1048 23.90 -57.69 -12.62
C GLN M 1048 25.31 -57.50 -13.15
N GLN M 1049 26.26 -57.21 -12.26
CA GLN M 1049 27.53 -56.66 -12.70
C GLN M 1049 28.31 -57.59 -13.62
N GLU M 1050 28.12 -58.91 -13.49
CA GLU M 1050 28.94 -59.82 -14.30
C GLU M 1050 28.76 -59.54 -15.80
N LYS M 1051 27.50 -59.42 -16.25
CA LYS M 1051 27.24 -59.22 -17.66
C LYS M 1051 26.18 -58.17 -17.97
N SER M 1052 25.37 -57.75 -17.00
CA SER M 1052 24.37 -56.73 -17.29
C SER M 1052 24.96 -55.38 -17.67
N PRO M 1053 25.96 -54.84 -16.96
CA PRO M 1053 26.31 -53.44 -17.20
C PRO M 1053 27.04 -53.22 -18.52
N VAL M 1054 27.42 -51.98 -18.75
CA VAL M 1054 28.29 -51.61 -19.85
C VAL M 1054 29.50 -50.93 -19.23
N ASN M 1055 29.91 -51.42 -18.04
CA ASN M 1055 30.96 -50.76 -17.28
C ASN M 1055 32.12 -51.67 -16.91
N THR M 1056 31.89 -52.78 -16.21
CA THR M 1056 33.00 -53.41 -15.53
C THR M 1056 34.03 -53.99 -16.48
N LYS M 1057 33.65 -55.00 -17.24
CA LYS M 1057 34.57 -55.46 -18.25
C LYS M 1057 34.63 -54.46 -19.38
N SER M 1058 33.56 -53.71 -19.56
CA SER M 1058 33.51 -52.81 -20.69
C SER M 1058 34.60 -51.76 -20.59
N LEU M 1059 34.85 -51.24 -19.40
CA LEU M 1059 35.86 -50.21 -19.27
C LEU M 1059 37.21 -50.74 -19.69
N PHE M 1060 37.60 -51.88 -19.13
CA PHE M 1060 38.88 -52.45 -19.50
C PHE M 1060 38.93 -52.69 -20.99
N LYS M 1061 37.86 -53.22 -21.56
CA LYS M 1061 37.86 -53.46 -22.98
C LYS M 1061 38.12 -52.18 -23.73
N ARG M 1062 37.52 -51.11 -23.27
CA ARG M 1062 37.69 -49.85 -23.96
C ARG M 1062 39.14 -49.43 -23.91
N LEU M 1063 39.75 -49.55 -22.75
CA LEU M 1063 41.16 -49.25 -22.67
C LEU M 1063 41.93 -50.09 -23.66
N TYR M 1064 41.68 -51.39 -23.65
CA TYR M 1064 42.48 -52.27 -24.47
C TYR M 1064 42.35 -51.88 -25.91
N SER M 1065 41.13 -51.61 -26.34
CA SER M 1065 40.94 -51.16 -27.69
C SER M 1065 41.73 -49.90 -27.92
N LEU M 1066 41.83 -49.06 -26.91
CA LEU M 1066 42.58 -47.84 -27.12
C LEU M 1066 44.04 -48.15 -27.32
N ALA M 1067 44.55 -49.19 -26.66
CA ALA M 1067 45.98 -49.42 -26.66
C ALA M 1067 46.51 -49.56 -28.06
N LEU M 1068 45.95 -50.47 -28.83
CA LEU M 1068 46.54 -50.74 -30.12
C LEU M 1068 46.45 -49.58 -31.08
N HIS M 1069 45.94 -48.45 -30.67
CA HIS M 1069 45.67 -47.43 -31.63
C HIS M 1069 46.95 -46.89 -32.23
N PRO M 1070 46.92 -46.41 -33.47
CA PRO M 1070 48.12 -45.80 -34.04
C PRO M 1070 48.58 -44.55 -33.34
N ASN M 1071 47.68 -43.61 -33.06
CA ASN M 1071 48.08 -42.32 -32.51
C ASN M 1071 48.88 -42.45 -31.24
N ALA M 1072 49.98 -41.69 -31.16
CA ALA M 1072 50.79 -41.72 -29.96
C ALA M 1072 50.03 -41.17 -28.76
N PHE M 1073 49.34 -40.06 -28.95
CA PHE M 1073 48.59 -39.52 -27.83
C PHE M 1073 47.55 -40.49 -27.36
N LYS M 1074 46.86 -41.16 -28.28
CA LYS M 1074 45.77 -42.00 -27.83
C LYS M 1074 46.28 -43.12 -26.96
N ARG M 1075 47.34 -43.79 -27.40
CA ARG M 1075 47.89 -44.82 -26.56
C ARG M 1075 48.37 -44.21 -25.26
N LEU M 1076 48.90 -43.00 -25.35
CA LEU M 1076 49.42 -42.38 -24.14
C LEU M 1076 48.34 -42.31 -23.11
N GLY M 1077 47.17 -41.87 -23.53
CA GLY M 1077 46.05 -41.84 -22.61
C GLY M 1077 45.71 -43.21 -22.10
N ALA M 1078 45.75 -44.21 -23.00
CA ALA M 1078 45.41 -45.55 -22.55
C ALA M 1078 46.30 -45.94 -21.40
N SER M 1079 47.59 -45.82 -21.62
CA SER M 1079 48.53 -46.07 -20.54
C SER M 1079 48.10 -45.30 -19.32
N LEU M 1080 48.08 -43.98 -19.42
CA LEU M 1080 47.95 -43.14 -18.24
C LEU M 1080 46.75 -43.54 -17.44
N ALA M 1081 45.71 -44.04 -18.09
CA ALA M 1081 44.60 -44.57 -17.32
C ALA M 1081 45.03 -45.83 -16.62
N PHE M 1082 45.53 -46.79 -17.37
CA PHE M 1082 45.77 -48.09 -16.78
C PHE M 1082 46.80 -48.00 -15.68
N ASN M 1083 47.60 -46.95 -15.72
CA ASN M 1083 48.52 -46.65 -14.65
C ASN M 1083 47.76 -46.36 -13.37
N ASN M 1084 46.62 -45.72 -13.49
CA ASN M 1084 46.01 -45.24 -12.27
C ASN M 1084 45.04 -46.26 -11.69
N ILE M 1085 45.03 -47.48 -12.19
CA ILE M 1085 44.19 -48.53 -11.64
C ILE M 1085 45.01 -49.71 -11.12
N TYR M 1086 46.29 -49.50 -10.79
CA TYR M 1086 47.10 -50.45 -10.04
C TYR M 1086 46.29 -51.01 -8.90
N ARG M 1087 46.03 -50.11 -7.96
CA ARG M 1087 45.40 -50.48 -6.71
C ARG M 1087 44.01 -51.00 -6.95
N GLU M 1088 43.29 -50.37 -7.86
CA GLU M 1088 41.92 -50.80 -8.10
C GLU M 1088 41.90 -52.24 -8.53
N PHE M 1089 42.80 -52.61 -9.43
CA PHE M 1089 42.74 -53.95 -9.97
C PHE M 1089 43.25 -54.96 -8.96
N ARG M 1090 44.25 -54.59 -8.17
CA ARG M 1090 44.80 -55.57 -7.25
C ARG M 1090 43.89 -55.80 -6.06
N GLU M 1091 43.05 -54.82 -5.70
CA GLU M 1091 42.40 -54.83 -4.40
C GLU M 1091 41.58 -56.08 -4.16
N GLU M 1092 40.55 -56.24 -4.99
CA GLU M 1092 39.44 -57.18 -4.86
C GLU M 1092 39.27 -57.99 -6.16
N GLU M 1093 39.88 -57.56 -7.27
CA GLU M 1093 39.60 -58.13 -8.57
C GLU M 1093 40.35 -59.44 -8.79
N SER M 1094 40.90 -59.83 -7.65
CA SER M 1094 41.50 -61.15 -7.49
C SER M 1094 40.64 -62.24 -8.11
N LEU M 1095 39.32 -62.09 -8.06
CA LEU M 1095 38.50 -62.94 -8.89
C LEU M 1095 38.89 -62.81 -10.34
N VAL M 1096 39.32 -61.62 -10.75
CA VAL M 1096 39.43 -61.32 -12.17
C VAL M 1096 40.81 -60.78 -12.54
N GLU M 1097 41.84 -61.41 -11.97
CA GLU M 1097 43.20 -61.34 -12.41
C GLU M 1097 43.26 -61.52 -13.92
N GLN M 1098 42.26 -62.18 -14.50
CA GLN M 1098 42.43 -62.82 -15.79
C GLN M 1098 42.48 -61.85 -16.97
N PHE M 1099 41.57 -60.85 -17.02
CA PHE M 1099 41.78 -59.81 -18.03
C PHE M 1099 43.19 -59.27 -18.02
N VAL M 1100 43.79 -59.05 -16.85
CA VAL M 1100 45.13 -58.48 -16.87
C VAL M 1100 46.21 -59.52 -17.12
N PHE M 1101 46.00 -60.75 -16.71
CA PHE M 1101 46.98 -61.76 -17.06
C PHE M 1101 47.11 -61.87 -18.57
N GLU M 1102 46.12 -61.40 -19.29
CA GLU M 1102 46.32 -61.25 -20.72
C GLU M 1102 46.63 -59.81 -21.11
N ALA M 1103 46.22 -58.87 -20.28
CA ALA M 1103 46.52 -57.48 -20.60
C ALA M 1103 48.00 -57.22 -20.59
N LEU M 1104 48.74 -57.95 -19.78
CA LEU M 1104 50.18 -57.81 -19.81
C LEU M 1104 50.65 -57.95 -21.23
N VAL M 1105 50.17 -58.98 -21.92
CA VAL M 1105 50.47 -59.09 -23.33
C VAL M 1105 50.00 -57.85 -24.05
N ILE M 1106 48.75 -57.47 -23.82
CA ILE M 1106 48.20 -56.43 -24.67
C ILE M 1106 49.03 -55.17 -24.56
N TYR M 1107 49.25 -54.73 -23.34
CA TYR M 1107 49.93 -53.47 -23.15
C TYR M 1107 51.38 -53.60 -23.50
N MET M 1108 52.05 -54.61 -22.96
CA MET M 1108 53.45 -54.77 -23.24
C MET M 1108 53.69 -54.77 -24.73
N GLU M 1109 52.76 -55.32 -25.49
CA GLU M 1109 52.96 -55.26 -26.93
C GLU M 1109 52.66 -53.88 -27.45
N SER M 1110 51.40 -53.50 -27.45
CA SER M 1110 51.05 -52.29 -28.17
C SER M 1110 51.86 -51.11 -27.67
N LEU M 1111 51.81 -50.87 -26.37
CA LEU M 1111 52.44 -49.70 -25.78
C LEU M 1111 53.92 -49.65 -26.07
N ALA M 1112 54.55 -50.65 -26.66
CA ALA M 1112 55.78 -50.40 -27.36
C ALA M 1112 55.71 -50.40 -28.87
N LEU M 1113 54.74 -51.03 -29.55
CA LEU M 1113 54.70 -50.92 -31.01
C LEU M 1113 54.51 -49.50 -31.45
N ALA M 1114 54.98 -49.22 -32.66
CA ALA M 1114 54.87 -47.92 -33.30
C ALA M 1114 55.55 -46.82 -32.49
N HIS M 1115 56.51 -47.23 -31.63
CA HIS M 1115 57.50 -46.38 -30.99
C HIS M 1115 58.89 -46.56 -31.59
N ALA M 1116 59.10 -47.42 -32.59
CA ALA M 1116 60.29 -47.22 -33.39
C ALA M 1116 60.23 -45.87 -34.08
N ASP M 1117 59.03 -45.28 -34.17
CA ASP M 1117 58.86 -43.90 -34.62
C ASP M 1117 57.99 -43.14 -33.63
N GLU M 1118 57.71 -41.87 -33.91
CA GLU M 1118 56.91 -41.02 -33.04
C GLU M 1118 57.51 -40.94 -31.64
N LYS M 1119 58.66 -40.27 -31.54
CA LYS M 1119 59.38 -40.20 -30.27
C LYS M 1119 59.16 -38.88 -29.55
N SER M 1120 58.95 -37.79 -30.29
CA SER M 1120 58.95 -36.48 -29.66
C SER M 1120 57.78 -36.29 -28.70
N LEU M 1121 56.56 -36.58 -29.14
CA LEU M 1121 55.38 -36.43 -28.31
C LEU M 1121 55.21 -37.60 -27.35
N GLY M 1122 55.92 -38.70 -27.58
CA GLY M 1122 55.71 -39.93 -26.86
C GLY M 1122 56.47 -40.06 -25.57
N THR M 1123 56.01 -39.37 -24.52
CA THR M 1123 56.45 -39.71 -23.18
C THR M 1123 55.93 -41.08 -22.74
N ILE M 1124 55.38 -41.82 -23.68
CA ILE M 1124 54.67 -43.06 -23.41
C ILE M 1124 55.55 -44.04 -22.69
N GLN M 1125 56.77 -44.21 -23.18
CA GLN M 1125 57.61 -45.31 -22.73
C GLN M 1125 57.77 -45.28 -21.21
N GLN M 1126 57.73 -44.09 -20.61
CA GLN M 1126 57.74 -44.03 -19.17
C GLN M 1126 56.49 -44.66 -18.59
N CYS M 1127 55.38 -44.54 -19.30
CA CYS M 1127 54.16 -45.19 -18.82
C CYS M 1127 54.18 -46.68 -19.05
N CYS M 1128 55.02 -47.17 -19.95
CA CYS M 1128 55.25 -48.60 -19.96
C CYS M 1128 55.79 -49.08 -18.61
N ASP M 1129 56.41 -48.21 -17.84
CA ASP M 1129 56.76 -48.61 -16.49
C ASP M 1129 55.52 -49.02 -15.75
N ALA M 1130 54.38 -48.43 -16.08
CA ALA M 1130 53.16 -48.93 -15.47
C ALA M 1130 52.93 -50.37 -15.84
N ILE M 1131 53.29 -50.74 -17.08
CA ILE M 1131 53.24 -52.15 -17.44
C ILE M 1131 54.09 -52.94 -16.49
N ASP M 1132 55.26 -52.41 -16.20
CA ASP M 1132 56.12 -53.09 -15.24
C ASP M 1132 55.42 -53.28 -13.91
N HIS M 1133 54.77 -52.24 -13.40
CA HIS M 1133 54.14 -52.38 -12.09
C HIS M 1133 52.99 -53.36 -12.13
N LEU M 1134 52.14 -53.28 -13.15
CA LEU M 1134 51.06 -54.25 -13.20
C LEU M 1134 51.61 -55.66 -13.30
N CYS M 1135 52.69 -55.81 -14.06
CA CYS M 1135 53.42 -57.04 -14.05
C CYS M 1135 53.69 -57.50 -12.64
N ARG M 1136 54.52 -56.75 -11.93
CA ARG M 1136 54.96 -57.16 -10.61
C ARG M 1136 53.78 -57.52 -9.73
N ILE M 1137 52.72 -56.73 -9.81
CA ILE M 1137 51.60 -57.02 -8.93
C ILE M 1137 50.87 -58.26 -9.37
N ILE M 1138 50.98 -58.66 -10.63
CA ILE M 1138 50.29 -59.91 -10.93
C ILE M 1138 51.14 -61.10 -10.53
N GLU M 1139 52.46 -61.04 -10.69
CA GLU M 1139 53.20 -62.25 -10.32
C GLU M 1139 53.30 -62.39 -8.82
N LYS M 1140 53.21 -61.28 -8.08
CA LYS M 1140 53.36 -61.38 -6.64
C LYS M 1140 52.30 -62.29 -6.01
N LYS M 1141 51.19 -62.52 -6.68
CA LYS M 1141 50.35 -63.70 -6.42
C LYS M 1141 50.54 -64.70 -7.55
N HIS M 1142 51.46 -65.64 -7.29
CA HIS M 1142 51.79 -66.67 -8.28
C HIS M 1142 51.25 -68.04 -7.90
N VAL M 1143 51.25 -68.35 -6.60
CA VAL M 1143 50.84 -69.68 -6.16
C VAL M 1143 49.44 -69.98 -6.63
N SER M 1144 48.57 -68.99 -6.68
CA SER M 1144 47.23 -69.14 -7.20
C SER M 1144 47.12 -68.64 -8.63
N LEU M 1145 48.15 -67.96 -9.14
CA LEU M 1145 48.08 -67.52 -10.51
C LEU M 1145 48.01 -68.69 -11.48
N ASN M 1146 48.79 -69.73 -11.22
CA ASN M 1146 48.88 -70.85 -12.13
C ASN M 1146 47.86 -71.93 -11.87
N LYS M 1147 46.69 -71.58 -11.36
CA LYS M 1147 45.68 -72.59 -11.10
C LYS M 1147 45.27 -73.27 -12.39
N ALA M 1148 44.96 -74.56 -12.29
CA ALA M 1148 44.49 -75.31 -13.46
C ALA M 1148 43.08 -74.87 -13.83
N LYS M 1149 42.62 -75.39 -14.96
CA LYS M 1149 41.26 -75.18 -15.50
C LYS M 1149 40.82 -73.72 -15.43
N LYS M 1150 41.76 -72.79 -15.45
CA LYS M 1150 41.45 -71.38 -15.61
C LYS M 1150 41.94 -70.97 -16.99
N ARG M 1151 41.00 -70.69 -17.88
CA ARG M 1151 41.30 -70.72 -19.31
C ARG M 1151 40.76 -69.48 -20.01
N ARG M 1152 41.04 -68.30 -19.48
CA ARG M 1152 40.64 -67.09 -20.20
C ARG M 1152 41.35 -67.00 -21.54
N LEU M 1153 40.58 -66.73 -22.58
CA LEU M 1153 41.13 -66.64 -23.90
C LEU M 1153 42.13 -65.48 -23.93
N PRO M 1154 43.34 -65.72 -24.35
CA PRO M 1154 44.31 -64.64 -24.47
C PRO M 1154 44.45 -64.12 -25.89
N ARG M 1155 45.30 -63.12 -26.11
CA ARG M 1155 45.68 -62.75 -27.46
C ARG M 1155 47.04 -63.31 -27.80
N GLY M 1156 47.22 -63.73 -29.05
CA GLY M 1156 48.49 -64.28 -29.48
C GLY M 1156 48.68 -65.73 -29.14
N PHE M 1157 47.58 -66.47 -28.96
CA PHE M 1157 47.63 -67.90 -28.66
C PHE M 1157 46.40 -68.55 -29.26
N PRO M 1158 46.53 -69.25 -30.38
CA PRO M 1158 45.35 -69.88 -31.01
C PRO M 1158 44.70 -70.91 -30.10
N PRO M 1159 45.41 -71.94 -29.64
CA PRO M 1159 44.70 -73.01 -28.92
C PRO M 1159 44.38 -72.58 -27.49
N SER M 1160 43.09 -72.36 -27.24
CA SER M 1160 42.68 -72.01 -25.89
C SER M 1160 42.99 -73.18 -24.95
N ALA M 1161 43.37 -72.85 -23.72
CA ALA M 1161 43.67 -73.85 -22.71
C ALA M 1161 43.70 -73.15 -21.37
N SER M 1162 43.80 -73.94 -20.30
CA SER M 1162 43.92 -73.36 -18.97
C SER M 1162 45.26 -72.66 -18.89
N LEU M 1163 45.27 -71.35 -19.03
CA LEU M 1163 46.52 -70.63 -19.00
C LEU M 1163 47.27 -70.91 -17.71
N CYS M 1164 48.52 -71.30 -17.84
CA CYS M 1164 49.45 -71.34 -16.73
C CYS M 1164 50.61 -70.44 -17.10
N LEU M 1165 51.30 -69.92 -16.08
CA LEU M 1165 52.36 -68.98 -16.36
C LEU M 1165 53.38 -69.56 -17.31
N LEU M 1166 53.51 -70.89 -17.35
CA LEU M 1166 54.41 -71.52 -18.30
C LEU M 1166 54.13 -71.02 -19.69
N ASP M 1167 52.86 -70.98 -20.07
CA ASP M 1167 52.51 -70.53 -21.39
C ASP M 1167 52.94 -69.11 -21.60
N LEU M 1168 52.66 -68.24 -20.63
CA LEU M 1168 52.97 -66.84 -20.82
C LEU M 1168 54.46 -66.65 -20.91
N VAL M 1169 55.21 -67.42 -20.14
CA VAL M 1169 56.65 -67.32 -20.17
C VAL M 1169 57.17 -67.74 -21.52
N LYS M 1170 56.65 -68.85 -22.03
CA LYS M 1170 57.07 -69.27 -23.35
C LYS M 1170 56.77 -68.18 -24.35
N TRP M 1171 55.64 -67.53 -24.18
CA TRP M 1171 55.32 -66.40 -25.03
C TRP M 1171 56.41 -65.35 -24.92
N LEU M 1172 56.75 -64.99 -23.69
CA LEU M 1172 57.78 -63.98 -23.48
C LEU M 1172 59.04 -64.36 -24.20
N LEU M 1173 59.52 -65.56 -23.96
CA LEU M 1173 60.77 -65.95 -24.58
C LEU M 1173 60.64 -65.87 -26.08
N ALA M 1174 59.49 -66.27 -26.62
CA ALA M 1174 59.24 -66.04 -28.03
C ALA M 1174 59.29 -64.57 -28.34
N HIS M 1175 58.86 -63.74 -27.41
CA HIS M 1175 58.89 -62.31 -27.60
C HIS M 1175 60.11 -61.69 -26.98
N CYS M 1176 61.05 -62.50 -26.53
CA CYS M 1176 62.24 -61.99 -25.86
C CYS M 1176 63.03 -61.07 -26.80
N GLY M 1177 62.89 -61.30 -28.10
CA GLY M 1177 63.61 -60.50 -29.08
C GLY M 1177 62.63 -59.85 -30.03
N ARG M 1178 62.70 -58.53 -30.10
CA ARG M 1178 61.88 -57.80 -31.05
C ARG M 1178 62.51 -56.46 -31.33
N PRO M 1179 62.33 -55.93 -32.53
CA PRO M 1179 63.09 -54.75 -32.93
C PRO M 1179 62.83 -53.52 -32.08
N GLN M 1180 61.61 -53.32 -31.62
CA GLN M 1180 61.29 -52.15 -30.83
C GLN M 1180 62.10 -52.17 -29.54
N THR M 1181 62.80 -51.07 -29.25
CA THR M 1181 63.87 -51.17 -28.28
C THR M 1181 63.34 -51.29 -26.86
N GLU M 1182 62.46 -50.38 -26.45
CA GLU M 1182 62.05 -50.41 -25.05
C GLU M 1182 61.38 -51.71 -24.72
N CYS M 1183 60.55 -52.22 -25.63
CA CYS M 1183 59.88 -53.47 -25.39
C CYS M 1183 60.90 -54.57 -25.20
N ARG M 1184 61.88 -54.63 -26.06
CA ARG M 1184 62.78 -55.76 -25.98
C ARG M 1184 63.51 -55.72 -24.65
N HIS M 1185 63.92 -54.54 -24.23
CA HIS M 1185 64.60 -54.46 -22.95
C HIS M 1185 63.69 -54.90 -21.81
N LYS M 1186 62.54 -54.27 -21.70
CA LYS M 1186 61.64 -54.59 -20.60
C LYS M 1186 61.24 -56.05 -20.65
N SER M 1187 61.02 -56.57 -21.85
CA SER M 1187 60.48 -57.90 -21.98
C SER M 1187 61.50 -58.94 -21.59
N ILE M 1188 62.74 -58.76 -22.02
CA ILE M 1188 63.78 -59.65 -21.56
C ILE M 1188 63.82 -59.66 -20.04
N GLU M 1189 63.91 -58.48 -19.44
CA GLU M 1189 64.07 -58.47 -17.99
C GLU M 1189 62.85 -59.03 -17.31
N LEU M 1190 61.70 -58.91 -17.95
CA LEU M 1190 60.47 -59.41 -17.36
C LEU M 1190 60.43 -60.93 -17.42
N PHE M 1191 60.87 -61.51 -18.53
CA PHE M 1191 61.12 -62.94 -18.58
C PHE M 1191 61.98 -63.36 -17.40
N TYR M 1192 63.09 -62.65 -17.21
CA TYR M 1192 63.98 -62.99 -16.12
C TYR M 1192 63.24 -62.98 -14.81
N LYS M 1193 62.46 -61.94 -14.57
CA LYS M 1193 61.80 -61.85 -13.28
C LYS M 1193 60.69 -62.87 -13.13
N PHE M 1194 60.16 -63.39 -14.23
CA PHE M 1194 59.12 -64.40 -14.11
C PHE M 1194 59.66 -65.79 -13.83
N VAL M 1195 60.65 -66.20 -14.61
CA VAL M 1195 60.98 -67.61 -14.70
C VAL M 1195 61.16 -68.26 -13.33
N PRO M 1196 61.78 -67.63 -12.32
CA PRO M 1196 61.87 -68.33 -11.03
C PRO M 1196 60.54 -68.52 -10.35
N LEU M 1197 59.54 -67.73 -10.69
CA LEU M 1197 58.26 -67.86 -10.02
C LEU M 1197 57.52 -69.14 -10.41
N LEU M 1198 57.96 -69.80 -11.46
CA LEU M 1198 57.23 -70.93 -11.99
C LEU M 1198 57.33 -72.10 -11.02
N PRO M 1199 56.45 -73.10 -11.13
CA PRO M 1199 56.47 -74.19 -10.13
C PRO M 1199 57.79 -74.90 -10.01
N GLY M 1200 58.56 -75.01 -11.09
CA GLY M 1200 59.81 -75.75 -11.02
C GLY M 1200 60.84 -75.14 -10.09
N ASN M 1201 60.75 -73.84 -9.84
CA ASN M 1201 61.75 -73.12 -9.05
C ASN M 1201 63.15 -73.32 -9.60
N ARG M 1202 63.24 -73.71 -10.87
CA ARG M 1202 64.53 -73.89 -11.50
C ARG M 1202 65.20 -72.55 -11.71
N SER M 1203 66.51 -72.52 -11.54
CA SER M 1203 67.24 -71.29 -11.74
C SER M 1203 67.18 -70.91 -13.20
N PRO M 1204 67.31 -69.62 -13.50
CA PRO M 1204 67.19 -69.20 -14.90
C PRO M 1204 68.15 -69.96 -15.79
N ASN M 1205 69.44 -69.95 -15.47
CA ASN M 1205 70.41 -70.72 -16.23
C ASN M 1205 70.01 -72.18 -16.28
N LEU M 1206 69.53 -72.73 -15.16
CA LEU M 1206 69.10 -74.11 -15.16
C LEU M 1206 67.95 -74.32 -16.11
N TRP M 1207 66.98 -73.42 -16.12
CA TRP M 1207 65.80 -73.63 -16.95
C TRP M 1207 66.12 -73.45 -18.43
N LEU M 1208 67.01 -72.52 -18.74
CA LEU M 1208 67.47 -72.38 -20.12
C LEU M 1208 68.25 -73.62 -20.55
N LYS M 1209 69.07 -74.16 -19.65
CA LYS M 1209 69.70 -75.44 -19.91
C LYS M 1209 68.66 -76.51 -20.18
N ASP M 1210 67.57 -76.46 -19.42
CA ASP M 1210 66.50 -77.42 -19.61
C ASP M 1210 65.96 -77.32 -21.02
N VAL M 1211 65.68 -76.11 -21.47
CA VAL M 1211 65.02 -75.97 -22.75
C VAL M 1211 66.01 -76.10 -23.89
N LEU M 1212 67.31 -76.05 -23.61
CA LEU M 1212 68.26 -76.40 -24.66
C LEU M 1212 68.46 -77.90 -24.75
N LYS M 1213 68.50 -78.60 -23.61
CA LYS M 1213 68.48 -80.05 -23.65
C LYS M 1213 67.21 -80.54 -24.32
N GLU M 1214 66.13 -79.79 -24.20
CA GLU M 1214 64.87 -80.15 -24.81
C GLU M 1214 64.81 -79.73 -26.28
N GLU M 1215 65.35 -78.55 -26.60
CA GLU M 1215 65.17 -77.98 -27.93
C GLU M 1215 66.48 -77.57 -28.60
N GLY M 1216 67.54 -77.33 -27.83
CA GLY M 1216 68.84 -77.16 -28.47
C GLY M 1216 69.11 -75.74 -28.91
N VAL M 1217 70.17 -75.60 -29.71
CA VAL M 1217 70.57 -74.29 -30.17
C VAL M 1217 69.58 -73.73 -31.17
N SER M 1218 68.90 -74.58 -31.92
CA SER M 1218 67.95 -74.10 -32.92
C SER M 1218 66.84 -73.30 -32.27
N PHE M 1219 66.37 -73.74 -31.11
CA PHE M 1219 65.41 -72.94 -30.36
C PHE M 1219 65.99 -71.59 -30.02
N LEU M 1220 67.21 -71.57 -29.49
CA LEU M 1220 67.84 -70.31 -29.17
C LEU M 1220 67.98 -69.45 -30.41
N ILE M 1221 68.47 -70.03 -31.51
CA ILE M 1221 68.73 -69.26 -32.72
C ILE M 1221 67.44 -68.68 -33.28
N ASN M 1222 66.38 -69.48 -33.29
CA ASN M 1222 65.11 -68.98 -33.76
C ASN M 1222 64.54 -67.93 -32.82
N THR M 1223 64.92 -67.97 -31.55
CA THR M 1223 64.33 -67.08 -30.57
C THR M 1223 65.13 -65.84 -30.24
N PHE M 1224 66.40 -65.81 -30.58
CA PHE M 1224 67.23 -64.65 -30.29
C PHE M 1224 67.75 -63.98 -31.55
N GLU M 1225 68.21 -64.75 -32.50
CA GLU M 1225 68.35 -64.19 -33.83
C GLU M 1225 67.00 -63.82 -34.42
N GLY M 1226 65.92 -64.28 -33.82
CA GLY M 1226 64.59 -63.88 -34.24
C GLY M 1226 63.69 -63.80 -33.03
N GLY M 1227 62.40 -64.02 -33.27
CA GLY M 1227 61.43 -64.15 -32.19
C GLY M 1227 60.46 -63.01 -32.19
N GLY M 1228 59.43 -63.15 -31.37
CA GLY M 1228 58.42 -62.11 -31.28
C GLY M 1228 57.38 -62.22 -32.36
N CYS M 1229 56.10 -62.15 -31.96
CA CYS M 1229 54.94 -62.22 -32.86
C CYS M 1229 55.02 -63.41 -33.82
N GLY M 1230 55.74 -64.46 -33.42
CA GLY M 1230 56.04 -65.55 -34.32
C GLY M 1230 57.48 -65.46 -34.78
N GLN M 1231 57.72 -65.70 -36.07
CA GLN M 1231 59.05 -65.53 -36.66
C GLN M 1231 58.93 -64.75 -37.96
N PRO M 1232 58.60 -63.45 -37.88
CA PRO M 1232 58.52 -62.66 -39.12
C PRO M 1232 59.81 -62.63 -39.90
N SER M 1233 60.88 -62.09 -39.33
CA SER M 1233 62.22 -62.17 -39.90
C SER M 1233 63.23 -61.78 -38.83
N GLY M 1234 64.14 -62.68 -38.51
CA GLY M 1234 65.16 -62.41 -37.51
C GLY M 1234 66.39 -61.78 -38.12
N ILE M 1235 67.52 -61.95 -37.43
CA ILE M 1235 68.78 -61.40 -37.95
C ILE M 1235 69.33 -62.30 -39.04
N LEU M 1236 69.07 -61.95 -40.30
CA LEU M 1236 69.61 -62.68 -41.44
C LEU M 1236 70.67 -61.81 -42.08
N ALA M 1237 71.90 -62.28 -41.98
CA ALA M 1237 73.05 -61.45 -42.33
C ALA M 1237 73.12 -61.15 -43.82
N GLN M 1238 73.32 -62.19 -44.63
CA GLN M 1238 73.79 -62.00 -46.01
C GLN M 1238 72.87 -61.13 -46.87
N PRO M 1239 71.56 -61.37 -46.96
CA PRO M 1239 70.73 -60.48 -47.77
C PRO M 1239 70.78 -59.05 -47.29
N THR M 1240 70.85 -58.83 -45.99
CA THR M 1240 70.99 -57.49 -45.46
C THR M 1240 72.31 -56.87 -45.88
N LEU M 1241 73.40 -57.64 -45.83
CA LEU M 1241 74.65 -57.14 -46.37
C LEU M 1241 74.48 -56.70 -47.80
N LEU M 1242 73.84 -57.53 -48.62
CA LEU M 1242 73.76 -57.31 -50.05
C LEU M 1242 72.68 -56.31 -50.43
N TYR M 1243 71.47 -56.46 -49.90
CA TYR M 1243 70.38 -55.63 -50.38
C TYR M 1243 70.43 -54.23 -49.76
N SER M 1249 69.95 -48.75 -50.59
CA SER M 1249 68.67 -48.79 -49.90
C SER M 1249 68.49 -47.56 -49.00
N LEU M 1250 67.26 -47.08 -48.91
CA LEU M 1250 66.93 -45.87 -48.16
C LEU M 1250 66.75 -46.14 -46.67
N GLN M 1251 66.20 -45.15 -45.97
CA GLN M 1251 66.12 -45.15 -44.51
C GLN M 1251 65.57 -46.45 -43.96
N ALA M 1252 64.94 -47.26 -44.80
CA ALA M 1252 64.67 -48.63 -44.41
C ALA M 1252 65.91 -49.33 -43.89
N THR M 1253 67.09 -48.95 -44.35
CA THR M 1253 68.32 -49.54 -43.83
C THR M 1253 68.36 -49.46 -42.32
N LEU M 1254 67.81 -48.40 -41.76
CA LEU M 1254 67.75 -48.28 -40.31
C LEU M 1254 67.00 -49.44 -39.70
N CYS M 1255 66.04 -50.01 -40.43
CA CYS M 1255 65.26 -51.08 -39.84
C CYS M 1255 66.18 -52.19 -39.39
N TRP M 1256 66.87 -52.81 -40.33
CA TRP M 1256 67.78 -53.87 -39.96
C TRP M 1256 68.90 -53.37 -39.08
N LEU M 1257 69.29 -52.11 -39.21
CA LEU M 1257 70.32 -51.64 -38.29
C LEU M 1257 69.86 -51.82 -36.86
N ASP M 1258 68.64 -51.39 -36.57
CA ASP M 1258 68.08 -51.66 -35.27
C ASP M 1258 67.97 -53.15 -35.01
N LEU M 1259 67.78 -53.95 -36.04
CA LEU M 1259 67.67 -55.36 -35.79
C LEU M 1259 68.95 -55.88 -35.21
N LEU M 1260 70.07 -55.53 -35.81
CA LEU M 1260 71.36 -56.01 -35.33
C LEU M 1260 71.61 -55.49 -33.93
N LEU M 1261 71.22 -54.24 -33.67
CA LEU M 1261 71.31 -53.70 -32.32
C LEU M 1261 70.56 -54.58 -31.34
N ALA M 1262 69.29 -54.84 -31.63
CA ALA M 1262 68.50 -55.71 -30.78
C ALA M 1262 69.16 -57.05 -30.64
N ALA M 1263 69.77 -57.53 -31.72
CA ALA M 1263 70.44 -58.81 -31.66
C ALA M 1263 71.48 -58.80 -30.56
N LEU M 1264 72.53 -58.04 -30.77
CA LEU M 1264 73.63 -58.17 -29.83
C LEU M 1264 73.17 -57.88 -28.43
N GLU M 1265 72.17 -57.02 -28.27
CA GLU M 1265 71.70 -56.82 -26.92
C GLU M 1265 70.97 -58.05 -26.41
N CYS M 1266 70.39 -58.85 -27.30
CA CYS M 1266 69.71 -60.02 -26.78
C CYS M 1266 70.73 -61.06 -26.39
N TYR M 1267 71.81 -61.14 -27.15
CA TYR M 1267 72.90 -61.99 -26.70
C TYR M 1267 73.45 -61.52 -25.37
N ASN M 1268 73.38 -60.22 -25.10
CA ASN M 1268 73.81 -59.72 -23.81
C ASN M 1268 73.11 -60.41 -22.65
N THR M 1269 71.98 -61.06 -22.91
CA THR M 1269 71.40 -61.92 -21.89
C THR M 1269 72.37 -63.00 -21.47
N PHE M 1270 73.19 -63.49 -22.42
CA PHE M 1270 73.91 -64.73 -22.18
C PHE M 1270 74.86 -64.67 -21.01
N ILE M 1271 75.66 -63.63 -20.89
CA ILE M 1271 76.40 -63.53 -19.66
C ILE M 1271 75.75 -62.39 -18.89
N GLY M 1272 74.53 -62.03 -19.28
CA GLY M 1272 73.74 -61.17 -18.43
C GLY M 1272 73.55 -61.79 -17.06
N GLU M 1273 73.36 -63.10 -17.03
CA GLU M 1273 73.34 -63.85 -15.79
C GLU M 1273 74.11 -65.16 -15.94
N ARG M 1274 75.03 -65.20 -16.89
CA ARG M 1274 75.84 -66.39 -17.13
C ARG M 1274 74.95 -67.58 -17.45
N THR M 1275 73.79 -67.32 -18.05
CA THR M 1275 72.79 -68.35 -18.22
C THR M 1275 73.13 -69.33 -19.33
N VAL M 1276 73.95 -68.94 -20.30
CA VAL M 1276 74.22 -69.79 -21.45
C VAL M 1276 75.73 -69.84 -21.69
N GLY M 1277 76.25 -71.06 -21.88
CA GLY M 1277 77.69 -71.24 -22.02
C GLY M 1277 78.23 -70.71 -23.32
N ALA M 1278 79.54 -70.49 -23.34
CA ALA M 1278 80.21 -69.88 -24.48
C ALA M 1278 80.05 -70.73 -25.74
N LEU M 1279 80.40 -72.01 -25.65
CA LEU M 1279 80.10 -72.96 -26.71
C LEU M 1279 78.59 -73.14 -26.88
N GLN M 1280 77.82 -72.91 -25.84
CA GLN M 1280 76.37 -72.84 -26.00
C GLN M 1280 75.96 -71.54 -26.66
N VAL M 1281 76.63 -70.43 -26.31
CA VAL M 1281 76.44 -69.20 -27.07
C VAL M 1281 77.02 -69.36 -28.46
N LEU M 1282 78.09 -70.11 -28.58
CA LEU M 1282 78.71 -70.36 -29.88
C LEU M 1282 78.83 -71.85 -30.08
N GLY M 1283 77.77 -72.48 -30.56
CA GLY M 1283 77.93 -73.78 -31.15
C GLY M 1283 78.33 -73.72 -32.60
N THR M 1284 78.46 -72.51 -33.15
CA THR M 1284 78.76 -72.24 -34.56
C THR M 1284 77.81 -72.94 -35.51
N GLU M 1285 76.66 -73.38 -35.00
CA GLU M 1285 75.80 -74.28 -35.75
C GLU M 1285 75.25 -73.63 -37.02
N ALA M 1286 74.30 -72.71 -36.86
CA ALA M 1286 73.65 -72.17 -38.05
C ALA M 1286 73.35 -70.68 -37.95
N GLN M 1287 74.11 -69.92 -37.18
CA GLN M 1287 73.84 -68.49 -37.04
C GLN M 1287 75.08 -67.71 -37.44
N SER M 1288 74.85 -66.57 -38.07
CA SER M 1288 75.93 -65.69 -38.48
C SER M 1288 75.78 -64.32 -37.84
N SER M 1289 75.00 -64.24 -36.76
CA SER M 1289 74.83 -62.96 -36.08
C SER M 1289 76.17 -62.36 -35.70
N LEU M 1290 76.87 -62.98 -34.76
CA LEU M 1290 78.15 -62.45 -34.34
C LEU M 1290 79.06 -62.24 -35.54
N LEU M 1291 79.01 -63.16 -36.50
CA LEU M 1291 79.78 -62.98 -37.71
C LEU M 1291 79.45 -61.64 -38.34
N LYS M 1292 78.17 -61.38 -38.54
CA LYS M 1292 77.84 -60.16 -39.27
C LYS M 1292 78.11 -58.94 -38.42
N ALA M 1293 77.94 -59.05 -37.11
CA ALA M 1293 78.26 -57.91 -36.27
C ALA M 1293 79.71 -57.52 -36.47
N VAL M 1294 80.61 -58.48 -36.32
CA VAL M 1294 82.01 -58.14 -36.39
C VAL M 1294 82.39 -57.76 -37.82
N ALA M 1295 81.61 -58.21 -38.80
CA ALA M 1295 82.00 -57.92 -40.17
C ALA M 1295 81.28 -56.70 -40.72
N PHE M 1296 79.97 -56.80 -40.89
CA PHE M 1296 79.27 -55.84 -41.72
C PHE M 1296 79.29 -54.47 -41.09
N PHE M 1297 78.68 -54.31 -39.91
CA PHE M 1297 78.68 -52.99 -39.31
C PHE M 1297 80.10 -52.55 -39.06
N LEU M 1298 80.86 -53.39 -38.36
CA LEU M 1298 82.16 -53.03 -37.86
C LEU M 1298 83.17 -52.79 -38.96
N GLU M 1299 82.82 -53.06 -40.22
CA GLU M 1299 83.64 -52.64 -41.32
C GLU M 1299 82.97 -51.57 -42.15
N SER M 1300 81.82 -51.88 -42.74
CA SER M 1300 81.23 -51.00 -43.73
C SER M 1300 80.56 -49.78 -43.10
N ILE M 1301 79.89 -49.95 -41.96
CA ILE M 1301 79.08 -48.87 -41.41
C ILE M 1301 79.67 -48.29 -40.15
N ALA M 1302 80.66 -48.95 -39.54
CA ALA M 1302 81.24 -48.44 -38.30
C ALA M 1302 81.82 -47.04 -38.50
N MET M 1303 82.90 -46.94 -39.27
CA MET M 1303 83.58 -45.67 -39.45
C MET M 1303 83.43 -45.10 -40.84
N HIS M 1304 82.98 -45.88 -41.77
CA HIS M 1304 82.77 -45.35 -43.10
C HIS M 1304 81.44 -44.71 -43.22
N ASP M 1305 80.95 -44.25 -42.08
CA ASP M 1305 79.56 -43.89 -41.88
C ASP M 1305 79.23 -42.47 -42.33
N ILE M 1306 80.07 -41.86 -43.15
CA ILE M 1306 79.72 -40.53 -43.68
C ILE M 1306 78.50 -40.63 -44.59
N ILE M 1307 78.54 -41.54 -45.55
CA ILE M 1307 77.42 -41.83 -46.44
C ILE M 1307 77.39 -43.33 -46.69
N ALA M 1308 76.27 -43.96 -46.40
CA ALA M 1308 76.16 -45.40 -46.50
C ALA M 1308 75.38 -45.79 -47.74
N ALA M 1309 75.74 -46.92 -48.38
CA ALA M 1309 74.80 -47.62 -49.30
C ALA M 1309 75.17 -49.09 -49.34
N GLU M 1310 74.14 -49.94 -49.46
CA GLU M 1310 74.33 -51.38 -49.60
C GLU M 1310 74.19 -51.82 -51.05
N LYS M 1311 73.15 -51.35 -51.73
CA LYS M 1311 72.87 -51.70 -53.12
C LYS M 1311 72.73 -53.21 -53.30
N SER M 1323 70.06 -34.61 -45.72
CA SER M 1323 68.80 -34.40 -45.04
C SER M 1323 68.92 -34.66 -43.56
N PRO M 1324 68.35 -33.78 -42.73
CA PRO M 1324 68.44 -33.98 -41.28
C PRO M 1324 67.80 -35.26 -40.84
N GLN M 1325 67.00 -35.89 -41.70
CA GLN M 1325 66.55 -37.25 -41.47
C GLN M 1325 67.70 -38.12 -40.97
N GLU M 1326 68.73 -38.27 -41.80
CA GLU M 1326 69.90 -39.06 -41.41
C GLU M 1326 70.59 -38.45 -40.20
N GLY M 1327 71.13 -37.24 -40.36
CA GLY M 1327 71.90 -36.61 -39.31
C GLY M 1327 71.23 -36.63 -37.96
N GLU M 1328 69.94 -36.89 -37.92
CA GLU M 1328 69.24 -36.95 -36.66
C GLU M 1328 68.89 -38.38 -36.25
N ARG M 1329 68.73 -39.29 -37.19
CA ARG M 1329 68.36 -40.62 -36.74
C ARG M 1329 69.40 -41.68 -37.04
N TYR M 1330 70.02 -41.60 -38.20
CA TYR M 1330 71.06 -42.56 -38.54
C TYR M 1330 72.18 -42.47 -37.52
N ASN M 1331 72.54 -41.26 -37.12
CA ASN M 1331 73.55 -41.13 -36.10
C ASN M 1331 73.13 -41.84 -34.84
N TYR M 1332 71.94 -41.56 -34.32
CA TYR M 1332 71.60 -42.09 -33.02
C TYR M 1332 71.46 -43.59 -33.07
N SER M 1333 70.93 -44.09 -34.17
CA SER M 1333 70.90 -45.52 -34.37
C SER M 1333 72.31 -46.10 -34.25
N LYS M 1334 73.19 -45.73 -35.17
CA LYS M 1334 74.48 -46.39 -35.16
C LYS M 1334 75.23 -46.12 -33.87
N CYS M 1335 74.92 -45.02 -33.21
CA CYS M 1335 75.53 -44.77 -31.91
C CYS M 1335 75.09 -45.83 -30.93
N THR M 1336 73.78 -46.08 -30.87
CA THR M 1336 73.31 -47.19 -30.06
C THR M 1336 74.03 -48.46 -30.46
N VAL M 1337 74.23 -48.64 -31.75
CA VAL M 1337 74.70 -49.94 -32.21
C VAL M 1337 76.14 -50.14 -31.80
N VAL M 1338 76.97 -49.12 -31.96
CA VAL M 1338 78.34 -49.26 -31.53
C VAL M 1338 78.42 -49.40 -30.03
N VAL M 1339 77.65 -48.62 -29.30
CA VAL M 1339 77.76 -48.69 -27.85
C VAL M 1339 77.42 -50.08 -27.39
N ARG M 1340 76.35 -50.63 -27.91
CA ARG M 1340 75.98 -51.97 -27.51
C ARG M 1340 76.96 -53.02 -27.98
N ILE M 1341 77.56 -52.87 -29.17
CA ILE M 1341 78.48 -53.92 -29.60
C ILE M 1341 79.71 -53.91 -28.71
N MET M 1342 80.17 -52.73 -28.34
CA MET M 1342 81.27 -52.65 -27.41
C MET M 1342 80.89 -53.28 -26.07
N GLU M 1343 79.71 -52.94 -25.58
CA GLU M 1343 79.29 -53.48 -24.31
C GLU M 1343 79.20 -54.99 -24.39
N PHE M 1344 78.72 -55.49 -25.52
CA PHE M 1344 78.61 -56.92 -25.69
C PHE M 1344 79.98 -57.56 -25.63
N THR M 1345 80.91 -57.04 -26.41
CA THR M 1345 82.24 -57.61 -26.38
C THR M 1345 82.72 -57.69 -24.96
N THR M 1346 82.76 -56.55 -24.28
CA THR M 1346 83.40 -56.54 -22.97
C THR M 1346 82.70 -57.47 -22.00
N THR M 1347 81.38 -57.43 -21.96
CA THR M 1347 80.71 -58.20 -20.94
C THR M 1347 80.65 -59.67 -21.29
N LEU M 1348 80.91 -60.05 -22.53
CA LEU M 1348 80.83 -61.46 -22.86
C LEU M 1348 82.18 -62.03 -23.26
N LEU M 1349 82.78 -61.52 -24.32
CA LEU M 1349 84.04 -62.06 -24.78
C LEU M 1349 85.14 -61.91 -23.75
N ASN M 1350 84.81 -61.40 -22.57
CA ASN M 1350 85.74 -61.36 -21.46
C ASN M 1350 85.23 -62.06 -20.22
N THR M 1351 83.95 -61.92 -19.88
CA THR M 1351 83.48 -62.55 -18.66
C THR M 1351 83.56 -64.06 -18.75
N SER M 1352 83.67 -64.60 -19.94
CA SER M 1352 83.89 -66.03 -20.07
C SER M 1352 85.29 -66.39 -19.60
N PRO M 1353 85.44 -67.29 -18.63
CA PRO M 1353 86.79 -67.64 -18.16
C PRO M 1353 87.67 -68.21 -19.25
N GLU M 1354 87.10 -68.97 -20.18
CA GLU M 1354 87.85 -69.47 -21.31
C GLU M 1354 87.34 -68.72 -22.53
N GLY M 1355 87.00 -67.46 -22.33
CA GLY M 1355 86.54 -66.71 -23.47
C GLY M 1355 87.57 -66.54 -24.56
N TRP M 1356 88.84 -66.85 -24.28
CA TRP M 1356 89.85 -66.73 -25.32
C TRP M 1356 89.54 -67.67 -26.48
N LYS M 1357 88.89 -68.79 -26.18
CA LYS M 1357 88.43 -69.64 -27.28
C LYS M 1357 87.43 -68.92 -28.14
N LEU M 1358 86.53 -68.15 -27.51
CA LEU M 1358 85.61 -67.32 -28.28
C LEU M 1358 86.36 -66.30 -29.09
N LEU M 1359 87.38 -65.70 -28.50
CA LEU M 1359 88.25 -64.81 -29.25
C LEU M 1359 88.78 -65.50 -30.49
N LYS M 1360 89.20 -66.75 -30.35
CA LYS M 1360 89.61 -67.53 -31.51
C LYS M 1360 88.43 -67.84 -32.43
N LYS M 1361 87.21 -67.74 -31.91
CA LYS M 1361 86.03 -67.82 -32.77
C LYS M 1361 85.73 -66.46 -33.39
N ASP M 1362 85.73 -65.40 -32.60
CA ASP M 1362 85.65 -64.07 -33.21
C ASP M 1362 87.07 -63.57 -33.45
N LEU M 1363 87.74 -64.25 -34.38
CA LEU M 1363 89.17 -64.01 -34.57
C LEU M 1363 89.43 -62.61 -35.11
N CYS M 1364 88.74 -62.23 -36.18
CA CYS M 1364 89.09 -61.01 -36.91
C CYS M 1364 88.39 -59.81 -36.25
N ASN M 1365 89.13 -59.12 -35.38
CA ASN M 1365 88.58 -58.01 -34.62
C ASN M 1365 89.39 -56.74 -34.68
N THR M 1366 90.54 -56.73 -35.37
CA THR M 1366 91.36 -55.52 -35.39
C THR M 1366 90.55 -54.31 -35.85
N HIS M 1367 89.56 -54.56 -36.71
CA HIS M 1367 88.67 -53.50 -37.16
C HIS M 1367 88.03 -52.81 -35.96
N LEU M 1368 87.43 -53.60 -35.06
CA LEU M 1368 86.71 -53.00 -33.95
C LEU M 1368 87.68 -52.36 -32.99
N MET M 1369 88.90 -52.86 -32.96
CA MET M 1369 89.88 -52.17 -32.15
C MET M 1369 90.10 -50.76 -32.68
N ARG M 1370 90.20 -50.60 -34.01
CA ARG M 1370 90.46 -49.23 -34.45
C ARG M 1370 89.24 -48.36 -34.24
N VAL M 1371 88.06 -48.95 -34.37
CA VAL M 1371 86.85 -48.19 -34.09
C VAL M 1371 86.83 -47.73 -32.64
N LEU M 1372 87.16 -48.65 -31.74
CA LEU M 1372 87.23 -48.31 -30.31
C LEU M 1372 88.16 -47.15 -30.08
N VAL M 1373 89.32 -47.19 -30.72
CA VAL M 1373 90.31 -46.21 -30.39
C VAL M 1373 89.97 -44.88 -31.06
N GLN M 1374 89.29 -44.92 -32.20
CA GLN M 1374 88.85 -43.69 -32.81
C GLN M 1374 87.79 -43.02 -31.96
N THR M 1375 86.91 -43.81 -31.35
CA THR M 1375 85.95 -43.22 -30.43
C THR M 1375 86.66 -42.63 -29.23
N LEU M 1376 87.50 -43.42 -28.58
CA LEU M 1376 88.26 -42.93 -27.43
C LEU M 1376 88.94 -41.61 -27.75
N CYS M 1377 89.62 -41.53 -28.88
CA CYS M 1377 90.47 -40.38 -29.14
C CYS M 1377 89.70 -39.22 -29.71
N GLU M 1378 88.82 -39.48 -30.67
CA GLU M 1378 88.00 -38.45 -31.31
C GLU M 1378 86.57 -38.96 -31.33
N PRO M 1379 85.88 -38.89 -30.20
CA PRO M 1379 84.55 -39.51 -30.13
C PRO M 1379 83.59 -38.96 -31.16
N ALA M 1380 83.69 -37.68 -31.47
CA ALA M 1380 82.72 -37.07 -32.37
C ALA M 1380 82.73 -37.73 -33.73
N SER M 1381 83.80 -38.42 -34.08
CA SER M 1381 83.85 -39.09 -35.37
C SER M 1381 82.73 -40.11 -35.50
N ILE M 1382 82.49 -40.90 -34.46
CA ILE M 1382 81.55 -42.01 -34.53
C ILE M 1382 80.59 -41.89 -33.36
N GLY M 1383 79.31 -41.93 -33.65
CA GLY M 1383 78.32 -42.20 -32.59
C GLY M 1383 78.19 -41.14 -31.56
N PHE M 1384 79.26 -40.81 -30.87
CA PHE M 1384 79.30 -39.66 -29.99
C PHE M 1384 78.79 -38.43 -30.72
N ASN M 1385 78.80 -38.47 -32.06
CA ASN M 1385 78.66 -37.25 -32.84
C ASN M 1385 77.49 -36.39 -32.38
N ILE M 1386 76.59 -36.97 -31.58
CA ILE M 1386 75.49 -36.17 -31.06
C ILE M 1386 75.94 -35.15 -30.04
N GLY M 1387 76.95 -35.46 -29.24
CA GLY M 1387 77.30 -34.55 -28.16
C GLY M 1387 76.24 -34.42 -27.10
N ASP M 1388 75.26 -35.33 -27.09
CA ASP M 1388 74.13 -35.26 -26.17
C ASP M 1388 74.43 -35.79 -24.78
N VAL M 1389 74.04 -35.02 -23.77
CA VAL M 1389 74.62 -35.21 -22.44
C VAL M 1389 74.37 -36.58 -21.88
N GLN M 1390 73.21 -37.16 -22.12
CA GLN M 1390 72.92 -38.42 -21.46
C GLN M 1390 73.73 -39.55 -22.04
N VAL M 1391 73.90 -39.57 -23.36
CA VAL M 1391 74.56 -40.70 -24.00
C VAL M 1391 76.06 -40.64 -23.76
N MET M 1392 76.68 -39.52 -24.09
CA MET M 1392 78.12 -39.46 -23.90
C MET M 1392 78.48 -39.46 -22.44
N ALA M 1393 77.52 -39.28 -21.55
CA ALA M 1393 77.84 -39.47 -20.15
C ALA M 1393 78.27 -40.91 -19.91
N HIS M 1394 77.57 -41.84 -20.51
CA HIS M 1394 77.89 -43.23 -20.25
C HIS M 1394 78.94 -43.76 -21.21
N LEU M 1395 79.27 -43.02 -22.24
CA LEU M 1395 80.22 -43.52 -23.22
C LEU M 1395 81.58 -43.80 -22.63
N PRO M 1396 82.22 -42.87 -21.91
CA PRO M 1396 83.53 -43.19 -21.36
C PRO M 1396 83.50 -44.33 -20.40
N ASP M 1397 82.41 -44.49 -19.64
CA ASP M 1397 82.35 -45.59 -18.71
C ASP M 1397 82.42 -46.91 -19.46
N VAL M 1398 81.67 -47.04 -20.54
CA VAL M 1398 81.74 -48.24 -21.35
C VAL M 1398 83.14 -48.41 -21.89
N CYS M 1399 83.71 -47.33 -22.41
CA CYS M 1399 85.03 -47.44 -23.03
C CYS M 1399 86.05 -47.94 -22.02
N VAL M 1400 86.00 -47.38 -20.82
CA VAL M 1400 86.94 -47.80 -19.79
C VAL M 1400 86.71 -49.27 -19.47
N ASN M 1401 85.46 -49.68 -19.35
CA ASN M 1401 85.22 -51.05 -18.93
C ASN M 1401 85.74 -52.02 -19.98
N LEU M 1402 85.50 -51.71 -21.24
CA LEU M 1402 85.97 -52.55 -22.34
C LEU M 1402 87.49 -52.58 -22.38
N MET M 1403 88.10 -51.43 -22.18
CA MET M 1403 89.54 -51.37 -22.14
C MET M 1403 90.06 -52.26 -21.04
N LYS M 1404 89.42 -52.19 -19.87
CA LYS M 1404 89.84 -52.99 -18.74
C LYS M 1404 89.71 -54.46 -19.05
N ALA M 1405 88.61 -54.83 -19.67
CA ALA M 1405 88.41 -56.24 -19.97
C ALA M 1405 89.50 -56.73 -20.90
N LEU M 1406 89.79 -55.96 -21.94
CA LEU M 1406 90.88 -56.34 -22.83
C LEU M 1406 92.19 -56.43 -22.09
N LYS M 1407 92.36 -55.64 -21.03
CA LYS M 1407 93.54 -55.81 -20.20
C LYS M 1407 93.52 -57.19 -19.55
N MET M 1408 92.53 -57.44 -18.70
CA MET M 1408 92.57 -58.64 -17.88
C MET M 1408 92.61 -59.88 -18.75
N SER M 1409 92.20 -59.76 -19.98
CA SER M 1409 92.29 -60.84 -20.92
C SER M 1409 93.55 -60.71 -21.76
N PRO M 1410 94.00 -61.79 -22.36
CA PRO M 1410 95.07 -61.69 -23.34
C PRO M 1410 94.59 -60.95 -24.56
N TYR M 1411 95.39 -60.97 -25.63
CA TYR M 1411 95.08 -60.25 -26.86
C TYR M 1411 95.27 -58.76 -26.64
N LYS M 1412 96.18 -58.43 -25.72
CA LYS M 1412 96.66 -57.07 -25.49
C LYS M 1412 97.62 -56.59 -26.56
N ASP M 1413 98.33 -57.49 -27.23
CA ASP M 1413 99.32 -57.07 -28.22
C ASP M 1413 98.69 -56.13 -29.24
N ILE M 1414 97.58 -56.54 -29.83
CA ILE M 1414 96.85 -55.65 -30.72
C ILE M 1414 96.42 -54.40 -29.99
N LEU M 1415 95.89 -54.54 -28.78
CA LEU M 1415 95.66 -53.36 -27.97
C LEU M 1415 96.93 -52.54 -27.83
N GLU M 1416 97.96 -53.15 -27.24
CA GLU M 1416 99.18 -52.46 -26.82
C GLU M 1416 99.89 -51.79 -27.98
N THR M 1417 99.61 -52.23 -29.19
CA THR M 1417 100.29 -51.70 -30.35
C THR M 1417 99.39 -50.72 -31.07
N HIS M 1418 98.25 -51.23 -31.51
CA HIS M 1418 97.33 -50.46 -32.31
C HIS M 1418 96.82 -49.24 -31.58
N LEU M 1419 96.80 -49.25 -30.26
CA LEU M 1419 96.42 -48.06 -29.54
C LEU M 1419 97.64 -47.18 -29.28
N ARG M 1420 98.62 -47.74 -28.58
CA ARG M 1420 99.76 -46.94 -28.17
C ARG M 1420 100.39 -46.25 -29.36
N GLU M 1421 100.97 -47.01 -30.27
CA GLU M 1421 101.83 -46.36 -31.23
C GLU M 1421 101.07 -45.47 -32.20
N LYS M 1422 99.75 -45.30 -32.03
CA LYS M 1422 98.99 -44.46 -32.95
C LYS M 1422 98.28 -43.30 -32.29
N ILE M 1423 97.60 -43.51 -31.16
CA ILE M 1423 96.84 -42.39 -30.59
C ILE M 1423 97.55 -41.71 -29.46
N THR M 1424 98.80 -42.06 -29.20
CA THR M 1424 99.57 -41.34 -28.18
C THR M 1424 101.04 -41.64 -28.42
N ALA M 1425 101.86 -40.60 -28.39
CA ALA M 1425 103.29 -40.77 -28.56
C ALA M 1425 103.98 -39.64 -27.82
N GLN M 1426 105.30 -39.73 -27.74
CA GLN M 1426 106.06 -38.60 -27.21
C GLN M 1426 105.70 -37.34 -27.97
N SER M 1427 105.79 -37.40 -29.29
CA SER M 1427 105.59 -36.20 -30.10
C SER M 1427 104.22 -35.60 -29.88
N ILE M 1428 103.27 -36.39 -29.39
CA ILE M 1428 101.93 -35.86 -29.19
C ILE M 1428 101.96 -34.66 -28.26
N GLU M 1429 102.60 -34.81 -27.11
CA GLU M 1429 102.57 -33.74 -26.12
C GLU M 1429 103.28 -32.50 -26.61
N GLU M 1430 104.45 -32.64 -27.23
CA GLU M 1430 105.13 -31.45 -27.74
C GLU M 1430 104.36 -30.83 -28.88
N LEU M 1431 104.00 -31.63 -29.89
CA LEU M 1431 103.31 -31.10 -31.06
C LEU M 1431 102.01 -30.42 -30.67
N CYS M 1432 101.39 -30.84 -29.58
CA CYS M 1432 100.30 -30.06 -29.04
C CYS M 1432 100.78 -28.84 -28.28
N ALA M 1433 101.96 -28.93 -27.65
CA ALA M 1433 102.39 -27.89 -26.75
C ALA M 1433 102.80 -26.61 -27.45
N VAL M 1434 102.83 -26.62 -28.80
CA VAL M 1434 103.42 -25.49 -29.52
C VAL M 1434 102.60 -24.23 -29.34
N ASN M 1435 101.28 -24.32 -29.48
CA ASN M 1435 100.45 -23.12 -29.47
C ASN M 1435 100.20 -22.69 -28.04
N LEU M 1436 100.88 -21.64 -27.60
CA LEU M 1436 100.76 -21.14 -26.24
C LEU M 1436 99.40 -20.45 -26.10
N TYR M 1437 98.36 -21.29 -25.98
CA TYR M 1437 96.97 -20.85 -25.88
C TYR M 1437 96.70 -19.66 -26.79
N GLY M 1438 97.04 -19.83 -28.06
CA GLY M 1438 96.99 -18.74 -29.01
C GLY M 1438 95.58 -18.29 -29.29
N PRO M 1439 95.45 -17.17 -30.01
CA PRO M 1439 94.11 -16.66 -30.36
C PRO M 1439 93.37 -17.61 -31.29
N ASP M 1440 94.07 -18.64 -31.78
CA ASP M 1440 93.43 -19.69 -32.56
C ASP M 1440 92.67 -20.60 -31.60
N ALA M 1441 91.65 -20.04 -30.95
CA ALA M 1441 90.99 -20.73 -29.85
C ALA M 1441 90.30 -22.00 -30.31
N GLN M 1442 89.47 -21.92 -31.36
CA GLN M 1442 88.59 -23.03 -31.74
C GLN M 1442 89.37 -24.25 -32.20
N VAL M 1443 90.68 -24.25 -32.00
CA VAL M 1443 91.54 -25.23 -32.63
C VAL M 1443 92.35 -25.97 -31.56
N ASP M 1444 93.15 -25.23 -30.82
CA ASP M 1444 94.12 -25.87 -29.95
C ASP M 1444 93.47 -26.65 -28.82
N ARG M 1445 92.73 -25.97 -27.94
CA ARG M 1445 92.41 -26.67 -26.71
C ARG M 1445 91.46 -27.79 -27.01
N SER M 1446 90.87 -27.79 -28.20
CA SER M 1446 90.14 -28.97 -28.65
C SER M 1446 91.00 -30.22 -28.50
N ARG M 1447 92.05 -30.35 -29.31
CA ARG M 1447 92.77 -31.61 -29.28
C ARG M 1447 93.55 -31.75 -27.98
N LEU M 1448 93.94 -30.63 -27.38
CA LEU M 1448 94.51 -30.77 -26.05
C LEU M 1448 93.55 -31.50 -25.14
N ALA M 1449 92.30 -31.05 -25.09
CA ALA M 1449 91.32 -31.67 -24.22
C ALA M 1449 91.04 -33.08 -24.64
N ALA M 1450 90.99 -33.33 -25.94
CA ALA M 1450 90.79 -34.70 -26.39
C ALA M 1450 91.84 -35.60 -25.79
N VAL M 1451 93.10 -35.20 -25.91
CA VAL M 1451 94.16 -36.03 -25.40
C VAL M 1451 94.03 -36.20 -23.91
N VAL M 1452 93.70 -35.12 -23.19
CA VAL M 1452 93.73 -35.22 -21.75
C VAL M 1452 92.59 -36.10 -21.27
N SER M 1453 91.42 -35.95 -21.85
CA SER M 1453 90.33 -36.83 -21.46
C SER M 1453 90.69 -38.26 -21.76
N ALA M 1454 91.27 -38.50 -22.93
CA ALA M 1454 91.58 -39.87 -23.32
C ALA M 1454 92.57 -40.49 -22.35
N CYS M 1455 93.62 -39.75 -22.02
CA CYS M 1455 94.62 -40.32 -21.14
C CYS M 1455 94.05 -40.54 -19.76
N LYS M 1456 93.20 -39.62 -19.29
CA LYS M 1456 92.56 -39.89 -18.01
C LYS M 1456 91.75 -41.15 -18.09
N GLN M 1457 91.05 -41.35 -19.19
CA GLN M 1457 90.26 -42.56 -19.29
C GLN M 1457 91.17 -43.78 -19.30
N LEU M 1458 92.31 -43.68 -19.97
CA LEU M 1458 93.26 -44.78 -19.97
C LEU M 1458 93.67 -45.14 -18.56
N HIS M 1459 94.10 -44.13 -17.80
CA HIS M 1459 94.49 -44.39 -16.42
C HIS M 1459 93.34 -44.95 -15.63
N ARG M 1460 92.12 -44.50 -15.92
CA ARG M 1460 90.98 -45.13 -15.31
C ARG M 1460 91.04 -46.63 -15.57
N ALA M 1461 91.19 -47.00 -16.83
CA ALA M 1461 91.36 -48.39 -17.16
C ALA M 1461 92.72 -48.89 -16.73
N GLY M 1462 93.65 -47.99 -16.46
CA GLY M 1462 94.91 -48.41 -15.93
C GLY M 1462 95.79 -49.13 -16.92
N LEU M 1463 95.52 -49.01 -18.19
CA LEU M 1463 96.45 -49.49 -19.19
C LEU M 1463 97.45 -48.41 -19.56
N LEU M 1464 97.35 -47.24 -18.92
CA LEU M 1464 98.16 -46.08 -19.30
C LEU M 1464 99.63 -46.42 -19.33
N HIS M 1465 100.13 -47.06 -18.28
CA HIS M 1465 101.55 -47.37 -18.20
C HIS M 1465 102.03 -48.19 -19.38
N ASN M 1466 101.16 -49.00 -19.97
CA ASN M 1466 101.55 -49.63 -21.21
C ASN M 1466 101.83 -48.60 -22.29
N ILE M 1467 101.05 -47.51 -22.33
CA ILE M 1467 101.38 -46.39 -23.21
C ILE M 1467 102.52 -45.57 -22.64
N LEU M 1468 102.86 -45.74 -21.38
CA LEU M 1468 104.03 -45.04 -20.85
C LEU M 1468 105.28 -45.58 -21.51
N PRO M 1469 106.05 -44.76 -22.19
CA PRO M 1469 107.29 -45.25 -22.79
C PRO M 1469 108.41 -45.32 -21.76
N SER M 1470 109.42 -46.13 -22.09
CA SER M 1470 110.56 -46.29 -21.20
C SER M 1470 111.31 -44.98 -21.06
N GLN M 1471 111.68 -44.65 -19.83
CA GLN M 1471 112.41 -43.43 -19.52
C GLN M 1471 113.75 -43.77 -18.86
N SER M 1472 114.46 -42.72 -18.44
CA SER M 1472 115.80 -42.86 -17.90
C SER M 1472 115.85 -42.85 -16.38
N THR M 1473 114.90 -42.19 -15.72
CA THR M 1473 114.90 -42.06 -14.28
C THR M 1473 113.55 -42.52 -13.73
N ASP M 1474 113.54 -42.92 -12.45
CA ASP M 1474 112.31 -43.32 -11.80
C ASP M 1474 111.22 -42.26 -11.94
N LEU M 1475 111.61 -40.99 -11.91
CA LEU M 1475 110.67 -39.93 -12.26
C LEU M 1475 110.29 -40.05 -13.72
N HIS M 1476 109.01 -40.26 -13.99
CA HIS M 1476 108.53 -40.38 -15.36
C HIS M 1476 108.58 -39.00 -15.99
N HIS M 1477 109.73 -38.68 -16.58
CA HIS M 1477 109.86 -37.39 -17.25
C HIS M 1477 108.74 -37.19 -18.26
N SER M 1478 108.25 -38.27 -18.85
CA SER M 1478 107.19 -38.24 -19.84
C SER M 1478 106.15 -37.21 -19.48
N VAL M 1479 105.80 -37.14 -18.21
CA VAL M 1479 104.62 -36.37 -17.88
C VAL M 1479 104.98 -35.28 -16.89
N GLY M 1480 105.98 -35.54 -16.05
CA GLY M 1480 106.48 -34.48 -15.20
C GLY M 1480 107.01 -33.34 -16.02
N THR M 1481 107.77 -33.64 -17.07
CA THR M 1481 108.29 -32.61 -17.95
C THR M 1481 107.16 -31.88 -18.66
N GLU M 1482 106.14 -32.61 -19.11
CA GLU M 1482 105.06 -31.91 -19.77
C GLU M 1482 104.33 -31.01 -18.79
N LEU M 1483 104.26 -31.41 -17.52
CA LEU M 1483 103.71 -30.52 -16.50
C LEU M 1483 104.33 -29.15 -16.58
N LEU M 1484 105.63 -29.07 -16.35
CA LEU M 1484 106.27 -27.77 -16.30
C LEU M 1484 106.20 -27.10 -17.66
N SER M 1485 106.51 -27.84 -18.71
CA SER M 1485 106.67 -27.21 -20.02
C SER M 1485 105.33 -26.81 -20.61
N LEU M 1486 104.23 -27.24 -20.00
CA LEU M 1486 102.91 -26.84 -20.46
C LEU M 1486 102.30 -25.79 -19.55
N VAL M 1487 102.46 -25.92 -18.24
CA VAL M 1487 101.90 -24.94 -17.34
C VAL M 1487 102.96 -24.08 -16.66
N TYR M 1488 103.90 -24.70 -15.95
CA TYR M 1488 104.84 -23.91 -15.16
C TYR M 1488 105.62 -22.95 -16.02
N LYS M 1489 106.18 -23.43 -17.11
CA LYS M 1489 106.63 -22.47 -18.10
C LYS M 1489 105.45 -21.79 -18.77
N GLY M 1490 104.36 -22.53 -18.96
CA GLY M 1490 103.26 -22.00 -19.75
C GLY M 1490 102.60 -20.81 -19.11
N ILE M 1491 102.36 -20.88 -17.80
CA ILE M 1491 101.64 -19.80 -17.15
C ILE M 1491 102.49 -18.54 -17.10
N ALA M 1492 103.79 -18.68 -17.19
CA ALA M 1492 104.67 -17.57 -16.90
C ALA M 1492 105.09 -16.87 -18.19
N PRO M 1493 104.77 -15.58 -18.34
CA PRO M 1493 105.40 -14.76 -19.37
C PRO M 1493 106.69 -14.09 -18.93
N GLY M 1494 107.33 -14.58 -17.86
CA GLY M 1494 108.50 -13.91 -17.33
C GLY M 1494 109.72 -13.99 -18.23
N ASP M 1495 109.71 -14.93 -19.18
CA ASP M 1495 110.80 -15.03 -20.15
C ASP M 1495 110.88 -13.81 -21.04
N GLU M 1496 109.83 -13.00 -21.11
CA GLU M 1496 109.84 -11.79 -21.92
C GLU M 1496 109.28 -10.58 -21.19
N ARG M 1497 108.86 -10.72 -19.93
CA ARG M 1497 108.30 -9.62 -19.13
C ARG M 1497 107.14 -8.94 -19.85
N GLN M 1498 106.34 -9.72 -20.57
CA GLN M 1498 105.16 -9.19 -21.23
C GLN M 1498 103.96 -9.29 -20.29
N CYS M 1499 102.79 -8.95 -20.82
CA CYS M 1499 101.57 -8.98 -20.01
C CYS M 1499 101.25 -10.40 -19.57
N LEU M 1500 100.80 -10.53 -18.34
CA LEU M 1500 100.44 -11.83 -17.80
C LEU M 1500 99.20 -12.35 -18.51
N PRO M 1501 99.22 -13.56 -19.06
CA PRO M 1501 98.03 -14.07 -19.77
C PRO M 1501 96.92 -14.46 -18.82
N SER M 1502 95.80 -13.76 -18.88
CA SER M 1502 94.64 -14.12 -18.09
C SER M 1502 94.10 -15.48 -18.54
N LEU M 1503 93.54 -16.22 -17.59
CA LEU M 1503 93.04 -17.56 -17.88
C LEU M 1503 91.52 -17.57 -17.90
N ASP M 1504 90.95 -18.07 -18.99
CA ASP M 1504 89.52 -18.27 -19.09
C ASP M 1504 89.15 -19.61 -18.45
N LEU M 1505 87.86 -19.81 -18.24
CA LEU M 1505 87.43 -21.08 -17.67
C LEU M 1505 87.85 -22.23 -18.58
N SER M 1506 88.01 -21.94 -19.87
CA SER M 1506 88.68 -22.89 -20.74
C SER M 1506 90.06 -23.23 -20.21
N CYS M 1507 90.84 -22.21 -19.89
CA CYS M 1507 92.16 -22.43 -19.33
C CYS M 1507 92.08 -23.14 -18.00
N LYS M 1508 91.09 -22.80 -17.19
CA LYS M 1508 90.95 -23.47 -15.91
C LYS M 1508 90.75 -24.96 -16.11
N GLN M 1509 89.81 -25.35 -16.96
CA GLN M 1509 89.57 -26.77 -17.11
C GLN M 1509 90.73 -27.47 -17.80
N LEU M 1510 91.37 -26.83 -18.78
CA LEU M 1510 92.51 -27.43 -19.44
C LEU M 1510 93.62 -27.67 -18.44
N ALA M 1511 93.91 -26.68 -17.60
CA ALA M 1511 94.96 -26.84 -16.63
C ALA M 1511 94.63 -27.98 -15.68
N SER M 1512 93.37 -28.09 -15.29
CA SER M 1512 93.01 -29.16 -14.38
C SER M 1512 93.27 -30.49 -15.03
N GLY M 1513 92.93 -30.61 -16.30
CA GLY M 1513 93.19 -31.85 -17.00
C GLY M 1513 94.68 -32.16 -17.04
N LEU M 1514 95.49 -31.16 -17.34
CA LEU M 1514 96.92 -31.41 -17.40
C LEU M 1514 97.44 -31.83 -16.05
N LEU M 1515 96.93 -31.21 -14.98
CA LEU M 1515 97.39 -31.59 -13.66
C LEU M 1515 97.03 -33.02 -13.35
N GLU M 1516 95.79 -33.40 -13.64
CA GLU M 1516 95.42 -34.79 -13.44
C GLU M 1516 96.35 -35.70 -14.21
N LEU M 1517 96.68 -35.33 -15.46
CA LEU M 1517 97.65 -36.11 -16.20
C LEU M 1517 98.96 -36.25 -15.44
N ALA M 1518 99.55 -35.13 -15.05
CA ALA M 1518 100.84 -35.18 -14.39
C ALA M 1518 100.76 -36.10 -13.20
N PHE M 1519 99.66 -36.03 -12.48
CA PHE M 1519 99.47 -36.77 -11.27
C PHE M 1519 98.96 -38.17 -11.53
N ALA M 1520 98.71 -38.52 -12.79
CA ALA M 1520 98.38 -39.90 -13.08
C ALA M 1520 99.57 -40.82 -12.91
N PHE M 1521 100.76 -40.26 -12.74
CA PHE M 1521 101.98 -41.05 -12.67
C PHE M 1521 102.66 -40.82 -11.33
N GLY M 1522 102.97 -41.91 -10.64
CA GLY M 1522 103.60 -41.79 -9.34
C GLY M 1522 105.04 -41.35 -9.45
N GLY M 1523 105.48 -40.59 -8.45
CA GLY M 1523 106.86 -40.15 -8.38
C GLY M 1523 107.06 -38.74 -8.91
N LEU M 1524 106.08 -37.88 -8.72
CA LEU M 1524 106.16 -36.50 -9.18
C LEU M 1524 106.07 -35.48 -8.06
N CYS M 1525 105.49 -35.83 -6.92
CA CYS M 1525 105.14 -34.82 -5.93
C CYS M 1525 106.37 -34.09 -5.45
N GLU M 1526 107.47 -34.80 -5.24
CA GLU M 1526 108.68 -34.13 -4.78
C GLU M 1526 109.09 -33.07 -5.79
N ARG M 1527 109.14 -33.43 -7.05
CA ARG M 1527 109.38 -32.43 -8.07
C ARG M 1527 108.30 -31.36 -8.01
N LEU M 1528 107.07 -31.75 -7.63
CA LEU M 1528 105.97 -30.80 -7.61
C LEU M 1528 106.20 -29.72 -6.58
N VAL M 1529 106.56 -30.11 -5.37
CA VAL M 1529 106.83 -29.15 -4.33
C VAL M 1529 108.07 -28.35 -4.66
N SER M 1530 109.03 -28.97 -5.33
CA SER M 1530 110.17 -28.22 -5.85
C SER M 1530 109.65 -27.11 -6.73
N LEU M 1531 108.71 -27.44 -7.60
CA LEU M 1531 108.00 -26.44 -8.39
C LEU M 1531 107.21 -25.50 -7.50
N LEU M 1532 106.91 -25.90 -6.28
CA LEU M 1532 106.27 -24.99 -5.35
C LEU M 1532 107.26 -24.15 -4.58
N LEU M 1533 108.15 -24.77 -3.82
CA LEU M 1533 108.96 -24.02 -2.88
C LEU M 1533 110.13 -23.37 -3.60
N ASN M 1534 109.81 -22.73 -4.72
CA ASN M 1534 110.88 -22.15 -5.51
C ASN M 1534 110.80 -20.64 -5.39
N PRO M 1535 111.85 -20.04 -4.90
CA PRO M 1535 111.81 -18.59 -4.69
C PRO M 1535 111.85 -17.79 -5.97
N ALA M 1536 111.64 -18.45 -7.11
CA ALA M 1536 111.58 -17.70 -8.36
C ALA M 1536 110.47 -16.67 -8.26
N VAL M 1537 110.72 -15.47 -8.77
CA VAL M 1537 109.74 -14.39 -8.65
C VAL M 1537 109.21 -14.04 -10.02
N LEU M 1538 107.88 -13.88 -10.11
CA LEU M 1538 107.31 -13.34 -11.34
C LEU M 1538 107.25 -11.83 -11.31
N SER M 1539 107.36 -11.25 -12.51
CA SER M 1539 107.22 -9.83 -12.72
C SER M 1539 105.89 -9.57 -13.39
N THR M 1540 105.53 -8.30 -13.47
CA THR M 1540 104.28 -7.90 -14.09
C THR M 1540 104.48 -6.76 -15.07
N SER M 1549 101.14 -2.48 -14.55
CA SER M 1549 101.51 -3.61 -13.69
C SER M 1549 103.01 -3.67 -13.50
N VAL M 1550 103.46 -3.49 -12.26
CA VAL M 1550 104.89 -3.54 -11.94
C VAL M 1550 105.19 -4.41 -10.74
N ILE M 1551 104.18 -4.86 -9.98
CA ILE M 1551 104.41 -5.59 -8.74
C ILE M 1551 105.03 -6.95 -9.04
N HIS M 1552 105.60 -7.58 -8.01
CA HIS M 1552 106.28 -8.85 -8.15
C HIS M 1552 105.71 -9.83 -7.15
N PHE M 1553 105.59 -11.08 -7.56
CA PHE M 1553 104.97 -12.08 -6.72
C PHE M 1553 105.53 -13.44 -7.09
N SER M 1554 105.75 -14.25 -6.07
CA SER M 1554 106.48 -15.49 -6.25
C SER M 1554 105.70 -16.43 -7.15
N HIS M 1555 106.37 -16.94 -8.18
CA HIS M 1555 105.68 -17.70 -9.20
C HIS M 1555 104.96 -18.89 -8.59
N GLY M 1556 105.61 -19.55 -7.65
CA GLY M 1556 104.99 -20.67 -6.98
C GLY M 1556 103.71 -20.27 -6.28
N GLU M 1557 103.69 -19.06 -5.73
CA GLU M 1557 102.47 -18.61 -5.09
C GLU M 1557 101.34 -18.52 -6.11
N TYR M 1558 101.63 -18.01 -7.29
CA TYR M 1558 100.63 -17.98 -8.35
C TYR M 1558 100.17 -19.38 -8.68
N PHE M 1559 101.12 -20.28 -8.88
CA PHE M 1559 100.77 -21.62 -9.31
C PHE M 1559 99.88 -22.28 -8.28
N TYR M 1560 100.20 -22.11 -7.01
CA TYR M 1560 99.37 -22.73 -5.99
C TYR M 1560 98.04 -22.05 -5.86
N SER M 1561 98.03 -20.73 -5.86
CA SER M 1561 96.78 -20.02 -5.64
C SER M 1561 95.82 -20.31 -6.76
N LEU M 1562 96.32 -20.49 -7.96
CA LEU M 1562 95.45 -20.77 -9.08
C LEU M 1562 94.93 -22.18 -8.98
N PHE M 1563 95.80 -23.17 -9.06
CA PHE M 1563 95.29 -24.53 -9.22
C PHE M 1563 95.13 -25.22 -7.88
N SER M 1564 94.50 -24.52 -6.96
CA SER M 1564 94.61 -24.88 -5.55
C SER M 1564 94.05 -26.27 -5.29
N GLU M 1565 92.82 -26.51 -5.72
CA GLU M 1565 92.15 -27.72 -5.27
C GLU M 1565 92.87 -28.95 -5.79
N THR M 1566 93.27 -28.93 -7.06
CA THR M 1566 93.93 -30.09 -7.61
C THR M 1566 95.26 -30.33 -6.93
N ILE M 1567 96.05 -29.26 -6.79
CA ILE M 1567 97.33 -29.37 -6.12
C ILE M 1567 97.15 -30.00 -4.77
N ASN M 1568 96.45 -29.31 -3.87
CA ASN M 1568 96.36 -29.81 -2.52
C ASN M 1568 95.76 -31.21 -2.49
N THR M 1569 94.88 -31.52 -3.43
CA THR M 1569 94.37 -32.88 -3.50
C THR M 1569 95.51 -33.86 -3.68
N GLU M 1570 96.34 -33.61 -4.68
CA GLU M 1570 97.39 -34.59 -4.97
C GLU M 1570 98.41 -34.63 -3.85
N LEU M 1571 98.78 -33.47 -3.32
CA LEU M 1571 99.63 -33.47 -2.15
C LEU M 1571 99.05 -34.35 -1.07
N LEU M 1572 97.74 -34.28 -0.86
CA LEU M 1572 97.13 -35.18 0.11
C LEU M 1572 97.27 -36.62 -0.32
N LYS M 1573 97.25 -36.90 -1.62
CA LYS M 1573 97.21 -38.29 -2.06
C LYS M 1573 98.45 -39.06 -1.64
N ASN M 1574 99.53 -38.36 -1.30
CA ASN M 1574 100.75 -39.02 -0.86
C ASN M 1574 101.25 -38.36 0.41
N LEU M 1575 100.33 -38.18 1.35
CA LEU M 1575 100.51 -37.18 2.39
C LEU M 1575 101.85 -37.33 3.10
N ASP M 1576 102.30 -38.55 3.35
CA ASP M 1576 103.51 -38.74 4.14
C ASP M 1576 104.71 -38.13 3.45
N LEU M 1577 104.93 -38.50 2.19
CA LEU M 1577 106.10 -38.00 1.49
C LEU M 1577 106.08 -36.49 1.38
N ALA M 1578 104.93 -35.95 1.01
CA ALA M 1578 104.81 -34.50 0.91
C ALA M 1578 105.08 -33.84 2.24
N VAL M 1579 104.55 -34.40 3.32
CA VAL M 1579 104.73 -33.78 4.62
C VAL M 1579 106.20 -33.74 4.97
N LEU M 1580 106.89 -34.87 4.81
CA LEU M 1580 108.28 -34.90 5.23
C LEU M 1580 109.10 -33.91 4.40
N GLU M 1581 108.85 -33.87 3.10
CA GLU M 1581 109.61 -32.93 2.28
C GLU M 1581 109.28 -31.49 2.61
N LEU M 1582 107.99 -31.17 2.78
CA LEU M 1582 107.61 -29.81 3.11
C LEU M 1582 108.30 -29.36 4.38
N MET M 1583 108.31 -30.21 5.39
CA MET M 1583 108.96 -29.82 6.61
C MET M 1583 110.45 -29.63 6.42
N GLN M 1584 111.12 -30.63 5.87
CA GLN M 1584 112.56 -30.67 6.06
C GLN M 1584 113.37 -30.18 4.87
N SER M 1585 112.97 -30.49 3.64
CA SER M 1585 113.70 -29.96 2.49
C SER M 1585 113.53 -28.44 2.39
N SER M 1586 112.59 -27.90 3.17
CA SER M 1586 112.26 -26.48 3.09
C SER M 1586 113.03 -25.69 4.12
N VAL M 1587 113.80 -24.70 3.65
CA VAL M 1587 114.39 -23.67 4.50
C VAL M 1587 114.19 -22.35 3.76
N ASP M 1588 114.19 -21.26 4.51
CA ASP M 1588 114.06 -19.92 3.93
C ASP M 1588 112.84 -19.85 3.02
N ASN M 1589 111.69 -20.06 3.63
CA ASN M 1589 110.50 -20.52 2.95
C ASN M 1589 109.22 -19.87 3.44
N THR M 1590 109.34 -18.74 4.13
CA THR M 1590 108.32 -18.24 5.04
C THR M 1590 106.94 -18.33 4.38
N LYS M 1591 106.67 -17.61 3.31
CA LYS M 1591 105.30 -17.51 2.81
C LYS M 1591 104.80 -18.87 2.36
N MET M 1592 105.59 -19.52 1.53
CA MET M 1592 105.14 -20.75 0.89
C MET M 1592 104.73 -21.76 1.94
N VAL M 1593 105.71 -22.26 2.71
CA VAL M 1593 105.47 -23.43 3.54
C VAL M 1593 104.25 -23.21 4.41
N SER M 1594 104.12 -22.01 4.93
CA SER M 1594 102.90 -21.68 5.65
C SER M 1594 101.69 -21.88 4.77
N ALA M 1595 101.58 -21.15 3.67
CA ALA M 1595 100.38 -21.21 2.87
C ALA M 1595 100.05 -22.64 2.47
N VAL M 1596 101.06 -23.39 2.06
CA VAL M 1596 100.79 -24.72 1.53
C VAL M 1596 100.35 -25.64 2.65
N LEU M 1597 100.96 -25.54 3.82
CA LEU M 1597 100.46 -26.34 4.92
C LEU M 1597 99.05 -25.94 5.30
N ASN M 1598 98.76 -24.65 5.31
CA ASN M 1598 97.39 -24.26 5.60
C ASN M 1598 96.45 -24.90 4.60
N GLY M 1599 96.81 -24.84 3.33
CA GLY M 1599 95.96 -25.43 2.32
C GLY M 1599 95.79 -26.91 2.54
N MET M 1600 96.87 -27.57 2.97
CA MET M 1600 96.76 -28.98 3.29
C MET M 1600 95.68 -29.18 4.32
N LEU M 1601 95.78 -28.45 5.42
CA LEU M 1601 94.82 -28.62 6.49
C LEU M 1601 93.42 -28.30 6.00
N ASP M 1602 93.31 -27.24 5.22
CA ASP M 1602 92.00 -26.79 4.79
C ASP M 1602 91.35 -27.85 3.95
N GLN M 1603 91.90 -28.10 2.76
CA GLN M 1603 91.23 -29.00 1.84
C GLN M 1603 91.12 -30.38 2.45
N SER M 1604 91.92 -30.67 3.46
CA SER M 1604 91.65 -31.88 4.20
C SER M 1604 90.33 -31.79 4.92
N PHE M 1605 90.12 -30.72 5.68
CA PHE M 1605 88.89 -30.68 6.46
C PHE M 1605 87.68 -30.56 5.57
N ARG M 1606 87.86 -29.92 4.42
CA ARG M 1606 86.76 -29.68 3.51
C ARG M 1606 86.04 -30.97 3.18
N GLU M 1607 86.77 -32.08 3.20
CA GLU M 1607 86.23 -33.39 2.88
C GLU M 1607 86.47 -34.27 4.10
N ARG M 1608 85.58 -34.18 5.05
CA ARG M 1608 85.60 -35.07 6.20
C ARG M 1608 84.50 -36.12 6.16
N ALA M 1609 83.35 -35.79 5.56
CA ALA M 1609 82.31 -36.80 5.40
C ALA M 1609 82.75 -37.87 4.40
N ASN M 1610 83.54 -37.49 3.41
CA ASN M 1610 84.01 -38.45 2.42
C ASN M 1610 84.93 -39.50 3.04
N GLN M 1611 85.80 -39.07 3.96
CA GLN M 1611 86.63 -40.01 4.70
C GLN M 1611 87.11 -39.36 5.98
N LYS M 1612 87.45 -40.19 6.96
CA LYS M 1612 87.95 -39.72 8.24
C LYS M 1612 89.40 -40.10 8.50
N HIS M 1613 89.97 -41.01 7.70
CA HIS M 1613 91.33 -41.49 7.90
C HIS M 1613 92.36 -40.66 7.14
N GLN M 1614 91.98 -39.53 6.58
CA GLN M 1614 92.91 -38.74 5.80
C GLN M 1614 93.56 -37.61 6.57
N GLY M 1615 92.83 -36.91 7.42
CA GLY M 1615 93.41 -35.75 8.05
C GLY M 1615 94.05 -36.09 9.37
N LEU M 1616 93.41 -36.97 10.12
CA LEU M 1616 93.98 -37.41 11.39
C LEU M 1616 95.41 -37.85 11.19
N LYS M 1617 95.65 -38.65 10.14
CA LYS M 1617 97.02 -39.01 9.79
C LYS M 1617 97.81 -37.78 9.39
N LEU M 1618 97.22 -36.88 8.61
CA LEU M 1618 97.93 -35.66 8.24
C LEU M 1618 98.26 -34.85 9.47
N ALA M 1619 97.29 -34.73 10.38
CA ALA M 1619 97.56 -34.04 11.63
C ALA M 1619 98.73 -34.67 12.35
N THR M 1620 98.68 -35.99 12.51
CA THR M 1620 99.72 -36.69 13.26
C THR M 1620 101.07 -36.48 12.62
N THR M 1621 101.11 -36.53 11.30
CA THR M 1621 102.39 -36.36 10.63
C THR M 1621 102.94 -34.97 10.86
N ILE M 1622 102.15 -33.94 10.59
CA ILE M 1622 102.72 -32.60 10.60
C ILE M 1622 103.01 -32.17 12.02
N LEU M 1623 102.30 -32.73 12.97
CA LEU M 1623 102.76 -32.59 14.34
C LEU M 1623 104.05 -33.36 14.56
N GLN M 1624 104.25 -34.45 13.82
CA GLN M 1624 105.28 -35.39 14.24
C GLN M 1624 106.67 -34.86 13.95
N HIS M 1625 106.86 -34.25 12.78
CA HIS M 1625 108.14 -33.66 12.43
C HIS M 1625 108.34 -32.29 13.05
N TRP M 1626 107.53 -31.92 14.04
CA TRP M 1626 107.44 -30.52 14.41
C TRP M 1626 108.73 -30.00 15.03
N LYS M 1627 109.67 -30.89 15.36
CA LYS M 1627 110.88 -30.45 16.06
C LYS M 1627 111.60 -29.36 15.28
N LYS M 1628 111.50 -29.39 13.96
CA LYS M 1628 112.18 -28.41 13.12
C LYS M 1628 111.62 -27.02 13.29
N CYS M 1629 110.48 -26.87 13.97
CA CYS M 1629 109.83 -25.58 14.05
C CYS M 1629 110.59 -24.59 14.92
N ASP M 1630 111.65 -25.04 15.61
CA ASP M 1630 112.47 -24.11 16.37
C ASP M 1630 113.04 -23.00 15.52
N SER M 1631 113.22 -23.23 14.22
CA SER M 1631 113.51 -22.14 13.29
C SER M 1631 112.40 -21.11 13.29
N TRP M 1632 111.17 -21.54 13.53
CA TRP M 1632 110.08 -20.60 13.78
C TRP M 1632 109.96 -20.41 15.29
N TRP M 1633 109.04 -19.54 15.71
CA TRP M 1633 109.01 -18.95 17.04
C TRP M 1633 110.23 -18.07 17.29
N ALA M 1634 111.14 -18.00 16.33
CA ALA M 1634 112.48 -17.51 16.63
C ALA M 1634 112.45 -16.03 17.02
N LYS M 1635 113.28 -15.69 18.00
CA LYS M 1635 113.45 -14.29 18.36
C LYS M 1635 113.93 -13.49 17.15
N ASP M 1636 114.77 -14.11 16.33
CA ASP M 1636 115.21 -13.53 15.07
C ASP M 1636 114.21 -13.72 13.93
N SER M 1637 113.20 -14.55 14.13
CA SER M 1637 112.15 -14.67 13.11
C SER M 1637 111.40 -13.36 13.00
N PRO M 1638 111.07 -12.92 11.79
CA PRO M 1638 110.23 -11.73 11.65
C PRO M 1638 108.84 -11.97 12.22
N LEU M 1639 108.16 -10.87 12.54
CA LEU M 1639 106.93 -10.98 13.31
C LEU M 1639 105.85 -11.73 12.55
N GLU M 1640 105.74 -11.50 11.24
CA GLU M 1640 104.63 -12.07 10.51
C GLU M 1640 104.67 -13.58 10.59
N THR M 1641 105.84 -14.18 10.46
CA THR M 1641 105.95 -15.62 10.59
C THR M 1641 105.56 -16.06 11.98
N LYS M 1642 105.87 -15.25 12.98
CA LYS M 1642 105.43 -15.59 14.32
C LYS M 1642 103.92 -15.73 14.37
N MET M 1643 103.20 -14.75 13.80
CA MET M 1643 101.76 -14.94 13.77
C MET M 1643 101.35 -16.14 12.96
N ALA M 1644 101.99 -16.33 11.81
CA ALA M 1644 101.55 -17.38 10.91
C ALA M 1644 101.63 -18.73 11.58
N VAL M 1645 102.81 -19.07 12.10
CA VAL M 1645 103.01 -20.40 12.63
C VAL M 1645 102.02 -20.66 13.73
N LEU M 1646 101.71 -19.65 14.54
CA LEU M 1646 100.68 -19.85 15.54
C LEU M 1646 99.36 -20.23 14.91
N ALA M 1647 99.01 -19.59 13.81
CA ALA M 1647 97.78 -19.97 13.16
C ALA M 1647 97.84 -21.41 12.72
N LEU M 1648 98.99 -21.84 12.20
CA LEU M 1648 99.16 -23.24 11.86
C LEU M 1648 98.82 -24.11 13.05
N LEU M 1649 99.37 -23.75 14.21
CA LEU M 1649 99.07 -24.52 15.40
C LEU M 1649 97.59 -24.52 15.69
N ALA M 1650 96.97 -23.36 15.58
CA ALA M 1650 95.55 -23.28 15.90
C ALA M 1650 94.78 -24.22 15.01
N LYS M 1651 95.05 -24.17 13.71
CA LYS M 1651 94.38 -25.04 12.77
C LYS M 1651 94.60 -26.49 13.12
N ILE M 1652 95.84 -26.86 13.41
CA ILE M 1652 96.11 -28.27 13.65
C ILE M 1652 95.43 -28.73 14.91
N LEU M 1653 95.42 -27.89 15.93
CA LEU M 1653 94.75 -28.25 17.15
C LEU M 1653 93.24 -28.36 16.95
N GLN M 1654 92.68 -27.65 15.97
CA GLN M 1654 91.27 -27.86 15.68
C GLN M 1654 91.03 -29.26 15.13
N ILE M 1655 91.79 -29.66 14.11
CA ILE M 1655 91.46 -30.89 13.40
C ILE M 1655 91.87 -32.15 14.15
N ASP M 1656 92.66 -32.02 15.21
CA ASP M 1656 93.21 -33.19 15.89
C ASP M 1656 92.25 -33.84 16.87
N SER M 1657 91.33 -33.09 17.46
CA SER M 1657 90.45 -33.59 18.52
C SER M 1657 91.24 -34.11 19.71
N SER M 1658 92.47 -33.61 19.86
CA SER M 1658 93.35 -33.89 21.00
C SER M 1658 93.63 -35.38 21.16
N VAL M 1659 93.68 -36.13 20.07
CA VAL M 1659 93.91 -37.58 20.18
C VAL M 1659 95.34 -37.85 20.63
N SER M 1660 96.29 -37.05 20.17
CA SER M 1660 97.71 -37.24 20.48
C SER M 1660 98.34 -35.90 20.80
N PHE M 1661 99.57 -35.95 21.33
CA PHE M 1661 100.34 -34.77 21.69
C PHE M 1661 99.58 -33.87 22.66
N ASN M 1662 98.74 -34.47 23.51
CA ASN M 1662 98.10 -33.69 24.55
C ASN M 1662 98.14 -34.38 25.92
N THR M 1663 98.20 -35.71 25.94
CA THR M 1663 98.12 -36.45 27.20
C THR M 1663 99.42 -37.22 27.49
N SER M 1664 99.81 -38.15 26.63
CA SER M 1664 100.97 -38.99 26.93
C SER M 1664 101.95 -39.05 25.77
N HIS M 1665 101.43 -39.06 24.54
CA HIS M 1665 102.26 -39.28 23.36
C HIS M 1665 102.93 -37.99 22.91
N GLY M 1666 104.25 -38.07 22.70
CA GLY M 1666 105.01 -36.94 22.23
C GLY M 1666 105.77 -36.20 23.32
N SER M 1667 106.92 -35.64 22.97
CA SER M 1667 107.72 -34.89 23.92
C SER M 1667 107.09 -33.53 24.17
N PHE M 1668 106.02 -33.51 24.97
CA PHE M 1668 105.38 -32.25 25.29
C PHE M 1668 106.35 -31.19 25.83
N PRO M 1669 107.28 -31.49 26.74
CA PRO M 1669 108.07 -30.41 27.36
C PRO M 1669 108.62 -29.40 26.36
N GLU M 1670 109.10 -29.85 25.20
CA GLU M 1670 109.61 -28.91 24.21
C GLU M 1670 108.52 -27.94 23.75
N VAL M 1671 107.37 -28.47 23.31
CA VAL M 1671 106.32 -27.59 22.78
C VAL M 1671 105.80 -26.68 23.89
N PHE M 1672 105.57 -27.25 25.07
CA PHE M 1672 105.00 -26.47 26.17
C PHE M 1672 105.96 -25.37 26.59
N THR M 1673 107.25 -25.70 26.71
CA THR M 1673 108.25 -24.71 27.07
C THR M 1673 108.38 -23.67 25.98
N THR M 1674 108.20 -24.07 24.73
CA THR M 1674 108.19 -23.09 23.66
C THR M 1674 107.09 -22.07 23.89
N TYR M 1675 105.88 -22.52 24.20
CA TYR M 1675 104.81 -21.54 24.38
C TYR M 1675 104.98 -20.78 25.68
N ILE M 1676 105.58 -21.40 26.68
CA ILE M 1676 105.89 -20.71 27.91
C ILE M 1676 106.78 -19.51 27.62
N SER M 1677 107.87 -19.75 26.89
CA SER M 1677 108.72 -18.64 26.52
C SER M 1677 107.96 -17.65 25.65
N LEU M 1678 107.18 -18.14 24.70
CA LEU M 1678 106.54 -17.26 23.73
C LEU M 1678 105.63 -16.27 24.42
N LEU M 1679 104.73 -16.78 25.26
CA LEU M 1679 103.92 -15.89 26.08
C LEU M 1679 104.79 -15.05 27.00
N ALA M 1680 105.91 -15.61 27.43
CA ALA M 1680 106.78 -14.91 28.37
C ALA M 1680 107.54 -13.76 27.74
N ASP M 1681 107.47 -13.61 26.42
CA ASP M 1681 108.34 -12.66 25.73
C ASP M 1681 108.00 -11.22 26.08
N THR M 1682 108.96 -10.35 25.84
CA THR M 1682 108.77 -8.91 25.99
C THR M 1682 109.00 -8.14 24.70
N LYS M 1683 109.70 -8.72 23.73
CA LYS M 1683 109.99 -8.04 22.47
C LYS M 1683 108.90 -8.28 21.42
N LEU M 1684 107.69 -8.62 21.84
CA LEU M 1684 106.59 -8.92 20.94
C LEU M 1684 105.48 -7.91 21.14
N ASP M 1685 104.72 -7.66 20.10
CA ASP M 1685 103.58 -6.77 20.25
C ASP M 1685 102.52 -7.47 21.09
N LEU M 1686 101.59 -6.67 21.60
CA LEU M 1686 100.49 -7.25 22.37
C LEU M 1686 99.70 -8.24 21.53
N HIS M 1687 99.72 -8.07 20.21
CA HIS M 1687 98.89 -8.91 19.36
C HIS M 1687 99.49 -10.31 19.23
N LEU M 1688 100.81 -10.42 19.29
CA LEU M 1688 101.39 -11.75 19.26
C LEU M 1688 100.98 -12.52 20.49
N LYS M 1689 100.94 -11.85 21.64
CA LYS M 1689 100.29 -12.44 22.80
C LYS M 1689 98.83 -12.76 22.51
N GLY M 1690 98.15 -11.86 21.80
CA GLY M 1690 96.73 -12.04 21.60
C GLY M 1690 96.41 -13.31 20.85
N GLN M 1691 97.13 -13.55 19.77
CA GLN M 1691 97.05 -14.85 19.13
C GLN M 1691 97.56 -15.93 20.08
N ALA M 1692 98.57 -15.59 20.89
CA ALA M 1692 99.21 -16.60 21.70
C ALA M 1692 98.28 -17.12 22.76
N VAL M 1693 97.21 -16.39 23.05
CA VAL M 1693 96.27 -16.85 24.07
C VAL M 1693 95.15 -17.60 23.37
N THR M 1694 95.34 -17.94 22.11
CA THR M 1694 94.55 -19.02 21.56
C THR M 1694 95.07 -20.37 21.98
N LEU M 1695 96.20 -20.42 22.69
CA LEU M 1695 96.74 -21.69 23.15
C LEU M 1695 95.79 -22.40 24.09
N LEU M 1696 95.36 -21.70 25.11
CA LEU M 1696 94.67 -22.23 26.27
C LEU M 1696 93.55 -23.22 25.92
N PRO M 1697 92.79 -23.05 24.84
CA PRO M 1697 91.85 -24.11 24.46
C PRO M 1697 92.50 -25.47 24.39
N PHE M 1698 93.81 -25.49 24.18
CA PHE M 1698 94.62 -26.67 24.39
C PHE M 1698 95.71 -26.32 25.39
N PHE M 1699 96.51 -27.32 25.75
CA PHE M 1699 97.45 -27.21 26.86
C PHE M 1699 96.75 -26.98 28.18
N THR M 1700 95.43 -27.22 28.25
CA THR M 1700 94.69 -27.12 29.50
C THR M 1700 93.81 -28.34 29.74
N SER M 1701 93.94 -29.39 28.94
CA SER M 1701 93.16 -30.61 29.12
C SER M 1701 94.09 -31.72 29.57
N LEU M 1702 93.76 -32.34 30.70
CA LEU M 1702 94.56 -33.42 31.29
C LEU M 1702 96.00 -32.99 31.53
N THR M 1703 96.22 -31.72 31.80
CA THR M 1703 97.57 -31.21 32.09
C THR M 1703 97.87 -31.45 33.58
N GLY M 1704 98.10 -32.71 33.91
CA GLY M 1704 98.36 -33.08 35.29
C GLY M 1704 99.60 -32.40 35.81
N GLY M 1705 99.41 -31.44 36.69
CA GLY M 1705 100.51 -30.61 37.10
C GLY M 1705 100.94 -29.70 35.97
N SER M 1706 102.09 -29.06 36.18
CA SER M 1706 102.69 -28.20 35.16
C SER M 1706 101.78 -27.01 34.85
N LEU M 1707 100.62 -26.95 35.50
CA LEU M 1707 99.78 -25.78 35.33
C LEU M 1707 100.47 -24.55 35.90
N GLU M 1708 101.37 -24.74 36.85
CA GLU M 1708 101.93 -23.63 37.62
C GLU M 1708 102.87 -22.78 36.78
N GLU M 1709 103.53 -23.39 35.80
CA GLU M 1709 104.21 -22.59 34.80
C GLU M 1709 103.19 -21.69 34.11
N LEU M 1710 102.05 -22.27 33.74
CA LEU M 1710 100.96 -21.48 33.17
C LEU M 1710 100.53 -20.40 34.14
N ARG M 1711 100.44 -20.73 35.42
CA ARG M 1711 100.14 -19.74 36.45
C ARG M 1711 101.08 -18.57 36.35
N ARG M 1712 102.38 -18.82 36.47
CA ARG M 1712 103.30 -17.69 36.52
C ARG M 1712 103.27 -16.91 35.22
N VAL M 1713 103.22 -17.59 34.07
CA VAL M 1713 103.30 -16.85 32.82
C VAL M 1713 102.02 -16.07 32.59
N LEU M 1714 100.85 -16.68 32.81
CA LEU M 1714 99.61 -15.96 32.65
C LEU M 1714 99.56 -14.79 33.61
N GLU M 1715 99.95 -15.00 34.85
CA GLU M 1715 99.91 -13.93 35.81
C GLU M 1715 100.80 -12.78 35.38
N GLN M 1716 102.03 -13.09 34.98
CA GLN M 1716 102.90 -11.98 34.60
C GLN M 1716 102.36 -11.27 33.38
N LEU M 1717 101.72 -11.99 32.46
CA LEU M 1717 101.12 -11.34 31.30
C LEU M 1717 100.01 -10.40 31.73
N ILE M 1718 99.07 -10.92 32.51
CA ILE M 1718 97.89 -10.13 32.83
C ILE M 1718 98.28 -8.93 33.66
N VAL M 1719 99.25 -9.10 34.56
CA VAL M 1719 99.73 -7.94 35.30
C VAL M 1719 100.53 -7.02 34.42
N ALA M 1720 101.08 -7.54 33.33
CA ALA M 1720 101.85 -6.67 32.46
C ALA M 1720 100.96 -5.77 31.62
N HIS M 1721 99.82 -6.26 31.15
CA HIS M 1721 99.13 -5.53 30.10
C HIS M 1721 97.67 -5.20 30.37
N PHE M 1722 97.15 -5.43 31.57
CA PHE M 1722 95.74 -5.13 31.83
C PHE M 1722 95.63 -4.20 33.03
N PRO M 1723 95.62 -2.89 32.81
CA PRO M 1723 95.52 -1.96 33.94
C PRO M 1723 94.23 -2.19 34.71
N MET M 1724 94.31 -1.98 36.03
CA MET M 1724 93.17 -2.31 36.87
C MET M 1724 92.01 -1.36 36.62
N GLN M 1725 92.28 -0.04 36.66
CA GLN M 1725 91.31 1.01 36.42
C GLN M 1725 91.29 1.33 34.92
N SER M 1726 90.31 0.77 34.23
CA SER M 1726 90.19 0.82 32.77
C SER M 1726 89.69 2.16 32.23
N ARG M 1727 88.82 2.87 32.96
CA ARG M 1727 87.99 3.98 32.42
C ARG M 1727 88.73 5.31 32.22
N GLU M 1728 90.03 5.34 32.43
CA GLU M 1728 90.90 6.44 31.98
C GLU M 1728 91.39 6.30 30.51
N PHE M 1729 91.11 5.18 29.84
CA PHE M 1729 91.41 4.99 28.41
C PHE M 1729 90.09 5.01 27.60
N PRO M 1730 89.84 6.00 26.72
CA PRO M 1730 88.57 6.11 26.01
C PRO M 1730 88.45 5.04 24.94
N PRO M 1731 87.22 4.66 24.60
CA PRO M 1731 87.03 3.75 23.47
C PRO M 1731 87.60 4.36 22.19
N GLY M 1732 88.21 3.52 21.38
CA GLY M 1732 88.98 3.98 20.24
C GLY M 1732 90.44 4.20 20.53
N THR M 1733 90.84 4.22 21.79
CA THR M 1733 92.25 4.26 22.13
C THR M 1733 92.90 2.97 21.65
N PRO M 1734 94.03 3.04 20.94
CA PRO M 1734 94.66 1.81 20.49
C PRO M 1734 94.94 0.86 21.64
N ARG M 1735 95.34 1.41 22.78
CA ARG M 1735 95.53 0.57 23.95
C ARG M 1735 94.21 -0.05 24.37
N PHE M 1736 93.13 0.71 24.28
CA PHE M 1736 91.82 0.15 24.60
C PHE M 1736 91.46 -0.97 23.64
N ASN M 1737 91.79 -0.80 22.36
CA ASN M 1737 91.51 -1.88 21.42
C ASN M 1737 92.32 -3.13 21.75
N ASN M 1738 93.60 -2.96 22.07
CA ASN M 1738 94.39 -4.12 22.44
C ASN M 1738 93.81 -4.80 23.67
N TYR M 1739 93.42 -3.99 24.65
CA TYR M 1739 92.87 -4.53 25.89
C TYR M 1739 91.63 -5.36 25.61
N VAL M 1740 90.68 -4.79 24.88
CA VAL M 1740 89.45 -5.52 24.64
C VAL M 1740 89.73 -6.74 23.82
N ASP M 1741 90.68 -6.66 22.89
CA ASP M 1741 90.99 -7.82 22.07
C ASP M 1741 91.54 -8.94 22.93
N CYS M 1742 92.46 -8.62 23.82
CA CYS M 1742 93.00 -9.65 24.70
C CYS M 1742 91.91 -10.23 25.57
N MET M 1743 91.02 -9.39 26.09
CA MET M 1743 89.91 -9.90 26.86
C MET M 1743 89.09 -10.88 26.06
N LYS M 1744 88.73 -10.51 24.84
CA LYS M 1744 87.91 -11.40 24.04
C LYS M 1744 88.63 -12.70 23.76
N LYS M 1745 89.92 -12.62 23.50
CA LYS M 1745 90.66 -13.83 23.21
C LYS M 1745 90.70 -14.73 24.43
N PHE M 1746 90.90 -14.14 25.60
CA PHE M 1746 90.88 -14.94 26.81
C PHE M 1746 89.53 -15.60 26.98
N LEU M 1747 88.46 -14.87 26.66
CA LEU M 1747 87.12 -15.43 26.81
C LEU M 1747 86.89 -16.58 25.85
N ASP M 1748 87.30 -16.44 24.61
CA ASP M 1748 87.20 -17.56 23.70
C ASP M 1748 87.97 -18.74 24.25
N ALA M 1749 89.14 -18.48 24.83
CA ALA M 1749 89.91 -19.55 25.43
C ALA M 1749 89.13 -20.20 26.55
N LEU M 1750 88.46 -19.38 27.35
CA LEU M 1750 87.65 -19.91 28.44
C LEU M 1750 86.53 -20.77 27.88
N GLU M 1751 85.92 -20.33 26.79
CA GLU M 1751 84.80 -21.04 26.22
C GLU M 1751 85.25 -22.41 25.72
N LEU M 1752 86.27 -22.42 24.88
CA LEU M 1752 86.72 -23.68 24.33
C LEU M 1752 87.40 -24.54 25.38
N SER M 1753 87.77 -23.95 26.51
CA SER M 1753 88.63 -24.66 27.43
C SER M 1753 87.87 -25.20 28.64
N GLN M 1754 86.93 -24.43 29.15
CA GLN M 1754 86.25 -24.78 30.39
C GLN M 1754 87.25 -25.07 31.49
N SER M 1755 88.44 -24.52 31.35
CA SER M 1755 89.48 -24.80 32.31
C SER M 1755 89.21 -24.05 33.61
N PRO M 1756 89.14 -24.76 34.72
CA PRO M 1756 88.90 -24.09 35.99
C PRO M 1756 89.94 -23.05 36.32
N MET M 1757 91.18 -23.28 35.93
CA MET M 1757 92.20 -22.29 36.21
C MET M 1757 92.02 -21.07 35.31
N LEU M 1758 91.68 -21.31 34.05
CA LEU M 1758 91.29 -20.20 33.20
C LEU M 1758 90.07 -19.49 33.75
N LEU M 1759 89.08 -20.25 34.21
CA LEU M 1759 87.91 -19.61 34.79
C LEU M 1759 88.31 -18.67 35.89
N GLU M 1760 89.10 -19.17 36.84
CA GLU M 1760 89.41 -18.34 38.00
C GLU M 1760 90.20 -17.13 37.58
N LEU M 1761 91.17 -17.31 36.68
CA LEU M 1761 91.92 -16.17 36.19
C LEU M 1761 91.00 -15.09 35.65
N MET M 1762 90.07 -15.48 34.78
CA MET M 1762 89.11 -14.53 34.28
C MET M 1762 88.41 -13.82 35.41
N THR M 1763 88.01 -14.58 36.43
CA THR M 1763 87.28 -13.96 37.52
C THR M 1763 88.09 -12.85 38.15
N GLU M 1764 89.34 -13.10 38.53
CA GLU M 1764 90.00 -12.01 39.23
C GLU M 1764 90.28 -10.88 38.27
N VAL M 1765 90.30 -11.16 36.97
CA VAL M 1765 90.31 -10.06 36.03
C VAL M 1765 89.08 -9.19 36.23
N LEU M 1766 87.91 -9.82 36.28
CA LEU M 1766 86.66 -9.07 36.40
C LEU M 1766 86.56 -8.40 37.75
N CYS M 1767 86.77 -9.15 38.81
CA CYS M 1767 86.48 -8.67 40.15
C CYS M 1767 87.62 -7.79 40.64
N ARG M 1768 87.67 -6.59 40.11
CA ARG M 1768 88.51 -5.57 40.72
C ARG M 1768 87.77 -4.27 40.95
N GLU M 1769 86.86 -3.90 40.05
CA GLU M 1769 85.79 -2.97 40.36
C GLU M 1769 84.60 -3.30 39.48
N GLN M 1770 83.56 -2.49 39.59
CA GLN M 1770 82.27 -2.82 39.01
C GLN M 1770 82.09 -2.14 37.67
N GLN M 1771 81.59 -2.89 36.70
CA GLN M 1771 81.11 -2.35 35.44
C GLN M 1771 82.18 -1.49 34.77
N HIS M 1772 83.31 -2.08 34.41
CA HIS M 1772 84.51 -1.37 33.97
C HIS M 1772 85.13 -1.91 32.66
N VAL M 1773 84.71 -3.08 32.17
CA VAL M 1773 85.17 -3.73 30.94
C VAL M 1773 84.00 -4.27 30.11
N MET M 1774 83.00 -3.43 29.93
CA MET M 1774 81.84 -3.72 29.08
C MET M 1774 81.21 -5.07 29.45
N GLU M 1775 81.00 -5.30 30.75
CA GLU M 1775 80.84 -6.64 31.29
C GLU M 1775 79.71 -7.47 30.70
N GLU M 1776 78.77 -6.88 29.97
CA GLU M 1776 77.85 -7.63 29.14
C GLU M 1776 78.54 -8.75 28.35
N LEU M 1777 79.77 -8.58 27.82
CA LEU M 1777 80.37 -9.69 27.10
C LEU M 1777 80.88 -10.76 28.05
N PHE M 1778 81.44 -10.37 29.19
CA PHE M 1778 81.84 -11.38 30.16
C PHE M 1778 80.65 -12.15 30.67
N GLN M 1779 79.55 -11.47 30.98
CA GLN M 1779 78.38 -12.17 31.46
C GLN M 1779 77.84 -13.13 30.41
N SER M 1780 77.83 -12.70 29.15
CA SER M 1780 77.36 -13.58 28.10
C SER M 1780 78.24 -14.82 28.01
N SER M 1781 79.55 -14.62 28.08
CA SER M 1781 80.45 -15.77 28.07
C SER M 1781 80.14 -16.70 29.21
N PHE M 1782 80.07 -16.17 30.43
CA PHE M 1782 79.86 -17.01 31.59
C PHE M 1782 78.54 -17.75 31.51
N ARG M 1783 77.50 -17.10 30.99
CA ARG M 1783 76.30 -17.86 30.72
C ARG M 1783 76.60 -18.99 29.77
N ARG M 1784 77.43 -18.77 28.77
CA ARG M 1784 77.73 -19.81 27.82
C ARG M 1784 78.47 -20.98 28.43
N ILE M 1785 79.39 -20.74 29.37
CA ILE M 1785 80.25 -21.84 29.82
C ILE M 1785 79.44 -22.88 30.55
N ALA M 1786 78.49 -22.45 31.37
CA ALA M 1786 77.74 -23.40 32.18
C ALA M 1786 76.86 -24.31 31.34
N ARG M 1787 76.26 -23.78 30.28
CA ARG M 1787 75.24 -24.54 29.56
C ARG M 1787 75.81 -25.68 28.74
N ARG M 1788 77.07 -26.06 28.96
CA ARG M 1788 77.69 -27.13 28.21
C ARG M 1788 78.75 -27.81 29.06
N GLY M 1789 79.02 -29.07 28.76
CA GLY M 1789 80.09 -29.80 29.42
C GLY M 1789 79.57 -30.87 30.36
N SER M 1790 80.47 -31.79 30.72
CA SER M 1790 80.10 -32.92 31.57
C SER M 1790 79.75 -32.44 32.97
N CYS M 1791 78.77 -33.12 33.58
CA CYS M 1791 78.26 -32.68 34.86
C CYS M 1791 79.38 -32.46 35.86
N VAL M 1792 80.32 -33.40 35.91
CA VAL M 1792 81.45 -33.24 36.83
C VAL M 1792 82.26 -32.01 36.44
N THR M 1793 82.32 -31.69 35.16
CA THR M 1793 83.08 -30.52 34.75
C THR M 1793 82.46 -29.27 35.36
N GLN M 1794 81.15 -29.11 35.25
CA GLN M 1794 80.52 -27.97 35.88
C GLN M 1794 80.69 -28.02 37.38
N VAL M 1795 80.61 -29.20 37.98
CA VAL M 1795 80.73 -29.27 39.43
C VAL M 1795 82.10 -28.75 39.86
N GLY M 1796 83.13 -29.15 39.14
CA GLY M 1796 84.45 -28.64 39.43
C GLY M 1796 84.56 -27.15 39.23
N LEU M 1797 83.96 -26.65 38.15
CA LEU M 1797 83.98 -25.21 37.91
C LEU M 1797 83.32 -24.50 39.08
N LEU M 1798 82.24 -25.06 39.56
CA LEU M 1798 81.55 -24.46 40.70
C LEU M 1798 82.45 -24.46 41.91
N GLU M 1799 83.12 -25.58 42.18
CA GLU M 1799 83.99 -25.61 43.35
C GLU M 1799 85.03 -24.53 43.23
N SER M 1800 85.60 -24.41 42.03
CA SER M 1800 86.62 -23.40 41.81
C SER M 1800 86.09 -22.01 42.10
N VAL M 1801 85.00 -21.64 41.42
CA VAL M 1801 84.47 -20.30 41.61
C VAL M 1801 84.02 -20.09 43.04
N TYR M 1802 83.79 -21.16 43.78
CA TYR M 1802 83.48 -20.99 45.18
C TYR M 1802 84.71 -20.69 45.99
N GLU M 1803 85.84 -21.30 45.63
CA GLU M 1803 87.00 -21.25 46.52
C GLU M 1803 87.41 -19.83 46.80
N MET M 1804 87.55 -19.02 45.77
CA MET M 1804 88.11 -17.70 46.01
C MET M 1804 87.15 -16.81 46.77
N PHE M 1805 85.91 -17.26 46.98
CA PHE M 1805 85.05 -16.50 47.88
C PHE M 1805 85.44 -16.72 49.32
N ARG M 1806 85.81 -17.93 49.67
CA ARG M 1806 85.91 -18.31 51.07
C ARG M 1806 87.32 -18.25 51.62
N LYS M 1807 88.35 -18.27 50.77
CA LYS M 1807 89.70 -18.38 51.31
C LYS M 1807 90.02 -17.18 52.16
N ASP M 1808 90.69 -17.41 53.28
CA ASP M 1808 90.88 -16.40 54.30
C ASP M 1808 91.79 -15.27 53.86
N ASP M 1809 92.30 -15.29 52.64
CA ASP M 1809 93.28 -14.29 52.24
C ASP M 1809 92.64 -12.91 52.31
N PRO M 1810 93.21 -11.99 53.05
CA PRO M 1810 92.63 -10.65 53.12
C PRO M 1810 92.73 -9.92 51.80
N ARG M 1811 91.60 -9.75 51.13
CA ARG M 1811 91.51 -8.98 49.91
C ARG M 1811 90.39 -7.97 50.05
N LEU M 1812 90.22 -7.15 49.03
CA LEU M 1812 89.19 -6.13 49.08
C LEU M 1812 87.81 -6.78 49.19
N SER M 1813 87.08 -6.42 50.25
CA SER M 1813 85.76 -6.99 50.45
C SER M 1813 84.85 -6.67 49.29
N PHE M 1814 85.00 -5.49 48.69
CA PHE M 1814 84.21 -5.17 47.51
C PHE M 1814 84.43 -6.21 46.43
N THR M 1815 85.70 -6.55 46.21
CA THR M 1815 86.03 -7.59 45.25
C THR M 1815 85.41 -8.92 45.66
N ARG M 1816 85.41 -9.21 46.96
CA ARG M 1816 84.86 -10.47 47.40
C ARG M 1816 83.40 -10.56 47.04
N GLN M 1817 82.65 -9.49 47.28
CA GLN M 1817 81.24 -9.51 46.90
C GLN M 1817 81.11 -9.70 45.42
N SER M 1818 81.89 -8.94 44.66
CA SER M 1818 81.82 -9.00 43.21
C SER M 1818 82.04 -10.40 42.67
N PHE M 1819 82.85 -11.23 43.34
CA PHE M 1819 83.03 -12.59 42.83
C PHE M 1819 81.71 -13.29 42.69
N VAL M 1820 81.07 -13.61 43.81
CA VAL M 1820 79.82 -14.33 43.74
C VAL M 1820 78.80 -13.54 42.96
N ASP M 1821 78.84 -12.22 43.07
CA ASP M 1821 77.85 -11.41 42.40
C ASP M 1821 77.96 -11.61 40.91
N ARG M 1822 79.00 -11.04 40.31
CA ARG M 1822 79.06 -10.90 38.88
C ARG M 1822 79.40 -12.19 38.17
N SER M 1823 80.00 -13.17 38.84
CA SER M 1823 80.26 -14.42 38.15
C SER M 1823 79.51 -15.59 38.78
N LEU M 1824 79.67 -15.81 40.08
CA LEU M 1824 79.21 -17.05 40.64
C LEU M 1824 77.71 -17.12 40.65
N LEU M 1825 77.05 -16.06 41.08
CA LEU M 1825 75.59 -16.09 41.12
C LEU M 1825 75.05 -16.44 39.74
N THR M 1826 75.55 -15.79 38.71
CA THR M 1826 75.11 -16.11 37.38
C THR M 1826 75.42 -17.56 37.05
N LEU M 1827 76.63 -17.99 37.38
CA LEU M 1827 77.06 -19.32 36.97
C LEU M 1827 76.11 -20.36 37.52
N LEU M 1828 75.84 -20.27 38.81
CA LEU M 1828 74.87 -21.17 39.42
C LEU M 1828 73.51 -21.03 38.78
N TRP M 1829 73.10 -19.80 38.47
CA TRP M 1829 71.82 -19.63 37.80
C TRP M 1829 71.74 -20.44 36.53
N HIS M 1830 72.83 -20.63 35.82
CA HIS M 1830 72.76 -21.26 34.53
C HIS M 1830 73.48 -22.61 34.47
N CYS M 1831 73.76 -23.22 35.61
CA CYS M 1831 74.25 -24.59 35.56
C CYS M 1831 73.19 -25.51 34.97
N SER M 1832 73.63 -26.72 34.62
CA SER M 1832 72.71 -27.72 34.12
C SER M 1832 71.81 -28.21 35.27
N LEU M 1833 70.67 -28.79 34.87
CA LEU M 1833 69.79 -29.42 35.84
C LEU M 1833 70.55 -30.50 36.59
N ASP M 1834 70.09 -30.80 37.80
CA ASP M 1834 70.61 -31.90 38.60
C ASP M 1834 72.05 -31.63 39.01
N ALA M 1835 72.70 -30.64 38.40
CA ALA M 1835 74.07 -30.33 38.78
C ALA M 1835 74.11 -29.45 40.00
N LEU M 1836 73.00 -28.80 40.33
CA LEU M 1836 73.00 -27.93 41.50
C LEU M 1836 73.22 -28.71 42.78
N ARG M 1837 72.56 -29.87 42.94
CA ARG M 1837 72.63 -30.52 44.24
C ARG M 1837 74.05 -30.85 44.60
N GLU M 1838 74.88 -31.08 43.60
CA GLU M 1838 76.28 -31.26 43.85
C GLU M 1838 76.84 -30.07 44.61
N PHE M 1839 76.61 -28.86 44.12
CA PHE M 1839 77.20 -27.72 44.77
C PHE M 1839 76.57 -27.48 46.13
N PHE M 1840 75.26 -27.62 46.20
CA PHE M 1840 74.58 -27.40 47.48
C PHE M 1840 75.13 -28.35 48.52
N SER M 1841 75.28 -29.61 48.14
CA SER M 1841 75.87 -30.62 48.99
C SER M 1841 77.31 -30.26 49.34
N THR M 1842 78.04 -29.75 48.37
CA THR M 1842 79.44 -29.46 48.60
C THR M 1842 79.62 -28.39 49.65
N ILE M 1843 78.77 -27.37 49.62
CA ILE M 1843 79.06 -26.20 50.44
C ILE M 1843 78.24 -26.13 51.71
N VAL M 1844 77.11 -26.84 51.75
CA VAL M 1844 76.03 -26.49 52.66
C VAL M 1844 76.50 -26.40 54.11
N VAL M 1845 77.26 -27.38 54.57
CA VAL M 1845 77.56 -27.46 56.00
C VAL M 1845 78.44 -26.29 56.43
N ASP M 1846 79.50 -26.03 55.66
CA ASP M 1846 80.40 -24.94 56.01
C ASP M 1846 79.70 -23.60 55.88
N ALA M 1847 78.91 -23.43 54.82
CA ALA M 1847 78.19 -22.18 54.68
C ALA M 1847 77.31 -21.94 55.90
N ILE M 1848 76.53 -22.95 56.28
CA ILE M 1848 75.63 -22.79 57.41
C ILE M 1848 76.42 -22.51 58.67
N ASP M 1849 77.54 -23.23 58.86
CA ASP M 1849 78.36 -23.02 60.05
C ASP M 1849 78.80 -21.58 60.15
N VAL M 1850 79.29 -21.02 59.05
CA VAL M 1850 79.66 -19.61 59.06
C VAL M 1850 78.44 -18.77 59.38
N LEU M 1851 77.28 -19.18 58.87
CA LEU M 1851 76.07 -18.45 59.15
C LEU M 1851 75.66 -18.54 60.61
N LYS M 1852 76.23 -19.47 61.37
CA LYS M 1852 75.78 -19.64 62.74
C LYS M 1852 75.92 -18.36 63.55
N SER M 1853 77.05 -17.68 63.41
CA SER M 1853 77.48 -16.87 64.53
C SER M 1853 78.43 -15.81 64.04
N ARG M 1854 79.26 -15.33 64.96
CA ARG M 1854 80.51 -14.61 64.71
C ARG M 1854 80.22 -13.19 64.33
N PHE M 1855 78.97 -12.82 64.17
CA PHE M 1855 78.67 -11.41 64.00
C PHE M 1855 79.16 -10.58 65.17
N THR M 1856 79.60 -11.23 66.25
CA THR M 1856 79.88 -10.49 67.47
C THR M 1856 81.01 -9.48 67.26
N LYS M 1857 82.07 -9.88 66.59
CA LYS M 1857 83.30 -9.09 66.63
C LYS M 1857 83.22 -7.94 65.64
N LEU M 1858 83.36 -6.74 66.17
CA LEU M 1858 83.21 -5.51 65.42
C LEU M 1858 84.33 -4.51 65.68
N ASN M 1859 85.15 -4.74 66.70
CA ASN M 1859 86.17 -3.76 67.07
C ASN M 1859 87.20 -3.54 65.97
N GLU M 1860 87.06 -4.23 64.85
CA GLU M 1860 87.92 -4.10 63.70
C GLU M 1860 87.05 -3.89 62.48
N SER M 1861 87.49 -2.99 61.60
CA SER M 1861 86.73 -2.77 60.38
C SER M 1861 86.70 -4.04 59.54
N THR M 1862 87.70 -4.90 59.70
CA THR M 1862 87.84 -6.08 58.85
C THR M 1862 86.66 -7.02 59.00
N PHE M 1863 85.91 -6.90 60.09
CA PHE M 1863 84.62 -7.58 60.17
C PHE M 1863 83.79 -7.34 58.92
N ASP M 1864 84.08 -6.27 58.18
CA ASP M 1864 83.50 -6.11 56.85
C ASP M 1864 83.73 -7.36 56.03
N THR M 1865 84.92 -7.94 56.13
CA THR M 1865 85.15 -9.19 55.44
C THR M 1865 84.14 -10.23 55.91
N GLN M 1866 83.90 -10.29 57.21
CA GLN M 1866 82.98 -11.29 57.74
C GLN M 1866 81.60 -11.08 57.18
N ILE M 1867 81.17 -9.84 57.14
CA ILE M 1867 79.81 -9.59 56.71
C ILE M 1867 79.67 -9.94 55.25
N THR M 1868 80.69 -9.63 54.46
CA THR M 1868 80.63 -9.96 53.06
C THR M 1868 80.59 -11.47 52.87
N LYS M 1869 81.33 -12.19 53.70
CA LYS M 1869 81.30 -13.64 53.62
C LYS M 1869 79.88 -14.13 53.84
N LYS M 1870 79.21 -13.58 54.83
CA LYS M 1870 77.82 -13.96 55.01
C LYS M 1870 77.02 -13.59 53.79
N MET M 1871 77.31 -12.44 53.22
CA MET M 1871 76.53 -11.96 52.08
C MET M 1871 76.49 -13.01 50.99
N GLY M 1872 77.67 -13.32 50.47
CA GLY M 1872 77.73 -14.24 49.35
C GLY M 1872 77.09 -15.57 49.68
N TYR M 1873 77.31 -16.05 50.90
CA TYR M 1873 76.69 -17.30 51.31
C TYR M 1873 75.20 -17.20 51.12
N TYR M 1874 74.63 -16.09 51.59
CA TYR M 1874 73.20 -15.90 51.41
C TYR M 1874 72.86 -15.91 49.92
N LYS M 1875 73.59 -15.11 49.17
CA LYS M 1875 73.18 -14.87 47.80
C LYS M 1875 73.31 -16.13 47.00
N ILE M 1876 74.00 -17.13 47.51
CA ILE M 1876 74.07 -18.40 46.81
C ILE M 1876 73.09 -19.40 47.37
N LEU M 1877 72.92 -19.46 48.68
CA LEU M 1877 71.96 -20.42 49.18
C LEU M 1877 70.60 -20.12 48.59
N ASP M 1878 70.21 -18.86 48.61
CA ASP M 1878 68.88 -18.50 48.14
C ASP M 1878 68.68 -18.99 46.72
N VAL M 1879 69.61 -18.65 45.83
CA VAL M 1879 69.40 -19.04 44.47
C VAL M 1879 69.34 -20.55 44.39
N MET M 1880 70.05 -21.24 45.28
CA MET M 1880 69.95 -22.69 45.27
C MET M 1880 68.56 -23.15 45.63
N TYR M 1881 67.88 -22.46 46.54
CA TYR M 1881 66.51 -22.83 46.78
C TYR M 1881 65.68 -22.65 45.53
N SER M 1882 65.99 -21.63 44.74
CA SER M 1882 65.36 -21.54 43.43
C SER M 1882 65.95 -22.60 42.52
N ARG M 1883 65.28 -22.85 41.41
CA ARG M 1883 65.76 -23.78 40.41
C ARG M 1883 65.87 -25.20 40.97
N LEU M 1884 65.52 -25.39 42.23
CA LEU M 1884 65.53 -26.76 42.72
C LEU M 1884 64.12 -27.22 43.02
N PRO M 1885 63.77 -28.43 42.62
CA PRO M 1885 62.41 -28.93 42.87
C PRO M 1885 62.15 -29.09 44.35
N LYS M 1886 60.88 -28.91 44.72
CA LYS M 1886 60.50 -28.92 46.13
C LYS M 1886 60.82 -30.25 46.79
N ASP M 1887 60.62 -31.35 46.05
CA ASP M 1887 60.89 -32.68 46.60
C ASP M 1887 62.36 -32.90 46.89
N ASP M 1888 63.25 -32.10 46.30
CA ASP M 1888 64.68 -32.22 46.57
C ASP M 1888 65.17 -31.31 47.67
N VAL M 1889 64.39 -30.29 48.06
CA VAL M 1889 64.72 -29.50 49.22
C VAL M 1889 63.91 -29.90 50.43
N HIS M 1890 62.80 -30.61 50.25
CA HIS M 1890 62.02 -31.10 51.37
C HIS M 1890 61.09 -32.20 50.87
N ALA M 1891 61.10 -33.33 51.55
CA ALA M 1891 60.22 -34.46 51.24
C ALA M 1891 60.37 -35.49 52.37
N LYS M 1892 59.66 -36.60 52.22
CA LYS M 1892 59.83 -37.70 53.17
C LYS M 1892 61.25 -38.23 53.11
N GLU M 1893 61.82 -38.34 51.92
CA GLU M 1893 63.24 -38.61 51.75
C GLU M 1893 63.96 -37.28 51.65
N SER M 1894 64.92 -37.06 52.55
CA SER M 1894 65.63 -35.78 52.65
C SER M 1894 67.06 -35.98 52.19
N LYS M 1895 67.29 -35.81 50.88
CA LYS M 1895 68.65 -35.82 50.38
C LYS M 1895 69.48 -34.79 51.13
N ILE M 1896 69.01 -33.56 51.16
CA ILE M 1896 69.71 -32.50 51.88
C ILE M 1896 69.26 -32.63 53.33
N ASN M 1897 69.86 -33.59 54.01
CA ASN M 1897 69.63 -33.81 55.43
C ASN M 1897 70.91 -33.56 56.23
N GLN M 1898 71.78 -32.72 55.68
CA GLN M 1898 73.14 -32.63 56.17
C GLN M 1898 73.34 -31.49 57.15
N VAL M 1899 72.27 -30.72 57.43
CA VAL M 1899 72.36 -29.74 58.51
C VAL M 1899 72.65 -30.45 59.82
N PHE M 1900 71.95 -31.56 60.06
CA PHE M 1900 72.38 -32.53 61.06
C PHE M 1900 73.33 -33.52 60.41
N HIS M 1901 73.81 -34.47 61.20
CA HIS M 1901 74.63 -35.54 60.65
C HIS M 1901 73.91 -36.30 59.55
N GLY M 1902 72.58 -36.38 59.62
CA GLY M 1902 71.80 -37.03 58.59
C GLY M 1902 71.82 -38.54 58.62
N SER M 1903 72.63 -39.15 59.50
CA SER M 1903 72.67 -40.61 59.58
C SER M 1903 71.34 -41.16 60.10
N CYS M 1904 70.76 -40.49 61.09
CA CYS M 1904 69.47 -40.91 61.64
C CYS M 1904 68.30 -40.13 61.05
N ILE M 1905 68.48 -38.87 60.69
CA ILE M 1905 67.41 -38.07 60.09
C ILE M 1905 67.50 -38.26 58.59
N THR M 1906 66.88 -39.35 58.12
CA THR M 1906 66.65 -39.57 56.70
C THR M 1906 65.17 -39.55 56.35
N GLU M 1907 64.29 -39.68 57.33
CA GLU M 1907 62.84 -39.66 57.13
C GLU M 1907 62.35 -38.24 57.31
N GLY M 1908 61.99 -37.59 56.21
CA GLY M 1908 61.40 -36.26 56.29
C GLY M 1908 62.42 -35.15 56.39
N ASN M 1909 62.13 -34.02 55.77
CA ASN M 1909 62.98 -32.83 55.86
C ASN M 1909 62.29 -31.76 56.69
N GLU M 1910 62.95 -31.36 57.77
CA GLU M 1910 62.49 -30.27 58.61
C GLU M 1910 63.58 -29.31 59.04
N LEU M 1911 64.85 -29.70 58.90
CA LEU M 1911 65.95 -28.87 59.36
C LEU M 1911 66.51 -27.96 58.28
N THR M 1912 66.31 -28.28 57.00
CA THR M 1912 66.73 -27.34 55.96
C THR M 1912 66.01 -26.02 56.17
N LYS M 1913 64.87 -26.05 56.83
CA LYS M 1913 64.20 -24.84 57.22
C LYS M 1913 65.08 -24.04 58.17
N THR M 1914 65.80 -24.71 59.07
CA THR M 1914 66.54 -24.05 60.14
C THR M 1914 67.34 -22.87 59.63
N LEU M 1915 67.65 -22.86 58.34
CA LEU M 1915 68.26 -21.69 57.76
C LEU M 1915 67.37 -20.47 57.94
N ILE M 1916 66.07 -20.61 57.75
CA ILE M 1916 65.20 -19.46 57.95
C ILE M 1916 65.18 -19.07 59.42
N LYS M 1917 65.25 -20.05 60.32
CA LYS M 1917 65.36 -19.73 61.73
C LYS M 1917 66.59 -18.85 61.98
N LEU M 1918 67.69 -19.18 61.31
CA LEU M 1918 68.83 -18.27 61.32
C LEU M 1918 68.46 -16.94 60.69
N CYS M 1919 67.72 -16.98 59.59
CA CYS M 1919 67.47 -15.77 58.83
C CYS M 1919 66.77 -14.73 59.67
N TYR M 1920 66.00 -15.18 60.65
CA TYR M 1920 65.26 -14.26 61.50
C TYR M 1920 66.17 -13.18 62.07
N ASP M 1921 67.29 -13.59 62.66
CA ASP M 1921 68.03 -12.66 63.50
C ASP M 1921 68.57 -11.47 62.73
N ALA M 1922 69.16 -11.69 61.58
CA ALA M 1922 69.56 -10.55 60.77
C ALA M 1922 68.33 -9.91 60.15
N PHE M 1923 67.29 -10.71 59.94
CA PHE M 1923 66.09 -10.26 59.28
C PHE M 1923 65.46 -9.07 60.01
N THR M 1924 65.60 -9.03 61.33
CA THR M 1924 65.00 -7.99 62.15
C THR M 1924 65.99 -7.27 63.06
N GLU M 1925 67.15 -6.92 62.54
CA GLU M 1925 68.24 -6.47 63.41
C GLU M 1925 68.03 -5.02 63.82
N ASN M 1926 67.75 -4.80 65.10
CA ASN M 1926 67.67 -3.45 65.63
C ASN M 1926 68.94 -2.71 65.30
N MET M 1927 68.82 -1.63 64.53
CA MET M 1927 70.00 -0.93 64.07
C MET M 1927 70.79 -0.38 65.23
N ALA M 1928 72.08 -0.15 64.97
CA ALA M 1928 72.91 0.55 65.93
C ALA M 1928 72.44 1.98 66.07
N GLY M 1929 73.17 2.75 66.87
CA GLY M 1929 72.94 4.16 66.99
C GLY M 1929 73.85 4.95 66.07
N GLU M 1930 75.14 4.64 66.11
CA GLU M 1930 76.16 5.36 65.35
C GLU M 1930 77.09 4.39 64.64
N ASN M 1931 76.52 3.39 63.97
CA ASN M 1931 77.28 2.34 63.33
C ASN M 1931 78.31 2.91 62.35
N GLN M 1932 79.20 2.04 61.88
CA GLN M 1932 80.17 2.39 60.87
C GLN M 1932 80.03 1.57 59.59
N LEU M 1933 79.18 0.55 59.57
CA LEU M 1933 79.01 -0.24 58.36
C LEU M 1933 77.59 -0.11 57.84
N LEU M 1934 76.93 1.00 58.17
CA LEU M 1934 75.50 1.17 57.95
C LEU M 1934 75.06 0.55 56.64
N GLU M 1935 75.56 1.11 55.55
CA GLU M 1935 75.13 0.66 54.23
C GLU M 1935 75.39 -0.80 54.05
N ARG M 1936 76.54 -1.29 54.49
CA ARG M 1936 76.83 -2.71 54.34
C ARG M 1936 75.84 -3.53 55.13
N ARG M 1937 75.61 -3.14 56.38
CA ARG M 1937 74.58 -3.84 57.12
C ARG M 1937 73.29 -3.87 56.34
N ARG M 1938 72.89 -2.72 55.82
CA ARG M 1938 71.60 -2.62 55.16
C ARG M 1938 71.53 -3.61 54.02
N LEU M 1939 72.50 -3.55 53.12
CA LEU M 1939 72.44 -4.41 51.97
C LEU M 1939 72.50 -5.86 52.40
N TYR M 1940 73.25 -6.14 53.45
CA TYR M 1940 73.31 -7.49 53.97
C TYR M 1940 71.94 -7.95 54.40
N HIS M 1941 71.25 -7.12 55.16
CA HIS M 1941 69.92 -7.50 55.58
C HIS M 1941 69.07 -7.71 54.36
N CYS M 1942 69.28 -6.88 53.35
CA CYS M 1942 68.49 -7.00 52.15
C CYS M 1942 68.65 -8.39 51.59
N ALA M 1943 69.89 -8.85 51.54
CA ALA M 1943 70.11 -10.18 50.99
C ALA M 1943 69.32 -11.17 51.81
N ALA M 1944 69.54 -11.16 53.12
CA ALA M 1944 68.92 -12.16 53.97
C ALA M 1944 67.42 -12.17 53.73
N TYR M 1945 66.87 -11.01 53.48
CA TYR M 1945 65.46 -10.94 53.14
C TYR M 1945 65.18 -11.62 51.83
N ASN M 1946 66.02 -11.40 50.83
CA ASN M 1946 65.76 -12.04 49.55
C ASN M 1946 65.75 -13.53 49.75
N CYS M 1947 66.71 -14.02 50.52
CA CYS M 1947 66.78 -15.42 50.86
C CYS M 1947 65.48 -15.86 51.46
N ALA M 1948 65.00 -15.12 52.46
CA ALA M 1948 63.79 -15.51 53.12
C ALA M 1948 62.66 -15.65 52.11
N ILE M 1949 62.60 -14.71 51.18
CA ILE M 1949 61.55 -14.78 50.17
C ILE M 1949 61.68 -16.06 49.39
N SER M 1950 62.89 -16.40 49.00
CA SER M 1950 63.08 -17.63 48.25
C SER M 1950 62.58 -18.81 49.05
N VAL M 1951 62.98 -18.90 50.31
CA VAL M 1951 62.67 -20.11 51.06
C VAL M 1951 61.19 -20.19 51.28
N ILE M 1952 60.55 -19.06 51.52
CA ILE M 1952 59.10 -19.07 51.70
C ILE M 1952 58.42 -19.52 50.43
N CYS M 1953 58.89 -19.02 49.29
CA CYS M 1953 58.21 -19.39 48.04
C CYS M 1953 58.53 -20.80 47.62
N CYS M 1954 59.56 -21.40 48.20
CA CYS M 1954 59.92 -22.75 47.80
C CYS M 1954 59.31 -23.80 48.72
N VAL M 1955 59.57 -23.69 50.01
CA VAL M 1955 59.24 -24.79 50.92
C VAL M 1955 57.76 -24.76 51.30
N PHE M 1956 57.34 -23.73 52.01
CA PHE M 1956 56.01 -23.68 52.59
C PHE M 1956 54.96 -23.55 51.50
N ASN M 1957 53.76 -24.03 51.80
CA ASN M 1957 52.68 -24.06 50.82
C ASN M 1957 51.48 -23.23 51.24
N GLU M 1958 51.10 -23.30 52.51
CA GLU M 1958 49.92 -22.59 52.97
C GLU M 1958 50.20 -21.10 53.01
N LEU M 1959 49.23 -20.31 52.53
CA LEU M 1959 49.38 -18.87 52.51
C LEU M 1959 49.58 -18.31 53.91
N LYS M 1960 48.94 -18.90 54.90
CA LYS M 1960 49.25 -18.55 56.27
C LYS M 1960 50.71 -18.79 56.55
N PHE M 1961 51.33 -19.72 55.86
CA PHE M 1961 52.75 -19.94 55.99
C PHE M 1961 53.56 -19.28 54.89
N TYR M 1962 52.91 -18.78 53.84
CA TYR M 1962 53.56 -17.78 52.99
C TYR M 1962 53.86 -16.53 53.80
N GLN M 1963 53.10 -16.34 54.87
CA GLN M 1963 53.36 -15.34 55.87
C GLN M 1963 54.37 -15.87 56.87
N GLY M 1964 54.72 -17.14 56.73
CA GLY M 1964 55.30 -17.96 57.79
C GLY M 1964 56.19 -17.18 58.73
N PHE M 1965 57.17 -16.48 58.18
CA PHE M 1965 57.71 -15.35 58.90
C PHE M 1965 57.91 -14.16 57.97
N LEU M 1966 57.40 -14.21 56.74
CA LEU M 1966 57.87 -13.28 55.75
C LEU M 1966 57.34 -11.87 56.00
N PHE M 1967 56.09 -11.74 56.43
CA PHE M 1967 55.55 -10.44 56.76
C PHE M 1967 55.08 -10.31 58.20
N SER M 1968 55.34 -11.31 59.05
CA SER M 1968 55.22 -11.07 60.47
C SER M 1968 56.24 -10.04 60.91
N GLU M 1969 55.80 -9.06 61.69
CA GLU M 1969 56.69 -7.99 62.09
C GLU M 1969 56.50 -7.64 63.56
N LYS M 1970 57.61 -7.37 64.21
CA LYS M 1970 57.68 -6.93 65.60
C LYS M 1970 57.63 -5.42 65.63
N PRO M 1971 57.21 -4.80 66.75
CA PRO M 1971 57.44 -3.34 66.87
C PRO M 1971 58.89 -2.94 66.63
N GLU M 1972 59.83 -3.86 66.77
CA GLU M 1972 61.11 -3.76 66.09
C GLU M 1972 60.98 -4.46 64.74
N LYS M 1973 60.82 -3.70 63.66
CA LYS M 1973 60.20 -4.20 62.43
C LYS M 1973 61.20 -4.26 61.29
N ASN M 1974 60.75 -4.89 60.20
CA ASN M 1974 61.64 -5.32 59.11
C ASN M 1974 61.84 -4.31 57.98
N LEU M 1975 60.80 -3.99 57.23
CA LEU M 1975 61.02 -3.12 56.08
C LEU M 1975 61.47 -1.74 56.50
N LEU M 1976 61.37 -1.41 57.78
CA LEU M 1976 61.98 -0.16 58.24
C LEU M 1976 63.50 -0.25 58.17
N ILE M 1977 64.03 -1.45 58.01
CA ILE M 1977 65.48 -1.64 57.97
C ILE M 1977 65.90 -1.55 56.51
N PHE M 1978 65.14 -2.20 55.65
CA PHE M 1978 65.69 -2.64 54.38
C PHE M 1978 66.06 -1.51 53.44
N GLU M 1979 65.56 -0.29 53.65
CA GLU M 1979 65.81 0.78 52.70
C GLU M 1979 66.47 1.97 53.37
N ASN M 1980 67.21 2.73 52.58
CA ASN M 1980 67.87 3.93 53.08
C ASN M 1980 66.86 5.03 53.36
N LEU M 1981 67.31 6.02 54.09
CA LEU M 1981 66.49 7.17 54.39
C LEU M 1981 67.10 8.47 53.88
N ILE M 1982 68.32 8.45 53.39
CA ILE M 1982 69.00 9.69 53.03
C ILE M 1982 69.19 9.84 51.52
N ASP M 1983 68.66 8.93 50.72
CA ASP M 1983 68.74 9.06 49.28
C ASP M 1983 67.65 10.00 48.78
N LEU M 1984 68.05 11.12 48.18
CA LEU M 1984 67.06 12.04 47.64
C LEU M 1984 66.18 11.39 46.60
N LYS M 1985 66.76 10.53 45.76
CA LYS M 1985 66.01 9.54 45.01
C LYS M 1985 64.96 10.21 44.12
N ARG M 1986 65.43 10.92 43.11
CA ARG M 1986 64.53 11.71 42.27
C ARG M 1986 63.97 10.91 41.10
N ARG M 1987 62.87 11.43 40.54
CA ARG M 1987 62.17 10.80 39.42
C ARG M 1987 62.56 11.49 38.12
N TYR M 1988 62.16 10.90 37.00
CA TYR M 1988 62.77 11.31 35.74
C TYR M 1988 61.77 11.34 34.59
N ASN M 1989 62.25 11.88 33.47
CA ASN M 1989 61.58 11.83 32.16
C ASN M 1989 62.64 11.73 31.04
N PHE M 1990 63.57 10.80 31.21
CA PHE M 1990 64.91 10.79 30.65
C PHE M 1990 65.08 9.73 29.56
N PRO M 1991 66.28 9.58 28.97
CA PRO M 1991 66.40 8.74 27.77
C PRO M 1991 66.15 7.26 28.01
N VAL M 1992 66.44 6.49 26.97
CA VAL M 1992 66.14 5.07 26.84
C VAL M 1992 64.83 4.69 27.49
N MET M 2085 59.63 -2.88 34.00
CA MET M 2085 60.26 -1.57 34.06
C MET M 2085 61.38 -1.62 35.09
N ASP M 2086 62.39 -0.76 34.94
CA ASP M 2086 63.60 -0.85 35.72
C ASP M 2086 64.26 0.47 36.04
N GLU M 2087 63.61 1.64 36.04
CA GLU M 2087 64.33 2.93 36.08
C GLU M 2087 65.02 3.18 37.41
N LEU M 2088 64.26 3.12 38.51
CA LEU M 2088 64.81 2.91 39.86
C LEU M 2088 64.10 1.80 40.65
N ASN M 2089 63.27 0.97 40.01
CA ASN M 2089 63.03 -0.40 40.48
C ASN M 2089 64.34 -1.20 40.63
N ARG M 2090 65.47 -0.69 40.12
CA ARG M 2090 66.80 -1.24 40.27
C ARG M 2090 67.16 -1.33 41.73
N HIS M 2091 66.58 -0.45 42.54
CA HIS M 2091 66.78 -0.48 43.97
C HIS M 2091 66.48 -1.88 44.49
N GLU M 2092 67.11 -2.25 45.58
CA GLU M 2092 67.23 -3.66 45.86
C GLU M 2092 65.91 -4.23 46.36
N CYS M 2093 65.83 -5.56 46.29
CA CYS M 2093 64.77 -6.38 46.85
C CYS M 2093 63.50 -6.37 46.02
N MET M 2094 63.36 -5.45 45.09
CA MET M 2094 62.08 -5.23 44.41
C MET M 2094 61.59 -6.53 43.75
N ALA M 2095 62.35 -7.01 42.78
CA ALA M 2095 61.91 -8.17 42.02
C ALA M 2095 61.54 -9.35 42.90
N PRO M 2096 62.27 -9.67 43.97
CA PRO M 2096 61.79 -10.73 44.87
C PRO M 2096 60.41 -10.44 45.45
N LEU M 2097 60.16 -9.20 45.90
CA LEU M 2097 58.84 -8.89 46.39
C LEU M 2097 57.81 -9.09 45.32
N THR M 2098 58.13 -8.66 44.10
CA THR M 2098 57.18 -8.78 43.01
C THR M 2098 56.83 -10.22 42.77
N ALA M 2099 57.84 -11.07 42.70
CA ALA M 2099 57.56 -12.48 42.53
C ALA M 2099 56.71 -12.98 43.68
N LEU M 2100 56.99 -12.50 44.88
CA LEU M 2100 56.27 -12.98 46.04
C LEU M 2100 54.79 -12.70 45.91
N VAL M 2101 54.47 -11.46 45.57
CA VAL M 2101 53.09 -11.07 45.50
C VAL M 2101 52.40 -11.74 44.34
N LYS M 2102 53.06 -11.82 43.20
CA LYS M 2102 52.42 -12.50 42.08
C LYS M 2102 52.14 -13.94 42.43
N HIS M 2103 53.09 -14.61 43.06
CA HIS M 2103 52.91 -16.01 43.34
C HIS M 2103 51.78 -16.21 44.31
N MET M 2104 51.77 -15.47 45.41
CA MET M 2104 50.71 -15.68 46.38
C MET M 2104 49.36 -15.38 45.76
N HIS M 2105 49.30 -14.42 44.84
CA HIS M 2105 48.03 -14.18 44.16
C HIS M 2105 47.62 -15.37 43.33
N ARG M 2106 48.57 -16.01 42.64
CA ARG M 2106 48.27 -17.26 41.96
C ARG M 2106 48.20 -18.43 42.92
N SER M 2107 48.23 -18.17 44.22
CA SER M 2107 48.31 -19.24 45.21
C SER M 2107 47.06 -19.29 46.08
N LEU M 2108 45.95 -18.74 45.60
CA LEU M 2108 44.70 -18.76 46.35
C LEU M 2108 44.01 -20.11 46.24
N PRO M 2119 44.35 -13.79 51.63
CA PRO M 2119 45.65 -13.14 51.79
C PRO M 2119 45.53 -11.76 52.42
N ARG M 2120 44.30 -11.23 52.45
CA ARG M 2120 44.04 -9.84 52.82
C ARG M 2120 44.85 -9.40 54.03
N ASP M 2121 45.14 -10.32 54.94
CA ASP M 2121 45.98 -9.98 56.08
C ASP M 2121 47.37 -9.58 55.64
N LEU M 2122 47.89 -10.22 54.61
CA LEU M 2122 49.23 -9.89 54.14
C LEU M 2122 49.24 -8.48 53.58
N PRO M 2123 48.43 -8.15 52.58
CA PRO M 2123 48.18 -6.74 52.29
C PRO M 2123 47.79 -5.94 53.52
N SER M 2124 47.16 -6.56 54.51
CA SER M 2124 46.74 -5.78 55.66
C SER M 2124 47.95 -5.25 56.42
N TRP M 2125 48.98 -6.08 56.59
CA TRP M 2125 50.17 -5.60 57.26
C TRP M 2125 50.89 -4.56 56.43
N MET M 2126 50.94 -4.74 55.11
CA MET M 2126 51.56 -3.66 54.36
C MET M 2126 50.80 -2.36 54.55
N LYS M 2127 49.48 -2.38 54.42
CA LYS M 2127 48.77 -1.12 54.50
C LYS M 2127 48.77 -0.58 55.92
N PHE M 2128 48.96 -1.43 56.91
CA PHE M 2128 49.33 -0.94 58.23
C PHE M 2128 50.59 -0.10 58.12
N LEU M 2129 51.64 -0.68 57.55
CA LEU M 2129 52.90 0.04 57.43
C LEU M 2129 52.74 1.29 56.58
N HIS M 2130 51.70 1.33 55.76
CA HIS M 2130 51.55 2.44 54.85
C HIS M 2130 50.78 3.58 55.48
N GLY M 2131 49.53 3.31 55.87
CA GLY M 2131 48.65 4.35 56.36
C GLY M 2131 48.57 4.38 57.86
N LYS M 2132 48.59 3.22 58.51
CA LYS M 2132 48.72 3.22 59.96
C LYS M 2132 50.04 3.81 60.37
N LEU M 2133 51.05 3.67 59.51
CA LEU M 2133 52.25 4.49 59.59
C LEU M 2133 52.18 5.56 58.51
N GLY M 2134 50.96 5.95 58.12
CA GLY M 2134 50.80 7.17 57.36
C GLY M 2134 51.36 8.36 58.10
N ASN M 2135 51.56 8.22 59.39
CA ASN M 2135 52.29 9.21 60.16
C ASN M 2135 53.74 9.23 59.70
N PRO M 2136 54.42 10.36 59.89
CA PRO M 2136 55.79 10.48 59.39
C PRO M 2136 56.78 9.70 60.24
N ILE M 2137 56.28 8.83 61.11
CA ILE M 2137 57.16 7.97 61.90
C ILE M 2137 58.07 7.16 60.98
N VAL M 2138 57.58 6.81 59.80
CA VAL M 2138 58.40 6.21 58.74
C VAL M 2138 58.77 7.32 57.76
N PRO M 2139 60.03 7.47 57.42
CA PRO M 2139 60.41 8.50 56.45
C PRO M 2139 59.79 8.22 55.09
N LEU M 2140 59.81 9.25 54.24
CA LEU M 2140 59.05 9.20 53.02
C LEU M 2140 59.52 8.11 52.09
N ASN M 2141 60.83 7.93 51.97
CA ASN M 2141 61.41 6.89 51.14
C ASN M 2141 60.68 5.58 51.34
N ILE M 2142 60.45 5.20 52.60
CA ILE M 2142 59.81 3.94 52.87
C ILE M 2142 58.43 3.93 52.26
N ARG M 2143 57.72 5.03 52.42
CA ARG M 2143 56.42 5.09 51.80
C ARG M 2143 56.53 4.89 50.31
N LEU M 2144 57.41 5.65 49.66
CA LEU M 2144 57.56 5.50 48.22
C LEU M 2144 57.86 4.07 47.86
N PHE M 2145 58.66 3.39 48.66
CA PHE M 2145 59.00 2.01 48.37
C PHE M 2145 57.75 1.15 48.42
N LEU M 2146 56.99 1.28 49.49
CA LEU M 2146 55.79 0.49 49.58
C LEU M 2146 54.93 0.78 48.37
N ALA M 2147 54.80 2.05 48.05
CA ALA M 2147 53.97 2.40 46.92
C ALA M 2147 54.49 1.71 45.68
N LYS M 2148 55.76 1.85 45.40
CA LYS M 2148 56.32 1.31 44.18
C LYS M 2148 56.05 -0.17 44.10
N LEU M 2149 56.00 -0.82 45.27
CA LEU M 2149 55.50 -2.18 45.32
C LEU M 2149 54.08 -2.21 44.80
N VAL M 2150 53.24 -1.34 45.33
CA VAL M 2150 51.85 -1.35 44.90
C VAL M 2150 51.78 -1.05 43.42
N ILE M 2151 52.59 -0.11 42.98
CA ILE M 2151 52.60 0.30 41.60
C ILE M 2151 52.81 -0.90 40.70
N ASN M 2152 54.00 -1.48 40.76
CA ASN M 2152 54.25 -2.58 39.87
C ASN M 2152 53.39 -3.80 40.19
N THR M 2153 52.70 -3.81 41.32
CA THR M 2153 51.91 -4.96 41.69
C THR M 2153 50.44 -4.68 41.39
N GLU M 2154 50.18 -3.57 40.71
CA GLU M 2154 48.80 -3.17 40.36
C GLU M 2154 47.92 -4.34 40.00
N GLU M 2155 48.30 -5.11 38.97
CA GLU M 2155 47.40 -6.15 38.50
C GLU M 2155 47.06 -7.11 39.60
N VAL M 2156 48.02 -7.44 40.45
CA VAL M 2156 47.76 -8.40 41.51
C VAL M 2156 46.69 -7.88 42.44
N PHE M 2157 46.68 -6.58 42.72
CA PHE M 2157 45.68 -6.07 43.61
C PHE M 2157 44.48 -5.44 42.90
N ARG M 2158 44.25 -5.74 41.63
CA ARG M 2158 43.10 -5.17 40.95
C ARG M 2158 41.80 -5.33 41.73
N PRO M 2159 41.50 -6.48 42.33
CA PRO M 2159 40.31 -6.50 43.19
C PRO M 2159 40.50 -5.69 44.46
N TYR M 2160 41.48 -6.02 45.27
CA TYR M 2160 41.56 -5.39 46.59
C TYR M 2160 41.92 -3.93 46.41
N ALA M 2161 40.94 -3.18 45.91
CA ALA M 2161 41.13 -1.75 45.68
C ALA M 2161 40.40 -0.88 46.71
N LYS M 2162 39.10 -1.12 46.90
CA LYS M 2162 38.25 -0.14 47.58
C LYS M 2162 38.88 0.29 48.89
N HIS M 2163 39.41 -0.68 49.62
CA HIS M 2163 40.01 -0.36 50.90
C HIS M 2163 41.44 0.10 50.74
N TRP M 2164 41.89 0.37 49.52
CA TRP M 2164 43.23 0.92 49.37
C TRP M 2164 43.33 2.29 48.75
N LEU M 2165 42.33 2.76 48.03
CA LEU M 2165 42.57 4.03 47.34
C LEU M 2165 42.98 5.11 48.32
N SER M 2166 42.25 5.27 49.41
CA SER M 2166 42.51 6.42 50.28
C SER M 2166 43.93 6.46 50.77
N PRO M 2167 44.56 5.36 51.19
CA PRO M 2167 45.98 5.47 51.54
C PRO M 2167 46.81 5.91 50.36
N LEU M 2168 46.68 5.22 49.23
CA LEU M 2168 47.54 5.51 48.11
C LEU M 2168 47.35 6.94 47.66
N LEU M 2169 46.10 7.37 47.61
CA LEU M 2169 45.88 8.78 47.33
C LEU M 2169 46.55 9.64 48.36
N GLN M 2170 46.46 9.26 49.63
CA GLN M 2170 47.03 10.07 50.69
C GLN M 2170 48.50 10.28 50.44
N LEU M 2171 49.14 9.30 49.83
CA LEU M 2171 50.54 9.45 49.51
C LEU M 2171 50.76 10.71 48.70
N ALA M 2172 50.29 10.72 47.46
CA ALA M 2172 50.50 11.88 46.62
C ALA M 2172 49.90 13.11 47.25
N ALA M 2173 48.85 12.94 48.03
CA ALA M 2173 48.20 14.07 48.67
C ALA M 2173 49.17 14.81 49.57
N SER M 2174 50.24 14.16 49.97
CA SER M 2174 51.22 14.81 50.81
C SER M 2174 51.78 16.03 50.11
N GLU M 2175 52.08 17.05 50.90
CA GLU M 2175 52.86 18.15 50.37
C GLU M 2175 54.27 17.73 50.07
N ASN M 2176 54.69 16.57 50.56
CA ASN M 2176 56.01 16.03 50.26
C ASN M 2176 55.81 14.69 49.58
N ASN M 2177 56.21 14.60 48.31
CA ASN M 2177 56.27 13.36 47.55
C ASN M 2177 57.46 13.42 46.65
N GLY M 2178 58.56 12.85 47.09
CA GLY M 2178 59.78 13.04 46.34
C GLY M 2178 60.19 14.49 46.40
N GLY M 2179 60.46 15.09 45.24
CA GLY M 2179 60.89 16.47 45.21
C GLY M 2179 59.77 17.41 44.84
N GLU M 2180 59.80 17.92 43.62
CA GLU M 2180 58.89 18.96 43.17
C GLU M 2180 58.40 18.62 41.79
N GLY M 2181 57.25 19.14 41.43
CA GLY M 2181 56.70 18.94 40.11
C GLY M 2181 56.01 17.60 40.01
N ILE M 2182 55.42 17.38 38.85
CA ILE M 2182 54.73 16.12 38.63
C ILE M 2182 55.81 15.07 38.49
N HIS M 2183 56.24 14.46 39.59
CA HIS M 2183 57.16 13.35 39.54
C HIS M 2183 56.58 12.23 38.70
N TYR M 2184 57.42 11.39 38.12
CA TYR M 2184 56.97 10.13 37.57
C TYR M 2184 56.32 9.31 38.65
N MET M 2185 56.70 9.58 39.90
CA MET M 2185 56.05 8.95 41.03
C MET M 2185 54.58 9.29 41.06
N VAL M 2186 54.26 10.59 40.99
CA VAL M 2186 52.86 10.93 41.10
C VAL M 2186 52.14 10.49 39.86
N VAL M 2187 52.81 10.50 38.72
CA VAL M 2187 52.19 9.94 37.54
C VAL M 2187 51.79 8.50 37.81
N GLU M 2188 52.69 7.73 38.40
CA GLU M 2188 52.33 6.37 38.74
C GLU M 2188 51.16 6.30 39.68
N ILE M 2189 51.17 7.12 40.71
CA ILE M 2189 50.11 7.03 41.69
C ILE M 2189 48.78 7.29 41.03
N VAL M 2190 48.70 8.40 40.30
CA VAL M 2190 47.45 8.78 39.70
C VAL M 2190 47.05 7.74 38.67
N ALA M 2191 48.01 7.11 38.01
CA ALA M 2191 47.67 6.06 37.08
C ALA M 2191 47.04 4.90 37.81
N THR M 2192 47.59 4.55 38.95
CA THR M 2192 47.00 3.49 39.74
C THR M 2192 45.57 3.84 40.10
N ILE M 2193 45.39 5.04 40.63
CA ILE M 2193 44.07 5.48 41.04
C ILE M 2193 43.11 5.33 39.89
N LEU M 2194 43.36 6.08 38.83
CA LEU M 2194 42.45 6.13 37.70
C LEU M 2194 42.16 4.73 37.20
N SER M 2195 43.21 3.96 36.92
CA SER M 2195 43.02 2.60 36.45
C SER M 2195 42.12 1.83 37.39
N TRP M 2196 42.22 2.09 38.67
CA TRP M 2196 41.33 1.45 39.62
C TRP M 2196 39.91 1.96 39.54
N THR M 2197 39.73 3.22 39.13
CA THR M 2197 38.45 3.88 39.33
C THR M 2197 37.31 3.16 38.63
N GLY M 2198 37.54 2.70 37.40
CA GLY M 2198 36.44 2.17 36.60
C GLY M 2198 35.69 1.04 37.26
N LEU M 2199 36.33 0.34 38.18
CA LEU M 2199 35.64 -0.67 38.97
C LEU M 2199 35.49 -0.30 40.43
N ALA M 2200 36.54 0.20 41.07
CA ALA M 2200 36.44 0.50 42.49
C ALA M 2200 35.60 1.75 42.72
N THR M 2201 35.72 2.70 41.81
CA THR M 2201 35.04 4.00 41.90
C THR M 2201 35.07 4.57 43.32
N PRO M 2202 36.25 4.80 43.89
CA PRO M 2202 36.28 5.40 45.23
C PRO M 2202 36.14 6.92 45.19
N THR M 2203 34.90 7.38 45.15
CA THR M 2203 34.64 8.80 45.15
C THR M 2203 33.68 9.13 46.29
N GLY M 2204 34.06 10.09 47.11
CA GLY M 2204 33.09 10.74 47.98
C GLY M 2204 32.86 10.18 49.37
N VAL M 2205 33.91 10.07 50.16
CA VAL M 2205 33.79 9.78 51.59
C VAL M 2205 34.71 10.75 52.30
N PRO M 2206 34.54 11.02 53.59
CA PRO M 2206 35.10 12.27 54.16
C PRO M 2206 36.58 12.47 53.92
N LYS M 2207 37.37 11.42 53.99
CA LYS M 2207 38.77 11.59 53.63
C LYS M 2207 38.96 11.70 52.13
N ASP M 2208 38.14 10.99 51.37
CA ASP M 2208 38.25 11.03 49.92
C ASP M 2208 38.13 12.45 49.40
N GLU M 2209 37.15 13.18 49.91
CA GLU M 2209 36.94 14.54 49.43
C GLU M 2209 38.17 15.40 49.68
N VAL M 2210 38.66 15.41 50.92
CA VAL M 2210 39.72 16.35 51.23
C VAL M 2210 40.98 15.98 50.49
N LEU M 2211 41.27 14.69 50.42
CA LEU M 2211 42.40 14.25 49.62
C LEU M 2211 42.25 14.71 48.18
N ALA M 2212 41.11 14.38 47.57
CA ALA M 2212 40.97 14.63 46.14
C ALA M 2212 41.06 16.10 45.85
N ASN M 2213 40.49 16.92 46.73
CA ASN M 2213 40.63 18.36 46.53
C ASN M 2213 42.08 18.76 46.58
N ARG M 2214 42.83 18.21 47.53
CA ARG M 2214 44.26 18.47 47.54
C ARG M 2214 44.86 18.07 46.21
N LEU M 2215 44.42 16.93 45.69
CA LEU M 2215 45.02 16.39 44.47
C LEU M 2215 44.77 17.29 43.30
N LEU M 2216 43.52 17.65 43.09
CA LEU M 2216 43.20 18.50 41.96
C LEU M 2216 43.92 19.82 42.09
N ASN M 2217 43.95 20.38 43.29
CA ASN M 2217 44.65 21.64 43.44
C ASN M 2217 46.10 21.48 43.04
N PHE M 2218 46.76 20.45 43.55
CA PHE M 2218 48.17 20.28 43.27
C PHE M 2218 48.39 20.09 41.79
N LEU M 2219 47.59 19.24 41.17
CA LEU M 2219 47.76 18.97 39.76
C LEU M 2219 47.59 20.24 38.97
N MET M 2220 46.43 20.87 39.08
CA MET M 2220 46.19 22.06 38.30
C MET M 2220 47.19 23.14 38.61
N LYS M 2221 47.89 23.02 39.73
CA LYS M 2221 48.91 24.01 40.00
C LYS M 2221 50.05 23.89 39.02
N HIS M 2222 50.51 22.67 38.74
CA HIS M 2222 51.77 22.53 38.05
C HIS M 2222 51.62 21.97 36.65
N VAL M 2223 50.45 22.12 36.03
CA VAL M 2223 50.27 21.46 34.76
C VAL M 2223 51.25 21.99 33.75
N PHE M 2224 51.74 23.21 33.91
CA PHE M 2224 52.64 23.73 32.89
C PHE M 2224 53.98 23.06 32.96
N HIS M 2225 54.63 22.93 31.82
CA HIS M 2225 55.94 22.33 31.73
C HIS M 2225 56.69 22.96 30.58
N PRO M 2226 58.01 23.01 30.64
CA PRO M 2226 58.75 23.55 29.51
C PRO M 2226 58.64 22.72 28.25
N LYS M 2227 58.26 21.47 28.37
CA LYS M 2227 58.57 20.50 27.33
C LYS M 2227 57.32 20.40 26.48
N ARG M 2228 57.55 20.21 25.19
CA ARG M 2228 56.55 20.29 24.13
C ARG M 2228 55.31 19.50 24.53
N ALA M 2229 55.39 18.20 24.71
CA ALA M 2229 54.18 17.44 24.90
C ALA M 2229 54.10 16.84 26.28
N VAL M 2230 55.13 17.01 27.10
CA VAL M 2230 54.95 16.63 28.49
C VAL M 2230 53.81 17.43 29.08
N PHE M 2231 53.72 18.69 28.70
CA PHE M 2231 52.58 19.48 29.10
C PHE M 2231 51.31 18.80 28.66
N ARG M 2232 51.28 18.33 27.42
CA ARG M 2232 50.08 17.70 26.94
C ARG M 2232 49.73 16.50 27.77
N HIS M 2233 50.74 15.71 28.13
CA HIS M 2233 50.46 14.52 28.89
C HIS M 2233 49.95 14.85 30.27
N ASN M 2234 50.52 15.88 30.88
CA ASN M 2234 49.99 16.30 32.16
C ASN M 2234 48.54 16.72 32.00
N LEU M 2235 48.26 17.39 30.90
CA LEU M 2235 46.91 17.87 30.69
C LEU M 2235 45.98 16.69 30.52
N GLU M 2236 46.47 15.63 29.89
CA GLU M 2236 45.66 14.44 29.75
C GLU M 2236 45.46 13.78 31.09
N ILE M 2237 46.47 13.85 31.95
CA ILE M 2237 46.29 13.37 33.31
C ILE M 2237 45.14 14.11 33.96
N ILE M 2238 45.14 15.42 33.86
CA ILE M 2238 44.06 16.19 34.46
C ILE M 2238 42.74 15.76 33.85
N LYS M 2239 42.73 15.63 32.54
CA LYS M 2239 41.50 15.29 31.85
C LYS M 2239 40.91 14.02 32.39
N THR M 2240 41.71 12.97 32.43
CA THR M 2240 41.15 11.72 32.91
C THR M 2240 40.88 11.83 34.39
N LEU M 2241 41.62 12.67 35.09
CA LEU M 2241 41.47 12.75 36.53
C LEU M 2241 40.10 13.25 36.84
N VAL M 2242 39.72 14.37 36.24
CA VAL M 2242 38.39 14.88 36.49
C VAL M 2242 37.35 13.96 35.88
N GLU M 2243 37.52 13.55 34.63
CA GLU M 2243 36.36 13.00 33.95
C GLU M 2243 36.05 11.60 34.44
N CYS M 2244 37.08 10.84 34.80
CA CYS M 2244 36.80 9.50 35.25
C CYS M 2244 36.01 9.46 36.54
N TRP M 2245 36.26 10.36 37.47
CA TRP M 2245 35.56 10.28 38.73
C TRP M 2245 35.14 11.65 39.21
N LYS M 2246 34.45 12.38 38.33
CA LYS M 2246 33.91 13.68 38.68
C LYS M 2246 32.76 13.56 39.66
N ASP M 2247 33.06 13.70 40.94
CA ASP M 2247 32.04 13.82 41.96
C ASP M 2247 32.67 14.52 43.14
N CYS M 2248 31.95 15.51 43.67
CA CYS M 2248 32.41 16.30 44.81
C CYS M 2248 33.79 16.89 44.55
N LEU M 2249 34.10 17.17 43.29
CA LEU M 2249 35.42 17.67 42.94
C LEU M 2249 35.32 19.16 42.63
N SER M 2250 35.51 19.97 43.66
CA SER M 2250 35.54 21.41 43.44
C SER M 2250 36.69 21.74 42.51
N ILE M 2251 36.40 22.52 41.48
CA ILE M 2251 37.40 22.89 40.48
C ILE M 2251 37.99 24.22 40.91
N PRO M 2252 39.24 24.29 41.17
CA PRO M 2252 39.75 25.51 41.80
C PRO M 2252 39.72 26.71 40.87
N TYR M 2253 38.56 27.33 40.65
CA TYR M 2253 38.37 28.29 39.59
C TYR M 2253 39.16 29.53 39.85
N ARG M 2254 39.52 29.77 41.12
CA ARG M 2254 40.42 30.89 41.36
C ARG M 2254 41.77 30.61 40.74
N LEU M 2255 42.27 29.40 40.98
CA LEU M 2255 43.50 28.99 40.33
C LEU M 2255 43.42 29.23 38.85
N ILE M 2256 42.28 28.88 38.26
CA ILE M 2256 42.14 29.03 36.82
C ILE M 2256 42.37 30.48 36.44
N PHE M 2257 41.64 31.38 37.09
CA PHE M 2257 41.72 32.77 36.69
C PHE M 2257 43.14 33.27 36.76
N GLU M 2258 43.86 32.94 37.83
CA GLU M 2258 45.26 33.34 37.78
C GLU M 2258 45.96 32.66 36.64
N LYS M 2259 45.51 31.48 36.24
CA LYS M 2259 46.25 30.81 35.18
C LYS M 2259 45.98 31.40 33.82
N PHE M 2260 44.99 32.29 33.67
CA PHE M 2260 44.82 32.92 32.37
C PHE M 2260 44.70 34.44 32.41
N SER M 2261 45.00 35.08 33.53
CA SER M 2261 44.81 36.51 33.66
C SER M 2261 46.04 37.31 33.24
N GLY M 2262 46.82 36.80 32.32
CA GLY M 2262 48.11 37.37 32.02
C GLY M 2262 48.11 38.57 31.10
N LYS M 2263 47.81 39.75 31.61
CA LYS M 2263 47.82 40.92 30.74
C LYS M 2263 49.25 41.17 30.26
N ASP M 2264 49.66 40.41 29.26
CA ASP M 2264 51.01 40.47 28.73
C ASP M 2264 50.98 40.14 27.24
N PRO M 2265 51.27 41.11 26.38
CA PRO M 2265 50.99 40.91 24.96
C PRO M 2265 51.67 39.69 24.36
N ASN M 2266 52.99 39.64 24.36
CA ASN M 2266 53.68 38.61 23.62
C ASN M 2266 54.04 37.41 24.46
N SER M 2267 53.18 37.02 25.38
CA SER M 2267 53.52 35.92 26.26
C SER M 2267 52.85 34.62 25.83
N LYS M 2268 53.44 33.54 26.28
CA LYS M 2268 52.79 32.25 26.30
C LYS M 2268 51.75 32.16 27.40
N ASP M 2269 52.05 32.73 28.55
CA ASP M 2269 51.53 32.35 29.84
C ASP M 2269 50.03 32.24 29.94
N ASN M 2270 49.25 32.93 29.12
CA ASN M 2270 47.82 32.83 29.23
C ASN M 2270 47.32 31.49 28.68
N SER M 2271 48.13 30.84 27.85
CA SER M 2271 47.65 29.64 27.18
C SER M 2271 47.33 28.54 28.15
N VAL M 2272 48.14 28.39 29.19
CA VAL M 2272 47.95 27.25 30.05
C VAL M 2272 46.59 27.32 30.71
N GLY M 2273 46.25 28.50 31.22
CA GLY M 2273 44.93 28.68 31.76
C GLY M 2273 43.87 28.43 30.70
N ILE M 2274 44.15 28.86 29.48
CA ILE M 2274 43.17 28.61 28.43
C ILE M 2274 42.84 27.14 28.40
N GLN M 2275 43.85 26.33 28.16
CA GLN M 2275 43.60 24.91 27.95
C GLN M 2275 43.02 24.28 29.20
N LEU M 2276 43.43 24.77 30.36
CA LEU M 2276 42.97 24.11 31.57
C LEU M 2276 41.51 24.34 31.76
N LEU M 2277 41.07 25.59 31.64
CA LEU M 2277 39.65 25.83 31.60
C LEU M 2277 39.03 24.99 30.53
N GLY M 2278 39.76 24.76 29.45
CA GLY M 2278 39.23 23.95 28.38
C GLY M 2278 38.87 22.56 28.88
N ILE M 2279 39.72 22.01 29.73
CA ILE M 2279 39.41 20.71 30.29
C ILE M 2279 38.20 20.80 31.18
N VAL M 2280 38.21 21.79 32.07
CA VAL M 2280 37.10 21.80 33.01
C VAL M 2280 35.82 21.99 32.24
N MET M 2281 35.91 22.60 31.09
CA MET M 2281 34.72 22.72 30.25
C MET M 2281 34.38 21.39 29.62
N ALA M 2282 35.28 20.87 28.80
CA ALA M 2282 34.92 19.77 27.94
C ALA M 2282 34.49 18.56 28.72
N ASN M 2283 34.89 18.42 29.98
CA ASN M 2283 34.48 17.23 30.70
C ASN M 2283 32.98 17.14 30.80
N ASP M 2284 32.34 18.03 31.53
CA ASP M 2284 30.91 17.87 31.70
C ASP M 2284 30.15 19.18 31.63
N LEU M 2285 30.80 20.30 31.39
CA LEU M 2285 30.15 21.61 31.46
C LEU M 2285 29.61 21.83 32.86
N PRO M 2286 30.46 22.12 33.85
CA PRO M 2286 29.99 22.47 35.17
C PRO M 2286 29.94 23.97 35.36
N PRO M 2287 29.24 24.46 36.41
CA PRO M 2287 29.14 25.89 36.72
C PRO M 2287 30.52 26.54 36.87
N TYR M 2288 30.59 27.85 36.70
CA TYR M 2288 31.83 28.55 36.38
C TYR M 2288 32.07 29.82 37.18
N ASP M 2289 31.29 30.08 38.23
CA ASP M 2289 31.67 31.05 39.23
C ASP M 2289 30.88 30.81 40.51
N PRO M 2290 31.02 29.64 41.11
CA PRO M 2290 30.44 29.48 42.45
C PRO M 2290 31.33 30.07 43.54
N GLN M 2291 31.10 31.35 43.80
CA GLN M 2291 31.80 32.11 44.86
C GLN M 2291 33.27 31.72 44.92
N CYS M 2292 33.94 31.89 43.82
CA CYS M 2292 35.30 31.41 43.68
C CYS M 2292 36.33 32.43 44.06
N GLY M 2293 36.02 33.33 44.96
CA GLY M 2293 36.99 34.34 45.31
C GLY M 2293 37.22 35.36 44.22
N ILE M 2294 36.49 35.26 43.11
CA ILE M 2294 36.45 36.29 42.09
C ILE M 2294 35.00 36.49 41.70
N GLN M 2295 34.73 37.66 41.12
CA GLN M 2295 33.39 38.04 40.69
C GLN M 2295 33.23 37.81 39.20
N SER M 2296 32.00 37.52 38.79
CA SER M 2296 31.75 37.00 37.45
C SER M 2296 32.17 37.98 36.38
N SER M 2297 31.84 39.24 36.57
CA SER M 2297 32.01 40.22 35.50
C SER M 2297 33.46 40.27 35.05
N GLU M 2298 34.35 40.68 35.94
CA GLU M 2298 35.75 40.75 35.57
C GLU M 2298 36.33 39.39 35.30
N TYR M 2299 35.79 38.34 35.92
CA TYR M 2299 36.28 37.01 35.61
C TYR M 2299 36.22 36.75 34.12
N PHE M 2300 35.00 36.66 33.60
CA PHE M 2300 34.88 36.43 32.18
C PHE M 2300 35.43 37.57 31.36
N GLN M 2301 35.46 38.79 31.89
CA GLN M 2301 35.97 39.90 31.10
C GLN M 2301 37.43 39.69 30.81
N ALA M 2302 38.18 39.26 31.80
CA ALA M 2302 39.56 38.92 31.53
C ALA M 2302 39.63 37.75 30.59
N LEU M 2303 38.75 36.76 30.76
CA LEU M 2303 38.83 35.60 29.89
C LEU M 2303 38.69 36.01 28.44
N VAL M 2304 37.67 36.80 28.12
CA VAL M 2304 37.51 37.23 26.75
C VAL M 2304 38.66 38.12 26.35
N ASN M 2305 39.09 39.02 27.24
CA ASN M 2305 40.16 39.94 26.90
C ASN M 2305 41.35 39.19 26.36
N ASN M 2306 41.38 37.89 26.59
CA ASN M 2306 42.43 37.07 26.03
C ASN M 2306 42.49 37.22 24.52
N MET M 2307 41.35 37.12 23.86
CA MET M 2307 41.42 37.05 22.41
C MET M 2307 41.95 38.32 21.80
N SER M 2308 42.30 39.30 22.63
CA SER M 2308 42.99 40.46 22.09
C SER M 2308 44.33 40.06 21.54
N PHE M 2309 45.04 39.21 22.24
CA PHE M 2309 46.40 38.89 21.83
C PHE M 2309 46.37 38.09 20.53
N VAL M 2310 46.75 38.73 19.44
CA VAL M 2310 46.81 38.00 18.19
C VAL M 2310 48.21 37.50 17.89
N ARG M 2311 49.12 37.62 18.83
CA ARG M 2311 50.52 37.48 18.45
C ARG M 2311 50.93 36.02 18.40
N TYR M 2312 50.26 35.16 19.15
CA TYR M 2312 50.42 33.72 19.08
C TYR M 2312 49.09 33.04 18.79
N LYS M 2313 49.14 31.98 17.99
CA LYS M 2313 47.91 31.33 17.58
C LYS M 2313 47.27 30.60 18.74
N GLU M 2314 48.06 29.85 19.49
CA GLU M 2314 47.45 29.03 20.52
C GLU M 2314 46.79 29.90 21.57
N VAL M 2315 47.13 31.16 21.64
CA VAL M 2315 46.53 32.02 22.63
C VAL M 2315 45.12 32.33 22.19
N TYR M 2316 45.00 33.06 21.10
CA TYR M 2316 43.69 33.57 20.72
C TYR M 2316 42.79 32.48 20.20
N ALA M 2317 43.30 31.60 19.36
CA ALA M 2317 42.44 30.57 18.81
C ALA M 2317 41.86 29.73 19.92
N ALA M 2318 42.71 29.25 20.81
CA ALA M 2318 42.19 28.42 21.87
C ALA M 2318 41.26 29.22 22.74
N ALA M 2319 41.53 30.51 22.88
CA ALA M 2319 40.64 31.32 23.67
C ALA M 2319 39.25 31.27 23.06
N ALA M 2320 39.18 31.45 21.76
CA ALA M 2320 37.89 31.46 21.14
C ALA M 2320 37.21 30.13 21.34
N GLU M 2321 37.96 29.05 21.23
CA GLU M 2321 37.34 27.74 21.35
C GLU M 2321 36.75 27.56 22.74
N VAL M 2322 37.51 27.93 23.76
CA VAL M 2322 36.98 27.71 25.08
C VAL M 2322 35.78 28.59 25.29
N LEU M 2323 35.82 29.82 24.81
CA LEU M 2323 34.67 30.69 24.99
C LEU M 2323 33.46 30.10 24.33
N GLY M 2324 33.62 29.56 23.13
CA GLY M 2324 32.47 29.01 22.45
C GLY M 2324 31.85 27.88 23.22
N LEU M 2325 32.68 26.96 23.72
CA LEU M 2325 32.12 25.90 24.52
C LEU M 2325 31.38 26.47 25.72
N ILE M 2326 31.91 27.54 26.29
CA ILE M 2326 31.23 28.15 27.42
C ILE M 2326 29.85 28.62 27.01
N LEU M 2327 29.77 29.26 25.85
CA LEU M 2327 28.47 29.67 25.39
C LEU M 2327 27.52 28.48 25.34
N ARG M 2328 28.01 27.36 24.84
CA ARG M 2328 27.11 26.24 24.66
C ARG M 2328 26.58 25.78 25.99
N TYR M 2329 27.45 25.69 26.97
CA TYR M 2329 27.01 25.34 28.31
C TYR M 2329 25.93 26.29 28.76
N VAL M 2330 26.23 27.58 28.74
CA VAL M 2330 25.31 28.52 29.33
C VAL M 2330 23.99 28.51 28.58
N MET M 2331 24.00 28.15 27.30
CA MET M 2331 22.77 28.18 26.55
C MET M 2331 21.88 27.01 26.89
N GLU M 2332 22.33 25.78 26.62
CA GLU M 2332 21.44 24.67 26.95
C GLU M 2332 21.14 24.57 28.43
N ARG M 2333 21.96 25.14 29.31
CA ARG M 2333 21.53 25.16 30.69
C ARG M 2333 20.83 26.45 31.07
N LYS M 2334 20.65 27.36 30.13
CA LYS M 2334 19.72 28.47 30.28
C LYS M 2334 19.98 29.27 31.56
N ASN M 2335 21.24 29.50 31.86
CA ASN M 2335 21.57 30.40 32.94
C ASN M 2335 21.28 31.83 32.51
N ILE M 2336 21.68 32.80 33.32
CA ILE M 2336 21.42 34.20 33.02
C ILE M 2336 22.66 34.92 32.52
N LEU M 2337 23.85 34.44 32.84
CA LEU M 2337 25.08 35.13 32.46
C LEU M 2337 25.30 35.13 30.95
N GLU M 2338 24.50 34.38 30.19
CA GLU M 2338 24.74 34.29 28.76
C GLU M 2338 24.58 35.65 28.10
N GLU M 2339 23.61 36.45 28.56
CA GLU M 2339 23.44 37.77 27.98
C GLU M 2339 24.70 38.59 28.13
N SER M 2340 25.21 38.69 29.35
CA SER M 2340 26.37 39.53 29.59
C SER M 2340 27.58 38.99 28.85
N LEU M 2341 27.78 37.68 28.90
CA LEU M 2341 28.96 37.13 28.25
C LEU M 2341 28.87 37.32 26.76
N CYS M 2342 27.67 37.19 26.19
CA CYS M 2342 27.49 37.44 24.78
C CYS M 2342 27.81 38.87 24.44
N GLU M 2343 27.34 39.80 25.25
CA GLU M 2343 27.65 41.18 24.98
C GLU M 2343 29.15 41.40 24.99
N LEU M 2344 29.84 40.86 25.99
CA LEU M 2344 31.28 41.06 26.09
C LEU M 2344 32.00 40.43 24.91
N VAL M 2345 31.67 39.19 24.59
CA VAL M 2345 32.28 38.55 23.44
C VAL M 2345 32.06 39.39 22.23
N ALA M 2346 30.85 39.88 22.07
CA ALA M 2346 30.55 40.66 20.89
C ALA M 2346 31.41 41.89 20.85
N LYS M 2347 31.55 42.55 21.99
CA LYS M 2347 32.30 43.80 22.00
C LYS M 2347 33.71 43.55 21.56
N GLN M 2348 34.33 42.51 22.07
CA GLN M 2348 35.73 42.39 21.75
C GLN M 2348 35.92 41.86 20.34
N LEU M 2349 35.02 40.99 19.90
CA LEU M 2349 35.05 40.66 18.48
C LEU M 2349 34.95 41.90 17.64
N LYS M 2350 34.00 42.78 17.93
CA LYS M 2350 33.89 43.97 17.10
C LYS M 2350 35.18 44.75 17.14
N GLN M 2351 35.76 44.91 18.33
CA GLN M 2351 37.01 45.64 18.42
C GLN M 2351 38.05 45.02 17.53
N HIS M 2352 37.90 43.74 17.20
CA HIS M 2352 38.70 43.22 16.11
C HIS M 2352 38.14 43.61 14.76
N GLN M 2353 36.82 43.62 14.62
CA GLN M 2353 36.16 43.55 13.33
C GLN M 2353 36.69 44.54 12.34
N ASN M 2354 36.47 45.81 12.59
CA ASN M 2354 36.91 46.82 11.65
C ASN M 2354 38.41 46.92 11.64
N THR M 2355 39.08 46.30 12.60
CA THR M 2355 40.51 46.57 12.72
C THR M 2355 41.35 45.56 11.96
N MET M 2356 41.22 44.30 12.32
CA MET M 2356 42.07 43.24 11.78
C MET M 2356 41.15 42.13 11.30
N GLU M 2357 40.89 42.11 10.00
CA GLU M 2357 39.94 41.15 9.48
C GLU M 2357 40.43 39.73 9.67
N ASP M 2358 41.69 39.49 9.33
CA ASP M 2358 42.17 38.12 9.24
C ASP M 2358 41.93 37.39 10.55
N LYS M 2359 42.28 38.01 11.66
CA LYS M 2359 42.07 37.33 12.91
C LYS M 2359 40.59 37.29 13.25
N PHE M 2360 39.82 38.26 12.77
CA PHE M 2360 38.43 38.33 13.18
C PHE M 2360 37.67 37.13 12.68
N ILE M 2361 37.89 36.77 11.43
CA ILE M 2361 37.20 35.60 10.92
C ILE M 2361 37.61 34.37 11.68
N VAL M 2362 38.89 34.23 11.98
CA VAL M 2362 39.30 33.03 12.67
C VAL M 2362 38.63 32.95 14.02
N CYS M 2363 38.61 34.06 14.72
CA CYS M 2363 37.98 34.04 16.02
C CYS M 2363 36.53 33.69 15.87
N LEU M 2364 35.85 34.28 14.91
CA LEU M 2364 34.43 34.01 14.81
C LEU M 2364 34.20 32.56 14.50
N ASN M 2365 34.98 32.00 13.61
CA ASN M 2365 34.78 30.62 13.25
C ASN M 2365 34.94 29.77 14.46
N LYS M 2366 35.98 29.99 15.22
CA LYS M 2366 36.16 29.16 16.38
C LYS M 2366 35.01 29.34 17.34
N VAL M 2367 34.40 30.52 17.38
CA VAL M 2367 33.26 30.67 18.24
C VAL M 2367 32.10 29.85 17.72
N THR M 2368 31.76 30.04 16.47
CA THR M 2368 30.52 29.46 16.00
C THR M 2368 30.61 27.96 15.93
N LYS M 2369 31.81 27.41 15.89
CA LYS M 2369 31.95 25.98 15.66
C LYS M 2369 31.26 25.17 16.72
N SER M 2370 30.94 25.77 17.84
CA SER M 2370 30.08 25.13 18.81
C SER M 2370 28.89 25.98 19.21
N PHE M 2371 28.61 27.08 18.53
CA PHE M 2371 27.52 27.96 18.91
C PHE M 2371 26.94 28.67 17.71
N PRO M 2372 25.83 28.21 17.18
CA PRO M 2372 25.20 28.89 16.07
C PRO M 2372 24.79 30.30 16.43
N PRO M 2373 24.07 30.51 17.53
CA PRO M 2373 23.31 31.75 17.66
C PRO M 2373 24.14 33.01 17.56
N LEU M 2374 25.34 33.04 18.11
CA LEU M 2374 26.07 34.29 18.14
C LEU M 2374 26.34 34.82 16.75
N ALA M 2375 26.27 33.96 15.74
CA ALA M 2375 26.68 34.39 14.42
C ALA M 2375 25.81 35.53 13.91
N ASP M 2376 24.51 35.43 14.11
CA ASP M 2376 23.60 36.38 13.48
C ASP M 2376 24.03 37.81 13.75
N ARG M 2377 24.38 38.11 14.98
CA ARG M 2377 24.74 39.46 15.31
C ARG M 2377 25.91 39.97 14.48
N PHE M 2378 26.74 39.09 13.95
CA PHE M 2378 27.88 39.52 13.15
C PHE M 2378 27.79 39.10 11.70
N MET M 2379 26.70 38.47 11.29
CA MET M 2379 26.78 37.82 10.01
C MET M 2379 26.74 38.83 8.88
N ASN M 2380 26.21 40.01 9.13
CA ASN M 2380 26.32 41.06 8.12
C ASN M 2380 27.77 41.26 7.76
N ALA M 2381 28.60 41.42 8.76
CA ALA M 2381 30.02 41.58 8.50
C ALA M 2381 30.58 40.33 7.87
N VAL M 2382 30.10 39.18 8.30
CA VAL M 2382 30.62 37.95 7.75
C VAL M 2382 30.49 37.97 6.24
N PHE M 2383 29.32 38.37 5.77
CA PHE M 2383 29.16 38.43 4.33
C PHE M 2383 29.99 39.54 3.72
N PHE M 2384 29.97 40.71 4.33
CA PHE M 2384 30.63 41.84 3.70
C PHE M 2384 32.11 41.56 3.51
N LEU M 2385 32.70 40.83 4.44
CA LEU M 2385 34.10 40.53 4.33
C LEU M 2385 34.38 39.37 3.42
N LEU M 2386 33.36 38.70 2.91
CA LEU M 2386 33.60 37.43 2.25
C LEU M 2386 34.50 37.58 1.04
N PRO M 2387 34.10 38.31 0.01
CA PRO M 2387 34.90 38.32 -1.21
C PRO M 2387 36.26 38.90 -1.01
N LYS M 2388 36.50 39.62 0.07
CA LYS M 2388 37.82 40.21 0.25
C LYS M 2388 38.89 39.14 0.38
N PHE M 2389 38.70 38.20 1.28
CA PHE M 2389 39.76 37.28 1.61
C PHE M 2389 39.98 36.28 0.50
N HIS M 2390 41.16 35.70 0.50
CA HIS M 2390 41.50 34.61 -0.37
C HIS M 2390 42.25 33.59 0.45
N GLY M 2391 42.24 32.36 0.00
CA GLY M 2391 43.01 31.36 0.68
C GLY M 2391 42.27 30.80 1.89
N VAL M 2392 43.04 30.13 2.74
CA VAL M 2392 42.46 29.24 3.73
C VAL M 2392 41.40 29.95 4.53
N LEU M 2393 41.50 31.26 4.67
CA LEU M 2393 40.52 31.93 5.48
C LEU M 2393 39.17 31.93 4.80
N LYS M 2394 39.14 31.83 3.49
CA LYS M 2394 37.87 31.74 2.80
C LYS M 2394 37.08 30.56 3.33
N THR M 2395 37.76 29.44 3.50
CA THR M 2395 37.08 28.27 4.01
C THR M 2395 36.43 28.60 5.33
N LEU M 2396 37.15 29.26 6.20
CA LEU M 2396 36.59 29.54 7.51
C LEU M 2396 35.41 30.46 7.40
N CYS M 2397 35.50 31.45 6.52
CA CYS M 2397 34.40 32.38 6.42
C CYS M 2397 33.14 31.67 5.99
N LEU M 2398 33.24 30.91 4.91
CA LEU M 2398 32.05 30.24 4.45
C LEU M 2398 31.59 29.23 5.47
N GLU M 2399 32.49 28.73 6.29
CA GLU M 2399 32.03 27.84 7.33
C GLU M 2399 31.15 28.58 8.30
N VAL M 2400 31.53 29.79 8.67
CA VAL M 2400 30.68 30.56 9.54
C VAL M 2400 29.34 30.74 8.89
N VAL M 2401 29.35 31.02 7.60
CA VAL M 2401 28.09 31.11 6.88
C VAL M 2401 27.29 29.85 7.08
N LEU M 2402 27.96 28.70 6.98
CA LEU M 2402 27.24 27.45 7.07
C LEU M 2402 26.56 27.31 8.41
N CYS M 2403 27.26 27.69 9.46
CA CYS M 2403 26.79 27.35 10.79
C CYS M 2403 25.36 27.79 11.03
N ARG M 2404 24.84 28.69 10.22
CA ARG M 2404 23.57 29.32 10.52
C ARG M 2404 22.72 29.49 9.28
N VAL M 2405 23.14 28.89 8.16
CA VAL M 2405 22.45 29.08 6.89
C VAL M 2405 20.97 28.75 6.96
N GLU M 2406 20.55 27.99 7.96
CA GLU M 2406 19.19 27.51 7.99
C GLU M 2406 18.18 28.60 8.31
N GLY M 2407 18.63 29.77 8.74
CA GLY M 2407 17.69 30.76 9.21
C GLY M 2407 17.53 31.99 8.37
N MET M 2408 18.62 32.52 7.84
CA MET M 2408 18.58 33.82 7.20
C MET M 2408 17.62 33.79 6.03
N THR M 2409 16.78 34.79 5.96
CA THR M 2409 15.87 34.88 4.83
C THR M 2409 16.53 35.71 3.75
N GLU M 2410 16.07 35.50 2.53
CA GLU M 2410 16.70 36.08 1.35
C GLU M 2410 18.19 35.80 1.34
N LEU M 2411 18.56 34.57 1.68
CA LEU M 2411 19.97 34.25 1.57
C LEU M 2411 20.38 34.05 0.13
N TYR M 2412 19.50 33.65 -0.77
CA TYR M 2412 19.96 33.40 -2.11
C TYR M 2412 20.46 34.67 -2.75
N PHE M 2413 19.72 35.76 -2.59
CA PHE M 2413 20.20 37.00 -3.13
C PHE M 2413 21.54 37.37 -2.50
N GLN M 2414 21.59 37.38 -1.18
CA GLN M 2414 22.82 37.75 -0.52
C GLN M 2414 23.95 36.87 -0.97
N LEU M 2415 23.65 35.67 -1.36
CA LEU M 2415 24.70 34.72 -1.64
C LEU M 2415 25.18 34.87 -3.06
N LYS M 2416 24.27 35.17 -3.97
CA LYS M 2416 24.73 35.48 -5.31
C LYS M 2416 25.46 36.79 -5.33
N SER M 2417 25.25 37.63 -4.32
CA SER M 2417 25.99 38.88 -4.28
C SER M 2417 27.47 38.61 -4.44
N LYS M 2418 28.06 38.00 -3.45
CA LYS M 2418 29.39 37.50 -3.68
C LYS M 2418 29.30 36.37 -4.69
N ASP M 2419 30.33 36.21 -5.50
CA ASP M 2419 30.20 35.29 -6.61
C ASP M 2419 30.20 33.84 -6.14
N PHE M 2420 29.16 33.49 -5.39
CA PHE M 2420 29.05 32.15 -4.82
C PHE M 2420 29.09 31.09 -5.89
N VAL M 2421 28.50 31.36 -7.03
CA VAL M 2421 28.59 30.43 -8.13
C VAL M 2421 30.05 30.26 -8.53
N GLN M 2422 30.74 31.36 -8.76
CA GLN M 2422 32.13 31.23 -9.14
C GLN M 2422 32.97 30.75 -7.96
N VAL M 2423 32.53 31.06 -6.74
CA VAL M 2423 33.24 30.54 -5.57
C VAL M 2423 33.21 29.03 -5.55
N MET M 2424 32.08 28.45 -5.94
CA MET M 2424 31.95 27.01 -5.82
C MET M 2424 32.90 26.27 -6.74
N ARG M 2425 33.26 26.83 -7.90
CA ARG M 2425 34.02 26.11 -8.94
C ARG M 2425 35.48 25.84 -8.57
N HIS M 2426 36.00 26.46 -7.53
CA HIS M 2426 37.41 26.40 -7.16
C HIS M 2426 37.88 25.07 -6.60
N ARG M 2427 39.00 24.56 -7.09
CA ARG M 2427 39.60 23.30 -6.64
C ARG M 2427 40.31 23.51 -5.32
N ASP M 2428 39.56 23.31 -4.27
CA ASP M 2428 39.99 23.32 -2.87
C ASP M 2428 38.97 22.49 -2.11
N ASP M 2429 39.33 21.28 -1.70
CA ASP M 2429 38.35 20.28 -1.27
C ASP M 2429 37.45 20.79 -0.16
N GLU M 2430 38.02 21.40 0.88
CA GLU M 2430 37.23 21.82 2.01
C GLU M 2430 36.30 22.94 1.61
N ARG M 2431 36.75 23.87 0.79
CA ARG M 2431 35.95 24.98 0.30
C ARG M 2431 34.78 24.47 -0.50
N GLN M 2432 35.01 23.46 -1.33
CA GLN M 2432 33.93 22.86 -2.10
C GLN M 2432 32.98 22.11 -1.19
N LYS M 2433 33.47 21.34 -0.22
CA LYS M 2433 32.60 20.63 0.72
C LYS M 2433 31.69 21.58 1.45
N VAL M 2434 32.21 22.66 2.01
CA VAL M 2434 31.36 23.62 2.68
C VAL M 2434 30.42 24.29 1.70
N CYS M 2435 30.79 24.43 0.43
CA CYS M 2435 29.92 25.15 -0.48
C CYS M 2435 28.74 24.29 -0.87
N LEU M 2436 28.99 23.02 -1.15
CA LEU M 2436 27.87 22.16 -1.44
C LEU M 2436 26.99 21.98 -0.21
N ASP M 2437 27.56 22.02 0.98
CA ASP M 2437 26.69 21.91 2.13
C ASP M 2437 25.80 23.14 2.24
N ILE M 2438 26.37 24.31 2.00
CA ILE M 2438 25.57 25.52 1.92
C ILE M 2438 24.43 25.33 0.95
N ILE M 2439 24.73 24.79 -0.23
CA ILE M 2439 23.69 24.52 -1.18
C ILE M 2439 22.63 23.67 -0.52
N TYR M 2440 23.05 22.62 0.16
CA TYR M 2440 22.11 21.66 0.69
C TYR M 2440 21.13 22.32 1.60
N LYS M 2441 21.61 23.03 2.60
CA LYS M 2441 20.67 23.52 3.59
C LYS M 2441 19.72 24.54 2.99
N MET M 2442 20.20 25.36 2.08
CA MET M 2442 19.31 26.37 1.55
C MET M 2442 18.44 25.81 0.46
N MET M 2443 18.46 24.50 0.28
CA MET M 2443 17.66 23.91 -0.78
C MET M 2443 16.17 24.07 -0.56
N PRO M 2444 15.60 23.78 0.60
CA PRO M 2444 14.16 23.81 0.70
C PRO M 2444 13.59 25.18 0.51
N LYS M 2445 14.37 26.22 0.71
CA LYS M 2445 13.79 27.54 0.72
C LYS M 2445 13.91 28.27 -0.60
N LEU M 2446 14.68 27.78 -1.55
CA LEU M 2446 14.92 28.67 -2.65
C LEU M 2446 13.89 28.44 -3.75
N LYS M 2447 13.45 29.51 -4.32
CA LYS M 2447 12.48 29.46 -5.39
C LYS M 2447 13.13 28.85 -6.63
N PRO M 2448 12.33 28.23 -7.48
CA PRO M 2448 12.93 27.41 -8.53
C PRO M 2448 13.62 28.21 -9.58
N VAL M 2449 13.05 29.33 -9.99
CA VAL M 2449 13.50 30.03 -11.17
C VAL M 2449 14.99 30.29 -11.07
N GLU M 2450 15.51 30.29 -9.86
CA GLU M 2450 16.93 30.48 -9.65
C GLU M 2450 17.63 29.27 -9.11
N LEU M 2451 16.92 28.32 -8.54
CA LEU M 2451 17.56 27.04 -8.32
C LEU M 2451 18.07 26.48 -9.62
N ARG M 2452 17.48 26.85 -10.73
CA ARG M 2452 18.01 26.38 -11.99
C ARG M 2452 19.43 26.90 -12.20
N GLU M 2453 19.62 28.21 -12.06
CA GLU M 2453 20.95 28.75 -12.24
C GLU M 2453 21.88 28.21 -11.19
N LEU M 2454 21.37 27.90 -10.02
CA LEU M 2454 22.24 27.42 -8.97
C LEU M 2454 22.64 25.98 -9.17
N LEU M 2455 21.80 25.20 -9.81
CA LEU M 2455 22.17 23.82 -10.08
C LEU M 2455 23.00 23.69 -11.32
N ASN M 2456 22.96 24.69 -12.20
CA ASN M 2456 23.83 24.65 -13.36
C ASN M 2456 25.30 24.44 -13.02
N PRO M 2457 25.85 24.99 -11.97
CA PRO M 2457 27.20 24.62 -11.59
C PRO M 2457 27.26 23.45 -10.63
N VAL M 2458 26.18 23.16 -9.91
CA VAL M 2458 26.20 21.96 -9.07
C VAL M 2458 26.32 20.73 -9.94
N VAL M 2459 25.62 20.72 -11.08
CA VAL M 2459 25.69 19.55 -11.93
C VAL M 2459 27.09 19.35 -12.46
N GLU M 2460 27.93 20.38 -12.45
CA GLU M 2460 29.28 20.24 -12.96
C GLU M 2460 30.06 19.22 -12.16
N PHE M 2461 29.73 19.03 -10.91
CA PHE M 2461 30.61 18.27 -10.06
C PHE M 2461 30.46 16.78 -10.24
N VAL M 2462 29.86 16.34 -11.33
CA VAL M 2462 29.87 14.91 -11.62
C VAL M 2462 31.28 14.44 -11.89
N SER M 2463 32.10 15.26 -12.54
CA SER M 2463 33.41 14.84 -12.94
C SER M 2463 34.45 15.06 -11.87
N HIS M 2464 34.11 15.71 -10.78
CA HIS M 2464 35.11 16.07 -9.81
C HIS M 2464 35.63 14.84 -9.09
N PRO M 2465 36.86 14.86 -8.59
CA PRO M 2465 37.41 13.65 -7.99
C PRO M 2465 37.20 13.49 -6.51
N SER M 2466 36.95 14.54 -5.76
CA SER M 2466 36.91 14.35 -4.32
C SER M 2466 35.69 13.53 -3.96
N THR M 2467 35.93 12.26 -3.58
CA THR M 2467 34.81 11.35 -3.38
C THR M 2467 33.78 11.93 -2.42
N THR M 2468 34.23 12.60 -1.37
CA THR M 2468 33.28 13.21 -0.47
C THR M 2468 32.47 14.26 -1.19
N CYS M 2469 33.12 15.02 -2.06
CA CYS M 2469 32.41 16.05 -2.77
C CYS M 2469 31.32 15.44 -3.62
N ARG M 2470 31.61 14.34 -4.27
CA ARG M 2470 30.60 13.72 -5.09
C ARG M 2470 29.48 13.17 -4.25
N GLU M 2471 29.77 12.68 -3.06
CA GLU M 2471 28.69 12.21 -2.22
C GLU M 2471 27.75 13.34 -1.91
N GLN M 2472 28.30 14.50 -1.61
CA GLN M 2472 27.44 15.63 -1.33
C GLN M 2472 26.65 16.04 -2.57
N MET M 2473 27.27 15.97 -3.73
CA MET M 2473 26.53 16.21 -4.95
C MET M 2473 25.33 15.34 -5.06
N TYR M 2474 25.55 14.05 -4.93
CA TYR M 2474 24.43 13.16 -5.12
C TYR M 2474 23.38 13.41 -4.07
N ASN M 2475 23.77 13.84 -2.89
CA ASN M 2475 22.75 14.18 -1.93
C ASN M 2475 21.92 15.34 -2.43
N ILE M 2476 22.57 16.36 -2.97
CA ILE M 2476 21.82 17.50 -3.49
C ILE M 2476 20.83 17.05 -4.52
N LEU M 2477 21.29 16.21 -5.44
CA LEU M 2477 20.44 15.85 -6.54
C LEU M 2477 19.37 14.87 -6.12
N MET M 2478 19.66 14.01 -5.15
CA MET M 2478 18.61 13.23 -4.53
C MET M 2478 17.50 14.13 -4.07
N TRP M 2479 17.85 15.18 -3.33
CA TRP M 2479 16.77 15.97 -2.78
C TRP M 2479 15.99 16.64 -3.89
N ILE M 2480 16.69 17.12 -4.90
CA ILE M 2480 16.00 17.75 -6.02
C ILE M 2480 14.97 16.77 -6.56
N HIS M 2481 15.42 15.55 -6.81
CA HIS M 2481 14.54 14.60 -7.49
C HIS M 2481 13.38 14.25 -6.61
N ASP M 2482 13.62 14.08 -5.33
CA ASP M 2482 12.55 13.63 -4.47
C ASP M 2482 11.48 14.70 -4.38
N ASN M 2483 11.88 15.95 -4.24
CA ASN M 2483 10.88 16.96 -3.92
C ASN M 2483 10.32 17.67 -5.13
N TYR M 2484 10.81 17.41 -6.34
CA TYR M 2484 10.24 18.09 -7.48
C TYR M 2484 9.58 17.15 -8.47
N ARG M 2485 9.50 15.86 -8.17
CA ARG M 2485 8.86 14.93 -9.09
C ARG M 2485 7.41 15.31 -9.29
N ASP M 2486 7.03 15.42 -10.56
CA ASP M 2486 5.65 15.75 -10.92
C ASP M 2486 5.19 16.99 -10.18
N PRO M 2487 5.69 18.17 -10.56
CA PRO M 2487 5.33 19.40 -9.82
C PRO M 2487 3.83 19.69 -9.92
N GLU M 2488 3.35 20.44 -8.92
CA GLU M 2488 1.93 20.75 -8.84
C GLU M 2488 1.44 21.50 -10.08
N SER M 2489 2.34 22.24 -10.74
CA SER M 2489 1.99 22.95 -11.96
C SER M 2489 3.03 22.67 -13.03
N GLU M 2490 2.55 22.33 -14.22
CA GLU M 2490 3.44 22.11 -15.35
C GLU M 2490 3.95 23.40 -15.96
N THR M 2491 3.26 24.52 -15.70
CA THR M 2491 3.62 25.79 -16.35
C THR M 2491 5.04 26.20 -16.05
N ASP M 2492 5.55 25.86 -14.87
CA ASP M 2492 6.88 26.32 -14.49
C ASP M 2492 7.89 25.50 -15.27
N ASN M 2493 8.15 25.94 -16.50
CA ASN M 2493 9.13 25.24 -17.32
C ASN M 2493 10.46 25.19 -16.60
N ASP M 2494 10.70 26.13 -15.71
CA ASP M 2494 11.88 26.03 -14.86
C ASP M 2494 11.84 24.76 -14.05
N SER M 2495 10.70 24.44 -13.45
CA SER M 2495 10.64 23.24 -12.62
C SER M 2495 10.90 22.00 -13.46
N GLN M 2496 10.29 21.94 -14.63
CA GLN M 2496 10.46 20.78 -15.49
C GLN M 2496 11.92 20.62 -15.87
N GLU M 2497 12.58 21.71 -16.24
CA GLU M 2497 13.96 21.60 -16.65
C GLU M 2497 14.82 21.15 -15.49
N ILE M 2498 14.56 21.68 -14.30
CA ILE M 2498 15.33 21.26 -13.15
C ILE M 2498 15.18 19.77 -12.95
N PHE M 2499 13.97 19.26 -13.06
CA PHE M 2499 13.78 17.84 -12.87
C PHE M 2499 14.54 17.05 -13.91
N LYS M 2500 14.51 17.51 -15.15
CA LYS M 2500 15.19 16.77 -16.20
C LYS M 2500 16.68 16.72 -15.93
N LEU M 2501 17.27 17.86 -15.60
CA LEU M 2501 18.71 17.88 -15.42
C LEU M 2501 19.11 17.05 -14.23
N ALA M 2502 18.34 17.13 -13.16
CA ALA M 2502 18.63 16.35 -12.00
C ALA M 2502 18.57 14.88 -12.33
N LYS M 2503 17.55 14.48 -13.05
CA LYS M 2503 17.44 13.07 -13.38
C LYS M 2503 18.62 12.65 -14.21
N ASP M 2504 19.01 13.46 -15.16
CA ASP M 2504 20.08 13.04 -16.05
C ASP M 2504 21.36 12.82 -15.28
N VAL M 2505 21.72 13.77 -14.42
CA VAL M 2505 22.97 13.58 -13.70
C VAL M 2505 22.85 12.44 -12.71
N LEU M 2506 21.67 12.26 -12.13
CA LEU M 2506 21.59 11.22 -11.12
C LEU M 2506 21.66 9.87 -11.78
N ILE M 2507 21.10 9.73 -12.97
CA ILE M 2507 21.30 8.52 -13.74
C ILE M 2507 22.76 8.35 -14.07
N GLN M 2508 23.40 9.42 -14.54
CA GLN M 2508 24.80 9.35 -14.89
C GLN M 2508 25.62 8.83 -13.76
N GLY M 2509 25.19 9.08 -12.54
CA GLY M 2509 25.95 8.57 -11.44
C GLY M 2509 25.90 7.08 -11.30
N LEU M 2510 24.98 6.43 -11.95
CA LEU M 2510 24.80 5.02 -11.67
C LEU M 2510 25.97 4.17 -12.10
N ILE M 2511 27.05 4.78 -12.58
CA ILE M 2511 28.18 4.06 -13.12
C ILE M 2511 29.44 4.61 -12.49
N ASP M 2512 29.27 5.41 -11.44
CA ASP M 2512 30.36 6.22 -10.94
C ASP M 2512 31.53 5.34 -10.52
N GLU M 2513 32.71 5.94 -10.49
CA GLU M 2513 33.91 5.14 -10.34
C GLU M 2513 34.00 4.51 -8.96
N ASN M 2514 33.78 5.27 -7.94
CA ASN M 2514 33.86 4.73 -6.61
C ASN M 2514 32.78 3.68 -6.43
N PRO M 2515 33.12 2.48 -5.97
CA PRO M 2515 32.08 1.51 -5.67
C PRO M 2515 31.12 1.96 -4.60
N GLY M 2516 31.59 2.75 -3.65
CA GLY M 2516 30.69 3.17 -2.59
C GLY M 2516 29.54 4.00 -3.09
N LEU M 2517 29.84 5.07 -3.82
CA LEU M 2517 28.77 5.87 -4.37
C LEU M 2517 27.95 5.07 -5.35
N GLN M 2518 28.56 4.09 -6.00
CA GLN M 2518 27.79 3.22 -6.86
C GLN M 2518 26.68 2.57 -6.06
N LEU M 2519 27.03 1.95 -4.95
CA LEU M 2519 26.02 1.28 -4.16
C LEU M 2519 25.01 2.27 -3.65
N ILE M 2520 25.45 3.46 -3.26
CA ILE M 2520 24.53 4.41 -2.65
C ILE M 2520 23.51 4.90 -3.66
N ILE M 2521 23.96 5.26 -4.85
CA ILE M 2521 23.02 5.72 -5.85
C ILE M 2521 22.11 4.61 -6.30
N ARG M 2522 22.63 3.40 -6.44
CA ARG M 2522 21.75 2.32 -6.86
C ARG M 2522 20.69 2.07 -5.81
N ASN M 2523 21.10 2.03 -4.55
CA ASN M 2523 20.12 1.83 -3.50
C ASN M 2523 19.11 2.95 -3.50
N PHE M 2524 19.53 4.17 -3.84
CA PHE M 2524 18.56 5.22 -4.08
C PHE M 2524 17.52 4.80 -5.07
N TRP M 2525 17.98 4.45 -6.26
CA TRP M 2525 17.04 4.22 -7.33
C TRP M 2525 16.19 2.99 -7.13
N SER M 2526 16.52 2.14 -6.16
CA SER M 2526 15.73 0.95 -5.93
C SER M 2526 14.79 1.05 -4.73
N HIS M 2527 14.78 2.17 -4.02
CA HIS M 2527 13.84 2.32 -2.92
C HIS M 2527 12.42 2.38 -3.46
N GLU M 2528 11.47 2.06 -2.60
CA GLU M 2528 10.13 1.71 -3.08
C GLU M 2528 9.49 2.86 -3.82
N THR M 2529 9.64 4.08 -3.32
CA THR M 2529 8.85 5.14 -3.90
C THR M 2529 9.45 5.71 -5.18
N ARG M 2530 10.58 5.18 -5.65
CA ARG M 2530 11.21 5.76 -6.84
C ARG M 2530 10.86 4.99 -8.10
N LEU M 2531 11.18 3.73 -8.13
CA LEU M 2531 10.69 2.80 -9.13
C LEU M 2531 9.63 1.93 -8.50
N PRO M 2532 8.55 1.66 -9.21
CA PRO M 2532 7.45 0.89 -8.63
C PRO M 2532 7.90 -0.49 -8.21
N SER M 2533 7.03 -1.16 -7.44
CA SER M 2533 7.44 -2.32 -6.67
C SER M 2533 7.08 -3.64 -7.31
N ASN M 2534 6.00 -3.70 -8.11
CA ASN M 2534 5.69 -4.89 -8.89
C ASN M 2534 6.61 -5.00 -10.09
N THR M 2535 6.47 -6.07 -10.87
CA THR M 2535 7.36 -6.32 -11.97
C THR M 2535 7.06 -5.44 -13.16
N LEU M 2536 5.89 -5.59 -13.76
CA LEU M 2536 5.63 -4.89 -15.01
C LEU M 2536 5.81 -3.40 -14.87
N ASP M 2537 5.40 -2.82 -13.76
CA ASP M 2537 5.64 -1.39 -13.60
C ASP M 2537 7.13 -1.12 -13.52
N ARG M 2538 7.94 -2.05 -12.99
CA ARG M 2538 9.38 -1.86 -13.06
C ARG M 2538 9.87 -1.89 -14.49
N LEU M 2539 9.43 -2.89 -15.25
CA LEU M 2539 9.97 -3.05 -16.60
C LEU M 2539 9.63 -1.86 -17.44
N LEU M 2540 8.44 -1.31 -17.28
CA LEU M 2540 8.15 -0.09 -18.01
C LEU M 2540 8.94 1.08 -17.46
N ALA M 2541 9.32 1.04 -16.19
CA ALA M 2541 10.03 2.18 -15.64
C ALA M 2541 11.47 2.23 -16.13
N LEU M 2542 12.16 1.09 -16.14
CA LEU M 2542 13.58 1.11 -16.45
C LEU M 2542 13.89 1.73 -17.78
N ASN M 2543 12.94 1.72 -18.70
CA ASN M 2543 13.18 2.43 -19.94
C ASN M 2543 13.49 3.89 -19.67
N SER M 2544 12.93 4.44 -18.60
CA SER M 2544 13.21 5.83 -18.28
C SER M 2544 14.54 5.98 -17.59
N LEU M 2545 15.10 4.94 -17.05
CA LEU M 2545 16.34 5.00 -16.31
C LEU M 2545 17.52 5.02 -17.21
N TYR M 2546 17.36 5.42 -18.45
CA TYR M 2546 18.43 5.31 -19.41
C TYR M 2546 18.81 6.67 -19.94
N SER M 2547 20.08 6.81 -20.24
CA SER M 2547 20.63 7.98 -20.91
C SER M 2547 21.64 7.44 -21.88
N PRO M 2548 22.06 8.23 -22.84
CA PRO M 2548 23.09 7.75 -23.75
C PRO M 2548 24.35 7.30 -23.04
N LYS M 2549 24.74 7.96 -21.96
CA LYS M 2549 26.05 7.67 -21.45
C LYS M 2549 26.08 6.46 -20.56
N ILE M 2550 24.94 6.01 -20.10
CA ILE M 2550 24.90 4.92 -19.14
C ILE M 2550 24.89 3.64 -19.93
N GLU M 2551 25.01 3.76 -21.24
CA GLU M 2551 24.78 2.67 -22.17
C GLU M 2551 25.54 1.41 -21.81
N VAL M 2552 26.86 1.43 -21.98
CA VAL M 2552 27.67 0.23 -21.90
C VAL M 2552 27.37 -0.59 -20.67
N HIS M 2553 26.76 0.00 -19.67
CA HIS M 2553 26.35 -0.73 -18.50
C HIS M 2553 24.85 -0.89 -18.38
N PHE M 2554 24.07 -0.18 -19.18
CA PHE M 2554 22.64 -0.13 -18.94
C PHE M 2554 22.03 -1.50 -18.85
N LEU M 2555 22.53 -2.44 -19.63
CA LEU M 2555 21.98 -3.76 -19.55
C LEU M 2555 22.20 -4.34 -18.18
N SER M 2556 23.43 -4.26 -17.71
CA SER M 2556 23.70 -4.83 -16.40
C SER M 2556 22.87 -4.13 -15.35
N LEU M 2557 22.69 -2.84 -15.51
CA LEU M 2557 21.97 -2.10 -14.49
C LEU M 2557 20.52 -2.51 -14.45
N ALA M 2558 19.91 -2.68 -15.62
CA ALA M 2558 18.53 -3.12 -15.64
C ALA M 2558 18.41 -4.49 -15.00
N THR M 2559 19.32 -5.38 -15.34
CA THR M 2559 19.23 -6.73 -14.79
C THR M 2559 19.33 -6.67 -13.29
N ASN M 2560 20.25 -5.86 -12.79
CA ASN M 2560 20.45 -5.79 -11.36
C ASN M 2560 19.22 -5.28 -10.68
N PHE M 2561 18.59 -4.26 -11.23
CA PHE M 2561 17.38 -3.73 -10.62
C PHE M 2561 16.29 -4.79 -10.57
N LEU M 2562 16.03 -5.43 -11.71
CA LEU M 2562 14.95 -6.41 -11.74
C LEU M 2562 15.20 -7.51 -10.74
N LEU M 2563 16.39 -8.08 -10.76
CA LEU M 2563 16.60 -9.21 -9.88
C LEU M 2563 16.61 -8.80 -8.43
N GLU M 2564 17.14 -7.63 -8.11
CA GLU M 2564 17.16 -7.29 -6.71
C GLU M 2564 15.78 -6.95 -6.21
N MET M 2565 14.84 -6.66 -7.09
CA MET M 2565 13.47 -6.74 -6.61
C MET M 2565 12.99 -8.17 -6.49
N THR M 2566 13.51 -9.07 -7.31
CA THR M 2566 13.21 -10.47 -7.05
C THR M 2566 13.66 -10.84 -5.65
N SER M 2567 14.63 -10.11 -5.14
CA SER M 2567 15.32 -10.56 -3.94
C SER M 2567 14.44 -10.61 -2.71
N MET M 2568 13.31 -9.94 -2.69
CA MET M 2568 12.53 -9.84 -1.47
C MET M 2568 11.25 -10.64 -1.59
N SER M 2569 11.17 -11.49 -2.58
CA SER M 2569 10.03 -12.36 -2.76
C SER M 2569 10.13 -13.57 -1.85
N PRO M 2570 9.01 -14.23 -1.52
CA PRO M 2570 9.04 -15.26 -0.50
C PRO M 2570 9.76 -16.52 -0.89
N ASP M 2571 9.94 -16.82 -2.15
CA ASP M 2571 10.63 -18.06 -2.43
C ASP M 2571 12.13 -17.92 -2.37
N TYR M 2572 12.63 -16.71 -2.17
CA TYR M 2572 14.07 -16.46 -2.20
C TYR M 2572 14.91 -17.35 -1.30
N PRO M 2573 14.57 -17.62 -0.08
CA PRO M 2573 15.42 -18.52 0.70
C PRO M 2573 14.92 -19.96 0.66
N ASN M 2574 13.74 -20.17 0.13
CA ASN M 2574 13.21 -21.52 0.06
C ASN M 2574 14.02 -22.32 -0.93
N PRO M 2575 14.61 -23.44 -0.51
CA PRO M 2575 15.52 -24.17 -1.39
C PRO M 2575 14.86 -24.66 -2.67
N MET M 2576 15.63 -24.59 -3.76
CA MET M 2576 15.09 -24.72 -5.10
C MET M 2576 14.51 -26.09 -5.36
N PHE M 2577 15.05 -27.12 -4.72
CA PHE M 2577 14.59 -28.47 -4.94
C PHE M 2577 14.34 -29.07 -3.58
N GLU M 2578 13.16 -29.65 -3.39
CA GLU M 2578 12.74 -30.00 -2.04
C GLU M 2578 13.63 -31.06 -1.41
N HIS M 2579 14.04 -32.07 -2.17
CA HIS M 2579 14.75 -33.08 -1.42
C HIS M 2579 16.17 -33.26 -1.92
N PRO M 2580 17.10 -33.56 -1.06
CA PRO M 2580 18.41 -33.98 -1.54
C PRO M 2580 18.30 -35.27 -2.30
N LEU M 2581 19.39 -35.76 -2.85
CA LEU M 2581 19.34 -36.94 -3.70
C LEU M 2581 19.95 -38.16 -3.05
N SER M 2582 20.10 -38.15 -1.74
CA SER M 2582 20.62 -39.30 -1.03
C SER M 2582 20.41 -39.07 0.45
N GLU M 2583 21.09 -39.86 1.25
CA GLU M 2583 21.18 -39.65 2.68
C GLU M 2583 22.53 -39.09 3.09
N CYS M 2584 23.38 -38.75 2.12
CA CYS M 2584 24.76 -38.42 2.44
C CYS M 2584 24.83 -37.21 3.35
N GLU M 2585 25.79 -37.23 4.26
CA GLU M 2585 25.95 -36.13 5.19
C GLU M 2585 26.60 -34.96 4.46
N PHE M 2586 26.14 -33.75 4.75
CA PHE M 2586 26.60 -32.56 4.06
C PHE M 2586 27.34 -31.66 5.02
N GLN M 2587 28.54 -31.28 4.65
CA GLN M 2587 29.37 -30.36 5.42
C GLN M 2587 29.49 -29.07 4.64
N GLU M 2588 30.06 -28.05 5.28
CA GLU M 2588 30.33 -26.79 4.61
C GLU M 2588 31.82 -26.54 4.66
N TYR M 2589 32.41 -26.11 3.55
CA TYR M 2589 33.80 -25.73 3.59
C TYR M 2589 33.95 -24.41 2.87
N THR M 2590 34.80 -23.53 3.38
CA THR M 2590 35.13 -22.27 2.73
C THR M 2590 36.30 -22.46 1.77
N ILE M 2591 36.38 -21.66 0.71
CA ILE M 2591 37.46 -21.69 -0.29
C ILE M 2591 38.45 -20.56 0.02
N ASP M 2592 39.74 -20.86 -0.02
CA ASP M 2592 40.76 -20.01 0.60
C ASP M 2592 40.90 -18.64 -0.08
N SER M 2593 41.24 -18.61 -1.38
CA SER M 2593 41.20 -17.42 -2.24
C SER M 2593 42.00 -16.26 -1.66
N ASP M 2594 43.27 -16.49 -1.35
CA ASP M 2594 44.05 -15.46 -0.68
C ASP M 2594 45.01 -14.77 -1.66
N TRP M 2595 44.43 -14.05 -2.61
CA TRP M 2595 45.18 -13.37 -3.64
C TRP M 2595 46.37 -14.21 -4.09
N ARG M 2596 46.07 -15.42 -4.57
CA ARG M 2596 47.07 -16.36 -5.07
C ARG M 2596 46.45 -17.29 -6.11
N PHE M 2597 47.21 -17.60 -7.13
CA PHE M 2597 46.80 -18.54 -8.16
C PHE M 2597 47.54 -19.85 -7.94
N ARG M 2598 47.49 -20.73 -8.94
CA ARG M 2598 47.85 -22.11 -8.67
C ARG M 2598 49.26 -22.49 -9.09
N SER M 2599 49.85 -21.81 -10.06
CA SER M 2599 51.19 -22.17 -10.50
C SER M 2599 52.24 -21.24 -9.93
N THR M 2600 52.20 -20.96 -8.63
CA THR M 2600 53.00 -19.89 -8.08
C THR M 2600 53.97 -20.28 -6.98
N VAL M 2601 53.75 -21.37 -6.27
CA VAL M 2601 54.65 -21.78 -5.20
C VAL M 2601 55.45 -22.97 -5.69
N LEU M 2602 56.76 -22.89 -5.59
CA LEU M 2602 57.57 -23.88 -6.27
C LEU M 2602 57.37 -25.21 -5.56
N THR M 2603 57.61 -26.30 -6.28
CA THR M 2603 56.87 -27.52 -5.96
C THR M 2603 57.19 -28.09 -4.58
N PRO M 2604 58.34 -28.71 -4.32
CA PRO M 2604 58.46 -29.46 -3.06
C PRO M 2604 58.92 -28.68 -1.83
N MET M 2605 58.75 -27.37 -1.73
CA MET M 2605 59.01 -26.79 -0.42
C MET M 2605 57.95 -27.18 0.58
N GLY M 2721 36.61 -0.71 31.03
CA GLY M 2721 37.36 0.35 30.36
C GLY M 2721 38.47 0.92 31.22
N ARG M 2722 38.46 0.56 32.51
CA ARG M 2722 39.48 1.05 33.43
C ARG M 2722 40.85 0.46 33.17
N THR M 2723 40.95 -0.55 32.32
CA THR M 2723 42.24 -0.87 31.71
C THR M 2723 42.74 0.30 30.90
N ASP M 2724 41.91 0.77 29.96
CA ASP M 2724 42.36 1.74 28.98
C ASP M 2724 42.98 2.96 29.64
N LEU M 2725 42.53 3.28 30.87
CA LEU M 2725 43.13 4.35 31.61
C LEU M 2725 44.57 4.05 31.95
N LEU M 2726 44.98 2.79 31.91
CA LEU M 2726 46.33 2.49 32.32
C LEU M 2726 47.35 3.09 31.38
N ARG M 2727 46.98 3.27 30.11
CA ARG M 2727 48.00 3.69 29.16
C ARG M 2727 48.55 5.07 29.44
N LEU M 2728 48.16 5.69 30.54
CA LEU M 2728 48.72 7.01 30.79
C LEU M 2728 50.09 6.91 31.43
N ARG M 2729 50.54 5.71 31.75
CA ARG M 2729 51.85 5.53 32.36
C ARG M 2729 52.95 5.55 31.30
N ARG M 2730 53.38 6.74 30.93
CA ARG M 2730 54.35 6.90 29.86
C ARG M 2730 55.38 7.95 30.25
N ARG M 2731 56.59 7.78 29.76
CA ARG M 2731 57.54 8.87 29.80
C ARG M 2731 57.70 9.45 28.42
N PHE M 2732 58.70 10.30 28.26
CA PHE M 2732 58.92 10.92 26.97
C PHE M 2732 60.42 11.16 26.79
N MET M 2733 60.94 10.78 25.63
CA MET M 2733 62.34 11.02 25.35
C MET M 2733 62.60 12.51 25.46
N ARG M 2734 63.72 12.87 26.06
CA ARG M 2734 63.98 14.29 26.25
C ARG M 2734 64.85 14.89 25.17
N ASP M 2735 65.69 14.09 24.53
CA ASP M 2735 66.67 14.61 23.59
C ASP M 2735 66.05 14.66 22.20
N GLN M 2736 65.63 15.84 21.79
CA GLN M 2736 64.96 15.98 20.52
C GLN M 2736 65.79 15.45 19.38
N GLU M 2737 67.11 15.45 19.51
CA GLU M 2737 67.92 14.81 18.49
C GLU M 2737 67.63 13.33 18.42
N LYS M 2738 67.62 12.65 19.57
CA LYS M 2738 67.39 11.22 19.55
C LYS M 2738 66.02 10.90 19.00
N LEU M 2739 65.02 11.65 19.44
CA LEU M 2739 63.66 11.42 18.96
C LEU M 2739 63.59 11.67 17.47
N SER M 2740 64.28 12.68 17.00
CA SER M 2740 64.25 12.99 15.58
C SER M 2740 64.81 11.83 14.79
N LEU M 2741 65.93 11.29 15.24
CA LEU M 2741 66.48 10.14 14.53
C LEU M 2741 65.52 8.98 14.59
N MET M 2742 64.79 8.85 15.69
CA MET M 2742 63.87 7.73 15.79
C MET M 2742 62.80 7.84 14.73
N TYR M 2743 62.14 8.99 14.64
CA TYR M 2743 61.18 9.11 13.56
C TYR M 2743 61.83 9.07 12.20
N ALA M 2744 63.10 9.39 12.10
CA ALA M 2744 63.71 9.34 10.78
C ALA M 2744 63.79 7.90 10.29
N ARG M 2745 64.32 7.03 11.12
CA ARG M 2745 64.35 5.63 10.75
C ARG M 2745 62.94 5.11 10.56
N LYS M 2746 62.03 5.49 11.45
CA LYS M 2746 60.65 5.06 11.30
C LYS M 2746 60.14 5.43 9.94
N GLY M 2747 60.39 6.66 9.53
CA GLY M 2747 59.91 7.12 8.24
C GLY M 2747 60.53 6.36 7.08
N VAL M 2748 61.80 6.00 7.17
CA VAL M 2748 62.31 5.25 6.04
C VAL M 2748 61.67 3.88 6.03
N ALA M 2749 61.31 3.38 7.20
CA ALA M 2749 60.56 2.14 7.24
C ALA M 2749 59.23 2.27 6.51
N GLU M 2750 58.49 3.34 6.77
CA GLU M 2750 57.26 3.45 5.98
C GLU M 2750 57.54 3.81 4.53
N GLN M 2751 58.66 4.41 4.21
CA GLN M 2751 58.99 4.63 2.81
C GLN M 2751 59.17 3.31 2.08
N LYS M 2752 59.81 2.33 2.71
CA LYS M 2752 59.91 1.01 2.10
C LYS M 2752 58.60 0.24 2.15
N ARG M 2753 57.85 0.38 3.24
CA ARG M 2753 56.57 -0.30 3.36
C ARG M 2753 55.61 0.18 2.30
N GLU M 2754 55.55 1.47 2.06
CA GLU M 2754 54.71 1.99 1.00
C GLU M 2754 55.19 1.49 -0.35
N LYS M 2755 56.51 1.39 -0.54
CA LYS M 2755 57.01 0.91 -1.82
C LYS M 2755 56.52 -0.49 -2.10
N GLU M 2756 56.68 -1.38 -1.11
CA GLU M 2756 56.23 -2.73 -1.35
C GLU M 2756 54.73 -2.82 -1.43
N ILE M 2757 54.01 -2.02 -0.65
CA ILE M 2757 52.55 -2.13 -0.70
C ILE M 2757 52.04 -1.61 -2.01
N LYS M 2758 52.71 -0.62 -2.60
CA LYS M 2758 52.34 -0.18 -3.93
C LYS M 2758 52.65 -1.24 -4.96
N SER M 2759 53.75 -1.96 -4.77
CA SER M 2759 54.04 -3.05 -5.68
C SER M 2759 53.01 -4.16 -5.59
N GLU M 2760 52.54 -4.47 -4.40
CA GLU M 2760 51.63 -5.58 -4.22
C GLU M 2760 50.18 -5.23 -4.50
N LEU M 2761 49.81 -3.96 -4.37
CA LEU M 2761 48.42 -3.60 -4.56
C LEU M 2761 47.99 -3.77 -6.00
N LYS M 2762 48.91 -3.74 -6.95
CA LYS M 2762 48.52 -4.01 -8.32
C LYS M 2762 48.04 -5.44 -8.46
N MET M 2763 48.84 -6.39 -7.98
CA MET M 2763 48.41 -7.78 -8.01
C MET M 2763 47.14 -7.95 -7.22
N LYS M 2764 47.01 -7.24 -6.13
CA LYS M 2764 45.84 -7.43 -5.29
C LYS M 2764 44.60 -6.87 -5.94
N GLN M 2765 44.73 -5.82 -6.72
CA GLN M 2765 43.58 -5.34 -7.46
C GLN M 2765 43.20 -6.31 -8.54
N ASP M 2766 44.20 -6.92 -9.17
CA ASP M 2766 43.89 -7.91 -10.18
C ASP M 2766 43.14 -9.08 -9.58
N ALA M 2767 43.68 -9.65 -8.52
CA ALA M 2767 43.29 -11.00 -8.17
C ALA M 2767 42.21 -11.05 -7.11
N GLN M 2768 41.70 -9.92 -6.67
CA GLN M 2768 40.72 -9.97 -5.59
C GLN M 2768 39.45 -10.60 -6.11
N VAL M 2769 39.04 -11.72 -5.52
CA VAL M 2769 37.84 -12.41 -5.94
C VAL M 2769 36.97 -12.62 -4.71
N VAL M 2770 35.70 -12.28 -4.83
CA VAL M 2770 34.73 -12.49 -3.76
C VAL M 2770 33.72 -13.53 -4.20
N LEU M 2771 33.56 -14.57 -3.40
CA LEU M 2771 32.62 -15.60 -3.77
C LEU M 2771 31.22 -15.07 -3.56
N TYR M 2772 30.22 -15.92 -3.76
CA TYR M 2772 28.87 -15.45 -3.55
C TYR M 2772 27.94 -16.43 -2.88
N ARG M 2773 28.36 -17.65 -2.57
CA ARG M 2773 27.41 -18.56 -1.95
C ARG M 2773 28.13 -19.45 -0.95
N SER M 2774 27.48 -20.53 -0.55
CA SER M 2774 27.93 -21.27 0.61
C SER M 2774 28.87 -22.41 0.28
N TYR M 2775 28.55 -23.20 -0.74
CA TYR M 2775 29.37 -24.33 -1.14
C TYR M 2775 29.43 -25.41 -0.08
N ARG M 2776 28.26 -25.90 0.31
CA ARG M 2776 28.24 -27.03 1.23
C ARG M 2776 28.86 -28.24 0.54
N HIS M 2777 29.65 -28.99 1.28
CA HIS M 2777 30.22 -30.21 0.73
C HIS M 2777 29.51 -31.43 1.25
N GLY M 2778 29.38 -32.42 0.38
CA GLY M 2778 28.85 -33.72 0.74
C GLY M 2778 29.44 -34.74 -0.19
N ASP M 2779 29.34 -36.00 0.21
CA ASP M 2779 29.92 -37.04 -0.59
C ASP M 2779 29.19 -37.15 -1.92
N LEU M 2780 28.01 -36.55 -2.01
CA LEU M 2780 27.27 -36.45 -3.25
C LEU M 2780 27.11 -34.98 -3.61
N PRO M 2781 26.62 -34.65 -4.80
CA PRO M 2781 26.28 -33.25 -5.07
C PRO M 2781 25.24 -32.74 -4.11
N ASP M 2782 25.38 -31.47 -3.74
CA ASP M 2782 24.45 -30.80 -2.85
C ASP M 2782 23.40 -30.02 -3.63
N ILE M 2783 22.48 -30.80 -4.19
CA ILE M 2783 21.43 -30.24 -5.03
C ILE M 2783 20.64 -29.20 -4.27
N GLN M 2784 20.49 -29.39 -2.98
CA GLN M 2784 19.55 -28.55 -2.26
C GLN M 2784 20.14 -27.18 -2.04
N ILE M 2785 20.17 -26.37 -3.07
CA ILE M 2785 20.73 -25.03 -2.97
C ILE M 2785 19.58 -24.04 -2.89
N LYS M 2786 19.78 -23.01 -2.09
CA LYS M 2786 18.76 -21.99 -1.94
C LYS M 2786 18.61 -21.22 -3.24
N HIS M 2787 17.40 -20.72 -3.48
CA HIS M 2787 17.15 -19.97 -4.70
C HIS M 2787 18.15 -18.85 -4.85
N SER M 2788 18.54 -18.23 -3.75
CA SER M 2788 19.57 -17.22 -3.81
C SER M 2788 20.78 -17.75 -4.52
N SER M 2789 21.14 -18.98 -4.22
CA SER M 2789 22.40 -19.50 -4.69
C SER M 2789 22.49 -19.55 -6.20
N LEU M 2790 21.45 -19.16 -6.89
CA LEU M 2790 21.51 -19.09 -8.33
C LEU M 2790 21.13 -17.75 -8.88
N ILE M 2791 20.14 -17.07 -8.32
CA ILE M 2791 19.85 -15.77 -8.87
C ILE M 2791 20.90 -14.76 -8.47
N THR M 2792 21.59 -14.96 -7.38
CA THR M 2792 22.60 -13.94 -7.12
C THR M 2792 23.81 -14.13 -8.01
N PRO M 2793 24.37 -15.33 -8.15
CA PRO M 2793 25.49 -15.46 -9.06
C PRO M 2793 25.16 -15.01 -10.45
N LEU M 2794 23.96 -15.32 -10.91
CA LEU M 2794 23.61 -14.95 -12.27
C LEU M 2794 23.71 -13.46 -12.44
N GLN M 2795 23.24 -12.71 -11.45
CA GLN M 2795 23.37 -11.27 -11.52
C GLN M 2795 24.83 -10.88 -11.51
N ALA M 2796 25.64 -11.58 -10.74
CA ALA M 2796 27.04 -11.19 -10.69
C ALA M 2796 27.66 -11.29 -12.07
N VAL M 2797 27.45 -12.41 -12.72
CA VAL M 2797 28.01 -12.57 -14.04
C VAL M 2797 27.43 -11.52 -14.97
N ALA M 2798 26.14 -11.27 -14.86
CA ALA M 2798 25.55 -10.30 -15.76
C ALA M 2798 26.21 -8.95 -15.59
N GLN M 2799 26.51 -8.60 -14.35
CA GLN M 2799 27.13 -7.31 -14.10
C GLN M 2799 28.48 -7.27 -14.75
N ARG M 2800 29.21 -8.35 -14.68
CA ARG M 2800 30.58 -8.27 -15.11
C ARG M 2800 30.80 -8.50 -16.59
N ASP M 2801 29.89 -9.16 -17.30
CA ASP M 2801 30.14 -9.36 -18.73
C ASP M 2801 28.87 -9.12 -19.51
N PRO M 2802 28.94 -8.48 -20.62
CA PRO M 2802 27.74 -7.94 -21.21
C PRO M 2802 27.01 -8.88 -22.12
N ILE M 2803 27.65 -9.92 -22.62
CA ILE M 2803 26.87 -10.79 -23.48
C ILE M 2803 25.93 -11.64 -22.65
N ILE M 2804 26.38 -12.09 -21.49
CA ILE M 2804 25.46 -12.74 -20.59
C ILE M 2804 24.42 -11.75 -20.15
N ALA M 2805 24.78 -10.48 -20.10
CA ALA M 2805 23.77 -9.51 -19.79
C ALA M 2805 22.69 -9.52 -20.86
N LYS M 2806 23.08 -9.56 -22.11
CA LYS M 2806 22.09 -9.56 -23.16
C LYS M 2806 21.18 -10.76 -23.03
N GLN M 2807 21.77 -11.93 -22.83
CA GLN M 2807 20.93 -13.10 -22.73
C GLN M 2807 20.00 -13.00 -21.53
N LEU M 2808 20.50 -12.53 -20.41
CA LEU M 2808 19.66 -12.50 -19.22
C LEU M 2808 18.55 -11.51 -19.37
N PHE M 2809 18.89 -10.30 -19.78
CA PHE M 2809 17.86 -9.29 -19.94
C PHE M 2809 16.87 -9.71 -20.98
N SER M 2810 17.33 -10.30 -22.06
CA SER M 2810 16.41 -10.73 -23.09
C SER M 2810 15.48 -11.79 -22.56
N SER M 2811 16.03 -12.79 -21.91
CA SER M 2811 15.18 -13.85 -21.40
C SER M 2811 14.20 -13.29 -20.40
N LEU M 2812 14.65 -12.39 -19.53
CA LEU M 2812 13.79 -11.99 -18.44
C LEU M 2812 12.73 -11.05 -18.93
N PHE M 2813 13.09 -10.19 -19.88
CA PHE M 2813 12.11 -9.34 -20.50
C PHE M 2813 11.07 -10.16 -21.23
N SER M 2814 11.51 -11.19 -21.93
CA SER M 2814 10.56 -12.04 -22.62
C SER M 2814 9.64 -12.67 -21.62
N GLY M 2815 10.17 -13.13 -20.51
CA GLY M 2815 9.34 -13.79 -19.54
C GLY M 2815 8.32 -12.86 -18.95
N ILE M 2816 8.74 -11.66 -18.56
CA ILE M 2816 7.80 -10.75 -17.95
C ILE M 2816 6.71 -10.39 -18.93
N LEU M 2817 7.11 -10.02 -20.13
CA LEU M 2817 6.11 -9.60 -21.08
C LEU M 2817 5.29 -10.76 -21.59
N LYS M 2818 5.69 -11.98 -21.30
CA LYS M 2818 4.84 -13.09 -21.69
C LYS M 2818 3.87 -13.46 -20.60
N GLU M 2819 4.30 -13.36 -19.37
CA GLU M 2819 3.39 -13.64 -18.29
C GLU M 2819 2.45 -12.48 -18.05
N MET M 2820 2.67 -11.35 -18.71
CA MET M 2820 1.72 -10.26 -18.53
C MET M 2820 0.32 -10.65 -18.94
N ASP M 2821 0.18 -11.65 -19.81
CA ASP M 2821 -1.13 -12.04 -20.30
C ASP M 2821 -2.06 -12.40 -19.16
N LYS M 2822 -1.61 -13.25 -18.27
CA LYS M 2822 -2.46 -13.72 -17.20
C LYS M 2822 -2.87 -12.62 -16.23
N PHE M 2823 -2.62 -11.37 -16.54
CA PHE M 2823 -2.89 -10.33 -15.55
C PHE M 2823 -3.66 -9.13 -16.06
N LYS M 2824 -3.53 -8.76 -17.32
CA LYS M 2824 -4.17 -7.55 -17.78
C LYS M 2824 -4.90 -7.78 -19.10
N THR M 2825 -6.03 -7.10 -19.24
CA THR M 2825 -6.90 -7.29 -20.40
C THR M 2825 -6.26 -6.62 -21.62
N LEU M 2826 -6.77 -6.97 -22.79
CA LEU M 2826 -6.15 -6.51 -24.03
C LEU M 2826 -6.09 -5.00 -24.08
N SER M 2827 -7.02 -4.33 -23.41
CA SER M 2827 -6.95 -2.88 -23.35
C SER M 2827 -5.66 -2.43 -22.69
N GLU M 2828 -5.29 -3.05 -21.59
CA GLU M 2828 -4.05 -2.65 -20.94
C GLU M 2828 -2.84 -3.08 -21.75
N LYS M 2829 -2.91 -4.23 -22.38
CA LYS M 2829 -1.76 -4.72 -23.11
C LYS M 2829 -1.42 -3.80 -24.25
N ASN M 2830 -2.42 -3.32 -24.98
CA ASN M 2830 -2.10 -2.39 -26.05
C ASN M 2830 -1.38 -1.17 -25.50
N ASN M 2831 -1.81 -0.68 -24.35
CA ASN M 2831 -1.20 0.50 -23.79
C ASN M 2831 0.25 0.25 -23.40
N ILE M 2832 0.51 -0.85 -22.69
CA ILE M 2832 1.88 -1.07 -22.24
C ILE M 2832 2.79 -1.38 -23.42
N THR M 2833 2.29 -2.13 -24.39
CA THR M 2833 3.11 -2.42 -25.54
C THR M 2833 3.45 -1.14 -26.28
N GLN M 2834 2.48 -0.25 -26.45
CA GLN M 2834 2.77 1.00 -27.12
C GLN M 2834 3.77 1.81 -26.31
N LYS M 2835 3.68 1.73 -24.99
CA LYS M 2835 4.63 2.48 -24.19
C LYS M 2835 6.03 1.96 -24.41
N LEU M 2836 6.21 0.64 -24.40
CA LEU M 2836 7.53 0.11 -24.70
C LEU M 2836 7.97 0.48 -26.09
N LEU M 2837 7.08 0.42 -27.06
CA LEU M 2837 7.51 0.71 -28.41
C LEU M 2837 8.03 2.13 -28.49
N GLN M 2838 7.32 3.07 -27.89
CA GLN M 2838 7.81 4.44 -27.86
C GLN M 2838 9.17 4.48 -27.19
N ASP M 2839 9.31 3.80 -26.07
CA ASP M 2839 10.55 3.91 -25.32
C ASP M 2839 11.70 3.32 -26.10
N PHE M 2840 11.49 2.19 -26.73
CA PHE M 2840 12.56 1.55 -27.48
C PHE M 2840 12.93 2.35 -28.69
N ASN M 2841 11.94 2.94 -29.35
CA ASN M 2841 12.29 3.75 -30.50
C ASN M 2841 13.15 4.89 -30.05
N ARG M 2842 12.83 5.46 -28.88
CA ARG M 2842 13.71 6.46 -28.32
C ARG M 2842 15.09 5.89 -28.12
N PHE M 2843 15.18 4.73 -27.49
CA PHE M 2843 16.47 4.08 -27.28
C PHE M 2843 17.30 4.14 -28.54
N LEU M 2844 16.87 3.39 -29.54
CA LEU M 2844 17.68 3.27 -30.73
C LEU M 2844 17.97 4.62 -31.33
N ASN M 2845 16.99 5.51 -31.39
CA ASN M 2845 17.21 6.73 -32.13
C ASN M 2845 18.13 7.68 -31.41
N THR M 2846 18.30 7.53 -30.10
CA THR M 2846 19.09 8.49 -29.37
C THR M 2846 20.49 8.01 -29.06
N THR M 2847 20.80 6.74 -29.24
CA THR M 2847 22.07 6.25 -28.77
C THR M 2847 23.20 6.74 -29.64
N PHE M 2848 24.36 6.84 -29.05
CA PHE M 2848 25.54 7.27 -29.77
C PHE M 2848 26.64 6.24 -29.70
N SER M 2849 26.79 5.56 -28.57
CA SER M 2849 27.86 4.60 -28.46
C SER M 2849 27.67 3.45 -29.42
N PHE M 2850 26.45 2.99 -29.59
CA PHE M 2850 26.17 1.86 -30.44
C PHE M 2850 26.90 0.62 -29.96
N PHE M 2851 26.85 0.39 -28.68
CA PHE M 2851 27.42 -0.81 -28.12
C PHE M 2851 26.72 -2.01 -28.71
N PRO M 2852 27.43 -2.94 -29.32
CA PRO M 2852 26.79 -4.01 -30.01
C PRO M 2852 25.82 -4.79 -29.14
N PRO M 2853 26.14 -5.05 -27.88
CA PRO M 2853 25.21 -5.86 -27.10
C PRO M 2853 23.88 -5.22 -26.90
N PHE M 2854 23.82 -3.94 -26.59
CA PHE M 2854 22.54 -3.31 -26.30
C PHE M 2854 21.70 -3.17 -27.55
N VAL M 2855 22.32 -2.75 -28.64
CA VAL M 2855 21.58 -2.68 -29.88
C VAL M 2855 20.99 -4.04 -30.19
N SER M 2856 21.81 -5.06 -30.05
CA SER M 2856 21.31 -6.40 -30.32
C SER M 2856 20.21 -6.78 -29.37
N CYS M 2857 20.33 -6.42 -28.11
CA CYS M 2857 19.33 -6.82 -27.13
C CYS M 2857 18.01 -6.18 -27.46
N ILE M 2858 18.02 -4.90 -27.82
CA ILE M 2858 16.77 -4.24 -28.09
C ILE M 2858 16.10 -4.88 -29.29
N GLN M 2859 16.84 -5.06 -30.37
CA GLN M 2859 16.18 -5.73 -31.49
C GLN M 2859 15.72 -7.14 -31.12
N ASP M 2860 16.54 -7.89 -30.41
CA ASP M 2860 16.19 -9.28 -30.15
C ASP M 2860 14.93 -9.34 -29.33
N ILE M 2861 14.78 -8.44 -28.38
CA ILE M 2861 13.50 -8.35 -27.70
C ILE M 2861 12.42 -8.13 -28.70
N SER M 2862 12.65 -7.21 -29.63
CA SER M 2862 11.55 -6.82 -30.48
C SER M 2862 11.09 -7.96 -31.36
N CYS M 2863 11.97 -8.91 -31.67
CA CYS M 2863 11.59 -9.93 -32.62
C CYS M 2863 10.62 -10.93 -32.00
N GLN M 2864 10.88 -11.34 -30.79
CA GLN M 2864 10.11 -12.40 -30.17
C GLN M 2864 8.81 -11.94 -29.55
N HIS M 2865 8.28 -10.79 -29.90
CA HIS M 2865 6.95 -10.43 -29.45
C HIS M 2865 6.28 -9.60 -30.52
N ALA M 2866 5.03 -9.91 -30.77
CA ALA M 2866 4.34 -9.10 -31.75
C ALA M 2866 4.11 -7.71 -31.19
N ALA M 2867 3.83 -6.78 -32.07
CA ALA M 2867 3.35 -5.46 -31.70
C ALA M 2867 4.44 -4.63 -31.04
N LEU M 2868 5.61 -5.20 -30.81
CA LEU M 2868 6.79 -4.37 -30.65
C LEU M 2868 7.50 -4.20 -31.96
N LEU M 2869 6.94 -4.76 -33.00
CA LEU M 2869 7.70 -5.04 -34.19
C LEU M 2869 7.71 -3.86 -35.14
N SER M 2870 6.94 -2.83 -34.85
CA SER M 2870 6.87 -1.71 -35.76
C SER M 2870 7.90 -0.67 -35.36
N LEU M 2871 9.09 -1.16 -35.08
CA LEU M 2871 10.17 -0.30 -34.65
C LEU M 2871 10.70 0.46 -35.85
N ASP M 2872 11.01 1.72 -35.65
CA ASP M 2872 11.25 2.65 -36.75
C ASP M 2872 12.26 2.06 -37.69
N PRO M 2873 11.81 1.62 -38.86
CA PRO M 2873 12.70 0.84 -39.71
C PRO M 2873 13.99 1.55 -40.03
N ALA M 2874 13.93 2.84 -40.27
CA ALA M 2874 15.16 3.56 -40.55
C ALA M 2874 16.07 3.52 -39.35
N ALA M 2875 15.48 3.68 -38.16
CA ALA M 2875 16.30 3.72 -36.97
C ALA M 2875 17.04 2.41 -36.80
N VAL M 2876 16.32 1.30 -36.91
CA VAL M 2876 16.97 0.02 -36.73
C VAL M 2876 18.04 -0.16 -37.78
N SER M 2877 17.73 0.23 -39.00
CA SER M 2877 18.69 -0.01 -40.07
C SER M 2877 19.99 0.70 -39.77
N ALA M 2878 19.91 1.98 -39.43
CA ALA M 2878 21.13 2.71 -39.17
C ALA M 2878 21.86 2.11 -37.98
N GLY M 2879 21.12 1.80 -36.93
CA GLY M 2879 21.77 1.32 -35.73
C GLY M 2879 22.49 0.03 -35.97
N CYS M 2880 21.88 -0.86 -36.74
CA CYS M 2880 22.53 -2.13 -36.96
C CYS M 2880 23.71 -1.99 -37.89
N LEU M 2881 23.59 -1.16 -38.93
CA LEU M 2881 24.74 -0.89 -39.78
C LEU M 2881 25.92 -0.46 -38.96
N ALA M 2882 25.70 0.47 -38.05
CA ALA M 2882 26.82 0.94 -37.26
C ALA M 2882 27.32 -0.15 -36.33
N SER M 2883 26.42 -0.82 -35.64
CA SER M 2883 26.83 -1.67 -34.55
C SER M 2883 27.55 -2.91 -35.03
N LEU M 2884 27.79 -3.03 -36.32
CA LEU M 2884 28.44 -4.18 -36.92
C LEU M 2884 27.72 -5.47 -36.62
N GLN M 2885 26.60 -5.37 -35.92
CA GLN M 2885 25.74 -6.51 -35.67
C GLN M 2885 24.54 -6.41 -36.60
N GLN M 2886 24.73 -6.84 -37.84
CA GLN M 2886 23.67 -6.79 -38.82
C GLN M 2886 22.61 -7.87 -38.62
N PRO M 2887 22.95 -9.13 -38.53
CA PRO M 2887 21.93 -10.15 -38.70
C PRO M 2887 20.71 -10.01 -37.83
N VAL M 2888 20.87 -9.58 -36.60
CA VAL M 2888 19.70 -9.46 -35.75
C VAL M 2888 18.75 -8.45 -36.37
N GLY M 2889 19.31 -7.39 -36.95
CA GLY M 2889 18.46 -6.43 -37.60
C GLY M 2889 17.79 -7.02 -38.81
N ILE M 2890 18.50 -7.83 -39.58
CA ILE M 2890 17.84 -8.48 -40.69
C ILE M 2890 16.63 -9.23 -40.21
N ARG M 2891 16.75 -9.96 -39.12
CA ARG M 2891 15.57 -10.67 -38.69
C ARG M 2891 14.49 -9.75 -38.18
N LEU M 2892 14.86 -8.66 -37.53
CA LEU M 2892 13.81 -7.75 -37.08
C LEU M 2892 12.96 -7.32 -38.23
N LEU M 2893 13.58 -6.68 -39.20
CA LEU M 2893 12.78 -6.18 -40.30
C LEU M 2893 12.14 -7.31 -41.07
N GLU M 2894 12.75 -8.49 -41.03
CA GLU M 2894 12.15 -9.64 -41.67
C GLU M 2894 10.79 -9.96 -41.07
N GLU M 2895 10.76 -10.14 -39.76
CA GLU M 2895 9.50 -10.44 -39.11
C GLU M 2895 8.54 -9.29 -39.31
N ALA M 2896 9.06 -8.07 -39.30
CA ALA M 2896 8.18 -6.95 -39.54
C ALA M 2896 7.45 -7.13 -40.84
N LEU M 2897 8.19 -7.38 -41.91
CA LEU M 2897 7.57 -7.51 -43.20
C LEU M 2897 6.52 -8.59 -43.19
N LEU M 2898 6.88 -9.79 -42.75
CA LEU M 2898 5.93 -10.87 -42.92
C LEU M 2898 4.70 -10.66 -42.08
N ARG M 2899 4.87 -10.10 -40.89
CA ARG M 2899 3.78 -10.13 -39.93
C ARG M 2899 2.84 -8.96 -40.14
N LEU M 2900 3.37 -7.74 -40.20
CA LEU M 2900 2.47 -6.61 -40.26
C LEU M 2900 1.67 -6.59 -41.57
N LEU M 2901 2.09 -7.39 -42.55
CA LEU M 2901 1.37 -7.50 -43.82
C LEU M 2901 1.17 -8.98 -44.10
N PRO M 2902 0.20 -9.62 -43.43
CA PRO M 2902 -0.08 -11.05 -43.59
C PRO M 2902 -0.49 -11.41 -45.02
N ARG M 2915 -4.40 -0.67 -45.66
CA ARG M 2915 -3.64 -1.71 -46.34
C ARG M 2915 -2.75 -1.12 -47.42
N LEU M 2916 -1.47 -0.92 -47.07
CA LEU M 2916 -0.50 -0.40 -48.02
C LEU M 2916 0.34 -1.56 -48.55
N PRO M 2917 0.19 -1.93 -49.82
CA PRO M 2917 0.92 -3.09 -50.35
C PRO M 2917 2.43 -2.92 -50.27
N PRO M 2918 2.99 -1.82 -50.80
CA PRO M 2918 4.45 -1.81 -50.95
C PRO M 2918 5.23 -1.88 -49.66
N ASP M 2919 4.99 -0.92 -48.76
CA ASP M 2919 5.79 -0.74 -47.56
C ASP M 2919 7.27 -0.57 -47.89
N VAL M 2920 7.57 0.48 -48.64
CA VAL M 2920 8.91 0.65 -49.15
C VAL M 2920 9.88 0.96 -48.04
N LEU M 2921 9.45 1.74 -47.05
CA LEU M 2921 10.37 2.20 -46.03
C LEU M 2921 10.99 1.03 -45.28
N ARG M 2922 10.36 -0.12 -45.34
CA ARG M 2922 10.98 -1.26 -44.71
C ARG M 2922 11.86 -2.04 -45.66
N TRP M 2923 11.34 -2.39 -46.82
CA TRP M 2923 12.13 -3.21 -47.72
C TRP M 2923 13.43 -2.53 -48.03
N VAL M 2924 13.41 -1.24 -48.26
CA VAL M 2924 14.65 -0.63 -48.71
C VAL M 2924 15.68 -0.69 -47.62
N GLU M 2925 15.27 -0.55 -46.37
CA GLU M 2925 16.30 -0.57 -45.35
C GLU M 2925 16.78 -1.97 -45.13
N LEU M 2926 15.94 -2.95 -45.38
CA LEU M 2926 16.46 -4.31 -45.42
C LEU M 2926 17.49 -4.43 -46.51
N ALA M 2927 17.29 -3.76 -47.61
CA ALA M 2927 18.28 -3.85 -48.66
C ALA M 2927 19.59 -3.28 -48.18
N LYS M 2928 19.52 -2.18 -47.45
CA LYS M 2928 20.73 -1.60 -46.91
C LYS M 2928 21.43 -2.59 -46.02
N LEU M 2929 20.67 -3.30 -45.21
CA LEU M 2929 21.28 -4.26 -44.30
C LEU M 2929 21.99 -5.35 -45.08
N TYR M 2930 21.28 -5.98 -46.00
CA TYR M 2930 21.91 -7.08 -46.68
C TYR M 2930 23.09 -6.61 -47.49
N ARG M 2931 23.09 -5.36 -47.94
CA ARG M 2931 24.28 -4.88 -48.59
C ARG M 2931 25.43 -4.79 -47.61
N SER M 2932 25.16 -4.34 -46.41
CA SER M 2932 26.22 -4.37 -45.41
C SER M 2932 26.80 -5.76 -45.33
N ILE M 2933 25.97 -6.75 -45.04
CA ILE M 2933 26.53 -8.08 -44.78
C ILE M 2933 27.14 -8.63 -46.04
N GLY M 2934 27.14 -7.87 -47.12
CA GLY M 2934 27.88 -8.23 -48.29
C GLY M 2934 27.24 -9.31 -49.12
N GLU M 2935 26.07 -9.78 -48.75
CA GLU M 2935 25.40 -10.83 -49.51
C GLU M 2935 24.63 -10.20 -50.66
N TYR M 2936 25.37 -9.74 -51.66
CA TYR M 2936 24.72 -9.18 -52.84
C TYR M 2936 23.83 -10.18 -53.52
N ASP M 2937 23.95 -11.46 -53.22
CA ASP M 2937 23.10 -12.43 -53.89
C ASP M 2937 21.65 -12.23 -53.53
N VAL M 2938 21.35 -12.11 -52.23
CA VAL M 2938 19.96 -12.00 -51.83
C VAL M 2938 19.38 -10.71 -52.33
N LEU M 2939 20.19 -9.68 -52.47
CA LEU M 2939 19.66 -8.42 -52.96
C LEU M 2939 18.91 -8.63 -54.26
N ARG M 2940 19.40 -9.51 -55.12
CA ARG M 2940 18.79 -9.63 -56.43
C ARG M 2940 17.33 -10.00 -56.30
N GLY M 2941 16.95 -10.58 -55.18
CA GLY M 2941 15.56 -10.87 -54.97
C GLY M 2941 14.73 -9.63 -54.71
N ILE M 2942 15.18 -8.77 -53.82
CA ILE M 2942 14.30 -7.74 -53.31
C ILE M 2942 13.79 -6.87 -54.43
N PHE M 2943 14.68 -6.46 -55.31
CA PHE M 2943 14.28 -5.40 -56.23
C PHE M 2943 13.51 -5.92 -57.43
N THR M 2944 13.70 -7.16 -57.83
CA THR M 2944 12.85 -7.75 -58.87
C THR M 2944 11.59 -8.33 -58.24
N SER M 2945 10.75 -7.44 -57.74
CA SER M 2945 9.46 -7.87 -57.22
C SER M 2945 8.34 -6.95 -57.63
N GLU M 2946 8.61 -5.97 -58.49
CA GLU M 2946 7.62 -4.95 -58.84
C GLU M 2946 7.04 -4.31 -57.61
N ILE M 2947 7.84 -4.19 -56.55
CA ILE M 2947 7.41 -3.55 -55.32
C ILE M 2947 8.17 -2.22 -55.20
N GLY M 2948 7.55 -1.18 -55.73
CA GLY M 2948 7.99 0.18 -55.51
C GLY M 2948 9.25 0.56 -56.25
N THR M 2949 10.31 -0.18 -56.00
CA THR M 2949 11.63 0.24 -56.46
C THR M 2949 11.67 0.26 -57.98
N LYS M 2950 12.54 1.09 -58.52
CA LYS M 2950 12.63 1.30 -59.95
C LYS M 2950 13.79 0.49 -60.52
N GLN M 2951 13.63 0.05 -61.76
CA GLN M 2951 14.56 -0.91 -62.33
C GLN M 2951 15.95 -0.35 -62.47
N ILE M 2952 16.11 0.97 -62.40
CA ILE M 2952 17.44 1.54 -62.40
C ILE M 2952 18.21 0.99 -61.23
N THR M 2953 17.56 0.84 -60.10
CA THR M 2953 18.23 0.27 -58.96
C THR M 2953 18.59 -1.17 -59.22
N GLN M 2954 17.71 -1.89 -59.92
CA GLN M 2954 17.98 -3.29 -60.20
C GLN M 2954 19.27 -3.40 -60.98
N SER M 2955 19.38 -2.64 -62.07
CA SER M 2955 20.57 -2.72 -62.90
C SER M 2955 21.79 -2.29 -62.12
N ALA M 2956 21.64 -1.30 -61.26
CA ALA M 2956 22.76 -0.90 -60.45
C ALA M 2956 23.24 -2.06 -59.59
N LEU M 2957 22.30 -2.77 -59.01
CA LEU M 2957 22.70 -3.86 -58.14
C LEU M 2957 23.37 -4.97 -58.94
N LEU M 2958 22.81 -5.33 -60.09
CA LEU M 2958 23.45 -6.38 -60.88
C LEU M 2958 24.86 -6.00 -61.21
N ALA M 2959 25.07 -4.76 -61.62
CA ALA M 2959 26.43 -4.34 -61.89
C ALA M 2959 27.26 -4.48 -60.64
N GLU M 2960 26.79 -3.95 -59.53
CA GLU M 2960 27.69 -3.84 -58.40
C GLU M 2960 27.91 -5.17 -57.72
N ALA M 2961 27.10 -6.16 -58.03
CA ALA M 2961 27.40 -7.50 -57.56
C ALA M 2961 28.69 -7.99 -58.18
N ARG M 2962 28.89 -7.73 -59.45
CA ARG M 2962 30.11 -8.11 -60.08
C ARG M 2962 31.24 -7.16 -59.79
N SER M 2963 31.10 -6.34 -58.76
CA SER M 2963 32.14 -5.43 -58.35
C SER M 2963 32.54 -4.46 -59.44
N ASP M 2964 31.74 -4.34 -60.48
CA ASP M 2964 31.99 -3.34 -61.52
C ASP M 2964 31.60 -1.97 -60.98
N TYR M 2965 32.28 -1.59 -59.92
CA TYR M 2965 31.86 -0.44 -59.14
C TYR M 2965 31.81 0.82 -59.98
N SER M 2966 32.62 0.92 -61.03
CA SER M 2966 32.56 2.11 -61.86
C SER M 2966 31.20 2.23 -62.51
N GLU M 2967 30.75 1.16 -63.16
CA GLU M 2967 29.44 1.20 -63.81
C GLU M 2967 28.37 1.44 -62.79
N ALA M 2968 28.54 0.90 -61.59
CA ALA M 2968 27.57 1.13 -60.55
C ALA M 2968 27.48 2.60 -60.23
N ALA M 2969 28.62 3.25 -60.11
CA ALA M 2969 28.59 4.66 -59.77
C ALA M 2969 27.89 5.43 -60.85
N LYS M 2970 28.18 5.12 -62.10
CA LYS M 2970 27.56 5.86 -63.18
C LYS M 2970 26.05 5.72 -63.11
N GLN M 2971 25.57 4.49 -62.95
CA GLN M 2971 24.14 4.28 -62.83
C GLN M 2971 23.57 5.11 -61.70
N TYR M 2972 24.19 5.03 -60.54
CA TYR M 2972 23.59 5.67 -59.38
C TYR M 2972 23.54 7.18 -59.58
N ASP M 2973 24.63 7.74 -60.07
CA ASP M 2973 24.69 9.19 -60.25
C ASP M 2973 23.60 9.62 -61.20
N GLU M 2974 23.40 8.88 -62.28
CA GLU M 2974 22.30 9.23 -63.15
C GLU M 2974 20.98 9.04 -62.44
N ALA M 2975 20.94 8.14 -61.47
CA ALA M 2975 19.67 7.87 -60.82
C ALA M 2975 19.25 9.04 -59.94
N LEU M 2976 20.13 9.46 -59.05
CA LEU M 2976 19.76 10.48 -58.10
C LEU M 2976 19.42 11.80 -58.76
N ASN M 2977 19.82 11.99 -60.00
CA ASN M 2977 19.61 13.26 -60.67
C ASN M 2977 18.57 13.18 -61.77
N LYS M 2978 17.63 12.26 -61.67
CA LYS M 2978 16.52 12.22 -62.60
C LYS M 2978 15.56 13.38 -62.33
N GLN M 2979 15.25 14.13 -63.37
CA GLN M 2979 14.41 15.31 -63.19
C GLN M 2979 12.97 14.90 -62.90
N ASP M 2980 12.35 14.19 -63.84
CA ASP M 2980 10.95 13.82 -63.70
C ASP M 2980 10.78 12.33 -63.97
N TRP M 2981 9.98 11.70 -63.13
CA TRP M 2981 9.82 10.26 -63.19
C TRP M 2981 8.51 9.89 -63.84
N VAL M 2982 8.47 8.69 -64.40
CA VAL M 2982 7.21 8.04 -64.70
C VAL M 2982 6.80 7.20 -63.52
N ASP M 2983 5.54 7.31 -63.13
CA ASP M 2983 5.00 6.56 -62.01
C ASP M 2983 5.69 6.91 -60.70
N GLY M 2984 5.62 8.19 -60.36
CA GLY M 2984 5.89 8.60 -59.00
C GLY M 2984 7.34 8.66 -58.61
N GLU M 2985 7.70 9.71 -57.88
CA GLU M 2985 9.07 9.92 -57.49
C GLU M 2985 9.49 8.83 -56.51
N PRO M 2986 10.78 8.52 -56.45
CA PRO M 2986 11.23 7.48 -55.53
C PRO M 2986 10.91 7.87 -54.11
N THR M 2987 10.54 6.88 -53.32
CA THR M 2987 10.16 7.16 -51.96
C THR M 2987 11.32 7.81 -51.23
N GLU M 2988 10.97 8.53 -50.15
CA GLU M 2988 11.98 9.23 -49.35
C GLU M 2988 13.12 8.30 -49.07
N ALA M 2989 12.83 7.00 -49.02
CA ALA M 2989 13.84 6.08 -48.54
C ALA M 2989 14.68 5.53 -49.69
N GLU M 2990 14.08 5.38 -50.86
CA GLU M 2990 14.86 4.88 -51.98
C GLU M 2990 15.98 5.84 -52.29
N LYS M 2991 15.71 7.13 -52.15
CA LYS M 2991 16.77 8.10 -52.32
C LYS M 2991 17.86 7.89 -51.31
N ASP M 2992 17.48 7.57 -50.08
CA ASP M 2992 18.48 7.34 -49.06
C ASP M 2992 19.38 6.18 -49.45
N PHE M 2993 18.77 5.08 -49.85
CA PHE M 2993 19.57 3.92 -50.21
C PHE M 2993 20.44 4.23 -51.39
N TRP M 2994 19.91 4.98 -52.34
CA TRP M 2994 20.70 5.33 -53.49
C TRP M 2994 21.93 6.11 -53.07
N GLU M 2995 21.75 7.07 -52.18
CA GLU M 2995 22.89 7.87 -51.79
C GLU M 2995 23.91 7.02 -51.07
N LEU M 2996 23.45 6.17 -50.16
CA LEU M 2996 24.43 5.41 -49.38
C LEU M 2996 25.19 4.48 -50.28
N ALA M 2997 24.50 3.89 -51.23
CA ALA M 2997 25.19 3.02 -52.18
C ALA M 2997 26.15 3.84 -53.02
N SER M 2998 25.78 5.06 -53.34
CA SER M 2998 26.71 5.86 -54.13
C SER M 2998 27.97 6.10 -53.35
N LEU M 2999 27.82 6.53 -52.11
CA LEU M 2999 28.99 6.86 -51.33
C LEU M 2999 29.87 5.63 -51.17
N ASP M 3000 29.26 4.51 -50.86
CA ASP M 3000 30.06 3.31 -50.68
C ASP M 3000 30.69 2.90 -51.99
N CYS M 3001 29.96 2.98 -53.09
CA CYS M 3001 30.49 2.54 -54.36
C CYS M 3001 31.70 3.36 -54.72
N TYR M 3002 31.66 4.66 -54.43
CA TYR M 3002 32.85 5.45 -54.60
C TYR M 3002 33.93 4.95 -53.68
N ASN M 3003 33.56 4.59 -52.46
CA ASN M 3003 34.58 4.22 -51.49
C ASN M 3003 35.38 3.04 -51.98
N HIS M 3004 34.72 2.05 -52.55
CA HIS M 3004 35.45 0.95 -53.15
C HIS M 3004 36.39 1.43 -54.24
N LEU M 3005 36.36 2.69 -54.58
CA LEU M 3005 37.20 3.19 -55.64
C LEU M 3005 38.18 4.19 -55.08
N ALA M 3006 39.09 4.61 -55.93
CA ALA M 3006 40.14 5.53 -55.54
C ALA M 3006 39.86 6.94 -56.00
N GLU M 3007 38.60 7.28 -56.25
CA GLU M 3007 38.27 8.62 -56.74
C GLU M 3007 37.90 9.51 -55.58
N TRP M 3008 38.83 9.68 -54.65
CA TRP M 3008 38.36 10.09 -53.34
C TRP M 3008 37.93 11.53 -53.35
N LYS M 3009 38.44 12.33 -54.29
CA LYS M 3009 37.92 13.67 -54.46
C LYS M 3009 36.44 13.60 -54.75
N SER M 3010 36.06 12.70 -55.63
CA SER M 3010 34.64 12.48 -55.86
C SER M 3010 33.98 12.04 -54.58
N LEU M 3011 34.68 11.25 -53.77
CA LEU M 3011 34.09 10.83 -52.52
C LEU M 3011 33.75 12.02 -51.67
N GLU M 3012 34.72 12.91 -51.49
CA GLU M 3012 34.48 14.06 -50.63
C GLU M 3012 33.36 14.90 -51.17
N TYR M 3013 33.34 15.10 -52.48
CA TYR M 3013 32.30 15.94 -53.04
C TYR M 3013 30.95 15.35 -52.75
N CYS M 3014 30.82 14.04 -52.93
CA CYS M 3014 29.54 13.42 -52.64
C CYS M 3014 29.22 13.52 -51.17
N SER M 3015 30.24 13.39 -50.33
CA SER M 3015 29.97 13.31 -48.92
C SER M 3015 29.60 14.64 -48.34
N THR M 3016 29.98 15.71 -49.01
CA THR M 3016 29.71 17.02 -48.48
C THR M 3016 28.56 17.72 -49.16
N ALA M 3017 28.23 17.35 -50.38
CA ALA M 3017 27.27 18.15 -51.14
C ALA M 3017 25.95 18.26 -50.40
N SER M 3018 25.42 17.17 -49.93
CA SER M 3018 24.06 17.23 -49.44
C SER M 3018 23.93 17.93 -48.10
N ILE M 3019 25.04 18.30 -47.47
CA ILE M 3019 24.89 18.78 -46.11
C ILE M 3019 24.26 20.17 -46.06
N ASP M 3020 24.58 21.05 -47.01
CA ASP M 3020 24.17 22.45 -46.84
C ASP M 3020 23.87 23.07 -48.20
N SER M 3021 23.66 24.39 -48.20
CA SER M 3021 23.17 25.10 -49.36
C SER M 3021 24.29 25.74 -50.16
N GLU M 3022 25.08 26.61 -49.54
CA GLU M 3022 26.10 27.35 -50.26
C GLU M 3022 27.18 26.42 -50.78
N ASN M 3023 27.83 26.83 -51.86
CA ASN M 3023 28.83 25.98 -52.50
C ASN M 3023 29.99 25.62 -51.59
N PRO M 3024 30.65 26.54 -50.90
CA PRO M 3024 31.71 26.12 -49.98
C PRO M 3024 31.08 25.56 -48.72
N PRO M 3025 31.13 24.26 -48.53
CA PRO M 3025 30.17 23.60 -47.64
C PRO M 3025 30.45 23.93 -46.20
N ASP M 3026 29.38 24.18 -45.46
CA ASP M 3026 29.52 24.42 -44.02
C ASP M 3026 29.59 23.06 -43.37
N LEU M 3027 30.81 22.54 -43.22
CA LEU M 3027 30.95 21.20 -42.69
C LEU M 3027 30.31 21.09 -41.32
N ASN M 3028 30.20 22.19 -40.61
CA ASN M 3028 29.73 22.06 -39.25
C ASN M 3028 28.32 21.54 -39.18
N LYS M 3029 27.56 21.66 -40.26
CA LYS M 3029 26.17 21.25 -40.20
C LYS M 3029 26.03 19.77 -39.97
N ILE M 3030 27.09 19.01 -40.18
CA ILE M 3030 26.95 17.56 -40.19
C ILE M 3030 26.45 17.08 -38.86
N TRP M 3031 26.63 17.85 -37.81
CA TRP M 3031 26.24 17.30 -36.52
C TRP M 3031 24.87 17.80 -36.13
N SER M 3032 24.07 18.19 -37.11
CA SER M 3032 22.74 18.75 -36.87
C SER M 3032 21.70 17.64 -36.71
N GLU M 3033 21.37 16.96 -37.80
CA GLU M 3033 20.30 15.98 -37.62
C GLU M 3033 20.75 14.60 -38.04
N PRO M 3034 20.18 13.56 -37.42
CA PRO M 3034 20.88 12.28 -37.31
C PRO M 3034 21.16 11.58 -38.61
N PHE M 3035 20.34 11.75 -39.63
CA PHE M 3035 20.60 10.98 -40.84
C PHE M 3035 22.00 11.24 -41.34
N TYR M 3036 22.39 12.50 -41.40
CA TYR M 3036 23.76 12.78 -41.76
C TYR M 3036 24.71 12.14 -40.79
N GLN M 3037 24.43 12.27 -39.50
CA GLN M 3037 25.37 11.83 -38.48
C GLN M 3037 25.73 10.38 -38.67
N GLU M 3038 24.83 9.59 -39.24
CA GLU M 3038 25.11 8.17 -39.36
C GLU M 3038 25.44 7.75 -40.78
N THR M 3039 24.93 8.42 -41.79
CA THR M 3039 25.15 7.97 -43.14
C THR M 3039 26.20 8.75 -43.87
N TYR M 3040 26.27 10.05 -43.66
CA TYR M 3040 27.20 10.86 -44.41
C TYR M 3040 28.52 11.03 -43.70
N LEU M 3041 28.51 11.14 -42.38
CA LEU M 3041 29.74 11.39 -41.65
C LEU M 3041 30.86 10.43 -42.00
N PRO M 3042 30.75 9.12 -41.75
CA PRO M 3042 31.95 8.31 -41.76
C PRO M 3042 32.69 8.43 -43.04
N TYR M 3043 31.96 8.54 -44.13
CA TYR M 3043 32.65 8.75 -45.37
C TYR M 3043 33.21 10.15 -45.45
N MET M 3044 32.54 11.13 -44.85
CA MET M 3044 33.12 12.46 -44.89
C MET M 3044 34.48 12.44 -44.25
N ILE M 3045 34.56 11.84 -43.08
CA ILE M 3045 35.81 11.89 -42.35
C ILE M 3045 36.84 11.05 -43.05
N ARG M 3046 36.45 9.90 -43.57
CA ARG M 3046 37.45 9.06 -44.21
C ARG M 3046 37.97 9.72 -45.47
N SER M 3047 37.08 10.34 -46.22
CA SER M 3047 37.51 11.09 -47.38
C SER M 3047 38.53 12.13 -46.97
N LYS M 3048 38.11 13.10 -46.18
CA LYS M 3048 39.01 14.18 -45.85
C LYS M 3048 40.33 13.65 -45.29
N LEU M 3049 40.29 12.62 -44.44
CA LEU M 3049 41.56 12.05 -44.00
C LEU M 3049 42.43 11.70 -45.15
N LYS M 3050 41.93 10.95 -46.12
CA LYS M 3050 42.94 10.51 -47.07
C LYS M 3050 43.29 11.61 -48.03
N LEU M 3051 42.32 12.45 -48.37
CA LEU M 3051 42.68 13.57 -49.22
C LEU M 3051 43.81 14.34 -48.60
N LEU M 3052 43.87 14.36 -47.27
CA LEU M 3052 45.05 14.88 -46.62
C LEU M 3052 46.23 13.95 -46.79
N LEU M 3053 46.11 12.72 -46.32
CA LEU M 3053 47.29 11.91 -46.14
C LEU M 3053 47.92 11.55 -47.46
N GLN M 3054 47.17 11.59 -48.54
CA GLN M 3054 47.77 11.46 -49.84
C GLN M 3054 48.33 12.81 -50.21
N GLY M 3055 49.61 12.86 -50.50
CA GLY M 3055 50.18 14.08 -51.02
C GLY M 3055 49.96 15.23 -50.06
N GLU M 3056 49.09 16.16 -50.48
CA GLU M 3056 48.83 17.34 -49.68
C GLU M 3056 47.45 17.87 -50.03
N ALA M 3057 46.94 18.73 -49.18
CA ALA M 3057 45.63 19.33 -49.39
C ALA M 3057 45.48 20.52 -48.45
N ASP M 3058 44.25 20.99 -48.32
CA ASP M 3058 43.93 22.13 -47.50
C ASP M 3058 43.86 21.71 -46.04
N GLN M 3059 43.20 22.53 -45.22
CA GLN M 3059 43.05 22.27 -43.80
C GLN M 3059 41.60 22.19 -43.37
N SER M 3060 40.71 21.68 -44.22
CA SER M 3060 39.32 21.62 -43.82
C SER M 3060 39.13 20.73 -42.60
N LEU M 3061 39.70 19.54 -42.64
CA LEU M 3061 39.37 18.55 -41.61
C LEU M 3061 39.91 18.95 -40.26
N LEU M 3062 41.08 19.56 -40.20
CA LEU M 3062 41.57 19.96 -38.90
C LEU M 3062 40.61 20.95 -38.29
N THR M 3063 40.15 21.90 -39.09
CA THR M 3063 39.16 22.83 -38.60
C THR M 3063 37.92 22.10 -38.12
N PHE M 3064 37.43 21.19 -38.94
CA PHE M 3064 36.19 20.50 -38.59
C PHE M 3064 36.34 19.77 -37.27
N ILE M 3065 37.35 18.94 -37.15
CA ILE M 3065 37.44 18.11 -35.97
C ILE M 3065 37.73 18.97 -34.76
N ASP M 3066 38.56 19.99 -34.89
CA ASP M 3066 38.79 20.82 -33.73
C ASP M 3066 37.51 21.49 -33.27
N LYS M 3067 36.75 22.06 -34.21
CA LYS M 3067 35.49 22.67 -33.81
C LYS M 3067 34.59 21.63 -33.19
N ALA M 3068 34.67 20.41 -33.67
CA ALA M 3068 33.80 19.40 -33.14
C ALA M 3068 34.20 19.04 -31.73
N MET M 3069 35.44 19.17 -31.42
CA MET M 3069 35.76 18.42 -30.26
C MET M 3069 35.48 19.20 -28.99
N HIS M 3070 34.57 20.16 -29.11
CA HIS M 3070 34.12 20.92 -27.95
C HIS M 3070 32.94 20.25 -27.27
N GLY M 3071 31.82 20.13 -27.96
CA GLY M 3071 30.60 19.69 -27.32
C GLY M 3071 30.68 18.23 -26.88
N GLU M 3072 29.88 17.90 -25.87
CA GLU M 3072 30.06 16.62 -25.21
C GLU M 3072 29.70 15.46 -26.13
N LEU M 3073 28.42 15.31 -26.45
CA LEU M 3073 28.03 14.23 -27.34
C LEU M 3073 28.79 14.34 -28.64
N GLN M 3074 29.00 15.57 -29.05
CA GLN M 3074 29.86 15.87 -30.18
C GLN M 3074 31.18 15.13 -30.01
N LYS M 3075 31.80 15.27 -28.84
CA LYS M 3075 33.13 14.69 -28.65
C LYS M 3075 33.06 13.18 -28.59
N ALA M 3076 32.03 12.67 -27.95
CA ALA M 3076 31.95 11.24 -27.70
C ALA M 3076 31.88 10.49 -29.01
N ILE M 3077 31.14 11.00 -29.98
CA ILE M 3077 31.02 10.28 -31.24
C ILE M 3077 32.40 10.06 -31.83
N LEU M 3078 33.18 11.11 -31.96
CA LEU M 3078 34.48 10.96 -32.56
C LEU M 3078 35.38 10.10 -31.72
N GLU M 3079 35.37 10.27 -30.41
CA GLU M 3079 36.37 9.56 -29.65
C GLU M 3079 36.06 8.08 -29.55
N LEU M 3080 34.80 7.69 -29.60
CA LEU M 3080 34.45 6.29 -29.44
C LEU M 3080 34.41 5.55 -30.76
N HIS M 3081 34.01 6.21 -31.82
CA HIS M 3081 33.92 5.44 -33.04
C HIS M 3081 35.16 5.56 -33.90
N TYR M 3082 35.64 6.77 -34.13
CA TYR M 3082 36.52 7.02 -35.25
C TYR M 3082 37.94 7.28 -34.78
N SER M 3083 38.39 6.52 -33.80
CA SER M 3083 39.74 6.74 -33.30
C SER M 3083 40.76 6.53 -34.40
N GLN M 3084 40.64 5.45 -35.13
CA GLN M 3084 41.68 5.11 -36.07
C GLN M 3084 41.86 6.20 -37.10
N GLU M 3085 40.88 7.06 -37.26
CA GLU M 3085 41.03 8.11 -38.24
C GLU M 3085 41.55 9.38 -37.61
N LEU M 3086 41.05 9.73 -36.44
CA LEU M 3086 41.60 10.91 -35.78
C LEU M 3086 43.06 10.73 -35.51
N SER M 3087 43.49 9.49 -35.37
CA SER M 3087 44.89 9.24 -35.10
C SER M 3087 45.74 9.70 -36.26
N LEU M 3088 45.40 9.27 -37.46
CA LEU M 3088 46.17 9.71 -38.61
C LEU M 3088 46.05 11.20 -38.79
N LEU M 3089 44.85 11.74 -38.63
CA LEU M 3089 44.69 13.18 -38.81
C LEU M 3089 45.67 13.92 -37.94
N TYR M 3090 45.69 13.58 -36.67
CA TYR M 3090 46.54 14.31 -35.76
C TYR M 3090 47.99 14.06 -36.07
N LEU M 3091 48.32 12.85 -36.51
CA LEU M 3091 49.70 12.55 -36.81
C LEU M 3091 50.21 13.41 -37.97
N LEU M 3092 49.34 13.74 -38.91
CA LEU M 3092 49.75 14.63 -39.98
C LEU M 3092 50.29 15.94 -39.45
N GLN M 3093 49.82 16.38 -38.29
CA GLN M 3093 50.27 17.61 -37.69
C GLN M 3093 51.52 17.44 -36.85
N ASP M 3094 52.10 16.25 -36.82
CA ASP M 3094 53.33 16.00 -36.10
C ASP M 3094 53.16 16.24 -34.60
N ASP M 3095 51.99 15.92 -34.05
CA ASP M 3095 51.77 15.98 -32.62
C ASP M 3095 51.69 14.57 -32.07
N VAL M 3096 52.85 13.96 -31.88
CA VAL M 3096 52.90 12.55 -31.59
C VAL M 3096 52.13 12.20 -30.34
N ASP M 3097 52.04 13.12 -29.40
CA ASP M 3097 51.43 12.74 -28.13
C ASP M 3097 49.95 12.46 -28.32
N ARG M 3098 49.24 13.36 -29.00
CA ARG M 3098 47.84 13.06 -29.20
C ARG M 3098 47.68 11.82 -30.05
N ALA M 3099 48.66 11.56 -30.90
CA ALA M 3099 48.58 10.32 -31.66
C ALA M 3099 48.56 9.14 -30.72
N LYS M 3100 49.44 9.13 -29.74
CA LYS M 3100 49.45 8.02 -28.81
C LYS M 3100 48.13 7.90 -28.10
N TYR M 3101 47.58 9.02 -27.65
CA TYR M 3101 46.36 8.88 -26.85
C TYR M 3101 45.27 8.30 -27.68
N TYR M 3102 45.09 8.82 -28.88
CA TYR M 3102 44.01 8.33 -29.71
C TYR M 3102 44.22 6.88 -30.09
N ILE M 3103 45.43 6.49 -30.43
CA ILE M 3103 45.56 5.13 -30.91
C ILE M 3103 45.43 4.15 -29.76
N GLN M 3104 45.88 4.51 -28.57
CA GLN M 3104 45.60 3.68 -27.43
C GLN M 3104 44.12 3.55 -27.21
N ASN M 3105 43.41 4.65 -27.35
CA ASN M 3105 41.97 4.59 -27.21
C ASN M 3105 41.38 3.68 -28.25
N GLY M 3106 41.95 3.68 -29.44
CA GLY M 3106 41.44 2.82 -30.47
C GLY M 3106 41.64 1.36 -30.15
N ILE M 3107 42.79 1.03 -29.59
CA ILE M 3107 43.02 -0.35 -29.25
C ILE M 3107 42.06 -0.79 -28.17
N GLN M 3108 41.87 0.04 -27.16
CA GLN M 3108 40.89 -0.30 -26.13
C GLN M 3108 39.50 -0.41 -26.72
N SER M 3109 39.17 0.48 -27.63
CA SER M 3109 37.84 0.46 -28.22
C SER M 3109 37.63 -0.81 -29.00
N PHE M 3110 38.64 -1.23 -29.74
CA PHE M 3110 38.51 -2.47 -30.46
C PHE M 3110 38.27 -3.60 -29.52
N MET M 3111 38.99 -3.62 -28.42
CA MET M 3111 38.78 -4.72 -27.49
C MET M 3111 37.36 -4.71 -26.98
N GLN M 3112 36.86 -3.55 -26.62
CA GLN M 3112 35.54 -3.50 -26.00
C GLN M 3112 34.47 -3.85 -27.00
N ASN M 3113 34.48 -3.23 -28.17
CA ASN M 3113 33.48 -3.51 -29.20
C ASN M 3113 33.78 -4.84 -29.91
N TYR M 3114 34.77 -5.63 -29.51
CA TYR M 3114 34.93 -6.95 -30.07
C TYR M 3114 34.49 -8.02 -29.08
N SER M 3115 34.92 -7.92 -27.85
CA SER M 3115 34.44 -8.86 -26.86
C SER M 3115 32.94 -8.82 -26.78
N SER M 3116 32.35 -7.71 -27.18
CA SER M 3116 30.92 -7.57 -27.10
C SER M 3116 30.23 -8.37 -28.17
N ILE M 3117 30.78 -8.39 -29.38
CA ILE M 3117 30.09 -9.03 -30.48
C ILE M 3117 29.88 -10.48 -30.15
N ASP M 3118 28.65 -10.95 -30.28
CA ASP M 3118 28.33 -12.30 -29.88
C ASP M 3118 29.07 -13.30 -30.75
N VAL M 3119 29.34 -14.48 -30.18
CA VAL M 3119 30.34 -15.35 -30.75
C VAL M 3119 29.89 -15.92 -32.07
N LEU M 3120 28.60 -16.11 -32.27
CA LEU M 3120 28.21 -16.80 -33.47
C LEU M 3120 28.38 -15.97 -34.72
N LEU M 3121 28.36 -14.66 -34.61
CA LEU M 3121 28.34 -13.80 -35.78
C LEU M 3121 29.72 -13.71 -36.40
N HIS M 3122 30.11 -14.76 -37.11
CA HIS M 3122 31.47 -14.80 -37.62
C HIS M 3122 31.74 -13.66 -38.58
N GLN M 3123 30.84 -13.41 -39.51
CA GLN M 3123 31.15 -12.42 -40.52
C GLN M 3123 31.34 -11.06 -39.88
N SER M 3124 30.56 -10.78 -38.84
CA SER M 3124 30.74 -9.54 -38.10
C SER M 3124 32.12 -9.47 -37.49
N ARG M 3125 32.51 -10.51 -36.75
CA ARG M 3125 33.81 -10.45 -36.11
C ARG M 3125 34.91 -10.34 -37.14
N LEU M 3126 34.69 -10.90 -38.31
CA LEU M 3126 35.71 -10.81 -39.32
C LEU M 3126 35.88 -9.37 -39.76
N THR M 3127 34.76 -8.70 -40.02
CA THR M 3127 34.86 -7.31 -40.38
C THR M 3127 35.46 -6.50 -39.26
N LYS M 3128 35.39 -6.99 -38.04
CA LYS M 3128 36.16 -6.33 -37.01
C LYS M 3128 37.64 -6.52 -37.23
N LEU M 3129 38.10 -7.76 -37.21
CA LEU M 3129 39.54 -7.95 -37.20
C LEU M 3129 40.19 -7.26 -38.34
N GLN M 3130 39.48 -7.10 -39.45
CA GLN M 3130 40.16 -6.53 -40.59
C GLN M 3130 40.82 -5.19 -40.29
N SER M 3131 40.61 -4.63 -39.10
CA SER M 3131 41.14 -3.33 -38.77
C SER M 3131 42.28 -3.36 -37.79
N VAL M 3132 42.54 -4.49 -37.15
CA VAL M 3132 43.63 -4.52 -36.20
C VAL M 3132 44.94 -4.25 -36.91
N GLN M 3133 45.03 -4.59 -38.19
CA GLN M 3133 46.23 -4.27 -38.94
C GLN M 3133 46.44 -2.78 -39.02
N ALA M 3134 45.38 -2.04 -39.35
CA ALA M 3134 45.51 -0.60 -39.35
C ALA M 3134 46.01 -0.11 -38.00
N LEU M 3135 45.35 -0.52 -36.93
CA LEU M 3135 45.74 0.01 -35.63
C LEU M 3135 47.18 -0.33 -35.32
N THR M 3136 47.58 -1.56 -35.56
CA THR M 3136 48.92 -1.95 -35.17
C THR M 3136 49.93 -1.21 -36.00
N GLU M 3137 49.63 -0.97 -37.26
CA GLU M 3137 50.57 -0.25 -38.08
C GLU M 3137 50.79 1.14 -37.53
N ILE M 3138 49.71 1.81 -37.13
CA ILE M 3138 49.86 3.15 -36.61
C ILE M 3138 50.68 3.11 -35.34
N GLN M 3139 50.40 2.13 -34.50
CA GLN M 3139 51.16 1.98 -33.27
C GLN M 3139 52.62 1.81 -33.56
N GLU M 3140 52.95 1.00 -34.55
CA GLU M 3140 54.35 0.74 -34.81
C GLU M 3140 55.05 1.99 -35.30
N PHE M 3141 54.41 2.76 -36.16
CA PHE M 3141 55.06 3.98 -36.59
C PHE M 3141 55.27 4.95 -35.46
N ILE M 3142 54.26 5.13 -34.62
CA ILE M 3142 54.45 6.02 -33.50
C ILE M 3142 55.63 5.55 -32.68
N SER M 3143 55.68 4.27 -32.39
CA SER M 3143 56.77 3.78 -31.58
C SER M 3143 58.08 3.77 -32.33
N PHE M 3144 58.06 4.00 -33.62
CA PHE M 3144 59.31 4.03 -34.34
C PHE M 3144 59.88 5.43 -34.45
N ILE M 3145 59.05 6.44 -34.33
CA ILE M 3145 59.51 7.82 -34.39
C ILE M 3145 59.61 8.29 -32.96
N SER M 3146 59.76 7.36 -32.04
CA SER M 3146 59.92 7.69 -30.65
C SER M 3146 61.28 7.36 -30.10
N LYS M 3147 62.04 6.50 -30.75
CA LYS M 3147 63.37 6.14 -30.29
C LYS M 3147 64.38 6.74 -31.27
N GLN M 3148 64.93 7.89 -30.90
CA GLN M 3148 65.89 8.55 -31.78
C GLN M 3148 67.09 7.65 -32.05
N GLY M 3149 67.38 6.74 -31.12
CA GLY M 3149 68.41 5.74 -31.40
C GLY M 3149 68.06 4.91 -32.61
N ASN M 3150 66.77 4.64 -32.81
CA ASN M 3150 66.30 4.04 -34.05
C ASN M 3150 66.06 5.06 -35.13
N LEU M 3151 66.26 6.34 -34.85
CA LEU M 3151 66.08 7.35 -35.87
C LEU M 3151 67.37 7.59 -36.64
N SER M 3152 68.46 7.85 -35.91
CA SER M 3152 69.69 8.34 -36.51
C SER M 3152 70.47 7.26 -37.25
N SER M 3153 70.29 6.01 -36.91
CA SER M 3153 71.02 4.94 -37.56
C SER M 3153 70.41 4.67 -38.93
N GLN M 3154 70.68 3.48 -39.47
CA GLN M 3154 70.05 3.05 -40.70
C GLN M 3154 69.57 1.62 -40.66
N VAL M 3155 70.10 0.79 -39.76
CA VAL M 3155 69.68 -0.60 -39.70
C VAL M 3155 68.18 -0.76 -39.43
N PRO M 3156 67.58 -0.08 -38.45
CA PRO M 3156 66.20 -0.41 -38.16
C PRO M 3156 65.21 0.16 -39.14
N LEU M 3157 65.57 1.14 -39.95
CA LEU M 3157 64.73 1.46 -41.08
C LEU M 3157 64.67 0.27 -42.01
N LYS M 3158 65.80 -0.38 -42.26
CA LYS M 3158 65.74 -1.59 -43.05
C LYS M 3158 64.90 -2.63 -42.37
N ARG M 3159 64.99 -2.71 -41.05
CA ARG M 3159 64.20 -3.69 -40.33
C ARG M 3159 62.72 -3.48 -40.58
N LEU M 3160 62.25 -2.26 -40.37
CA LEU M 3160 60.85 -1.98 -40.55
C LEU M 3160 60.43 -2.18 -41.99
N LEU M 3161 61.24 -1.72 -42.94
CA LEU M 3161 60.84 -1.90 -44.32
C LEU M 3161 60.73 -3.37 -44.66
N ASN M 3162 61.67 -4.18 -44.18
CA ASN M 3162 61.57 -5.59 -44.48
C ASN M 3162 60.31 -6.18 -43.89
N THR M 3163 59.99 -5.80 -42.66
CA THR M 3163 58.81 -6.38 -42.04
C THR M 3163 57.55 -6.02 -42.79
N TRP M 3164 57.36 -4.73 -43.06
CA TRP M 3164 56.14 -4.35 -43.77
C TRP M 3164 56.10 -4.98 -45.14
N THR M 3165 57.26 -5.20 -45.74
CA THR M 3165 57.27 -5.79 -47.06
C THR M 3165 56.60 -7.14 -47.06
N ASN M 3166 56.70 -7.87 -45.96
CA ASN M 3166 56.10 -9.19 -45.96
C ASN M 3166 55.11 -9.35 -44.82
N ARG M 3167 54.20 -8.41 -44.70
CA ARG M 3167 53.02 -8.59 -43.88
C ARG M 3167 51.90 -7.89 -44.63
N TYR M 3168 50.85 -8.61 -44.95
CA TYR M 3168 49.83 -8.03 -45.79
C TYR M 3168 48.48 -8.53 -45.30
N PRO M 3169 47.41 -7.86 -45.66
CA PRO M 3169 46.09 -8.37 -45.30
C PRO M 3169 45.77 -9.60 -46.12
N ASP M 3170 44.68 -10.26 -45.76
CA ASP M 3170 44.29 -11.48 -46.48
C ASP M 3170 43.87 -11.13 -47.89
N ALA M 3171 44.33 -11.92 -48.85
CA ALA M 3171 44.15 -11.53 -50.23
C ALA M 3171 42.71 -11.72 -50.68
N LYS M 3172 42.23 -12.94 -50.62
CA LYS M 3172 40.97 -13.24 -51.26
C LYS M 3172 39.78 -12.88 -50.41
N MET M 3173 39.98 -12.55 -49.15
CA MET M 3173 38.88 -12.31 -48.25
C MET M 3173 38.70 -10.85 -47.88
N ASP M 3174 39.77 -10.14 -47.55
CA ASP M 3174 39.64 -8.80 -46.98
C ASP M 3174 39.27 -7.80 -48.06
N PRO M 3175 38.22 -7.03 -47.88
CA PRO M 3175 37.77 -6.13 -48.93
C PRO M 3175 38.78 -5.04 -49.20
N MET M 3176 38.70 -4.49 -50.40
CA MET M 3176 39.73 -3.55 -50.82
C MET M 3176 39.63 -2.25 -50.06
N ASN M 3177 38.54 -2.00 -49.38
CA ASN M 3177 38.42 -0.81 -48.57
C ASN M 3177 39.35 -0.85 -47.37
N ILE M 3178 39.96 -1.97 -47.06
CA ILE M 3178 40.95 -1.99 -46.01
C ILE M 3178 42.29 -2.10 -46.67
N TRP M 3179 42.33 -2.71 -47.84
CA TRP M 3179 43.61 -2.84 -48.49
C TRP M 3179 44.15 -1.47 -48.84
N ASP M 3180 43.28 -0.58 -49.31
CA ASP M 3180 43.75 0.76 -49.60
C ASP M 3180 44.16 1.43 -48.32
N ASP M 3181 43.50 1.10 -47.22
CA ASP M 3181 43.87 1.74 -45.97
C ASP M 3181 45.29 1.42 -45.62
N ILE M 3182 45.66 0.15 -45.74
CA ILE M 3182 47.02 -0.20 -45.38
C ILE M 3182 48.01 0.39 -46.38
N ILE M 3183 47.70 0.31 -47.67
CA ILE M 3183 48.63 0.84 -48.65
C ILE M 3183 48.89 2.32 -48.41
N THR M 3184 47.84 3.11 -48.25
CA THR M 3184 48.03 4.54 -48.14
C THR M 3184 48.64 4.90 -46.81
N ASN M 3185 48.21 4.26 -45.74
CA ASN M 3185 48.85 4.52 -44.46
C ASN M 3185 50.34 4.29 -44.59
N ARG M 3186 50.75 3.10 -45.00
CA ARG M 3186 52.17 2.85 -45.15
C ARG M 3186 52.82 3.89 -46.04
N CYS M 3187 52.14 4.33 -47.09
CA CYS M 3187 52.78 5.31 -47.96
C CYS M 3187 53.09 6.57 -47.18
N PHE M 3188 52.12 7.06 -46.44
CA PHE M 3188 52.35 8.29 -45.71
C PHE M 3188 53.41 8.10 -44.66
N PHE M 3189 53.42 6.94 -44.01
CA PHE M 3189 54.38 6.77 -42.96
C PHE M 3189 55.79 6.73 -43.51
N LEU M 3190 55.97 6.09 -44.65
CA LEU M 3190 57.28 6.15 -45.27
C LEU M 3190 57.64 7.57 -45.64
N SER M 3191 56.69 8.35 -46.12
CA SER M 3191 57.03 9.73 -46.46
C SER M 3191 57.57 10.43 -45.24
N LYS M 3192 56.92 10.22 -44.10
CA LYS M 3192 57.34 10.90 -42.89
C LYS M 3192 58.71 10.40 -42.43
N ILE M 3193 58.96 9.11 -42.54
CA ILE M 3193 60.25 8.60 -42.08
C ILE M 3193 61.36 9.12 -42.98
N GLU M 3194 61.13 9.13 -44.28
CA GLU M 3194 62.09 9.73 -45.19
C GLU M 3194 62.39 11.16 -44.79
N GLU M 3195 61.34 11.91 -44.47
CA GLU M 3195 61.55 13.28 -44.05
C GLU M 3195 62.43 13.37 -42.82
N LYS M 3196 62.22 12.48 -41.86
CA LYS M 3196 63.11 12.47 -40.69
C LYS M 3196 64.55 12.23 -41.09
N LEU M 3197 64.78 11.21 -41.91
CA LEU M 3197 66.13 10.79 -42.20
C LEU M 3197 66.69 11.49 -43.44
N THR M 3198 66.31 12.75 -43.65
CA THR M 3198 66.83 13.49 -44.79
C THR M 3198 68.34 13.69 -44.73
N PRO M 3199 68.95 14.13 -43.62
CA PRO M 3199 70.41 14.27 -43.68
C PRO M 3199 71.16 13.04 -43.19
N ILE M 3227 69.04 4.92 -49.61
CA ILE M 3227 67.88 5.08 -48.75
C ILE M 3227 66.66 5.17 -49.59
N SER M 3228 66.44 6.39 -50.10
CA SER M 3228 65.31 6.64 -50.98
C SER M 3228 65.21 5.56 -52.05
N SER M 3229 66.33 4.95 -52.40
CA SER M 3229 66.28 3.73 -53.17
C SER M 3229 65.45 2.69 -52.46
N LEU M 3230 65.75 2.43 -51.19
CA LEU M 3230 65.05 1.36 -50.49
C LEU M 3230 63.58 1.69 -50.34
N ILE M 3231 63.27 2.93 -50.00
CA ILE M 3231 61.88 3.31 -49.84
C ILE M 3231 61.15 3.15 -51.16
N ARG M 3232 61.76 3.61 -52.24
CA ARG M 3232 61.11 3.40 -53.53
C ARG M 3232 60.89 1.93 -53.78
N SER M 3233 61.85 1.10 -53.39
CA SER M 3233 61.70 -0.32 -53.64
C SER M 3233 60.47 -0.85 -52.95
N CYS M 3234 60.30 -0.50 -51.69
CA CYS M 3234 59.12 -0.97 -50.98
C CYS M 3234 57.86 -0.45 -51.63
N LYS M 3235 57.89 0.80 -52.08
CA LYS M 3235 56.68 1.37 -52.65
C LYS M 3235 56.27 0.61 -53.90
N PHE M 3236 57.21 0.40 -54.82
CA PHE M 3236 56.95 -0.50 -55.93
C PHE M 3236 56.26 -1.73 -55.42
N SER M 3237 56.99 -2.50 -54.61
CA SER M 3237 56.57 -3.86 -54.37
C SER M 3237 55.19 -3.86 -53.78
N MET M 3238 54.94 -2.95 -52.87
CA MET M 3238 53.77 -3.06 -52.05
C MET M 3238 52.56 -2.62 -52.84
N LYS M 3239 52.70 -1.57 -53.63
CA LYS M 3239 51.59 -1.20 -54.48
C LYS M 3239 51.31 -2.29 -55.49
N MET M 3240 52.36 -2.93 -56.01
CA MET M 3240 52.15 -4.00 -56.95
C MET M 3240 51.33 -5.12 -56.31
N LYS M 3241 51.64 -5.44 -55.07
CA LYS M 3241 50.86 -6.45 -54.40
C LYS M 3241 49.43 -6.01 -54.27
N MET M 3242 49.20 -4.73 -54.07
CA MET M 3242 47.82 -4.29 -54.04
C MET M 3242 47.13 -4.50 -55.38
N ILE M 3243 47.80 -4.20 -56.48
CA ILE M 3243 47.16 -4.50 -57.75
C ILE M 3243 46.86 -5.98 -57.87
N ASP M 3244 47.82 -6.82 -57.53
CA ASP M 3244 47.57 -8.23 -57.66
C ASP M 3244 46.34 -8.62 -56.87
N SER M 3245 46.23 -8.09 -55.67
CA SER M 3245 45.06 -8.36 -54.87
C SER M 3245 43.81 -7.94 -55.60
N ALA M 3246 43.75 -6.68 -56.02
CA ALA M 3246 42.53 -6.19 -56.64
C ALA M 3246 42.17 -7.05 -57.83
N ARG M 3247 43.17 -7.57 -58.52
CA ARG M 3247 42.90 -8.48 -59.60
C ARG M 3247 42.14 -9.67 -59.10
N LYS M 3248 42.52 -10.19 -57.95
CA LYS M 3248 41.82 -11.37 -57.47
C LYS M 3248 40.36 -11.03 -57.17
N GLN M 3249 40.11 -9.95 -56.47
CA GLN M 3249 38.78 -9.67 -55.96
C GLN M 3249 37.80 -9.28 -57.02
N ASN M 3250 38.16 -9.37 -58.27
CA ASN M 3250 37.30 -8.86 -59.33
C ASN M 3250 36.95 -7.40 -59.13
N ASN M 3251 37.79 -6.64 -58.45
CA ASN M 3251 37.60 -5.19 -58.34
C ASN M 3251 38.49 -4.55 -59.39
N PHE M 3252 37.98 -4.51 -60.62
CA PHE M 3252 38.86 -4.21 -61.73
C PHE M 3252 39.21 -2.74 -61.82
N SER M 3253 38.22 -1.87 -61.70
CA SER M 3253 38.50 -0.46 -61.97
C SER M 3253 39.59 0.06 -61.07
N LEU M 3254 39.60 -0.39 -59.82
CA LEU M 3254 40.68 -0.01 -58.93
C LEU M 3254 42.01 -0.47 -59.50
N ALA M 3255 42.00 -1.64 -60.11
CA ALA M 3255 43.24 -2.12 -60.70
C ALA M 3255 43.64 -1.26 -61.87
N MET M 3256 42.70 -0.88 -62.70
CA MET M 3256 43.02 0.05 -63.77
C MET M 3256 43.74 1.24 -63.20
N LYS M 3257 43.17 1.82 -62.16
CA LYS M 3257 43.70 3.10 -61.71
C LYS M 3257 45.07 2.93 -61.11
N LEU M 3258 45.28 1.84 -60.39
CA LEU M 3258 46.59 1.68 -59.80
C LEU M 3258 47.65 1.37 -60.85
N LEU M 3259 47.33 0.56 -61.85
CA LEU M 3259 48.29 0.39 -62.93
C LEU M 3259 48.65 1.74 -63.53
N LYS M 3260 47.64 2.55 -63.83
CA LYS M 3260 47.94 3.79 -64.51
C LYS M 3260 48.71 4.73 -63.60
N GLU M 3261 48.50 4.64 -62.31
CA GLU M 3261 49.22 5.48 -61.39
C GLU M 3261 50.63 4.99 -61.17
N LEU M 3262 50.91 3.71 -61.41
CA LEU M 3262 52.25 3.20 -61.13
C LEU M 3262 53.05 2.87 -62.37
N HIS M 3263 52.52 3.10 -63.57
CA HIS M 3263 53.38 2.90 -64.73
C HIS M 3263 54.55 3.85 -64.77
N LYS M 3264 54.32 5.15 -64.53
CA LYS M 3264 55.39 6.13 -64.63
C LYS M 3264 56.65 5.68 -63.91
N GLU M 3265 56.54 4.75 -62.99
CA GLU M 3265 57.67 4.15 -62.34
C GLU M 3265 58.20 2.95 -63.09
N SER M 3266 57.66 2.66 -64.27
CA SER M 3266 58.18 1.55 -65.06
C SER M 3266 59.55 1.86 -65.61
N LYS M 3267 59.78 3.11 -65.98
CA LYS M 3267 61.02 3.48 -66.66
C LYS M 3267 62.25 3.06 -65.86
N THR M 3268 62.12 2.86 -64.57
CA THR M 3268 63.27 2.55 -63.76
C THR M 3268 63.68 1.10 -64.01
N ARG M 3269 64.68 0.65 -63.28
CA ARG M 3269 65.38 -0.57 -63.62
C ARG M 3269 64.45 -1.78 -63.70
N ASP M 3270 64.90 -2.62 -64.64
CA ASP M 3270 64.16 -3.57 -65.45
C ASP M 3270 63.21 -4.54 -64.76
N ASP M 3271 63.50 -4.97 -63.54
CA ASP M 3271 62.63 -5.93 -62.86
C ASP M 3271 61.26 -5.33 -62.64
N TRP M 3272 61.19 -4.10 -62.18
CA TRP M 3272 59.90 -3.44 -62.11
C TRP M 3272 59.28 -3.21 -63.46
N LEU M 3273 60.06 -3.00 -64.52
CA LEU M 3273 59.45 -2.84 -65.82
C LEU M 3273 58.72 -4.11 -66.23
N VAL M 3274 59.40 -5.25 -66.12
CA VAL M 3274 58.77 -6.48 -66.52
C VAL M 3274 57.63 -6.82 -65.59
N SER M 3275 57.77 -6.51 -64.31
CA SER M 3275 56.67 -6.79 -63.40
C SER M 3275 55.44 -5.99 -63.78
N TRP M 3276 55.61 -4.71 -64.06
CA TRP M 3276 54.45 -3.91 -64.42
C TRP M 3276 53.80 -4.47 -65.66
N VAL M 3277 54.60 -4.79 -66.66
CA VAL M 3277 53.98 -5.25 -67.89
C VAL M 3277 53.29 -6.57 -67.66
N GLN M 3278 53.90 -7.44 -66.85
CA GLN M 3278 53.26 -8.70 -66.56
C GLN M 3278 51.93 -8.48 -65.88
N SER M 3279 51.92 -7.63 -64.87
CA SER M 3279 50.69 -7.47 -64.12
C SER M 3279 49.62 -6.89 -65.01
N TYR M 3280 49.96 -5.91 -65.83
CA TYR M 3280 48.93 -5.33 -66.65
C TYR M 3280 48.39 -6.33 -67.63
N CYS M 3281 49.24 -7.15 -68.22
CA CYS M 3281 48.68 -8.09 -69.16
C CYS M 3281 47.85 -9.12 -68.43
N ARG M 3282 48.26 -9.49 -67.22
CA ARG M 3282 47.46 -10.42 -66.44
C ARG M 3282 46.08 -9.86 -66.21
N LEU M 3283 46.03 -8.61 -65.84
CA LEU M 3283 44.76 -7.98 -65.56
C LEU M 3283 43.93 -7.89 -66.82
N SER M 3284 44.56 -7.60 -67.93
CA SER M 3284 43.81 -7.53 -69.17
C SER M 3284 43.20 -8.86 -69.49
N HIS M 3285 43.96 -9.93 -69.33
CA HIS M 3285 43.40 -11.24 -69.57
C HIS M 3285 42.20 -11.47 -68.70
N CYS M 3286 42.34 -11.16 -67.42
CA CYS M 3286 41.26 -11.44 -66.50
C CYS M 3286 40.03 -10.62 -66.86
N ARG M 3287 40.23 -9.37 -67.24
CA ARG M 3287 39.12 -8.55 -67.66
C ARG M 3287 38.42 -9.18 -68.85
N SER M 3288 39.21 -9.70 -69.78
CA SER M 3288 38.62 -10.30 -70.95
C SER M 3288 37.77 -11.49 -70.57
N ARG M 3289 38.27 -12.30 -69.64
CA ARG M 3289 37.56 -13.54 -69.32
C ARG M 3289 36.12 -13.25 -68.98
N SER M 3290 35.89 -12.21 -68.21
CA SER M 3290 34.56 -11.88 -67.77
C SER M 3290 33.68 -11.63 -68.97
N GLN M 3291 33.93 -10.56 -69.69
CA GLN M 3291 32.94 -10.03 -70.58
C GLN M 3291 33.58 -9.76 -71.91
N GLY M 3292 32.78 -9.25 -72.84
CA GLY M 3292 33.27 -8.98 -74.17
C GLY M 3292 33.41 -10.25 -74.96
N CYS M 3293 32.83 -10.28 -76.16
CA CYS M 3293 32.96 -11.40 -77.06
C CYS M 3293 33.61 -10.99 -78.36
N SER M 3294 33.13 -9.91 -78.95
CA SER M 3294 33.75 -9.39 -80.17
C SER M 3294 34.79 -8.38 -79.75
N GLU M 3295 34.36 -7.32 -79.06
CA GLU M 3295 35.29 -6.26 -78.70
C GLU M 3295 36.34 -6.75 -77.75
N GLN M 3296 36.09 -7.85 -77.05
CA GLN M 3296 37.09 -8.37 -76.14
C GLN M 3296 38.42 -8.59 -76.82
N VAL M 3297 38.41 -8.88 -78.12
CA VAL M 3297 39.68 -9.07 -78.80
C VAL M 3297 40.49 -7.81 -78.73
N LEU M 3298 39.82 -6.66 -78.78
CA LEU M 3298 40.51 -5.41 -78.53
C LEU M 3298 41.09 -5.39 -77.14
N THR M 3299 40.34 -5.90 -76.17
CA THR M 3299 40.75 -5.81 -74.78
C THR M 3299 42.04 -6.54 -74.52
N VAL M 3300 42.48 -7.39 -75.43
CA VAL M 3300 43.75 -8.04 -75.22
C VAL M 3300 44.66 -7.79 -76.40
N LEU M 3301 44.20 -8.14 -77.60
CA LEU M 3301 45.11 -8.20 -78.74
C LEU M 3301 45.70 -6.83 -79.02
N LYS M 3302 44.84 -5.81 -79.11
CA LYS M 3302 45.27 -4.51 -79.60
C LYS M 3302 46.40 -3.95 -78.77
N THR M 3303 46.50 -4.36 -77.51
CA THR M 3303 47.59 -3.93 -76.65
C THR M 3303 48.44 -5.10 -76.17
N VAL M 3304 47.83 -6.14 -75.63
CA VAL M 3304 48.60 -7.08 -74.82
C VAL M 3304 49.65 -7.78 -75.68
N SER M 3305 49.29 -8.13 -76.90
CA SER M 3305 50.27 -8.71 -77.78
C SER M 3305 51.47 -7.80 -77.89
N LEU M 3306 51.22 -6.53 -78.19
CA LEU M 3306 52.31 -5.59 -78.39
C LEU M 3306 53.17 -5.49 -77.14
N LEU M 3307 52.55 -5.28 -76.00
CA LEU M 3307 53.31 -5.01 -74.78
C LEU M 3307 54.22 -6.19 -74.46
N ASP M 3308 53.74 -7.40 -74.63
CA ASP M 3308 54.45 -8.54 -74.10
C ASP M 3308 55.75 -8.83 -74.84
N GLU M 3309 56.02 -8.13 -75.94
CA GLU M 3309 57.19 -8.44 -76.74
C GLU M 3309 58.48 -8.27 -75.92
N ASN M 3310 59.37 -9.25 -76.04
CA ASN M 3310 60.59 -9.30 -75.24
C ASN M 3310 61.67 -8.34 -75.73
N ASN M 3311 61.36 -7.50 -76.71
CA ASN M 3311 62.33 -6.53 -77.20
C ASN M 3311 62.79 -5.61 -76.09
N VAL M 3312 61.96 -5.43 -75.06
CA VAL M 3312 62.28 -4.53 -73.96
C VAL M 3312 62.99 -5.22 -72.81
N SER M 3313 63.12 -6.54 -72.84
CA SER M 3313 63.60 -7.25 -71.67
C SER M 3313 64.52 -8.39 -72.07
N SER M 3314 65.74 -8.34 -71.54
CA SER M 3314 66.62 -9.49 -71.52
C SER M 3314 66.60 -10.16 -70.17
N TYR M 3315 65.65 -9.77 -69.31
CA TYR M 3315 65.63 -10.28 -67.94
C TYR M 3315 65.51 -11.80 -67.91
N LEU M 3316 64.91 -12.40 -68.93
CA LEU M 3316 65.00 -13.84 -69.04
C LEU M 3316 66.45 -14.30 -68.99
N SER M 3317 67.37 -13.53 -69.57
CA SER M 3317 68.78 -13.86 -69.43
C SER M 3317 69.29 -13.52 -68.04
N LYS M 3318 68.53 -12.76 -67.26
CA LYS M 3318 68.90 -12.45 -65.88
C LYS M 3318 68.31 -13.43 -64.88
N ASN M 3319 67.14 -14.00 -65.16
CA ASN M 3319 66.51 -14.93 -64.26
C ASN M 3319 65.53 -15.80 -65.04
N ILE M 3320 65.06 -16.86 -64.40
CA ILE M 3320 64.17 -17.80 -65.07
C ILE M 3320 62.71 -17.65 -64.67
N LEU M 3321 62.43 -17.27 -63.42
CA LEU M 3321 61.05 -17.14 -62.99
C LEU M 3321 60.26 -16.30 -63.98
N ALA M 3322 60.81 -15.15 -64.33
CA ALA M 3322 60.15 -14.36 -65.34
C ALA M 3322 60.07 -15.13 -66.64
N PHE M 3323 61.15 -15.84 -66.98
CA PHE M 3323 61.15 -16.58 -68.22
C PHE M 3323 60.08 -17.65 -68.22
N ARG M 3324 59.47 -17.92 -67.09
CA ARG M 3324 58.23 -18.70 -67.12
C ARG M 3324 57.02 -17.78 -67.17
N ASP M 3325 56.98 -16.79 -66.29
CA ASP M 3325 55.75 -16.05 -66.11
C ASP M 3325 55.35 -15.36 -67.40
N GLN M 3326 56.28 -14.64 -68.01
CA GLN M 3326 55.92 -13.88 -69.19
C GLN M 3326 55.45 -14.78 -70.32
N ASN M 3327 56.07 -15.94 -70.48
CA ASN M 3327 55.64 -16.77 -71.58
C ASN M 3327 54.24 -17.31 -71.35
N ILE M 3328 53.91 -17.71 -70.13
CA ILE M 3328 52.55 -18.18 -69.91
C ILE M 3328 51.58 -17.06 -70.11
N LEU M 3329 52.01 -15.83 -69.82
CA LEU M 3329 51.12 -14.72 -70.05
C LEU M 3329 50.84 -14.57 -71.54
N LEU M 3330 51.88 -14.64 -72.36
CA LEU M 3330 51.65 -14.49 -73.79
C LEU M 3330 50.81 -15.64 -74.30
N GLY M 3331 51.00 -16.81 -73.73
CA GLY M 3331 50.21 -17.95 -74.10
C GLY M 3331 48.77 -17.61 -73.91
N THR M 3332 48.38 -17.33 -72.67
CA THR M 3332 46.98 -17.08 -72.45
C THR M 3332 46.52 -15.91 -73.28
N THR M 3333 47.42 -14.97 -73.57
CA THR M 3333 47.05 -13.86 -74.44
C THR M 3333 46.54 -14.38 -75.76
N TYR M 3334 47.32 -15.24 -76.39
CA TYR M 3334 46.88 -15.77 -77.67
C TYR M 3334 45.66 -16.61 -77.50
N ARG M 3335 45.57 -17.32 -76.37
CA ARG M 3335 44.56 -18.34 -76.24
C ARG M 3335 43.17 -17.75 -76.32
N ILE M 3336 42.88 -16.72 -75.52
CA ILE M 3336 41.56 -16.13 -75.60
C ILE M 3336 41.33 -15.55 -76.97
N ILE M 3337 42.37 -14.99 -77.57
CA ILE M 3337 42.18 -14.41 -78.89
C ILE M 3337 41.64 -15.47 -79.82
N ALA M 3338 42.31 -16.62 -79.83
CA ALA M 3338 41.91 -17.68 -80.74
C ALA M 3338 40.55 -18.23 -80.35
N ASN M 3339 40.30 -18.36 -79.05
CA ASN M 3339 39.04 -18.92 -78.60
C ASN M 3339 37.88 -18.09 -79.09
N ALA M 3340 37.96 -16.79 -78.88
CA ALA M 3340 36.85 -15.95 -79.28
C ALA M 3340 36.79 -15.81 -80.78
N LEU M 3341 37.93 -15.75 -81.45
CA LEU M 3341 37.88 -15.70 -82.90
C LEU M 3341 37.14 -16.90 -83.45
N SER M 3342 37.38 -18.07 -82.86
CA SER M 3342 36.61 -19.22 -83.26
C SER M 3342 35.19 -19.14 -82.76
N SER M 3343 34.93 -18.28 -81.77
CA SER M 3343 33.62 -18.30 -81.13
C SER M 3343 32.50 -18.01 -82.11
N GLU M 3344 32.47 -16.80 -82.67
CA GLU M 3344 31.52 -16.45 -83.72
C GLU M 3344 32.29 -15.80 -84.87
N PRO M 3345 33.07 -16.59 -85.59
CA PRO M 3345 33.97 -16.03 -86.61
C PRO M 3345 33.22 -15.31 -87.69
N ALA M 3346 31.93 -15.56 -87.85
CA ALA M 3346 31.16 -14.95 -88.91
C ALA M 3346 31.17 -13.44 -88.83
N CYS M 3347 31.38 -12.87 -87.64
CA CYS M 3347 31.31 -11.43 -87.49
C CYS M 3347 32.39 -10.90 -86.55
N LEU M 3348 33.65 -11.26 -86.80
CA LEU M 3348 34.71 -10.64 -86.02
C LEU M 3348 35.67 -9.81 -86.84
N ALA M 3349 36.41 -10.45 -87.75
CA ALA M 3349 37.41 -9.70 -88.50
C ALA M 3349 36.78 -8.54 -89.22
N GLU M 3350 35.56 -8.72 -89.70
CA GLU M 3350 34.86 -7.65 -90.39
C GLU M 3350 34.23 -6.65 -89.44
N ILE M 3351 34.05 -6.99 -88.17
CA ILE M 3351 33.47 -6.07 -87.20
C ILE M 3351 34.55 -5.25 -86.50
N GLU M 3352 35.64 -5.86 -86.08
CA GLU M 3352 36.86 -5.12 -85.70
C GLU M 3352 37.64 -4.74 -86.98
N GLU M 3353 36.92 -4.06 -87.89
CA GLU M 3353 37.13 -4.03 -89.34
C GLU M 3353 38.52 -3.68 -89.85
N ASP M 3354 39.23 -2.77 -89.16
CA ASP M 3354 40.50 -2.25 -89.62
C ASP M 3354 41.66 -2.72 -88.74
N LYS M 3355 41.98 -1.99 -87.68
CA LYS M 3355 43.32 -1.99 -87.11
C LYS M 3355 43.63 -3.31 -86.42
N ALA M 3356 42.69 -3.81 -85.61
CA ALA M 3356 42.87 -5.11 -85.00
C ALA M 3356 43.03 -6.18 -86.07
N ARG M 3357 42.19 -6.14 -87.09
CA ARG M 3357 42.32 -7.11 -88.17
C ARG M 3357 43.67 -6.98 -88.82
N ARG M 3358 44.10 -5.75 -89.07
CA ARG M 3358 45.41 -5.55 -89.67
C ARG M 3358 46.49 -6.21 -88.82
N ILE M 3359 46.36 -6.12 -87.50
CA ILE M 3359 47.30 -6.78 -86.61
C ILE M 3359 47.13 -8.29 -86.65
N LEU M 3360 45.93 -8.77 -86.97
CA LEU M 3360 45.64 -10.19 -86.80
C LEU M 3360 46.54 -11.05 -87.67
N GLU M 3361 46.58 -10.78 -88.97
CA GLU M 3361 47.34 -11.65 -89.84
C GLU M 3361 48.82 -11.60 -89.50
N LEU M 3362 49.33 -10.41 -89.18
CA LEU M 3362 50.69 -10.31 -88.70
C LEU M 3362 50.90 -11.23 -87.50
N SER M 3363 49.97 -11.19 -86.55
CA SER M 3363 49.97 -12.16 -85.48
C SER M 3363 49.77 -13.56 -85.99
N GLY M 3364 49.01 -13.73 -87.06
CA GLY M 3364 48.81 -15.05 -87.61
C GLY M 3364 50.01 -15.47 -88.43
N SER M 3365 49.76 -15.96 -89.63
CA SER M 3365 50.81 -16.33 -90.57
C SER M 3365 50.84 -15.32 -91.72
N SER M 3366 51.83 -15.49 -92.61
CA SER M 3366 51.98 -14.57 -93.72
C SER M 3366 50.79 -14.63 -94.67
N SER M 3367 50.30 -15.83 -94.96
CA SER M 3367 49.11 -15.98 -95.80
C SER M 3367 47.90 -15.42 -95.07
N GLU M 3368 47.15 -14.55 -95.75
CA GLU M 3368 46.00 -13.89 -95.13
C GLU M 3368 44.71 -14.65 -95.35
N ASP M 3369 44.78 -15.97 -95.49
CA ASP M 3369 43.61 -16.79 -95.76
C ASP M 3369 42.54 -16.57 -94.70
N SER M 3370 41.32 -16.96 -95.03
CA SER M 3370 40.19 -16.66 -94.15
C SER M 3370 40.14 -17.61 -92.96
N GLU M 3371 39.93 -18.89 -93.23
CA GLU M 3371 39.74 -19.84 -92.15
C GLU M 3371 41.06 -20.14 -91.46
N LYS M 3372 42.14 -20.26 -92.23
CA LYS M 3372 43.39 -20.77 -91.71
C LYS M 3372 44.03 -19.83 -90.70
N VAL M 3373 43.54 -18.60 -90.57
CA VAL M 3373 44.13 -17.67 -89.63
C VAL M 3373 44.04 -18.20 -88.22
N ILE M 3374 42.93 -18.87 -87.88
CA ILE M 3374 42.81 -19.36 -86.53
C ILE M 3374 43.90 -20.38 -86.25
N ALA M 3375 44.12 -21.31 -87.16
CA ALA M 3375 45.16 -22.30 -86.93
C ALA M 3375 46.52 -21.65 -86.89
N GLY M 3376 46.73 -20.63 -87.71
CA GLY M 3376 47.97 -19.91 -87.64
C GLY M 3376 48.20 -19.35 -86.25
N LEU M 3377 47.13 -18.88 -85.61
CA LEU M 3377 47.25 -18.47 -84.21
C LEU M 3377 47.64 -19.65 -83.35
N TYR M 3378 46.84 -20.72 -83.39
CA TYR M 3378 47.05 -21.79 -82.42
C TYR M 3378 48.43 -22.41 -82.55
N GLN M 3379 48.98 -22.45 -83.76
CA GLN M 3379 50.25 -23.16 -83.94
C GLN M 3379 51.34 -22.49 -83.12
N ARG M 3380 51.51 -21.18 -83.30
CA ARG M 3380 52.45 -20.47 -82.47
C ARG M 3380 51.99 -20.46 -81.03
N ALA M 3381 50.68 -20.52 -80.79
CA ALA M 3381 50.23 -20.59 -79.42
C ALA M 3381 50.84 -21.79 -78.73
N PHE M 3382 50.68 -22.95 -79.34
CA PHE M 3382 51.16 -24.17 -78.74
C PHE M 3382 52.66 -24.14 -78.60
N GLN M 3383 53.35 -23.68 -79.62
CA GLN M 3383 54.81 -23.68 -79.52
C GLN M 3383 55.23 -22.78 -78.38
N HIS M 3384 54.46 -21.72 -78.15
CA HIS M 3384 54.83 -20.79 -77.09
C HIS M 3384 54.58 -21.42 -75.72
N LEU M 3385 53.43 -22.06 -75.57
CA LEU M 3385 53.18 -22.77 -74.33
C LEU M 3385 54.24 -23.84 -74.12
N SER M 3386 54.69 -24.45 -75.21
CA SER M 3386 55.77 -25.41 -75.06
C SER M 3386 57.00 -24.72 -74.54
N GLU M 3387 57.26 -23.52 -75.03
CA GLU M 3387 58.38 -22.77 -74.48
C GLU M 3387 58.16 -22.57 -73.00
N ALA M 3388 56.92 -22.38 -72.60
CA ALA M 3388 56.65 -22.23 -71.18
C ALA M 3388 57.04 -23.48 -70.43
N VAL M 3389 56.69 -24.64 -70.97
CA VAL M 3389 56.98 -25.83 -70.19
C VAL M 3389 58.49 -26.06 -70.14
N GLN M 3390 59.19 -25.95 -71.27
CA GLN M 3390 60.64 -26.09 -71.19
C GLN M 3390 61.26 -25.04 -70.28
N ALA M 3391 60.58 -23.91 -70.09
CA ALA M 3391 61.02 -23.05 -69.02
C ALA M 3391 60.79 -23.72 -67.67
N ALA M 3392 59.66 -24.41 -67.53
CA ALA M 3392 59.34 -24.97 -66.23
C ALA M 3392 60.38 -26.00 -65.81
N GLU M 3393 60.78 -26.86 -66.74
CA GLU M 3393 61.69 -27.93 -66.38
C GLU M 3393 62.98 -27.43 -65.76
N GLU M 3394 63.24 -26.13 -65.84
CA GLU M 3394 64.36 -25.53 -65.13
C GLU M 3394 63.91 -25.17 -63.73
N GLU M 3395 64.67 -25.61 -62.73
CA GLU M 3395 64.34 -25.33 -61.35
C GLU M 3395 64.62 -23.87 -61.03
N ALA M 3406 56.98 -26.12 -57.74
CA ALA M 3406 55.53 -26.23 -57.90
C ALA M 3406 54.91 -24.87 -58.12
N ALA M 3407 55.73 -23.81 -58.04
CA ALA M 3407 55.21 -22.45 -57.93
C ALA M 3407 54.22 -22.15 -59.04
N GLY M 3408 54.60 -22.39 -60.29
CA GLY M 3408 53.66 -22.32 -61.38
C GLY M 3408 53.82 -23.52 -62.28
N VAL M 3409 54.84 -24.33 -62.01
CA VAL M 3409 55.16 -25.43 -62.91
C VAL M 3409 54.00 -26.41 -62.95
N ILE M 3410 53.40 -26.69 -61.80
CA ILE M 3410 52.17 -27.47 -61.83
C ILE M 3410 51.14 -26.72 -62.65
N ASP M 3411 51.05 -25.42 -62.45
CA ASP M 3411 50.04 -24.65 -63.16
C ASP M 3411 50.35 -24.55 -64.64
N ALA M 3412 51.60 -24.32 -64.98
CA ALA M 3412 51.92 -24.24 -66.40
C ALA M 3412 51.67 -25.58 -67.08
N TYR M 3413 52.06 -26.67 -66.42
CA TYR M 3413 51.77 -27.98 -66.95
C TYR M 3413 50.28 -28.14 -67.18
N MET M 3414 49.49 -27.85 -66.16
CA MET M 3414 48.06 -27.94 -66.33
C MET M 3414 47.59 -27.04 -67.44
N THR M 3415 48.27 -25.94 -67.64
CA THR M 3415 47.81 -24.99 -68.64
C THR M 3415 47.95 -25.58 -70.03
N LEU M 3416 49.13 -26.12 -70.32
CA LEU M 3416 49.30 -26.78 -71.61
C LEU M 3416 48.33 -27.92 -71.71
N ALA M 3417 48.10 -28.62 -70.61
CA ALA M 3417 47.13 -29.67 -70.63
C ALA M 3417 45.80 -29.13 -71.14
N ASP M 3418 45.36 -28.03 -70.57
CA ASP M 3418 44.03 -27.56 -70.87
C ASP M 3418 43.93 -27.14 -72.33
N PHE M 3419 44.98 -26.49 -72.83
CA PHE M 3419 44.96 -26.12 -74.24
C PHE M 3419 44.78 -27.35 -75.10
N CYS M 3420 45.55 -28.38 -74.82
CA CYS M 3420 45.40 -29.61 -75.57
C CYS M 3420 43.98 -30.14 -75.42
N ASP M 3421 43.44 -30.09 -74.21
CA ASP M 3421 42.16 -30.73 -73.97
C ASP M 3421 41.10 -30.07 -74.82
N GLN M 3422 41.01 -28.76 -74.76
CA GLN M 3422 40.02 -28.06 -75.55
C GLN M 3422 40.24 -28.33 -77.02
N GLN M 3423 41.49 -28.36 -77.45
CA GLN M 3423 41.73 -28.56 -78.86
C GLN M 3423 41.26 -29.92 -79.31
N LEU M 3424 41.55 -30.95 -78.52
CA LEU M 3424 41.09 -32.28 -78.89
C LEU M 3424 39.58 -32.34 -78.93
N ARG M 3425 38.93 -31.74 -77.95
CA ARG M 3425 37.46 -31.77 -77.94
C ARG M 3425 36.94 -31.16 -79.22
N LYS M 3426 37.48 -30.01 -79.58
CA LYS M 3426 37.04 -29.37 -80.82
C LYS M 3426 37.32 -30.26 -82.01
N GLU M 3427 38.44 -30.97 -81.98
CA GLU M 3427 38.82 -31.77 -83.13
C GLU M 3427 37.86 -32.92 -83.32
N GLU M 3428 37.40 -33.52 -82.23
CA GLU M 3428 36.57 -34.70 -82.37
C GLU M 3428 35.25 -34.38 -83.03
N GLU M 3429 34.93 -33.10 -83.19
CA GLU M 3429 33.67 -32.74 -83.80
C GLU M 3429 33.78 -32.46 -85.29
N ASN M 3430 34.95 -32.65 -85.88
CA ASN M 3430 35.15 -32.40 -87.30
C ASN M 3430 36.34 -33.24 -87.77
N ALA M 3431 36.86 -32.92 -88.96
CA ALA M 3431 37.99 -33.64 -89.54
C ALA M 3431 38.97 -32.61 -90.11
N SER M 3432 40.07 -32.40 -89.40
CA SER M 3432 41.14 -31.49 -89.84
C SER M 3432 42.42 -32.31 -89.95
N VAL M 3433 42.78 -32.68 -91.19
CA VAL M 3433 43.89 -33.61 -91.40
C VAL M 3433 45.21 -32.97 -90.98
N ILE M 3434 45.46 -31.72 -91.40
CA ILE M 3434 46.73 -31.08 -91.08
C ILE M 3434 46.81 -30.73 -89.60
N ASP M 3435 45.73 -30.17 -89.05
CA ASP M 3435 45.73 -29.84 -87.63
C ASP M 3435 45.86 -31.10 -86.78
N SER M 3436 45.25 -32.20 -87.21
CA SER M 3436 45.45 -33.46 -86.50
C SER M 3436 46.86 -33.98 -86.68
N ALA M 3437 47.45 -33.77 -87.85
CA ALA M 3437 48.82 -34.23 -88.08
C ALA M 3437 49.78 -33.52 -87.16
N GLU M 3438 49.62 -32.21 -87.00
CA GLU M 3438 50.39 -31.50 -86.00
C GLU M 3438 49.88 -31.76 -84.60
N LEU M 3439 48.65 -32.27 -84.48
CA LEU M 3439 48.08 -32.58 -83.19
C LEU M 3439 48.68 -33.85 -82.63
N GLN M 3440 49.15 -34.72 -83.50
CA GLN M 3440 49.63 -36.03 -83.07
C GLN M 3440 50.47 -35.92 -81.81
N ALA M 3441 51.16 -34.80 -81.63
CA ALA M 3441 51.85 -34.58 -80.38
C ALA M 3441 50.89 -34.30 -79.24
N TYR M 3442 49.80 -33.62 -79.50
CA TYR M 3442 48.99 -33.11 -78.39
C TYR M 3442 48.61 -34.21 -77.42
N PRO M 3443 48.03 -35.32 -77.84
CA PRO M 3443 47.68 -36.33 -76.85
C PRO M 3443 48.89 -36.91 -76.18
N ALA M 3444 49.95 -37.12 -76.95
CA ALA M 3444 51.15 -37.68 -76.35
C ALA M 3444 51.58 -36.82 -75.19
N LEU M 3445 51.60 -35.51 -75.39
CA LEU M 3445 51.99 -34.63 -74.31
C LEU M 3445 50.98 -34.65 -73.20
N VAL M 3446 49.69 -34.75 -73.53
CA VAL M 3446 48.72 -34.58 -72.47
C VAL M 3446 48.95 -35.74 -71.52
N VAL M 3447 49.08 -36.93 -72.05
CA VAL M 3447 49.32 -38.03 -71.14
C VAL M 3447 50.68 -37.86 -70.48
N GLU M 3448 51.74 -37.86 -71.28
CA GLU M 3448 53.08 -37.95 -70.73
C GLU M 3448 53.38 -36.76 -69.83
N LYS M 3449 52.60 -35.69 -69.94
CA LYS M 3449 52.97 -34.54 -69.16
C LYS M 3449 51.97 -34.28 -68.05
N MET M 3450 50.67 -34.36 -68.34
CA MET M 3450 49.72 -34.18 -67.26
C MET M 3450 49.95 -35.23 -66.22
N LEU M 3451 50.04 -36.48 -66.63
CA LEU M 3451 50.31 -37.50 -65.63
C LEU M 3451 51.65 -37.25 -65.00
N LYS M 3452 52.60 -36.76 -65.77
CA LYS M 3452 53.86 -36.35 -65.17
C LYS M 3452 53.58 -35.42 -64.00
N ALA M 3453 52.61 -34.54 -64.17
CA ALA M 3453 52.30 -33.59 -63.13
C ALA M 3453 51.52 -34.22 -62.02
N LEU M 3454 50.89 -35.35 -62.27
CA LEU M 3454 50.10 -35.94 -61.22
C LEU M 3454 50.95 -36.33 -60.02
N LYS M 3455 52.27 -36.41 -60.17
CA LYS M 3455 53.07 -36.82 -59.05
C LYS M 3455 52.90 -35.89 -57.88
N LEU M 3456 53.03 -34.60 -58.11
CA LEU M 3456 52.76 -33.67 -57.04
C LEU M 3456 51.28 -33.76 -56.69
N ASN M 3457 50.90 -33.11 -55.60
CA ASN M 3457 49.54 -33.27 -55.11
C ASN M 3457 48.54 -33.02 -56.22
N SER M 3458 48.69 -31.91 -56.94
CA SER M 3458 48.01 -31.70 -58.21
C SER M 3458 46.53 -32.07 -58.15
N ASN M 3459 45.87 -31.65 -57.07
CA ASN M 3459 44.51 -32.11 -56.81
C ASN M 3459 43.63 -31.86 -58.00
N GLU M 3460 43.73 -30.66 -58.56
CA GLU M 3460 42.94 -30.34 -59.73
C GLU M 3460 43.28 -31.26 -60.89
N ALA M 3461 44.53 -31.64 -61.01
CA ALA M 3461 44.84 -32.60 -62.04
C ALA M 3461 44.30 -33.97 -61.69
N ARG M 3462 44.53 -34.42 -60.47
CA ARG M 3462 44.17 -35.79 -60.10
C ARG M 3462 42.69 -36.00 -60.32
N LEU M 3463 41.90 -34.97 -60.17
CA LEU M 3463 40.49 -35.11 -60.44
C LEU M 3463 40.27 -35.59 -61.86
N LYS M 3464 40.91 -34.95 -62.83
CA LYS M 3464 40.48 -35.16 -64.20
C LYS M 3464 41.05 -36.42 -64.79
N PHE M 3465 41.45 -37.37 -63.98
CA PHE M 3465 42.10 -38.53 -64.52
C PHE M 3465 41.22 -39.39 -65.43
N PRO M 3466 39.88 -39.35 -65.34
CA PRO M 3466 39.14 -40.11 -66.35
C PRO M 3466 39.36 -39.57 -67.73
N ARG M 3467 39.57 -38.26 -67.83
CA ARG M 3467 39.89 -37.70 -69.12
C ARG M 3467 41.08 -38.42 -69.71
N LEU M 3468 42.02 -38.83 -68.85
CA LEU M 3468 43.10 -39.65 -69.35
C LEU M 3468 42.55 -40.85 -70.07
N LEU M 3469 41.90 -41.74 -69.34
CA LEU M 3469 41.50 -43.01 -69.93
C LEU M 3469 40.72 -42.77 -71.20
N GLN M 3470 39.89 -41.74 -71.22
CA GLN M 3470 39.15 -41.54 -72.45
C GLN M 3470 40.09 -41.14 -73.57
N ILE M 3471 41.05 -40.27 -73.29
CA ILE M 3471 42.02 -39.89 -74.31
C ILE M 3471 42.71 -41.14 -74.82
N ILE M 3472 43.02 -42.03 -73.89
CA ILE M 3472 43.69 -43.26 -74.25
C ILE M 3472 42.86 -43.99 -75.27
N GLU M 3473 41.58 -44.14 -74.97
CA GLU M 3473 40.74 -44.95 -75.82
C GLU M 3473 40.63 -44.32 -77.19
N ARG M 3474 40.02 -43.15 -77.26
CA ARG M 3474 39.66 -42.56 -78.54
C ARG M 3474 40.85 -42.39 -79.46
N TYR M 3475 42.05 -42.26 -78.90
CA TYR M 3475 43.27 -42.02 -79.65
C TYR M 3475 44.24 -43.13 -79.29
N PRO M 3476 44.15 -44.25 -80.00
CA PRO M 3476 44.70 -45.50 -79.45
C PRO M 3476 46.18 -45.73 -79.71
N GLU M 3477 46.71 -45.19 -80.79
CA GLU M 3477 48.03 -45.61 -81.23
C GLU M 3477 49.10 -45.30 -80.19
N GLU M 3478 48.92 -44.24 -79.42
CA GLU M 3478 49.96 -43.77 -78.52
C GLU M 3478 49.70 -44.14 -77.07
N THR M 3479 48.95 -45.21 -76.82
CA THR M 3479 48.78 -45.68 -75.45
C THR M 3479 50.12 -46.01 -74.82
N LEU M 3480 51.02 -46.59 -75.61
CA LEU M 3480 52.26 -47.15 -75.08
C LEU M 3480 52.97 -46.16 -74.19
N SER M 3481 52.93 -44.88 -74.57
CA SER M 3481 53.53 -43.85 -73.76
C SER M 3481 52.99 -43.91 -72.34
N LEU M 3482 51.67 -44.05 -72.21
CA LEU M 3482 51.07 -44.04 -70.88
C LEU M 3482 51.76 -45.03 -69.97
N MET M 3483 51.69 -46.31 -70.34
CA MET M 3483 52.24 -47.33 -69.49
C MET M 3483 53.69 -47.04 -69.27
N THR M 3484 54.44 -46.90 -70.36
CA THR M 3484 55.88 -46.88 -70.27
C THR M 3484 56.37 -45.63 -69.58
N LYS M 3485 55.51 -44.66 -69.37
CA LYS M 3485 55.98 -43.39 -68.84
C LYS M 3485 55.47 -43.09 -67.46
N GLU M 3486 54.18 -43.06 -67.26
CA GLU M 3486 53.88 -42.48 -65.97
C GLU M 3486 53.17 -43.43 -65.04
N ILE M 3487 52.15 -44.14 -65.51
CA ILE M 3487 51.69 -45.26 -64.70
C ILE M 3487 52.88 -46.14 -64.35
N SER M 3488 53.94 -46.03 -65.12
CA SER M 3488 55.19 -46.60 -64.68
C SER M 3488 55.67 -46.01 -63.36
N SER M 3489 55.12 -44.88 -62.92
CA SER M 3489 55.73 -44.24 -61.75
C SER M 3489 54.72 -43.60 -60.81
N VAL M 3490 53.44 -43.84 -60.99
CA VAL M 3490 52.40 -43.20 -60.18
C VAL M 3490 52.57 -43.62 -58.73
N PRO M 3491 52.42 -42.74 -57.79
CA PRO M 3491 52.15 -43.19 -56.42
C PRO M 3491 50.75 -43.70 -56.36
N CYS M 3492 50.58 -45.00 -56.09
CA CYS M 3492 49.33 -45.69 -56.31
C CYS M 3492 48.14 -45.04 -55.61
N TRP M 3493 48.35 -44.43 -54.45
CA TRP M 3493 47.19 -43.86 -53.83
C TRP M 3493 46.60 -42.79 -54.70
N GLN M 3494 47.44 -41.97 -55.31
CA GLN M 3494 46.87 -40.92 -56.14
C GLN M 3494 45.99 -41.46 -57.24
N PHE M 3495 45.86 -42.78 -57.36
CA PHE M 3495 44.78 -43.39 -58.10
C PHE M 3495 43.73 -44.03 -57.24
N ILE M 3496 44.04 -44.31 -55.97
CA ILE M 3496 43.02 -44.99 -55.18
C ILE M 3496 41.72 -44.23 -55.18
N SER M 3497 41.80 -42.91 -55.35
CA SER M 3497 40.63 -42.06 -55.17
C SER M 3497 39.46 -42.63 -55.94
N TRP M 3498 39.69 -42.96 -57.18
CA TRP M 3498 38.68 -43.62 -57.97
C TRP M 3498 39.30 -44.74 -58.75
N ILE M 3499 40.04 -45.56 -58.00
CA ILE M 3499 40.39 -46.91 -58.43
C ILE M 3499 39.22 -47.63 -59.05
N SER M 3500 38.00 -47.25 -58.69
CA SER M 3500 36.86 -48.02 -59.14
C SER M 3500 36.70 -47.98 -60.65
N HIS M 3501 36.74 -46.80 -61.24
CA HIS M 3501 36.52 -46.73 -62.67
C HIS M 3501 37.52 -47.57 -63.44
N MET M 3502 38.80 -47.41 -63.17
CA MET M 3502 39.68 -48.18 -64.02
C MET M 3502 39.71 -49.63 -63.64
N VAL M 3503 39.44 -49.99 -62.39
CA VAL M 3503 39.38 -51.41 -62.16
C VAL M 3503 38.22 -51.96 -62.96
N ALA M 3504 37.22 -51.14 -63.21
CA ALA M 3504 36.21 -51.58 -64.15
C ALA M 3504 36.82 -51.74 -65.52
N LEU M 3505 37.50 -50.71 -65.99
CA LEU M 3505 37.93 -50.69 -67.38
C LEU M 3505 38.91 -51.82 -67.61
N LEU M 3506 39.28 -52.50 -66.53
CA LEU M 3506 40.33 -53.51 -66.50
C LEU M 3506 40.06 -54.66 -67.42
N ASP M 3507 38.97 -54.67 -68.16
CA ASP M 3507 38.79 -55.76 -69.08
C ASP M 3507 39.25 -55.42 -70.49
N LYS M 3508 38.77 -54.32 -71.06
CA LYS M 3508 38.90 -54.04 -72.48
C LYS M 3508 40.37 -53.84 -72.86
N ASP M 3509 40.61 -53.74 -74.16
CA ASP M 3509 41.96 -53.86 -74.71
C ASP M 3509 42.95 -52.92 -74.06
N GLN M 3510 42.52 -51.75 -73.66
CA GLN M 3510 43.52 -50.86 -73.10
C GLN M 3510 43.99 -51.33 -71.74
N ALA M 3511 43.34 -52.34 -71.16
CA ALA M 3511 43.67 -52.76 -69.80
C ALA M 3511 45.18 -52.86 -69.61
N VAL M 3512 45.91 -53.08 -70.68
CA VAL M 3512 47.36 -53.04 -70.66
C VAL M 3512 47.75 -51.77 -69.94
N ALA M 3513 46.86 -50.79 -69.95
CA ALA M 3513 47.14 -49.54 -69.24
C ALA M 3513 47.26 -49.78 -67.74
N VAL M 3514 46.14 -50.04 -67.08
CA VAL M 3514 46.13 -49.93 -65.64
C VAL M 3514 46.86 -51.07 -64.98
N GLN M 3515 47.33 -52.03 -65.79
CA GLN M 3515 47.90 -53.26 -65.31
C GLN M 3515 48.77 -53.03 -64.09
N HIS M 3516 49.84 -52.29 -64.30
CA HIS M 3516 50.88 -52.20 -63.29
C HIS M 3516 50.37 -51.41 -62.09
N SER M 3517 49.51 -50.43 -62.35
CA SER M 3517 48.94 -49.64 -61.27
C SER M 3517 48.01 -50.49 -60.42
N VAL M 3518 47.12 -51.23 -61.05
CA VAL M 3518 46.20 -51.99 -60.23
C VAL M 3518 46.96 -53.02 -59.46
N GLU M 3519 48.00 -53.59 -60.06
CA GLU M 3519 48.82 -54.53 -59.32
C GLU M 3519 49.44 -53.88 -58.09
N GLU M 3520 50.07 -52.71 -58.27
CA GLU M 3520 50.70 -52.07 -57.13
C GLU M 3520 49.68 -51.81 -56.04
N ILE M 3521 48.58 -51.16 -56.37
CA ILE M 3521 47.63 -50.80 -55.33
C ILE M 3521 47.07 -52.04 -54.68
N THR M 3522 46.92 -53.11 -55.46
CA THR M 3522 46.53 -54.38 -54.88
C THR M 3522 47.50 -54.79 -53.80
N ASP M 3523 48.78 -54.75 -54.11
CA ASP M 3523 49.77 -55.17 -53.13
C ASP M 3523 49.75 -54.24 -51.94
N ASN M 3524 49.80 -52.94 -52.18
CA ASN M 3524 50.10 -52.00 -51.12
C ASN M 3524 48.91 -51.85 -50.18
N TYR M 3525 47.74 -51.57 -50.74
CA TYR M 3525 46.55 -51.26 -49.96
C TYR M 3525 45.47 -52.21 -50.44
N PRO M 3526 45.58 -53.48 -50.11
CA PRO M 3526 44.71 -54.47 -50.74
C PRO M 3526 43.25 -54.24 -50.49
N GLN M 3527 42.89 -53.80 -49.29
CA GLN M 3527 41.49 -53.82 -48.93
C GLN M 3527 40.69 -52.84 -49.75
N ALA M 3528 41.34 -51.89 -50.39
CA ALA M 3528 40.60 -51.00 -51.25
C ALA M 3528 40.09 -51.71 -52.48
N ILE M 3529 40.98 -52.41 -53.17
CA ILE M 3529 40.59 -52.96 -54.45
C ILE M 3529 39.49 -53.97 -54.30
N VAL M 3530 39.46 -54.68 -53.18
CA VAL M 3530 38.69 -55.91 -53.15
C VAL M 3530 37.23 -55.64 -53.46
N TYR M 3531 36.64 -54.70 -52.76
CA TYR M 3531 35.20 -54.55 -52.86
C TYR M 3531 34.76 -54.18 -54.27
N PRO M 3532 35.33 -53.20 -54.93
CA PRO M 3532 34.95 -53.00 -56.33
C PRO M 3532 35.42 -54.12 -57.20
N PHE M 3533 36.58 -54.69 -56.91
CA PHE M 3533 37.09 -55.70 -57.81
C PHE M 3533 36.21 -56.93 -57.78
N ILE M 3534 35.69 -57.29 -56.62
CA ILE M 3534 34.92 -58.51 -56.56
C ILE M 3534 33.75 -58.44 -57.51
N ILE M 3535 33.09 -57.29 -57.56
CA ILE M 3535 31.95 -57.20 -58.45
C ILE M 3535 32.41 -57.14 -59.89
N SER M 3536 33.39 -56.28 -60.17
CA SER M 3536 33.84 -56.16 -61.54
C SER M 3536 34.35 -57.49 -62.06
N SER M 3537 34.69 -58.41 -61.17
CA SER M 3537 35.10 -59.74 -61.60
C SER M 3537 33.97 -60.43 -62.33
N GLU M 3538 32.74 -60.21 -61.89
CA GLU M 3538 31.63 -60.91 -62.48
C GLU M 3538 31.36 -60.51 -63.93
N SER M 3539 31.98 -59.45 -64.42
CA SER M 3539 31.67 -58.92 -65.73
C SER M 3539 32.80 -59.16 -66.72
N TYR M 3540 33.56 -60.23 -66.53
CA TYR M 3540 34.64 -60.53 -67.47
C TYR M 3540 34.08 -60.71 -68.86
N SER M 3541 34.83 -60.25 -69.85
CA SER M 3541 34.45 -60.42 -71.25
C SER M 3541 35.68 -60.78 -72.06
N PHE M 3542 36.50 -61.67 -71.52
CA PHE M 3542 37.86 -61.87 -72.01
C PHE M 3542 37.82 -62.68 -73.29
N LYS M 3543 37.96 -62.02 -74.42
CA LYS M 3543 38.02 -62.72 -75.68
C LYS M 3543 39.27 -63.57 -75.75
N ASP M 3544 39.29 -64.50 -76.70
CA ASP M 3544 40.30 -65.54 -76.72
C ASP M 3544 41.65 -65.09 -77.28
N THR M 3545 41.73 -63.91 -77.89
CA THR M 3545 42.97 -63.50 -78.52
C THR M 3545 44.08 -63.38 -77.49
N SER M 3546 45.32 -63.41 -77.98
CA SER M 3546 46.47 -63.46 -77.08
C SER M 3546 46.44 -62.32 -76.09
N THR M 3547 46.13 -61.11 -76.56
CA THR M 3547 45.94 -60.02 -75.63
C THR M 3547 44.83 -60.35 -74.65
N GLY M 3548 43.72 -60.87 -75.16
CA GLY M 3548 42.64 -61.25 -74.26
C GLY M 3548 43.10 -62.29 -73.27
N HIS M 3549 43.91 -63.25 -73.71
CA HIS M 3549 44.26 -64.34 -72.82
C HIS M 3549 45.22 -63.87 -71.73
N LYS M 3550 46.24 -63.11 -72.11
CA LYS M 3550 47.17 -62.62 -71.10
C LYS M 3550 46.45 -61.69 -70.13
N ASN M 3551 45.54 -60.87 -70.63
CA ASN M 3551 44.75 -60.05 -69.73
C ASN M 3551 43.98 -60.94 -68.78
N LYS M 3552 43.40 -62.01 -69.31
CA LYS M 3552 42.64 -62.89 -68.45
C LYS M 3552 43.51 -63.42 -67.34
N GLU M 3553 44.71 -63.86 -67.68
CA GLU M 3553 45.58 -64.46 -66.68
C GLU M 3553 45.95 -63.43 -65.63
N PHE M 3554 46.20 -62.20 -66.05
CA PHE M 3554 46.55 -61.15 -65.12
C PHE M 3554 45.39 -60.89 -64.17
N VAL M 3555 44.19 -60.81 -64.70
CA VAL M 3555 43.06 -60.61 -63.82
C VAL M 3555 42.92 -61.79 -62.88
N ALA M 3556 43.16 -62.98 -63.39
CA ALA M 3556 42.98 -64.15 -62.57
C ALA M 3556 43.95 -64.13 -61.42
N ARG M 3557 45.20 -63.78 -61.70
CA ARG M 3557 46.17 -63.78 -60.62
C ARG M 3557 45.81 -62.74 -59.61
N ILE M 3558 45.20 -61.63 -60.05
CA ILE M 3558 44.69 -60.67 -59.08
C ILE M 3558 43.64 -61.32 -58.20
N LYS M 3559 42.67 -61.96 -58.83
CA LYS M 3559 41.56 -62.55 -58.08
C LYS M 3559 42.09 -63.53 -57.05
N SER M 3560 43.06 -64.33 -57.44
CA SER M 3560 43.70 -65.23 -56.51
C SER M 3560 44.34 -64.43 -55.38
N LYS M 3561 45.20 -63.48 -55.73
CA LYS M 3561 46.07 -62.88 -54.75
C LYS M 3561 45.28 -62.18 -53.68
N LEU M 3562 44.28 -61.41 -54.06
CA LEU M 3562 43.61 -60.66 -53.03
C LEU M 3562 42.60 -61.54 -52.31
N ASP M 3563 42.14 -61.03 -51.18
CA ASP M 3563 41.15 -61.70 -50.35
C ASP M 3563 41.64 -63.09 -49.93
N GLN M 3564 42.90 -63.12 -49.53
CA GLN M 3564 43.45 -64.33 -48.93
C GLN M 3564 42.53 -64.75 -47.80
N GLY M 3565 42.26 -66.05 -47.72
CA GLY M 3565 41.28 -66.54 -46.79
C GLY M 3565 39.84 -66.29 -47.20
N GLY M 3566 39.61 -65.34 -48.10
CA GLY M 3566 38.28 -65.11 -48.61
C GLY M 3566 37.32 -64.61 -47.56
N VAL M 3567 37.86 -64.09 -46.45
CA VAL M 3567 36.99 -63.63 -45.39
C VAL M 3567 36.11 -62.51 -45.89
N ILE M 3568 36.59 -61.77 -46.88
CA ILE M 3568 35.77 -60.76 -47.51
C ILE M 3568 34.58 -61.40 -48.20
N GLN M 3569 34.84 -62.47 -48.95
CA GLN M 3569 33.73 -63.16 -49.60
C GLN M 3569 32.79 -63.73 -48.57
N ASP M 3570 33.32 -64.11 -47.42
CA ASP M 3570 32.50 -64.65 -46.36
C ASP M 3570 31.54 -63.59 -45.83
N PHE M 3571 32.09 -62.42 -45.48
CA PHE M 3571 31.27 -61.29 -45.07
C PHE M 3571 30.22 -60.98 -46.11
N ILE M 3572 30.65 -60.90 -47.36
CA ILE M 3572 29.72 -60.64 -48.44
C ILE M 3572 28.57 -61.61 -48.37
N ASN M 3573 28.88 -62.89 -48.52
CA ASN M 3573 27.83 -63.89 -48.65
C ASN M 3573 26.93 -63.84 -47.44
N ALA M 3574 27.52 -63.67 -46.27
CA ALA M 3574 26.72 -63.70 -45.06
C ALA M 3574 25.67 -62.62 -45.08
N LEU M 3575 26.11 -61.38 -45.24
CA LEU M 3575 25.12 -60.32 -45.20
C LEU M 3575 24.18 -60.42 -46.38
N ASP M 3576 24.61 -61.06 -47.46
CA ASP M 3576 23.64 -61.31 -48.52
C ASP M 3576 22.52 -62.14 -47.92
N GLN M 3577 22.80 -63.41 -47.68
CA GLN M 3577 21.69 -64.33 -47.41
C GLN M 3577 20.89 -63.86 -46.22
N LEU M 3578 21.55 -63.28 -45.22
CA LEU M 3578 20.77 -62.88 -44.07
C LEU M 3578 20.27 -61.46 -44.21
N SER M 3579 20.52 -60.84 -45.34
CA SER M 3579 20.12 -59.45 -45.44
C SER M 3579 18.72 -59.31 -46.01
N ASN M 3580 18.56 -59.70 -47.26
CA ASN M 3580 17.36 -59.34 -47.98
C ASN M 3580 16.22 -60.27 -47.62
N PRO M 3581 15.02 -59.76 -47.44
CA PRO M 3581 13.86 -60.63 -47.24
C PRO M 3581 13.57 -61.52 -48.43
N GLU M 3582 12.56 -62.36 -48.28
CA GLU M 3582 12.16 -63.24 -49.35
C GLU M 3582 11.81 -62.46 -50.61
N LEU M 3583 11.41 -61.20 -50.50
CA LEU M 3583 11.09 -60.41 -51.67
C LEU M 3583 12.20 -60.48 -52.71
N LEU M 3584 13.39 -60.95 -52.33
CA LEU M 3584 14.32 -61.44 -53.31
C LEU M 3584 13.63 -62.37 -54.29
N PHE M 3585 12.66 -63.14 -53.79
CA PHE M 3585 11.87 -63.98 -54.68
C PHE M 3585 11.15 -63.13 -55.70
N LYS M 3586 10.50 -62.05 -55.26
CA LYS M 3586 9.84 -61.19 -56.22
C LYS M 3586 10.85 -60.68 -57.23
N ASP M 3587 12.02 -60.32 -56.76
CA ASP M 3587 13.03 -59.76 -57.64
C ASP M 3587 13.39 -60.75 -58.73
N TRP M 3588 13.81 -61.94 -58.36
CA TRP M 3588 14.25 -62.83 -59.43
C TRP M 3588 13.04 -63.32 -60.19
N SER M 3589 11.85 -63.20 -59.61
CA SER M 3589 10.67 -63.67 -60.29
C SER M 3589 10.32 -62.77 -61.45
N ASN M 3590 10.34 -61.45 -61.25
CA ASN M 3590 10.04 -60.63 -62.41
C ASN M 3590 11.25 -60.56 -63.32
N ASP M 3591 12.45 -60.84 -62.82
CA ASP M 3591 13.55 -61.03 -63.77
C ASP M 3591 13.28 -62.21 -64.69
N VAL M 3592 12.84 -63.33 -64.11
CA VAL M 3592 12.46 -64.49 -64.91
C VAL M 3592 11.31 -64.12 -65.83
N ARG M 3593 10.39 -63.29 -65.33
CA ARG M 3593 9.25 -62.86 -66.14
C ARG M 3593 9.73 -62.12 -67.38
N ALA M 3594 10.66 -61.21 -67.22
CA ALA M 3594 11.22 -60.51 -68.37
C ALA M 3594 11.91 -61.49 -69.30
N GLU M 3595 12.72 -62.38 -68.73
CA GLU M 3595 13.54 -63.24 -69.57
C GLU M 3595 12.73 -64.33 -70.27
N LEU M 3596 11.52 -64.61 -69.78
CA LEU M 3596 10.68 -65.63 -70.38
C LEU M 3596 10.05 -65.18 -71.69
N ALA M 3597 9.98 -63.87 -71.95
CA ALA M 3597 9.51 -63.39 -73.23
C ALA M 3597 10.46 -63.75 -74.37
N LYS M 3598 11.66 -64.21 -74.05
CA LYS M 3598 12.63 -64.57 -75.08
C LYS M 3598 12.34 -65.96 -75.64
N THR M 3599 13.06 -66.30 -76.70
CA THR M 3599 12.93 -67.59 -77.36
C THR M 3599 13.46 -68.70 -76.45
N PRO M 3600 13.05 -69.95 -76.69
CA PRO M 3600 13.48 -71.05 -75.83
C PRO M 3600 14.99 -71.27 -75.78
N VAL M 3601 15.76 -70.66 -76.69
CA VAL M 3601 17.22 -70.75 -76.61
C VAL M 3601 17.77 -70.02 -75.39
N ASN M 3602 16.93 -69.26 -74.69
CA ASN M 3602 17.30 -68.61 -73.44
C ASN M 3602 17.32 -69.57 -72.26
N LYS M 3603 17.30 -70.88 -72.51
CA LYS M 3603 17.28 -71.84 -71.42
C LYS M 3603 18.55 -71.77 -70.58
N LYS M 3604 19.67 -71.38 -71.18
CA LYS M 3604 20.90 -71.21 -70.41
C LYS M 3604 20.74 -70.10 -69.38
N ASN M 3605 20.19 -68.96 -69.78
CA ASN M 3605 19.92 -67.88 -68.83
C ASN M 3605 18.85 -68.28 -67.83
N ILE M 3606 17.88 -69.08 -68.27
CA ILE M 3606 16.86 -69.56 -67.35
C ILE M 3606 17.47 -70.40 -66.26
N GLU M 3607 18.40 -71.29 -66.63
CA GLU M 3607 19.09 -72.11 -65.63
C GLU M 3607 19.98 -71.25 -64.74
N LYS M 3608 20.64 -70.25 -65.32
CA LYS M 3608 21.46 -69.35 -64.51
C LYS M 3608 20.63 -68.51 -63.55
N MET M 3609 19.35 -68.33 -63.83
CA MET M 3609 18.46 -67.65 -62.90
C MET M 3609 17.85 -68.61 -61.88
N TYR M 3610 17.61 -69.86 -62.28
CA TYR M 3610 17.18 -70.86 -61.33
C TYR M 3610 18.24 -71.15 -60.29
N GLU M 3611 19.50 -71.27 -60.72
CA GLU M 3611 20.58 -71.61 -59.80
C GLU M 3611 20.73 -70.57 -58.71
N ARG M 3612 20.42 -69.31 -58.99
CA ARG M 3612 20.42 -68.32 -57.93
C ARG M 3612 19.56 -68.77 -56.77
N MET M 3613 18.26 -68.84 -57.00
CA MET M 3613 17.35 -69.19 -55.92
C MET M 3613 17.62 -70.57 -55.39
N TYR M 3614 18.12 -71.48 -56.23
CA TYR M 3614 18.42 -72.82 -55.77
C TYR M 3614 19.54 -72.80 -54.73
N ALA M 3615 20.65 -72.15 -55.04
CA ALA M 3615 21.72 -72.02 -54.05
C ALA M 3615 21.26 -71.18 -52.87
N ALA M 3616 20.29 -70.31 -53.08
CA ALA M 3616 19.78 -69.49 -51.99
C ALA M 3616 18.94 -70.31 -51.02
N LEU M 3617 18.08 -71.18 -51.52
CA LEU M 3617 17.08 -71.89 -50.72
C LEU M 3617 17.25 -73.39 -50.75
N GLY M 3618 17.16 -74.00 -51.94
CA GLY M 3618 16.88 -75.43 -52.01
C GLY M 3618 18.00 -76.29 -51.46
N ASP M 3619 19.25 -75.88 -51.67
CA ASP M 3619 20.38 -76.72 -51.29
C ASP M 3619 20.37 -76.97 -49.78
N PRO M 3620 20.42 -78.22 -49.35
CA PRO M 3620 20.48 -78.52 -47.91
C PRO M 3620 21.73 -77.92 -47.30
N LYS M 3621 21.59 -77.41 -46.07
CA LYS M 3621 22.68 -76.75 -45.37
C LYS M 3621 23.29 -75.66 -46.24
N ALA M 3622 22.44 -74.79 -46.75
CA ALA M 3622 22.88 -73.76 -47.69
C ALA M 3622 23.85 -72.81 -47.00
N PRO M 3623 24.81 -72.24 -47.74
CA PRO M 3623 25.74 -71.29 -47.14
C PRO M 3623 25.00 -70.10 -46.54
N GLY M 3624 25.52 -69.63 -45.41
CA GLY M 3624 24.86 -68.58 -44.66
C GLY M 3624 23.97 -69.12 -43.56
N LEU M 3625 23.19 -70.16 -43.89
CA LEU M 3625 22.32 -70.81 -42.92
C LEU M 3625 21.38 -69.82 -42.23
N GLY M 3626 20.59 -69.12 -43.01
CA GLY M 3626 19.75 -68.06 -42.45
C GLY M 3626 18.64 -68.61 -41.58
N ALA M 3627 18.16 -67.74 -40.69
CA ALA M 3627 17.07 -68.12 -39.80
C ALA M 3627 15.73 -68.02 -40.52
N PHE M 3628 15.36 -66.81 -40.93
CA PHE M 3628 14.18 -66.70 -41.76
C PHE M 3628 14.43 -67.33 -43.13
N ARG M 3629 15.70 -67.40 -43.55
CA ARG M 3629 16.01 -68.19 -44.74
C ARG M 3629 15.65 -69.65 -44.55
N ARG M 3630 16.02 -70.23 -43.40
CA ARG M 3630 15.62 -71.59 -43.11
C ARG M 3630 14.11 -71.72 -43.06
N LYS M 3631 13.45 -70.73 -42.45
CA LYS M 3631 12.00 -70.77 -42.37
C LYS M 3631 11.36 -70.77 -43.75
N PHE M 3632 11.89 -69.95 -44.66
CA PHE M 3632 11.31 -69.84 -45.98
C PHE M 3632 11.57 -71.09 -46.79
N ILE M 3633 12.79 -71.62 -46.75
CA ILE M 3633 13.05 -72.85 -47.50
C ILE M 3633 12.23 -74.01 -46.93
N GLN M 3634 12.07 -74.05 -45.60
CA GLN M 3634 11.19 -75.04 -44.99
C GLN M 3634 9.75 -74.86 -45.44
N THR M 3635 9.31 -73.62 -45.62
CA THR M 3635 7.98 -73.36 -46.15
C THR M 3635 7.91 -73.51 -47.66
N PHE M 3636 9.02 -73.74 -48.33
CA PHE M 3636 9.00 -73.86 -49.78
C PHE M 3636 9.87 -75.02 -50.24
N GLY M 3637 9.60 -76.18 -49.67
CA GLY M 3637 10.20 -77.42 -50.12
C GLY M 3637 9.29 -78.09 -51.11
N LYS M 3638 8.57 -79.13 -50.67
CA LYS M 3638 7.65 -79.85 -51.55
C LYS M 3638 6.70 -78.93 -52.31
N GLU M 3639 6.40 -77.75 -51.75
CA GLU M 3639 5.58 -76.77 -52.47
C GLU M 3639 6.29 -76.27 -53.72
N PHE M 3640 7.60 -76.07 -53.63
CA PHE M 3640 8.38 -75.74 -54.82
C PHE M 3640 8.42 -76.91 -55.81
N ASP M 3641 8.63 -78.11 -55.30
CA ASP M 3641 8.73 -79.28 -56.18
C ASP M 3641 7.42 -79.50 -56.93
N LYS M 3642 6.28 -79.27 -56.27
CA LYS M 3642 4.99 -79.47 -56.92
C LYS M 3642 4.81 -78.52 -58.09
N HIS M 3643 5.12 -77.24 -57.90
CA HIS M 3643 4.72 -76.24 -58.88
C HIS M 3643 5.87 -75.76 -59.75
N PHE M 3644 6.85 -75.13 -59.12
CA PHE M 3644 7.71 -74.21 -59.85
C PHE M 3644 8.95 -74.88 -60.40
N GLY M 3645 9.44 -75.95 -59.78
CA GLY M 3645 10.69 -76.51 -60.22
C GLY M 3645 10.57 -77.91 -60.77
N LYS M 3646 9.60 -78.66 -60.26
CA LYS M 3646 9.44 -80.07 -60.57
C LYS M 3646 10.71 -80.85 -60.29
N GLY M 3647 11.41 -80.49 -59.22
CA GLY M 3647 12.73 -81.03 -58.95
C GLY M 3647 13.84 -80.38 -59.73
N GLY M 3648 13.53 -79.37 -60.54
CA GLY M 3648 14.52 -78.74 -61.38
C GLY M 3648 14.14 -78.89 -62.84
N SER M 3649 13.22 -79.81 -63.12
CA SER M 3649 12.85 -80.17 -64.48
C SER M 3649 11.77 -79.26 -65.07
N LYS M 3650 11.52 -78.10 -64.46
CA LYS M 3650 10.56 -77.18 -65.05
C LYS M 3650 11.19 -76.41 -66.21
N LEU M 3651 12.48 -76.63 -66.46
CA LEU M 3651 13.22 -75.87 -67.47
C LEU M 3651 12.60 -76.01 -68.86
N LEU M 3652 11.82 -77.07 -69.09
CA LEU M 3652 11.25 -77.29 -70.41
C LEU M 3652 10.24 -76.20 -70.80
N ARG M 3653 9.37 -75.81 -69.87
CA ARG M 3653 8.17 -75.05 -70.21
C ARG M 3653 8.44 -73.54 -70.24
N MET M 3654 9.25 -73.14 -71.22
CA MET M 3654 9.55 -71.73 -71.41
C MET M 3654 8.63 -71.07 -72.46
N LYS M 3655 7.76 -71.85 -73.11
CA LYS M 3655 6.96 -71.28 -74.19
C LYS M 3655 5.93 -70.27 -73.70
N LEU M 3656 5.28 -70.52 -72.55
CA LEU M 3656 4.22 -69.65 -72.06
C LEU M 3656 4.67 -69.03 -70.75
N SER M 3657 4.20 -67.80 -70.50
CA SER M 3657 4.69 -67.01 -69.38
C SER M 3657 3.66 -66.78 -68.30
N ASP M 3658 2.63 -67.62 -68.21
CA ASP M 3658 1.56 -67.38 -67.26
C ASP M 3658 2.00 -67.54 -65.81
N PHE M 3659 3.19 -68.09 -65.57
CA PHE M 3659 3.57 -68.51 -64.23
C PHE M 3659 3.53 -67.39 -63.21
N ASN M 3660 3.32 -66.16 -63.68
CA ASN M 3660 3.13 -65.00 -62.83
C ASN M 3660 2.02 -65.28 -61.83
N ASP M 3661 1.07 -66.13 -62.21
CA ASP M 3661 0.01 -66.51 -61.28
C ASP M 3661 0.57 -67.24 -60.06
N ILE M 3662 1.40 -68.25 -60.29
CA ILE M 3662 2.03 -68.95 -59.18
C ILE M 3662 2.88 -67.99 -58.37
N THR M 3663 3.62 -67.14 -59.06
CA THR M 3663 4.43 -66.14 -58.38
C THR M 3663 3.57 -65.28 -57.45
N ASN M 3664 2.43 -64.82 -57.96
CA ASN M 3664 1.60 -63.90 -57.19
C ASN M 3664 0.99 -64.61 -56.00
N MET M 3665 0.50 -65.83 -56.20
CA MET M 3665 -0.12 -66.53 -55.09
C MET M 3665 0.89 -66.86 -54.00
N LEU M 3666 2.12 -67.20 -54.39
CA LEU M 3666 3.18 -67.37 -53.41
C LEU M 3666 3.45 -66.06 -52.68
N LEU M 3667 3.62 -64.99 -53.46
CA LEU M 3667 4.10 -63.72 -52.92
C LEU M 3667 3.09 -63.12 -51.97
N LEU M 3668 1.80 -63.25 -52.27
CA LEU M 3668 0.80 -62.80 -51.33
C LEU M 3668 0.98 -63.50 -49.99
N LYS M 3669 0.85 -64.82 -49.98
CA LYS M 3669 0.83 -65.54 -48.71
C LYS M 3669 2.15 -65.41 -47.97
N MET M 3670 3.24 -65.08 -48.66
CA MET M 3670 4.46 -64.80 -47.93
C MET M 3670 4.51 -63.37 -47.45
N ASN M 3671 3.82 -62.46 -48.12
CA ASN M 3671 3.74 -61.08 -47.64
C ASN M 3671 2.92 -61.02 -46.36
N LYS M 3672 1.75 -61.65 -46.36
CA LYS M 3672 0.96 -61.75 -45.15
C LYS M 3672 1.61 -62.74 -44.19
N ASP M 3673 1.45 -62.47 -42.89
CA ASP M 3673 2.04 -63.30 -41.83
C ASP M 3673 3.56 -63.42 -42.01
N SER M 3674 4.16 -62.45 -42.68
CA SER M 3674 5.61 -62.41 -42.81
C SER M 3674 6.24 -62.04 -41.47
N LYS M 3675 7.52 -62.35 -41.35
CA LYS M 3675 8.22 -62.10 -40.10
C LYS M 3675 9.37 -61.12 -40.33
N PRO M 3676 9.46 -60.05 -39.56
CA PRO M 3676 10.66 -59.23 -39.59
C PRO M 3676 11.86 -60.06 -39.17
N PRO M 3677 13.03 -59.79 -39.73
CA PRO M 3677 14.22 -60.50 -39.25
C PRO M 3677 14.41 -60.25 -37.77
N GLY M 3678 14.90 -61.24 -37.05
CA GLY M 3678 14.96 -61.17 -35.61
C GLY M 3678 15.75 -60.00 -35.07
N ASN M 3679 15.19 -59.31 -34.10
CA ASN M 3679 15.90 -58.20 -33.45
C ASN M 3679 17.26 -58.66 -32.98
N LEU M 3680 17.36 -59.91 -32.55
CA LEU M 3680 18.67 -60.48 -32.32
C LEU M 3680 19.30 -60.85 -33.65
N LYS M 3681 20.41 -60.20 -33.96
CA LYS M 3681 21.20 -60.63 -35.09
C LYS M 3681 21.61 -62.08 -34.95
N GLU M 3682 21.32 -62.71 -33.81
CA GLU M 3682 21.22 -64.16 -33.79
C GLU M 3682 20.20 -64.65 -34.79
N CYS M 3683 19.35 -63.77 -35.31
CA CYS M 3683 18.64 -64.12 -36.54
C CYS M 3683 19.61 -64.30 -37.70
N SER M 3684 20.82 -63.76 -37.58
CA SER M 3684 21.83 -63.86 -38.63
C SER M 3684 23.06 -64.54 -38.07
N PRO M 3685 23.14 -65.86 -38.20
CA PRO M 3685 24.06 -66.62 -37.34
C PRO M 3685 25.51 -66.19 -37.43
N TRP M 3686 26.06 -66.13 -38.64
CA TRP M 3686 27.46 -65.79 -38.75
C TRP M 3686 27.72 -64.40 -38.21
N MET M 3687 26.78 -63.52 -38.42
CA MET M 3687 26.93 -62.17 -37.94
C MET M 3687 26.98 -62.15 -36.43
N SER M 3688 26.26 -63.07 -35.81
CA SER M 3688 26.19 -63.06 -34.36
C SER M 3688 27.54 -63.33 -33.74
N ASP M 3689 28.31 -64.26 -34.30
CA ASP M 3689 29.44 -64.83 -33.59
C ASP M 3689 30.78 -64.37 -34.13
N PHE M 3690 30.85 -63.19 -34.72
CA PHE M 3690 32.14 -62.72 -35.17
C PHE M 3690 33.03 -62.40 -33.98
N LYS M 3691 34.12 -63.13 -33.85
CA LYS M 3691 35.15 -62.81 -32.88
C LYS M 3691 36.47 -62.64 -33.63
N VAL M 3692 37.18 -61.56 -33.34
CA VAL M 3692 38.48 -61.37 -33.97
C VAL M 3692 39.36 -62.55 -33.60
N GLU M 3693 39.88 -63.24 -34.63
CA GLU M 3693 40.64 -64.45 -34.39
C GLU M 3693 41.72 -64.60 -35.45
N PHE M 3694 42.78 -65.31 -35.09
CA PHE M 3694 43.82 -65.66 -36.03
C PHE M 3694 43.28 -66.61 -37.10
N LEU M 3695 44.13 -66.94 -38.07
CA LEU M 3695 43.74 -67.66 -39.28
C LEU M 3695 42.61 -66.93 -40.01
N ARG M 3696 42.43 -65.66 -39.71
CA ARG M 3696 41.39 -64.83 -40.30
C ARG M 3696 41.95 -63.44 -40.52
N ASN M 3697 42.01 -63.03 -41.79
CA ASN M 3697 42.42 -61.68 -42.11
C ASN M 3697 41.40 -60.70 -41.55
N GLU M 3698 41.89 -59.73 -40.78
CA GLU M 3698 41.01 -58.77 -40.13
C GLU M 3698 40.28 -57.96 -41.19
N LEU M 3699 38.98 -57.80 -41.02
CA LEU M 3699 38.15 -57.09 -41.95
C LEU M 3699 38.02 -55.63 -41.55
N GLU M 3700 38.49 -54.75 -42.40
CA GLU M 3700 38.30 -53.34 -42.14
C GLU M 3700 36.94 -52.90 -42.64
N ILE M 3701 36.27 -52.11 -41.82
CA ILE M 3701 35.00 -51.48 -42.10
C ILE M 3701 34.85 -51.08 -43.56
N PRO M 3702 33.80 -51.49 -44.22
CA PRO M 3702 33.70 -51.26 -45.65
C PRO M 3702 33.78 -49.78 -45.99
N GLY M 3703 34.37 -49.49 -47.13
CA GLY M 3703 34.29 -48.17 -47.70
C GLY M 3703 34.87 -47.04 -46.89
N GLN M 3704 36.08 -47.21 -46.38
CA GLN M 3704 36.70 -46.19 -45.56
C GLN M 3704 37.88 -45.53 -46.24
N TYR M 3705 37.89 -45.48 -47.55
CA TYR M 3705 38.97 -44.86 -48.28
C TYR M 3705 38.46 -43.69 -49.09
N ASP M 3706 39.19 -42.58 -49.03
CA ASP M 3706 38.89 -41.45 -49.89
C ASP M 3706 40.22 -40.92 -50.38
N GLY M 3707 40.35 -40.74 -51.68
CA GLY M 3707 41.65 -40.61 -52.26
C GLY M 3707 42.33 -39.27 -52.11
N ARG M 3708 41.90 -38.48 -51.15
CA ARG M 3708 42.58 -37.23 -50.88
C ARG M 3708 43.80 -37.50 -50.00
N GLY M 3709 44.74 -38.25 -50.55
CA GLY M 3709 46.00 -38.45 -49.88
C GLY M 3709 46.31 -39.91 -49.61
N LYS M 3710 47.55 -40.15 -49.24
CA LYS M 3710 48.01 -41.50 -48.98
C LYS M 3710 47.31 -42.03 -47.73
N PRO M 3711 46.94 -43.31 -47.70
CA PRO M 3711 45.93 -43.75 -46.74
C PRO M 3711 46.29 -43.65 -45.28
N LEU M 3712 47.54 -43.88 -44.90
CA LEU M 3712 47.89 -44.15 -43.51
C LEU M 3712 47.10 -45.39 -43.05
N PRO M 3713 47.17 -46.48 -43.80
CA PRO M 3713 46.15 -47.53 -43.68
C PRO M 3713 46.00 -48.10 -42.32
N GLU M 3714 46.83 -47.72 -41.37
CA GLU M 3714 46.70 -48.28 -40.03
C GLU M 3714 45.53 -47.68 -39.27
N TYR M 3715 45.16 -46.46 -39.59
CA TYR M 3715 44.16 -45.78 -38.78
C TYR M 3715 42.77 -46.37 -38.89
N HIS M 3716 42.45 -46.99 -40.02
CA HIS M 3716 41.06 -47.32 -40.33
C HIS M 3716 40.49 -48.29 -39.31
N VAL M 3717 39.27 -48.00 -38.88
CA VAL M 3717 38.59 -48.88 -37.94
C VAL M 3717 38.22 -50.17 -38.66
N ARG M 3718 38.44 -51.29 -37.98
CA ARG M 3718 38.17 -52.59 -38.58
C ARG M 3718 37.10 -53.33 -37.81
N ILE M 3719 36.42 -54.22 -38.52
CA ILE M 3719 35.20 -54.86 -38.01
C ILE M 3719 35.51 -55.63 -36.74
N ALA M 3720 34.71 -55.41 -35.72
CA ALA M 3720 34.93 -56.08 -34.45
C ALA M 3720 33.62 -56.55 -33.85
N GLY M 3721 32.83 -57.26 -34.64
CA GLY M 3721 31.56 -57.74 -34.13
C GLY M 3721 30.55 -56.62 -34.21
N PHE M 3722 29.27 -56.91 -34.26
CA PHE M 3722 28.31 -55.84 -34.37
C PHE M 3722 26.99 -56.21 -33.74
N ASP M 3723 26.33 -55.19 -33.23
CA ASP M 3723 25.30 -55.34 -32.22
C ASP M 3723 24.02 -55.92 -32.80
N GLU M 3724 23.10 -56.24 -31.90
CA GLU M 3724 21.75 -56.63 -32.27
C GLU M 3724 20.93 -55.37 -32.56
N ARG M 3725 19.62 -55.54 -32.66
CA ARG M 3725 18.67 -54.44 -32.82
C ARG M 3725 18.71 -53.86 -34.23
N VAL M 3726 18.83 -54.71 -35.23
CA VAL M 3726 18.70 -54.20 -36.58
C VAL M 3726 17.27 -53.74 -36.79
N THR M 3727 17.11 -52.58 -37.39
CA THR M 3727 15.79 -52.02 -37.59
C THR M 3727 15.58 -51.79 -39.07
N VAL M 3728 14.34 -51.75 -39.48
CA VAL M 3728 14.03 -51.56 -40.87
C VAL M 3728 13.73 -50.09 -41.09
N MET M 3729 13.72 -49.68 -42.34
CA MET M 3729 13.58 -48.27 -42.63
C MET M 3729 12.19 -47.91 -43.14
N ALA M 3730 11.29 -48.87 -43.26
CA ALA M 3730 9.91 -48.63 -43.66
C ALA M 3730 9.84 -47.98 -45.05
N SER M 3731 10.18 -48.78 -46.05
CA SER M 3731 9.96 -48.39 -47.42
C SER M 3731 9.98 -49.64 -48.29
N LEU M 3732 9.51 -49.48 -49.53
CA LEU M 3732 9.55 -50.56 -50.49
C LEU M 3732 10.99 -51.01 -50.70
N ARG M 3733 11.17 -52.31 -50.89
CA ARG M 3733 12.49 -52.92 -50.78
C ARG M 3733 13.11 -52.53 -49.44
N ARG M 3734 12.45 -53.00 -48.41
CA ARG M 3734 12.80 -52.76 -47.03
C ARG M 3734 14.29 -52.96 -46.85
N PRO M 3735 15.06 -51.92 -46.62
CA PRO M 3735 16.44 -52.10 -46.18
C PRO M 3735 16.42 -52.19 -44.67
N LYS M 3736 17.52 -52.63 -44.11
CA LYS M 3736 17.62 -52.62 -42.67
C LYS M 3736 18.93 -51.95 -42.29
N ARG M 3737 19.09 -51.72 -41.00
CA ARG M 3737 20.11 -50.81 -40.49
C ARG M 3737 21.05 -51.53 -39.55
N ILE M 3738 22.12 -52.09 -40.08
CA ILE M 3738 23.08 -52.76 -39.21
C ILE M 3738 23.86 -51.71 -38.44
N ILE M 3739 24.46 -52.12 -37.35
CA ILE M 3739 25.27 -51.25 -36.53
C ILE M 3739 26.59 -51.95 -36.27
N ILE M 3740 27.60 -51.62 -37.07
CA ILE M 3740 28.88 -52.30 -36.97
C ILE M 3740 29.74 -51.61 -35.94
N ARG M 3741 30.30 -52.37 -35.00
CA ARG M 3741 31.22 -51.79 -34.04
C ARG M 3741 32.59 -52.38 -34.33
N GLY M 3742 33.62 -51.58 -34.18
CA GLY M 3742 34.88 -52.04 -34.68
C GLY M 3742 36.09 -51.73 -33.84
N HIS M 3743 37.25 -51.70 -34.50
CA HIS M 3743 38.53 -51.42 -33.87
C HIS M 3743 38.35 -50.49 -32.69
N ASP M 3744 37.76 -49.35 -32.93
CA ASP M 3744 37.44 -48.41 -31.87
C ASP M 3744 36.02 -48.69 -31.44
N GLU M 3745 35.76 -48.57 -30.18
CA GLU M 3745 34.42 -48.93 -29.78
C GLU M 3745 33.39 -47.96 -30.25
N ARG M 3746 33.67 -46.99 -31.11
CA ARG M 3746 32.61 -46.13 -31.62
C ARG M 3746 31.88 -46.82 -32.77
N GLU M 3747 30.54 -46.73 -32.75
CA GLU M 3747 29.74 -47.48 -33.69
C GLU M 3747 29.91 -46.92 -35.09
N HIS M 3748 29.20 -47.53 -36.04
CA HIS M 3748 29.27 -47.12 -37.44
C HIS M 3748 28.09 -47.68 -38.20
N PRO M 3749 26.93 -47.04 -38.11
CA PRO M 3749 25.76 -47.58 -38.80
C PRO M 3749 25.89 -47.46 -40.31
N PHE M 3750 25.50 -48.53 -41.02
CA PHE M 3750 25.74 -48.63 -42.44
C PHE M 3750 24.58 -48.99 -43.35
N LEU M 3751 23.35 -49.08 -42.89
CA LEU M 3751 22.17 -49.17 -43.76
C LEU M 3751 22.38 -50.22 -44.86
N VAL M 3752 22.43 -51.49 -44.43
CA VAL M 3752 22.60 -52.55 -45.42
C VAL M 3752 21.40 -52.55 -46.33
N LYS M 3753 21.62 -52.80 -47.60
CA LYS M 3753 20.56 -52.68 -48.56
C LYS M 3753 20.89 -53.58 -49.73
N GLY M 3754 19.88 -54.26 -50.25
CA GLY M 3754 20.14 -55.23 -51.29
C GLY M 3754 19.27 -55.07 -52.51
N GLY M 3755 19.13 -56.15 -53.26
CA GLY M 3755 18.14 -56.21 -54.29
C GLY M 3755 18.33 -55.23 -55.42
N GLU M 3756 19.18 -54.22 -55.25
CA GLU M 3756 19.39 -53.24 -56.29
C GLU M 3756 20.80 -53.35 -56.81
N ASP M 3757 21.02 -52.96 -58.06
CA ASP M 3757 22.36 -52.86 -58.62
C ASP M 3757 22.96 -51.54 -58.11
N LEU M 3758 23.36 -51.55 -56.84
CA LEU M 3758 23.82 -50.32 -56.21
C LEU M 3758 24.94 -49.66 -56.96
N ARG M 3759 25.53 -50.34 -57.93
CA ARG M 3759 26.64 -49.83 -58.69
C ARG M 3759 26.27 -48.48 -59.23
N GLN M 3760 24.98 -48.34 -59.53
CA GLN M 3760 24.44 -47.06 -59.95
C GLN M 3760 24.66 -46.03 -58.86
N ASP M 3761 24.32 -46.37 -57.63
CA ASP M 3761 24.49 -45.40 -56.56
C ASP M 3761 25.95 -45.08 -56.36
N GLN M 3762 26.80 -46.08 -56.44
CA GLN M 3762 28.21 -45.83 -56.27
C GLN M 3762 28.69 -44.83 -57.30
N ARG M 3763 28.33 -45.06 -58.55
CA ARG M 3763 28.89 -44.21 -59.58
C ARG M 3763 28.36 -42.80 -59.43
N VAL M 3764 27.07 -42.66 -59.09
CA VAL M 3764 26.51 -41.32 -59.01
C VAL M 3764 27.12 -40.58 -57.84
N GLU M 3765 27.40 -41.29 -56.76
CA GLU M 3765 28.05 -40.63 -55.66
C GLU M 3765 29.43 -40.18 -56.06
N GLN M 3766 30.13 -40.98 -56.84
CA GLN M 3766 31.43 -40.55 -57.30
C GLN M 3766 31.30 -39.31 -58.15
N LEU M 3767 30.27 -39.24 -58.98
CA LEU M 3767 30.14 -38.03 -59.77
C LEU M 3767 29.84 -36.83 -58.90
N PHE M 3768 29.04 -36.96 -57.86
CA PHE M 3768 28.96 -35.81 -56.97
C PHE M 3768 30.32 -35.48 -56.41
N GLN M 3769 31.15 -36.48 -56.19
CA GLN M 3769 32.46 -36.16 -55.63
C GLN M 3769 33.23 -35.25 -56.57
N VAL M 3770 33.29 -35.64 -57.84
CA VAL M 3770 34.00 -34.79 -58.79
C VAL M 3770 33.28 -33.48 -58.93
N MET M 3771 31.97 -33.51 -58.73
CA MET M 3771 31.17 -32.32 -58.87
C MET M 3771 31.60 -31.32 -57.82
N ASN M 3772 31.74 -31.81 -56.61
CA ASN M 3772 32.06 -30.97 -55.48
C ASN M 3772 33.44 -30.42 -55.69
N GLY M 3773 34.32 -31.23 -56.24
CA GLY M 3773 35.61 -30.70 -56.58
C GLY M 3773 35.50 -29.51 -57.51
N ILE M 3774 34.70 -29.66 -58.57
CA ILE M 3774 34.70 -28.58 -59.55
C ILE M 3774 34.13 -27.34 -58.92
N LEU M 3775 33.18 -27.50 -58.02
CA LEU M 3775 32.68 -26.35 -57.30
C LEU M 3775 33.78 -25.70 -56.50
N ALA M 3776 34.56 -26.50 -55.80
CA ALA M 3776 35.54 -25.92 -54.92
C ALA M 3776 36.61 -25.17 -55.70
N GLN M 3777 37.02 -25.70 -56.84
CA GLN M 3777 38.19 -25.17 -57.52
C GLN M 3777 37.95 -23.77 -58.06
N ASP M 3778 36.71 -23.35 -58.16
CA ASP M 3778 36.44 -21.99 -58.56
C ASP M 3778 36.57 -21.06 -57.36
N SER M 3779 36.82 -19.79 -57.63
CA SER M 3779 36.88 -18.82 -56.54
C SER M 3779 35.50 -18.25 -56.25
N ALA M 3780 34.76 -17.90 -57.31
CA ALA M 3780 33.48 -17.24 -57.11
C ALA M 3780 32.56 -18.10 -56.26
N CYS M 3781 32.40 -19.35 -56.65
CA CYS M 3781 31.54 -20.23 -55.87
C CYS M 3781 32.11 -20.49 -54.50
N SER M 3782 33.42 -20.71 -54.40
CA SER M 3782 33.98 -21.12 -53.12
C SER M 3782 33.84 -20.02 -52.08
N GLN M 3783 33.72 -18.78 -52.52
CA GLN M 3783 33.52 -17.69 -51.58
C GLN M 3783 32.41 -18.02 -50.61
N ARG M 3784 31.35 -18.63 -51.12
CA ARG M 3784 30.22 -19.03 -50.30
C ARG M 3784 30.29 -20.47 -49.84
N ALA M 3785 31.39 -21.15 -50.11
CA ALA M 3785 31.63 -22.46 -49.51
C ALA M 3785 30.50 -23.44 -49.82
N LEU M 3786 30.19 -23.56 -51.09
CA LEU M 3786 29.24 -24.57 -51.50
C LEU M 3786 29.91 -25.92 -51.61
N GLN M 3787 29.23 -26.95 -51.14
CA GLN M 3787 29.76 -28.30 -51.14
C GLN M 3787 28.56 -29.24 -51.07
N LEU M 3788 28.37 -30.08 -52.07
CA LEU M 3788 27.43 -31.17 -51.89
C LEU M 3788 27.98 -32.09 -50.83
N ARG M 3789 27.12 -32.74 -50.07
CA ARG M 3789 27.63 -33.72 -49.14
C ARG M 3789 27.51 -35.11 -49.72
N THR M 3790 28.64 -35.78 -49.83
CA THR M 3790 28.69 -37.15 -50.28
C THR M 3790 28.70 -38.08 -49.08
N TYR M 3791 28.32 -39.31 -49.32
CA TYR M 3791 28.39 -40.33 -48.31
C TYR M 3791 28.88 -41.61 -48.95
N SER M 3792 29.58 -42.43 -48.18
CA SER M 3792 30.25 -43.58 -48.78
C SER M 3792 29.19 -44.56 -49.27
N VAL M 3793 29.29 -44.92 -50.53
CA VAL M 3793 28.50 -46.00 -51.11
C VAL M 3793 29.45 -47.14 -51.44
N VAL M 3794 29.22 -48.30 -50.85
CA VAL M 3794 30.18 -49.37 -51.06
C VAL M 3794 29.49 -50.58 -51.63
N PRO M 3795 29.47 -50.71 -52.93
CA PRO M 3795 28.75 -51.80 -53.54
C PRO M 3795 29.36 -53.12 -53.16
N MET M 3796 28.65 -53.93 -52.39
CA MET M 3796 29.27 -55.12 -51.84
C MET M 3796 29.25 -56.25 -52.86
N THR M 3797 28.23 -56.31 -53.68
CA THR M 3797 28.09 -57.35 -54.69
C THR M 3797 27.02 -56.90 -55.66
N SER M 3798 26.57 -57.82 -56.51
CA SER M 3798 25.53 -57.46 -57.46
C SER M 3798 24.24 -57.07 -56.76
N ARG M 3799 24.03 -57.59 -55.57
CA ARG M 3799 22.75 -57.51 -54.90
C ARG M 3799 22.90 -56.99 -53.50
N LEU M 3800 24.03 -56.37 -53.17
CA LEU M 3800 24.19 -55.93 -51.79
C LEU M 3800 25.26 -54.85 -51.73
N GLY M 3801 25.06 -53.89 -50.84
CA GLY M 3801 26.03 -52.83 -50.65
C GLY M 3801 25.72 -51.94 -49.47
N LEU M 3802 26.70 -51.67 -48.63
CA LEU M 3802 26.44 -50.87 -47.46
C LEU M 3802 26.41 -49.40 -47.83
N ILE M 3803 25.64 -48.63 -47.09
CA ILE M 3803 25.55 -47.19 -47.29
C ILE M 3803 25.70 -46.56 -45.92
N GLU M 3804 26.76 -45.82 -45.70
CA GLU M 3804 27.02 -45.31 -44.36
C GLU M 3804 25.83 -44.45 -43.90
N TRP M 3805 25.19 -44.87 -42.84
CA TRP M 3805 24.19 -44.03 -42.20
C TRP M 3805 24.83 -42.71 -41.81
N LEU M 3806 24.15 -41.62 -42.11
CA LEU M 3806 24.66 -40.34 -41.69
C LEU M 3806 24.19 -40.14 -40.27
N GLU M 3807 25.12 -40.07 -39.34
CA GLU M 3807 24.68 -39.98 -37.97
C GLU M 3807 24.03 -38.63 -37.73
N ASN M 3808 23.13 -38.61 -36.76
CA ASN M 3808 22.52 -37.40 -36.26
C ASN M 3808 21.80 -36.64 -37.35
N THR M 3809 21.10 -37.33 -38.23
CA THR M 3809 20.29 -36.68 -39.24
C THR M 3809 18.88 -37.23 -39.23
N VAL M 3810 17.95 -36.45 -39.78
CA VAL M 3810 16.55 -36.83 -39.79
C VAL M 3810 16.00 -36.68 -41.19
N THR M 3811 14.94 -37.43 -41.47
CA THR M 3811 14.37 -37.41 -42.80
C THR M 3811 13.51 -36.17 -42.96
N LEU M 3812 13.56 -35.58 -44.16
CA LEU M 3812 12.88 -34.31 -44.33
C LEU M 3812 11.41 -34.44 -44.03
N LYS M 3813 10.74 -35.41 -44.61
CA LYS M 3813 9.37 -35.54 -44.19
C LYS M 3813 9.28 -35.95 -42.74
N ASP M 3814 10.28 -36.65 -42.23
CA ASP M 3814 10.24 -36.95 -40.81
C ASP M 3814 10.34 -35.69 -40.00
N LEU M 3815 11.26 -34.80 -40.37
CA LEU M 3815 11.34 -33.54 -39.65
C LEU M 3815 10.04 -32.79 -39.74
N LEU M 3816 9.53 -32.62 -40.95
CA LEU M 3816 8.28 -31.89 -41.14
C LEU M 3816 7.21 -32.45 -40.23
N LEU M 3817 6.83 -33.71 -40.46
CA LEU M 3817 5.78 -34.31 -39.67
C LEU M 3817 6.06 -34.18 -38.20
N ASN M 3818 7.33 -34.22 -37.82
CA ASN M 3818 7.66 -34.13 -36.41
C ASN M 3818 7.31 -32.77 -35.86
N THR M 3819 7.53 -31.72 -36.61
CA THR M 3819 7.30 -30.41 -36.06
C THR M 3819 5.84 -30.07 -35.95
N MET M 3820 5.00 -30.61 -36.82
CA MET M 3820 3.62 -30.16 -36.88
C MET M 3820 2.89 -30.50 -35.59
N SER M 3821 1.97 -29.62 -35.21
CA SER M 3821 1.23 -29.80 -33.97
C SER M 3821 0.38 -31.06 -34.02
N GLN M 3822 0.26 -31.73 -32.88
CA GLN M 3822 -0.45 -33.00 -32.83
C GLN M 3822 -1.86 -32.86 -33.35
N GLU M 3823 -2.44 -31.68 -33.20
CA GLU M 3823 -3.75 -31.45 -33.78
C GLU M 3823 -3.66 -31.63 -35.28
N GLU M 3824 -2.90 -30.79 -35.95
CA GLU M 3824 -2.88 -30.89 -37.39
C GLU M 3824 -2.22 -32.16 -37.87
N LYS M 3825 -1.57 -32.91 -36.98
CA LYS M 3825 -0.99 -34.18 -37.39
C LYS M 3825 -2.05 -35.09 -37.96
N ALA M 3826 -3.25 -35.06 -37.37
CA ALA M 3826 -4.36 -35.76 -37.97
C ALA M 3826 -4.68 -35.23 -39.35
N ALA M 3827 -4.39 -33.96 -39.63
CA ALA M 3827 -4.69 -33.44 -40.96
C ALA M 3827 -3.79 -34.01 -42.04
N TYR M 3828 -2.73 -34.75 -41.69
CA TYR M 3828 -2.04 -35.59 -42.66
C TYR M 3828 -2.35 -37.06 -42.49
N LEU M 3829 -2.36 -37.56 -41.26
CA LEU M 3829 -2.66 -38.96 -41.07
C LEU M 3829 -4.03 -39.30 -41.65
N SER M 3830 -5.06 -38.56 -41.25
CA SER M 3830 -6.40 -38.79 -41.78
C SER M 3830 -7.27 -37.60 -41.40
N ASP M 3831 -7.71 -36.83 -42.39
CA ASP M 3831 -8.68 -35.78 -42.19
C ASP M 3831 -9.80 -36.03 -43.18
N PRO M 3832 -10.90 -35.29 -43.09
CA PRO M 3832 -12.01 -35.56 -44.02
C PRO M 3832 -11.58 -35.65 -45.46
N ARG M 3833 -10.63 -34.82 -45.88
CA ARG M 3833 -10.01 -34.99 -47.19
C ARG M 3833 -9.02 -36.14 -47.04
N ALA M 3834 -9.55 -37.36 -47.16
CA ALA M 3834 -8.78 -38.55 -46.79
C ALA M 3834 -7.42 -38.64 -47.47
N PRO M 3835 -7.26 -38.42 -48.77
CA PRO M 3835 -5.92 -38.27 -49.32
C PRO M 3835 -5.24 -37.07 -48.71
N PRO M 3836 -3.93 -37.13 -48.48
CA PRO M 3836 -3.27 -36.17 -47.59
C PRO M 3836 -3.78 -34.77 -47.73
N CYS M 3837 -4.03 -34.32 -48.95
CA CYS M 3837 -4.92 -33.21 -49.13
C CYS M 3837 -5.74 -33.51 -50.39
N GLU M 3838 -6.84 -34.24 -50.21
CA GLU M 3838 -7.91 -34.33 -51.19
C GLU M 3838 -7.49 -35.00 -52.49
N TYR M 3839 -6.23 -35.41 -52.61
CA TYR M 3839 -5.70 -35.69 -53.93
C TYR M 3839 -6.31 -36.95 -54.53
N LYS M 3840 -6.13 -38.09 -53.85
CA LYS M 3840 -6.63 -39.34 -54.39
C LYS M 3840 -8.12 -39.23 -54.68
N ASP M 3841 -8.86 -38.59 -53.79
CA ASP M 3841 -10.26 -38.31 -54.10
C ASP M 3841 -10.36 -37.45 -55.34
N TRP M 3842 -9.53 -36.41 -55.43
CA TRP M 3842 -9.67 -35.51 -56.56
C TRP M 3842 -9.38 -36.20 -57.87
N LEU M 3843 -8.73 -37.36 -57.82
CA LEU M 3843 -8.59 -38.13 -59.04
C LEU M 3843 -9.95 -38.39 -59.65
N THR M 3844 -10.89 -38.89 -58.84
CA THR M 3844 -12.23 -39.12 -59.33
C THR M 3844 -12.80 -37.87 -59.98
N LYS M 3845 -12.72 -36.70 -59.33
CA LYS M 3845 -13.20 -35.41 -59.86
C LYS M 3845 -12.59 -35.07 -61.23
N MET M 3846 -11.41 -35.57 -61.51
CA MET M 3846 -10.67 -35.46 -62.77
C MET M 3846 -10.81 -36.71 -63.68
N SER M 3847 -11.89 -37.45 -63.52
CA SER M 3847 -12.24 -38.66 -64.28
C SER M 3847 -11.36 -39.89 -64.03
N GLY M 3848 -10.54 -39.87 -62.97
CA GLY M 3848 -9.63 -40.96 -62.59
C GLY M 3848 -10.18 -41.82 -61.45
N LYS M 3849 -10.58 -43.07 -61.71
CA LYS M 3849 -11.36 -43.89 -60.77
C LYS M 3849 -10.50 -44.63 -59.75
N HIS M 3850 -9.60 -45.46 -60.22
CA HIS M 3850 -8.69 -46.28 -59.42
C HIS M 3850 -7.47 -45.51 -58.91
N ASP M 3851 -6.69 -46.08 -57.99
CA ASP M 3851 -5.55 -45.38 -57.39
C ASP M 3851 -4.33 -45.33 -58.34
N VAL M 3852 -3.94 -46.46 -58.94
CA VAL M 3852 -2.77 -46.56 -59.79
C VAL M 3852 -3.17 -46.26 -61.22
N GLY M 3853 -2.32 -45.57 -61.95
CA GLY M 3853 -2.49 -45.40 -63.38
C GLY M 3853 -3.60 -44.48 -63.79
N ALA M 3854 -4.56 -44.20 -62.91
CA ALA M 3854 -5.64 -43.31 -63.29
C ALA M 3854 -5.14 -41.96 -63.76
N TYR M 3855 -3.92 -41.58 -63.39
CA TYR M 3855 -3.35 -40.36 -63.93
C TYR M 3855 -3.26 -40.42 -65.44
N MET M 3856 -3.21 -41.62 -66.00
CA MET M 3856 -3.08 -41.77 -67.43
C MET M 3856 -4.29 -41.22 -68.16
N LEU M 3857 -5.38 -40.99 -67.44
CA LEU M 3857 -6.54 -40.37 -68.05
C LEU M 3857 -6.59 -38.86 -67.84
N MET M 3858 -6.20 -38.38 -66.66
CA MET M 3858 -6.46 -36.98 -66.35
C MET M 3858 -5.80 -36.02 -67.31
N TYR M 3859 -4.60 -36.32 -67.77
CA TYR M 3859 -3.90 -35.44 -68.68
C TYR M 3859 -4.68 -35.17 -69.96
N LYS M 3860 -5.77 -35.89 -70.20
CA LYS M 3860 -6.55 -35.64 -71.40
C LYS M 3860 -7.36 -34.35 -71.29
N GLY M 3861 -8.26 -34.28 -70.32
CA GLY M 3861 -9.16 -33.16 -70.18
C GLY M 3861 -8.74 -32.11 -69.17
N ALA M 3862 -7.47 -32.09 -68.80
CA ALA M 3862 -6.99 -31.20 -67.74
C ALA M 3862 -6.71 -29.82 -68.31
N ASN M 3863 -7.69 -28.93 -68.20
CA ASN M 3863 -7.46 -27.57 -68.64
C ASN M 3863 -6.54 -26.86 -67.66
N ARG M 3864 -5.87 -25.82 -68.15
CA ARG M 3864 -4.91 -25.10 -67.33
C ARG M 3864 -5.53 -24.48 -66.11
N THR M 3865 -6.85 -24.55 -65.95
CA THR M 3865 -7.51 -23.84 -64.87
C THR M 3865 -7.91 -24.78 -63.74
N GLU M 3866 -8.76 -25.74 -64.03
CA GLU M 3866 -9.34 -26.52 -62.95
C GLU M 3866 -8.28 -27.30 -62.22
N THR M 3867 -7.30 -27.82 -62.94
CA THR M 3867 -6.17 -28.44 -62.27
C THR M 3867 -5.41 -27.41 -61.44
N VAL M 3868 -5.12 -26.26 -62.03
CA VAL M 3868 -4.33 -25.26 -61.31
C VAL M 3868 -5.09 -24.76 -60.10
N THR M 3869 -6.37 -24.47 -60.27
CA THR M 3869 -7.13 -24.01 -59.13
C THR M 3869 -7.18 -25.07 -58.05
N SER M 3870 -7.39 -26.32 -58.43
CA SER M 3870 -7.41 -27.38 -57.44
C SER M 3870 -6.09 -27.44 -56.72
N PHE M 3871 -5.00 -27.30 -57.46
CA PHE M 3871 -3.69 -27.41 -56.84
C PHE M 3871 -3.48 -26.28 -55.85
N ARG M 3872 -3.85 -25.07 -56.25
CA ARG M 3872 -3.80 -23.98 -55.30
C ARG M 3872 -4.53 -24.36 -54.04
N LYS M 3873 -5.72 -24.91 -54.18
CA LYS M 3873 -6.49 -25.21 -53.00
C LYS M 3873 -5.77 -26.23 -52.14
N ARG M 3874 -5.37 -27.34 -52.74
CA ARG M 3874 -4.85 -28.41 -51.92
C ARG M 3874 -3.57 -27.95 -51.24
N GLU M 3875 -2.75 -27.21 -51.97
CA GLU M 3875 -1.53 -26.68 -51.38
C GLU M 3875 -1.88 -25.77 -50.23
N SER M 3876 -2.93 -24.97 -50.39
CA SER M 3876 -3.27 -24.02 -49.35
C SER M 3876 -3.62 -24.74 -48.07
N LYS M 3877 -4.34 -25.84 -48.18
CA LYS M 3877 -4.82 -26.48 -46.96
C LYS M 3877 -3.66 -26.94 -46.11
N VAL M 3878 -2.59 -27.42 -46.74
CA VAL M 3878 -1.41 -27.88 -46.01
C VAL M 3878 -0.85 -26.76 -45.16
N PRO M 3879 -0.40 -27.01 -43.94
CA PRO M 3879 0.05 -25.92 -43.08
C PRO M 3879 1.21 -25.17 -43.70
N ALA M 3880 1.28 -23.90 -43.38
CA ALA M 3880 2.36 -23.03 -43.83
C ALA M 3880 3.26 -22.69 -42.65
N ASP M 3881 4.40 -22.12 -42.97
CA ASP M 3881 5.42 -21.84 -41.97
C ASP M 3881 5.79 -23.10 -41.22
N LEU M 3882 6.09 -24.16 -41.97
CA LEU M 3882 6.50 -25.40 -41.36
C LEU M 3882 7.98 -25.38 -41.04
N LEU M 3883 8.80 -25.45 -42.08
CA LEU M 3883 10.22 -25.46 -41.85
C LEU M 3883 10.64 -24.24 -41.06
N LYS M 3884 9.96 -23.13 -41.26
CA LYS M 3884 10.32 -21.96 -40.48
C LYS M 3884 10.19 -22.28 -39.02
N ARG M 3885 9.10 -22.96 -38.66
CA ARG M 3885 8.93 -23.32 -37.26
C ARG M 3885 10.01 -24.27 -36.83
N ALA M 3886 10.34 -25.22 -37.69
CA ALA M 3886 11.33 -26.20 -37.29
C ALA M 3886 12.63 -25.50 -36.95
N PHE M 3887 13.04 -24.62 -37.82
CA PHE M 3887 14.30 -23.93 -37.60
C PHE M 3887 14.22 -23.04 -36.38
N VAL M 3888 13.13 -22.29 -36.23
CA VAL M 3888 13.03 -21.43 -35.05
C VAL M 3888 13.21 -22.26 -33.80
N ARG M 3889 12.67 -23.47 -33.81
CA ARG M 3889 12.97 -24.37 -32.71
C ARG M 3889 14.44 -24.72 -32.68
N MET M 3890 15.10 -24.73 -33.84
CA MET M 3890 16.45 -25.26 -33.85
C MET M 3890 17.44 -24.23 -33.34
N SER M 3891 17.42 -23.03 -33.89
CA SER M 3891 18.47 -22.07 -33.63
C SER M 3891 18.31 -21.48 -32.24
N THR M 3892 19.44 -21.17 -31.61
CA THR M 3892 19.38 -20.53 -30.31
C THR M 3892 18.75 -19.16 -30.44
N SER M 3893 19.50 -18.22 -30.96
CA SER M 3893 19.09 -16.83 -30.95
C SER M 3893 18.99 -16.33 -32.37
N PRO M 3894 18.07 -15.42 -32.62
CA PRO M 3894 17.77 -15.00 -33.99
C PRO M 3894 19.00 -14.67 -34.81
N GLU M 3895 20.12 -14.52 -34.13
CA GLU M 3895 21.37 -14.42 -34.87
C GLU M 3895 21.64 -15.70 -35.62
N ALA M 3896 21.17 -16.82 -35.11
CA ALA M 3896 21.52 -18.08 -35.73
C ALA M 3896 20.53 -18.49 -36.79
N PHE M 3897 19.28 -18.06 -36.70
CA PHE M 3897 18.30 -18.51 -37.66
C PHE M 3897 18.70 -18.09 -39.05
N LEU M 3898 19.17 -16.86 -39.20
CA LEU M 3898 19.53 -16.39 -40.52
C LEU M 3898 20.64 -17.23 -41.10
N ALA M 3899 21.62 -17.57 -40.27
CA ALA M 3899 22.71 -18.38 -40.79
C ALA M 3899 22.19 -19.74 -41.20
N LEU M 3900 21.45 -20.39 -40.32
CA LEU M 3900 21.03 -21.75 -40.63
C LEU M 3900 20.10 -21.74 -41.82
N ARG M 3901 19.33 -20.68 -41.98
CA ARG M 3901 18.47 -20.60 -43.13
C ARG M 3901 19.28 -20.45 -44.39
N SER M 3902 20.24 -19.55 -44.38
CA SER M 3902 21.08 -19.41 -45.55
C SER M 3902 21.69 -20.74 -45.88
N HIS M 3903 22.06 -21.51 -44.87
CA HIS M 3903 22.78 -22.73 -45.14
C HIS M 3903 21.85 -23.80 -45.67
N PHE M 3904 20.65 -23.90 -45.11
CA PHE M 3904 19.67 -24.83 -45.64
C PHE M 3904 19.34 -24.46 -47.06
N ALA M 3905 19.12 -23.19 -47.31
CA ALA M 3905 18.76 -22.75 -48.63
C ALA M 3905 19.87 -23.06 -49.60
N SER M 3906 21.10 -22.77 -49.21
CA SER M 3906 22.20 -23.04 -50.10
C SER M 3906 22.30 -24.53 -50.36
N SER M 3907 22.18 -25.33 -49.32
CA SER M 3907 22.36 -26.75 -49.54
C SER M 3907 21.29 -27.28 -50.47
N HIS M 3908 20.04 -26.96 -50.19
CA HIS M 3908 18.96 -27.45 -51.04
C HIS M 3908 19.09 -26.90 -52.43
N ALA M 3909 19.52 -25.67 -52.54
CA ALA M 3909 19.66 -25.12 -53.86
C ALA M 3909 20.70 -25.90 -54.64
N LEU M 3910 21.88 -26.04 -54.06
CA LEU M 3910 22.96 -26.64 -54.81
C LEU M 3910 22.63 -28.07 -55.15
N ILE M 3911 22.04 -28.78 -54.20
CA ILE M 3911 21.70 -30.16 -54.47
C ILE M 3911 20.70 -30.21 -55.60
N CYS M 3912 19.76 -29.29 -55.61
CA CYS M 3912 18.77 -29.31 -56.66
C CYS M 3912 19.43 -29.10 -58.01
N ILE M 3913 20.28 -28.10 -58.14
CA ILE M 3913 20.83 -27.84 -59.47
C ILE M 3913 21.70 -28.99 -59.90
N SER M 3914 22.55 -29.48 -59.00
CA SER M 3914 23.41 -30.58 -59.36
C SER M 3914 22.57 -31.76 -59.78
N HIS M 3915 21.44 -31.95 -59.13
CA HIS M 3915 20.61 -33.05 -59.53
C HIS M 3915 20.01 -32.81 -60.89
N TRP M 3916 19.71 -31.57 -61.22
CA TRP M 3916 19.21 -31.35 -62.55
C TRP M 3916 20.22 -31.67 -63.60
N ILE M 3917 21.49 -31.40 -63.31
CA ILE M 3917 22.51 -31.89 -64.22
C ILE M 3917 22.30 -33.36 -64.46
N LEU M 3918 22.35 -34.12 -63.44
CA LEU M 3918 22.10 -35.51 -63.70
C LEU M 3918 21.11 -36.15 -62.74
N GLY M 3919 21.16 -35.82 -61.47
CA GLY M 3919 20.60 -36.73 -60.48
C GLY M 3919 19.10 -36.76 -60.45
N ILE M 3920 18.47 -36.84 -61.62
CA ILE M 3920 17.05 -36.58 -61.67
C ILE M 3920 16.30 -37.66 -60.91
N GLY M 3921 15.13 -37.31 -60.41
CA GLY M 3921 14.07 -38.26 -60.20
C GLY M 3921 13.87 -38.66 -58.75
N ASP M 3922 12.69 -39.19 -58.49
CA ASP M 3922 12.38 -39.88 -57.26
C ASP M 3922 12.73 -39.02 -56.05
N ARG M 3923 12.18 -37.81 -56.04
CA ARG M 3923 12.34 -36.92 -54.90
C ARG M 3923 11.18 -37.05 -53.93
N HIS M 3924 10.96 -38.27 -53.46
CA HIS M 3924 10.07 -38.48 -52.34
C HIS M 3924 10.61 -37.74 -51.14
N LEU M 3925 9.71 -37.12 -50.37
CA LEU M 3925 10.18 -36.40 -49.21
C LEU M 3925 10.89 -37.27 -48.21
N ASN M 3926 10.86 -38.59 -48.39
CA ASN M 3926 11.80 -39.42 -47.68
C ASN M 3926 13.20 -39.32 -48.25
N ASN M 3927 13.34 -38.79 -49.45
CA ASN M 3927 14.61 -38.90 -50.13
C ASN M 3927 15.49 -37.67 -49.96
N PHE M 3928 15.13 -36.74 -49.10
CA PHE M 3928 15.97 -35.60 -48.77
C PHE M 3928 16.25 -35.65 -47.27
N MET M 3929 17.48 -35.87 -46.90
CA MET M 3929 17.78 -35.89 -45.48
C MET M 3929 18.17 -34.49 -45.08
N VAL M 3930 17.92 -34.11 -43.84
CA VAL M 3930 18.34 -32.82 -43.33
C VAL M 3930 19.15 -33.03 -42.06
N ALA M 3931 20.33 -32.46 -42.03
CA ALA M 3931 21.22 -32.72 -40.92
C ALA M 3931 20.83 -31.88 -39.73
N MET M 3932 20.23 -32.52 -38.74
CA MET M 3932 19.84 -31.81 -37.54
C MET M 3932 21.01 -31.05 -36.96
N GLU M 3933 22.20 -31.61 -37.07
CA GLU M 3933 23.33 -31.01 -36.39
C GLU M 3933 23.72 -29.71 -37.03
N THR M 3934 23.71 -29.66 -38.34
CA THR M 3934 24.36 -28.57 -39.05
C THR M 3934 23.50 -27.91 -40.10
N GLY M 3935 22.35 -28.47 -40.44
CA GLY M 3935 21.46 -27.80 -41.36
C GLY M 3935 21.64 -28.16 -42.81
N GLY M 3936 22.48 -29.11 -43.16
CA GLY M 3936 22.63 -29.45 -44.55
C GLY M 3936 21.50 -30.33 -45.07
N VAL M 3937 21.23 -30.20 -46.35
CA VAL M 3937 20.30 -31.09 -47.03
C VAL M 3937 21.12 -32.04 -47.87
N ILE M 3938 21.00 -33.32 -47.60
CA ILE M 3938 21.90 -34.32 -48.15
C ILE M 3938 21.10 -35.21 -49.07
N GLY M 3939 21.57 -35.37 -50.30
CA GLY M 3939 20.91 -36.29 -51.21
C GLY M 3939 20.95 -37.69 -50.65
N ILE M 3940 19.93 -38.47 -50.97
CA ILE M 3940 19.81 -39.75 -50.31
C ILE M 3940 19.81 -40.93 -51.25
N ASP M 3941 18.76 -41.06 -52.01
CA ASP M 3941 18.59 -42.26 -52.80
C ASP M 3941 18.83 -41.91 -54.23
N PHE M 3942 19.24 -42.87 -54.99
CA PHE M 3942 19.37 -42.60 -56.39
C PHE M 3942 18.89 -43.78 -57.20
N GLY M 3943 17.94 -44.53 -56.64
CA GLY M 3943 17.41 -45.69 -57.31
C GLY M 3943 17.04 -45.45 -58.74
N HIS M 3944 16.89 -44.19 -59.14
CA HIS M 3944 16.70 -43.83 -60.53
C HIS M 3944 17.66 -42.69 -60.78
N ALA M 3945 18.62 -42.90 -61.64
CA ALA M 3945 19.51 -41.82 -61.98
C ALA M 3945 18.87 -41.03 -63.12
N PHE M 3946 19.67 -40.18 -63.74
CA PHE M 3946 19.27 -39.42 -64.90
C PHE M 3946 18.50 -40.27 -65.87
N GLY M 3947 17.36 -39.76 -66.31
CA GLY M 3947 16.55 -40.47 -67.28
C GLY M 3947 15.76 -41.58 -66.66
N SER M 3948 16.36 -42.31 -65.73
CA SER M 3948 15.67 -43.42 -65.10
C SER M 3948 14.43 -42.95 -64.39
N ALA M 3949 14.32 -41.65 -64.14
CA ALA M 3949 13.09 -41.13 -63.57
C ALA M 3949 11.93 -41.29 -64.52
N THR M 3950 12.10 -40.82 -65.75
CA THR M 3950 10.95 -40.60 -66.61
C THR M 3950 10.77 -41.65 -67.68
N GLN M 3951 11.83 -42.38 -68.03
CA GLN M 3951 11.65 -43.55 -68.87
C GLN M 3951 10.67 -44.53 -68.24
N PHE M 3952 10.70 -44.66 -66.92
CA PHE M 3952 9.85 -45.63 -66.23
C PHE M 3952 8.41 -45.13 -66.22
N LEU M 3953 7.66 -45.54 -67.24
CA LEU M 3953 6.37 -44.94 -67.55
C LEU M 3953 5.36 -44.91 -66.40
N PRO M 3954 5.11 -45.98 -65.66
CA PRO M 3954 3.94 -46.00 -64.80
C PRO M 3954 3.92 -44.88 -63.79
N VAL M 3955 5.04 -44.21 -63.58
CA VAL M 3955 5.06 -43.08 -62.67
C VAL M 3955 5.62 -41.87 -63.40
N PRO M 3956 4.89 -41.33 -64.38
CA PRO M 3956 5.44 -40.24 -65.18
C PRO M 3956 5.74 -39.03 -64.32
N GLU M 3957 6.89 -38.41 -64.57
CA GLU M 3957 7.35 -37.34 -63.71
C GLU M 3957 7.86 -36.21 -64.58
N LEU M 3958 7.41 -35.01 -64.27
CA LEU M 3958 7.82 -33.83 -65.01
C LEU M 3958 8.42 -32.78 -64.09
N MET M 3959 8.85 -33.19 -62.91
CA MET M 3959 9.42 -32.27 -61.95
C MET M 3959 10.92 -32.32 -62.07
N PRO M 3960 11.58 -31.27 -62.55
CA PRO M 3960 13.04 -31.33 -62.60
C PRO M 3960 13.68 -31.12 -61.25
N PHE M 3961 13.14 -30.25 -60.45
CA PHE M 3961 13.72 -29.92 -59.17
C PHE M 3961 12.85 -30.59 -58.12
N ARG M 3962 12.98 -30.16 -56.87
CA ARG M 3962 11.92 -30.18 -55.90
C ARG M 3962 11.76 -28.77 -55.33
N LEU M 3963 10.94 -27.90 -55.92
CA LEU M 3963 10.70 -26.58 -55.36
C LEU M 3963 9.25 -26.43 -54.92
N THR M 3964 8.76 -27.37 -54.15
CA THR M 3964 7.38 -27.32 -53.73
C THR M 3964 7.23 -26.33 -52.57
N ARG M 3965 6.00 -26.20 -52.09
CA ARG M 3965 5.62 -24.97 -51.40
C ARG M 3965 6.46 -24.71 -50.18
N GLN M 3966 6.55 -25.68 -49.26
CA GLN M 3966 7.18 -25.36 -47.99
C GLN M 3966 8.56 -24.77 -48.16
N PHE M 3967 9.30 -25.19 -49.17
CA PHE M 3967 10.58 -24.55 -49.42
C PHE M 3967 10.40 -23.11 -49.84
N ILE M 3968 9.45 -22.81 -50.71
CA ILE M 3968 9.24 -21.40 -51.02
C ILE M 3968 8.89 -20.66 -49.76
N ASN M 3969 7.93 -21.16 -49.01
CA ASN M 3969 7.47 -20.40 -47.89
C ASN M 3969 8.56 -20.20 -46.86
N LEU M 3970 9.62 -20.99 -46.91
CA LEU M 3970 10.70 -20.80 -45.96
C LEU M 3970 11.28 -19.41 -46.05
N MET M 3971 11.69 -19.01 -47.24
CA MET M 3971 12.24 -17.68 -47.46
C MET M 3971 11.11 -16.66 -47.49
N LEU M 3972 10.25 -16.74 -46.47
CA LEU M 3972 8.93 -16.12 -46.55
C LEU M 3972 8.97 -14.67 -46.97
N PRO M 3973 9.60 -13.76 -46.23
CA PRO M 3973 9.51 -12.35 -46.64
C PRO M 3973 10.28 -12.09 -47.90
N MET M 3974 11.34 -12.83 -48.11
CA MET M 3974 11.98 -12.83 -49.41
C MET M 3974 11.12 -13.64 -50.34
N LYS M 3975 11.66 -14.05 -51.48
CA LYS M 3975 10.92 -14.92 -52.36
C LYS M 3975 11.91 -15.81 -53.08
N GLU M 3976 11.43 -16.96 -53.55
CA GLU M 3976 12.18 -17.66 -54.56
C GLU M 3976 12.58 -16.68 -55.62
N THR M 3977 13.71 -16.94 -56.26
CA THR M 3977 14.49 -15.93 -56.93
C THR M 3977 15.06 -14.94 -55.94
N GLY M 3978 15.25 -15.39 -54.71
CA GLY M 3978 15.99 -14.64 -53.73
C GLY M 3978 17.40 -15.18 -53.63
N LEU M 3979 17.70 -15.86 -52.53
CA LEU M 3979 18.99 -16.52 -52.44
C LEU M 3979 19.06 -17.66 -53.43
N MET M 3980 17.98 -18.41 -53.54
CA MET M 3980 18.06 -19.68 -54.24
C MET M 3980 18.37 -19.48 -55.70
N TYR M 3981 17.75 -18.51 -56.32
CA TYR M 3981 17.97 -18.38 -57.74
C TYR M 3981 19.37 -17.88 -57.99
N SER M 3982 19.85 -17.00 -57.12
CA SER M 3982 21.20 -16.51 -57.30
C SER M 3982 22.19 -17.64 -57.21
N ILE M 3983 22.00 -18.52 -56.23
CA ILE M 3983 22.99 -19.57 -56.06
C ILE M 3983 22.86 -20.57 -57.18
N MET M 3984 21.67 -20.75 -57.71
CA MET M 3984 21.54 -21.45 -58.97
C MET M 3984 22.43 -20.86 -60.03
N VAL M 3985 22.30 -19.56 -60.24
CA VAL M 3985 23.02 -18.95 -61.34
C VAL M 3985 24.50 -19.21 -61.17
N HIS M 3986 24.98 -19.00 -59.95
CA HIS M 3986 26.40 -19.15 -59.70
C HIS M 3986 26.83 -20.57 -59.96
N ALA M 3987 26.06 -21.52 -59.45
CA ALA M 3987 26.48 -22.89 -59.59
C ALA M 3987 26.54 -23.27 -61.04
N LEU M 3988 25.49 -22.97 -61.79
CA LEU M 3988 25.44 -23.44 -63.15
C LEU M 3988 26.52 -22.78 -63.97
N ARG M 3989 26.79 -21.51 -63.71
CA ARG M 3989 27.91 -20.87 -64.37
C ARG M 3989 29.21 -21.56 -64.03
N ALA M 3990 29.33 -22.05 -62.81
CA ALA M 3990 30.54 -22.78 -62.48
C ALA M 3990 30.63 -24.05 -63.29
N PHE M 3991 29.53 -24.80 -63.38
CA PHE M 3991 29.62 -26.11 -63.97
C PHE M 3991 30.04 -26.04 -65.42
N ARG M 3992 29.58 -25.03 -66.13
CA ARG M 3992 29.81 -24.96 -67.56
C ARG M 3992 31.17 -24.38 -67.89
N SER M 3993 31.94 -23.98 -66.87
CA SER M 3993 33.23 -23.37 -67.12
C SER M 3993 34.14 -24.30 -67.90
N ASP M 3994 34.31 -25.53 -67.42
CA ASP M 3994 35.12 -26.54 -68.10
C ASP M 3994 34.30 -27.81 -68.19
N PRO M 3995 33.36 -27.87 -69.13
CA PRO M 3995 32.38 -28.96 -69.12
C PRO M 3995 33.00 -30.32 -69.14
N GLY M 3996 34.10 -30.48 -69.87
CA GLY M 3996 34.70 -31.79 -70.00
C GLY M 3996 34.97 -32.46 -68.68
N LEU M 3997 35.22 -31.67 -67.63
CA LEU M 3997 35.54 -32.27 -66.36
C LEU M 3997 34.37 -33.08 -65.84
N LEU M 3998 33.15 -32.70 -66.19
CA LEU M 3998 32.01 -33.45 -65.69
C LEU M 3998 31.33 -34.21 -66.81
N THR M 3999 31.15 -33.57 -67.96
CA THR M 3999 30.65 -34.31 -69.10
C THR M 3999 31.54 -35.50 -69.37
N ASN M 4000 32.76 -35.25 -69.80
CA ASN M 4000 33.63 -36.35 -70.18
C ASN M 4000 34.24 -36.97 -68.93
N THR M 4001 33.39 -37.23 -68.01
CA THR M 4001 33.65 -38.02 -66.83
C THR M 4001 32.60 -39.09 -66.65
N MET M 4002 31.34 -38.77 -66.95
CA MET M 4002 30.28 -39.76 -66.97
C MET M 4002 30.33 -40.53 -68.29
N ASP M 4003 31.49 -41.11 -68.54
CA ASP M 4003 31.61 -42.17 -69.50
C ASP M 4003 31.74 -43.49 -68.80
N VAL M 4004 31.61 -43.49 -67.47
CA VAL M 4004 31.64 -44.73 -66.72
C VAL M 4004 30.57 -45.69 -67.22
N PHE M 4005 29.58 -45.19 -67.95
CA PHE M 4005 28.65 -46.05 -68.66
C PHE M 4005 29.31 -46.60 -69.93
N VAL M 4006 30.39 -47.33 -69.73
CA VAL M 4006 30.97 -48.12 -70.81
C VAL M 4006 30.32 -49.48 -70.81
N LYS M 4007 30.09 -50.02 -69.61
CA LYS M 4007 29.60 -51.39 -69.45
C LYS M 4007 28.22 -51.57 -70.09
N ASN M 4037 19.38 -50.31 -78.97
CA ASN M 4037 20.66 -49.61 -78.93
C ASN M 4037 21.21 -49.54 -77.51
N TRP M 4038 22.16 -48.63 -77.29
CA TRP M 4038 22.61 -48.31 -75.94
C TRP M 4038 21.74 -47.19 -75.39
N TYR M 4039 21.06 -47.46 -74.28
CA TYR M 4039 20.46 -46.37 -73.52
C TYR M 4039 21.52 -45.37 -73.03
N PRO M 4040 22.64 -45.79 -72.44
CA PRO M 4040 23.61 -44.79 -71.97
C PRO M 4040 24.10 -43.85 -73.06
N ARG M 4041 24.34 -44.37 -74.26
CA ARG M 4041 24.95 -43.52 -75.26
C ARG M 4041 24.06 -42.33 -75.58
N GLN M 4042 22.79 -42.39 -75.25
CA GLN M 4042 21.86 -41.31 -75.50
C GLN M 4042 21.52 -40.52 -74.26
N LYS M 4043 21.45 -41.15 -73.09
CA LYS M 4043 21.24 -40.34 -71.91
C LYS M 4043 22.42 -39.42 -71.67
N ILE M 4044 23.63 -39.90 -71.93
CA ILE M 4044 24.76 -38.98 -71.82
C ILE M 4044 24.61 -37.86 -72.81
N CYS M 4045 24.03 -38.15 -73.97
CA CYS M 4045 23.84 -37.10 -74.96
C CYS M 4045 22.88 -36.03 -74.44
N TYR M 4046 21.78 -36.45 -73.82
CA TYR M 4046 20.91 -35.47 -73.20
C TYR M 4046 21.68 -34.66 -72.17
N ALA M 4047 22.53 -35.33 -71.40
CA ALA M 4047 23.30 -34.62 -70.39
C ALA M 4047 24.14 -33.53 -71.04
N LYS M 4048 24.88 -33.89 -72.07
CA LYS M 4048 25.77 -32.90 -72.66
C LYS M 4048 24.95 -31.80 -73.30
N ARG M 4049 23.79 -32.13 -73.82
CA ARG M 4049 22.93 -31.10 -74.38
C ARG M 4049 22.56 -30.09 -73.31
N LYS M 4050 22.12 -30.57 -72.17
CA LYS M 4050 21.71 -29.63 -71.16
C LYS M 4050 22.89 -28.83 -70.65
N LEU M 4051 24.05 -29.45 -70.50
CA LEU M 4051 25.18 -28.70 -70.00
C LEU M 4051 25.55 -27.61 -70.97
N ALA M 4052 25.58 -27.93 -72.26
CA ALA M 4052 25.80 -26.93 -73.27
C ALA M 4052 24.69 -25.92 -73.29
N GLY M 4053 23.53 -26.25 -72.75
CA GLY M 4053 22.49 -25.26 -72.62
C GLY M 4053 21.31 -25.53 -73.53
N ALA M 4054 20.25 -26.09 -72.97
CA ALA M 4054 19.02 -26.28 -73.71
C ALA M 4054 17.87 -25.86 -72.81
N ASN M 4055 16.81 -25.37 -73.43
CA ASN M 4055 15.61 -25.03 -72.70
C ASN M 4055 15.19 -26.24 -71.89
N PRO M 4056 15.22 -26.17 -70.56
CA PRO M 4056 14.93 -27.37 -69.79
C PRO M 4056 13.62 -27.96 -70.17
N ALA M 4057 12.69 -27.12 -70.60
CA ALA M 4057 11.47 -27.64 -71.18
C ALA M 4057 11.80 -28.52 -72.37
N VAL M 4058 12.72 -28.07 -73.22
CA VAL M 4058 13.04 -28.85 -74.40
C VAL M 4058 13.63 -30.18 -74.00
N ILE M 4059 14.55 -30.18 -73.04
CA ILE M 4059 15.22 -31.42 -72.70
C ILE M 4059 14.24 -32.36 -72.03
N THR M 4060 13.35 -31.85 -71.21
CA THR M 4060 12.36 -32.72 -70.61
C THR M 4060 11.39 -33.23 -71.66
N CYS M 4061 11.06 -32.41 -72.64
CA CYS M 4061 10.18 -32.86 -73.70
C CYS M 4061 10.83 -33.98 -74.48
N ASP M 4062 12.11 -33.83 -74.81
CA ASP M 4062 12.80 -34.89 -75.50
C ASP M 4062 12.81 -36.13 -74.63
N GLU M 4063 12.98 -35.95 -73.33
CA GLU M 4063 12.95 -37.09 -72.44
C GLU M 4063 11.62 -37.80 -72.53
N LEU M 4064 10.54 -37.05 -72.57
CA LEU M 4064 9.24 -37.67 -72.74
C LEU M 4064 9.15 -38.38 -74.08
N LEU M 4065 9.61 -37.71 -75.15
CA LEU M 4065 9.47 -38.24 -76.49
C LEU M 4065 10.17 -39.58 -76.61
N LEU M 4066 11.34 -39.69 -76.02
CA LEU M 4066 11.97 -40.99 -75.97
C LEU M 4066 11.35 -41.85 -74.91
N GLY M 4067 10.64 -41.27 -73.98
CA GLY M 4067 10.17 -42.01 -72.82
C GLY M 4067 9.12 -43.01 -73.22
N HIS M 4068 8.08 -42.52 -73.88
CA HIS M 4068 6.98 -43.37 -74.28
C HIS M 4068 6.17 -42.69 -75.37
N GLU M 4069 6.29 -43.23 -76.58
CA GLU M 4069 5.53 -42.80 -77.75
C GLU M 4069 4.34 -43.71 -78.02
N LYS M 4070 4.12 -44.69 -77.15
CA LYS M 4070 3.03 -45.63 -77.36
C LYS M 4070 1.82 -45.32 -76.50
N ALA M 4071 1.99 -44.47 -75.50
CA ALA M 4071 0.88 -44.12 -74.64
C ALA M 4071 -0.06 -43.18 -75.36
N PRO M 4072 -1.30 -43.11 -74.95
CA PRO M 4072 -2.22 -42.16 -75.58
C PRO M 4072 -2.12 -40.76 -75.01
N ALA M 4073 -1.03 -40.42 -74.33
CA ALA M 4073 -0.91 -39.12 -73.71
C ALA M 4073 0.23 -38.25 -74.21
N PHE M 4074 1.23 -38.83 -74.86
CA PHE M 4074 2.46 -38.06 -75.11
C PHE M 4074 2.21 -36.79 -75.88
N ARG M 4075 1.14 -36.70 -76.67
CA ARG M 4075 0.67 -35.37 -77.07
C ARG M 4075 0.41 -34.51 -75.86
N ASP M 4076 -0.44 -34.98 -74.94
CA ASP M 4076 -0.78 -34.12 -73.82
C ASP M 4076 0.37 -34.02 -72.84
N TYR M 4077 1.16 -35.08 -72.71
CA TYR M 4077 2.35 -34.96 -71.88
C TYR M 4077 3.27 -33.87 -72.40
N VAL M 4078 3.56 -33.88 -73.69
CA VAL M 4078 4.46 -32.87 -74.22
C VAL M 4078 3.86 -31.50 -74.03
N ALA M 4079 2.55 -31.39 -74.25
CA ALA M 4079 1.90 -30.11 -74.04
C ALA M 4079 2.08 -29.64 -72.61
N VAL M 4080 1.94 -30.55 -71.66
CA VAL M 4080 2.12 -30.18 -70.27
C VAL M 4080 3.54 -29.70 -70.03
N ALA M 4081 4.50 -30.44 -70.53
CA ALA M 4081 5.88 -30.08 -70.28
C ALA M 4081 6.16 -28.68 -70.79
N ARG M 4082 5.73 -28.39 -72.01
CA ARG M 4082 6.10 -27.11 -72.60
C ARG M 4082 5.55 -25.95 -71.79
N GLY M 4083 4.34 -26.09 -71.29
CA GLY M 4083 3.69 -25.00 -70.58
C GLY M 4083 3.15 -23.93 -71.51
N SER M 4084 2.08 -23.29 -71.06
CA SER M 4084 1.43 -22.28 -71.88
C SER M 4084 2.34 -21.08 -72.09
N LYS M 4085 2.35 -20.57 -73.32
CA LYS M 4085 3.13 -19.38 -73.61
C LYS M 4085 2.67 -18.17 -72.84
N ASP M 4086 1.40 -18.13 -72.45
CA ASP M 4086 0.89 -16.91 -71.85
C ASP M 4086 1.47 -16.68 -70.46
N HIS M 4087 1.55 -17.72 -69.64
CA HIS M 4087 1.91 -17.52 -68.25
C HIS M 4087 2.90 -18.56 -67.74
N ASN M 4088 3.89 -18.90 -68.55
CA ASN M 4088 5.00 -19.75 -68.11
C ASN M 4088 6.25 -19.28 -68.84
N ILE M 4089 7.21 -18.73 -68.10
CA ILE M 4089 8.34 -18.07 -68.75
C ILE M 4089 9.30 -19.05 -69.38
N ARG M 4090 9.03 -20.35 -69.36
CA ARG M 4090 9.89 -21.34 -70.00
C ARG M 4090 9.71 -21.40 -71.49
N ALA M 4091 8.51 -21.08 -71.98
CA ALA M 4091 8.20 -21.43 -73.36
C ALA M 4091 8.74 -20.42 -74.35
N GLN M 4092 9.34 -19.34 -73.86
CA GLN M 4092 9.72 -18.26 -74.74
C GLN M 4092 11.12 -18.47 -75.29
N GLU M 4093 11.90 -19.29 -74.65
CA GLU M 4093 13.32 -19.33 -74.97
C GLU M 4093 13.58 -20.24 -76.15
N PRO M 4094 14.65 -20.00 -76.88
CA PRO M 4094 15.02 -20.90 -77.97
C PRO M 4094 15.42 -22.25 -77.43
N GLU M 4095 15.22 -23.27 -78.27
CA GLU M 4095 15.43 -24.64 -77.82
C GLU M 4095 16.87 -24.87 -77.38
N SER M 4096 17.82 -24.19 -78.02
CA SER M 4096 19.22 -24.37 -77.69
C SER M 4096 19.87 -23.00 -77.55
N GLY M 4097 21.12 -23.01 -77.11
CA GLY M 4097 21.87 -21.79 -76.97
C GLY M 4097 21.31 -20.85 -75.93
N LEU M 4098 21.41 -21.22 -74.67
CA LEU M 4098 20.84 -20.45 -73.58
C LEU M 4098 21.94 -19.85 -72.73
N SER M 4099 21.69 -18.66 -72.20
CA SER M 4099 22.61 -18.09 -71.24
C SER M 4099 22.22 -18.51 -69.84
N GLU M 4100 23.23 -18.60 -68.97
CA GLU M 4100 23.05 -19.24 -67.68
C GLU M 4100 21.91 -18.59 -66.91
N GLU M 4101 21.85 -17.27 -66.97
CA GLU M 4101 20.76 -16.55 -66.34
C GLU M 4101 19.43 -17.11 -66.82
N THR M 4102 19.27 -17.15 -68.13
CA THR M 4102 18.03 -17.66 -68.72
C THR M 4102 17.83 -19.11 -68.38
N GLN M 4103 18.88 -19.90 -68.50
CA GLN M 4103 18.74 -21.33 -68.25
C GLN M 4103 18.15 -21.54 -66.88
N VAL M 4104 18.77 -20.97 -65.87
CA VAL M 4104 18.29 -21.17 -64.52
C VAL M 4104 16.88 -20.67 -64.37
N LYS M 4105 16.59 -19.46 -64.85
CA LYS M 4105 15.27 -18.90 -64.60
C LYS M 4105 14.20 -19.75 -65.23
N CYS M 4106 14.43 -20.18 -66.45
CA CYS M 4106 13.50 -21.07 -67.10
C CYS M 4106 13.33 -22.33 -66.30
N LEU M 4107 14.43 -22.87 -65.81
CA LEU M 4107 14.32 -24.11 -65.07
C LEU M 4107 13.51 -23.89 -63.81
N MET M 4108 13.67 -22.74 -63.18
CA MET M 4108 12.87 -22.42 -62.01
C MET M 4108 11.40 -22.52 -62.34
N ASP M 4109 10.98 -21.80 -63.38
CA ASP M 4109 9.56 -21.79 -63.66
C ASP M 4109 9.08 -23.20 -63.93
N GLN M 4110 9.84 -23.97 -64.70
CA GLN M 4110 9.49 -25.37 -64.99
C GLN M 4110 9.39 -26.18 -63.70
N ALA M 4111 10.16 -25.86 -62.66
CA ALA M 4111 10.08 -26.62 -61.44
C ALA M 4111 8.88 -26.22 -60.59
N THR M 4112 8.64 -24.94 -60.47
CA THR M 4112 7.64 -24.46 -59.55
C THR M 4112 6.32 -24.19 -60.20
N ASP M 4113 6.19 -24.49 -61.47
CA ASP M 4113 4.95 -24.18 -62.17
C ASP M 4113 3.79 -24.87 -61.50
N PRO M 4114 2.75 -24.14 -61.12
CA PRO M 4114 1.63 -24.80 -60.46
C PRO M 4114 1.04 -25.87 -61.32
N ASN M 4115 0.94 -25.64 -62.62
CA ASN M 4115 0.23 -26.60 -63.45
C ASN M 4115 0.96 -27.93 -63.46
N ILE M 4116 2.23 -27.90 -63.87
CA ILE M 4116 2.95 -29.15 -63.98
C ILE M 4116 3.08 -29.78 -62.62
N LEU M 4117 3.22 -28.98 -61.58
CA LEU M 4117 3.28 -29.54 -60.25
C LEU M 4117 2.02 -30.31 -59.94
N GLY M 4118 0.86 -29.68 -60.10
CA GLY M 4118 -0.33 -30.14 -59.43
C GLY M 4118 -0.75 -31.51 -59.85
N ARG M 4119 -0.48 -31.87 -61.08
CA ARG M 4119 -0.88 -33.15 -61.62
C ARG M 4119 0.18 -34.21 -61.41
N THR M 4120 1.05 -34.04 -60.43
CA THR M 4120 2.15 -34.98 -60.30
C THR M 4120 1.75 -36.18 -59.49
N TRP M 4121 2.67 -37.12 -59.39
CA TRP M 4121 2.36 -38.39 -58.77
C TRP M 4121 2.11 -38.23 -57.29
N GLU M 4122 1.04 -38.85 -56.83
CA GLU M 4122 0.89 -39.03 -55.41
C GLU M 4122 2.16 -39.70 -54.89
N GLY M 4123 2.40 -39.54 -53.61
CA GLY M 4123 3.61 -40.06 -53.03
C GLY M 4123 4.71 -39.05 -53.15
N TRP M 4124 5.00 -38.62 -54.37
CA TRP M 4124 5.89 -37.48 -54.53
C TRP M 4124 5.08 -36.29 -54.07
N GLU M 4125 5.00 -36.15 -52.78
CA GLU M 4125 4.07 -35.25 -52.14
C GLU M 4125 4.34 -33.83 -52.57
N PRO M 4126 3.58 -33.28 -53.50
CA PRO M 4126 3.93 -31.97 -54.08
C PRO M 4126 3.55 -30.81 -53.20
N TRP M 4127 2.80 -31.08 -52.15
CA TRP M 4127 2.50 -30.04 -51.19
C TRP M 4127 3.42 -30.07 -49.99
N MET M 4128 4.04 -31.20 -49.70
CA MET M 4128 4.75 -31.43 -48.43
C MET M 4128 3.96 -31.00 -47.22
N UNK N 1 72.37 -31.84 8.79
CA UNK N 1 73.15 -30.66 8.41
C UNK N 1 72.60 -30.04 7.12
N UNK N 2 73.39 -29.16 6.52
CA UNK N 2 72.98 -28.46 5.30
C UNK N 2 74.19 -27.90 4.57
N UNK N 3 74.35 -28.31 3.32
CA UNK N 3 75.51 -27.96 2.52
C UNK N 3 75.86 -26.48 2.62
N UNK N 4 74.84 -25.64 2.69
CA UNK N 4 75.08 -24.24 2.87
C UNK N 4 75.69 -24.05 4.24
N UNK N 5 74.92 -24.37 5.28
CA UNK N 5 75.35 -24.17 6.65
C UNK N 5 76.68 -24.86 6.92
N UNK N 6 76.91 -25.95 6.23
CA UNK N 6 78.18 -26.63 6.31
C UNK N 6 79.24 -25.74 5.70
N UNK N 7 79.21 -25.60 4.38
CA UNK N 7 80.25 -24.89 3.66
C UNK N 7 80.48 -23.54 4.28
N UNK N 8 79.46 -23.04 4.95
CA UNK N 8 79.57 -21.80 5.70
C UNK N 8 80.72 -21.90 6.66
N UNK N 9 80.52 -22.64 7.73
CA UNK N 9 81.53 -22.78 8.75
C UNK N 9 82.80 -23.34 8.14
N UNK N 10 82.63 -24.16 7.11
CA UNK N 10 83.78 -24.74 6.45
C UNK N 10 84.65 -23.61 5.97
N UNK N 11 84.01 -22.59 5.44
CA UNK N 11 84.74 -21.43 4.97
C UNK N 11 84.87 -20.47 6.12
N UNK N 12 85.20 -21.05 7.27
CA UNK N 12 85.48 -20.26 8.44
C UNK N 12 86.56 -20.94 9.23
N UNK N 13 86.68 -22.25 9.06
CA UNK N 13 87.76 -22.99 9.69
C UNK N 13 89.04 -22.42 9.15
N UNK N 14 88.97 -22.01 7.90
CA UNK N 14 90.11 -21.40 7.27
C UNK N 14 90.30 -20.01 7.82
N UNK N 15 89.22 -19.28 7.94
CA UNK N 15 89.32 -17.86 8.25
C UNK N 15 89.76 -17.63 9.68
N UNK N 16 89.77 -18.70 10.46
CA UNK N 16 90.11 -18.61 11.88
C UNK N 16 89.22 -17.57 12.55
N UNK N 17 88.01 -17.41 12.01
CA UNK N 17 87.04 -16.49 12.58
C UNK N 17 85.71 -17.20 12.73
N UNK N 18 85.27 -17.38 13.97
CA UNK N 18 84.05 -18.12 14.26
C UNK N 18 82.80 -17.28 13.99
N UNK N 19 83.00 -15.98 13.73
CA UNK N 19 81.91 -15.05 13.45
C UNK N 19 80.88 -15.02 14.58
N UNK N 20 81.37 -15.12 15.80
CA UNK N 20 80.49 -15.11 16.98
C UNK N 20 80.33 -13.69 17.51
N MET Q 1 -39.46 108.43 -56.92
CA MET Q 1 -39.56 109.89 -56.80
C MET Q 1 -38.23 110.48 -56.38
N GLU Q 2 -37.76 111.46 -57.12
CA GLU Q 2 -36.55 112.25 -56.88
C GLU Q 2 -36.90 113.72 -56.65
N ARG Q 3 -35.90 114.49 -56.21
CA ARG Q 3 -36.08 115.86 -55.76
C ARG Q 3 -34.76 116.60 -55.59
N LYS Q 4 -34.81 117.91 -55.81
CA LYS Q 4 -33.75 118.89 -55.53
C LYS Q 4 -34.35 120.14 -54.89
N ILE Q 5 -33.56 120.89 -54.12
CA ILE Q 5 -33.95 122.15 -53.46
C ILE Q 5 -32.89 123.25 -53.68
N SER Q 6 -33.30 124.50 -53.97
CA SER Q 6 -32.35 125.60 -54.20
C SER Q 6 -32.85 127.02 -53.93
N ARG Q 7 -31.94 127.76 -53.32
CA ARG Q 7 -32.04 129.18 -53.04
C ARG Q 7 -32.01 130.02 -54.32
N ILE Q 8 -32.92 130.98 -54.40
CA ILE Q 8 -33.12 131.92 -55.50
C ILE Q 8 -33.44 133.32 -54.96
N HIS Q 9 -33.54 134.27 -55.87
CA HIS Q 9 -34.08 135.61 -55.67
C HIS Q 9 -35.32 135.77 -56.54
N LEU Q 10 -35.98 136.92 -56.45
CA LEU Q 10 -36.79 137.41 -57.55
C LEU Q 10 -36.49 138.88 -57.77
N VAL Q 11 -36.50 139.38 -59.02
CA VAL Q 11 -36.25 140.82 -59.26
C VAL Q 11 -37.38 141.68 -58.70
N SER Q 12 -38.57 141.11 -58.59
CA SER Q 12 -39.73 141.61 -57.87
C SER Q 12 -39.48 141.80 -56.36
N GLU Q 13 -38.59 141.03 -55.73
CA GLU Q 13 -38.14 141.26 -54.35
C GLU Q 13 -36.60 141.08 -54.26
N PRO Q 14 -35.83 142.12 -54.65
CA PRO Q 14 -34.37 142.04 -54.87
C PRO Q 14 -33.53 141.82 -53.61
N SER Q 15 -34.10 142.12 -52.46
CA SER Q 15 -33.35 142.27 -51.20
C SER Q 15 -33.34 140.99 -50.38
N ILE Q 16 -33.97 139.90 -50.84
CA ILE Q 16 -34.33 138.79 -49.99
C ILE Q 16 -34.31 137.45 -50.73
N THR Q 17 -33.89 136.43 -50.00
CA THR Q 17 -33.76 135.05 -50.46
C THR Q 17 -35.14 134.44 -50.70
N HIS Q 18 -35.28 133.48 -51.61
CA HIS Q 18 -36.39 132.53 -51.65
C HIS Q 18 -35.82 131.18 -51.92
N PHE Q 19 -36.69 130.20 -51.82
CA PHE Q 19 -36.40 128.83 -52.08
C PHE Q 19 -37.37 128.31 -53.10
N LEU Q 20 -36.81 127.82 -54.19
CA LEU Q 20 -37.49 126.88 -55.07
C LEU Q 20 -37.18 125.47 -54.57
N GLN Q 21 -38.11 124.56 -54.76
CA GLN Q 21 -37.96 123.12 -54.58
C GLN Q 21 -38.58 122.41 -55.78
N VAL Q 22 -37.82 121.49 -56.39
CA VAL Q 22 -38.20 120.83 -57.63
C VAL Q 22 -38.21 119.32 -57.37
N SER Q 23 -39.38 118.67 -57.47
CA SER Q 23 -39.53 117.24 -57.21
C SER Q 23 -40.16 116.51 -58.38
N TRP Q 24 -39.58 115.40 -58.80
CA TRP Q 24 -39.97 114.72 -60.02
C TRP Q 24 -39.97 113.24 -59.90
N GLU Q 25 -40.73 112.60 -60.77
CA GLU Q 25 -40.77 111.16 -60.81
C GLU Q 25 -39.85 110.67 -61.89
N LYS Q 26 -38.94 109.77 -61.50
CA LYS Q 26 -37.81 109.20 -62.24
C LYS Q 26 -36.91 110.27 -62.84
N THR Q 27 -37.37 110.99 -63.87
CA THR Q 27 -36.67 112.10 -64.52
C THR Q 27 -37.51 113.37 -64.51
N LEU Q 28 -36.79 114.49 -64.48
CA LEU Q 28 -37.25 115.85 -64.80
C LEU Q 28 -38.04 115.91 -66.11
N GLU Q 29 -37.86 114.94 -66.98
CA GLU Q 29 -38.50 114.82 -68.28
C GLU Q 29 -39.88 114.18 -68.26
N SER Q 30 -40.24 113.38 -67.25
CA SER Q 30 -41.63 112.86 -67.13
C SER Q 30 -42.61 113.98 -66.75
N GLY Q 31 -42.09 115.13 -66.33
CA GLY Q 31 -42.86 116.09 -65.59
C GLY Q 31 -42.67 116.02 -64.08
N PHE Q 32 -43.20 117.02 -63.39
CA PHE Q 32 -42.75 117.33 -62.03
C PHE Q 32 -43.73 118.19 -61.21
N VAL Q 33 -43.47 118.23 -59.89
CA VAL Q 33 -44.04 119.20 -58.94
C VAL Q 33 -42.96 120.19 -58.51
N ILE Q 34 -43.28 121.48 -58.61
CA ILE Q 34 -42.42 122.62 -58.26
C ILE Q 34 -43.08 123.40 -57.11
N THR Q 35 -42.28 123.96 -56.22
CA THR Q 35 -42.74 124.69 -55.02
C THR Q 35 -41.85 125.89 -54.71
N LEU Q 36 -42.39 127.10 -54.59
CA LEU Q 36 -41.64 128.30 -54.19
C LEU Q 36 -42.07 128.67 -52.78
N THR Q 37 -41.11 129.17 -52.02
CA THR Q 37 -41.36 129.82 -50.75
C THR Q 37 -40.35 130.92 -50.46
N ASP Q 38 -40.83 131.94 -49.75
CA ASP Q 38 -40.05 132.98 -49.07
C ASP Q 38 -39.39 132.45 -47.78
N GLY Q 39 -40.04 131.53 -47.07
CA GLY Q 39 -39.84 131.23 -45.62
C GLY Q 39 -41.15 131.37 -44.84
N HIS Q 40 -42.21 131.94 -45.46
CA HIS Q 40 -43.50 132.24 -44.86
C HIS Q 40 -44.71 131.56 -45.54
N SER Q 41 -44.71 131.40 -46.87
CA SER Q 41 -45.91 131.13 -47.68
C SER Q 41 -45.67 130.04 -48.75
N ALA Q 42 -46.75 129.33 -49.05
CA ALA Q 42 -46.73 128.10 -49.81
C ALA Q 42 -47.17 128.33 -51.26
N TRP Q 43 -46.26 128.32 -52.21
CA TRP Q 43 -46.63 128.27 -53.63
C TRP Q 43 -46.28 126.95 -54.26
N THR Q 44 -47.14 126.43 -55.14
CA THR Q 44 -46.96 125.11 -55.75
C THR Q 44 -47.38 125.14 -57.22
N GLY Q 45 -46.96 124.14 -57.98
CA GLY Q 45 -47.43 123.85 -59.32
C GLY Q 45 -47.16 122.39 -59.70
N THR Q 46 -47.98 121.85 -60.62
CA THR Q 46 -47.73 120.56 -61.29
C THR Q 46 -47.74 120.77 -62.81
N VAL Q 47 -46.68 120.33 -63.50
CA VAL Q 47 -46.43 120.59 -64.92
C VAL Q 47 -45.73 119.36 -65.52
N SER Q 48 -46.37 118.64 -66.42
CA SER Q 48 -46.02 117.26 -66.77
C SER Q 48 -45.73 116.99 -68.26
N GLU Q 49 -45.28 115.75 -68.55
CA GLU Q 49 -44.66 115.31 -69.81
C GLU Q 49 -45.16 116.07 -71.04
N SER Q 50 -46.43 115.89 -71.38
CA SER Q 50 -47.02 116.34 -72.62
C SER Q 50 -46.80 117.83 -72.89
N GLU Q 51 -46.82 118.66 -71.85
CA GLU Q 51 -46.59 120.09 -71.96
C GLU Q 51 -45.15 120.52 -71.59
N ILE Q 52 -44.35 119.75 -70.81
CA ILE Q 52 -42.92 120.06 -70.70
C ILE Q 52 -42.20 119.88 -72.04
N SER Q 53 -42.51 118.83 -72.78
CA SER Q 53 -42.04 118.69 -74.16
C SER Q 53 -42.92 119.42 -75.18
N GLN Q 54 -43.94 120.19 -74.75
CA GLN Q 54 -44.56 121.25 -75.56
C GLN Q 54 -43.78 122.57 -75.42
N GLU Q 55 -43.00 122.75 -74.34
CA GLU Q 55 -42.14 123.94 -74.16
C GLU Q 55 -41.09 124.06 -75.25
N ALA Q 56 -40.29 123.02 -75.42
CA ALA Q 56 -39.35 122.81 -76.53
C ALA Q 56 -40.10 122.46 -77.85
N ASP Q 57 -41.15 123.18 -78.15
CA ASP Q 57 -41.98 123.14 -79.35
C ASP Q 57 -42.62 124.51 -79.58
N ASP Q 58 -43.19 125.12 -78.53
CA ASP Q 58 -43.59 126.52 -78.50
C ASP Q 58 -42.37 127.47 -78.65
N MET Q 59 -41.20 127.09 -78.10
CA MET Q 59 -39.88 127.68 -78.40
C MET Q 59 -39.03 126.81 -79.32
N ALA Q 60 -39.65 126.08 -80.26
CA ALA Q 60 -39.07 125.41 -81.44
C ALA Q 60 -38.02 124.31 -81.29
N MET Q 61 -37.33 124.29 -80.17
CA MET Q 61 -35.97 123.77 -80.14
C MET Q 61 -35.73 122.41 -79.52
N GLU Q 62 -34.45 122.07 -79.41
CA GLU Q 62 -33.97 120.91 -78.68
C GLU Q 62 -34.50 121.02 -77.25
N LYS Q 63 -35.21 119.99 -76.82
CA LYS Q 63 -35.34 119.73 -75.38
C LYS Q 63 -33.97 119.60 -74.73
N GLY Q 64 -32.92 119.27 -75.49
CA GLY Q 64 -31.52 119.22 -75.10
C GLY Q 64 -31.06 120.43 -74.28
N LYS Q 65 -30.60 121.49 -74.96
CA LYS Q 65 -30.18 122.68 -74.25
C LYS Q 65 -31.33 123.34 -73.51
N TYR Q 66 -32.61 123.19 -73.83
CA TYR Q 66 -33.65 123.75 -72.96
C TYR Q 66 -33.76 123.05 -71.62
N VAL Q 67 -33.85 121.72 -71.57
CA VAL Q 67 -33.98 121.00 -70.31
C VAL Q 67 -32.67 121.10 -69.52
N GLY Q 68 -31.53 121.14 -70.23
CA GLY Q 68 -30.19 121.39 -69.72
C GLY Q 68 -30.00 122.83 -69.21
N GLU Q 69 -30.47 123.81 -69.97
CA GLU Q 69 -30.54 125.22 -69.60
C GLU Q 69 -31.48 125.39 -68.43
N LEU Q 70 -32.59 124.67 -68.39
CA LEU Q 70 -33.50 124.68 -67.25
C LEU Q 70 -32.86 124.04 -66.04
N ARG Q 71 -32.16 122.91 -66.12
CA ARG Q 71 -31.51 122.37 -64.93
C ARG Q 71 -30.35 123.24 -64.45
N LYS Q 72 -29.66 123.95 -65.37
CA LYS Q 72 -28.75 125.04 -65.00
C LYS Q 72 -29.47 126.21 -64.34
N ALA Q 73 -30.57 126.64 -64.93
CA ALA Q 73 -31.35 127.78 -64.49
C ALA Q 73 -32.01 127.50 -63.12
N LEU Q 74 -32.80 126.44 -63.08
CA LEU Q 74 -33.65 125.94 -62.01
C LEU Q 74 -32.88 125.18 -60.94
N LEU Q 75 -32.29 124.03 -61.27
CA LEU Q 75 -31.61 123.14 -60.30
C LEU Q 75 -30.21 123.69 -59.96
N SER Q 76 -30.11 125.02 -59.81
CA SER Q 76 -28.91 125.84 -59.62
C SER Q 76 -27.96 125.75 -60.81
N VAL Q 83 -26.73 134.21 -67.69
CA VAL Q 83 -27.33 134.42 -66.37
C VAL Q 83 -28.81 134.07 -66.44
N TYR Q 84 -29.35 133.51 -65.35
CA TYR Q 84 -30.80 133.40 -65.18
C TYR Q 84 -31.31 134.43 -64.21
N THR Q 85 -32.60 134.70 -64.35
CA THR Q 85 -33.30 135.75 -63.64
C THR Q 85 -34.70 135.24 -63.40
N PHE Q 86 -35.25 135.45 -62.19
CA PHE Q 86 -36.49 134.83 -61.74
C PHE Q 86 -37.46 135.91 -61.28
N ASN Q 87 -38.72 135.83 -61.67
CA ASN Q 87 -39.74 136.81 -61.30
C ASN Q 87 -41.04 136.08 -61.00
N PHE Q 88 -41.73 136.44 -59.93
CA PHE Q 88 -43.02 135.84 -59.54
C PHE Q 88 -43.92 136.92 -58.98
N SER Q 89 -45.23 136.79 -59.19
CA SER Q 89 -46.18 137.58 -58.44
C SER Q 89 -47.24 136.71 -57.79
N LYS Q 90 -47.52 137.09 -56.56
CA LYS Q 90 -48.11 136.24 -55.55
C LYS Q 90 -49.60 136.01 -55.78
N GLU Q 91 -50.25 137.06 -56.26
CA GLU Q 91 -51.64 137.09 -56.69
C GLU Q 91 -51.88 136.26 -57.96
N SER Q 92 -51.40 136.74 -59.10
CA SER Q 92 -51.48 136.08 -60.41
C SER Q 92 -50.86 134.69 -60.41
N CYS Q 93 -49.90 134.48 -59.51
CA CYS Q 93 -49.17 133.24 -59.39
C CYS Q 93 -48.35 132.92 -60.65
N TYR Q 94 -48.16 133.90 -61.54
CA TYR Q 94 -47.26 133.78 -62.67
C TYR Q 94 -45.82 133.89 -62.15
N PHE Q 95 -45.01 132.90 -62.49
CA PHE Q 95 -43.55 132.83 -62.35
C PHE Q 95 -42.95 132.86 -63.77
N PHE Q 96 -41.84 133.57 -64.02
CA PHE Q 96 -41.05 133.40 -65.26
C PHE Q 96 -39.57 133.63 -65.03
N PHE Q 97 -38.77 133.12 -65.97
CA PHE Q 97 -37.33 133.26 -66.00
C PHE Q 97 -36.81 133.27 -67.43
N GLU Q 98 -35.69 133.95 -67.65
CA GLU Q 98 -35.15 134.09 -68.99
C GLU Q 98 -33.63 134.03 -69.04
N LYS Q 99 -33.06 133.55 -70.14
CA LYS Q 99 -31.61 133.49 -70.28
C LYS Q 99 -31.11 134.86 -70.73
N ASN Q 100 -30.40 135.52 -69.83
CA ASN Q 100 -29.78 136.80 -70.06
C ASN Q 100 -28.42 136.53 -70.71
N LEU Q 101 -28.17 137.14 -71.86
CA LEU Q 101 -26.88 137.11 -72.54
C LEU Q 101 -26.23 138.51 -72.58
N LYS Q 102 -25.01 138.62 -73.10
CA LYS Q 102 -24.31 139.91 -73.27
C LYS Q 102 -25.02 140.78 -74.31
N ASP Q 103 -25.75 141.79 -73.83
CA ASP Q 103 -26.56 142.76 -74.58
C ASP Q 103 -27.68 142.21 -75.51
N VAL Q 104 -28.06 140.94 -75.41
CA VAL Q 104 -29.34 140.36 -75.90
C VAL Q 104 -29.97 139.51 -74.80
N SER Q 105 -31.28 139.27 -74.86
CA SER Q 105 -32.00 138.58 -73.79
C SER Q 105 -33.25 137.87 -74.31
N PHE Q 106 -33.49 136.61 -73.96
CA PHE Q 106 -34.56 135.84 -74.57
C PHE Q 106 -35.23 134.88 -73.60
N ARG Q 107 -36.52 134.60 -73.87
CA ARG Q 107 -37.35 133.81 -72.98
C ARG Q 107 -36.91 132.36 -72.89
N LEU Q 108 -36.88 131.88 -71.65
CA LEU Q 108 -36.60 130.50 -71.34
C LEU Q 108 -37.91 129.81 -70.91
N GLY Q 109 -38.47 130.12 -69.73
CA GLY Q 109 -39.72 129.52 -69.28
C GLY Q 109 -40.59 130.40 -68.37
N SER Q 110 -41.82 129.92 -68.10
CA SER Q 110 -42.78 130.51 -67.16
C SER Q 110 -43.80 129.46 -66.63
N PHE Q 111 -44.26 129.57 -65.37
CA PHE Q 111 -45.36 128.77 -64.78
C PHE Q 111 -46.40 129.72 -64.22
N ASN Q 112 -47.62 129.56 -64.67
CA ASN Q 112 -48.78 129.99 -63.94
C ASN Q 112 -48.98 128.98 -62.78
N LEU Q 113 -48.28 129.19 -61.67
CA LEU Q 113 -48.40 128.39 -60.46
C LEU Q 113 -49.81 128.53 -59.84
N GLU Q 114 -50.12 127.75 -58.81
CA GLU Q 114 -51.29 127.95 -57.96
C GLU Q 114 -50.86 127.57 -56.54
N LYS Q 115 -50.86 128.54 -55.63
CA LYS Q 115 -50.36 128.34 -54.26
C LYS Q 115 -51.19 127.38 -53.42
N VAL Q 116 -50.67 127.00 -52.25
CA VAL Q 116 -51.32 126.09 -51.30
C VAL Q 116 -51.29 126.66 -49.88
N GLU Q 117 -52.05 126.00 -49.04
CA GLU Q 117 -52.52 126.34 -47.71
C GLU Q 117 -51.52 126.10 -46.57
N ASN Q 118 -50.42 125.40 -46.81
CA ASN Q 118 -49.57 124.87 -45.75
C ASN Q 118 -48.14 125.34 -45.91
N PRO Q 119 -47.86 126.58 -45.52
CA PRO Q 119 -46.51 127.09 -45.51
C PRO Q 119 -45.60 126.24 -44.60
N ALA Q 120 -46.11 125.81 -43.45
CA ALA Q 120 -45.36 125.02 -42.47
C ALA Q 120 -45.00 123.60 -42.87
N GLU Q 121 -45.99 122.84 -43.31
CA GLU Q 121 -45.79 121.46 -43.73
C GLU Q 121 -44.77 121.41 -44.87
N VAL Q 122 -44.83 122.39 -45.78
CA VAL Q 122 -43.84 122.54 -46.86
C VAL Q 122 -42.43 122.74 -46.30
N ILE Q 123 -42.22 123.73 -45.43
CA ILE Q 123 -40.93 124.07 -44.81
C ILE Q 123 -40.41 122.89 -43.97
N ARG Q 124 -41.30 122.21 -43.25
CA ARG Q 124 -41.01 121.01 -42.48
C ARG Q 124 -40.36 119.93 -43.32
N GLU Q 125 -40.95 119.53 -44.43
CA GLU Q 125 -40.43 118.42 -45.24
C GLU Q 125 -39.07 118.75 -45.84
N LEU Q 126 -38.91 120.00 -46.20
CA LEU Q 126 -37.69 120.51 -46.78
C LEU Q 126 -36.53 120.47 -45.79
N ILE Q 127 -36.68 121.05 -44.60
CA ILE Q 127 -35.60 121.02 -43.58
C ILE Q 127 -35.34 119.55 -43.18
N CYS Q 128 -36.39 118.72 -43.04
CA CYS Q 128 -36.20 117.29 -42.81
C CYS Q 128 -35.36 116.62 -43.88
N TYR Q 129 -35.60 116.94 -45.14
CA TYR Q 129 -34.84 116.41 -46.25
C TYR Q 129 -33.37 116.73 -46.06
N CYS Q 130 -33.04 117.99 -45.78
CA CYS Q 130 -31.66 118.42 -45.58
C CYS Q 130 -31.03 117.60 -44.45
N LEU Q 131 -31.71 117.53 -43.30
CA LEU Q 131 -31.18 116.90 -42.09
C LEU Q 131 -31.10 115.37 -42.18
N ASP Q 132 -31.94 114.73 -42.97
CA ASP Q 132 -31.78 113.32 -43.33
C ASP Q 132 -30.57 113.16 -44.26
N THR Q 133 -30.58 113.91 -45.36
CA THR Q 133 -29.63 113.73 -46.47
C THR Q 133 -28.19 114.07 -46.11
N ILE Q 134 -28.03 115.06 -45.25
CA ILE Q 134 -26.76 115.33 -44.59
C ILE Q 134 -26.34 114.11 -43.75
N ALA Q 135 -27.19 113.61 -42.85
CA ALA Q 135 -26.84 112.53 -41.93
C ALA Q 135 -26.50 111.22 -42.64
N GLU Q 136 -27.12 110.96 -43.79
CA GLU Q 136 -26.72 109.88 -44.69
C GLU Q 136 -25.25 110.01 -45.08
N ASN Q 137 -24.90 111.16 -45.64
CA ASN Q 137 -23.57 111.36 -46.17
C ASN Q 137 -22.52 111.32 -45.10
N GLN Q 138 -22.82 111.82 -43.92
CA GLN Q 138 -21.94 111.60 -42.79
C GLN Q 138 -21.61 110.12 -42.59
N ALA Q 139 -22.61 109.25 -42.48
CA ALA Q 139 -22.37 107.82 -42.33
C ALA Q 139 -21.52 107.24 -43.47
N LYS Q 140 -21.88 107.52 -44.72
CA LYS Q 140 -21.09 107.07 -45.87
C LYS Q 140 -19.67 107.58 -45.82
N ASN Q 141 -19.50 108.84 -45.46
CA ASN Q 141 -18.19 109.48 -45.38
C ASN Q 141 -17.35 108.80 -44.33
N GLU Q 142 -17.96 108.36 -43.24
CA GLU Q 142 -17.29 107.52 -42.26
C GLU Q 142 -16.88 106.19 -42.87
N HIS Q 143 -17.80 105.46 -43.48
CA HIS Q 143 -17.48 104.13 -44.01
C HIS Q 143 -16.37 104.21 -45.04
N LEU Q 144 -16.50 105.11 -46.02
CA LEU Q 144 -15.47 105.30 -47.05
C LEU Q 144 -14.13 105.65 -46.44
N GLN Q 145 -14.17 106.49 -45.42
CA GLN Q 145 -12.96 106.91 -44.73
C GLN Q 145 -12.26 105.72 -44.06
N LYS Q 146 -13.00 104.86 -43.36
CA LYS Q 146 -12.45 103.65 -42.74
C LYS Q 146 -11.89 102.70 -43.79
N GLU Q 147 -12.69 102.43 -44.80
CA GLU Q 147 -12.36 101.49 -45.86
C GLU Q 147 -11.05 101.88 -46.52
N ASN Q 148 -10.91 103.16 -46.82
CA ASN Q 148 -9.82 103.61 -47.62
C ASN Q 148 -8.62 104.12 -46.79
N GLU Q 149 -8.77 104.31 -45.46
CA GLU Q 149 -7.64 104.17 -44.52
C GLU Q 149 -7.05 102.79 -44.67
N ARG Q 150 -7.87 101.74 -44.60
CA ARG Q 150 -7.37 100.39 -44.69
C ARG Q 150 -6.61 100.17 -46.01
N LEU Q 151 -7.16 100.66 -47.11
CA LEU Q 151 -6.48 100.60 -48.40
C LEU Q 151 -5.17 101.37 -48.46
N LEU Q 152 -5.08 102.55 -47.84
CA LEU Q 152 -3.85 103.33 -47.82
C LEU Q 152 -2.83 102.71 -46.86
N ARG Q 153 -3.26 102.34 -45.67
CA ARG Q 153 -2.50 101.65 -44.63
C ARG Q 153 -1.79 100.45 -45.20
N ASP Q 154 -2.53 99.61 -45.91
CA ASP Q 154 -1.95 98.48 -46.64
C ASP Q 154 -0.98 98.92 -47.74
N TRP Q 155 -1.40 99.84 -48.61
CA TRP Q 155 -0.59 100.31 -49.72
C TRP Q 155 0.78 100.86 -49.29
N ASN Q 156 0.79 101.62 -48.20
CA ASN Q 156 1.97 102.16 -47.55
C ASN Q 156 2.87 101.05 -46.98
N ASP Q 157 2.31 99.95 -46.49
CA ASP Q 157 3.10 98.82 -46.00
C ASP Q 157 3.76 98.04 -47.13
N VAL Q 158 3.03 97.78 -48.21
CA VAL Q 158 3.62 97.12 -49.38
C VAL Q 158 4.68 97.99 -50.01
N GLN Q 159 4.47 99.32 -50.06
CA GLN Q 159 5.51 100.29 -50.36
C GLN Q 159 6.76 99.92 -49.54
N GLY Q 160 6.67 99.96 -48.20
CA GLY Q 160 7.79 99.70 -47.28
C GLY Q 160 8.57 98.42 -47.57
N ARG Q 161 7.84 97.31 -47.74
CA ARG Q 161 8.40 96.01 -48.09
C ARG Q 161 9.06 96.01 -49.47
N PHE Q 162 8.43 96.64 -50.44
CA PHE Q 162 8.96 96.78 -51.77
C PHE Q 162 10.26 97.57 -51.75
N GLU Q 163 10.34 98.64 -50.96
CA GLU Q 163 11.58 99.39 -50.75
C GLU Q 163 12.68 98.47 -50.17
N LYS Q 164 12.34 97.62 -49.19
CA LYS Q 164 13.29 96.63 -48.65
C LYS Q 164 13.75 95.66 -49.72
N CYS Q 165 12.83 95.14 -50.53
CA CYS Q 165 13.17 94.25 -51.63
C CYS Q 165 14.01 94.93 -52.69
N VAL Q 166 13.67 96.15 -53.12
CA VAL Q 166 14.48 96.90 -54.10
C VAL Q 166 15.89 97.13 -53.57
N SER Q 167 16.01 97.56 -52.32
CA SER Q 167 17.33 97.76 -51.71
C SER Q 167 18.14 96.47 -51.62
N ALA Q 168 17.50 95.38 -51.19
CA ALA Q 168 18.16 94.09 -51.14
C ALA Q 168 18.59 93.60 -52.51
N LYS Q 169 17.81 93.85 -53.56
CA LYS Q 169 18.15 93.52 -54.95
C LYS Q 169 19.33 94.34 -55.47
N GLU Q 170 19.38 95.65 -55.23
CA GLU Q 170 20.55 96.47 -55.62
C GLU Q 170 21.81 95.99 -54.95
N ALA Q 171 21.77 95.80 -53.64
CA ALA Q 171 22.90 95.32 -52.87
C ALA Q 171 23.35 93.92 -53.32
N LEU Q 172 22.42 93.02 -53.61
CA LEU Q 172 22.70 91.69 -54.17
C LEU Q 172 23.48 91.79 -55.49
N GLU Q 173 23.04 92.61 -56.45
CA GLU Q 173 23.78 92.83 -57.68
C GLU Q 173 25.19 93.40 -57.46
N THR Q 174 25.30 94.57 -56.84
CA THR Q 174 26.61 95.26 -56.76
C THR Q 174 27.58 94.38 -55.96
N ASP Q 175 27.13 93.78 -54.86
CA ASP Q 175 27.92 92.86 -54.07
C ASP Q 175 28.44 91.65 -54.86
N LEU Q 176 27.56 90.97 -55.58
CA LEU Q 176 27.92 89.81 -56.37
C LEU Q 176 28.85 90.18 -57.52
N TYR Q 177 28.51 91.24 -58.26
CA TYR Q 177 29.35 91.71 -59.36
C TYR Q 177 30.71 92.18 -58.84
N LYS Q 178 30.81 92.93 -57.74
CA LYS Q 178 32.12 93.31 -57.17
C LYS Q 178 32.99 92.10 -56.86
N ARG Q 179 32.40 91.03 -56.33
CA ARG Q 179 33.13 89.79 -56.02
C ARG Q 179 33.49 89.00 -57.26
N PHE Q 180 32.59 88.93 -58.23
CA PHE Q 180 32.82 88.35 -59.54
C PHE Q 180 33.97 89.07 -60.25
N ILE Q 181 33.91 90.39 -60.32
CA ILE Q 181 34.91 91.30 -60.90
C ILE Q 181 36.27 91.02 -60.29
N LEU Q 182 36.39 90.92 -58.95
CA LEU Q 182 37.66 90.59 -58.31
C LEU Q 182 38.20 89.24 -58.79
N VAL Q 183 37.39 88.18 -58.71
CA VAL Q 183 37.78 86.82 -59.09
C VAL Q 183 38.12 86.73 -60.59
N LEU Q 184 37.25 87.30 -61.43
CA LEU Q 184 37.34 87.36 -62.89
C LEU Q 184 38.59 88.15 -63.30
N ASN Q 185 38.78 89.34 -62.75
CA ASN Q 185 39.88 90.20 -63.14
C ASN Q 185 41.25 89.62 -62.84
N GLU Q 186 41.36 88.91 -61.72
CA GLU Q 186 42.58 88.16 -61.44
C GLU Q 186 42.80 87.05 -62.47
N LYS Q 187 41.76 86.41 -62.99
CA LYS Q 187 41.96 85.46 -64.09
C LYS Q 187 42.45 86.16 -65.33
N LYS Q 188 41.80 87.24 -65.73
CA LYS Q 188 42.17 88.04 -66.92
C LYS Q 188 43.60 88.51 -66.87
N THR Q 189 43.99 89.08 -65.72
CA THR Q 189 45.33 89.62 -65.50
C THR Q 189 46.38 88.52 -65.63
N LYS Q 190 46.12 87.37 -65.02
CA LYS Q 190 47.01 86.24 -65.12
C LYS Q 190 47.06 85.69 -66.54
N ILE Q 191 45.91 85.58 -67.21
CA ILE Q 191 45.82 85.20 -68.62
C ILE Q 191 46.67 86.12 -69.47
N ARG Q 192 46.58 87.42 -69.26
CA ARG Q 192 47.33 88.45 -69.99
C ARG Q 192 48.80 88.28 -69.78
N SER Q 193 49.21 88.20 -68.53
CA SER Q 193 50.59 88.07 -68.14
C SER Q 193 51.20 86.82 -68.74
N LEU Q 194 50.51 85.70 -68.63
CA LEU Q 194 50.96 84.46 -69.22
C LEU Q 194 50.95 84.47 -70.75
N HIS Q 195 49.91 85.02 -71.38
CA HIS Q 195 49.79 85.16 -72.84
C HIS Q 195 50.97 85.92 -73.43
N ASN Q 196 51.28 87.06 -72.83
CA ASN Q 196 52.45 87.85 -73.19
C ASN Q 196 53.73 87.08 -72.87
N LYS Q 197 53.91 86.60 -71.63
CA LYS Q 197 55.10 85.81 -71.24
C LYS Q 197 55.33 84.60 -72.14
N LEU Q 198 54.28 84.02 -72.69
CA LEU Q 198 54.33 82.87 -73.58
C LEU Q 198 54.64 83.22 -75.03
N LEU Q 199 54.09 84.32 -75.56
CA LEU Q 199 54.51 84.86 -76.87
C LEU Q 199 56.01 85.18 -76.89
N ASN Q 200 56.54 85.61 -75.74
CA ASN Q 200 57.94 85.90 -75.55
C ASN Q 200 58.79 84.66 -75.15
N ALA Q 201 58.20 83.69 -74.44
CA ALA Q 201 58.76 82.39 -74.12
C ALA Q 201 57.62 81.37 -73.88
N MET R 1 -17.14 129.45 -33.94
CA MET R 1 -18.48 129.26 -33.35
C MET R 1 -19.07 127.93 -33.85
N GLU R 2 -19.96 127.31 -33.10
CA GLU R 2 -20.73 126.14 -33.53
C GLU R 2 -22.21 126.49 -33.50
N ARG R 3 -22.95 125.89 -34.41
CA ARG R 3 -24.38 125.74 -34.24
C ARG R 3 -24.76 124.31 -34.50
N LYS R 4 -25.98 123.98 -34.13
CA LYS R 4 -26.54 122.64 -34.25
C LYS R 4 -28.06 122.75 -34.30
N ILE R 5 -28.62 122.37 -35.44
CA ILE R 5 -30.05 122.15 -35.63
C ILE R 5 -30.38 120.70 -35.29
N SER R 6 -31.52 120.49 -34.65
CA SER R 6 -32.02 119.23 -34.11
C SER R 6 -33.53 119.22 -34.34
N ARG R 7 -34.15 118.13 -34.80
CA ARG R 7 -35.61 118.09 -35.04
C ARG R 7 -36.34 117.33 -33.95
N ILE R 8 -37.41 117.90 -33.42
CA ILE R 8 -38.09 117.41 -32.22
C ILE R 8 -39.60 117.41 -32.42
N HIS R 9 -40.26 116.77 -31.48
CA HIS R 9 -41.68 116.88 -31.23
C HIS R 9 -41.92 117.40 -29.83
N LEU R 10 -42.65 118.50 -29.72
CA LEU R 10 -43.26 118.86 -28.45
C LEU R 10 -44.29 117.82 -28.04
N VAL R 11 -44.40 117.59 -26.72
CA VAL R 11 -45.49 116.78 -26.19
C VAL R 11 -46.84 117.39 -26.55
N SER R 12 -46.97 118.72 -26.49
CA SER R 12 -48.17 119.46 -26.88
C SER R 12 -48.63 119.17 -28.31
N GLU R 13 -47.69 118.82 -29.19
CA GLU R 13 -47.90 118.81 -30.63
C GLU R 13 -47.31 117.56 -31.26
N PRO R 14 -48.03 116.44 -31.15
CA PRO R 14 -47.64 115.15 -31.67
C PRO R 14 -47.22 115.16 -33.14
N SER R 15 -48.02 115.80 -34.02
CA SER R 15 -47.91 115.66 -35.48
C SER R 15 -47.10 116.80 -36.15
N ILE R 16 -46.84 117.90 -35.43
CA ILE R 16 -45.96 118.96 -35.95
C ILE R 16 -44.52 118.59 -35.62
N THR R 17 -43.68 118.42 -36.64
CA THR R 17 -42.23 118.38 -36.42
C THR R 17 -41.78 119.80 -36.17
N HIS R 18 -41.15 120.01 -35.03
CA HIS R 18 -40.49 121.25 -34.70
C HIS R 18 -38.99 121.14 -34.95
N PHE R 19 -38.32 122.28 -35.00
CA PHE R 19 -36.86 122.35 -35.07
C PHE R 19 -36.33 123.21 -33.94
N LEU R 20 -35.36 122.66 -33.23
CA LEU R 20 -34.56 123.31 -32.22
C LEU R 20 -33.22 123.69 -32.86
N GLN R 21 -32.84 124.94 -32.79
CA GLN R 21 -31.51 125.38 -33.22
C GLN R 21 -30.79 125.93 -32.01
N VAL R 22 -29.58 125.44 -31.79
CA VAL R 22 -28.69 125.90 -30.74
C VAL R 22 -27.41 126.43 -31.38
N SER R 23 -26.85 127.45 -30.77
CA SER R 23 -25.72 128.20 -31.35
C SER R 23 -24.87 128.78 -30.22
N TRP R 24 -23.56 128.55 -30.24
CA TRP R 24 -22.66 128.82 -29.13
C TRP R 24 -21.19 128.70 -29.54
N GLU R 25 -20.29 128.96 -28.61
CA GLU R 25 -18.87 128.97 -28.84
C GLU R 25 -18.21 127.84 -28.09
N LYS R 26 -18.19 126.70 -28.78
CA LYS R 26 -17.69 125.36 -28.46
C LYS R 26 -18.06 124.79 -27.10
N THR R 27 -17.76 125.43 -25.99
CA THR R 27 -18.47 125.07 -24.77
C THR R 27 -19.88 125.63 -24.79
N LEU R 28 -20.84 124.72 -24.87
CA LEU R 28 -22.24 124.95 -24.51
C LEU R 28 -22.34 125.61 -23.13
N GLU R 29 -21.43 125.21 -22.23
CA GLU R 29 -21.30 125.69 -20.86
C GLU R 29 -21.18 127.20 -20.72
N SER R 30 -20.58 127.87 -21.70
CA SER R 30 -20.41 129.33 -21.71
C SER R 30 -21.75 130.10 -21.86
N GLY R 31 -22.85 129.40 -22.11
CA GLY R 31 -24.13 129.99 -22.52
C GLY R 31 -24.33 129.86 -24.03
N PHE R 32 -25.59 129.92 -24.48
CA PHE R 32 -26.01 129.68 -25.86
C PHE R 32 -27.28 130.44 -26.21
N VAL R 33 -27.50 130.62 -27.50
CA VAL R 33 -28.77 131.06 -28.05
C VAL R 33 -29.54 129.88 -28.59
N ILE R 34 -30.85 129.93 -28.41
CA ILE R 34 -31.73 128.84 -28.70
C ILE R 34 -32.96 129.38 -29.43
N THR R 35 -33.31 128.75 -30.55
CA THR R 35 -34.50 129.06 -31.35
C THR R 35 -35.35 127.80 -31.41
N LEU R 36 -36.67 127.94 -31.35
CA LEU R 36 -37.60 126.90 -31.77
C LEU R 36 -38.42 127.44 -32.95
N THR R 37 -38.87 126.55 -33.80
CA THR R 37 -39.80 126.88 -34.89
C THR R 37 -40.61 125.65 -35.30
N ASP R 38 -41.73 125.87 -35.99
CA ASP R 38 -42.59 124.82 -36.56
C ASP R 38 -42.89 124.97 -38.08
N GLY R 39 -42.14 125.84 -38.79
CA GLY R 39 -42.35 126.18 -40.21
C GLY R 39 -43.39 127.28 -40.44
N HIS R 40 -44.00 127.81 -39.39
CA HIS R 40 -44.96 128.90 -39.46
C HIS R 40 -44.58 130.05 -38.52
N SER R 41 -44.09 129.71 -37.32
CA SER R 41 -43.73 130.64 -36.25
C SER R 41 -42.35 130.28 -35.68
N ALA R 42 -41.74 131.19 -34.93
CA ALA R 42 -40.43 130.97 -34.31
C ALA R 42 -40.38 131.66 -32.94
N TRP R 43 -39.55 131.15 -32.04
CA TRP R 43 -39.35 131.62 -30.69
C TRP R 43 -37.90 131.55 -30.36
N THR R 44 -37.40 132.39 -29.47
CA THR R 44 -35.98 132.43 -29.16
C THR R 44 -35.77 132.70 -27.70
N GLY R 45 -34.62 132.31 -27.18
CA GLY R 45 -34.07 132.93 -26.00
C GLY R 45 -32.62 132.56 -25.82
N THR R 46 -32.09 132.91 -24.66
CA THR R 46 -30.67 132.82 -24.35
C THR R 46 -30.49 132.18 -22.99
N VAL R 47 -29.39 131.45 -22.78
CA VAL R 47 -28.97 130.90 -21.47
C VAL R 47 -27.50 131.23 -21.20
N SER R 48 -27.11 131.51 -19.96
CA SER R 48 -25.77 132.01 -19.57
C SER R 48 -24.96 131.09 -18.63
N GLU R 49 -23.70 131.44 -18.39
CA GLU R 49 -22.71 130.65 -17.62
C GLU R 49 -23.17 130.27 -16.22
N SER R 50 -23.67 131.26 -15.48
CA SER R 50 -24.13 131.14 -14.10
C SER R 50 -25.48 130.44 -14.02
N GLU R 51 -26.33 130.54 -15.05
CA GLU R 51 -27.64 129.87 -15.09
C GLU R 51 -27.49 128.35 -15.25
N ILE R 52 -26.63 127.88 -16.15
CA ILE R 52 -26.26 126.47 -16.27
C ILE R 52 -25.61 125.97 -14.98
N SER R 53 -24.71 126.75 -14.38
CA SER R 53 -24.13 126.40 -13.08
C SER R 53 -25.19 126.16 -12.04
N GLN R 54 -26.09 127.13 -11.91
CA GLN R 54 -27.20 127.13 -10.98
C GLN R 54 -28.10 125.92 -11.19
N GLU R 55 -28.45 125.62 -12.43
CA GLU R 55 -29.31 124.51 -12.78
C GLU R 55 -28.67 123.17 -12.39
N ALA R 56 -27.37 123.01 -12.65
CA ALA R 56 -26.61 121.84 -12.23
C ALA R 56 -26.48 121.74 -10.69
N ASP R 57 -26.29 122.87 -10.00
CA ASP R 57 -26.20 122.92 -8.54
C ASP R 57 -27.52 122.54 -7.87
N ASP R 58 -28.66 123.00 -8.40
CA ASP R 58 -30.01 122.59 -7.96
C ASP R 58 -30.26 121.07 -8.13
N MET R 59 -29.56 120.45 -9.08
CA MET R 59 -29.62 119.03 -9.42
C MET R 59 -28.40 118.25 -8.87
N ALA R 60 -27.56 118.91 -8.07
CA ALA R 60 -26.38 118.38 -7.37
C ALA R 60 -25.36 117.59 -8.24
N MET R 61 -25.08 118.08 -9.45
CA MET R 61 -24.25 117.37 -10.44
C MET R 61 -23.00 118.16 -10.85
N GLU R 62 -21.86 117.47 -11.06
CA GLU R 62 -20.67 118.04 -11.65
C GLU R 62 -21.02 118.77 -12.97
N LYS R 63 -20.71 120.06 -13.05
CA LYS R 63 -20.84 120.82 -14.30
C LYS R 63 -19.80 120.30 -15.30
N GLY R 64 -20.16 120.19 -16.56
CA GLY R 64 -19.44 119.30 -17.48
C GLY R 64 -20.16 117.96 -17.60
N LYS R 65 -20.48 117.27 -16.51
CA LYS R 65 -21.35 116.08 -16.54
C LYS R 65 -22.79 116.47 -16.84
N TYR R 66 -23.29 117.49 -16.14
CA TYR R 66 -24.56 118.13 -16.47
C TYR R 66 -24.55 118.73 -17.88
N VAL R 67 -23.38 119.20 -18.32
CA VAL R 67 -23.22 119.69 -19.69
C VAL R 67 -23.29 118.55 -20.68
N GLY R 68 -22.76 117.38 -20.34
CA GLY R 68 -23.01 116.13 -21.01
C GLY R 68 -24.50 115.91 -21.25
N GLU R 69 -25.29 115.91 -20.18
CA GLU R 69 -26.76 115.81 -20.28
C GLU R 69 -27.36 116.86 -21.20
N LEU R 70 -26.90 118.10 -21.09
CA LEU R 70 -27.32 119.17 -21.99
C LEU R 70 -26.97 118.87 -23.45
N ARG R 71 -25.76 118.38 -23.76
CA ARG R 71 -25.38 118.09 -25.16
C ARG R 71 -26.29 117.03 -25.71
N LYS R 72 -26.55 116.02 -24.90
CA LYS R 72 -27.32 114.88 -25.29
C LYS R 72 -28.78 115.22 -25.52
N ALA R 73 -29.32 116.06 -24.66
CA ALA R 73 -30.67 116.58 -24.76
C ALA R 73 -30.81 117.54 -25.95
N LEU R 74 -29.95 118.55 -26.05
CA LEU R 74 -30.18 119.71 -26.93
C LEU R 74 -29.51 119.60 -28.32
N LEU R 75 -28.44 118.82 -28.40
CA LEU R 75 -27.62 118.66 -29.60
C LEU R 75 -27.76 117.27 -30.21
N SER R 76 -28.90 116.62 -29.98
CA SER R 76 -29.20 115.25 -30.47
C SER R 76 -28.18 114.20 -30.01
N GLY R 77 -27.36 114.46 -28.98
CA GLY R 77 -26.32 113.52 -28.54
C GLY R 77 -26.86 112.33 -27.74
N ALA R 78 -28.18 112.11 -27.73
CA ALA R 78 -28.84 110.97 -27.10
C ALA R 78 -28.41 109.60 -27.64
N GLY R 79 -28.12 108.67 -26.74
CA GLY R 79 -28.05 107.25 -27.03
C GLY R 79 -29.45 106.61 -27.08
N PRO R 80 -29.56 105.30 -27.43
CA PRO R 80 -30.85 104.60 -27.54
C PRO R 80 -31.52 104.44 -26.16
N ALA R 81 -30.69 104.38 -25.12
CA ALA R 81 -31.11 104.35 -23.74
C ALA R 81 -31.72 105.67 -23.29
N ASP R 82 -31.27 106.77 -23.85
CA ASP R 82 -31.72 108.10 -23.46
C ASP R 82 -33.00 108.43 -24.17
N VAL R 83 -34.02 108.79 -23.41
CA VAL R 83 -35.29 109.30 -23.92
C VAL R 83 -35.51 110.66 -23.29
N TYR R 84 -35.45 111.69 -24.10
CA TYR R 84 -35.71 113.05 -23.69
C TYR R 84 -37.13 113.49 -24.09
N THR R 85 -37.66 114.48 -23.39
CA THR R 85 -39.03 114.98 -23.56
C THR R 85 -39.02 116.50 -23.58
N PHE R 86 -39.77 117.10 -24.51
CA PHE R 86 -39.72 118.54 -24.83
C PHE R 86 -41.10 119.19 -24.72
N ASN R 87 -41.18 120.26 -23.96
CA ASN R 87 -42.44 120.90 -23.63
C ASN R 87 -42.35 122.41 -23.77
N PHE R 88 -43.42 122.98 -24.31
CA PHE R 88 -43.49 124.39 -24.59
C PHE R 88 -44.96 124.83 -24.65
N SER R 89 -45.27 125.88 -23.91
CA SER R 89 -46.42 126.72 -24.22
C SER R 89 -45.88 127.83 -25.09
N LYS R 90 -46.52 128.07 -26.23
CA LYS R 90 -46.27 129.24 -27.08
C LYS R 90 -46.89 130.46 -26.43
N GLU R 91 -47.96 130.22 -25.69
CA GLU R 91 -48.78 131.18 -24.98
C GLU R 91 -47.99 131.85 -23.86
N SER R 92 -47.39 131.07 -22.98
CA SER R 92 -46.43 131.56 -21.99
C SER R 92 -44.99 131.66 -22.50
N CYS R 93 -44.69 131.04 -23.63
CA CYS R 93 -43.34 130.84 -24.13
C CYS R 93 -42.36 130.16 -23.14
N TYR R 94 -42.85 129.37 -22.19
CA TYR R 94 -42.03 128.60 -21.28
C TYR R 94 -41.65 127.26 -21.89
N PHE R 95 -40.38 127.11 -22.21
CA PHE R 95 -39.82 125.83 -22.57
C PHE R 95 -39.36 125.10 -21.34
N PHE R 96 -39.51 123.79 -21.34
CA PHE R 96 -38.76 122.90 -20.47
C PHE R 96 -38.57 121.55 -21.12
N PHE R 97 -37.56 120.86 -20.68
CA PHE R 97 -37.20 119.56 -21.22
C PHE R 97 -36.76 118.67 -20.08
N GLU R 98 -36.78 117.39 -20.36
CA GLU R 98 -36.71 116.35 -19.36
C GLU R 98 -36.10 115.10 -19.93
N LYS R 99 -35.73 114.20 -19.05
CA LYS R 99 -35.30 112.85 -19.36
C LYS R 99 -36.27 111.85 -18.77
N ASN R 100 -36.50 110.72 -19.40
CA ASN R 100 -37.44 109.71 -18.92
C ASN R 100 -36.69 108.43 -18.53
N LEU R 101 -36.86 107.99 -17.29
CA LEU R 101 -36.32 106.79 -16.64
C LEU R 101 -37.19 106.42 -15.45
N LYS R 102 -37.05 105.21 -14.90
CA LYS R 102 -37.82 104.76 -13.72
C LYS R 102 -39.33 104.79 -13.97
N ASP R 103 -39.68 104.78 -15.25
CA ASP R 103 -41.01 104.99 -15.80
C ASP R 103 -41.60 106.38 -15.52
N VAL R 104 -40.74 107.38 -15.43
CA VAL R 104 -41.09 108.75 -15.07
C VAL R 104 -40.23 109.73 -15.82
N SER R 105 -40.79 110.90 -16.01
CA SER R 105 -40.06 112.01 -16.54
C SER R 105 -39.36 112.80 -15.44
N PHE R 106 -38.25 113.42 -15.79
CA PHE R 106 -37.41 114.19 -14.88
C PHE R 106 -36.89 115.38 -15.63
N ARG R 107 -37.49 116.54 -15.37
CA ARG R 107 -37.01 117.84 -15.76
C ARG R 107 -35.49 117.93 -15.73
N LEU R 108 -34.89 118.38 -16.83
CA LEU R 108 -33.48 118.72 -16.96
C LEU R 108 -33.26 120.25 -17.01
N GLY R 109 -34.22 121.04 -17.47
CA GLY R 109 -34.05 122.50 -17.50
C GLY R 109 -35.26 123.21 -18.13
N SER R 110 -35.22 124.54 -18.10
CA SER R 110 -36.28 125.44 -18.59
C SER R 110 -35.79 126.73 -19.21
N PHE R 111 -36.56 127.25 -20.18
CA PHE R 111 -36.27 128.49 -20.86
C PHE R 111 -37.49 129.40 -20.97
N ASN R 112 -37.22 130.66 -20.72
CA ASN R 112 -37.97 131.78 -21.24
C ASN R 112 -37.65 131.94 -22.74
N LEU R 113 -38.54 131.50 -23.62
CA LEU R 113 -38.53 131.99 -24.99
C LEU R 113 -39.32 133.28 -25.10
N GLU R 114 -39.11 133.99 -26.18
CA GLU R 114 -39.89 135.12 -26.63
C GLU R 114 -40.31 134.71 -28.04
N LYS R 115 -41.56 134.93 -28.43
CA LYS R 115 -41.95 134.80 -29.83
C LYS R 115 -41.16 135.80 -30.64
N VAL R 116 -40.67 135.34 -31.77
CA VAL R 116 -39.85 136.12 -32.67
C VAL R 116 -40.71 136.82 -33.69
N GLU R 117 -40.38 138.08 -33.92
CA GLU R 117 -41.13 139.06 -34.69
C GLU R 117 -40.96 138.88 -36.21
N ASN R 118 -39.84 138.30 -36.63
CA ASN R 118 -39.49 138.12 -38.03
C ASN R 118 -39.38 136.62 -38.35
N PRO R 119 -40.49 135.87 -38.33
CA PRO R 119 -40.47 134.42 -38.40
C PRO R 119 -39.83 133.86 -39.66
N ALA R 120 -40.37 134.20 -40.83
CA ALA R 120 -39.92 133.70 -42.14
C ALA R 120 -38.42 133.98 -42.40
N GLU R 121 -37.84 134.99 -41.76
CA GLU R 121 -36.45 135.42 -41.97
C GLU R 121 -35.41 134.59 -41.24
N VAL R 122 -35.65 134.24 -39.98
CA VAL R 122 -34.70 133.34 -39.32
C VAL R 122 -34.83 131.93 -39.87
N ILE R 123 -36.04 131.58 -40.31
CA ILE R 123 -36.30 130.37 -41.09
C ILE R 123 -35.40 130.40 -42.35
N ARG R 124 -35.44 131.47 -43.17
CA ARG R 124 -34.57 131.61 -44.35
C ARG R 124 -33.11 131.31 -44.07
N GLU R 125 -32.59 131.97 -43.04
CA GLU R 125 -31.23 131.77 -42.62
C GLU R 125 -31.00 130.29 -42.32
N LEU R 126 -31.82 129.74 -41.42
CA LEU R 126 -31.71 128.39 -40.92
C LEU R 126 -31.56 127.41 -42.07
N ILE R 127 -32.47 127.49 -43.03
CA ILE R 127 -32.53 126.48 -44.08
C ILE R 127 -31.49 126.75 -45.17
N CYS R 128 -30.98 127.98 -45.30
CA CYS R 128 -29.80 128.20 -46.13
C CYS R 128 -28.59 127.47 -45.58
N TYR R 129 -28.35 127.58 -44.28
CA TYR R 129 -27.29 126.83 -43.64
C TYR R 129 -27.45 125.32 -43.87
N CYS R 130 -28.69 124.83 -43.89
CA CYS R 130 -28.95 123.41 -44.17
C CYS R 130 -28.57 123.05 -45.60
N LEU R 131 -29.01 123.83 -46.60
CA LEU R 131 -28.66 123.63 -48.01
C LEU R 131 -27.14 123.62 -48.22
N ASP R 132 -26.44 124.49 -47.52
CA ASP R 132 -25.00 124.52 -47.53
C ASP R 132 -24.46 123.21 -46.94
N THR R 133 -24.91 122.86 -45.75
CA THR R 133 -24.41 121.71 -45.01
C THR R 133 -24.62 120.39 -45.74
N ILE R 134 -25.76 120.22 -46.39
CA ILE R 134 -26.01 119.06 -47.23
C ILE R 134 -25.02 119.08 -48.42
N ALA R 135 -24.83 120.22 -49.07
CA ALA R 135 -23.94 120.35 -50.23
C ALA R 135 -22.47 120.10 -49.89
N GLU R 136 -22.00 120.53 -48.73
CA GLU R 136 -20.63 120.24 -48.27
C GLU R 136 -20.40 118.75 -48.09
N ASN R 137 -21.28 118.11 -47.33
CA ASN R 137 -21.15 116.68 -47.03
C ASN R 137 -21.36 115.82 -48.25
N GLN R 138 -22.03 116.37 -49.24
CA GLN R 138 -22.13 115.82 -50.56
C GLN R 138 -20.79 115.97 -51.30
N ALA R 139 -20.23 117.17 -51.43
CA ALA R 139 -18.95 117.32 -52.12
C ALA R 139 -17.80 116.55 -51.47
N LYS R 140 -17.79 116.47 -50.15
CA LYS R 140 -16.87 115.61 -49.39
C LYS R 140 -17.05 114.15 -49.79
N ASN R 141 -18.27 113.69 -49.88
CA ASN R 141 -18.56 112.32 -50.24
C ASN R 141 -18.00 112.00 -51.60
N GLU R 142 -18.33 112.79 -52.61
CA GLU R 142 -17.86 112.54 -53.97
C GLU R 142 -16.35 112.33 -53.99
N HIS R 143 -15.63 113.19 -53.27
CA HIS R 143 -14.21 113.05 -53.13
C HIS R 143 -13.80 111.69 -52.51
N LEU R 144 -14.38 111.31 -51.37
CA LEU R 144 -14.00 110.06 -50.69
C LEU R 144 -14.20 108.83 -51.55
N GLN R 145 -15.23 108.88 -52.39
CA GLN R 145 -15.53 107.87 -53.38
C GLN R 145 -14.37 107.74 -54.37
N LYS R 146 -13.94 108.87 -54.94
CA LYS R 146 -12.90 108.90 -55.96
C LYS R 146 -11.59 108.34 -55.40
N GLU R 147 -11.31 108.64 -54.14
CA GLU R 147 -10.19 108.02 -53.43
C GLU R 147 -10.36 106.53 -53.29
N ASN R 148 -11.52 106.07 -52.82
CA ASN R 148 -11.77 104.65 -52.68
C ASN R 148 -11.45 103.89 -53.98
N GLU R 149 -11.91 104.40 -55.13
CA GLU R 149 -11.68 103.77 -56.43
C GLU R 149 -10.19 103.69 -56.77
N ARG R 150 -9.52 104.85 -56.67
CA ARG R 150 -8.10 105.01 -56.96
C ARG R 150 -7.29 104.02 -56.14
N LEU R 151 -7.60 104.03 -54.87
CA LEU R 151 -6.94 103.26 -53.87
C LEU R 151 -7.10 101.76 -54.08
N LEU R 152 -8.28 101.35 -54.51
CA LEU R 152 -8.58 99.94 -54.67
C LEU R 152 -7.84 99.34 -55.86
N ARG R 153 -7.80 100.10 -56.95
CA ARG R 153 -6.95 99.83 -58.11
C ARG R 153 -5.48 99.79 -57.71
N ASP R 154 -4.98 100.90 -57.17
CA ASP R 154 -3.56 101.05 -56.83
C ASP R 154 -3.09 100.02 -55.80
N TRP R 155 -3.96 99.59 -54.89
CA TRP R 155 -3.59 98.54 -53.97
C TRP R 155 -3.39 97.21 -54.68
N ASN R 156 -4.33 96.81 -55.54
CA ASN R 156 -4.19 95.60 -56.33
C ASN R 156 -2.94 95.60 -57.18
N ASP R 157 -2.63 96.78 -57.70
CA ASP R 157 -1.47 97.06 -58.52
C ASP R 157 -0.16 96.74 -57.77
N VAL R 158 0.15 97.45 -56.68
CA VAL R 158 1.44 97.27 -55.99
C VAL R 158 1.49 95.92 -55.31
N GLN R 159 0.35 95.36 -54.92
CA GLN R 159 0.30 94.01 -54.38
C GLN R 159 0.82 92.99 -55.37
N GLY R 160 0.29 93.03 -56.60
CA GLY R 160 0.76 92.15 -57.66
C GLY R 160 2.22 92.41 -58.01
N ARG R 161 2.61 93.67 -58.29
CA ARG R 161 4.01 94.01 -58.68
C ARG R 161 5.00 93.58 -57.60
N PHE R 162 4.69 93.84 -56.33
CA PHE R 162 5.60 93.51 -55.23
C PHE R 162 5.89 92.01 -55.16
N GLU R 163 4.86 91.19 -55.28
CA GLU R 163 4.97 89.73 -55.21
C GLU R 163 5.71 89.14 -56.41
N LYS R 164 5.54 89.76 -57.59
CA LYS R 164 6.34 89.49 -58.79
C LYS R 164 7.80 89.87 -58.56
N CYS R 165 8.07 91.02 -57.97
CA CYS R 165 9.42 91.45 -57.62
C CYS R 165 10.09 90.55 -56.59
N VAL R 166 9.39 90.16 -55.51
CA VAL R 166 9.90 89.21 -54.50
C VAL R 166 10.34 87.89 -55.15
N SER R 167 9.49 87.31 -56.01
CA SER R 167 9.84 86.08 -56.73
C SER R 167 11.05 86.25 -57.65
N ALA R 168 11.13 87.38 -58.36
CA ALA R 168 12.23 87.65 -59.27
C ALA R 168 13.55 87.84 -58.51
N LYS R 169 13.51 88.55 -57.37
CA LYS R 169 14.65 88.72 -56.45
C LYS R 169 15.17 87.37 -55.96
N GLU R 170 14.25 86.48 -55.60
CA GLU R 170 14.60 85.18 -55.06
C GLU R 170 15.23 84.25 -56.12
N ALA R 171 14.97 84.45 -57.41
CA ALA R 171 15.64 83.75 -58.52
C ALA R 171 17.02 84.37 -58.87
N LEU R 172 17.18 85.69 -58.71
CA LEU R 172 18.32 86.48 -59.17
C LEU R 172 19.69 85.97 -58.75
N GLU R 173 19.90 85.71 -57.47
CA GLU R 173 21.24 85.37 -56.97
C GLU R 173 21.79 84.16 -57.74
N THR R 174 20.98 83.09 -57.82
CA THR R 174 21.44 81.86 -58.47
C THR R 174 21.55 82.03 -59.97
N ASP R 175 20.73 82.87 -60.59
CA ASP R 175 20.89 83.23 -62.00
C ASP R 175 22.31 83.71 -62.26
N LEU R 176 22.68 84.75 -61.53
CA LEU R 176 24.01 85.34 -61.56
C LEU R 176 25.07 84.27 -61.32
N TYR R 177 24.95 83.46 -60.26
CA TYR R 177 25.92 82.42 -60.02
C TYR R 177 26.09 81.43 -61.16
N LYS R 178 25.00 80.97 -61.76
CA LYS R 178 25.09 80.06 -62.89
C LYS R 178 25.85 80.71 -64.03
N ARG R 179 25.60 81.99 -64.30
CA ARG R 179 26.31 82.73 -65.35
C ARG R 179 27.78 82.86 -65.03
N PHE R 180 28.12 83.15 -63.77
CA PHE R 180 29.49 83.37 -63.33
C PHE R 180 30.32 82.07 -63.36
N ILE R 181 29.77 80.94 -62.93
CA ILE R 181 30.50 79.66 -62.84
C ILE R 181 31.06 79.20 -64.20
N LEU R 182 30.24 79.34 -65.24
CA LEU R 182 30.63 79.02 -66.61
C LEU R 182 31.76 79.93 -67.10
N VAL R 183 31.56 81.24 -67.01
CA VAL R 183 32.55 82.24 -67.44
C VAL R 183 33.90 81.98 -66.74
N LEU R 184 33.83 81.78 -65.43
CA LEU R 184 34.97 81.57 -64.55
C LEU R 184 35.75 80.28 -64.84
N ASN R 185 35.11 79.13 -65.04
CA ASN R 185 35.75 77.84 -65.33
C ASN R 185 36.36 77.81 -66.73
N GLU R 186 35.80 78.55 -67.68
CA GLU R 186 36.47 78.79 -68.97
C GLU R 186 37.75 79.61 -68.80
N LYS R 187 37.75 80.64 -67.96
CA LYS R 187 38.99 81.39 -67.76
C LYS R 187 40.05 80.60 -67.05
N LYS R 188 39.68 79.81 -66.02
CA LYS R 188 40.54 78.78 -65.37
C LYS R 188 41.24 77.96 -66.44
N THR R 189 40.45 77.50 -67.41
CA THR R 189 40.94 76.65 -68.52
C THR R 189 42.03 77.36 -69.28
N LYS R 190 41.77 78.59 -69.72
CA LYS R 190 42.77 79.41 -70.41
C LYS R 190 44.02 79.61 -69.56
N ILE R 191 43.87 79.85 -68.26
CA ILE R 191 45.02 80.05 -67.39
C ILE R 191 45.89 78.82 -67.31
N ARG R 192 45.25 77.69 -67.00
CA ARG R 192 45.86 76.34 -66.86
C ARG R 192 46.71 76.04 -68.08
N SER R 193 46.16 76.33 -69.25
CA SER R 193 46.78 76.04 -70.55
C SER R 193 48.03 76.89 -70.77
N LEU R 194 47.85 78.19 -70.63
CA LEU R 194 48.94 79.13 -70.79
C LEU R 194 50.05 78.95 -69.76
N HIS R 195 49.68 78.70 -68.51
CA HIS R 195 50.62 78.34 -67.44
C HIS R 195 51.44 77.13 -67.77
N ASN R 196 50.79 76.04 -68.17
CA ASN R 196 51.46 74.80 -68.49
C ASN R 196 52.40 74.96 -69.68
N LYS R 197 51.95 75.66 -70.73
CA LYS R 197 52.83 75.93 -71.86
C LYS R 197 54.02 76.76 -71.40
N LEU R 198 53.83 77.75 -70.53
CA LEU R 198 54.91 78.57 -70.01
C LEU R 198 55.91 77.78 -69.17
N LEU R 199 55.45 76.83 -68.36
CA LEU R 199 56.28 75.91 -67.59
C LEU R 199 57.15 75.03 -68.49
N ASN R 200 56.57 74.47 -69.55
CA ASN R 200 57.31 73.67 -70.52
C ASN R 200 58.32 74.51 -71.32
N ALA R 201 58.21 75.85 -71.28
CA ALA R 201 59.09 76.78 -71.96
C ALA R 201 59.27 78.10 -71.18
N ALA R 267 32.79 9.97 -65.90
CA ALA R 267 31.69 10.92 -65.75
C ALA R 267 31.79 11.65 -64.42
N PRO R 268 31.62 12.96 -64.45
CA PRO R 268 31.67 13.75 -63.21
C PRO R 268 30.57 13.35 -62.24
N SER R 269 30.88 13.47 -60.96
CA SER R 269 29.95 13.11 -59.89
C SER R 269 29.32 14.39 -59.36
N ARG R 270 28.00 14.51 -59.52
CA ARG R 270 27.26 15.70 -59.11
C ARG R 270 26.16 15.31 -58.14
N LYS R 271 25.78 16.28 -57.30
CA LYS R 271 24.70 16.09 -56.35
C LYS R 271 23.99 17.42 -56.18
N ARG R 272 22.86 17.40 -55.48
CA ARG R 272 22.21 18.60 -54.99
C ARG R 272 21.78 18.37 -53.56
N ARG R 273 21.28 19.44 -52.93
CA ARG R 273 20.80 19.31 -51.57
C ARG R 273 19.49 18.54 -51.54
N GLN R 274 19.13 18.06 -50.35
CA GLN R 274 17.87 17.39 -50.12
C GLN R 274 17.30 17.88 -48.79
N ARG R 275 15.98 17.90 -48.69
CA ARG R 275 15.29 18.29 -47.47
C ARG R 275 14.59 17.07 -46.89
N MET R 276 14.92 16.73 -45.65
CA MET R 276 14.31 15.57 -45.01
C MET R 276 12.95 15.94 -44.44
N GLN R 277 11.90 15.32 -44.97
CA GLN R 277 10.54 15.68 -44.62
C GLN R 277 10.15 15.25 -43.22
N ARG R 278 10.86 14.28 -42.64
CA ARG R 278 10.58 13.80 -41.28
C ARG R 278 9.15 13.31 -41.12
N SER S 656 -53.58 -10.11 59.87
CA SER S 656 -54.70 -9.89 60.79
C SER S 656 -55.97 -10.54 60.29
N ASN S 657 -56.49 -11.47 61.08
CA ASN S 657 -57.72 -12.20 60.78
C ASN S 657 -58.86 -11.69 61.64
N ILE S 658 -58.84 -10.40 61.94
CA ILE S 658 -59.84 -9.76 62.80
C ILE S 658 -60.82 -8.94 61.98
N PHE S 659 -60.32 -8.01 61.17
CA PHE S 659 -61.19 -7.11 60.44
C PHE S 659 -61.97 -7.80 59.34
N GLU S 660 -61.57 -9.00 58.94
CA GLU S 660 -62.42 -9.82 58.10
C GLU S 660 -63.74 -10.05 58.82
N ASP S 661 -64.80 -10.24 58.03
CA ASP S 661 -66.17 -10.29 58.51
C ASP S 661 -66.63 -8.95 59.08
N VAL S 662 -65.84 -7.90 58.91
CA VAL S 662 -66.23 -6.54 59.26
C VAL S 662 -66.01 -5.67 58.02
N GLU S 663 -67.05 -4.94 57.64
CA GLU S 663 -67.14 -4.31 56.32
C GLU S 663 -67.17 -2.79 56.47
N PHE S 664 -66.29 -2.13 55.74
CA PHE S 664 -65.95 -0.73 55.99
C PHE S 664 -66.55 0.15 54.90
N CYS S 665 -66.18 1.43 54.95
CA CYS S 665 -66.44 2.34 53.83
C CYS S 665 -65.44 3.48 53.92
N VAL S 666 -64.38 3.41 53.13
CA VAL S 666 -63.35 4.45 53.13
C VAL S 666 -63.79 5.48 52.10
N MET S 667 -64.71 6.36 52.52
CA MET S 667 -65.30 7.28 51.57
C MET S 667 -64.36 8.42 51.21
N SER S 668 -63.37 8.70 52.06
CA SER S 668 -62.39 9.73 51.76
C SER S 668 -61.08 9.31 52.41
N GLY S 669 -60.18 10.26 52.60
CA GLY S 669 -58.94 9.95 53.26
C GLY S 669 -57.73 10.72 52.76
N THR S 670 -57.74 11.20 51.53
CA THR S 670 -56.62 12.02 51.07
C THR S 670 -56.54 13.32 51.86
N GLN S 673 -52.20 11.36 54.77
CA GLN S 673 -52.69 9.99 54.87
C GLN S 673 -53.26 9.51 53.54
N PRO S 674 -52.61 8.49 52.97
CA PRO S 674 -52.99 8.03 51.61
C PRO S 674 -54.31 7.28 51.59
N LYS S 675 -55.33 7.86 50.98
CA LYS S 675 -56.64 7.20 50.93
C LYS S 675 -56.56 5.82 50.28
N PRO S 676 -56.04 5.67 49.07
CA PRO S 676 -55.96 4.32 48.49
C PRO S 676 -55.08 3.37 49.28
N ASP S 677 -54.23 3.87 50.16
CA ASP S 677 -53.51 3.01 51.10
C ASP S 677 -54.29 2.78 52.37
N LEU S 678 -55.30 3.59 52.67
CA LEU S 678 -56.12 3.29 53.83
C LEU S 678 -56.74 1.91 53.69
N GLU S 679 -57.40 1.65 52.57
CA GLU S 679 -57.98 0.32 52.40
C GLU S 679 -56.90 -0.72 52.16
N ASN S 680 -55.72 -0.35 51.68
CA ASN S 680 -54.66 -1.33 51.53
C ASN S 680 -54.20 -1.84 52.89
N ARG S 681 -53.87 -0.92 53.79
CA ARG S 681 -53.58 -1.29 55.17
C ARG S 681 -54.71 -2.11 55.73
N ILE S 682 -55.94 -1.72 55.42
CA ILE S 682 -57.10 -2.52 55.79
C ILE S 682 -57.04 -3.90 55.15
N ALA S 683 -56.43 -3.99 53.97
CA ALA S 683 -56.43 -5.22 53.20
C ALA S 683 -55.48 -6.26 53.78
N GLU S 684 -54.28 -5.86 54.21
CA GLU S 684 -53.49 -6.88 54.91
C GLU S 684 -54.10 -7.21 56.27
N PHE S 685 -54.91 -6.32 56.83
CA PHE S 685 -55.78 -6.72 57.92
C PHE S 685 -57.05 -7.39 57.42
N GLY S 686 -57.32 -7.29 56.12
CA GLY S 686 -58.46 -7.98 55.54
C GLY S 686 -59.80 -7.35 55.79
N GLY S 687 -59.85 -6.11 56.29
CA GLY S 687 -61.13 -5.48 56.49
C GLY S 687 -61.92 -5.42 55.20
N TYR S 688 -63.20 -5.76 55.28
CA TYR S 688 -64.03 -5.86 54.09
C TYR S 688 -64.29 -4.47 53.53
N ILE S 689 -63.85 -4.24 52.29
CA ILE S 689 -63.80 -2.91 51.71
C ILE S 689 -65.02 -2.69 50.83
N VAL S 690 -65.79 -1.66 51.15
CA VAL S 690 -67.03 -1.33 50.46
C VAL S 690 -66.96 0.12 50.01
N GLN S 691 -67.23 0.36 48.73
CA GLN S 691 -67.11 1.72 48.21
C GLN S 691 -68.28 2.60 48.61
N ASN S 692 -69.48 2.05 48.72
CA ASN S 692 -70.65 2.86 49.00
C ASN S 692 -71.47 2.13 50.05
N PRO S 693 -71.74 2.76 51.20
CA PRO S 693 -72.30 2.02 52.35
C PRO S 693 -73.79 1.78 52.20
N GLY S 694 -74.17 0.50 52.13
CA GLY S 694 -75.54 0.11 52.22
C GLY S 694 -75.94 -0.16 53.64
N PRO S 695 -77.19 -0.58 53.86
CA PRO S 695 -77.68 -0.80 55.22
C PRO S 695 -76.92 -1.88 55.95
N ASP S 696 -76.19 -2.72 55.24
CA ASP S 696 -75.46 -3.81 55.86
C ASP S 696 -74.21 -3.34 56.60
N THR S 697 -73.51 -2.33 56.07
CA THR S 697 -72.13 -2.10 56.46
C THR S 697 -72.01 -1.68 57.92
N TYR S 698 -70.80 -1.81 58.44
CA TYR S 698 -70.56 -1.51 59.84
C TYR S 698 -70.51 -0.02 60.09
N CYS S 699 -69.55 0.66 59.47
CA CYS S 699 -69.38 2.09 59.67
C CYS S 699 -68.76 2.66 58.41
N VAL S 700 -68.56 3.97 58.39
CA VAL S 700 -67.98 4.66 57.25
C VAL S 700 -66.80 5.48 57.73
N ILE S 701 -65.74 5.48 56.92
CA ILE S 701 -64.46 6.06 57.30
C ILE S 701 -64.11 7.11 56.28
N ALA S 702 -63.72 8.30 56.75
CA ALA S 702 -63.47 9.41 55.85
C ALA S 702 -62.42 10.32 56.47
N GLY S 703 -61.40 10.65 55.69
CA GLY S 703 -60.35 11.55 56.16
C GLY S 703 -60.71 13.00 56.15
N SER S 704 -61.89 13.33 55.65
CA SER S 704 -62.39 14.69 55.58
C SER S 704 -63.89 14.61 55.41
N GLU S 705 -64.51 15.69 54.95
CA GLU S 705 -65.92 15.69 54.58
C GLU S 705 -66.06 15.79 53.07
N ASN S 706 -66.83 14.88 52.47
CA ASN S 706 -67.30 15.06 51.11
C ASN S 706 -68.80 15.26 51.13
N ILE S 707 -69.35 15.60 49.96
CA ILE S 707 -70.78 15.84 49.90
C ILE S 707 -71.55 14.57 50.17
N ARG S 708 -70.99 13.41 49.83
CA ARG S 708 -71.64 12.16 50.22
C ARG S 708 -71.60 12.00 51.74
N VAL S 709 -70.53 12.44 52.37
CA VAL S 709 -70.50 12.46 53.83
C VAL S 709 -71.62 13.33 54.34
N LYS S 710 -71.81 14.50 53.73
CA LYS S 710 -72.92 15.34 54.14
C LYS S 710 -74.25 14.63 53.94
N ASN S 711 -74.37 13.83 52.88
CA ASN S 711 -75.56 13.02 52.71
C ASN S 711 -75.76 12.09 53.89
N ILE S 712 -74.83 11.17 54.08
CA ILE S 712 -74.99 10.16 55.12
C ILE S 712 -75.13 10.79 56.48
N ILE S 713 -74.72 12.05 56.63
CA ILE S 713 -75.10 12.81 57.81
C ILE S 713 -76.58 13.18 57.75
N LEU S 714 -77.05 13.59 56.58
CA LEU S 714 -78.45 13.94 56.42
C LEU S 714 -79.36 12.73 56.46
N SER S 715 -78.80 11.52 56.50
CA SER S 715 -79.58 10.30 56.73
C SER S 715 -78.77 9.45 57.71
N ASN S 716 -79.21 9.52 58.95
CA ASN S 716 -78.53 8.98 60.10
C ASN S 716 -78.37 7.45 60.04
N LYS S 717 -78.74 6.77 58.95
CA LYS S 717 -78.77 5.32 58.89
C LYS S 717 -77.37 4.72 58.91
N HIS S 718 -76.31 5.49 59.15
CA HIS S 718 -74.92 5.01 59.27
C HIS S 718 -74.14 5.69 60.41
N ASP S 719 -73.05 5.05 60.81
CA ASP S 719 -72.14 5.43 61.88
C ASP S 719 -70.82 5.97 61.29
N VAL S 720 -70.46 7.22 61.59
CA VAL S 720 -69.44 8.04 60.89
C VAL S 720 -68.26 8.37 61.79
N VAL S 721 -67.07 8.02 61.34
CA VAL S 721 -65.93 7.71 62.23
C VAL S 721 -64.73 8.65 62.04
N LYS S 722 -63.95 8.90 63.12
CA LYS S 722 -62.70 9.65 63.04
C LYS S 722 -61.63 8.86 62.25
N PRO S 723 -60.72 9.49 61.51
CA PRO S 723 -59.67 8.81 60.75
C PRO S 723 -58.69 8.03 61.64
N ALA S 724 -58.39 8.61 62.80
CA ALA S 724 -57.36 8.17 63.74
C ALA S 724 -57.76 6.90 64.47
N TRP S 725 -59.06 6.71 64.68
CA TRP S 725 -59.55 5.57 65.43
C TRP S 725 -59.09 4.25 64.82
N LEU S 726 -59.32 4.07 63.53
CA LEU S 726 -58.95 2.80 62.92
C LEU S 726 -57.44 2.62 62.92
N LEU S 727 -56.69 3.70 62.79
CA LEU S 727 -55.25 3.60 62.91
C LEU S 727 -54.85 3.09 64.28
N GLU S 728 -55.53 3.57 65.33
CA GLU S 728 -55.27 3.08 66.67
C GLU S 728 -55.60 1.59 66.79
N CYS S 729 -56.74 1.17 66.22
CA CYS S 729 -57.07 -0.25 66.24
C CYS S 729 -56.05 -1.08 65.46
N PHE S 730 -55.41 -0.46 64.46
CA PHE S 730 -54.30 -1.11 63.76
C PHE S 730 -53.05 -1.14 64.62
N LYS S 731 -52.91 -0.18 65.53
CA LYS S 731 -51.81 -0.12 66.49
C LYS S 731 -52.16 -0.71 67.84
N THR S 732 -53.35 -1.29 67.97
CA THR S 732 -53.63 -2.19 69.08
C THR S 732 -53.55 -3.65 68.67
N LYS S 733 -53.33 -3.92 67.39
CA LYS S 733 -53.37 -5.29 66.85
C LYS S 733 -54.60 -6.04 67.35
N SER S 734 -55.66 -5.29 67.60
CA SER S 734 -56.89 -5.78 68.18
C SER S 734 -57.97 -4.73 68.01
N PHE S 735 -59.13 -5.13 67.50
CA PHE S 735 -60.22 -4.20 67.26
C PHE S 735 -60.58 -3.48 68.56
N VAL S 736 -60.71 -2.16 68.49
CA VAL S 736 -61.07 -1.34 69.64
C VAL S 736 -62.52 -0.91 69.47
N PRO S 737 -63.46 -1.50 70.19
CA PRO S 737 -64.86 -1.11 70.01
C PRO S 737 -65.10 0.35 70.34
N TRP S 738 -66.07 0.93 69.65
CA TRP S 738 -66.13 2.37 69.45
C TRP S 738 -66.34 3.13 70.75
N GLN S 739 -65.85 4.36 70.76
CA GLN S 739 -65.90 5.26 71.90
C GLN S 739 -66.20 6.66 71.38
N PRO S 740 -66.71 7.57 72.23
CA PRO S 740 -67.22 8.89 71.84
C PRO S 740 -66.28 9.67 70.96
N ARG S 741 -64.97 9.67 71.27
CA ARG S 741 -64.00 10.37 70.44
C ARG S 741 -63.80 9.66 69.11
N PHE S 742 -63.96 8.35 69.09
CA PHE S 742 -63.71 7.58 67.87
C PHE S 742 -64.72 7.91 66.79
N MET S 743 -65.85 8.55 67.12
CA MET S 743 -66.89 8.96 66.18
C MET S 743 -66.80 10.45 65.83
N ILE S 744 -67.41 10.83 64.71
CA ILE S 744 -67.78 12.22 64.40
C ILE S 744 -69.27 12.36 64.04
N HIS S 745 -69.98 11.25 63.77
CA HIS S 745 -71.45 11.18 63.90
C HIS S 745 -71.92 9.74 64.12
N MET S 746 -73.11 9.53 64.67
CA MET S 746 -73.64 8.21 65.03
C MET S 746 -75.04 7.96 64.48
N CYS S 747 -75.43 6.69 64.32
CA CYS S 747 -76.78 6.34 63.88
C CYS S 747 -77.81 6.31 65.03
N PRO S 748 -79.12 6.31 64.76
CA PRO S 748 -80.16 6.29 65.80
C PRO S 748 -80.12 5.04 66.68
N SER S 749 -79.73 3.88 66.15
CA SER S 749 -79.52 2.68 66.99
C SER S 749 -78.41 2.92 68.02
N THR S 750 -77.26 3.44 67.58
CA THR S 750 -76.20 3.88 68.51
C THR S 750 -76.64 5.03 69.42
N LYS S 751 -77.49 5.96 68.98
CA LYS S 751 -78.00 7.04 69.82
C LYS S 751 -78.92 6.52 70.93
N GLU S 752 -79.81 5.58 70.65
CA GLU S 752 -80.65 4.90 71.65
C GLU S 752 -79.81 4.02 72.59
N HIS S 753 -78.77 3.37 72.07
CA HIS S 753 -77.75 2.70 72.87
C HIS S 753 -77.00 3.69 73.78
N PHE S 754 -76.61 4.85 73.28
CA PHE S 754 -75.98 5.91 74.09
C PHE S 754 -76.96 6.60 75.06
N ALA S 755 -78.27 6.57 74.81
CA ALA S 755 -79.28 6.96 75.80
C ALA S 755 -79.32 5.99 77.01
N ARG S 756 -78.84 4.74 76.86
CA ARG S 756 -78.46 3.86 77.99
C ARG S 756 -77.03 4.15 78.47
N GLU S 757 -76.10 4.29 77.53
CA GLU S 757 -74.66 4.19 77.80
C GLU S 757 -73.88 5.51 78.03
N TYR S 758 -74.46 6.69 77.86
CA TYR S 758 -73.78 7.99 78.04
C TYR S 758 -74.57 8.93 78.96
N ASP S 759 -73.88 9.83 79.66
CA ASP S 759 -74.47 11.10 80.09
C ASP S 759 -74.84 11.93 78.85
N CYS S 760 -75.96 12.66 78.92
CA CYS S 760 -76.55 13.35 77.77
C CYS S 760 -75.61 14.35 77.07
N TYR S 761 -74.63 14.91 77.79
CA TYR S 761 -73.65 15.86 77.27
C TYR S 761 -72.51 15.23 76.45
N GLY S 762 -72.42 13.88 76.33
CA GLY S 762 -71.36 13.29 75.69
C GLY S 762 -70.30 12.54 76.54
N ASP S 763 -70.34 12.55 77.89
CA ASP S 763 -69.44 11.71 78.71
C ASP S 763 -70.01 10.27 78.83
N SER S 764 -69.40 9.29 78.16
CA SER S 764 -69.90 7.92 78.15
C SER S 764 -69.82 7.27 79.54
N TYR S 765 -70.91 6.68 80.04
CA TYR S 765 -70.91 5.92 81.30
C TYR S 765 -69.99 4.70 81.25
N PHE S 766 -69.89 4.01 80.11
CA PHE S 766 -69.24 2.68 80.10
C PHE S 766 -67.75 2.73 79.71
N ILE S 767 -67.17 3.93 79.61
CA ILE S 767 -65.75 4.16 79.32
C ILE S 767 -65.22 5.33 80.17
N ASP S 768 -63.98 5.22 80.62
CA ASP S 768 -63.30 6.22 81.44
C ASP S 768 -62.54 7.22 80.55
N THR S 769 -62.85 8.50 80.74
CA THR S 769 -62.46 9.62 79.89
C THR S 769 -61.13 10.23 80.34
N ASP S 770 -60.51 11.05 79.50
CA ASP S 770 -59.19 11.67 79.71
C ASP S 770 -59.21 13.15 79.29
N LEU S 771 -58.15 13.90 79.54
CA LEU S 771 -58.03 15.35 79.38
C LEU S 771 -58.63 15.91 78.09
N ASN S 772 -58.22 15.44 76.92
CA ASN S 772 -58.74 15.92 75.64
C ASN S 772 -60.24 15.58 75.45
N GLN S 773 -60.70 14.42 75.91
CA GLN S 773 -62.12 14.05 75.83
C GLN S 773 -62.98 14.90 76.78
N LEU S 774 -62.54 15.15 78.00
CA LEU S 774 -63.28 15.96 78.97
C LEU S 774 -63.37 17.42 78.49
N LYS S 775 -62.29 17.99 77.97
CA LYS S 775 -62.26 19.29 77.30
C LYS S 775 -63.28 19.38 76.19
N GLU S 776 -63.40 18.32 75.41
CA GLU S 776 -64.34 18.28 74.30
C GLU S 776 -65.78 18.34 74.80
N VAL S 777 -66.15 17.43 75.72
CA VAL S 777 -67.48 17.37 76.36
C VAL S 777 -67.82 18.73 76.97
N PHE S 778 -66.87 19.33 77.70
CA PHE S 778 -67.05 20.61 78.33
C PHE S 778 -67.34 21.72 77.32
N SER S 779 -66.58 21.76 76.25
CA SER S 779 -66.76 22.76 75.21
C SER S 779 -68.10 22.63 74.46
N GLY S 780 -68.71 21.44 74.50
CA GLY S 780 -70.02 21.15 73.92
C GLY S 780 -71.22 21.42 74.80
N ILE S 781 -71.02 21.61 76.11
CA ILE S 781 -72.08 22.06 77.01
C ILE S 781 -72.41 23.54 76.74
N LYS S 782 -73.69 23.92 76.83
CA LYS S 782 -74.14 25.28 76.52
C LYS S 782 -73.64 26.31 77.55
N ASN S 783 -73.81 27.59 77.29
CA ASN S 783 -73.42 28.68 78.20
C ASN S 783 -74.60 29.23 78.99
N SER S 784 -74.45 29.35 80.30
CA SER S 784 -75.53 29.69 81.23
C SER S 784 -74.98 30.20 82.55
N ASN S 785 -75.77 30.93 83.33
CA ASN S 785 -75.36 31.51 84.61
C ASN S 785 -76.51 31.64 85.63
N GLU S 786 -77.47 30.72 85.59
CA GLU S 786 -78.69 30.75 86.42
C GLU S 786 -78.41 30.56 87.89
N GLN S 787 -77.38 29.76 88.20
CA GLN S 787 -76.90 29.63 89.54
C GLN S 787 -76.48 31.00 90.03
N THR S 788 -76.99 31.36 91.18
CA THR S 788 -76.55 32.57 91.83
C THR S 788 -75.07 32.46 92.14
N PRO S 789 -74.30 33.54 92.01
CA PRO S 789 -72.93 33.57 92.51
C PRO S 789 -72.80 32.95 93.92
N GLU S 790 -73.77 33.19 94.83
CA GLU S 790 -73.76 32.63 96.20
C GLU S 790 -74.00 31.11 96.27
N GLU S 791 -74.91 30.60 95.44
CA GLU S 791 -75.12 29.16 95.28
C GLU S 791 -73.83 28.52 94.80
N MET S 792 -73.30 29.08 93.71
CA MET S 792 -72.09 28.59 93.07
C MET S 792 -70.87 28.58 93.98
N ALA S 793 -70.65 29.65 94.73
CA ALA S 793 -69.56 29.70 95.67
C ALA S 793 -69.62 28.57 96.71
N SER S 794 -70.81 28.22 97.20
CA SER S 794 -70.96 27.10 98.13
C SER S 794 -70.86 25.73 97.47
N LEU S 795 -71.34 25.55 96.24
CA LEU S 795 -71.07 24.32 95.46
C LEU S 795 -69.57 24.08 95.36
N ILE S 796 -68.83 25.14 95.02
CA ILE S 796 -67.38 25.07 94.89
C ILE S 796 -66.74 24.83 96.25
N ALA S 797 -67.15 25.56 97.28
CA ALA S 797 -66.62 25.42 98.64
C ALA S 797 -66.85 24.03 99.22
N ASP S 798 -67.97 23.40 98.89
CA ASP S 798 -68.31 22.04 99.30
C ASP S 798 -67.51 20.97 98.53
N LEU S 799 -67.30 21.16 97.23
CA LEU S 799 -66.52 20.22 96.42
C LEU S 799 -65.03 20.23 96.80
N GLU S 800 -64.46 21.41 97.04
CA GLU S 800 -63.09 21.54 97.54
C GLU S 800 -62.91 21.08 98.99
N TYR S 801 -63.98 21.12 99.79
CA TYR S 801 -64.00 20.51 101.12
C TYR S 801 -64.02 18.97 101.00
N ARG S 802 -64.95 18.38 100.23
CA ARG S 802 -65.04 16.92 100.04
C ARG S 802 -63.71 16.33 99.56
N TYR S 803 -63.15 16.88 98.50
CA TYR S 803 -61.95 16.36 97.84
C TYR S 803 -60.64 17.01 98.30
N SER S 804 -60.68 17.81 99.36
CA SER S 804 -59.51 18.43 99.99
C SER S 804 -58.74 19.42 99.12
N TRP S 805 -59.36 19.99 98.10
CA TRP S 805 -58.80 21.05 97.27
C TRP S 805 -58.79 22.41 97.99
N ASP S 806 -59.39 22.51 99.17
CA ASP S 806 -59.64 23.75 99.92
C ASP S 806 -58.41 24.56 100.39
N CYS S 807 -57.24 23.92 100.49
CA CYS S 807 -55.97 24.59 100.79
C CYS S 807 -55.24 25.08 99.54
N SER S 808 -55.76 24.72 98.36
CA SER S 808 -55.24 25.17 97.07
C SER S 808 -55.17 26.70 97.03
N PRO S 809 -54.07 27.27 96.56
CA PRO S 809 -53.79 28.68 96.80
C PRO S 809 -54.86 29.65 96.27
N LEU S 810 -55.31 29.45 95.02
CA LEU S 810 -56.30 30.28 94.30
C LEU S 810 -57.73 30.22 94.85
N SER S 811 -57.87 29.54 95.96
CA SER S 811 -59.11 29.23 96.64
C SER S 811 -58.95 29.44 98.18
N MET S 812 -57.77 29.87 98.66
CA MET S 812 -57.50 29.98 100.11
C MET S 812 -58.49 30.88 100.83
N PHE S 813 -58.96 31.98 100.23
CA PHE S 813 -59.97 32.84 100.84
C PHE S 813 -61.42 32.47 100.48
N ARG S 814 -61.67 31.29 99.91
CA ARG S 814 -63.02 30.80 99.57
C ARG S 814 -64.07 31.02 100.65
N ARG S 815 -63.71 30.73 101.90
CA ARG S 815 -64.59 30.83 103.08
C ARG S 815 -64.58 32.22 103.73
N HIS S 816 -64.00 33.23 103.08
CA HIS S 816 -64.04 34.63 103.49
C HIS S 816 -65.00 35.45 102.62
N THR S 817 -65.97 36.05 103.28
CA THR S 817 -66.71 37.20 102.79
C THR S 817 -66.02 38.44 103.30
N VAL S 818 -65.76 39.40 102.42
CA VAL S 818 -64.85 40.51 102.67
C VAL S 818 -65.47 41.82 102.23
N TYR S 819 -65.69 42.73 103.17
CA TYR S 819 -65.82 44.16 102.90
C TYR S 819 -64.43 44.80 102.87
N LEU S 820 -64.27 45.83 102.07
CA LEU S 820 -63.00 46.47 101.74
C LEU S 820 -63.26 47.98 101.90
N ASP S 821 -62.40 48.70 102.60
CA ASP S 821 -62.63 50.11 102.95
C ASP S 821 -62.37 51.12 101.80
N SER S 822 -62.74 50.77 100.58
CA SER S 822 -62.70 51.64 99.40
C SER S 822 -63.87 52.63 99.32
N TYR S 823 -64.54 52.93 100.43
CA TYR S 823 -65.71 53.79 100.53
C TYR S 823 -65.51 54.83 101.63
N ALA S 824 -65.46 56.11 101.27
CA ALA S 824 -65.38 57.23 102.21
C ALA S 824 -66.54 57.22 103.22
N VAL S 825 -67.70 56.71 102.81
CA VAL S 825 -68.86 56.42 103.67
C VAL S 825 -69.14 54.92 103.60
N ILE S 826 -69.05 54.23 104.74
CA ILE S 826 -69.33 52.79 104.84
C ILE S 826 -70.69 52.52 104.21
N ASN S 827 -70.73 51.52 103.33
CA ASN S 827 -71.91 51.06 102.60
C ASN S 827 -72.46 51.98 101.48
N ASP S 828 -72.03 53.25 101.34
CA ASP S 828 -72.54 54.11 100.27
C ASP S 828 -71.72 53.91 98.99
N LEU S 829 -72.32 53.20 98.03
CA LEU S 829 -71.64 52.65 96.86
C LEU S 829 -70.99 53.62 95.90
N SER S 830 -71.15 54.93 96.09
CA SER S 830 -70.15 55.81 95.52
C SER S 830 -69.70 57.01 96.29
N THR S 831 -69.18 56.64 97.43
CA THR S 831 -68.13 57.36 98.13
C THR S 831 -66.82 56.62 97.81
N LYS S 832 -66.77 55.95 96.65
CA LYS S 832 -65.73 55.06 96.20
C LYS S 832 -64.41 55.84 96.12
N ASN S 833 -63.43 55.51 96.96
CA ASN S 833 -62.10 56.14 97.04
C ASN S 833 -61.12 55.54 96.03
N GLU S 834 -61.52 55.41 94.78
CA GLU S 834 -60.80 54.57 93.83
C GLU S 834 -59.40 55.11 93.42
N GLY S 835 -58.64 54.25 92.72
CA GLY S 835 -57.21 54.45 92.43
C GLY S 835 -56.27 54.12 93.61
N THR S 836 -56.87 53.75 94.73
CA THR S 836 -56.27 53.17 95.94
C THR S 836 -55.50 51.87 95.66
N ARG S 837 -54.37 51.61 96.35
CA ARG S 837 -53.80 50.24 96.34
C ARG S 837 -54.74 49.20 96.97
N LEU S 838 -55.79 49.59 97.70
CA LEU S 838 -56.95 48.72 97.99
C LEU S 838 -57.60 48.11 96.72
N ALA S 839 -57.58 48.78 95.56
CA ALA S 839 -58.07 48.22 94.30
C ALA S 839 -57.27 46.97 93.87
N ILE S 840 -55.94 46.97 94.07
CA ILE S 840 -55.10 45.79 93.83
C ILE S 840 -55.46 44.69 94.81
N LYS S 841 -55.76 45.02 96.07
CA LYS S 841 -56.14 44.01 97.09
C LYS S 841 -57.50 43.36 96.82
N ALA S 842 -58.43 44.05 96.16
CA ALA S 842 -59.67 43.40 95.71
C ALA S 842 -59.43 42.49 94.47
N LEU S 843 -58.54 42.87 93.53
CA LEU S 843 -58.09 41.95 92.48
C LEU S 843 -57.47 40.70 93.10
N GLU S 844 -56.59 40.87 94.07
CA GLU S 844 -55.95 39.78 94.80
C GLU S 844 -56.97 38.90 95.53
N LEU S 845 -57.86 39.45 96.36
CA LEU S 845 -58.86 38.65 97.07
C LEU S 845 -59.77 37.87 96.13
N ARG S 846 -60.25 38.51 95.06
CA ARG S 846 -61.01 37.84 94.00
C ARG S 846 -60.21 36.74 93.32
N PHE S 847 -58.95 37.02 92.98
CA PHE S 847 -58.10 36.03 92.34
C PHE S 847 -57.91 34.79 93.22
N HIS S 848 -57.91 34.92 94.54
CA HIS S 848 -57.75 33.80 95.48
C HIS S 848 -59.03 33.36 96.24
N GLY S 849 -60.19 33.61 95.64
CA GLY S 849 -61.44 32.95 96.01
C GLY S 849 -62.35 33.70 96.98
N ALA S 850 -61.96 34.88 97.46
CA ALA S 850 -62.80 35.65 98.36
C ALA S 850 -64.06 36.20 97.71
N LYS S 851 -65.15 36.17 98.47
CA LYS S 851 -66.40 36.86 98.15
C LYS S 851 -66.25 38.33 98.55
N VAL S 852 -65.65 39.12 97.67
CA VAL S 852 -65.52 40.58 97.85
C VAL S 852 -66.88 41.24 97.67
N VAL S 853 -67.30 41.98 98.69
CA VAL S 853 -68.65 42.53 98.81
C VAL S 853 -68.59 44.05 98.86
N SER S 854 -69.64 44.70 98.34
CA SER S 854 -69.78 46.17 98.39
C SER S 854 -70.82 46.70 99.40
N CYS S 855 -71.38 45.84 100.27
CA CYS S 855 -72.10 46.21 101.49
C CYS S 855 -71.71 45.41 102.75
N LEU S 856 -71.42 46.12 103.84
CA LEU S 856 -71.24 45.59 105.19
C LEU S 856 -72.61 45.24 105.85
N ALA S 857 -73.29 44.22 105.31
CA ALA S 857 -74.41 43.55 105.98
C ALA S 857 -73.90 42.47 106.94
N GLU S 858 -74.82 41.74 107.60
CA GLU S 858 -74.50 40.67 108.56
C GLU S 858 -73.59 39.55 108.02
N GLY S 859 -73.58 39.33 106.70
CA GLY S 859 -72.91 38.22 106.00
C GLY S 859 -71.40 38.28 105.89
N VAL S 860 -70.79 39.31 106.44
CA VAL S 860 -69.38 39.60 106.26
C VAL S 860 -68.56 39.02 107.41
N SER S 861 -67.48 38.32 107.07
CA SER S 861 -66.53 37.79 108.05
C SER S 861 -65.36 38.75 108.30
N HIS S 862 -64.97 39.57 107.31
CA HIS S 862 -63.77 40.43 107.35
C HIS S 862 -64.06 41.81 106.75
N VAL S 863 -63.52 42.84 107.37
CA VAL S 863 -63.31 44.18 106.80
C VAL S 863 -61.82 44.40 106.63
N ILE S 864 -61.41 44.96 105.51
CA ILE S 864 -60.00 45.26 105.23
C ILE S 864 -59.74 46.77 105.19
N ILE S 865 -58.73 47.19 105.97
CA ILE S 865 -58.35 48.60 106.18
C ILE S 865 -56.99 48.88 105.55
N GLY S 866 -56.93 49.95 104.75
CA GLY S 866 -55.69 50.48 104.19
C GLY S 866 -55.02 51.49 105.10
N GLU S 867 -54.42 52.51 104.49
CA GLU S 867 -53.74 53.60 105.20
C GLU S 867 -54.73 54.42 106.03
N ASP S 868 -55.88 54.78 105.45
CA ASP S 868 -56.86 55.66 106.05
C ASP S 868 -57.71 54.98 107.14
N HIS S 869 -57.27 55.11 108.39
CA HIS S 869 -58.04 54.69 109.56
C HIS S 869 -59.23 55.62 109.88
N SER S 870 -59.61 56.56 109.01
CA SER S 870 -60.70 57.52 109.28
C SER S 870 -62.04 56.90 109.68
N ARG S 871 -62.29 55.63 109.33
CA ARG S 871 -63.55 54.95 109.63
C ARG S 871 -63.46 53.81 110.63
N VAL S 872 -62.30 53.52 111.21
CA VAL S 872 -62.20 52.32 112.07
C VAL S 872 -63.06 52.40 113.32
N ALA S 873 -63.19 53.59 113.90
CA ALA S 873 -64.13 53.83 115.00
C ALA S 873 -65.57 53.43 114.65
N ASP S 874 -65.93 53.56 113.38
CA ASP S 874 -67.29 53.38 112.90
C ASP S 874 -67.54 51.95 112.46
N PHE S 875 -66.54 51.28 111.90
CA PHE S 875 -66.56 49.82 111.81
C PHE S 875 -66.68 49.19 113.18
N LYS S 876 -65.81 49.54 114.13
CA LYS S 876 -65.85 49.00 115.50
C LYS S 876 -67.19 49.27 116.21
N ALA S 877 -67.78 50.44 115.99
CA ALA S 877 -69.09 50.80 116.54
C ALA S 877 -70.23 50.02 115.87
N PHE S 878 -70.23 49.94 114.54
CA PHE S 878 -71.23 49.22 113.77
C PHE S 878 -71.19 47.72 114.09
N ARG S 879 -70.01 47.15 114.29
CA ARG S 879 -69.76 45.77 114.74
C ARG S 879 -70.32 45.44 116.12
N ARG S 880 -70.58 46.43 116.99
CA ARG S 880 -71.37 46.24 118.24
C ARG S 880 -72.83 45.80 117.95
N THR S 881 -73.37 46.11 116.76
CA THR S 881 -74.71 45.69 116.32
C THR S 881 -74.82 44.17 116.07
N PHE S 882 -73.73 43.56 115.63
CA PHE S 882 -73.77 42.31 114.88
C PHE S 882 -73.92 41.07 115.77
N LYS S 883 -74.63 40.05 115.27
CA LYS S 883 -74.76 38.73 115.90
C LYS S 883 -73.52 37.86 115.71
N ARG S 884 -73.05 37.68 114.46
CA ARG S 884 -71.70 37.17 114.14
C ARG S 884 -70.87 38.32 113.61
N LYS S 885 -69.69 38.45 114.19
CA LYS S 885 -68.93 39.69 114.26
C LYS S 885 -67.72 39.58 113.35
N PHE S 886 -67.61 40.47 112.38
CA PHE S 886 -66.47 40.51 111.47
C PHE S 886 -65.18 40.95 112.18
N LYS S 887 -64.06 40.42 111.70
CA LYS S 887 -62.73 40.95 111.97
C LYS S 887 -62.45 42.18 111.13
N ILE S 888 -61.59 43.04 111.64
CA ILE S 888 -61.04 44.17 110.90
C ILE S 888 -59.56 43.89 110.79
N LEU S 889 -59.03 43.80 109.57
CA LEU S 889 -57.64 43.40 109.35
C LEU S 889 -56.90 44.44 108.49
N LYS S 890 -55.59 44.55 108.71
CA LYS S 890 -54.68 45.28 107.83
C LYS S 890 -54.62 44.64 106.43
N GLU S 891 -54.38 45.45 105.39
CA GLU S 891 -54.09 44.99 104.01
C GLU S 891 -53.09 43.82 103.98
N SER S 892 -52.04 43.87 104.80
CA SER S 892 -50.90 42.95 104.77
C SER S 892 -51.27 41.48 105.02
N TRP S 893 -52.43 41.20 105.61
CA TRP S 893 -52.88 39.84 105.78
C TRP S 893 -53.01 39.06 104.47
N VAL S 894 -53.70 39.69 103.52
CA VAL S 894 -54.00 39.07 102.23
C VAL S 894 -52.72 38.94 101.43
N THR S 895 -51.88 39.99 101.42
CA THR S 895 -50.56 39.94 100.80
C THR S 895 -49.77 38.74 101.29
N ASP S 896 -49.60 38.65 102.61
CA ASP S 896 -48.70 37.67 103.20
C ASP S 896 -49.22 36.26 102.98
N SER S 897 -50.54 36.10 103.07
CA SER S 897 -51.21 34.83 102.79
C SER S 897 -51.03 34.38 101.35
N ILE S 898 -51.13 35.29 100.40
CA ILE S 898 -50.88 34.98 99.00
C ILE S 898 -49.43 34.59 98.74
N ASP S 899 -48.49 35.38 99.26
CA ASP S 899 -47.05 35.20 99.06
C ASP S 899 -46.57 33.86 99.62
N LYS S 900 -47.11 33.45 100.77
CA LYS S 900 -46.87 32.14 101.37
C LYS S 900 -47.80 31.05 100.86
N CYS S 901 -48.64 31.33 99.87
CA CYS S 901 -49.55 30.39 99.20
C CYS S 901 -50.58 29.70 100.13
N GLU S 902 -50.83 30.31 101.27
CA GLU S 902 -51.39 29.68 102.46
C GLU S 902 -51.97 30.78 103.34
N LEU S 903 -53.13 30.56 103.97
CA LEU S 903 -53.64 31.52 104.95
C LEU S 903 -52.63 31.68 106.10
N GLN S 904 -52.01 32.86 106.18
CA GLN S 904 -51.47 33.36 107.45
C GLN S 904 -52.65 33.87 108.20
N GLU S 905 -52.58 33.81 109.51
CA GLU S 905 -53.82 34.05 110.23
C GLU S 905 -53.79 35.30 111.08
N GLU S 906 -55.02 35.74 111.16
CA GLU S 906 -55.43 37.10 111.32
C GLU S 906 -54.95 37.92 112.51
N ASN S 907 -54.64 37.32 113.64
CA ASN S 907 -54.62 38.11 114.88
C ASN S 907 -53.42 39.06 115.01
N GLN S 908 -52.30 38.73 114.40
CA GLN S 908 -51.20 39.68 114.18
C GLN S 908 -51.58 40.83 113.23
N TYR S 909 -52.56 40.63 112.35
CA TYR S 909 -53.11 41.61 111.43
C TYR S 909 -54.39 42.29 111.91
N LEU S 910 -54.78 42.13 113.17
CA LEU S 910 -55.98 42.76 113.70
C LEU S 910 -55.83 44.29 113.81
N ILE S 911 -56.88 44.97 113.33
CA ILE S 911 -57.16 46.41 113.20
C ILE S 911 -56.10 47.24 112.46
N SER T 656 40.64 47.80 -51.18
CA SER T 656 41.30 48.96 -51.75
C SER T 656 42.77 48.99 -51.39
N ASN T 657 43.62 48.96 -52.42
CA ASN T 657 45.07 48.99 -52.30
C ASN T 657 45.61 50.36 -52.68
N ILE T 658 44.84 51.40 -52.38
CA ILE T 658 45.19 52.77 -52.73
C ILE T 658 45.65 53.54 -51.50
N PHE T 659 44.83 53.57 -50.45
CA PHE T 659 45.15 54.37 -49.29
C PHE T 659 46.32 53.83 -48.49
N GLU T 660 46.70 52.58 -48.71
CA GLU T 660 47.97 52.09 -48.21
C GLU T 660 49.08 52.98 -48.75
N ASP T 661 50.17 53.08 -47.98
CA ASP T 661 51.26 54.01 -48.23
C ASP T 661 50.82 55.47 -48.08
N VAL T 662 49.60 55.71 -47.60
CA VAL T 662 49.13 57.04 -47.26
C VAL T 662 48.64 57.00 -45.82
N GLU T 663 49.14 57.93 -45.01
CA GLU T 663 49.04 57.85 -43.55
C GLU T 663 48.21 59.01 -43.02
N PHE T 664 47.22 58.67 -42.21
CA PHE T 664 46.13 59.58 -41.88
C PHE T 664 46.27 60.08 -40.44
N CYS T 665 45.27 60.81 -39.98
CA CYS T 665 45.13 61.10 -38.56
C CYS T 665 43.66 61.40 -38.29
N VAL T 666 42.93 60.42 -37.77
CA VAL T 666 41.50 60.60 -37.46
C VAL T 666 41.45 61.12 -36.04
N MET T 667 41.65 62.43 -35.90
CA MET T 667 41.75 62.99 -34.57
C MET T 667 40.40 63.14 -33.90
N SER T 668 39.33 63.16 -34.67
CA SER T 668 37.99 63.23 -34.10
C SER T 668 37.05 62.49 -35.05
N GLY T 669 35.76 62.75 -34.93
CA GLY T 669 34.82 62.13 -35.83
C GLY T 669 33.47 61.79 -35.24
N THR T 670 33.38 61.60 -33.94
CA THR T 670 32.07 61.36 -33.33
C THR T 670 31.18 62.59 -33.49
N GLN T 673 28.30 60.07 -37.55
CA GLN T 673 29.45 59.42 -38.15
C GLN T 673 30.36 58.81 -37.09
N PRO T 674 30.47 57.48 -37.12
CA PRO T 674 31.22 56.78 -36.07
C PRO T 674 32.73 56.95 -36.19
N LYS T 675 33.33 57.67 -35.24
CA LYS T 675 34.78 57.89 -35.30
C LYS T 675 35.57 56.59 -35.31
N PRO T 676 35.39 55.65 -34.38
CA PRO T 676 36.14 54.40 -34.46
C PRO T 676 35.84 53.59 -35.71
N ASP T 677 34.73 53.86 -36.40
CA ASP T 677 34.50 53.26 -37.70
C ASP T 677 35.10 54.08 -38.83
N LEU T 678 35.44 55.34 -38.59
CA LEU T 678 36.12 56.09 -39.64
C LEU T 678 37.42 55.39 -40.02
N GLU T 679 38.26 55.08 -39.04
CA GLU T 679 39.48 54.38 -39.38
C GLU T 679 39.21 52.94 -39.78
N ASN T 680 38.09 52.35 -39.35
CA ASN T 680 37.79 50.99 -39.80
C ASN T 680 37.51 50.97 -41.29
N ARG T 681 36.61 51.83 -41.75
CA ARG T 681 36.39 52.01 -43.18
C ARG T 681 37.70 52.30 -43.87
N ILE T 682 38.54 53.12 -43.25
CA ILE T 682 39.88 53.36 -43.75
C ILE T 682 40.68 52.06 -43.79
N ALA T 683 40.39 51.14 -42.87
CA ALA T 683 41.18 49.93 -42.72
C ALA T 683 40.89 48.92 -43.82
N GLU T 684 39.62 48.73 -44.21
CA GLU T 684 39.45 47.87 -45.39
C GLU T 684 39.94 48.56 -46.66
N PHE T 685 40.04 49.90 -46.64
CA PHE T 685 40.83 50.57 -47.66
C PHE T 685 42.31 50.57 -47.32
N GLY T 686 42.66 50.23 -46.09
CA GLY T 686 44.04 50.11 -45.70
C GLY T 686 44.77 51.40 -45.46
N GLY T 687 44.06 52.52 -45.36
CA GLY T 687 44.73 53.78 -45.08
C GLY T 687 45.52 53.69 -43.78
N TYR T 688 46.76 54.19 -43.83
CA TYR T 688 47.65 54.06 -42.68
C TYR T 688 47.17 54.94 -41.55
N ILE T 689 46.85 54.32 -40.42
CA ILE T 689 46.15 54.99 -39.32
C ILE T 689 47.16 55.45 -38.28
N VAL T 690 47.17 56.74 -38.00
CA VAL T 690 48.10 57.36 -37.06
C VAL T 690 47.30 58.15 -36.04
N GLN T 691 47.56 57.92 -34.76
CA GLN T 691 46.79 58.58 -33.72
C GLN T 691 47.20 60.03 -33.54
N ASN T 692 48.47 60.34 -33.69
CA ASN T 692 48.95 61.69 -33.42
C ASN T 692 49.88 62.08 -34.55
N PRO T 693 49.61 63.17 -35.27
CA PRO T 693 50.31 63.46 -36.53
C PRO T 693 51.69 64.04 -36.28
N GLY T 694 52.72 63.32 -36.72
CA GLY T 694 54.06 63.83 -36.76
C GLY T 694 54.34 64.49 -38.10
N PRO T 695 55.57 64.97 -38.29
CA PRO T 695 55.90 65.68 -39.53
C PRO T 695 55.78 64.81 -40.75
N ASP T 696 55.75 63.49 -40.58
CA ASP T 696 55.66 62.59 -41.72
C ASP T 696 54.27 62.55 -42.35
N THR T 697 53.21 62.66 -41.54
CA THR T 697 51.91 62.23 -41.99
C THR T 697 51.39 63.10 -43.12
N TYR T 698 50.38 62.56 -43.82
CA TYR T 698 49.82 63.26 -44.97
C TYR T 698 48.92 64.41 -44.55
N CYS T 699 47.84 64.09 -43.86
CA CYS T 699 46.88 65.09 -43.43
C CYS T 699 46.22 64.60 -42.15
N VAL T 700 45.34 65.42 -41.60
CA VAL T 700 44.64 65.10 -40.37
C VAL T 700 43.15 65.24 -40.61
N ILE T 701 42.39 64.30 -40.05
CA ILE T 701 40.96 64.18 -40.32
C ILE T 701 40.23 64.28 -39.00
N ALA T 702 39.19 65.12 -38.96
CA ALA T 702 38.48 65.37 -37.72
C ALA T 702 37.04 65.72 -38.03
N GLY T 703 36.12 65.05 -37.33
CA GLY T 703 34.71 65.30 -37.52
C GLY T 703 34.19 66.54 -36.83
N SER T 704 35.05 67.20 -36.07
CA SER T 704 34.71 68.41 -35.35
C SER T 704 36.03 69.11 -35.01
N GLU T 705 36.00 70.01 -34.05
CA GLU T 705 37.20 70.64 -33.51
C GLU T 705 37.47 70.12 -32.10
N ASN T 706 38.69 69.64 -31.86
CA ASN T 706 39.17 69.44 -30.50
C ASN T 706 40.29 70.42 -30.21
N ILE T 707 40.71 70.44 -28.90
CA ILE T 707 41.89 71.19 -28.31
C ILE T 707 43.08 71.03 -29.23
N ARG T 708 43.36 69.77 -29.55
CA ARG T 708 44.63 69.44 -30.23
C ARG T 708 44.68 69.98 -31.67
N VAL T 709 43.54 70.09 -32.33
CA VAL T 709 43.28 70.79 -33.57
C VAL T 709 43.51 72.25 -33.30
N LYS T 710 43.03 72.86 -32.21
CA LYS T 710 43.49 74.20 -31.87
C LYS T 710 45.02 74.28 -31.82
N ASN T 711 45.74 73.36 -31.18
CA ASN T 711 47.21 73.40 -31.20
C ASN T 711 47.81 73.29 -32.61
N ILE T 712 47.33 72.39 -33.46
CA ILE T 712 47.90 72.21 -34.81
C ILE T 712 47.27 73.09 -35.90
N ILE T 713 46.19 73.82 -35.61
CA ILE T 713 45.85 75.06 -36.30
C ILE T 713 46.82 76.15 -35.87
N LEU T 714 47.23 76.15 -34.59
CA LEU T 714 48.21 77.11 -34.10
C LEU T 714 49.63 76.76 -34.52
N SER T 715 49.83 75.62 -35.17
CA SER T 715 51.11 75.27 -35.78
C SER T 715 50.80 74.65 -37.13
N ASN T 716 50.95 75.48 -38.15
CA ASN T 716 50.53 75.23 -39.51
C ASN T 716 51.26 74.03 -40.14
N LYS T 717 52.08 73.27 -39.41
CA LYS T 717 52.92 72.23 -39.98
C LYS T 717 52.10 71.03 -40.46
N HIS T 718 50.78 71.12 -40.37
CA HIS T 718 49.91 70.04 -40.81
C HIS T 718 48.65 70.61 -41.44
N ASP T 719 48.03 69.75 -42.26
CA ASP T 719 46.99 70.05 -43.25
C ASP T 719 45.68 69.40 -42.79
N VAL T 720 44.63 70.19 -42.60
CA VAL T 720 43.45 69.80 -41.79
C VAL T 720 42.15 69.81 -42.55
N VAL T 721 41.47 68.65 -42.47
CA VAL T 721 40.58 68.15 -43.53
C VAL T 721 39.14 67.92 -43.04
N LYS T 722 38.15 68.33 -43.86
CA LYS T 722 36.75 68.07 -43.59
C LYS T 722 36.49 66.57 -43.62
N PRO T 723 35.43 66.11 -42.94
CA PRO T 723 35.13 64.67 -42.94
C PRO T 723 34.52 64.18 -44.24
N ALA T 724 33.81 65.04 -44.99
CA ALA T 724 33.09 64.57 -46.16
C ALA T 724 34.03 64.21 -47.30
N TRP T 725 35.16 64.88 -47.37
CA TRP T 725 36.10 64.65 -48.48
C TRP T 725 36.53 63.20 -48.57
N LEU T 726 37.00 62.63 -47.46
CA LEU T 726 37.48 61.26 -47.53
C LEU T 726 36.34 60.31 -47.83
N LEU T 727 35.14 60.60 -47.35
CA LEU T 727 33.99 59.78 -47.71
C LEU T 727 33.77 59.80 -49.21
N GLU T 728 33.93 60.97 -49.83
CA GLU T 728 33.80 61.07 -51.28
C GLU T 728 34.88 60.24 -51.98
N CYS T 729 36.11 60.32 -51.49
CA CYS T 729 37.18 59.50 -52.07
C CYS T 729 36.90 58.02 -51.89
N PHE T 730 36.17 57.67 -50.82
CA PHE T 730 35.71 56.29 -50.64
C PHE T 730 34.59 55.95 -51.60
N LYS T 731 33.81 56.95 -52.01
CA LYS T 731 32.75 56.81 -53.00
C LYS T 731 33.19 57.17 -54.40
N THR T 732 34.46 57.47 -54.60
CA THR T 732 35.04 57.47 -55.93
C THR T 732 35.83 56.21 -56.21
N LYS T 733 35.98 55.33 -55.22
CA LYS T 733 36.84 54.14 -55.34
C LYS T 733 38.19 54.51 -55.93
N SER T 734 38.62 55.74 -55.67
CA SER T 734 39.84 56.32 -56.22
C SER T 734 40.15 57.60 -55.46
N PHE T 735 41.40 57.72 -55.01
CA PHE T 735 41.81 58.88 -54.23
C PHE T 735 41.53 60.16 -55.03
N VAL T 736 40.91 61.13 -54.37
CA VAL T 736 40.61 62.41 -55.00
C VAL T 736 41.58 63.44 -54.43
N PRO T 737 42.58 63.87 -55.20
CA PRO T 737 43.54 64.84 -54.68
C PRO T 737 42.88 66.15 -54.30
N TRP T 738 43.45 66.79 -53.30
CA TRP T 738 42.74 67.76 -52.48
C TRP T 738 42.31 68.98 -53.28
N GLN T 739 41.23 69.60 -52.84
CA GLN T 739 40.61 70.76 -53.45
C GLN T 739 40.15 71.70 -52.33
N PRO T 740 39.95 73.00 -52.62
CA PRO T 740 39.69 74.05 -51.63
C PRO T 740 38.60 73.69 -50.64
N ARG T 741 37.48 73.11 -51.10
CA ARG T 741 36.41 72.70 -50.21
C ARG T 741 36.82 71.52 -49.36
N PHE T 742 37.69 70.67 -49.88
CA PHE T 742 38.07 69.45 -49.17
C PHE T 742 38.87 69.77 -47.91
N MET T 743 39.40 70.99 -47.78
CA MET T 743 40.15 71.45 -46.61
C MET T 743 39.29 72.30 -45.66
N ILE T 744 39.75 72.43 -44.41
CA ILE T 744 39.32 73.48 -43.48
C ILE T 744 40.53 74.24 -42.88
N HIS T 745 41.75 73.73 -43.03
CA HIS T 745 42.97 74.54 -42.95
C HIS T 745 44.13 73.87 -43.71
N MET T 746 45.16 74.63 -44.11
CA MET T 746 46.26 74.13 -44.94
C MET T 746 47.63 74.49 -44.35
N CYS T 747 48.67 73.74 -44.69
CA CYS T 747 50.03 74.03 -44.26
C CYS T 747 50.74 75.08 -45.15
N PRO T 748 51.87 75.69 -44.72
CA PRO T 748 52.58 76.69 -45.50
C PRO T 748 53.12 76.17 -46.83
N SER T 749 53.52 74.90 -46.92
CA SER T 749 53.90 74.31 -48.22
C SER T 749 52.71 74.31 -49.19
N THR T 750 51.53 73.85 -48.74
CA THR T 750 50.30 73.98 -49.54
C THR T 750 49.89 75.43 -49.77
N LYS T 751 50.15 76.38 -48.86
CA LYS T 751 49.85 77.80 -49.07
C LYS T 751 50.74 78.43 -50.15
N GLU T 752 52.03 78.11 -50.17
CA GLU T 752 52.95 78.53 -51.24
C GLU T 752 52.63 77.86 -52.58
N HIS T 753 52.20 76.59 -52.54
CA HIS T 753 51.63 75.89 -53.70
C HIS T 753 50.34 76.59 -54.19
N PHE T 754 49.43 76.98 -53.30
CA PHE T 754 48.23 77.73 -53.64
C PHE T 754 48.53 79.19 -54.07
N ALA T 755 49.65 79.78 -53.67
CA ALA T 755 50.13 81.04 -54.24
C ALA T 755 50.54 80.91 -55.73
N ARG T 756 50.85 79.69 -56.20
CA ARG T 756 50.87 79.35 -57.65
C ARG T 756 49.48 78.97 -58.15
N GLU T 757 48.76 78.17 -57.39
CA GLU T 757 47.59 77.41 -57.88
C GLU T 757 46.20 78.01 -57.63
N TYR T 758 46.03 79.10 -56.88
CA TYR T 758 44.73 79.73 -56.58
C TYR T 758 44.73 81.24 -56.87
N ASP T 759 43.57 81.79 -57.21
CA ASP T 759 43.30 83.21 -56.95
C ASP T 759 43.31 83.47 -55.45
N CYS T 760 43.82 84.64 -55.03
CA CYS T 760 44.07 84.94 -53.62
C CYS T 760 42.84 84.83 -52.70
N TYR T 761 41.63 85.00 -53.25
CA TYR T 761 40.38 84.91 -52.51
C TYR T 761 39.90 83.47 -52.22
N GLY T 762 40.58 82.42 -52.71
CA GLY T 762 40.13 81.14 -52.54
C GLY T 762 39.57 80.39 -53.78
N ASP T 763 39.41 81.00 -54.97
CA ASP T 763 39.03 80.27 -56.19
C ASP T 763 40.26 79.62 -56.84
N SER T 764 40.40 78.29 -56.76
CA SER T 764 41.57 77.58 -57.28
C SER T 764 41.68 77.69 -58.80
N TYR T 765 42.83 78.08 -59.34
CA TYR T 765 43.09 78.09 -60.79
C TYR T 765 43.01 76.69 -61.41
N PHE T 766 43.47 75.65 -60.72
CA PHE T 766 43.66 74.34 -61.36
C PHE T 766 42.47 73.39 -61.22
N ILE T 767 41.34 73.87 -60.69
CA ILE T 767 40.07 73.13 -60.54
C ILE T 767 38.89 74.05 -60.87
N ASP T 768 37.87 73.48 -61.49
CA ASP T 768 36.65 74.17 -61.88
C ASP T 768 35.58 74.08 -60.78
N THR T 769 35.12 75.23 -60.35
CA THR T 769 34.28 75.45 -59.16
C THR T 769 32.78 75.34 -59.49
N ASP T 770 31.94 75.23 -58.47
CA ASP T 770 30.48 75.03 -58.59
C ASP T 770 29.75 75.91 -57.56
N LEU T 771 28.41 75.97 -57.62
CA LEU T 771 27.53 76.86 -56.85
C LEU T 771 27.90 77.04 -55.38
N ASN T 772 27.97 75.95 -54.61
CA ASN T 772 28.32 76.02 -53.18
C ASN T 772 29.76 76.53 -52.95
N GLN T 773 30.71 76.16 -53.80
CA GLN T 773 32.09 76.64 -53.68
C GLN T 773 32.22 78.13 -54.03
N LEU T 774 31.54 78.60 -55.07
CA LEU T 774 31.58 80.00 -55.47
C LEU T 774 30.91 80.88 -54.41
N LYS T 775 29.77 80.47 -53.85
CA LYS T 775 29.12 81.09 -52.70
C LYS T 775 30.05 81.22 -51.52
N GLU T 776 30.85 80.20 -51.27
CA GLU T 776 31.79 80.22 -50.17
C GLU T 776 32.88 81.26 -50.38
N VAL T 777 33.56 81.22 -51.53
CA VAL T 777 34.59 82.19 -51.93
C VAL T 777 34.04 83.61 -51.84
N PHE T 778 32.83 83.84 -52.36
CA PHE T 778 32.18 85.11 -52.34
C PHE T 778 31.95 85.62 -50.94
N SER T 779 31.43 84.77 -50.07
CA SER T 779 31.17 85.13 -48.68
C SER T 779 32.44 85.44 -47.88
N GLY T 780 33.61 84.95 -48.34
CA GLY T 780 34.92 85.21 -47.76
C GLY T 780 35.64 86.46 -48.26
N ILE T 781 35.19 87.06 -49.36
CA ILE T 781 35.69 88.35 -49.83
C ILE T 781 35.19 89.46 -48.88
N LYS T 782 36.01 90.46 -48.62
CA LYS T 782 35.67 91.56 -47.69
C LYS T 782 34.54 92.46 -48.23
N ASN T 783 34.00 93.35 -47.42
CA ASN T 783 32.96 94.31 -47.80
C ASN T 783 33.53 95.71 -48.11
N SER T 784 33.15 96.27 -49.24
CA SER T 784 33.72 97.51 -49.76
C SER T 784 32.81 98.15 -50.81
N ASN T 785 32.95 99.45 -51.07
CA ASN T 785 32.12 100.19 -52.01
C ASN T 785 32.84 101.36 -52.69
N GLU T 786 34.15 101.22 -52.92
CA GLU T 786 35.01 102.27 -53.46
C GLU T 786 34.70 102.62 -54.90
N GLN T 787 34.26 101.62 -55.66
CA GLN T 787 33.75 101.85 -56.99
C GLN T 787 32.58 102.80 -56.88
N THR T 788 32.65 103.84 -57.68
CA THR T 788 31.53 104.76 -57.80
C THR T 788 30.34 103.99 -58.34
N PRO T 789 29.12 104.28 -57.87
CA PRO T 789 27.91 103.76 -58.50
C PRO T 789 27.95 103.86 -60.04
N GLU T 790 28.48 104.95 -60.61
CA GLU T 790 28.60 105.15 -62.07
C GLU T 790 29.63 104.23 -62.74
N GLU T 791 30.77 104.02 -62.10
CA GLU T 791 31.77 103.04 -62.55
C GLU T 791 31.13 101.66 -62.59
N MET T 792 30.53 101.29 -61.46
CA MET T 792 29.90 100.00 -61.27
C MET T 792 28.78 99.72 -62.25
N ALA T 793 27.90 100.68 -62.50
CA ALA T 793 26.85 100.54 -63.48
C ALA T 793 27.39 100.22 -64.88
N SER T 794 28.49 100.83 -65.29
CA SER T 794 29.11 100.52 -66.58
C SER T 794 29.87 99.21 -66.60
N LEU T 795 30.53 98.80 -65.52
CA LEU T 795 31.09 97.44 -65.40
C LEU T 795 30.01 96.40 -65.63
N ILE T 796 28.86 96.59 -64.98
CA ILE T 796 27.73 95.69 -65.09
C ILE T 796 27.15 95.76 -66.51
N ALA T 797 26.94 96.96 -67.04
CA ALA T 797 26.40 97.16 -68.39
C ALA T 797 27.28 96.54 -69.48
N ASP T 798 28.60 96.58 -69.29
CA ASP T 798 29.58 95.97 -70.19
C ASP T 798 29.61 94.43 -70.10
N LEU T 799 29.52 93.89 -68.89
CA LEU T 799 29.50 92.44 -68.68
C LEU T 799 28.22 91.79 -69.22
N GLU T 800 27.06 92.42 -69.02
CA GLU T 800 25.80 91.97 -69.60
C GLU T 800 25.72 92.17 -71.12
N TYR T 801 26.46 93.15 -71.66
CA TYR T 801 26.64 93.30 -73.11
C TYR T 801 27.51 92.17 -73.67
N ARG T 802 28.71 91.91 -73.10
CA ARG T 802 29.61 90.85 -73.55
C ARG T 802 28.91 89.49 -73.57
N TYR T 803 28.30 89.11 -72.47
CA TYR T 803 27.69 87.79 -72.28
C TYR T 803 26.19 87.72 -72.60
N SER T 804 25.64 88.78 -73.20
CA SER T 804 24.24 88.85 -73.66
C SER T 804 23.19 88.75 -72.56
N TRP T 805 23.52 89.06 -71.31
CA TRP T 805 22.57 89.13 -70.20
C TRP T 805 21.72 90.41 -70.25
N ASP T 806 22.00 91.33 -71.17
CA ASP T 806 21.42 92.67 -71.27
C ASP T 806 19.90 92.77 -71.52
N CYS T 807 19.28 91.72 -72.04
CA CYS T 807 17.82 91.64 -72.20
C CYS T 807 17.12 91.03 -70.98
N SER T 808 17.90 90.54 -70.02
CA SER T 808 17.41 90.02 -68.76
C SER T 808 16.51 91.05 -68.07
N PRO T 809 15.34 90.64 -67.55
CA PRO T 809 14.31 91.60 -67.21
C PRO T 809 14.72 92.64 -66.16
N LEU T 810 15.37 92.21 -65.07
CA LEU T 810 15.81 93.03 -63.92
C LEU T 810 16.95 94.00 -64.23
N SER T 811 17.29 94.10 -65.49
CA SER T 811 18.39 94.86 -66.05
C SER T 811 17.94 95.58 -67.35
N MET T 812 16.66 95.46 -67.77
CA MET T 812 16.18 96.00 -69.04
C MET T 812 16.40 97.52 -69.16
N PHE T 813 16.25 98.29 -68.07
CA PHE T 813 16.53 99.72 -68.10
C PHE T 813 17.98 100.10 -67.74
N ARG T 814 18.92 99.15 -67.70
CA ARG T 814 20.35 99.40 -67.41
C ARG T 814 20.94 100.61 -68.13
N ARG T 815 20.63 100.75 -69.42
CA ARG T 815 21.13 101.82 -70.29
C ARG T 815 20.27 103.08 -70.27
N HIS T 816 19.33 103.20 -69.34
CA HIS T 816 18.52 104.40 -69.09
C HIS T 816 18.98 105.12 -67.83
N THR T 817 19.35 106.38 -68.03
CA THR T 817 19.39 107.39 -66.96
C THR T 817 18.06 108.12 -66.99
N VAL T 818 17.45 108.26 -65.82
CA VAL T 818 16.05 108.67 -65.71
C VAL T 818 15.89 109.75 -64.65
N TYR T 819 15.44 110.93 -65.07
CA TYR T 819 14.79 111.89 -64.18
C TYR T 819 13.28 111.58 -64.09
N LEU T 820 12.70 111.87 -62.94
CA LEU T 820 11.35 111.48 -62.56
C LEU T 820 10.71 112.76 -62.01
N ASP T 821 9.51 113.11 -62.45
CA ASP T 821 8.86 114.38 -62.11
C ASP T 821 8.24 114.46 -60.69
N SER T 822 8.91 113.89 -59.70
CA SER T 822 8.55 113.97 -58.28
C SER T 822 8.98 115.29 -57.61
N TYR T 823 9.21 116.35 -58.38
CA TYR T 823 9.68 117.64 -57.91
C TYR T 823 8.78 118.76 -58.47
N ALA T 824 8.09 119.49 -57.60
CA ALA T 824 7.28 120.65 -57.97
C ALA T 824 8.10 121.72 -58.70
N VAL T 825 9.40 121.82 -58.40
CA VAL T 825 10.39 122.63 -59.12
C VAL T 825 11.46 121.69 -59.66
N ILE T 826 11.60 121.65 -60.99
CA ILE T 826 12.62 120.82 -61.65
C ILE T 826 13.99 121.10 -61.03
N ASN T 827 14.69 120.03 -60.67
CA ASN T 827 16.01 120.02 -60.04
C ASN T 827 16.10 120.51 -58.58
N ASP T 828 15.06 121.10 -57.96
CA ASP T 828 15.16 121.53 -56.56
C ASP T 828 14.77 120.39 -55.63
N LEU T 829 15.78 119.79 -55.00
CA LEU T 829 15.69 118.51 -54.29
C LEU T 829 14.74 118.42 -53.12
N SER T 830 14.13 119.52 -52.69
CA SER T 830 12.91 119.36 -51.95
C SER T 830 11.75 120.29 -52.16
N THR T 831 11.38 120.24 -53.42
CA THR T 831 10.02 120.48 -53.87
C THR T 831 9.40 119.09 -54.12
N LYS T 832 9.88 118.09 -53.38
CA LYS T 832 9.59 116.67 -53.52
C LYS T 832 8.08 116.47 -53.30
N ASN T 833 7.36 116.06 -54.33
CA ASN T 833 5.90 115.81 -54.33
C ASN T 833 5.56 114.40 -53.82
N GLU T 834 6.13 113.99 -52.71
CA GLU T 834 6.12 112.58 -52.33
C GLU T 834 4.73 112.01 -51.94
N GLY T 835 4.68 110.68 -51.80
CA GLY T 835 3.44 109.91 -51.67
C GLY T 835 2.69 109.67 -52.99
N THR T 836 3.23 110.22 -54.07
CA THR T 836 2.89 110.00 -55.47
C THR T 836 3.02 108.53 -55.89
N ARG T 837 2.15 108.03 -56.78
CA ARG T 837 2.43 106.73 -57.45
C ARG T 837 3.70 106.78 -58.33
N LEU T 838 4.25 107.96 -58.66
CA LEU T 838 5.65 108.11 -59.13
C LEU T 838 6.69 107.47 -58.17
N ALA T 839 6.46 107.43 -56.85
CA ALA T 839 7.33 106.76 -55.90
C ALA T 839 7.43 105.23 -56.17
N ILE T 840 6.31 104.60 -56.53
CA ILE T 840 6.31 103.20 -56.96
C ILE T 840 7.08 103.04 -58.27
N LYS T 841 6.97 103.98 -59.20
CA LYS T 841 7.71 103.92 -60.47
C LYS T 841 9.23 104.08 -60.32
N ALA T 842 9.70 104.80 -59.30
CA ALA T 842 11.12 104.83 -59.00
C ALA T 842 11.60 103.52 -58.34
N LEU T 843 10.80 102.89 -57.46
CA LEU T 843 11.08 101.53 -57.00
C LEU T 843 11.18 100.56 -58.17
N GLU T 844 10.22 100.61 -59.09
CA GLU T 844 10.19 99.81 -60.30
C GLU T 844 11.43 100.06 -61.19
N LEU T 845 11.75 101.31 -61.56
CA LEU T 845 12.92 101.61 -62.40
C LEU T 845 14.22 101.14 -61.76
N ARG T 846 14.41 101.39 -60.45
CA ARG T 846 15.55 100.87 -59.70
C ARG T 846 15.58 99.35 -59.70
N PHE T 847 14.45 98.71 -59.44
CA PHE T 847 14.37 97.25 -59.43
C PHE T 847 14.79 96.65 -60.77
N HIS T 848 14.55 97.32 -61.90
CA HIS T 848 14.91 96.84 -63.24
C HIS T 848 16.09 97.57 -63.91
N GLY T 849 16.99 98.13 -63.11
CA GLY T 849 18.34 98.50 -63.55
C GLY T 849 18.52 99.97 -63.95
N ALA T 850 17.49 100.80 -63.92
CA ALA T 850 17.64 102.21 -64.28
C ALA T 850 18.45 103.00 -63.27
N LYS T 851 19.27 103.91 -63.80
CA LYS T 851 19.96 104.96 -63.03
C LYS T 851 18.96 106.10 -62.77
N VAL T 852 18.15 105.95 -61.73
CA VAL T 852 17.21 106.98 -61.28
C VAL T 852 17.99 108.13 -60.64
N VAL T 853 17.78 109.33 -61.17
CA VAL T 853 18.57 110.51 -60.84
C VAL T 853 17.67 111.58 -60.23
N SER T 854 18.24 112.41 -59.34
CA SER T 854 17.55 113.55 -58.73
C SER T 854 17.97 114.93 -59.25
N CYS T 855 18.77 115.00 -60.31
CA CYS T 855 19.01 116.21 -61.14
C CYS T 855 18.95 115.97 -62.66
N LEU T 856 18.18 116.79 -63.36
CA LEU T 856 18.13 116.90 -64.81
C LEU T 856 19.36 117.69 -65.35
N ALA T 857 20.56 117.11 -65.22
CA ALA T 857 21.76 117.54 -65.94
C ALA T 857 21.82 116.90 -67.34
N GLU T 858 22.88 117.19 -68.11
CA GLU T 858 23.08 116.67 -69.46
C GLU T 858 23.03 115.14 -69.61
N GLY T 859 23.32 114.40 -68.53
CA GLY T 859 23.48 112.93 -68.48
C GLY T 859 22.22 112.10 -68.57
N VAL T 860 21.07 112.74 -68.72
CA VAL T 860 19.78 112.09 -68.64
C VAL T 860 19.27 111.73 -70.02
N SER T 861 18.82 110.48 -70.18
CA SER T 861 18.19 110.01 -71.42
C SER T 861 16.66 110.15 -71.40
N HIS T 862 16.03 110.10 -70.22
CA HIS T 862 14.57 110.05 -70.06
C HIS T 862 14.12 110.93 -68.88
N VAL T 863 13.01 111.64 -69.07
CA VAL T 863 12.18 112.23 -68.01
C VAL T 863 10.86 111.49 -67.98
N ILE T 864 10.36 111.17 -66.79
CA ILE T 864 9.08 110.48 -66.62
C ILE T 864 8.03 111.40 -65.97
N ILE T 865 6.87 111.49 -66.63
CA ILE T 865 5.74 112.36 -66.26
C ILE T 865 4.56 111.53 -65.77
N GLY T 866 4.02 111.92 -64.62
CA GLY T 866 2.79 111.36 -64.07
C GLY T 866 1.55 112.11 -64.53
N GLU T 867 0.58 112.25 -63.63
CA GLU T 867 -0.68 112.95 -63.89
C GLU T 867 -0.43 114.45 -64.13
N ASP T 868 0.39 115.08 -63.29
CA ASP T 868 0.62 116.52 -63.30
C ASP T 868 1.55 116.98 -64.44
N HIS T 869 0.95 117.36 -65.56
CA HIS T 869 1.66 117.99 -66.67
C HIS T 869 2.08 119.46 -66.39
N SER T 870 1.99 119.96 -65.15
CA SER T 870 2.33 121.36 -64.80
C SER T 870 3.71 121.82 -65.25
N ARG T 871 4.66 120.91 -65.44
CA ARG T 871 6.03 121.26 -65.83
C ARG T 871 6.46 120.83 -67.23
N VAL T 872 5.58 120.23 -68.04
CA VAL T 872 6.05 119.70 -69.33
C VAL T 872 6.53 120.78 -70.28
N ALA T 873 5.91 121.96 -70.27
CA ALA T 873 6.40 123.12 -71.01
C ALA T 873 7.85 123.48 -70.66
N ASP T 874 8.25 123.21 -69.42
CA ASP T 874 9.53 123.62 -68.87
C ASP T 874 10.58 122.55 -69.06
N PHE T 875 10.21 121.28 -69.00
CA PHE T 875 11.05 120.22 -69.54
C PHE T 875 11.31 120.43 -71.02
N LYS T 876 10.27 120.62 -71.84
CA LYS T 876 10.42 120.86 -73.28
C LYS T 876 11.27 122.09 -73.61
N ALA T 877 11.13 123.16 -72.83
CA ALA T 877 11.94 124.37 -72.96
C ALA T 877 13.40 124.15 -72.54
N PHE T 878 13.63 123.51 -71.40
CA PHE T 878 14.95 123.22 -70.87
C PHE T 878 15.71 122.27 -71.81
N ARG T 879 15.02 121.30 -72.41
CA ARG T 879 15.51 120.37 -73.45
C ARG T 879 15.98 121.06 -74.75
N ARG T 880 15.52 122.28 -75.05
CA ARG T 880 16.11 123.12 -76.12
C ARG T 880 17.59 123.49 -75.85
N THR T 881 18.02 123.49 -74.57
CA THR T 881 19.43 123.74 -74.17
C THR T 881 20.38 122.62 -74.59
N PHE T 882 19.88 121.38 -74.62
CA PHE T 882 20.71 120.20 -74.49
C PHE T 882 21.41 119.78 -75.80
N LYS T 883 22.62 119.23 -75.69
CA LYS T 883 23.37 118.64 -76.81
C LYS T 883 22.85 117.24 -77.19
N ARG T 884 22.75 116.31 -76.23
CA ARG T 884 21.96 115.07 -76.35
C ARG T 884 20.71 115.20 -75.50
N LYS T 885 19.60 114.90 -76.14
CA LYS T 885 18.28 115.39 -75.78
C LYS T 885 17.46 114.24 -75.20
N PHE T 886 17.01 114.39 -73.95
CA PHE T 886 16.17 113.39 -73.29
C PHE T 886 14.78 113.31 -73.93
N LYS T 887 14.22 112.10 -73.88
CA LYS T 887 12.79 111.87 -74.09
C LYS T 887 12.00 112.22 -72.85
N ILE T 888 10.74 112.58 -73.06
CA ILE T 888 9.77 112.76 -71.98
C ILE T 888 8.72 111.69 -72.22
N LEU T 889 8.50 110.81 -71.26
CA LEU T 889 7.61 109.66 -71.43
C LEU T 889 6.55 109.62 -70.33
N LYS T 890 5.38 109.06 -70.66
CA LYS T 890 4.34 108.70 -69.70
C LYS T 890 4.83 107.60 -68.74
N GLU T 891 4.33 107.59 -67.49
CA GLU T 891 4.54 106.50 -66.51
C GLU T 891 4.38 105.10 -67.14
N SER T 892 3.36 104.92 -67.99
CA SER T 892 2.95 103.62 -68.53
C SER T 892 4.03 102.90 -69.33
N TRP T 893 5.06 103.59 -69.81
CA TRP T 893 6.17 102.94 -70.49
C TRP T 893 6.87 101.90 -69.65
N VAL T 894 7.22 102.30 -68.43
CA VAL T 894 7.97 101.47 -67.51
C VAL T 894 7.11 100.32 -67.04
N THR T 895 5.85 100.60 -66.70
CA THR T 895 4.87 99.57 -66.35
C THR T 895 4.82 98.49 -67.42
N ASP T 896 4.55 98.91 -68.65
CA ASP T 896 4.27 97.97 -69.74
C ASP T 896 5.53 97.16 -70.09
N SER T 897 6.68 97.81 -70.04
CA SER T 897 7.97 97.16 -70.24
C SER T 897 8.26 96.11 -69.19
N ILE T 898 7.97 96.41 -67.94
CA ILE T 898 8.12 95.44 -66.86
C ILE T 898 7.18 94.24 -67.00
N ASP T 899 5.90 94.51 -67.26
CA ASP T 899 4.85 93.50 -67.37
C ASP T 899 5.12 92.53 -68.51
N LYS T 900 5.63 93.03 -69.64
CA LYS T 900 6.08 92.23 -70.78
C LYS T 900 7.52 91.74 -70.66
N CYS T 901 8.19 91.98 -69.53
CA CYS T 901 9.54 91.52 -69.22
C CYS T 901 10.65 92.00 -70.19
N GLU T 902 10.37 93.07 -70.90
CA GLU T 902 11.01 93.45 -72.15
C GLU T 902 10.76 94.94 -72.38
N LEU T 903 11.74 95.70 -72.87
CA LEU T 903 11.50 97.09 -73.25
C LEU T 903 10.42 97.15 -74.35
N GLN T 904 9.25 97.67 -73.99
CA GLN T 904 8.37 98.29 -74.99
C GLN T 904 8.95 99.62 -75.26
N GLU T 905 8.74 100.13 -76.46
CA GLU T 905 9.53 101.28 -76.82
C GLU T 905 8.70 102.52 -77.04
N GLU T 906 9.45 103.56 -76.74
CA GLU T 906 9.02 104.82 -76.24
C GLU T 906 8.01 105.64 -77.01
N ASN T 907 7.93 105.55 -78.33
CA ASN T 907 7.31 106.64 -79.08
C ASN T 907 5.78 106.72 -78.96
N GLN T 908 5.12 105.60 -78.71
CA GLN T 908 3.72 105.56 -78.28
C GLN T 908 3.52 106.17 -76.87
N TYR T 909 4.56 106.20 -76.04
CA TYR T 909 4.60 106.79 -74.72
C TYR T 909 5.20 108.19 -74.67
N LEU T 910 5.45 108.85 -75.81
CA LEU T 910 6.00 110.19 -75.83
C LEU T 910 5.02 111.24 -75.28
N ILE T 911 5.56 112.09 -74.41
CA ILE T 911 5.02 113.22 -73.62
C ILE T 911 3.80 112.90 -72.76
#